data_6TMK
#
_entry.id   6TMK
#
_cell.length_a   1.00
_cell.length_b   1.00
_cell.length_c   1.00
_cell.angle_alpha   90.00
_cell.angle_beta   90.00
_cell.angle_gamma   90.00
#
_symmetry.space_group_name_H-M   'P 1'
#
loop_
_entity.id
_entity.type
_entity.pdbx_description
1 polymer ATPTG11
2 polymer ATPTG7
3 polymer ATPTG14
4 polymer ATPTG5
5 polymer 'subunit k'
6 polymer 'subunit a'
7 polymer 'subunit i/j'
8 polymer ATPTG13
9 polymer ATPTG15
10 polymer ATPTG6
11 polymer ATPTG3
12 polymer ATPTG17
13 polymer 'subunit b'
14 polymer ATPTG12
15 polymer ATPTG10
16 polymer 'subunit f'
17 polymer ATPTG8
18 polymer ATPTG1
19 polymer ATPTG2
20 polymer 'subunit 8'
21 polymer ATPTG9
22 polymer ATPTG4
23 polymer ATPTG16
24 polymer 'subunit d'
25 polymer 'Inhibitor of F1'
26 polymer 'ATP synthase subunit alpha,subunit alpha'
27 polymer 'ATP synthase subunit beta'
28 polymer 'ATP synthase subunit gamma'
29 polymer 'ATP synthase subunit delta'
30 polymer 'ATP synthase subunit epsilon'
31 polymer 'Oligomycin sensitivity conferring protein (OSCP)'
32 polymer 'subunit c'
33 non-polymer 1,2-DIACYL-SN-GLYCERO-3-PHOSPHOCHOLINE
34 non-polymer DODECYL-BETA-D-MALTOSIDE
35 non-polymer CARDIOLIPIN
36 non-polymer 1,2-dioleoyl-sn-glycero-3-phosphoethanolamine
37 non-polymer "ADENOSINE-5'-TRIPHOSPHATE"
38 non-polymer "ADENOSINE-5'-DIPHOSPHATE"
#
loop_
_entity_poly.entity_id
_entity_poly.type
_entity_poly.pdbx_seq_one_letter_code
_entity_poly.pdbx_strand_id
1 'polypeptide(L)'
;MVRNQRYPASPVQEIFLPEPVPFVQFDQTAPSPNSPPAPLPSPSLSQCEEQKDRYRDISSMFHRGVAGAEQVREAYNSMA
KCFRRVSVAEVLESDPAFRQARNFTMDLKQAEDDQRYKQLQYGRVPSILTKYHL
;
q,Q
2 'polypeptide(L)'
;MPSSSSEDAQGGNRFECVSNSTSPRRKNATKDEAACLQPRRSAVSGPREDVLCIRTTPQPHVRRGKSGPGRRKRMRFGRE
RERRDKKRGEGERKRTRFPFLRLHIEGGNANSRRPLCFPSRHSLLRNHYGSLSMAFRKVSPPKAPMSVFEARSSFLDLEQ
CARAAGPQRWEAECQGVRQRALQAAADVMSRECGAYGDSFFQCYRHGFRLEACQGEKATMQLLRCQRMVADRLVPL
;
i,I
3 'polypeptide(L)'
;MPAPAASGAAAVLSKDIARSFRWMQAFAAVKGKPTAGSCAAGTAVVNPEDPTKVTLKGRYTNFSLQHIWEKYDYLQTHLL
LRECMLSQVAKNPRLLDPEINAGLTPTVFMRVPPETQDPETQAKAAPQKGQAN
;
t,T
4 'polypeptide(L)'
;MQNGVFTRENADFLVKSGADSPSSQSLLLRTSPSPLSLPRRRFIFLRSASVDLSERSSLACLAPFFCLASGVCLRSAFSL
PFFARRGRPCLFFIFIFFFRVSFTANFRGKRVKMAASTIPISQWPSLLYAPPSSPANPAVEALPEMQFDDLHYPRQMLLC
RGAGYSLEQCNRMAQPDARVTPENPAEKLLKEEAVAAIACLSQREGGKDEQCRYYIERMYKLANKEKQPEPGTLSKASTL
ACKLLGIHRPEA
;
g,G
5 'polypeptide(L)'
;MAFAGAAAPLGVKGRSVFAGMRSFIGQRLGRLYDSFYYSQSSTKYVMVFLFPAGIFYTRFRADTKLGYHVFINEEKLYPD
YSQNYFDTKWTNGRKVYLDDETTVEQLKAQIYGGKAAPENVKVACRGRVFEDADNVAMAVRAFCKRDPRLLLFQDNL
;
o,O
6 'polypeptide(L)'
;MAAGSRFPFCTAARLSSRGTLPRLGEATFFAGAESQRSAGAFAKTLQRPFLRAPSTQLFPVGNRLGVSSARALVANAMEP
RRFFAAAASAKATHALQPTGTGSVAFTRPGQGSNAQFQTSLADKTRGLLGVGFLRPTKMASFAATFLLNFRFYFMYMART
TFQAVRPLLAFSVFGEVMKLVLATMSSGLFSFLFSFVLAFEVFYFFLQCYISYTFLTMFFTVLF
;
k,K
7 'polypeptide(L)'
;MGLSPAFAATAGCRLASPVANSSRFLSLLRLSRPRLNAAAPAAEAAKTLERNVPMKEILQPLWVVEPPNFLRQPVWKQFW
EAQFANRSFFFFGNAWTSAAAFAFFIWWSRVFDPPPKERLDRYWLNSPKFRILSAFHNPGKRPGLKISLMTYEARYCYRG
LDHPFTLNEMKDFLFKLREQYLVNKYEGIQFPFVFRQFNRVSTPGTLEVHTSPALQQQPHFHEEAAGHH
;
j,J
8 'polypeptide(L)'
;MSWATRLLRMSSPRLGLLPLGRSVKLGGAKERVSFSQFFDSEYFWTKANVGPFFLFLFTSPFWYQGIKTVYASCRYRKLN
EREIISDRYTWLHERMLEDEVERVLLEQVPAGGFDKTRPGLLLGPSTL
;
s,S
9 'polypeptide(L)'
;MATPPLQDGAPTNGGAATKPSCGARLQNFARMAIKGPSVPHSILFGVGAGCCAYAGYYLYRAMRLTFFDTESVALQSRLR
YAEKQKLFHQELDRELAAGHIASLVAEYDPVATRLPFQPMQDRYRV
;
u,U
10 'polypeptide(L)'
;MAETREGGQSGAASILGAEAFPELLSKVPLNPQMDEDKHFNKYKWGNEPIPVNRRTGSRMNSSIYDNRNHEAVRHPWSTD
ARTFHPNDNPEADRINTQYSNMVSDSFPEGGFSDAPRFSSNWERLLAYHHGLYSPEKFNSTTKTADEIRLAVNDFAAKVH
ADDPKNACKYLMIEEFKCLQSAQARIDPQGAATKCVKWFNEWRQCAWDQEKMVKGYNYIEDRRARKHKPYIGAPDLQYS
;
h,H
11 'polypeptide(L)'
;MGEKQEEEGEEEKEGKGEGGGEGGREEEDEDGSAPVVSWLRIVEERECHEETDEAPETKIALPFSAQRSSRGFEARQVEV
LVSANSAFLLSVLLASLFLSSSLPSFCPPRFLLSVLLALFKDKMAGDAPAAAAAPQQAGRTASASGVRTPGYLDLVGHSL
KATSMDHGMQYSSIYWETSHRTYLPFWASLTQKFSWKIMDDQIRSFLRLPKPVTTEPFVFSSGSPYIRRYFGDADISVPV
PLHAPAHFAFVPTGTVSPWEETGMETGPQGAAARGAAATAFRAVLESAWKCDIDEQIKEKLHSRAGAGAFHASGSTGGCP
IPTDF
;
e,E
12 'polypeptide(L)'
;MSTSPGLAFANLTLLLDVPQLPAIWAVNAWRELNGLFTEMKTLAGTSDLLYPSNRYNPQNEKTNRMGRPRKYNHGEWMFG
NSY
;
x,X
13 'polypeptide(L)'
;MNFSSSARWLAVRQSQTLGHTTRATVAAGRRVLAHSPAATEFTSFQSLHIGGDVCKLPLAVALGAAPSALGYGSAKHNQQ
RQYATLGSGWSFSKVQYTKYRITKPWTTDTTFDDIILSQPSKEDFAKFTKEAPLFLRFLKLVTDVEGRQEAFIQFAKRCE
NGLTVEKDVYVTKKELVDCLWKNGYTDTEINAFEIAFPADYKFHYPELAVLFDLTEEDCYKYCIRQRAATPEELVELKYT
KPKNLVSSYGLCFLGVWFGLSNTVLSNAWFYSKTFPFGAVFYMLGSYFYRDIREKLWKEEKSLIHTAQENKNMGEESVYK
QMKKYATDTKCLDYLSTFRTEVEDQIANYKVALVSQMRRQLTERLVEKLNGIQQAEKLIQGSLQDVMIREIVSSFKDLYK
SRPELHDAAMQSAIQGLSGSDGAMDPVGAHFKASLQELAKVNLSTATADPMGTVVQRVAAVFQKREKEFLDTFTVKATEA
QEIKTIVDKCHKGNTFDFHALSDEELRRLEQLYSTVNNRVGFETIHENSIKPVAPLSENSKGFVEFVNTQLEITKAKLRN
ARLTAFAHAFV
;
b,B
14 'polypeptide(L)'
;MLNFIPKRCPSVSLLFGKRPVQRIEVGQARHQLEIPVETIEKIYEGVDSRLEYHNKDYNAMKWKDFMKLKLDAYHLLEAS
QSETAAKSALSDLNWFSDLADIYSGQQTMAEMDVALKAQGEQKLSYPIQGKNIK
;
r,R
15 'polypeptide(L)'
;MSPPTASASVASSGSSPHMDRLLGDLKLLAAYDSAAGWQEPKAMESAFQSLSWDDADVLKALPQYLNCRGEQKRRVDFAY
AALCPRPVDEKDPKQTLMSLWMKARLFSYDQKHPFVLSPFAATDKSTSAGAMTAEKPF
;
p,P
16 'polypeptide(L)'
;MGFHFQQYIAMAGRAINPVQWTRAWRRMEGKSATEVYRDALAWTNNQFAQISRASQYRAWWWQNPLGMGLVLYGTYKAWH
MIYMVRKQKKTAQLVAAAYGQGGQWLNPVPR
;
v,V
17 'polypeptide(L)'
;MTALPPPPSANVAVSFTAAPAEPLSRGEVKAASLKLELQNIERELKDWWMSRKILRDRNIGLFNLLQHHNFAGLSVNNAK
LSDSQRVMWTDLVQGKPDVEDKLSVDAREMKVDMYEKLFKQAADLENPCRMPGVAYLRCLRDTLTETQSARRSSCLNAFS
SFDACRTGLLKQQSAAVENSLVRQNMADVRAKALFERRAVLLDLVEGK
;
l,L
18 'polypeptide(L)'
;MGGGGGGALNKLFPGYKDKIWMKVPVQWRQQMIQHWNKSYEKQVYSESVALNRTFQARNQLVLDRLKPSGAYRLPAVDYK
RQLSRGTLVEGADFYLPTAQEQQRLARHFEPYSEQEQEERRKFRFQSISVYLAVALGASFVHDYFYQRRPVAWCLEKEPP
HPPSYPFWFKSLFHSHDIPSVRRGYEVYRKVCATCHSMEQLHFRHLVGEVLPEKRVKQIAAEYDVTDGPNDQGEMYTRPG
ILGDAFPSPYPNEEAARYANGGAYPPDLSLITAARHFGPDYLMALLGGYRDPPEGVELRPGLYWNVWFPGNAIAMPPPLM
DEMIDYEDGTPCNISQMSKDVVNFLTWATEPTADERKLYGLKCVSAIAIGTVLMTLWWRFYWAMYATRRIDFGKLKYL
;
c,C
19 'polypeptide(L)'
;MSPVGRLFLGSKLPAQTWQSFRLQPALPQFAQKRFFSGGAAKPSWHVAREHRFGPTLPDHAYYGEHATYNYFVLFIRGMR
PYLEKIFGDCASTIKNAAVAVYRPVNAFVVKHNPDLRLQFVAFASFIATHMAITKEFNDMYQRLVDITSLLELQAAQLHA
SEGFWDSESEQQEARLQRHAEHRNDLETTWEEALREATLARNFDVLVSYLNHGTSDGCGEHGACGHSGQNGIPPSVTWNF
NAMPYGKENPDTKTFPIPDHEQPYRAFSLGFTANNLSGNWGDYIDRQDNKNALMRPARMMFTDVFIPTTK
;
d,D
20 'polypeptide(L)'
;MNTFFLTPAAAAARRVAVSFFARSSASGFPQHRVALRPFPSQRPAERAHNLAKSQTLRSVKAHGRQSGKKEQSTESGGRR
GFRAAVGAGTGCMLAASPMLFTDYDNTASPKSELIFMAGNALGYCTERFFENEYGQSIFMFALGLAYLAMLGHEGKIHGA
VWRMKHLFATNFKMVGHPRYAYALPKNPLLQDAAPTKTGSTSAKK
;
m,M
21 'polypeptide(L)'
;MSGDSVAPHQRAACEQLHSEYKQCLAKNGRTHFSACTDFHSKLRACENMLGTSYCIDEGINLMKCTKNPDPSFCAKEFVA
MRECNRPQGPHLVLSSSPSSPPHYELRPEVKHLYNVDSTDLGSAVAPVRSKEQLDRVADSLKADLNLPGYGHIPYKWESL
RPNPGA
;
n,N
22 'polypeptide(L)'
;MALNRVPSRVLPFAVSGVYVHPRNACRLPAAAAVSSVPSSVSAFSSRTNFLSRSSSAVMSHPCAATARHFSFAIPPANAA
ALADPLPATPTPPPVFEAVSSASSGIASGTNALKNVEEVSTMERYEAAVYEESFKKPIVCLFFARFSLQSKVLLQPFLDF
AASASNNATFFLIDCDRVPRAAYHARVENVPSLVVMKGDDAFRQTITDSVGVKTAGDLIQEARSALDQVLRLDQQEGGTK
LQPGVSSYTHHIGVDNLNVYRKGWPVA
;
f,F
23 'polypeptide(L)'
;MPFMWRQRAYCAPVPSAFASQQPNGLGGEAGVRKPLLRSNSESLSVFSQIPDGLLGHTTSVTMGNSDIFFLPKPSNLLKI
ALPAFVFMPNLTIFTRAFPFYAHTSA
;
w,W
24 'polypeptide(L)'
;MQALRRGAAIPSRLLPRRDSWMSLAPFVAPNNAAAWRKLRDGAQEVQTVIERQSTPGKPQQIDWAKWESQIAHKDILNCL
KTFYTNQVQILDRALGALETAKTPAPCEGAEKGWALFDAALSACAKSVEKSEELLSNGARALWVSCSNPPVWKVNTNEWL
DSDQYWQAFVEKHHFYSQYQPGVVDPEAPQEVEAFKQAWHSRMGKFNDRSDTPMLYAYMNELPSWEYYDLHRSAFLEHMT
YFLVRTGGDFRFFPEMPPWQWLAHMENLRFKLLSVAQSRRSQLQLANLERERALDFLPVDVEHHGEEYTQKFLQYETELF
QACAARLMGHFMFLCDPFIPVQSAEALSAVTRVDNGKGKLFSLGDDVNALFYLPEQQRRDVERPTQAVQTLLGHLEATGR
PFNPCYSELLHVHAEVLEERGEHWLTAPGECVSQAFLRRLRTDDPAYEVYCSYFKEMYERFAGAKEVSMEDGRKRLATIE
KNAQEEAAAYGLALKTMGSAELAHKAREGAAKLEQLRKAQEKAAGKSAQTVQENKM
;
a,A
25 'polypeptide(L)'
;MSSPCCVAIRRVARTTLESGRRQVDSKSTDVSPFFTGTQQMSLPSAGMVTKIRNFSSVKFMDQKRSGEETVYFKKEDEAL
LRNLLANHPEYDPKYSVDHMNAEVGSIARDITLACQKHGMKDPSAAFMKDLISIFGAHGYAKNSK
;
i2,i1
26 'polypeptide(L)'
;MTIHSCLARRAVSVAASGARAFASGLGARAVAVGALQSARLLHTSSLRAAGAKISPSEMSRLLEERIAGWKTQTSTEEVG
RVVSVGDGIARLFGLEGVQAGELVEFQNGMTGMALNLETDNVGVVIFGDDRSVLEGDSVKRTGRIVDVPIGPGLLGRVVD
ALGNPIDGKGPIPAKERRRVELKAPGIIPRKSVHEPMMTGLKCVDALVPVGRGQRELIIGDRQTGKTAVAVDAIINQKEI
NDSTDDESKKLYCIYVAVGQKRSTVAQIVKALEQRDAMKYTTVVAATASEAAPLQFLAPYSGCAMGEWFRDSGRHCVIIY
DDLSKQATAYRQMSLLLRRPPGREAYPGDVFYLHSRLLERAAKMGDKSGGGSLTALPVIETQAGDVSAYIPTNVISITDG
QIFLETELFYKGIRPAINVGLSVSRVGSAAQVKAMKQVAGTMKLELAQYREVAAFAQFGSDLDASTRQLLTRGTALTELL
KQRQYSPMKNSVQVCVLYCGVKGYLDPLDPKEISRFESLFIDYINANHQDILKTIETEKELSEKTEAKLRAAVDEFVAMN
EFKKK
;
A2,E2,C2,A1,E1,C1
27 'polypeptide(L)'
;MASPALQTCWRNLARLSGAQVRPSHFGAFSLGSRMSPFSSLLGARASPIATGRAGLRFLSSAAPNPGKKPASAAPPAGTN
HGRITQVIGAVVDVHFDEQLPPILNSLEVQGHTNRLVLEVAQHLGENTVRTIAMDATEGLVRGQKVVDTGAPIQVPVGVE
TLGRIMNVIGEPVDECGPVPAKKTYSIHRAAPLFADQSTEPGLLQTGIKVVDLLAPYAKGGKIGLFGGAGVGKTVLIMEL
INNVANKHGGFSVFAGVGERTREGNDLYHEMMTTGVIKRKKLEDGKFDFTGSKAALVYGQMNEPPGARARVALTALSVAE
YFRDEQGQDVLLFIDNIYRFTQAGSEVSALLGRIPSAVGYQPTLATDLGQLQERITTTKKGSITSVQAVYVPADDLTDPA
PATTFAHLDATTVLSRQIAELGIYPAVDPLDSTSRMLAPEIVGQEHYDTARATQKLLQDYKSLQDIIAILGMDELSEEDK
LVVSRARKIQRFLSQPFTVAEVFTGKPGRFVELPETIKSAQTILRGECDDLPEMAFYMCGGLEEVRSKAVKMAQEAASGK
;
B2,F2,D2,B1,F1,D1
28 'polypeptide(L)'
;MAGLASLSSVGALRGMRLVPAAHLLPLHSAFGQQTRNFGAGDLKIVAARMKSVKSIQKITKAMKMVAASKLRMDQRRLEN
GLPFATPVQKLVQRIPVDPKEKGTLAVLALSSDKGLCGGVNSFVAKQARIVIKENEMAGNAVQVYGVGDKIRSALQRTFG
DRFKRIMTEVTRFPWNFGQACIIADRLMQDNPARLMVIYNHFKSAVAYDTLTLNVLTPTQAAQSAKEQLNTFEFEPEKTD
VWKDLQDFYYACTVFGCMLDNIASEQSARMSAMDNASTNAGEMISSLTLRYNRARQAKITTELVEIISGANALE
;
g2,g1
29 'polypeptide(L)'
;MFARAFSRFASLAAPAPQRGWNAFVLPSRHFATAAGGANPFKNQLLLTLSSPSEAIYVRTPVRSVTVPGSEGAMTMTNGH
SQTVARLKAGEIIVRKGETGDEVERFFLSDGFVLFKSPEDDSGCCTAEVLGVEVVPVSMLDKESAATALQELLQQGAGAT
DEWTKARTLLGQELLSSVIRAAP
;
d2,d1
30 'polypeptide(L)' MWRSSGVSFTRYASEMAALLRQCLKEPYRTQAMQRNQIHLKETVYQQGQVLTRETFNDIKKAFEAAAKHAGEK e2,e1
31 'polypeptide(L)'
;MALPLLASRRLFSSFVFRGQPSTLSSNLSLVRIRGLHGGSLSPPSATLPRAVQLFSSRIAFSTAAAEDSGASQTLEGRYA
SALFRVAKKKNQLEKVYGDLESVRNALKDSSEFRLFVDSPAVSVQQKLDVLRQLVNRYKFDPLTGNLLTTLVENKRLPML
ARVADAFDAMYRKEKGEVKCLVTSAKPLSAQQQKEIVAALQNRAGTQARLIIDYAVSPQIMGGLVVRLGEQVLDFSVATR
LDRLQSQLLAPL
;
G2,G1
32 'polypeptide(L)'
;MFFSRLSLSALKAAPAREALPGLLSRQSFSSAGFSQFSSQKFFFSPSRNFSQSPLFQKHTPVHCNQRIASALVPTQQPAM
TRQNPYAMQVGARYDAGVASLSAAIALMSVGGVAQGIGSLFAALVSGTARNPSIKEDLFTYTLIGMGFLEFLGIICVLMS
AVLLYS
;
H2,I2,J2,K2,L2,M2,N2,O2,P2,Q2,H1,I1,J1,K1,L1,M1,N1,O1,P1,Q1
#
# COMPACT_ATOMS: atom_id res chain seq x y z
N VAL A 2 55.91 -13.24 -80.09
CA VAL A 2 56.92 -13.02 -81.12
C VAL A 2 57.00 -11.55 -81.47
N ARG A 3 55.89 -10.84 -81.31
CA ARG A 3 55.88 -9.42 -81.61
C ARG A 3 56.80 -8.67 -80.65
N ASN A 4 57.54 -7.71 -81.20
CA ASN A 4 58.38 -6.83 -80.42
C ASN A 4 57.60 -5.52 -80.26
N GLN A 5 57.08 -5.30 -79.06
CA GLN A 5 56.09 -4.24 -78.87
C GLN A 5 56.72 -2.87 -79.05
N ARG A 6 55.98 -1.98 -79.71
CA ARG A 6 56.40 -0.59 -79.83
C ARG A 6 56.42 0.10 -78.47
N TYR A 7 55.55 -0.32 -77.56
CA TYR A 7 55.39 0.33 -76.26
C TYR A 7 55.36 -0.73 -75.16
N PRO A 8 56.54 -1.17 -74.69
CA PRO A 8 56.53 -2.18 -73.61
C PRO A 8 55.89 -1.68 -72.33
N ALA A 9 56.03 -0.39 -72.04
CA ALA A 9 55.31 0.27 -70.95
C ALA A 9 54.10 1.01 -71.53
N SER A 10 53.14 0.22 -71.98
CA SER A 10 52.12 0.77 -72.88
C SER A 10 51.20 1.76 -72.21
N PRO A 11 50.75 1.56 -70.96
CA PRO A 11 49.90 2.60 -70.35
C PRO A 11 50.68 3.84 -69.91
N VAL A 12 51.99 3.85 -70.09
CA VAL A 12 52.84 5.00 -69.76
C VAL A 12 53.55 5.54 -70.99
N GLN A 13 54.21 4.64 -71.73
CA GLN A 13 55.03 5.02 -72.88
C GLN A 13 54.20 5.64 -74.00
N GLU A 14 53.03 5.07 -74.27
CA GLU A 14 52.22 5.57 -75.37
C GLU A 14 51.81 7.01 -75.13
N ILE A 15 51.33 7.29 -73.91
CA ILE A 15 50.87 8.64 -73.58
C ILE A 15 52.04 9.62 -73.51
N PHE A 16 53.10 9.26 -72.78
CA PHE A 16 54.21 10.20 -72.62
C PHE A 16 55.05 10.39 -73.88
N LEU A 17 55.42 9.31 -74.56
CA LEU A 17 56.30 9.37 -75.73
C LEU A 17 55.79 8.48 -76.86
N PRO A 18 54.72 8.90 -77.54
CA PRO A 18 54.23 8.11 -78.67
C PRO A 18 55.19 8.20 -79.84
N GLU A 19 55.42 7.06 -80.48
CA GLU A 19 56.31 7.04 -81.63
C GLU A 19 55.71 7.83 -82.79
N PRO A 20 56.52 8.54 -83.57
CA PRO A 20 55.98 9.33 -84.68
C PRO A 20 55.85 8.52 -85.96
N VAL A 21 55.36 9.15 -87.02
CA VAL A 21 55.32 8.49 -88.32
C VAL A 21 56.71 8.58 -88.95
N PRO A 22 57.29 7.48 -89.43
CA PRO A 22 58.67 7.55 -89.95
C PRO A 22 58.80 8.43 -91.19
N PHE A 23 60.03 8.59 -91.65
CA PHE A 23 60.34 9.38 -92.83
C PHE A 23 61.35 8.59 -93.65
N VAL A 24 60.98 8.23 -94.87
CA VAL A 24 61.73 7.25 -95.64
C VAL A 24 62.37 7.82 -96.89
N GLN A 25 62.16 9.10 -97.19
CA GLN A 25 62.82 9.68 -98.35
C GLN A 25 64.32 9.77 -98.13
N PHE A 26 64.74 10.07 -96.91
CA PHE A 26 66.15 10.07 -96.57
C PHE A 26 66.27 10.08 -95.04
N ASP A 27 67.51 9.99 -94.55
CA ASP A 27 67.74 9.77 -93.13
C ASP A 27 67.21 10.92 -92.29
N GLN A 28 67.43 12.15 -92.75
CA GLN A 28 67.05 13.40 -92.08
C GLN A 28 67.89 13.69 -90.85
N THR A 29 68.81 12.81 -90.46
CA THR A 29 69.68 13.06 -89.32
C THR A 29 71.07 13.52 -89.72
N ALA A 30 71.34 13.67 -91.01
CA ALA A 30 72.66 14.00 -91.51
C ALA A 30 72.60 15.28 -92.33
N PRO A 31 73.73 15.92 -92.59
CA PRO A 31 73.71 17.12 -93.43
C PRO A 31 73.26 16.81 -94.85
N SER A 32 72.81 17.85 -95.52
CA SER A 32 72.39 17.72 -96.92
C SER A 32 73.59 17.97 -97.83
N PRO A 33 73.89 17.08 -98.78
CA PRO A 33 74.96 17.39 -99.74
C PRO A 33 74.55 18.52 -100.66
N ASN A 34 75.44 19.49 -100.84
CA ASN A 34 75.21 20.60 -101.75
C ASN A 34 75.92 20.40 -103.08
N SER A 35 76.42 19.19 -103.34
CA SER A 35 77.02 18.84 -104.62
C SER A 35 76.52 17.46 -105.02
N PRO A 36 76.39 17.20 -106.32
CA PRO A 36 75.90 15.89 -106.74
C PRO A 36 76.99 14.83 -106.59
N PRO A 37 76.68 13.57 -106.86
CA PRO A 37 77.74 12.56 -106.87
C PRO A 37 78.64 12.71 -108.09
N ALA A 38 79.91 12.34 -107.91
CA ALA A 38 80.86 12.44 -109.00
C ALA A 38 80.57 11.36 -110.04
N PRO A 39 80.77 11.64 -111.32
CA PRO A 39 80.50 10.62 -112.34
C PRO A 39 81.45 9.44 -112.19
N LEU A 40 80.88 8.26 -111.96
CA LEU A 40 81.68 7.07 -111.75
C LEU A 40 82.42 6.69 -113.03
N PRO A 41 83.52 5.95 -112.90
CA PRO A 41 84.27 5.53 -114.09
C PRO A 41 83.43 4.63 -114.98
N SER A 42 83.45 4.93 -116.28
CA SER A 42 82.58 4.20 -117.20
C SER A 42 83.01 2.74 -117.28
N PRO A 43 82.06 1.80 -117.27
CA PRO A 43 82.43 0.38 -117.17
C PRO A 43 82.69 -0.26 -118.52
N SER A 44 83.01 -1.56 -118.50
CA SER A 44 83.10 -2.35 -119.72
C SER A 44 83.10 -3.83 -119.31
N LEU A 45 83.19 -4.70 -120.31
CA LEU A 45 83.16 -6.14 -120.08
C LEU A 45 84.49 -6.68 -119.56
N SER A 46 85.44 -5.81 -119.23
CA SER A 46 86.66 -6.24 -118.57
C SER A 46 86.42 -6.87 -117.21
N GLN A 47 85.29 -6.57 -116.57
CA GLN A 47 85.13 -6.81 -115.14
C GLN A 47 84.16 -7.95 -114.82
N CYS A 48 83.61 -8.65 -115.83
CA CYS A 48 82.71 -9.76 -115.59
C CYS A 48 83.44 -11.10 -115.54
N GLU A 49 84.73 -11.10 -115.21
CA GLU A 49 85.55 -12.30 -115.23
C GLU A 49 84.99 -13.38 -114.30
N GLU A 50 85.05 -13.08 -113.00
CA GLU A 50 84.71 -14.07 -111.99
C GLU A 50 83.22 -14.32 -111.91
N GLN A 51 82.43 -13.49 -112.59
CA GLN A 51 81.00 -13.71 -112.68
C GLN A 51 80.69 -14.68 -113.81
N LYS A 52 81.27 -14.47 -114.98
CA LYS A 52 81.02 -15.40 -116.07
C LYS A 52 81.53 -16.78 -115.68
N ASP A 53 82.78 -16.87 -115.21
CA ASP A 53 83.32 -18.19 -114.93
C ASP A 53 82.59 -18.84 -113.75
N ARG A 54 82.16 -18.07 -112.74
CA ARG A 54 81.46 -18.68 -111.61
C ARG A 54 80.09 -19.17 -112.03
N TYR A 55 79.40 -18.40 -112.88
CA TYR A 55 78.11 -18.85 -113.39
C TYR A 55 78.27 -20.11 -114.24
N ARG A 56 79.30 -20.18 -115.06
CA ARG A 56 79.58 -21.40 -115.82
C ARG A 56 79.79 -22.59 -114.88
N ASP A 57 80.62 -22.39 -113.84
CA ASP A 57 80.86 -23.46 -112.88
C ASP A 57 79.55 -23.94 -112.27
N ILE A 58 78.77 -23.01 -111.73
CA ILE A 58 77.60 -23.39 -110.95
C ILE A 58 76.52 -23.95 -111.86
N SER A 59 76.45 -23.51 -113.12
CA SER A 59 75.49 -24.09 -114.04
C SER A 59 75.88 -25.52 -114.41
N SER A 60 77.17 -25.78 -114.66
CA SER A 60 77.61 -27.14 -114.92
C SER A 60 77.32 -28.03 -113.71
N MET A 61 77.47 -27.47 -112.50
CA MET A 61 77.22 -28.27 -111.32
C MET A 61 75.73 -28.48 -111.10
N PHE A 62 74.89 -27.51 -111.48
CA PHE A 62 73.46 -27.74 -111.37
C PHE A 62 73.01 -28.77 -112.40
N HIS A 63 73.66 -28.78 -113.57
CA HIS A 63 73.39 -29.82 -114.57
C HIS A 63 73.73 -31.18 -114.01
N ARG A 64 74.73 -31.25 -113.13
CA ARG A 64 74.95 -32.49 -112.39
C ARG A 64 73.84 -32.70 -111.36
N GLY A 65 73.46 -31.64 -110.66
CA GLY A 65 72.35 -31.62 -109.72
C GLY A 65 72.74 -31.33 -108.29
N VAL A 66 74.02 -31.33 -107.95
CA VAL A 66 74.45 -31.09 -106.57
C VAL A 66 74.56 -29.62 -106.21
N ALA A 67 74.18 -28.71 -107.12
CA ALA A 67 74.35 -27.28 -106.87
C ALA A 67 73.13 -26.62 -106.24
N GLY A 68 72.00 -26.66 -106.91
CA GLY A 68 70.81 -25.93 -106.48
C GLY A 68 70.43 -24.84 -107.47
N ALA A 69 69.30 -24.20 -107.16
CA ALA A 69 68.74 -23.15 -108.01
C ALA A 69 68.96 -21.75 -107.47
N GLU A 70 68.89 -21.56 -106.16
CA GLU A 70 69.24 -20.28 -105.54
C GLU A 70 70.60 -19.80 -106.03
N GLN A 71 71.60 -20.68 -106.02
CA GLN A 71 72.94 -20.29 -106.41
C GLN A 71 72.98 -19.85 -107.87
N VAL A 72 72.27 -20.59 -108.73
CA VAL A 72 72.22 -20.23 -110.14
C VAL A 72 71.60 -18.86 -110.32
N ARG A 73 70.49 -18.60 -109.62
CA ARG A 73 69.83 -17.31 -109.72
C ARG A 73 70.78 -16.18 -109.26
N GLU A 74 71.43 -16.38 -108.12
CA GLU A 74 72.34 -15.36 -107.60
C GLU A 74 73.45 -15.06 -108.61
N ALA A 75 74.12 -16.10 -109.10
CA ALA A 75 75.24 -15.92 -110.01
C ALA A 75 74.79 -15.25 -111.30
N TYR A 76 73.69 -15.74 -111.87
CA TYR A 76 73.19 -15.17 -113.12
C TYR A 76 72.82 -13.71 -112.93
N ASN A 77 72.26 -13.35 -111.77
CA ASN A 77 71.84 -11.98 -111.58
C ASN A 77 73.02 -11.06 -111.36
N SER A 78 74.08 -11.54 -110.71
CA SER A 78 75.30 -10.74 -110.61
C SER A 78 75.90 -10.49 -112.00
N MET A 79 76.02 -11.55 -112.80
CA MET A 79 76.53 -11.39 -114.16
C MET A 79 75.69 -10.42 -114.97
N ALA A 80 74.37 -10.56 -114.89
CA ALA A 80 73.49 -9.69 -115.65
C ALA A 80 73.56 -8.26 -115.17
N LYS A 81 73.74 -8.04 -113.86
CA LYS A 81 73.98 -6.70 -113.35
C LYS A 81 75.23 -6.11 -113.98
N CYS A 82 76.30 -6.91 -114.06
CA CYS A 82 77.55 -6.40 -114.64
C CYS A 82 77.36 -6.01 -116.09
N PHE A 83 76.56 -6.77 -116.85
CA PHE A 83 76.26 -6.38 -118.23
C PHE A 83 75.37 -5.14 -118.30
N ARG A 84 74.38 -5.07 -117.42
CA ARG A 84 73.45 -3.96 -117.44
C ARG A 84 74.15 -2.65 -117.11
N ARG A 85 75.21 -2.71 -116.32
CA ARG A 85 76.04 -1.53 -116.09
C ARG A 85 76.46 -0.90 -117.41
N VAL A 86 77.03 -1.70 -118.31
CA VAL A 86 77.58 -1.14 -119.54
C VAL A 86 76.45 -0.73 -120.48
N SER A 87 75.35 -1.49 -120.49
CA SER A 87 74.24 -1.10 -121.34
C SER A 87 73.67 0.25 -120.90
N VAL A 88 73.53 0.45 -119.59
CA VAL A 88 73.01 1.71 -119.08
C VAL A 88 73.98 2.85 -119.36
N ALA A 89 75.29 2.57 -119.23
CA ALA A 89 76.27 3.61 -119.53
C ALA A 89 76.16 4.05 -120.98
N GLU A 90 76.01 3.09 -121.90
CA GLU A 90 75.85 3.43 -123.31
C GLU A 90 74.60 4.25 -123.53
N VAL A 91 73.49 3.85 -122.91
CA VAL A 91 72.23 4.58 -123.09
C VAL A 91 72.40 6.02 -122.61
N LEU A 92 72.95 6.19 -121.41
CA LEU A 92 73.09 7.52 -120.84
C LEU A 92 74.00 8.39 -121.68
N GLU A 93 75.14 7.85 -122.13
CA GLU A 93 76.08 8.69 -122.87
C GLU A 93 75.56 9.01 -124.25
N SER A 94 74.77 8.13 -124.86
CA SER A 94 74.34 8.34 -126.23
C SER A 94 73.06 9.17 -126.33
N ASP A 95 71.99 8.69 -125.69
CA ASP A 95 70.68 9.31 -125.91
C ASP A 95 70.66 10.74 -125.37
N PRO A 96 70.28 11.73 -126.19
CA PRO A 96 70.53 13.12 -125.82
C PRO A 96 69.65 13.62 -124.69
N ALA A 97 68.49 12.98 -124.47
CA ALA A 97 67.54 13.45 -123.47
C ALA A 97 68.11 13.37 -122.05
N PHE A 98 69.11 12.51 -121.83
CA PHE A 98 69.75 12.36 -120.53
C PHE A 98 70.98 13.23 -120.37
N ARG A 99 71.40 13.96 -121.39
CA ARG A 99 72.55 14.84 -121.25
C ARG A 99 72.27 15.98 -120.27
N GLN A 100 71.05 16.52 -120.31
CA GLN A 100 70.68 17.52 -119.32
C GLN A 100 70.61 16.90 -117.94
N ALA A 101 70.18 15.65 -117.84
CA ALA A 101 69.99 15.08 -116.53
C ALA A 101 71.34 14.76 -115.93
N ARG A 102 72.29 14.34 -116.76
CA ARG A 102 73.63 14.09 -116.26
C ARG A 102 74.22 15.39 -115.74
N ASN A 103 74.14 16.45 -116.55
CA ASN A 103 74.65 17.74 -116.08
C ASN A 103 73.54 18.56 -115.42
N PHE A 104 72.79 17.92 -114.53
CA PHE A 104 71.73 18.57 -113.78
C PHE A 104 72.29 19.13 -112.48
N THR A 105 72.02 20.41 -112.22
CA THR A 105 72.50 21.07 -111.01
C THR A 105 71.44 22.02 -110.48
N MET A 106 71.34 22.10 -109.16
CA MET A 106 70.31 22.91 -108.52
C MET A 106 70.58 22.91 -107.02
N ASP A 107 70.13 23.98 -106.35
CA ASP A 107 70.39 24.18 -104.94
C ASP A 107 69.08 24.31 -104.16
N LEU A 108 69.19 24.02 -102.85
CA LEU A 108 68.03 23.99 -101.98
C LEU A 108 67.35 25.35 -101.90
N LYS A 109 68.13 26.42 -102.08
CA LYS A 109 67.52 27.76 -102.06
C LYS A 109 66.56 27.93 -103.22
N GLN A 110 66.98 27.54 -104.43
CA GLN A 110 66.07 27.58 -105.56
C GLN A 110 64.91 26.62 -105.36
N ALA A 111 65.18 25.46 -104.76
CA ALA A 111 64.10 24.49 -104.51
C ALA A 111 63.04 25.08 -103.59
N GLU A 112 63.45 25.86 -102.61
CA GLU A 112 62.51 26.51 -101.69
C GLU A 112 61.88 27.77 -102.29
N ASP A 113 62.53 28.39 -103.26
CA ASP A 113 62.01 29.61 -103.87
C ASP A 113 61.08 29.33 -105.05
N ASP A 114 61.13 28.13 -105.61
CA ASP A 114 60.22 27.82 -106.71
C ASP A 114 58.78 27.83 -106.23
N GLN A 115 57.86 27.88 -107.21
CA GLN A 115 56.43 28.03 -106.94
C GLN A 115 55.59 27.04 -107.73
N ARG A 116 56.19 25.94 -108.19
CA ARG A 116 55.45 24.93 -108.92
C ARG A 116 54.52 24.12 -108.02
N TYR A 117 54.75 24.15 -106.70
CA TYR A 117 53.91 23.41 -105.78
C TYR A 117 52.47 23.89 -105.80
N LYS A 118 52.20 25.08 -106.33
CA LYS A 118 50.83 25.55 -106.42
C LYS A 118 49.99 24.71 -107.39
N GLN A 119 50.63 24.12 -108.38
CA GLN A 119 49.95 23.45 -109.49
C GLN A 119 49.93 21.94 -109.31
N LEU A 120 50.20 21.44 -108.11
CA LEU A 120 50.31 20.02 -107.85
C LEU A 120 48.97 19.37 -107.52
N GLN A 121 47.87 20.06 -107.72
CA GLN A 121 46.55 19.52 -107.39
C GLN A 121 46.12 18.48 -108.42
N TYR A 122 45.56 17.38 -107.94
CA TYR A 122 45.01 16.38 -108.84
C TYR A 122 43.83 16.95 -109.61
N GLY A 123 43.67 16.48 -110.84
CA GLY A 123 42.60 16.97 -111.69
C GLY A 123 41.24 16.43 -111.28
N ARG A 124 40.33 16.32 -112.25
CA ARG A 124 39.01 15.81 -112.02
C ARG A 124 38.60 14.89 -113.16
N VAL A 125 38.03 13.75 -112.82
CA VAL A 125 37.62 12.78 -113.85
C VAL A 125 36.48 13.38 -114.66
N PRO A 126 36.43 13.17 -115.97
CA PRO A 126 35.31 13.71 -116.76
C PRO A 126 33.98 13.11 -116.37
N SER A 127 32.91 13.62 -116.96
CA SER A 127 31.57 13.15 -116.64
C SER A 127 31.27 11.87 -117.39
N ILE A 128 30.45 11.02 -116.76
CA ILE A 128 30.09 9.73 -117.33
C ILE A 128 29.18 9.84 -118.54
N LEU A 129 28.63 11.02 -118.81
CA LEU A 129 27.77 11.21 -119.97
C LEU A 129 28.56 11.32 -121.27
N THR A 130 29.86 11.62 -121.19
CA THR A 130 30.69 11.61 -122.38
C THR A 130 30.78 10.24 -123.00
N LYS A 131 30.51 9.19 -122.22
CA LYS A 131 30.47 7.84 -122.78
C LYS A 131 29.33 7.71 -123.78
N TYR A 132 28.18 8.29 -123.48
CA TYR A 132 27.06 8.32 -124.41
C TYR A 132 27.09 9.55 -125.32
N HIS A 133 28.11 10.39 -125.19
CA HIS A 133 28.31 11.54 -126.07
C HIS A 133 27.15 12.54 -125.94
N LEU A 134 27.03 13.09 -124.75
CA LEU A 134 25.98 14.06 -124.45
C LEU A 134 26.59 15.35 -123.92
N MET B 146 44.33 -19.47 -133.17
CA MET B 146 43.68 -19.41 -131.86
C MET B 146 43.64 -20.80 -131.25
N SER B 147 43.53 -21.81 -132.09
CA SER B 147 43.73 -23.19 -131.68
C SER B 147 45.18 -23.61 -131.89
N VAL B 148 45.56 -24.69 -131.21
CA VAL B 148 46.95 -25.17 -131.27
C VAL B 148 47.30 -25.58 -132.69
N PHE B 149 46.37 -26.23 -133.39
CA PHE B 149 46.60 -26.64 -134.77
C PHE B 149 46.85 -25.43 -135.65
N GLU B 150 46.01 -24.41 -135.53
CA GLU B 150 46.15 -23.21 -136.34
C GLU B 150 47.46 -22.50 -136.05
N ALA B 151 47.84 -22.41 -134.77
CA ALA B 151 49.09 -21.73 -134.42
C ALA B 151 50.29 -22.49 -134.94
N ARG B 152 50.27 -23.82 -134.84
CA ARG B 152 51.35 -24.62 -135.38
C ARG B 152 51.48 -24.46 -136.88
N SER B 153 50.35 -24.44 -137.59
CA SER B 153 50.40 -24.20 -139.04
C SER B 153 50.92 -22.80 -139.34
N SER B 154 50.58 -21.83 -138.50
CA SER B 154 51.10 -20.47 -138.67
C SER B 154 52.62 -20.47 -138.56
N PHE B 155 53.15 -21.13 -137.54
CA PHE B 155 54.60 -21.16 -137.38
C PHE B 155 55.28 -21.92 -138.50
N LEU B 156 54.62 -22.93 -139.08
CA LEU B 156 55.21 -23.62 -140.22
C LEU B 156 55.23 -22.73 -141.45
N ASP B 157 54.15 -22.00 -141.69
CA ASP B 157 54.15 -20.97 -142.72
C ASP B 157 55.31 -19.99 -142.51
N LEU B 158 55.48 -19.53 -141.27
CA LEU B 158 56.55 -18.60 -140.96
C LEU B 158 57.90 -19.18 -141.32
N GLU B 159 58.18 -20.41 -140.89
CA GLU B 159 59.50 -20.97 -141.08
C GLU B 159 59.78 -21.24 -142.56
N GLN B 160 58.78 -21.73 -143.29
CA GLN B 160 59.02 -22.02 -144.70
C GLN B 160 59.19 -20.73 -145.50
N CYS B 161 58.38 -19.71 -145.20
CA CYS B 161 58.59 -18.43 -145.89
C CYS B 161 59.92 -17.80 -145.50
N ALA B 162 60.40 -18.06 -144.30
CA ALA B 162 61.71 -17.54 -143.90
C ALA B 162 62.83 -18.24 -144.67
N ARG B 163 62.72 -19.57 -144.80
CA ARG B 163 63.71 -20.28 -145.61
C ARG B 163 63.65 -19.83 -147.06
N ALA B 164 62.47 -19.47 -147.55
CA ALA B 164 62.36 -18.94 -148.90
C ALA B 164 63.07 -17.60 -149.01
N ALA B 165 62.78 -16.68 -148.11
CA ALA B 165 63.33 -15.33 -148.19
C ALA B 165 64.84 -15.34 -147.97
N GLY B 166 65.26 -15.74 -146.77
CA GLY B 166 66.66 -15.77 -146.43
C GLY B 166 66.95 -15.06 -145.12
N PRO B 167 68.18 -15.17 -144.63
CA PRO B 167 68.53 -14.55 -143.34
C PRO B 167 68.68 -13.04 -143.40
N GLN B 168 68.62 -12.43 -144.58
CA GLN B 168 68.91 -11.02 -144.75
C GLN B 168 67.67 -10.15 -144.88
N ARG B 169 66.60 -10.69 -145.47
CA ARG B 169 65.39 -9.93 -145.76
C ARG B 169 64.17 -10.51 -145.07
N TRP B 170 64.37 -11.41 -144.10
CA TRP B 170 63.25 -12.07 -143.44
C TRP B 170 62.41 -11.07 -142.65
N GLU B 171 63.05 -10.25 -141.83
CA GLU B 171 62.30 -9.30 -141.01
C GLU B 171 61.54 -8.31 -141.87
N ALA B 172 62.02 -8.04 -143.08
CA ALA B 172 61.31 -7.15 -143.99
C ALA B 172 60.13 -7.85 -144.65
N GLU B 173 60.34 -9.07 -145.12
CA GLU B 173 59.35 -9.72 -145.97
C GLU B 173 58.25 -10.43 -145.19
N CYS B 174 58.52 -10.84 -143.95
CA CYS B 174 57.66 -11.79 -143.26
C CYS B 174 57.07 -11.22 -141.98
N GLN B 175 56.52 -10.01 -142.05
CA GLN B 175 55.97 -9.37 -140.85
C GLN B 175 54.55 -9.84 -140.55
N GLY B 176 53.71 -9.94 -141.58
CA GLY B 176 52.31 -10.31 -141.34
C GLY B 176 52.18 -11.72 -140.81
N VAL B 177 52.90 -12.67 -141.41
CA VAL B 177 52.89 -14.04 -140.93
C VAL B 177 53.43 -14.10 -139.50
N ARG B 178 54.43 -13.28 -139.21
CA ARG B 178 54.99 -13.23 -137.87
C ARG B 178 53.95 -12.78 -136.86
N GLN B 179 53.23 -11.70 -137.18
CA GLN B 179 52.21 -11.19 -136.27
C GLN B 179 51.09 -12.20 -136.09
N ARG B 180 50.66 -12.85 -137.17
CA ARG B 180 49.61 -13.85 -137.06
C ARG B 180 50.05 -15.00 -136.16
N ALA B 181 51.28 -15.48 -136.34
CA ALA B 181 51.78 -16.58 -135.53
C ALA B 181 51.85 -16.18 -134.06
N LEU B 182 52.38 -15.00 -133.78
CA LEU B 182 52.49 -14.55 -132.40
C LEU B 182 51.12 -14.36 -131.76
N GLN B 183 50.15 -13.87 -132.51
CA GLN B 183 48.82 -13.65 -131.96
C GLN B 183 48.14 -14.98 -131.66
N ALA B 184 48.32 -15.98 -132.53
CA ALA B 184 47.74 -17.29 -132.27
C ALA B 184 48.38 -17.95 -131.06
N ALA B 185 49.71 -17.91 -130.98
CA ALA B 185 50.39 -18.44 -129.81
C ALA B 185 49.95 -17.72 -128.55
N ALA B 186 49.70 -16.42 -128.64
CA ALA B 186 49.26 -15.65 -127.49
C ALA B 186 47.85 -16.06 -127.06
N ASP B 187 46.96 -16.31 -128.01
CA ASP B 187 45.64 -16.82 -127.68
C ASP B 187 45.76 -18.16 -126.96
N VAL B 188 46.61 -19.05 -127.47
CA VAL B 188 46.80 -20.35 -126.82
C VAL B 188 47.31 -20.15 -125.40
N MET B 189 48.29 -19.26 -125.23
CA MET B 189 48.86 -19.03 -123.91
C MET B 189 47.82 -18.50 -122.94
N SER B 190 47.01 -17.53 -123.39
CA SER B 190 46.01 -16.96 -122.52
C SER B 190 44.97 -18.01 -122.12
N ARG B 191 44.57 -18.86 -123.08
CA ARG B 191 43.59 -19.89 -122.77
C ARG B 191 44.15 -20.91 -121.77
N GLU B 192 45.38 -21.35 -121.97
CA GLU B 192 45.94 -22.42 -121.14
C GLU B 192 46.60 -21.94 -119.85
N CYS B 193 46.84 -20.64 -119.70
CA CYS B 193 47.55 -20.11 -118.55
C CYS B 193 46.81 -18.94 -117.92
N GLY B 194 45.53 -18.76 -118.24
CA GLY B 194 44.78 -17.64 -117.71
C GLY B 194 44.41 -17.81 -116.25
N ALA B 195 44.14 -19.04 -115.82
CA ALA B 195 43.84 -19.29 -114.42
C ALA B 195 44.99 -18.88 -113.52
N TYR B 196 46.22 -19.24 -113.89
CA TYR B 196 47.38 -18.91 -113.08
C TYR B 196 47.63 -17.41 -113.08
N GLY B 197 47.42 -16.75 -114.21
CA GLY B 197 47.56 -15.30 -114.25
C GLY B 197 46.54 -14.60 -113.39
N ASP B 198 45.29 -15.07 -113.42
CA ASP B 198 44.27 -14.49 -112.55
C ASP B 198 44.59 -14.74 -111.09
N SER B 199 45.17 -15.90 -110.78
CA SER B 199 45.54 -16.18 -109.40
C SER B 199 46.66 -15.27 -108.93
N PHE B 200 47.66 -15.05 -109.77
CA PHE B 200 48.72 -14.10 -109.44
C PHE B 200 48.16 -12.69 -109.26
N PHE B 201 47.28 -12.27 -110.16
CA PHE B 201 46.63 -10.98 -110.04
C PHE B 201 45.90 -10.84 -108.72
N GLN B 202 45.16 -11.88 -108.32
CA GLN B 202 44.40 -11.83 -107.09
C GLN B 202 45.33 -11.74 -105.89
N CYS B 203 46.40 -12.55 -105.89
CA CYS B 203 47.39 -12.47 -104.83
C CYS B 203 48.03 -11.10 -104.75
N TYR B 204 48.31 -10.48 -105.91
CA TYR B 204 48.89 -9.16 -105.94
C TYR B 204 47.94 -8.13 -105.34
N ARG B 205 46.65 -8.25 -105.64
CA ARG B 205 45.66 -7.36 -105.03
C ARG B 205 45.63 -7.53 -103.52
N HIS B 206 45.72 -8.77 -103.05
CA HIS B 206 45.68 -9.04 -101.63
C HIS B 206 47.06 -9.08 -100.98
N GLY B 207 48.07 -8.52 -101.64
CA GLY B 207 49.37 -8.39 -101.04
C GLY B 207 50.06 -9.70 -100.72
N PHE B 208 49.69 -10.78 -101.39
CA PHE B 208 50.28 -12.09 -101.17
C PHE B 208 50.10 -12.52 -99.71
N ARG B 209 48.93 -12.23 -99.17
CA ARG B 209 48.56 -12.59 -97.80
C ARG B 209 47.80 -13.90 -97.73
N LEU B 210 47.32 -14.42 -98.84
CA LEU B 210 46.51 -15.62 -98.82
C LEU B 210 47.37 -16.87 -98.74
N GLU B 211 46.71 -18.00 -98.49
CA GLU B 211 47.42 -19.27 -98.35
C GLU B 211 48.08 -19.68 -99.67
N ALA B 212 47.33 -19.59 -100.77
CA ALA B 212 47.83 -19.99 -102.08
C ALA B 212 48.91 -19.05 -102.60
N CYS B 213 49.07 -17.88 -102.00
CA CYS B 213 50.11 -16.94 -102.39
C CYS B 213 51.42 -17.18 -101.66
N GLN B 214 51.42 -18.03 -100.64
CA GLN B 214 52.63 -18.28 -99.87
C GLN B 214 53.63 -19.08 -100.70
N GLY B 215 54.91 -18.73 -100.56
CA GLY B 215 55.94 -19.34 -101.36
C GLY B 215 56.11 -18.65 -102.71
N GLU B 216 56.50 -19.46 -103.71
CA GLU B 216 56.75 -18.97 -105.06
C GLU B 216 55.94 -19.73 -106.10
N LYS B 217 55.03 -20.61 -105.67
CA LYS B 217 54.25 -21.39 -106.61
C LYS B 217 53.36 -20.51 -107.47
N ALA B 218 52.86 -19.41 -106.92
CA ALA B 218 51.98 -18.53 -107.69
C ALA B 218 52.67 -18.01 -108.94
N THR B 219 53.99 -17.85 -108.89
CA THR B 219 54.78 -17.39 -110.02
C THR B 219 55.31 -18.55 -110.86
N MET B 220 55.79 -19.60 -110.19
CA MET B 220 56.39 -20.71 -110.90
C MET B 220 55.38 -21.46 -111.74
N GLN B 221 54.13 -21.57 -111.27
CA GLN B 221 53.10 -22.23 -112.07
C GLN B 221 52.87 -21.50 -113.38
N LEU B 222 52.77 -20.17 -113.31
CA LEU B 222 52.55 -19.38 -114.51
C LEU B 222 53.73 -19.50 -115.47
N LEU B 223 54.95 -19.36 -114.94
CA LEU B 223 56.12 -19.45 -115.80
C LEU B 223 56.25 -20.84 -116.43
N ARG B 224 55.89 -21.88 -115.68
CA ARG B 224 55.96 -23.23 -116.21
C ARG B 224 54.91 -23.44 -117.31
N CYS B 225 53.71 -22.91 -117.10
CA CYS B 225 52.68 -22.98 -118.15
C CYS B 225 53.16 -22.32 -119.42
N GLN B 226 53.76 -21.13 -119.29
CA GLN B 226 54.23 -20.41 -120.48
C GLN B 226 55.35 -21.17 -121.17
N ARG B 227 56.29 -21.72 -120.39
CA ARG B 227 57.38 -22.49 -120.98
C ARG B 227 56.85 -23.71 -121.72
N MET B 228 55.88 -24.40 -121.13
CA MET B 228 55.31 -25.59 -121.77
C MET B 228 54.61 -25.21 -123.06
N VAL B 229 53.85 -24.12 -123.05
CA VAL B 229 53.15 -23.69 -124.27
C VAL B 229 54.15 -23.38 -125.37
N ALA B 230 55.21 -22.64 -125.03
CA ALA B 230 56.22 -22.32 -126.04
C ALA B 230 56.87 -23.58 -126.59
N ASP B 231 57.32 -24.47 -125.71
CA ASP B 231 57.96 -25.71 -126.14
C ASP B 231 57.02 -26.56 -126.99
N ARG B 232 55.72 -26.45 -126.76
CA ARG B 232 54.75 -27.18 -127.57
C ARG B 232 54.52 -26.53 -128.93
N LEU B 233 54.64 -25.21 -129.00
CA LEU B 233 54.31 -24.50 -130.23
C LEU B 233 55.50 -24.34 -131.17
N VAL B 234 56.55 -23.67 -130.72
CA VAL B 234 57.55 -23.15 -131.67
C VAL B 234 58.41 -24.27 -132.25
N PRO B 235 58.82 -25.30 -131.48
CA PRO B 235 59.71 -26.25 -132.16
C PRO B 235 58.98 -27.14 -133.15
N ALA C 18 49.38 92.64 -13.32
CA ALA C 18 48.76 91.54 -12.59
C ALA C 18 47.25 91.66 -12.60
N ARG C 19 46.74 92.78 -12.07
CA ARG C 19 45.32 93.05 -12.18
C ARG C 19 44.89 93.23 -13.62
N SER C 20 45.82 93.63 -14.50
CA SER C 20 45.56 93.60 -15.93
C SER C 20 45.40 92.18 -16.44
N PHE C 21 46.12 91.22 -15.85
CA PHE C 21 46.03 89.82 -16.23
C PHE C 21 45.03 89.06 -15.38
N ARG C 22 44.25 89.77 -14.56
CA ARG C 22 43.03 89.22 -13.99
C ARG C 22 42.26 88.38 -15.01
N TRP C 23 42.08 88.94 -16.21
CA TRP C 23 41.27 88.25 -17.21
C TRP C 23 42.00 87.04 -17.79
N MET C 24 43.33 87.10 -17.88
CA MET C 24 44.08 85.92 -18.27
C MET C 24 43.88 84.80 -17.26
N GLN C 25 43.92 85.13 -15.98
CA GLN C 25 43.64 84.13 -14.95
C GLN C 25 42.23 83.58 -15.09
N ALA C 26 41.26 84.46 -15.35
CA ALA C 26 39.88 84.02 -15.52
C ALA C 26 39.74 83.05 -16.68
N PHE C 27 40.41 83.35 -17.81
CA PHE C 27 40.37 82.45 -18.95
C PHE C 27 41.02 81.11 -18.61
N ALA C 28 42.21 81.15 -18.01
CA ALA C 28 42.92 79.92 -17.70
C ALA C 28 42.17 79.08 -16.69
N ALA C 29 41.28 79.69 -15.90
CA ALA C 29 40.43 78.91 -15.01
C ALA C 29 39.58 77.91 -15.80
N VAL C 30 38.82 78.40 -16.78
CA VAL C 30 37.95 77.55 -17.58
C VAL C 30 38.73 77.16 -18.83
N LYS C 31 39.35 75.98 -18.77
CA LYS C 31 40.22 75.51 -19.85
C LYS C 31 39.69 74.26 -20.51
N GLY C 32 39.45 73.18 -19.76
CA GLY C 32 39.05 71.93 -20.34
C GLY C 32 37.61 71.54 -20.03
N LYS C 33 36.75 72.54 -19.91
CA LYS C 33 35.36 72.25 -19.63
C LYS C 33 34.68 71.73 -20.89
N PRO C 34 33.89 70.66 -20.79
CA PRO C 34 33.34 70.05 -22.01
C PRO C 34 32.28 70.91 -22.66
N THR C 35 32.04 70.61 -23.93
CA THR C 35 31.15 71.38 -24.79
C THR C 35 30.19 70.43 -25.51
N ALA C 36 29.31 71.01 -26.31
CA ALA C 36 28.40 70.22 -27.13
C ALA C 36 29.04 69.67 -28.39
N GLY C 37 30.30 70.01 -28.66
CA GLY C 37 30.97 69.53 -29.85
C GLY C 37 31.54 68.14 -29.75
N SER C 38 31.54 67.56 -28.55
CA SER C 38 32.06 66.22 -28.31
C SER C 38 30.96 65.21 -28.04
N CYS C 39 29.69 65.62 -28.16
CA CYS C 39 28.58 64.78 -27.74
C CYS C 39 27.37 65.11 -28.59
N ALA C 40 26.29 64.36 -28.37
CA ALA C 40 25.05 64.63 -29.07
C ALA C 40 24.39 65.87 -28.50
N ALA C 41 23.67 66.58 -29.36
CA ALA C 41 23.13 67.88 -29.02
C ALA C 41 21.77 67.79 -28.34
N GLY C 42 21.23 66.60 -28.17
CA GLY C 42 19.89 66.47 -27.63
C GLY C 42 19.66 65.12 -26.99
N THR C 43 18.55 65.04 -26.28
CA THR C 43 18.16 63.80 -25.62
C THR C 43 16.65 63.84 -25.42
N ALA C 44 16.03 62.68 -25.57
CA ALA C 44 14.58 62.55 -25.44
C ALA C 44 14.20 62.13 -24.04
N VAL C 45 13.09 62.67 -23.55
CA VAL C 45 12.52 62.30 -22.26
C VAL C 45 11.03 62.08 -22.46
N VAL C 46 10.57 60.90 -22.11
CA VAL C 46 9.17 60.53 -22.28
C VAL C 46 8.44 60.80 -20.99
N ASN C 47 7.29 61.44 -21.08
CA ASN C 47 6.48 61.68 -19.89
C ASN C 47 6.00 60.34 -19.36
N PRO C 48 6.38 59.94 -18.14
CA PRO C 48 6.01 58.59 -17.68
C PRO C 48 4.52 58.42 -17.51
N GLU C 49 3.80 59.47 -17.12
CA GLU C 49 2.36 59.35 -16.95
C GLU C 49 1.63 59.29 -18.28
N ASP C 50 2.19 59.92 -19.31
CA ASP C 50 1.61 59.91 -20.66
C ASP C 50 2.72 59.55 -21.63
N PRO C 51 2.91 58.25 -21.91
CA PRO C 51 4.03 57.85 -22.78
C PRO C 51 3.89 58.32 -24.21
N THR C 52 2.70 58.78 -24.61
CA THR C 52 2.53 59.39 -25.92
C THR C 52 3.24 60.73 -26.02
N LYS C 53 3.52 61.36 -24.88
CA LYS C 53 4.13 62.69 -24.84
C LYS C 53 5.63 62.55 -24.62
N VAL C 54 6.41 63.25 -25.42
CA VAL C 54 7.86 63.12 -25.45
C VAL C 54 8.46 64.47 -25.75
N THR C 55 9.50 64.83 -25.01
CA THR C 55 10.15 66.12 -25.14
C THR C 55 11.60 65.92 -25.53
N LEU C 56 12.11 66.85 -26.33
CA LEU C 56 13.50 66.84 -26.80
C LEU C 56 14.25 67.98 -26.12
N LYS C 57 15.10 67.63 -25.16
CA LYS C 57 15.94 68.60 -24.48
C LYS C 57 17.26 68.75 -25.23
N GLY C 58 17.56 69.97 -25.64
CA GLY C 58 18.85 70.26 -26.22
C GLY C 58 18.73 71.31 -27.30
N ARG C 59 19.64 71.21 -28.27
CA ARG C 59 19.82 72.18 -29.34
C ARG C 59 19.51 71.54 -30.69
N TYR C 60 19.62 72.36 -31.73
CA TYR C 60 19.58 71.88 -33.10
C TYR C 60 20.96 71.41 -33.52
N THR C 61 21.01 70.42 -34.41
CA THR C 61 22.26 70.08 -35.06
C THR C 61 21.98 69.30 -36.34
N ASN C 62 22.73 69.62 -37.38
CA ASN C 62 22.80 68.85 -38.62
C ASN C 62 24.18 68.27 -38.80
N PHE C 63 24.82 67.92 -37.70
CA PHE C 63 26.25 67.63 -37.64
C PHE C 63 26.47 66.32 -36.92
N SER C 64 27.35 65.49 -37.47
CA SER C 64 27.63 64.18 -36.90
C SER C 64 29.12 63.84 -36.85
N LEU C 65 30.01 64.74 -37.24
CA LEU C 65 31.45 64.48 -37.21
C LEU C 65 32.09 65.02 -35.94
N GLN C 66 31.49 64.64 -34.80
CA GLN C 66 32.00 65.08 -33.51
C GLN C 66 33.37 64.47 -33.21
N HIS C 67 33.60 63.24 -33.66
CA HIS C 67 34.86 62.57 -33.41
C HIS C 67 36.02 63.24 -34.11
N ILE C 68 35.76 64.16 -35.02
CA ILE C 68 36.78 65.02 -35.60
C ILE C 68 36.75 66.40 -34.96
N TRP C 69 35.55 66.98 -34.82
CA TRP C 69 35.43 68.37 -34.38
C TRP C 69 35.82 68.55 -32.92
N GLU C 70 35.91 67.48 -32.14
CA GLU C 70 36.28 67.62 -30.74
C GLU C 70 37.69 68.20 -30.59
N LYS C 71 38.52 68.11 -31.62
CA LYS C 71 39.87 68.66 -31.56
C LYS C 71 39.95 70.11 -32.03
N TYR C 72 39.05 70.54 -32.91
CA TYR C 72 39.05 71.89 -33.45
C TYR C 72 37.90 72.73 -32.90
N ASP C 73 37.29 72.27 -31.81
CA ASP C 73 36.17 72.98 -31.20
C ASP C 73 36.42 74.47 -30.98
N TYR C 74 37.68 74.86 -30.80
CA TYR C 74 38.03 76.25 -30.49
C TYR C 74 37.96 77.20 -31.68
N LEU C 75 37.88 76.68 -32.90
CA LEU C 75 38.08 77.51 -34.08
C LEU C 75 36.98 78.55 -34.24
N GLN C 76 35.76 78.24 -33.82
CA GLN C 76 34.65 79.18 -34.01
C GLN C 76 34.93 80.48 -33.28
N THR C 77 35.18 80.40 -31.97
CA THR C 77 35.47 81.58 -31.19
C THR C 77 36.81 82.19 -31.59
N HIS C 78 37.77 81.38 -32.03
CA HIS C 78 39.02 81.95 -32.50
C HIS C 78 38.79 82.87 -33.69
N LEU C 79 38.06 82.39 -34.70
CA LEU C 79 37.80 83.20 -35.89
C LEU C 79 36.94 84.42 -35.56
N LEU C 80 36.02 84.28 -34.61
CA LEU C 80 35.28 85.44 -34.14
C LEU C 80 36.23 86.49 -33.57
N LEU C 81 37.17 86.05 -32.73
CA LEU C 81 38.14 86.98 -32.15
C LEU C 81 38.98 87.64 -33.24
N ARG C 82 39.33 86.89 -34.28
CA ARG C 82 40.09 87.47 -35.38
C ARG C 82 39.29 88.58 -36.06
N GLU C 83 38.03 88.28 -36.41
CA GLU C 83 37.20 89.29 -37.05
C GLU C 83 37.04 90.53 -36.18
N CYS C 84 37.05 90.35 -34.86
CA CYS C 84 36.86 91.50 -34.00
C CYS C 84 38.16 92.28 -33.82
N MET C 85 39.29 91.58 -33.75
CA MET C 85 40.56 92.28 -33.75
C MET C 85 40.73 93.09 -35.02
N LEU C 86 40.27 92.55 -36.15
CA LEU C 86 40.32 93.30 -37.39
C LEU C 86 39.48 94.56 -37.29
N SER C 87 38.30 94.46 -36.68
CA SER C 87 37.45 95.63 -36.54
C SER C 87 38.11 96.69 -35.67
N GLN C 88 38.72 96.26 -34.55
CA GLN C 88 39.40 97.22 -33.69
C GLN C 88 40.61 97.84 -34.37
N VAL C 89 41.32 97.05 -35.18
CA VAL C 89 42.55 97.52 -35.80
C VAL C 89 42.28 98.46 -36.95
N ALA C 90 41.11 98.34 -37.59
CA ALA C 90 40.78 99.31 -38.63
C ALA C 90 40.75 100.72 -38.07
N LYS C 91 40.45 100.86 -36.78
CA LYS C 91 40.49 102.15 -36.10
C LYS C 91 41.86 102.45 -35.51
N ASN C 92 42.45 101.47 -34.81
CA ASN C 92 43.75 101.69 -34.19
C ASN C 92 44.64 100.46 -34.30
N PRO C 93 45.64 100.47 -35.19
CA PRO C 93 46.52 99.30 -35.34
C PRO C 93 47.63 99.21 -34.30
N ARG C 94 47.72 100.14 -33.36
CA ARG C 94 48.80 100.15 -32.38
C ARG C 94 48.51 99.30 -31.15
N LEU C 95 47.43 98.54 -31.15
CA LEU C 95 47.10 97.68 -30.00
C LEU C 95 47.94 96.40 -29.96
N LEU C 96 48.48 95.98 -31.10
CA LEU C 96 49.27 94.75 -31.18
C LEU C 96 50.74 94.98 -30.90
N ASP C 97 51.19 96.23 -30.89
CA ASP C 97 52.60 96.53 -30.70
C ASP C 97 53.18 95.86 -29.47
N PRO C 98 52.46 95.70 -28.35
CA PRO C 98 53.03 94.92 -27.25
C PRO C 98 53.46 93.51 -27.66
N GLU C 99 52.61 92.81 -28.41
CA GLU C 99 52.94 91.45 -28.82
C GLU C 99 54.02 91.44 -29.88
N ILE C 100 54.01 92.41 -30.79
CA ILE C 100 55.07 92.51 -31.78
C ILE C 100 56.42 92.71 -31.09
N ASN C 101 56.47 93.65 -30.14
CA ASN C 101 57.71 93.90 -29.42
C ASN C 101 58.12 92.69 -28.58
N ALA C 102 57.15 91.96 -28.04
CA ALA C 102 57.46 90.76 -27.28
C ALA C 102 57.98 89.64 -28.17
N GLY C 103 57.70 89.69 -29.47
CA GLY C 103 58.23 88.69 -30.38
C GLY C 103 57.38 87.45 -30.53
N LEU C 104 56.09 87.53 -30.22
CA LEU C 104 55.24 86.35 -30.34
C LEU C 104 54.85 86.09 -31.79
N THR C 105 54.54 87.15 -32.53
CA THR C 105 54.14 87.00 -33.91
C THR C 105 55.34 86.66 -34.78
N PRO C 106 55.11 86.13 -35.98
CA PRO C 106 56.19 85.97 -36.96
C PRO C 106 56.44 87.26 -37.72
N THR C 107 57.57 87.92 -37.42
CA THR C 107 57.89 89.22 -37.96
C THR C 107 59.36 89.24 -38.32
N VAL C 108 59.70 90.02 -39.34
CA VAL C 108 61.07 90.15 -39.83
C VAL C 108 61.53 91.59 -39.64
N PHE C 109 62.10 91.87 -38.47
CA PHE C 109 62.59 93.21 -38.15
C PHE C 109 63.72 93.59 -39.09
N ALA D 115 48.74 2.37 -79.18
CA ALA D 115 48.43 3.69 -79.73
C ALA D 115 47.48 3.57 -80.91
N ALA D 116 47.86 2.74 -81.88
CA ALA D 116 47.00 2.44 -83.02
C ALA D 116 45.93 1.46 -82.57
N SER D 117 44.75 1.98 -82.27
CA SER D 117 43.67 1.18 -81.73
C SER D 117 42.82 0.60 -82.87
N THR D 118 42.07 -0.44 -82.53
CA THR D 118 41.27 -1.14 -83.52
C THR D 118 40.15 -0.24 -84.05
N ILE D 119 39.90 -0.36 -85.34
CA ILE D 119 38.82 0.36 -86.01
C ILE D 119 37.66 -0.61 -86.16
N PRO D 120 36.53 -0.38 -85.49
CA PRO D 120 35.40 -1.30 -85.64
C PRO D 120 34.83 -1.25 -87.06
N ILE D 121 33.93 -2.19 -87.32
CA ILE D 121 33.39 -2.35 -88.67
C ILE D 121 32.52 -1.17 -89.06
N SER D 122 31.92 -0.48 -88.09
CA SER D 122 31.07 0.65 -88.40
C SER D 122 31.84 1.87 -88.86
N GLN D 123 33.15 1.92 -88.62
CA GLN D 123 33.98 3.06 -88.95
C GLN D 123 34.78 2.87 -90.22
N TRP D 124 34.56 1.77 -90.94
CA TRP D 124 35.34 1.44 -92.12
C TRP D 124 35.02 2.34 -93.30
N PRO D 125 33.77 2.76 -93.50
CA PRO D 125 33.50 3.70 -94.60
C PRO D 125 34.25 5.01 -94.47
N SER D 126 34.51 5.47 -93.25
CA SER D 126 35.35 6.64 -93.07
C SER D 126 36.82 6.30 -93.19
N LEU D 127 37.19 5.06 -92.88
CA LEU D 127 38.56 4.62 -93.02
C LEU D 127 38.96 4.54 -94.49
N LEU D 128 38.01 4.27 -95.38
CA LEU D 128 38.35 4.10 -96.78
C LEU D 128 38.71 5.43 -97.44
N TYR D 129 38.07 6.52 -97.01
CA TYR D 129 38.26 7.83 -97.62
C TYR D 129 39.01 8.80 -96.72
N ALA D 130 39.35 8.40 -95.50
CA ALA D 130 40.22 9.17 -94.61
C ALA D 130 41.13 8.20 -93.87
N PRO D 131 42.03 7.54 -94.58
CA PRO D 131 42.85 6.51 -93.95
C PRO D 131 43.86 7.11 -93.00
N PRO D 132 44.42 6.31 -92.09
CA PRO D 132 45.43 6.83 -91.17
C PRO D 132 46.72 7.18 -91.90
N SER D 133 47.60 7.84 -91.16
CA SER D 133 48.86 8.30 -91.73
C SER D 133 49.84 7.15 -91.88
N SER D 134 50.60 7.19 -92.96
CA SER D 134 51.60 6.19 -93.27
C SER D 134 52.86 6.88 -93.78
N PRO D 135 53.98 6.17 -93.89
CA PRO D 135 55.12 6.72 -94.63
C PRO D 135 54.87 6.82 -96.12
N ALA D 136 53.89 6.08 -96.64
CA ALA D 136 53.51 6.15 -98.05
C ALA D 136 52.00 6.33 -98.10
N ASN D 137 51.57 7.57 -98.00
CA ASN D 137 50.15 7.89 -98.03
C ASN D 137 49.66 8.05 -99.46
N PRO D 138 48.36 7.90 -99.68
CA PRO D 138 47.78 8.31 -100.95
C PRO D 138 47.28 9.75 -100.92
N ALA D 139 46.77 10.24 -102.04
CA ALA D 139 46.14 11.55 -102.11
C ALA D 139 44.70 11.41 -101.64
N VAL D 140 44.47 11.74 -100.37
CA VAL D 140 43.13 11.60 -99.79
C VAL D 140 42.13 12.51 -100.50
N GLU D 141 42.59 13.69 -100.92
CA GLU D 141 41.72 14.59 -101.67
C GLU D 141 41.33 14.03 -103.02
N ALA D 142 42.11 13.09 -103.56
CA ALA D 142 41.84 12.50 -104.86
C ALA D 142 41.30 11.08 -104.77
N LEU D 143 41.20 10.50 -103.58
CA LEU D 143 40.61 9.18 -103.46
C LEU D 143 39.18 9.08 -103.98
N PRO D 144 38.34 10.12 -103.89
CA PRO D 144 37.04 10.07 -104.56
C PRO D 144 37.11 10.20 -106.07
N GLU D 145 38.29 10.44 -106.63
CA GLU D 145 38.45 10.61 -108.06
C GLU D 145 39.06 9.39 -108.74
N MET D 146 39.38 8.34 -107.99
CA MET D 146 39.92 7.13 -108.57
C MET D 146 38.79 6.29 -109.15
N GLN D 147 38.92 5.96 -110.43
CA GLN D 147 37.85 5.30 -111.17
C GLN D 147 38.45 4.34 -112.19
N PHE D 148 37.72 3.27 -112.45
CA PHE D 148 38.10 2.28 -113.46
C PHE D 148 36.83 1.54 -113.83
N ASP D 149 36.35 1.77 -115.04
CA ASP D 149 35.03 1.29 -115.45
C ASP D 149 35.14 -0.11 -116.03
N ASP D 150 34.44 -1.06 -115.42
CA ASP D 150 34.30 -2.39 -115.97
C ASP D 150 33.24 -2.48 -117.06
N LEU D 151 32.44 -1.42 -117.24
CA LEU D 151 31.37 -1.39 -118.21
C LEU D 151 31.74 -0.63 -119.47
N HIS D 152 32.99 -0.19 -119.59
CA HIS D 152 33.37 0.70 -120.68
C HIS D 152 33.20 0.04 -122.03
N TYR D 153 33.85 -1.11 -122.23
CA TYR D 153 33.85 -1.80 -123.50
C TYR D 153 32.50 -2.45 -123.78
N PRO D 154 31.87 -3.08 -122.79
CA PRO D 154 30.50 -3.57 -123.03
C PRO D 154 29.53 -2.48 -123.46
N ARG D 155 29.55 -1.33 -122.78
CA ARG D 155 28.70 -0.21 -123.15
C ARG D 155 29.02 0.28 -124.56
N GLN D 156 30.30 0.44 -124.87
CA GLN D 156 30.70 0.87 -126.20
C GLN D 156 30.17 -0.08 -127.27
N MET D 157 30.34 -1.39 -127.06
CA MET D 157 29.88 -2.37 -128.03
C MET D 157 28.37 -2.31 -128.18
N LEU D 158 27.65 -2.20 -127.06
CA LEU D 158 26.20 -2.15 -127.11
C LEU D 158 25.73 -0.95 -127.90
N LEU D 159 26.30 0.21 -127.63
CA LEU D 159 25.91 1.42 -128.32
C LEU D 159 26.20 1.33 -129.81
N CYS D 160 27.37 0.81 -130.17
CA CYS D 160 27.71 0.74 -131.59
C CYS D 160 26.84 -0.28 -132.32
N ARG D 161 26.61 -1.44 -131.72
CA ARG D 161 25.74 -2.43 -132.34
C ARG D 161 24.30 -1.93 -132.44
N GLY D 162 23.87 -1.08 -131.51
CA GLY D 162 22.56 -0.48 -131.65
C GLY D 162 22.52 0.58 -132.73
N ALA D 163 23.63 1.31 -132.91
CA ALA D 163 23.70 2.24 -134.03
C ALA D 163 23.63 1.50 -135.36
N GLY D 164 24.21 0.31 -135.42
CA GLY D 164 24.03 -0.56 -136.57
C GLY D 164 25.32 -1.13 -137.14
N TYR D 165 26.43 -0.94 -136.44
CA TYR D 165 27.71 -1.39 -136.94
C TYR D 165 27.88 -2.90 -136.71
N SER D 166 28.88 -3.46 -137.38
CA SER D 166 29.24 -4.85 -137.23
C SER D 166 30.29 -5.00 -136.13
N LEU D 167 30.54 -6.25 -135.75
CA LEU D 167 31.50 -6.50 -134.66
C LEU D 167 32.89 -6.03 -135.04
N GLU D 168 33.29 -6.23 -136.30
CA GLU D 168 34.61 -5.79 -136.73
C GLU D 168 34.71 -4.27 -136.70
N GLN D 169 33.67 -3.59 -137.17
CA GLN D 169 33.67 -2.13 -137.12
C GLN D 169 33.74 -1.64 -135.68
N CYS D 170 33.00 -2.28 -134.78
CA CYS D 170 33.03 -1.90 -133.38
C CYS D 170 34.43 -2.08 -132.78
N ASN D 171 35.07 -3.20 -133.11
CA ASN D 171 36.41 -3.44 -132.55
C ASN D 171 37.43 -2.49 -133.14
N ARG D 172 37.25 -2.06 -134.39
CA ARG D 172 38.16 -1.08 -134.97
C ARG D 172 37.93 0.31 -134.38
N MET D 173 36.67 0.64 -134.07
CA MET D 173 36.34 1.94 -133.51
C MET D 173 36.52 2.00 -132.00
N ALA D 174 36.73 0.87 -131.34
CA ALA D 174 36.87 0.86 -129.89
C ALA D 174 38.13 1.59 -129.45
N GLN D 175 38.02 2.28 -128.33
CA GLN D 175 39.12 3.02 -127.73
C GLN D 175 39.08 2.81 -126.22
N PRO D 176 40.23 2.88 -125.55
CA PRO D 176 40.26 2.67 -124.11
C PRO D 176 39.75 3.87 -123.34
N ASP D 177 39.32 3.60 -122.11
CA ASP D 177 38.63 4.60 -121.31
C ASP D 177 39.57 5.73 -120.93
N ALA D 178 39.10 6.96 -121.14
CA ALA D 178 39.76 8.13 -120.58
C ALA D 178 39.30 8.45 -119.17
N ARG D 179 38.13 7.95 -118.76
CA ARG D 179 37.64 8.14 -117.40
C ARG D 179 38.30 7.14 -116.45
N VAL D 180 39.59 7.35 -116.23
CA VAL D 180 40.34 6.57 -115.27
C VAL D 180 40.93 7.53 -114.25
N THR D 181 41.70 7.01 -113.31
CA THR D 181 42.28 7.86 -112.29
C THR D 181 43.18 8.90 -112.95
N PRO D 182 43.12 10.16 -112.53
CA PRO D 182 43.94 11.19 -113.18
C PRO D 182 45.42 10.95 -112.97
N GLU D 183 46.20 11.57 -113.85
CA GLU D 183 47.65 11.44 -113.81
C GLU D 183 48.25 12.34 -112.74
N ASN D 184 49.37 11.89 -112.20
CA ASN D 184 50.11 12.70 -111.23
C ASN D 184 50.65 13.95 -111.91
N PRO D 185 50.38 15.14 -111.38
CA PRO D 185 50.96 16.35 -111.98
C PRO D 185 52.46 16.44 -111.81
N ALA D 186 53.03 15.69 -110.87
CA ALA D 186 54.47 15.69 -110.69
C ALA D 186 55.18 15.16 -111.93
N GLU D 187 54.53 14.29 -112.69
CA GLU D 187 55.16 13.73 -113.88
C GLU D 187 55.37 14.77 -114.96
N LYS D 188 54.59 15.86 -114.94
CA LYS D 188 54.77 16.96 -115.89
C LYS D 188 55.50 18.15 -115.30
N LEU D 189 55.44 18.33 -113.98
CA LEU D 189 56.11 19.48 -113.36
C LEU D 189 57.55 19.18 -112.96
N LEU D 190 57.80 17.99 -112.40
CA LEU D 190 59.12 17.59 -111.93
C LEU D 190 59.80 16.63 -112.89
N LYS D 191 59.62 16.88 -114.19
CA LYS D 191 60.09 15.95 -115.21
C LYS D 191 61.61 15.79 -115.16
N GLU D 192 62.33 16.89 -115.26
CA GLU D 192 63.79 16.81 -115.34
C GLU D 192 64.38 16.26 -114.05
N GLU D 193 63.85 16.68 -112.91
CA GLU D 193 64.33 16.17 -111.63
C GLU D 193 64.13 14.68 -111.53
N ALA D 194 62.98 14.18 -111.99
CA ALA D 194 62.71 12.75 -111.92
C ALA D 194 63.62 11.98 -112.86
N VAL D 195 63.87 12.52 -114.05
CA VAL D 195 64.76 11.84 -114.97
C VAL D 195 66.17 11.77 -114.40
N ALA D 196 66.62 12.84 -113.75
CA ALA D 196 67.94 12.84 -113.14
C ALA D 196 68.02 11.86 -111.98
N ALA D 197 66.97 11.80 -111.16
CA ALA D 197 66.94 10.82 -110.08
C ALA D 197 67.00 9.40 -110.62
N ILE D 198 66.28 9.13 -111.71
CA ILE D 198 66.29 7.77 -112.25
C ILE D 198 67.64 7.45 -112.85
N ALA D 199 68.31 8.43 -113.45
CA ALA D 199 69.67 8.23 -113.92
C ALA D 199 70.60 7.88 -112.76
N CYS D 200 70.49 8.63 -111.67
CA CYS D 200 71.31 8.37 -110.49
C CYS D 200 71.04 6.97 -109.96
N LEU D 201 69.78 6.55 -109.93
CA LEU D 201 69.45 5.23 -109.41
C LEU D 201 70.00 4.14 -110.31
N SER D 202 69.82 4.28 -111.62
CA SER D 202 70.34 3.29 -112.56
C SER D 202 71.85 3.18 -112.47
N GLN D 203 72.54 4.28 -112.18
CA GLN D 203 73.99 4.23 -112.09
C GLN D 203 74.45 3.69 -110.74
N ARG D 204 73.75 4.03 -109.67
CA ARG D 204 74.21 3.77 -108.31
C ARG D 204 73.40 2.68 -107.61
N GLU D 205 72.77 1.80 -108.37
CA GLU D 205 72.21 0.56 -107.81
C GLU D 205 71.03 0.85 -106.88
N GLY D 206 70.10 1.67 -107.37
CA GLY D 206 68.90 1.97 -106.61
C GLY D 206 69.06 2.94 -105.47
N GLY D 207 70.18 3.67 -105.42
CA GLY D 207 70.35 4.64 -104.35
C GLY D 207 70.79 4.04 -103.04
N LYS D 208 71.49 2.91 -103.08
CA LYS D 208 72.04 2.31 -101.88
C LYS D 208 72.99 3.30 -101.19
N ASP D 209 73.10 3.13 -99.87
CA ASP D 209 73.84 4.01 -98.97
C ASP D 209 73.81 5.49 -99.39
N GLU D 210 72.61 5.99 -99.69
CA GLU D 210 72.37 7.43 -99.82
C GLU D 210 73.23 8.04 -100.94
N GLN D 211 72.94 7.62 -102.16
CA GLN D 211 73.63 8.12 -103.34
C GLN D 211 72.77 8.98 -104.25
N CYS D 212 71.44 8.95 -104.09
CA CYS D 212 70.54 9.83 -104.82
C CYS D 212 69.82 10.81 -103.89
N ARG D 213 70.36 10.98 -102.68
CA ARG D 213 69.77 11.89 -101.71
C ARG D 213 69.71 13.31 -102.24
N TYR D 214 70.69 13.72 -103.04
CA TYR D 214 70.69 15.06 -103.62
C TYR D 214 69.39 15.30 -104.39
N TYR D 215 69.15 14.49 -105.42
CA TYR D 215 67.99 14.69 -106.28
C TYR D 215 66.70 14.47 -105.49
N ILE D 216 66.66 13.47 -104.63
CA ILE D 216 65.43 13.18 -103.91
C ILE D 216 65.09 14.34 -102.97
N GLU D 217 66.10 14.94 -102.33
CA GLU D 217 65.85 16.06 -101.44
C GLU D 217 65.41 17.29 -102.21
N ARG D 218 66.00 17.52 -103.38
CA ARG D 218 65.56 18.63 -104.21
C ARG D 218 64.08 18.46 -104.59
N MET D 219 63.71 17.26 -105.01
CA MET D 219 62.32 16.98 -105.35
C MET D 219 61.40 17.19 -104.15
N TYR D 220 61.81 16.68 -102.99
CA TYR D 220 60.97 16.79 -101.80
C TYR D 220 60.76 18.24 -101.41
N LYS D 221 61.83 19.05 -101.44
CA LYS D 221 61.69 20.46 -101.13
C LYS D 221 60.76 21.15 -102.12
N LEU D 222 60.99 20.91 -103.42
CA LEU D 222 60.15 21.52 -104.44
C LEU D 222 58.68 21.20 -104.23
N ALA D 223 58.39 19.96 -103.82
CA ALA D 223 56.99 19.55 -103.70
C ALA D 223 56.36 20.03 -102.40
N ASN D 224 57.14 20.11 -101.32
CA ASN D 224 56.60 20.34 -100.00
C ASN D 224 56.64 21.80 -99.55
N LYS D 225 57.80 22.45 -99.68
CA LYS D 225 57.94 23.84 -99.24
C LYS D 225 57.63 23.97 -97.75
N GLU D 226 58.45 23.32 -96.95
CA GLU D 226 58.30 23.36 -95.49
C GLU D 226 56.93 22.84 -95.09
N PRO E 9 -9.94 58.64 -42.44
CA PRO E 9 -10.72 59.21 -43.54
C PRO E 9 -10.16 58.85 -44.91
N LEU E 10 -10.67 57.79 -45.53
CA LEU E 10 -10.20 57.35 -46.82
C LEU E 10 -10.94 58.09 -47.92
N GLY E 11 -10.20 58.58 -48.90
CA GLY E 11 -10.79 59.27 -50.03
C GLY E 11 -11.28 60.66 -49.70
N VAL E 12 -11.38 61.49 -50.73
CA VAL E 12 -11.91 62.83 -50.61
C VAL E 12 -12.92 63.05 -51.72
N LYS E 13 -13.93 63.88 -51.45
CA LYS E 13 -14.99 64.10 -52.41
C LYS E 13 -14.51 65.05 -53.51
N GLY E 14 -14.96 64.79 -54.73
CA GLY E 14 -14.53 65.55 -55.88
C GLY E 14 -13.25 65.06 -56.52
N ARG E 15 -12.55 64.13 -55.88
CA ARG E 15 -11.30 63.60 -56.40
C ARG E 15 -11.51 62.16 -56.84
N SER E 16 -10.78 61.77 -57.88
CA SER E 16 -10.92 60.45 -58.48
C SER E 16 -9.72 59.57 -58.18
N VAL E 17 -9.98 58.27 -58.14
CA VAL E 17 -8.92 57.30 -57.92
C VAL E 17 -7.90 57.35 -59.04
N PHE E 18 -8.34 57.73 -60.23
CA PHE E 18 -7.41 57.86 -61.36
C PHE E 18 -6.51 59.06 -61.16
N ALA E 19 -7.05 60.15 -60.61
CA ALA E 19 -6.22 61.29 -60.26
C ALA E 19 -5.20 60.91 -59.21
N GLY E 20 -5.61 60.09 -58.24
CA GLY E 20 -4.68 59.63 -57.23
C GLY E 20 -3.60 58.73 -57.81
N MET E 21 -3.97 57.89 -58.78
CA MET E 21 -2.97 57.09 -59.48
C MET E 21 -1.94 57.97 -60.19
N ARG E 22 -2.42 59.00 -60.90
CA ARG E 22 -1.50 59.93 -61.56
C ARG E 22 -0.57 60.59 -60.54
N SER E 23 -1.13 61.03 -59.42
CA SER E 23 -0.32 61.59 -58.35
C SER E 23 0.78 60.63 -57.92
N PHE E 24 0.40 59.36 -57.67
CA PHE E 24 1.35 58.39 -57.17
C PHE E 24 2.45 58.13 -58.19
N ILE E 25 2.09 58.01 -59.46
CA ILE E 25 3.10 57.76 -60.49
C ILE E 25 4.05 58.94 -60.59
N GLY E 26 3.52 60.16 -60.50
CA GLY E 26 4.39 61.33 -60.47
C GLY E 26 5.36 61.30 -59.31
N GLN E 27 4.87 60.96 -58.13
CA GLN E 27 5.74 60.86 -56.96
C GLN E 27 6.85 59.85 -57.19
N ARG E 28 6.49 58.66 -57.67
CA ARG E 28 7.48 57.62 -57.89
C ARG E 28 8.53 58.05 -58.89
N LEU E 29 8.11 58.69 -59.99
CA LEU E 29 9.07 59.07 -61.01
C LEU E 29 9.99 60.19 -60.51
N GLY E 30 9.44 61.14 -59.77
CA GLY E 30 10.28 62.19 -59.20
C GLY E 30 11.29 61.63 -58.22
N ARG E 31 10.87 60.67 -57.41
CA ARG E 31 11.80 60.04 -56.47
C ARG E 31 12.89 59.28 -57.21
N LEU E 32 12.52 58.60 -58.30
CA LEU E 32 13.53 57.89 -59.09
C LEU E 32 14.54 58.85 -59.69
N TYR E 33 14.07 59.99 -60.19
CA TYR E 33 14.99 60.98 -60.73
C TYR E 33 15.92 61.51 -59.64
N ASP E 34 15.38 61.79 -58.46
CA ASP E 34 16.22 62.27 -57.37
C ASP E 34 17.28 61.24 -57.01
N SER E 35 16.89 59.97 -56.90
CA SER E 35 17.85 58.94 -56.51
C SER E 35 18.87 58.67 -57.59
N PHE E 36 18.49 58.83 -58.87
CA PHE E 36 19.47 58.67 -59.94
C PHE E 36 20.44 59.83 -59.97
N TYR E 37 19.95 61.05 -59.71
CA TYR E 37 20.83 62.21 -59.67
C TYR E 37 21.84 62.06 -58.54
N TYR E 38 21.37 61.75 -57.34
CA TYR E 38 22.28 61.59 -56.20
C TYR E 38 22.75 60.14 -56.14
N SER E 39 23.62 59.81 -57.08
CA SER E 39 24.18 58.48 -57.21
C SER E 39 25.52 58.59 -57.90
N GLN E 40 26.27 57.50 -57.86
CA GLN E 40 27.60 57.48 -58.44
C GLN E 40 27.51 57.40 -59.95
N SER E 41 28.29 58.25 -60.63
CA SER E 41 28.35 58.20 -62.08
C SER E 41 29.00 56.91 -62.55
N SER E 42 29.88 56.33 -61.75
CA SER E 42 30.62 55.15 -62.17
C SER E 42 29.69 53.96 -62.38
N THR E 43 28.64 53.83 -61.58
CA THR E 43 27.85 52.62 -61.50
C THR E 43 26.46 52.76 -62.13
N LYS E 44 25.84 53.93 -61.98
CA LYS E 44 24.42 54.04 -62.25
C LYS E 44 24.14 53.94 -63.75
N TYR E 45 24.96 54.58 -64.57
CA TYR E 45 24.73 54.55 -66.01
C TYR E 45 24.83 53.13 -66.54
N VAL E 46 25.88 52.43 -66.14
CA VAL E 46 26.02 51.02 -66.50
C VAL E 46 24.78 50.24 -66.06
N MET E 47 24.55 50.20 -64.75
CA MET E 47 23.52 49.34 -64.18
C MET E 47 22.12 49.68 -64.67
N VAL E 48 21.89 50.90 -65.15
CA VAL E 48 20.55 51.33 -65.53
C VAL E 48 20.33 51.31 -67.04
N PHE E 49 21.37 51.38 -67.85
CA PHE E 49 21.21 51.45 -69.30
C PHE E 49 21.91 50.34 -70.05
N LEU E 50 23.14 49.98 -69.68
CA LEU E 50 23.93 49.10 -70.55
C LEU E 50 23.66 47.63 -70.26
N PHE E 51 23.48 47.28 -68.99
CA PHE E 51 23.10 45.89 -68.69
C PHE E 51 21.65 45.63 -69.06
N PRO E 52 20.69 46.47 -68.69
CA PRO E 52 19.33 46.30 -69.22
C PRO E 52 19.27 46.23 -70.73
N ALA E 53 20.00 47.09 -71.44
CA ALA E 53 19.92 47.10 -72.90
C ALA E 53 20.47 45.81 -73.49
N GLY E 54 21.62 45.36 -72.99
CA GLY E 54 22.20 44.12 -73.49
C GLY E 54 21.33 42.92 -73.19
N ILE E 55 20.79 42.86 -71.97
CA ILE E 55 19.91 41.76 -71.60
C ILE E 55 18.66 41.77 -72.45
N PHE E 56 18.09 42.94 -72.68
CA PHE E 56 16.92 43.07 -73.54
C PHE E 56 17.21 42.57 -74.93
N TYR E 57 18.31 43.03 -75.52
CA TYR E 57 18.65 42.62 -76.88
C TYR E 57 18.83 41.12 -76.96
N THR E 58 19.61 40.55 -76.03
CA THR E 58 19.87 39.11 -76.07
C THR E 58 18.59 38.31 -75.91
N ARG E 59 17.78 38.65 -74.90
CA ARG E 59 16.57 37.88 -74.65
C ARG E 59 15.58 38.01 -75.80
N PHE E 60 15.41 39.23 -76.32
CA PHE E 60 14.49 39.44 -77.44
C PHE E 60 14.93 38.64 -78.66
N ARG E 61 16.23 38.70 -78.98
CA ARG E 61 16.75 37.97 -80.13
C ARG E 61 16.54 36.48 -79.97
N ALA E 62 16.82 35.94 -78.79
CA ALA E 62 16.67 34.50 -78.59
C ALA E 62 15.20 34.09 -78.64
N ASP E 63 14.34 34.83 -77.95
CA ASP E 63 12.94 34.46 -77.84
C ASP E 63 12.17 34.72 -79.12
N THR E 64 12.70 35.53 -80.03
CA THR E 64 11.99 35.94 -81.23
C THR E 64 12.61 35.36 -82.49
N LYS E 65 13.90 35.61 -82.72
CA LYS E 65 14.55 35.08 -83.90
C LYS E 65 14.85 33.60 -83.71
N LEU E 66 15.32 32.97 -84.78
CA LEU E 66 15.63 31.55 -84.78
C LEU E 66 17.01 31.36 -85.39
N GLY E 67 17.86 30.57 -84.72
CA GLY E 67 19.25 30.46 -85.06
C GLY E 67 19.69 29.04 -85.39
N TYR E 68 20.88 28.97 -85.97
CA TYR E 68 21.40 27.75 -86.56
C TYR E 68 22.88 27.62 -86.23
N HIS E 69 23.31 26.39 -85.93
CA HIS E 69 24.71 26.08 -85.70
C HIS E 69 25.33 25.66 -87.02
N VAL E 70 26.33 26.40 -87.47
CA VAL E 70 26.90 26.24 -88.81
C VAL E 70 28.25 25.55 -88.67
N PHE E 71 28.50 24.60 -89.57
CA PHE E 71 29.74 23.86 -89.64
C PHE E 71 30.23 23.86 -91.08
N ILE E 72 31.53 23.62 -91.26
CA ILE E 72 32.12 23.51 -92.58
C ILE E 72 32.94 22.23 -92.64
N ASN E 73 32.89 21.55 -93.79
CA ASN E 73 33.49 20.23 -93.94
C ASN E 73 35.00 20.30 -93.87
N GLU E 74 35.60 21.24 -94.61
CA GLU E 74 37.04 21.27 -94.80
C GLU E 74 37.59 22.64 -94.43
N GLU E 75 38.86 22.66 -94.01
CA GLU E 75 39.50 23.91 -93.65
C GLU E 75 39.77 24.79 -94.86
N LYS E 76 39.91 24.18 -96.04
CA LYS E 76 40.11 24.96 -97.26
C LYS E 76 38.89 25.77 -97.64
N LEU E 77 37.70 25.38 -97.16
CA LEU E 77 36.47 26.11 -97.41
C LEU E 77 36.21 27.19 -96.37
N TYR E 78 37.07 27.32 -95.36
CA TYR E 78 36.84 28.32 -94.34
C TYR E 78 36.95 29.72 -94.94
N PRO E 79 36.21 30.68 -94.42
CA PRO E 79 36.34 32.05 -94.92
C PRO E 79 37.62 32.71 -94.46
N ASP E 80 37.94 33.82 -95.12
CA ASP E 80 39.06 34.67 -94.73
C ASP E 80 38.53 35.75 -93.79
N TYR E 81 38.90 35.65 -92.51
CA TYR E 81 38.49 36.62 -91.51
C TYR E 81 39.69 37.34 -90.90
N SER E 82 40.80 37.38 -91.61
CA SER E 82 42.02 38.00 -91.06
C SER E 82 41.82 39.49 -90.85
N GLN E 83 41.11 40.15 -91.77
CA GLN E 83 41.03 41.61 -91.74
C GLN E 83 40.02 42.11 -90.71
N ASN E 84 38.81 41.56 -90.74
CA ASN E 84 37.78 41.98 -89.81
C ASN E 84 38.20 41.66 -88.38
N TYR E 85 37.89 42.57 -87.46
CA TYR E 85 38.41 42.50 -86.10
C TYR E 85 37.43 41.75 -85.19
N PHE E 86 37.96 41.32 -84.05
CA PHE E 86 37.28 40.54 -83.01
C PHE E 86 36.99 39.10 -83.45
N ASP E 87 37.29 38.73 -84.69
CA ASP E 87 37.21 37.33 -85.10
C ASP E 87 38.21 37.14 -86.24
N THR E 88 39.41 36.65 -85.91
CA THR E 88 40.45 36.44 -86.90
C THR E 88 40.38 35.07 -87.55
N LYS E 89 39.48 34.19 -87.09
CA LYS E 89 39.52 32.80 -87.48
C LYS E 89 38.12 32.22 -87.40
N TRP E 90 37.79 31.32 -88.32
CA TRP E 90 36.53 30.61 -88.27
C TRP E 90 36.59 29.48 -87.25
N THR E 91 35.48 29.29 -86.54
CA THR E 91 35.30 28.17 -85.63
C THR E 91 33.95 27.52 -85.88
N ASN E 92 33.94 26.21 -85.94
CA ASN E 92 32.73 25.47 -86.26
C ASN E 92 31.81 25.40 -85.04
N GLY E 93 30.51 25.39 -85.31
CA GLY E 93 29.53 25.42 -84.26
C GLY E 93 29.00 26.79 -83.94
N ARG E 94 29.35 27.80 -84.75
CA ARG E 94 28.91 29.15 -84.48
C ARG E 94 27.40 29.24 -84.57
N LYS E 95 26.80 29.87 -83.57
CA LYS E 95 25.38 30.17 -83.59
C LYS E 95 25.13 31.37 -84.46
N VAL E 96 24.19 31.24 -85.40
CA VAL E 96 23.91 32.27 -86.39
C VAL E 96 22.41 32.50 -86.41
N TYR E 97 22.01 33.72 -86.11
CA TYR E 97 20.61 34.11 -86.10
C TYR E 97 20.23 34.71 -87.45
N LEU E 98 19.12 34.25 -88.00
CA LEU E 98 18.67 34.65 -89.33
C LEU E 98 17.20 35.05 -89.28
N ASP E 99 16.77 35.67 -90.38
CA ASP E 99 15.38 36.03 -90.56
C ASP E 99 14.65 34.94 -91.34
N ASP E 100 13.32 34.97 -91.26
CA ASP E 100 12.52 33.91 -91.85
C ASP E 100 12.60 33.92 -93.38
N GLU E 101 12.88 35.08 -93.96
CA GLU E 101 12.96 35.22 -95.41
C GLU E 101 14.32 34.90 -95.97
N THR E 102 15.27 34.49 -95.13
CA THR E 102 16.63 34.22 -95.60
C THR E 102 16.68 32.99 -96.48
N THR E 103 17.49 33.07 -97.52
CA THR E 103 17.75 31.96 -98.43
C THR E 103 19.16 31.43 -98.24
N VAL E 104 19.43 30.31 -98.90
CA VAL E 104 20.74 29.68 -98.80
C VAL E 104 21.82 30.57 -99.41
N GLU E 105 21.50 31.26 -100.50
CA GLU E 105 22.47 32.16 -101.10
C GLU E 105 22.81 33.30 -100.14
N GLN E 106 21.80 33.89 -99.51
CA GLN E 106 22.05 34.95 -98.55
C GLN E 106 22.87 34.44 -97.37
N LEU E 107 22.57 33.23 -96.89
CA LEU E 107 23.35 32.65 -95.81
C LEU E 107 24.81 32.46 -96.23
N LYS E 108 25.02 31.93 -97.43
CA LYS E 108 26.38 31.70 -97.91
C LYS E 108 27.14 33.01 -98.02
N ALA E 109 26.49 34.05 -98.54
CA ALA E 109 27.14 35.35 -98.64
C ALA E 109 27.46 35.92 -97.26
N GLN E 110 26.53 35.76 -96.32
CA GLN E 110 26.77 36.21 -94.96
C GLN E 110 27.97 35.50 -94.34
N ILE E 111 28.11 34.21 -94.61
CA ILE E 111 29.24 33.47 -94.08
C ILE E 111 30.55 33.96 -94.70
N TYR E 112 30.58 34.03 -96.03
CA TYR E 112 31.81 34.36 -96.74
C TYR E 112 32.03 35.86 -96.91
N GLY E 113 31.26 36.69 -96.20
CA GLY E 113 31.56 38.10 -96.13
C GLY E 113 31.37 38.86 -97.42
N GLY E 114 30.37 38.50 -98.20
CA GLY E 114 30.12 39.18 -99.47
C GLY E 114 31.26 39.05 -100.45
N LYS E 115 32.05 38.00 -100.34
CA LYS E 115 33.22 37.79 -101.18
C LYS E 115 33.03 36.51 -101.99
N ALA E 116 33.97 36.28 -102.91
CA ALA E 116 33.85 35.15 -103.83
C ALA E 116 33.97 33.85 -103.05
N ALA E 117 32.87 33.11 -102.99
CA ALA E 117 32.88 31.81 -102.35
C ALA E 117 33.51 30.77 -103.26
N PRO E 118 33.87 29.61 -102.73
CA PRO E 118 34.36 28.54 -103.61
C PRO E 118 33.28 28.00 -104.52
N GLU E 119 33.64 27.02 -105.34
CA GLU E 119 32.76 26.51 -106.38
C GLU E 119 32.00 25.29 -105.89
N ASN E 120 30.73 25.20 -106.27
CA ASN E 120 29.89 24.05 -105.96
C ASN E 120 29.76 23.84 -104.46
N VAL E 121 29.64 24.93 -103.72
CA VAL E 121 29.41 24.86 -102.29
C VAL E 121 27.92 24.70 -102.03
N LYS E 122 27.58 23.79 -101.13
CA LYS E 122 26.19 23.47 -100.83
C LYS E 122 26.03 23.26 -99.34
N VAL E 123 24.76 23.33 -98.91
CA VAL E 123 24.38 23.23 -97.51
C VAL E 123 23.61 21.94 -97.30
N ALA E 124 23.83 21.32 -96.15
CA ALA E 124 23.18 20.07 -95.80
C ALA E 124 22.77 20.10 -94.34
N CYS E 125 21.79 19.27 -94.01
CA CYS E 125 21.29 19.14 -92.65
C CYS E 125 20.83 17.71 -92.48
N ARG E 126 21.55 16.94 -91.67
CA ARG E 126 21.23 15.54 -91.44
C ARG E 126 21.36 14.73 -92.72
N GLY E 127 22.32 15.10 -93.56
CA GLY E 127 22.63 14.36 -94.76
C GLY E 127 21.85 14.77 -95.98
N ARG E 128 21.07 15.84 -95.92
CA ARG E 128 20.09 16.18 -96.93
C ARG E 128 20.44 17.53 -97.53
N VAL E 129 20.73 17.54 -98.81
CA VAL E 129 21.24 18.72 -99.50
C VAL E 129 20.09 19.68 -99.77
N PHE E 130 20.37 20.96 -99.56
CA PHE E 130 19.41 22.03 -99.79
C PHE E 130 19.63 22.61 -101.17
N GLU E 131 18.55 22.99 -101.82
CA GLU E 131 18.64 23.85 -103.00
C GLU E 131 19.02 25.26 -102.56
N ASP E 132 19.63 26.01 -103.49
CA ASP E 132 20.05 27.35 -103.17
C ASP E 132 18.93 28.37 -103.27
N ALA E 133 17.88 28.06 -104.02
CA ALA E 133 16.67 28.89 -104.04
C ALA E 133 15.63 28.28 -103.11
N ASP E 134 16.02 28.14 -101.85
CA ASP E 134 15.17 27.56 -100.81
C ASP E 134 15.24 28.40 -99.56
N ASN E 135 14.10 28.52 -98.88
CA ASN E 135 14.06 29.20 -97.59
C ASN E 135 14.67 28.28 -96.53
N VAL E 136 15.64 28.81 -95.78
CA VAL E 136 16.35 27.99 -94.82
C VAL E 136 15.40 27.47 -93.76
N ALA E 137 14.46 28.31 -93.34
CA ALA E 137 13.54 27.92 -92.28
C ALA E 137 12.68 26.73 -92.69
N MET E 138 12.08 26.81 -93.87
CA MET E 138 11.22 25.73 -94.33
C MET E 138 12.02 24.48 -94.68
N ALA E 139 13.22 24.68 -95.23
CA ALA E 139 14.07 23.52 -95.52
C ALA E 139 14.45 22.78 -94.25
N VAL E 140 14.73 23.52 -93.18
CA VAL E 140 15.04 22.88 -91.90
C VAL E 140 13.81 22.21 -91.32
N ARG E 141 12.67 22.89 -91.40
CA ARG E 141 11.41 22.30 -90.95
C ARG E 141 11.15 20.97 -91.64
N ALA E 142 11.48 20.89 -92.93
CA ALA E 142 11.25 19.66 -93.68
C ALA E 142 12.28 18.60 -93.33
N PHE E 143 13.56 18.91 -93.50
CA PHE E 143 14.61 17.92 -93.45
C PHE E 143 15.08 17.62 -92.03
N CYS E 144 15.38 18.65 -91.25
CA CYS E 144 15.89 18.48 -89.88
C CYS E 144 15.02 19.30 -88.93
N LYS E 145 13.91 18.71 -88.51
CA LYS E 145 13.02 19.37 -87.57
C LYS E 145 13.66 19.39 -86.19
N ARG E 146 13.88 20.59 -85.66
CA ARG E 146 14.43 20.80 -84.33
C ARG E 146 15.86 20.29 -84.19
N ASP E 147 16.59 20.19 -85.30
CA ASP E 147 18.03 19.93 -85.30
C ASP E 147 18.67 20.80 -86.37
N PRO E 148 18.80 22.09 -86.13
CA PRO E 148 19.16 23.01 -87.21
C PRO E 148 20.64 23.02 -87.58
N ARG E 149 21.40 22.01 -87.16
CA ARG E 149 22.83 21.99 -87.44
C ARG E 149 23.09 21.89 -88.93
N LEU E 150 23.55 22.99 -89.54
CA LEU E 150 23.85 23.04 -90.96
C LEU E 150 25.32 22.78 -91.22
N LEU E 151 25.61 22.20 -92.39
CA LEU E 151 26.96 21.90 -92.81
C LEU E 151 27.18 22.40 -94.22
N LEU E 152 28.33 23.05 -94.44
CA LEU E 152 28.72 23.54 -95.75
C LEU E 152 29.80 22.63 -96.32
N PHE E 153 29.56 22.11 -97.51
CA PHE E 153 30.47 21.17 -98.14
C PHE E 153 30.61 21.50 -99.62
N GLN E 154 31.58 20.89 -100.26
CA GLN E 154 31.81 21.07 -101.68
C GLN E 154 31.21 19.88 -102.43
N ASP E 155 30.31 20.16 -103.37
CA ASP E 155 29.61 19.12 -104.12
C ASP E 155 30.22 19.02 -105.51
N ASN E 156 31.30 18.24 -105.62
CA ASN E 156 31.90 17.97 -106.92
C ASN E 156 31.32 16.71 -107.54
N LEU E 157 31.53 15.57 -106.88
CA LEU E 157 30.92 14.32 -107.25
C LEU E 157 31.06 14.01 -108.74
N ARG F 108 27.01 93.28 -54.08
CA ARG F 108 26.40 92.02 -53.69
C ARG F 108 27.38 91.16 -52.89
N PRO F 109 26.84 90.20 -52.13
CA PRO F 109 27.71 89.35 -51.30
C PRO F 109 28.68 88.50 -52.11
N GLY F 110 28.16 87.69 -53.02
CA GLY F 110 28.95 86.71 -53.73
C GLY F 110 29.46 87.14 -55.09
N GLN F 111 29.32 88.41 -55.46
CA GLN F 111 29.78 88.84 -56.77
C GLN F 111 31.29 88.73 -56.90
N GLY F 112 32.02 88.93 -55.82
CA GLY F 112 33.47 88.81 -55.86
C GLY F 112 33.92 87.42 -56.25
N SER F 113 33.23 86.41 -55.74
CA SER F 113 33.56 85.03 -56.09
C SER F 113 33.00 84.65 -57.46
N ASN F 114 31.79 85.10 -57.79
CA ASN F 114 31.16 84.74 -59.06
C ASN F 114 31.75 85.50 -60.24
N ALA F 115 32.60 86.49 -59.99
CA ALA F 115 33.35 87.11 -61.08
C ALA F 115 34.50 86.23 -61.54
N GLN F 116 35.05 85.41 -60.64
CA GLN F 116 36.13 84.50 -61.00
C GLN F 116 35.68 83.36 -61.89
N PHE F 117 34.36 83.10 -61.96
CA PHE F 117 33.84 81.95 -62.69
C PHE F 117 33.45 82.38 -64.10
N GLN F 118 34.46 82.47 -64.96
CA GLN F 118 34.27 82.75 -66.37
C GLN F 118 35.14 81.82 -67.19
N THR F 119 34.52 81.08 -68.11
CA THR F 119 35.13 79.93 -68.75
C THR F 119 35.33 80.19 -70.24
N SER F 120 36.14 79.34 -70.85
CA SER F 120 36.34 79.33 -72.29
C SER F 120 35.26 78.50 -72.99
N LEU F 121 35.12 78.74 -74.30
CA LEU F 121 34.28 77.88 -75.13
C LEU F 121 34.74 76.42 -75.02
N ALA F 122 36.05 76.19 -75.16
CA ALA F 122 36.57 74.83 -75.06
C ALA F 122 36.38 74.27 -73.65
N ASP F 123 36.54 75.12 -72.63
CA ASP F 123 36.29 74.70 -71.26
C ASP F 123 34.85 74.19 -71.11
N LYS F 124 33.89 74.95 -71.60
CA LYS F 124 32.49 74.56 -71.41
C LYS F 124 32.09 73.41 -72.30
N THR F 125 32.72 73.27 -73.47
CA THR F 125 32.51 72.05 -74.25
C THR F 125 33.04 70.83 -73.50
N ARG F 126 34.23 70.95 -72.90
CA ARG F 126 34.80 69.84 -72.16
C ARG F 126 33.93 69.48 -70.95
N GLY F 127 33.33 70.50 -70.33
CA GLY F 127 32.43 70.23 -69.21
C GLY F 127 31.13 69.59 -69.66
N LEU F 128 30.58 70.05 -70.78
CA LEU F 128 29.40 69.42 -71.36
C LEU F 128 29.66 67.94 -71.63
N LEU F 129 30.83 67.62 -72.18
CA LEU F 129 31.16 66.22 -72.44
C LEU F 129 31.51 65.46 -71.17
N GLY F 130 31.92 66.16 -70.11
CA GLY F 130 32.28 65.51 -68.87
C GLY F 130 33.52 64.64 -69.00
N VAL F 131 34.67 65.28 -69.23
CA VAL F 131 35.91 64.53 -69.45
C VAL F 131 36.36 63.87 -68.15
N GLY F 132 36.62 64.68 -67.12
CA GLY F 132 37.17 64.17 -65.88
C GLY F 132 36.11 63.82 -64.84
N PHE F 133 34.87 63.63 -65.28
CA PHE F 133 33.77 63.37 -64.37
C PHE F 133 32.86 62.23 -64.78
N LEU F 134 33.00 61.69 -65.99
CA LEU F 134 32.29 60.48 -66.38
C LEU F 134 33.14 59.24 -66.15
N ARG F 135 34.37 59.25 -66.63
CA ARG F 135 35.35 58.20 -66.38
C ARG F 135 34.84 56.86 -66.89
N PRO F 136 34.79 56.69 -68.21
CA PRO F 136 34.38 55.39 -68.77
C PRO F 136 35.32 54.27 -68.38
N THR F 137 36.59 54.57 -68.11
CA THR F 137 37.48 53.54 -67.60
C THR F 137 37.05 53.08 -66.21
N LYS F 138 36.54 54.00 -65.39
CA LYS F 138 35.99 53.62 -64.09
C LYS F 138 34.72 52.81 -64.27
N MET F 139 33.90 53.17 -65.25
CA MET F 139 32.69 52.39 -65.51
C MET F 139 33.03 50.96 -65.92
N ALA F 140 34.03 50.82 -66.80
CA ALA F 140 34.47 49.49 -67.22
C ALA F 140 35.05 48.70 -66.06
N SER F 141 35.84 49.36 -65.22
CA SER F 141 36.39 48.67 -64.04
C SER F 141 35.28 48.20 -63.13
N PHE F 142 34.24 49.02 -62.95
CA PHE F 142 33.11 48.61 -62.12
C PHE F 142 32.41 47.40 -62.73
N ALA F 143 32.15 47.43 -64.03
CA ALA F 143 31.48 46.31 -64.67
C ALA F 143 32.30 45.04 -64.52
N ALA F 144 33.61 45.12 -64.74
CA ALA F 144 34.47 43.96 -64.62
C ALA F 144 34.44 43.41 -63.20
N THR F 145 34.61 44.27 -62.21
CA THR F 145 34.60 43.81 -60.82
C THR F 145 33.26 43.19 -60.46
N PHE F 146 32.17 43.80 -60.92
CA PHE F 146 30.84 43.31 -60.60
C PHE F 146 30.60 41.93 -61.20
N LEU F 147 31.01 41.73 -62.44
CA LEU F 147 30.85 40.41 -63.05
C LEU F 147 31.78 39.39 -62.40
N LEU F 148 33.00 39.79 -62.04
CA LEU F 148 33.91 38.88 -61.38
C LEU F 148 33.42 38.48 -59.99
N ASN F 149 32.61 39.31 -59.36
CA ASN F 149 32.10 38.98 -58.03
C ASN F 149 31.02 37.91 -58.05
N PHE F 150 30.66 37.36 -59.21
CA PHE F 150 29.65 36.31 -59.26
C PHE F 150 30.18 34.96 -58.79
N ARG F 151 31.50 34.84 -58.59
CA ARG F 151 32.07 33.57 -58.12
C ARG F 151 31.64 33.25 -56.70
N PHE F 152 31.32 34.26 -55.91
CA PHE F 152 30.96 34.02 -54.51
C PHE F 152 29.66 33.23 -54.41
N TYR F 153 28.72 33.48 -55.31
CA TYR F 153 27.48 32.72 -55.31
C TYR F 153 27.75 31.25 -55.57
N PHE F 154 28.62 30.95 -56.53
CA PHE F 154 28.95 29.56 -56.82
C PHE F 154 29.63 28.89 -55.63
N MET F 155 30.58 29.59 -55.00
CA MET F 155 31.22 29.05 -53.82
C MET F 155 30.20 28.73 -52.73
N TYR F 156 29.30 29.69 -52.47
CA TYR F 156 28.33 29.52 -51.40
C TYR F 156 27.38 28.37 -51.68
N MET F 157 26.90 28.24 -52.93
CA MET F 157 25.99 27.16 -53.22
C MET F 157 26.70 25.81 -53.13
N ALA F 158 27.97 25.75 -53.53
CA ALA F 158 28.72 24.52 -53.37
C ALA F 158 28.81 24.10 -51.91
N ARG F 159 29.19 25.04 -51.05
CA ARG F 159 29.28 24.76 -49.62
C ARG F 159 27.94 24.32 -49.06
N THR F 160 26.88 25.02 -49.45
CA THR F 160 25.55 24.73 -48.92
C THR F 160 25.10 23.32 -49.32
N THR F 161 25.28 22.97 -50.59
CA THR F 161 24.84 21.65 -51.04
C THR F 161 25.66 20.55 -50.39
N PHE F 162 26.96 20.77 -50.19
CA PHE F 162 27.75 19.75 -49.51
C PHE F 162 27.24 19.55 -48.09
N GLN F 163 27.00 20.64 -47.37
CA GLN F 163 26.50 20.50 -46.01
C GLN F 163 25.10 19.93 -45.94
N ALA F 164 24.33 20.06 -47.02
CA ALA F 164 22.99 19.48 -47.03
C ALA F 164 23.02 17.98 -47.33
N VAL F 165 23.95 17.55 -48.19
CA VAL F 165 24.00 16.14 -48.58
C VAL F 165 24.91 15.29 -47.71
N ARG F 166 25.75 15.90 -46.88
CA ARG F 166 26.60 15.14 -45.96
C ARG F 166 25.84 14.07 -45.19
N PRO F 167 24.71 14.36 -44.54
CA PRO F 167 23.98 13.29 -43.85
C PRO F 167 23.42 12.25 -44.81
N LEU F 168 22.95 12.68 -45.98
CA LEU F 168 22.47 11.73 -46.96
C LEU F 168 23.57 10.75 -47.36
N LEU F 169 24.78 11.25 -47.56
CA LEU F 169 25.90 10.37 -47.86
C LEU F 169 26.14 9.39 -46.71
N ALA F 170 26.27 9.91 -45.49
CA ALA F 170 26.52 9.04 -44.34
C ALA F 170 25.45 7.97 -44.19
N PHE F 171 24.21 8.28 -44.57
CA PHE F 171 23.11 7.34 -44.44
C PHE F 171 23.01 6.37 -45.61
N SER F 172 23.48 6.76 -46.79
CA SER F 172 23.25 6.00 -48.01
C SER F 172 24.48 5.21 -48.46
N VAL F 173 25.63 5.85 -48.63
CA VAL F 173 26.74 5.16 -49.26
C VAL F 173 27.45 4.26 -48.25
N PHE F 174 27.64 4.74 -47.03
CA PHE F 174 28.17 3.86 -45.98
C PHE F 174 27.15 2.77 -45.67
N GLY F 175 25.87 3.07 -45.81
CA GLY F 175 24.86 2.04 -45.73
C GLY F 175 25.03 0.97 -46.78
N GLU F 176 25.32 1.37 -48.01
CA GLU F 176 25.56 0.41 -49.09
C GLU F 176 26.78 -0.45 -48.77
N VAL F 177 27.80 0.15 -48.18
CA VAL F 177 28.99 -0.62 -47.81
C VAL F 177 28.64 -1.66 -46.75
N MET F 178 27.92 -1.23 -45.71
CA MET F 178 27.46 -2.15 -44.69
C MET F 178 26.60 -3.26 -45.29
N LYS F 179 25.80 -2.91 -46.29
CA LYS F 179 24.93 -3.89 -46.93
C LYS F 179 25.76 -4.92 -47.69
N LEU F 180 26.82 -4.49 -48.36
CA LEU F 180 27.75 -5.42 -48.97
C LEU F 180 28.32 -6.38 -47.94
N VAL F 181 28.76 -5.85 -46.81
CA VAL F 181 29.37 -6.70 -45.80
C VAL F 181 28.36 -7.69 -45.24
N LEU F 182 27.12 -7.24 -45.04
CA LEU F 182 26.07 -8.13 -44.57
C LEU F 182 25.78 -9.23 -45.58
N ALA F 183 25.73 -8.87 -46.87
CA ALA F 183 25.47 -9.86 -47.90
C ALA F 183 26.58 -10.89 -47.96
N THR F 184 27.81 -10.48 -47.66
CA THR F 184 28.94 -11.39 -47.82
C THR F 184 29.20 -12.24 -46.58
N MET F 185 28.92 -11.74 -45.37
CA MET F 185 29.30 -12.44 -44.17
C MET F 185 28.27 -13.52 -43.80
N SER F 186 28.77 -14.61 -43.25
CA SER F 186 27.95 -15.76 -42.88
C SER F 186 28.13 -16.20 -41.44
N SER F 187 29.34 -16.19 -40.91
CA SER F 187 29.63 -16.80 -39.62
C SER F 187 29.12 -15.89 -38.49
N GLY F 188 29.45 -16.27 -37.25
CA GLY F 188 28.93 -15.60 -36.09
C GLY F 188 29.95 -14.68 -35.44
N LEU F 189 31.22 -15.05 -35.49
CA LEU F 189 32.26 -14.21 -34.90
C LEU F 189 32.35 -12.88 -35.63
N PHE F 190 32.44 -12.94 -36.96
CA PHE F 190 32.53 -11.71 -37.75
C PHE F 190 31.29 -10.86 -37.56
N SER F 191 30.12 -11.49 -37.45
CA SER F 191 28.88 -10.75 -37.24
C SER F 191 28.88 -10.05 -35.88
N PHE F 192 29.34 -10.77 -34.86
CA PHE F 192 29.48 -10.17 -33.54
C PHE F 192 30.38 -8.95 -33.60
N LEU F 193 31.49 -9.04 -34.33
CA LEU F 193 32.39 -7.89 -34.43
C LEU F 193 31.82 -6.77 -35.29
N PHE F 194 30.97 -7.10 -36.26
CA PHE F 194 30.43 -6.13 -37.19
C PHE F 194 29.26 -5.34 -36.61
N SER F 195 28.56 -5.92 -35.62
CA SER F 195 27.51 -5.19 -34.91
C SER F 195 28.03 -3.87 -34.36
N PHE F 196 29.26 -3.87 -33.85
CA PHE F 196 29.82 -2.66 -33.28
C PHE F 196 30.13 -1.63 -34.34
N VAL F 197 30.52 -2.08 -35.54
CA VAL F 197 30.71 -1.17 -36.66
C VAL F 197 29.39 -0.50 -37.01
N LEU F 198 28.31 -1.27 -37.02
CA LEU F 198 27.01 -0.69 -37.31
C LEU F 198 26.64 0.37 -36.27
N ALA F 199 26.85 0.08 -34.99
CA ALA F 199 26.56 1.06 -33.95
C ALA F 199 27.43 2.32 -34.12
N PHE F 200 28.70 2.13 -34.49
CA PHE F 200 29.57 3.27 -34.78
C PHE F 200 29.00 4.10 -35.91
N GLU F 201 28.43 3.45 -36.93
CA GLU F 201 27.84 4.19 -38.04
C GLU F 201 26.64 5.00 -37.58
N VAL F 202 25.88 4.45 -36.63
CA VAL F 202 24.78 5.20 -36.04
C VAL F 202 25.30 6.50 -35.42
N PHE F 203 26.29 6.37 -34.54
CA PHE F 203 26.84 7.55 -33.87
C PHE F 203 27.43 8.54 -34.87
N TYR F 204 28.10 8.02 -35.90
CA TYR F 204 28.72 8.87 -36.91
C TYR F 204 27.66 9.65 -37.68
N PHE F 205 26.55 9.00 -38.00
CA PHE F 205 25.45 9.69 -38.66
C PHE F 205 24.94 10.83 -37.82
N PHE F 206 24.75 10.59 -36.52
CA PHE F 206 24.27 11.68 -35.68
C PHE F 206 25.28 12.82 -35.59
N LEU F 207 26.58 12.49 -35.60
CA LEU F 207 27.60 13.53 -35.61
C LEU F 207 27.52 14.37 -36.88
N GLN F 208 27.41 13.72 -38.03
CA GLN F 208 27.30 14.46 -39.28
C GLN F 208 26.06 15.33 -39.29
N CYS F 209 24.96 14.82 -38.71
CA CYS F 209 23.75 15.62 -38.65
C CYS F 209 23.94 16.86 -37.78
N TYR F 210 24.64 16.71 -36.67
CA TYR F 210 24.92 17.87 -35.82
C TYR F 210 25.77 18.90 -36.56
N ILE F 211 26.81 18.43 -37.26
CA ILE F 211 27.66 19.34 -38.02
C ILE F 211 26.85 20.10 -39.07
N SER F 212 25.99 19.37 -39.79
CA SER F 212 25.19 20.02 -40.82
C SER F 212 24.22 21.02 -40.21
N TYR F 213 23.61 20.70 -39.06
CA TYR F 213 22.75 21.65 -38.40
C TYR F 213 23.51 22.93 -38.07
N THR F 214 24.73 22.79 -37.55
CA THR F 214 25.52 23.95 -37.20
C THR F 214 25.80 24.82 -38.44
N PHE F 215 26.31 24.20 -39.49
CA PHE F 215 26.64 24.97 -40.69
C PHE F 215 25.40 25.55 -41.35
N LEU F 216 24.25 24.90 -41.23
CA LEU F 216 23.05 25.42 -41.88
C LEU F 216 22.47 26.58 -41.11
N THR F 217 22.50 26.54 -39.78
CA THR F 217 22.11 27.72 -39.02
C THR F 217 23.10 28.86 -39.19
N MET F 218 24.36 28.55 -39.52
CA MET F 218 25.30 29.62 -39.87
C MET F 218 25.00 30.21 -41.23
N PHE F 219 24.64 29.37 -42.21
CA PHE F 219 24.45 29.81 -43.57
C PHE F 219 23.05 30.35 -43.86
N PHE F 220 22.11 30.17 -42.94
CA PHE F 220 20.75 30.68 -43.12
C PHE F 220 20.37 31.67 -42.03
N THR F 221 21.37 32.29 -41.41
CA THR F 221 21.16 33.33 -40.42
C THR F 221 21.33 34.68 -41.08
N VAL F 222 20.29 35.51 -40.99
CA VAL F 222 20.29 36.85 -41.57
C VAL F 222 20.08 37.85 -40.44
N LEU F 223 20.84 38.94 -40.49
CA LEU F 223 20.69 40.00 -39.51
C LEU F 223 19.32 40.66 -39.64
N PHE F 224 19.00 41.17 -40.82
CA PHE F 224 17.77 41.90 -41.05
C PHE F 224 16.67 41.01 -41.61
N LYS G 47 -33.98 9.47 1.02
CA LYS G 47 -34.24 8.72 -0.20
C LYS G 47 -32.96 8.07 -0.71
N THR G 48 -33.10 6.88 -1.29
CA THR G 48 -31.97 6.10 -1.74
C THR G 48 -31.66 6.38 -3.21
N LEU G 49 -30.39 6.26 -3.57
CA LEU G 49 -29.98 6.38 -4.96
C LEU G 49 -30.16 5.05 -5.67
N GLU G 50 -30.87 5.08 -6.80
CA GLU G 50 -31.03 3.92 -7.66
C GLU G 50 -30.57 4.15 -9.09
N ARG G 51 -30.54 5.40 -9.56
CA ARG G 51 -30.08 5.70 -10.89
C ARG G 51 -28.64 5.26 -11.07
N ASN G 52 -28.31 4.77 -12.26
CA ASN G 52 -26.94 4.43 -12.60
C ASN G 52 -26.23 5.69 -13.08
N VAL G 53 -25.34 6.20 -12.25
CA VAL G 53 -24.67 7.47 -12.50
C VAL G 53 -23.45 7.20 -13.37
N PRO G 54 -23.40 7.73 -14.60
CA PRO G 54 -22.18 7.60 -15.39
C PRO G 54 -21.09 8.52 -14.88
N MET G 55 -19.86 8.21 -15.31
CA MET G 55 -18.72 9.00 -14.90
C MET G 55 -18.56 10.27 -15.71
N LYS G 56 -19.21 10.38 -16.87
CA LYS G 56 -19.11 11.61 -17.64
C LYS G 56 -19.90 12.75 -16.99
N GLU G 57 -20.84 12.43 -16.11
CA GLU G 57 -21.53 13.46 -15.34
C GLU G 57 -20.67 14.01 -14.21
N ILE G 58 -19.50 13.44 -13.97
CA ILE G 58 -18.69 13.80 -12.82
C ILE G 58 -17.32 14.29 -13.28
N LEU G 59 -16.60 13.44 -13.99
CA LEU G 59 -15.27 13.74 -14.48
C LEU G 59 -15.37 14.12 -15.96
N GLN G 60 -15.07 15.36 -16.26
CA GLN G 60 -15.07 15.84 -17.63
C GLN G 60 -13.66 15.77 -18.19
N PRO G 61 -13.44 15.17 -19.35
CA PRO G 61 -12.10 15.16 -19.93
C PRO G 61 -11.75 16.46 -20.61
N LEU G 62 -10.47 16.80 -20.53
CA LEU G 62 -9.96 17.96 -21.24
C LEU G 62 -9.96 17.71 -22.74
N TRP G 63 -9.98 18.81 -23.48
CA TRP G 63 -9.92 18.76 -24.93
C TRP G 63 -8.46 18.86 -25.36
N VAL G 64 -7.97 17.80 -26.02
CA VAL G 64 -6.57 17.73 -26.41
C VAL G 64 -6.39 17.30 -27.86
N VAL G 65 -7.46 16.99 -28.58
CA VAL G 65 -7.34 16.51 -29.94
C VAL G 65 -6.86 17.62 -30.86
N GLU G 66 -7.44 18.80 -30.69
CA GLU G 66 -7.04 19.98 -31.43
C GLU G 66 -6.39 20.96 -30.47
N PRO G 67 -5.25 21.52 -30.81
CA PRO G 67 -4.44 22.19 -29.81
C PRO G 67 -5.03 23.52 -29.40
N PRO G 68 -4.49 24.14 -28.36
CA PRO G 68 -5.00 25.44 -27.92
C PRO G 68 -4.51 26.59 -28.78
N ASN G 69 -5.29 27.66 -28.74
CA ASN G 69 -4.95 28.93 -29.39
C ASN G 69 -4.84 29.99 -28.30
N PHE G 70 -3.63 30.20 -27.81
CA PHE G 70 -3.41 31.18 -26.76
C PHE G 70 -3.62 32.61 -27.26
N LEU G 71 -3.51 32.83 -28.56
CA LEU G 71 -3.75 34.14 -29.14
C LEU G 71 -5.23 34.45 -29.30
N ARG G 72 -6.08 33.43 -29.35
CA ARG G 72 -7.52 33.60 -29.48
C ARG G 72 -7.87 34.35 -30.76
N GLN G 73 -7.13 34.06 -31.82
CA GLN G 73 -7.30 34.65 -33.12
C GLN G 73 -7.13 33.58 -34.17
N PRO G 74 -7.84 33.68 -35.29
CA PRO G 74 -7.70 32.67 -36.34
C PRO G 74 -6.43 32.81 -37.17
N VAL G 75 -6.14 31.73 -37.88
CA VAL G 75 -4.85 31.58 -38.56
C VAL G 75 -4.70 32.59 -39.69
N TRP G 76 -5.77 32.83 -40.45
CA TRP G 76 -5.69 33.81 -41.52
C TRP G 76 -5.47 35.21 -40.98
N LYS G 77 -5.99 35.51 -39.79
CA LYS G 77 -5.77 36.80 -39.19
C LYS G 77 -4.34 36.94 -38.70
N GLN G 78 -3.78 35.86 -38.16
CA GLN G 78 -2.36 35.85 -37.83
C GLN G 78 -1.50 36.14 -39.06
N PHE G 79 -1.78 35.45 -40.17
CA PHE G 79 -1.05 35.70 -41.41
C PHE G 79 -1.17 37.16 -41.83
N TRP G 80 -2.38 37.71 -41.74
CA TRP G 80 -2.62 39.08 -42.15
C TRP G 80 -1.78 40.05 -41.32
N GLU G 81 -1.77 39.86 -40.01
CA GLU G 81 -1.00 40.75 -39.15
C GLU G 81 0.49 40.59 -39.38
N ALA G 82 0.92 39.38 -39.69
CA ALA G 82 2.33 39.15 -39.95
C ALA G 82 2.77 39.94 -41.17
N GLN G 83 1.87 40.15 -42.13
CA GLN G 83 2.28 40.85 -43.34
C GLN G 83 2.70 42.29 -43.04
N PHE G 84 2.09 42.91 -42.04
CA PHE G 84 2.43 44.28 -41.68
C PHE G 84 3.48 44.33 -40.59
N ALA G 85 3.69 43.25 -39.87
CA ALA G 85 4.87 43.16 -39.03
C ALA G 85 6.14 43.20 -39.89
N ASN G 86 7.26 43.54 -39.25
CA ASN G 86 8.51 43.72 -39.95
C ASN G 86 9.23 42.39 -40.18
N ARG G 87 9.89 42.29 -41.34
CA ARG G 87 10.60 41.07 -41.75
C ARG G 87 9.66 39.88 -41.85
N SER G 88 8.38 40.15 -42.12
CA SER G 88 7.38 39.11 -42.17
C SER G 88 6.47 39.26 -43.38
N PHE G 89 6.91 39.99 -44.40
CA PHE G 89 6.13 40.14 -45.61
C PHE G 89 6.13 38.81 -46.38
N PHE G 90 5.47 38.82 -47.54
CA PHE G 90 4.77 37.65 -48.06
C PHE G 90 5.59 36.38 -47.90
N PHE G 91 6.69 36.24 -48.65
CA PHE G 91 7.58 35.09 -48.50
C PHE G 91 8.93 35.45 -47.91
N PHE G 92 9.16 36.71 -47.57
CA PHE G 92 10.41 37.11 -46.93
C PHE G 92 10.38 36.74 -45.45
N GLY G 93 11.58 36.54 -44.89
CA GLY G 93 11.73 36.18 -43.50
C GLY G 93 11.79 34.69 -43.26
N ASN G 94 11.92 34.33 -41.99
CA ASN G 94 12.03 32.96 -41.53
C ASN G 94 10.84 32.50 -40.70
N ALA G 95 9.70 33.16 -40.85
CA ALA G 95 8.50 32.83 -40.10
C ALA G 95 7.66 31.79 -40.85
N TRP G 96 6.71 31.19 -40.12
CA TRP G 96 5.83 30.21 -40.73
C TRP G 96 4.95 30.86 -41.80
N THR G 97 4.64 32.15 -41.63
CA THR G 97 3.92 32.86 -42.67
C THR G 97 4.75 32.94 -43.94
N SER G 98 6.05 33.18 -43.78
CA SER G 98 6.94 33.21 -44.93
C SER G 98 7.02 31.85 -45.60
N ALA G 99 7.07 30.78 -44.82
CA ALA G 99 7.10 29.45 -45.39
C ALA G 99 5.81 29.14 -46.15
N ALA G 100 4.66 29.48 -45.55
CA ALA G 100 3.38 29.23 -46.20
C ALA G 100 3.26 30.03 -47.49
N ALA G 101 3.71 31.28 -47.48
CA ALA G 101 3.65 32.10 -48.68
C ALA G 101 4.59 31.56 -49.76
N PHE G 102 5.75 31.05 -49.37
CA PHE G 102 6.64 30.44 -50.35
C PHE G 102 5.99 29.21 -50.98
N ALA G 103 5.31 28.41 -50.17
CA ALA G 103 4.62 27.24 -50.70
C ALA G 103 3.53 27.66 -51.67
N PHE G 104 2.72 28.65 -51.29
CA PHE G 104 1.70 29.16 -52.21
C PHE G 104 2.31 29.74 -53.47
N PHE G 105 3.48 30.38 -53.35
CA PHE G 105 4.10 31.00 -54.50
C PHE G 105 4.57 29.95 -55.49
N ILE G 106 5.21 28.90 -55.01
CA ILE G 106 5.64 27.83 -55.92
C ILE G 106 4.45 27.06 -56.47
N TRP G 107 3.35 26.96 -55.71
CA TRP G 107 2.13 26.37 -56.24
C TRP G 107 1.56 27.22 -57.36
N TRP G 108 1.46 28.54 -57.13
CA TRP G 108 0.94 29.46 -58.13
C TRP G 108 1.82 29.49 -59.37
N SER G 109 3.11 29.23 -59.21
CA SER G 109 4.01 29.10 -60.33
C SER G 109 3.63 27.89 -61.19
N ARG G 110 4.35 27.74 -62.29
CA ARG G 110 4.12 26.67 -63.25
C ARG G 110 4.98 25.45 -63.04
N VAL G 111 6.07 25.58 -62.28
CA VAL G 111 7.12 24.56 -62.27
C VAL G 111 6.59 23.21 -61.79
N PHE G 112 5.56 23.20 -60.95
CA PHE G 112 4.99 21.97 -60.46
C PHE G 112 3.74 21.55 -61.22
N ASP G 113 3.32 22.30 -62.23
CA ASP G 113 2.22 21.87 -63.06
C ASP G 113 2.63 20.64 -63.85
N PRO G 114 1.67 19.90 -64.40
CA PRO G 114 2.01 18.78 -65.27
C PRO G 114 2.58 19.26 -66.59
N PRO G 115 3.32 18.43 -67.30
CA PRO G 115 3.91 18.86 -68.55
C PRO G 115 2.89 18.82 -69.66
N PRO G 116 3.14 19.49 -70.76
CA PRO G 116 2.27 19.38 -71.93
C PRO G 116 2.53 18.12 -72.76
N LYS G 117 1.62 17.93 -73.72
CA LYS G 117 1.68 16.76 -74.56
C LYS G 117 2.92 16.80 -75.44
N GLU G 118 3.42 18.00 -75.74
CA GLU G 118 4.64 18.10 -76.50
C GLU G 118 5.82 17.57 -75.71
N ARG G 119 5.69 17.51 -74.38
CA ARG G 119 6.81 17.23 -73.50
C ARG G 119 6.54 16.03 -72.60
N LEU G 120 5.64 15.14 -73.00
CA LEU G 120 5.29 14.01 -72.14
C LEU G 120 6.32 12.89 -72.23
N ASP G 121 6.88 12.68 -73.40
CA ASP G 121 7.89 11.64 -73.62
C ASP G 121 9.28 12.04 -73.16
N ARG G 122 9.40 13.18 -72.48
CA ARG G 122 10.68 13.57 -71.90
C ARG G 122 10.91 12.84 -70.59
N TYR G 123 9.91 12.80 -69.73
CA TYR G 123 9.99 12.08 -68.46
C TYR G 123 8.80 11.18 -68.19
N TRP G 124 7.58 11.61 -68.53
CA TRP G 124 6.41 11.01 -67.91
C TRP G 124 6.15 9.61 -68.43
N LEU G 125 6.34 9.38 -69.73
CA LEU G 125 6.04 8.09 -70.30
C LEU G 125 7.07 7.03 -69.95
N ASN G 126 8.15 7.41 -69.27
CA ASN G 126 9.16 6.47 -68.78
C ASN G 126 9.24 6.53 -67.26
N SER G 127 8.13 6.74 -66.63
CA SER G 127 8.04 7.01 -65.21
C SER G 127 7.47 5.81 -64.47
N PRO G 128 7.96 5.52 -63.27
CA PRO G 128 7.39 4.39 -62.52
C PRO G 128 5.94 4.60 -62.13
N LYS G 129 5.56 5.81 -61.75
CA LYS G 129 4.16 6.08 -61.44
C LYS G 129 3.28 5.80 -62.66
N PHE G 130 3.68 6.31 -63.81
CA PHE G 130 2.91 6.10 -65.04
C PHE G 130 2.80 4.62 -65.36
N ARG G 131 3.92 3.90 -65.31
CA ARG G 131 3.90 2.48 -65.65
C ARG G 131 3.03 1.68 -64.69
N ILE G 132 3.17 1.95 -63.39
CA ILE G 132 2.38 1.21 -62.41
C ILE G 132 0.89 1.51 -62.58
N LEU G 133 0.53 2.78 -62.81
CA LEU G 133 -0.87 3.12 -62.99
C LEU G 133 -1.45 2.50 -64.24
N SER G 134 -0.68 2.48 -65.34
CA SER G 134 -1.16 1.84 -66.55
C SER G 134 -1.41 0.37 -66.32
N ALA G 135 -0.45 -0.32 -65.69
CA ALA G 135 -0.61 -1.73 -65.40
C ALA G 135 -1.79 -1.99 -64.47
N PHE G 136 -2.01 -1.10 -63.50
CA PHE G 136 -3.08 -1.26 -62.53
C PHE G 136 -4.45 -1.10 -63.17
N HIS G 137 -4.62 -0.05 -63.97
CA HIS G 137 -5.90 0.22 -64.58
C HIS G 137 -6.12 -0.57 -65.87
N ASN G 138 -5.14 -1.36 -66.31
CA ASN G 138 -5.34 -2.38 -67.32
C ASN G 138 -4.97 -3.72 -66.70
N PRO G 139 -5.90 -4.34 -65.97
CA PRO G 139 -5.55 -5.46 -65.08
C PRO G 139 -4.78 -6.61 -65.69
N GLY G 140 -5.32 -7.24 -66.72
CA GLY G 140 -4.70 -8.46 -67.22
C GLY G 140 -3.95 -8.29 -68.52
N LYS G 141 -3.47 -7.08 -68.78
CA LYS G 141 -2.89 -6.73 -70.06
C LYS G 141 -1.47 -6.21 -69.87
N ARG G 142 -0.84 -5.90 -71.00
CA ARG G 142 0.56 -5.48 -71.06
C ARG G 142 0.62 -4.18 -71.85
N PRO G 143 0.74 -3.04 -71.19
CA PRO G 143 0.59 -1.77 -71.90
C PRO G 143 1.85 -1.22 -72.53
N GLY G 144 2.90 -2.04 -72.69
CA GLY G 144 4.10 -1.56 -73.33
C GLY G 144 3.85 -1.05 -74.74
N LEU G 145 3.01 -1.77 -75.49
CA LEU G 145 2.75 -1.40 -76.87
C LEU G 145 1.95 -0.10 -76.96
N LYS G 146 0.92 0.03 -76.13
CA LYS G 146 0.16 1.27 -76.10
C LYS G 146 1.01 2.42 -75.62
N ILE G 147 1.98 2.16 -74.75
CA ILE G 147 2.89 3.21 -74.31
C ILE G 147 3.78 3.65 -75.46
N SER G 148 4.28 2.70 -76.26
CA SER G 148 5.04 3.05 -77.45
C SER G 148 4.20 3.90 -78.39
N LEU G 149 2.93 3.55 -78.56
CA LEU G 149 2.08 4.31 -79.45
C LEU G 149 1.76 5.69 -78.89
N MET G 150 1.69 5.82 -77.56
CA MET G 150 1.50 7.13 -76.96
C MET G 150 2.73 7.99 -77.17
N THR G 151 3.92 7.40 -77.10
CA THR G 151 5.14 8.13 -77.42
C THR G 151 5.13 8.61 -78.87
N TYR G 152 4.76 7.72 -79.79
CA TYR G 152 4.64 8.09 -81.19
C TYR G 152 3.69 9.26 -81.35
N GLU G 153 2.54 9.20 -80.69
CA GLU G 153 1.57 10.29 -80.73
C GLU G 153 2.18 11.58 -80.21
N ALA G 154 2.76 11.54 -79.01
CA ALA G 154 3.26 12.76 -78.38
C ALA G 154 4.33 13.40 -79.23
N ARG G 155 5.09 12.62 -79.98
CA ARG G 155 6.11 13.19 -80.84
C ARG G 155 5.58 13.63 -82.20
N TYR G 156 4.58 12.95 -82.75
CA TYR G 156 4.09 13.24 -84.09
C TYR G 156 3.04 14.35 -84.09
N CYS G 157 2.04 14.22 -83.23
CA CYS G 157 0.84 15.03 -83.31
C CYS G 157 0.88 16.28 -82.46
N TYR G 158 1.87 16.42 -81.59
CA TYR G 158 1.94 17.54 -80.66
C TYR G 158 3.28 18.23 -80.64
N ARG G 159 4.31 17.63 -81.22
CA ARG G 159 5.61 18.25 -81.37
C ARG G 159 6.00 18.52 -82.81
N GLY G 160 5.41 17.80 -83.77
CA GLY G 160 5.60 18.08 -85.17
C GLY G 160 6.65 17.24 -85.85
N LEU G 161 7.03 16.11 -85.27
CA LEU G 161 8.05 15.24 -85.86
C LEU G 161 7.40 14.25 -86.79
N ASP G 162 7.79 14.28 -88.06
CA ASP G 162 7.26 13.35 -89.04
C ASP G 162 7.85 11.96 -88.88
N HIS G 163 9.03 11.85 -88.27
CA HIS G 163 9.74 10.60 -88.11
C HIS G 163 10.12 10.45 -86.64
N PRO G 164 9.15 10.08 -85.81
CA PRO G 164 9.40 10.07 -84.36
C PRO G 164 10.29 8.94 -83.89
N PHE G 165 10.26 7.80 -84.57
CA PHE G 165 10.92 6.59 -84.11
C PHE G 165 12.21 6.38 -84.89
N THR G 166 13.30 6.21 -84.16
CA THR G 166 14.54 5.74 -84.75
C THR G 166 14.50 4.23 -84.90
N LEU G 167 15.61 3.67 -85.34
CA LEU G 167 15.68 2.23 -85.58
C LEU G 167 15.53 1.46 -84.28
N ASN G 168 16.10 1.97 -83.19
CA ASN G 168 15.96 1.34 -81.89
C ASN G 168 14.50 1.29 -81.45
N GLU G 169 13.81 2.42 -81.56
CA GLU G 169 12.42 2.48 -81.14
C GLU G 169 11.55 1.59 -82.03
N MET G 170 11.89 1.50 -83.31
CA MET G 170 11.16 0.60 -84.20
C MET G 170 11.33 -0.85 -83.76
N LYS G 171 12.57 -1.24 -83.45
CA LYS G 171 12.82 -2.57 -82.93
C LYS G 171 12.04 -2.83 -81.64
N ASP G 172 12.00 -1.84 -80.74
CA ASP G 172 11.27 -2.01 -79.49
C ASP G 172 9.78 -2.21 -79.75
N PHE G 173 9.21 -1.43 -80.67
CA PHE G 173 7.81 -1.58 -81.04
C PHE G 173 7.53 -2.99 -81.57
N LEU G 174 8.39 -3.49 -82.44
CA LEU G 174 8.17 -4.81 -83.01
C LEU G 174 8.39 -5.91 -81.98
N PHE G 175 9.32 -5.71 -81.06
CA PHE G 175 9.51 -6.64 -79.95
C PHE G 175 8.25 -6.76 -79.12
N LYS G 176 7.63 -5.63 -78.79
CA LYS G 176 6.43 -5.67 -77.98
C LYS G 176 5.27 -6.30 -78.75
N LEU G 177 5.19 -6.02 -80.06
CA LEU G 177 4.19 -6.68 -80.90
C LEU G 177 4.36 -8.20 -80.89
N ARG G 178 5.59 -8.67 -81.04
CA ARG G 178 5.88 -10.10 -80.97
C ARG G 178 5.48 -10.68 -79.63
N GLU G 179 5.79 -9.97 -78.54
CA GLU G 179 5.44 -10.48 -77.22
C GLU G 179 3.93 -10.58 -77.06
N GLN G 180 3.19 -9.60 -77.56
CA GLN G 180 1.73 -9.68 -77.53
C GLN G 180 1.24 -10.89 -78.29
N TYR G 181 1.78 -11.11 -79.49
CA TYR G 181 1.38 -12.26 -80.29
C TYR G 181 1.64 -13.56 -79.55
N LEU G 182 2.82 -13.72 -78.96
CA LEU G 182 3.15 -14.94 -78.25
C LEU G 182 2.27 -15.13 -77.02
N VAL G 183 2.00 -14.04 -76.29
CA VAL G 183 1.20 -14.15 -75.08
C VAL G 183 -0.22 -14.59 -75.40
N ASN G 184 -0.75 -14.13 -76.54
CA ASN G 184 -2.08 -14.56 -76.93
C ASN G 184 -2.09 -15.91 -77.63
N LYS G 185 -0.96 -16.35 -78.18
CA LYS G 185 -0.89 -17.63 -78.86
C LYS G 185 -0.69 -18.78 -77.88
N TYR G 186 0.33 -18.68 -77.04
CA TYR G 186 0.64 -19.71 -76.06
C TYR G 186 0.11 -19.26 -74.71
N GLU G 187 -0.77 -20.07 -74.13
CA GLU G 187 -1.35 -19.76 -72.84
C GLU G 187 -0.36 -20.07 -71.74
N GLY G 188 -0.07 -19.07 -70.90
CA GLY G 188 0.80 -19.26 -69.77
C GLY G 188 2.28 -19.07 -70.04
N ILE G 189 2.65 -18.56 -71.20
CA ILE G 189 4.06 -18.36 -71.49
C ILE G 189 4.64 -17.33 -70.52
N GLN G 190 5.93 -17.47 -70.22
CA GLN G 190 6.54 -16.83 -69.08
C GLN G 190 7.96 -16.43 -69.46
N PHE G 191 8.80 -16.11 -68.46
CA PHE G 191 9.96 -15.23 -68.64
C PHE G 191 10.87 -15.56 -69.81
N PRO G 192 11.44 -16.75 -69.89
CA PRO G 192 12.57 -16.96 -70.82
C PRO G 192 12.19 -16.66 -72.25
N PHE G 193 10.91 -16.70 -72.58
CA PHE G 193 10.43 -16.42 -73.92
C PHE G 193 9.76 -15.07 -74.03
N VAL G 194 9.16 -14.58 -72.96
CA VAL G 194 8.58 -13.23 -72.90
C VAL G 194 8.82 -12.69 -71.50
N PHE G 195 9.05 -11.38 -71.41
CA PHE G 195 9.33 -10.76 -70.11
C PHE G 195 8.04 -10.73 -69.32
N ARG G 196 7.87 -11.73 -68.44
CA ARG G 196 6.65 -11.89 -67.69
C ARG G 196 6.87 -12.95 -66.63
N GLN G 197 6.40 -12.68 -65.42
CA GLN G 197 6.52 -13.61 -64.31
C GLN G 197 5.23 -13.60 -63.51
N PHE G 198 4.68 -14.79 -63.27
CA PHE G 198 3.56 -14.95 -62.35
C PHE G 198 3.71 -16.26 -61.60
N ASN G 199 3.08 -16.33 -60.44
CA ASN G 199 3.29 -17.38 -59.45
C ASN G 199 2.34 -18.55 -59.62
N ARG G 200 1.05 -18.27 -59.81
CA ARG G 200 0.03 -19.32 -59.88
C ARG G 200 0.11 -19.96 -61.25
N VAL G 201 0.93 -21.00 -61.35
CA VAL G 201 1.18 -21.70 -62.59
C VAL G 201 0.54 -23.08 -62.55
N SER G 202 0.38 -23.66 -63.73
CA SER G 202 -0.20 -24.99 -63.90
C SER G 202 0.90 -25.98 -64.24
N THR G 203 1.03 -27.00 -63.41
CA THR G 203 2.02 -28.05 -63.56
C THR G 203 1.34 -29.40 -63.75
N PRO G 204 2.05 -30.37 -64.35
CA PRO G 204 1.36 -31.62 -64.74
C PRO G 204 0.84 -32.42 -63.56
N GLY G 205 1.63 -32.56 -62.52
CA GLY G 205 1.24 -33.34 -61.36
C GLY G 205 2.32 -34.29 -60.92
N THR G 206 3.03 -34.86 -61.90
CA THR G 206 4.23 -35.65 -61.66
C THR G 206 5.36 -34.97 -62.41
N LEU G 207 6.03 -34.05 -61.74
CA LEU G 207 7.06 -33.22 -62.36
C LEU G 207 8.42 -33.89 -62.20
N GLU G 208 8.99 -34.34 -63.31
CA GLU G 208 10.30 -34.96 -63.33
C GLU G 208 11.40 -33.92 -63.45
N VAL G 209 12.52 -34.18 -62.79
CA VAL G 209 13.66 -33.28 -62.76
C VAL G 209 14.88 -34.03 -63.26
N HIS G 210 15.46 -33.55 -64.35
CA HIS G 210 16.63 -34.18 -64.95
C HIS G 210 17.68 -33.12 -65.19
N THR G 211 18.91 -33.58 -65.36
CA THR G 211 20.00 -32.69 -65.72
C THR G 211 19.90 -32.35 -67.20
N SER G 212 20.19 -31.11 -67.53
CA SER G 212 20.34 -30.73 -68.92
C SER G 212 21.45 -31.54 -69.58
N PRO G 213 21.38 -31.77 -70.88
CA PRO G 213 22.54 -32.31 -71.59
C PRO G 213 23.68 -31.30 -71.64
N ALA G 214 24.89 -31.82 -71.73
CA ALA G 214 26.05 -30.97 -71.89
C ALA G 214 25.98 -30.19 -73.21
N LEU G 215 26.59 -29.02 -73.22
CA LEU G 215 26.55 -28.17 -74.40
C LEU G 215 27.21 -28.88 -75.58
N GLN G 216 26.64 -28.68 -76.76
CA GLN G 216 27.05 -29.41 -77.94
C GLN G 216 28.49 -29.09 -78.29
N GLN G 217 29.32 -30.13 -78.40
CA GLN G 217 30.67 -29.99 -78.89
C GLN G 217 30.70 -29.50 -80.34
N GLN G 218 31.15 -28.32 -80.54
CA GLN G 218 31.33 -27.81 -81.88
C GLN G 218 32.73 -28.14 -82.38
N PRO G 219 32.92 -28.41 -83.66
CA PRO G 219 34.27 -28.60 -84.17
C PRO G 219 35.05 -27.30 -84.17
N HIS G 220 36.36 -27.42 -83.94
CA HIS G 220 37.24 -26.28 -83.88
C HIS G 220 38.62 -26.69 -84.37
N PHE G 221 39.38 -25.70 -84.84
CA PHE G 221 40.75 -25.94 -85.26
C PHE G 221 41.62 -26.27 -84.03
N HIS G 222 42.63 -27.09 -84.25
CA HIS G 222 43.47 -27.58 -83.16
C HIS G 222 42.60 -28.26 -82.10
N VAL H 33 -26.46 53.53 -60.21
CA VAL H 33 -25.24 54.21 -59.80
C VAL H 33 -24.42 54.58 -61.03
N SER H 34 -23.92 55.82 -61.04
CA SER H 34 -23.18 56.33 -62.19
C SER H 34 -21.70 55.95 -62.10
N PHE H 35 -21.06 55.95 -63.27
CA PHE H 35 -19.62 55.72 -63.36
C PHE H 35 -18.86 56.72 -62.50
N SER H 36 -19.19 58.01 -62.65
CA SER H 36 -18.46 59.06 -61.95
C SER H 36 -18.60 58.93 -60.44
N GLN H 37 -19.84 58.89 -59.95
CA GLN H 37 -20.05 58.83 -58.51
C GLN H 37 -19.64 57.49 -57.93
N PHE H 38 -19.51 56.45 -58.76
CA PHE H 38 -18.92 55.21 -58.29
C PHE H 38 -17.42 55.36 -58.07
N PHE H 39 -16.73 55.89 -59.07
CA PHE H 39 -15.27 56.03 -59.00
C PHE H 39 -14.83 57.26 -58.24
N ASP H 40 -15.76 57.99 -57.63
CA ASP H 40 -15.37 59.01 -56.67
C ASP H 40 -14.76 58.34 -55.44
N SER H 41 -13.71 58.97 -54.91
CA SER H 41 -12.87 58.31 -53.91
C SER H 41 -13.65 57.97 -52.65
N GLU H 42 -14.45 58.91 -52.16
CA GLU H 42 -15.18 58.68 -50.93
C GLU H 42 -16.16 57.52 -51.07
N TYR H 43 -16.99 57.56 -52.11
CA TYR H 43 -17.94 56.47 -52.34
C TYR H 43 -17.23 55.17 -52.63
N PHE H 44 -16.08 55.23 -53.32
CA PHE H 44 -15.37 54.02 -53.68
C PHE H 44 -14.81 53.33 -52.44
N TRP H 45 -14.32 54.11 -51.48
CA TRP H 45 -13.61 53.56 -50.33
C TRP H 45 -14.50 53.41 -49.10
N THR H 46 -15.70 53.95 -49.11
CA THR H 46 -16.57 53.92 -47.93
C THR H 46 -17.83 53.10 -48.16
N LYS H 47 -18.63 53.44 -49.17
CA LYS H 47 -19.96 52.88 -49.33
C LYS H 47 -20.04 51.80 -50.40
N ALA H 48 -19.15 51.83 -51.39
CA ALA H 48 -19.26 50.92 -52.51
C ALA H 48 -18.81 49.52 -52.14
N ASN H 49 -19.20 48.56 -52.98
CA ASN H 49 -18.73 47.19 -52.90
C ASN H 49 -17.81 46.98 -54.10
N VAL H 50 -16.51 46.95 -53.84
CA VAL H 50 -15.50 46.87 -54.89
C VAL H 50 -15.05 45.44 -55.13
N GLY H 51 -15.75 44.46 -54.55
CA GLY H 51 -15.37 43.07 -54.67
C GLY H 51 -15.45 42.57 -56.09
N PRO H 52 -16.59 42.74 -56.74
CA PRO H 52 -16.70 42.32 -58.15
C PRO H 52 -15.72 43.03 -59.05
N PHE H 53 -15.52 44.34 -58.85
CA PHE H 53 -14.58 45.09 -59.65
C PHE H 53 -13.18 44.51 -59.52
N PHE H 54 -12.71 44.31 -58.29
CA PHE H 54 -11.35 43.82 -58.11
C PHE H 54 -11.21 42.35 -58.48
N LEU H 55 -12.29 41.56 -58.41
CA LEU H 55 -12.22 40.20 -58.87
C LEU H 55 -12.10 40.13 -60.39
N PHE H 56 -12.90 40.92 -61.09
CA PHE H 56 -12.72 41.08 -62.53
C PHE H 56 -11.30 41.53 -62.85
N LEU H 57 -10.77 42.45 -62.05
CA LEU H 57 -9.41 42.94 -62.30
C LEU H 57 -8.38 41.83 -62.14
N PHE H 58 -8.54 41.00 -61.11
CA PHE H 58 -7.60 39.89 -60.91
C PHE H 58 -7.73 38.85 -62.02
N THR H 59 -8.95 38.58 -62.48
CA THR H 59 -9.17 37.53 -63.46
C THR H 59 -9.11 38.03 -64.89
N SER H 60 -8.77 39.30 -65.10
CA SER H 60 -8.54 39.85 -66.44
C SER H 60 -7.79 38.92 -67.39
N PRO H 61 -6.67 38.29 -67.00
CA PRO H 61 -6.00 37.40 -67.94
C PRO H 61 -6.87 36.24 -68.39
N PHE H 62 -7.69 35.69 -67.49
CA PHE H 62 -8.58 34.61 -67.89
C PHE H 62 -9.56 35.08 -68.97
N TRP H 63 -10.16 36.25 -68.78
CA TRP H 63 -11.13 36.76 -69.75
C TRP H 63 -10.46 37.09 -71.08
N TYR H 64 -9.27 37.69 -71.01
CA TYR H 64 -8.56 38.03 -72.24
C TYR H 64 -8.23 36.78 -73.04
N GLN H 65 -7.64 35.79 -72.38
CA GLN H 65 -7.32 34.54 -73.05
C GLN H 65 -8.58 33.84 -73.56
N GLY H 66 -9.68 33.94 -72.83
CA GLY H 66 -10.91 33.31 -73.28
C GLY H 66 -11.46 33.95 -74.54
N ILE H 67 -11.44 35.28 -74.60
CA ILE H 67 -11.88 35.98 -75.80
C ILE H 67 -11.01 35.58 -76.99
N LYS H 68 -9.69 35.59 -76.79
CA LYS H 68 -8.78 35.18 -77.84
C LYS H 68 -9.07 33.75 -78.28
N THR H 69 -9.38 32.87 -77.34
CA THR H 69 -9.61 31.47 -77.66
C THR H 69 -10.90 31.30 -78.45
N VAL H 70 -11.95 32.06 -78.10
CA VAL H 70 -13.19 31.99 -78.87
C VAL H 70 -12.94 32.42 -80.31
N TYR H 71 -12.27 33.56 -80.48
CA TYR H 71 -11.97 34.03 -81.83
C TYR H 71 -11.14 33.01 -82.60
N ALA H 72 -10.16 32.41 -81.93
CA ALA H 72 -9.30 31.43 -82.57
C ALA H 72 -10.06 30.18 -82.95
N SER H 73 -11.02 29.76 -82.13
CA SER H 73 -11.83 28.61 -82.48
C SER H 73 -12.61 28.86 -83.76
N CYS H 74 -13.26 30.01 -83.85
CA CYS H 74 -13.98 30.35 -85.07
C CYS H 74 -13.05 30.36 -86.28
N ARG H 75 -11.90 31.05 -86.14
CA ARG H 75 -10.96 31.16 -87.24
C ARG H 75 -10.44 29.79 -87.66
N TYR H 76 -10.15 28.92 -86.69
CA TYR H 76 -9.61 27.60 -87.01
C TYR H 76 -10.64 26.74 -87.71
N ARG H 77 -11.91 26.86 -87.32
CA ARG H 77 -12.97 26.15 -88.02
C ARG H 77 -13.01 26.57 -89.50
N LYS H 78 -13.08 27.87 -89.74
CA LYS H 78 -13.10 28.35 -91.12
C LYS H 78 -11.86 27.89 -91.88
N LEU H 79 -10.70 27.93 -91.23
CA LEU H 79 -9.46 27.57 -91.89
C LEU H 79 -9.43 26.09 -92.23
N ASN H 80 -9.95 25.24 -91.36
CA ASN H 80 -10.02 23.82 -91.65
C ASN H 80 -10.88 23.56 -92.88
N GLU H 81 -12.04 24.21 -92.94
CA GLU H 81 -12.89 24.10 -94.12
C GLU H 81 -12.13 24.48 -95.38
N ARG H 82 -11.50 25.66 -95.36
CA ARG H 82 -10.78 26.16 -96.53
C ARG H 82 -9.65 25.21 -96.92
N GLU H 83 -8.92 24.69 -95.95
CA GLU H 83 -7.80 23.81 -96.24
C GLU H 83 -8.26 22.53 -96.91
N ILE H 84 -9.33 21.93 -96.40
CA ILE H 84 -9.86 20.72 -97.03
C ILE H 84 -10.24 21.00 -98.47
N ILE H 85 -11.01 22.06 -98.69
CA ILE H 85 -11.48 22.32 -100.05
C ILE H 85 -10.32 22.66 -100.98
N SER H 86 -9.30 23.33 -100.47
CA SER H 86 -8.14 23.67 -101.28
C SER H 86 -7.39 22.41 -101.70
N ASP H 87 -7.17 21.50 -100.76
CA ASP H 87 -6.46 20.27 -101.09
C ASP H 87 -7.24 19.46 -102.12
N ARG H 88 -8.57 19.43 -101.98
CA ARG H 88 -9.37 18.69 -102.95
C ARG H 88 -9.35 19.35 -104.33
N TYR H 89 -9.30 20.67 -104.38
CA TYR H 89 -9.19 21.35 -105.67
C TYR H 89 -7.85 21.07 -106.33
N THR H 90 -6.78 21.00 -105.54
CA THR H 90 -5.48 20.65 -106.10
C THR H 90 -5.50 19.24 -106.67
N TRP H 91 -6.07 18.30 -105.92
CA TRP H 91 -6.27 16.94 -106.40
C TRP H 91 -7.00 16.94 -107.74
N LEU H 92 -8.13 17.65 -107.81
CA LEU H 92 -8.91 17.69 -109.04
C LEU H 92 -8.13 18.27 -110.21
N HIS H 93 -7.33 19.31 -109.94
CA HIS H 93 -6.50 19.91 -110.97
C HIS H 93 -5.55 18.88 -111.57
N GLU H 94 -4.86 18.14 -110.71
CA GLU H 94 -3.92 17.13 -111.20
C GLU H 94 -4.63 16.06 -112.00
N ARG H 95 -5.81 15.62 -111.53
CA ARG H 95 -6.53 14.57 -112.23
C ARG H 95 -7.03 15.06 -113.59
N MET H 96 -7.43 16.33 -113.68
CA MET H 96 -7.88 16.87 -114.96
C MET H 96 -6.72 16.96 -115.95
N LEU H 97 -5.53 17.31 -115.47
CA LEU H 97 -4.35 17.29 -116.34
C LEU H 97 -4.07 15.88 -116.85
N GLU H 98 -4.16 14.88 -115.96
CA GLU H 98 -4.00 13.50 -116.38
C GLU H 98 -5.01 13.12 -117.45
N ASP H 99 -6.26 13.57 -117.29
CA ASP H 99 -7.29 13.26 -118.27
C ASP H 99 -6.99 13.89 -119.62
N GLU H 100 -6.47 15.11 -119.61
CA GLU H 100 -6.06 15.75 -120.87
C GLU H 100 -4.97 14.95 -121.56
N VAL H 101 -3.98 14.52 -120.78
CA VAL H 101 -2.89 13.73 -121.35
C VAL H 101 -3.44 12.44 -121.96
N GLU H 102 -4.34 11.78 -121.25
CA GLU H 102 -4.92 10.54 -121.78
C GLU H 102 -5.71 10.80 -123.05
N ARG H 103 -6.46 11.91 -123.10
CA ARG H 103 -7.20 12.23 -124.30
C ARG H 103 -6.29 12.44 -125.49
N VAL H 104 -5.12 13.04 -125.26
CA VAL H 104 -4.17 13.18 -126.36
C VAL H 104 -3.56 11.85 -126.74
N LEU H 105 -3.30 10.99 -125.75
CA LEU H 105 -2.65 9.72 -126.04
C LEU H 105 -3.55 8.80 -126.85
N LEU H 106 -4.86 8.84 -126.59
CA LEU H 106 -5.77 7.95 -127.29
C LEU H 106 -5.87 8.25 -128.78
N GLU H 107 -5.38 9.41 -129.23
CA GLU H 107 -5.32 9.69 -130.65
C GLU H 107 -4.24 8.87 -131.36
N GLN H 108 -3.18 8.50 -130.65
CA GLN H 108 -2.11 7.70 -131.22
C GLN H 108 -2.45 6.22 -131.34
N VAL H 109 -3.56 5.78 -130.77
CA VAL H 109 -3.94 4.37 -130.92
C VAL H 109 -4.33 4.11 -132.37
N PRO H 110 -3.85 3.04 -132.99
CA PRO H 110 -4.19 2.79 -134.39
C PRO H 110 -5.67 2.50 -134.56
N ALA H 111 -6.13 2.63 -135.80
CA ALA H 111 -7.52 2.31 -136.13
C ALA H 111 -7.79 0.83 -135.87
N GLY H 112 -8.88 0.57 -135.16
CA GLY H 112 -9.21 -0.77 -134.72
C GLY H 112 -8.60 -1.18 -133.40
N GLY H 113 -7.82 -0.30 -132.77
CA GLY H 113 -7.24 -0.60 -131.49
C GLY H 113 -6.01 -1.48 -131.60
N PHE H 114 -5.60 -2.00 -130.45
CA PHE H 114 -4.43 -2.85 -130.35
C PHE H 114 -4.80 -4.32 -130.53
N ASP H 115 -3.89 -5.06 -131.17
CA ASP H 115 -4.00 -6.51 -131.23
C ASP H 115 -3.48 -7.06 -129.91
N LYS H 116 -4.38 -7.22 -128.96
CA LYS H 116 -4.03 -7.72 -127.63
C LYS H 116 -3.75 -9.20 -127.60
N THR H 117 -3.92 -9.90 -128.73
CA THR H 117 -3.67 -11.34 -128.74
C THR H 117 -2.18 -11.61 -128.91
N ARG H 118 -1.51 -10.85 -129.75
CA ARG H 118 -0.13 -11.08 -130.13
C ARG H 118 0.80 -10.18 -129.34
N PRO H 119 2.11 -10.43 -129.40
CA PRO H 119 3.07 -9.45 -128.91
C PRO H 119 3.26 -8.29 -129.88
N GLY H 120 3.45 -7.10 -129.32
CA GLY H 120 3.71 -5.94 -130.15
C GLY H 120 4.99 -6.09 -130.95
N LEU H 121 6.08 -6.45 -130.28
CA LEU H 121 7.36 -6.71 -130.92
C LEU H 121 7.68 -8.19 -130.83
N LEU H 122 7.85 -8.82 -131.98
CA LEU H 122 8.30 -10.21 -132.06
C LEU H 122 9.82 -10.22 -132.18
N LEU H 123 10.49 -10.67 -131.12
CA LEU H 123 11.93 -10.54 -130.99
C LEU H 123 12.62 -11.90 -130.92
N GLY H 124 12.29 -12.78 -131.85
CA GLY H 124 13.00 -14.03 -131.99
C GLY H 124 12.18 -15.06 -132.71
N PRO H 125 12.82 -16.11 -133.18
CA PRO H 125 12.12 -17.17 -133.91
C PRO H 125 11.37 -18.10 -132.96
N SER H 126 10.47 -18.87 -133.55
CA SER H 126 9.73 -19.92 -132.84
C SER H 126 9.72 -21.14 -133.77
N THR H 127 10.73 -21.98 -133.62
CA THR H 127 10.94 -23.09 -134.54
C THR H 127 10.54 -24.42 -133.89
N ALA I 33 -42.67 5.52 -52.54
CA ALA I 33 -41.36 5.55 -53.18
C ALA I 33 -41.22 6.76 -54.09
N ILE I 34 -42.36 7.30 -54.51
CA ILE I 34 -42.37 8.41 -55.46
C ILE I 34 -42.21 9.75 -54.75
N LYS I 35 -42.90 9.93 -53.63
CA LYS I 35 -42.96 11.22 -52.95
C LYS I 35 -42.43 11.15 -51.54
N GLY I 36 -42.84 10.15 -50.76
CA GLY I 36 -42.68 10.18 -49.33
C GLY I 36 -41.23 9.97 -48.91
N PRO I 37 -40.88 10.40 -47.70
CA PRO I 37 -39.51 10.15 -47.21
C PRO I 37 -39.31 8.68 -46.87
N SER I 38 -38.51 8.00 -47.71
CA SER I 38 -38.36 6.56 -47.62
C SER I 38 -37.05 6.18 -48.28
N VAL I 39 -36.66 4.93 -48.07
CA VAL I 39 -35.43 4.43 -48.68
C VAL I 39 -35.54 4.41 -50.20
N PRO I 40 -36.63 3.95 -50.80
CA PRO I 40 -36.77 4.09 -52.26
C PRO I 40 -36.70 5.53 -52.72
N HIS I 41 -37.28 6.45 -51.95
CA HIS I 41 -37.21 7.87 -52.31
C HIS I 41 -35.78 8.35 -52.30
N SER I 42 -34.99 7.93 -51.30
CA SER I 42 -33.60 8.33 -51.24
C SER I 42 -32.81 7.74 -52.40
N ILE I 43 -33.10 6.49 -52.77
CA ILE I 43 -32.42 5.87 -53.90
C ILE I 43 -32.72 6.64 -55.18
N LEU I 44 -33.99 7.00 -55.38
CA LEU I 44 -34.36 7.82 -56.53
C LEU I 44 -33.62 9.15 -56.50
N PHE I 45 -33.49 9.74 -55.32
CA PHE I 45 -32.78 11.00 -55.18
C PHE I 45 -31.33 10.86 -55.63
N GLY I 46 -30.66 9.78 -55.22
CA GLY I 46 -29.29 9.58 -55.61
C GLY I 46 -29.15 9.33 -57.09
N VAL I 47 -30.07 8.58 -57.69
CA VAL I 47 -30.04 8.37 -59.13
C VAL I 47 -30.20 9.69 -59.86
N GLY I 48 -31.14 10.52 -59.40
CA GLY I 48 -31.31 11.82 -60.03
C GLY I 48 -30.08 12.69 -59.90
N ALA I 49 -29.41 12.62 -58.75
CA ALA I 49 -28.17 13.37 -58.57
C ALA I 49 -27.11 12.91 -59.56
N GLY I 50 -26.98 11.60 -59.75
CA GLY I 50 -26.01 11.10 -60.72
C GLY I 50 -26.30 11.57 -62.13
N CYS I 51 -27.57 11.49 -62.53
CA CYS I 51 -27.92 11.92 -63.88
C CYS I 51 -27.74 13.43 -64.05
N CYS I 52 -28.00 14.22 -63.00
CA CYS I 52 -27.78 15.65 -63.12
C CYS I 52 -26.29 15.98 -63.18
N ALA I 53 -25.46 15.21 -62.46
CA ALA I 53 -24.02 15.36 -62.58
C ALA I 53 -23.57 15.12 -64.00
N TYR I 54 -24.07 14.06 -64.62
CA TYR I 54 -23.65 13.77 -65.99
C TYR I 54 -24.23 14.78 -66.98
N ALA I 55 -25.41 15.33 -66.70
CA ALA I 55 -25.90 16.44 -67.51
C ALA I 55 -24.96 17.63 -67.42
N GLY I 56 -24.44 17.92 -66.23
CA GLY I 56 -23.47 18.99 -66.08
C GLY I 56 -22.21 18.71 -66.85
N TYR I 57 -21.75 17.46 -66.85
CA TYR I 57 -20.58 17.11 -67.65
C TYR I 57 -20.84 17.32 -69.14
N TYR I 58 -22.04 16.93 -69.60
CA TYR I 58 -22.41 17.16 -70.99
C TYR I 58 -22.36 18.64 -71.33
N LEU I 59 -22.88 19.50 -70.45
CA LEU I 59 -22.85 20.94 -70.68
C LEU I 59 -21.42 21.46 -70.75
N TYR I 60 -20.59 21.03 -69.81
CA TYR I 60 -19.19 21.44 -69.78
C TYR I 60 -18.51 21.11 -71.11
N ARG I 61 -18.63 19.87 -71.56
CA ARG I 61 -17.97 19.47 -72.80
C ARG I 61 -18.59 20.14 -74.01
N ALA I 62 -19.91 20.36 -74.01
CA ALA I 62 -20.54 21.04 -75.13
C ALA I 62 -19.98 22.44 -75.29
N MET I 63 -19.96 23.21 -74.20
CA MET I 63 -19.46 24.58 -74.29
C MET I 63 -17.98 24.59 -74.65
N ARG I 64 -17.21 23.65 -74.10
CA ARG I 64 -15.79 23.58 -74.43
C ARG I 64 -15.58 23.32 -75.92
N LEU I 65 -16.28 22.32 -76.47
CA LEU I 65 -16.10 21.98 -77.87
C LEU I 65 -16.61 23.09 -78.79
N THR I 66 -17.63 23.83 -78.36
CA THR I 66 -18.20 24.84 -79.23
C THR I 66 -17.41 26.13 -79.23
N PHE I 67 -16.74 26.47 -78.13
CA PHE I 67 -16.08 27.77 -78.01
C PHE I 67 -14.63 27.73 -77.57
N PHE I 68 -14.12 26.62 -77.07
CA PHE I 68 -12.80 26.59 -76.43
C PHE I 68 -11.99 25.39 -76.89
N ASP I 69 -11.90 25.20 -78.21
CA ASP I 69 -11.07 24.12 -78.73
C ASP I 69 -10.53 24.46 -80.11
N THR I 70 -9.20 24.40 -80.23
CA THR I 70 -8.50 24.37 -81.50
C THR I 70 -7.75 23.07 -81.69
N GLU I 71 -7.63 22.26 -80.63
CA GLU I 71 -6.86 21.02 -80.70
C GLU I 71 -7.46 20.07 -81.70
N SER I 72 -8.80 20.03 -81.79
CA SER I 72 -9.46 19.13 -82.72
C SER I 72 -9.06 19.45 -84.15
N VAL I 73 -9.13 20.74 -84.51
CA VAL I 73 -8.79 21.16 -85.87
C VAL I 73 -7.32 20.88 -86.16
N ALA I 74 -6.45 21.25 -85.22
CA ALA I 74 -5.03 21.03 -85.44
C ALA I 74 -4.72 19.54 -85.62
N LEU I 75 -5.36 18.70 -84.80
CA LEU I 75 -5.11 17.27 -84.88
C LEU I 75 -5.67 16.68 -86.17
N GLN I 76 -6.83 17.18 -86.61
CA GLN I 76 -7.39 16.72 -87.87
C GLN I 76 -6.45 17.03 -89.03
N SER I 77 -5.93 18.26 -89.05
CA SER I 77 -4.96 18.64 -90.08
C SER I 77 -3.74 17.72 -90.02
N ARG I 78 -3.21 17.49 -88.83
CA ARG I 78 -2.04 16.65 -88.69
C ARG I 78 -2.32 15.22 -89.10
N LEU I 79 -3.54 14.73 -88.89
CA LEU I 79 -3.86 13.36 -89.28
C LEU I 79 -4.02 13.23 -90.79
N ARG I 80 -4.56 14.25 -91.45
CA ARG I 80 -4.58 14.25 -92.90
C ARG I 80 -3.17 14.25 -93.47
N TYR I 81 -2.29 15.07 -92.89
CA TYR I 81 -0.87 15.04 -93.24
C TYR I 81 -0.30 13.64 -93.08
N ALA I 82 -0.64 12.97 -91.97
CA ALA I 82 -0.15 11.63 -91.73
C ALA I 82 -0.65 10.66 -92.78
N GLU I 83 -1.89 10.83 -93.22
CA GLU I 83 -2.43 9.96 -94.27
C GLU I 83 -1.65 10.11 -95.57
N LYS I 84 -1.39 11.36 -95.97
CA LYS I 84 -0.58 11.59 -97.16
C LYS I 84 0.79 10.92 -97.04
N GLN I 85 1.42 11.09 -95.88
CA GLN I 85 2.74 10.50 -95.64
C GLN I 85 2.69 8.98 -95.75
N LYS I 86 1.68 8.38 -95.13
CA LYS I 86 1.50 6.94 -95.17
C LYS I 86 1.39 6.43 -96.60
N LEU I 87 0.54 7.06 -97.40
CA LEU I 87 0.32 6.59 -98.75
C LEU I 87 1.56 6.78 -99.61
N PHE I 88 2.29 7.88 -99.39
CA PHE I 88 3.55 8.06 -100.09
C PHE I 88 4.52 6.91 -99.82
N HIS I 89 4.74 6.62 -98.54
CA HIS I 89 5.67 5.56 -98.17
C HIS I 89 5.23 4.22 -98.73
N GLN I 90 3.92 3.95 -98.68
CA GLN I 90 3.39 2.72 -99.23
C GLN I 90 3.73 2.59 -100.72
N GLU I 91 3.39 3.61 -101.50
CA GLU I 91 3.65 3.56 -102.94
C GLU I 91 5.14 3.39 -103.23
N LEU I 92 5.99 4.07 -102.46
CA LEU I 92 7.43 3.97 -102.68
C LEU I 92 7.93 2.55 -102.45
N ASP I 93 7.50 1.95 -101.33
CA ASP I 93 7.93 0.58 -101.04
C ASP I 93 7.45 -0.37 -102.13
N ARG I 94 6.23 -0.18 -102.62
CA ARG I 94 5.72 -1.02 -103.69
C ARG I 94 6.57 -0.89 -104.95
N GLU I 95 6.95 0.33 -105.30
CA GLU I 95 7.80 0.55 -106.47
C GLU I 95 9.13 -0.17 -106.32
N LEU I 96 9.73 -0.10 -105.13
CA LEU I 96 11.02 -0.76 -104.92
C LEU I 96 10.91 -2.27 -105.07
N ALA I 97 9.87 -2.87 -104.47
CA ALA I 97 9.66 -4.31 -104.62
C ALA I 97 9.42 -4.68 -106.09
N ALA I 98 8.69 -3.83 -106.81
CA ALA I 98 8.46 -4.08 -108.22
C ALA I 98 9.77 -4.06 -109.01
N GLY I 99 10.69 -3.17 -108.65
CA GLY I 99 11.99 -3.15 -109.29
C GLY I 99 12.78 -4.40 -108.99
N HIS I 100 12.69 -4.88 -107.75
CA HIS I 100 13.33 -6.15 -107.42
C HIS I 100 12.81 -7.26 -108.31
N ILE I 101 11.50 -7.31 -108.54
CA ILE I 101 10.97 -8.36 -109.41
C ILE I 101 11.36 -8.12 -110.85
N ALA I 102 11.47 -6.87 -111.28
CA ALA I 102 11.86 -6.58 -112.64
C ALA I 102 13.28 -7.03 -112.92
N SER I 103 14.12 -7.09 -111.88
CA SER I 103 15.46 -7.61 -112.07
C SER I 103 15.49 -9.08 -112.47
N LEU I 104 14.37 -9.80 -112.35
CA LEU I 104 14.30 -11.21 -112.72
C LEU I 104 13.93 -11.45 -114.17
N VAL I 105 13.47 -10.41 -114.88
CA VAL I 105 13.10 -10.57 -116.28
C VAL I 105 14.31 -10.94 -117.12
N ALA I 106 15.51 -10.56 -116.67
CA ALA I 106 16.72 -10.96 -117.37
C ALA I 106 16.98 -12.44 -117.21
N GLU I 107 16.70 -12.99 -116.03
CA GLU I 107 16.87 -14.42 -115.80
C GLU I 107 15.82 -15.23 -116.52
N TYR I 108 14.63 -14.66 -116.69
CA TYR I 108 13.55 -15.37 -117.37
C TYR I 108 13.98 -15.74 -118.79
N ASP I 109 13.85 -17.02 -119.10
CA ASP I 109 14.14 -17.56 -120.43
C ASP I 109 12.90 -18.24 -120.97
N PRO I 110 12.21 -17.65 -121.95
CA PRO I 110 10.98 -18.28 -122.44
C PRO I 110 11.20 -19.48 -123.34
N VAL I 111 12.45 -19.78 -123.71
CA VAL I 111 12.72 -20.94 -124.53
C VAL I 111 12.66 -22.22 -123.69
N ALA I 112 12.96 -22.11 -122.40
CA ALA I 112 12.91 -23.26 -121.51
C ALA I 112 11.49 -23.79 -121.35
N THR I 113 10.48 -22.96 -121.58
CA THR I 113 9.11 -23.44 -121.59
C THR I 113 8.83 -24.35 -122.77
N ARG I 114 9.66 -24.30 -123.80
CA ARG I 114 9.47 -25.15 -124.96
C ARG I 114 9.61 -26.61 -124.60
N LEU I 115 8.77 -27.40 -125.15
CA LEU I 115 8.83 -28.83 -125.01
C LEU I 115 9.72 -29.41 -126.11
N PRO I 116 10.44 -30.50 -125.87
CA PRO I 116 11.35 -31.00 -126.90
C PRO I 116 10.61 -31.40 -128.16
N PHE I 117 11.16 -30.99 -129.30
CA PHE I 117 10.60 -31.30 -130.61
C PHE I 117 9.20 -30.72 -130.77
N GLN I 118 9.04 -29.49 -130.32
CA GLN I 118 7.80 -28.74 -130.44
C GLN I 118 8.16 -27.29 -130.71
N PRO I 119 7.23 -26.52 -131.26
CA PRO I 119 7.51 -25.10 -131.52
C PRO I 119 7.23 -24.25 -130.29
N MET I 120 7.88 -23.09 -130.28
CA MET I 120 7.75 -22.15 -129.17
C MET I 120 6.46 -21.36 -129.30
N GLN I 121 5.86 -21.05 -128.16
CA GLN I 121 4.59 -20.34 -128.10
C GLN I 121 4.80 -18.86 -127.89
N ASP I 122 4.06 -18.05 -128.64
CA ASP I 122 4.08 -16.61 -128.46
C ASP I 122 3.40 -16.19 -127.17
N ARG I 123 2.68 -17.11 -126.52
CA ARG I 123 2.13 -16.83 -125.20
C ARG I 123 3.20 -16.41 -124.22
N TYR I 124 4.38 -17.02 -124.30
CA TYR I 124 5.48 -16.65 -123.41
C TYR I 124 6.38 -15.60 -124.07
N ARG I 125 5.75 -14.57 -124.61
CA ARG I 125 6.39 -13.31 -125.00
C ARG I 125 7.70 -13.55 -125.76
N VAL I 126 7.57 -14.10 -126.96
CA VAL I 126 8.71 -14.25 -127.85
C VAL I 126 9.36 -12.89 -128.07
N SER J 14 68.88 -24.35 -118.73
CA SER J 14 67.89 -23.28 -118.73
C SER J 14 67.06 -23.33 -117.45
N ILE J 15 67.37 -22.44 -116.52
CA ILE J 15 66.66 -22.37 -115.25
C ILE J 15 65.39 -21.55 -115.42
N LEU J 16 64.38 -21.88 -114.62
CA LEU J 16 63.08 -21.23 -114.68
C LEU J 16 63.00 -20.11 -113.65
N GLY J 17 62.64 -18.92 -114.11
CA GLY J 17 62.44 -17.79 -113.24
C GLY J 17 63.69 -17.32 -112.54
N ALA J 18 64.65 -16.82 -113.32
CA ALA J 18 65.88 -16.30 -112.73
C ALA J 18 65.71 -14.88 -112.22
N GLU J 19 65.21 -13.99 -113.08
CA GLU J 19 65.05 -12.58 -112.76
C GLU J 19 63.75 -12.27 -112.02
N ALA J 20 63.01 -13.28 -111.60
CA ALA J 20 61.63 -13.09 -111.14
C ALA J 20 61.48 -13.18 -109.63
N PHE J 21 62.55 -13.37 -108.87
CA PHE J 21 62.48 -13.49 -107.42
C PHE J 21 63.48 -12.55 -106.76
N PRO J 22 63.35 -11.25 -107.03
CA PRO J 22 64.20 -10.29 -106.31
C PRO J 22 63.89 -10.29 -104.83
N GLU J 23 62.67 -10.62 -104.45
CA GLU J 23 62.34 -10.81 -103.04
C GLU J 23 63.25 -11.84 -102.39
N LEU J 24 63.69 -12.82 -103.15
CA LEU J 24 64.60 -13.85 -102.65
C LEU J 24 66.05 -13.39 -102.75
N LEU J 25 66.43 -12.81 -103.89
CA LEU J 25 67.82 -12.39 -104.04
C LEU J 25 68.15 -11.31 -103.02
N SER J 26 67.52 -10.15 -103.13
CA SER J 26 67.52 -9.19 -102.03
C SER J 26 66.48 -9.63 -101.02
N LYS J 27 66.90 -9.73 -99.75
CA LYS J 27 66.03 -10.33 -98.75
C LYS J 27 64.90 -9.38 -98.40
N VAL J 28 63.95 -9.24 -99.31
CA VAL J 28 62.82 -8.34 -99.17
C VAL J 28 61.59 -9.16 -98.82
N PRO J 29 60.98 -8.97 -97.66
CA PRO J 29 59.74 -9.69 -97.37
C PRO J 29 58.51 -8.95 -97.87
N LEU J 30 57.60 -9.68 -98.51
CA LEU J 30 56.35 -9.08 -98.95
C LEU J 30 55.39 -8.84 -97.80
N ASN J 31 55.61 -9.48 -96.67
CA ASN J 31 54.74 -9.34 -95.51
C ASN J 31 55.48 -9.88 -94.29
N PRO J 32 55.03 -9.54 -93.09
CA PRO J 32 55.72 -10.03 -91.88
C PRO J 32 55.68 -11.53 -91.75
N GLN J 33 54.68 -12.20 -92.32
CA GLN J 33 54.67 -13.66 -92.28
C GLN J 33 55.81 -14.23 -93.11
N MET J 34 56.02 -13.69 -94.31
CA MET J 34 57.16 -14.10 -95.11
C MET J 34 58.47 -13.77 -94.41
N ASP J 35 58.53 -12.61 -93.77
CA ASP J 35 59.73 -12.23 -93.04
C ASP J 35 60.05 -13.24 -91.94
N GLU J 36 59.05 -13.60 -91.15
CA GLU J 36 59.25 -14.59 -90.09
C GLU J 36 59.63 -15.95 -90.66
N ASP J 37 58.97 -16.37 -91.73
CA ASP J 37 59.22 -17.68 -92.31
C ASP J 37 60.65 -17.78 -92.82
N LYS J 38 61.01 -16.91 -93.76
CA LYS J 38 62.32 -16.97 -94.40
C LYS J 38 63.42 -16.33 -93.57
N HIS J 39 63.10 -15.81 -92.40
CA HIS J 39 64.12 -15.35 -91.45
C HIS J 39 64.95 -14.20 -92.02
N PHE J 40 64.28 -13.31 -92.77
CA PHE J 40 64.96 -12.11 -93.25
C PHE J 40 65.16 -11.11 -92.13
N ASN J 41 64.18 -11.00 -91.23
CA ASN J 41 64.29 -10.15 -90.04
C ASN J 41 64.49 -8.69 -90.43
N LYS J 42 63.67 -8.22 -91.35
CA LYS J 42 63.65 -6.82 -91.74
C LYS J 42 62.43 -6.08 -91.22
N TYR J 43 61.59 -6.74 -90.41
CA TYR J 43 60.46 -6.10 -89.76
C TYR J 43 60.82 -5.89 -88.29
N LYS J 44 60.94 -4.62 -87.89
CA LYS J 44 61.39 -4.30 -86.55
C LYS J 44 60.42 -4.82 -85.49
N TRP J 45 59.13 -4.78 -85.78
CA TRP J 45 58.09 -5.14 -84.81
C TRP J 45 57.71 -6.60 -84.88
N GLY J 46 58.41 -7.41 -85.68
CA GLY J 46 58.14 -8.82 -85.69
C GLY J 46 56.85 -9.16 -86.41
N ASN J 47 56.18 -10.20 -85.92
CA ASN J 47 54.95 -10.68 -86.54
C ASN J 47 54.09 -11.38 -85.52
N GLU J 48 52.83 -10.96 -85.42
CA GLU J 48 51.82 -11.71 -84.70
C GLU J 48 51.01 -12.51 -85.71
N PRO J 49 51.13 -13.83 -85.75
CA PRO J 49 50.47 -14.59 -86.82
C PRO J 49 48.96 -14.50 -86.75
N ILE J 50 48.33 -14.33 -87.91
CA ILE J 50 46.88 -14.47 -88.04
C ILE J 50 46.55 -15.94 -87.84
N PRO J 51 45.82 -16.32 -86.79
CA PRO J 51 45.57 -17.75 -86.58
C PRO J 51 44.68 -18.33 -87.67
N VAL J 52 44.61 -19.66 -87.68
CA VAL J 52 43.93 -20.36 -88.75
C VAL J 52 42.42 -20.11 -88.71
N ASN J 53 41.85 -19.98 -87.52
CA ASN J 53 40.42 -19.72 -87.41
C ASN J 53 40.05 -18.36 -87.95
N ARG J 54 41.01 -17.46 -88.13
CA ARG J 54 40.78 -16.19 -88.78
C ARG J 54 41.28 -16.17 -90.21
N ARG J 55 42.17 -17.09 -90.58
CA ARG J 55 42.61 -17.18 -91.96
C ARG J 55 41.58 -17.88 -92.83
N THR J 56 40.85 -18.83 -92.27
CA THR J 56 39.80 -19.52 -93.01
C THR J 56 38.73 -19.96 -92.04
N GLY J 57 37.65 -20.49 -92.59
CA GLY J 57 36.55 -20.98 -91.79
C GLY J 57 35.26 -20.92 -92.57
N SER J 58 34.17 -21.18 -91.86
CA SER J 58 32.85 -21.26 -92.45
C SER J 58 31.93 -20.20 -91.88
N ARG J 59 30.88 -19.92 -92.63
CA ARG J 59 29.84 -19.00 -92.19
C ARG J 59 29.12 -19.56 -90.97
N MET J 60 28.72 -18.67 -90.08
CA MET J 60 28.09 -19.04 -88.82
C MET J 60 26.86 -18.19 -88.58
N ASN J 61 26.02 -18.66 -87.66
CA ASN J 61 24.93 -17.83 -87.14
C ASN J 61 25.44 -16.95 -86.02
N SER J 62 24.84 -15.77 -85.90
CA SER J 62 25.37 -14.71 -85.05
C SER J 62 24.45 -14.28 -83.91
N SER J 63 23.14 -14.23 -84.13
CA SER J 63 22.26 -13.62 -83.15
C SER J 63 22.10 -14.49 -81.91
N ILE J 64 21.98 -13.83 -80.76
CA ILE J 64 21.70 -14.54 -79.52
C ILE J 64 20.26 -15.01 -79.46
N TYR J 65 19.38 -14.41 -80.26
CA TYR J 65 18.01 -14.86 -80.40
C TYR J 65 17.86 -15.93 -81.47
N ASP J 66 18.96 -16.61 -81.79
CA ASP J 66 18.94 -17.81 -82.58
C ASP J 66 19.39 -18.98 -81.71
N ASN J 67 18.76 -20.13 -81.90
CA ASN J 67 19.12 -21.27 -81.08
C ASN J 67 20.44 -21.86 -81.53
N ARG J 68 20.70 -21.87 -82.83
CA ARG J 68 21.98 -22.35 -83.35
C ARG J 68 22.98 -21.21 -83.50
N ASN J 69 23.18 -20.44 -82.44
CA ASN J 69 24.11 -19.33 -82.48
C ASN J 69 25.55 -19.84 -82.32
N HIS J 70 26.47 -19.20 -83.03
CA HIS J 70 27.86 -19.62 -83.08
C HIS J 70 28.01 -21.02 -83.64
N GLU J 71 27.06 -21.42 -84.49
CA GLU J 71 27.09 -22.70 -85.17
C GLU J 71 27.14 -22.45 -86.66
N ALA J 72 27.77 -23.37 -87.37
CA ALA J 72 27.95 -23.19 -88.80
C ALA J 72 26.63 -23.25 -89.54
N VAL J 73 26.58 -22.52 -90.65
CA VAL J 73 25.39 -22.50 -91.47
C VAL J 73 25.28 -23.81 -92.23
N ARG J 74 24.07 -24.36 -92.28
CA ARG J 74 23.82 -25.63 -92.93
C ARG J 74 23.45 -25.42 -94.39
N HIS J 75 24.06 -26.21 -95.25
CA HIS J 75 23.86 -26.13 -96.68
C HIS J 75 23.38 -27.46 -97.22
N PRO J 76 22.88 -27.52 -98.45
CA PRO J 76 22.56 -28.82 -99.04
C PRO J 76 23.76 -29.72 -99.22
N TRP J 77 24.93 -29.15 -99.46
CA TRP J 77 26.15 -29.90 -99.67
C TRP J 77 26.91 -30.09 -98.37
N SER J 78 27.80 -31.07 -98.37
CA SER J 78 28.65 -31.31 -97.22
C SER J 78 29.71 -30.22 -97.10
N THR J 79 29.88 -29.69 -95.90
CA THR J 79 30.80 -28.58 -95.71
C THR J 79 31.43 -28.67 -94.33
N ASP J 80 32.71 -28.33 -94.27
CA ASP J 80 33.43 -28.28 -93.00
C ASP J 80 32.75 -27.29 -92.06
N ALA J 81 32.51 -27.74 -90.83
CA ALA J 81 31.76 -26.98 -89.85
C ALA J 81 32.64 -26.21 -88.88
N ARG J 82 33.94 -26.11 -89.14
CA ARG J 82 34.80 -25.29 -88.32
C ARG J 82 34.65 -23.85 -88.76
N THR J 83 34.35 -22.97 -87.80
CA THR J 83 33.87 -21.64 -88.11
C THR J 83 34.98 -20.62 -88.07
N PHE J 84 34.79 -19.56 -88.83
CA PHE J 84 35.61 -18.37 -88.68
C PHE J 84 35.28 -17.68 -87.36
N HIS J 85 36.32 -17.38 -86.58
CA HIS J 85 36.17 -16.75 -85.29
C HIS J 85 36.61 -15.30 -85.37
N PRO J 86 35.73 -14.32 -85.21
CA PRO J 86 36.16 -12.93 -85.22
C PRO J 86 37.04 -12.61 -84.02
N ASN J 87 37.85 -11.56 -84.19
CA ASN J 87 38.74 -11.09 -83.13
C ASN J 87 37.92 -10.36 -82.07
N ASP J 88 37.71 -11.03 -80.95
CA ASP J 88 36.90 -10.49 -79.86
C ASP J 88 37.75 -9.81 -78.79
N ASN J 89 39.00 -10.24 -78.65
CA ASN J 89 39.94 -9.66 -77.69
C ASN J 89 41.21 -9.26 -78.42
N PRO J 90 41.17 -8.19 -79.19
CA PRO J 90 42.34 -7.75 -79.93
C PRO J 90 43.35 -7.04 -79.04
N GLU J 91 44.60 -7.07 -79.48
CA GLU J 91 45.66 -6.38 -78.77
C GLU J 91 45.48 -4.87 -78.87
N ALA J 92 46.11 -4.17 -77.93
CA ALA J 92 45.96 -2.71 -77.87
C ALA J 92 46.59 -2.05 -79.08
N ASP J 93 47.82 -2.44 -79.41
CA ASP J 93 48.55 -1.87 -80.53
C ASP J 93 48.33 -2.76 -81.75
N ARG J 94 47.74 -2.18 -82.80
CA ARG J 94 47.30 -2.87 -83.99
C ARG J 94 47.94 -2.18 -85.20
N ILE J 95 49.27 -2.13 -85.15
CA ILE J 95 50.11 -1.17 -85.83
C ILE J 95 49.57 -0.80 -87.20
N ASN J 96 49.14 -1.80 -87.96
CA ASN J 96 48.48 -1.56 -89.23
C ASN J 96 46.99 -1.40 -88.99
N THR J 97 46.49 -0.17 -89.10
CA THR J 97 45.08 0.12 -89.00
C THR J 97 44.46 0.38 -90.37
N GLN J 98 45.06 -0.16 -91.41
CA GLN J 98 44.47 -0.10 -92.73
C GLN J 98 43.36 -1.14 -92.87
N TYR J 99 42.53 -0.95 -93.90
CA TYR J 99 41.45 -1.87 -94.19
C TYR J 99 41.96 -3.29 -94.40
N SER J 100 43.15 -3.44 -94.98
CA SER J 100 43.72 -4.75 -95.22
C SER J 100 43.80 -5.56 -93.93
N ASN J 101 44.32 -4.95 -92.87
CA ASN J 101 44.46 -5.62 -91.59
C ASN J 101 43.21 -5.59 -90.75
N MET J 102 42.30 -4.65 -91.00
CA MET J 102 41.06 -4.59 -90.23
C MET J 102 40.05 -5.62 -90.69
N VAL J 103 40.01 -5.89 -91.99
CA VAL J 103 39.00 -6.79 -92.54
C VAL J 103 39.18 -8.21 -92.02
N SER J 104 40.41 -8.58 -91.66
CA SER J 104 40.70 -9.91 -91.16
C SER J 104 40.07 -10.18 -89.80
N ASP J 105 39.63 -9.14 -89.09
CA ASP J 105 38.99 -9.29 -87.81
C ASP J 105 37.53 -9.70 -87.91
N SER J 106 36.93 -9.61 -89.09
CA SER J 106 35.52 -9.90 -89.26
C SER J 106 35.23 -10.83 -90.43
N PHE J 107 36.10 -10.90 -91.42
CA PHE J 107 35.94 -11.82 -92.54
C PHE J 107 37.31 -12.40 -92.88
N PRO J 108 37.35 -13.57 -93.51
CA PRO J 108 38.61 -14.06 -94.06
C PRO J 108 38.83 -13.54 -95.48
N GLU J 109 40.05 -13.09 -95.73
CA GLU J 109 40.37 -12.43 -97.00
C GLU J 109 40.18 -13.38 -98.17
N GLY J 110 40.52 -14.65 -97.99
CA GLY J 110 40.35 -15.64 -99.03
C GLY J 110 38.96 -16.19 -99.17
N GLY J 111 38.01 -15.64 -98.42
CA GLY J 111 36.66 -16.15 -98.43
C GLY J 111 36.49 -17.33 -97.49
N PHE J 112 35.23 -17.73 -97.34
CA PHE J 112 34.92 -18.84 -96.46
C PHE J 112 35.22 -20.16 -97.15
N SER J 113 35.32 -21.22 -96.34
CA SER J 113 35.65 -22.55 -96.82
C SER J 113 34.43 -23.42 -97.04
N ASP J 114 33.28 -22.82 -97.34
CA ASP J 114 32.02 -23.53 -97.42
C ASP J 114 31.51 -23.67 -98.86
N ALA J 115 32.39 -23.56 -99.83
CA ALA J 115 31.95 -23.52 -101.21
C ALA J 115 31.73 -24.94 -101.73
N PRO J 116 30.80 -25.13 -102.65
CA PRO J 116 30.57 -26.45 -103.23
C PRO J 116 31.33 -26.70 -104.53
N ARG J 117 31.50 -27.99 -104.80
CA ARG J 117 31.88 -28.52 -106.11
C ARG J 117 30.79 -29.49 -106.50
N PHE J 118 29.90 -29.05 -107.39
CA PHE J 118 28.70 -29.81 -107.74
C PHE J 118 29.05 -30.94 -108.69
N SER J 119 28.50 -32.12 -108.42
CA SER J 119 28.69 -33.27 -109.29
C SER J 119 27.89 -33.16 -110.57
N SER J 120 26.96 -32.22 -110.66
CA SER J 120 26.06 -32.11 -111.79
C SER J 120 25.62 -30.66 -111.91
N ASN J 121 25.05 -30.33 -113.07
CA ASN J 121 24.55 -28.98 -113.29
C ASN J 121 23.16 -28.78 -112.70
N TRP J 122 22.36 -29.85 -112.61
CA TRP J 122 21.00 -29.69 -112.12
C TRP J 122 20.98 -29.47 -110.61
N GLU J 123 21.98 -29.98 -109.90
CA GLU J 123 22.10 -29.67 -108.47
C GLU J 123 22.36 -28.18 -108.27
N ARG J 124 23.28 -27.63 -109.06
CA ARG J 124 23.53 -26.20 -109.06
C ARG J 124 22.24 -25.42 -109.33
N LEU J 125 21.53 -25.82 -110.39
CA LEU J 125 20.27 -25.18 -110.73
C LEU J 125 19.29 -25.21 -109.58
N LEU J 126 19.11 -26.37 -108.96
CA LEU J 126 18.12 -26.50 -107.90
C LEU J 126 18.49 -25.68 -106.68
N ALA J 127 19.77 -25.69 -106.30
CA ALA J 127 20.21 -24.88 -105.19
C ALA J 127 19.95 -23.40 -105.44
N TYR J 128 20.31 -22.91 -106.63
CA TYR J 128 20.01 -21.53 -106.96
C TYR J 128 18.51 -21.25 -106.94
N HIS J 129 17.73 -22.16 -107.51
CA HIS J 129 16.29 -21.97 -107.61
C HIS J 129 15.65 -21.89 -106.22
N HIS J 130 16.20 -22.59 -105.25
CA HIS J 130 15.66 -22.54 -103.90
C HIS J 130 16.34 -21.52 -103.01
N GLY J 131 17.36 -20.84 -103.51
CA GLY J 131 17.95 -19.74 -102.76
C GLY J 131 19.06 -20.16 -101.83
N LEU J 132 19.84 -21.17 -102.21
CA LEU J 132 20.87 -21.72 -101.34
C LEU J 132 22.24 -21.66 -101.99
N TYR J 133 22.38 -20.99 -103.12
CA TYR J 133 23.66 -20.89 -103.79
C TYR J 133 23.68 -19.68 -104.71
N SER J 134 24.75 -18.90 -104.62
CA SER J 134 25.07 -17.91 -105.61
C SER J 134 26.59 -17.89 -105.72
N PRO J 135 27.15 -18.00 -106.92
CA PRO J 135 28.62 -17.99 -107.03
C PRO J 135 29.23 -16.68 -106.58
N GLU J 136 28.52 -15.58 -106.81
CA GLU J 136 28.83 -14.28 -106.25
C GLU J 136 29.17 -14.39 -104.77
N LYS J 137 28.46 -15.25 -104.08
CA LYS J 137 28.58 -15.41 -102.63
C LYS J 137 29.58 -16.47 -102.23
N PHE J 138 29.66 -17.56 -102.97
CA PHE J 138 30.37 -18.74 -102.49
C PHE J 138 31.75 -18.92 -103.12
N ASN J 139 31.96 -18.48 -104.35
CA ASN J 139 33.28 -18.56 -104.98
C ASN J 139 33.75 -17.14 -105.21
N SER J 140 34.42 -16.59 -104.21
CA SER J 140 34.76 -15.18 -104.18
C SER J 140 35.64 -14.92 -102.97
N THR J 141 36.44 -13.88 -103.08
CA THR J 141 37.24 -13.38 -101.97
C THR J 141 36.61 -12.10 -101.43
N THR J 142 37.22 -11.56 -100.40
CA THR J 142 36.88 -10.21 -99.99
C THR J 142 37.35 -9.20 -101.03
N LYS J 143 36.70 -8.05 -101.02
CA LYS J 143 37.08 -6.94 -101.87
C LYS J 143 38.13 -6.08 -101.17
N THR J 144 39.09 -5.62 -101.96
CA THR J 144 40.11 -4.71 -101.49
C THR J 144 39.57 -3.28 -101.44
N ALA J 145 40.21 -2.47 -100.60
CA ALA J 145 39.80 -1.09 -100.44
C ALA J 145 39.75 -0.35 -101.77
N ASP J 146 40.73 -0.60 -102.63
CA ASP J 146 40.74 0.05 -103.94
C ASP J 146 39.50 -0.33 -104.74
N GLU J 147 39.17 -1.63 -104.76
CA GLU J 147 37.99 -2.09 -105.47
C GLU J 147 36.72 -1.44 -104.91
N ILE J 148 36.61 -1.39 -103.58
CA ILE J 148 35.46 -0.78 -102.94
C ILE J 148 35.34 0.67 -103.37
N ARG J 149 36.46 1.40 -103.37
CA ARG J 149 36.43 2.81 -103.69
C ARG J 149 36.05 3.02 -105.15
N LEU J 150 36.58 2.20 -106.04
CA LEU J 150 36.22 2.29 -107.45
C LEU J 150 34.73 2.09 -107.65
N ALA J 151 34.18 1.04 -107.03
CA ALA J 151 32.76 0.78 -107.13
C ALA J 151 31.94 1.95 -106.61
N VAL J 152 32.32 2.47 -105.43
CA VAL J 152 31.57 3.54 -104.82
C VAL J 152 31.60 4.78 -105.69
N ASN J 153 32.76 5.09 -106.28
CA ASN J 153 32.87 6.32 -107.06
C ASN J 153 32.11 6.20 -108.38
N ASP J 154 32.11 5.02 -108.99
CA ASP J 154 31.30 4.81 -110.18
C ASP J 154 29.82 4.97 -109.87
N PHE J 155 29.38 4.36 -108.77
CA PHE J 155 27.98 4.47 -108.37
C PHE J 155 27.60 5.92 -108.08
N ALA J 156 28.50 6.66 -107.42
CA ALA J 156 28.24 8.06 -107.12
C ALA J 156 28.13 8.88 -108.40
N ALA J 157 28.99 8.63 -109.37
CA ALA J 157 28.90 9.32 -110.65
C ALA J 157 27.56 9.04 -111.32
N LYS J 158 27.14 7.77 -111.33
CA LYS J 158 25.87 7.42 -111.96
C LYS J 158 24.70 8.09 -111.26
N VAL J 159 24.76 8.19 -109.93
CA VAL J 159 23.65 8.79 -109.20
C VAL J 159 23.60 10.30 -109.45
N HIS J 160 24.77 10.94 -109.45
CA HIS J 160 24.84 12.36 -109.76
C HIS J 160 24.31 12.65 -111.16
N ALA J 161 24.60 11.77 -112.11
CA ALA J 161 24.05 11.93 -113.45
C ALA J 161 22.55 11.71 -113.45
N ASP J 162 22.06 10.77 -112.64
CA ASP J 162 20.62 10.52 -112.59
C ASP J 162 19.87 11.76 -112.11
N ASP J 163 20.29 12.34 -110.99
CA ASP J 163 19.74 13.64 -110.64
C ASP J 163 20.67 14.41 -109.70
N PRO J 164 21.16 15.58 -110.12
CA PRO J 164 21.94 16.40 -109.18
C PRO J 164 21.09 17.06 -108.11
N LYS J 165 19.90 17.53 -108.47
CA LYS J 165 19.07 18.29 -107.53
C LYS J 165 18.20 17.36 -106.70
N ASN J 166 18.85 16.40 -106.05
CA ASN J 166 18.18 15.43 -105.19
C ASN J 166 18.86 15.42 -103.84
N ALA J 167 18.06 15.47 -102.78
CA ALA J 167 18.60 15.57 -101.43
C ALA J 167 19.00 14.23 -100.84
N CYS J 168 18.42 13.13 -101.32
CA CYS J 168 18.72 11.79 -100.82
C CYS J 168 19.93 11.16 -101.50
N LYS J 169 20.63 11.93 -102.31
CA LYS J 169 21.74 11.45 -103.12
C LYS J 169 22.84 10.82 -102.26
N TYR J 170 23.42 11.62 -101.37
CA TYR J 170 24.53 11.13 -100.56
C TYR J 170 24.09 10.05 -99.60
N LEU J 171 22.80 9.99 -99.25
CA LEU J 171 22.33 8.92 -98.39
C LEU J 171 22.32 7.59 -99.14
N MET J 172 21.85 7.60 -100.38
CA MET J 172 21.94 6.41 -101.21
C MET J 172 23.39 5.99 -101.39
N ILE J 173 24.27 6.95 -101.65
CA ILE J 173 25.70 6.66 -101.80
C ILE J 173 26.25 6.04 -100.52
N GLU J 174 25.78 6.49 -99.36
CA GLU J 174 26.29 5.98 -98.10
C GLU J 174 25.84 4.56 -97.84
N GLU J 175 24.59 4.23 -98.17
CA GLU J 175 24.18 2.84 -97.98
C GLU J 175 24.94 1.91 -98.92
N PHE J 176 25.19 2.36 -100.16
CA PHE J 176 26.02 1.57 -101.06
C PHE J 176 27.42 1.38 -100.48
N LYS J 177 28.01 2.47 -100.00
CA LYS J 177 29.35 2.42 -99.41
C LYS J 177 29.41 1.46 -98.24
N CYS J 178 28.42 1.50 -97.36
CA CYS J 178 28.44 0.65 -96.19
C CYS J 178 28.28 -0.81 -96.57
N LEU J 179 27.43 -1.10 -97.55
CA LEU J 179 27.29 -2.48 -98.02
C LEU J 179 28.62 -3.00 -98.57
N GLN J 180 29.26 -2.19 -99.43
CA GLN J 180 30.55 -2.60 -99.99
C GLN J 180 31.59 -2.81 -98.91
N SER J 181 31.66 -1.91 -97.93
CA SER J 181 32.66 -2.04 -96.88
C SER J 181 32.39 -3.26 -96.01
N ALA J 182 31.12 -3.56 -95.76
CA ALA J 182 30.75 -4.72 -94.97
C ALA J 182 30.70 -6.01 -95.77
N GLN J 183 31.03 -5.97 -97.06
CA GLN J 183 31.21 -7.19 -97.86
C GLN J 183 29.88 -7.94 -97.98
N ALA J 184 28.89 -7.24 -98.52
CA ALA J 184 27.56 -7.83 -98.61
C ALA J 184 27.47 -8.92 -99.67
N ARG J 185 28.45 -9.00 -100.57
CA ARG J 185 28.46 -10.08 -101.54
C ARG J 185 28.55 -11.43 -100.85
N ILE J 186 29.32 -11.49 -99.76
CA ILE J 186 29.58 -12.74 -99.05
C ILE J 186 28.85 -12.83 -97.72
N ASP J 187 28.48 -11.70 -97.11
CA ASP J 187 27.68 -11.66 -95.89
C ASP J 187 26.56 -10.65 -96.06
N PRO J 188 25.57 -10.97 -96.89
CA PRO J 188 24.51 -9.99 -97.15
C PRO J 188 23.64 -9.69 -95.94
N GLN J 189 23.30 -10.69 -95.14
CA GLN J 189 22.45 -10.44 -93.98
C GLN J 189 23.18 -9.59 -92.94
N GLY J 190 24.47 -9.89 -92.74
CA GLY J 190 25.27 -9.08 -91.83
C GLY J 190 25.45 -7.67 -92.31
N ALA J 191 25.49 -7.47 -93.64
CA ALA J 191 25.74 -6.13 -94.13
C ALA J 191 24.45 -5.33 -94.11
N ALA J 192 23.33 -5.98 -94.43
CA ALA J 192 22.05 -5.30 -94.41
C ALA J 192 21.76 -4.82 -92.99
N THR J 193 22.17 -5.60 -92.01
CA THR J 193 22.04 -5.20 -90.62
C THR J 193 22.76 -3.90 -90.33
N LYS J 194 23.85 -3.62 -91.07
CA LYS J 194 24.59 -2.38 -90.91
C LYS J 194 24.02 -1.22 -91.73
N CYS J 195 23.41 -1.52 -92.87
CA CYS J 195 23.08 -0.49 -93.86
C CYS J 195 21.60 -0.09 -93.84
N VAL J 196 20.76 -0.81 -93.11
CA VAL J 196 19.35 -0.46 -93.16
C VAL J 196 19.11 0.90 -92.51
N LYS J 197 20.03 1.39 -91.68
CA LYS J 197 19.84 2.71 -91.09
C LYS J 197 19.88 3.79 -92.17
N TRP J 198 20.82 3.66 -93.10
CA TRP J 198 20.92 4.61 -94.19
C TRP J 198 19.79 4.44 -95.16
N PHE J 199 19.29 3.21 -95.30
CA PHE J 199 18.09 3.03 -96.11
C PHE J 199 16.90 3.77 -95.48
N ASN J 200 16.77 3.68 -94.15
CA ASN J 200 15.70 4.38 -93.46
C ASN J 200 15.84 5.90 -93.59
N GLU J 201 17.07 6.42 -93.51
CA GLU J 201 17.27 7.85 -93.69
C GLU J 201 16.91 8.29 -95.10
N TRP J 202 17.24 7.48 -96.10
CA TRP J 202 16.84 7.78 -97.47
C TRP J 202 15.32 7.77 -97.61
N ARG J 203 14.67 6.80 -96.97
CA ARG J 203 13.22 6.72 -96.98
C ARG J 203 12.59 7.98 -96.40
N GLN J 204 13.20 8.53 -95.34
CA GLN J 204 12.71 9.78 -94.77
C GLN J 204 12.94 10.96 -95.70
N CYS J 205 14.14 11.06 -96.26
CA CYS J 205 14.46 12.16 -97.16
C CYS J 205 13.54 12.18 -98.37
N ALA J 206 13.10 11.00 -98.82
CA ALA J 206 12.19 10.96 -99.96
C ALA J 206 10.90 11.69 -99.66
N TRP J 207 10.29 11.41 -98.50
CA TRP J 207 9.08 12.11 -98.13
C TRP J 207 9.33 13.58 -97.86
N ASP J 208 10.46 13.92 -97.23
CA ASP J 208 10.74 15.33 -96.98
C ASP J 208 10.87 16.12 -98.28
N GLN J 209 11.37 15.46 -99.33
CA GLN J 209 11.47 16.12 -100.62
C GLN J 209 10.11 16.19 -101.29
N GLU J 210 9.33 15.10 -101.22
CA GLU J 210 8.02 15.15 -101.86
C GLU J 210 7.17 16.23 -101.23
N LYS J 211 7.22 16.36 -99.90
CA LYS J 211 6.40 17.36 -99.22
C LYS J 211 6.93 18.77 -99.44
N MET J 212 8.20 18.92 -99.81
CA MET J 212 8.66 20.27 -100.16
C MET J 212 8.30 20.62 -101.59
N VAL J 213 8.36 19.64 -102.49
CA VAL J 213 7.97 19.86 -103.89
C VAL J 213 6.49 20.12 -103.97
N LYS J 214 5.67 19.16 -103.55
CA LYS J 214 4.24 19.35 -103.38
C LYS J 214 4.01 19.95 -102.01
N GLY J 215 3.55 21.19 -101.96
CA GLY J 215 3.43 21.88 -100.71
C GLY J 215 2.43 21.25 -99.78
N TYR J 216 2.93 20.54 -98.78
CA TYR J 216 2.09 19.86 -97.80
C TYR J 216 2.44 20.43 -96.44
N ASN J 217 1.44 20.93 -95.74
CA ASN J 217 1.62 21.49 -94.42
C ASN J 217 0.37 21.20 -93.61
N TYR J 218 0.40 21.59 -92.35
CA TYR J 218 -0.69 21.31 -91.43
C TYR J 218 -0.91 22.51 -90.53
N ILE J 219 -2.13 22.63 -90.03
CA ILE J 219 -2.49 23.70 -89.11
C ILE J 219 -1.85 23.38 -87.77
N GLU J 220 -0.86 24.16 -87.38
CA GLU J 220 -0.26 24.02 -86.06
C GLU J 220 -1.15 24.66 -85.01
N ASP J 221 -1.20 24.03 -83.83
CA ASP J 221 -2.01 24.54 -82.76
C ASP J 221 -1.31 25.71 -82.06
N ARG J 222 -2.10 26.45 -81.29
CA ARG J 222 -1.54 27.55 -80.53
C ARG J 222 -0.51 27.03 -79.53
N ARG J 223 0.26 27.96 -78.99
CA ARG J 223 1.33 27.62 -78.09
C ARG J 223 0.76 27.14 -76.76
N ALA J 224 1.43 26.15 -76.16
CA ALA J 224 0.94 25.60 -74.91
C ALA J 224 1.23 26.56 -73.77
N ARG J 225 0.41 26.45 -72.71
CA ARG J 225 0.55 27.35 -71.58
C ARG J 225 1.88 27.16 -70.87
N LYS J 226 2.38 25.94 -70.83
CA LYS J 226 3.67 25.63 -70.21
C LYS J 226 4.69 25.17 -71.24
N HIS J 227 4.71 25.85 -72.39
CA HIS J 227 5.75 25.59 -73.38
C HIS J 227 7.12 25.77 -72.77
N LYS J 228 7.30 26.84 -72.02
CA LYS J 228 8.51 27.02 -71.23
C LYS J 228 8.33 26.34 -69.88
N PRO J 229 9.31 25.56 -69.41
CA PRO J 229 9.19 25.00 -68.06
C PRO J 229 9.35 26.05 -66.98
N TYR J 230 10.16 27.06 -67.23
CA TYR J 230 10.45 28.11 -66.26
C TYR J 230 10.44 29.45 -66.99
N ILE J 231 9.96 30.48 -66.30
CA ILE J 231 9.79 31.78 -66.93
C ILE J 231 11.13 32.35 -67.37
N GLY J 232 12.16 32.17 -66.56
CA GLY J 232 13.47 32.65 -66.90
C GLY J 232 14.21 31.83 -67.91
N ALA J 233 13.60 30.77 -68.38
CA ALA J 233 14.23 29.94 -69.40
C ALA J 233 14.01 30.56 -70.78
N PRO J 234 14.96 30.40 -71.69
CA PRO J 234 14.76 30.88 -73.05
C PRO J 234 13.97 29.87 -73.88
N ASP J 235 13.05 30.40 -74.67
CA ASP J 235 12.25 29.58 -75.60
C ASP J 235 12.89 29.71 -76.97
N LEU J 236 13.85 28.83 -77.24
CA LEU J 236 14.55 28.84 -78.51
C LEU J 236 13.59 28.50 -79.64
N GLN J 237 13.51 29.39 -80.62
CA GLN J 237 12.55 29.25 -81.70
C GLN J 237 13.02 28.24 -82.72
N TYR J 238 12.12 27.35 -83.10
CA TYR J 238 12.39 26.30 -84.07
C TYR J 238 11.42 26.44 -85.24
N SER J 239 11.95 26.23 -86.43
CA SER J 239 11.20 26.41 -87.66
C SER J 239 9.95 25.53 -87.70
N SER K 164 6.86 -27.33 -76.22
CA SER K 164 7.23 -27.25 -74.81
C SER K 164 7.39 -25.79 -74.37
N MET K 165 6.48 -24.94 -74.83
CA MET K 165 6.53 -23.52 -74.53
C MET K 165 5.39 -23.02 -73.67
N ASP K 166 4.20 -23.58 -73.81
CA ASP K 166 3.06 -23.09 -73.07
C ASP K 166 3.08 -23.63 -71.63
N HIS K 167 2.41 -22.88 -70.75
CA HIS K 167 2.26 -23.26 -69.35
C HIS K 167 3.61 -23.48 -68.69
N GLY K 168 4.43 -22.45 -68.73
CA GLY K 168 5.75 -22.53 -68.17
C GLY K 168 5.79 -22.22 -66.70
N MET K 169 6.90 -22.61 -66.09
CA MET K 169 7.09 -22.39 -64.66
C MET K 169 7.72 -21.03 -64.41
N GLN K 170 7.60 -20.60 -63.16
CA GLN K 170 8.20 -19.35 -62.75
C GLN K 170 9.71 -19.54 -62.74
N TYR K 171 10.39 -18.78 -63.59
CA TYR K 171 11.81 -18.92 -63.85
C TYR K 171 12.64 -17.90 -63.09
N SER K 172 12.11 -16.71 -62.87
CA SER K 172 12.75 -15.66 -62.12
C SER K 172 11.89 -15.33 -60.91
N SER K 173 12.52 -14.74 -59.90
CA SER K 173 11.81 -14.40 -58.68
C SER K 173 11.09 -13.07 -58.82
N ILE K 174 10.05 -12.91 -58.01
CA ILE K 174 9.27 -11.68 -57.95
C ILE K 174 9.46 -11.09 -56.56
N TYR K 175 9.72 -9.79 -56.52
CA TYR K 175 10.05 -9.15 -55.25
C TYR K 175 9.84 -7.65 -55.36
N TRP K 176 9.80 -7.01 -54.20
CA TRP K 176 9.70 -5.57 -54.07
C TRP K 176 10.84 -5.10 -53.19
N GLU K 177 11.66 -4.20 -53.73
CA GLU K 177 12.77 -3.69 -52.97
C GLU K 177 12.29 -2.78 -51.86
N THR K 178 13.11 -2.68 -50.81
CA THR K 178 12.72 -1.97 -49.61
C THR K 178 12.48 -0.50 -49.93
N SER K 179 11.32 -0.01 -49.50
CA SER K 179 10.96 1.41 -49.54
C SER K 179 10.76 1.94 -50.95
N HIS K 180 10.60 1.07 -51.95
CA HIS K 180 10.18 1.53 -53.26
C HIS K 180 8.70 1.88 -53.23
N ARG K 181 8.36 2.97 -53.89
CA ARG K 181 7.01 3.49 -53.78
C ARG K 181 6.06 2.78 -54.74
N THR K 182 4.78 2.94 -54.45
CA THR K 182 3.71 2.24 -55.14
C THR K 182 2.74 3.16 -55.84
N TYR K 183 2.55 4.38 -55.33
CA TYR K 183 1.78 5.43 -55.98
C TYR K 183 0.31 5.08 -56.12
N LEU K 184 -0.19 4.16 -55.29
CA LEU K 184 -1.58 3.76 -55.32
C LEU K 184 -2.21 3.97 -53.95
N PRO K 185 -3.33 4.69 -53.86
CA PRO K 185 -4.02 4.81 -52.58
C PRO K 185 -4.92 3.62 -52.27
N PHE K 186 -5.67 3.70 -51.18
CA PHE K 186 -6.52 2.60 -50.76
C PHE K 186 -7.86 2.52 -51.50
N TRP K 187 -8.26 3.57 -52.20
CA TRP K 187 -9.47 3.57 -53.03
C TRP K 187 -9.16 3.35 -54.50
N ALA K 188 -7.96 2.90 -54.82
CA ALA K 188 -7.56 2.75 -56.21
C ALA K 188 -8.35 1.66 -56.92
N SER K 189 -8.77 0.63 -56.20
CA SER K 189 -9.55 -0.43 -56.83
C SER K 189 -10.93 0.07 -57.23
N LEU K 190 -11.46 1.06 -56.53
CA LEU K 190 -12.74 1.66 -56.88
C LEU K 190 -12.59 2.76 -57.92
N THR K 191 -11.42 3.37 -58.02
CA THR K 191 -11.14 4.26 -59.14
C THR K 191 -11.35 3.53 -60.46
N GLN K 192 -11.76 4.27 -61.48
CA GLN K 192 -11.83 3.73 -62.83
C GLN K 192 -11.58 4.85 -63.85
N LYS K 193 -11.20 4.43 -65.04
CA LYS K 193 -10.80 5.35 -66.10
C LYS K 193 -12.02 5.98 -66.77
N PHE K 194 -11.75 6.90 -67.69
CA PHE K 194 -12.80 7.58 -68.43
C PHE K 194 -12.17 8.33 -69.58
N SER K 195 -12.83 8.33 -70.73
CA SER K 195 -12.47 9.15 -71.87
C SER K 195 -13.65 10.00 -72.29
N TRP K 196 -13.37 11.25 -72.65
CA TRP K 196 -14.38 12.17 -73.13
C TRP K 196 -14.73 11.97 -74.59
N LYS K 197 -14.16 10.95 -75.24
CA LYS K 197 -14.28 10.84 -76.69
C LYS K 197 -15.69 10.46 -77.11
N ILE K 198 -16.34 9.56 -76.35
CA ILE K 198 -17.69 9.14 -76.72
C ILE K 198 -18.67 10.31 -76.57
N MET K 199 -18.59 11.01 -75.45
CA MET K 199 -19.41 12.18 -75.23
C MET K 199 -19.16 13.25 -76.28
N ASP K 200 -17.89 13.47 -76.63
CA ASP K 200 -17.56 14.45 -77.65
C ASP K 200 -18.16 14.06 -78.99
N ASP K 201 -18.14 12.77 -79.32
CA ASP K 201 -18.70 12.32 -80.58
C ASP K 201 -20.21 12.55 -80.60
N GLN K 202 -20.89 12.19 -79.51
CA GLN K 202 -22.33 12.43 -79.43
C GLN K 202 -22.64 13.91 -79.59
N ILE K 203 -21.88 14.77 -78.92
CA ILE K 203 -22.15 16.20 -78.97
C ILE K 203 -21.90 16.75 -80.38
N ARG K 204 -20.82 16.31 -81.01
CA ARG K 204 -20.54 16.75 -82.37
C ARG K 204 -21.65 16.33 -83.32
N SER K 205 -22.13 15.09 -83.18
CA SER K 205 -23.20 14.61 -84.04
C SER K 205 -24.48 15.40 -83.81
N PHE K 206 -24.76 15.76 -82.56
CA PHE K 206 -26.01 16.45 -82.26
C PHE K 206 -25.96 17.91 -82.67
N LEU K 207 -24.81 18.56 -82.54
CA LEU K 207 -24.67 19.97 -82.87
C LEU K 207 -24.21 20.21 -84.30
N ARG K 208 -23.96 19.16 -85.07
CA ARG K 208 -23.60 19.30 -86.48
C ARG K 208 -22.30 20.08 -86.62
N LEU K 209 -21.30 19.67 -85.84
CA LEU K 209 -19.99 20.28 -85.86
C LEU K 209 -19.15 19.68 -86.99
N PRO K 210 -18.00 20.28 -87.30
CA PRO K 210 -17.18 19.77 -88.41
C PRO K 210 -16.76 18.32 -88.20
N LYS K 211 -17.06 17.51 -89.17
CA LYS K 211 -16.70 16.11 -89.20
C LYS K 211 -15.30 15.93 -89.75
N PRO K 212 -14.61 14.86 -89.37
CA PRO K 212 -13.37 14.51 -90.07
C PRO K 212 -13.65 13.87 -91.42
N VAL K 213 -12.62 13.88 -92.26
CA VAL K 213 -12.74 13.32 -93.59
C VAL K 213 -12.72 11.80 -93.59
N THR K 214 -12.42 11.18 -92.45
CA THR K 214 -12.49 9.73 -92.34
C THR K 214 -13.90 9.20 -92.45
N THR K 215 -14.91 10.06 -92.36
CA THR K 215 -16.28 9.64 -92.61
C THR K 215 -16.54 9.40 -94.09
N GLU K 216 -15.69 9.93 -94.96
CA GLU K 216 -15.84 9.77 -96.38
C GLU K 216 -14.96 8.62 -96.84
N PRO K 217 -15.50 7.59 -97.50
CA PRO K 217 -14.65 6.44 -97.87
C PRO K 217 -13.64 6.76 -98.92
N PHE K 218 -13.94 7.66 -99.85
CA PHE K 218 -12.96 8.03 -100.86
C PHE K 218 -11.83 8.83 -100.22
N VAL K 219 -10.65 8.69 -100.80
CA VAL K 219 -9.41 9.26 -100.25
C VAL K 219 -8.80 10.16 -101.31
N PHE K 220 -8.73 11.45 -101.00
CA PHE K 220 -8.14 12.45 -101.87
C PHE K 220 -6.67 12.71 -101.57
N SER K 221 -6.10 12.01 -100.59
CA SER K 221 -4.75 12.28 -100.14
C SER K 221 -3.69 11.66 -101.03
N SER K 222 -4.06 11.08 -102.17
CA SER K 222 -3.09 10.63 -103.14
C SER K 222 -3.71 10.68 -104.52
N GLY K 223 -2.85 10.48 -105.52
CA GLY K 223 -3.31 10.52 -106.90
C GLY K 223 -3.98 9.24 -107.34
N SER K 224 -3.53 8.11 -106.83
CA SER K 224 -4.11 6.83 -107.17
C SER K 224 -5.33 6.56 -106.29
N PRO K 225 -6.30 5.80 -106.79
CA PRO K 225 -7.56 5.64 -106.06
C PRO K 225 -7.41 4.76 -104.82
N TYR K 226 -7.85 5.28 -103.69
CA TYR K 226 -7.91 4.56 -102.44
C TYR K 226 -9.32 4.62 -101.89
N ILE K 227 -9.75 3.54 -101.24
CA ILE K 227 -11.06 3.46 -100.60
C ILE K 227 -10.86 2.98 -99.17
N ARG K 228 -11.59 3.58 -98.24
CA ARG K 228 -11.44 3.21 -96.85
C ARG K 228 -12.22 1.94 -96.53
N ARG K 229 -11.61 1.06 -95.77
CA ARG K 229 -12.25 -0.12 -95.22
C ARG K 229 -12.41 0.11 -93.72
N TYR K 230 -13.63 0.03 -93.24
CA TYR K 230 -13.96 0.35 -91.86
C TYR K 230 -14.13 -0.92 -91.05
N PHE K 231 -13.61 -0.91 -89.83
CA PHE K 231 -13.76 -2.02 -88.90
C PHE K 231 -14.82 -1.67 -87.86
N GLY K 232 -16.08 -1.74 -88.28
CA GLY K 232 -17.20 -1.56 -87.39
C GLY K 232 -17.43 -0.16 -86.89
N ASP K 233 -16.64 0.81 -87.33
CA ASP K 233 -16.74 2.16 -86.81
C ASP K 233 -15.96 3.08 -87.73
N ALA K 234 -16.43 4.33 -87.83
CA ALA K 234 -15.77 5.31 -88.67
C ALA K 234 -14.42 5.74 -88.10
N ASP K 235 -14.19 5.51 -86.80
CA ASP K 235 -12.92 5.86 -86.19
C ASP K 235 -11.81 4.87 -86.56
N ILE K 236 -12.16 3.67 -87.01
CA ILE K 236 -11.18 2.62 -87.27
C ILE K 236 -11.30 2.27 -88.74
N SER K 237 -10.34 2.74 -89.54
CA SER K 237 -10.35 2.53 -90.97
C SER K 237 -8.92 2.33 -91.46
N VAL K 238 -8.82 1.74 -92.65
CA VAL K 238 -7.55 1.67 -93.38
C VAL K 238 -7.83 1.96 -94.85
N PRO K 239 -7.02 2.77 -95.53
CA PRO K 239 -7.17 2.92 -96.98
C PRO K 239 -6.58 1.75 -97.74
N VAL K 240 -7.29 1.35 -98.78
CA VAL K 240 -6.94 0.21 -99.62
C VAL K 240 -6.90 0.70 -101.07
N PRO K 241 -5.83 0.44 -101.81
CA PRO K 241 -5.78 0.90 -103.19
C PRO K 241 -6.63 0.04 -104.10
N LEU K 242 -7.20 0.70 -105.11
CA LEU K 242 -8.09 0.02 -106.05
C LEU K 242 -7.40 -0.43 -107.32
N HIS K 243 -6.39 0.30 -107.78
CA HIS K 243 -5.74 -0.04 -109.03
C HIS K 243 -5.08 -1.40 -108.96
N ALA K 244 -5.12 -2.11 -110.08
CA ALA K 244 -4.25 -3.26 -110.31
C ALA K 244 -3.04 -2.72 -111.05
N PRO K 245 -1.98 -2.34 -110.35
CA PRO K 245 -0.93 -1.55 -110.99
C PRO K 245 -0.17 -2.36 -112.04
N ALA K 246 0.04 -1.75 -113.20
CA ALA K 246 0.87 -2.34 -114.23
C ALA K 246 2.33 -2.01 -113.95
N HIS K 247 3.19 -3.01 -114.05
CA HIS K 247 4.61 -2.83 -113.83
C HIS K 247 5.34 -3.07 -115.14
N PHE K 248 6.56 -2.53 -115.21
CA PHE K 248 7.30 -2.49 -116.46
C PHE K 248 8.76 -2.78 -116.19
N ALA K 249 9.41 -3.38 -117.18
CA ALA K 249 10.80 -3.80 -117.07
C ALA K 249 11.50 -3.48 -118.38
N PHE K 250 12.47 -2.58 -118.34
CA PHE K 250 13.25 -2.22 -119.51
C PHE K 250 14.47 -3.15 -119.61
N VAL K 251 14.15 -4.44 -119.67
CA VAL K 251 15.15 -5.50 -119.52
C VAL K 251 14.95 -6.51 -120.64
N PRO K 252 16.01 -7.06 -121.21
CA PRO K 252 15.86 -8.18 -122.13
C PRO K 252 15.90 -9.54 -121.43
N THR K 253 15.15 -10.47 -121.99
CA THR K 253 15.01 -11.79 -121.42
C THR K 253 16.10 -12.73 -121.92
N GLY K 254 16.50 -13.65 -121.04
CA GLY K 254 17.42 -14.70 -121.43
C GLY K 254 18.86 -14.26 -121.57
N THR K 255 19.24 -13.14 -120.99
CA THR K 255 20.58 -12.59 -121.12
C THR K 255 21.45 -12.89 -119.92
N VAL K 256 20.94 -13.68 -118.98
CA VAL K 256 21.61 -13.88 -117.70
C VAL K 256 21.33 -15.28 -117.21
N SER K 257 22.38 -15.94 -116.72
CA SER K 257 22.29 -17.27 -116.12
C SER K 257 23.08 -17.23 -114.81
N PRO K 258 22.46 -16.76 -113.73
CA PRO K 258 23.26 -16.51 -112.52
C PRO K 258 23.79 -17.76 -111.86
N TRP K 259 23.12 -18.90 -112.01
CA TRP K 259 23.63 -20.12 -111.40
C TRP K 259 24.99 -20.51 -112.00
N GLU K 260 25.19 -20.23 -113.27
CA GLU K 260 26.45 -20.56 -113.92
C GLU K 260 27.55 -19.62 -113.46
N GLU K 261 28.69 -20.19 -113.09
CA GLU K 261 29.88 -19.40 -112.85
C GLU K 261 30.44 -18.96 -114.21
N THR K 262 30.58 -17.65 -114.39
CA THR K 262 30.97 -17.09 -115.69
C THR K 262 32.42 -16.69 -115.76
N GLY K 263 33.12 -16.58 -114.63
CA GLY K 263 34.54 -16.33 -114.64
C GLY K 263 35.37 -17.45 -115.23
N MET K 264 34.81 -18.65 -115.34
CA MET K 264 35.55 -19.80 -115.82
C MET K 264 35.38 -20.01 -117.32
N GLU K 265 34.25 -19.60 -117.88
CA GLU K 265 34.03 -19.78 -119.30
C GLU K 265 34.81 -18.74 -120.10
N THR K 266 35.28 -19.16 -121.27
CA THR K 266 36.08 -18.31 -122.13
C THR K 266 35.16 -17.53 -123.06
N GLY K 267 35.27 -16.21 -123.05
CA GLY K 267 34.44 -15.38 -123.88
C GLY K 267 34.28 -13.98 -123.33
N PRO K 268 33.58 -13.14 -124.08
CA PRO K 268 33.33 -11.78 -123.61
C PRO K 268 32.52 -11.72 -122.33
N GLN K 269 31.45 -12.52 -122.26
CA GLN K 269 30.66 -12.58 -121.04
C GLN K 269 31.51 -13.02 -119.86
N GLY K 270 32.46 -13.93 -120.09
CA GLY K 270 33.30 -14.38 -119.01
C GLY K 270 34.30 -13.32 -118.56
N ALA K 271 34.91 -12.62 -119.51
CA ALA K 271 35.85 -11.56 -119.14
C ALA K 271 35.14 -10.43 -118.41
N ALA K 272 33.90 -10.15 -118.81
CA ALA K 272 33.12 -9.09 -118.19
C ALA K 272 32.49 -9.48 -116.86
N ALA K 273 32.28 -10.78 -116.62
CA ALA K 273 31.95 -11.24 -115.28
C ALA K 273 33.19 -11.24 -114.41
N ARG K 274 34.34 -11.43 -115.03
CA ARG K 274 35.61 -10.94 -114.51
C ARG K 274 35.63 -9.47 -114.85
N GLY K 275 36.81 -8.85 -114.84
CA GLY K 275 36.94 -7.43 -114.89
C GLY K 275 37.80 -6.96 -116.06
N ALA K 276 37.75 -5.66 -116.29
CA ALA K 276 38.69 -5.02 -117.22
C ALA K 276 40.10 -5.01 -116.66
N ALA K 277 40.25 -5.08 -115.34
CA ALA K 277 41.58 -5.11 -114.74
C ALA K 277 42.26 -6.44 -115.02
N ALA K 278 41.55 -7.53 -114.80
CA ALA K 278 42.09 -8.85 -115.10
C ALA K 278 42.37 -9.00 -116.58
N THR K 279 41.48 -8.49 -117.43
CA THR K 279 41.69 -8.57 -118.87
C THR K 279 42.91 -7.77 -119.29
N ALA K 280 43.08 -6.59 -118.70
CA ALA K 280 44.27 -5.78 -119.00
C ALA K 280 45.54 -6.48 -118.55
N PHE K 281 45.52 -7.07 -117.35
CA PHE K 281 46.67 -7.82 -116.88
C PHE K 281 47.01 -8.96 -117.82
N ARG K 282 45.98 -9.68 -118.28
CA ARG K 282 46.18 -10.76 -119.23
C ARG K 282 46.79 -10.25 -120.53
N ALA K 283 46.34 -9.09 -121.00
CA ALA K 283 46.91 -8.51 -122.21
C ALA K 283 48.36 -8.11 -122.01
N VAL K 284 48.71 -7.61 -120.83
CA VAL K 284 50.10 -7.22 -120.56
C VAL K 284 50.99 -8.44 -120.55
N LEU K 285 50.55 -9.51 -119.87
CA LEU K 285 51.30 -10.75 -119.89
C LEU K 285 51.46 -11.26 -121.32
N GLU K 286 50.40 -11.14 -122.11
CA GLU K 286 50.42 -11.54 -123.51
C GLU K 286 51.51 -10.78 -124.27
N SER K 287 51.59 -9.47 -124.07
CA SER K 287 52.56 -8.65 -124.77
C SER K 287 53.99 -9.03 -124.37
N ALA K 288 54.23 -9.19 -123.06
CA ALA K 288 55.57 -9.57 -122.61
C ALA K 288 55.98 -10.93 -123.15
N TRP K 289 55.06 -11.90 -123.10
CA TRP K 289 55.34 -13.21 -123.67
C TRP K 289 55.65 -13.11 -125.15
N LYS K 290 54.93 -12.25 -125.88
CA LYS K 290 55.19 -12.09 -127.30
C LYS K 290 56.57 -11.52 -127.54
N CYS K 291 57.00 -10.58 -126.71
CA CYS K 291 58.35 -10.04 -126.81
C CYS K 291 59.39 -11.15 -126.66
N ASP K 292 59.24 -11.97 -125.60
CA ASP K 292 60.19 -13.04 -125.35
C ASP K 292 60.22 -14.03 -126.52
N ILE K 293 59.04 -14.42 -127.00
CA ILE K 293 59.00 -15.41 -128.07
C ILE K 293 59.52 -14.84 -129.38
N ASP K 294 59.37 -13.53 -129.60
CA ASP K 294 59.96 -12.92 -130.77
C ASP K 294 61.48 -12.98 -130.70
N GLU K 295 62.05 -12.71 -129.52
CA GLU K 295 63.49 -12.86 -129.35
C GLU K 295 63.95 -14.28 -129.65
N GLN K 296 63.23 -15.26 -129.10
CA GLN K 296 63.60 -16.65 -129.33
C GLN K 296 63.50 -17.02 -130.81
N ILE K 297 62.46 -16.57 -131.50
CA ILE K 297 62.34 -16.81 -132.93
C ILE K 297 63.52 -16.20 -133.67
N LYS K 298 63.89 -14.98 -133.31
CA LYS K 298 64.99 -14.31 -134.00
C LYS K 298 66.28 -15.10 -133.86
N GLU K 299 66.61 -15.49 -132.62
CA GLU K 299 67.87 -16.20 -132.43
C GLU K 299 67.81 -17.60 -133.06
N LYS K 300 66.64 -18.23 -133.10
CA LYS K 300 66.54 -19.54 -133.72
C LYS K 300 66.74 -19.45 -135.23
N LEU K 301 66.17 -18.44 -135.88
CA LEU K 301 66.19 -18.34 -137.33
C LEU K 301 67.42 -17.64 -137.87
N HIS K 302 68.15 -16.90 -137.04
CA HIS K 302 69.45 -16.40 -137.48
C HIS K 302 70.46 -17.53 -137.63
N SER K 303 70.38 -18.56 -136.79
CA SER K 303 71.21 -19.74 -136.94
C SER K 303 70.89 -20.46 -138.24
N SER L 2 18.96 40.28 -44.45
CA SER L 2 19.48 40.77 -45.72
C SER L 2 19.78 39.62 -46.67
N THR L 3 20.94 39.00 -46.50
CA THR L 3 21.39 37.93 -47.36
C THR L 3 22.17 36.91 -46.55
N SER L 4 22.64 35.88 -47.22
CA SER L 4 23.42 34.82 -46.60
C SER L 4 23.95 33.88 -47.67
N PRO L 5 24.89 33.00 -47.33
CA PRO L 5 25.37 32.03 -48.31
C PRO L 5 24.30 31.06 -48.76
N GLY L 6 23.36 30.71 -47.88
CA GLY L 6 22.30 29.80 -48.24
C GLY L 6 21.33 30.36 -49.26
N LEU L 7 21.32 31.68 -49.46
CA LEU L 7 20.44 32.32 -50.42
C LEU L 7 21.14 32.62 -51.74
N ALA L 8 22.26 31.95 -52.02
CA ALA L 8 22.96 32.22 -53.26
C ALA L 8 22.12 31.81 -54.47
N PHE L 9 21.40 30.69 -54.35
CA PHE L 9 20.50 30.26 -55.42
C PHE L 9 19.50 31.36 -55.76
N ALA L 10 18.77 31.84 -54.76
CA ALA L 10 17.74 32.83 -55.00
C ALA L 10 18.34 34.15 -55.48
N ASN L 11 19.48 34.55 -54.92
CA ASN L 11 20.14 35.78 -55.34
C ASN L 11 20.52 35.72 -56.81
N LEU L 12 21.18 34.64 -57.21
CA LEU L 12 21.58 34.49 -58.61
C LEU L 12 20.35 34.47 -59.52
N THR L 13 19.34 33.69 -59.15
CA THR L 13 18.15 33.59 -59.97
C THR L 13 17.48 34.94 -60.15
N LEU L 14 17.31 35.68 -59.05
CA LEU L 14 16.70 37.00 -59.12
C LEU L 14 17.52 37.93 -60.00
N LEU L 15 18.81 38.08 -59.69
CA LEU L 15 19.66 39.00 -60.41
C LEU L 15 19.64 38.72 -61.91
N LEU L 16 19.56 37.45 -62.29
CA LEU L 16 19.61 37.10 -63.70
C LEU L 16 18.26 37.09 -64.39
N ASP L 17 17.17 36.97 -63.65
CA ASP L 17 15.85 36.78 -64.23
C ASP L 17 14.94 38.00 -64.14
N VAL L 18 14.97 38.78 -63.07
CA VAL L 18 14.07 39.93 -62.99
C VAL L 18 14.43 41.00 -64.02
N PRO L 19 15.67 41.14 -64.47
CA PRO L 19 15.92 42.03 -65.61
C PRO L 19 15.35 41.54 -66.91
N GLN L 20 15.10 40.23 -67.04
CA GLN L 20 14.57 39.66 -68.27
C GLN L 20 13.06 39.84 -68.41
N LEU L 21 12.37 40.22 -67.34
CA LEU L 21 10.92 40.30 -67.36
C LEU L 21 10.43 41.39 -68.31
N PRO L 22 11.06 42.55 -68.35
CA PRO L 22 10.75 43.52 -69.41
C PRO L 22 10.84 42.93 -70.80
N ALA L 23 11.91 42.18 -71.08
CA ALA L 23 12.08 41.58 -72.40
C ALA L 23 11.00 40.53 -72.66
N ILE L 24 10.62 39.79 -71.63
CA ILE L 24 9.58 38.77 -71.77
C ILE L 24 8.24 39.43 -72.12
N TRP L 25 7.91 40.50 -71.41
CA TRP L 25 6.66 41.22 -71.69
C TRP L 25 6.70 41.83 -73.08
N ALA L 26 7.86 42.33 -73.49
CA ALA L 26 7.99 42.89 -74.83
C ALA L 26 7.78 41.82 -75.89
N VAL L 27 8.33 40.63 -75.66
CA VAL L 27 8.13 39.52 -76.59
C VAL L 27 6.66 39.17 -76.69
N ASN L 28 5.97 39.12 -75.56
CA ASN L 28 4.55 38.81 -75.57
C ASN L 28 3.76 39.85 -76.35
N ALA L 29 4.08 41.12 -76.14
CA ALA L 29 3.39 42.19 -76.87
C ALA L 29 3.66 42.12 -78.37
N TRP L 30 4.91 41.85 -78.75
CA TRP L 30 5.23 41.70 -80.16
C TRP L 30 4.45 40.55 -80.78
N ARG L 31 4.32 39.45 -80.03
CA ARG L 31 3.55 38.31 -80.53
C ARG L 31 2.09 38.69 -80.75
N GLU L 32 1.49 39.40 -79.79
CA GLU L 32 0.10 39.81 -79.98
C GLU L 32 -0.04 40.71 -81.20
N LEU L 33 0.90 41.62 -81.41
CA LEU L 33 0.79 42.52 -82.54
C LEU L 33 0.93 41.78 -83.86
N ASN L 34 1.85 40.81 -83.92
CA ASN L 34 1.98 40.00 -85.12
C ASN L 34 0.72 39.20 -85.39
N GLY L 35 0.10 38.66 -84.33
CA GLY L 35 -1.17 37.98 -84.52
C GLY L 35 -2.27 38.90 -85.00
N LEU L 36 -2.32 40.11 -84.46
CA LEU L 36 -3.31 41.09 -84.90
C LEU L 36 -3.14 41.41 -86.38
N PHE L 37 -1.90 41.65 -86.80
CA PHE L 37 -1.66 41.98 -88.20
C PHE L 37 -1.99 40.81 -89.11
N THR L 38 -1.65 39.59 -88.67
CA THR L 38 -1.99 38.42 -89.46
C THR L 38 -3.50 38.28 -89.61
N GLU L 39 -4.25 38.52 -88.54
CA GLU L 39 -5.69 38.37 -88.63
C GLU L 39 -6.31 39.48 -89.48
N MET L 40 -5.75 40.69 -89.41
CA MET L 40 -6.25 41.76 -90.27
C MET L 40 -5.99 41.44 -91.73
N LYS L 41 -4.82 40.89 -92.05
CA LYS L 41 -4.53 40.47 -93.41
C LYS L 41 -5.51 39.39 -93.87
N THR L 42 -5.77 38.41 -93.01
CA THR L 42 -6.70 37.36 -93.35
C THR L 42 -8.10 37.91 -93.60
N LEU L 43 -8.54 38.85 -92.78
CA LEU L 43 -9.85 39.48 -93.00
C LEU L 43 -9.88 40.23 -94.31
N ALA L 44 -8.79 40.95 -94.63
CA ALA L 44 -8.73 41.65 -95.90
C ALA L 44 -8.87 40.69 -97.06
N GLY L 45 -8.17 39.57 -97.00
CA GLY L 45 -8.29 38.53 -98.02
C GLY L 45 -6.94 38.10 -98.55
N THR L 46 -6.86 36.82 -98.93
CA THR L 46 -5.64 36.23 -99.44
C THR L 46 -5.98 35.30 -100.58
N SER L 47 -5.02 35.15 -101.50
CA SER L 47 -5.17 34.17 -102.58
C SER L 47 -5.15 32.76 -102.01
N ASP L 48 -4.06 32.40 -101.36
CA ASP L 48 -3.99 31.17 -100.57
C ASP L 48 -4.09 31.49 -99.09
N LEU L 49 -4.48 30.48 -98.32
CA LEU L 49 -4.74 30.67 -96.91
C LEU L 49 -3.46 31.01 -96.16
N LEU L 50 -3.64 31.44 -94.91
CA LEU L 50 -2.56 31.66 -93.97
C LEU L 50 -2.78 30.80 -92.74
N TYR L 51 -1.74 30.07 -92.34
CA TYR L 51 -1.78 29.36 -91.08
C TYR L 51 -1.46 30.33 -89.95
N PRO L 52 -2.36 30.56 -88.99
CA PRO L 52 -2.14 31.63 -88.02
C PRO L 52 -1.00 31.34 -87.05
N SER L 53 -1.00 30.16 -86.45
CA SER L 53 -0.05 29.82 -85.41
C SER L 53 1.23 29.22 -85.96
N ASN L 54 1.53 29.47 -87.23
CA ASN L 54 2.74 28.98 -87.85
C ASN L 54 3.77 30.10 -87.96
N ARG L 55 5.04 29.69 -87.98
CA ARG L 55 6.14 30.64 -87.95
C ARG L 55 6.16 31.53 -89.19
N TYR L 56 6.08 30.93 -90.37
CA TYR L 56 6.28 31.65 -91.61
C TYR L 56 5.30 31.12 -92.65
N ASN L 57 4.73 32.04 -93.44
CA ASN L 57 3.74 31.71 -94.46
C ASN L 57 4.19 32.31 -95.78
N PRO L 58 4.99 31.56 -96.56
CA PRO L 58 5.48 32.11 -97.84
C PRO L 58 4.56 31.90 -99.03
N GLN L 59 3.42 31.26 -98.86
CA GLN L 59 2.59 30.87 -100.00
C GLN L 59 2.00 32.09 -100.70
N ASN L 60 2.05 32.06 -102.03
CA ASN L 60 1.43 33.09 -102.85
C ASN L 60 1.03 32.41 -104.16
N GLU L 61 0.78 33.22 -105.19
CA GLU L 61 0.35 32.68 -106.47
C GLU L 61 1.44 31.84 -107.13
N LYS L 62 2.71 32.17 -106.86
CA LYS L 62 3.85 31.52 -107.51
C LYS L 62 4.68 30.69 -106.56
N THR L 63 4.21 30.47 -105.34
CA THR L 63 5.02 29.85 -104.30
C THR L 63 4.18 28.90 -103.46
N ASN L 64 4.75 27.73 -103.18
CA ASN L 64 4.11 26.73 -102.36
C ASN L 64 4.05 27.17 -100.89
N ARG L 65 3.37 26.36 -100.10
CA ARG L 65 3.35 26.53 -98.65
C ARG L 65 4.62 26.04 -97.97
N MET L 66 5.65 25.68 -98.74
CA MET L 66 6.95 25.36 -98.18
C MET L 66 8.07 26.13 -98.86
N GLY L 67 7.73 27.17 -99.60
CA GLY L 67 8.71 28.07 -100.18
C GLY L 67 9.20 27.69 -101.55
N ARG L 68 8.71 26.62 -102.12
CA ARG L 68 9.11 26.21 -103.45
C ARG L 68 8.14 26.74 -104.48
N PRO L 69 8.52 26.76 -105.75
CA PRO L 69 7.58 27.16 -106.79
C PRO L 69 6.46 26.16 -106.97
N ARG L 70 5.29 26.67 -107.32
CA ARG L 70 4.12 25.83 -107.52
C ARG L 70 4.25 25.03 -108.80
N LYS L 71 3.96 23.74 -108.73
CA LYS L 71 3.93 22.89 -109.91
C LYS L 71 2.65 23.09 -110.70
N TYR L 72 2.76 23.08 -112.02
CA TYR L 72 1.60 23.16 -112.90
C TYR L 72 0.86 24.49 -112.72
N ASN L 73 1.62 25.58 -112.63
CA ASN L 73 1.07 26.90 -112.40
C ASN L 73 1.32 27.86 -113.54
N HIS L 74 1.75 27.35 -114.71
CA HIS L 74 2.06 28.23 -115.83
C HIS L 74 0.80 28.68 -116.57
N GLY L 75 -0.18 27.79 -116.70
CA GLY L 75 -1.41 28.10 -117.40
C GLY L 75 -2.52 28.53 -116.45
N GLU L 76 -3.70 28.70 -117.03
CA GLU L 76 -4.89 29.08 -116.28
C GLU L 76 -5.91 27.95 -116.28
N TRP L 77 -6.74 27.92 -115.26
CA TRP L 77 -7.63 26.80 -114.99
C TRP L 77 -9.06 27.29 -114.86
N MET L 78 -9.99 26.48 -115.36
CA MET L 78 -11.39 26.89 -115.43
C MET L 78 -11.97 27.11 -114.04
N PHE L 79 -11.61 26.27 -113.08
CA PHE L 79 -12.09 26.41 -111.71
C PHE L 79 -11.30 27.44 -110.91
N GLY L 80 -10.41 28.18 -111.55
CA GLY L 80 -9.74 29.29 -110.92
C GLY L 80 -8.38 28.90 -110.36
N ASN L 81 -8.12 29.30 -109.12
CA ASN L 81 -6.87 28.93 -108.48
C ASN L 81 -6.77 27.42 -108.32
N SER L 82 -5.55 26.91 -108.35
CA SER L 82 -5.29 25.50 -108.22
C SER L 82 -5.21 25.06 -106.76
N TYR L 83 -5.80 25.83 -105.86
CA TYR L 83 -5.65 25.60 -104.43
C TYR L 83 -6.79 26.24 -103.65
N TYR M 83 -7.95 14.42 -18.90
CA TYR M 83 -8.67 14.68 -17.66
C TYR M 83 -7.89 15.64 -16.78
N ALA M 84 -8.60 16.39 -15.95
CA ALA M 84 -7.96 17.37 -15.08
C ALA M 84 -7.21 16.68 -13.95
N THR M 85 -6.15 17.34 -13.50
CA THR M 85 -5.34 16.89 -12.37
C THR M 85 -5.93 17.49 -11.11
N LEU M 86 -6.73 16.70 -10.40
CA LEU M 86 -7.32 17.15 -9.15
C LEU M 86 -6.36 16.91 -7.99
N GLY M 87 -6.58 17.65 -6.92
CA GLY M 87 -5.75 17.57 -5.72
C GLY M 87 -5.39 18.95 -5.22
N SER M 88 -5.29 19.07 -3.90
CA SER M 88 -4.91 20.31 -3.23
C SER M 88 -3.43 20.38 -2.91
N GLY M 89 -2.62 19.47 -3.44
CA GLY M 89 -1.23 19.33 -3.04
C GLY M 89 -0.27 20.06 -3.97
N TRP M 90 0.71 20.70 -3.35
CA TRP M 90 1.76 21.42 -4.06
C TRP M 90 3.02 20.59 -4.25
N SER M 91 2.98 19.31 -3.90
CA SER M 91 4.15 18.45 -3.95
C SER M 91 4.36 17.99 -5.39
N PHE M 92 5.47 18.42 -5.99
CA PHE M 92 5.86 17.93 -7.31
C PHE M 92 6.30 16.49 -7.17
N SER M 93 5.46 15.56 -7.60
CA SER M 93 5.68 14.14 -7.40
C SER M 93 5.78 13.43 -8.74
N LYS M 94 6.86 12.69 -8.92
CA LYS M 94 7.05 11.81 -10.05
C LYS M 94 7.31 10.40 -9.53
N VAL M 95 7.20 9.43 -10.42
CA VAL M 95 7.26 8.03 -10.04
C VAL M 95 8.30 7.32 -10.89
N GLN M 96 8.89 6.29 -10.30
CA GLN M 96 9.72 5.33 -11.00
C GLN M 96 9.04 3.97 -10.96
N TYR M 97 9.19 3.22 -12.05
CA TYR M 97 8.52 1.94 -12.20
C TYR M 97 9.47 0.80 -11.89
N THR M 98 8.88 -0.32 -11.53
CA THR M 98 9.58 -1.57 -11.29
C THR M 98 9.30 -2.53 -12.45
N LYS M 99 9.78 -3.77 -12.32
CA LYS M 99 9.47 -4.83 -13.27
C LYS M 99 8.44 -5.79 -12.74
N TYR M 100 7.65 -5.37 -11.76
CA TYR M 100 6.64 -6.21 -11.13
C TYR M 100 5.29 -5.52 -11.24
N ARG M 101 4.26 -6.32 -11.34
CA ARG M 101 2.89 -5.85 -11.49
C ARG M 101 2.20 -5.77 -10.14
N ILE M 102 1.18 -4.92 -10.09
CA ILE M 102 0.39 -4.76 -8.89
C ILE M 102 -0.45 -6.00 -8.66
N THR M 103 -0.45 -6.49 -7.42
CA THR M 103 -1.12 -7.71 -7.04
C THR M 103 -2.07 -7.43 -5.89
N LYS M 104 -3.31 -7.85 -6.06
CA LYS M 104 -4.35 -7.71 -5.07
C LYS M 104 -4.85 -9.09 -4.66
N PRO M 105 -5.55 -9.19 -3.54
CA PRO M 105 -5.99 -10.51 -3.08
C PRO M 105 -6.97 -11.14 -4.05
N TRP M 106 -6.94 -12.46 -4.11
CA TRP M 106 -7.79 -13.20 -5.03
C TRP M 106 -9.27 -13.01 -4.72
N THR M 107 -10.04 -12.75 -5.77
CA THR M 107 -11.49 -12.73 -5.69
C THR M 107 -12.05 -13.33 -6.96
N THR M 108 -13.15 -14.07 -6.82
CA THR M 108 -13.76 -14.75 -7.95
C THR M 108 -14.77 -13.88 -8.68
N ASP M 109 -15.11 -12.71 -8.13
CA ASP M 109 -16.14 -11.84 -8.69
C ASP M 109 -15.68 -10.43 -8.96
N THR M 110 -14.56 -9.99 -8.40
CA THR M 110 -14.13 -8.61 -8.52
C THR M 110 -12.79 -8.53 -9.25
N THR M 111 -12.52 -7.34 -9.76
CA THR M 111 -11.27 -7.03 -10.43
C THR M 111 -10.90 -5.58 -10.15
N PHE M 112 -9.62 -5.32 -9.99
CA PHE M 112 -9.13 -3.99 -9.65
C PHE M 112 -8.67 -3.25 -10.90
N ASP M 113 -8.99 -1.96 -10.98
CA ASP M 113 -8.66 -1.18 -12.16
C ASP M 113 -8.54 0.29 -11.78
N ASP M 114 -8.02 1.07 -12.73
CA ASP M 114 -7.89 2.51 -12.55
C ASP M 114 -9.21 3.19 -12.88
N ILE M 115 -9.59 4.16 -12.04
CA ILE M 115 -10.91 4.76 -12.18
C ILE M 115 -11.00 5.57 -13.46
N ILE M 116 -9.92 6.28 -13.81
CA ILE M 116 -9.96 7.15 -14.98
C ILE M 116 -9.91 6.33 -16.27
N LEU M 117 -9.22 5.19 -16.23
CA LEU M 117 -9.12 4.36 -17.43
C LEU M 117 -10.36 3.51 -17.62
N SER M 118 -10.97 3.06 -16.53
CA SER M 118 -12.19 2.26 -16.62
C SER M 118 -13.40 3.12 -16.94
N GLN M 119 -13.46 4.33 -16.39
CA GLN M 119 -14.66 5.16 -16.43
C GLN M 119 -15.87 4.37 -15.91
N PRO M 120 -15.79 3.87 -14.68
CA PRO M 120 -16.83 2.94 -14.20
C PRO M 120 -18.13 3.66 -13.86
N SER M 121 -19.20 2.90 -13.95
CA SER M 121 -20.51 3.33 -13.52
C SER M 121 -20.88 2.69 -12.18
N LYS M 122 -22.02 3.11 -11.65
CA LYS M 122 -22.41 2.73 -10.30
C LYS M 122 -22.62 1.24 -10.19
N GLU M 123 -23.17 0.62 -11.24
CA GLU M 123 -23.38 -0.82 -11.23
C GLU M 123 -22.11 -1.57 -11.58
N ASP M 124 -21.16 -0.93 -12.25
CA ASP M 124 -19.86 -1.54 -12.47
C ASP M 124 -19.07 -1.61 -11.17
N PHE M 125 -19.30 -0.67 -10.26
CA PHE M 125 -18.69 -0.73 -8.94
C PHE M 125 -19.17 -1.96 -8.18
N ALA M 126 -18.28 -2.50 -7.36
CA ALA M 126 -18.58 -3.67 -6.55
C ALA M 126 -19.14 -3.28 -5.20
N LYS M 127 -19.97 -4.16 -4.65
CA LYS M 127 -20.74 -3.88 -3.45
C LYS M 127 -20.28 -4.80 -2.31
N PHE M 128 -20.31 -4.26 -1.09
CA PHE M 128 -20.07 -5.07 0.09
C PHE M 128 -20.96 -4.58 1.23
N THR M 129 -20.99 -5.36 2.30
CA THR M 129 -21.77 -5.04 3.49
C THR M 129 -20.86 -4.47 4.57
N LYS M 130 -21.25 -3.31 5.11
CA LYS M 130 -20.49 -2.59 6.11
C LYS M 130 -21.24 -2.61 7.45
N GLU M 131 -20.47 -2.68 8.54
CA GLU M 131 -21.05 -2.72 9.87
C GLU M 131 -21.49 -1.33 10.31
N ALA M 132 -22.76 -1.24 10.73
CA ALA M 132 -23.46 -0.02 11.08
C ALA M 132 -23.20 0.57 12.47
N PRO M 133 -23.15 -0.25 13.52
CA PRO M 133 -23.42 0.30 14.88
C PRO M 133 -22.54 1.48 15.28
N LEU M 134 -21.26 1.44 14.93
CA LEU M 134 -20.39 2.55 15.29
C LEU M 134 -20.85 3.85 14.65
N PHE M 135 -21.32 3.78 13.41
CA PHE M 135 -21.87 4.97 12.76
C PHE M 135 -23.25 5.31 13.28
N LEU M 136 -24.05 4.30 13.61
CA LEU M 136 -25.43 4.54 14.00
C LEU M 136 -25.52 5.23 15.35
N ARG M 137 -24.59 4.95 16.26
CA ARG M 137 -24.56 5.67 17.52
C ARG M 137 -24.37 7.17 17.30
N PHE M 138 -23.31 7.53 16.57
CA PHE M 138 -23.06 8.92 16.24
C PHE M 138 -24.23 9.54 15.50
N LEU M 139 -24.87 8.77 14.61
CA LEU M 139 -26.00 9.30 13.86
C LEU M 139 -27.17 9.58 14.77
N LYS M 140 -27.45 8.69 15.73
CA LYS M 140 -28.51 8.94 16.68
C LYS M 140 -28.25 10.21 17.46
N LEU M 141 -27.02 10.38 17.92
CA LEU M 141 -26.66 11.61 18.62
C LEU M 141 -26.91 12.85 17.74
N VAL M 142 -26.39 12.82 16.52
CA VAL M 142 -26.52 13.98 15.63
C VAL M 142 -27.97 14.29 15.34
N THR M 143 -28.78 13.25 15.12
CA THR M 143 -30.19 13.46 14.81
C THR M 143 -30.96 13.95 16.02
N ASP M 144 -30.58 13.49 17.22
CA ASP M 144 -31.23 13.98 18.43
C ASP M 144 -30.93 15.46 18.64
N VAL M 145 -29.75 15.90 18.21
CA VAL M 145 -29.45 17.33 18.27
C VAL M 145 -30.23 18.08 17.20
N GLU M 146 -30.12 17.64 15.94
CA GLU M 146 -30.68 18.38 14.82
C GLU M 146 -32.20 18.36 14.79
N GLY M 147 -32.83 17.41 15.47
CA GLY M 147 -34.28 17.35 15.47
C GLY M 147 -34.89 16.68 14.26
N ARG M 148 -34.29 15.58 13.79
CA ARG M 148 -34.84 14.79 12.68
C ARG M 148 -34.56 13.32 12.97
N GLN M 149 -35.50 12.67 13.66
CA GLN M 149 -35.37 11.26 14.02
C GLN M 149 -35.97 10.32 13.00
N GLU M 150 -36.96 10.79 12.23
CA GLU M 150 -37.47 9.99 11.12
C GLU M 150 -36.35 9.48 10.24
N ALA M 151 -35.36 10.33 9.96
CA ALA M 151 -34.26 9.93 9.09
C ALA M 151 -33.43 8.84 9.72
N PHE M 152 -33.16 8.97 11.03
CA PHE M 152 -32.39 7.94 11.72
C PHE M 152 -33.12 6.62 11.70
N ILE M 153 -34.43 6.64 11.97
CA ILE M 153 -35.20 5.39 12.01
C ILE M 153 -35.24 4.75 10.63
N GLN M 154 -35.50 5.55 9.60
CA GLN M 154 -35.54 5.02 8.25
C GLN M 154 -34.20 4.40 7.88
N PHE M 155 -33.11 5.12 8.14
CA PHE M 155 -31.79 4.63 7.78
C PHE M 155 -31.42 3.37 8.56
N ALA M 156 -31.80 3.29 9.83
CA ALA M 156 -31.48 2.12 10.62
C ALA M 156 -32.27 0.90 10.17
N LYS M 157 -33.54 1.10 9.82
CA LYS M 157 -34.32 -0.01 9.27
C LYS M 157 -33.78 -0.44 7.91
N ARG M 158 -33.25 0.51 7.14
CA ARG M 158 -32.59 0.15 5.90
C ARG M 158 -31.30 -0.62 6.16
N CYS M 159 -30.58 -0.25 7.21
CA CYS M 159 -29.19 -0.60 7.38
C CYS M 159 -28.97 -1.79 8.30
N GLU M 160 -30.01 -2.26 8.98
CA GLU M 160 -29.91 -3.54 9.67
C GLU M 160 -29.48 -4.65 8.72
N ASN M 161 -28.83 -5.67 9.28
CA ASN M 161 -28.06 -6.64 8.52
C ASN M 161 -26.97 -5.97 7.71
N GLY M 162 -26.44 -4.86 8.20
CA GLY M 162 -25.35 -4.18 7.54
C GLY M 162 -25.82 -3.32 6.37
N LEU M 163 -24.97 -2.38 6.00
CA LEU M 163 -25.24 -1.49 4.88
C LEU M 163 -24.58 -2.07 3.62
N THR M 164 -25.40 -2.44 2.64
CA THR M 164 -24.89 -2.84 1.34
C THR M 164 -24.61 -1.60 0.52
N VAL M 165 -23.38 -1.46 0.05
CA VAL M 165 -22.93 -0.20 -0.53
C VAL M 165 -21.78 -0.49 -1.48
N GLU M 166 -21.63 0.37 -2.49
CA GLU M 166 -20.50 0.28 -3.39
C GLU M 166 -19.20 0.46 -2.62
N LYS M 167 -18.20 -0.33 -3.00
CA LYS M 167 -17.08 -0.58 -2.09
C LYS M 167 -16.12 0.59 -2.04
N ASP M 168 -15.66 1.06 -3.20
CA ASP M 168 -14.61 2.07 -3.28
C ASP M 168 -15.16 3.46 -3.59
N VAL M 169 -16.32 3.78 -3.04
CA VAL M 169 -16.88 5.13 -3.11
C VAL M 169 -16.98 5.62 -1.68
N TYR M 170 -15.95 6.30 -1.21
CA TYR M 170 -15.88 6.73 0.18
C TYR M 170 -15.10 8.03 0.27
N VAL M 171 -15.13 8.60 1.47
CA VAL M 171 -14.33 9.75 1.84
C VAL M 171 -13.65 9.43 3.16
N THR M 172 -12.38 9.79 3.27
CA THR M 172 -11.63 9.50 4.47
C THR M 172 -11.96 10.48 5.59
N LYS M 173 -11.67 10.03 6.82
CA LYS M 173 -11.92 10.85 8.00
C LYS M 173 -11.14 12.14 7.95
N LYS M 174 -9.90 12.10 7.46
CA LYS M 174 -9.08 13.29 7.39
C LYS M 174 -9.67 14.31 6.43
N GLU M 175 -10.07 13.84 5.24
CA GLU M 175 -10.70 14.72 4.27
C GLU M 175 -11.98 15.33 4.83
N LEU M 176 -12.80 14.51 5.49
CA LEU M 176 -14.05 15.02 6.03
C LEU M 176 -13.80 16.05 7.12
N VAL M 177 -12.79 15.83 7.96
CA VAL M 177 -12.49 16.77 9.02
C VAL M 177 -11.98 18.08 8.44
N ASP M 178 -11.14 18.00 7.41
CA ASP M 178 -10.70 19.21 6.72
C ASP M 178 -11.89 19.99 6.18
N CYS M 179 -12.84 19.28 5.56
CA CYS M 179 -14.02 19.95 5.02
C CYS M 179 -14.83 20.63 6.11
N LEU M 180 -15.09 19.91 7.20
CA LEU M 180 -15.84 20.48 8.30
C LEU M 180 -15.16 21.72 8.86
N TRP M 181 -13.84 21.63 9.05
CA TRP M 181 -13.12 22.76 9.62
C TRP M 181 -13.17 23.97 8.70
N LYS M 182 -12.91 23.77 7.41
CA LYS M 182 -12.90 24.91 6.50
C LYS M 182 -14.29 25.46 6.27
N ASN M 183 -15.34 24.66 6.49
CA ASN M 183 -16.70 25.11 6.27
C ASN M 183 -17.38 25.59 7.54
N GLY M 184 -16.71 25.51 8.68
CA GLY M 184 -17.12 26.22 9.87
C GLY M 184 -17.83 25.43 10.93
N TYR M 185 -17.65 24.12 10.97
CA TYR M 185 -18.19 23.32 12.07
C TYR M 185 -17.32 23.50 13.31
N THR M 186 -17.97 23.48 14.47
CA THR M 186 -17.31 23.87 15.70
C THR M 186 -16.34 22.80 16.17
N ASP M 187 -15.43 23.23 17.06
CA ASP M 187 -14.40 22.34 17.57
C ASP M 187 -15.00 21.21 18.40
N THR M 188 -16.13 21.46 19.06
CA THR M 188 -16.79 20.38 19.80
C THR M 188 -17.25 19.29 18.85
N GLU M 189 -17.88 19.69 17.74
CA GLU M 189 -18.34 18.71 16.75
C GLU M 189 -17.17 17.95 16.14
N ILE M 190 -16.10 18.67 15.79
CA ILE M 190 -14.95 18.01 15.19
C ILE M 190 -14.32 17.03 16.18
N ASN M 191 -14.25 17.42 17.46
CA ASN M 191 -13.71 16.53 18.47
C ASN M 191 -14.60 15.31 18.66
N ALA M 192 -15.91 15.50 18.57
CA ALA M 192 -16.82 14.36 18.62
C ALA M 192 -16.52 13.38 17.50
N PHE M 193 -16.38 13.88 16.27
CA PHE M 193 -15.98 13.02 15.16
C PHE M 193 -14.69 12.28 15.48
N GLU M 194 -13.69 13.02 15.98
CA GLU M 194 -12.37 12.44 16.20
C GLU M 194 -12.40 11.33 17.23
N ILE M 195 -13.10 11.55 18.34
CA ILE M 195 -13.14 10.52 19.38
C ILE M 195 -14.04 9.37 18.97
N ALA M 196 -15.08 9.64 18.17
CA ALA M 196 -16.01 8.59 17.82
C ALA M 196 -15.37 7.61 16.86
N PHE M 197 -14.80 8.11 15.74
CA PHE M 197 -14.42 7.18 14.71
C PHE M 197 -12.91 6.95 14.73
N PRO M 198 -12.46 5.77 14.32
CA PRO M 198 -11.02 5.55 14.17
C PRO M 198 -10.43 6.37 13.03
N ALA M 199 -9.10 6.41 13.00
CA ALA M 199 -8.39 7.20 12.00
C ALA M 199 -8.59 6.65 10.60
N ASP M 200 -8.67 5.32 10.47
CA ASP M 200 -8.79 4.66 9.19
C ASP M 200 -10.23 4.36 8.81
N TYR M 201 -11.19 5.07 9.39
CA TYR M 201 -12.57 4.86 9.01
C TYR M 201 -12.82 5.44 7.62
N LYS M 202 -13.84 4.90 6.96
CA LYS M 202 -14.19 5.31 5.60
C LYS M 202 -15.68 5.57 5.53
N PHE M 203 -16.04 6.83 5.30
CA PHE M 203 -17.43 7.25 5.23
C PHE M 203 -17.94 7.13 3.80
N HIS M 204 -19.04 6.41 3.63
CA HIS M 204 -19.65 6.23 2.32
C HIS M 204 -20.77 7.26 2.10
N TYR M 205 -21.17 7.36 0.84
CA TYR M 205 -22.11 8.40 0.46
C TYR M 205 -23.46 8.31 1.15
N PRO M 206 -24.02 7.13 1.46
CA PRO M 206 -25.30 7.15 2.20
C PRO M 206 -25.12 7.65 3.61
N GLU M 207 -24.00 7.30 4.26
CA GLU M 207 -23.70 7.81 5.58
C GLU M 207 -23.60 9.33 5.55
N LEU M 208 -22.85 9.87 4.58
CA LEU M 208 -22.73 11.32 4.45
C LEU M 208 -24.09 11.97 4.23
N ALA M 209 -24.91 11.37 3.37
CA ALA M 209 -26.19 11.98 3.04
C ALA M 209 -27.12 12.01 4.24
N VAL M 210 -27.16 10.93 5.01
CA VAL M 210 -28.04 10.92 6.17
C VAL M 210 -27.48 11.77 7.29
N LEU M 211 -26.16 11.93 7.35
CA LEU M 211 -25.55 12.69 8.44
C LEU M 211 -25.62 14.19 8.21
N PHE M 212 -25.68 14.62 6.96
CA PHE M 212 -25.72 16.04 6.64
C PHE M 212 -26.99 16.49 5.93
N ASP M 213 -27.98 15.59 5.75
CA ASP M 213 -29.22 15.96 5.09
C ASP M 213 -28.94 16.48 3.69
N LEU M 214 -28.16 15.71 2.94
CA LEU M 214 -27.87 15.95 1.54
C LEU M 214 -28.41 14.80 0.70
N THR M 215 -28.24 14.92 -0.61
CA THR M 215 -28.68 13.91 -1.55
C THR M 215 -27.58 12.88 -1.79
N GLU M 216 -28.00 11.62 -1.87
CA GLU M 216 -27.03 10.54 -2.11
C GLU M 216 -26.32 10.73 -3.44
N GLU M 217 -27.01 11.31 -4.43
CA GLU M 217 -26.35 11.62 -5.69
C GLU M 217 -25.17 12.57 -5.49
N ASP M 218 -25.42 13.69 -4.80
CA ASP M 218 -24.36 14.66 -4.55
C ASP M 218 -23.23 14.05 -3.74
N CYS M 219 -23.56 13.24 -2.73
CA CYS M 219 -22.50 12.64 -1.92
C CYS M 219 -21.70 11.63 -2.75
N TYR M 220 -22.36 10.90 -3.65
CA TYR M 220 -21.66 9.99 -4.55
C TYR M 220 -20.69 10.74 -5.42
N LYS M 221 -21.15 11.85 -6.02
CA LYS M 221 -20.28 12.63 -6.88
C LYS M 221 -19.10 13.20 -6.11
N TYR M 222 -19.32 13.68 -4.89
CA TYR M 222 -18.23 14.18 -4.08
C TYR M 222 -17.21 13.09 -3.78
N CYS M 223 -17.70 11.92 -3.38
CA CYS M 223 -16.80 10.80 -3.10
C CYS M 223 -16.00 10.42 -4.33
N ILE M 224 -16.62 10.44 -5.50
CA ILE M 224 -15.92 10.07 -6.72
C ILE M 224 -14.83 11.08 -7.05
N ARG M 225 -15.14 12.37 -6.90
CA ARG M 225 -14.13 13.40 -7.13
C ARG M 225 -12.96 13.22 -6.17
N GLN M 226 -13.26 12.91 -4.91
CA GLN M 226 -12.19 12.79 -3.92
C GLN M 226 -11.37 11.52 -4.12
N ARG M 227 -11.96 10.49 -4.71
CA ARG M 227 -11.19 9.30 -5.06
C ARG M 227 -10.34 9.54 -6.31
N ALA M 228 -10.87 10.28 -7.28
CA ALA M 228 -10.09 10.63 -8.45
C ALA M 228 -8.93 11.55 -8.12
N ALA M 229 -9.05 12.33 -7.04
CA ALA M 229 -7.91 13.12 -6.58
C ALA M 229 -6.73 12.24 -6.22
N THR M 230 -6.99 11.01 -5.76
CA THR M 230 -5.95 10.03 -5.45
C THR M 230 -6.19 8.79 -6.32
N PRO M 231 -5.88 8.87 -7.60
CA PRO M 231 -6.15 7.76 -8.51
C PRO M 231 -5.06 6.69 -8.57
N GLU M 232 -3.98 6.86 -7.81
CA GLU M 232 -2.99 5.80 -7.69
C GLU M 232 -3.60 4.56 -7.06
N GLU M 233 -4.57 4.76 -6.17
CA GLU M 233 -5.29 3.65 -5.56
C GLU M 233 -6.28 3.06 -6.56
N LEU M 234 -6.14 1.76 -6.83
CA LEU M 234 -7.06 1.09 -7.71
C LEU M 234 -8.41 0.90 -7.03
N VAL M 235 -9.44 0.78 -7.85
CA VAL M 235 -10.81 0.62 -7.37
C VAL M 235 -11.32 -0.73 -7.82
N GLU M 236 -12.26 -1.28 -7.05
CA GLU M 236 -12.73 -2.63 -7.21
C GLU M 236 -14.05 -2.61 -7.99
N LEU M 237 -14.06 -3.36 -9.09
CA LEU M 237 -15.16 -3.43 -10.04
C LEU M 237 -15.67 -4.85 -10.11
N LYS M 238 -16.87 -5.01 -10.64
CA LYS M 238 -17.40 -6.33 -10.91
C LYS M 238 -16.62 -6.99 -12.03
N TYR M 239 -16.24 -8.25 -11.83
CA TYR M 239 -15.52 -8.99 -12.84
C TYR M 239 -16.43 -9.31 -14.02
N THR M 240 -15.94 -9.07 -15.22
CA THR M 240 -16.64 -9.41 -16.44
C THR M 240 -15.73 -10.20 -17.34
N LYS M 241 -16.28 -11.23 -17.97
CA LYS M 241 -15.49 -12.07 -18.86
C LYS M 241 -15.02 -11.24 -20.05
N PRO M 242 -13.98 -11.69 -20.74
CA PRO M 242 -13.58 -11.01 -21.97
C PRO M 242 -14.66 -11.11 -23.04
N LYS M 243 -14.54 -10.25 -24.03
CA LYS M 243 -15.56 -10.06 -25.04
C LYS M 243 -14.96 -10.10 -26.44
N ASN M 244 -15.68 -10.72 -27.36
CA ASN M 244 -15.33 -10.68 -28.77
C ASN M 244 -14.04 -11.43 -29.05
N LEU M 245 -13.85 -12.54 -28.33
CA LEU M 245 -12.62 -13.30 -28.45
C LEU M 245 -12.52 -13.98 -29.81
N VAL M 246 -13.64 -14.47 -30.34
CA VAL M 246 -13.61 -15.18 -31.61
C VAL M 246 -13.26 -14.22 -32.74
N SER M 247 -13.95 -13.09 -32.79
CA SER M 247 -13.63 -12.08 -33.79
C SER M 247 -12.21 -11.57 -33.65
N SER M 248 -11.75 -11.40 -32.41
CA SER M 248 -10.38 -10.95 -32.19
C SER M 248 -9.38 -11.99 -32.66
N TYR M 249 -9.68 -13.28 -32.45
CA TYR M 249 -8.83 -14.33 -32.96
C TYR M 249 -8.75 -14.28 -34.47
N GLY M 250 -9.90 -14.10 -35.13
CA GLY M 250 -9.89 -14.01 -36.58
C GLY M 250 -9.05 -12.86 -37.07
N LEU M 251 -9.24 -11.68 -36.46
CA LEU M 251 -8.49 -10.51 -36.88
C LEU M 251 -7.00 -10.66 -36.60
N CYS M 252 -6.63 -11.33 -35.51
CA CYS M 252 -5.21 -11.50 -35.21
C CYS M 252 -4.57 -12.52 -36.14
N PHE M 253 -5.31 -13.55 -36.53
CA PHE M 253 -4.83 -14.44 -37.56
C PHE M 253 -4.60 -13.68 -38.87
N LEU M 254 -5.59 -12.88 -39.26
CA LEU M 254 -5.43 -12.08 -40.48
C LEU M 254 -4.19 -11.19 -40.37
N GLY M 255 -4.01 -10.56 -39.22
CA GLY M 255 -2.85 -9.77 -38.94
C GLY M 255 -1.56 -10.51 -39.17
N VAL M 256 -1.33 -11.62 -38.47
CA VAL M 256 -0.08 -12.35 -38.65
C VAL M 256 0.06 -12.86 -40.08
N TRP M 257 -1.05 -13.29 -40.68
CA TRP M 257 -1.01 -13.85 -42.02
C TRP M 257 -0.54 -12.83 -43.05
N PHE M 258 -0.93 -11.57 -42.89
CA PHE M 258 -0.47 -10.52 -43.77
C PHE M 258 0.82 -9.85 -43.32
N GLY M 259 1.13 -9.88 -42.03
CA GLY M 259 2.23 -9.10 -41.50
C GLY M 259 3.54 -9.84 -41.40
N LEU M 260 3.49 -11.15 -41.24
CA LEU M 260 4.71 -11.95 -41.16
C LEU M 260 5.04 -12.66 -42.45
N SER M 261 4.15 -12.62 -43.43
CA SER M 261 4.41 -13.17 -44.76
C SER M 261 5.24 -12.18 -45.58
N ASN M 262 6.46 -11.96 -45.12
CA ASN M 262 7.33 -10.97 -45.73
C ASN M 262 8.75 -11.20 -45.22
N THR M 263 9.69 -10.42 -45.76
CA THR M 263 11.10 -10.49 -45.41
C THR M 263 11.53 -9.29 -44.58
N VAL M 264 10.58 -8.67 -43.87
CA VAL M 264 10.87 -7.42 -43.18
C VAL M 264 11.85 -7.66 -42.04
N LEU M 265 11.64 -8.71 -41.25
CA LEU M 265 12.49 -8.97 -40.10
C LEU M 265 13.77 -9.70 -40.47
N SER M 266 14.05 -9.86 -41.76
CA SER M 266 15.27 -10.52 -42.24
C SER M 266 16.00 -9.62 -43.21
N ASN M 267 15.82 -8.32 -43.07
CA ASN M 267 16.21 -7.33 -44.04
C ASN M 267 17.55 -6.70 -43.71
N ALA M 268 18.25 -6.28 -44.76
CA ALA M 268 19.44 -5.47 -44.59
C ALA M 268 19.09 -4.14 -43.95
N TRP M 269 17.94 -3.57 -44.32
CA TRP M 269 17.48 -2.36 -43.66
C TRP M 269 17.29 -2.62 -42.18
N PHE M 270 16.60 -3.72 -41.84
CA PHE M 270 16.41 -4.07 -40.45
C PHE M 270 17.75 -4.10 -39.72
N TYR M 271 18.65 -5.00 -40.16
CA TYR M 271 19.91 -5.21 -39.45
C TYR M 271 20.83 -4.00 -39.47
N SER M 272 20.69 -3.10 -40.44
CA SER M 272 21.59 -1.95 -40.54
C SER M 272 21.07 -0.72 -39.83
N LYS M 273 19.75 -0.51 -39.80
CA LYS M 273 19.17 0.72 -39.29
C LYS M 273 18.22 0.45 -38.12
N THR M 274 17.30 -0.50 -38.27
CA THR M 274 16.24 -0.64 -37.28
C THR M 274 16.80 -1.16 -35.96
N PHE M 275 17.57 -2.25 -36.03
CA PHE M 275 18.07 -2.83 -34.81
C PHE M 275 19.18 -1.98 -34.20
N PRO M 276 20.12 -1.45 -34.99
CA PRO M 276 21.15 -0.60 -34.37
C PRO M 276 20.62 0.67 -33.76
N PHE M 277 19.83 1.43 -34.51
CA PHE M 277 19.28 2.68 -33.97
C PHE M 277 18.41 2.41 -32.75
N GLY M 278 17.51 1.43 -32.85
CA GLY M 278 16.64 1.13 -31.73
C GLY M 278 17.40 0.64 -30.51
N ALA M 279 18.36 -0.26 -30.72
CA ALA M 279 19.13 -0.79 -29.62
C ALA M 279 19.98 0.29 -28.96
N VAL M 280 20.50 1.23 -29.77
CA VAL M 280 21.31 2.30 -29.22
C VAL M 280 20.44 3.26 -28.41
N PHE M 281 19.28 3.62 -28.94
CA PHE M 281 18.35 4.44 -28.17
C PHE M 281 17.97 3.75 -26.86
N TYR M 282 17.70 2.44 -26.92
CA TYR M 282 17.32 1.72 -25.71
C TYR M 282 18.45 1.69 -24.70
N MET M 283 19.67 1.43 -25.15
CA MET M 283 20.80 1.36 -24.24
C MET M 283 21.08 2.72 -23.63
N LEU M 284 21.03 3.78 -24.43
CA LEU M 284 21.27 5.11 -23.90
C LEU M 284 20.17 5.52 -22.92
N GLY M 285 18.92 5.22 -23.25
CA GLY M 285 17.85 5.52 -22.32
C GLY M 285 17.97 4.75 -21.02
N SER M 286 18.38 3.49 -21.10
CA SER M 286 18.54 2.70 -19.89
C SER M 286 19.69 3.23 -19.04
N TYR M 287 20.77 3.69 -19.68
CA TYR M 287 21.94 4.12 -18.93
C TYR M 287 21.77 5.53 -18.38
N PHE M 288 21.12 6.41 -19.12
CA PHE M 288 20.88 7.78 -18.70
C PHE M 288 19.41 8.05 -18.45
N TYR M 289 18.71 7.06 -17.91
CA TYR M 289 17.28 7.21 -17.65
C TYR M 289 17.01 8.37 -16.71
N ARG M 290 17.79 8.46 -15.62
CA ARG M 290 17.52 9.43 -14.58
C ARG M 290 18.16 10.79 -14.86
N ASP M 291 19.34 10.79 -15.47
CA ASP M 291 19.98 12.05 -15.86
C ASP M 291 19.06 12.87 -16.75
N ILE M 292 18.46 12.21 -17.75
CA ILE M 292 17.59 12.89 -18.69
C ILE M 292 16.38 13.47 -17.97
N ARG M 293 15.71 12.65 -17.15
CA ARG M 293 14.52 13.10 -16.47
C ARG M 293 14.82 14.28 -15.57
N GLU M 294 15.95 14.23 -14.86
CA GLU M 294 16.31 15.33 -13.97
C GLU M 294 16.60 16.61 -14.75
N LYS M 295 17.36 16.48 -15.84
CA LYS M 295 17.67 17.65 -16.65
C LYS M 295 16.42 18.28 -17.24
N LEU M 296 15.41 17.47 -17.53
CA LEU M 296 14.16 18.01 -18.04
C LEU M 296 13.35 18.67 -16.94
N TRP M 297 13.23 18.02 -15.78
CA TRP M 297 12.36 18.48 -14.71
C TRP M 297 12.93 19.60 -13.87
N LYS M 298 14.21 19.95 -14.07
CA LYS M 298 14.82 21.05 -13.33
C LYS M 298 13.99 22.32 -13.40
N GLU M 299 13.61 22.73 -14.61
CA GLU M 299 12.89 23.98 -14.80
C GLU M 299 11.53 23.95 -14.13
N GLU M 300 10.79 22.87 -14.32
CA GLU M 300 9.47 22.75 -13.71
C GLU M 300 9.57 22.81 -12.18
N LYS M 301 10.55 22.12 -11.61
CA LYS M 301 10.73 22.14 -10.17
C LYS M 301 11.01 23.56 -9.68
N SER M 302 11.89 24.27 -10.38
CA SER M 302 12.22 25.63 -9.99
C SER M 302 11.01 26.54 -10.07
N LEU M 303 10.22 26.39 -11.13
CA LEU M 303 9.03 27.22 -11.30
C LEU M 303 8.02 26.98 -10.19
N ILE M 304 7.80 25.71 -9.86
CA ILE M 304 6.84 25.37 -8.80
C ILE M 304 7.31 25.94 -7.47
N HIS M 305 8.61 25.83 -7.19
CA HIS M 305 9.16 26.41 -5.97
C HIS M 305 8.92 27.92 -5.92
N THR M 306 9.24 28.61 -7.02
CA THR M 306 9.05 30.06 -7.07
C THR M 306 7.59 30.43 -6.83
N ALA M 307 6.67 29.72 -7.47
CA ALA M 307 5.25 30.02 -7.33
C ALA M 307 4.80 29.86 -5.89
N GLN M 308 5.19 28.75 -5.26
CA GLN M 308 4.78 28.51 -3.88
C GLN M 308 5.34 29.58 -2.95
N GLU M 309 6.59 29.98 -3.16
CA GLU M 309 7.17 31.00 -2.29
C GLU M 309 6.47 32.34 -2.45
N ASN M 310 6.18 32.72 -3.69
CA ASN M 310 5.47 33.97 -3.93
C ASN M 310 4.11 33.95 -3.25
N LYS M 311 3.37 32.86 -3.41
CA LYS M 311 2.07 32.71 -2.76
C LYS M 311 2.20 32.88 -1.25
N ASN M 312 3.15 32.17 -0.65
CA ASN M 312 3.28 32.21 0.80
C ASN M 312 3.58 33.62 1.29
N MET M 313 4.56 34.28 0.67
CA MET M 313 4.96 35.60 1.19
C MET M 313 3.85 36.62 0.99
N GLY M 314 3.15 36.56 -0.14
CA GLY M 314 2.05 37.49 -0.34
C GLY M 314 0.93 37.28 0.65
N GLU M 315 0.55 36.02 0.87
CA GLU M 315 -0.50 35.73 1.84
C GLU M 315 -0.13 36.23 3.23
N GLU M 316 1.11 35.96 3.64
CA GLU M 316 1.53 36.39 4.98
C GLU M 316 1.50 37.91 5.12
N SER M 317 1.99 38.62 4.10
CA SER M 317 2.02 40.07 4.17
C SER M 317 0.61 40.65 4.27
N VAL M 318 -0.30 40.15 3.44
CA VAL M 318 -1.68 40.65 3.46
C VAL M 318 -2.32 40.35 4.81
N TYR M 319 -2.07 39.14 5.33
CA TYR M 319 -2.64 38.74 6.62
C TYR M 319 -2.18 39.67 7.74
N LYS M 320 -0.88 39.90 7.83
CA LYS M 320 -0.38 40.72 8.93
C LYS M 320 -0.83 42.17 8.79
N GLN M 321 -0.92 42.70 7.56
CA GLN M 321 -1.37 44.07 7.42
C GLN M 321 -2.86 44.22 7.76
N MET M 322 -3.65 43.17 7.51
CA MET M 322 -5.03 43.24 7.94
C MET M 322 -5.13 43.09 9.45
N LYS M 323 -4.25 42.29 10.05
CA LYS M 323 -4.22 42.26 11.51
C LYS M 323 -3.90 43.64 12.05
N LYS M 324 -3.00 44.37 11.38
CA LYS M 324 -2.64 45.71 11.81
C LYS M 324 -3.84 46.64 11.81
N TYR M 325 -4.74 46.46 10.84
CA TYR M 325 -5.88 47.38 10.71
C TYR M 325 -7.19 46.83 11.25
N ALA M 326 -7.18 45.62 11.83
CA ALA M 326 -8.39 45.07 12.43
C ALA M 326 -9.00 45.98 13.49
N THR M 327 -8.20 46.81 14.14
CA THR M 327 -8.67 47.64 15.25
C THR M 327 -9.44 48.88 14.82
N ASP M 328 -9.62 49.11 13.51
CA ASP M 328 -10.07 50.41 13.02
C ASP M 328 -11.59 50.59 13.07
N THR M 329 -12.33 49.60 13.57
CA THR M 329 -13.78 49.74 13.68
C THR M 329 -14.23 50.29 15.02
N LYS M 330 -13.41 50.17 16.07
CA LYS M 330 -13.80 50.66 17.39
C LYS M 330 -13.79 52.18 17.49
N CYS M 331 -13.26 52.88 16.49
CA CYS M 331 -13.33 54.34 16.49
C CYS M 331 -14.78 54.83 16.54
N LEU M 332 -15.68 54.16 15.82
CA LEU M 332 -17.07 54.59 15.77
C LEU M 332 -17.76 54.41 17.11
N ASP M 333 -17.73 53.19 17.66
CA ASP M 333 -18.46 52.92 18.89
C ASP M 333 -17.82 53.54 20.11
N TYR M 334 -16.60 54.06 20.02
CA TYR M 334 -16.12 55.01 21.02
C TYR M 334 -16.84 56.34 20.90
N LEU M 335 -17.05 56.82 19.67
CA LEU M 335 -17.68 58.11 19.44
C LEU M 335 -19.06 58.18 20.08
N SER M 336 -19.80 57.07 20.06
CA SER M 336 -21.15 57.07 20.62
C SER M 336 -21.13 57.40 22.11
N THR M 337 -20.15 56.88 22.84
CA THR M 337 -20.10 57.10 24.29
C THR M 337 -19.97 58.58 24.60
N PHE M 338 -19.23 59.31 23.78
CA PHE M 338 -19.00 60.74 23.99
C PHE M 338 -20.26 61.49 24.38
N ARG M 339 -21.32 61.37 23.58
CA ARG M 339 -22.57 62.07 23.90
C ARG M 339 -23.19 61.57 25.20
N THR M 340 -23.06 60.27 25.47
CA THR M 340 -23.65 59.70 26.69
C THR M 340 -22.90 60.13 27.93
N GLU M 341 -21.57 60.26 27.83
CA GLU M 341 -20.76 60.56 29.01
C GLU M 341 -20.82 62.02 29.40
N VAL M 342 -20.56 62.93 28.46
CA VAL M 342 -20.39 64.33 28.80
C VAL M 342 -21.67 64.93 29.39
N GLU M 343 -22.82 64.37 29.04
CA GLU M 343 -24.11 64.74 29.61
C GLU M 343 -24.35 64.14 30.98
N ASP M 344 -23.34 63.59 31.58
CA ASP M 344 -23.31 63.10 32.95
C ASP M 344 -22.14 63.71 33.70
N GLN M 345 -20.97 63.80 33.06
CA GLN M 345 -19.84 64.54 33.59
C GLN M 345 -20.15 66.01 33.82
N ILE M 346 -21.14 66.55 33.13
CA ILE M 346 -21.50 67.95 33.40
C ILE M 346 -22.42 68.03 34.61
N ALA M 347 -23.37 67.12 34.72
CA ALA M 347 -24.21 67.10 35.91
C ALA M 347 -23.42 66.74 37.16
N ASN M 348 -22.33 65.97 37.00
CA ASN M 348 -21.37 65.75 38.08
C ASN M 348 -20.16 66.69 38.00
N TYR M 349 -20.33 67.83 37.38
CA TYR M 349 -19.38 68.94 37.41
C TYR M 349 -19.97 70.17 38.08
N LYS M 350 -21.24 70.47 37.78
CA LYS M 350 -21.89 71.60 38.45
C LYS M 350 -21.92 71.41 39.95
N VAL M 351 -22.19 70.19 40.40
CA VAL M 351 -22.18 69.87 41.83
C VAL M 351 -20.81 70.22 42.43
N ALA M 352 -19.74 69.74 41.81
CA ALA M 352 -18.41 69.99 42.34
C ALA M 352 -18.10 71.48 42.32
N LEU M 353 -18.65 72.23 41.37
CA LEU M 353 -18.39 73.67 41.34
C LEU M 353 -19.10 74.36 42.49
N VAL M 354 -20.35 73.99 42.74
CA VAL M 354 -21.08 74.46 43.92
C VAL M 354 -20.25 74.21 45.17
N SER M 355 -19.81 72.96 45.36
CA SER M 355 -19.04 72.65 46.57
C SER M 355 -17.72 73.40 46.61
N GLN M 356 -17.12 73.69 45.45
CA GLN M 356 -15.93 74.51 45.43
C GLN M 356 -16.21 75.88 46.00
N MET M 357 -17.32 76.48 45.57
CA MET M 357 -17.72 77.80 46.07
C MET M 357 -17.96 77.76 47.57
N ARG M 358 -18.64 76.72 48.04
CA ARG M 358 -18.88 76.56 49.48
C ARG M 358 -17.56 76.50 50.24
N ARG M 359 -16.61 75.68 49.75
CA ARG M 359 -15.34 75.52 50.43
C ARG M 359 -14.59 76.85 50.48
N GLN M 360 -14.58 77.59 49.37
CA GLN M 360 -13.84 78.85 49.35
C GLN M 360 -14.46 79.85 50.31
N LEU M 361 -15.79 79.91 50.36
CA LEU M 361 -16.46 80.80 51.32
C LEU M 361 -16.08 80.44 52.74
N THR M 362 -16.21 79.16 53.10
CA THR M 362 -15.87 78.72 54.45
C THR M 362 -14.43 79.04 54.81
N GLU M 363 -13.49 78.73 53.91
CA GLU M 363 -12.09 79.00 54.19
C GLU M 363 -11.83 80.49 54.38
N ARG M 364 -12.46 81.32 53.55
CA ARG M 364 -12.32 82.76 53.70
C ARG M 364 -12.78 83.22 55.08
N LEU M 365 -13.99 82.79 55.48
CA LEU M 365 -14.50 83.17 56.78
C LEU M 365 -13.58 82.69 57.90
N VAL M 366 -13.05 81.47 57.76
CA VAL M 366 -12.18 80.91 58.80
C VAL M 366 -10.93 81.78 58.95
N GLU M 367 -10.32 82.17 57.82
CA GLU M 367 -9.15 83.03 57.90
C GLU M 367 -9.49 84.37 58.51
N LYS M 368 -10.70 84.88 58.21
CA LYS M 368 -11.15 86.12 58.83
C LYS M 368 -11.23 85.98 60.34
N LEU M 369 -11.77 84.86 60.82
CA LEU M 369 -11.93 84.70 62.27
C LEU M 369 -10.59 84.49 62.94
N ASN M 370 -9.66 83.80 62.29
CA ASN M 370 -8.30 83.69 62.82
C ASN M 370 -7.67 85.07 62.95
N GLY M 371 -7.85 85.92 61.93
CA GLY M 371 -7.26 87.24 61.98
C GLY M 371 -7.86 88.08 63.08
N ILE M 372 -9.18 88.03 63.24
CA ILE M 372 -9.83 88.88 64.24
C ILE M 372 -9.48 88.39 65.64
N GLN M 373 -9.37 87.07 65.83
CA GLN M 373 -8.94 86.55 67.13
C GLN M 373 -7.54 87.00 67.46
N GLN M 374 -6.61 86.93 66.49
CA GLN M 374 -5.25 87.37 66.75
C GLN M 374 -5.22 88.87 67.07
N ALA M 375 -6.04 89.66 66.36
CA ALA M 375 -6.09 91.09 66.62
C ALA M 375 -6.57 91.37 68.04
N GLU M 376 -7.65 90.71 68.45
CA GLU M 376 -8.14 90.87 69.81
C GLU M 376 -7.06 90.50 70.83
N LYS M 377 -6.34 89.41 70.58
CA LYS M 377 -5.29 88.98 71.51
C LYS M 377 -4.22 90.06 71.64
N LEU M 378 -3.73 90.57 70.50
CA LEU M 378 -2.68 91.57 70.56
C LEU M 378 -3.19 92.86 71.18
N ILE M 379 -4.48 93.17 70.98
CA ILE M 379 -5.09 94.33 71.63
C ILE M 379 -4.99 94.18 73.14
N GLN M 380 -5.44 93.05 73.67
CA GLN M 380 -5.46 92.90 75.12
C GLN M 380 -4.05 92.83 75.69
N GLY M 381 -3.12 92.22 74.95
CA GLY M 381 -1.72 92.23 75.31
C GLY M 381 -1.16 93.64 75.47
N SER M 382 -1.26 94.45 74.41
CA SER M 382 -0.78 95.82 74.50
C SER M 382 -1.50 96.59 75.60
N LEU M 383 -2.78 96.30 75.81
CA LEU M 383 -3.54 97.01 76.84
C LEU M 383 -2.94 96.76 78.22
N GLN M 384 -2.78 95.49 78.58
CA GLN M 384 -2.22 95.18 79.90
C GLN M 384 -0.78 95.65 80.01
N ASP M 385 -0.01 95.57 78.92
CA ASP M 385 1.34 96.13 78.90
C ASP M 385 1.35 97.58 79.32
N VAL M 386 0.55 98.42 78.64
CA VAL M 386 0.57 99.84 79.00
C VAL M 386 -0.03 100.06 80.38
N MET M 387 -1.04 99.28 80.77
CA MET M 387 -1.63 99.45 82.09
C MET M 387 -0.59 99.23 83.18
N ILE M 388 0.34 98.30 82.94
CA ILE M 388 1.41 98.07 83.91
C ILE M 388 2.44 99.17 83.82
N ARG M 389 2.83 99.56 82.61
CA ARG M 389 3.85 100.60 82.48
C ARG M 389 3.38 101.84 83.23
N GLU M 390 2.12 102.22 83.05
CA GLU M 390 1.62 103.47 83.60
C GLU M 390 1.43 103.37 85.10
N ILE M 391 0.90 102.24 85.60
CA ILE M 391 0.80 102.08 87.05
C ILE M 391 2.19 102.18 87.68
N VAL M 392 3.20 101.59 87.04
CA VAL M 392 4.55 101.61 87.58
C VAL M 392 5.09 103.03 87.61
N SER M 393 4.93 103.77 86.51
CA SER M 393 5.39 105.15 86.47
C SER M 393 4.67 105.99 87.52
N SER M 394 3.36 105.80 87.67
CA SER M 394 2.62 106.55 88.67
C SER M 394 3.15 106.27 90.07
N PHE M 395 3.47 105.01 90.37
CA PHE M 395 4.01 104.72 91.70
C PHE M 395 5.41 105.29 91.87
N LYS M 396 6.24 105.23 90.83
CA LYS M 396 7.58 105.80 90.91
C LYS M 396 7.54 107.30 91.12
N ASP M 397 6.49 107.96 90.63
CA ASP M 397 6.31 109.38 90.92
C ASP M 397 5.80 109.60 92.34
N LEU M 398 4.73 108.90 92.73
CA LEU M 398 4.09 109.17 94.01
C LEU M 398 5.01 108.84 95.18
N TYR M 399 5.80 107.77 95.07
CA TYR M 399 6.73 107.42 96.13
C TYR M 399 7.74 108.55 96.34
N LYS M 400 8.46 108.92 95.29
CA LYS M 400 9.46 109.98 95.40
C LYS M 400 8.84 111.31 95.79
N SER M 401 7.56 111.52 95.53
CA SER M 401 6.93 112.78 95.92
C SER M 401 6.56 112.80 97.39
N ARG M 402 5.89 111.75 97.88
CA ARG M 402 5.25 111.84 99.18
C ARG M 402 6.23 111.41 100.27
N PRO M 403 6.27 112.11 101.42
CA PRO M 403 7.13 111.63 102.51
C PRO M 403 6.58 110.42 103.23
N GLU M 404 5.26 110.25 103.25
CA GLU M 404 4.66 109.27 104.14
C GLU M 404 4.99 107.84 103.72
N LEU M 405 5.06 107.61 102.39
CA LEU M 405 5.28 106.26 101.89
C LEU M 405 6.60 105.69 102.36
N HIS M 406 7.58 106.54 102.65
CA HIS M 406 8.89 106.04 103.07
C HIS M 406 8.77 105.33 104.41
N ASP M 407 8.24 106.03 105.41
CA ASP M 407 8.09 105.44 106.73
C ASP M 407 7.03 104.34 106.72
N ALA M 408 6.03 104.45 105.85
CA ALA M 408 5.08 103.36 105.69
C ALA M 408 5.77 102.09 105.22
N ALA M 409 6.68 102.21 104.24
CA ALA M 409 7.41 101.05 103.77
C ALA M 409 8.36 100.52 104.85
N MET M 410 8.97 101.43 105.61
CA MET M 410 9.79 101.02 106.75
C MET M 410 8.98 100.14 107.70
N GLN M 411 7.85 100.66 108.17
CA GLN M 411 6.99 99.89 109.06
C GLN M 411 6.53 98.59 108.41
N SER M 412 6.29 98.61 107.10
CA SER M 412 5.83 97.41 106.41
C SER M 412 6.90 96.33 106.46
N ALA M 413 8.14 96.70 106.14
CA ALA M 413 9.24 95.74 106.21
C ALA M 413 9.40 95.23 107.63
N ILE M 414 9.35 96.14 108.61
CA ILE M 414 9.54 95.74 110.00
C ILE M 414 8.50 94.69 110.40
N GLN M 415 7.23 94.97 110.17
CA GLN M 415 6.18 93.99 110.47
C GLN M 415 6.26 92.76 109.58
N GLY M 416 6.88 92.87 108.40
CA GLY M 416 7.06 91.70 107.54
C GLY M 416 8.18 90.79 107.97
N LEU M 417 9.07 91.29 108.82
CA LEU M 417 10.15 90.44 109.33
C LEU M 417 9.66 89.42 110.36
N SER M 418 8.36 89.34 110.61
CA SER M 418 7.81 88.42 111.60
C SER M 418 6.71 87.57 110.98
N MET M 424 -0.75 96.02 104.55
CA MET M 424 0.00 95.63 103.37
C MET M 424 0.96 96.75 102.95
N ASP M 425 2.01 96.37 102.22
CA ASP M 425 3.00 97.34 101.78
C ASP M 425 2.33 98.39 100.88
N PRO M 426 2.94 99.57 100.76
CA PRO M 426 2.32 100.60 99.91
C PRO M 426 2.41 100.29 98.44
N VAL M 427 3.30 99.38 98.03
CA VAL M 427 3.41 99.06 96.60
C VAL M 427 2.20 98.25 96.17
N GLY M 428 1.97 97.12 96.83
CA GLY M 428 0.77 96.34 96.59
C GLY M 428 -0.49 97.15 96.85
N ALA M 429 -0.46 98.02 97.87
CA ALA M 429 -1.64 98.82 98.17
C ALA M 429 -1.98 99.73 97.01
N HIS M 430 -1.00 100.47 96.49
CA HIS M 430 -1.27 101.41 95.41
C HIS M 430 -1.64 100.67 94.13
N PHE M 431 -0.95 99.56 93.84
CA PHE M 431 -1.32 98.75 92.69
C PHE M 431 -2.78 98.31 92.75
N LYS M 432 -3.15 97.66 93.85
CA LYS M 432 -4.53 97.21 94.02
C LYS M 432 -5.50 98.39 93.94
N ALA M 433 -5.12 99.55 94.45
CA ALA M 433 -6.00 100.71 94.41
C ALA M 433 -6.24 101.15 92.97
N SER M 434 -5.16 101.24 92.18
CA SER M 434 -5.30 101.65 90.79
C SER M 434 -6.11 100.63 90.00
N LEU M 435 -5.90 99.34 90.29
CA LEU M 435 -6.67 98.31 89.61
C LEU M 435 -8.15 98.43 89.95
N GLN M 436 -8.48 98.62 91.23
CA GLN M 436 -9.88 98.77 91.62
C GLN M 436 -10.50 99.98 90.96
N GLU M 437 -9.76 101.10 90.90
CA GLU M 437 -10.26 102.30 90.25
C GLU M 437 -10.38 102.14 88.74
N LEU M 438 -9.64 101.20 88.14
CA LEU M 438 -9.71 100.96 86.71
C LEU M 438 -10.83 99.99 86.34
N ALA M 439 -11.14 99.04 87.22
CA ALA M 439 -12.02 97.94 86.86
C ALA M 439 -13.43 98.40 86.51
N LYS M 440 -13.81 99.61 86.89
CA LYS M 440 -15.16 100.13 86.73
C LYS M 440 -15.13 101.50 86.07
N VAL M 441 -14.40 101.58 84.95
CA VAL M 441 -14.17 102.84 84.27
C VAL M 441 -14.96 102.98 82.99
N ASN M 442 -15.19 101.90 82.25
CA ASN M 442 -15.80 101.96 80.91
C ASN M 442 -14.94 102.83 79.99
N LEU M 443 -13.76 102.29 79.70
CA LEU M 443 -12.69 103.04 79.05
C LEU M 443 -13.13 103.76 77.78
N SER M 444 -14.24 103.35 77.16
CA SER M 444 -14.77 104.10 76.02
C SER M 444 -14.98 105.57 76.37
N THR M 445 -15.42 105.86 77.59
CA THR M 445 -15.62 107.23 78.06
C THR M 445 -14.35 107.69 78.77
N ALA M 446 -13.50 108.41 78.05
CA ALA M 446 -12.19 108.81 78.57
C ALA M 446 -11.63 109.88 77.65
N THR M 447 -10.35 110.22 77.84
CA THR M 447 -9.74 111.42 77.28
C THR M 447 -8.38 111.05 76.69
N ALA M 448 -7.60 112.08 76.37
CA ALA M 448 -6.44 111.93 75.51
C ALA M 448 -5.31 111.23 76.26
N ASP M 449 -4.15 111.11 75.58
CA ASP M 449 -3.09 110.19 75.96
C ASP M 449 -2.40 110.59 77.27
N PRO M 450 -1.65 111.71 77.31
CA PRO M 450 -0.93 112.08 78.54
C PRO M 450 -1.79 112.87 79.51
N MET M 451 -3.01 112.38 79.76
CA MET M 451 -3.99 113.08 80.56
C MET M 451 -3.89 112.77 82.05
N GLY M 452 -2.73 112.30 82.51
CA GLY M 452 -2.53 112.15 83.95
C GLY M 452 -3.01 110.82 84.49
N THR M 453 -4.25 110.80 84.96
CA THR M 453 -4.83 109.63 85.61
C THR M 453 -4.72 108.39 84.72
N VAL M 454 -4.21 107.31 85.31
CA VAL M 454 -3.87 106.09 84.57
C VAL M 454 -5.02 105.67 83.67
N VAL M 455 -6.27 105.87 84.11
CA VAL M 455 -7.41 105.54 83.26
C VAL M 455 -7.40 106.41 82.01
N GLN M 456 -7.08 107.70 82.15
CA GLN M 456 -6.98 108.58 81.00
C GLN M 456 -5.73 108.30 80.17
N ARG M 457 -4.74 107.64 80.77
CA ARG M 457 -3.54 107.28 80.04
C ARG M 457 -3.74 106.00 79.23
N VAL M 458 -4.63 105.11 79.68
CA VAL M 458 -4.76 103.77 79.12
C VAL M 458 -5.93 103.73 78.15
N ALA M 459 -6.98 104.51 78.43
CA ALA M 459 -8.15 104.47 77.55
C ALA M 459 -7.84 105.09 76.19
N ALA M 460 -6.89 106.02 76.13
CA ALA M 460 -6.44 106.54 74.83
C ALA M 460 -5.91 105.41 73.97
N VAL M 461 -4.99 104.61 74.52
CA VAL M 461 -4.44 103.47 73.79
C VAL M 461 -5.57 102.51 73.42
N PHE M 462 -6.45 102.21 74.38
CA PHE M 462 -7.57 101.32 74.13
C PHE M 462 -8.36 101.76 72.91
N GLN M 463 -8.87 102.99 72.94
CA GLN M 463 -9.72 103.50 71.88
C GLN M 463 -8.98 103.58 70.55
N LYS M 464 -7.73 104.04 70.56
CA LYS M 464 -6.98 104.17 69.32
C LYS M 464 -6.74 102.81 68.68
N ARG M 465 -6.34 101.83 69.49
CA ARG M 465 -6.13 100.48 68.96
C ARG M 465 -7.43 99.89 68.45
N GLU M 466 -8.54 100.13 69.17
CA GLU M 466 -9.82 99.59 68.70
C GLU M 466 -10.24 100.24 67.39
N LYS M 467 -9.93 101.52 67.20
CA LYS M 467 -10.26 102.16 65.94
C LYS M 467 -9.39 101.62 64.81
N GLU M 468 -8.09 101.47 65.05
CA GLU M 468 -7.20 100.87 64.05
C GLU M 468 -7.55 99.41 63.79
N PHE M 469 -8.31 98.79 64.69
CA PHE M 469 -8.81 97.43 64.47
C PHE M 469 -10.04 97.46 63.58
N LEU M 470 -11.05 98.23 63.98
CA LEU M 470 -12.31 98.23 63.25
C LEU M 470 -12.13 98.80 61.86
N ASP M 471 -11.15 99.69 61.66
CA ASP M 471 -10.91 100.23 60.32
C ASP M 471 -10.29 99.21 59.40
N THR M 472 -9.80 98.09 59.95
CA THR M 472 -9.12 97.06 59.19
C THR M 472 -9.93 95.79 59.04
N PHE M 473 -10.89 95.56 59.95
CA PHE M 473 -11.84 94.46 59.82
C PHE M 473 -13.28 94.96 59.74
N THR M 474 -13.47 96.17 59.22
CA THR M 474 -14.81 96.66 58.88
C THR M 474 -14.65 97.77 57.85
N VAL M 475 -15.76 98.09 57.19
CA VAL M 475 -15.77 99.19 56.23
C VAL M 475 -15.99 100.50 56.97
N LYS M 476 -15.50 101.59 56.39
CA LYS M 476 -15.62 102.90 57.02
C LYS M 476 -16.85 103.65 56.51
N ALA M 477 -17.46 104.42 57.41
CA ALA M 477 -18.70 105.11 57.07
C ALA M 477 -18.46 106.16 55.99
N THR M 478 -17.24 106.69 55.90
CA THR M 478 -16.93 107.61 54.81
C THR M 478 -16.93 106.89 53.47
N GLU M 479 -16.31 105.70 53.42
CA GLU M 479 -16.36 104.90 52.20
C GLU M 479 -17.79 104.58 51.81
N ALA M 480 -18.63 104.23 52.79
CA ALA M 480 -20.05 104.02 52.52
C ALA M 480 -20.67 105.27 51.93
N GLN M 481 -20.67 106.36 52.70
CA GLN M 481 -21.29 107.61 52.32
C GLN M 481 -20.89 108.04 50.91
N GLU M 482 -19.61 107.94 50.58
CA GLU M 482 -19.16 108.35 49.26
C GLU M 482 -20.07 107.79 48.17
N ILE M 483 -20.17 106.46 48.08
CA ILE M 483 -20.92 105.88 46.98
C ILE M 483 -22.41 106.02 47.23
N LYS M 484 -22.86 105.88 48.48
CA LYS M 484 -24.28 105.98 48.78
C LYS M 484 -24.84 107.32 48.31
N THR M 485 -24.06 108.40 48.44
CA THR M 485 -24.51 109.75 48.16
C THR M 485 -24.07 110.28 46.79
N ILE M 486 -23.06 109.68 46.17
CA ILE M 486 -22.50 110.23 44.92
C ILE M 486 -22.72 109.26 43.77
N VAL M 487 -22.85 107.97 44.06
CA VAL M 487 -22.74 106.95 43.03
C VAL M 487 -24.05 106.18 42.92
N ASP M 488 -24.50 105.57 44.02
CA ASP M 488 -25.55 104.57 43.92
C ASP M 488 -26.90 105.20 43.65
N LYS M 489 -27.39 106.05 44.57
CA LYS M 489 -28.74 106.56 44.45
C LYS M 489 -28.91 107.54 43.30
N CYS M 490 -27.81 108.08 42.76
CA CYS M 490 -27.92 108.94 41.59
C CYS M 490 -28.35 108.18 40.35
N HIS M 491 -28.14 106.87 40.31
CA HIS M 491 -28.63 106.04 39.21
C HIS M 491 -30.16 106.09 39.12
N LYS M 492 -30.83 105.54 40.13
CA LYS M 492 -32.28 105.33 40.06
C LYS M 492 -32.78 105.06 41.47
N GLY M 493 -34.09 105.14 41.63
CA GLY M 493 -34.73 105.08 42.93
C GLY M 493 -35.33 103.73 43.22
N ASN M 494 -36.63 103.59 42.94
CA ASN M 494 -37.49 102.57 43.53
C ASN M 494 -36.85 101.19 43.58
N THR M 495 -36.00 100.87 42.59
CA THR M 495 -35.29 99.59 42.59
C THR M 495 -33.79 99.68 42.32
N PHE M 496 -33.27 100.83 41.90
CA PHE M 496 -31.88 100.92 41.46
C PHE M 496 -31.61 99.93 40.32
N ASP M 497 -32.23 100.21 39.19
CA ASP M 497 -32.41 99.20 38.15
C ASP M 497 -31.08 98.77 37.52
N PHE M 498 -30.42 99.67 36.78
CA PHE M 498 -29.28 99.29 35.96
C PHE M 498 -28.19 100.34 36.10
N HIS M 499 -27.13 100.22 35.29
CA HIS M 499 -25.88 100.90 35.57
C HIS M 499 -25.22 101.54 34.36
N ALA M 500 -25.73 101.35 33.14
CA ALA M 500 -25.22 102.10 32.01
C ALA M 500 -25.34 103.61 32.22
N LEU M 501 -26.37 104.04 32.97
CA LEU M 501 -26.50 105.44 33.35
C LEU M 501 -25.49 105.74 34.47
N SER M 502 -24.24 105.95 34.07
CA SER M 502 -23.21 106.25 35.05
C SER M 502 -21.93 106.65 34.32
N ASP M 503 -20.99 107.18 35.10
CA ASP M 503 -19.67 107.55 34.63
C ASP M 503 -18.73 106.35 34.63
N GLU M 504 -17.47 106.60 34.25
CA GLU M 504 -16.43 105.59 34.33
C GLU M 504 -16.15 105.15 35.76
N GLU M 505 -16.45 105.99 36.75
CA GLU M 505 -16.17 105.66 38.14
C GLU M 505 -16.95 104.46 38.64
N LEU M 506 -17.90 103.94 37.85
CA LEU M 506 -18.43 102.62 38.16
C LEU M 506 -17.29 101.62 38.35
N ARG M 507 -16.24 101.72 37.54
CA ARG M 507 -15.07 100.87 37.72
C ARG M 507 -14.49 101.02 39.11
N ARG M 508 -14.42 102.27 39.60
CA ARG M 508 -13.95 102.52 40.95
C ARG M 508 -14.86 101.87 41.97
N LEU M 509 -16.18 101.97 41.76
CA LEU M 509 -17.12 101.26 42.63
C LEU M 509 -16.82 99.77 42.67
N GLU M 510 -16.51 99.18 41.51
CA GLU M 510 -16.13 97.77 41.47
C GLU M 510 -14.88 97.52 42.31
N GLN M 511 -13.88 98.39 42.17
CA GLN M 511 -12.71 98.30 43.02
C GLN M 511 -13.09 98.35 44.49
N LEU M 512 -14.03 99.24 44.83
CA LEU M 512 -14.51 99.34 46.20
C LEU M 512 -15.11 98.01 46.66
N TYR M 513 -15.89 97.37 45.78
CA TYR M 513 -16.39 96.03 46.04
C TYR M 513 -15.24 95.10 46.43
N SER M 514 -14.20 95.08 45.59
CA SER M 514 -13.09 94.16 45.80
C SER M 514 -12.24 94.53 47.02
N THR M 515 -12.39 95.75 47.54
CA THR M 515 -11.81 96.07 48.84
C THR M 515 -12.71 95.55 49.94
N VAL M 516 -13.99 95.92 49.88
CA VAL M 516 -14.90 95.76 51.01
C VAL M 516 -15.06 94.28 51.31
N ASN M 517 -15.52 93.51 50.31
CA ASN M 517 -15.72 92.08 50.53
C ASN M 517 -14.41 91.36 50.87
N ASN M 518 -13.26 91.91 50.50
CA ASN M 518 -11.97 91.29 50.77
C ASN M 518 -11.31 91.78 52.05
N ARG M 519 -11.97 92.69 52.76
CA ARG M 519 -11.64 92.99 54.15
C ARG M 519 -12.64 92.39 55.12
N VAL M 520 -13.93 92.47 54.80
CA VAL M 520 -14.96 91.82 55.60
C VAL M 520 -14.78 90.30 55.56
N GLY M 521 -14.47 89.76 54.39
CA GLY M 521 -14.25 88.34 54.23
C GLY M 521 -15.39 87.61 53.56
N PHE M 522 -16.23 88.31 52.81
CA PHE M 522 -17.25 87.66 52.01
C PHE M 522 -16.61 87.03 50.77
N GLU M 523 -17.24 85.98 50.27
CA GLU M 523 -16.76 85.28 49.08
C GLU M 523 -17.86 85.38 48.02
N THR M 524 -17.67 86.28 47.05
CA THR M 524 -18.54 86.38 45.89
C THR M 524 -17.83 85.87 44.64
N ILE M 525 -18.59 85.22 43.77
CA ILE M 525 -18.06 84.72 42.51
C ILE M 525 -17.58 85.88 41.66
N HIS M 526 -16.37 85.78 41.12
CA HIS M 526 -15.88 86.72 40.13
C HIS M 526 -16.34 86.23 38.76
N GLU M 527 -17.31 86.93 38.19
CA GLU M 527 -17.93 86.49 36.94
C GLU M 527 -16.90 86.34 35.83
N ASN M 528 -15.90 87.22 35.80
CA ASN M 528 -14.95 87.19 34.70
C ASN M 528 -14.06 85.96 34.75
N SER M 529 -14.15 85.15 35.81
CA SER M 529 -13.43 83.89 35.80
C SER M 529 -13.99 82.93 34.77
N ILE M 530 -15.28 83.09 34.43
CA ILE M 530 -15.81 82.42 33.24
C ILE M 530 -15.04 82.89 32.02
N LYS M 531 -14.83 81.98 31.08
CA LYS M 531 -14.15 82.30 29.83
C LYS M 531 -14.99 81.84 28.65
N PRO M 532 -15.09 82.63 27.59
CA PRO M 532 -15.91 82.25 26.43
C PRO M 532 -15.18 81.20 25.60
N VAL M 533 -15.79 80.85 24.48
CA VAL M 533 -15.26 79.79 23.62
C VAL M 533 -14.28 80.38 22.63
N ALA M 534 -13.31 79.57 22.23
CA ALA M 534 -12.40 79.91 21.15
C ALA M 534 -12.85 79.17 19.89
N PRO M 535 -13.22 79.85 18.81
CA PRO M 535 -13.58 79.12 17.59
C PRO M 535 -12.39 78.37 17.02
N LEU M 536 -12.69 77.22 16.41
CA LEU M 536 -11.69 76.39 15.75
C LEU M 536 -11.94 76.32 14.26
N SER M 537 -13.14 75.88 13.84
CA SER M 537 -13.48 75.73 12.44
C SER M 537 -14.80 76.45 12.18
N GLU M 538 -15.07 76.71 10.90
CA GLU M 538 -16.23 77.52 10.54
C GLU M 538 -17.52 76.82 10.93
N ASN M 539 -17.58 75.49 10.78
CA ASN M 539 -18.81 74.76 11.03
C ASN M 539 -19.34 74.95 12.44
N SER M 540 -18.49 75.31 13.39
CA SER M 540 -18.91 75.51 14.78
C SER M 540 -19.46 76.90 15.06
N LYS M 541 -19.31 77.83 14.12
CA LYS M 541 -19.66 79.22 14.38
C LYS M 541 -21.12 79.39 14.80
N GLY M 542 -22.01 78.56 14.26
CA GLY M 542 -23.42 78.71 14.56
C GLY M 542 -23.79 78.30 15.97
N PHE M 543 -22.88 77.62 16.65
CA PHE M 543 -23.03 77.23 18.05
C PHE M 543 -22.27 78.22 18.91
N VAL M 544 -21.00 78.45 18.55
CA VAL M 544 -20.12 79.31 19.33
C VAL M 544 -20.74 80.69 19.51
N GLU M 545 -21.28 81.26 18.43
CA GLU M 545 -21.87 82.60 18.53
C GLU M 545 -23.06 82.61 19.50
N PHE M 546 -23.95 81.62 19.41
CA PHE M 546 -25.08 81.57 20.32
C PHE M 546 -24.60 81.42 21.76
N VAL M 547 -23.51 80.70 21.94
CA VAL M 547 -22.90 80.59 23.26
C VAL M 547 -22.49 81.98 23.73
N ASN M 548 -21.60 82.62 22.99
CA ASN M 548 -20.95 83.83 23.49
C ASN M 548 -21.98 84.94 23.72
N THR M 549 -22.90 85.12 22.76
CA THR M 549 -24.02 86.02 22.97
C THR M 549 -24.74 85.73 24.29
N GLN M 550 -25.22 84.50 24.49
CA GLN M 550 -25.91 84.20 25.74
C GLN M 550 -25.01 84.45 26.94
N LEU M 551 -23.70 84.22 26.77
CA LEU M 551 -22.76 84.46 27.86
C LEU M 551 -22.76 85.91 28.27
N GLU M 552 -22.70 86.82 27.30
CA GLU M 552 -22.81 88.25 27.62
C GLU M 552 -24.15 88.57 28.27
N ILE M 553 -25.23 88.00 27.73
CA ILE M 553 -26.58 88.22 28.26
C ILE M 553 -26.72 87.70 29.68
N THR M 554 -25.84 86.79 30.10
CA THR M 554 -25.80 86.34 31.48
C THR M 554 -24.82 87.13 32.32
N LYS M 555 -23.72 87.59 31.71
CA LYS M 555 -22.68 88.28 32.46
C LYS M 555 -23.17 89.64 32.93
N ALA M 556 -23.83 90.38 32.03
CA ALA M 556 -24.31 91.69 32.42
C ALA M 556 -25.46 91.57 33.40
N LYS M 557 -26.40 90.66 33.13
CA LYS M 557 -27.49 90.41 34.05
C LYS M 557 -26.98 90.11 35.45
N LEU M 558 -26.12 89.07 35.57
CA LEU M 558 -25.48 88.74 36.84
C LEU M 558 -24.80 89.95 37.48
N ARG M 559 -24.06 90.73 36.68
CA ARG M 559 -23.46 91.96 37.20
C ARG M 559 -24.50 92.83 37.90
N ASN M 560 -25.62 93.08 37.21
CA ASN M 560 -26.70 93.86 37.79
C ASN M 560 -27.20 93.23 39.09
N ALA M 561 -27.49 91.93 39.07
CA ALA M 561 -28.02 91.27 40.26
C ALA M 561 -27.01 91.26 41.40
N ARG M 562 -25.74 91.50 41.09
CA ARG M 562 -24.72 91.76 42.11
C ARG M 562 -24.86 93.17 42.65
N LEU M 563 -24.72 94.16 41.76
CA LEU M 563 -24.51 95.53 42.24
C LEU M 563 -25.79 96.09 42.84
N THR M 564 -26.96 95.65 42.37
CA THR M 564 -28.21 96.06 43.00
C THR M 564 -28.23 95.66 44.48
N ALA M 565 -27.84 94.42 44.77
CA ALA M 565 -27.67 93.98 46.16
C ALA M 565 -26.66 94.85 46.90
N PHE M 566 -25.49 95.03 46.31
CA PHE M 566 -24.47 95.86 46.94
C PHE M 566 -24.96 97.27 47.24
N ALA M 567 -25.87 97.79 46.42
CA ALA M 567 -26.43 99.12 46.69
C ALA M 567 -27.52 99.08 47.74
N HIS M 568 -28.39 98.08 47.68
CA HIS M 568 -29.56 98.01 48.56
C HIS M 568 -29.21 97.44 49.92
N ALA M 569 -27.95 97.06 50.13
CA ALA M 569 -27.43 96.95 51.49
C ALA M 569 -27.06 98.31 52.08
N PHE M 570 -26.68 99.28 51.23
CA PHE M 570 -26.24 100.58 51.70
C PHE M 570 -27.30 101.66 51.59
N VAL M 571 -28.44 101.35 50.97
CA VAL M 571 -29.47 102.34 50.67
C VAL M 571 -28.85 103.67 50.23
N MET N 1 -3.24 35.40 -6.83
CA MET N 1 -4.39 34.45 -6.85
C MET N 1 -5.00 34.29 -8.23
N LEU N 2 -5.75 33.22 -8.40
CA LEU N 2 -6.40 32.88 -9.66
C LEU N 2 -7.88 33.25 -9.60
N ASN N 3 -8.47 33.38 -10.78
CA ASN N 3 -9.90 33.61 -10.93
C ASN N 3 -10.65 32.29 -11.08
N PHE N 4 -10.57 31.49 -10.02
CA PHE N 4 -11.18 30.17 -9.95
C PHE N 4 -11.98 30.09 -8.65
N ILE N 5 -13.29 30.33 -8.73
CA ILE N 5 -14.16 30.33 -7.57
C ILE N 5 -14.85 28.97 -7.51
N PRO N 6 -14.73 28.22 -6.41
CA PRO N 6 -15.37 26.90 -6.38
C PRO N 6 -16.88 27.00 -6.41
N LYS N 7 -17.51 26.11 -7.17
CA LYS N 7 -18.95 26.01 -7.13
C LYS N 7 -19.40 25.63 -5.73
N ARG N 8 -20.43 26.32 -5.25
CA ARG N 8 -20.95 26.08 -3.91
C ARG N 8 -21.99 24.96 -3.87
N CYS N 9 -22.18 24.26 -4.99
CA CYS N 9 -23.04 23.09 -4.97
C CYS N 9 -22.43 21.99 -4.11
N PRO N 10 -23.25 21.18 -3.46
CA PRO N 10 -22.70 20.14 -2.57
C PRO N 10 -21.98 19.03 -3.29
N SER N 11 -22.25 18.82 -4.58
CA SER N 11 -21.51 17.83 -5.36
C SER N 11 -20.05 18.21 -5.50
N VAL N 12 -19.72 19.49 -5.35
CA VAL N 12 -18.36 19.99 -5.46
C VAL N 12 -17.81 20.38 -4.10
N SER N 13 -18.44 21.35 -3.44
CA SER N 13 -18.04 21.83 -2.13
C SER N 13 -19.11 21.37 -1.16
N LEU N 14 -18.92 20.19 -0.59
CA LEU N 14 -19.81 19.71 0.45
C LEU N 14 -19.81 20.66 1.64
N LEU N 15 -21.01 21.00 2.10
CA LEU N 15 -21.20 21.73 3.35
C LEU N 15 -20.75 23.18 3.27
N PHE N 16 -21.07 23.86 2.18
CA PHE N 16 -20.61 25.24 2.05
C PHE N 16 -21.29 26.14 3.09
N GLY N 17 -22.60 26.27 3.01
CA GLY N 17 -23.33 27.22 3.85
C GLY N 17 -24.08 26.58 4.99
N LYS N 18 -23.65 25.39 5.40
CA LYS N 18 -24.31 24.71 6.51
C LYS N 18 -24.07 25.46 7.81
N ARG N 19 -22.93 26.12 7.93
CA ARG N 19 -22.58 26.96 9.07
C ARG N 19 -22.27 28.36 8.58
N PRO N 20 -22.31 29.35 9.47
CA PRO N 20 -22.17 30.75 9.05
C PRO N 20 -20.75 31.26 8.93
N VAL N 21 -19.75 30.37 8.91
CA VAL N 21 -18.35 30.78 8.95
C VAL N 21 -17.54 29.91 8.00
N GLN N 22 -16.48 30.50 7.45
CA GLN N 22 -15.45 29.78 6.73
C GLN N 22 -14.11 29.97 7.42
N ARG N 23 -13.22 29.02 7.20
CA ARG N 23 -11.89 29.03 7.78
C ARG N 23 -10.87 28.71 6.70
N ILE N 24 -9.66 29.22 6.87
CA ILE N 24 -8.57 29.00 5.92
C ILE N 24 -7.25 28.99 6.67
N GLU N 25 -6.28 28.29 6.11
CA GLU N 25 -4.90 28.32 6.56
C GLU N 25 -4.08 29.21 5.63
N VAL N 26 -3.21 30.02 6.21
CA VAL N 26 -2.56 31.11 5.48
C VAL N 26 -1.06 30.97 5.66
N GLY N 27 -0.33 30.97 4.56
CA GLY N 27 1.11 31.07 4.59
C GLY N 27 1.78 29.74 4.88
N GLN N 28 3.09 29.83 5.07
CA GLN N 28 3.87 28.64 5.40
C GLN N 28 3.63 28.22 6.85
N ALA N 29 3.42 29.18 7.74
CA ALA N 29 3.05 28.88 9.12
C ALA N 29 1.61 28.43 9.24
N ARG N 30 0.79 28.66 8.22
CA ARG N 30 -0.59 28.20 8.20
C ARG N 30 -1.40 28.81 9.35
N HIS N 31 -1.36 30.14 9.43
CA HIS N 31 -2.18 30.86 10.38
C HIS N 31 -3.65 30.69 10.06
N GLN N 32 -4.47 30.60 11.10
CA GLN N 32 -5.90 30.45 10.94
C GLN N 32 -6.58 31.80 10.74
N LEU N 33 -7.61 31.81 9.92
CA LEU N 33 -8.43 33.01 9.73
C LEU N 33 -9.87 32.58 9.48
N GLU N 34 -10.80 33.20 10.19
CA GLU N 34 -12.22 32.93 10.04
C GLU N 34 -12.90 34.10 9.32
N ILE N 35 -13.78 33.75 8.39
CA ILE N 35 -14.39 34.73 7.50
C ILE N 35 -15.90 34.50 7.49
N PRO N 36 -16.73 35.54 7.56
CA PRO N 36 -18.17 35.32 7.45
C PRO N 36 -18.60 34.84 6.06
N VAL N 37 -19.56 33.92 6.08
CA VAL N 37 -20.06 33.34 4.85
C VAL N 37 -20.77 34.37 3.99
N GLU N 38 -21.22 35.48 4.58
CA GLU N 38 -21.83 36.55 3.79
C GLU N 38 -20.77 37.35 3.04
N THR N 39 -19.68 37.67 3.72
CA THR N 39 -18.52 38.24 3.05
C THR N 39 -18.08 37.38 1.89
N ILE N 40 -18.15 36.06 2.05
CA ILE N 40 -17.78 35.17 0.96
C ILE N 40 -18.85 35.17 -0.13
N GLU N 41 -20.13 35.15 0.26
CA GLU N 41 -21.22 35.10 -0.70
C GLU N 41 -21.28 36.34 -1.57
N LYS N 42 -20.68 37.44 -1.12
CA LYS N 42 -20.58 38.61 -1.97
C LYS N 42 -19.89 38.31 -3.30
N ILE N 43 -18.99 37.32 -3.32
CA ILE N 43 -18.27 36.99 -4.54
C ILE N 43 -19.18 36.36 -5.58
N TYR N 44 -20.13 35.55 -5.15
CA TYR N 44 -20.98 34.81 -6.06
C TYR N 44 -22.02 35.69 -6.74
N GLU N 45 -22.05 36.99 -6.44
CA GLU N 45 -22.79 37.94 -7.25
C GLU N 45 -21.98 38.39 -8.45
N GLY N 46 -20.66 38.36 -8.35
CA GLY N 46 -19.79 38.70 -9.47
C GLY N 46 -19.41 37.49 -10.29
N VAL N 47 -19.59 36.31 -9.71
CA VAL N 47 -19.30 35.08 -10.45
C VAL N 47 -20.10 35.01 -11.73
N ASP N 48 -19.45 34.54 -12.79
CA ASP N 48 -20.05 34.31 -14.09
C ASP N 48 -20.17 32.81 -14.35
N SER N 49 -21.38 32.35 -14.66
CA SER N 49 -21.64 30.92 -14.73
C SER N 49 -21.47 30.35 -16.13
N ARG N 50 -21.32 31.18 -17.16
CA ARG N 50 -20.97 30.67 -18.47
C ARG N 50 -19.62 29.97 -18.46
N LEU N 51 -18.69 30.46 -17.65
CA LEU N 51 -17.32 29.98 -17.62
C LEU N 51 -17.15 28.98 -16.49
N GLU N 52 -16.65 27.80 -16.82
CA GLU N 52 -16.44 26.73 -15.85
C GLU N 52 -15.19 25.97 -16.22
N TYR N 53 -14.30 25.80 -15.25
CA TYR N 53 -12.98 25.25 -15.48
C TYR N 53 -12.67 24.18 -14.44
N HIS N 54 -11.61 23.42 -14.72
CA HIS N 54 -11.05 22.46 -13.78
C HIS N 54 -12.09 21.42 -13.36
N ASN N 55 -12.47 20.62 -14.36
CA ASN N 55 -13.51 19.61 -14.23
C ASN N 55 -14.89 20.20 -14.03
N LYS N 56 -15.09 21.44 -14.45
CA LYS N 56 -16.36 22.13 -14.26
C LYS N 56 -16.74 22.17 -12.78
N ASP N 57 -15.75 22.46 -11.94
CA ASP N 57 -15.92 22.65 -10.52
C ASP N 57 -15.64 24.06 -10.07
N TYR N 58 -15.09 24.90 -10.94
CA TYR N 58 -14.75 26.27 -10.63
C TYR N 58 -15.31 27.18 -11.70
N ASN N 59 -15.99 28.23 -11.27
CA ASN N 59 -16.45 29.30 -12.14
C ASN N 59 -15.43 30.42 -12.12
N ALA N 60 -15.68 31.45 -12.93
CA ALA N 60 -14.84 32.61 -13.00
C ALA N 60 -15.63 33.86 -12.62
N MET N 61 -14.95 34.78 -11.96
CA MET N 61 -15.53 36.09 -11.68
C MET N 61 -15.45 36.96 -12.93
N LYS N 62 -16.17 38.07 -12.88
CA LYS N 62 -15.98 39.12 -13.86
C LYS N 62 -14.70 39.89 -13.57
N TRP N 63 -14.04 40.31 -14.64
CA TRP N 63 -12.70 40.86 -14.52
C TRP N 63 -12.68 42.13 -13.68
N LYS N 64 -13.75 42.93 -13.76
CA LYS N 64 -13.81 44.14 -12.96
C LYS N 64 -13.69 43.83 -11.48
N ASP N 65 -14.54 42.92 -10.98
CA ASP N 65 -14.53 42.57 -9.57
C ASP N 65 -13.24 41.87 -9.19
N PHE N 66 -12.78 40.94 -10.02
CA PHE N 66 -11.54 40.23 -9.72
C PHE N 66 -10.36 41.17 -9.60
N MET N 67 -10.28 42.17 -10.48
CA MET N 67 -9.15 43.08 -10.44
C MET N 67 -9.28 44.09 -9.30
N LYS N 68 -10.50 44.47 -8.93
CA LYS N 68 -10.66 45.26 -7.72
C LYS N 68 -10.09 44.49 -6.52
N LEU N 69 -10.47 43.23 -6.40
CA LEU N 69 -9.95 42.37 -5.34
C LEU N 69 -8.42 42.30 -5.37
N LYS N 70 -7.86 42.06 -6.55
CA LYS N 70 -6.40 42.02 -6.69
C LYS N 70 -5.77 43.34 -6.26
N LEU N 71 -6.37 44.46 -6.62
CA LEU N 71 -5.80 45.75 -6.27
C LEU N 71 -5.82 45.98 -4.77
N ASP N 72 -6.89 45.55 -4.11
CA ASP N 72 -6.92 45.65 -2.65
C ASP N 72 -5.80 44.83 -2.02
N ALA N 73 -5.61 43.60 -2.51
CA ALA N 73 -4.50 42.79 -2.04
C ALA N 73 -3.16 43.47 -2.27
N TYR N 74 -2.95 44.00 -3.48
CA TYR N 74 -1.68 44.63 -3.82
C TYR N 74 -1.42 45.85 -2.96
N HIS N 75 -2.46 46.64 -2.70
CA HIS N 75 -2.31 47.82 -1.87
C HIS N 75 -1.91 47.43 -0.46
N LEU N 76 -2.59 46.44 0.12
CA LEU N 76 -2.20 45.98 1.45
C LEU N 76 -0.77 45.48 1.46
N LEU N 77 -0.36 44.77 0.42
CA LEU N 77 0.99 44.22 0.38
C LEU N 77 2.04 45.32 0.32
N GLU N 78 1.85 46.29 -0.57
CA GLU N 78 2.85 47.36 -0.69
C GLU N 78 2.84 48.25 0.55
N ALA N 79 1.70 48.41 1.21
CA ALA N 79 1.68 49.10 2.49
C ALA N 79 2.49 48.34 3.53
N SER N 80 2.38 47.01 3.53
CA SER N 80 3.19 46.21 4.44
C SER N 80 4.67 46.37 4.14
N GLN N 81 5.03 46.48 2.86
CA GLN N 81 6.43 46.60 2.50
C GLN N 81 6.99 47.99 2.76
N SER N 82 6.14 49.01 2.75
CA SER N 82 6.60 50.37 2.94
C SER N 82 6.60 50.73 4.43
N GLU N 83 7.34 51.78 4.75
CA GLU N 83 7.49 52.25 6.12
C GLU N 83 6.61 53.45 6.43
N THR N 84 6.35 54.30 5.46
CA THR N 84 5.49 55.47 5.62
C THR N 84 4.01 55.14 5.45
N ALA N 85 3.65 53.87 5.56
CA ALA N 85 2.26 53.47 5.41
C ALA N 85 1.40 54.09 6.51
N ALA N 86 0.16 54.39 6.15
CA ALA N 86 -0.78 54.94 7.12
C ALA N 86 -1.03 53.93 8.23
N LYS N 87 -1.14 54.44 9.46
CA LYS N 87 -1.45 53.59 10.61
C LYS N 87 -2.90 53.13 10.62
N SER N 88 -3.73 53.64 9.71
CA SER N 88 -5.12 53.24 9.65
C SER N 88 -5.62 53.34 8.22
N ALA N 89 -6.63 52.52 7.90
CA ALA N 89 -7.24 52.51 6.59
C ALA N 89 -8.28 53.60 6.42
N LEU N 90 -8.64 54.28 7.50
CA LEU N 90 -9.66 55.31 7.45
C LEU N 90 -9.14 56.54 6.72
N SER N 91 -10.08 57.32 6.19
CA SER N 91 -9.75 58.55 5.50
C SER N 91 -9.43 59.64 6.52
N ASP N 92 -8.95 60.77 6.01
CA ASP N 92 -8.60 61.88 6.88
C ASP N 92 -9.76 62.25 7.78
N LEU N 93 -9.48 62.38 9.08
CA LEU N 93 -10.48 62.71 10.08
C LEU N 93 -10.48 64.21 10.29
N ASN N 94 -11.68 64.80 10.31
CA ASN N 94 -11.78 66.26 10.40
C ASN N 94 -12.88 66.70 11.36
N TRP N 95 -13.31 65.83 12.28
CA TRP N 95 -14.40 66.14 13.20
C TRP N 95 -13.93 66.13 14.65
N PHE N 96 -12.67 66.46 14.89
CA PHE N 96 -12.18 66.67 16.24
C PHE N 96 -12.33 68.12 16.69
N SER N 97 -12.36 69.05 15.73
CA SER N 97 -12.56 70.45 16.06
C SER N 97 -13.97 70.67 16.59
N ASP N 98 -14.97 70.08 15.93
CA ASP N 98 -16.33 70.28 16.36
C ASP N 98 -16.54 69.69 17.75
N LEU N 99 -15.90 68.55 18.02
CA LEU N 99 -15.99 67.94 19.34
C LEU N 99 -15.39 68.85 20.40
N ALA N 100 -14.21 69.41 20.11
CA ALA N 100 -13.60 70.34 21.07
C ALA N 100 -14.50 71.55 21.29
N ASP N 101 -15.07 72.09 20.21
CA ASP N 101 -15.91 73.28 20.33
C ASP N 101 -17.15 73.00 21.16
N ILE N 102 -17.79 71.85 20.94
CA ILE N 102 -19.00 71.56 21.70
C ILE N 102 -18.67 71.23 23.14
N TYR N 103 -17.48 70.66 23.39
CA TYR N 103 -17.09 70.41 24.77
C TYR N 103 -16.90 71.72 25.51
N SER N 104 -16.13 72.64 24.93
CA SER N 104 -15.96 73.96 25.54
C SER N 104 -17.30 74.66 25.71
N GLY N 105 -18.21 74.48 24.73
CA GLY N 105 -19.51 75.13 24.82
C GLY N 105 -20.35 74.60 25.96
N GLN N 106 -20.39 73.27 26.11
CA GLN N 106 -21.15 72.69 27.21
C GLN N 106 -20.53 73.05 28.55
N GLN N 107 -19.20 73.06 28.62
CA GLN N 107 -18.51 73.46 29.85
C GLN N 107 -18.91 74.87 30.26
N THR N 108 -18.82 75.81 29.33
CA THR N 108 -19.17 77.20 29.62
C THR N 108 -20.65 77.34 29.94
N MET N 109 -21.51 76.63 29.21
CA MET N 109 -22.95 76.73 29.44
C MET N 109 -23.32 76.21 30.82
N ALA N 110 -22.62 75.18 31.30
CA ALA N 110 -22.84 74.73 32.67
C ALA N 110 -22.30 75.74 33.67
N GLU N 111 -21.08 76.23 33.42
CA GLU N 111 -20.47 77.16 34.36
C GLU N 111 -21.32 78.41 34.54
N MET N 112 -22.06 78.83 33.51
CA MET N 112 -22.87 80.04 33.58
C MET N 112 -24.37 79.74 33.61
N ASP N 113 -24.78 78.48 33.69
CA ASP N 113 -26.08 78.08 34.22
C ASP N 113 -26.02 77.74 35.69
N VAL N 114 -24.82 77.68 36.27
CA VAL N 114 -24.69 77.54 37.71
C VAL N 114 -25.00 78.86 38.42
N ALA N 115 -24.24 79.91 38.11
CA ALA N 115 -24.35 81.12 38.92
C ALA N 115 -25.66 81.87 38.71
N LEU N 116 -26.57 81.40 37.84
CA LEU N 116 -27.94 81.89 37.87
C LEU N 116 -28.66 81.36 39.09
N LYS N 117 -28.29 80.17 39.55
CA LYS N 117 -28.96 79.57 40.69
C LYS N 117 -28.19 79.98 41.93
N ALA N 118 -26.86 80.00 41.81
CA ALA N 118 -25.99 80.31 42.93
C ALA N 118 -25.81 81.81 43.14
N GLN N 119 -26.60 82.68 42.50
CA GLN N 119 -26.57 84.10 42.80
C GLN N 119 -28.00 84.63 42.81
N GLY N 120 -28.86 83.90 43.51
CA GLY N 120 -30.17 84.42 43.89
C GLY N 120 -30.07 85.70 44.70
N GLU N 121 -29.22 85.69 45.71
CA GLU N 121 -28.91 86.87 46.52
C GLU N 121 -30.19 87.44 47.13
N GLN N 122 -30.73 86.64 48.05
CA GLN N 122 -31.92 87.01 48.81
C GLN N 122 -31.70 88.35 49.52
N LYS N 123 -30.75 88.38 50.45
CA LYS N 123 -30.40 89.61 51.15
C LYS N 123 -28.96 89.48 51.61
N LEU N 124 -28.37 90.61 51.99
CA LEU N 124 -27.00 90.62 52.50
C LEU N 124 -26.96 91.33 53.85
N SER N 125 -25.84 91.15 54.55
CA SER N 125 -25.63 91.74 55.88
C SER N 125 -24.23 92.37 55.89
N TYR N 126 -24.16 93.65 55.56
CA TYR N 126 -22.89 94.37 55.57
C TYR N 126 -22.70 95.08 56.90
N PRO N 127 -21.60 94.86 57.62
CA PRO N 127 -21.35 95.67 58.82
C PRO N 127 -20.91 97.06 58.43
N ILE N 128 -21.61 98.07 58.94
CA ILE N 128 -21.39 99.46 58.58
C ILE N 128 -21.19 100.27 59.86
N GLN N 129 -20.18 101.14 59.84
CA GLN N 129 -19.90 101.96 61.02
C GLN N 129 -21.09 102.85 61.33
N GLY N 130 -21.39 103.00 62.62
CA GLY N 130 -22.48 103.83 63.08
C GLY N 130 -23.80 103.11 63.26
N LYS N 131 -24.05 102.05 62.50
CA LYS N 131 -25.33 101.35 62.59
C LYS N 131 -25.16 99.94 63.18
N ASN N 132 -24.38 99.08 62.53
CA ASN N 132 -24.26 97.70 62.99
C ASN N 132 -23.30 97.56 64.17
N ILE N 133 -22.42 98.53 64.39
CA ILE N 133 -21.44 98.47 65.46
C ILE N 133 -21.99 99.16 66.70
N SER O 15 65.75 -16.04 -119.95
CA SER O 15 65.07 -16.50 -121.14
C SER O 15 63.65 -15.94 -121.22
N SER O 16 63.17 -15.38 -120.10
CA SER O 16 61.90 -14.66 -120.07
C SER O 16 62.07 -13.38 -119.25
N PRO O 17 62.95 -12.47 -119.70
CA PRO O 17 63.29 -11.33 -118.85
C PRO O 17 62.15 -10.35 -118.66
N HIS O 18 61.38 -10.08 -119.71
CA HIS O 18 60.29 -9.12 -119.60
C HIS O 18 59.27 -9.59 -118.58
N MET O 19 58.80 -10.83 -118.72
CA MET O 19 57.85 -11.41 -117.78
C MET O 19 58.42 -11.41 -116.37
N ASP O 20 59.65 -11.90 -116.22
CA ASP O 20 60.25 -12.00 -114.89
C ASP O 20 60.32 -10.64 -114.21
N ARG O 21 60.81 -9.63 -114.92
CA ARG O 21 60.97 -8.31 -114.33
C ARG O 21 59.63 -7.67 -114.04
N LEU O 22 58.63 -7.92 -114.89
CA LEU O 22 57.29 -7.42 -114.61
C LEU O 22 56.76 -7.98 -113.28
N LEU O 23 56.78 -9.31 -113.14
CA LEU O 23 56.27 -9.91 -111.91
C LEU O 23 57.08 -9.46 -110.70
N GLY O 24 58.39 -9.31 -110.84
CA GLY O 24 59.19 -8.82 -109.74
C GLY O 24 58.83 -7.41 -109.33
N ASP O 25 58.63 -6.52 -110.32
CA ASP O 25 58.21 -5.16 -110.02
C ASP O 25 56.89 -5.16 -109.26
N LEU O 26 55.94 -5.98 -109.68
CA LEU O 26 54.65 -6.01 -109.01
C LEU O 26 54.79 -6.49 -107.56
N LYS O 27 55.60 -7.54 -107.36
CA LYS O 27 55.83 -8.02 -106.00
C LYS O 27 56.46 -6.94 -105.14
N LEU O 28 57.40 -6.18 -105.70
CA LEU O 28 58.08 -5.15 -104.92
C LEU O 28 57.16 -3.99 -104.60
N LEU O 29 56.24 -3.64 -105.50
CA LEU O 29 55.24 -2.63 -105.19
C LEU O 29 54.36 -3.09 -104.04
N ALA O 30 53.87 -4.33 -104.11
CA ALA O 30 53.08 -4.86 -103.02
C ALA O 30 53.84 -4.84 -101.70
N ALA O 31 55.13 -5.18 -101.74
CA ALA O 31 55.95 -5.17 -100.54
C ALA O 31 56.10 -3.77 -99.97
N TYR O 32 56.30 -2.79 -100.85
CA TYR O 32 56.38 -1.40 -100.41
C TYR O 32 55.11 -0.98 -99.70
N ASP O 33 53.96 -1.30 -100.28
CA ASP O 33 52.69 -0.93 -99.65
C ASP O 33 52.51 -1.61 -98.30
N SER O 34 52.83 -2.90 -98.22
CA SER O 34 52.69 -3.62 -96.95
C SER O 34 53.60 -3.03 -95.89
N ALA O 35 54.86 -2.76 -96.24
CA ALA O 35 55.79 -2.20 -95.29
C ALA O 35 55.39 -0.80 -94.86
N ALA O 36 54.78 -0.03 -95.76
CA ALA O 36 54.25 1.27 -95.35
C ALA O 36 53.13 1.12 -94.34
N GLY O 37 52.21 0.18 -94.59
CA GLY O 37 51.15 -0.05 -93.64
C GLY O 37 51.66 -0.51 -92.27
N TRP O 38 52.72 -1.31 -92.27
CA TRP O 38 53.29 -1.84 -91.04
C TRP O 38 54.42 -0.98 -90.48
N GLN O 39 54.69 0.17 -91.08
CA GLN O 39 55.67 1.13 -90.55
C GLN O 39 57.09 0.54 -90.53
N GLU O 40 57.59 0.20 -91.71
CA GLU O 40 58.88 -0.48 -91.86
C GLU O 40 59.77 0.22 -92.89
N PRO O 41 60.51 1.25 -92.49
CA PRO O 41 61.36 1.96 -93.45
C PRO O 41 62.45 1.10 -94.05
N LYS O 42 63.05 0.20 -93.25
CA LYS O 42 64.11 -0.65 -93.77
C LYS O 42 63.59 -1.53 -94.90
N ALA O 43 62.45 -2.19 -94.67
CA ALA O 43 61.89 -3.07 -95.68
C ALA O 43 61.48 -2.30 -96.92
N MET O 44 60.86 -1.13 -96.74
CA MET O 44 60.38 -0.42 -97.91
C MET O 44 61.51 0.22 -98.70
N GLU O 45 62.61 0.59 -98.03
CA GLU O 45 63.77 1.08 -98.78
C GLU O 45 64.46 -0.05 -99.51
N SER O 46 64.50 -1.25 -98.92
CA SER O 46 65.00 -2.40 -99.64
C SER O 46 64.18 -2.64 -100.89
N ALA O 47 62.86 -2.57 -100.76
CA ALA O 47 61.97 -2.75 -101.90
C ALA O 47 62.25 -1.71 -102.98
N PHE O 48 62.41 -0.45 -102.58
CA PHE O 48 62.71 0.60 -103.54
C PHE O 48 64.03 0.35 -104.26
N GLN O 49 65.04 -0.12 -103.52
CA GLN O 49 66.35 -0.34 -104.09
C GLN O 49 66.38 -1.52 -105.04
N SER O 50 65.56 -2.54 -104.79
CA SER O 50 65.56 -3.75 -105.60
C SER O 50 64.71 -3.64 -106.86
N LEU O 51 64.30 -2.44 -107.27
CA LEU O 51 63.29 -2.29 -108.31
C LEU O 51 63.94 -2.00 -109.67
N SER O 52 64.73 -2.96 -110.14
CA SER O 52 65.10 -3.08 -111.54
C SER O 52 65.42 -1.77 -112.24
N TRP O 53 66.16 -0.88 -111.57
CA TRP O 53 66.48 0.40 -112.17
C TRP O 53 67.50 0.30 -113.29
N ASP O 54 68.11 -0.86 -113.50
CA ASP O 54 69.20 -1.03 -114.46
C ASP O 54 68.72 -1.64 -115.76
N ASP O 55 67.52 -1.31 -116.21
CA ASP O 55 66.96 -1.83 -117.45
C ASP O 55 67.08 -0.77 -118.54
N ALA O 56 67.94 -1.04 -119.53
CA ALA O 56 68.21 -0.08 -120.57
C ALA O 56 66.98 0.21 -121.42
N ASP O 57 66.17 -0.82 -121.68
CA ASP O 57 64.98 -0.63 -122.50
C ASP O 57 64.00 0.33 -121.83
N VAL O 58 63.74 0.11 -120.54
CA VAL O 58 62.81 0.97 -119.82
C VAL O 58 63.39 2.37 -119.68
N LEU O 59 64.69 2.46 -119.46
CA LEU O 59 65.34 3.76 -119.36
C LEU O 59 65.20 4.54 -120.67
N LYS O 60 65.37 3.86 -121.79
CA LYS O 60 65.21 4.50 -123.10
C LYS O 60 63.76 4.90 -123.35
N ALA O 61 62.81 4.09 -122.89
CA ALA O 61 61.41 4.38 -123.12
C ALA O 61 60.83 5.42 -122.17
N LEU O 62 61.52 5.73 -121.08
CA LEU O 62 61.02 6.73 -120.14
C LEU O 62 60.79 8.08 -120.80
N PRO O 63 61.78 8.71 -121.44
CA PRO O 63 61.53 10.01 -122.06
C PRO O 63 60.55 9.93 -123.22
N GLN O 64 60.40 8.76 -123.84
CA GLN O 64 59.37 8.61 -124.87
C GLN O 64 57.99 8.63 -124.26
N TYR O 65 57.81 7.95 -123.12
CA TYR O 65 56.53 7.99 -122.43
C TYR O 65 56.22 9.41 -121.95
N LEU O 66 57.23 10.12 -121.49
CA LEU O 66 57.00 11.45 -120.94
C LEU O 66 56.51 12.43 -122.00
N ASN O 67 56.68 12.10 -123.28
CA ASN O 67 56.25 12.96 -124.37
C ASN O 67 55.22 12.33 -125.29
N CYS O 68 54.80 11.09 -125.04
CA CYS O 68 53.76 10.48 -125.85
C CYS O 68 52.42 11.17 -125.60
N ARG O 69 51.47 10.88 -126.48
CA ARG O 69 50.19 11.57 -126.45
C ARG O 69 49.16 10.78 -127.26
N GLY O 70 47.95 10.70 -126.73
CA GLY O 70 46.83 10.18 -127.49
C GLY O 70 46.55 8.71 -127.17
N GLU O 71 46.44 7.89 -128.22
CA GLU O 71 45.96 6.54 -128.06
C GLU O 71 46.94 5.68 -127.26
N GLN O 72 48.23 5.78 -127.58
CA GLN O 72 49.22 5.03 -126.84
C GLN O 72 49.23 5.40 -125.36
N LYS O 73 49.16 6.71 -125.07
CA LYS O 73 49.13 7.16 -123.68
C LYS O 73 47.89 6.65 -122.98
N ARG O 74 46.75 6.63 -123.68
CA ARG O 74 45.52 6.18 -123.04
C ARG O 74 45.57 4.69 -122.76
N ARG O 75 46.11 3.91 -123.68
CA ARG O 75 46.32 2.49 -123.44
C ARG O 75 47.17 2.26 -122.21
N VAL O 76 48.32 2.94 -122.14
CA VAL O 76 49.23 2.71 -121.02
C VAL O 76 48.62 3.18 -119.72
N ASP O 77 47.87 4.29 -119.74
CA ASP O 77 47.19 4.76 -118.54
C ASP O 77 46.14 3.76 -118.08
N PHE O 78 45.39 3.18 -119.02
CA PHE O 78 44.40 2.16 -118.68
C PHE O 78 45.06 0.97 -118.01
N ALA O 79 46.18 0.50 -118.57
CA ALA O 79 46.85 -0.65 -118.00
C ALA O 79 47.43 -0.33 -116.62
N TYR O 80 47.98 0.88 -116.46
CA TYR O 80 48.52 1.26 -115.17
C TYR O 80 47.43 1.43 -114.13
N ALA O 81 46.26 1.92 -114.52
CA ALA O 81 45.16 2.05 -113.57
C ALA O 81 44.59 0.69 -113.22
N ALA O 82 44.68 -0.27 -114.13
CA ALA O 82 44.37 -1.66 -113.79
C ALA O 82 45.31 -2.17 -112.72
N LEU O 83 46.62 -2.07 -112.95
CA LEU O 83 47.56 -2.66 -112.01
C LEU O 83 47.65 -1.90 -110.70
N CYS O 84 47.46 -0.58 -110.74
CA CYS O 84 47.72 0.29 -109.59
C CYS O 84 46.79 1.49 -109.66
N PRO O 85 45.52 1.31 -109.28
CA PRO O 85 44.55 2.40 -109.42
C PRO O 85 44.63 3.46 -108.34
N ARG O 86 45.31 3.19 -107.24
CA ARG O 86 45.37 4.14 -106.16
C ARG O 86 46.19 5.36 -106.59
N PRO O 87 45.72 6.58 -106.30
CA PRO O 87 46.52 7.75 -106.67
C PRO O 87 47.60 8.01 -105.62
N VAL O 88 48.86 7.98 -106.06
CA VAL O 88 49.96 8.23 -105.14
C VAL O 88 49.95 9.69 -104.72
N ASP O 89 50.57 9.94 -103.57
CA ASP O 89 50.70 11.31 -103.08
C ASP O 89 51.62 12.09 -104.01
N GLU O 90 51.16 13.25 -104.45
CA GLU O 90 51.93 14.07 -105.37
C GLU O 90 53.25 14.53 -104.77
N LYS O 91 53.40 14.42 -103.45
CA LYS O 91 54.56 14.93 -102.74
C LYS O 91 55.65 13.89 -102.52
N ASP O 92 55.35 12.60 -102.68
CA ASP O 92 56.32 11.57 -102.32
C ASP O 92 57.08 11.11 -103.55
N PRO O 93 58.35 11.51 -103.70
CA PRO O 93 59.03 11.26 -104.97
C PRO O 93 59.33 9.79 -105.19
N LYS O 94 59.50 9.00 -104.14
CA LYS O 94 59.75 7.58 -104.33
C LYS O 94 58.57 6.91 -105.00
N GLN O 95 57.37 7.17 -104.49
CA GLN O 95 56.15 6.68 -105.11
C GLN O 95 56.03 7.18 -106.54
N THR O 96 56.26 8.48 -106.74
CA THR O 96 56.18 9.04 -108.08
C THR O 96 57.13 8.33 -109.04
N LEU O 97 58.35 8.03 -108.57
CA LEU O 97 59.36 7.44 -109.44
C LEU O 97 59.03 6.00 -109.76
N MET O 98 58.54 5.24 -108.78
CA MET O 98 58.14 3.87 -109.07
C MET O 98 56.98 3.82 -110.05
N SER O 99 56.04 4.75 -109.90
CA SER O 99 54.95 4.86 -110.88
C SER O 99 55.50 5.13 -112.27
N LEU O 100 56.42 6.10 -112.38
CA LEU O 100 57.02 6.41 -113.67
C LEU O 100 57.72 5.20 -114.26
N TRP O 101 58.43 4.44 -113.43
CA TRP O 101 59.17 3.29 -113.91
C TRP O 101 58.23 2.23 -114.45
N MET O 102 57.16 1.94 -113.71
CA MET O 102 56.18 0.96 -114.16
C MET O 102 55.52 1.40 -115.46
N LYS O 103 55.19 2.69 -115.57
CA LYS O 103 54.58 3.20 -116.78
C LYS O 103 55.53 3.11 -117.96
N ALA O 104 56.82 3.38 -117.74
CA ALA O 104 57.79 3.27 -118.82
C ALA O 104 57.95 1.83 -119.27
N ARG O 105 57.92 0.89 -118.34
CA ARG O 105 57.98 -0.52 -118.69
C ARG O 105 56.79 -0.91 -119.56
N LEU O 106 55.59 -0.50 -119.15
CA LEU O 106 54.40 -0.81 -119.94
C LEU O 106 54.45 -0.12 -121.30
N PHE O 107 55.01 1.09 -121.37
CA PHE O 107 55.14 1.78 -122.64
C PHE O 107 56.08 1.03 -123.57
N SER O 108 57.17 0.51 -123.04
CA SER O 108 58.08 -0.27 -123.86
C SER O 108 57.39 -1.52 -124.41
N TYR O 109 56.70 -2.25 -123.53
CA TYR O 109 55.99 -3.43 -123.99
C TYR O 109 54.94 -3.08 -125.04
N ASP O 110 54.26 -1.95 -124.87
CA ASP O 110 53.20 -1.59 -125.80
C ASP O 110 53.76 -1.17 -127.16
N GLN O 111 54.87 -0.42 -127.17
CA GLN O 111 55.42 0.00 -128.45
C GLN O 111 56.13 -1.14 -129.16
N LYS O 112 56.54 -2.18 -128.45
CA LYS O 112 57.00 -3.38 -129.12
C LYS O 112 55.83 -4.20 -129.65
N HIS O 113 54.90 -4.56 -128.78
CA HIS O 113 53.70 -5.31 -129.14
C HIS O 113 52.51 -4.62 -128.48
N PRO O 114 51.65 -3.95 -129.23
CA PRO O 114 50.58 -3.16 -128.60
C PRO O 114 49.62 -4.03 -127.80
N PHE O 115 48.94 -3.38 -126.87
CA PHE O 115 47.97 -4.06 -126.02
C PHE O 115 46.62 -4.18 -126.71
N VAL O 116 45.92 -5.25 -126.37
CA VAL O 116 44.57 -5.50 -126.85
C VAL O 116 43.72 -5.70 -125.61
N LEU O 117 43.05 -4.64 -125.17
CA LEU O 117 42.42 -4.62 -123.86
C LEU O 117 40.97 -5.02 -123.90
N SER O 118 40.36 -5.05 -125.06
CA SER O 118 38.94 -5.38 -125.15
C SER O 118 38.74 -6.88 -125.02
N PRO O 119 37.66 -7.31 -124.36
CA PRO O 119 37.31 -8.74 -124.42
C PRO O 119 36.87 -9.18 -125.80
N PHE O 120 36.27 -8.29 -126.57
CA PHE O 120 35.87 -8.58 -127.93
C PHE O 120 37.08 -8.44 -128.84
N ALA O 121 37.44 -9.51 -129.55
CA ALA O 121 38.66 -9.49 -130.34
C ALA O 121 38.71 -10.74 -131.21
N ALA O 122 39.41 -10.62 -132.33
CA ALA O 122 39.62 -11.75 -133.22
C ALA O 122 40.68 -11.45 -134.26
N GLY P 2 -0.33 4.91 -25.20
CA GLY P 2 -1.19 3.90 -25.78
C GLY P 2 -1.84 3.02 -24.75
N PHE P 3 -3.04 2.52 -25.04
CA PHE P 3 -3.74 1.65 -24.11
C PHE P 3 -4.98 1.10 -24.79
N HIS P 4 -5.47 -0.02 -24.26
CA HIS P 4 -6.75 -0.63 -24.67
C HIS P 4 -6.70 -1.18 -26.10
N PHE P 5 -5.57 -1.76 -26.47
CA PHE P 5 -5.43 -2.38 -27.77
C PHE P 5 -6.40 -3.55 -27.93
N GLN P 6 -6.56 -4.35 -26.87
CA GLN P 6 -7.51 -5.44 -26.90
C GLN P 6 -8.92 -4.95 -27.15
N GLN P 7 -9.31 -3.86 -26.49
CA GLN P 7 -10.62 -3.27 -26.74
C GLN P 7 -10.74 -2.78 -28.17
N TYR P 8 -9.64 -2.29 -28.75
CA TYR P 8 -9.71 -1.84 -30.13
C TYR P 8 -9.91 -2.99 -31.10
N ILE P 9 -9.22 -4.10 -30.87
CA ILE P 9 -9.45 -5.31 -31.66
C ILE P 9 -10.89 -5.76 -31.54
N ALA P 10 -11.43 -5.72 -30.32
CA ALA P 10 -12.82 -6.13 -30.11
C ALA P 10 -13.78 -5.22 -30.83
N MET P 11 -13.46 -3.92 -30.88
CA MET P 11 -14.29 -2.96 -31.59
C MET P 11 -14.31 -3.27 -33.07
N ALA P 12 -13.13 -3.55 -33.64
CA ALA P 12 -13.09 -3.92 -35.05
C ALA P 12 -13.89 -5.19 -35.32
N GLY P 13 -13.81 -6.19 -34.44
CA GLY P 13 -14.59 -7.40 -34.62
C GLY P 13 -16.09 -7.14 -34.62
N ARG P 14 -16.54 -6.30 -33.69
CA ARG P 14 -17.94 -5.93 -33.67
C ARG P 14 -18.31 -5.18 -34.95
N ALA P 15 -17.43 -4.31 -35.41
CA ALA P 15 -17.76 -3.53 -36.60
C ALA P 15 -17.92 -4.45 -37.79
N ILE P 16 -17.07 -5.47 -37.90
CA ILE P 16 -17.15 -6.38 -39.05
C ILE P 16 -18.28 -7.38 -38.90
N ASN P 17 -18.99 -7.36 -37.78
CA ASN P 17 -20.07 -8.34 -37.63
C ASN P 17 -21.34 -7.80 -38.29
N PRO P 18 -21.99 -8.57 -39.17
CA PRO P 18 -23.20 -8.05 -39.83
C PRO P 18 -24.39 -7.80 -38.91
N VAL P 19 -24.48 -8.50 -37.78
CA VAL P 19 -25.57 -8.24 -36.84
C VAL P 19 -25.46 -6.81 -36.30
N GLN P 20 -24.23 -6.39 -36.01
CA GLN P 20 -23.99 -5.04 -35.56
C GLN P 20 -24.31 -4.02 -36.63
N TRP P 21 -24.30 -4.41 -37.91
CA TRP P 21 -24.71 -3.47 -38.94
C TRP P 21 -26.20 -3.16 -38.84
N THR P 22 -27.01 -4.18 -38.58
CA THR P 22 -28.43 -3.95 -38.34
C THR P 22 -28.65 -3.15 -37.07
N ARG P 23 -27.87 -3.45 -36.02
CA ARG P 23 -27.99 -2.69 -34.79
C ARG P 23 -27.67 -1.22 -35.02
N ALA P 24 -26.64 -0.93 -35.81
CA ALA P 24 -26.29 0.45 -36.11
C ALA P 24 -27.34 1.11 -37.00
N TRP P 25 -27.91 0.36 -37.94
CA TRP P 25 -29.01 0.86 -38.74
C TRP P 25 -30.15 1.32 -37.85
N ARG P 26 -30.51 0.53 -36.84
CA ARG P 26 -31.57 0.92 -35.92
C ARG P 26 -31.15 2.11 -35.06
N ARG P 27 -29.90 2.13 -34.60
CA ARG P 27 -29.43 3.24 -33.78
C ARG P 27 -29.35 4.55 -34.55
N MET P 28 -29.20 4.49 -35.87
CA MET P 28 -29.10 5.71 -36.67
C MET P 28 -30.43 6.42 -36.87
N GLU P 29 -31.52 5.89 -36.33
CA GLU P 29 -32.81 6.54 -36.49
C GLU P 29 -32.85 7.81 -35.64
N GLY P 30 -33.20 8.93 -36.27
CA GLY P 30 -33.21 10.20 -35.57
C GLY P 30 -31.83 10.58 -35.08
N LYS P 31 -30.93 10.82 -36.02
CA LYS P 31 -29.53 11.04 -35.72
C LYS P 31 -28.93 11.86 -36.85
N SER P 32 -27.90 12.65 -36.52
CA SER P 32 -27.31 13.59 -37.46
C SER P 32 -25.82 13.30 -37.64
N ALA P 33 -25.33 13.69 -38.82
CA ALA P 33 -23.92 13.50 -39.12
C ALA P 33 -23.05 14.32 -38.19
N THR P 34 -23.50 15.52 -37.82
CA THR P 34 -22.76 16.32 -36.86
C THR P 34 -22.66 15.60 -35.52
N GLU P 35 -23.76 14.98 -35.08
CA GLU P 35 -23.75 14.25 -33.83
C GLU P 35 -22.79 13.07 -33.89
N VAL P 36 -22.80 12.33 -35.00
CA VAL P 36 -21.91 11.18 -35.14
C VAL P 36 -20.46 11.62 -35.11
N TYR P 37 -20.14 12.68 -35.85
CA TYR P 37 -18.78 13.17 -35.92
C TYR P 37 -18.30 13.67 -34.56
N ARG P 38 -19.17 14.41 -33.86
CA ARG P 38 -18.82 14.89 -32.54
C ARG P 38 -18.61 13.75 -31.57
N ASP P 39 -19.42 12.70 -31.68
CA ASP P 39 -19.26 11.54 -30.80
C ASP P 39 -17.92 10.86 -31.02
N ALA P 40 -17.55 10.66 -32.29
CA ALA P 40 -16.28 10.02 -32.59
C ALA P 40 -15.11 10.87 -32.13
N LEU P 41 -15.18 12.18 -32.39
CA LEU P 41 -14.13 13.08 -31.94
C LEU P 41 -14.00 13.07 -30.42
N ALA P 42 -15.13 13.04 -29.73
CA ALA P 42 -15.11 13.00 -28.27
C ALA P 42 -14.49 11.70 -27.77
N TRP P 43 -14.78 10.58 -28.43
CA TRP P 43 -14.18 9.31 -28.05
C TRP P 43 -12.66 9.37 -28.19
N THR P 44 -12.18 9.87 -29.32
CA THR P 44 -10.75 9.97 -29.53
C THR P 44 -10.09 10.89 -28.51
N ASN P 45 -10.73 12.03 -28.22
CA ASN P 45 -10.23 12.93 -27.20
C ASN P 45 -10.19 12.26 -25.84
N ASN P 46 -11.20 11.46 -25.52
CA ASN P 46 -11.22 10.78 -24.23
C ASN P 46 -10.05 9.82 -24.11
N GLN P 47 -9.73 9.12 -25.21
CA GLN P 47 -8.59 8.22 -25.18
C GLN P 47 -7.29 8.99 -24.94
N PHE P 48 -7.05 10.03 -25.73
CA PHE P 48 -5.79 10.75 -25.59
C PHE P 48 -5.71 11.47 -24.25
N ALA P 49 -6.85 11.92 -23.70
CA ALA P 49 -6.85 12.56 -22.40
C ALA P 49 -6.59 11.56 -21.28
N GLN P 50 -7.12 10.34 -21.40
CA GLN P 50 -6.76 9.29 -20.46
C GLN P 50 -5.26 9.08 -20.45
N ILE P 51 -4.65 9.06 -21.64
CA ILE P 51 -3.19 8.91 -21.69
C ILE P 51 -2.52 10.07 -20.97
N SER P 52 -2.85 11.30 -21.36
CA SER P 52 -2.17 12.47 -20.82
C SER P 52 -2.29 12.54 -19.30
N ARG P 53 -3.43 12.11 -18.76
CA ARG P 53 -3.60 12.15 -17.31
C ARG P 53 -2.90 11.00 -16.62
N ALA P 54 -3.12 9.76 -17.08
CA ALA P 54 -2.67 8.59 -16.34
C ALA P 54 -1.19 8.33 -16.50
N SER P 55 -0.54 8.90 -17.52
CA SER P 55 0.90 8.73 -17.65
C SER P 55 1.66 9.44 -16.54
N GLN P 56 1.03 10.39 -15.87
CA GLN P 56 1.71 11.15 -14.82
C GLN P 56 1.99 10.30 -13.60
N TYR P 57 1.14 9.32 -13.30
CA TYR P 57 1.25 8.55 -12.07
C TYR P 57 1.26 7.05 -12.26
N ARG P 58 0.91 6.54 -13.44
CA ARG P 58 0.70 5.13 -13.66
C ARG P 58 1.63 4.59 -14.74
N ALA P 59 1.97 3.32 -14.63
CA ALA P 59 2.85 2.64 -15.57
C ALA P 59 2.21 1.33 -16.01
N TRP P 60 2.18 1.12 -17.32
CA TRP P 60 1.62 -0.10 -17.86
C TRP P 60 2.63 -1.23 -17.84
N TRP P 61 2.16 -2.44 -18.15
CA TRP P 61 3.05 -3.59 -18.23
C TRP P 61 4.13 -3.44 -19.27
N TRP P 62 3.93 -2.58 -20.26
CA TRP P 62 4.88 -2.40 -21.35
C TRP P 62 5.85 -1.25 -21.09
N GLN P 63 5.84 -0.67 -19.90
CA GLN P 63 6.67 0.47 -19.62
C GLN P 63 8.14 0.12 -19.79
N ASN P 64 8.89 1.06 -20.36
CA ASN P 64 10.25 0.82 -20.78
C ASN P 64 10.97 2.16 -20.77
N PRO P 65 12.30 2.16 -20.87
CA PRO P 65 13.04 3.43 -20.81
C PRO P 65 12.74 4.39 -21.95
N LEU P 66 12.05 3.95 -22.99
CA LEU P 66 11.58 4.83 -24.04
C LEU P 66 10.09 5.15 -23.93
N GLY P 67 9.41 4.61 -22.93
CA GLY P 67 8.03 4.98 -22.69
C GLY P 67 7.10 4.55 -23.81
N MET P 68 6.13 5.41 -24.11
CA MET P 68 5.14 5.13 -25.14
C MET P 68 5.70 5.26 -26.54
N GLY P 69 6.93 5.76 -26.69
CA GLY P 69 7.53 5.84 -28.00
C GLY P 69 7.66 4.48 -28.65
N LEU P 70 8.00 3.47 -27.84
CA LEU P 70 8.14 2.13 -28.38
C LEU P 70 6.80 1.55 -28.77
N VAL P 71 5.75 1.85 -28.00
CA VAL P 71 4.42 1.35 -28.32
C VAL P 71 3.93 1.99 -29.61
N LEU P 72 4.16 3.28 -29.77
CA LEU P 72 3.73 3.96 -31.00
C LEU P 72 4.54 3.48 -32.20
N TYR P 73 5.85 3.27 -32.01
CA TYR P 73 6.65 2.69 -33.08
C TYR P 73 6.13 1.31 -33.47
N GLY P 74 5.76 0.50 -32.48
CA GLY P 74 5.24 -0.82 -32.77
C GLY P 74 3.91 -0.77 -33.49
N THR P 75 3.05 0.17 -33.11
CA THR P 75 1.83 0.39 -33.86
C THR P 75 2.13 0.73 -35.31
N TYR P 76 3.07 1.65 -35.54
CA TYR P 76 3.44 2.02 -36.91
C TYR P 76 3.97 0.83 -37.67
N LYS P 77 4.89 0.06 -37.06
CA LYS P 77 5.49 -1.08 -37.73
C LYS P 77 4.45 -2.14 -38.06
N ALA P 78 3.51 -2.38 -37.14
CA ALA P 78 2.43 -3.32 -37.41
C ALA P 78 1.60 -2.85 -38.59
N TRP P 79 1.21 -1.58 -38.60
CA TRP P 79 0.47 -1.04 -39.73
C TRP P 79 1.23 -1.20 -41.03
N HIS P 80 2.52 -0.86 -41.01
CA HIS P 80 3.34 -0.97 -42.20
C HIS P 80 3.34 -2.40 -42.72
N MET P 81 3.72 -3.35 -41.87
CA MET P 81 3.84 -4.73 -42.34
C MET P 81 2.51 -5.34 -42.74
N ILE P 82 1.41 -4.93 -42.11
CA ILE P 82 0.11 -5.51 -42.42
C ILE P 82 -0.46 -4.93 -43.71
N TYR P 83 -0.41 -3.62 -43.88
CA TYR P 83 -1.07 -2.94 -45.00
C TYR P 83 -0.10 -2.65 -46.14
N MET P 84 0.99 -1.94 -45.85
CA MET P 84 1.81 -1.37 -46.91
C MET P 84 2.62 -2.44 -47.62
N VAL P 85 3.16 -3.40 -46.87
CA VAL P 85 3.94 -4.47 -47.48
C VAL P 85 3.03 -5.41 -48.27
N ARG P 86 1.79 -5.60 -47.81
CA ARG P 86 0.80 -6.35 -48.58
C ARG P 86 0.53 -5.67 -49.92
N LYS P 87 0.30 -4.35 -49.88
CA LYS P 87 0.12 -3.59 -51.10
C LYS P 87 1.33 -3.69 -52.00
N GLN P 88 2.53 -3.67 -51.41
CA GLN P 88 3.76 -3.82 -52.17
C GLN P 88 3.84 -5.17 -52.86
N LYS P 89 3.42 -6.22 -52.17
CA LYS P 89 3.39 -7.55 -52.77
C LYS P 89 2.48 -7.56 -53.99
N LYS P 90 1.28 -7.02 -53.83
CA LYS P 90 0.35 -6.97 -54.95
C LYS P 90 0.91 -6.16 -56.10
N THR P 91 1.52 -5.01 -55.81
CA THR P 91 2.10 -4.17 -56.85
C THR P 91 3.25 -4.89 -57.54
N ALA P 92 4.01 -5.66 -56.79
CA ALA P 92 5.12 -6.42 -57.37
C ALA P 92 4.61 -7.43 -58.37
N GLN P 93 3.57 -8.19 -57.98
CA GLN P 93 3.02 -9.18 -58.89
C GLN P 93 2.40 -8.51 -60.11
N LEU P 94 1.76 -7.37 -59.92
CA LEU P 94 1.20 -6.62 -61.02
C LEU P 94 2.27 -6.21 -62.02
N VAL P 95 3.34 -5.59 -61.53
CA VAL P 95 4.40 -5.13 -62.41
C VAL P 95 5.08 -6.30 -63.09
N ALA P 96 5.24 -7.42 -62.37
CA ALA P 96 5.90 -8.56 -62.98
C ALA P 96 5.05 -9.20 -64.07
N ALA P 97 3.72 -9.14 -63.93
CA ALA P 97 2.85 -9.65 -64.98
C ALA P 97 2.74 -8.70 -66.17
N ALA P 98 2.86 -7.39 -65.93
CA ALA P 98 2.66 -6.40 -66.98
C ALA P 98 3.93 -6.07 -67.77
N TYR P 99 5.07 -6.01 -67.10
CA TYR P 99 6.32 -5.61 -67.73
C TYR P 99 7.47 -6.55 -67.44
N GLY P 100 7.39 -7.34 -66.38
CA GLY P 100 8.53 -8.06 -65.86
C GLY P 100 9.05 -7.43 -64.58
N GLN P 101 9.80 -8.22 -63.83
CA GLN P 101 10.33 -7.77 -62.57
C GLN P 101 11.30 -6.62 -62.78
N GLY P 102 11.01 -5.50 -62.14
CA GLY P 102 11.78 -4.29 -62.33
C GLY P 102 11.33 -3.45 -63.49
N GLY P 103 10.15 -3.73 -64.05
CA GLY P 103 9.68 -3.03 -65.23
C GLY P 103 9.42 -1.56 -65.03
N GLN P 104 9.17 -1.13 -63.80
CA GLN P 104 8.86 0.27 -63.56
C GLN P 104 10.13 1.11 -63.48
N TRP P 105 11.28 0.49 -63.30
CA TRP P 105 12.55 1.19 -63.23
C TRP P 105 13.37 1.05 -64.49
N LEU P 106 12.76 0.59 -65.58
CA LEU P 106 13.50 0.44 -66.82
C LEU P 106 13.88 1.78 -67.41
N ASN P 107 14.97 1.81 -68.13
CA ASN P 107 15.41 3.03 -68.77
C ASN P 107 14.56 3.31 -69.99
N PRO P 108 14.49 4.56 -70.42
CA PRO P 108 13.75 4.89 -71.63
C PRO P 108 14.36 4.23 -72.86
N VAL P 109 13.54 4.07 -73.88
CA VAL P 109 14.01 3.41 -75.10
C VAL P 109 15.09 4.27 -75.74
N PRO P 110 16.24 3.71 -76.11
CA PRO P 110 17.29 4.54 -76.69
C PRO P 110 16.90 5.09 -78.05
N ARG P 111 17.22 6.35 -78.27
CA ARG P 111 16.91 6.99 -79.54
C ARG P 111 18.14 6.94 -80.44
N THR Q 2 5.47 -42.26 -109.28
CA THR Q 2 5.51 -42.88 -107.96
C THR Q 2 6.66 -43.88 -107.87
N ALA Q 3 7.09 -44.16 -106.66
CA ALA Q 3 8.25 -45.01 -106.41
C ALA Q 3 7.84 -46.47 -106.25
N LEU Q 4 8.83 -47.33 -106.34
CA LEU Q 4 8.67 -48.74 -106.02
C LEU Q 4 9.05 -48.98 -104.57
N PRO Q 5 8.60 -50.09 -103.99
CA PRO Q 5 9.06 -50.45 -102.66
C PRO Q 5 10.52 -50.87 -102.70
N PRO Q 6 11.21 -50.84 -101.57
CA PRO Q 6 12.58 -51.33 -101.54
C PRO Q 6 12.63 -52.82 -101.87
N PRO Q 7 13.77 -53.30 -102.35
CA PRO Q 7 13.86 -54.69 -102.75
C PRO Q 7 13.97 -55.59 -101.53
N PRO Q 8 13.72 -56.88 -101.70
CA PRO Q 8 13.81 -57.80 -100.57
C PRO Q 8 15.25 -58.10 -100.22
N SER Q 9 15.46 -58.46 -98.96
CA SER Q 9 16.77 -58.81 -98.45
C SER Q 9 16.69 -60.16 -97.76
N ALA Q 10 17.83 -60.85 -97.71
CA ALA Q 10 17.88 -62.15 -97.06
C ALA Q 10 17.64 -62.01 -95.57
N ASN Q 11 16.96 -62.99 -95.00
CA ASN Q 11 16.73 -62.98 -93.56
C ASN Q 11 17.92 -63.60 -92.82
N VAL Q 12 18.42 -64.69 -93.35
CA VAL Q 12 19.66 -65.27 -92.87
C VAL Q 12 20.82 -64.52 -93.48
N ALA Q 13 21.90 -64.34 -92.71
CA ALA Q 13 23.02 -63.54 -93.16
C ALA Q 13 23.89 -64.34 -94.10
N VAL Q 14 24.05 -63.84 -95.32
CA VAL Q 14 25.05 -64.34 -96.25
C VAL Q 14 26.26 -63.43 -96.12
N SER Q 15 27.40 -64.02 -95.75
CA SER Q 15 28.62 -63.24 -95.57
C SER Q 15 29.48 -63.27 -96.82
N PHE Q 16 29.98 -64.45 -97.18
CA PHE Q 16 30.77 -64.61 -98.39
C PHE Q 16 30.47 -65.94 -99.06
N THR Q 17 29.47 -66.67 -98.57
CA THR Q 17 29.21 -68.03 -99.04
C THR Q 17 28.85 -68.05 -100.52
N ALA Q 18 28.23 -66.98 -101.01
CA ALA Q 18 27.81 -66.89 -102.41
C ALA Q 18 28.88 -66.35 -103.33
N ALA Q 19 30.08 -66.08 -102.82
CA ALA Q 19 31.12 -65.52 -103.66
C ALA Q 19 31.59 -66.55 -104.69
N PRO Q 20 32.05 -66.09 -105.85
CA PRO Q 20 32.48 -67.03 -106.89
C PRO Q 20 33.75 -67.77 -106.49
N ALA Q 21 33.79 -69.05 -106.83
CA ALA Q 21 34.96 -69.89 -106.60
C ALA Q 21 35.76 -70.10 -107.88
N GLU Q 22 35.47 -69.33 -108.93
CA GLU Q 22 36.12 -69.49 -110.20
C GLU Q 22 36.23 -68.09 -110.81
N PRO Q 23 37.33 -67.78 -111.48
CA PRO Q 23 37.45 -66.46 -112.11
C PRO Q 23 36.48 -66.29 -113.26
N LEU Q 24 36.18 -65.03 -113.55
CA LEU Q 24 35.21 -64.71 -114.58
C LEU Q 24 35.69 -65.16 -115.96
N SER Q 25 34.75 -65.21 -116.89
CA SER Q 25 35.00 -65.58 -118.27
C SER Q 25 34.87 -64.35 -119.18
N ARG Q 26 35.17 -64.57 -120.46
CA ARG Q 26 35.26 -63.47 -121.42
C ARG Q 26 33.91 -62.80 -121.61
N GLY Q 27 32.86 -63.60 -121.81
CA GLY Q 27 31.53 -63.05 -121.99
C GLY Q 27 31.06 -62.28 -120.76
N GLU Q 28 31.38 -62.80 -119.57
CA GLU Q 28 31.01 -62.10 -118.35
C GLU Q 28 31.72 -60.75 -118.26
N VAL Q 29 33.00 -60.71 -118.62
CA VAL Q 29 33.75 -59.45 -118.60
C VAL Q 29 33.13 -58.46 -119.58
N LYS Q 30 32.81 -58.93 -120.79
CA LYS Q 30 32.18 -58.07 -121.78
C LYS Q 30 30.86 -57.52 -121.25
N ALA Q 31 30.04 -58.38 -120.66
CA ALA Q 31 28.76 -57.94 -120.11
C ALA Q 31 28.96 -56.89 -119.03
N ALA Q 32 30.00 -57.04 -118.21
CA ALA Q 32 30.30 -56.03 -117.21
C ALA Q 32 30.63 -54.69 -117.85
N SER Q 33 31.42 -54.73 -118.93
CA SER Q 33 31.74 -53.49 -119.64
C SER Q 33 30.48 -52.84 -120.19
N LEU Q 34 29.59 -53.65 -120.76
CA LEU Q 34 28.32 -53.12 -121.25
C LEU Q 34 27.51 -52.48 -120.13
N LYS Q 35 27.50 -53.11 -118.95
CA LYS Q 35 26.77 -52.55 -117.83
C LYS Q 35 27.33 -51.18 -117.44
N LEU Q 36 28.65 -51.06 -117.45
CA LEU Q 36 29.26 -49.76 -117.12
C LEU Q 36 28.89 -48.70 -118.16
N GLU Q 37 28.93 -49.07 -119.43
CA GLU Q 37 28.49 -48.16 -120.47
C GLU Q 37 27.04 -47.73 -120.25
N LEU Q 38 26.18 -48.68 -119.92
CA LEU Q 38 24.77 -48.38 -119.71
C LEU Q 38 24.59 -47.39 -118.57
N GLN Q 39 25.29 -47.61 -117.45
CA GLN Q 39 25.10 -46.72 -116.32
C GLN Q 39 25.62 -45.31 -116.63
N ASN Q 40 26.71 -45.20 -117.39
CA ASN Q 40 27.17 -43.89 -117.81
C ASN Q 40 26.12 -43.19 -118.68
N ILE Q 41 25.54 -43.94 -119.62
CA ILE Q 41 24.50 -43.39 -120.48
C ILE Q 41 23.32 -42.91 -119.66
N GLU Q 42 22.89 -43.70 -118.68
CA GLU Q 42 21.76 -43.32 -117.85
C GLU Q 42 22.08 -42.07 -117.04
N ARG Q 43 23.32 -41.94 -116.58
CA ARG Q 43 23.72 -40.73 -115.87
C ARG Q 43 23.58 -39.51 -116.75
N GLU Q 44 24.06 -39.60 -117.99
CA GLU Q 44 23.94 -38.47 -118.91
C GLU Q 44 22.48 -38.12 -119.17
N LEU Q 45 21.66 -39.13 -119.44
CA LEU Q 45 20.23 -38.90 -119.67
C LEU Q 45 19.58 -38.24 -118.47
N LYS Q 46 19.93 -38.68 -117.26
CA LYS Q 46 19.35 -38.09 -116.07
C LYS Q 46 19.73 -36.63 -115.94
N ASP Q 47 20.99 -36.30 -116.23
CA ASP Q 47 21.41 -34.91 -116.15
C ASP Q 47 20.59 -34.05 -117.10
N TRP Q 48 20.48 -34.49 -118.35
CA TRP Q 48 19.68 -33.75 -119.32
C TRP Q 48 18.24 -33.59 -118.84
N TRP Q 49 17.60 -34.68 -118.47
CA TRP Q 49 16.19 -34.64 -118.11
C TRP Q 49 15.94 -33.75 -116.91
N MET Q 50 16.79 -33.84 -115.89
CA MET Q 50 16.55 -33.08 -114.68
C MET Q 50 16.80 -31.60 -114.90
N SER Q 51 17.83 -31.25 -115.67
CA SER Q 51 18.06 -29.84 -115.99
C SER Q 51 16.88 -29.29 -116.76
N ARG Q 52 16.41 -30.03 -117.76
CA ARG Q 52 15.29 -29.58 -118.57
C ARG Q 52 14.04 -29.38 -117.72
N LYS Q 53 13.74 -30.36 -116.86
CA LYS Q 53 12.56 -30.27 -116.00
C LYS Q 53 12.63 -29.07 -115.07
N ILE Q 54 13.77 -28.90 -114.39
CA ILE Q 54 13.88 -27.81 -113.43
C ILE Q 54 13.76 -26.47 -114.12
N LEU Q 55 14.40 -26.31 -115.28
CA LEU Q 55 14.33 -25.03 -115.97
C LEU Q 55 12.93 -24.74 -116.47
N ARG Q 56 12.25 -25.76 -117.02
CA ARG Q 56 10.87 -25.57 -117.44
C ARG Q 56 9.99 -25.11 -116.29
N ASP Q 57 10.09 -25.79 -115.15
CA ASP Q 57 9.26 -25.44 -114.01
C ASP Q 57 9.57 -24.04 -113.51
N ARG Q 58 10.85 -23.70 -113.38
CA ARG Q 58 11.22 -22.38 -112.90
C ARG Q 58 10.71 -21.30 -113.82
N ASN Q 59 10.87 -21.47 -115.13
CA ASN Q 59 10.52 -20.40 -116.04
C ASN Q 59 9.01 -20.27 -116.19
N ILE Q 60 8.27 -21.38 -116.09
CA ILE Q 60 6.82 -21.26 -116.07
C ILE Q 60 6.36 -20.55 -114.80
N GLY Q 61 7.02 -20.82 -113.67
CA GLY Q 61 6.67 -20.12 -112.45
C GLY Q 61 6.95 -18.62 -112.55
N LEU Q 62 8.08 -18.25 -113.15
CA LEU Q 62 8.36 -16.84 -113.38
C LEU Q 62 7.31 -16.21 -114.28
N PHE Q 63 6.94 -16.88 -115.36
CA PHE Q 63 5.92 -16.34 -116.24
C PHE Q 63 4.62 -16.12 -115.50
N ASN Q 64 4.20 -17.09 -114.69
CA ASN Q 64 2.95 -16.95 -113.96
C ASN Q 64 3.04 -15.83 -112.93
N LEU Q 65 4.20 -15.67 -112.30
CA LEU Q 65 4.38 -14.59 -111.34
C LEU Q 65 4.29 -13.23 -112.02
N LEU Q 66 4.95 -13.08 -113.18
CA LEU Q 66 4.93 -11.82 -113.89
C LEU Q 66 3.54 -11.51 -114.43
N GLN Q 67 2.82 -12.53 -114.89
CA GLN Q 67 1.44 -12.34 -115.31
C GLN Q 67 0.56 -11.96 -114.13
N HIS Q 68 0.86 -12.51 -112.96
CA HIS Q 68 0.09 -12.21 -111.76
C HIS Q 68 0.28 -10.76 -111.34
N HIS Q 69 1.52 -10.28 -111.36
CA HIS Q 69 1.82 -8.91 -111.00
C HIS Q 69 1.72 -7.94 -112.18
N ASN Q 70 1.26 -8.41 -113.33
CA ASN Q 70 0.93 -7.56 -114.46
C ASN Q 70 2.15 -6.76 -114.95
N PHE Q 71 3.15 -7.50 -115.41
CA PHE Q 71 4.37 -6.93 -115.95
C PHE Q 71 4.31 -6.85 -117.47
N ALA Q 72 5.08 -5.91 -118.01
CA ALA Q 72 5.22 -5.75 -119.45
C ALA Q 72 6.68 -5.45 -119.75
N GLY Q 73 7.21 -6.12 -120.77
CA GLY Q 73 8.61 -5.97 -121.14
C GLY Q 73 8.81 -5.37 -122.50
N LEU Q 74 10.00 -5.56 -123.06
CA LEU Q 74 10.31 -5.02 -124.37
C LEU Q 74 9.42 -5.64 -125.44
N SER Q 75 9.10 -6.92 -125.28
CA SER Q 75 8.06 -7.57 -126.07
C SER Q 75 6.74 -7.31 -125.37
N VAL Q 76 5.95 -6.38 -125.91
CA VAL Q 76 4.71 -5.96 -125.27
C VAL Q 76 3.69 -7.07 -125.52
N ASN Q 77 3.56 -7.97 -124.56
CA ASN Q 77 2.72 -9.16 -124.66
C ASN Q 77 1.80 -9.24 -123.45
N ASN Q 78 1.13 -8.13 -123.16
CA ASN Q 78 0.22 -8.03 -122.03
C ASN Q 78 -1.10 -7.45 -122.52
N ALA Q 79 -2.18 -8.17 -122.24
CA ALA Q 79 -3.51 -7.76 -122.69
C ALA Q 79 -4.25 -6.92 -121.66
N LYS Q 80 -3.87 -7.00 -120.39
CA LYS Q 80 -4.55 -6.25 -119.35
C LYS Q 80 -4.09 -4.80 -119.25
N LEU Q 81 -3.24 -4.35 -120.15
CA LEU Q 81 -2.75 -2.98 -120.10
C LEU Q 81 -3.84 -2.00 -120.51
N SER Q 82 -3.76 -0.80 -119.93
CA SER Q 82 -4.49 0.33 -120.45
C SER Q 82 -3.90 0.75 -121.80
N ASP Q 83 -4.75 1.30 -122.66
CA ASP Q 83 -4.28 1.74 -123.96
C ASP Q 83 -3.30 2.91 -123.82
N SER Q 84 -3.54 3.78 -122.85
CA SER Q 84 -2.61 4.90 -122.63
C SER Q 84 -1.26 4.40 -122.14
N GLN Q 85 -1.25 3.50 -121.15
CA GLN Q 85 0.00 2.92 -120.68
C GLN Q 85 0.72 2.20 -121.81
N ARG Q 86 -0.04 1.50 -122.66
CA ARG Q 86 0.56 0.78 -123.77
C ARG Q 86 1.20 1.73 -124.76
N VAL Q 87 0.52 2.84 -125.07
CA VAL Q 87 1.10 3.83 -125.97
C VAL Q 87 2.37 4.41 -125.38
N MET Q 88 2.35 4.72 -124.08
CA MET Q 88 3.53 5.30 -123.44
C MET Q 88 4.71 4.33 -123.47
N TRP Q 89 4.45 3.07 -123.14
CA TRP Q 89 5.50 2.07 -123.12
C TRP Q 89 6.04 1.79 -124.52
N THR Q 90 5.15 1.75 -125.52
CA THR Q 90 5.59 1.52 -126.89
C THR Q 90 6.37 2.72 -127.42
N ASP Q 91 6.07 3.92 -126.93
CA ASP Q 91 6.88 5.07 -127.27
C ASP Q 91 8.28 4.94 -126.66
N LEU Q 92 8.35 4.50 -125.40
CA LEU Q 92 9.65 4.38 -124.75
C LEU Q 92 10.49 3.25 -125.35
N VAL Q 93 9.85 2.23 -125.91
CA VAL Q 93 10.55 1.06 -126.41
C VAL Q 93 10.86 1.16 -127.91
N GLN Q 94 9.91 1.64 -128.68
CA GLN Q 94 9.95 1.55 -130.14
C GLN Q 94 9.96 2.91 -130.82
N GLY Q 95 9.23 3.88 -130.28
CA GLY Q 95 9.08 5.18 -130.90
C GLY Q 95 9.83 6.27 -130.18
N LYS Q 96 9.37 7.50 -130.39
CA LYS Q 96 10.01 8.69 -129.84
C LYS Q 96 9.10 9.35 -128.82
N PRO Q 97 9.51 9.44 -127.55
CA PRO Q 97 8.70 10.21 -126.60
C PRO Q 97 8.82 11.71 -126.87
N ASP Q 98 7.67 12.36 -127.02
CA ASP Q 98 7.64 13.78 -127.33
C ASP Q 98 6.31 14.35 -126.88
N VAL Q 99 6.33 15.60 -126.46
CA VAL Q 99 5.13 16.29 -126.00
C VAL Q 99 4.52 17.02 -127.20
N GLU Q 100 3.21 16.99 -127.28
CA GLU Q 100 2.50 17.58 -128.41
C GLU Q 100 2.24 19.06 -128.18
N ASP Q 101 2.16 19.81 -129.27
CA ASP Q 101 1.89 21.24 -129.19
C ASP Q 101 0.44 21.51 -128.83
N LYS Q 102 -0.45 20.54 -129.05
CA LYS Q 102 -1.85 20.69 -128.64
C LYS Q 102 -1.96 20.93 -127.15
N LEU Q 103 -1.10 20.29 -126.36
CA LEU Q 103 -1.23 20.33 -124.91
C LEU Q 103 -0.82 21.69 -124.36
N SER Q 104 -1.40 22.02 -123.20
CA SER Q 104 -0.96 23.13 -122.39
C SER Q 104 0.33 22.77 -121.65
N VAL Q 105 1.07 23.79 -121.26
CA VAL Q 105 2.40 23.58 -120.68
C VAL Q 105 2.30 22.75 -119.40
N ASP Q 106 1.23 22.94 -118.64
CA ASP Q 106 1.04 22.13 -117.44
C ASP Q 106 0.87 20.66 -117.79
N ALA Q 107 0.08 20.37 -118.83
CA ALA Q 107 -0.11 18.99 -119.23
C ALA Q 107 1.14 18.39 -119.84
N ARG Q 108 1.96 19.22 -120.50
CA ARG Q 108 3.25 18.75 -120.99
C ARG Q 108 4.15 18.36 -119.84
N GLU Q 109 4.21 19.21 -118.81
CA GLU Q 109 4.95 18.87 -117.61
C GLU Q 109 4.46 17.56 -117.02
N MET Q 110 3.14 17.38 -116.97
CA MET Q 110 2.58 16.15 -116.42
C MET Q 110 2.99 14.93 -117.25
N LYS Q 111 2.93 15.06 -118.58
CA LYS Q 111 3.32 13.97 -119.45
C LYS Q 111 4.79 13.60 -119.24
N VAL Q 112 5.66 14.59 -119.14
CA VAL Q 112 7.07 14.32 -118.95
C VAL Q 112 7.31 13.68 -117.59
N ASP Q 113 6.56 14.11 -116.57
CA ASP Q 113 6.68 13.49 -115.26
C ASP Q 113 6.24 12.03 -115.30
N MET Q 114 5.18 11.74 -116.04
CA MET Q 114 4.72 10.36 -116.19
C MET Q 114 5.77 9.51 -116.88
N TYR Q 115 6.35 10.04 -117.97
CA TYR Q 115 7.43 9.34 -118.65
C TYR Q 115 8.57 9.04 -117.71
N GLU Q 116 8.99 10.03 -116.93
CA GLU Q 116 10.14 9.86 -116.05
C GLU Q 116 9.84 8.84 -114.96
N LYS Q 117 8.65 8.90 -114.36
CA LYS Q 117 8.28 7.96 -113.32
C LYS Q 117 8.27 6.53 -113.87
N LEU Q 118 7.59 6.33 -114.99
CA LEU Q 118 7.53 5.02 -115.61
C LEU Q 118 8.92 4.49 -115.94
N PHE Q 119 9.75 5.31 -116.58
CA PHE Q 119 11.05 4.84 -117.01
C PHE Q 119 11.99 4.59 -115.84
N LYS Q 120 11.87 5.36 -114.77
CA LYS Q 120 12.73 5.15 -113.62
C LYS Q 120 12.32 3.92 -112.83
N GLN Q 121 11.03 3.62 -112.76
CA GLN Q 121 10.62 2.35 -112.18
C GLN Q 121 11.04 1.18 -113.05
N ALA Q 122 11.05 1.36 -114.37
CA ALA Q 122 11.39 0.26 -115.26
C ALA Q 122 12.88 -0.03 -115.27
N ALA Q 123 13.70 1.00 -115.42
CA ALA Q 123 15.14 0.85 -115.55
C ALA Q 123 15.83 1.24 -114.25
N ASP Q 124 16.65 0.33 -113.72
CA ASP Q 124 17.41 0.59 -112.52
C ASP Q 124 18.77 1.19 -112.87
N LEU Q 125 19.52 1.55 -111.84
CA LEU Q 125 20.78 2.25 -112.04
C LEU Q 125 21.82 1.37 -112.74
N GLU Q 126 21.70 0.04 -112.59
CA GLU Q 126 22.57 -0.85 -113.32
C GLU Q 126 22.25 -0.90 -114.81
N ASN Q 127 21.05 -0.46 -115.20
CA ASN Q 127 20.66 -0.51 -116.60
C ASN Q 127 21.49 0.50 -117.40
N PRO Q 128 21.94 0.13 -118.61
CA PRO Q 128 22.71 1.09 -119.40
C PRO Q 128 21.87 2.21 -120.01
N CYS Q 129 20.62 1.94 -120.36
CA CYS Q 129 19.81 2.94 -121.05
C CYS Q 129 19.22 3.99 -120.12
N ARG Q 130 19.42 3.84 -118.80
CA ARG Q 130 18.83 4.76 -117.85
C ARG Q 130 19.35 6.17 -118.02
N MET Q 131 20.67 6.32 -118.10
CA MET Q 131 21.23 7.66 -118.22
C MET Q 131 20.81 8.35 -119.51
N PRO Q 132 20.88 7.72 -120.67
CA PRO Q 132 20.35 8.38 -121.88
C PRO Q 132 18.87 8.72 -121.80
N GLY Q 133 18.06 7.82 -121.25
CA GLY Q 133 16.64 8.12 -121.15
C GLY Q 133 16.37 9.31 -120.25
N VAL Q 134 17.02 9.34 -119.09
CA VAL Q 134 16.83 10.43 -118.15
C VAL Q 134 17.33 11.74 -118.76
N ALA Q 135 18.43 11.68 -119.51
CA ALA Q 135 18.95 12.88 -120.15
C ALA Q 135 17.97 13.41 -121.19
N TYR Q 136 17.39 12.52 -121.99
CA TYR Q 136 16.43 12.95 -123.01
C TYR Q 136 15.20 13.58 -122.37
N LEU Q 137 14.70 12.97 -121.31
CA LEU Q 137 13.52 13.52 -120.64
C LEU Q 137 13.85 14.83 -119.92
N ARG Q 138 15.07 14.97 -119.43
CA ARG Q 138 15.50 16.24 -118.85
C ARG Q 138 15.57 17.32 -119.92
N CYS Q 139 16.01 16.96 -121.13
CA CYS Q 139 16.01 17.92 -122.22
C CYS Q 139 14.59 18.32 -122.61
N LEU Q 140 13.66 17.38 -122.58
CA LEU Q 140 12.26 17.72 -122.80
C LEU Q 140 11.76 18.70 -121.74
N ARG Q 141 12.10 18.46 -120.47
CA ARG Q 141 11.74 19.40 -119.43
C ARG Q 141 12.33 20.78 -119.70
N ASP Q 142 13.58 20.81 -120.17
CA ASP Q 142 14.20 22.08 -120.51
C ASP Q 142 13.46 22.77 -121.65
N THR Q 143 12.87 22.00 -122.56
CA THR Q 143 12.34 22.54 -123.81
C THR Q 143 10.83 22.33 -123.91
N LEU Q 144 10.14 22.36 -122.77
CA LEU Q 144 8.69 22.25 -122.77
C LEU Q 144 8.04 23.39 -123.54
N THR Q 145 8.48 24.62 -123.28
CA THR Q 145 7.87 25.81 -123.89
C THR Q 145 8.44 26.05 -125.29
N GLU Q 146 8.26 25.05 -126.15
CA GLU Q 146 8.79 25.09 -127.49
C GLU Q 146 7.96 24.18 -128.38
N THR Q 147 8.21 24.26 -129.67
CA THR Q 147 7.59 23.38 -130.64
C THR Q 147 8.47 22.16 -130.89
N GLN Q 148 7.86 21.12 -131.45
CA GLN Q 148 8.62 19.91 -131.74
C GLN Q 148 9.73 20.18 -132.74
N SER Q 149 9.48 21.06 -133.72
CA SER Q 149 10.49 21.36 -134.72
C SER Q 149 11.73 21.98 -134.10
N ALA Q 150 11.54 22.89 -133.14
CA ALA Q 150 12.68 23.50 -132.46
C ALA Q 150 13.29 22.56 -131.43
N ARG Q 151 12.49 21.65 -130.88
CA ARG Q 151 12.98 20.75 -129.84
C ARG Q 151 13.83 19.63 -130.41
N ARG Q 152 13.53 19.21 -131.64
CA ARG Q 152 14.27 18.12 -132.26
C ARG Q 152 15.75 18.44 -132.34
N SER Q 153 16.08 19.64 -132.82
CA SER Q 153 17.48 20.01 -133.02
C SER Q 153 18.28 19.86 -131.74
N SER Q 154 17.66 20.15 -130.59
CA SER Q 154 18.37 20.13 -129.33
C SER Q 154 18.39 18.76 -128.67
N CYS Q 155 17.31 17.99 -128.79
CA CYS Q 155 17.21 16.71 -128.10
C CYS Q 155 17.66 15.54 -128.96
N LEU Q 156 18.01 15.77 -130.23
CA LEU Q 156 18.40 14.67 -131.10
C LEU Q 156 19.67 14.00 -130.60
N ASN Q 157 20.62 14.78 -130.08
CA ASN Q 157 21.91 14.21 -129.70
C ASN Q 157 21.77 13.22 -128.55
N ALA Q 158 20.77 13.40 -127.69
CA ALA Q 158 20.48 12.47 -126.61
C ALA Q 158 19.57 11.34 -127.06
N PHE Q 159 18.60 11.65 -127.91
CA PHE Q 159 17.72 10.60 -128.42
C PHE Q 159 18.49 9.57 -129.22
N SER Q 160 19.58 9.97 -129.86
CA SER Q 160 20.39 9.02 -130.62
C SER Q 160 20.98 7.96 -129.70
N SER Q 161 21.61 8.39 -128.61
CA SER Q 161 22.18 7.44 -127.66
C SER Q 161 21.10 6.58 -127.04
N PHE Q 162 19.96 7.18 -126.70
CA PHE Q 162 18.87 6.41 -126.12
C PHE Q 162 18.41 5.31 -127.08
N ASP Q 163 18.14 5.69 -128.33
CA ASP Q 163 17.72 4.72 -129.33
C ASP Q 163 18.77 3.64 -129.55
N ALA Q 164 20.04 4.01 -129.46
CA ALA Q 164 21.11 3.03 -129.64
C ALA Q 164 21.07 1.98 -128.54
N CYS Q 165 21.06 2.42 -127.28
CA CYS Q 165 20.96 1.47 -126.18
C CYS Q 165 19.71 0.61 -126.29
N ARG Q 166 18.61 1.23 -126.71
CA ARG Q 166 17.35 0.52 -126.90
C ARG Q 166 17.47 -0.61 -127.90
N THR Q 167 17.93 -0.28 -129.11
CA THR Q 167 18.10 -1.29 -130.15
C THR Q 167 19.11 -2.35 -129.73
N GLY Q 168 20.12 -1.97 -128.96
CA GLY Q 168 21.05 -2.95 -128.44
C GLY Q 168 20.37 -3.98 -127.57
N LEU Q 169 19.50 -3.51 -126.67
CA LEU Q 169 18.75 -4.44 -125.82
C LEU Q 169 17.87 -5.36 -126.66
N LEU Q 170 17.20 -4.82 -127.67
CA LEU Q 170 16.37 -5.64 -128.53
C LEU Q 170 17.18 -6.73 -129.22
N LYS Q 171 18.34 -6.35 -129.77
CA LYS Q 171 19.21 -7.31 -130.42
C LYS Q 171 19.67 -8.38 -129.44
N GLN Q 172 19.97 -7.98 -128.20
CA GLN Q 172 20.36 -8.94 -127.19
C GLN Q 172 19.26 -9.97 -126.95
N GLN Q 173 18.02 -9.50 -126.84
CA GLN Q 173 16.91 -10.42 -126.61
C GLN Q 173 16.76 -11.42 -127.77
N SER Q 174 16.81 -10.91 -129.00
CA SER Q 174 16.69 -11.78 -130.17
C SER Q 174 17.79 -12.83 -130.18
N ALA Q 175 19.03 -12.39 -129.99
CA ALA Q 175 20.16 -13.31 -130.02
C ALA Q 175 20.04 -14.35 -128.92
N ALA Q 176 19.57 -13.94 -127.74
CA ALA Q 176 19.42 -14.88 -126.64
C ALA Q 176 18.41 -15.97 -127.00
N VAL Q 177 17.28 -15.58 -127.57
CA VAL Q 177 16.28 -16.57 -127.96
C VAL Q 177 16.87 -17.54 -128.97
N GLU Q 178 17.53 -17.02 -130.00
CA GLU Q 178 18.08 -17.89 -131.04
C GLU Q 178 19.10 -18.87 -130.47
N ASN Q 179 20.05 -18.36 -129.68
CA ASN Q 179 21.10 -19.22 -129.14
C ASN Q 179 20.53 -20.27 -128.21
N SER Q 180 19.57 -19.89 -127.36
CA SER Q 180 18.97 -20.85 -126.45
C SER Q 180 18.25 -21.94 -127.23
N LEU Q 181 17.55 -21.58 -128.30
CA LEU Q 181 16.87 -22.59 -129.11
C LEU Q 181 17.87 -23.58 -129.70
N VAL Q 182 18.98 -23.06 -130.23
CA VAL Q 182 19.97 -23.92 -130.87
C VAL Q 182 20.57 -24.88 -129.85
N ARG Q 183 20.96 -24.35 -128.69
CA ARG Q 183 21.55 -25.17 -127.65
C ARG Q 183 20.58 -26.25 -127.18
N GLN Q 184 19.33 -25.86 -126.94
CA GLN Q 184 18.30 -26.79 -126.51
C GLN Q 184 18.14 -27.94 -127.51
N ASN Q 185 18.04 -27.60 -128.80
CA ASN Q 185 17.82 -28.63 -129.81
C ASN Q 185 19.01 -29.58 -129.89
N MET Q 186 20.23 -29.04 -129.81
CA MET Q 186 21.40 -29.90 -129.81
C MET Q 186 21.37 -30.88 -128.65
N ALA Q 187 21.06 -30.37 -127.45
CA ALA Q 187 21.02 -31.24 -126.29
C ALA Q 187 19.96 -32.33 -126.43
N ASP Q 188 18.79 -31.98 -126.95
CA ASP Q 188 17.73 -32.97 -127.09
C ASP Q 188 18.10 -34.04 -128.11
N VAL Q 189 18.73 -33.64 -129.21
CA VAL Q 189 19.18 -34.61 -130.20
C VAL Q 189 20.20 -35.56 -129.59
N ARG Q 190 21.14 -35.03 -128.82
CA ARG Q 190 22.13 -35.87 -128.17
C ARG Q 190 21.47 -36.86 -127.22
N ALA Q 191 20.48 -36.41 -126.46
CA ALA Q 191 19.79 -37.30 -125.53
C ALA Q 191 19.06 -38.41 -126.28
N LYS Q 192 18.41 -38.07 -127.39
CA LYS Q 192 17.73 -39.09 -128.18
C LYS Q 192 18.72 -40.15 -128.68
N ALA Q 193 19.87 -39.70 -129.19
CA ALA Q 193 20.86 -40.65 -129.67
C ALA Q 193 21.34 -41.55 -128.53
N LEU Q 194 21.58 -40.98 -127.35
CA LEU Q 194 21.97 -41.79 -126.21
C LEU Q 194 20.89 -42.81 -125.87
N PHE Q 195 19.63 -42.42 -126.00
CA PHE Q 195 18.54 -43.35 -125.71
C PHE Q 195 18.56 -44.53 -126.66
N GLU Q 196 18.77 -44.27 -127.95
CA GLU Q 196 18.82 -45.37 -128.92
C GLU Q 196 20.04 -46.26 -128.67
N ARG Q 197 21.18 -45.67 -128.32
CA ARG Q 197 22.35 -46.46 -127.96
C ARG Q 197 22.05 -47.37 -126.78
N ARG Q 198 21.37 -46.84 -125.77
CA ARG Q 198 20.95 -47.65 -124.64
C ARG Q 198 20.03 -48.78 -125.08
N ALA Q 199 19.15 -48.50 -126.03
CA ALA Q 199 18.22 -49.52 -126.50
C ALA Q 199 18.96 -50.69 -127.13
N VAL Q 200 19.92 -50.39 -128.00
CA VAL Q 200 20.66 -51.47 -128.64
C VAL Q 200 21.51 -52.22 -127.62
N LEU Q 201 22.07 -51.50 -126.65
CA LEU Q 201 22.87 -52.18 -125.63
C LEU Q 201 22.01 -53.04 -124.73
N LEU Q 202 20.75 -52.69 -124.53
CA LEU Q 202 19.84 -53.54 -123.77
C LEU Q 202 19.38 -54.73 -124.58
N ASP Q 203 19.35 -54.60 -125.91
CA ASP Q 203 19.12 -55.76 -126.74
C ASP Q 203 20.30 -56.71 -126.72
N LEU Q 204 21.52 -56.19 -126.56
CA LEU Q 204 22.71 -57.02 -126.51
C LEU Q 204 23.05 -57.51 -125.11
N VAL Q 205 22.46 -56.92 -124.07
CA VAL Q 205 22.88 -57.26 -122.71
C VAL Q 205 22.51 -58.71 -122.39
N GLU Q 206 23.25 -59.28 -121.44
CA GLU Q 206 23.27 -60.72 -121.25
C GLU Q 206 23.42 -61.01 -119.76
N GLY Q 207 22.64 -61.97 -119.29
CA GLY Q 207 22.54 -62.31 -117.89
C GLY Q 207 21.10 -62.46 -117.46
N LYS Q 208 20.94 -62.74 -116.17
CA LYS Q 208 19.61 -62.94 -115.61
C LYS Q 208 19.59 -62.67 -114.11
N ILE R 33 67.17 68.16 -60.22
CA ILE R 33 66.11 67.49 -59.51
C ILE R 33 65.13 68.51 -58.94
N GLN R 34 65.66 69.51 -58.23
CA GLN R 34 64.82 70.57 -57.68
C GLN R 34 64.02 71.25 -58.79
N HIS R 35 64.73 71.77 -59.79
CA HIS R 35 64.11 72.26 -61.03
C HIS R 35 62.95 71.37 -61.47
N TRP R 36 63.21 70.07 -61.61
CA TRP R 36 62.29 69.19 -62.31
C TRP R 36 61.06 68.91 -61.46
N ASN R 37 61.25 68.65 -60.16
CA ASN R 37 60.11 68.42 -59.29
C ASN R 37 59.29 69.69 -59.09
N LYS R 38 59.95 70.84 -59.07
CA LYS R 38 59.21 72.10 -58.99
C LYS R 38 58.33 72.30 -60.21
N SER R 39 58.89 72.08 -61.41
CA SER R 39 58.08 72.25 -62.61
C SER R 39 57.00 71.18 -62.69
N TYR R 40 57.28 70.00 -62.14
CA TYR R 40 56.26 68.96 -62.03
C TYR R 40 55.07 69.48 -61.24
N GLU R 41 55.32 70.04 -60.05
CA GLU R 41 54.24 70.62 -59.26
C GLU R 41 53.55 71.75 -60.02
N LYS R 42 54.32 72.55 -60.75
CA LYS R 42 53.75 73.66 -61.50
C LYS R 42 52.68 73.18 -62.48
N GLN R 43 53.03 72.19 -63.32
CA GLN R 43 52.02 71.77 -64.30
C GLN R 43 51.04 70.74 -63.74
N VAL R 44 51.33 70.14 -62.60
CA VAL R 44 50.30 69.49 -61.81
C VAL R 44 49.18 70.47 -61.49
N TYR R 45 49.53 71.61 -60.90
CA TYR R 45 48.46 72.53 -60.57
C TYR R 45 47.91 73.25 -61.80
N SER R 46 48.67 73.33 -62.90
CA SER R 46 48.07 73.80 -64.15
C SER R 46 46.91 72.89 -64.53
N GLU R 47 47.17 71.58 -64.58
CA GLU R 47 46.09 70.62 -64.84
C GLU R 47 44.97 70.79 -63.83
N SER R 48 45.31 71.14 -62.59
CA SER R 48 44.26 71.37 -61.58
C SER R 48 43.40 72.57 -61.95
N VAL R 49 44.02 73.63 -62.45
CA VAL R 49 43.27 74.81 -62.89
C VAL R 49 42.31 74.42 -64.01
N ALA R 50 42.83 73.69 -64.99
CA ALA R 50 41.98 73.23 -66.08
C ALA R 50 40.80 72.41 -65.55
N LEU R 51 41.08 71.51 -64.60
CA LEU R 51 40.04 70.67 -64.03
C LEU R 51 39.00 71.54 -63.33
N ASN R 52 39.45 72.57 -62.62
CA ASN R 52 38.53 73.43 -61.88
C ASN R 52 37.64 74.21 -62.84
N ARG R 53 38.22 74.71 -63.94
CA ARG R 53 37.42 75.45 -64.90
C ARG R 53 36.36 74.56 -65.53
N THR R 54 36.75 73.35 -65.95
CA THR R 54 35.74 72.46 -66.53
C THR R 54 34.73 72.01 -65.48
N PHE R 55 35.15 71.92 -64.22
CA PHE R 55 34.22 71.58 -63.14
C PHE R 55 33.16 72.66 -62.98
N GLN R 56 33.59 73.92 -62.90
CA GLN R 56 32.66 75.03 -62.85
C GLN R 56 31.71 75.00 -64.04
N ALA R 57 32.25 74.78 -65.24
CA ALA R 57 31.41 74.84 -66.43
C ALA R 57 30.39 73.71 -66.42
N ARG R 58 30.84 72.49 -66.14
CA ARG R 58 29.93 71.36 -66.01
C ARG R 58 28.81 71.67 -65.05
N ASN R 59 29.15 72.12 -63.84
CA ASN R 59 28.12 72.42 -62.86
C ASN R 59 27.14 73.44 -63.40
N GLN R 60 27.60 74.65 -63.67
CA GLN R 60 26.69 75.75 -63.98
C GLN R 60 25.95 75.55 -65.30
N LEU R 61 26.46 74.72 -66.21
CA LEU R 61 25.70 74.41 -67.42
C LEU R 61 24.67 73.30 -67.16
N VAL R 62 25.15 72.13 -66.79
CA VAL R 62 24.31 70.93 -66.79
C VAL R 62 23.60 70.75 -65.47
N LEU R 63 24.32 70.77 -64.36
CA LEU R 63 23.78 70.24 -63.12
C LEU R 63 22.87 71.23 -62.43
N ASP R 64 23.13 72.53 -62.57
CA ASP R 64 22.23 73.52 -62.02
C ASP R 64 20.93 73.58 -62.81
N ARG R 65 20.93 73.13 -64.05
CA ARG R 65 19.70 73.03 -64.82
C ARG R 65 18.96 71.73 -64.53
N LEU R 66 19.68 70.65 -64.27
CA LEU R 66 19.09 69.35 -64.03
C LEU R 66 18.88 69.04 -62.55
N LYS R 67 19.17 69.99 -61.66
CA LYS R 67 19.08 69.70 -60.25
C LYS R 67 17.63 69.44 -59.86
N PRO R 68 17.36 68.46 -59.00
CA PRO R 68 15.99 68.27 -58.52
C PRO R 68 15.53 69.41 -57.62
N SER R 69 14.21 69.55 -57.55
CA SER R 69 13.62 70.61 -56.74
C SER R 69 13.85 70.36 -55.25
N GLY R 70 13.58 69.15 -54.80
CA GLY R 70 13.52 68.83 -53.38
C GLY R 70 12.16 68.39 -52.91
N ALA R 71 11.14 68.46 -53.76
CA ALA R 71 9.82 67.96 -53.40
C ALA R 71 9.83 66.45 -53.21
N TYR R 72 10.50 65.73 -54.10
CA TYR R 72 10.55 64.28 -54.09
C TYR R 72 11.81 63.75 -53.43
N ARG R 73 12.32 64.49 -52.45
CA ARG R 73 13.52 64.06 -51.75
C ARG R 73 13.25 62.82 -50.92
N LEU R 74 14.32 62.29 -50.36
CA LEU R 74 14.24 61.11 -49.52
C LEU R 74 13.52 61.47 -48.22
N PRO R 75 12.46 60.76 -47.86
CA PRO R 75 11.67 61.11 -46.68
C PRO R 75 12.20 60.52 -45.37
N ALA R 76 13.48 60.72 -45.12
CA ALA R 76 14.12 60.17 -43.93
C ALA R 76 15.46 60.85 -43.73
N VAL R 77 16.04 60.63 -42.55
CA VAL R 77 17.32 61.18 -42.17
C VAL R 77 18.19 60.04 -41.66
N ASP R 78 19.48 60.12 -41.95
CA ASP R 78 20.37 59.01 -41.63
C ASP R 78 20.48 58.80 -40.12
N TYR R 79 20.74 57.55 -39.75
CA TYR R 79 20.70 57.16 -38.35
C TYR R 79 21.80 57.83 -37.54
N LYS R 80 22.93 58.14 -38.17
CA LYS R 80 23.99 58.85 -37.46
C LYS R 80 23.56 60.26 -37.10
N ARG R 81 22.94 60.96 -38.03
CA ARG R 81 22.48 62.31 -37.76
C ARG R 81 21.35 62.29 -36.73
N GLN R 82 20.45 61.31 -36.80
CA GLN R 82 19.44 61.20 -35.74
C GLN R 82 20.07 60.94 -34.39
N LEU R 83 21.09 60.08 -34.35
CA LEU R 83 21.76 59.78 -33.08
C LEU R 83 22.42 61.02 -32.51
N SER R 84 22.98 61.87 -33.37
CA SER R 84 23.56 63.10 -32.89
C SER R 84 22.49 64.10 -32.46
N ARG R 85 21.33 64.07 -33.11
CA ARG R 85 20.23 64.94 -32.72
C ARG R 85 19.55 64.47 -31.44
N GLY R 86 19.79 63.24 -31.02
CA GLY R 86 19.08 62.69 -29.89
C GLY R 86 17.68 62.24 -30.20
N THR R 87 17.45 61.76 -31.42
CA THR R 87 16.12 61.52 -31.95
C THR R 87 15.84 60.05 -32.23
N LEU R 88 16.87 59.22 -32.32
CA LEU R 88 16.73 57.87 -32.81
C LEU R 88 15.96 56.99 -31.83
N VAL R 89 15.04 56.19 -32.36
CA VAL R 89 14.36 55.14 -31.65
C VAL R 89 14.64 53.82 -32.38
N GLU R 90 14.89 52.77 -31.60
CA GLU R 90 15.35 51.50 -32.13
C GLU R 90 14.27 50.41 -32.16
N GLY R 91 13.19 50.56 -31.39
CA GLY R 91 12.39 49.43 -30.97
C GLY R 91 11.17 49.14 -31.83
N ALA R 92 10.41 48.14 -31.39
CA ALA R 92 9.11 47.80 -31.96
C ALA R 92 9.22 47.40 -33.43
N ASP R 93 9.83 46.23 -33.63
CA ASP R 93 9.72 45.54 -34.92
C ASP R 93 8.27 45.37 -35.33
N PHE R 94 7.36 45.33 -34.37
CA PHE R 94 5.92 45.23 -34.60
C PHE R 94 5.27 46.56 -34.22
N TYR R 95 3.95 46.65 -34.40
CA TYR R 95 3.24 47.85 -34.03
C TYR R 95 1.83 47.45 -33.61
N LEU R 96 1.09 48.43 -33.11
CA LEU R 96 -0.31 48.22 -32.73
C LEU R 96 -1.11 49.32 -33.40
N PRO R 97 -1.90 49.01 -34.42
CA PRO R 97 -2.50 50.08 -35.23
C PRO R 97 -3.51 50.92 -34.48
N THR R 98 -4.40 50.29 -33.74
CA THR R 98 -5.56 50.95 -33.16
C THR R 98 -5.32 51.25 -31.69
N ALA R 99 -5.87 52.37 -31.24
CA ALA R 99 -5.70 52.79 -29.85
C ALA R 99 -6.36 51.81 -28.88
N GLN R 100 -7.49 51.24 -29.29
CA GLN R 100 -8.11 50.16 -28.54
C GLN R 100 -7.10 49.05 -28.26
N GLU R 101 -6.24 48.75 -29.23
CA GLU R 101 -5.23 47.72 -29.06
C GLU R 101 -3.99 48.23 -28.34
N GLN R 102 -3.74 49.54 -28.40
CA GLN R 102 -2.56 50.10 -27.75
C GLN R 102 -2.74 50.19 -26.24
N GLN R 103 -3.92 50.59 -25.78
CA GLN R 103 -4.16 50.91 -24.37
C GLN R 103 -4.64 49.71 -23.56
N ARG R 104 -4.51 48.50 -24.10
CA ARG R 104 -5.02 47.31 -23.42
C ARG R 104 -4.30 47.06 -22.11
N LEU R 105 -2.97 47.10 -22.13
CA LEU R 105 -2.17 46.79 -20.95
C LEU R 105 -2.18 47.92 -19.94
N ALA R 106 -2.69 49.09 -20.29
CA ALA R 106 -2.79 50.20 -19.36
C ALA R 106 -4.19 50.33 -18.76
N ARG R 107 -5.21 49.81 -19.43
CA ARG R 107 -6.56 49.96 -18.89
C ARG R 107 -6.74 49.16 -17.59
N HIS R 108 -6.30 47.90 -17.58
CA HIS R 108 -6.28 47.04 -16.40
C HIS R 108 -7.65 46.54 -15.97
N PHE R 109 -8.72 47.08 -16.55
CA PHE R 109 -10.06 46.73 -16.08
C PHE R 109 -10.94 46.25 -17.21
N GLU R 110 -10.76 46.83 -18.39
CA GLU R 110 -11.35 46.31 -19.63
C GLU R 110 -10.27 46.29 -20.72
N PRO R 111 -9.35 45.34 -20.64
CA PRO R 111 -8.44 45.13 -21.78
C PRO R 111 -9.18 44.74 -23.04
N TYR R 112 -10.30 44.05 -22.90
CA TYR R 112 -11.17 43.71 -24.02
C TYR R 112 -12.60 44.01 -23.61
N SER R 113 -13.37 44.59 -24.53
CA SER R 113 -14.78 44.78 -24.30
C SER R 113 -15.48 43.43 -24.16
N GLU R 114 -16.75 43.47 -23.74
CA GLU R 114 -17.49 42.23 -23.55
C GLU R 114 -17.74 41.53 -24.89
N GLN R 115 -18.16 42.29 -25.89
CA GLN R 115 -18.36 41.72 -27.22
C GLN R 115 -17.08 41.07 -27.72
N GLU R 116 -15.96 41.75 -27.54
CA GLU R 116 -14.68 41.20 -27.93
C GLU R 116 -14.36 39.94 -27.14
N GLN R 117 -14.71 39.92 -25.86
CA GLN R 117 -14.45 38.74 -25.03
C GLN R 117 -15.20 37.53 -25.56
N GLU R 118 -16.49 37.68 -25.83
CA GLU R 118 -17.24 36.53 -26.34
C GLU R 118 -16.79 36.15 -27.73
N GLU R 119 -16.32 37.11 -28.53
CA GLU R 119 -15.79 36.75 -29.84
C GLU R 119 -14.49 35.96 -29.71
N ARG R 120 -13.67 36.31 -28.71
CA ARG R 120 -12.42 35.60 -28.48
C ARG R 120 -12.66 34.20 -27.93
N ARG R 121 -13.74 34.02 -27.17
CA ARG R 121 -14.03 32.71 -26.59
C ARG R 121 -14.31 31.66 -27.65
N LYS R 122 -14.56 32.05 -28.89
CA LYS R 122 -14.78 31.09 -29.96
C LYS R 122 -13.48 30.48 -30.50
N PHE R 123 -12.32 31.02 -30.12
CA PHE R 123 -11.05 30.55 -30.63
C PHE R 123 -10.15 30.08 -29.49
N ARG R 124 -10.70 29.31 -28.56
CA ARG R 124 -9.86 28.74 -27.51
C ARG R 124 -9.00 27.60 -28.03
N PHE R 125 -9.46 26.91 -29.07
CA PHE R 125 -8.71 25.85 -29.70
C PHE R 125 -8.76 26.04 -31.21
N GLN R 126 -7.78 25.47 -31.89
CA GLN R 126 -7.82 25.42 -33.34
C GLN R 126 -8.85 24.38 -33.78
N SER R 127 -9.34 24.55 -35.01
CA SER R 127 -10.44 23.76 -35.53
C SER R 127 -9.84 22.69 -36.42
N ILE R 128 -9.69 21.48 -35.87
CA ILE R 128 -9.22 20.37 -36.68
C ILE R 128 -10.27 19.99 -37.71
N SER R 129 -11.55 20.25 -37.41
CA SER R 129 -12.60 19.98 -38.39
C SER R 129 -12.43 20.88 -39.61
N VAL R 130 -12.19 22.16 -39.38
CA VAL R 130 -12.01 23.10 -40.49
C VAL R 130 -10.71 22.80 -41.23
N TYR R 131 -9.66 22.47 -40.49
CA TYR R 131 -8.42 22.03 -41.11
C TYR R 131 -8.66 20.85 -42.04
N LEU R 132 -9.37 19.84 -41.54
CA LEU R 132 -9.66 18.65 -42.33
C LEU R 132 -10.46 19.00 -43.58
N ALA R 133 -11.51 19.79 -43.41
CA ALA R 133 -12.37 20.13 -44.54
C ALA R 133 -11.60 20.89 -45.60
N VAL R 134 -10.86 21.93 -45.20
CA VAL R 134 -10.14 22.73 -46.16
C VAL R 134 -9.04 21.91 -46.83
N ALA R 135 -8.38 21.04 -46.07
CA ALA R 135 -7.31 20.23 -46.64
C ALA R 135 -7.86 19.23 -47.64
N LEU R 136 -8.99 18.59 -47.32
CA LEU R 136 -9.61 17.66 -48.26
C LEU R 136 -10.08 18.37 -49.51
N GLY R 137 -10.68 19.55 -49.36
CA GLY R 137 -11.12 20.29 -50.54
C GLY R 137 -9.95 20.69 -51.42
N ALA R 138 -8.89 21.21 -50.80
CA ALA R 138 -7.73 21.63 -51.57
C ALA R 138 -7.04 20.44 -52.22
N SER R 139 -6.97 19.31 -51.52
CA SER R 139 -6.37 18.12 -52.11
C SER R 139 -7.19 17.62 -53.29
N PHE R 140 -8.52 17.61 -53.15
CA PHE R 140 -9.38 17.18 -54.23
C PHE R 140 -9.18 18.06 -55.45
N VAL R 141 -9.20 19.38 -55.26
CA VAL R 141 -9.05 20.29 -56.37
C VAL R 141 -7.67 20.14 -57.00
N HIS R 142 -6.62 20.14 -56.17
CA HIS R 142 -5.26 20.08 -56.66
C HIS R 142 -4.98 18.77 -57.39
N ASP R 143 -5.65 17.69 -57.00
CA ASP R 143 -5.41 16.39 -57.60
C ASP R 143 -6.23 16.16 -58.86
N TYR R 144 -7.49 16.57 -58.88
CA TYR R 144 -8.41 16.23 -59.96
C TYR R 144 -8.72 17.41 -60.88
N PHE R 145 -8.06 18.54 -60.69
CA PHE R 145 -8.18 19.65 -61.63
C PHE R 145 -6.83 20.17 -62.08
N TYR R 146 -5.83 20.13 -61.19
CA TYR R 146 -4.54 20.75 -61.43
C TYR R 146 -3.41 19.75 -61.68
N GLN R 147 -3.57 18.49 -61.28
CA GLN R 147 -2.50 17.50 -61.38
C GLN R 147 -2.95 16.26 -62.11
N ARG R 148 -3.74 16.43 -63.16
CA ARG R 148 -4.13 15.31 -64.01
C ARG R 148 -3.04 14.99 -65.01
N ARG R 149 -2.81 13.70 -65.22
CA ARG R 149 -1.78 13.23 -66.13
C ARG R 149 -2.32 12.04 -66.90
N PRO R 150 -1.81 11.78 -68.10
CA PRO R 150 -2.37 10.72 -68.93
C PRO R 150 -1.95 9.33 -68.50
N VAL R 151 -2.80 8.37 -68.84
CA VAL R 151 -2.62 6.96 -68.50
C VAL R 151 -2.98 6.14 -69.71
N ALA R 152 -2.29 5.02 -69.87
CA ALA R 152 -2.52 4.17 -71.03
C ALA R 152 -3.77 3.32 -70.86
N TRP R 153 -4.32 2.90 -71.99
CA TRP R 153 -5.52 2.08 -72.08
C TRP R 153 -5.26 0.92 -73.02
N CYS R 154 -5.55 -0.28 -72.55
CA CYS R 154 -5.48 -1.47 -73.40
C CYS R 154 -6.81 -2.22 -73.40
N ALA S 41 40.89 53.57 -47.23
CA ALA S 41 40.51 52.71 -46.12
C ALA S 41 41.00 53.29 -44.80
N LYS S 42 42.11 54.02 -44.87
CA LYS S 42 42.73 54.64 -43.71
C LYS S 42 42.77 56.15 -43.91
N PRO S 43 42.39 56.95 -42.91
CA PRO S 43 42.41 58.40 -43.11
C PRO S 43 43.82 58.93 -43.29
N SER S 44 43.94 59.89 -44.19
CA SER S 44 45.21 60.52 -44.52
C SER S 44 45.03 62.02 -44.66
N TRP S 45 46.13 62.75 -44.47
CA TRP S 45 46.14 64.20 -44.56
C TRP S 45 46.39 64.67 -46.00
N HIS S 46 46.44 63.74 -46.94
CA HIS S 46 46.67 64.03 -48.34
C HIS S 46 45.44 63.63 -49.16
N VAL S 47 45.02 64.50 -50.05
CA VAL S 47 43.85 64.27 -50.90
C VAL S 47 44.33 64.02 -52.32
N ALA S 48 43.83 62.95 -52.92
CA ALA S 48 44.22 62.54 -54.26
C ALA S 48 43.64 63.51 -55.28
N ARG S 49 43.83 63.19 -56.57
CA ARG S 49 43.29 64.01 -57.64
C ARG S 49 41.78 63.81 -57.78
N GLU S 50 41.35 62.56 -57.92
CA GLU S 50 39.93 62.28 -58.14
C GLU S 50 39.06 62.79 -57.00
N HIS S 51 39.60 62.79 -55.78
CA HIS S 51 38.86 63.25 -54.61
C HIS S 51 39.14 64.71 -54.28
N ARG S 52 39.67 65.47 -55.24
CA ARG S 52 40.02 66.85 -54.95
C ARG S 52 38.79 67.71 -54.71
N PHE S 53 37.75 67.51 -55.51
CA PHE S 53 36.60 68.40 -55.51
C PHE S 53 35.48 67.86 -54.62
N GLY S 54 35.85 67.66 -53.36
CA GLY S 54 34.89 67.57 -52.28
C GLY S 54 33.88 66.47 -52.42
N PRO S 55 32.94 66.43 -51.48
CA PRO S 55 31.79 65.52 -51.60
C PRO S 55 30.75 66.05 -52.59
N THR S 56 30.37 65.21 -53.54
CA THR S 56 29.25 65.49 -54.41
C THR S 56 27.97 64.80 -53.97
N LEU S 57 28.06 63.86 -53.02
CA LEU S 57 26.95 63.03 -52.63
C LEU S 57 26.61 63.24 -51.16
N PRO S 58 25.34 63.15 -50.80
CA PRO S 58 24.97 63.20 -49.38
C PRO S 58 25.16 61.84 -48.71
N ASP S 59 24.78 61.77 -47.44
CA ASP S 59 24.97 60.56 -46.66
C ASP S 59 23.90 59.51 -46.97
N HIS S 60 22.63 59.95 -47.09
CA HIS S 60 21.56 59.01 -47.37
C HIS S 60 21.71 58.35 -48.73
N ALA S 61 22.52 58.92 -49.62
CA ALA S 61 22.82 58.25 -50.87
C ALA S 61 23.57 56.94 -50.66
N TYR S 62 24.27 56.80 -49.54
CA TYR S 62 25.06 55.61 -49.24
C TYR S 62 24.45 54.78 -48.12
N TYR S 63 24.07 55.42 -47.02
CA TYR S 63 23.75 54.68 -45.81
C TYR S 63 22.41 53.98 -45.93
N GLY S 64 22.34 52.79 -45.33
CA GLY S 64 21.11 52.04 -45.34
C GLY S 64 20.06 52.65 -44.43
N GLU S 65 18.80 52.44 -44.79
CA GLU S 65 17.71 53.01 -44.03
C GLU S 65 17.63 52.38 -42.65
N HIS S 66 16.72 52.92 -41.84
CA HIS S 66 16.41 52.35 -40.54
C HIS S 66 16.05 50.88 -40.65
N ALA S 67 16.47 50.10 -39.66
CA ALA S 67 16.27 48.66 -39.71
C ALA S 67 14.83 48.29 -39.41
N THR S 68 14.18 49.01 -38.49
CA THR S 68 12.85 48.65 -38.02
C THR S 68 11.75 49.59 -38.49
N TYR S 69 12.07 50.84 -38.76
CA TYR S 69 11.11 51.80 -39.32
C TYR S 69 11.61 52.17 -40.71
N ASN S 70 11.33 51.31 -41.67
CA ASN S 70 11.83 51.47 -43.02
C ASN S 70 10.70 51.85 -43.97
N TYR S 71 11.10 52.12 -45.22
CA TYR S 71 10.21 52.71 -46.19
C TYR S 71 9.05 51.77 -46.50
N PHE S 72 9.36 50.50 -46.75
CA PHE S 72 8.32 49.58 -47.15
C PHE S 72 7.34 49.31 -46.02
N VAL S 73 7.85 49.16 -44.79
CA VAL S 73 6.95 48.80 -43.71
C VAL S 73 6.05 49.97 -43.38
N LEU S 74 6.58 51.20 -43.43
CA LEU S 74 5.70 52.36 -43.27
C LEU S 74 4.68 52.44 -44.39
N PHE S 75 5.10 52.17 -45.63
CA PHE S 75 4.20 52.21 -46.77
C PHE S 75 3.05 51.22 -46.62
N ILE S 76 3.39 49.97 -46.32
CA ILE S 76 2.37 48.94 -46.24
C ILE S 76 1.47 49.17 -45.03
N ARG S 77 2.02 49.71 -43.94
CA ARG S 77 1.16 50.08 -42.82
C ARG S 77 0.21 51.21 -43.19
N GLY S 78 0.62 52.10 -44.09
CA GLY S 78 -0.30 53.11 -44.57
C GLY S 78 -1.36 52.56 -45.50
N MET S 79 -1.02 51.56 -46.30
CA MET S 79 -1.96 50.97 -47.25
C MET S 79 -2.84 49.89 -46.62
N ARG S 80 -2.59 49.53 -45.36
CA ARG S 80 -3.42 48.53 -44.71
C ARG S 80 -4.92 48.76 -44.82
N PRO S 81 -5.46 49.97 -44.62
CA PRO S 81 -6.92 50.12 -44.66
C PRO S 81 -7.51 49.83 -46.02
N TYR S 82 -6.88 50.31 -47.09
CA TYR S 82 -7.41 50.08 -48.42
C TYR S 82 -7.38 48.60 -48.77
N LEU S 83 -6.29 47.91 -48.40
CA LEU S 83 -6.19 46.49 -48.66
C LEU S 83 -7.24 45.72 -47.87
N GLU S 84 -7.48 46.13 -46.63
CA GLU S 84 -8.52 45.49 -45.84
C GLU S 84 -9.88 45.64 -46.52
N LYS S 85 -10.20 46.85 -46.96
CA LYS S 85 -11.44 47.08 -47.70
C LYS S 85 -11.52 46.15 -48.90
N ILE S 86 -10.47 46.13 -49.72
CA ILE S 86 -10.46 45.35 -50.95
C ILE S 86 -10.72 43.88 -50.65
N PHE S 87 -9.86 43.27 -49.83
CA PHE S 87 -9.95 41.84 -49.62
C PHE S 87 -11.19 41.44 -48.83
N GLY S 88 -11.64 42.28 -47.90
CA GLY S 88 -12.89 41.99 -47.22
C GLY S 88 -14.07 41.99 -48.18
N ASP S 89 -14.09 42.96 -49.10
CA ASP S 89 -15.17 43.00 -50.09
C ASP S 89 -15.14 41.76 -50.98
N CYS S 90 -13.95 41.38 -51.44
CA CYS S 90 -13.84 40.20 -52.31
C CYS S 90 -14.28 38.94 -51.58
N ALA S 91 -13.79 38.76 -50.35
CA ALA S 91 -14.16 37.59 -49.58
C ALA S 91 -15.66 37.55 -49.29
N SER S 92 -16.25 38.71 -48.99
CA SER S 92 -17.68 38.76 -48.74
C SER S 92 -18.47 38.40 -49.98
N THR S 93 -18.02 38.87 -51.15
CA THR S 93 -18.69 38.52 -52.40
C THR S 93 -18.66 37.02 -52.62
N ILE S 94 -17.47 36.42 -52.48
CA ILE S 94 -17.35 34.98 -52.68
C ILE S 94 -18.21 34.21 -51.68
N LYS S 95 -18.19 34.65 -50.42
CA LYS S 95 -18.96 33.95 -49.39
C LYS S 95 -20.44 34.04 -49.65
N ASN S 96 -20.93 35.21 -50.07
CA ASN S 96 -22.35 35.37 -50.35
C ASN S 96 -22.77 34.50 -51.53
N ALA S 97 -21.92 34.42 -52.56
CA ALA S 97 -22.22 33.56 -53.69
C ALA S 97 -22.29 32.09 -53.27
N ALA S 98 -21.29 31.63 -52.51
CA ALA S 98 -21.26 30.25 -52.07
C ALA S 98 -22.44 29.93 -51.17
N VAL S 99 -22.84 30.87 -50.32
CA VAL S 99 -23.97 30.63 -49.44
C VAL S 99 -25.28 30.59 -50.23
N ALA S 100 -25.43 31.48 -51.20
CA ALA S 100 -26.62 31.47 -52.04
C ALA S 100 -26.72 30.17 -52.83
N VAL S 101 -25.58 29.57 -53.15
CA VAL S 101 -25.62 28.27 -53.81
C VAL S 101 -25.90 27.14 -52.84
N TYR S 102 -25.33 27.21 -51.62
CA TYR S 102 -25.34 26.07 -50.71
C TYR S 102 -26.64 25.95 -49.92
N ARG S 103 -27.26 27.08 -49.58
CA ARG S 103 -28.49 27.02 -48.79
C ARG S 103 -29.60 26.26 -49.48
N PRO S 104 -29.98 26.60 -50.72
CA PRO S 104 -31.10 25.88 -51.35
C PRO S 104 -30.80 24.42 -51.59
N VAL S 105 -29.54 24.07 -51.84
CA VAL S 105 -29.19 22.68 -52.08
C VAL S 105 -29.35 21.88 -50.79
N ASN S 106 -28.85 22.42 -49.68
CA ASN S 106 -29.01 21.74 -48.40
C ASN S 106 -30.47 21.63 -48.02
N ALA S 107 -31.26 22.66 -48.32
CA ALA S 107 -32.70 22.60 -48.06
C ALA S 107 -33.35 21.49 -48.88
N PHE S 108 -33.08 21.47 -50.18
CA PHE S 108 -33.68 20.47 -51.06
C PHE S 108 -33.26 19.06 -50.67
N VAL S 109 -32.05 18.90 -50.13
CA VAL S 109 -31.59 17.59 -49.72
C VAL S 109 -32.23 17.17 -48.40
N VAL S 110 -32.30 18.08 -47.44
CA VAL S 110 -32.86 17.72 -46.13
C VAL S 110 -34.36 17.57 -46.21
N LYS S 111 -35.00 18.27 -47.13
CA LYS S 111 -36.44 18.12 -47.33
C LYS S 111 -36.79 16.69 -47.74
N HIS S 112 -35.95 16.08 -48.57
CA HIS S 112 -36.19 14.75 -49.11
C HIS S 112 -35.42 13.65 -48.39
N ASN S 113 -34.43 14.01 -47.57
CA ASN S 113 -33.61 13.04 -46.85
C ASN S 113 -33.26 13.61 -45.48
N PRO S 114 -34.27 13.77 -44.63
CA PRO S 114 -34.04 14.48 -43.36
C PRO S 114 -33.13 13.76 -42.38
N ASP S 115 -32.96 12.45 -42.50
CA ASP S 115 -32.23 11.66 -41.52
C ASP S 115 -30.89 11.19 -42.09
N LEU S 116 -30.00 10.81 -41.16
CA LEU S 116 -28.66 10.42 -41.54
C LEU S 116 -28.66 9.15 -42.39
N ARG S 117 -29.51 8.18 -42.03
CA ARG S 117 -29.52 6.93 -42.79
C ARG S 117 -29.99 7.18 -44.21
N LEU S 118 -30.96 8.08 -44.39
CA LEU S 118 -31.44 8.40 -45.72
C LEU S 118 -30.39 9.18 -46.50
N GLN S 119 -29.67 10.07 -45.83
CA GLN S 119 -28.58 10.77 -46.48
C GLN S 119 -27.51 9.80 -46.96
N PHE S 120 -27.17 8.82 -46.13
CA PHE S 120 -26.17 7.83 -46.52
C PHE S 120 -26.67 6.99 -47.69
N VAL S 121 -27.94 6.62 -47.66
CA VAL S 121 -28.51 5.85 -48.77
C VAL S 121 -28.45 6.65 -50.07
N ALA S 122 -28.81 7.93 -50.00
CA ALA S 122 -28.79 8.76 -51.20
C ALA S 122 -27.37 8.94 -51.72
N PHE S 123 -26.41 9.13 -50.82
CA PHE S 123 -25.02 9.27 -51.23
C PHE S 123 -24.53 8.00 -51.92
N ALA S 124 -24.85 6.84 -51.34
CA ALA S 124 -24.40 5.58 -51.92
C ALA S 124 -25.05 5.35 -53.28
N SER S 125 -26.33 5.68 -53.42
CA SER S 125 -27.00 5.53 -54.70
C SER S 125 -26.42 6.46 -55.75
N PHE S 126 -26.07 7.68 -55.35
CA PHE S 126 -25.41 8.61 -56.25
C PHE S 126 -24.09 8.02 -56.73
N ILE S 127 -23.30 7.49 -55.81
CA ILE S 127 -22.02 6.89 -56.17
C ILE S 127 -22.23 5.75 -57.15
N ALA S 128 -23.20 4.88 -56.87
CA ALA S 128 -23.43 3.72 -57.73
C ALA S 128 -23.85 4.15 -59.13
N THR S 129 -24.73 5.15 -59.23
CA THR S 129 -25.18 5.61 -60.53
C THR S 129 -24.03 6.21 -61.32
N HIS S 130 -23.22 7.06 -60.67
CA HIS S 130 -22.05 7.62 -61.32
C HIS S 130 -21.14 6.51 -61.85
N MET S 131 -20.86 5.50 -61.02
CA MET S 131 -19.99 4.41 -61.42
C MET S 131 -20.58 3.64 -62.59
N ALA S 132 -21.90 3.44 -62.59
CA ALA S 132 -22.53 2.67 -63.64
C ALA S 132 -22.46 3.39 -64.98
N ILE S 133 -22.71 4.69 -65.00
CA ILE S 133 -22.65 5.43 -66.25
C ILE S 133 -21.21 5.48 -66.76
N THR S 134 -20.26 5.71 -65.86
CA THR S 134 -18.86 5.65 -66.23
C THR S 134 -18.51 4.29 -66.83
N LYS S 135 -19.08 3.22 -66.27
CA LYS S 135 -18.83 1.87 -66.78
C LYS S 135 -19.39 1.72 -68.19
N GLU S 136 -20.54 2.30 -68.47
CA GLU S 136 -21.11 2.24 -69.81
C GLU S 136 -20.16 2.88 -70.83
N PHE S 137 -19.75 4.12 -70.55
CA PHE S 137 -18.83 4.80 -71.46
C PHE S 137 -17.52 4.03 -71.60
N ASN S 138 -17.01 3.51 -70.49
CA ASN S 138 -15.77 2.76 -70.50
C ASN S 138 -15.89 1.48 -71.32
N ASP S 139 -17.06 0.85 -71.27
CA ASP S 139 -17.28 -0.36 -72.07
C ASP S 139 -17.21 -0.04 -73.54
N MET S 140 -17.81 1.08 -73.95
CA MET S 140 -17.73 1.47 -75.35
C MET S 140 -16.28 1.71 -75.79
N TYR S 141 -15.56 2.53 -75.03
CA TYR S 141 -14.16 2.78 -75.37
C TYR S 141 -13.33 1.50 -75.34
N GLN S 142 -13.66 0.59 -74.42
CA GLN S 142 -12.94 -0.67 -74.34
C GLN S 142 -13.19 -1.52 -75.58
N ARG S 143 -14.40 -1.48 -76.12
CA ARG S 143 -14.64 -2.23 -77.35
C ARG S 143 -13.80 -1.68 -78.50
N LEU S 144 -13.71 -0.34 -78.61
CA LEU S 144 -12.84 0.22 -79.63
C LEU S 144 -11.39 -0.22 -79.44
N VAL S 145 -10.88 -0.14 -78.20
CA VAL S 145 -9.51 -0.51 -77.93
C VAL S 145 -9.27 -1.99 -78.21
N ASP S 146 -10.27 -2.83 -77.88
CA ASP S 146 -10.17 -4.25 -78.16
C ASP S 146 -10.02 -4.50 -79.66
N ILE S 147 -10.78 -3.76 -80.46
CA ILE S 147 -10.67 -3.92 -81.91
C ILE S 147 -9.27 -3.54 -82.38
N THR S 148 -8.73 -2.44 -81.86
CA THR S 148 -7.39 -2.04 -82.28
C THR S 148 -6.35 -3.08 -81.88
N SER S 149 -6.50 -3.65 -80.68
CA SER S 149 -5.57 -4.70 -80.25
C SER S 149 -5.68 -5.94 -81.14
N LEU S 150 -6.90 -6.29 -81.52
CA LEU S 150 -7.08 -7.45 -82.39
C LEU S 150 -6.45 -7.21 -83.76
N LEU S 151 -6.51 -5.97 -84.24
CA LEU S 151 -5.88 -5.67 -85.52
C LEU S 151 -4.35 -5.69 -85.39
N GLU S 152 -3.83 -5.28 -84.25
CA GLU S 152 -2.40 -5.44 -84.01
C GLU S 152 -2.00 -6.91 -84.02
N LEU S 153 -2.81 -7.77 -83.37
CA LEU S 153 -2.55 -9.20 -83.41
C LEU S 153 -2.61 -9.75 -84.83
N GLN S 154 -3.55 -9.25 -85.63
CA GLN S 154 -3.66 -9.70 -87.01
C GLN S 154 -2.42 -9.29 -87.80
N ALA S 155 -1.91 -8.09 -87.55
CA ALA S 155 -0.66 -7.65 -88.17
C ALA S 155 0.49 -8.58 -87.78
N ALA S 156 0.59 -8.90 -86.49
CA ALA S 156 1.66 -9.79 -86.03
C ALA S 156 1.53 -11.18 -86.62
N GLN S 157 0.30 -11.63 -86.86
CA GLN S 157 0.07 -12.92 -87.48
C GLN S 157 0.46 -12.91 -88.94
N LEU S 158 0.24 -11.78 -89.62
CA LEU S 158 0.70 -11.64 -90.99
C LEU S 158 2.22 -11.76 -91.08
N HIS S 159 2.93 -11.07 -90.19
CA HIS S 159 4.38 -11.18 -90.15
C HIS S 159 4.85 -12.62 -89.95
N ALA S 160 4.10 -13.39 -89.17
CA ALA S 160 4.50 -14.77 -88.91
C ALA S 160 4.29 -15.66 -90.13
N SER S 161 3.30 -15.35 -90.95
CA SER S 161 3.11 -16.10 -92.19
C SER S 161 4.30 -15.92 -93.12
N GLU S 162 4.87 -14.71 -93.15
CA GLU S 162 6.01 -14.40 -93.99
C GLU S 162 7.35 -14.81 -93.38
N GLY S 163 7.34 -15.36 -92.17
CA GLY S 163 8.57 -15.77 -91.52
C GLY S 163 9.40 -14.64 -90.98
N PHE S 164 8.75 -13.58 -90.49
CA PHE S 164 9.46 -12.42 -90.00
C PHE S 164 9.96 -12.64 -88.58
N TRP S 165 9.20 -13.34 -87.75
CA TRP S 165 9.63 -13.67 -86.41
C TRP S 165 10.61 -14.82 -86.36
N ASP S 166 10.73 -15.59 -87.45
CA ASP S 166 11.70 -16.67 -87.50
C ASP S 166 13.11 -16.12 -87.40
N SER S 167 14.04 -17.03 -87.08
CA SER S 167 15.46 -16.77 -87.14
C SER S 167 16.04 -17.27 -88.45
N GLU S 168 17.28 -16.86 -88.72
CA GLU S 168 17.93 -17.22 -89.97
C GLU S 168 18.16 -18.72 -90.07
N SER S 169 18.42 -19.38 -88.95
CA SER S 169 18.53 -20.84 -88.95
C SER S 169 17.21 -21.47 -89.39
N GLU S 170 16.08 -20.97 -88.86
CA GLU S 170 14.78 -21.53 -89.22
C GLU S 170 14.45 -21.26 -90.69
N GLN S 171 14.78 -20.06 -91.18
CA GLN S 171 14.58 -19.76 -92.59
C GLN S 171 15.38 -20.69 -93.47
N GLN S 172 16.65 -20.88 -93.14
CA GLN S 172 17.51 -21.78 -93.90
C GLN S 172 17.00 -23.20 -93.86
N GLU S 173 16.47 -23.64 -92.71
CA GLU S 173 15.96 -25.00 -92.59
C GLU S 173 14.72 -25.19 -93.45
N ALA S 174 13.83 -24.22 -93.47
CA ALA S 174 12.67 -24.29 -94.35
C ALA S 174 13.10 -24.35 -95.81
N ARG S 175 14.09 -23.55 -96.16
CA ARG S 175 14.60 -23.54 -97.52
C ARG S 175 15.15 -24.91 -97.91
N LEU S 176 15.96 -25.50 -97.02
CA LEU S 176 16.50 -26.84 -97.24
C LEU S 176 15.41 -27.88 -97.34
N GLN S 177 14.35 -27.73 -96.56
CA GLN S 177 13.25 -28.68 -96.59
C GLN S 177 12.56 -28.67 -97.96
N ARG S 178 12.29 -27.47 -98.47
CA ARG S 178 11.73 -27.36 -99.82
C ARG S 178 12.65 -27.98 -100.84
N HIS S 179 13.95 -27.66 -100.76
CA HIS S 179 14.92 -28.22 -101.67
C HIS S 179 14.89 -29.74 -101.68
N ALA S 180 14.86 -30.35 -100.50
CA ALA S 180 14.90 -31.80 -100.41
C ALA S 180 13.63 -32.44 -100.94
N GLU S 181 12.47 -31.88 -100.60
CA GLU S 181 11.21 -32.39 -101.14
C GLU S 181 11.21 -32.34 -102.66
N HIS S 182 11.63 -31.21 -103.22
CA HIS S 182 11.64 -31.05 -104.67
C HIS S 182 12.61 -32.05 -105.32
N ARG S 183 13.80 -32.18 -104.76
CA ARG S 183 14.78 -33.13 -105.27
C ARG S 183 14.23 -34.55 -105.27
N ASN S 184 13.56 -34.95 -104.19
CA ASN S 184 13.05 -36.31 -104.09
C ASN S 184 11.93 -36.55 -105.10
N ASP S 185 11.00 -35.60 -105.21
CA ASP S 185 9.99 -35.66 -106.26
C ASP S 185 10.63 -35.88 -107.63
N LEU S 186 11.66 -35.09 -107.93
CA LEU S 186 12.27 -35.14 -109.25
C LEU S 186 12.92 -36.50 -109.51
N GLU S 187 13.67 -37.01 -108.53
CA GLU S 187 14.39 -38.26 -108.75
C GLU S 187 13.43 -39.43 -108.84
N THR S 188 12.36 -39.42 -108.04
CA THR S 188 11.35 -40.46 -108.16
C THR S 188 10.67 -40.43 -109.53
N THR S 189 10.32 -39.23 -110.00
CA THR S 189 9.71 -39.11 -111.32
C THR S 189 10.67 -39.58 -112.40
N TRP S 190 11.97 -39.33 -112.23
CA TRP S 190 12.94 -39.79 -113.21
C TRP S 190 13.00 -41.31 -113.26
N GLU S 191 13.02 -41.95 -112.09
CA GLU S 191 13.04 -43.41 -112.06
C GLU S 191 11.81 -43.98 -112.76
N GLU S 192 10.63 -43.45 -112.44
CA GLU S 192 9.41 -43.92 -113.09
C GLU S 192 9.47 -43.71 -114.60
N ALA S 193 9.88 -42.51 -115.03
CA ALA S 193 9.93 -42.21 -116.45
C ALA S 193 10.89 -43.13 -117.18
N LEU S 194 12.07 -43.37 -116.60
CA LEU S 194 13.04 -44.23 -117.26
C LEU S 194 12.53 -45.66 -117.34
N ARG S 195 11.85 -46.14 -116.31
CA ARG S 195 11.30 -47.49 -116.36
C ARG S 195 10.26 -47.62 -117.47
N GLU S 196 9.32 -46.68 -117.53
CA GLU S 196 8.27 -46.75 -118.55
C GLU S 196 8.84 -46.60 -119.94
N ALA S 197 9.78 -45.67 -120.13
CA ALA S 197 10.38 -45.48 -121.44
C ALA S 197 11.28 -46.62 -121.83
N THR S 198 11.81 -47.39 -120.86
CA THR S 198 12.61 -48.55 -121.20
C THR S 198 11.73 -49.71 -121.62
N LEU S 199 10.61 -49.92 -120.94
CA LEU S 199 9.74 -51.02 -121.35
C LEU S 199 9.02 -50.70 -122.65
N ALA S 200 8.74 -49.43 -122.92
CA ALA S 200 8.13 -49.03 -124.18
C ALA S 200 9.13 -48.82 -125.30
N ARG S 201 10.39 -48.57 -124.98
CA ARG S 201 11.41 -48.20 -125.95
C ARG S 201 10.94 -47.03 -126.81
N ASN S 202 10.75 -45.90 -126.14
CA ASN S 202 10.28 -44.68 -126.78
C ASN S 202 10.73 -43.48 -125.98
N PHE S 203 11.30 -42.49 -126.67
CA PHE S 203 11.80 -41.26 -126.04
C PHE S 203 10.67 -40.26 -125.77
N ASP S 204 9.59 -40.34 -126.55
CA ASP S 204 8.46 -39.46 -126.32
C ASP S 204 7.86 -39.67 -124.93
N VAL S 205 8.00 -40.86 -124.37
CA VAL S 205 7.50 -41.12 -123.03
C VAL S 205 8.28 -40.32 -121.99
N LEU S 206 9.61 -40.41 -122.05
CA LEU S 206 10.45 -39.55 -121.24
C LEU S 206 10.05 -38.09 -121.39
N VAL S 207 9.82 -37.66 -122.64
CA VAL S 207 9.41 -36.27 -122.87
C VAL S 207 8.09 -35.97 -122.19
N SER S 208 7.16 -36.91 -122.21
CA SER S 208 5.85 -36.69 -121.62
C SER S 208 5.89 -36.66 -120.10
N TYR S 209 6.90 -37.26 -119.50
CA TYR S 209 7.06 -37.14 -118.05
C TYR S 209 7.62 -35.80 -117.61
N LEU S 210 7.89 -34.88 -118.54
CA LEU S 210 8.38 -33.56 -118.16
C LEU S 210 7.29 -32.65 -117.63
N ASN S 211 6.03 -33.07 -117.70
CA ASN S 211 4.90 -32.25 -117.29
C ASN S 211 3.89 -33.09 -116.53
N HIS S 212 4.40 -33.90 -115.59
CA HIS S 212 3.56 -34.65 -114.67
C HIS S 212 3.41 -34.00 -113.31
N GLY S 213 4.31 -33.08 -112.95
CA GLY S 213 4.19 -32.38 -111.70
C GLY S 213 3.20 -31.22 -111.77
N GLN S 229 4.69 -25.30 -110.03
CA GLN S 229 4.81 -24.23 -111.02
C GLN S 229 3.97 -23.01 -110.65
N ASN S 230 3.67 -22.85 -109.36
CA ASN S 230 2.84 -21.73 -108.94
C ASN S 230 3.58 -20.42 -109.17
N GLY S 231 4.68 -20.23 -108.45
CA GLY S 231 5.58 -19.13 -108.71
C GLY S 231 7.00 -19.61 -108.62
N ILE S 232 7.82 -18.93 -107.83
CA ILE S 232 9.16 -19.40 -107.52
C ILE S 232 9.37 -19.31 -106.01
N PRO S 233 10.42 -19.93 -105.48
CA PRO S 233 10.81 -19.64 -104.10
C PRO S 233 11.40 -18.25 -104.01
N PRO S 234 11.34 -17.62 -102.84
CA PRO S 234 11.93 -16.30 -102.69
C PRO S 234 13.44 -16.34 -102.84
N SER S 235 13.98 -15.25 -103.38
CA SER S 235 15.42 -15.15 -103.57
C SER S 235 16.12 -14.73 -102.30
N VAL S 236 15.50 -13.83 -101.54
CA VAL S 236 16.06 -13.34 -100.30
C VAL S 236 14.95 -13.23 -99.26
N THR S 237 15.35 -13.18 -98.00
CA THR S 237 14.41 -13.09 -96.90
C THR S 237 14.94 -12.10 -95.86
N TRP S 238 14.00 -11.47 -95.17
CA TRP S 238 14.26 -10.50 -94.13
C TRP S 238 13.55 -10.94 -92.87
N ASN S 239 14.17 -10.71 -91.72
CA ASN S 239 13.62 -11.14 -90.44
C ASN S 239 13.77 -10.02 -89.44
N PHE S 240 13.24 -10.27 -88.25
CA PHE S 240 13.23 -9.29 -87.19
C PHE S 240 14.58 -9.23 -86.47
N ASN S 241 15.30 -10.34 -86.42
CA ASN S 241 16.59 -10.37 -85.74
C ASN S 241 17.70 -9.73 -86.54
N ALA S 242 17.44 -9.37 -87.79
CA ALA S 242 18.43 -8.63 -88.56
C ALA S 242 18.35 -7.13 -88.30
N MET S 243 17.26 -6.65 -87.71
CA MET S 243 17.17 -5.26 -87.33
C MET S 243 18.06 -5.03 -86.11
N PRO S 244 18.90 -4.01 -86.12
CA PRO S 244 19.81 -3.81 -84.98
C PRO S 244 19.14 -3.15 -83.80
N TYR S 245 19.74 -3.38 -82.63
CA TYR S 245 19.30 -2.76 -81.40
C TYR S 245 20.51 -2.48 -80.52
N GLY S 246 20.48 -1.34 -79.84
CA GLY S 246 21.48 -1.04 -78.86
C GLY S 246 21.61 0.43 -78.56
N LYS S 247 21.78 0.75 -77.28
CA LYS S 247 22.08 2.13 -76.91
C LYS S 247 23.44 2.56 -77.45
N GLU S 248 24.44 1.68 -77.33
CA GLU S 248 25.79 1.95 -77.79
C GLU S 248 26.12 1.32 -79.14
N ASN S 249 25.22 0.55 -79.71
CA ASN S 249 25.49 -0.10 -80.98
C ASN S 249 25.55 0.92 -82.10
N PRO S 250 26.67 1.04 -82.82
CA PRO S 250 26.75 2.03 -83.91
C PRO S 250 26.06 1.59 -85.19
N ASP S 251 25.45 0.41 -85.22
CA ASP S 251 24.62 0.02 -86.35
C ASP S 251 23.28 0.74 -86.35
N THR S 252 23.01 1.54 -85.32
CA THR S 252 21.81 2.34 -85.22
C THR S 252 22.06 3.84 -85.32
N LYS S 253 23.32 4.27 -85.32
CA LYS S 253 23.66 5.69 -85.23
C LYS S 253 24.01 6.21 -86.62
N THR S 254 23.18 7.13 -87.12
CA THR S 254 23.48 7.86 -88.35
C THR S 254 24.02 9.24 -88.05
N PHE S 255 23.24 10.04 -87.33
CA PHE S 255 23.60 11.37 -86.89
C PHE S 255 23.21 11.52 -85.44
N PRO S 256 23.94 12.31 -84.66
CA PRO S 256 23.61 12.45 -83.24
C PRO S 256 22.27 13.15 -83.05
N ILE S 257 21.50 12.64 -82.08
CA ILE S 257 20.21 13.21 -81.75
C ILE S 257 20.44 14.29 -80.70
N PRO S 258 19.85 15.47 -80.86
CA PRO S 258 20.12 16.55 -79.91
C PRO S 258 19.62 16.26 -78.50
N ASP S 259 20.29 16.93 -77.56
CA ASP S 259 20.06 16.67 -76.15
C ASP S 259 18.66 17.11 -75.76
N HIS S 260 18.16 18.17 -76.37
CA HIS S 260 16.83 18.65 -76.03
C HIS S 260 15.74 17.79 -76.64
N GLU S 261 16.13 16.75 -77.37
CA GLU S 261 15.19 15.79 -77.91
C GLU S 261 15.42 14.41 -77.34
N GLN S 262 16.44 14.25 -76.48
CA GLN S 262 16.62 12.95 -75.86
C GLN S 262 15.83 12.87 -74.55
N PRO S 263 15.30 11.70 -74.20
CA PRO S 263 14.47 11.60 -72.99
C PRO S 263 15.26 11.38 -71.72
N TYR S 264 14.63 11.73 -70.60
CA TYR S 264 15.27 11.64 -69.30
C TYR S 264 14.94 10.33 -68.61
N ARG S 265 15.91 9.84 -67.84
CA ARG S 265 15.70 8.71 -66.97
C ARG S 265 15.04 9.15 -65.66
N ALA S 266 14.24 8.26 -65.10
CA ALA S 266 13.51 8.59 -63.88
C ALA S 266 14.46 8.81 -62.72
N PHE S 267 14.05 9.67 -61.80
CA PHE S 267 14.86 10.04 -60.66
C PHE S 267 14.13 9.66 -59.38
N SER S 268 14.84 8.94 -58.51
CA SER S 268 14.36 8.64 -57.17
C SER S 268 15.53 8.73 -56.20
N LEU S 269 15.40 9.58 -55.20
CA LEU S 269 16.45 9.74 -54.20
C LEU S 269 15.82 10.11 -52.87
N GLY S 270 16.07 9.29 -51.86
CA GLY S 270 15.64 9.57 -50.51
C GLY S 270 16.57 8.89 -49.53
N PHE S 271 16.29 9.09 -48.25
CA PHE S 271 17.06 8.40 -47.23
C PHE S 271 16.82 6.90 -47.28
N THR S 272 15.62 6.50 -47.69
CA THR S 272 15.20 5.10 -47.63
C THR S 272 15.55 4.34 -48.89
N ALA S 273 15.41 4.95 -50.06
CA ALA S 273 15.59 4.24 -51.32
C ALA S 273 16.04 5.21 -52.40
N ASN S 274 16.61 4.67 -53.46
CA ASN S 274 17.02 5.45 -54.62
C ASN S 274 17.00 4.55 -55.84
N ASN S 275 17.30 5.14 -56.99
CA ASN S 275 17.36 4.41 -58.26
C ASN S 275 18.66 4.72 -58.98
N LEU S 276 19.70 5.04 -58.23
CA LEU S 276 20.99 5.41 -58.79
C LEU S 276 22.10 4.43 -58.45
N SER S 277 21.88 3.55 -57.48
CA SER S 277 22.83 2.50 -57.15
C SER S 277 22.81 1.34 -58.13
N GLY S 278 21.99 1.42 -59.18
CA GLY S 278 21.89 0.32 -60.11
C GLY S 278 21.29 0.75 -61.42
N ASN S 279 21.30 -0.19 -62.36
CA ASN S 279 20.74 -0.01 -63.69
C ASN S 279 19.98 -1.26 -64.07
N TRP S 280 18.70 -1.09 -64.40
CA TRP S 280 17.85 -2.20 -64.79
C TRP S 280 17.90 -2.50 -66.28
N GLY S 281 18.38 -1.55 -67.07
CA GLY S 281 18.46 -1.71 -68.50
C GLY S 281 17.21 -1.25 -69.21
N ASP S 282 17.17 -1.54 -70.49
CA ASP S 282 16.06 -1.17 -71.35
C ASP S 282 15.00 -2.27 -71.30
N TYR S 283 14.00 -2.20 -72.18
CA TYR S 283 12.96 -3.22 -72.21
C TYR S 283 13.48 -4.52 -72.81
N ILE S 284 14.44 -4.45 -73.72
CA ILE S 284 14.99 -5.60 -74.40
C ILE S 284 16.29 -6.00 -73.70
N ASP S 285 17.22 -5.06 -73.64
CA ASP S 285 18.55 -5.32 -73.09
C ASP S 285 18.52 -5.01 -71.60
N ARG S 286 18.05 -5.98 -70.83
CA ARG S 286 17.94 -5.84 -69.39
C ARG S 286 19.24 -6.28 -68.71
N GLN S 287 19.34 -5.97 -67.42
CA GLN S 287 20.50 -6.36 -66.65
C GLN S 287 20.16 -6.29 -65.18
N ASP S 288 20.97 -6.98 -64.37
CA ASP S 288 20.74 -7.05 -62.95
C ASP S 288 21.13 -5.72 -62.28
N ASN S 289 20.19 -5.17 -61.50
CA ASN S 289 20.45 -3.93 -60.79
C ASN S 289 21.51 -4.11 -59.72
N LYS S 290 21.50 -5.24 -59.03
CA LYS S 290 22.48 -5.50 -57.98
C LYS S 290 23.79 -6.00 -58.56
N ASN S 291 24.86 -5.77 -57.83
CA ASN S 291 26.18 -6.17 -58.29
C ASN S 291 26.52 -7.58 -57.78
N ALA S 292 27.70 -8.05 -58.17
CA ALA S 292 28.02 -9.47 -58.07
C ALA S 292 28.08 -9.96 -56.62
N LEU S 293 28.54 -9.12 -55.69
CA LEU S 293 28.75 -9.55 -54.32
C LEU S 293 27.46 -9.71 -53.53
N MET S 294 26.38 -9.05 -53.94
CA MET S 294 25.12 -9.08 -53.22
C MET S 294 24.00 -9.76 -54.01
N ARG S 295 24.26 -10.15 -55.25
CA ARG S 295 23.34 -11.00 -55.97
C ARG S 295 22.99 -12.30 -55.25
N PRO S 296 23.92 -12.98 -54.58
CA PRO S 296 23.53 -14.16 -53.80
C PRO S 296 22.61 -13.84 -52.63
N ALA S 297 22.59 -12.59 -52.15
CA ALA S 297 21.78 -12.17 -51.01
C ALA S 297 20.69 -11.19 -51.41
N ARG S 298 20.07 -11.41 -52.58
CA ARG S 298 19.03 -10.51 -53.06
C ARG S 298 17.82 -10.50 -52.15
N MET S 299 17.54 -11.62 -51.48
CA MET S 299 16.39 -11.73 -50.59
C MET S 299 16.45 -10.70 -49.46
N MET S 300 17.66 -10.25 -49.11
CA MET S 300 17.83 -9.33 -48.00
C MET S 300 17.54 -7.89 -48.37
N PHE S 301 17.46 -7.58 -49.65
CA PHE S 301 17.15 -6.24 -50.13
C PHE S 301 15.71 -6.13 -50.61
N THR S 302 14.79 -6.84 -49.97
CA THR S 302 13.41 -6.91 -50.41
C THR S 302 12.47 -6.89 -49.21
N ASP S 303 11.35 -6.20 -49.36
CA ASP S 303 10.28 -6.29 -48.36
C ASP S 303 9.43 -7.54 -48.56
N VAL S 304 9.32 -8.04 -49.78
CA VAL S 304 8.59 -9.27 -50.08
C VAL S 304 9.38 -10.02 -51.14
N PHE S 305 9.24 -11.34 -51.14
CA PHE S 305 9.98 -12.19 -52.05
C PHE S 305 9.10 -13.38 -52.40
N ILE S 306 8.89 -13.60 -53.68
CA ILE S 306 8.09 -14.71 -54.19
C ILE S 306 9.00 -15.60 -55.04
N PRO S 307 9.50 -16.71 -54.49
CA PRO S 307 10.53 -17.47 -55.18
C PRO S 307 10.00 -18.20 -56.40
N THR S 308 10.95 -18.81 -57.11
CA THR S 308 10.66 -19.55 -58.31
C THR S 308 9.89 -20.84 -58.01
N THR S 309 9.38 -21.43 -59.06
CA THR S 309 8.77 -22.76 -59.03
C THR S 309 9.74 -23.74 -59.69
N LYS S 310 10.07 -24.82 -58.98
CA LYS S 310 11.01 -25.80 -59.52
C LYS S 310 10.77 -27.20 -58.97
N ALA T 96 34.38 16.67 -100.80
CA ALA T 96 34.09 15.66 -99.79
C ALA T 96 32.61 15.59 -99.51
N SER T 97 32.19 14.54 -98.80
CA SER T 97 30.78 14.31 -98.53
C SER T 97 30.44 14.77 -97.13
N PRO T 98 29.15 15.03 -96.86
CA PRO T 98 28.79 15.55 -95.54
C PRO T 98 28.87 14.52 -94.43
N MET T 99 28.91 13.24 -94.75
CA MET T 99 28.91 12.19 -93.73
C MET T 99 30.30 11.85 -93.21
N LEU T 100 31.37 12.26 -93.89
CA LEU T 100 32.69 12.15 -93.30
C LEU T 100 32.88 13.08 -92.12
N PHE T 101 32.02 14.09 -92.00
CA PHE T 101 32.02 14.97 -90.84
C PHE T 101 31.36 14.27 -89.66
N THR T 102 32.00 14.37 -88.49
CA THR T 102 31.50 13.73 -87.28
C THR T 102 31.37 14.70 -86.12
N ASP T 103 32.22 15.73 -86.08
CA ASP T 103 32.31 16.62 -84.93
C ASP T 103 31.15 17.61 -84.94
N TYR T 104 29.96 17.09 -84.65
CA TYR T 104 28.73 17.87 -84.67
C TYR T 104 28.37 18.45 -83.32
N ASP T 105 28.95 17.94 -82.24
CA ASP T 105 28.57 18.31 -80.89
C ASP T 105 29.41 19.44 -80.32
N ASN T 106 30.23 20.08 -81.13
CA ASN T 106 30.98 21.25 -80.71
C ASN T 106 30.17 22.52 -81.01
N THR T 107 28.98 22.56 -80.43
CA THR T 107 28.01 23.63 -80.69
C THR T 107 28.25 24.77 -79.70
N ALA T 108 29.15 25.67 -80.07
CA ALA T 108 29.34 26.90 -79.33
C ALA T 108 28.09 27.77 -79.40
N SER T 109 28.05 28.78 -78.55
CA SER T 109 26.93 29.69 -78.44
C SER T 109 27.45 31.00 -77.88
N PRO T 110 26.80 32.12 -78.18
CA PRO T 110 27.41 33.41 -77.86
C PRO T 110 27.59 33.60 -76.37
N LYS T 111 28.64 34.32 -75.99
CA LYS T 111 28.94 34.52 -74.58
C LYS T 111 27.92 35.43 -73.91
N SER T 112 27.13 36.16 -74.68
CA SER T 112 26.03 36.94 -74.11
C SER T 112 24.97 36.05 -73.48
N GLU T 113 24.83 34.83 -73.96
CA GLU T 113 23.79 33.92 -73.49
C GLU T 113 24.14 33.24 -72.18
N LEU T 114 25.23 33.64 -71.53
CA LEU T 114 25.53 33.13 -70.20
C LEU T 114 24.55 33.62 -69.15
N ILE T 115 23.79 34.68 -69.46
CA ILE T 115 22.77 35.15 -68.53
C ILE T 115 21.64 34.15 -68.37
N PHE T 116 21.48 33.24 -69.32
CA PHE T 116 20.48 32.17 -69.21
C PHE T 116 20.96 31.00 -68.39
N MET T 117 22.04 31.14 -67.63
CA MET T 117 22.56 30.03 -66.83
C MET T 117 21.51 29.54 -65.84
N ALA T 118 21.02 30.44 -64.99
CA ALA T 118 20.04 30.05 -63.98
C ALA T 118 18.74 29.62 -64.61
N GLY T 119 18.34 30.27 -65.70
CA GLY T 119 17.12 29.88 -66.39
C GLY T 119 17.19 28.46 -66.91
N ASN T 120 18.30 28.12 -67.57
CA ASN T 120 18.48 26.77 -68.08
C ASN T 120 18.55 25.77 -66.94
N ALA T 121 19.19 26.14 -65.83
CA ALA T 121 19.24 25.24 -64.69
C ALA T 121 17.85 24.96 -64.14
N LEU T 122 17.05 26.00 -63.92
CA LEU T 122 15.70 25.82 -63.40
C LEU T 122 14.83 25.06 -64.38
N GLY T 123 15.02 25.28 -65.68
CA GLY T 123 14.27 24.53 -66.67
C GLY T 123 14.63 23.06 -66.68
N TYR T 124 15.91 22.77 -66.53
CA TYR T 124 16.36 21.37 -66.43
C TYR T 124 15.75 20.71 -65.20
N CYS T 125 15.84 21.38 -64.04
CA CYS T 125 15.29 20.78 -62.83
C CYS T 125 13.76 20.71 -62.89
N THR T 126 13.12 21.57 -63.67
CA THR T 126 11.68 21.47 -63.83
C THR T 126 11.32 20.26 -64.68
N GLU T 127 11.96 20.12 -65.84
CA GLU T 127 11.65 18.99 -66.72
C GLU T 127 12.04 17.67 -66.08
N ARG T 128 13.03 17.66 -65.20
CA ARG T 128 13.53 16.42 -64.61
C ARG T 128 12.87 16.07 -63.30
N PHE T 129 12.61 17.04 -62.43
CA PHE T 129 12.17 16.79 -61.07
C PHE T 129 10.79 17.35 -60.76
N PHE T 130 10.56 18.64 -61.00
CA PHE T 130 9.45 19.33 -60.36
C PHE T 130 8.09 19.00 -60.97
N GLU T 131 8.02 18.74 -62.28
CA GLU T 131 6.74 18.51 -62.93
C GLU T 131 6.35 17.04 -62.94
N ASN T 132 6.85 16.28 -61.98
CA ASN T 132 6.57 14.85 -61.89
C ASN T 132 6.39 14.47 -60.42
N GLU T 133 6.41 13.15 -60.16
CA GLU T 133 6.13 12.65 -58.83
C GLU T 133 7.15 13.11 -57.80
N TYR T 134 8.42 13.17 -58.19
CA TYR T 134 9.43 13.69 -57.27
C TYR T 134 9.18 15.15 -56.95
N GLY T 135 8.60 15.89 -57.90
CA GLY T 135 8.20 17.25 -57.62
C GLY T 135 7.03 17.33 -56.66
N GLN T 136 6.12 16.37 -56.74
CA GLN T 136 5.05 16.32 -55.74
C GLN T 136 5.62 16.06 -54.35
N SER T 137 6.61 15.18 -54.27
CA SER T 137 7.30 14.95 -53.00
C SER T 137 7.98 16.22 -52.49
N ILE T 138 8.60 16.99 -53.40
CA ILE T 138 9.26 18.22 -53.00
C ILE T 138 8.23 19.25 -52.51
N PHE T 139 7.07 19.31 -53.16
CA PHE T 139 6.01 20.20 -52.71
C PHE T 139 5.53 19.82 -51.31
N MET T 140 5.36 18.52 -51.06
CA MET T 140 5.02 18.07 -49.73
C MET T 140 6.10 18.43 -48.71
N PHE T 141 7.37 18.40 -49.14
CA PHE T 141 8.45 18.79 -48.25
C PHE T 141 8.35 20.26 -47.88
N ALA T 142 8.02 21.11 -48.85
CA ALA T 142 7.84 22.53 -48.55
C ALA T 142 6.67 22.75 -47.59
N LEU T 143 5.55 22.06 -47.83
CA LEU T 143 4.43 22.14 -46.91
C LEU T 143 4.82 21.67 -45.52
N GLY T 144 5.69 20.66 -45.44
CA GLY T 144 6.15 20.19 -44.15
C GLY T 144 7.02 21.20 -43.44
N LEU T 145 7.81 21.95 -44.20
CA LEU T 145 8.58 23.04 -43.61
C LEU T 145 7.65 24.07 -42.99
N ALA T 146 6.60 24.44 -43.72
CA ALA T 146 5.61 25.36 -43.17
C ALA T 146 4.98 24.79 -41.90
N TYR T 147 4.62 23.51 -41.94
CA TYR T 147 4.02 22.84 -40.78
C TYR T 147 4.94 22.90 -39.58
N LEU T 148 6.23 22.63 -39.77
CA LEU T 148 7.17 22.61 -38.67
C LEU T 148 7.41 24.01 -38.11
N ALA T 149 7.45 25.01 -38.99
CA ALA T 149 7.59 26.38 -38.52
C ALA T 149 6.41 26.79 -37.66
N MET T 150 5.20 26.48 -38.12
CA MET T 150 4.00 26.78 -37.35
C MET T 150 4.01 26.06 -36.00
N LEU T 151 4.36 24.77 -36.02
CA LEU T 151 4.47 23.99 -34.79
C LEU T 151 5.46 24.61 -33.82
N GLY T 152 6.61 25.04 -34.31
CA GLY T 152 7.61 25.63 -33.44
C GLY T 152 7.15 26.95 -32.86
N HIS T 153 6.46 27.76 -33.66
CA HIS T 153 5.90 29.01 -33.16
C HIS T 153 4.92 28.76 -32.03
N GLU T 154 3.99 27.84 -32.25
CA GLU T 154 3.00 27.56 -31.21
C GLU T 154 3.65 26.93 -29.98
N GLY T 155 4.72 26.15 -30.16
CA GLY T 155 5.43 25.63 -29.01
C GLY T 155 6.12 26.72 -28.21
N LYS T 156 6.70 27.70 -28.91
CA LYS T 156 7.28 28.85 -28.24
C LYS T 156 6.23 29.58 -27.41
N ILE T 157 5.06 29.81 -27.98
CA ILE T 157 4.00 30.50 -27.26
C ILE T 157 3.56 29.68 -26.06
N HIS T 158 3.47 28.36 -26.23
CA HIS T 158 3.09 27.47 -25.13
C HIS T 158 4.07 27.60 -23.98
N GLY T 159 5.36 27.54 -24.28
CA GLY T 159 6.36 27.69 -23.23
C GLY T 159 6.28 29.03 -22.53
N ALA T 160 6.08 30.09 -23.32
CA ALA T 160 5.98 31.42 -22.74
C ALA T 160 4.82 31.51 -21.77
N VAL T 161 3.64 31.03 -22.17
CA VAL T 161 2.49 31.10 -21.29
C VAL T 161 2.66 30.18 -20.09
N TRP T 162 3.30 29.03 -20.29
CA TRP T 162 3.51 28.08 -19.21
C TRP T 162 4.44 28.66 -18.14
N ARG T 163 5.38 29.51 -18.54
CA ARG T 163 6.22 30.19 -17.56
C ARG T 163 5.50 31.39 -16.95
N MET T 164 4.74 32.13 -17.78
CA MET T 164 3.97 33.26 -17.27
C MET T 164 3.05 32.81 -16.15
N LYS T 165 2.41 31.66 -16.31
CA LYS T 165 1.53 31.14 -15.28
C LYS T 165 2.27 31.06 -13.95
N HIS T 166 3.34 30.27 -13.91
CA HIS T 166 4.04 30.03 -12.67
C HIS T 166 4.62 31.31 -12.07
N LEU T 167 5.07 32.24 -12.91
CA LEU T 167 5.81 33.39 -12.41
C LEU T 167 4.96 34.63 -12.19
N PHE T 168 3.72 34.65 -12.68
CA PHE T 168 2.85 35.81 -12.51
C PHE T 168 1.59 35.52 -11.74
N ALA T 169 1.07 34.29 -11.73
CA ALA T 169 -0.27 34.05 -11.25
C ALA T 169 -0.37 34.00 -9.73
N THR T 170 0.75 34.02 -9.01
CA THR T 170 0.74 33.86 -7.56
C THR T 170 1.67 34.86 -6.88
N ASN T 171 1.83 36.04 -7.45
CA ASN T 171 2.78 37.03 -6.95
C ASN T 171 2.15 37.98 -5.93
N PHE T 172 0.95 38.48 -6.22
CA PHE T 172 0.28 39.55 -5.49
C PHE T 172 0.93 40.90 -5.75
N LYS T 173 2.06 40.91 -6.46
CA LYS T 173 2.72 42.16 -6.82
C LYS T 173 2.56 42.52 -8.28
N MET T 174 2.19 41.56 -9.12
CA MET T 174 1.99 41.79 -10.55
C MET T 174 0.50 41.69 -10.83
N VAL T 175 -0.20 42.80 -10.59
CA VAL T 175 -1.57 42.89 -11.09
C VAL T 175 -1.54 43.12 -12.59
N GLY T 176 -0.52 43.81 -13.08
CA GLY T 176 -0.23 43.88 -14.49
C GLY T 176 1.26 43.95 -14.69
N HIS T 177 1.66 44.54 -15.77
CA HIS T 177 3.08 44.68 -16.02
C HIS T 177 3.58 45.97 -15.39
N PRO T 178 4.81 46.00 -14.86
CA PRO T 178 5.27 47.22 -14.16
C PRO T 178 5.41 48.42 -15.07
N ARG T 179 5.58 48.22 -16.37
CA ARG T 179 5.74 49.36 -17.27
C ARG T 179 4.47 50.19 -17.41
N TYR T 180 3.33 49.66 -16.95
CA TYR T 180 2.05 50.33 -17.07
C TYR T 180 1.44 50.66 -15.72
N ALA T 181 2.25 50.69 -14.67
CA ALA T 181 1.76 50.98 -13.33
C ALA T 181 1.35 52.43 -13.15
N TYR T 182 1.74 53.30 -14.07
CA TYR T 182 1.29 54.69 -14.00
C TYR T 182 -0.22 54.78 -14.10
N ALA T 183 -0.85 53.87 -14.83
CA ALA T 183 -2.28 53.93 -15.08
C ALA T 183 -3.12 53.41 -13.92
N LEU T 184 -2.50 52.76 -12.94
CA LEU T 184 -3.26 52.22 -11.83
C LEU T 184 -3.81 53.36 -10.96
N PRO T 185 -4.86 53.08 -10.20
CA PRO T 185 -5.25 54.01 -9.14
C PRO T 185 -4.21 54.06 -8.04
N LYS T 186 -4.37 55.03 -7.15
CA LYS T 186 -3.38 55.32 -6.14
C LYS T 186 -3.78 54.70 -4.80
N ASN T 187 -2.78 54.33 -4.03
CA ASN T 187 -3.04 53.64 -2.77
C ASN T 187 -3.52 54.65 -1.73
N PRO T 188 -4.67 54.43 -1.09
CA PRO T 188 -5.07 55.33 -0.01
C PRO T 188 -4.25 55.19 1.25
N LEU T 189 -3.49 54.10 1.39
CA LEU T 189 -2.76 53.85 2.62
C LEU T 189 -1.39 54.51 2.65
N LEU T 190 -0.86 54.90 1.49
CA LEU T 190 0.42 55.58 1.40
C LEU T 190 0.25 57.08 1.55
N GLN T 191 1.23 57.70 2.20
CA GLN T 191 1.14 59.12 2.53
C GLN T 191 2.47 59.64 3.05
N ALA U 7 -19.50 15.67 -138.78
CA ALA U 7 -19.28 17.00 -139.31
C ALA U 7 -18.03 17.64 -138.70
N PRO U 8 -16.91 17.63 -139.42
CA PRO U 8 -15.67 18.12 -138.82
C PRO U 8 -15.66 19.62 -138.61
N HIS U 9 -16.25 20.38 -139.53
CA HIS U 9 -16.42 21.81 -139.32
C HIS U 9 -17.12 22.10 -138.00
N GLN U 10 -18.25 21.43 -137.77
CA GLN U 10 -18.99 21.65 -136.54
C GLN U 10 -18.21 21.15 -135.32
N ARG U 11 -17.50 20.04 -135.47
CA ARG U 11 -16.69 19.53 -134.36
C ARG U 11 -15.66 20.56 -133.93
N ALA U 12 -14.92 21.12 -134.90
CA ALA U 12 -13.91 22.12 -134.58
C ALA U 12 -14.53 23.38 -134.02
N ALA U 13 -15.68 23.80 -134.57
CA ALA U 13 -16.35 24.97 -134.02
C ALA U 13 -16.75 24.75 -132.56
N CYS U 14 -17.22 23.55 -132.23
CA CYS U 14 -17.64 23.28 -130.86
C CYS U 14 -16.44 23.20 -129.94
N GLU U 15 -15.34 22.61 -130.40
CA GLU U 15 -14.12 22.61 -129.60
C GLU U 15 -13.67 24.04 -129.31
N GLN U 16 -13.74 24.91 -130.32
CA GLN U 16 -13.39 26.31 -130.10
C GLN U 16 -14.32 26.95 -129.09
N LEU U 17 -15.61 26.64 -129.17
CA LEU U 17 -16.58 27.19 -128.23
C LEU U 17 -16.28 26.72 -126.81
N HIS U 18 -15.91 25.45 -126.66
CA HIS U 18 -15.60 24.91 -125.34
C HIS U 18 -14.36 25.56 -124.75
N SER U 19 -13.34 25.76 -125.58
CA SER U 19 -12.15 26.47 -125.12
C SER U 19 -12.48 27.89 -124.71
N GLU U 20 -13.36 28.54 -125.47
CA GLU U 20 -13.78 29.90 -125.13
C GLU U 20 -14.52 29.92 -123.79
N TYR U 21 -15.37 28.92 -123.57
CA TYR U 21 -16.09 28.82 -122.31
C TYR U 21 -15.14 28.64 -121.14
N LYS U 22 -14.15 27.76 -121.30
CA LYS U 22 -13.16 27.56 -120.25
C LYS U 22 -12.38 28.83 -119.98
N GLN U 23 -12.01 29.57 -121.04
CA GLN U 23 -11.27 30.81 -120.87
C GLN U 23 -12.09 31.84 -120.11
N CYS U 24 -13.36 32.01 -120.50
CA CYS U 24 -14.22 32.95 -119.79
C CYS U 24 -14.39 32.56 -118.34
N LEU U 25 -14.61 31.28 -118.08
CA LEU U 25 -14.80 30.82 -116.72
C LEU U 25 -13.56 31.05 -115.87
N ALA U 26 -12.39 30.78 -116.43
CA ALA U 26 -11.15 31.05 -115.71
C ALA U 26 -10.98 32.53 -115.44
N LYS U 27 -11.31 33.37 -116.42
CA LYS U 27 -11.17 34.80 -116.24
C LYS U 27 -12.07 35.31 -115.12
N ASN U 28 -13.30 34.81 -115.06
CA ASN U 28 -14.23 35.30 -114.05
C ASN U 28 -13.94 34.70 -112.67
N GLY U 29 -13.56 33.44 -112.61
CA GLY U 29 -13.31 32.76 -111.36
C GLY U 29 -14.50 31.93 -110.90
N ARG U 30 -14.24 31.10 -109.89
CA ARG U 30 -15.24 30.16 -109.40
C ARG U 30 -16.19 30.77 -108.38
N THR U 31 -15.97 32.03 -107.99
CA THR U 31 -16.97 32.75 -107.22
C THR U 31 -18.05 33.32 -108.14
N HIS U 32 -17.64 34.03 -109.19
CA HIS U 32 -18.55 34.56 -110.20
C HIS U 32 -18.56 33.57 -111.36
N PHE U 33 -19.45 32.59 -111.27
CA PHE U 33 -19.64 31.59 -112.33
C PHE U 33 -21.00 31.69 -113.01
N SER U 34 -21.95 32.43 -112.45
CA SER U 34 -23.25 32.60 -113.06
C SER U 34 -23.22 33.50 -114.29
N ALA U 35 -22.07 34.08 -114.62
CA ALA U 35 -21.98 34.91 -115.81
C ALA U 35 -21.99 34.07 -117.08
N CYS U 36 -21.40 32.88 -117.03
CA CYS U 36 -21.20 32.05 -118.22
C CYS U 36 -22.38 31.12 -118.50
N THR U 37 -23.58 31.45 -118.02
CA THR U 37 -24.76 30.71 -118.42
C THR U 37 -25.15 30.95 -119.87
N ASP U 38 -24.53 31.94 -120.51
CA ASP U 38 -24.58 32.05 -121.97
C ASP U 38 -24.40 30.72 -122.67
N PHE U 39 -23.33 30.00 -122.33
CA PHE U 39 -22.80 28.96 -123.21
C PHE U 39 -23.54 27.64 -123.12
N HIS U 40 -24.31 27.40 -122.05
CA HIS U 40 -24.99 26.12 -121.91
C HIS U 40 -25.96 25.88 -123.04
N SER U 41 -26.66 26.93 -123.47
CA SER U 41 -27.52 26.88 -124.66
C SER U 41 -26.89 26.11 -125.80
N LYS U 42 -25.65 26.46 -126.14
CA LYS U 42 -24.98 25.85 -127.29
C LYS U 42 -24.25 24.56 -126.91
N LEU U 43 -23.74 24.47 -125.70
CA LEU U 43 -22.94 23.30 -125.32
C LEU U 43 -23.82 22.07 -125.18
N ARG U 44 -25.05 22.23 -124.68
CA ARG U 44 -25.95 21.10 -124.58
C ARG U 44 -26.33 20.59 -125.98
N ALA U 45 -26.47 21.53 -126.93
CA ALA U 45 -26.71 21.13 -128.31
C ALA U 45 -25.53 20.38 -128.90
N CYS U 46 -24.32 20.88 -128.65
CA CYS U 46 -23.11 20.15 -129.00
C CYS U 46 -23.15 18.73 -128.47
N GLU U 47 -23.49 18.58 -127.18
CA GLU U 47 -23.53 17.27 -126.57
C GLU U 47 -24.53 16.37 -127.27
N ASN U 48 -25.75 16.87 -127.49
CA ASN U 48 -26.78 16.05 -128.11
C ASN U 48 -26.44 15.71 -129.54
N MET U 49 -25.65 16.54 -130.21
CA MET U 49 -25.33 16.30 -131.61
C MET U 49 -24.17 15.32 -131.76
N LEU U 50 -23.06 15.56 -131.06
CA LEU U 50 -21.85 14.77 -131.22
C LEU U 50 -21.75 13.61 -130.24
N GLY U 51 -22.72 13.43 -129.35
CA GLY U 51 -22.58 12.39 -128.35
C GLY U 51 -21.55 12.71 -127.29
N THR U 52 -21.18 13.97 -127.15
CA THR U 52 -20.12 14.40 -126.26
C THR U 52 -20.70 14.85 -124.92
N SER U 53 -19.85 14.83 -123.90
CA SER U 53 -20.16 15.43 -122.61
C SER U 53 -19.10 16.45 -122.23
N TYR U 54 -19.54 17.49 -121.52
CA TYR U 54 -18.68 18.63 -121.18
C TYR U 54 -18.71 18.96 -119.69
N CYS U 55 -19.32 18.11 -118.86
CA CYS U 55 -19.23 18.20 -117.41
C CYS U 55 -19.79 19.53 -116.90
N ILE U 56 -20.83 20.03 -117.57
CA ILE U 56 -21.36 21.35 -117.26
C ILE U 56 -22.07 21.33 -115.91
N ASP U 57 -23.06 20.45 -115.78
CA ASP U 57 -23.82 20.36 -114.54
C ASP U 57 -22.90 20.06 -113.37
N GLU U 58 -21.94 19.16 -113.57
CA GLU U 58 -21.06 18.77 -112.48
C GLU U 58 -20.18 19.93 -112.04
N GLY U 59 -19.61 20.65 -113.01
CA GLY U 59 -18.81 21.81 -112.65
C GLY U 59 -19.61 22.87 -111.93
N ILE U 60 -20.83 23.14 -112.41
CA ILE U 60 -21.66 24.17 -111.79
C ILE U 60 -22.05 23.75 -110.38
N ASN U 61 -22.42 22.48 -110.19
CA ASN U 61 -22.80 22.03 -108.86
C ASN U 61 -21.63 22.11 -107.90
N LEU U 62 -20.43 21.74 -108.36
CA LEU U 62 -19.25 21.84 -107.52
C LEU U 62 -18.97 23.28 -107.11
N MET U 63 -19.02 24.19 -108.09
CA MET U 63 -18.77 25.60 -107.78
C MET U 63 -19.79 26.13 -106.79
N LYS U 64 -21.07 25.77 -106.97
CA LYS U 64 -22.09 26.23 -106.03
C LYS U 64 -21.88 25.65 -104.65
N CYS U 65 -21.51 24.38 -104.56
CA CYS U 65 -21.39 23.72 -103.26
C CYS U 65 -20.20 24.25 -102.47
N THR U 66 -19.06 24.48 -103.14
CA THR U 66 -17.84 24.80 -102.40
C THR U 66 -17.92 26.15 -101.69
N LYS U 67 -18.86 27.01 -102.06
CA LYS U 67 -19.03 28.27 -101.36
C LYS U 67 -20.02 28.18 -100.21
N ASN U 68 -20.95 27.21 -100.26
CA ASN U 68 -21.87 26.92 -99.16
C ASN U 68 -21.75 25.43 -98.88
N PRO U 69 -20.63 25.00 -98.29
CA PRO U 69 -20.29 23.57 -98.30
C PRO U 69 -21.13 22.74 -97.37
N ASP U 70 -21.12 21.44 -97.64
CA ASP U 70 -21.76 20.36 -96.91
C ASP U 70 -20.82 19.84 -95.84
N PRO U 71 -21.32 19.16 -94.82
CA PRO U 71 -20.41 18.47 -93.88
C PRO U 71 -19.57 17.41 -94.56
N SER U 72 -20.00 16.88 -95.70
CA SER U 72 -19.16 16.01 -96.51
C SER U 72 -18.03 16.77 -97.19
N PHE U 73 -18.07 18.10 -97.16
CA PHE U 73 -17.11 18.94 -97.87
C PHE U 73 -17.10 18.62 -99.36
N CYS U 74 -18.26 18.31 -99.92
CA CYS U 74 -18.48 18.25 -101.36
C CYS U 74 -17.70 17.13 -102.03
N ALA U 75 -17.45 16.05 -101.28
CA ALA U 75 -16.62 14.97 -101.79
C ALA U 75 -17.28 14.29 -102.99
N LYS U 76 -18.59 14.08 -102.91
CA LYS U 76 -19.31 13.43 -103.99
C LYS U 76 -19.29 14.28 -105.25
N GLU U 77 -19.41 15.60 -105.08
CA GLU U 77 -19.29 16.51 -106.22
C GLU U 77 -17.89 16.42 -106.83
N PHE U 78 -16.86 16.40 -105.99
CA PHE U 78 -15.50 16.33 -106.50
C PHE U 78 -15.28 15.06 -107.31
N VAL U 79 -15.66 13.91 -106.75
CA VAL U 79 -15.44 12.66 -107.47
C VAL U 79 -16.32 12.58 -108.71
N ALA U 80 -17.53 13.16 -108.66
CA ALA U 80 -18.38 13.16 -109.85
C ALA U 80 -17.73 13.95 -110.98
N MET U 81 -17.19 15.13 -110.66
CA MET U 81 -16.50 15.92 -111.69
C MET U 81 -15.29 15.17 -112.22
N ARG U 82 -14.50 14.58 -111.33
CA ARG U 82 -13.32 13.84 -111.75
C ARG U 82 -13.67 12.70 -112.69
N GLU U 83 -14.78 12.01 -112.43
CA GLU U 83 -15.14 10.87 -113.25
C GLU U 83 -15.85 11.29 -114.53
N CYS U 84 -16.55 12.43 -114.52
CA CYS U 84 -17.12 12.95 -115.76
C CYS U 84 -16.04 13.39 -116.72
N ASN U 85 -15.00 14.06 -116.22
CA ASN U 85 -14.01 14.63 -117.12
C ASN U 85 -13.14 13.59 -117.80
N ARG U 86 -13.31 12.31 -117.51
CA ARG U 86 -12.55 11.29 -118.20
C ARG U 86 -13.00 11.17 -119.66
N PRO U 87 -12.08 10.84 -120.57
CA PRO U 87 -12.46 10.80 -122.00
C PRO U 87 -13.45 9.71 -122.34
N GLN U 88 -13.13 8.48 -121.96
CA GLN U 88 -13.95 7.32 -122.33
C GLN U 88 -15.16 7.14 -121.42
N GLY U 89 -15.31 7.97 -120.39
CA GLY U 89 -16.43 7.89 -119.51
C GLY U 89 -16.03 7.56 -118.08
N PRO U 90 -16.99 7.62 -117.17
CA PRO U 90 -16.69 7.39 -115.75
C PRO U 90 -16.41 5.92 -115.47
N HIS U 91 -15.33 5.67 -114.73
CA HIS U 91 -15.06 4.33 -114.25
C HIS U 91 -15.86 4.02 -112.99
N LEU U 92 -15.93 5.00 -112.09
CA LEU U 92 -16.59 4.87 -110.80
C LEU U 92 -17.80 5.77 -110.76
N VAL U 93 -18.93 5.23 -110.32
CA VAL U 93 -20.18 5.98 -110.22
C VAL U 93 -20.83 5.70 -108.88
N LEU U 94 -21.88 6.46 -108.60
CA LEU U 94 -22.67 6.31 -107.38
C LEU U 94 -23.99 5.66 -107.76
N SER U 95 -24.25 4.48 -107.21
CA SER U 95 -25.43 3.72 -107.59
C SER U 95 -26.70 4.43 -107.16
N SER U 96 -27.71 4.37 -108.03
CA SER U 96 -29.02 4.93 -107.74
C SER U 96 -29.92 3.82 -107.22
N SER U 97 -30.66 4.12 -106.15
CA SER U 97 -31.24 3.11 -105.31
C SER U 97 -32.61 3.55 -104.83
N PRO U 98 -33.51 2.61 -104.53
CA PRO U 98 -34.56 2.89 -103.54
C PRO U 98 -34.10 2.61 -102.12
N SER U 99 -33.02 1.85 -101.98
CA SER U 99 -32.49 1.57 -100.65
C SER U 99 -31.97 2.85 -100.01
N SER U 100 -32.02 2.88 -98.67
CA SER U 100 -31.55 4.07 -97.95
C SER U 100 -30.10 4.41 -98.22
N PRO U 101 -29.14 3.50 -98.05
CA PRO U 101 -27.75 3.88 -98.20
C PRO U 101 -27.28 3.72 -99.63
N PRO U 102 -26.66 4.74 -100.21
CA PRO U 102 -26.09 4.60 -101.55
C PRO U 102 -24.74 3.91 -101.51
N HIS U 103 -24.36 3.35 -102.65
CA HIS U 103 -23.16 2.54 -102.78
C HIS U 103 -22.29 3.10 -103.90
N TYR U 104 -20.99 2.88 -103.79
CA TYR U 104 -20.08 3.16 -104.89
C TYR U 104 -20.04 1.94 -105.79
N GLU U 105 -20.12 2.16 -107.10
CA GLU U 105 -20.16 1.07 -108.05
C GLU U 105 -19.11 1.31 -109.13
N LEU U 106 -18.61 0.22 -109.68
CA LEU U 106 -17.60 0.24 -110.70
C LEU U 106 -18.16 -0.35 -111.98
N ARG U 107 -17.88 0.29 -113.11
CA ARG U 107 -18.37 -0.20 -114.38
C ARG U 107 -17.71 -1.54 -114.69
N PRO U 108 -18.38 -2.39 -115.46
CA PRO U 108 -17.81 -3.71 -115.75
C PRO U 108 -16.67 -3.69 -116.75
N GLU U 109 -16.75 -2.80 -117.74
CA GLU U 109 -15.76 -2.81 -118.81
C GLU U 109 -14.40 -2.32 -118.36
N VAL U 110 -14.29 -1.73 -117.17
CA VAL U 110 -13.02 -1.35 -116.59
C VAL U 110 -12.73 -2.14 -115.32
N LYS U 111 -13.38 -3.28 -115.14
CA LYS U 111 -13.17 -4.07 -113.94
C LYS U 111 -11.78 -4.70 -113.93
N HIS U 112 -11.21 -4.95 -115.11
CA HIS U 112 -9.90 -5.58 -115.20
C HIS U 112 -8.77 -4.63 -114.83
N LEU U 113 -9.05 -3.33 -114.69
CA LEU U 113 -8.04 -2.38 -114.25
C LEU U 113 -7.96 -2.27 -112.74
N TYR U 114 -8.96 -2.76 -112.02
CA TYR U 114 -9.06 -2.60 -110.58
C TYR U 114 -8.97 -3.96 -109.91
N ASN U 115 -8.43 -3.96 -108.68
CA ASN U 115 -8.24 -5.19 -107.91
C ASN U 115 -9.48 -5.41 -107.06
N VAL U 116 -10.51 -5.95 -107.70
CA VAL U 116 -11.80 -6.18 -107.06
C VAL U 116 -12.38 -7.50 -107.52
N ASP U 117 -13.15 -8.12 -106.63
CA ASP U 117 -13.87 -9.33 -106.99
C ASP U 117 -15.19 -8.98 -107.67
N SER U 118 -15.84 -7.91 -107.21
CA SER U 118 -17.13 -7.47 -107.72
C SER U 118 -17.06 -5.97 -108.01
N THR U 119 -18.18 -5.44 -108.49
CA THR U 119 -18.29 -4.01 -108.80
C THR U 119 -18.66 -3.17 -107.59
N ASP U 120 -19.20 -3.76 -106.54
CA ASP U 120 -19.64 -3.02 -105.36
C ASP U 120 -18.43 -2.75 -104.48
N LEU U 121 -18.04 -1.48 -104.40
CA LEU U 121 -16.92 -1.05 -103.57
C LEU U 121 -17.35 -0.58 -102.19
N GLY U 122 -18.57 -0.89 -101.78
CA GLY U 122 -19.06 -0.54 -100.47
C GLY U 122 -19.86 0.75 -100.46
N SER U 123 -20.40 1.04 -99.28
CA SER U 123 -21.26 2.19 -99.10
C SER U 123 -20.48 3.49 -99.26
N ALA U 124 -21.19 4.55 -99.63
CA ALA U 124 -20.62 5.87 -99.79
C ALA U 124 -20.67 6.69 -98.52
N VAL U 125 -21.14 6.11 -97.42
CA VAL U 125 -21.14 6.76 -96.12
C VAL U 125 -20.59 5.80 -95.09
N ALA U 126 -19.94 6.35 -94.08
CA ALA U 126 -19.30 5.52 -93.07
C ALA U 126 -20.35 4.83 -92.20
N PRO U 127 -19.96 3.78 -91.48
CA PRO U 127 -20.91 3.12 -90.59
C PRO U 127 -21.32 4.00 -89.43
N VAL U 128 -22.43 3.63 -88.83
CA VAL U 128 -22.94 4.30 -87.63
C VAL U 128 -22.46 3.53 -86.41
N ARG U 129 -22.14 4.28 -85.35
CA ARG U 129 -21.60 3.66 -84.15
C ARG U 129 -22.62 2.72 -83.53
N SER U 130 -22.20 1.48 -83.27
CA SER U 130 -23.10 0.52 -82.65
C SER U 130 -22.31 -0.52 -81.87
N LYS U 131 -22.70 -0.66 -80.60
CA LYS U 131 -22.17 -1.72 -79.74
C LYS U 131 -22.26 -3.07 -80.44
N GLU U 132 -23.36 -3.33 -81.13
CA GLU U 132 -23.57 -4.65 -81.73
C GLU U 132 -22.61 -4.88 -82.90
N GLN U 133 -22.42 -3.86 -83.74
CA GLN U 133 -21.48 -4.01 -84.84
C GLN U 133 -20.05 -4.18 -84.32
N LEU U 134 -19.69 -3.44 -83.28
CA LEU U 134 -18.36 -3.61 -82.69
C LEU U 134 -18.16 -5.02 -82.15
N ASP U 135 -19.16 -5.53 -81.42
CA ASP U 135 -19.11 -6.90 -80.92
C ASP U 135 -18.96 -7.89 -82.07
N ARG U 136 -19.73 -7.70 -83.14
CA ARG U 136 -19.68 -8.61 -84.28
C ARG U 136 -18.29 -8.64 -84.87
N VAL U 137 -17.72 -7.45 -85.12
CA VAL U 137 -16.40 -7.37 -85.74
C VAL U 137 -15.34 -8.01 -84.85
N ALA U 138 -15.42 -7.76 -83.54
CA ALA U 138 -14.43 -8.33 -82.63
C ALA U 138 -14.54 -9.84 -82.59
N ASP U 139 -15.76 -10.38 -82.57
CA ASP U 139 -15.94 -11.82 -82.57
C ASP U 139 -15.40 -12.44 -83.85
N SER U 140 -15.66 -11.79 -84.99
CA SER U 140 -15.14 -12.30 -86.26
C SER U 140 -13.62 -12.33 -86.26
N LEU U 141 -13.00 -11.25 -85.78
CA LEU U 141 -11.53 -11.22 -85.74
C LEU U 141 -10.99 -12.28 -84.81
N LYS U 142 -11.61 -12.48 -83.64
CA LYS U 142 -11.16 -13.54 -82.75
C LYS U 142 -11.25 -14.90 -83.42
N ALA U 143 -12.35 -15.16 -84.11
CA ALA U 143 -12.51 -16.44 -84.78
C ALA U 143 -11.46 -16.64 -85.86
N ASP U 144 -11.19 -15.59 -86.65
CA ASP U 144 -10.20 -15.70 -87.71
C ASP U 144 -8.80 -15.91 -87.15
N LEU U 145 -8.48 -15.25 -86.03
CA LEU U 145 -7.15 -15.38 -85.44
C LEU U 145 -6.96 -16.76 -84.81
N ASN U 146 -7.92 -17.18 -83.99
CA ASN U 146 -7.87 -18.50 -83.36
C ASN U 146 -6.63 -18.63 -82.46
N LEU U 147 -6.58 -17.76 -81.46
CA LEU U 147 -5.43 -17.69 -80.57
C LEU U 147 -5.83 -18.14 -79.18
N PRO U 148 -5.36 -19.29 -78.71
CA PRO U 148 -5.64 -19.69 -77.32
C PRO U 148 -4.70 -18.96 -76.36
N GLY U 149 -5.29 -18.07 -75.57
CA GLY U 149 -4.51 -17.17 -74.76
C GLY U 149 -5.14 -15.80 -74.64
N TYR U 150 -6.14 -15.54 -75.48
CA TYR U 150 -6.89 -14.29 -75.40
C TYR U 150 -7.82 -14.32 -74.20
N GLY U 151 -7.81 -13.23 -73.43
CA GLY U 151 -8.64 -13.14 -72.24
C GLY U 151 -8.06 -13.81 -71.02
N HIS U 152 -6.92 -14.48 -71.13
CA HIS U 152 -6.30 -15.10 -69.97
C HIS U 152 -5.65 -14.04 -69.09
N ILE U 153 -5.94 -14.11 -67.80
CA ILE U 153 -5.44 -13.15 -66.82
C ILE U 153 -4.59 -13.92 -65.81
N PRO U 154 -3.27 -13.89 -65.94
CA PRO U 154 -2.45 -14.67 -65.01
C PRO U 154 -2.42 -14.12 -63.59
N TYR U 155 -2.53 -12.80 -63.42
CA TYR U 155 -2.59 -12.22 -62.09
C TYR U 155 -3.61 -11.10 -62.09
N LYS U 156 -4.46 -11.08 -61.08
CA LYS U 156 -5.42 -10.00 -60.87
C LYS U 156 -5.27 -9.45 -59.47
N TRP U 157 -5.27 -8.13 -59.36
CA TRP U 157 -5.21 -7.47 -58.07
C TRP U 157 -6.35 -7.96 -57.18
N GLU U 158 -6.02 -8.38 -55.97
CA GLU U 158 -6.99 -9.01 -55.09
C GLU U 158 -7.93 -7.96 -54.54
N SER U 159 -9.23 -8.16 -54.78
CA SER U 159 -10.23 -7.14 -54.46
C SER U 159 -11.59 -7.77 -54.49
N LEU U 160 -12.52 -7.19 -53.74
CA LEU U 160 -13.91 -7.58 -53.85
C LEU U 160 -14.50 -7.18 -55.20
N ARG U 161 -14.00 -6.10 -55.78
CA ARG U 161 -14.47 -5.71 -57.10
C ARG U 161 -13.98 -6.73 -58.13
N PRO U 162 -14.81 -7.08 -59.11
CA PRO U 162 -14.35 -8.04 -60.12
C PRO U 162 -13.21 -7.52 -60.98
N ASN U 163 -13.34 -6.28 -61.46
CA ASN U 163 -12.34 -5.64 -62.30
C ASN U 163 -11.73 -4.47 -61.55
N PRO U 164 -10.61 -4.66 -60.85
CA PRO U 164 -9.99 -3.54 -60.14
C PRO U 164 -9.44 -2.52 -61.12
N GLY U 165 -9.64 -1.25 -60.81
CA GLY U 165 -9.34 -0.21 -61.76
C GLY U 165 -10.47 -0.11 -62.77
N ALA U 166 -10.25 -0.62 -63.97
CA ALA U 166 -11.27 -0.64 -64.99
C ALA U 166 -12.41 -1.59 -64.61
N SER V 71 31.76 49.90 -35.89
CA SER V 71 31.36 50.37 -34.57
C SER V 71 31.36 51.89 -34.52
N PHE V 72 30.17 52.46 -34.35
CA PHE V 72 29.99 53.90 -34.30
C PHE V 72 29.13 54.27 -33.10
N ALA V 73 29.56 55.30 -32.38
CA ALA V 73 28.83 55.75 -31.21
C ALA V 73 29.08 57.24 -31.01
N ILE V 74 28.12 57.88 -30.35
CA ILE V 74 28.26 59.27 -29.92
C ILE V 74 27.86 59.29 -28.45
N PRO V 75 28.61 59.96 -27.58
CA PRO V 75 28.19 60.01 -26.18
C PRO V 75 26.84 60.67 -26.04
N PRO V 76 26.08 60.34 -24.99
CA PRO V 76 24.65 60.70 -24.98
C PRO V 76 24.40 62.19 -24.98
N ALA V 77 24.99 62.92 -24.03
CA ALA V 77 24.85 64.37 -23.98
C ALA V 77 25.71 64.94 -22.87
N ASN V 78 25.69 66.27 -22.72
CA ASN V 78 26.41 66.93 -21.65
C ASN V 78 25.49 67.98 -21.02
N ALA V 79 25.86 68.41 -19.82
CA ALA V 79 25.12 69.50 -19.17
C ALA V 79 25.15 70.75 -20.03
N ALA V 80 26.26 70.99 -20.73
CA ALA V 80 26.34 72.14 -21.62
C ALA V 80 25.33 72.02 -22.75
N ALA V 81 25.28 70.86 -23.41
CA ALA V 81 24.35 70.67 -24.51
C ALA V 81 22.90 70.77 -24.04
N LEU V 82 22.60 70.22 -22.87
CA LEU V 82 21.23 70.26 -22.36
C LEU V 82 20.88 71.58 -21.68
N ALA V 83 21.85 72.47 -21.49
CA ALA V 83 21.57 73.76 -20.89
C ALA V 83 20.68 74.60 -21.78
N ASP V 84 20.28 75.76 -21.26
CA ASP V 84 19.44 76.69 -22.01
C ASP V 84 20.22 77.21 -23.22
N PRO V 85 19.76 76.94 -24.45
CA PRO V 85 20.49 77.47 -25.61
C PRO V 85 20.37 78.97 -25.79
N LEU V 86 19.37 79.60 -25.20
CA LEU V 86 19.05 81.01 -25.42
C LEU V 86 19.06 81.76 -24.10
N PRO V 87 20.22 81.93 -23.49
CA PRO V 87 20.32 82.75 -22.27
C PRO V 87 20.34 84.23 -22.61
N ALA V 88 20.10 85.03 -21.58
CA ALA V 88 20.13 86.47 -21.72
C ALA V 88 21.57 86.99 -21.68
N THR V 89 21.79 88.09 -22.38
CA THR V 89 23.08 88.77 -22.40
C THR V 89 22.89 90.22 -22.02
N PRO V 90 23.96 90.89 -21.57
CA PRO V 90 23.83 92.28 -21.15
C PRO V 90 23.38 93.20 -22.28
N THR V 91 22.67 94.24 -21.91
CA THR V 91 22.17 95.23 -22.85
C THR V 91 22.93 96.55 -22.65
N PRO V 92 23.23 97.28 -23.72
CA PRO V 92 24.09 98.45 -23.58
C PRO V 92 23.28 99.67 -23.21
N PRO V 93 23.93 100.76 -22.80
CA PRO V 93 23.22 102.03 -22.59
C PRO V 93 22.93 102.71 -23.91
N PRO V 94 22.19 103.82 -23.89
CA PRO V 94 21.77 104.45 -25.16
C PRO V 94 22.83 105.36 -25.76
N VAL V 95 24.09 104.91 -25.76
CA VAL V 95 25.15 105.56 -26.51
C VAL V 95 25.74 104.62 -27.56
N PHE V 96 25.89 103.34 -27.23
CA PHE V 96 26.33 102.36 -28.22
C PHE V 96 25.31 102.21 -29.34
N GLU V 97 24.03 102.40 -29.03
CA GLU V 97 22.99 102.35 -30.05
C GLU V 97 23.12 103.48 -31.05
N ALA V 98 23.67 104.62 -30.65
CA ALA V 98 23.84 105.76 -31.54
C ALA V 98 24.97 105.47 -32.52
N VAL V 99 24.62 105.00 -33.70
CA VAL V 99 25.57 104.62 -34.74
C VAL V 99 25.09 105.20 -36.07
N SER V 100 26.02 105.29 -37.01
CA SER V 100 25.71 105.87 -38.32
C SER V 100 24.52 105.19 -38.97
N SER V 101 24.39 103.88 -38.77
CA SER V 101 23.41 103.08 -39.51
C SER V 101 22.04 103.06 -38.86
N ALA V 102 21.86 103.73 -37.73
CA ALA V 102 20.57 103.77 -37.07
C ALA V 102 19.66 104.83 -37.70
N ALA V 112 5.29 89.90 -30.97
CA ALA V 112 3.91 89.79 -31.45
C ALA V 112 3.78 90.39 -32.84
N LEU V 113 3.93 91.70 -32.93
CA LEU V 113 3.93 92.46 -34.18
C LEU V 113 2.58 92.42 -34.89
N LYS V 114 1.55 91.87 -34.26
CA LYS V 114 0.16 91.98 -34.68
C LYS V 114 -0.13 91.26 -35.99
N ASN V 115 0.86 90.62 -36.60
CA ASN V 115 0.66 89.94 -37.87
C ASN V 115 1.31 88.56 -37.95
N VAL V 116 2.12 88.16 -36.97
CA VAL V 116 2.79 86.89 -36.98
C VAL V 116 2.52 86.19 -35.65
N GLU V 117 3.12 85.01 -35.49
CA GLU V 117 3.07 84.29 -34.23
C GLU V 117 4.45 83.70 -33.95
N GLU V 118 5.06 84.13 -32.85
CA GLU V 118 6.29 83.51 -32.38
C GLU V 118 5.96 82.16 -31.75
N VAL V 119 6.64 81.11 -32.21
CA VAL V 119 6.37 79.75 -31.77
C VAL V 119 7.43 79.35 -30.76
N SER V 120 6.96 78.82 -29.62
CA SER V 120 7.83 78.41 -28.53
C SER V 120 7.74 76.93 -28.22
N THR V 121 6.85 76.18 -28.88
CA THR V 121 6.50 74.86 -28.42
C THR V 121 6.14 73.98 -29.60
N MET V 122 6.68 72.75 -29.60
CA MET V 122 6.37 71.82 -30.67
C MET V 122 4.90 71.43 -30.66
N GLU V 123 4.23 71.53 -29.52
CA GLU V 123 2.78 71.36 -29.51
C GLU V 123 2.10 72.38 -30.41
N ARG V 124 2.45 73.67 -30.24
CA ARG V 124 1.89 74.71 -31.09
C ARG V 124 2.27 74.49 -32.55
N TYR V 125 3.52 74.12 -32.80
CA TYR V 125 3.94 73.89 -34.18
C TYR V 125 3.13 72.76 -34.83
N GLU V 126 2.90 71.68 -34.10
CA GLU V 126 2.12 70.57 -34.64
C GLU V 126 0.68 70.96 -34.86
N ALA V 127 0.09 71.69 -33.90
CA ALA V 127 -1.27 72.16 -34.08
C ALA V 127 -1.39 72.97 -35.37
N ALA V 128 -0.48 73.91 -35.55
CA ALA V 128 -0.43 74.68 -36.79
C ALA V 128 -0.36 73.78 -38.00
N VAL V 129 0.67 72.93 -38.05
CA VAL V 129 0.96 72.18 -39.27
C VAL V 129 -0.18 71.24 -39.61
N TYR V 130 -0.85 70.68 -38.62
CA TYR V 130 -1.84 69.64 -38.85
C TYR V 130 -3.28 70.16 -38.92
N GLU V 131 -3.55 71.40 -38.51
CA GLU V 131 -4.87 71.98 -38.68
C GLU V 131 -4.86 73.25 -39.53
N GLU V 132 -4.06 74.24 -39.15
CA GLU V 132 -4.09 75.51 -39.86
C GLU V 132 -3.52 75.36 -41.26
N SER V 133 -2.48 74.54 -41.42
CA SER V 133 -1.91 74.33 -42.73
C SER V 133 -2.82 73.53 -43.65
N PHE V 134 -3.83 72.87 -43.09
CA PHE V 134 -4.87 72.25 -43.91
C PHE V 134 -5.99 73.21 -44.22
N LYS V 135 -6.25 74.16 -43.33
CA LYS V 135 -7.27 75.17 -43.62
C LYS V 135 -6.78 76.18 -44.64
N LYS V 136 -5.69 76.87 -44.33
CA LYS V 136 -5.09 77.88 -45.19
C LYS V 136 -3.59 77.85 -45.00
N PRO V 137 -2.81 78.25 -46.01
CA PRO V 137 -1.37 78.00 -45.95
C PRO V 137 -0.67 78.78 -44.86
N ILE V 138 0.53 78.31 -44.52
CA ILE V 138 1.36 78.94 -43.51
C ILE V 138 2.72 79.26 -44.11
N VAL V 139 3.36 80.28 -43.55
CA VAL V 139 4.71 80.68 -43.91
C VAL V 139 5.51 80.79 -42.63
N CYS V 140 6.55 79.98 -42.52
CA CYS V 140 7.34 79.87 -41.30
C CYS V 140 8.75 80.35 -41.58
N LEU V 141 9.24 81.25 -40.74
CA LEU V 141 10.63 81.69 -40.80
C LEU V 141 11.41 81.02 -39.68
N PHE V 142 12.36 80.18 -40.05
CA PHE V 142 13.27 79.54 -39.11
C PHE V 142 14.56 80.34 -39.07
N PHE V 143 14.90 80.84 -37.88
CA PHE V 143 16.08 81.67 -37.70
C PHE V 143 16.92 81.12 -36.56
N ALA V 144 18.03 81.81 -36.30
CA ALA V 144 18.84 81.58 -35.12
C ALA V 144 19.53 82.89 -34.76
N ARG V 145 19.84 83.04 -33.47
CA ARG V 145 20.29 84.34 -32.98
C ARG V 145 21.65 84.71 -33.56
N PHE V 146 22.55 83.72 -33.72
CA PHE V 146 23.89 84.03 -34.18
C PHE V 146 23.89 84.62 -35.58
N SER V 147 22.87 84.34 -36.37
CA SER V 147 22.89 84.71 -37.77
C SER V 147 22.50 86.18 -37.94
N LEU V 148 23.28 86.88 -38.76
CA LEU V 148 22.98 88.28 -39.10
C LEU V 148 21.98 88.38 -40.22
N GLN V 149 21.96 87.38 -41.12
CA GLN V 149 20.98 87.38 -42.19
C GLN V 149 19.57 87.30 -41.66
N SER V 150 19.38 86.59 -40.55
CA SER V 150 18.06 86.54 -39.91
C SER V 150 17.65 87.92 -39.42
N LYS V 151 18.56 88.63 -38.76
CA LYS V 151 18.26 89.96 -38.29
C LYS V 151 17.92 90.89 -39.44
N VAL V 152 18.63 90.76 -40.55
CA VAL V 152 18.35 91.60 -41.71
C VAL V 152 17.00 91.25 -42.31
N LEU V 153 16.65 89.96 -42.32
CA LEU V 153 15.45 89.48 -42.98
C LEU V 153 14.20 89.63 -42.13
N LEU V 154 14.35 89.90 -40.84
CA LEU V 154 13.19 89.91 -39.95
C LEU V 154 12.18 90.99 -40.34
N GLN V 155 12.63 92.23 -40.45
CA GLN V 155 11.70 93.33 -40.71
C GLN V 155 10.97 93.18 -42.04
N PRO V 156 11.62 92.93 -43.17
CA PRO V 156 10.87 92.71 -44.42
C PRO V 156 9.94 91.52 -44.34
N PHE V 157 10.29 90.50 -43.56
CA PHE V 157 9.37 89.40 -43.35
C PHE V 157 8.12 89.88 -42.61
N LEU V 158 8.28 90.80 -41.66
CA LEU V 158 7.13 91.35 -40.97
C LEU V 158 6.28 92.21 -41.89
N ASP V 159 6.91 92.92 -42.82
CA ASP V 159 6.13 93.69 -43.80
C ASP V 159 5.36 92.78 -44.73
N PHE V 160 6.00 91.70 -45.20
CA PHE V 160 5.30 90.71 -46.00
C PHE V 160 4.14 90.10 -45.25
N ALA V 161 4.32 89.85 -43.96
CA ALA V 161 3.23 89.33 -43.14
C ALA V 161 2.09 90.32 -43.04
N ALA V 162 2.41 91.59 -42.76
CA ALA V 162 1.36 92.61 -42.72
C ALA V 162 0.65 92.73 -44.05
N SER V 163 1.35 92.47 -45.16
CA SER V 163 0.71 92.55 -46.47
C SER V 163 -0.25 91.38 -46.69
N ALA V 164 0.21 90.16 -46.41
CA ALA V 164 -0.46 88.96 -46.91
C ALA V 164 -1.01 88.08 -45.79
N SER V 165 -1.23 88.64 -44.60
CA SER V 165 -1.80 87.85 -43.52
C SER V 165 -3.24 87.44 -43.78
N ASN V 166 -3.93 88.13 -44.70
CA ASN V 166 -5.30 87.75 -45.01
C ASN V 166 -5.37 86.39 -45.69
N ASN V 167 -4.36 86.05 -46.51
CA ASN V 167 -4.36 84.82 -47.28
C ASN V 167 -3.62 83.68 -46.60
N ALA V 168 -2.74 83.97 -45.65
CA ALA V 168 -1.93 82.94 -45.03
C ALA V 168 -1.63 83.32 -43.59
N THR V 169 -1.17 82.33 -42.83
CA THR V 169 -0.67 82.54 -41.48
C THR V 169 0.85 82.62 -41.50
N PHE V 170 1.41 83.28 -40.49
CA PHE V 170 2.83 83.59 -40.45
C PHE V 170 3.41 83.24 -39.08
N PHE V 171 4.49 82.47 -39.08
CA PHE V 171 5.08 81.95 -37.86
C PHE V 171 6.58 82.24 -37.84
N LEU V 172 7.09 82.37 -36.62
CA LEU V 172 8.48 82.76 -36.36
C LEU V 172 9.08 81.75 -35.39
N ILE V 173 10.04 80.95 -35.86
CA ILE V 173 10.56 79.81 -35.12
C ILE V 173 12.07 79.97 -34.95
N ASP V 174 12.54 79.70 -33.75
CA ASP V 174 13.96 79.61 -33.45
C ASP V 174 14.38 78.15 -33.42
N CYS V 175 15.46 77.83 -34.15
CA CYS V 175 15.84 76.44 -34.33
C CYS V 175 16.34 75.82 -33.02
N ASP V 176 17.03 76.60 -32.19
CA ASP V 176 17.54 76.06 -30.94
C ASP V 176 16.45 75.92 -29.90
N ARG V 177 15.41 76.75 -29.97
CA ARG V 177 14.31 76.63 -29.03
C ARG V 177 13.37 75.50 -29.40
N VAL V 178 13.08 75.36 -30.69
CA VAL V 178 12.21 74.28 -31.17
C VAL V 178 12.91 73.53 -32.29
N PRO V 179 13.84 72.62 -31.99
CA PRO V 179 14.54 71.91 -33.06
C PRO V 179 13.67 70.92 -33.79
N ARG V 180 12.71 70.30 -33.10
CA ARG V 180 11.86 69.32 -33.76
C ARG V 180 11.03 69.94 -34.87
N ALA V 181 10.77 71.24 -34.79
CA ALA V 181 10.13 71.93 -35.89
C ALA V 181 11.09 72.13 -37.05
N ALA V 182 12.37 72.31 -36.76
CA ALA V 182 13.35 72.47 -37.81
C ALA V 182 13.66 71.14 -38.49
N TYR V 183 13.71 70.06 -37.72
CA TYR V 183 13.86 68.74 -38.30
C TYR V 183 12.66 68.37 -39.15
N HIS V 184 11.47 68.81 -38.74
CA HIS V 184 10.26 68.52 -39.49
C HIS V 184 10.30 69.18 -40.86
N ALA V 185 10.64 70.46 -40.92
CA ALA V 185 10.66 71.21 -42.15
C ALA V 185 11.89 70.93 -43.01
N ARG V 186 12.83 70.14 -42.53
CA ARG V 186 14.00 69.74 -43.32
C ARG V 186 14.85 70.96 -43.67
N VAL V 187 15.03 71.83 -42.69
CA VAL V 187 15.90 73.00 -42.86
C VAL V 187 17.31 72.62 -42.48
N GLU V 188 18.26 72.96 -43.34
CA GLU V 188 19.66 72.69 -43.11
C GLU V 188 20.50 73.95 -42.90
N ASN V 189 20.00 75.10 -43.35
CA ASN V 189 20.67 76.38 -43.13
C ASN V 189 19.66 77.40 -42.64
N VAL V 190 20.19 78.45 -42.01
CA VAL V 190 19.36 79.54 -41.50
C VAL V 190 19.85 80.84 -42.12
N PRO V 191 18.97 81.81 -42.40
CA PRO V 191 17.52 81.78 -42.23
C PRO V 191 16.82 80.96 -43.31
N SER V 192 15.62 80.47 -43.03
CA SER V 192 14.88 79.69 -44.02
C SER V 192 13.40 80.04 -43.98
N LEU V 193 12.84 80.35 -45.15
CA LEU V 193 11.40 80.46 -45.31
C LEU V 193 10.85 79.10 -45.72
N VAL V 194 9.70 78.75 -45.17
CA VAL V 194 9.04 77.50 -45.51
C VAL V 194 7.56 77.78 -45.71
N VAL V 195 7.08 77.60 -46.94
CA VAL V 195 5.67 77.71 -47.26
C VAL V 195 5.07 76.31 -47.21
N MET V 196 4.00 76.15 -46.44
CA MET V 196 3.41 74.85 -46.17
C MET V 196 1.90 74.89 -46.35
N LYS V 197 1.38 73.79 -46.92
CA LYS V 197 -0.06 73.61 -47.10
C LYS V 197 -0.31 72.11 -47.14
N GLY V 198 -1.17 71.64 -46.24
CA GLY V 198 -1.46 70.22 -46.12
C GLY V 198 -0.32 69.41 -45.56
N ASP V 199 0.74 70.06 -45.09
CA ASP V 199 1.88 69.44 -44.44
C ASP V 199 2.79 68.66 -45.38
N ASP V 200 2.28 68.25 -46.53
CA ASP V 200 3.16 67.91 -47.65
C ASP V 200 2.56 68.20 -49.01
N ALA V 201 1.32 68.70 -49.10
CA ALA V 201 0.73 68.94 -50.39
C ALA V 201 1.48 70.02 -51.14
N PHE V 202 1.91 71.05 -50.43
CA PHE V 202 2.83 72.05 -50.96
C PHE V 202 3.80 72.39 -49.84
N ARG V 203 5.06 72.03 -50.00
CA ARG V 203 6.13 72.47 -49.12
C ARG V 203 7.24 73.03 -49.99
N GLN V 204 7.48 74.33 -49.89
CA GLN V 204 8.54 74.99 -50.61
C GLN V 204 9.46 75.68 -49.63
N THR V 205 10.74 75.32 -49.67
CA THR V 205 11.76 75.89 -48.81
C THR V 205 12.59 76.89 -49.60
N ILE V 206 12.73 78.09 -49.06
CA ILE V 206 13.50 79.16 -49.67
C ILE V 206 14.64 79.52 -48.73
N THR V 207 15.86 79.51 -49.26
CA THR V 207 17.04 79.82 -48.48
C THR V 207 18.16 80.18 -49.43
N ASP V 208 19.31 80.53 -48.86
CA ASP V 208 20.51 80.89 -49.63
C ASP V 208 21.66 80.05 -49.08
N SER V 209 21.81 78.84 -49.60
CA SER V 209 22.90 77.99 -49.14
C SER V 209 24.25 78.49 -49.60
N VAL V 210 24.29 79.27 -50.67
CA VAL V 210 25.53 79.74 -51.25
C VAL V 210 25.98 81.03 -50.58
N GLY V 211 25.09 82.01 -50.49
CA GLY V 211 25.44 83.32 -50.00
C GLY V 211 25.49 84.36 -51.11
N VAL V 212 24.53 84.29 -52.03
CA VAL V 212 24.44 85.20 -53.15
C VAL V 212 23.17 86.05 -53.10
N LYS V 213 22.07 85.47 -52.64
CA LYS V 213 20.80 86.17 -52.60
C LYS V 213 20.79 87.21 -51.49
N THR V 214 19.72 87.98 -51.43
CA THR V 214 19.48 88.94 -50.37
C THR V 214 18.07 88.77 -49.83
N ALA V 215 17.75 89.58 -48.83
CA ALA V 215 16.45 89.51 -48.19
C ALA V 215 15.32 89.79 -49.17
N GLY V 216 15.47 90.81 -50.02
CA GLY V 216 14.46 91.10 -51.00
C GLY V 216 14.25 89.96 -51.97
N ASP V 217 15.34 89.30 -52.38
CA ASP V 217 15.22 88.14 -53.25
C ASP V 217 14.44 87.02 -52.56
N LEU V 218 14.77 86.75 -51.29
CA LEU V 218 14.06 85.73 -50.55
C LEU V 218 12.57 86.05 -50.44
N ILE V 219 12.25 87.31 -50.16
CA ILE V 219 10.85 87.68 -50.01
C ILE V 219 10.11 87.61 -51.34
N GLN V 220 10.78 87.95 -52.44
CA GLN V 220 10.17 87.80 -53.76
C GLN V 220 9.85 86.34 -54.04
N GLU V 221 10.81 85.46 -53.76
CA GLU V 221 10.57 84.03 -53.95
C GLU V 221 9.43 83.54 -53.07
N ALA V 222 9.33 84.05 -51.85
CA ALA V 222 8.25 83.65 -50.96
C ALA V 222 6.91 84.12 -51.48
N ARG V 223 6.84 85.35 -52.00
CA ARG V 223 5.60 85.85 -52.58
C ARG V 223 5.19 84.99 -53.77
N SER V 224 6.14 84.65 -54.64
CA SER V 224 5.83 83.81 -55.79
C SER V 224 5.30 82.45 -55.34
N ALA V 225 5.95 81.84 -54.35
CA ALA V 225 5.52 80.53 -53.88
C ALA V 225 4.12 80.60 -53.26
N LEU V 226 3.85 81.66 -52.50
CA LEU V 226 2.54 81.81 -51.88
C LEU V 226 1.46 81.97 -52.94
N ASP V 227 1.73 82.80 -53.95
CA ASP V 227 0.80 82.94 -55.07
C ASP V 227 0.57 81.59 -55.74
N GLN V 228 1.64 80.84 -55.97
CA GLN V 228 1.53 79.55 -56.64
C GLN V 228 0.64 78.61 -55.85
N VAL V 229 0.87 78.49 -54.54
CA VAL V 229 0.12 77.55 -53.74
C VAL V 229 -1.33 77.97 -53.63
N LEU V 230 -1.59 79.27 -53.54
CA LEU V 230 -2.98 79.74 -53.51
C LEU V 230 -3.69 79.39 -54.81
N ARG V 231 -3.04 79.69 -55.94
CA ARG V 231 -3.61 79.33 -57.24
C ARG V 231 -3.90 77.84 -57.33
N LEU V 232 -2.98 77.01 -56.84
CA LEU V 232 -3.15 75.57 -56.95
C LEU V 232 -4.24 75.06 -56.04
N ASP V 233 -4.43 75.70 -54.88
CA ASP V 233 -5.55 75.31 -54.02
C ASP V 233 -6.88 75.69 -54.66
N GLN V 234 -6.95 76.87 -55.29
CA GLN V 234 -8.18 77.20 -56.01
C GLN V 234 -8.41 76.28 -57.18
N GLN V 235 -7.33 75.75 -57.77
CA GLN V 235 -7.43 74.91 -58.94
C GLN V 235 -8.16 73.60 -58.62
N GLU V 236 -9.09 73.24 -59.50
CA GLU V 236 -9.82 71.96 -59.42
C GLU V 236 -10.56 71.83 -58.09
N GLY V 237 -11.52 72.73 -57.89
CA GLY V 237 -12.53 72.57 -56.86
C GLY V 237 -11.98 72.36 -55.46
N GLY V 238 -10.82 72.94 -55.16
CA GLY V 238 -10.21 72.81 -53.86
C GLY V 238 -9.26 71.64 -53.72
N THR V 239 -9.41 70.62 -54.57
CA THR V 239 -8.53 69.46 -54.55
C THR V 239 -7.25 69.76 -55.31
N LYS V 240 -6.51 68.71 -55.66
CA LYS V 240 -5.21 68.73 -56.31
C LYS V 240 -4.10 69.02 -55.32
N LEU V 241 -4.41 69.37 -54.08
CA LEU V 241 -3.41 69.52 -53.02
C LEU V 241 -3.77 68.55 -51.90
N GLN V 242 -3.31 67.32 -52.05
CA GLN V 242 -3.47 66.28 -51.06
C GLN V 242 -2.11 65.92 -50.48
N PRO V 243 -2.05 65.50 -49.22
CA PRO V 243 -0.75 65.14 -48.63
C PRO V 243 -0.16 63.91 -49.30
N GLY V 244 1.16 63.85 -49.26
CA GLY V 244 1.88 62.80 -49.96
C GLY V 244 2.40 61.71 -49.06
N VAL V 245 3.72 61.73 -48.84
CA VAL V 245 4.36 60.62 -48.12
C VAL V 245 4.04 60.69 -46.63
N SER V 246 3.73 61.88 -46.11
CA SER V 246 3.32 61.98 -44.72
C SER V 246 1.99 61.31 -44.44
N SER V 247 1.25 60.94 -45.49
CA SER V 247 0.05 60.15 -45.31
C SER V 247 0.33 58.84 -44.60
N TYR V 248 1.51 58.27 -44.82
CA TYR V 248 1.86 56.97 -44.27
C TYR V 248 3.17 56.95 -43.50
N THR V 249 4.03 57.96 -43.65
CA THR V 249 5.31 58.01 -42.97
C THR V 249 5.20 58.65 -41.60
N HIS V 250 4.37 59.68 -41.46
CA HIS V 250 4.21 60.41 -40.21
C HIS V 250 5.53 61.03 -39.76
N HIS V 251 6.42 61.28 -40.70
CA HIS V 251 7.71 61.89 -40.41
C HIS V 251 8.50 61.08 -39.39
N ILE V 252 8.42 59.76 -39.52
CA ILE V 252 9.11 58.88 -38.59
C ILE V 252 10.55 58.63 -39.02
N GLY V 253 10.82 58.59 -40.32
CA GLY V 253 12.19 58.49 -40.78
C GLY V 253 12.94 59.79 -40.57
N VAL V 254 12.23 60.90 -40.55
CA VAL V 254 12.84 62.20 -40.30
C VAL V 254 13.09 62.40 -38.83
N ASP V 255 12.10 62.08 -38.00
CA ASP V 255 12.19 62.20 -36.56
C ASP V 255 11.49 61.00 -35.95
N ASN V 256 12.26 60.05 -35.42
CA ASN V 256 11.68 58.80 -34.94
C ASN V 256 10.77 59.00 -33.73
N LEU V 257 10.78 60.17 -33.12
CA LEU V 257 9.96 60.39 -31.93
C LEU V 257 8.48 60.50 -32.24
N ASN V 258 8.09 60.49 -33.51
CA ASN V 258 6.68 60.50 -33.86
C ASN V 258 6.01 59.16 -33.62
N VAL V 259 6.77 58.09 -33.35
CA VAL V 259 6.16 56.84 -32.98
C VAL V 259 5.39 56.97 -31.69
N TYR V 260 5.87 57.80 -30.77
CA TYR V 260 5.13 58.05 -29.54
C TYR V 260 3.81 58.74 -29.83
N ARG V 261 3.84 59.76 -30.70
CA ARG V 261 2.61 60.42 -31.10
C ARG V 261 1.63 59.44 -31.71
N LYS V 262 2.11 58.56 -32.58
CA LYS V 262 1.25 57.55 -33.19
C LYS V 262 0.86 56.44 -32.22
N GLY V 263 1.48 56.38 -31.04
CA GLY V 263 1.13 55.39 -30.06
C GLY V 263 1.74 54.02 -30.29
N TRP V 264 2.71 53.90 -31.18
CA TRP V 264 3.31 52.62 -31.44
C TRP V 264 4.21 52.24 -30.26
N PRO V 265 4.42 50.95 -30.02
CA PRO V 265 5.33 50.55 -28.95
C PRO V 265 6.77 50.91 -29.28
N VAL V 266 7.61 50.84 -28.27
CA VAL V 266 9.04 51.06 -28.43
C VAL V 266 9.81 49.96 -27.70
N ALA V 267 9.08 48.98 -27.17
CA ALA V 267 9.69 47.90 -26.41
C ALA V 267 10.54 47.03 -27.33
N PRO W 2 18.07 0.90 -105.35
CA PRO W 2 17.71 0.12 -106.53
C PRO W 2 18.91 -0.45 -107.28
N PHE W 3 19.89 -0.97 -106.55
CA PHE W 3 21.18 -1.25 -107.14
C PHE W 3 21.73 -2.63 -106.75
N MET W 4 21.37 -3.12 -105.57
CA MET W 4 21.91 -4.38 -105.07
C MET W 4 20.72 -5.14 -104.49
N TRP W 5 20.04 -5.86 -105.38
CA TRP W 5 18.74 -6.42 -105.02
C TRP W 5 18.88 -7.67 -104.17
N ARG W 6 19.81 -8.56 -104.52
CA ARG W 6 20.01 -9.77 -103.76
C ARG W 6 20.74 -9.53 -102.46
N GLN W 7 21.34 -8.36 -102.29
CA GLN W 7 22.02 -8.00 -101.06
C GLN W 7 21.19 -7.11 -100.16
N ARG W 8 20.15 -6.47 -100.69
CA ARG W 8 19.26 -5.62 -99.91
C ARG W 8 17.93 -6.35 -99.80
N ALA W 9 17.79 -7.14 -98.73
CA ALA W 9 16.57 -7.89 -98.52
C ALA W 9 15.48 -7.07 -97.87
N TYR W 10 15.85 -6.02 -97.14
CA TYR W 10 14.86 -5.17 -96.50
C TYR W 10 13.97 -4.47 -97.53
N CYS W 11 14.49 -4.20 -98.72
CA CYS W 11 13.74 -3.50 -99.75
C CYS W 11 13.11 -4.47 -100.75
N ALA W 12 12.92 -5.72 -100.36
CA ALA W 12 12.48 -6.77 -101.25
C ALA W 12 11.03 -7.15 -100.96
N PRO W 13 10.36 -7.79 -101.90
CA PRO W 13 8.98 -8.21 -101.65
C PRO W 13 8.92 -9.35 -100.65
N VAL W 14 7.75 -9.49 -100.05
CA VAL W 14 7.51 -10.52 -99.06
C VAL W 14 7.37 -11.86 -99.78
N PRO W 15 7.59 -12.98 -99.09
CA PRO W 15 7.50 -14.29 -99.76
C PRO W 15 6.11 -14.63 -100.25
N SER W 16 5.06 -13.98 -99.75
CA SER W 16 3.73 -14.19 -100.29
C SER W 16 3.58 -13.63 -101.69
N ALA W 17 4.51 -12.77 -102.11
CA ALA W 17 4.43 -12.16 -103.43
C ALA W 17 4.96 -13.06 -104.53
N PHE W 18 5.94 -13.92 -104.21
CA PHE W 18 6.48 -14.86 -105.18
C PHE W 18 5.55 -16.03 -105.47
N ALA W 19 4.41 -16.13 -104.80
CA ALA W 19 3.60 -17.34 -104.81
C ALA W 19 2.60 -17.42 -105.96
N SER W 20 2.32 -16.31 -106.65
CA SER W 20 1.47 -16.32 -107.83
C SER W 20 0.04 -16.74 -107.52
N GLN W 21 -0.35 -16.70 -106.25
CA GLN W 21 -1.71 -17.02 -105.85
C GLN W 21 -2.08 -16.22 -104.62
N GLN W 22 -3.32 -15.77 -104.57
CA GLN W 22 -3.79 -14.94 -103.47
C GLN W 22 -4.16 -15.80 -102.26
N GLY W 31 -15.64 -7.06 -101.60
CA GLY W 31 -15.54 -6.00 -102.59
C GLY W 31 -14.13 -5.81 -103.12
N VAL W 32 -13.35 -5.04 -102.39
CA VAL W 32 -11.97 -4.75 -102.76
C VAL W 32 -11.07 -5.81 -102.19
N ARG W 33 -10.07 -6.21 -102.96
CA ARG W 33 -9.11 -7.22 -102.53
C ARG W 33 -7.88 -6.57 -101.93
N LYS W 34 -7.12 -7.37 -101.18
CA LYS W 34 -5.86 -6.90 -100.64
C LYS W 34 -4.80 -6.84 -101.73
N PRO W 35 -3.81 -5.96 -101.58
CA PRO W 35 -2.79 -5.84 -102.61
C PRO W 35 -1.94 -7.10 -102.73
N LEU W 36 -1.45 -7.34 -103.95
CA LEU W 36 -0.67 -8.54 -104.24
C LEU W 36 0.80 -8.36 -103.91
N LEU W 37 1.33 -7.16 -104.11
CA LEU W 37 2.73 -6.84 -103.91
C LEU W 37 2.90 -6.02 -102.65
N ARG W 38 3.78 -6.49 -101.76
CA ARG W 38 4.15 -5.74 -100.57
C ARG W 38 5.63 -5.93 -100.31
N SER W 39 6.25 -4.90 -99.74
CA SER W 39 7.68 -4.91 -99.45
C SER W 39 7.93 -5.23 -97.99
N ASN W 40 9.18 -5.61 -97.71
CA ASN W 40 9.63 -5.75 -96.34
C ASN W 40 10.00 -4.41 -95.71
N SER W 41 10.16 -3.37 -96.53
CA SER W 41 10.46 -2.04 -96.02
C SER W 41 9.28 -1.42 -95.29
N GLU W 42 8.09 -2.00 -95.44
CA GLU W 42 6.94 -1.56 -94.67
C GLU W 42 7.07 -1.89 -93.19
N SER W 43 7.99 -2.80 -92.84
CA SER W 43 8.26 -3.08 -91.44
C SER W 43 8.85 -1.88 -90.72
N LEU W 44 9.40 -0.92 -91.45
CA LEU W 44 9.98 0.28 -90.86
C LEU W 44 8.95 1.35 -90.57
N SER W 45 7.68 1.09 -90.83
CA SER W 45 6.61 2.02 -90.51
C SER W 45 5.69 1.38 -89.49
N VAL W 46 5.17 2.22 -88.60
CA VAL W 46 4.30 1.74 -87.53
C VAL W 46 2.90 1.49 -88.07
N PHE W 47 2.29 2.52 -88.65
CA PHE W 47 0.89 2.47 -89.08
C PHE W 47 0.73 2.02 -90.52
N SER W 48 1.66 1.23 -91.03
CA SER W 48 1.52 0.67 -92.37
C SER W 48 0.30 -0.24 -92.44
N GLN W 49 0.32 -1.33 -91.67
CA GLN W 49 -0.76 -2.30 -91.72
C GLN W 49 -1.81 -2.03 -90.65
N ILE W 50 -1.40 -1.72 -89.42
CA ILE W 50 -2.36 -1.42 -88.36
C ILE W 50 -3.00 -0.07 -88.67
N PRO W 51 -4.20 0.19 -88.17
CA PRO W 51 -4.84 1.48 -88.43
C PRO W 51 -4.37 2.56 -87.49
N ASP W 52 -4.64 3.80 -87.88
CA ASP W 52 -4.34 4.99 -87.10
C ASP W 52 -5.50 5.40 -86.20
N GLY W 53 -6.35 4.45 -85.81
CA GLY W 53 -7.48 4.78 -84.98
C GLY W 53 -7.06 5.12 -83.57
N LEU W 54 -7.70 6.15 -83.01
CA LEU W 54 -7.38 6.63 -81.68
C LEU W 54 -5.90 7.01 -81.58
N LEU W 55 -5.39 7.65 -82.64
CA LEU W 55 -3.99 8.01 -82.65
C LEU W 55 -3.72 9.22 -81.76
N GLY W 56 -4.49 10.29 -81.91
CA GLY W 56 -4.29 11.51 -81.16
C GLY W 56 -5.15 11.64 -79.92
N HIS W 57 -5.83 10.57 -79.49
CA HIS W 57 -6.75 10.64 -78.37
C HIS W 57 -6.31 9.78 -77.19
N THR W 58 -5.09 9.24 -77.24
CA THR W 58 -4.61 8.36 -76.19
C THR W 58 -3.88 9.11 -75.09
N THR W 59 -3.32 10.27 -75.40
CA THR W 59 -2.73 11.15 -74.40
C THR W 59 -3.77 12.04 -73.72
N SER W 60 -5.04 11.87 -74.04
CA SER W 60 -6.13 12.64 -73.44
C SER W 60 -6.88 11.88 -72.36
N VAL W 61 -6.61 10.59 -72.16
CA VAL W 61 -7.19 9.83 -71.07
C VAL W 61 -6.41 10.14 -69.80
N THR W 62 -6.97 11.00 -68.96
CA THR W 62 -6.29 11.53 -67.79
C THR W 62 -6.84 10.91 -66.52
N MET W 63 -5.97 10.84 -65.51
CA MET W 63 -6.32 10.38 -64.18
C MET W 63 -5.70 11.34 -63.18
N GLY W 64 -6.47 11.69 -62.16
CA GLY W 64 -6.01 12.63 -61.18
C GLY W 64 -5.04 12.01 -60.20
N ASN W 65 -4.32 12.89 -59.52
CA ASN W 65 -3.41 12.46 -58.47
C ASN W 65 -4.21 11.96 -57.26
N SER W 66 -3.49 11.55 -56.22
CA SER W 66 -4.11 10.86 -55.09
C SER W 66 -3.58 11.30 -53.73
N ASP W 67 -2.75 12.34 -53.68
CA ASP W 67 -2.13 12.74 -52.44
C ASP W 67 -3.05 13.62 -51.60
N ILE W 68 -3.09 13.35 -50.30
CA ILE W 68 -3.88 14.12 -49.34
C ILE W 68 -2.92 14.89 -48.46
N PHE W 69 -3.11 16.21 -48.40
CA PHE W 69 -2.24 17.09 -47.64
C PHE W 69 -2.91 17.37 -46.30
N PHE W 70 -2.86 16.38 -45.43
CA PHE W 70 -3.41 16.51 -44.09
C PHE W 70 -2.47 15.85 -43.10
N LEU W 71 -2.21 16.54 -42.01
CA LEU W 71 -1.39 16.03 -40.92
C LEU W 71 -1.77 16.77 -39.65
N PRO W 72 -2.22 16.07 -38.60
CA PRO W 72 -2.56 16.77 -37.36
C PRO W 72 -1.36 17.44 -36.76
N LYS W 73 -1.59 18.60 -36.14
CA LYS W 73 -0.55 19.50 -35.65
C LYS W 73 -0.66 19.67 -34.14
N PRO W 74 -0.26 18.68 -33.37
CA PRO W 74 -0.30 18.83 -31.91
C PRO W 74 0.85 19.68 -31.40
N SER W 75 0.55 20.93 -31.04
CA SER W 75 1.53 21.82 -30.44
C SER W 75 1.54 21.75 -28.92
N ASN W 76 0.49 21.20 -28.32
CA ASN W 76 0.46 21.02 -26.87
C ASN W 76 1.60 20.11 -26.42
N LEU W 77 2.09 19.24 -27.30
CA LEU W 77 3.21 18.37 -26.94
C LEU W 77 4.51 19.16 -26.85
N LEU W 78 4.62 20.26 -27.57
CA LEU W 78 5.86 21.00 -27.70
C LEU W 78 5.83 22.28 -26.86
N LYS W 79 7.00 22.66 -26.35
CA LYS W 79 7.16 23.89 -25.60
C LYS W 79 8.38 24.69 -26.02
N ILE W 80 9.14 24.22 -27.01
CA ILE W 80 10.31 24.94 -27.50
C ILE W 80 10.03 25.36 -28.93
N ALA W 81 10.68 26.45 -29.33
CA ALA W 81 10.67 26.85 -30.72
C ALA W 81 11.53 25.88 -31.56
N LEU W 82 11.40 26.01 -32.87
CA LEU W 82 12.15 25.21 -33.81
C LEU W 82 12.76 26.11 -34.86
N PRO W 83 13.89 25.72 -35.44
CA PRO W 83 14.49 26.56 -36.47
C PRO W 83 13.65 26.59 -37.73
N ALA W 84 13.92 27.59 -38.56
CA ALA W 84 13.18 27.76 -39.80
C ALA W 84 14.10 28.36 -40.87
N PHE W 85 13.88 27.92 -42.11
CA PHE W 85 14.70 28.38 -43.22
C PHE W 85 14.27 29.76 -43.69
N VAL W 86 15.24 30.50 -44.19
CA VAL W 86 14.99 31.66 -45.04
C VAL W 86 15.00 31.21 -46.48
N PHE W 87 13.93 31.52 -47.21
CA PHE W 87 13.75 31.03 -48.56
C PHE W 87 14.20 32.02 -49.62
N MET W 88 14.06 33.31 -49.37
CA MET W 88 14.41 34.35 -50.32
C MET W 88 15.02 35.52 -49.57
N PRO W 89 15.78 36.35 -50.25
CA PRO W 89 16.35 37.54 -49.61
C PRO W 89 15.32 38.64 -49.48
N ASN W 90 15.44 39.41 -48.40
CA ASN W 90 14.54 40.53 -48.15
C ASN W 90 14.90 41.67 -49.08
N LEU W 91 14.03 41.93 -50.05
CA LEU W 91 14.19 43.04 -50.98
C LEU W 91 13.43 44.28 -50.53
N THR W 92 12.63 44.19 -49.48
CA THR W 92 11.91 45.34 -48.95
C THR W 92 12.82 46.28 -48.18
N ILE W 93 14.06 45.88 -47.90
CA ILE W 93 15.01 46.68 -47.15
C ILE W 93 16.33 46.67 -47.89
N PHE W 94 16.94 47.84 -48.05
CA PHE W 94 18.19 47.98 -48.79
C PHE W 94 18.04 47.51 -50.23
N THR W 95 16.91 47.87 -50.85
CA THR W 95 16.63 47.41 -52.20
C THR W 95 17.66 47.94 -53.19
N ARG W 96 18.02 49.21 -53.05
CA ARG W 96 18.93 49.82 -54.00
C ARG W 96 20.33 49.21 -53.96
N ALA W 97 20.74 48.70 -52.81
CA ALA W 97 22.09 48.17 -52.61
C ALA W 97 22.19 46.67 -52.81
N PHE W 98 21.08 45.99 -53.10
CA PHE W 98 21.07 44.54 -53.10
C PHE W 98 22.07 43.94 -54.08
N PRO W 99 22.17 44.39 -55.32
CA PRO W 99 23.21 43.85 -56.22
C PRO W 99 24.61 44.10 -55.71
N PHE W 100 24.80 45.08 -54.84
CA PHE W 100 26.12 45.46 -54.38
C PHE W 100 26.54 44.75 -53.09
N TYR W 101 25.60 44.27 -52.29
CA TYR W 101 25.93 43.55 -51.07
C TYR W 101 25.52 42.08 -51.10
N ALA W 102 24.87 41.62 -52.17
CA ALA W 102 24.37 40.25 -52.19
C ALA W 102 25.49 39.22 -52.15
N HIS W 103 26.68 39.58 -52.64
CA HIS W 103 27.80 38.66 -52.73
C HIS W 103 28.56 38.48 -51.42
N THR W 104 28.23 39.25 -50.40
CA THR W 104 28.92 39.16 -49.12
C THR W 104 28.15 38.25 -48.18
N SER W 105 28.85 37.76 -47.17
CA SER W 105 28.31 36.86 -46.16
C SER W 105 28.39 37.47 -44.77
N ALA W 106 27.29 37.41 -44.05
CA ALA W 106 27.21 37.95 -42.70
C ALA W 106 27.45 36.84 -41.68
N SER X 20 -15.52 55.58 27.45
CA SER X 20 -14.67 54.80 26.56
C SER X 20 -13.99 55.69 25.55
N TRP X 21 -14.59 56.86 25.28
CA TRP X 21 -14.12 57.74 24.22
C TRP X 21 -12.75 58.33 24.50
N MET X 22 -12.17 58.07 25.68
CA MET X 22 -10.86 58.59 25.99
C MET X 22 -9.74 57.76 25.37
N SER X 23 -10.04 56.54 24.92
CA SER X 23 -9.10 55.69 24.21
C SER X 23 -9.13 55.93 22.71
N LEU X 24 -9.56 57.11 22.28
CA LEU X 24 -9.67 57.46 20.87
C LEU X 24 -8.41 58.19 20.36
N ALA X 25 -7.29 58.04 21.08
CA ALA X 25 -6.09 58.80 20.72
C ALA X 25 -5.51 58.36 19.38
N PRO X 26 -5.13 57.09 19.19
CA PRO X 26 -4.30 56.74 18.03
C PRO X 26 -4.96 57.02 16.69
N PHE X 27 -6.27 57.20 16.65
CA PHE X 27 -6.96 57.63 15.45
C PHE X 27 -6.82 59.12 15.20
N VAL X 28 -6.01 59.81 15.99
CA VAL X 28 -5.74 61.23 15.76
C VAL X 28 -4.62 61.38 14.75
N ALA X 29 -4.63 62.50 14.04
CA ALA X 29 -3.57 62.90 13.12
C ALA X 29 -2.95 64.21 13.57
N PRO X 30 -1.73 64.51 13.11
CA PRO X 30 -1.06 65.74 13.56
C PRO X 30 -1.78 67.00 13.12
N ASN X 31 -2.60 66.94 12.07
CA ASN X 31 -3.44 68.07 11.71
C ASN X 31 -4.61 68.26 12.68
N ASN X 32 -4.96 67.23 13.44
CA ASN X 32 -6.06 67.27 14.39
C ASN X 32 -5.57 66.95 15.80
N ALA X 33 -4.36 67.42 16.11
CA ALA X 33 -3.68 67.09 17.35
C ALA X 33 -4.04 68.11 18.43
N ALA X 34 -3.75 69.39 18.17
CA ALA X 34 -3.94 70.42 19.18
C ALA X 34 -5.38 70.47 19.67
N ALA X 35 -6.35 70.45 18.75
CA ALA X 35 -7.76 70.31 19.11
C ALA X 35 -7.99 69.18 20.10
N TRP X 36 -7.56 67.97 19.74
CA TRP X 36 -7.68 66.82 20.63
C TRP X 36 -7.09 67.11 22.01
N ARG X 37 -5.88 67.66 22.03
CA ARG X 37 -5.22 67.96 23.29
C ARG X 37 -6.04 68.95 24.11
N LYS X 38 -6.58 69.97 23.46
CA LYS X 38 -7.47 70.93 24.12
C LYS X 38 -8.62 70.20 24.81
N LEU X 39 -9.36 69.41 24.02
CA LEU X 39 -10.45 68.60 24.57
C LEU X 39 -9.99 67.81 25.79
N ARG X 40 -8.85 67.12 25.64
CA ARG X 40 -8.34 66.27 26.70
C ARG X 40 -8.10 67.09 27.97
N ASP X 41 -7.40 68.21 27.83
CA ASP X 41 -7.10 69.04 28.99
C ASP X 41 -8.37 69.59 29.62
N GLY X 42 -9.35 69.94 28.80
CA GLY X 42 -10.65 70.33 29.34
C GLY X 42 -11.23 69.28 30.25
N ALA X 43 -11.30 68.04 29.75
CA ALA X 43 -11.85 66.96 30.56
C ALA X 43 -11.00 66.75 31.81
N GLN X 44 -9.68 66.88 31.68
CA GLN X 44 -8.80 66.72 32.82
C GLN X 44 -9.11 67.75 33.89
N GLU X 45 -9.27 69.01 33.46
CA GLU X 45 -9.66 70.08 34.37
C GLU X 45 -10.93 69.69 35.12
N VAL X 46 -11.95 69.25 34.36
CA VAL X 46 -13.22 68.87 34.97
C VAL X 46 -13.00 67.81 36.04
N GLN X 47 -12.27 66.75 35.69
CA GLN X 47 -12.11 65.64 36.64
C GLN X 47 -11.26 66.06 37.84
N THR X 48 -10.26 66.91 37.61
CA THR X 48 -9.43 67.40 38.71
C THR X 48 -10.23 68.25 39.66
N VAL X 49 -11.25 68.94 39.12
CA VAL X 49 -12.22 69.60 40.00
C VAL X 49 -12.94 68.53 40.80
N ILE X 50 -13.58 67.60 40.10
CA ILE X 50 -14.66 66.82 40.70
C ILE X 50 -14.11 65.90 41.78
N GLU X 51 -13.10 65.11 41.43
CA GLU X 51 -12.49 64.21 42.41
C GLU X 51 -12.03 64.97 43.65
N ARG X 52 -11.37 66.12 43.45
CA ARG X 52 -10.94 66.93 44.59
C ARG X 52 -12.13 67.31 45.46
N GLN X 53 -13.16 67.90 44.86
CA GLN X 53 -14.30 68.37 45.61
C GLN X 53 -15.32 67.28 45.88
N SER X 54 -14.93 66.01 45.80
CA SER X 54 -15.75 64.95 46.39
C SER X 54 -14.93 63.93 47.17
N THR X 55 -13.62 64.13 47.35
CA THR X 55 -12.85 63.16 48.13
C THR X 55 -13.03 63.36 49.64
N PRO X 56 -12.77 64.55 50.18
CA PRO X 56 -12.98 64.72 51.63
C PRO X 56 -14.45 64.82 52.02
N GLY X 57 -15.30 65.27 51.11
CA GLY X 57 -16.72 65.39 51.38
C GLY X 57 -17.14 66.68 52.07
N LYS X 58 -16.93 66.77 53.38
CA LYS X 58 -17.33 67.95 54.13
C LYS X 58 -16.61 68.04 55.47
N PRO X 59 -15.30 68.28 55.50
CA PRO X 59 -14.58 68.37 56.77
C PRO X 59 -14.52 69.77 57.38
N GLN X 60 -15.12 70.77 56.75
CA GLN X 60 -14.96 72.17 57.18
C GLN X 60 -16.00 72.56 58.21
N GLN X 61 -17.28 72.54 57.82
CA GLN X 61 -18.43 72.53 58.73
C GLN X 61 -18.19 73.33 60.01
N ILE X 62 -17.94 74.63 59.87
CA ILE X 62 -17.45 75.42 60.99
C ILE X 62 -18.55 75.52 62.06
N ASP X 63 -18.12 75.62 63.32
CA ASP X 63 -19.01 75.60 64.47
C ASP X 63 -18.89 76.94 65.20
N TRP X 64 -19.95 77.73 65.17
CA TRP X 64 -19.91 79.07 65.75
C TRP X 64 -19.92 79.07 67.26
N ALA X 65 -20.23 77.93 67.89
CA ALA X 65 -20.20 77.85 69.35
C ALA X 65 -18.81 78.17 69.88
N LYS X 66 -17.77 77.76 69.16
CA LYS X 66 -16.40 78.05 69.56
C LYS X 66 -16.12 79.55 69.46
N TRP X 67 -16.46 80.16 68.33
CA TRP X 67 -16.01 81.52 68.06
C TRP X 67 -16.83 82.55 68.81
N GLU X 68 -18.13 82.30 69.03
CA GLU X 68 -18.92 83.19 69.86
C GLU X 68 -18.33 83.33 71.25
N SER X 69 -17.75 82.25 71.76
CA SER X 69 -17.13 82.29 73.08
C SER X 69 -15.75 82.91 73.00
N GLN X 70 -14.93 82.46 72.05
CA GLN X 70 -13.54 82.89 71.96
C GLN X 70 -13.40 84.35 71.53
N ILE X 71 -14.47 84.99 71.06
CA ILE X 71 -14.39 86.37 70.61
C ILE X 71 -15.25 87.24 71.53
N ALA X 72 -14.80 88.48 71.74
CA ALA X 72 -15.43 89.38 72.69
C ALA X 72 -16.34 90.42 72.04
N HIS X 73 -16.16 90.67 70.74
CA HIS X 73 -16.95 91.70 70.08
C HIS X 73 -18.40 91.23 69.90
N LYS X 74 -18.59 90.16 69.13
CA LYS X 74 -19.91 89.53 68.97
C LYS X 74 -20.94 90.51 68.42
N ASP X 75 -20.50 91.43 67.57
CA ASP X 75 -21.37 92.38 66.90
C ASP X 75 -21.27 92.30 65.38
N ILE X 76 -20.08 92.06 64.86
CA ILE X 76 -19.91 91.82 63.43
C ILE X 76 -19.90 90.31 63.15
N LEU X 77 -19.44 89.51 64.12
CA LEU X 77 -19.51 88.06 64.00
C LEU X 77 -20.94 87.61 63.70
N ASN X 78 -21.94 88.25 64.31
CA ASN X 78 -23.32 87.84 64.10
C ASN X 78 -23.76 88.09 62.66
N CYS X 79 -23.46 89.26 62.12
CA CYS X 79 -23.85 89.56 60.74
C CYS X 79 -23.09 88.66 59.77
N LEU X 80 -21.80 88.43 60.04
CA LEU X 80 -21.02 87.52 59.21
C LEU X 80 -21.63 86.12 59.19
N LYS X 81 -21.97 85.59 60.37
CA LYS X 81 -22.63 84.28 60.44
C LYS X 81 -23.96 84.30 59.68
N THR X 82 -24.69 85.41 59.75
CA THR X 82 -25.95 85.51 59.02
C THR X 82 -25.71 85.41 57.52
N PHE X 83 -24.71 86.14 57.04
CA PHE X 83 -24.29 86.04 55.64
C PHE X 83 -23.95 84.60 55.28
N TYR X 84 -23.16 83.94 56.12
CA TYR X 84 -22.78 82.56 55.86
C TYR X 84 -24.00 81.66 55.70
N THR X 85 -24.91 81.67 56.68
CA THR X 85 -26.08 80.81 56.60
C THR X 85 -27.03 81.23 55.48
N ASN X 86 -26.93 82.47 55.03
CA ASN X 86 -27.77 82.94 53.93
C ASN X 86 -27.20 82.49 52.59
N GLN X 87 -25.89 82.33 52.52
CA GLN X 87 -25.32 81.85 51.27
C GLN X 87 -25.41 80.33 51.21
N VAL X 88 -25.23 79.68 52.37
CA VAL X 88 -25.28 78.22 52.38
C VAL X 88 -26.71 77.74 52.09
N GLN X 89 -27.72 78.51 52.51
CA GLN X 89 -29.09 78.13 52.17
C GLN X 89 -29.30 78.12 50.66
N ILE X 90 -28.84 79.18 49.98
CA ILE X 90 -29.05 79.26 48.54
C ILE X 90 -28.16 78.26 47.81
N LEU X 91 -26.99 77.95 48.36
CA LEU X 91 -26.17 76.90 47.75
C LEU X 91 -26.90 75.57 47.77
N ASP X 92 -27.38 75.16 48.95
CA ASP X 92 -28.13 73.90 49.01
C ASP X 92 -29.39 73.96 48.17
N ARG X 93 -29.99 75.15 48.04
CA ARG X 93 -31.15 75.33 47.18
C ARG X 93 -30.82 75.02 45.72
N ALA X 94 -29.79 75.69 45.19
CA ALA X 94 -29.38 75.44 43.82
C ALA X 94 -28.99 73.98 43.62
N LEU X 95 -28.31 73.40 44.60
CA LEU X 95 -27.92 72.00 44.51
C LEU X 95 -29.14 71.09 44.35
N GLY X 96 -30.08 71.18 45.29
CA GLY X 96 -31.30 70.38 45.17
C GLY X 96 -32.16 70.74 43.98
N ALA X 97 -31.97 71.93 43.41
CA ALA X 97 -32.75 72.31 42.23
C ALA X 97 -32.17 71.68 40.97
N LEU X 98 -30.85 71.70 40.83
CA LEU X 98 -30.19 71.05 39.71
C LEU X 98 -30.16 69.54 39.87
N GLU X 99 -30.49 69.02 41.06
CA GLU X 99 -30.46 67.57 41.28
C GLU X 99 -31.74 66.88 40.82
N THR X 100 -32.52 67.49 39.95
CA THR X 100 -33.67 66.84 39.35
C THR X 100 -33.26 65.56 38.63
N CYS X 107 -34.48 70.86 25.98
CA CYS X 107 -33.85 72.13 25.71
C CYS X 107 -33.51 72.28 24.23
N GLU X 108 -32.91 73.42 23.87
CA GLU X 108 -32.50 73.68 22.50
C GLU X 108 -31.08 74.20 22.37
N GLY X 109 -30.50 74.79 23.42
CA GLY X 109 -29.23 75.47 23.30
C GLY X 109 -28.08 74.56 22.91
N ALA X 110 -28.23 73.25 23.11
CA ALA X 110 -27.16 72.29 22.83
C ALA X 110 -27.37 71.48 21.57
N GLU X 111 -28.61 71.34 21.09
CA GLU X 111 -28.85 70.53 19.91
C GLU X 111 -28.14 71.09 18.68
N LYS X 112 -27.91 72.41 18.67
CA LYS X 112 -27.23 73.05 17.55
C LYS X 112 -25.78 72.59 17.40
N GLY X 113 -25.24 71.89 18.40
CA GLY X 113 -23.90 71.34 18.31
C GLY X 113 -23.97 69.82 18.22
N TRP X 114 -25.00 69.26 18.86
CA TRP X 114 -25.24 67.82 18.71
C TRP X 114 -25.52 67.46 17.26
N ALA X 115 -26.03 68.40 16.45
CA ALA X 115 -26.14 68.15 15.03
C ALA X 115 -24.77 68.01 14.37
N LEU X 116 -23.83 68.85 14.76
CA LEU X 116 -22.45 68.69 14.28
C LEU X 116 -21.89 67.35 14.70
N PHE X 117 -22.18 66.95 15.95
CA PHE X 117 -21.70 65.68 16.45
C PHE X 117 -22.28 64.53 15.63
N ASP X 118 -23.57 64.59 15.31
CA ASP X 118 -24.19 63.53 14.52
C ASP X 118 -23.62 63.48 13.11
N ALA X 119 -23.35 64.64 12.51
CA ALA X 119 -22.69 64.64 11.21
C ALA X 119 -21.31 63.99 11.30
N ALA X 120 -20.58 64.27 12.39
CA ALA X 120 -19.28 63.65 12.59
C ALA X 120 -19.44 62.13 12.69
N LEU X 121 -20.49 61.68 13.37
CA LEU X 121 -20.74 60.26 13.49
C LEU X 121 -21.04 59.65 12.13
N SER X 122 -21.80 60.36 11.30
CA SER X 122 -22.11 59.85 9.97
C SER X 122 -20.86 59.70 9.13
N ALA X 123 -19.98 60.71 9.18
CA ALA X 123 -18.74 60.63 8.42
C ALA X 123 -17.84 59.52 8.93
N CYS X 124 -17.79 59.35 10.26
CA CYS X 124 -16.95 58.30 10.82
C CYS X 124 -17.48 56.93 10.42
N ALA X 125 -18.80 56.75 10.45
CA ALA X 125 -19.38 55.49 10.03
C ALA X 125 -19.11 55.21 8.57
N LYS X 126 -19.13 56.25 7.73
CA LYS X 126 -18.82 56.05 6.31
C LYS X 126 -17.37 55.64 6.10
N SER X 127 -16.45 56.28 6.84
CA SER X 127 -15.04 55.89 6.76
C SER X 127 -14.84 54.47 7.23
N VAL X 128 -15.46 54.10 8.36
CA VAL X 128 -15.36 52.74 8.85
C VAL X 128 -15.95 51.77 7.84
N GLU X 129 -17.00 52.20 7.13
CA GLU X 129 -17.63 51.34 6.13
C GLU X 129 -16.68 51.04 5.00
N LYS X 130 -16.04 52.07 4.44
CA LYS X 130 -15.15 51.81 3.31
C LYS X 130 -13.89 51.08 3.76
N SER X 131 -13.41 51.32 4.98
CA SER X 131 -12.26 50.56 5.46
C SER X 131 -12.62 49.09 5.67
N GLU X 132 -13.84 48.83 6.15
CA GLU X 132 -14.32 47.46 6.26
C GLU X 132 -14.47 46.83 4.90
N GLU X 133 -14.86 47.61 3.89
CA GLU X 133 -14.91 47.09 2.53
C GLU X 133 -13.52 46.67 2.08
N LEU X 134 -12.52 47.50 2.36
CA LEU X 134 -11.14 47.15 2.01
C LEU X 134 -10.72 45.84 2.68
N LEU X 135 -10.92 45.75 3.99
CA LEU X 135 -10.49 44.55 4.70
C LEU X 135 -11.29 43.33 4.30
N SER X 136 -12.56 43.50 3.96
CA SER X 136 -13.37 42.41 3.45
C SER X 136 -12.84 41.92 2.11
N ASN X 137 -12.42 42.85 1.25
CA ASN X 137 -11.84 42.46 -0.02
C ASN X 137 -10.52 41.73 0.19
N GLY X 138 -9.73 42.15 1.18
CA GLY X 138 -8.53 41.42 1.50
C GLY X 138 -8.80 40.02 1.98
N ALA X 139 -9.79 39.87 2.85
CA ALA X 139 -10.17 38.54 3.32
C ALA X 139 -10.70 37.68 2.19
N ARG X 140 -11.46 38.29 1.28
CA ARG X 140 -11.93 37.57 0.10
C ARG X 140 -10.77 37.11 -0.76
N ALA X 141 -9.76 37.95 -0.91
CA ALA X 141 -8.59 37.57 -1.68
C ALA X 141 -7.87 36.40 -1.04
N LEU X 142 -7.74 36.42 0.29
CA LEU X 142 -7.10 35.31 0.98
C LEU X 142 -7.91 34.03 0.83
N TRP X 143 -9.23 34.12 0.93
CA TRP X 143 -10.09 32.96 0.76
C TRP X 143 -9.95 32.38 -0.64
N VAL X 144 -9.97 33.26 -1.65
CA VAL X 144 -9.82 32.81 -3.03
C VAL X 144 -8.47 32.13 -3.22
N SER X 145 -7.41 32.75 -2.69
CA SER X 145 -6.08 32.18 -2.88
C SER X 145 -5.95 30.83 -2.21
N CYS X 146 -6.47 30.70 -0.98
CA CYS X 146 -6.35 29.44 -0.27
C CYS X 146 -7.27 28.37 -0.85
N SER X 147 -8.35 28.76 -1.51
CA SER X 147 -9.25 27.81 -2.14
C SER X 147 -8.89 27.53 -3.60
N ASN X 148 -7.93 28.25 -4.17
CA ASN X 148 -7.54 27.97 -5.53
C ASN X 148 -6.88 26.60 -5.62
N PRO X 149 -6.82 26.01 -6.80
CA PRO X 149 -6.01 24.82 -6.98
C PRO X 149 -4.54 25.19 -7.16
N PRO X 150 -3.64 24.20 -7.11
CA PRO X 150 -2.26 24.47 -7.47
C PRO X 150 -2.13 24.86 -8.94
N VAL X 151 -1.38 25.93 -9.18
CA VAL X 151 -1.33 26.53 -10.50
C VAL X 151 -0.61 25.64 -11.48
N TRP X 152 0.29 24.77 -11.00
CA TRP X 152 0.93 23.80 -11.87
C TRP X 152 0.04 22.61 -12.17
N LYS X 153 -0.99 22.38 -11.36
CA LYS X 153 -2.02 21.41 -11.71
C LYS X 153 -3.02 22.00 -12.68
N VAL X 154 -3.22 23.31 -12.64
CA VAL X 154 -4.22 23.94 -13.48
C VAL X 154 -3.80 23.87 -14.95
N ASN X 155 -4.77 23.68 -15.83
CA ASN X 155 -4.52 23.70 -17.26
C ASN X 155 -4.15 25.10 -17.72
N THR X 156 -3.19 25.18 -18.63
CA THR X 156 -2.65 26.47 -19.05
C THR X 156 -3.69 27.31 -19.80
N ASN X 157 -4.38 26.69 -20.77
CA ASN X 157 -5.36 27.44 -21.54
C ASN X 157 -6.54 27.86 -20.68
N GLU X 158 -6.89 27.07 -19.66
CA GLU X 158 -7.95 27.48 -18.75
C GLU X 158 -7.52 28.70 -17.93
N TRP X 159 -6.29 28.70 -17.45
CA TRP X 159 -5.77 29.87 -16.75
C TRP X 159 -5.82 31.11 -17.64
N LEU X 160 -5.41 30.96 -18.89
CA LEU X 160 -5.39 32.12 -19.78
C LEU X 160 -6.79 32.56 -20.16
N ASP X 161 -7.75 31.64 -20.18
CA ASP X 161 -9.14 32.03 -20.42
C ASP X 161 -9.68 32.79 -19.22
N SER X 162 -9.30 32.38 -18.02
CA SER X 162 -9.72 33.13 -16.83
C SER X 162 -9.11 34.52 -16.85
N ASP X 163 -7.83 34.64 -17.19
CA ASP X 163 -7.11 35.91 -17.11
C ASP X 163 -7.28 36.66 -18.42
N GLN X 164 -7.76 37.89 -18.33
CA GLN X 164 -7.95 38.73 -19.51
C GLN X 164 -6.82 39.71 -19.74
N TYR X 165 -5.98 39.94 -18.73
CA TYR X 165 -4.89 40.88 -18.86
C TYR X 165 -3.70 40.26 -19.57
N TRP X 166 -3.24 39.10 -19.09
CA TRP X 166 -2.08 38.48 -19.70
C TRP X 166 -2.40 37.89 -21.06
N GLN X 167 -3.68 37.73 -21.39
CA GLN X 167 -4.10 37.52 -22.76
C GLN X 167 -3.58 38.62 -23.67
N ALA X 168 -3.81 39.88 -23.28
CA ALA X 168 -3.35 41.00 -24.07
C ALA X 168 -1.83 41.07 -24.13
N PHE X 169 -1.17 40.60 -23.09
CA PHE X 169 0.28 40.58 -23.07
C PHE X 169 0.82 39.59 -24.11
N VAL X 170 0.14 38.47 -24.28
CA VAL X 170 0.57 37.45 -25.23
C VAL X 170 0.28 37.88 -26.66
N GLU X 171 -0.90 38.46 -26.88
CA GLU X 171 -1.26 38.95 -28.21
C GLU X 171 -0.28 40.00 -28.70
N LYS X 172 0.17 40.87 -27.79
CA LYS X 172 1.06 41.97 -28.15
C LYS X 172 2.38 41.47 -28.73
N HIS X 173 2.92 40.40 -28.18
CA HIS X 173 4.26 39.96 -28.51
C HIS X 173 4.30 38.77 -29.45
N HIS X 174 3.22 38.00 -29.53
CA HIS X 174 3.22 36.74 -30.25
C HIS X 174 2.16 36.66 -31.33
N PHE X 175 1.19 37.58 -31.35
CA PHE X 175 0.26 37.74 -32.44
C PHE X 175 0.60 38.92 -33.32
N TYR X 176 1.02 40.03 -32.72
CA TYR X 176 1.40 41.19 -33.51
C TYR X 176 2.83 41.10 -34.01
N SER X 177 3.63 40.18 -33.47
CA SER X 177 4.95 39.88 -33.97
C SER X 177 5.11 38.39 -34.12
N GLN X 178 6.13 37.99 -34.89
CA GLN X 178 6.47 36.60 -35.12
C GLN X 178 7.88 36.26 -34.70
N TYR X 179 8.68 37.24 -34.27
CA TYR X 179 10.09 37.04 -33.99
C TYR X 179 10.46 37.38 -32.55
N GLN X 180 9.49 37.60 -31.69
CA GLN X 180 9.79 37.90 -30.31
C GLN X 180 10.20 36.63 -29.57
N PRO X 181 11.12 36.73 -28.61
CA PRO X 181 11.59 35.53 -27.92
C PRO X 181 10.52 34.94 -27.02
N GLY X 182 10.61 33.63 -26.81
CA GLY X 182 9.66 32.95 -25.97
C GLY X 182 10.05 33.00 -24.51
N VAL X 183 10.21 34.21 -23.98
CA VAL X 183 10.56 34.40 -22.58
C VAL X 183 9.36 34.97 -21.85
N VAL X 184 9.37 34.85 -20.53
CA VAL X 184 8.22 35.25 -19.74
C VAL X 184 7.98 36.75 -19.83
N ASP X 185 9.05 37.54 -19.95
CA ASP X 185 8.96 39.00 -19.94
C ASP X 185 9.81 39.55 -21.07
N PRO X 186 9.23 39.74 -22.27
CA PRO X 186 9.98 40.34 -23.38
C PRO X 186 10.14 41.85 -23.27
N GLU X 187 9.38 42.51 -22.40
CA GLU X 187 9.46 43.96 -22.26
C GLU X 187 10.48 44.39 -21.22
N ALA X 188 11.23 43.46 -20.64
CA ALA X 188 12.08 43.78 -19.52
C ALA X 188 13.35 44.48 -19.97
N PRO X 189 14.05 45.14 -19.04
CA PRO X 189 15.20 45.96 -19.44
C PRO X 189 16.32 45.17 -20.09
N GLN X 190 16.56 43.93 -19.65
CA GLN X 190 17.60 43.13 -20.27
C GLN X 190 17.30 42.91 -21.75
N GLU X 191 16.05 42.56 -22.06
CA GLU X 191 15.64 42.35 -23.44
C GLU X 191 15.70 43.64 -24.24
N VAL X 192 15.23 44.74 -23.67
CA VAL X 192 15.24 46.02 -24.37
C VAL X 192 16.67 46.40 -24.74
N GLU X 193 17.58 46.33 -23.77
CA GLU X 193 18.96 46.75 -24.01
C GLU X 193 19.66 45.79 -24.97
N ALA X 194 19.35 44.49 -24.87
CA ALA X 194 19.90 43.54 -25.82
C ALA X 194 19.45 43.87 -27.24
N PHE X 195 18.17 44.20 -27.40
CA PHE X 195 17.67 44.58 -28.72
C PHE X 195 18.39 45.82 -29.23
N LYS X 196 18.58 46.81 -28.37
CA LYS X 196 19.26 48.03 -28.81
C LYS X 196 20.70 47.75 -29.23
N GLN X 197 21.43 46.97 -28.45
CA GLN X 197 22.81 46.65 -28.80
C GLN X 197 22.88 45.85 -30.08
N ALA X 198 21.97 44.89 -30.26
CA ALA X 198 21.90 44.14 -31.51
C ALA X 198 21.63 45.06 -32.68
N TRP X 199 20.69 46.00 -32.52
CA TRP X 199 20.40 46.98 -33.56
C TRP X 199 21.65 47.72 -33.97
N HIS X 200 22.37 48.27 -32.99
CA HIS X 200 23.56 49.06 -33.29
C HIS X 200 24.64 48.20 -33.93
N SER X 201 24.84 46.98 -33.44
CA SER X 201 25.87 46.13 -34.01
C SER X 201 25.54 45.73 -35.44
N ARG X 202 24.27 45.42 -35.70
CA ARG X 202 23.85 45.08 -37.06
C ARG X 202 24.08 46.24 -38.00
N MET X 203 23.62 47.43 -37.62
CA MET X 203 23.77 48.57 -38.51
C MET X 203 25.24 48.92 -38.72
N GLY X 204 26.06 48.79 -37.68
CA GLY X 204 27.47 49.03 -37.84
C GLY X 204 28.13 48.03 -38.77
N LYS X 205 27.85 46.74 -38.57
CA LYS X 205 28.42 45.74 -39.46
C LYS X 205 28.00 45.95 -40.90
N PHE X 206 26.78 46.43 -41.12
CA PHE X 206 26.31 46.63 -42.48
C PHE X 206 26.94 47.85 -43.12
N ASN X 207 26.97 48.98 -42.41
CA ASN X 207 27.31 50.26 -43.02
C ASN X 207 28.76 50.67 -42.87
N ASP X 208 29.45 50.19 -41.84
CA ASP X 208 30.77 50.71 -41.53
C ASP X 208 31.81 50.29 -42.55
N ARG X 209 32.84 51.12 -42.68
CA ARG X 209 34.03 50.81 -43.45
C ARG X 209 34.97 49.95 -42.62
N SER X 210 35.22 48.72 -43.08
CA SER X 210 35.90 47.72 -42.27
C SER X 210 36.75 46.83 -43.17
N ASP X 211 37.37 45.82 -42.56
CA ASP X 211 38.07 44.79 -43.30
C ASP X 211 37.12 43.73 -43.84
N THR X 212 35.93 43.62 -43.27
CA THR X 212 34.86 42.76 -43.78
C THR X 212 33.69 43.67 -44.14
N PRO X 213 33.76 44.36 -45.28
CA PRO X 213 32.72 45.32 -45.64
C PRO X 213 31.55 44.68 -46.37
N MET X 214 30.34 44.98 -45.92
CA MET X 214 29.14 44.54 -46.62
C MET X 214 28.74 45.53 -47.71
N LEU X 215 28.48 46.77 -47.31
CA LEU X 215 27.95 47.79 -48.19
C LEU X 215 29.04 48.69 -48.77
N TYR X 216 30.16 48.85 -48.08
CA TYR X 216 31.28 49.61 -48.61
C TYR X 216 31.90 48.82 -49.73
N ALA X 217 31.55 49.19 -50.96
CA ALA X 217 31.98 48.45 -52.13
C ALA X 217 31.65 49.27 -53.37
N TYR X 218 32.53 49.22 -54.36
CA TYR X 218 32.36 49.99 -55.58
C TYR X 218 32.30 51.48 -55.27
N MET X 219 33.28 51.93 -54.50
CA MET X 219 33.34 53.31 -54.01
C MET X 219 34.30 54.12 -54.87
N ASN X 220 33.79 55.08 -55.58
CA ASN X 220 34.58 56.04 -56.34
C ASN X 220 34.23 57.47 -56.00
N GLU X 221 32.95 57.75 -55.74
CA GLU X 221 32.49 59.04 -55.26
C GLU X 221 31.94 58.82 -53.86
N LEU X 222 32.62 59.35 -52.86
CA LEU X 222 32.27 59.06 -51.49
C LEU X 222 31.22 60.04 -50.99
N PRO X 223 30.45 59.66 -49.99
CA PRO X 223 29.53 60.60 -49.33
C PRO X 223 30.27 61.52 -48.37
N SER X 224 29.49 62.43 -47.78
CA SER X 224 30.07 63.48 -46.95
C SER X 224 30.82 62.91 -45.75
N TRP X 225 30.16 62.02 -45.02
CA TRP X 225 30.73 61.52 -43.77
C TRP X 225 32.03 60.76 -44.02
N GLU X 226 32.00 59.81 -44.95
CA GLU X 226 33.19 59.01 -45.23
C GLU X 226 34.28 59.86 -45.85
N TYR X 227 33.90 60.81 -46.72
CA TYR X 227 34.87 61.70 -47.32
C TYR X 227 35.63 62.47 -46.25
N TYR X 228 34.90 63.10 -45.32
CA TYR X 228 35.57 63.89 -44.29
C TYR X 228 36.26 63.02 -43.26
N ASP X 229 35.83 61.77 -43.09
CA ASP X 229 36.53 60.87 -42.18
C ASP X 229 37.86 60.40 -42.75
N LEU X 230 37.93 60.23 -44.06
CA LEU X 230 39.18 59.80 -44.68
C LEU X 230 40.11 60.96 -44.97
N HIS X 231 39.56 62.11 -45.33
CA HIS X 231 40.34 63.29 -45.71
C HIS X 231 40.12 64.37 -44.66
N ARG X 232 40.96 64.34 -43.63
CA ARG X 232 40.85 65.33 -42.55
C ARG X 232 41.35 66.69 -42.97
N SER X 233 42.22 66.76 -43.98
CA SER X 233 42.66 68.04 -44.50
C SER X 233 41.51 68.83 -45.09
N ALA X 234 40.60 68.14 -45.78
CA ALA X 234 39.50 68.82 -46.46
C ALA X 234 38.40 69.21 -45.50
N PHE X 235 38.18 68.41 -44.44
CA PHE X 235 37.20 68.79 -43.44
C PHE X 235 37.56 70.11 -42.81
N LEU X 236 38.83 70.32 -42.51
CA LEU X 236 39.27 71.58 -41.92
C LEU X 236 39.05 72.74 -42.87
N GLU X 237 39.53 72.60 -44.11
CA GLU X 237 39.40 73.67 -45.09
C GLU X 237 37.94 73.98 -45.38
N HIS X 238 37.13 72.94 -45.60
CA HIS X 238 35.73 73.15 -45.88
C HIS X 238 35.00 73.75 -44.69
N MET X 239 35.52 73.59 -43.49
CA MET X 239 34.87 74.08 -42.29
C MET X 239 35.25 75.52 -41.95
N THR X 240 36.53 75.88 -42.09
CA THR X 240 36.92 77.26 -41.89
C THR X 240 36.25 78.17 -42.90
N TYR X 241 36.10 77.70 -44.15
CA TYR X 241 35.43 78.50 -45.16
C TYR X 241 33.97 78.72 -44.80
N PHE X 242 33.32 77.69 -44.25
CA PHE X 242 31.91 77.80 -43.91
C PHE X 242 31.69 78.80 -42.78
N LEU X 243 32.55 78.77 -41.77
CA LEU X 243 32.38 79.69 -40.64
C LEU X 243 32.66 81.12 -41.04
N VAL X 244 33.53 81.33 -42.02
CA VAL X 244 33.92 82.68 -42.43
C VAL X 244 33.01 83.21 -43.52
N ARG X 245 32.72 82.38 -44.53
CA ARG X 245 31.81 82.82 -45.59
C ARG X 245 30.42 83.06 -45.05
N THR X 246 30.01 82.28 -44.05
CA THR X 246 28.75 82.46 -43.35
C THR X 246 29.06 82.42 -41.86
N GLY X 247 28.93 83.55 -41.19
CA GLY X 247 29.12 83.56 -39.76
C GLY X 247 28.11 82.64 -39.11
N GLY X 248 28.57 81.47 -38.68
CA GLY X 248 27.65 80.41 -38.33
C GLY X 248 28.30 79.43 -37.37
N ASP X 249 27.47 78.50 -36.91
CA ASP X 249 27.89 77.47 -35.97
C ASP X 249 28.21 76.19 -36.72
N PHE X 250 29.11 75.40 -36.16
CA PHE X 250 29.43 74.10 -36.72
C PHE X 250 28.21 73.20 -36.81
N ARG X 251 27.20 73.45 -35.98
CA ARG X 251 26.00 72.62 -35.98
C ARG X 251 25.21 72.74 -37.27
N PHE X 252 25.41 73.80 -38.05
CA PHE X 252 24.75 73.98 -39.32
C PHE X 252 25.65 73.64 -40.50
N PHE X 253 26.70 72.88 -40.27
CA PHE X 253 27.64 72.53 -41.32
C PHE X 253 26.94 71.74 -42.42
N PRO X 254 26.99 72.18 -43.67
CA PRO X 254 26.22 71.50 -44.72
C PRO X 254 26.73 70.09 -45.01
N GLU X 255 25.82 69.25 -45.47
CA GLU X 255 26.18 67.89 -45.82
C GLU X 255 27.20 67.88 -46.96
N MET X 256 26.87 68.55 -48.07
CA MET X 256 27.76 68.67 -49.22
C MET X 256 27.92 70.15 -49.54
N PRO X 257 29.14 70.64 -49.76
CA PRO X 257 29.32 72.07 -50.00
C PRO X 257 28.95 72.44 -51.41
N PRO X 258 28.76 73.73 -51.69
CA PRO X 258 28.57 74.17 -53.07
C PRO X 258 29.85 74.22 -53.90
N TRP X 259 29.66 74.01 -55.21
CA TRP X 259 30.75 74.05 -56.15
C TRP X 259 31.38 75.44 -56.20
N GLN X 260 30.60 76.47 -55.93
CA GLN X 260 31.15 77.82 -55.86
C GLN X 260 32.19 77.91 -54.74
N TRP X 261 31.83 77.39 -53.57
CA TRP X 261 32.75 77.39 -52.45
C TRP X 261 34.00 76.58 -52.78
N LEU X 262 33.82 75.42 -53.41
CA LEU X 262 34.97 74.59 -53.74
C LEU X 262 35.90 75.29 -54.72
N ALA X 263 35.33 75.92 -55.74
CA ALA X 263 36.15 76.62 -56.73
C ALA X 263 36.91 77.78 -56.09
N HIS X 264 36.23 78.55 -55.23
CA HIS X 264 36.92 79.63 -54.53
C HIS X 264 38.06 79.07 -53.68
N MET X 265 37.84 77.94 -53.02
CA MET X 265 38.90 77.33 -52.24
C MET X 265 40.09 76.98 -53.12
N GLU X 266 39.83 76.43 -54.31
CA GLU X 266 40.94 76.07 -55.19
C GLU X 266 41.69 77.31 -55.67
N ASN X 267 40.97 78.40 -55.93
CA ASN X 267 41.65 79.63 -56.34
C ASN X 267 42.56 80.15 -55.22
N LEU X 268 42.05 80.14 -53.99
CA LEU X 268 42.86 80.59 -52.86
C LEU X 268 44.06 79.68 -52.66
N ARG X 269 43.87 78.38 -52.88
CA ARG X 269 44.99 77.45 -52.82
C ARG X 269 46.03 77.78 -53.88
N PHE X 270 45.57 78.15 -55.07
CA PHE X 270 46.51 78.61 -56.10
C PHE X 270 47.33 79.77 -55.58
N LYS X 271 46.66 80.78 -55.03
CA LYS X 271 47.35 81.97 -54.56
C LYS X 271 48.42 81.60 -53.52
N LEU X 272 48.02 80.83 -52.52
CA LEU X 272 48.92 80.51 -51.42
C LEU X 272 50.08 79.64 -51.88
N LEU X 273 49.80 78.60 -52.66
CA LEU X 273 50.87 77.73 -53.11
C LEU X 273 51.82 78.46 -54.04
N SER X 274 51.31 79.34 -54.89
CA SER X 274 52.18 80.17 -55.72
C SER X 274 53.15 80.96 -54.85
N VAL X 275 52.62 81.72 -53.90
CA VAL X 275 53.48 82.58 -53.09
C VAL X 275 54.49 81.76 -52.31
N ALA X 276 54.03 80.69 -51.66
CA ALA X 276 54.91 79.89 -50.82
C ALA X 276 55.98 79.21 -51.66
N GLN X 277 55.60 78.65 -52.81
CA GLN X 277 56.55 77.96 -53.67
C GLN X 277 57.61 78.93 -54.18
N SER X 278 57.20 80.12 -54.60
CA SER X 278 58.19 81.06 -55.12
C SER X 278 59.12 81.54 -54.02
N ARG X 279 58.59 81.75 -52.81
CA ARG X 279 59.45 82.09 -51.69
C ARG X 279 60.46 80.98 -51.42
N ARG X 280 59.99 79.73 -51.41
CA ARG X 280 60.89 78.62 -51.16
C ARG X 280 61.96 78.55 -52.24
N SER X 281 61.53 78.69 -53.50
CA SER X 281 62.47 78.63 -54.62
C SER X 281 63.58 79.66 -54.47
N GLN X 282 63.23 80.88 -54.09
CA GLN X 282 64.27 81.89 -53.92
C GLN X 282 65.15 81.60 -52.71
N LEU X 283 64.57 81.51 -51.51
CA LEU X 283 65.42 81.58 -50.33
C LEU X 283 65.84 80.22 -49.78
N GLN X 284 64.97 79.20 -49.85
CA GLN X 284 65.22 77.96 -49.13
C GLN X 284 66.32 77.13 -49.77
N LEU X 285 66.64 77.37 -51.05
CA LEU X 285 67.63 76.58 -51.77
C LEU X 285 68.96 77.29 -51.97
N ALA X 286 68.98 78.62 -51.97
CA ALA X 286 70.25 79.33 -51.91
C ALA X 286 71.02 79.02 -50.64
N ASN X 287 70.35 78.52 -49.60
CA ASN X 287 71.06 77.95 -48.45
C ASN X 287 72.10 76.95 -48.91
N LEU X 288 71.76 76.11 -49.89
CA LEU X 288 72.62 75.01 -50.30
C LEU X 288 72.45 74.72 -51.78
N HIS X 304 54.52 65.50 -41.88
CA HIS X 304 53.30 65.49 -41.08
C HIS X 304 52.73 66.90 -40.99
N GLY X 305 51.69 67.17 -41.79
CA GLY X 305 51.04 68.46 -41.76
C GLY X 305 49.98 68.61 -40.71
N GLU X 306 49.40 67.50 -40.25
CA GLU X 306 48.34 67.58 -39.25
C GLU X 306 48.86 68.15 -37.94
N GLU X 307 50.00 67.64 -37.46
CA GLU X 307 50.56 68.13 -36.21
C GLU X 307 50.95 69.60 -36.32
N TYR X 308 51.53 69.99 -37.46
CA TYR X 308 51.94 71.38 -37.64
C TYR X 308 50.74 72.30 -37.66
N THR X 309 49.67 71.91 -38.37
CA THR X 309 48.46 72.72 -38.39
C THR X 309 47.84 72.82 -37.00
N GLN X 310 47.82 71.72 -36.26
CA GLN X 310 47.28 71.74 -34.92
C GLN X 310 48.06 72.70 -34.02
N LYS X 311 49.39 72.61 -34.08
CA LYS X 311 50.23 73.49 -33.27
C LYS X 311 50.01 74.95 -33.66
N PHE X 312 49.96 75.22 -34.96
CA PHE X 312 49.77 76.59 -35.41
C PHE X 312 48.45 77.16 -34.90
N LEU X 313 47.36 76.40 -35.05
CA LEU X 313 46.06 76.91 -34.65
C LEU X 313 45.97 77.07 -33.14
N GLN X 314 46.52 76.13 -32.39
CA GLN X 314 46.52 76.24 -30.93
C GLN X 314 47.28 77.48 -30.49
N TYR X 315 48.49 77.67 -31.01
CA TYR X 315 49.27 78.85 -30.66
C TYR X 315 48.54 80.13 -31.03
N GLU X 316 47.88 80.14 -32.19
CA GLU X 316 47.22 81.36 -32.64
C GLU X 316 46.04 81.71 -31.76
N THR X 317 45.22 80.71 -31.41
CA THR X 317 44.07 81.01 -30.55
C THR X 317 44.54 81.39 -29.15
N GLU X 318 45.62 80.78 -28.66
CA GLU X 318 46.18 81.22 -27.39
C GLU X 318 46.64 82.66 -27.44
N LEU X 319 47.30 83.04 -28.54
CA LEU X 319 47.78 84.41 -28.70
C LEU X 319 46.61 85.40 -28.69
N PHE X 320 45.58 85.11 -29.48
CA PHE X 320 44.47 86.05 -29.56
C PHE X 320 43.70 86.11 -28.25
N GLN X 321 43.59 84.99 -27.54
CA GLN X 321 42.98 85.01 -26.21
C GLN X 321 43.78 85.88 -25.25
N ALA X 322 45.10 85.77 -25.30
CA ALA X 322 45.95 86.60 -24.43
C ALA X 322 45.79 88.08 -24.76
N CYS X 323 45.78 88.42 -26.05
CA CYS X 323 45.57 89.82 -26.43
C CYS X 323 44.22 90.32 -25.95
N ALA X 324 43.17 89.51 -26.10
CA ALA X 324 41.86 89.93 -25.65
C ALA X 324 41.83 90.15 -24.14
N ALA X 325 42.50 89.27 -23.39
CA ALA X 325 42.57 89.45 -21.95
C ALA X 325 43.33 90.72 -21.59
N ARG X 326 44.45 90.96 -22.27
CA ARG X 326 45.22 92.16 -22.03
C ARG X 326 44.38 93.41 -22.27
N LEU X 327 43.57 93.42 -23.33
CA LEU X 327 42.77 94.60 -23.62
C LEU X 327 41.60 94.71 -22.66
N MET X 328 41.00 93.59 -22.27
CA MET X 328 39.91 93.64 -21.31
C MET X 328 40.39 94.11 -19.95
N GLY X 329 41.67 93.92 -19.67
CA GLY X 329 42.24 94.47 -18.44
C GLY X 329 42.02 95.97 -18.32
N HIS X 330 42.03 96.68 -19.44
CA HIS X 330 41.86 98.13 -19.45
C HIS X 330 40.65 98.56 -20.26
N PHE X 331 39.73 97.64 -20.54
CA PHE X 331 38.46 97.96 -21.17
C PHE X 331 38.68 98.51 -22.58
N MET X 332 39.62 97.91 -23.30
CA MET X 332 39.93 98.29 -24.66
C MET X 332 39.66 97.16 -25.64
N PHE X 333 38.99 96.10 -25.20
CA PHE X 333 38.88 94.90 -26.02
C PHE X 333 37.92 95.11 -27.18
N LEU X 334 36.64 95.35 -26.89
CA LEU X 334 35.64 95.64 -27.90
C LEU X 334 34.87 96.87 -27.46
N CYS X 335 35.42 98.04 -27.76
CA CYS X 335 34.84 99.33 -27.44
C CYS X 335 34.57 100.03 -28.77
N ASP X 336 33.33 100.05 -29.20
CA ASP X 336 32.90 100.81 -30.36
C ASP X 336 31.55 101.41 -30.03
N PRO X 337 31.22 102.60 -30.55
CA PRO X 337 31.93 103.49 -31.47
C PRO X 337 33.14 104.19 -30.86
N PHE X 338 33.41 103.94 -29.60
CA PHE X 338 34.63 104.45 -28.99
C PHE X 338 35.86 103.89 -29.69
N ILE X 339 36.97 104.61 -29.52
CA ILE X 339 38.26 104.18 -30.04
C ILE X 339 39.30 104.42 -28.95
N PRO X 340 40.03 103.42 -28.49
CA PRO X 340 40.99 103.65 -27.41
C PRO X 340 42.30 104.23 -27.92
N VAL X 341 42.95 104.98 -27.03
CA VAL X 341 44.18 105.70 -27.35
C VAL X 341 45.12 105.63 -26.17
N GLN X 342 46.39 105.32 -26.43
CA GLN X 342 47.42 105.24 -25.41
C GLN X 342 48.61 106.15 -25.73
N SER X 343 48.44 107.10 -26.66
CA SER X 343 49.54 107.93 -27.10
C SER X 343 49.00 109.07 -27.94
N ALA X 344 49.71 110.20 -27.90
CA ALA X 344 49.29 111.37 -28.68
C ALA X 344 49.37 111.11 -30.18
N GLU X 345 50.33 110.30 -30.62
CA GLU X 345 50.40 109.93 -32.03
C GLU X 345 49.11 109.25 -32.46
N ALA X 346 48.69 108.22 -31.72
CA ALA X 346 47.43 107.54 -32.03
C ALA X 346 46.25 108.48 -31.89
N LEU X 347 46.31 109.42 -30.93
CA LEU X 347 45.24 110.40 -30.80
C LEU X 347 45.08 111.21 -32.07
N SER X 348 46.18 111.75 -32.59
CA SER X 348 46.13 112.50 -33.85
C SER X 348 45.67 111.61 -34.99
N ALA X 349 46.16 110.36 -35.03
CA ALA X 349 45.82 109.47 -36.13
C ALA X 349 44.33 109.19 -36.19
N VAL X 350 43.72 108.92 -35.02
CA VAL X 350 42.30 108.59 -34.99
C VAL X 350 41.43 109.84 -34.99
N THR X 351 41.99 111.00 -34.65
CA THR X 351 41.26 112.25 -34.83
C THR X 351 41.21 112.66 -36.29
N ARG X 352 42.22 112.26 -37.07
CA ARG X 352 42.18 112.50 -38.51
C ARG X 352 41.01 111.78 -39.17
N VAL X 353 40.48 110.74 -38.53
CA VAL X 353 39.30 110.06 -39.05
C VAL X 353 38.14 111.04 -39.16
N ASP X 354 37.75 111.65 -38.05
CA ASP X 354 36.64 112.58 -38.01
C ASP X 354 37.08 114.01 -38.33
N ASN X 355 38.34 114.22 -38.68
CA ASN X 355 38.83 115.54 -39.06
C ASN X 355 38.74 116.52 -37.88
N GLY X 356 39.10 116.02 -36.69
CA GLY X 356 39.12 116.83 -35.50
C GLY X 356 37.80 116.94 -34.76
N LYS X 357 36.70 116.55 -35.40
CA LYS X 357 35.41 116.59 -34.73
C LYS X 357 35.35 115.50 -33.66
N GLY X 358 34.21 115.44 -32.97
CA GLY X 358 34.00 114.43 -31.95
C GLY X 358 34.55 114.83 -30.60
N LYS X 359 34.45 113.88 -29.68
CA LYS X 359 34.77 114.10 -28.28
C LYS X 359 35.80 113.09 -27.80
N LEU X 360 36.26 113.29 -26.56
CA LEU X 360 37.19 112.38 -25.92
C LEU X 360 36.77 112.18 -24.47
N PHE X 361 36.85 110.93 -24.02
CA PHE X 361 36.35 110.51 -22.72
C PHE X 361 37.45 109.80 -21.96
N SER X 362 37.32 109.81 -20.64
CA SER X 362 38.35 109.34 -19.74
C SER X 362 37.72 108.56 -18.59
N LEU X 363 38.51 107.65 -18.01
CA LEU X 363 38.17 106.99 -16.76
C LEU X 363 39.39 107.01 -15.86
N GLY X 364 39.17 107.13 -14.56
CA GLY X 364 40.19 107.65 -13.68
C GLY X 364 41.20 106.67 -13.12
N ASP X 365 42.35 106.59 -13.79
CA ASP X 365 43.59 106.05 -13.24
C ASP X 365 43.55 104.54 -13.00
N ASP X 366 42.38 103.92 -13.16
CA ASP X 366 42.35 102.46 -13.33
C ASP X 366 42.33 102.06 -14.79
N VAL X 367 41.66 102.86 -15.61
CA VAL X 367 41.74 102.75 -17.07
C VAL X 367 42.97 103.49 -17.56
N ASN X 368 43.90 102.75 -18.17
CA ASN X 368 45.19 103.30 -18.59
C ASN X 368 45.16 103.69 -20.06
N ALA X 369 44.04 104.24 -20.51
CA ALA X 369 43.89 104.72 -21.88
C ALA X 369 42.71 105.67 -21.91
N LEU X 370 42.62 106.43 -22.99
CA LEU X 370 41.56 107.42 -23.16
C LEU X 370 40.82 107.15 -24.47
N PHE X 371 39.50 107.27 -24.44
CA PHE X 371 38.68 106.87 -25.56
C PHE X 371 38.23 108.08 -26.36
N TYR X 372 37.96 107.86 -27.64
CA TYR X 372 37.59 108.93 -28.55
C TYR X 372 36.29 108.54 -29.24
N LEU X 373 35.33 109.46 -29.24
CA LEU X 373 34.06 109.27 -29.93
C LEU X 373 34.05 110.13 -31.20
N PRO X 374 34.02 109.52 -32.38
CA PRO X 374 33.77 110.31 -33.59
C PRO X 374 32.32 110.78 -33.68
N GLU X 375 31.97 111.40 -34.80
CA GLU X 375 30.61 111.87 -35.01
C GLU X 375 29.74 110.74 -35.54
N GLN X 376 28.45 110.83 -35.25
CA GLN X 376 27.55 109.71 -35.48
C GLN X 376 27.56 109.27 -36.94
N GLN X 377 27.73 110.21 -37.87
CA GLN X 377 27.82 109.84 -39.27
C GLN X 377 29.08 109.06 -39.59
N ARG X 378 30.12 109.18 -38.76
CA ARG X 378 31.39 108.51 -39.00
C ARG X 378 31.69 107.47 -37.91
N ARG X 379 30.65 106.93 -37.28
CA ARG X 379 30.79 105.83 -36.35
C ARG X 379 30.69 104.47 -37.02
N ASP X 380 30.99 104.39 -38.31
CA ASP X 380 30.81 103.17 -39.08
C ASP X 380 32.01 102.24 -38.89
N VAL X 381 31.80 100.97 -39.20
CA VAL X 381 32.89 100.00 -39.29
C VAL X 381 33.41 99.97 -40.71
N GLU X 382 34.68 99.63 -40.85
CA GLU X 382 35.36 99.61 -42.13
C GLU X 382 35.44 98.20 -42.69
N ARG X 383 35.65 98.11 -43.99
CA ARG X 383 35.74 96.82 -44.64
C ARG X 383 37.03 96.11 -44.21
N PRO X 384 37.03 94.78 -44.22
CA PRO X 384 38.20 94.06 -43.70
C PRO X 384 39.42 94.20 -44.58
N THR X 385 39.26 94.36 -45.89
CA THR X 385 40.42 94.59 -46.74
C THR X 385 41.06 95.93 -46.39
N GLN X 386 40.25 96.96 -46.19
CA GLN X 386 40.79 98.24 -45.73
C GLN X 386 41.47 98.09 -44.38
N ALA X 387 40.89 97.30 -43.48
CA ALA X 387 41.50 97.08 -42.17
C ALA X 387 42.89 96.46 -42.32
N VAL X 388 43.00 95.43 -43.14
CA VAL X 388 44.27 94.75 -43.33
C VAL X 388 45.28 95.69 -43.98
N GLN X 389 44.84 96.47 -44.96
CA GLN X 389 45.74 97.41 -45.60
C GLN X 389 46.26 98.44 -44.60
N THR X 390 45.37 98.97 -43.75
CA THR X 390 45.77 99.91 -42.72
C THR X 390 46.79 99.29 -41.78
N LEU X 391 46.50 98.10 -41.28
CA LEU X 391 47.40 97.42 -40.37
C LEU X 391 48.78 97.24 -41.01
N LEU X 392 48.81 96.68 -42.21
CA LEU X 392 50.09 96.39 -42.85
C LEU X 392 50.86 97.67 -43.14
N GLY X 393 50.16 98.70 -43.62
CA GLY X 393 50.84 99.97 -43.88
C GLY X 393 51.44 100.55 -42.63
N HIS X 394 50.72 100.51 -41.51
CA HIS X 394 51.28 100.95 -40.24
C HIS X 394 52.50 100.12 -39.86
N LEU X 395 52.44 98.81 -40.07
CA LEU X 395 53.55 97.95 -39.67
C LEU X 395 54.78 98.22 -40.51
N GLU X 396 54.62 98.45 -41.82
CA GLU X 396 55.78 98.75 -42.64
C GLU X 396 56.29 100.15 -42.40
N ALA X 397 55.40 101.09 -42.03
CA ALA X 397 55.86 102.42 -41.66
C ALA X 397 56.70 102.37 -40.38
N THR X 398 56.32 101.51 -39.44
CA THR X 398 57.12 101.33 -38.24
C THR X 398 58.35 100.46 -38.49
N GLY X 399 58.34 99.65 -39.54
CA GLY X 399 59.47 98.81 -39.89
C GLY X 399 59.40 97.45 -39.24
N ARG X 400 58.23 96.83 -39.27
CA ARG X 400 58.01 95.50 -38.68
C ARG X 400 57.03 94.73 -39.54
N PRO X 401 57.42 94.38 -40.76
CA PRO X 401 56.49 93.70 -41.67
C PRO X 401 56.30 92.24 -41.28
N PHE X 402 55.06 91.78 -41.46
CA PHE X 402 54.76 90.35 -41.33
C PHE X 402 55.44 89.56 -42.44
N ASN X 403 55.45 88.24 -42.27
CA ASN X 403 55.93 87.37 -43.32
C ASN X 403 54.91 87.31 -44.45
N PRO X 404 55.36 86.98 -45.67
CA PRO X 404 54.43 87.04 -46.81
C PRO X 404 53.34 85.99 -46.72
N CYS X 405 53.66 84.80 -46.21
CA CYS X 405 52.64 83.77 -46.04
C CYS X 405 51.54 84.24 -45.11
N TYR X 406 51.92 84.83 -43.97
CA TYR X 406 50.93 85.34 -43.03
C TYR X 406 50.13 86.48 -43.65
N SER X 407 50.78 87.35 -44.42
CA SER X 407 50.06 88.44 -45.06
C SER X 407 49.03 87.91 -46.05
N GLU X 408 49.41 86.89 -46.82
CA GLU X 408 48.45 86.27 -47.73
C GLU X 408 47.30 85.62 -46.96
N LEU X 409 47.60 85.00 -45.84
CA LEU X 409 46.55 84.43 -45.00
C LEU X 409 45.56 85.51 -44.57
N LEU X 410 46.07 86.65 -44.09
CA LEU X 410 45.19 87.75 -43.73
C LEU X 410 44.38 88.22 -44.92
N HIS X 411 44.99 88.30 -46.09
CA HIS X 411 44.28 88.80 -47.26
C HIS X 411 43.15 87.86 -47.67
N VAL X 412 43.40 86.55 -47.62
CA VAL X 412 42.34 85.60 -47.98
C VAL X 412 41.23 85.64 -46.94
N HIS X 413 41.59 85.77 -45.66
CA HIS X 413 40.57 85.90 -44.64
C HIS X 413 39.69 87.12 -44.90
N ALA X 414 40.32 88.24 -45.24
CA ALA X 414 39.57 89.45 -45.58
C ALA X 414 38.70 89.24 -46.81
N GLU X 415 39.18 88.46 -47.77
CA GLU X 415 38.40 88.22 -48.98
C GLU X 415 37.14 87.43 -48.67
N VAL X 416 37.30 86.32 -47.93
CA VAL X 416 36.13 85.50 -47.60
C VAL X 416 35.20 86.26 -46.68
N LEU X 417 35.71 87.22 -45.91
CA LEU X 417 34.81 88.07 -45.13
C LEU X 417 34.08 89.06 -46.02
N GLU X 418 34.75 89.56 -47.06
CA GLU X 418 34.08 90.43 -48.03
C GLU X 418 32.97 89.70 -48.75
N GLU X 419 33.12 88.39 -48.92
CA GLU X 419 32.06 87.61 -49.56
C GLU X 419 30.75 87.66 -48.80
N ARG X 420 30.76 88.07 -47.54
CA ARG X 420 29.50 88.16 -46.79
C ARG X 420 28.63 89.28 -47.33
N GLY X 421 29.23 90.38 -47.76
CA GLY X 421 28.49 91.44 -48.42
C GLY X 421 28.45 92.74 -47.64
N GLU X 422 27.35 93.47 -47.76
CA GLU X 422 27.22 94.76 -47.10
C GLU X 422 27.37 94.63 -45.59
N HIS X 423 26.46 93.89 -44.96
CA HIS X 423 26.48 93.67 -43.52
C HIS X 423 27.31 92.43 -43.24
N TRP X 424 28.61 92.64 -43.04
CA TRP X 424 29.55 91.55 -42.84
C TRP X 424 29.82 91.23 -41.39
N LEU X 425 29.62 92.18 -40.49
CA LEU X 425 29.82 91.93 -39.06
C LEU X 425 28.64 92.38 -38.21
N THR X 426 27.98 93.48 -38.57
CA THR X 426 26.98 94.10 -37.71
C THR X 426 25.74 94.42 -38.51
N ALA X 427 24.62 94.45 -37.80
CA ALA X 427 23.36 94.94 -38.35
C ALA X 427 23.38 96.46 -38.31
N PRO X 428 22.35 97.10 -38.86
CA PRO X 428 22.33 98.57 -38.86
C PRO X 428 22.41 99.18 -37.47
N GLY X 429 21.47 98.84 -36.59
CA GLY X 429 21.43 99.46 -35.28
C GLY X 429 22.21 98.73 -34.23
N GLU X 430 23.24 97.98 -34.64
CA GLU X 430 23.96 97.09 -33.77
C GLU X 430 25.38 97.60 -33.53
N CYS X 431 25.93 97.24 -32.37
CA CYS X 431 27.31 97.54 -32.02
C CYS X 431 28.14 96.26 -32.04
N VAL X 432 29.46 96.45 -32.02
CA VAL X 432 30.36 95.31 -32.20
C VAL X 432 30.31 94.39 -30.98
N SER X 433 30.14 94.95 -29.80
CA SER X 433 29.99 94.10 -28.61
C SER X 433 28.74 93.26 -28.69
N GLN X 434 27.63 93.85 -29.14
CA GLN X 434 26.40 93.09 -29.30
C GLN X 434 26.57 92.01 -30.36
N ALA X 435 27.30 92.31 -31.43
CA ALA X 435 27.54 91.31 -32.46
C ALA X 435 28.38 90.16 -31.92
N PHE X 436 29.39 90.48 -31.12
CA PHE X 436 30.23 89.45 -30.51
C PHE X 436 29.41 88.55 -29.60
N LEU X 437 28.59 89.15 -28.74
CA LEU X 437 27.76 88.35 -27.84
C LEU X 437 26.71 87.55 -28.60
N ARG X 438 26.26 88.07 -29.73
CA ARG X 438 25.32 87.35 -30.58
C ARG X 438 25.97 86.12 -31.19
N ARG X 439 27.09 86.30 -31.87
CA ARG X 439 27.78 85.21 -32.55
C ARG X 439 28.53 84.30 -31.60
N LEU X 440 28.61 84.64 -30.32
CA LEU X 440 29.40 83.85 -29.38
C LEU X 440 28.70 82.53 -29.09
N ARG X 441 29.46 81.44 -29.17
CA ARG X 441 28.93 80.13 -28.83
C ARG X 441 28.51 80.08 -27.37
N THR X 442 27.29 79.59 -27.14
CA THR X 442 26.76 79.57 -25.78
C THR X 442 27.34 78.43 -24.96
N ASP X 443 27.78 77.36 -25.62
CA ASP X 443 28.51 76.29 -24.96
C ASP X 443 29.93 76.67 -24.62
N ASP X 444 30.37 77.88 -24.98
CA ASP X 444 31.75 78.25 -24.77
C ASP X 444 32.02 78.38 -23.27
N PRO X 445 33.17 77.91 -22.79
CA PRO X 445 33.49 78.12 -21.37
C PRO X 445 33.61 79.59 -20.98
N ALA X 446 34.09 80.43 -21.88
CA ALA X 446 34.33 81.84 -21.56
C ALA X 446 33.09 82.70 -21.72
N TYR X 447 31.90 82.09 -21.88
CA TYR X 447 30.69 82.86 -22.08
C TYR X 447 30.42 83.79 -20.91
N GLU X 448 30.48 83.24 -19.69
CA GLU X 448 30.25 84.06 -18.51
C GLU X 448 31.36 85.08 -18.30
N VAL X 449 32.59 84.76 -18.70
CA VAL X 449 33.68 85.71 -18.57
C VAL X 449 33.44 86.91 -19.45
N TYR X 450 33.08 86.68 -20.71
CA TYR X 450 32.80 87.77 -21.62
C TYR X 450 31.59 88.56 -21.18
N CYS X 451 30.56 87.88 -20.66
CA CYS X 451 29.38 88.59 -20.19
C CYS X 451 29.72 89.49 -19.00
N SER X 452 30.51 88.98 -18.06
CA SER X 452 31.02 89.80 -16.97
C SER X 452 31.74 91.04 -17.50
N TYR X 453 32.68 90.83 -18.42
CA TYR X 453 33.46 91.95 -18.92
C TYR X 453 32.55 93.00 -19.56
N PHE X 454 31.61 92.56 -20.39
CA PHE X 454 30.79 93.53 -21.11
C PHE X 454 29.82 94.23 -20.18
N LYS X 455 29.34 93.54 -19.14
CA LYS X 455 28.53 94.20 -18.12
C LYS X 455 29.31 95.31 -17.46
N GLU X 456 30.53 95.00 -17.00
CA GLU X 456 31.36 96.01 -16.34
C GLU X 456 31.68 97.16 -17.28
N MET X 457 31.96 96.84 -18.55
CA MET X 457 32.31 97.88 -19.51
C MET X 457 31.14 98.79 -19.77
N TYR X 458 29.93 98.23 -19.88
CA TYR X 458 28.74 99.04 -20.10
C TYR X 458 28.49 99.95 -18.92
N GLU X 459 28.54 99.40 -17.70
CA GLU X 459 28.25 100.21 -16.53
C GLU X 459 29.33 101.24 -16.25
N ARG X 460 30.55 101.05 -16.79
CA ARG X 460 31.57 102.07 -16.66
C ARG X 460 31.43 103.15 -17.72
N PHE X 461 31.24 102.76 -18.97
CA PHE X 461 31.10 103.71 -20.05
C PHE X 461 29.82 104.53 -19.93
N ALA X 462 28.82 104.02 -19.21
CA ALA X 462 27.63 104.84 -18.96
C ALA X 462 27.99 106.09 -18.16
N GLY X 463 28.88 105.96 -17.20
CA GLY X 463 29.27 107.05 -16.33
C GLY X 463 30.63 107.64 -16.61
N ALA X 464 31.27 107.26 -17.71
CA ALA X 464 32.55 107.87 -18.06
C ALA X 464 32.41 109.37 -18.24
N LYS X 465 33.43 110.10 -17.82
CA LYS X 465 33.46 111.56 -17.90
C LYS X 465 34.06 112.03 -19.21
N GLU X 466 33.65 113.21 -19.65
CA GLU X 466 34.20 113.84 -20.84
C GLU X 466 35.45 114.62 -20.49
N VAL X 467 36.42 114.60 -21.39
CA VAL X 467 37.70 115.28 -21.21
C VAL X 467 38.16 115.82 -22.55
N SER X 468 38.49 117.10 -22.61
CA SER X 468 38.82 117.75 -23.86
C SER X 468 40.22 117.34 -24.30
N MET X 469 40.73 117.98 -25.35
CA MET X 469 41.88 117.45 -26.08
C MET X 469 43.16 117.59 -25.27
N GLU X 470 43.53 118.82 -24.93
CA GLU X 470 44.84 119.07 -24.34
C GLU X 470 44.96 118.52 -22.94
N ASP X 471 43.84 118.29 -22.25
CA ASP X 471 43.88 117.62 -20.96
C ASP X 471 44.39 116.20 -21.05
N GLY X 472 44.33 115.59 -22.22
CA GLY X 472 44.71 114.20 -22.38
C GLY X 472 46.17 113.96 -22.73
N ARG X 473 46.74 114.83 -23.56
CA ARG X 473 48.09 114.62 -24.05
C ARG X 473 49.09 114.51 -22.90
N LYS X 474 49.04 115.49 -21.99
CA LYS X 474 49.86 115.40 -20.78
C LYS X 474 49.55 114.12 -20.01
N ARG X 475 48.29 113.69 -20.02
CA ARG X 475 47.94 112.41 -19.43
C ARG X 475 48.42 111.26 -20.30
N LEU X 476 48.38 111.45 -21.62
CA LEU X 476 48.77 110.37 -22.53
C LEU X 476 50.27 110.07 -22.41
N ALA X 477 51.07 111.03 -21.97
CA ALA X 477 52.49 110.77 -21.76
C ALA X 477 52.69 109.73 -20.66
N THR X 478 52.12 109.98 -19.47
CA THR X 478 52.25 109.03 -18.39
C THR X 478 51.55 107.72 -18.71
N ILE X 479 50.45 107.77 -19.47
CA ILE X 479 49.81 106.55 -19.92
C ILE X 479 50.77 105.74 -20.78
N GLU X 480 51.48 106.40 -21.69
CA GLU X 480 52.49 105.72 -22.51
C GLU X 480 53.56 105.09 -21.63
N LYS X 481 54.01 105.82 -20.61
CA LYS X 481 55.05 105.32 -19.72
C LYS X 481 54.60 104.04 -19.03
N ASN X 482 53.52 104.13 -18.25
CA ASN X 482 53.07 102.94 -17.52
C ASN X 482 52.58 101.85 -18.46
N ALA X 483 52.20 102.19 -19.70
CA ALA X 483 51.77 101.17 -20.64
C ALA X 483 52.96 100.39 -21.17
N GLN X 484 54.07 101.07 -21.47
CA GLN X 484 55.27 100.33 -21.87
C GLN X 484 55.81 99.52 -20.70
N GLU X 485 55.67 100.03 -19.48
CA GLU X 485 56.07 99.23 -18.32
C GLU X 485 55.22 97.96 -18.20
N GLU X 486 53.91 98.09 -18.40
CA GLU X 486 53.03 96.92 -18.37
C GLU X 486 53.36 95.96 -19.50
N ALA X 487 53.68 96.49 -20.68
CA ALA X 487 54.03 95.64 -21.81
C ALA X 487 55.33 94.89 -21.55
N ALA X 488 56.27 95.51 -20.84
CA ALA X 488 57.47 94.79 -20.42
C ALA X 488 57.12 93.70 -19.41
N ALA X 489 56.22 94.00 -18.48
CA ALA X 489 55.80 92.99 -17.51
C ALA X 489 55.07 91.84 -18.18
N TYR X 490 54.43 92.12 -19.33
CA TYR X 490 53.62 91.11 -20.01
C TYR X 490 54.43 89.89 -20.39
N GLY X 491 55.68 90.10 -20.83
CA GLY X 491 56.51 88.96 -21.22
C GLY X 491 56.74 87.99 -20.07
N LEU X 492 56.98 88.52 -18.87
CA LEU X 492 57.12 87.65 -17.71
C LEU X 492 55.78 87.07 -17.30
N ALA X 493 54.70 87.85 -17.47
CA ALA X 493 53.37 87.38 -17.09
C ALA X 493 52.93 86.20 -17.95
N LEU X 494 53.45 86.10 -19.17
CA LEU X 494 53.12 84.94 -20.00
C LEU X 494 53.74 83.67 -19.47
N LYS X 495 54.92 83.76 -18.85
CA LYS X 495 55.49 82.60 -18.18
C LYS X 495 54.67 82.17 -16.98
N THR X 496 53.86 83.07 -16.41
CA THR X 496 53.07 82.74 -15.24
C THR X 496 52.04 81.67 -15.56
N MET X 497 51.21 81.93 -16.56
CA MET X 497 50.07 81.07 -16.88
C MET X 497 49.98 80.70 -18.35
N GLY X 498 50.64 81.43 -19.25
CA GLY X 498 50.63 81.07 -20.64
C GLY X 498 51.29 79.71 -20.87
N SER X 499 50.98 79.14 -22.03
CA SER X 499 51.46 77.80 -22.36
C SER X 499 52.97 77.83 -22.67
N ALA X 500 53.54 76.64 -22.75
CA ALA X 500 54.96 76.51 -23.05
C ALA X 500 55.29 77.09 -24.42
N GLU X 501 54.35 77.01 -25.36
CA GLU X 501 54.57 77.61 -26.68
C GLU X 501 54.74 79.11 -26.55
N LEU X 502 53.79 79.78 -25.88
CA LEU X 502 53.90 81.22 -25.68
C LEU X 502 55.18 81.57 -24.94
N ALA X 503 55.55 80.78 -23.93
CA ALA X 503 56.73 81.08 -23.14
C ALA X 503 57.99 80.99 -24.00
N HIS X 504 58.15 79.88 -24.72
CA HIS X 504 59.33 79.71 -25.55
C HIS X 504 59.39 80.71 -26.68
N LYS X 505 58.23 81.16 -27.19
CA LYS X 505 58.24 82.16 -28.24
C LYS X 505 58.50 83.56 -27.70
N ALA X 506 58.18 83.79 -26.43
CA ALA X 506 58.58 85.04 -25.80
C ALA X 506 60.08 85.05 -25.51
N ARG X 507 60.64 83.89 -25.18
CA ARG X 507 62.09 83.77 -25.02
C ARG X 507 62.78 83.66 -26.37
N VAL Y 2 -14.12 -42.53 -87.60
CA VAL Y 2 -14.63 -43.43 -88.63
C VAL Y 2 -14.76 -44.84 -88.08
N ARG Y 3 -13.92 -45.17 -87.10
CA ARG Y 3 -14.00 -46.49 -86.50
C ARG Y 3 -15.33 -46.69 -85.79
N ASN Y 4 -15.89 -47.88 -85.94
CA ASN Y 4 -17.10 -48.28 -85.25
C ASN Y 4 -16.66 -49.14 -84.07
N GLN Y 5 -16.72 -48.56 -82.87
CA GLN Y 5 -16.08 -49.18 -81.72
C GLN Y 5 -16.75 -50.49 -81.34
N ARG Y 6 -15.93 -51.47 -80.99
CA ARG Y 6 -16.45 -52.73 -80.47
C ARG Y 6 -17.14 -52.54 -79.14
N TYR Y 7 -16.70 -51.56 -78.35
CA TYR Y 7 -17.21 -51.34 -77.00
C TYR Y 7 -17.49 -49.86 -76.82
N PRO Y 8 -18.67 -49.38 -77.23
CA PRO Y 8 -18.99 -47.96 -77.05
C PRO Y 8 -19.03 -47.53 -75.60
N ALA Y 9 -19.45 -48.41 -74.69
CA ALA Y 9 -19.35 -48.18 -73.25
C ALA Y 9 -18.12 -48.91 -72.71
N SER Y 10 -16.96 -48.38 -73.09
CA SER Y 10 -15.72 -49.15 -72.98
C SER Y 10 -15.30 -49.42 -71.54
N PRO Y 11 -15.41 -48.46 -70.60
CA PRO Y 11 -15.04 -48.81 -69.22
C PRO Y 11 -16.09 -49.66 -68.52
N VAL Y 12 -17.21 -49.98 -69.18
CA VAL Y 12 -18.25 -50.83 -68.63
C VAL Y 12 -18.45 -52.09 -69.48
N GLN Y 13 -18.66 -51.90 -70.79
CA GLN Y 13 -18.99 -52.98 -71.71
C GLN Y 13 -17.87 -54.00 -71.82
N GLU Y 14 -16.61 -53.55 -71.92
CA GLU Y 14 -15.53 -54.50 -72.12
C GLU Y 14 -15.44 -55.47 -70.94
N ILE Y 15 -15.50 -54.94 -69.73
CA ILE Y 15 -15.40 -55.77 -68.54
C ILE Y 15 -16.63 -56.66 -68.38
N PHE Y 16 -17.83 -56.08 -68.52
CA PHE Y 16 -19.05 -56.84 -68.31
C PHE Y 16 -19.32 -57.88 -69.39
N LEU Y 17 -19.19 -57.52 -70.66
CA LEU Y 17 -19.50 -58.42 -71.78
C LEU Y 17 -18.48 -58.27 -72.89
N PRO Y 18 -17.27 -58.78 -72.70
CA PRO Y 18 -16.27 -58.72 -73.78
C PRO Y 18 -16.65 -59.63 -74.93
N GLU Y 19 -16.45 -59.12 -76.15
CA GLU Y 19 -16.77 -59.91 -77.33
C GLU Y 19 -15.82 -61.11 -77.44
N PRO Y 20 -16.31 -62.26 -77.91
CA PRO Y 20 -15.45 -63.44 -78.02
C PRO Y 20 -14.69 -63.49 -79.34
N VAL Y 21 -13.89 -64.53 -79.53
CA VAL Y 21 -13.22 -64.73 -80.81
C VAL Y 21 -14.21 -65.36 -81.78
N PRO Y 22 -14.38 -64.83 -83.00
CA PRO Y 22 -15.39 -65.38 -83.90
C PRO Y 22 -15.10 -66.81 -84.32
N PHE Y 23 -16.04 -67.39 -85.07
CA PHE Y 23 -15.92 -68.75 -85.57
C PHE Y 23 -16.37 -68.74 -87.02
N VAL Y 24 -15.47 -69.09 -87.94
CA VAL Y 24 -15.68 -68.85 -89.36
C VAL Y 24 -15.80 -70.12 -90.18
N GLN Y 25 -15.65 -71.29 -89.55
CA GLN Y 25 -15.81 -72.53 -90.32
C GLN Y 25 -17.26 -72.71 -90.76
N PHE Y 26 -18.20 -72.32 -89.91
CA PHE Y 26 -19.62 -72.35 -90.25
C PHE Y 26 -20.38 -71.50 -89.25
N ASP Y 27 -21.68 -71.36 -89.49
CA ASP Y 27 -22.48 -70.39 -88.75
C ASP Y 27 -22.52 -70.72 -87.26
N GLN Y 28 -22.68 -72.00 -86.91
CA GLN Y 28 -22.78 -72.52 -85.55
C GLN Y 28 -24.08 -72.14 -84.85
N THR Y 29 -24.94 -71.34 -85.47
CA THR Y 29 -26.23 -71.01 -84.88
C THR Y 29 -27.38 -71.79 -85.50
N ALA Y 30 -27.09 -72.68 -86.46
CA ALA Y 30 -28.10 -73.39 -87.21
C ALA Y 30 -27.89 -74.89 -87.05
N PRO Y 31 -28.89 -75.71 -87.38
CA PRO Y 31 -28.71 -77.15 -87.30
C PRO Y 31 -27.66 -77.66 -88.28
N SER Y 32 -27.13 -78.83 -87.98
CA SER Y 32 -26.16 -79.49 -88.84
C SER Y 32 -26.88 -80.37 -89.85
N PRO Y 33 -26.61 -80.24 -91.15
CA PRO Y 33 -27.20 -81.18 -92.11
C PRO Y 33 -26.62 -82.57 -91.92
N ASN Y 34 -27.49 -83.57 -91.88
CA ASN Y 34 -27.07 -84.96 -91.79
C ASN Y 34 -27.12 -85.66 -93.14
N SER Y 35 -27.28 -84.92 -94.23
CA SER Y 35 -27.22 -85.45 -95.57
C SER Y 35 -26.40 -84.50 -96.43
N PRO Y 36 -25.69 -85.01 -97.43
CA PRO Y 36 -24.88 -84.14 -98.28
C PRO Y 36 -25.77 -83.35 -99.22
N PRO Y 37 -25.20 -82.45 -100.01
CA PRO Y 37 -25.98 -81.78 -101.04
C PRO Y 37 -26.32 -82.72 -102.19
N ALA Y 38 -27.47 -82.49 -102.80
CA ALA Y 38 -27.89 -83.32 -103.91
C ALA Y 38 -27.04 -83.00 -105.14
N PRO Y 39 -26.72 -84.00 -105.97
CA PRO Y 39 -25.90 -83.72 -107.15
C PRO Y 39 -26.65 -82.81 -108.12
N LEU Y 40 -26.06 -81.64 -108.39
CA LEU Y 40 -26.68 -80.67 -109.25
C LEU Y 40 -26.76 -81.19 -110.68
N PRO Y 41 -27.69 -80.68 -111.49
CA PRO Y 41 -27.80 -81.13 -112.88
C PRO Y 41 -26.54 -80.79 -113.66
N SER Y 42 -26.04 -81.77 -114.41
CA SER Y 42 -24.78 -81.58 -115.10
C SER Y 42 -24.92 -80.51 -116.18
N PRO Y 43 -23.94 -79.60 -116.30
CA PRO Y 43 -24.11 -78.46 -117.19
C PRO Y 43 -23.69 -78.73 -118.62
N SER Y 44 -23.79 -77.73 -119.48
CA SER Y 44 -23.24 -77.79 -120.83
C SER Y 44 -23.22 -76.38 -121.38
N LEU Y 45 -22.76 -76.24 -122.62
CA LEU Y 45 -22.64 -74.95 -123.28
C LEU Y 45 -23.98 -74.43 -123.79
N SER Y 46 -25.08 -75.12 -123.46
CA SER Y 46 -26.40 -74.62 -123.77
C SER Y 46 -26.72 -73.29 -123.10
N GLN Y 47 -26.03 -72.95 -122.00
CA GLN Y 47 -26.48 -71.89 -121.11
C GLN Y 47 -25.61 -70.64 -121.14
N CYS Y 48 -24.61 -70.56 -122.01
CA CYS Y 48 -23.74 -69.40 -122.08
C CYS Y 48 -24.20 -68.37 -123.10
N GLU Y 49 -25.50 -68.33 -123.41
CA GLU Y 49 -26.01 -67.45 -124.47
C GLU Y 49 -25.71 -65.98 -124.16
N GLU Y 50 -26.36 -65.47 -123.10
CA GLU Y 50 -26.30 -64.05 -122.82
C GLU Y 50 -24.97 -63.64 -122.25
N GLN Y 51 -24.11 -64.60 -121.93
CA GLN Y 51 -22.76 -64.29 -121.50
C GLN Y 51 -21.87 -64.10 -122.71
N LYS Y 52 -21.95 -65.01 -123.67
CA LYS Y 52 -21.15 -64.85 -124.88
C LYS Y 52 -21.55 -63.57 -125.58
N ASP Y 53 -22.85 -63.37 -125.81
CA ASP Y 53 -23.26 -62.19 -126.55
C ASP Y 53 -23.00 -60.91 -125.78
N ARG Y 54 -23.14 -60.90 -124.44
CA ARG Y 54 -22.87 -59.68 -123.70
C ARG Y 54 -21.40 -59.35 -123.69
N TYR Y 55 -20.54 -60.36 -123.59
CA TYR Y 55 -19.10 -60.12 -123.67
C TYR Y 55 -18.72 -59.60 -125.05
N ARG Y 56 -19.30 -60.17 -126.11
CA ARG Y 56 -19.06 -59.64 -127.45
C ARG Y 56 -19.47 -58.17 -127.55
N ASP Y 57 -20.67 -57.85 -127.06
CA ASP Y 57 -21.14 -56.47 -127.07
C ASP Y 57 -20.15 -55.55 -126.37
N ILE Y 58 -19.81 -55.89 -125.13
CA ILE Y 58 -19.04 -54.97 -124.31
C ILE Y 58 -17.59 -54.88 -124.82
N SER Y 59 -17.08 -55.95 -125.43
CA SER Y 59 -15.74 -55.87 -126.00
C SER Y 59 -15.74 -54.98 -127.24
N SER Y 60 -16.74 -55.11 -128.11
CA SER Y 60 -16.84 -54.20 -129.25
C SER Y 60 -16.97 -52.76 -128.79
N MET Y 61 -17.69 -52.54 -127.68
CA MET Y 61 -17.85 -51.19 -127.20
C MET Y 61 -16.58 -50.68 -126.54
N PHE Y 62 -15.81 -51.55 -125.89
CA PHE Y 62 -14.54 -51.11 -125.34
C PHE Y 62 -13.56 -50.80 -126.46
N HIS Y 63 -13.64 -51.55 -127.56
CA HIS Y 63 -12.84 -51.25 -128.75
C HIS Y 63 -13.18 -49.87 -129.28
N ARG Y 64 -14.43 -49.45 -129.12
CA ARG Y 64 -14.76 -48.05 -129.39
C ARG Y 64 -14.17 -47.15 -128.31
N GLY Y 65 -14.28 -47.56 -127.06
CA GLY Y 65 -13.68 -46.89 -125.92
C GLY Y 65 -14.67 -46.35 -124.90
N VAL Y 66 -15.98 -46.33 -125.21
CA VAL Y 66 -16.98 -45.81 -124.29
C VAL Y 66 -17.44 -46.81 -123.26
N ALA Y 67 -16.84 -48.01 -123.22
CA ALA Y 67 -17.32 -49.05 -122.30
C ALA Y 67 -16.60 -49.05 -120.96
N GLY Y 68 -15.28 -49.25 -120.96
CA GLY Y 68 -14.52 -49.42 -119.75
C GLY Y 68 -13.91 -50.81 -119.67
N ALA Y 69 -13.13 -51.01 -118.61
CA ALA Y 69 -12.42 -52.26 -118.37
C ALA Y 69 -13.04 -53.13 -117.29
N GLU Y 70 -13.56 -52.52 -116.23
CA GLU Y 70 -14.33 -53.26 -115.22
C GLU Y 70 -15.41 -54.12 -115.87
N GLN Y 71 -16.17 -53.54 -116.79
CA GLN Y 71 -17.27 -54.27 -117.41
C GLN Y 71 -16.75 -55.45 -118.21
N VAL Y 72 -15.64 -55.25 -118.92
CA VAL Y 72 -15.05 -56.34 -119.70
C VAL Y 72 -14.62 -57.46 -118.79
N ARG Y 73 -13.96 -57.11 -117.68
CA ARG Y 73 -13.51 -58.12 -116.73
C ARG Y 73 -14.70 -58.91 -116.18
N GLU Y 74 -15.75 -58.20 -115.77
CA GLU Y 74 -16.92 -58.86 -115.21
C GLU Y 74 -17.53 -59.83 -116.21
N ALA Y 75 -17.76 -59.36 -117.44
CA ALA Y 75 -18.40 -60.20 -118.45
C ALA Y 75 -17.54 -61.41 -118.79
N TYR Y 76 -16.24 -61.18 -119.01
CA TYR Y 76 -15.35 -62.29 -119.32
C TYR Y 76 -15.31 -63.30 -118.20
N ASN Y 77 -15.36 -62.85 -116.95
CA ASN Y 77 -15.26 -63.79 -115.85
C ASN Y 77 -16.56 -64.57 -115.69
N SER Y 78 -17.70 -63.96 -115.96
CA SER Y 78 -18.95 -64.72 -115.96
C SER Y 78 -18.93 -65.80 -117.04
N MET Y 79 -18.53 -65.43 -118.26
CA MET Y 79 -18.43 -66.40 -119.34
C MET Y 79 -17.47 -67.53 -119.00
N ALA Y 80 -16.31 -67.19 -118.43
CA ALA Y 80 -15.32 -68.20 -118.10
C ALA Y 80 -15.81 -69.09 -116.97
N LYS Y 81 -16.57 -68.54 -116.02
CA LYS Y 81 -17.20 -69.37 -115.01
C LYS Y 81 -18.14 -70.38 -115.64
N CYS Y 82 -18.93 -69.94 -116.62
CA CYS Y 82 -19.86 -70.84 -117.29
C CYS Y 82 -19.12 -71.98 -117.99
N PHE Y 83 -17.97 -71.67 -118.60
CA PHE Y 83 -17.17 -72.74 -119.22
C PHE Y 83 -16.53 -73.65 -118.17
N ARG Y 84 -16.04 -73.06 -117.08
CA ARG Y 84 -15.36 -73.85 -116.07
C ARG Y 84 -16.32 -74.81 -115.39
N ARG Y 85 -17.60 -74.45 -115.33
CA ARG Y 85 -18.60 -75.40 -114.84
C ARG Y 85 -18.52 -76.72 -115.57
N VAL Y 86 -18.53 -76.67 -116.91
CA VAL Y 86 -18.57 -77.91 -117.69
C VAL Y 86 -17.23 -78.61 -117.63
N SER Y 87 -16.13 -77.84 -117.61
CA SER Y 87 -14.82 -78.49 -117.50
C SER Y 87 -14.70 -79.25 -116.19
N VAL Y 88 -15.15 -78.64 -115.09
CA VAL Y 88 -15.07 -79.29 -113.80
C VAL Y 88 -15.99 -80.51 -113.75
N ALA Y 89 -17.18 -80.39 -114.36
CA ALA Y 89 -18.08 -81.54 -114.40
C ALA Y 89 -17.42 -82.72 -115.13
N GLU Y 90 -16.78 -82.44 -116.26
CA GLU Y 90 -16.09 -83.50 -116.98
C GLU Y 90 -14.99 -84.12 -116.14
N VAL Y 91 -14.19 -83.27 -115.47
CA VAL Y 91 -13.10 -83.80 -114.65
C VAL Y 91 -13.65 -84.70 -113.56
N LEU Y 92 -14.68 -84.23 -112.86
CA LEU Y 92 -15.24 -85.00 -111.74
C LEU Y 92 -15.82 -86.32 -112.22
N GLU Y 93 -16.57 -86.31 -113.32
CA GLU Y 93 -17.22 -87.52 -113.76
C GLU Y 93 -16.22 -88.51 -114.34
N SER Y 94 -15.13 -88.03 -114.94
CA SER Y 94 -14.20 -88.93 -115.61
C SER Y 94 -13.12 -89.46 -114.67
N ASP Y 95 -12.37 -88.57 -114.04
CA ASP Y 95 -11.19 -89.00 -113.30
C ASP Y 95 -11.59 -89.84 -112.09
N PRO Y 96 -11.03 -91.06 -111.94
CA PRO Y 96 -11.62 -92.02 -110.98
C PRO Y 96 -11.37 -91.65 -109.53
N ALA Y 97 -10.34 -90.84 -109.25
CA ALA Y 97 -9.98 -90.51 -107.88
C ALA Y 97 -11.08 -89.73 -107.17
N PHE Y 98 -11.94 -89.05 -107.91
CA PHE Y 98 -13.04 -88.28 -107.36
C PHE Y 98 -14.34 -89.07 -107.27
N ARG Y 99 -14.37 -90.31 -107.75
CA ARG Y 99 -15.59 -91.10 -107.64
C ARG Y 99 -15.91 -91.43 -106.18
N GLN Y 100 -14.88 -91.71 -105.38
CA GLN Y 100 -15.11 -91.92 -103.95
C GLN Y 100 -15.55 -90.64 -103.29
N ALA Y 101 -15.03 -89.50 -103.76
CA ALA Y 101 -15.34 -88.27 -103.07
C ALA Y 101 -16.76 -87.88 -103.40
N ARG Y 102 -17.20 -88.15 -104.63
CA ARG Y 102 -18.57 -87.85 -104.97
C ARG Y 102 -19.50 -88.70 -104.12
N ASN Y 103 -19.23 -90.01 -104.03
CA ASN Y 103 -20.08 -90.84 -103.18
C ASN Y 103 -19.47 -90.95 -101.79
N PHE Y 104 -19.09 -89.82 -101.22
CA PHE Y 104 -18.54 -89.76 -99.86
C PHE Y 104 -19.68 -89.54 -98.87
N THR Y 105 -19.73 -90.37 -97.83
CA THR Y 105 -20.77 -90.30 -96.81
C THR Y 105 -20.18 -90.61 -95.45
N MET Y 106 -20.66 -89.90 -94.43
CA MET Y 106 -20.13 -90.03 -93.08
C MET Y 106 -21.00 -89.22 -92.14
N ASP Y 107 -21.04 -89.64 -90.87
CA ASP Y 107 -21.88 -89.01 -89.87
C ASP Y 107 -21.07 -88.49 -88.70
N LEU Y 108 -21.68 -87.53 -87.99
CA LEU Y 108 -21.00 -86.84 -86.90
C LEU Y 108 -20.62 -87.81 -85.78
N LYS Y 109 -21.38 -88.89 -85.62
CA LYS Y 109 -21.04 -89.87 -84.59
C LYS Y 109 -19.71 -90.53 -84.90
N GLN Y 110 -19.53 -90.97 -86.15
CA GLN Y 110 -18.24 -91.53 -86.56
C GLN Y 110 -17.15 -90.48 -86.46
N ALA Y 111 -17.48 -89.22 -86.82
CA ALA Y 111 -16.48 -88.16 -86.75
C ALA Y 111 -16.00 -87.96 -85.32
N GLU Y 112 -16.90 -88.07 -84.35
CA GLU Y 112 -16.53 -87.96 -82.94
C GLU Y 112 -15.89 -89.21 -82.37
N ASP Y 113 -16.16 -90.37 -82.97
CA ASP Y 113 -15.61 -91.62 -82.48
C ASP Y 113 -14.25 -91.95 -83.09
N ASP Y 114 -13.87 -91.31 -84.19
CA ASP Y 114 -12.57 -91.56 -84.77
C ASP Y 114 -11.46 -91.10 -83.83
N GLN Y 115 -10.24 -91.55 -84.10
CA GLN Y 115 -9.10 -91.32 -83.22
C GLN Y 115 -7.86 -90.86 -84.00
N ARG Y 116 -8.06 -90.31 -85.20
CA ARG Y 116 -6.94 -89.81 -85.98
C ARG Y 116 -6.37 -88.52 -85.41
N TYR Y 117 -7.14 -87.83 -84.56
CA TYR Y 117 -6.68 -86.57 -83.98
C TYR Y 117 -5.45 -86.76 -83.11
N LYS Y 118 -5.14 -88.00 -82.69
CA LYS Y 118 -3.95 -88.23 -81.91
C LYS Y 118 -2.68 -87.98 -82.72
N GLN Y 119 -2.75 -88.17 -84.03
CA GLN Y 119 -1.58 -88.15 -84.90
C GLN Y 119 -1.41 -86.83 -85.63
N LEU Y 120 -2.10 -85.79 -85.18
CA LEU Y 120 -2.10 -84.50 -85.85
C LEU Y 120 -0.94 -83.60 -85.43
N GLN Y 121 0.03 -84.12 -84.71
CA GLN Y 121 1.14 -83.31 -84.23
C GLN Y 121 2.10 -83.00 -85.36
N TYR Y 122 2.57 -81.75 -85.42
CA TYR Y 122 3.58 -81.38 -86.39
C TYR Y 122 4.88 -82.11 -86.11
N GLY Y 123 5.61 -82.42 -87.17
CA GLY Y 123 6.86 -83.14 -87.04
C GLY Y 123 7.97 -82.28 -86.49
N ARG Y 124 9.20 -82.62 -86.86
CA ARG Y 124 10.37 -81.88 -86.42
C ARG Y 124 11.34 -81.74 -87.58
N VAL Y 125 11.88 -80.53 -87.75
CA VAL Y 125 12.80 -80.28 -88.85
C VAL Y 125 14.09 -81.06 -88.61
N PRO Y 126 14.72 -81.64 -89.63
CA PRO Y 126 15.98 -82.36 -89.39
C PRO Y 126 17.10 -81.47 -88.90
N SER Y 127 18.22 -82.07 -88.57
CA SER Y 127 19.36 -81.32 -88.05
C SER Y 127 20.13 -80.66 -89.18
N ILE Y 128 20.72 -79.50 -88.87
CA ILE Y 128 21.46 -78.73 -89.87
C ILE Y 128 22.77 -79.38 -90.28
N LEU Y 129 23.20 -80.42 -89.56
CA LEU Y 129 24.44 -81.12 -89.90
C LEU Y 129 24.27 -82.06 -91.09
N THR Y 130 23.04 -82.44 -91.41
CA THR Y 130 22.79 -83.23 -92.60
C THR Y 130 23.17 -82.48 -93.87
N LYS Y 131 23.23 -81.15 -93.80
CA LYS Y 131 23.69 -80.37 -94.93
C LYS Y 131 25.15 -80.67 -95.25
N TYR Y 132 25.97 -80.81 -94.22
CA TYR Y 132 27.37 -81.20 -94.37
C TYR Y 132 27.55 -82.71 -94.33
N HIS Y 133 26.46 -83.47 -94.19
CA HIS Y 133 26.50 -84.93 -94.23
C HIS Y 133 27.33 -85.50 -93.09
N LEU Y 134 26.86 -85.25 -91.87
CA LEU Y 134 27.54 -85.71 -90.67
C LEU Y 134 26.58 -86.53 -89.81
N MET Z 146 19.52 -66.17 -123.68
CA MET Z 146 19.56 -65.37 -122.45
C MET Z 146 19.53 -63.90 -122.79
N SER Z 147 20.12 -63.55 -123.93
CA SER Z 147 19.96 -62.22 -124.51
C SER Z 147 18.81 -62.20 -125.50
N VAL Z 148 18.34 -60.99 -125.80
CA VAL Z 148 17.19 -60.84 -126.69
C VAL Z 148 17.53 -61.36 -128.08
N PHE Z 149 18.74 -61.09 -128.55
CA PHE Z 149 19.18 -61.58 -129.85
C PHE Z 149 19.16 -63.11 -129.90
N GLU Z 150 19.72 -63.74 -128.87
CA GLU Z 150 19.76 -65.20 -128.82
C GLU Z 150 18.36 -65.78 -128.77
N ALA Z 151 17.47 -65.18 -127.97
CA ALA Z 151 16.11 -65.71 -127.87
C ALA Z 151 15.36 -65.56 -129.18
N ARG Z 152 15.54 -64.43 -129.86
CA ARG Z 152 14.91 -64.23 -131.16
C ARG Z 152 15.41 -65.25 -132.18
N SER Z 153 16.72 -65.51 -132.19
CA SER Z 153 17.25 -66.53 -133.08
C SER Z 153 16.72 -67.91 -132.72
N SER Z 154 16.53 -68.18 -131.43
CA SER Z 154 15.94 -69.44 -131.00
C SER Z 154 14.53 -69.60 -131.55
N PHE Z 155 13.72 -68.54 -131.44
CA PHE Z 155 12.36 -68.63 -131.96
C PHE Z 155 12.33 -68.76 -133.48
N LEU Z 156 13.31 -68.17 -134.17
CA LEU Z 156 13.36 -68.35 -135.61
C LEU Z 156 13.73 -69.78 -135.99
N ASP Z 157 14.71 -70.36 -135.29
CA ASP Z 157 14.99 -71.78 -135.43
C ASP Z 157 13.73 -72.61 -135.21
N LEU Z 158 12.99 -72.30 -134.15
CA LEU Z 158 11.77 -73.04 -133.84
C LEU Z 158 10.79 -72.95 -135.00
N GLU Z 159 10.54 -71.76 -135.51
CA GLU Z 159 9.51 -71.59 -136.53
C GLU Z 159 9.92 -72.25 -137.84
N GLN Z 160 11.20 -72.14 -138.21
CA GLN Z 160 11.61 -72.74 -139.48
C GLN Z 160 11.62 -74.26 -139.38
N CYS Z 161 12.06 -74.82 -138.25
CA CYS Z 161 12.01 -76.26 -138.09
C CYS Z 161 10.56 -76.74 -138.02
N ALA Z 162 9.65 -75.92 -137.51
CA ALA Z 162 8.24 -76.29 -137.49
C ALA Z 162 7.66 -76.31 -138.89
N ARG Z 163 7.99 -75.30 -139.70
CA ARG Z 163 7.55 -75.32 -141.09
C ARG Z 163 8.15 -76.50 -141.84
N ALA Z 164 9.36 -76.90 -141.49
CA ALA Z 164 9.95 -78.10 -142.09
C ALA Z 164 9.17 -79.35 -141.70
N ALA Z 165 8.92 -79.53 -140.40
CA ALA Z 165 8.26 -80.75 -139.94
C ALA Z 165 6.82 -80.82 -140.42
N GLY Z 166 6.00 -79.86 -139.99
CA GLY Z 166 4.59 -79.83 -140.35
C GLY Z 166 3.70 -79.68 -139.14
N PRO Z 167 2.40 -79.47 -139.38
CA PRO Z 167 1.47 -79.28 -138.25
C PRO Z 167 1.13 -80.54 -137.49
N GLN Z 168 1.59 -81.70 -137.95
CA GLN Z 168 1.18 -82.98 -137.39
C GLN Z 168 2.22 -83.60 -136.47
N ARG Z 169 3.50 -83.38 -136.74
CA ARG Z 169 4.59 -84.02 -136.00
C ARG Z 169 5.50 -83.00 -135.32
N TRP Z 170 5.07 -81.74 -135.25
CA TRP Z 170 5.91 -80.70 -134.70
C TRP Z 170 6.21 -80.96 -133.23
N GLU Z 171 5.18 -81.26 -132.44
CA GLU Z 171 5.38 -81.51 -131.02
C GLU Z 171 6.28 -82.70 -130.78
N ALA Z 172 6.33 -83.65 -131.73
CA ALA Z 172 7.22 -84.80 -131.58
C ALA Z 172 8.66 -84.44 -131.89
N GLU Z 173 8.89 -83.75 -133.01
CA GLU Z 173 10.27 -83.53 -133.47
C GLU Z 173 10.95 -82.33 -132.84
N CYS Z 174 10.21 -81.32 -132.37
CA CYS Z 174 10.80 -80.03 -132.08
C CYS Z 174 10.67 -79.66 -130.60
N GLN Z 175 11.03 -80.60 -129.72
CA GLN Z 175 10.92 -80.35 -128.28
C GLN Z 175 12.12 -79.60 -127.74
N GLY Z 176 13.33 -79.97 -128.15
CA GLY Z 176 14.52 -79.34 -127.61
C GLY Z 176 14.63 -77.87 -127.98
N VAL Z 177 14.38 -77.55 -129.25
CA VAL Z 177 14.37 -76.16 -129.68
C VAL Z 177 13.30 -75.39 -128.94
N ARG Z 178 12.16 -76.02 -128.70
CA ARG Z 178 11.08 -75.37 -127.97
C ARG Z 178 11.51 -75.02 -126.55
N GLN Z 179 12.14 -75.97 -125.86
CA GLN Z 179 12.60 -75.72 -124.50
C GLN Z 179 13.68 -74.65 -124.46
N ARG Z 180 14.61 -74.68 -125.42
CA ARG Z 180 15.64 -73.66 -125.47
C ARG Z 180 15.04 -72.27 -125.66
N ALA Z 181 14.09 -72.16 -126.60
CA ALA Z 181 13.45 -70.88 -126.86
C ALA Z 181 12.71 -70.38 -125.63
N LEU Z 182 11.94 -71.25 -124.97
CA LEU Z 182 11.20 -70.84 -123.80
C LEU Z 182 12.12 -70.44 -122.66
N GLN Z 183 13.25 -71.14 -122.50
CA GLN Z 183 14.17 -70.80 -121.43
C GLN Z 183 14.84 -69.46 -121.68
N ALA Z 184 15.18 -69.17 -122.94
CA ALA Z 184 15.78 -67.89 -123.26
C ALA Z 184 14.79 -66.75 -123.06
N ALA Z 185 13.56 -66.93 -123.54
CA ALA Z 185 12.53 -65.92 -123.31
C ALA Z 185 12.29 -65.72 -121.82
N ALA Z 186 12.38 -66.79 -121.04
CA ALA Z 186 12.18 -66.69 -119.60
C ALA Z 186 13.31 -65.92 -118.93
N ASP Z 187 14.54 -66.14 -119.37
CA ASP Z 187 15.66 -65.35 -118.88
C ASP Z 187 15.44 -63.87 -119.17
N VAL Z 188 15.03 -63.57 -120.40
CA VAL Z 188 14.77 -62.17 -120.76
C VAL Z 188 13.68 -61.59 -119.87
N MET Z 189 12.60 -62.35 -119.66
CA MET Z 189 11.49 -61.86 -118.84
C MET Z 189 11.95 -61.60 -117.41
N SER Z 190 12.72 -62.51 -116.84
CA SER Z 190 13.17 -62.34 -115.47
C SER Z 190 14.09 -61.12 -115.35
N ARG Z 191 14.96 -60.93 -116.33
CA ARG Z 191 15.86 -59.78 -116.30
C ARG Z 191 15.09 -58.47 -116.39
N GLU Z 192 14.13 -58.39 -117.32
CA GLU Z 192 13.44 -57.14 -117.58
C GLU Z 192 12.24 -56.88 -116.68
N CYS Z 193 11.77 -57.88 -115.93
CA CYS Z 193 10.57 -57.74 -115.11
C CYS Z 193 10.80 -58.23 -113.69
N GLY Z 194 12.06 -58.37 -113.28
CA GLY Z 194 12.35 -58.86 -111.94
C GLY Z 194 12.09 -57.85 -110.85
N ALA Z 195 12.31 -56.56 -111.13
CA ALA Z 195 12.02 -55.53 -110.15
C ALA Z 195 10.55 -55.50 -109.78
N TYR Z 196 9.67 -55.61 -110.77
CA TYR Z 196 8.25 -55.59 -110.51
C TYR Z 196 7.80 -56.84 -109.76
N GLY Z 197 8.39 -57.98 -110.08
CA GLY Z 197 8.08 -59.19 -109.34
C GLY Z 197 8.51 -59.12 -107.89
N ASP Z 198 9.71 -58.57 -107.66
CA ASP Z 198 10.18 -58.39 -106.29
C ASP Z 198 9.30 -57.39 -105.54
N SER Z 199 8.81 -56.36 -106.23
CA SER Z 199 7.91 -55.41 -105.58
C SER Z 199 6.60 -56.05 -105.20
N PHE Z 200 6.03 -56.86 -106.10
CA PHE Z 200 4.82 -57.60 -105.77
C PHE Z 200 5.06 -58.54 -104.59
N PHE Z 201 6.17 -59.26 -104.60
CA PHE Z 201 6.53 -60.13 -103.50
C PHE Z 201 6.58 -59.38 -102.18
N GLN Z 202 7.20 -58.20 -102.19
CA GLN Z 202 7.32 -57.40 -100.98
C GLN Z 202 5.94 -56.95 -100.49
N CYS Z 203 5.12 -56.47 -101.41
CA CYS Z 203 3.76 -56.07 -101.06
C CYS Z 203 2.98 -57.25 -100.48
N TYR Z 204 3.15 -58.44 -101.06
CA TYR Z 204 2.46 -59.62 -100.55
C TYR Z 204 2.91 -59.97 -99.15
N ARG Z 205 4.22 -59.86 -98.89
CA ARG Z 205 4.72 -60.09 -97.53
C ARG Z 205 4.13 -59.09 -96.56
N HIS Z 206 4.02 -57.83 -96.96
CA HIS Z 206 3.50 -56.78 -96.10
C HIS Z 206 2.00 -56.58 -96.25
N GLY Z 207 1.29 -57.55 -96.82
CA GLY Z 207 -0.15 -57.49 -96.86
C GLY Z 207 -0.72 -56.35 -97.68
N PHE Z 208 0.06 -55.82 -98.62
CA PHE Z 208 -0.39 -54.71 -99.46
C PHE Z 208 -0.77 -53.50 -98.60
N ARG Z 209 0.01 -53.26 -97.56
CA ARG Z 209 -0.19 -52.14 -96.66
C ARG Z 209 0.64 -50.92 -97.02
N LEU Z 210 1.62 -51.07 -97.91
CA LEU Z 210 2.51 -49.97 -98.22
C LEU Z 210 1.87 -49.04 -99.25
N GLU Z 211 2.50 -47.88 -99.45
CA GLU Z 211 1.99 -46.89 -100.38
C GLU Z 211 2.03 -47.40 -101.81
N ALA Z 212 3.15 -47.99 -102.21
CA ALA Z 212 3.32 -48.50 -103.57
C ALA Z 212 2.44 -49.69 -103.87
N CYS Z 213 1.86 -50.32 -102.85
CA CYS Z 213 0.97 -51.45 -103.03
C CYS Z 213 -0.48 -51.02 -103.19
N GLN Z 214 -0.79 -49.75 -102.97
CA GLN Z 214 -2.16 -49.27 -103.09
C GLN Z 214 -2.59 -49.26 -104.55
N GLY Z 215 -3.84 -49.63 -104.79
CA GLY Z 215 -4.33 -49.74 -106.15
C GLY Z 215 -4.01 -51.09 -106.77
N GLU Z 216 -3.82 -51.06 -108.09
CA GLU Z 216 -3.54 -52.27 -108.86
C GLU Z 216 -2.27 -52.13 -109.69
N LYS Z 217 -1.51 -51.06 -109.50
CA LYS Z 217 -0.30 -50.85 -110.28
C LYS Z 217 0.73 -51.93 -110.01
N ALA Z 218 0.79 -52.43 -108.78
CA ALA Z 218 1.77 -53.46 -108.44
C ALA Z 218 1.61 -54.69 -109.31
N THR Z 219 0.39 -54.97 -109.76
CA THR Z 219 0.11 -56.11 -110.62
C THR Z 219 0.14 -55.72 -112.09
N MET Z 220 -0.42 -54.56 -112.43
CA MET Z 220 -0.50 -54.15 -113.82
C MET Z 220 0.87 -53.88 -114.40
N GLN Z 221 1.81 -53.35 -113.62
CA GLN Z 221 3.16 -53.12 -114.11
C GLN Z 221 3.81 -54.44 -114.53
N LEU Z 222 3.69 -55.44 -113.68
CA LEU Z 222 4.28 -56.75 -113.97
C LEU Z 222 3.64 -57.36 -115.21
N LEU Z 223 2.31 -57.34 -115.28
CA LEU Z 223 1.64 -57.93 -116.43
C LEU Z 223 1.98 -57.19 -117.72
N ARG Z 224 2.14 -55.86 -117.64
CA ARG Z 224 2.50 -55.08 -118.82
C ARG Z 224 3.92 -55.39 -119.26
N CYS Z 225 4.84 -55.54 -118.31
CA CYS Z 225 6.21 -55.92 -118.65
C CYS Z 225 6.23 -57.26 -119.36
N GLN Z 226 5.46 -58.23 -118.85
CA GLN Z 226 5.45 -59.55 -119.47
C GLN Z 226 4.84 -59.49 -120.87
N ARG Z 227 3.75 -58.74 -121.03
CA ARG Z 227 3.13 -58.61 -122.35
C ARG Z 227 4.09 -57.96 -123.34
N MET Z 228 4.81 -56.93 -122.90
CA MET Z 228 5.75 -56.25 -123.79
C MET Z 228 6.88 -57.20 -124.19
N VAL Z 229 7.40 -57.97 -123.24
CA VAL Z 229 8.47 -58.91 -123.55
C VAL Z 229 8.00 -59.94 -124.58
N ALA Z 230 6.80 -60.49 -124.37
CA ALA Z 230 6.27 -61.47 -125.32
C ALA Z 230 6.10 -60.86 -126.70
N ASP Z 231 5.45 -59.69 -126.77
CA ASP Z 231 5.25 -59.03 -128.05
C ASP Z 231 6.56 -58.69 -128.75
N ARG Z 232 7.62 -58.46 -127.97
CA ARG Z 232 8.93 -58.19 -128.55
C ARG Z 232 9.61 -59.46 -129.04
N LEU Z 233 9.35 -60.59 -128.39
CA LEU Z 233 10.07 -61.82 -128.71
C LEU Z 233 9.38 -62.66 -129.78
N VAL Z 234 8.15 -63.10 -129.53
CA VAL Z 234 7.58 -64.20 -130.31
C VAL Z 234 7.21 -63.75 -131.72
N PRO Z 235 6.67 -62.53 -131.94
CA PRO Z 235 6.28 -62.28 -133.33
C PRO Z 235 7.48 -62.03 -134.24
N ALA AA 18 -51.45 -89.18 22.68
CA ALA AA 18 -51.04 -87.78 22.84
C ALA AA 18 -49.68 -87.68 23.50
N ARG AA 19 -49.58 -88.21 24.72
CA ARG AA 19 -48.28 -88.30 25.37
C ARG AA 19 -47.34 -89.21 24.60
N SER AA 20 -47.88 -90.16 23.84
CA SER AA 20 -47.05 -90.92 22.90
C SER AA 20 -46.51 -90.03 21.79
N PHE AA 21 -47.28 -89.01 21.38
CA PHE AA 21 -46.84 -88.08 20.35
C PHE AA 21 -46.19 -86.84 20.93
N ARG AA 22 -45.92 -86.85 22.23
CA ARG AA 22 -44.98 -85.92 22.84
C ARG AA 22 -43.75 -85.72 21.96
N TRP AA 23 -43.16 -86.83 21.50
CA TRP AA 23 -41.94 -86.73 20.73
C TRP AA 23 -42.18 -86.19 19.32
N MET AA 24 -43.34 -86.47 18.75
CA MET AA 24 -43.69 -85.84 17.48
C MET AA 24 -43.77 -84.33 17.64
N GLN AA 25 -44.38 -83.86 18.72
CA GLN AA 25 -44.42 -82.43 18.99
C GLN AA 25 -43.01 -81.87 19.17
N ALA AA 26 -42.16 -82.60 19.89
CA ALA AA 26 -40.79 -82.15 20.10
C ALA AA 26 -40.04 -82.02 18.78
N PHE AA 27 -40.22 -82.98 17.88
CA PHE AA 27 -39.58 -82.90 16.57
C PHE AA 27 -40.11 -81.72 15.78
N ALA AA 28 -41.43 -81.58 15.72
CA ALA AA 28 -42.04 -80.50 14.95
C ALA AA 28 -41.66 -79.13 15.50
N ALA AA 29 -41.29 -79.06 16.77
CA ALA AA 29 -40.78 -77.80 17.32
C ALA AA 29 -39.55 -77.32 16.56
N VAL AA 30 -38.52 -78.17 16.47
CA VAL AA 30 -37.28 -77.83 15.79
C VAL AA 30 -37.41 -78.34 14.36
N LYS AA 31 -37.82 -77.44 13.46
CA LYS AA 31 -38.08 -77.80 12.07
C LYS AA 31 -37.15 -77.09 11.10
N GLY AA 32 -37.10 -75.77 11.13
CA GLY AA 32 -36.32 -75.02 10.16
C GLY AA 32 -35.12 -74.33 10.76
N LYS AA 33 -34.54 -74.95 11.78
CA LYS AA 33 -33.36 -74.34 12.40
C LYS AA 33 -32.15 -74.56 11.48
N PRO AA 34 -31.33 -73.53 11.28
CA PRO AA 34 -30.25 -73.65 10.30
C PRO AA 34 -29.14 -74.57 10.78
N THR AA 35 -28.34 -75.02 9.81
CA THR AA 35 -27.29 -76.01 10.02
C THR AA 35 -26.01 -75.50 9.38
N ALA AA 36 -24.95 -76.31 9.51
CA ALA AA 36 -23.68 -76.01 8.87
C ALA AA 36 -23.65 -76.37 7.39
N GLY AA 37 -24.72 -76.99 6.87
CA GLY AA 37 -24.74 -77.38 5.47
C GLY AA 37 -25.08 -76.27 4.51
N SER AA 38 -25.51 -75.13 5.03
CA SER AA 38 -25.89 -73.99 4.21
C SER AA 38 -24.88 -72.85 4.30
N CYS AA 39 -23.76 -73.05 4.97
CA CYS AA 39 -22.83 -71.99 5.26
C CYS AA 39 -21.42 -72.56 5.37
N ALA AA 40 -20.46 -71.68 5.55
CA ALA AA 40 -19.09 -72.11 5.73
C ALA AA 40 -18.91 -72.69 7.13
N ALA AA 41 -17.99 -73.65 7.24
CA ALA AA 41 -17.84 -74.43 8.46
C ALA AA 41 -16.90 -73.77 9.45
N GLY AA 42 -16.32 -72.63 9.12
CA GLY AA 42 -15.32 -72.04 9.99
C GLY AA 42 -15.21 -70.56 9.77
N THR AA 43 -14.51 -69.92 10.70
CA THR AA 43 -14.26 -68.49 10.62
C THR AA 43 -13.00 -68.19 11.42
N ALA AA 44 -12.20 -67.25 10.92
CA ALA AA 44 -10.96 -66.87 11.54
C ALA AA 44 -11.14 -65.67 12.45
N VAL AA 45 -10.44 -65.68 13.57
CA VAL AA 45 -10.41 -64.57 14.51
C VAL AA 45 -8.96 -64.30 14.87
N VAL AA 46 -8.52 -63.07 14.64
CA VAL AA 46 -7.14 -62.68 14.90
C VAL AA 46 -7.08 -62.05 16.29
N ASN AA 47 -6.10 -62.47 17.07
CA ASN AA 47 -5.92 -61.87 18.38
C ASN AA 47 -5.52 -60.41 18.19
N PRO AA 48 -6.32 -59.44 18.66
CA PRO AA 48 -5.98 -58.05 18.37
C PRO AA 48 -4.70 -57.59 19.03
N GLU AA 49 -4.37 -58.12 20.21
CA GLU AA 49 -3.15 -57.72 20.87
C GLU AA 49 -1.92 -58.33 20.21
N ASP AA 50 -2.07 -59.51 19.60
CA ASP AA 50 -0.99 -60.19 18.90
C ASP AA 50 -1.52 -60.60 17.53
N PRO AA 51 -1.37 -59.74 16.52
CA PRO AA 51 -1.96 -60.06 15.21
C PRO AA 51 -1.29 -61.24 14.52
N THR AA 52 -0.13 -61.67 15.00
CA THR AA 52 0.48 -62.88 14.49
C THR AA 52 -0.30 -64.13 14.89
N LYS AA 53 -1.11 -64.03 15.94
CA LYS AA 53 -1.86 -65.17 16.46
C LYS AA 53 -3.29 -65.14 15.90
N VAL AA 54 -3.74 -66.29 15.42
CA VAL AA 54 -5.01 -66.38 14.71
C VAL AA 54 -5.61 -67.74 15.00
N THR AA 55 -6.91 -67.75 15.29
CA THR AA 55 -7.62 -68.96 15.66
C THR AA 55 -8.73 -69.23 14.66
N LEU AA 56 -8.97 -70.51 14.40
CA LEU AA 56 -10.01 -70.96 13.48
C LEU AA 56 -11.13 -71.60 14.30
N LYS AA 57 -12.26 -70.89 14.41
CA LYS AA 57 -13.43 -71.40 15.09
C LYS AA 57 -14.31 -72.14 14.10
N GLY AA 58 -14.58 -73.41 14.37
CA GLY AA 58 -15.54 -74.16 13.58
C GLY AA 58 -15.12 -75.61 13.47
N ARG AA 59 -15.50 -76.20 12.35
CA ARG AA 59 -15.36 -77.62 12.07
C ARG AA 59 -14.41 -77.83 10.89
N TYR AA 60 -14.20 -79.10 10.56
CA TYR AA 60 -13.52 -79.49 9.34
C TYR AA 60 -14.51 -79.55 8.19
N THR AA 61 -14.03 -79.26 6.99
CA THR AA 61 -14.82 -79.53 5.80
C THR AA 61 -13.93 -79.58 4.57
N ASN AA 62 -14.20 -80.54 3.70
CA ASN AA 62 -13.62 -80.64 2.37
C ASN AA 62 -14.70 -80.45 1.32
N PHE AA 63 -15.70 -79.64 1.63
CA PHE AA 63 -16.96 -79.58 0.91
C PHE AA 63 -17.27 -78.13 0.57
N SER AA 64 -17.71 -77.90 -0.66
CA SER AA 64 -18.02 -76.56 -1.12
C SER AA 64 -19.33 -76.46 -1.91
N LEU AA 65 -20.08 -77.55 -2.05
CA LEU AA 65 -21.35 -77.53 -2.77
C LEU AA 65 -22.54 -77.33 -1.84
N GLN AA 66 -22.43 -76.30 -1.00
CA GLN AA 66 -23.49 -75.99 -0.06
C GLN AA 66 -24.75 -75.52 -0.77
N HIS AA 67 -24.58 -74.80 -1.88
CA HIS AA 67 -25.73 -74.28 -2.62
C HIS AA 67 -26.58 -75.39 -3.22
N ILE AA 68 -26.08 -76.62 -3.23
CA ILE AA 68 -26.88 -77.79 -3.57
C ILE AA 68 -27.31 -78.54 -2.32
N TRP AA 69 -26.38 -78.77 -1.40
CA TRP AA 69 -26.65 -79.61 -0.24
C TRP AA 69 -27.65 -78.99 0.74
N GLU AA 70 -27.89 -77.69 0.64
CA GLU AA 70 -28.85 -77.06 1.54
C GLU AA 70 -30.24 -77.63 1.39
N LYS AA 71 -30.54 -78.27 0.26
CA LYS AA 71 -31.85 -78.87 0.03
C LYS AA 71 -31.94 -80.33 0.50
N TYR AA 72 -30.83 -81.05 0.50
CA TYR AA 72 -30.78 -82.45 0.89
C TYR AA 72 -30.11 -82.65 2.24
N ASP AA 73 -29.95 -81.58 3.00
CA ASP AA 73 -29.31 -81.65 4.31
C ASP AA 73 -29.85 -82.77 5.20
N TYR AA 74 -31.11 -83.15 5.03
CA TYR AA 74 -31.74 -84.14 5.90
C TYR AA 74 -31.32 -85.58 5.62
N LEU AA 75 -30.67 -85.83 4.49
CA LEU AA 75 -30.48 -87.21 4.04
C LEU AA 75 -29.56 -87.99 4.98
N GLN AA 76 -28.59 -87.33 5.60
CA GLN AA 76 -27.65 -88.03 6.46
C GLN AA 76 -28.36 -88.70 7.62
N THR AA 77 -29.12 -87.92 8.39
CA THR AA 77 -29.88 -88.48 9.50
C THR AA 77 -30.99 -89.40 9.02
N HIS AA 78 -31.55 -89.13 7.84
CA HIS AA 78 -32.57 -90.03 7.30
C HIS AA 78 -31.99 -91.42 7.09
N LEU AA 79 -30.85 -91.51 6.41
CA LEU AA 79 -30.23 -92.81 6.15
C LEU AA 79 -29.78 -93.47 7.44
N LEU AA 80 -29.33 -92.69 8.41
CA LEU AA 80 -29.03 -93.25 9.73
C LEU AA 80 -30.27 -93.91 10.33
N LEU AA 81 -31.40 -93.21 10.26
CA LEU AA 81 -32.65 -93.76 10.79
C LEU AA 81 -33.03 -95.04 10.06
N ARG AA 82 -32.81 -95.07 8.74
CA ARG AA 82 -33.10 -96.28 7.98
C ARG AA 82 -32.25 -97.45 8.47
N GLU AA 83 -30.94 -97.24 8.59
CA GLU AA 83 -30.07 -98.30 9.08
C GLU AA 83 -30.48 -98.77 10.47
N CYS AA 84 -31.03 -97.87 11.29
CA CYS AA 84 -31.41 -98.27 12.64
C CYS AA 84 -32.74 -99.00 12.64
N MET AA 85 -33.68 -98.56 11.80
CA MET AA 85 -34.93 -99.31 11.66
C MET AA 85 -34.64 -100.72 11.16
N LEU AA 86 -33.67 -100.85 10.25
CA LEU AA 86 -33.29 -102.19 9.79
C LEU AA 86 -32.75 -103.02 10.94
N SER AA 87 -31.94 -102.42 11.80
CA SER AA 87 -31.40 -103.17 12.93
C SER AA 87 -32.52 -103.62 13.87
N GLN AA 88 -33.47 -102.73 14.15
CA GLN AA 88 -34.59 -103.11 15.01
C GLN AA 88 -35.46 -104.18 14.38
N VAL AA 89 -35.63 -104.11 13.06
CA VAL AA 89 -36.54 -105.02 12.38
C VAL AA 89 -35.93 -106.39 12.22
N ALA AA 90 -34.60 -106.50 12.18
CA ALA AA 90 -33.99 -107.82 12.15
C ALA AA 90 -34.41 -108.64 13.36
N LYS AA 91 -34.72 -107.97 14.48
CA LYS AA 91 -35.21 -108.65 15.67
C LYS AA 91 -36.74 -108.73 15.67
N ASN AA 92 -37.43 -107.64 15.37
CA ASN AA 92 -38.89 -107.65 15.38
C ASN AA 92 -39.45 -106.84 14.22
N PRO AA 93 -39.98 -107.50 13.19
CA PRO AA 93 -40.54 -106.76 12.04
C PRO AA 93 -41.96 -106.26 12.25
N ARG AA 94 -42.57 -106.48 13.42
CA ARG AA 94 -43.95 -106.08 13.65
C ARG AA 94 -44.09 -104.65 14.15
N LEU AA 95 -43.01 -103.87 14.17
CA LEU AA 95 -43.08 -102.50 14.63
C LEU AA 95 -43.67 -101.56 13.58
N LEU AA 96 -43.62 -101.93 12.31
CA LEU AA 96 -44.12 -101.09 11.23
C LEU AA 96 -45.59 -101.33 10.93
N ASP AA 97 -46.17 -102.41 11.47
CA ASP AA 97 -47.55 -102.74 11.18
C ASP AA 97 -48.50 -101.58 11.42
N PRO AA 98 -48.30 -100.72 12.42
CA PRO AA 98 -49.18 -99.54 12.52
C PRO AA 98 -49.19 -98.70 11.26
N GLU AA 99 -48.01 -98.42 10.68
CA GLU AA 99 -47.96 -97.60 9.49
C GLU AA 99 -48.49 -98.34 8.27
N ILE AA 100 -48.22 -99.64 8.20
CA ILE AA 100 -48.77 -100.44 7.10
C ILE AA 100 -50.28 -100.40 7.13
N ASN AA 101 -50.87 -100.63 8.31
CA ASN AA 101 -52.32 -100.60 8.45
C ASN AA 101 -52.87 -99.20 8.17
N ALA AA 102 -52.12 -98.16 8.55
CA ALA AA 102 -52.55 -96.80 8.28
C ALA AA 102 -52.48 -96.47 6.80
N GLY AA 103 -51.69 -97.21 6.02
CA GLY AA 103 -51.64 -96.99 4.59
C GLY AA 103 -50.64 -95.95 4.13
N LEU AA 104 -49.62 -95.65 4.94
CA LEU AA 104 -48.65 -94.65 4.55
C LEU AA 104 -47.66 -95.21 3.53
N THR AA 105 -47.20 -96.44 3.74
CA THR AA 105 -46.24 -97.05 2.85
C THR AA 105 -46.91 -97.43 1.54
N PRO AA 106 -46.12 -97.65 0.49
CA PRO AA 106 -46.65 -98.24 -0.75
C PRO AA 106 -46.74 -99.75 -0.66
N THR AA 107 -47.97 -100.26 -0.54
CA THR AA 107 -48.21 -101.68 -0.32
C THR AA 107 -49.40 -102.10 -1.17
N VAL AA 108 -49.38 -103.36 -1.59
CA VAL AA 108 -50.43 -103.94 -2.43
C VAL AA 108 -51.12 -105.06 -1.66
N PHE AA 109 -52.15 -104.69 -0.91
CA PHE AA 109 -52.91 -105.67 -0.12
C PHE AA 109 -53.58 -106.69 -1.04
N ALA BA 115 -10.29 -53.68 -75.05
CA ALA BA 115 -9.98 -55.02 -74.57
C ALA BA 115 -8.62 -55.46 -75.08
N ALA BA 116 -8.44 -55.39 -76.39
CA ALA BA 116 -7.14 -55.68 -77.02
C ALA BA 116 -6.24 -54.47 -76.79
N SER BA 117 -5.37 -54.57 -75.79
CA SER BA 117 -4.51 -53.46 -75.41
C SER BA 117 -3.20 -53.51 -76.18
N THR BA 118 -2.53 -52.37 -76.21
CA THR BA 118 -1.30 -52.24 -76.97
C THR BA 118 -0.20 -53.10 -76.37
N ILE BA 119 0.60 -53.71 -77.25
CA ILE BA 119 1.74 -54.52 -76.86
C ILE BA 119 2.98 -53.65 -77.01
N PRO BA 120 3.68 -53.29 -75.94
CA PRO BA 120 4.88 -52.48 -76.08
C PRO BA 120 5.97 -53.24 -76.81
N ILE BA 121 7.03 -52.50 -77.15
CA ILE BA 121 8.10 -53.06 -77.96
C ILE BA 121 8.89 -54.13 -77.20
N SER BA 122 8.90 -54.04 -75.87
CA SER BA 122 9.64 -55.02 -75.08
C SER BA 122 8.97 -56.38 -75.03
N GLN BA 123 7.69 -56.46 -75.40
CA GLN BA 123 6.93 -57.70 -75.32
C GLN BA 123 6.78 -58.38 -76.67
N TRP BA 124 7.44 -57.87 -77.71
CA TRP BA 124 7.29 -58.39 -79.05
C TRP BA 124 7.94 -59.75 -79.24
N PRO BA 125 9.09 -60.01 -78.62
CA PRO BA 125 9.66 -61.36 -78.73
C PRO BA 125 8.76 -62.46 -78.21
N SER BA 126 7.95 -62.18 -77.20
CA SER BA 126 6.96 -63.14 -76.75
C SER BA 126 5.74 -63.15 -77.66
N LEU BA 127 5.45 -62.02 -78.29
CA LEU BA 127 4.35 -61.94 -79.23
C LEU BA 127 4.61 -62.77 -80.49
N LEU BA 128 5.87 -62.91 -80.86
CA LEU BA 128 6.18 -63.63 -82.09
C LEU BA 128 5.96 -65.13 -81.95
N TYR BA 129 6.18 -65.68 -80.76
CA TYR BA 129 6.08 -67.11 -80.52
C TYR BA 129 4.89 -67.48 -79.65
N ALA BA 130 4.14 -66.50 -79.17
CA ALA BA 130 2.87 -66.74 -78.46
C ALA BA 130 1.88 -65.67 -78.88
N PRO BA 131 1.46 -65.67 -80.13
CA PRO BA 131 0.62 -64.60 -80.62
C PRO BA 131 -0.77 -64.68 -80.04
N PRO BA 132 -1.54 -63.60 -80.10
CA PRO BA 132 -2.91 -63.64 -79.58
C PRO BA 132 -3.81 -64.52 -80.44
N SER BA 133 -5.01 -64.75 -79.92
CA SER BA 133 -5.95 -65.64 -80.58
C SER BA 133 -6.61 -64.94 -81.76
N SER BA 134 -6.84 -65.70 -82.81
CA SER BA 134 -7.46 -65.20 -84.03
C SER BA 134 -8.47 -66.22 -84.53
N PRO BA 135 -9.32 -65.87 -85.48
CA PRO BA 135 -10.11 -66.89 -86.18
C PRO BA 135 -9.26 -67.78 -87.06
N ALA BA 136 -8.07 -67.35 -87.43
CA ALA BA 136 -7.14 -68.15 -88.23
C ALA BA 136 -5.79 -68.12 -87.51
N ASN BA 137 -5.62 -69.01 -86.55
CA ASN BA 137 -4.38 -69.08 -85.79
C ASN BA 137 -3.37 -69.95 -86.50
N PRO BA 138 -2.09 -69.77 -86.18
CA PRO BA 138 -1.09 -70.75 -86.60
C PRO BA 138 -0.86 -71.83 -85.56
N ALA BA 139 0.01 -72.78 -85.86
CA ALA BA 139 0.41 -73.80 -84.90
C ALA BA 139 1.52 -73.22 -84.02
N VAL BA 140 1.15 -72.72 -82.84
CA VAL BA 140 2.12 -72.09 -81.96
C VAL BA 140 3.18 -73.09 -81.52
N GLU BA 141 2.79 -74.36 -81.32
CA GLU BA 141 3.76 -75.39 -80.98
C GLU BA 141 4.76 -75.66 -82.09
N ALA BA 142 4.41 -75.30 -83.33
CA ALA BA 142 5.28 -75.52 -84.47
C ALA BA 142 5.93 -74.26 -85.00
N LEU BA 143 5.60 -73.09 -84.44
CA LEU BA 143 6.26 -71.87 -84.87
C LEU BA 143 7.78 -71.90 -84.68
N PRO BA 144 8.34 -72.56 -83.68
CA PRO BA 144 9.80 -72.71 -83.62
C PRO BA 144 10.36 -73.69 -84.64
N GLU BA 145 9.50 -74.37 -85.40
CA GLU BA 145 9.93 -75.35 -86.38
C GLU BA 145 9.83 -74.83 -87.82
N MET BA 146 9.40 -73.59 -88.00
CA MET BA 146 9.32 -73.02 -89.34
C MET BA 146 10.70 -72.52 -89.75
N GLN BA 147 11.17 -72.99 -90.90
CA GLN BA 147 12.53 -72.73 -91.34
C GLN BA 147 12.56 -72.63 -92.85
N PHE BA 148 13.49 -71.81 -93.34
CA PHE BA 148 13.71 -71.64 -94.77
C PHE BA 148 15.11 -71.06 -94.92
N ASP BA 149 16.02 -71.87 -95.44
CA ASP BA 149 17.44 -71.53 -95.45
C ASP BA 149 17.77 -70.74 -96.71
N ASP BA 150 18.28 -69.52 -96.51
CA ASP BA 150 18.82 -68.74 -97.61
C ASP BA 150 20.25 -69.13 -97.97
N LEU BA 151 20.89 -69.98 -97.16
CA LEU BA 151 22.26 -70.41 -97.39
C LEU BA 151 22.35 -71.80 -98.00
N HIS BA 152 21.22 -72.41 -98.35
CA HIS BA 152 21.22 -73.80 -98.77
C HIS BA 152 22.05 -74.01 -100.03
N TYR BA 153 21.71 -73.29 -101.08
CA TYR BA 153 22.34 -73.46 -102.39
C TYR BA 153 23.76 -72.90 -102.38
N PRO BA 154 24.00 -71.73 -101.78
CA PRO BA 154 25.39 -71.28 -101.64
C PRO BA 154 26.28 -72.27 -100.92
N ARG BA 155 25.81 -72.82 -99.80
CA ARG BA 155 26.58 -73.82 -99.06
C ARG BA 155 26.81 -75.06 -99.90
N GLN BA 156 25.78 -75.54 -100.58
CA GLN BA 156 25.92 -76.71 -101.44
C GLN BA 156 26.99 -76.49 -102.51
N MET BA 157 26.93 -75.33 -103.17
CA MET BA 157 27.90 -75.02 -104.21
C MET BA 157 29.30 -74.93 -103.64
N LEU BA 158 29.45 -74.29 -102.49
CA LEU BA 158 30.76 -74.14 -101.89
C LEU BA 158 31.35 -75.50 -101.56
N LEU BA 159 30.55 -76.37 -100.94
CA LEU BA 159 31.02 -77.69 -100.57
C LEU BA 159 31.41 -78.50 -101.81
N CYS BA 160 30.59 -78.45 -102.85
CA CYS BA 160 30.90 -79.25 -104.03
C CYS BA 160 32.12 -78.72 -104.76
N ARG BA 161 32.24 -77.41 -104.90
CA ARG BA 161 33.43 -76.84 -105.54
C ARG BA 161 34.68 -77.09 -104.72
N GLY BA 162 34.56 -77.19 -103.40
CA GLY BA 162 35.69 -77.59 -102.59
C GLY BA 162 36.04 -79.04 -102.73
N ALA BA 163 35.03 -79.90 -102.91
CA ALA BA 163 35.29 -81.30 -103.20
C ALA BA 163 36.02 -81.45 -104.53
N GLY BA 164 35.70 -80.60 -105.50
CA GLY BA 164 36.47 -80.52 -106.74
C GLY BA 164 35.64 -80.57 -108.00
N TYR BA 165 34.33 -80.48 -107.88
CA TYR BA 165 33.46 -80.58 -109.02
C TYR BA 165 33.42 -79.26 -109.79
N SER BA 166 32.88 -79.33 -111.00
CA SER BA 166 32.68 -78.16 -111.85
C SER BA 166 31.30 -77.55 -111.60
N LEU BA 167 31.10 -76.36 -112.14
CA LEU BA 167 29.83 -75.68 -111.93
C LEU BA 167 28.67 -76.46 -112.52
N GLU BA 168 28.87 -77.07 -113.68
CA GLU BA 168 27.81 -77.87 -114.30
C GLU BA 168 27.49 -79.09 -113.45
N GLN BA 169 28.52 -79.77 -112.96
CA GLN BA 169 28.29 -80.92 -112.08
C GLN BA 169 27.55 -80.51 -110.82
N CYS BA 170 27.94 -79.37 -110.24
CA CYS BA 170 27.26 -78.89 -109.05
C CYS BA 170 25.79 -78.59 -109.32
N ASN BA 171 25.49 -77.95 -110.46
CA ASN BA 171 24.11 -77.63 -110.77
C ASN BA 171 23.29 -78.88 -111.07
N ARG BA 172 23.92 -79.91 -111.63
CA ARG BA 172 23.21 -81.17 -111.87
C ARG BA 172 22.98 -81.92 -110.56
N MET BA 173 23.93 -81.84 -109.63
CA MET BA 173 23.81 -82.53 -108.35
C MET BA 173 22.99 -81.74 -107.33
N ALA BA 174 22.68 -80.48 -107.59
CA ALA BA 174 21.95 -79.67 -106.63
C ALA BA 174 20.53 -80.18 -106.45
N GLN BA 175 20.06 -80.09 -105.21
CA GLN BA 175 18.71 -80.50 -104.83
C GLN BA 175 18.14 -79.46 -103.88
N PRO BA 176 16.83 -79.31 -103.84
CA PRO BA 176 16.23 -78.31 -102.96
C PRO BA 176 16.18 -78.77 -101.51
N ASP BA 177 16.09 -77.79 -100.62
CA ASP BA 177 16.24 -78.06 -99.20
C ASP BA 177 15.08 -78.89 -98.68
N ALA BA 178 15.40 -79.94 -97.93
CA ALA BA 178 14.42 -80.66 -97.15
C ALA BA 178 14.17 -80.05 -95.79
N ARG BA 179 15.12 -79.24 -95.29
CA ARG BA 179 14.96 -78.56 -94.02
C ARG BA 179 14.12 -77.31 -94.20
N VAL BA 180 12.84 -77.53 -94.47
CA VAL BA 180 11.86 -76.45 -94.55
C VAL BA 180 10.78 -76.74 -93.53
N THR BA 181 9.77 -75.89 -93.49
CA THR BA 181 8.69 -76.08 -92.53
C THR BA 181 8.01 -77.42 -92.79
N PRO BA 182 7.71 -78.20 -91.76
CA PRO BA 182 7.11 -79.51 -91.97
C PRO BA 182 5.72 -79.40 -92.60
N GLU BA 183 5.31 -80.52 -93.19
CA GLU BA 183 4.01 -80.59 -93.84
C GLU BA 183 2.89 -80.79 -92.83
N ASN BA 184 1.73 -80.28 -93.17
CA ASN BA 184 0.55 -80.48 -92.34
C ASN BA 184 0.17 -81.96 -92.34
N PRO BA 185 0.02 -82.59 -91.17
CA PRO BA 185 -0.42 -83.99 -91.16
C PRO BA 185 -1.85 -84.18 -91.61
N ALA BA 186 -2.65 -83.11 -91.62
CA ALA BA 186 -4.01 -83.21 -92.09
C ALA BA 186 -4.06 -83.59 -93.56
N GLU BA 187 -3.03 -83.23 -94.33
CA GLU BA 187 -3.02 -83.54 -95.75
C GLU BA 187 -2.89 -85.03 -96.01
N LYS BA 188 -2.35 -85.79 -95.05
CA LYS BA 188 -2.27 -87.23 -95.17
C LYS BA 188 -3.34 -87.97 -94.38
N LEU BA 189 -3.87 -87.36 -93.32
CA LEU BA 189 -4.88 -88.02 -92.51
C LEU BA 189 -6.30 -87.76 -93.00
N LEU BA 190 -6.61 -86.53 -93.39
CA LEU BA 190 -7.93 -86.12 -93.84
C LEU BA 190 -7.99 -85.99 -95.36
N LYS BA 191 -7.34 -86.91 -96.06
CA LYS BA 191 -7.18 -86.80 -97.51
C LYS BA 191 -8.54 -86.85 -98.21
N GLU BA 192 -9.30 -87.90 -97.95
CA GLU BA 192 -10.57 -88.09 -98.66
C GLU BA 192 -11.56 -86.99 -98.32
N GLU BA 193 -11.62 -86.59 -97.04
CA GLU BA 193 -12.52 -85.53 -96.63
C GLU BA 193 -12.18 -84.23 -97.34
N ALA BA 194 -10.88 -83.93 -97.46
CA ALA BA 194 -10.46 -82.70 -98.12
C ALA BA 194 -10.77 -82.73 -99.61
N VAL BA 195 -10.57 -83.89 -100.24
CA VAL BA 195 -10.88 -84.00 -101.66
C VAL BA 195 -12.38 -83.81 -101.89
N ALA BA 196 -13.20 -84.38 -101.01
CA ALA BA 196 -14.64 -84.22 -101.14
C ALA BA 196 -15.06 -82.77 -100.92
N ALA BA 197 -14.46 -82.10 -99.93
CA ALA BA 197 -14.75 -80.69 -99.70
C ALA BA 197 -14.37 -79.85 -100.92
N ILE BA 198 -13.24 -80.15 -101.55
CA ILE BA 198 -12.81 -79.37 -102.70
C ILE BA 198 -13.73 -79.64 -103.89
N ALA BA 199 -14.21 -80.87 -104.03
CA ALA BA 199 -15.20 -81.16 -105.05
C ALA BA 199 -16.46 -80.35 -104.83
N CYS BA 200 -16.95 -80.33 -103.59
CA CYS BA 200 -18.14 -79.55 -103.26
C CYS BA 200 -17.92 -78.08 -103.56
N LEU BA 201 -16.75 -77.55 -103.24
CA LEU BA 201 -16.48 -76.14 -103.48
C LEU BA 201 -16.44 -75.84 -104.97
N SER BA 202 -15.74 -76.67 -105.74
CA SER BA 202 -15.67 -76.48 -107.18
C SER BA 202 -17.04 -76.54 -107.83
N GLN BA 203 -17.93 -77.37 -107.28
CA GLN BA 203 -19.27 -77.48 -107.87
C GLN BA 203 -20.18 -76.34 -107.41
N ARG BA 204 -20.06 -75.91 -106.16
CA ARG BA 204 -21.02 -74.99 -105.55
C ARG BA 204 -20.44 -73.61 -105.33
N GLU BA 205 -19.41 -73.23 -106.09
CA GLU BA 205 -18.97 -71.84 -106.14
C GLU BA 205 -18.36 -71.39 -104.81
N GLY BA 206 -17.45 -72.20 -104.28
CA GLY BA 206 -16.75 -71.86 -103.07
C GLY BA 206 -17.53 -72.06 -101.79
N GLY BA 207 -18.65 -72.77 -101.83
CA GLY BA 207 -19.43 -72.99 -100.64
C GLY BA 207 -20.29 -71.82 -100.22
N LYS BA 208 -20.70 -71.00 -101.18
CA LYS BA 208 -21.61 -69.90 -100.90
C LYS BA 208 -22.91 -70.42 -100.29
N ASP BA 209 -23.53 -69.55 -99.50
CA ASP BA 209 -24.72 -69.87 -98.70
C ASP BA 209 -24.68 -71.30 -98.15
N GLU BA 210 -23.55 -71.67 -97.55
CA GLU BA 210 -23.45 -72.87 -96.72
C GLU BA 210 -23.82 -74.13 -97.52
N GLN BA 211 -23.00 -74.43 -98.51
CA GLN BA 211 -23.19 -75.61 -99.35
C GLN BA 211 -22.15 -76.69 -99.13
N CYS BA 212 -21.02 -76.39 -98.48
CA CYS BA 212 -20.03 -77.39 -98.11
C CYS BA 212 -19.92 -77.55 -96.60
N ARG BA 213 -20.94 -77.08 -95.87
CA ARG BA 213 -20.95 -77.17 -94.41
C ARG BA 213 -20.88 -78.61 -93.95
N TYR BA 214 -21.47 -79.54 -94.69
CA TYR BA 214 -21.42 -80.95 -94.33
C TYR BA 214 -19.97 -81.41 -94.18
N TYR BA 215 -19.21 -81.31 -95.27
CA TYR BA 215 -17.83 -81.78 -95.26
C TYR BA 215 -16.98 -80.99 -94.30
N ILE BA 216 -17.17 -79.67 -94.25
CA ILE BA 216 -16.34 -78.85 -93.37
C ILE BA 216 -16.59 -79.21 -91.91
N GLU BA 217 -17.84 -79.46 -91.54
CA GLU BA 217 -18.16 -79.83 -90.17
C GLU BA 217 -17.62 -81.21 -89.83
N ARG BA 218 -17.68 -82.14 -90.78
CA ARG BA 218 -17.09 -83.45 -90.53
C ARG BA 218 -15.59 -83.34 -90.28
N MET BA 219 -14.91 -82.54 -91.10
CA MET BA 219 -13.47 -82.32 -90.90
C MET BA 219 -13.20 -81.67 -89.56
N TYR BA 220 -13.97 -80.65 -89.20
CA TYR BA 220 -13.75 -79.94 -87.94
C TYR BA 220 -13.93 -80.88 -86.75
N LYS BA 221 -14.98 -81.70 -86.77
CA LYS BA 221 -15.19 -82.64 -85.68
C LYS BA 221 -14.04 -83.64 -85.60
N LEU BA 222 -13.66 -84.21 -86.74
CA LEU BA 222 -12.56 -85.17 -86.77
C LEU BA 222 -11.29 -84.57 -86.19
N ALA BA 223 -11.02 -83.31 -86.48
CA ALA BA 223 -9.77 -82.71 -86.03
C ALA BA 223 -9.83 -82.27 -84.57
N ASN BA 224 -10.99 -81.82 -84.09
CA ASN BA 224 -11.10 -81.18 -82.80
C ASN BA 224 -11.53 -82.10 -81.69
N LYS BA 225 -12.61 -82.87 -81.88
CA LYS BA 225 -13.11 -83.77 -80.85
C LYS BA 225 -13.48 -82.98 -79.59
N GLU BA 226 -14.47 -82.12 -79.74
CA GLU BA 226 -14.95 -81.30 -78.63
C GLU BA 226 -13.83 -80.44 -78.06
N PRO CA 9 18.73 -69.95 7.68
CA PRO CA 9 19.82 -70.92 7.56
C PRO CA 9 19.94 -71.48 6.15
N LEU CA 10 20.81 -70.90 5.34
CA LEU CA 10 21.01 -71.35 3.97
C LEU CA 10 22.04 -72.47 3.94
N GLY CA 11 21.70 -73.53 3.21
CA GLY CA 11 22.61 -74.65 3.06
C GLY CA 11 22.71 -75.51 4.29
N VAL CA 12 23.12 -76.77 4.09
CA VAL CA 12 23.35 -77.71 5.17
C VAL CA 12 24.70 -78.38 4.92
N LYS CA 13 25.36 -78.75 6.01
CA LYS CA 13 26.69 -79.34 5.92
C LYS CA 13 26.59 -80.79 5.48
N GLY CA 14 27.54 -81.22 4.67
CA GLY CA 14 27.54 -82.56 4.12
C GLY CA 14 26.73 -82.71 2.85
N ARG CA 15 25.96 -81.70 2.47
CA ARG CA 15 25.14 -81.73 1.27
C ARG CA 15 25.73 -80.81 0.23
N SER CA 16 25.57 -81.18 -1.04
CA SER CA 16 26.15 -80.46 -2.15
C SER CA 16 25.07 -79.73 -2.96
N VAL CA 17 25.48 -78.62 -3.57
CA VAL CA 17 24.58 -77.85 -4.41
C VAL CA 17 24.13 -78.67 -5.61
N PHE CA 18 24.97 -79.61 -6.04
CA PHE CA 18 24.59 -80.48 -7.15
C PHE CA 18 23.51 -81.46 -6.72
N ALA CA 19 23.61 -81.97 -5.48
CA ALA CA 19 22.56 -82.80 -4.93
C ALA CA 19 21.26 -82.03 -4.83
N GLY CA 20 21.35 -80.76 -4.43
CA GLY CA 20 20.14 -79.94 -4.38
C GLY CA 20 19.55 -79.69 -5.75
N MET CA 21 20.40 -79.51 -6.76
CA MET CA 21 19.92 -79.39 -8.13
C MET CA 21 19.18 -80.65 -8.56
N ARG CA 22 19.76 -81.82 -8.28
CA ARG CA 22 19.07 -83.07 -8.62
C ARG CA 22 17.72 -83.16 -7.91
N SER CA 23 17.69 -82.82 -6.63
CA SER CA 23 16.43 -82.76 -5.89
C SER CA 23 15.41 -81.89 -6.62
N PHE CA 24 15.82 -80.68 -6.99
CA PHE CA 24 14.89 -79.73 -7.60
C PHE CA 24 14.38 -80.26 -8.93
N ILE CA 25 15.25 -80.84 -9.74
CA ILE CA 25 14.82 -81.35 -11.04
C ILE CA 25 13.84 -82.51 -10.84
N GLY CA 26 14.10 -83.36 -9.85
CA GLY CA 26 13.15 -84.41 -9.54
C GLY CA 26 11.79 -83.87 -9.15
N GLN CA 27 11.78 -82.85 -8.30
CA GLN CA 27 10.53 -82.22 -7.90
C GLN CA 27 9.77 -81.69 -9.11
N ARG CA 28 10.47 -80.96 -9.98
CA ARG CA 28 9.82 -80.37 -11.14
C ARG CA 28 9.23 -81.46 -12.04
N LEU CA 29 9.98 -82.54 -12.27
CA LEU CA 29 9.51 -83.58 -13.17
C LEU CA 29 8.31 -84.31 -12.57
N GLY CA 30 8.36 -84.59 -11.28
CA GLY CA 30 7.21 -85.22 -10.64
C GLY CA 30 5.98 -84.35 -10.69
N ARG CA 31 6.14 -83.05 -10.49
CA ARG CA 31 5.00 -82.14 -10.58
C ARG CA 31 4.45 -82.11 -11.99
N LEU CA 32 5.33 -82.12 -12.99
CA LEU CA 32 4.87 -82.14 -14.38
C LEU CA 32 4.09 -83.40 -14.68
N TYR CA 33 4.55 -84.55 -14.18
CA TYR CA 33 3.81 -85.79 -14.40
C TYR CA 33 2.45 -85.73 -13.72
N ASP CA 34 2.40 -85.20 -12.50
CA ASP CA 34 1.12 -85.09 -11.81
C ASP CA 34 0.15 -84.20 -12.59
N SER CA 35 0.65 -83.05 -13.07
CA SER CA 35 -0.23 -82.12 -13.79
C SER CA 35 -0.65 -82.67 -15.14
N PHE CA 36 0.19 -83.48 -15.79
CA PHE CA 36 -0.20 -84.10 -17.04
C PHE CA 36 -1.23 -85.20 -16.81
N TYR CA 37 -1.07 -85.97 -15.73
CA TYR CA 37 -2.03 -86.99 -15.40
C TYR CA 37 -3.40 -86.38 -15.12
N TYR CA 38 -3.44 -85.38 -14.25
CA TYR CA 38 -4.71 -84.73 -13.92
C TYR CA 38 -4.96 -83.58 -14.89
N SER CA 39 -5.30 -83.98 -16.11
CA SER CA 39 -5.56 -83.05 -17.19
C SER CA 39 -6.49 -83.73 -18.19
N GLN CA 40 -7.02 -82.92 -19.10
CA GLN CA 40 -7.96 -83.42 -20.10
C GLN CA 40 -7.22 -84.21 -21.17
N SER CA 41 -7.74 -85.40 -21.49
CA SER CA 41 -7.19 -86.19 -22.57
C SER CA 41 -7.38 -85.51 -23.92
N SER CA 42 -8.43 -84.70 -24.05
CA SER CA 42 -8.75 -84.08 -25.33
C SER CA 42 -7.67 -83.12 -25.77
N THR CA 43 -7.04 -82.42 -24.83
CA THR CA 43 -6.18 -81.27 -25.14
C THR CA 43 -4.71 -81.54 -24.91
N LYS CA 44 -4.38 -82.32 -23.87
CA LYS CA 44 -3.00 -82.36 -23.41
C LYS CA 44 -2.11 -83.10 -24.39
N TYR CA 45 -2.58 -84.21 -24.96
CA TYR CA 45 -1.76 -84.97 -25.89
C TYR CA 45 -1.43 -84.14 -27.11
N VAL CA 46 -2.44 -83.49 -27.68
CA VAL CA 46 -2.22 -82.58 -28.79
C VAL CA 46 -1.19 -81.53 -28.40
N MET CA 47 -1.51 -80.72 -27.40
CA MET CA 47 -0.72 -79.54 -27.07
C MET CA 47 0.70 -79.90 -26.62
N VAL CA 48 0.93 -81.14 -26.18
CA VAL CA 48 2.22 -81.51 -25.64
C VAL CA 48 3.07 -82.32 -26.60
N PHE CA 49 2.46 -82.99 -27.58
CA PHE CA 49 3.22 -83.84 -28.50
C PHE CA 49 3.06 -83.47 -29.96
N LEU CA 50 1.85 -83.14 -30.42
CA LEU CA 50 1.64 -83.04 -31.85
C LEU CA 50 1.96 -81.65 -32.38
N PHE CA 51 1.64 -80.61 -31.63
CA PHE CA 51 2.04 -79.27 -32.03
C PHE CA 51 3.53 -79.05 -31.83
N PRO CA 52 4.12 -79.39 -30.69
CA PRO CA 52 5.58 -79.36 -30.58
C PRO CA 52 6.29 -80.16 -31.66
N ALA CA 53 5.82 -81.36 -31.97
CA ALA CA 53 6.51 -82.18 -32.95
C ALA CA 53 6.44 -81.56 -34.34
N GLY CA 54 5.26 -81.08 -34.74
CA GLY CA 54 5.13 -80.44 -36.04
C GLY CA 54 5.96 -79.18 -36.15
N ILE CA 55 5.93 -78.36 -35.10
CA ILE CA 55 6.71 -77.13 -35.09
C ILE CA 55 8.20 -77.45 -35.16
N PHE CA 56 8.64 -78.45 -34.40
CA PHE CA 56 10.03 -78.87 -34.43
C PHE CA 56 10.44 -79.31 -35.83
N TYR CA 57 9.63 -80.18 -36.44
CA TYR CA 57 9.96 -80.67 -37.78
C TYR CA 57 10.05 -79.52 -38.77
N THR CA 58 9.04 -78.64 -38.77
CA THR CA 58 9.03 -77.54 -39.73
C THR CA 58 10.22 -76.62 -39.53
N ARG CA 59 10.47 -76.21 -38.29
CA ARG CA 59 11.56 -75.27 -38.03
C ARG CA 59 12.92 -75.89 -38.34
N PHE CA 60 13.12 -77.15 -37.95
CA PHE CA 60 14.38 -77.83 -38.24
C PHE CA 60 14.61 -77.93 -39.74
N ARG CA 61 13.58 -78.36 -40.47
CA ARG CA 61 13.69 -78.48 -41.92
C ARG CA 61 14.02 -77.15 -42.57
N ALA CA 62 13.35 -76.09 -42.16
CA ALA CA 62 13.60 -74.78 -42.77
C ALA CA 62 15.00 -74.28 -42.42
N ASP CA 63 15.38 -74.36 -41.16
CA ASP CA 63 16.64 -73.80 -40.69
C ASP CA 63 17.84 -74.64 -41.13
N THR CA 64 17.62 -75.89 -41.53
CA THR CA 64 18.72 -76.80 -41.84
C THR CA 64 18.76 -77.13 -43.32
N LYS CA 65 17.67 -77.64 -43.89
CA LYS CA 65 17.67 -77.97 -45.29
C LYS CA 65 17.53 -76.71 -46.13
N LEU CA 66 17.64 -76.87 -47.45
CA LEU CA 66 17.56 -75.76 -48.38
C LEU CA 66 16.62 -76.15 -49.50
N GLY CA 67 15.70 -75.25 -49.84
CA GLY CA 67 14.61 -75.56 -50.73
C GLY CA 67 14.55 -74.66 -51.95
N TYR CA 68 13.75 -75.10 -52.91
CA TYR CA 68 13.70 -74.53 -54.24
C TYR CA 68 12.26 -74.44 -54.72
N HIS CA 69 11.92 -73.34 -55.38
CA HIS CA 69 10.61 -73.15 -55.98
C HIS CA 69 10.67 -73.65 -57.42
N VAL CA 70 9.87 -74.66 -57.73
CA VAL CA 70 9.93 -75.36 -59.00
C VAL CA 70 8.76 -74.93 -59.87
N PHE CA 71 9.06 -74.71 -61.15
CA PHE CA 71 8.07 -74.33 -62.15
C PHE CA 71 8.25 -75.22 -63.37
N ILE CA 72 7.19 -75.32 -64.17
CA ILE CA 72 7.24 -76.06 -65.42
C ILE CA 72 6.70 -75.18 -66.54
N ASN CA 73 7.34 -75.28 -67.71
CA ASN CA 73 7.04 -74.39 -68.82
C ASN CA 73 5.64 -74.64 -69.38
N GLU CA 74 5.30 -75.90 -69.62
CA GLU CA 74 4.10 -76.25 -70.35
C GLU CA 74 3.26 -77.23 -69.54
N GLU CA 75 1.95 -77.20 -69.78
CA GLU CA 75 1.04 -78.10 -69.09
C GLU CA 75 1.21 -79.54 -69.55
N LYS CA 76 1.66 -79.74 -70.79
CA LYS CA 76 1.89 -81.08 -71.29
C LYS CA 76 3.04 -81.78 -70.57
N LEU CA 77 3.94 -81.01 -69.96
CA LEU CA 77 5.04 -81.56 -69.20
C LEU CA 77 4.69 -81.80 -67.74
N TYR CA 78 3.48 -81.45 -67.32
CA TYR CA 78 3.09 -81.63 -65.94
C TYR CA 78 3.06 -83.12 -65.61
N PRO CA 79 3.35 -83.50 -64.37
CA PRO CA 79 3.25 -84.91 -63.99
C PRO CA 79 1.82 -85.36 -63.84
N ASP CA 80 1.64 -86.67 -63.82
CA ASP CA 80 0.35 -87.28 -63.52
C ASP CA 80 0.28 -87.54 -62.02
N TYR CA 81 -0.57 -86.78 -61.33
CA TYR CA 81 -0.76 -86.93 -59.90
C TYR CA 81 -2.20 -87.32 -59.56
N SER CA 82 -2.91 -87.92 -60.51
CA SER CA 82 -4.32 -88.26 -60.29
C SER CA 82 -4.45 -89.33 -59.21
N GLN CA 83 -3.52 -90.28 -59.17
CA GLN CA 83 -3.67 -91.44 -58.30
C GLN CA 83 -3.27 -91.12 -56.86
N ASN CA 84 -2.09 -90.52 -56.67
CA ASN CA 84 -1.63 -90.19 -55.34
C ASN CA 84 -2.56 -89.17 -54.70
N TYR CA 85 -2.80 -89.35 -53.40
CA TYR CA 85 -3.82 -88.59 -52.69
C TYR CA 85 -3.23 -87.33 -52.07
N PHE CA 86 -4.12 -86.40 -51.73
CA PHE CA 86 -3.84 -85.08 -51.16
C PHE CA 86 -3.18 -84.13 -52.16
N ASP CA 87 -2.88 -84.58 -53.38
CA ASP CA 87 -2.44 -83.67 -54.44
C ASP CA 87 -2.83 -84.32 -55.76
N THR CA 88 -3.96 -83.90 -56.31
CA THR CA 88 -4.46 -84.44 -57.56
C THR CA 88 -3.92 -83.70 -58.78
N LYS CA 89 -3.19 -82.60 -58.58
CA LYS CA 89 -2.86 -81.71 -59.67
C LYS CA 89 -1.56 -80.99 -59.35
N TRP CA 90 -0.75 -80.75 -60.37
CA TRP CA 90 0.47 -79.96 -60.21
C TRP CA 90 0.14 -78.48 -60.16
N THR CA 91 0.87 -77.77 -59.30
CA THR CA 91 0.79 -76.31 -59.22
C THR CA 91 2.20 -75.75 -59.21
N ASN CA 92 2.42 -74.70 -60.00
CA ASN CA 92 3.74 -74.12 -60.13
C ASN CA 92 4.06 -73.24 -58.93
N GLY CA 93 5.33 -73.19 -58.57
CA GLY CA 93 5.78 -72.48 -57.40
C GLY CA 93 5.92 -73.34 -56.18
N ARG CA 94 5.81 -74.65 -56.32
CA ARG CA 94 5.89 -75.54 -55.17
C ARG CA 94 7.27 -75.44 -54.54
N LYS CA 95 7.29 -75.31 -53.22
CA LYS CA 95 8.52 -75.34 -52.46
C LYS CA 95 8.95 -76.79 -52.28
N VAL CA 96 10.19 -77.09 -52.62
CA VAL CA 96 10.72 -78.45 -52.61
C VAL CA 96 12.04 -78.44 -51.86
N TYR CA 97 12.11 -79.20 -50.78
CA TYR CA 97 13.31 -79.30 -49.96
C TYR CA 97 14.12 -80.50 -50.41
N LEU CA 98 15.42 -80.29 -50.59
CA LEU CA 98 16.32 -81.31 -51.11
C LEU CA 98 17.55 -81.41 -50.23
N ASP CA 99 18.31 -82.46 -50.47
CA ASP CA 99 19.59 -82.67 -49.81
C ASP CA 99 20.73 -82.15 -50.67
N ASP CA 100 21.88 -81.93 -50.02
CA ASP CA 100 22.99 -81.29 -50.71
C ASP CA 100 23.57 -82.19 -51.80
N GLU CA 101 23.41 -83.49 -51.69
CA GLU CA 101 23.92 -84.44 -52.66
C GLU CA 101 22.98 -84.69 -53.82
N THR CA 102 21.84 -84.01 -53.86
CA THR CA 102 20.86 -84.26 -54.91
C THR CA 102 21.35 -83.77 -56.26
N THR CA 103 21.06 -84.54 -57.29
CA THR CA 103 21.37 -84.20 -58.67
C THR CA 103 20.10 -83.85 -59.44
N VAL CA 104 20.31 -83.37 -60.66
CA VAL CA 104 19.18 -82.97 -61.50
C VAL CA 104 18.35 -84.19 -61.88
N GLU CA 105 19.00 -85.34 -62.12
CA GLU CA 105 18.26 -86.55 -62.43
C GLU CA 105 17.39 -86.97 -61.25
N GLN CA 106 17.94 -86.93 -60.05
CA GLN CA 106 17.16 -87.28 -58.87
C GLN CA 106 16.00 -86.32 -58.68
N LEU CA 107 16.23 -85.03 -58.90
CA LEU CA 107 15.15 -84.05 -58.80
C LEU CA 107 14.06 -84.34 -59.81
N LYS CA 108 14.45 -84.62 -61.05
CA LYS CA 108 13.48 -84.91 -62.10
C LYS CA 108 12.65 -86.14 -61.75
N ALA CA 109 13.30 -87.18 -61.24
CA ALA CA 109 12.59 -88.39 -60.84
C ALA CA 109 11.65 -88.11 -59.69
N GLN CA 110 12.09 -87.31 -58.72
CA GLN CA 110 11.24 -86.93 -57.60
C GLN CA 110 10.01 -86.18 -58.08
N ILE CA 111 10.18 -85.31 -59.07
CA ILE CA 111 9.04 -84.56 -59.59
C ILE CA 111 8.07 -85.49 -60.30
N TYR CA 112 8.59 -86.30 -61.22
CA TYR CA 112 7.74 -87.16 -62.05
C TYR CA 112 7.41 -88.50 -61.41
N GLY CA 113 7.68 -88.66 -60.12
CA GLY CA 113 7.17 -89.80 -59.38
C GLY CA 113 7.79 -91.13 -59.77
N GLY CA 114 9.07 -91.14 -60.12
CA GLY CA 114 9.71 -92.38 -60.51
C GLY CA 114 9.13 -93.00 -61.76
N LYS CA 115 8.52 -92.19 -62.62
CA LYS CA 115 7.86 -92.66 -63.82
C LYS CA 115 8.55 -92.07 -65.05
N ALA CA 116 8.13 -92.53 -66.22
CA ALA CA 116 8.78 -92.13 -67.46
C ALA CA 116 8.53 -90.64 -67.70
N ALA CA 117 9.59 -89.85 -67.63
CA ALA CA 117 9.50 -88.43 -67.91
C ALA CA 117 9.48 -88.20 -69.41
N PRO CA 118 9.09 -87.01 -69.84
CA PRO CA 118 9.16 -86.71 -71.28
C PRO CA 118 10.59 -86.62 -71.78
N GLU CA 119 10.76 -86.35 -73.05
CA GLU CA 119 12.05 -86.40 -73.71
C GLU CA 119 12.69 -85.03 -73.75
N ASN CA 120 14.02 -85.00 -73.54
CA ASN CA 120 14.78 -83.77 -73.63
C ASN CA 120 14.30 -82.73 -72.63
N VAL CA 121 13.96 -83.19 -71.43
CA VAL CA 121 13.57 -82.28 -70.36
C VAL CA 121 14.83 -81.80 -69.64
N LYS CA 122 14.88 -80.50 -69.37
CA LYS CA 122 16.03 -79.89 -68.76
C LYS CA 122 15.59 -78.83 -67.76
N VAL CA 123 16.53 -78.48 -66.89
CA VAL CA 123 16.30 -77.56 -65.79
C VAL CA 123 17.08 -76.28 -66.05
N ALA CA 124 16.48 -75.15 -65.69
CA ALA CA 124 17.10 -73.85 -65.88
C ALA CA 124 16.83 -72.97 -64.66
N CYS CA 125 17.69 -71.98 -64.49
CA CYS CA 125 17.58 -71.03 -63.40
C CYS CA 125 18.12 -69.71 -63.90
N ARG CA 126 17.25 -68.73 -64.08
CA ARG CA 126 17.64 -67.42 -64.57
C ARG CA 126 18.17 -67.50 -65.99
N GLY CA 127 17.61 -68.42 -66.78
CA GLY CA 127 17.95 -68.56 -68.17
C GLY CA 127 19.11 -69.48 -68.48
N ARG CA 128 19.63 -70.20 -67.48
CA ARG CA 128 20.88 -70.91 -67.60
C ARG CA 128 20.64 -72.39 -67.39
N VAL CA 129 20.92 -73.17 -68.42
CA VAL CA 129 20.59 -74.59 -68.44
C VAL CA 129 21.59 -75.37 -67.60
N PHE CA 130 21.07 -76.31 -66.83
CA PHE CA 130 21.89 -77.16 -65.99
C PHE CA 130 22.19 -78.46 -66.71
N GLU CA 131 23.38 -79.00 -66.50
CA GLU CA 131 23.67 -80.35 -66.88
C GLU CA 131 22.94 -81.32 -65.93
N ASP CA 132 22.70 -82.53 -66.42
CA ASP CA 132 21.98 -83.51 -65.62
C ASP CA 132 22.88 -84.22 -64.63
N ALA CA 133 24.18 -84.25 -64.88
CA ALA CA 133 25.15 -84.75 -63.91
C ALA CA 133 25.78 -83.59 -63.14
N ASP CA 134 24.91 -82.81 -62.52
CA ASP CA 134 25.32 -81.64 -61.76
C ASP CA 134 24.60 -81.62 -60.43
N ASN CA 135 25.30 -81.17 -59.39
CA ASN CA 135 24.70 -80.97 -58.08
C ASN CA 135 23.85 -79.71 -58.11
N VAL CA 136 22.59 -79.85 -57.69
CA VAL CA 136 21.66 -78.72 -57.79
C VAL CA 136 22.14 -77.56 -56.93
N ALA CA 137 22.69 -77.87 -55.76
CA ALA CA 137 23.12 -76.82 -54.85
C ALA CA 137 24.23 -75.98 -55.46
N MET CA 138 25.26 -76.63 -55.99
CA MET CA 138 26.38 -75.89 -56.57
C MET CA 138 25.98 -75.20 -57.86
N ALA CA 139 25.11 -75.83 -58.65
CA ALA CA 139 24.63 -75.19 -59.87
C ALA CA 139 23.86 -73.92 -59.55
N VAL CA 140 23.05 -73.94 -58.49
CA VAL CA 140 22.32 -72.75 -58.10
C VAL CA 140 23.27 -71.70 -57.55
N ARG CA 141 24.23 -72.13 -56.72
CA ARG CA 141 25.25 -71.22 -56.23
C ARG CA 141 25.96 -70.49 -57.35
N ALA CA 142 26.23 -71.20 -58.45
CA ALA CA 142 26.92 -70.60 -59.58
C ALA CA 142 25.99 -69.69 -60.39
N PHE CA 143 24.88 -70.23 -60.86
CA PHE CA 143 24.07 -69.54 -61.85
C PHE CA 143 23.10 -68.56 -61.20
N CYS CA 144 22.34 -69.00 -60.19
CA CYS CA 144 21.34 -68.16 -59.54
C CYS CA 144 21.60 -68.15 -58.04
N LYS CA 145 22.49 -67.29 -57.61
CA LYS CA 145 22.80 -67.16 -56.19
C LYS CA 145 21.64 -66.47 -55.48
N ARG CA 146 21.05 -67.17 -54.52
CA ARG CA 146 19.96 -66.64 -53.69
C ARG CA 146 18.70 -66.36 -54.49
N ASP CA 147 18.53 -67.02 -55.64
CA ASP CA 147 17.28 -67.01 -56.39
C ASP CA 147 17.03 -68.41 -56.93
N PRO CA 148 16.64 -69.34 -56.06
CA PRO CA 148 16.63 -70.75 -56.46
C PRO CA 148 15.47 -71.18 -57.34
N ARG CA 149 14.75 -70.24 -57.93
CA ARG CA 149 13.60 -70.57 -58.76
C ARG CA 149 14.01 -71.39 -59.97
N LEU CA 150 13.70 -72.68 -59.96
CA LEU CA 150 14.02 -73.57 -61.06
C LEU CA 150 12.86 -73.73 -62.02
N LEU CA 151 13.17 -73.96 -63.28
CA LEU CA 151 12.18 -74.15 -64.33
C LEU CA 151 12.51 -75.39 -65.14
N LEU CA 152 11.49 -76.20 -65.40
CA LEU CA 152 11.62 -77.40 -66.21
C LEU CA 152 11.03 -77.14 -67.58
N PHE CA 153 11.82 -77.36 -68.62
CA PHE CA 153 11.40 -77.09 -69.99
C PHE CA 153 11.86 -78.22 -70.89
N GLN CA 154 11.35 -78.23 -72.11
CA GLN CA 154 11.72 -79.22 -73.12
C GLN CA 154 12.73 -78.60 -74.07
N ASP CA 155 13.89 -79.23 -74.19
CA ASP CA 155 14.99 -78.72 -75.01
C ASP CA 155 15.04 -79.52 -76.31
N ASN CA 156 14.24 -79.10 -77.29
CA ASN CA 156 14.28 -79.72 -78.61
C ASN CA 156 15.24 -78.96 -79.52
N LEU CA 157 14.92 -77.70 -79.79
CA LEU CA 157 15.80 -76.80 -80.51
C LEU CA 157 16.34 -77.41 -81.81
N ARG DA 108 -14.33 -109.81 3.63
CA ARG DA 108 -13.77 -108.48 3.45
C ARG DA 108 -14.87 -107.47 3.11
N PRO DA 109 -14.59 -106.18 3.32
CA PRO DA 109 -15.60 -105.15 3.05
C PRO DA 109 -16.00 -105.05 1.59
N GLY DA 110 -15.02 -104.85 0.71
CA GLY DA 110 -15.28 -104.57 -0.69
C GLY DA 110 -15.22 -105.76 -1.62
N GLN DA 111 -15.12 -106.99 -1.09
CA GLN DA 111 -15.03 -108.15 -1.95
C GLN DA 111 -16.30 -108.35 -2.75
N GLY DA 112 -17.45 -107.98 -2.19
CA GLY DA 112 -18.70 -108.13 -2.92
C GLY DA 112 -18.74 -107.28 -4.18
N SER DA 113 -18.18 -106.08 -4.11
CA SER DA 113 -18.12 -105.21 -5.28
C SER DA 113 -16.99 -105.60 -6.22
N ASN DA 114 -15.82 -105.98 -5.66
CA ASN DA 114 -14.67 -106.34 -6.48
C ASN DA 114 -14.78 -107.70 -7.12
N ALA DA 115 -15.78 -108.50 -6.75
CA ALA DA 115 -16.08 -109.73 -7.48
C ALA DA 115 -16.82 -109.43 -8.77
N GLN DA 116 -17.59 -108.36 -8.81
CA GLN DA 116 -18.33 -107.99 -10.02
C GLN DA 116 -17.41 -107.50 -11.14
N PHE DA 117 -16.18 -107.13 -10.81
CA PHE DA 117 -15.26 -106.54 -11.79
C PHE DA 117 -14.37 -107.64 -12.37
N GLN DA 118 -14.92 -108.34 -13.36
CA GLN DA 118 -14.20 -109.35 -14.11
C GLN DA 118 -14.48 -109.17 -15.58
N THR DA 119 -13.43 -109.02 -16.38
CA THR DA 119 -13.53 -108.53 -17.74
C THR DA 119 -13.14 -109.61 -18.74
N SER DA 120 -13.47 -109.36 -20.00
CA SER DA 120 -13.03 -110.20 -21.11
C SER DA 120 -11.66 -109.78 -21.61
N LEU DA 121 -11.01 -110.70 -22.33
CA LEU DA 121 -9.80 -110.36 -23.06
C LEU DA 121 -10.03 -109.19 -24.00
N ALA DA 122 -11.12 -109.26 -24.79
CA ALA DA 122 -11.43 -108.18 -25.72
C ALA DA 122 -11.79 -106.90 -24.97
N ASP DA 123 -12.49 -107.03 -23.83
CA ASP DA 123 -12.78 -105.86 -23.00
C ASP DA 123 -11.49 -105.16 -22.58
N LYS DA 124 -10.51 -105.93 -22.10
CA LYS DA 124 -9.30 -105.29 -21.58
C LYS DA 124 -8.40 -104.81 -22.70
N THR DA 125 -8.45 -105.45 -23.88
CA THR DA 125 -7.76 -104.89 -25.03
C THR DA 125 -8.38 -103.55 -25.42
N ARG DA 126 -9.71 -103.48 -25.43
CA ARG DA 126 -10.38 -102.23 -25.78
C ARG DA 126 -10.05 -101.14 -24.78
N GLY DA 127 -9.93 -101.51 -23.49
CA GLY DA 127 -9.56 -100.54 -22.49
C GLY DA 127 -8.11 -100.09 -22.62
N LEU DA 128 -7.21 -101.02 -22.91
CA LEU DA 128 -5.82 -100.68 -23.18
C LEU DA 128 -5.74 -99.66 -24.32
N LEU DA 129 -6.50 -99.89 -25.38
CA LEU DA 129 -6.49 -98.95 -26.51
C LEU DA 129 -7.23 -97.66 -26.19
N GLY DA 130 -8.15 -97.68 -25.22
CA GLY DA 130 -8.90 -96.49 -24.87
C GLY DA 130 -9.83 -96.05 -25.98
N VAL DA 131 -10.85 -96.85 -26.26
CA VAL DA 131 -11.77 -96.54 -27.36
C VAL DA 131 -12.62 -95.34 -27.00
N GLY DA 132 -13.40 -95.44 -25.92
CA GLY DA 132 -14.34 -94.41 -25.56
C GLY DA 132 -13.79 -93.39 -24.58
N PHE DA 133 -12.45 -93.31 -24.48
CA PHE DA 133 -11.81 -92.45 -23.51
C PHE DA 133 -10.65 -91.62 -24.07
N LEU DA 134 -10.21 -91.90 -25.30
CA LEU DA 134 -9.23 -91.03 -25.96
C LEU DA 134 -9.91 -90.01 -26.87
N ARG DA 135 -10.82 -90.48 -27.72
CA ARG DA 135 -11.65 -89.62 -28.56
C ARG DA 135 -10.78 -88.76 -29.47
N PRO DA 136 -10.14 -89.37 -30.47
CA PRO DA 136 -9.37 -88.58 -31.43
C PRO DA 136 -10.21 -87.58 -32.20
N THR DA 137 -11.50 -87.85 -32.38
CA THR DA 137 -12.37 -86.86 -32.98
C THR DA 137 -12.50 -85.64 -32.09
N LYS DA 138 -12.54 -85.84 -30.76
CA LYS DA 138 -12.55 -84.71 -29.84
C LYS DA 138 -11.21 -83.97 -29.89
N MET DA 139 -10.11 -84.70 -30.02
CA MET DA 139 -8.81 -84.06 -30.13
C MET DA 139 -8.74 -83.19 -31.38
N ALA DA 140 -9.23 -83.70 -32.50
CA ALA DA 140 -9.25 -82.94 -33.74
C ALA DA 140 -10.17 -81.72 -33.63
N SER DA 141 -11.33 -81.88 -32.99
CA SER DA 141 -12.21 -80.74 -32.79
C SER DA 141 -11.53 -79.67 -31.95
N PHE DA 142 -10.81 -80.08 -30.90
CA PHE DA 142 -10.09 -79.12 -30.08
C PHE DA 142 -9.04 -78.39 -30.89
N ALA DA 143 -8.25 -79.13 -31.67
CA ALA DA 143 -7.22 -78.50 -32.48
C ALA DA 143 -7.83 -77.50 -33.46
N ALA DA 144 -8.92 -77.88 -34.12
CA ALA DA 144 -9.58 -76.98 -35.06
C ALA DA 144 -10.06 -75.72 -34.37
N THR DA 145 -10.77 -75.87 -33.24
CA THR DA 145 -11.27 -74.71 -32.52
C THR DA 145 -10.14 -73.81 -32.06
N PHE DA 146 -9.06 -74.42 -31.57
CA PHE DA 146 -7.93 -73.66 -31.07
C PHE DA 146 -7.26 -72.85 -32.18
N LEU DA 147 -7.08 -73.45 -33.35
CA LEU DA 147 -6.50 -72.71 -34.46
C LEU DA 147 -7.45 -71.64 -34.98
N LEU DA 148 -8.75 -71.92 -35.01
CA LEU DA 148 -9.72 -70.94 -35.46
C LEU DA 148 -9.80 -69.76 -34.50
N ASN DA 149 -9.47 -69.96 -33.22
CA ASN DA 149 -9.53 -68.86 -32.27
C ASN DA 149 -8.40 -67.85 -32.44
N PHE DA 150 -7.52 -68.02 -33.41
CA PHE DA 150 -6.46 -67.04 -33.63
C PHE DA 150 -6.94 -65.77 -34.30
N ARG DA 151 -8.18 -65.73 -34.77
CA ARG DA 151 -8.72 -64.53 -35.40
C ARG DA 151 -8.89 -63.39 -34.41
N PHE DA 152 -9.07 -63.72 -33.13
CA PHE DA 152 -9.31 -62.68 -32.13
C PHE DA 152 -8.08 -61.80 -31.97
N TYR DA 153 -6.89 -62.39 -32.07
CA TYR DA 153 -5.67 -61.60 -31.97
C TYR DA 153 -5.60 -60.59 -33.10
N PHE DA 154 -5.93 -61.02 -34.32
CA PHE DA 154 -5.90 -60.11 -35.46
C PHE DA 154 -6.92 -58.98 -35.30
N MET DA 155 -8.12 -59.32 -34.87
CA MET DA 155 -9.13 -58.29 -34.61
C MET DA 155 -8.63 -57.29 -33.57
N TYR DA 156 -8.07 -57.79 -32.47
CA TYR DA 156 -7.63 -56.91 -31.40
C TYR DA 156 -6.50 -56.00 -31.85
N MET DA 157 -5.54 -56.54 -32.60
CA MET DA 157 -4.43 -55.69 -33.04
C MET DA 157 -4.91 -54.66 -34.05
N ALA DA 158 -5.87 -55.01 -34.91
CA ALA DA 158 -6.43 -54.03 -35.83
C ALA DA 158 -7.06 -52.87 -35.07
N ARG DA 159 -7.92 -53.20 -34.10
CA ARG DA 159 -8.56 -52.17 -33.29
C ARG DA 159 -7.54 -51.31 -32.57
N THR DA 160 -6.53 -51.95 -31.99
CA THR DA 160 -5.54 -51.22 -31.22
C THR DA 160 -4.76 -50.25 -32.10
N THR DA 161 -4.32 -50.71 -33.27
CA THR DA 161 -3.55 -49.84 -34.13
C THR DA 161 -4.40 -48.69 -34.66
N PHE DA 162 -5.67 -48.94 -34.96
CA PHE DA 162 -6.51 -47.83 -35.41
C PHE DA 162 -6.65 -46.80 -34.30
N GLN DA 163 -6.91 -47.25 -33.07
CA GLN DA 163 -7.04 -46.30 -31.97
C GLN DA 163 -5.74 -45.58 -31.66
N ALA DA 164 -4.61 -46.17 -32.02
CA ALA DA 164 -3.32 -45.52 -31.81
C ALA DA 164 -3.01 -44.48 -32.88
N VAL DA 165 -3.41 -44.75 -34.12
CA VAL DA 165 -3.08 -43.86 -35.23
C VAL DA 165 -4.13 -42.79 -35.49
N ARG DA 166 -5.33 -42.92 -34.91
CA ARG DA 166 -6.36 -41.90 -35.06
C ARG DA 166 -5.84 -40.48 -34.80
N PRO DA 167 -5.15 -40.20 -33.69
CA PRO DA 167 -4.63 -38.84 -33.51
C PRO DA 167 -3.58 -38.48 -34.54
N LEU DA 168 -2.73 -39.43 -34.92
CA LEU DA 168 -1.73 -39.15 -35.95
C LEU DA 168 -2.41 -38.74 -37.25
N LEU DA 169 -3.48 -39.43 -37.62
CA LEU DA 169 -4.23 -39.04 -38.81
C LEU DA 169 -4.79 -37.64 -38.66
N ALA DA 170 -5.50 -37.37 -37.56
CA ALA DA 170 -6.08 -36.06 -37.37
C ALA DA 170 -5.03 -34.96 -37.41
N PHE DA 171 -3.80 -35.25 -37.00
CA PHE DA 171 -2.75 -34.25 -36.97
C PHE DA 171 -2.04 -34.12 -38.32
N SER DA 172 -2.02 -35.18 -39.13
CA SER DA 172 -1.20 -35.22 -40.33
C SER DA 172 -2.00 -35.00 -41.61
N VAL DA 173 -3.06 -35.78 -41.84
CA VAL DA 173 -3.71 -35.72 -43.13
C VAL DA 173 -4.63 -34.50 -43.23
N PHE DA 174 -5.38 -34.22 -42.16
CA PHE DA 174 -6.15 -32.99 -42.14
C PHE DA 174 -5.21 -31.79 -42.13
N GLY DA 175 -4.03 -31.95 -41.53
CA GLY DA 175 -3.00 -30.93 -41.65
C GLY DA 175 -2.58 -30.69 -43.08
N GLU DA 176 -2.38 -31.76 -43.85
CA GLU DA 176 -2.04 -31.63 -45.26
C GLU DA 176 -3.14 -30.91 -46.02
N VAL DA 177 -4.39 -31.19 -45.68
CA VAL DA 177 -5.50 -30.52 -46.36
C VAL DA 177 -5.48 -29.03 -46.03
N MET DA 178 -5.32 -28.69 -44.75
CA MET DA 178 -5.21 -27.29 -44.36
C MET DA 178 -4.02 -26.63 -45.05
N LYS DA 179 -2.94 -27.36 -45.24
CA LYS DA 179 -1.75 -26.83 -45.89
C LYS DA 179 -2.02 -26.53 -47.36
N LEU DA 180 -2.77 -27.41 -48.02
CA LEU DA 180 -3.21 -27.14 -49.38
C LEU DA 180 -4.01 -25.85 -49.45
N VAL DA 181 -4.97 -25.71 -48.53
CA VAL DA 181 -5.82 -24.52 -48.56
C VAL DA 181 -5.00 -23.26 -48.30
N LEU DA 182 -4.05 -23.34 -47.38
CA LEU DA 182 -3.17 -22.22 -47.11
C LEU DA 182 -2.33 -21.86 -48.33
N ALA DA 183 -1.79 -22.87 -49.00
CA ALA DA 183 -0.97 -22.63 -50.17
C ALA DA 183 -1.79 -21.99 -51.28
N THR DA 184 -3.08 -22.32 -51.37
CA THR DA 184 -3.88 -21.82 -52.48
C THR DA 184 -4.54 -20.46 -52.19
N MET DA 185 -4.86 -20.16 -50.94
CA MET DA 185 -5.61 -18.94 -50.66
C MET DA 185 -4.69 -17.72 -50.57
N SER DA 186 -5.21 -16.58 -51.00
CA SER DA 186 -4.45 -15.34 -51.04
C SER DA 186 -5.15 -14.18 -50.35
N SER DA 187 -6.47 -14.06 -50.50
CA SER DA 187 -7.19 -12.87 -50.05
C SER DA 187 -7.36 -12.89 -48.54
N GLY DA 188 -8.11 -11.92 -48.02
CA GLY DA 188 -8.25 -11.74 -46.60
C GLY DA 188 -9.56 -12.25 -46.03
N LEU DA 189 -10.63 -12.16 -46.83
CA LEU DA 189 -11.92 -12.65 -46.37
C LEU DA 189 -11.89 -14.16 -46.17
N PHE DA 190 -11.41 -14.88 -47.17
CA PHE DA 190 -11.32 -16.33 -47.07
C PHE DA 190 -10.41 -16.73 -45.92
N SER DA 191 -9.32 -15.99 -45.71
CA SER DA 191 -8.41 -16.30 -44.62
C SER DA 191 -9.08 -16.09 -43.28
N PHE DA 192 -9.82 -15.00 -43.14
CA PHE DA 192 -10.58 -14.75 -41.94
C PHE DA 192 -11.53 -15.91 -41.66
N LEU DA 193 -12.20 -16.42 -42.70
CA LEU DA 193 -13.14 -17.52 -42.49
C LEU DA 193 -12.42 -18.84 -42.22
N PHE DA 194 -11.21 -19.00 -42.73
CA PHE DA 194 -10.45 -20.25 -42.60
C PHE DA 194 -9.75 -20.38 -41.25
N SER DA 195 -9.47 -19.24 -40.60
CA SER DA 195 -8.94 -19.27 -39.24
C SER DA 195 -9.83 -20.10 -38.31
N PHE DA 196 -11.14 -19.98 -38.47
CA PHE DA 196 -12.05 -20.71 -37.60
C PHE DA 196 -12.03 -22.20 -37.91
N VAL DA 197 -11.81 -22.56 -39.17
CA VAL DA 197 -11.64 -23.97 -39.52
C VAL DA 197 -10.41 -24.53 -38.83
N LEU DA 198 -9.33 -23.76 -38.82
CA LEU DA 198 -8.11 -24.21 -38.14
C LEU DA 198 -8.37 -24.43 -36.65
N ALA DA 199 -9.06 -23.48 -36.01
CA ALA DA 199 -9.38 -23.65 -34.59
C ALA DA 199 -10.27 -24.88 -34.36
N PHE DA 200 -11.23 -25.11 -35.25
CA PHE DA 200 -12.05 -26.31 -35.18
C PHE DA 200 -11.20 -27.56 -35.26
N GLU DA 201 -10.16 -27.55 -36.10
CA GLU DA 201 -9.28 -28.70 -36.23
C GLU DA 201 -8.51 -28.91 -34.93
N VAL DA 202 -8.13 -27.83 -34.26
CA VAL DA 202 -7.50 -27.95 -32.95
C VAL DA 202 -8.41 -28.70 -31.99
N PHE DA 203 -9.64 -28.23 -31.86
CA PHE DA 203 -10.58 -28.87 -30.92
C PHE DA 203 -10.83 -30.33 -31.32
N TYR DA 204 -10.94 -30.59 -32.62
CA TYR DA 204 -11.20 -31.94 -33.11
C TYR DA 204 -10.06 -32.87 -32.77
N PHE DA 205 -8.82 -32.38 -32.91
CA PHE DA 205 -7.66 -33.18 -32.54
C PHE DA 205 -7.71 -33.54 -31.06
N PHE DA 206 -8.03 -32.58 -30.21
CA PHE DA 206 -8.09 -32.91 -28.78
C PHE DA 206 -9.20 -33.91 -28.49
N LEU DA 207 -10.30 -33.82 -29.23
CA LEU DA 207 -11.37 -34.82 -29.05
C LEU DA 207 -10.90 -36.21 -29.45
N GLN DA 208 -10.23 -36.33 -30.59
CA GLN DA 208 -9.73 -37.63 -31.01
C GLN DA 208 -8.72 -38.17 -30.01
N CYS DA 209 -7.90 -37.29 -29.44
CA CYS DA 209 -6.95 -37.72 -28.42
C CYS DA 209 -7.66 -38.26 -27.19
N TYR DA 210 -8.73 -37.59 -26.76
CA TYR DA 210 -9.51 -38.09 -25.63
C TYR DA 210 -10.10 -39.47 -25.92
N ILE DA 211 -10.66 -39.62 -27.12
CA ILE DA 211 -11.25 -40.91 -27.49
C ILE DA 211 -10.20 -42.01 -27.47
N SER DA 212 -9.02 -41.72 -28.02
CA SER DA 212 -7.97 -42.72 -28.05
C SER DA 212 -7.49 -43.05 -26.65
N TYR DA 213 -7.37 -42.05 -25.78
CA TYR DA 213 -7.00 -42.32 -24.39
C TYR DA 213 -8.00 -43.27 -23.74
N THR DA 214 -9.29 -43.02 -23.96
CA THR DA 214 -10.32 -43.88 -23.38
C THR DA 214 -10.17 -45.31 -23.88
N PHE DA 215 -10.10 -45.49 -25.20
CA PHE DA 215 -10.01 -46.85 -25.72
C PHE DA 215 -8.71 -47.53 -25.34
N LEU DA 216 -7.63 -46.78 -25.15
CA LEU DA 216 -6.37 -47.40 -24.81
C LEU DA 216 -6.32 -47.83 -23.36
N THR DA 217 -6.90 -47.02 -22.46
CA THR DA 217 -7.03 -47.48 -21.09
C THR DA 217 -8.01 -48.64 -20.97
N MET DA 218 -8.96 -48.75 -21.91
CA MET DA 218 -9.81 -49.95 -21.92
C MET DA 218 -9.05 -51.16 -22.42
N PHE DA 219 -8.20 -50.99 -23.44
CA PHE DA 219 -7.52 -52.11 -24.08
C PHE DA 219 -6.23 -52.51 -23.37
N PHE DA 220 -5.74 -51.70 -22.44
CA PHE DA 220 -4.53 -52.02 -21.71
C PHE DA 220 -4.78 -52.16 -20.22
N THR DA 221 -6.02 -52.45 -19.84
CA THR DA 221 -6.40 -52.69 -18.46
C THR DA 221 -6.44 -54.20 -18.23
N VAL DA 222 -5.68 -54.67 -17.25
CA VAL DA 222 -5.62 -56.07 -16.90
C VAL DA 222 -6.04 -56.23 -15.44
N LEU DA 223 -6.86 -57.25 -15.17
CA LEU DA 223 -7.29 -57.52 -13.81
C LEU DA 223 -6.10 -57.92 -12.94
N PHE DA 224 -5.39 -58.96 -13.36
CA PHE DA 224 -4.30 -59.51 -12.58
C PHE DA 224 -2.94 -58.95 -13.01
N LYS EA 47 28.72 -1.97 20.41
CA LYS EA 47 29.60 -2.01 19.24
C LYS EA 47 28.78 -1.98 17.96
N THR EA 48 29.31 -1.32 16.94
CA THR EA 48 28.60 -1.12 15.68
C THR EA 48 28.93 -2.24 14.70
N LEU EA 49 27.98 -2.53 13.81
CA LEU EA 49 28.19 -3.48 12.74
C LEU EA 49 28.88 -2.79 11.57
N GLU EA 50 29.99 -3.38 11.11
CA GLU EA 50 30.68 -2.90 9.92
C GLU EA 50 30.86 -3.97 8.86
N ARG EA 51 30.83 -5.24 9.23
CA ARG EA 51 30.95 -6.30 8.25
C ARG EA 51 29.80 -6.24 7.25
N ASN EA 52 30.10 -6.59 6.00
CA ASN EA 52 29.08 -6.68 4.97
C ASN EA 52 28.44 -8.06 5.06
N VAL EA 53 27.21 -8.12 5.55
CA VAL EA 53 26.54 -9.38 5.82
C VAL EA 53 25.85 -9.83 4.53
N PRO EA 54 26.23 -10.97 3.95
CA PRO EA 54 25.49 -11.49 2.80
C PRO EA 54 24.16 -12.09 3.22
N MET EA 55 23.29 -12.27 2.24
CA MET EA 55 21.98 -12.82 2.49
C MET EA 55 21.99 -14.34 2.58
N LYS EA 56 23.05 -14.99 2.09
CA LYS EA 56 23.12 -16.44 2.22
C LYS EA 56 23.39 -16.88 3.65
N GLU EA 57 23.90 -15.99 4.49
CA GLU EA 57 24.04 -16.29 5.91
C GLU EA 57 22.72 -16.21 6.66
N ILE EA 58 21.64 -15.78 6.01
CA ILE EA 58 20.39 -15.52 6.68
C ILE EA 58 19.30 -16.38 6.06
N LEU EA 59 19.07 -16.18 4.77
CA LEU EA 59 18.05 -16.91 4.03
C LEU EA 59 18.70 -18.04 3.26
N GLN EA 60 18.38 -19.26 3.62
CA GLN EA 60 18.88 -20.43 2.94
C GLN EA 60 17.88 -20.89 1.90
N PRO EA 61 18.26 -21.10 0.64
CA PRO EA 61 17.31 -21.61 -0.33
C PRO EA 61 17.10 -23.10 -0.22
N LEU EA 62 15.87 -23.51 -0.52
CA LEU EA 62 15.54 -24.92 -0.57
C LEU EA 62 16.23 -25.58 -1.76
N TRP EA 63 16.39 -26.89 -1.65
CA TRP EA 63 16.96 -27.68 -2.73
C TRP EA 63 15.82 -28.21 -3.59
N VAL EA 64 15.81 -27.81 -4.87
CA VAL EA 64 14.74 -28.16 -5.78
C VAL EA 64 15.24 -28.67 -7.11
N VAL EA 65 16.56 -28.68 -7.34
CA VAL EA 65 17.09 -29.09 -8.64
C VAL EA 65 16.90 -30.58 -8.84
N GLU EA 66 17.17 -31.36 -7.80
CA GLU EA 66 16.96 -32.79 -7.81
C GLU EA 66 15.84 -33.13 -6.85
N PRO EA 67 14.87 -33.94 -7.25
CA PRO EA 67 13.63 -34.01 -6.52
C PRO EA 67 13.80 -34.78 -5.22
N PRO EA 68 12.79 -34.76 -4.36
CA PRO EA 68 12.87 -35.49 -3.09
C PRO EA 68 12.64 -36.98 -3.24
N ASN EA 69 13.16 -37.72 -2.27
CA ASN EA 69 12.96 -39.15 -2.17
C ASN EA 69 12.25 -39.41 -0.84
N PHE EA 70 10.92 -39.47 -0.89
CA PHE EA 70 10.15 -39.72 0.32
C PHE EA 70 10.34 -41.11 0.87
N LEU EA 71 10.76 -42.06 0.03
CA LEU EA 71 11.05 -43.41 0.48
C LEU EA 71 12.39 -43.55 1.16
N ARG EA 72 13.30 -42.62 0.91
CA ARG EA 72 14.63 -42.63 1.52
C ARG EA 72 15.38 -43.92 1.20
N GLN EA 73 15.21 -44.38 -0.03
CA GLN EA 73 15.83 -45.59 -0.54
C GLN EA 73 16.28 -45.34 -1.96
N PRO EA 74 17.37 -45.96 -2.39
CA PRO EA 74 17.84 -45.76 -3.76
C PRO EA 74 17.02 -46.52 -4.80
N VAL EA 75 17.22 -46.09 -6.05
CA VAL EA 75 16.37 -46.54 -7.15
C VAL EA 75 16.56 -48.02 -7.43
N TRP EA 76 17.81 -48.50 -7.38
CA TRP EA 76 18.06 -49.92 -7.60
C TRP EA 76 17.43 -50.77 -6.52
N LYS EA 77 17.35 -50.26 -5.30
CA LYS EA 77 16.71 -51.00 -4.23
C LYS EA 77 15.21 -51.03 -4.41
N GLN EA 78 14.63 -49.93 -4.89
CA GLN EA 78 13.22 -49.93 -5.26
C GLN EA 78 12.93 -50.99 -6.32
N PHE EA 79 13.74 -51.02 -7.37
CA PHE EA 79 13.58 -52.03 -8.41
C PHE EA 79 13.66 -53.44 -7.83
N TRP EA 80 14.63 -53.67 -6.94
CA TRP EA 80 14.83 -54.98 -6.35
C TRP EA 80 13.59 -55.41 -5.56
N GLU EA 81 13.05 -54.51 -4.74
CA GLU EA 81 11.87 -54.85 -3.96
C GLU EA 81 10.66 -55.06 -4.84
N ALA EA 82 10.57 -54.30 -5.94
CA ALA EA 82 9.46 -54.48 -6.86
C ALA EA 82 9.47 -55.87 -7.45
N GLN EA 83 10.65 -56.45 -7.63
CA GLN EA 83 10.70 -57.77 -8.25
C GLN EA 83 9.99 -58.82 -7.41
N PHE EA 84 10.03 -58.67 -6.08
CA PHE EA 84 9.38 -59.63 -5.20
C PHE EA 84 7.97 -59.21 -4.83
N ALA EA 85 7.64 -57.94 -5.03
CA ALA EA 85 6.23 -57.55 -4.98
C ALA EA 85 5.45 -58.25 -6.10
N ASN EA 86 4.14 -58.32 -5.92
CA ASN EA 86 3.28 -59.06 -6.84
C ASN EA 86 2.92 -58.21 -8.06
N ARG EA 87 2.83 -58.88 -9.22
CA ARG EA 87 2.54 -58.24 -10.51
C ARG EA 87 3.59 -57.20 -10.86
N SER EA 88 4.81 -57.39 -10.37
CA SER EA 88 5.88 -56.42 -10.56
C SER EA 88 7.18 -57.11 -10.96
N PHE EA 89 7.11 -58.35 -11.44
CA PHE EA 89 8.30 -59.05 -11.89
C PHE EA 89 8.80 -58.42 -13.20
N PHE EA 90 9.88 -58.99 -13.74
CA PHE EA 90 10.89 -58.24 -14.47
C PHE EA 90 10.26 -57.25 -15.43
N PHE EA 91 9.61 -57.72 -16.50
CA PHE EA 91 8.92 -56.83 -17.42
C PHE EA 91 7.41 -56.97 -17.38
N PHE EA 92 6.88 -57.82 -16.51
CA PHE EA 92 5.44 -57.95 -16.37
C PHE EA 92 4.88 -56.80 -15.52
N GLY EA 93 3.62 -56.49 -15.74
CA GLY EA 93 2.95 -55.41 -15.02
C GLY EA 93 3.00 -54.08 -15.74
N ASN EA 94 2.41 -53.09 -15.09
CA ASN EA 94 2.31 -51.73 -15.60
C ASN EA 94 3.09 -50.72 -14.77
N ALA EA 95 4.08 -51.18 -14.01
CA ALA EA 95 4.90 -50.31 -13.17
C ALA EA 95 6.11 -49.78 -13.94
N TRP EA 96 6.73 -48.76 -13.36
CA TRP EA 96 7.92 -48.19 -13.98
C TRP EA 96 9.06 -49.19 -13.99
N THR EA 97 9.08 -50.09 -13.01
CA THR EA 97 10.07 -51.17 -13.02
C THR EA 97 9.85 -52.07 -14.22
N SER EA 98 8.59 -52.36 -14.53
CA SER EA 98 8.27 -53.17 -15.69
C SER EA 98 8.69 -52.46 -16.97
N ALA EA 99 8.45 -51.16 -17.06
CA ALA EA 99 8.86 -50.40 -18.23
C ALA EA 99 10.38 -50.41 -18.39
N ALA EA 100 11.11 -50.18 -17.30
CA ALA EA 100 12.56 -50.17 -17.35
C ALA EA 100 13.11 -51.53 -17.75
N ALA EA 101 12.52 -52.59 -17.22
CA ALA EA 101 12.96 -53.94 -17.58
C ALA EA 101 12.66 -54.25 -19.03
N PHE EA 102 11.52 -53.79 -19.54
CA PHE EA 102 11.23 -53.98 -20.96
C PHE EA 102 12.24 -53.25 -21.83
N ALA EA 103 12.62 -52.04 -21.43
CA ALA EA 103 13.63 -51.29 -22.16
C ALA EA 103 14.96 -52.03 -22.16
N PHE EA 104 15.38 -52.51 -20.99
CA PHE EA 104 16.62 -53.28 -20.93
C PHE EA 104 16.52 -54.56 -21.74
N PHE EA 105 15.34 -55.17 -21.78
CA PHE EA 105 15.16 -56.43 -22.50
C PHE EA 105 15.33 -56.21 -24.00
N ILE EA 106 14.69 -55.17 -24.53
CA ILE EA 106 14.83 -54.88 -25.95
C ILE EA 106 16.24 -54.41 -26.28
N TRP EA 107 16.92 -53.74 -25.34
CA TRP EA 107 18.32 -53.40 -25.54
C TRP EA 107 19.19 -54.64 -25.61
N TRP EA 108 19.00 -55.56 -24.66
CA TRP EA 108 19.75 -56.81 -24.61
C TRP EA 108 19.49 -57.66 -25.84
N SER EA 109 18.30 -57.54 -26.41
CA SER EA 109 17.99 -58.22 -27.66
C SER EA 109 18.85 -57.67 -28.79
N ARG EA 110 18.69 -58.27 -29.96
CA ARG EA 110 19.47 -57.93 -31.14
C ARG EA 110 18.76 -56.94 -32.05
N VAL EA 111 17.45 -56.76 -31.91
CA VAL EA 111 16.66 -56.07 -32.92
C VAL EA 111 17.12 -54.64 -33.13
N PHE EA 112 17.69 -54.01 -32.11
CA PHE EA 112 18.18 -52.65 -32.22
C PHE EA 112 19.67 -52.56 -32.47
N ASP EA 113 20.36 -53.69 -32.58
CA ASP EA 113 21.76 -53.67 -32.94
C ASP EA 113 21.90 -53.17 -34.38
N PRO EA 114 23.10 -52.75 -34.77
CA PRO EA 114 23.31 -52.39 -36.17
C PRO EA 114 23.30 -53.62 -37.06
N PRO EA 115 23.05 -53.45 -38.36
CA PRO EA 115 23.00 -54.59 -39.24
C PRO EA 115 24.39 -55.05 -39.61
N PRO EA 116 24.53 -56.26 -40.11
CA PRO EA 116 25.82 -56.71 -40.63
C PRO EA 116 26.12 -56.20 -42.03
N LYS EA 117 27.37 -56.47 -42.44
CA LYS EA 117 27.84 -56.02 -43.73
C LYS EA 117 27.08 -56.71 -44.84
N GLU EA 118 26.60 -57.93 -44.59
CA GLU EA 118 25.80 -58.63 -45.58
C GLU EA 118 24.49 -57.90 -45.81
N ARG EA 119 24.05 -57.08 -44.85
CA ARG EA 119 22.72 -56.51 -44.87
C ARG EA 119 22.75 -54.98 -44.80
N LEU EA 120 23.86 -54.37 -45.22
CA LEU EA 120 23.97 -52.91 -45.12
C LEU EA 120 23.23 -52.21 -46.25
N ASP EA 121 23.26 -52.78 -47.45
CA ASP EA 121 22.60 -52.19 -48.61
C ASP EA 121 21.11 -52.46 -48.65
N ARG EA 122 20.54 -53.02 -47.58
CA ARG EA 122 19.10 -53.18 -47.48
C ARG EA 122 18.44 -51.87 -47.07
N TYR EA 123 18.98 -51.22 -46.06
CA TYR EA 123 18.47 -49.92 -45.61
C TYR EA 123 19.55 -48.86 -45.44
N TRP EA 124 20.72 -49.23 -44.91
CA TRP EA 124 21.60 -48.23 -44.32
C TRP EA 124 22.26 -47.35 -45.38
N LEU EA 125 22.66 -47.95 -46.50
CA LEU EA 125 23.34 -47.18 -47.52
C LEU EA 125 22.43 -46.27 -48.31
N ASN EA 126 21.11 -46.33 -48.07
CA ASN EA 126 20.15 -45.45 -48.69
C ASN EA 126 19.43 -44.63 -47.62
N SER EA 127 20.12 -44.30 -46.58
CA SER EA 127 19.56 -43.69 -45.39
C SER EA 127 19.94 -42.21 -45.31
N PRO EA 128 19.03 -41.36 -44.84
CA PRO EA 128 19.38 -39.95 -44.72
C PRO EA 128 20.48 -39.69 -43.72
N LYS EA 129 20.49 -40.39 -42.59
CA LYS EA 129 21.57 -40.24 -41.63
C LYS EA 129 22.91 -40.58 -42.27
N PHE EA 130 22.98 -41.71 -42.96
CA PHE EA 130 24.21 -42.12 -43.62
C PHE EA 130 24.66 -41.10 -44.64
N ARG EA 131 23.73 -40.64 -45.48
CA ARG EA 131 24.09 -39.69 -46.53
C ARG EA 131 24.58 -38.37 -45.94
N ILE EA 132 23.87 -37.86 -44.93
CA ILE EA 132 24.26 -36.60 -44.32
C ILE EA 132 25.63 -36.73 -43.66
N LEU EA 133 25.87 -37.83 -42.94
CA LEU EA 133 27.15 -38.01 -42.27
C LEU EA 133 28.29 -38.15 -43.27
N SER EA 134 28.07 -38.86 -44.38
CA SER EA 134 29.10 -38.97 -45.39
C SER EA 134 29.43 -37.61 -45.97
N ALA EA 135 28.40 -36.83 -46.32
CA ALA EA 135 28.63 -35.49 -46.85
C ALA EA 135 29.32 -34.60 -45.84
N PHE EA 136 28.97 -34.74 -44.56
CA PHE EA 136 29.56 -33.89 -43.52
C PHE EA 136 31.03 -34.21 -43.29
N HIS EA 137 31.37 -35.48 -43.19
CA HIS EA 137 32.74 -35.87 -42.93
C HIS EA 137 33.59 -35.95 -44.19
N ASN EA 138 33.01 -35.69 -45.36
CA ASN EA 138 33.77 -35.41 -46.57
C ASN EA 138 33.36 -34.03 -47.05
N PRO EA 139 33.97 -32.98 -46.50
CA PRO EA 139 33.44 -31.62 -46.66
C PRO EA 139 33.17 -31.14 -48.08
N GLY EA 140 34.17 -31.14 -48.93
CA GLY EA 140 34.01 -30.52 -50.24
C GLY EA 140 33.85 -31.50 -51.37
N LYS EA 141 33.37 -32.70 -51.07
CA LYS EA 141 33.34 -33.79 -52.02
C LYS EA 141 31.91 -34.31 -52.19
N ARG EA 142 31.79 -35.30 -53.07
CA ARG EA 142 30.50 -35.86 -53.46
C ARG EA 142 30.58 -37.37 -53.32
N PRO EA 143 30.03 -37.93 -52.25
CA PRO EA 143 30.29 -39.34 -51.95
C PRO EA 143 29.34 -40.33 -52.62
N GLY EA 144 28.60 -39.90 -53.65
CA GLY EA 144 27.73 -40.83 -54.33
C GLY EA 144 28.48 -42.00 -54.93
N LEU EA 145 29.65 -41.73 -55.51
CA LEU EA 145 30.42 -42.78 -56.16
C LEU EA 145 30.99 -43.77 -55.15
N LYS EA 146 31.55 -43.25 -54.06
CA LYS EA 146 32.03 -44.12 -53.00
C LYS EA 146 30.90 -44.91 -52.35
N ILE EA 147 29.70 -44.34 -52.30
CA ILE EA 147 28.55 -45.07 -51.79
C ILE EA 147 28.18 -46.21 -52.72
N SER EA 148 28.22 -45.96 -54.03
CA SER EA 148 27.99 -47.03 -55.00
C SER EA 148 29.00 -48.14 -54.82
N LEU EA 149 30.27 -47.77 -54.59
CA LEU EA 149 31.30 -48.78 -54.43
C LEU EA 149 31.16 -49.53 -53.11
N MET EA 150 30.64 -48.86 -52.08
CA MET EA 150 30.37 -49.55 -50.82
C MET EA 150 29.23 -50.55 -51.00
N THR EA 151 28.22 -50.20 -51.78
CA THR EA 151 27.15 -51.14 -52.11
C THR EA 151 27.71 -52.35 -52.85
N TYR EA 152 28.55 -52.10 -53.86
CA TYR EA 152 29.20 -53.17 -54.58
C TYR EA 152 29.96 -54.09 -53.63
N GLU EA 153 30.72 -53.50 -52.70
CA GLU EA 153 31.44 -54.26 -51.71
C GLU EA 153 30.50 -55.11 -50.86
N ALA EA 154 29.48 -54.47 -50.29
CA ALA EA 154 28.60 -55.16 -49.37
C ALA EA 154 27.90 -56.33 -50.05
N ARG EA 155 27.65 -56.23 -51.35
CA ARG EA 155 27.02 -57.33 -52.06
C ARG EA 155 28.01 -58.38 -52.55
N TYR EA 156 29.23 -58.00 -52.89
CA TYR EA 156 30.20 -58.93 -53.47
C TYR EA 156 30.97 -59.68 -52.40
N CYS EA 157 31.52 -58.94 -51.43
CA CYS EA 157 32.53 -59.47 -50.52
C CYS EA 157 31.94 -60.01 -49.22
N TYR EA 158 30.66 -59.76 -48.95
CA TYR EA 158 30.07 -60.15 -47.68
C TYR EA 158 28.76 -60.89 -47.85
N ARG EA 159 28.17 -60.88 -49.04
CA ARG EA 159 26.98 -61.66 -49.33
C ARG EA 159 27.21 -62.75 -50.37
N GLY EA 160 28.24 -62.64 -51.20
CA GLY EA 160 28.61 -63.68 -52.11
C GLY EA 160 28.08 -63.54 -53.51
N LEU EA 161 27.64 -62.36 -53.91
CA LEU EA 161 27.10 -62.13 -55.24
C LEU EA 161 28.23 -61.77 -56.19
N ASP EA 162 28.40 -62.57 -57.24
CA ASP EA 162 29.43 -62.29 -58.23
C ASP EA 162 29.03 -61.17 -59.16
N HIS EA 163 27.73 -60.91 -59.29
CA HIS EA 163 27.19 -59.89 -60.19
C HIS EA 163 26.27 -58.99 -59.40
N PRO EA 164 26.83 -58.07 -58.62
CA PRO EA 164 26.00 -57.27 -57.70
C PRO EA 164 25.17 -56.22 -58.40
N PHE EA 165 25.65 -55.68 -59.51
CA PHE EA 165 25.03 -54.54 -60.16
C PHE EA 165 24.23 -54.99 -61.37
N THR EA 166 22.97 -54.59 -61.41
CA THR EA 166 22.17 -54.72 -62.62
C THR EA 166 22.49 -53.57 -63.56
N LEU EA 167 21.76 -53.53 -64.67
CA LEU EA 167 22.00 -52.52 -65.68
C LEU EA 167 21.70 -51.12 -65.14
N ASN EA 168 20.65 -51.01 -64.32
CA ASN EA 168 20.31 -49.73 -63.71
C ASN EA 168 21.45 -49.23 -62.82
N GLU EA 169 21.96 -50.11 -61.95
CA GLU EA 169 23.02 -49.71 -61.04
C GLU EA 169 24.30 -49.39 -61.79
N MET EA 170 24.55 -50.08 -62.91
CA MET EA 170 25.70 -49.77 -63.74
C MET EA 170 25.56 -48.38 -64.34
N LYS EA 171 24.38 -48.06 -64.85
CA LYS EA 171 24.12 -46.72 -65.35
C LYS EA 171 24.31 -45.66 -64.26
N ASP EA 172 23.83 -45.95 -63.05
CA ASP EA 172 23.98 -44.99 -61.95
C ASP EA 172 25.46 -44.77 -61.62
N PHE EA 173 26.24 -45.85 -61.59
CA PHE EA 173 27.68 -45.73 -61.35
C PHE EA 173 28.35 -44.85 -62.39
N LEU EA 174 28.01 -45.07 -63.66
CA LEU EA 174 28.64 -44.29 -64.73
C LEU EA 174 28.16 -42.85 -64.71
N PHE EA 175 26.91 -42.62 -64.35
CA PHE EA 175 26.39 -41.26 -64.18
C PHE EA 175 27.19 -40.51 -63.13
N LYS EA 176 27.45 -41.15 -61.99
CA LYS EA 176 28.20 -40.49 -60.93
C LYS EA 176 29.66 -40.26 -61.34
N LEU EA 177 30.24 -41.21 -62.08
CA LEU EA 177 31.57 -41.02 -62.63
C LEU EA 177 31.63 -39.80 -63.55
N ARG EA 178 30.66 -39.69 -64.46
CA ARG EA 178 30.58 -38.53 -65.34
C ARG EA 178 30.44 -37.23 -64.56
N GLU EA 179 29.60 -37.24 -63.51
CA GLU EA 179 29.43 -36.02 -62.72
C GLU EA 179 30.73 -35.63 -62.03
N GLN EA 180 31.47 -36.60 -61.51
CA GLN EA 180 32.77 -36.31 -60.92
C GLN EA 180 33.71 -35.70 -61.94
N TYR EA 181 33.75 -36.29 -63.14
CA TYR EA 181 34.61 -35.75 -64.20
C TYR EA 181 34.26 -34.31 -64.52
N LEU EA 182 32.97 -34.02 -64.70
CA LEU EA 182 32.55 -32.67 -65.03
C LEU EA 182 32.84 -31.70 -63.90
N VAL EA 183 32.62 -32.12 -62.66
CA VAL EA 183 32.84 -31.23 -61.53
C VAL EA 183 34.30 -30.86 -61.41
N ASN EA 184 35.21 -31.80 -61.72
CA ASN EA 184 36.62 -31.49 -61.67
C ASN EA 184 37.12 -30.79 -62.93
N LYS EA 185 36.39 -30.92 -64.05
CA LYS EA 185 36.81 -30.28 -65.29
C LYS EA 185 36.37 -28.83 -65.35
N TYR EA 186 35.10 -28.56 -65.12
CA TYR EA 186 34.56 -27.22 -65.14
C TYR EA 186 34.39 -26.73 -63.72
N GLU EA 187 35.05 -25.62 -63.40
CA GLU EA 187 34.97 -25.06 -62.07
C GLU EA 187 33.66 -24.32 -61.89
N GLY EA 188 32.92 -24.68 -60.85
CA GLY EA 188 31.68 -24.01 -60.54
C GLY EA 188 30.45 -24.53 -61.24
N ILE EA 189 30.54 -25.66 -61.94
CA ILE EA 189 29.36 -26.19 -62.60
C ILE EA 189 28.28 -26.55 -61.58
N GLN EA 190 27.03 -26.45 -62.00
CA GLN EA 190 25.91 -26.39 -61.07
C GLN EA 190 24.74 -27.13 -61.72
N PHE EA 191 23.52 -26.95 -61.20
CA PHE EA 191 22.44 -27.92 -61.30
C PHE EA 191 22.16 -28.46 -62.70
N PRO EA 192 21.86 -27.61 -63.68
CA PRO EA 192 21.27 -28.13 -64.92
C PRO EA 192 22.16 -29.13 -65.60
N PHE EA 193 23.45 -29.11 -65.32
CA PHE EA 193 24.42 -30.03 -65.90
C PHE EA 193 24.87 -31.10 -64.92
N VAL EA 194 24.89 -30.80 -63.63
CA VAL EA 194 25.18 -31.77 -62.59
C VAL EA 194 24.30 -31.44 -61.39
N PHE EA 195 23.88 -32.49 -60.67
CA PHE EA 195 23.00 -32.29 -59.53
C PHE EA 195 23.80 -31.66 -58.40
N ARG EA 196 23.73 -30.35 -58.29
CA ARG EA 196 24.53 -29.61 -57.33
C ARG EA 196 24.02 -28.18 -57.28
N GLN EA 197 23.91 -27.65 -56.08
CA GLN EA 197 23.46 -26.28 -55.87
C GLN EA 197 24.29 -25.65 -54.76
N PHE EA 198 24.83 -24.47 -55.03
CA PHE EA 198 25.47 -23.65 -54.02
C PHE EA 198 25.20 -22.19 -54.29
N ASN EA 199 25.28 -21.39 -53.24
CA ASN EA 199 24.82 -20.00 -53.23
C ASN EA 199 25.92 -19.02 -53.62
N ARG EA 200 27.11 -19.17 -53.06
CA ARG EA 200 28.19 -18.22 -53.27
C ARG EA 200 28.80 -18.48 -54.64
N VAL EA 201 28.26 -17.82 -55.65
CA VAL EA 201 28.66 -18.00 -57.03
C VAL EA 201 29.41 -16.77 -57.51
N SER EA 202 30.14 -16.94 -58.61
CA SER EA 202 30.92 -15.90 -59.24
C SER EA 202 30.22 -15.43 -60.50
N THR EA 203 29.89 -14.15 -60.56
CA THR EA 203 29.21 -13.53 -61.69
C THR EA 203 30.09 -12.45 -62.30
N PRO EA 204 29.85 -12.11 -63.56
CA PRO EA 204 30.80 -11.22 -64.27
C PRO EA 204 30.90 -9.84 -63.67
N GLY EA 205 29.75 -9.23 -63.34
CA GLY EA 205 29.72 -7.89 -62.81
C GLY EA 205 28.70 -7.02 -63.51
N THR EA 206 28.57 -7.21 -64.81
CA THR EA 206 27.50 -6.61 -65.61
C THR EA 206 26.71 -7.75 -66.23
N LEU EA 207 25.70 -8.21 -65.51
CA LEU EA 207 24.92 -9.38 -65.92
C LEU EA 207 23.74 -8.93 -66.76
N GLU EA 208 23.76 -9.29 -68.04
CA GLU EA 208 22.68 -8.99 -68.95
C GLU EA 208 21.61 -10.05 -68.92
N VAL EA 209 20.37 -9.61 -69.07
CA VAL EA 209 19.20 -10.49 -69.01
C VAL EA 209 18.42 -10.33 -70.31
N HIS EA 210 18.30 -11.43 -71.05
CA HIS EA 210 17.60 -11.43 -72.32
C HIS EA 210 16.59 -12.57 -72.33
N THR EA 211 15.63 -12.47 -73.24
CA THR EA 211 14.69 -13.54 -73.44
C THR EA 211 15.36 -14.64 -74.26
N SER EA 212 15.06 -15.88 -73.91
CA SER EA 212 15.46 -17.01 -74.73
C SER EA 212 14.85 -16.88 -76.12
N PRO EA 213 15.49 -17.43 -77.14
CA PRO EA 213 14.82 -17.56 -78.43
C PRO EA 213 13.70 -18.57 -78.37
N ALA EA 214 12.72 -18.36 -79.25
CA ALA EA 214 11.62 -19.32 -79.36
C ALA EA 214 12.14 -20.67 -79.82
N LEU EA 215 11.43 -21.72 -79.41
CA LEU EA 215 11.84 -23.07 -79.75
C LEU EA 215 11.85 -23.27 -81.26
N GLN EA 216 12.83 -24.03 -81.73
CA GLN EA 216 13.06 -24.16 -83.16
C GLN EA 216 11.87 -24.83 -83.84
N GLN EA 217 11.34 -24.16 -84.85
CA GLN EA 217 10.31 -24.75 -85.70
C GLN EA 217 10.82 -25.97 -86.45
N GLN EA 218 10.33 -27.11 -86.10
CA GLN EA 218 10.67 -28.31 -86.84
C GLN EA 218 9.67 -28.53 -87.97
N PRO EA 219 10.10 -29.07 -89.10
CA PRO EA 219 9.12 -29.40 -90.15
C PRO EA 219 8.24 -30.55 -89.73
N HIS EA 220 6.99 -30.51 -90.20
CA HIS EA 220 6.02 -31.53 -89.86
C HIS EA 220 5.05 -31.67 -91.03
N PHE EA 221 4.43 -32.85 -91.11
CA PHE EA 221 3.41 -33.08 -92.11
C PHE EA 221 2.16 -32.24 -91.81
N HIS EA 222 1.46 -31.86 -92.86
CA HIS EA 222 0.31 -30.95 -92.73
C HIS EA 222 0.73 -29.67 -92.01
N VAL FA 33 41.76 -73.61 -0.76
CA VAL FA 33 40.40 -74.10 -0.60
C VAL FA 33 40.13 -75.22 -1.59
N SER FA 34 39.51 -76.29 -1.12
CA SER FA 34 39.24 -77.46 -1.94
C SER FA 34 37.95 -77.32 -2.72
N PHE FA 35 37.87 -78.07 -3.82
CA PHE FA 35 36.64 -78.13 -4.62
C PHE FA 35 35.46 -78.57 -3.76
N SER FA 36 35.64 -79.65 -2.99
CA SER FA 36 34.54 -80.19 -2.20
C SER FA 36 34.05 -79.20 -1.15
N GLN FA 37 34.96 -78.72 -0.31
CA GLN FA 37 34.56 -77.82 0.75
C GLN FA 37 34.13 -76.46 0.23
N PHE FA 38 34.51 -76.10 -1.00
CA PHE FA 38 33.96 -74.91 -1.64
C PHE FA 38 32.51 -75.14 -2.03
N PHE FA 39 32.22 -76.23 -2.73
CA PHE FA 39 30.88 -76.51 -3.21
C PHE FA 39 29.98 -77.13 -2.16
N ASP FA 40 30.46 -77.25 -0.92
CA ASP FA 40 29.56 -77.57 0.17
C ASP FA 40 28.58 -76.42 0.40
N SER FA 41 27.33 -76.78 0.69
CA SER FA 41 26.25 -75.80 0.66
C SER FA 41 26.47 -74.70 1.68
N GLU FA 42 26.85 -75.06 2.90
CA GLU FA 42 27.01 -74.07 3.95
C GLU FA 42 28.11 -73.07 3.60
N TYR FA 43 29.29 -73.58 3.25
CA TYR FA 43 30.39 -72.69 2.87
C TYR FA 43 30.05 -71.91 1.62
N PHE FA 44 29.32 -72.51 0.69
CA PHE FA 44 28.99 -71.83 -0.56
C PHE FA 44 28.06 -70.66 -0.32
N TRP FA 45 27.11 -70.81 0.60
CA TRP FA 45 26.07 -69.81 0.80
C TRP FA 45 26.35 -68.86 1.95
N THR FA 46 27.37 -69.13 2.77
CA THR FA 46 27.65 -68.30 3.94
C THR FA 46 28.99 -67.61 3.84
N LYS FA 47 30.08 -68.34 3.66
CA LYS FA 47 31.42 -67.78 3.78
C LYS FA 47 32.10 -67.51 2.45
N ALA FA 48 31.72 -68.23 1.39
CA ALA FA 48 32.41 -68.12 0.13
C ALA FA 48 32.05 -66.83 -0.60
N ASN FA 49 32.89 -66.47 -1.56
CA ASN FA 49 32.63 -65.39 -2.50
C ASN FA 49 32.35 -66.03 -3.85
N VAL FA 50 31.07 -66.05 -4.24
CA VAL FA 50 30.63 -66.72 -5.44
C VAL FA 50 30.52 -65.77 -6.62
N GLY FA 51 31.04 -64.55 -6.48
CA GLY FA 51 30.96 -63.54 -7.51
C GLY FA 51 31.69 -63.94 -8.76
N PRO FA 52 32.97 -64.28 -8.63
CA PRO FA 52 33.72 -64.72 -9.82
C PRO FA 52 33.13 -65.95 -10.46
N PHE FA 53 32.69 -66.92 -9.66
CA PHE FA 53 32.08 -68.12 -10.20
C PHE FA 53 30.85 -67.78 -11.04
N PHE FA 54 29.94 -66.99 -10.48
CA PHE FA 54 28.71 -66.69 -11.20
C PHE FA 54 28.94 -65.72 -12.37
N LEU FA 55 30.00 -64.90 -12.30
CA LEU FA 55 30.33 -64.06 -13.45
C LEU FA 55 30.87 -64.90 -14.60
N PHE FA 56 31.77 -65.83 -14.31
CA PHE FA 56 32.19 -66.80 -15.30
C PHE FA 56 31.00 -67.55 -15.87
N LEU FA 57 30.05 -67.91 -15.01
CA LEU FA 57 28.88 -68.63 -15.47
C LEU FA 57 28.04 -67.79 -16.43
N PHE FA 58 27.87 -66.51 -16.12
CA PHE FA 58 27.11 -65.64 -17.01
C PHE FA 58 27.83 -65.42 -18.33
N THR FA 59 29.15 -65.27 -18.29
CA THR FA 59 29.92 -64.96 -19.49
C THR FA 59 30.40 -66.20 -20.23
N SER FA 60 30.01 -67.40 -19.78
CA SER FA 60 30.28 -68.64 -20.52
C SER FA 60 30.14 -68.53 -22.04
N PRO FA 61 29.07 -67.95 -22.59
CA PRO FA 61 29.00 -67.86 -24.05
C PRO FA 61 30.13 -67.05 -24.66
N PHE FA 62 30.57 -65.99 -24.00
CA PHE FA 62 31.69 -65.21 -24.50
C PHE FA 62 32.94 -66.07 -24.59
N TRP FA 63 33.23 -66.83 -23.54
CA TRP FA 63 34.43 -67.67 -23.52
C TRP FA 63 34.35 -68.77 -24.56
N TYR FA 64 33.17 -69.39 -24.69
CA TYR FA 64 33.00 -70.46 -25.66
C TYR FA 64 33.23 -69.94 -27.07
N GLN FA 65 32.57 -68.84 -27.41
CA GLN FA 65 32.75 -68.25 -28.73
C GLN FA 65 34.18 -67.80 -28.95
N GLY FA 66 34.86 -67.32 -27.91
CA GLY FA 66 36.24 -66.90 -28.07
C GLY FA 66 37.17 -68.07 -28.35
N ILE FA 67 36.97 -69.18 -27.65
CA ILE FA 67 37.77 -70.38 -27.92
C ILE FA 67 37.56 -70.83 -29.36
N LYS FA 68 36.29 -70.91 -29.77
CA LYS FA 68 35.97 -71.31 -31.14
C LYS FA 68 36.63 -70.36 -32.13
N THR FA 69 36.64 -69.06 -31.83
CA THR FA 69 37.19 -68.08 -32.75
C THR FA 69 38.70 -68.21 -32.86
N VAL FA 70 39.37 -68.48 -31.75
CA VAL FA 70 40.83 -68.69 -31.79
C VAL FA 70 41.15 -69.90 -32.67
N TYR FA 71 40.45 -71.01 -32.43
CA TYR FA 71 40.68 -72.20 -33.23
C TYR FA 71 40.40 -71.93 -34.72
N ALA FA 72 39.32 -71.20 -34.99
CA ALA FA 72 38.97 -70.90 -36.37
C ALA FA 72 40.00 -69.99 -37.03
N SER FA 73 40.56 -69.05 -36.29
CA SER FA 73 41.60 -68.19 -36.85
C SER FA 73 42.81 -69.02 -37.28
N CYS FA 74 43.25 -69.92 -36.40
CA CYS FA 74 44.37 -70.80 -36.76
C CYS FA 74 44.04 -71.62 -38.00
N ARG FA 75 42.86 -72.25 -37.99
CA ARG FA 75 42.46 -73.10 -39.11
C ARG FA 75 42.38 -72.31 -40.40
N TYR FA 76 41.84 -71.10 -40.35
CA TYR FA 76 41.67 -70.28 -41.55
C TYR FA 76 43.00 -69.84 -42.09
N ARG FA 77 43.97 -69.54 -41.22
CA ARG FA 77 45.31 -69.22 -41.67
C ARG FA 77 45.91 -70.39 -42.46
N LYS FA 78 45.89 -71.58 -41.86
CA LYS FA 78 46.43 -72.75 -42.54
C LYS FA 78 45.70 -72.99 -43.87
N LEU FA 79 44.39 -72.81 -43.86
CA LEU FA 79 43.60 -73.06 -45.06
C LEU FA 79 43.92 -72.08 -46.16
N ASN FA 80 44.14 -70.81 -45.81
CA ASN FA 80 44.52 -69.81 -46.81
C ASN FA 80 45.85 -70.18 -47.46
N GLU FA 81 46.82 -70.58 -46.64
CA GLU FA 81 48.09 -71.04 -47.18
C GLU FA 81 47.89 -72.19 -48.16
N ARG FA 82 47.15 -73.22 -47.73
CA ARG FA 82 46.94 -74.38 -48.58
C ARG FA 82 46.22 -74.01 -49.88
N GLU FA 83 45.22 -73.12 -49.79
CA GLU FA 83 44.47 -72.75 -50.97
C GLU FA 83 45.35 -72.01 -51.98
N ILE FA 84 46.18 -71.09 -51.51
CA ILE FA 84 47.08 -70.39 -52.41
C ILE FA 84 47.99 -71.38 -53.12
N ILE FA 85 48.63 -72.27 -52.35
CA ILE FA 85 49.59 -73.18 -52.97
C ILE FA 85 48.89 -74.14 -53.91
N SER FA 86 47.66 -74.54 -53.61
CA SER FA 86 46.91 -75.43 -54.47
C SER FA 86 46.60 -74.76 -55.80
N ASP FA 87 46.13 -73.52 -55.75
CA ASP FA 87 45.82 -72.81 -56.99
C ASP FA 87 47.07 -72.63 -57.84
N ARG FA 88 48.21 -72.34 -57.20
CA ARG FA 88 49.44 -72.18 -57.96
C ARG FA 88 49.91 -73.51 -58.56
N TYR FA 89 49.69 -74.62 -57.87
CA TYR FA 89 50.05 -75.92 -58.44
C TYR FA 89 49.17 -76.25 -59.63
N THR FA 90 47.89 -75.91 -59.56
CA THR FA 90 47.00 -76.13 -60.70
C THR FA 90 47.47 -75.31 -61.90
N TRP FA 91 47.79 -74.04 -61.66
CA TRP FA 91 48.37 -73.18 -62.69
C TRP FA 91 49.59 -73.85 -63.33
N LEU FA 92 50.53 -74.30 -62.50
CA LEU FA 92 51.74 -74.92 -63.01
C LEU FA 92 51.45 -76.17 -63.82
N HIS FA 93 50.48 -76.98 -63.38
CA HIS FA 93 50.08 -78.16 -64.12
C HIS FA 93 49.64 -77.81 -65.53
N GLU FA 94 48.76 -76.82 -65.64
CA GLU FA 94 48.27 -76.42 -66.96
C GLU FA 94 49.40 -75.90 -67.83
N ARG FA 95 50.31 -75.12 -67.25
CA ARG FA 95 51.41 -74.57 -68.04
C ARG FA 95 52.35 -75.67 -68.51
N MET FA 96 52.57 -76.68 -67.68
CA MET FA 96 53.43 -77.79 -68.09
C MET FA 96 52.80 -78.59 -69.22
N LEU FA 97 51.48 -78.76 -69.19
CA LEU FA 97 50.81 -79.41 -70.31
C LEU FA 97 50.97 -78.60 -71.59
N GLU FA 98 50.81 -77.28 -71.49
CA GLU FA 98 51.04 -76.43 -72.65
C GLU FA 98 52.46 -76.58 -73.18
N ASP FA 99 53.44 -76.67 -72.28
CA ASP FA 99 54.81 -76.83 -72.71
C ASP FA 99 55.03 -78.16 -73.44
N GLU FA 100 54.39 -79.22 -72.96
CA GLU FA 100 54.47 -80.51 -73.65
C GLU FA 100 53.90 -80.40 -75.05
N VAL FA 101 52.73 -79.76 -75.17
CA VAL FA 101 52.12 -79.59 -76.49
C VAL FA 101 53.05 -78.83 -77.41
N GLU FA 102 53.65 -77.74 -76.92
CA GLU FA 102 54.56 -76.96 -77.75
C GLU FA 102 55.77 -77.79 -78.16
N ARG FA 103 56.30 -78.60 -77.24
CA ARG FA 103 57.45 -79.45 -77.59
C ARG FA 103 57.10 -80.43 -78.69
N VAL FA 104 55.87 -80.95 -78.69
CA VAL FA 104 55.47 -81.83 -79.77
C VAL FA 104 55.27 -81.05 -81.06
N LEU FA 105 54.74 -79.83 -80.97
CA LEU FA 105 54.46 -79.05 -82.17
C LEU FA 105 55.74 -78.65 -82.89
N LEU FA 106 56.79 -78.34 -82.12
CA LEU FA 106 58.04 -77.89 -82.73
C LEU FA 106 58.70 -78.97 -83.58
N GLU FA 107 58.28 -80.23 -83.43
CA GLU FA 107 58.80 -81.28 -84.30
C GLU FA 107 58.24 -81.17 -85.72
N GLN FA 108 57.04 -80.61 -85.87
CA GLN FA 108 56.44 -80.45 -87.18
C GLN FA 108 56.99 -79.28 -87.97
N VAL FA 109 57.82 -78.44 -87.35
CA VAL FA 109 58.43 -77.34 -88.10
C VAL FA 109 59.43 -77.89 -89.10
N PRO FA 110 59.40 -77.46 -90.36
CA PRO FA 110 60.35 -78.02 -91.34
C PRO FA 110 61.79 -77.66 -91.01
N ALA FA 111 62.70 -78.41 -91.60
CA ALA FA 111 64.12 -78.13 -91.43
C ALA FA 111 64.47 -76.77 -91.97
N GLY FA 112 65.18 -75.98 -91.17
CA GLY FA 112 65.48 -74.61 -91.49
C GLY FA 112 64.43 -73.61 -91.05
N GLY FA 113 63.34 -74.07 -90.43
CA GLY FA 113 62.32 -73.17 -89.95
C GLY FA 113 61.40 -72.70 -91.05
N PHE FA 114 60.62 -71.67 -90.71
CA PHE FA 114 59.64 -71.10 -91.63
C PHE FA 114 60.27 -69.97 -92.43
N ASP FA 115 59.83 -69.86 -93.69
CA ASP FA 115 60.16 -68.70 -94.52
C ASP FA 115 59.20 -67.58 -94.12
N LYS FA 116 59.63 -66.78 -93.16
CA LYS FA 116 58.83 -65.68 -92.65
C LYS FA 116 58.78 -64.48 -93.60
N THR FA 117 59.50 -64.54 -94.72
CA THR FA 117 59.47 -63.42 -95.66
C THR FA 117 58.25 -63.51 -96.56
N ARG FA 118 57.90 -64.70 -97.00
CA ARG FA 118 56.86 -64.93 -97.98
C ARG FA 118 55.57 -65.34 -97.31
N PRO FA 119 54.45 -65.36 -98.05
CA PRO FA 119 53.25 -66.00 -97.53
C PRO FA 119 53.33 -67.52 -97.65
N GLY FA 120 52.75 -68.19 -96.64
CA GLY FA 120 52.70 -69.64 -96.69
C GLY FA 120 51.92 -70.16 -97.88
N LEU FA 121 50.72 -69.63 -98.07
CA LEU FA 121 49.87 -69.97 -99.21
C LEU FA 121 49.76 -68.76 -100.13
N LEU FA 122 50.18 -68.94 -101.37
CA LEU FA 122 50.01 -67.91 -102.40
C LEU FA 122 48.71 -68.20 -103.13
N LEU FA 123 47.72 -67.32 -102.94
CA LEU FA 123 46.36 -67.56 -103.38
C LEU FA 123 45.91 -66.52 -104.39
N GLY FA 124 46.71 -66.28 -105.40
CA GLY FA 124 46.31 -65.46 -106.51
C GLY FA 124 47.51 -64.93 -107.27
N PRO FA 125 47.27 -64.42 -108.47
CA PRO FA 125 48.36 -63.88 -109.28
C PRO FA 125 48.75 -62.48 -108.83
N SER FA 126 49.92 -62.05 -109.31
CA SER FA 126 50.44 -60.71 -109.09
C SER FA 126 51.00 -60.25 -110.43
N THR FA 127 50.15 -59.63 -111.24
CA THR FA 127 50.50 -59.28 -112.61
C THR FA 127 50.78 -57.79 -112.74
N ALA GA 33 59.82 -28.12 -15.89
CA ALA GA 33 58.92 -28.68 -16.87
C ALA GA 33 59.00 -30.21 -16.88
N ILE GA 34 60.13 -30.72 -16.38
CA ILE GA 34 60.38 -32.15 -16.40
C ILE GA 34 59.75 -32.85 -15.21
N LYS GA 35 59.86 -32.26 -14.02
CA LYS GA 35 59.45 -32.89 -12.78
C LYS GA 35 58.37 -32.10 -12.05
N GLY GA 36 58.56 -30.80 -11.90
CA GLY GA 36 57.80 -30.02 -10.95
C GLY GA 36 56.37 -29.82 -11.40
N PRO GA 37 55.47 -29.54 -10.45
CA PRO GA 37 54.08 -29.23 -10.83
C PRO GA 37 53.95 -27.89 -11.53
N SER GA 38 53.69 -27.93 -12.82
CA SER GA 38 53.73 -26.74 -13.65
C SER GA 38 52.89 -26.99 -14.89
N VAL GA 39 52.63 -25.91 -15.63
CA VAL GA 39 51.86 -26.03 -16.87
C VAL GA 39 52.60 -26.87 -17.89
N PRO GA 40 53.91 -26.69 -18.11
CA PRO GA 40 54.62 -27.62 -19.00
C PRO GA 40 54.55 -29.05 -18.53
N HIS GA 41 54.61 -29.27 -17.22
CA HIS GA 41 54.50 -30.63 -16.70
C HIS GA 41 53.14 -31.23 -17.01
N SER GA 42 52.09 -30.43 -16.89
CA SER GA 42 50.75 -30.92 -17.21
C SER GA 42 50.61 -31.20 -18.70
N ILE GA 43 51.21 -30.37 -19.54
CA ILE GA 43 51.16 -30.61 -20.98
C ILE GA 43 51.88 -31.92 -21.32
N LEU GA 44 53.04 -32.14 -20.72
CA LEU GA 44 53.74 -33.40 -20.89
C LEU GA 44 52.88 -34.57 -20.43
N PHE GA 45 52.17 -34.39 -19.31
CA PHE GA 45 51.31 -35.44 -18.81
C PHE GA 45 50.22 -35.79 -19.81
N GLY GA 46 49.61 -34.77 -20.41
CA GLY GA 46 48.57 -35.02 -21.39
C GLY GA 46 49.10 -35.70 -22.64
N VAL GA 47 50.28 -35.29 -23.09
CA VAL GA 47 50.90 -35.95 -24.24
C VAL GA 47 51.16 -37.42 -23.94
N GLY GA 48 51.69 -37.70 -22.74
CA GLY GA 48 51.93 -39.08 -22.36
C GLY GA 48 50.65 -39.88 -22.30
N ALA GA 49 49.58 -39.27 -21.81
CA ALA GA 49 48.29 -39.94 -21.79
C ALA GA 49 47.82 -40.28 -23.19
N GLY GA 50 47.96 -39.35 -24.13
CA GLY GA 50 47.57 -39.64 -25.51
C GLY GA 50 48.37 -40.78 -26.11
N CYS GA 51 49.69 -40.76 -25.91
CA CYS GA 51 50.51 -41.84 -26.45
C CYS GA 51 50.21 -43.18 -25.80
N CYS GA 52 49.89 -43.18 -24.51
CA CYS GA 52 49.51 -44.43 -23.85
C CYS GA 52 48.17 -44.94 -24.34
N ALA GA 53 47.24 -44.03 -24.62
CA ALA GA 53 45.97 -44.43 -25.23
C ALA GA 53 46.20 -45.11 -26.57
N TYR GA 54 47.07 -44.53 -27.40
CA TYR GA 54 47.31 -45.13 -28.70
C TYR GA 54 48.10 -46.43 -28.59
N ALA GA 55 48.97 -46.56 -27.57
CA ALA GA 55 49.60 -47.84 -27.30
C ALA GA 55 48.55 -48.90 -26.96
N GLY GA 56 47.54 -48.51 -26.17
CA GLY GA 56 46.46 -49.42 -25.86
C GLY GA 56 45.69 -49.83 -27.10
N TYR GA 57 45.45 -48.88 -28.00
CA TYR GA 57 44.79 -49.20 -29.26
C TYR GA 57 45.62 -50.19 -30.08
N TYR GA 58 46.94 -49.98 -30.12
CA TYR GA 58 47.83 -50.90 -30.81
C TYR GA 58 47.72 -52.30 -30.23
N LEU GA 59 47.70 -52.41 -28.90
CA LEU GA 59 47.58 -53.72 -28.26
C LEU GA 59 46.25 -54.38 -28.61
N TYR GA 60 45.16 -53.61 -28.53
CA TYR GA 60 43.85 -54.13 -28.86
C TYR GA 60 43.84 -54.72 -30.26
N ARG GA 61 44.31 -53.95 -31.25
CA ARG GA 61 44.29 -54.44 -32.63
C ARG GA 61 45.26 -55.58 -32.85
N ALA GA 62 46.41 -55.57 -32.17
CA ALA GA 62 47.35 -56.67 -32.30
C ALA GA 62 46.73 -57.97 -31.85
N MET GA 63 46.14 -57.98 -30.65
CA MET GA 63 45.55 -59.20 -30.13
C MET GA 63 44.37 -59.63 -31.00
N ARG GA 64 43.57 -58.67 -31.47
CA ARG GA 64 42.45 -58.99 -32.33
C ARG GA 64 42.91 -59.67 -33.61
N LEU GA 65 43.90 -59.09 -34.29
CA LEU GA 65 44.36 -59.65 -35.55
C LEU GA 65 45.06 -60.98 -35.34
N THR GA 66 45.70 -61.18 -34.19
CA THR GA 66 46.45 -62.41 -33.99
C THR GA 66 45.57 -63.58 -33.59
N PHE GA 67 44.45 -63.32 -32.90
CA PHE GA 67 43.63 -64.40 -32.35
C PHE GA 67 42.15 -64.32 -32.68
N PHE GA 68 41.65 -63.20 -33.20
CA PHE GA 68 40.22 -62.97 -33.34
C PHE GA 68 39.90 -62.38 -34.70
N ASP GA 69 40.40 -63.00 -35.76
CA ASP GA 69 40.07 -62.55 -37.10
C ASP GA 69 40.08 -63.70 -38.09
N THR GA 70 38.95 -63.87 -38.78
CA THR GA 70 38.83 -64.67 -39.98
C THR GA 70 38.42 -63.83 -41.18
N GLU GA 71 38.00 -62.58 -40.94
CA GLU GA 71 37.50 -61.74 -42.01
C GLU GA 71 38.60 -61.46 -43.02
N SER GA 72 39.83 -61.29 -42.54
CA SER GA 72 40.94 -61.01 -43.45
C SER GA 72 41.15 -62.14 -44.42
N VAL GA 73 41.15 -63.38 -43.92
CA VAL GA 73 41.36 -64.55 -44.77
C VAL GA 73 40.21 -64.69 -45.75
N ALA GA 74 38.98 -64.57 -45.25
CA ALA GA 74 37.83 -64.71 -46.13
C ALA GA 74 37.85 -63.66 -47.22
N LEU GA 75 38.18 -62.42 -46.87
CA LEU GA 75 38.20 -61.34 -47.84
C LEU GA 75 39.34 -61.52 -48.84
N GLN GA 76 40.49 -62.01 -48.39
CA GLN GA 76 41.59 -62.28 -49.31
C GLN GA 76 41.19 -63.33 -50.33
N SER GA 77 40.55 -64.41 -49.87
CA SER GA 77 40.07 -65.44 -50.78
C SER GA 77 39.09 -64.84 -51.78
N ARG GA 78 38.15 -64.04 -51.29
CA ARG GA 78 37.15 -63.44 -52.16
C ARG GA 78 37.77 -62.49 -53.16
N LEU GA 79 38.85 -61.81 -52.78
CA LEU GA 79 39.50 -60.87 -53.69
C LEU GA 79 40.29 -61.60 -54.76
N ARG GA 80 40.90 -62.73 -54.42
CA ARG GA 80 41.54 -63.56 -55.43
C ARG GA 80 40.52 -64.09 -56.43
N TYR GA 81 39.37 -64.53 -55.93
CA TYR GA 81 38.25 -64.91 -56.79
C TYR GA 81 37.86 -63.77 -57.71
N ALA GA 82 37.79 -62.56 -57.17
CA ALA GA 82 37.44 -61.39 -57.97
C ALA GA 82 38.47 -61.14 -59.06
N GLU GA 83 39.75 -61.35 -58.75
CA GLU GA 83 40.80 -61.17 -59.75
C GLU GA 83 40.62 -62.14 -60.91
N LYS GA 84 40.39 -63.41 -60.59
CA LYS GA 84 40.13 -64.39 -61.63
C LYS GA 84 38.95 -63.98 -62.51
N GLN GA 85 37.87 -63.55 -61.87
CA GLN GA 85 36.68 -63.13 -62.59
C GLN GA 85 36.98 -61.96 -63.51
N LYS GA 86 37.71 -60.97 -62.99
CA LYS GA 86 38.08 -59.80 -63.77
C LYS GA 86 38.85 -60.19 -65.02
N LEU GA 87 39.86 -61.03 -64.86
CA LEU GA 87 40.70 -61.38 -65.99
C LEU GA 87 39.93 -62.21 -67.01
N PHE GA 88 39.03 -63.07 -66.54
CA PHE GA 88 38.17 -63.81 -67.47
C PHE GA 88 37.35 -62.85 -68.33
N HIS GA 89 36.65 -61.91 -67.68
CA HIS GA 89 35.82 -60.98 -68.43
C HIS GA 89 36.63 -60.14 -69.39
N GLN GA 90 37.81 -59.72 -68.97
CA GLN GA 90 38.71 -58.96 -69.84
C GLN GA 90 39.04 -59.74 -71.11
N GLU GA 91 39.53 -60.97 -70.93
CA GLU GA 91 39.91 -61.79 -72.08
C GLU GA 91 38.73 -62.03 -73.01
N LEU GA 92 37.55 -62.26 -72.44
CA LEU GA 92 36.36 -62.50 -73.25
C LEU GA 92 36.01 -61.30 -74.11
N ASP GA 93 36.01 -60.11 -73.50
CA ASP GA 93 35.71 -58.89 -74.24
C ASP GA 93 36.73 -58.68 -75.36
N ARG GA 94 38.00 -58.95 -75.06
CA ARG GA 94 39.03 -58.80 -76.08
C ARG GA 94 38.79 -59.74 -77.26
N GLU GA 95 38.42 -60.99 -76.96
CA GLU GA 95 38.12 -61.95 -78.03
C GLU GA 95 36.96 -61.47 -78.90
N LEU GA 96 35.92 -60.94 -78.27
CA LEU GA 96 34.77 -60.47 -79.04
C LEU GA 96 35.15 -59.31 -79.96
N ALA GA 97 35.90 -58.34 -79.44
CA ALA GA 97 36.37 -57.24 -80.28
C ALA GA 97 37.25 -57.74 -81.42
N ALA GA 98 38.09 -58.73 -81.14
CA ALA GA 98 38.93 -59.30 -82.18
C ALA GA 98 38.10 -59.95 -83.27
N GLY GA 99 37.00 -60.61 -82.89
CA GLY GA 99 36.11 -61.17 -83.90
C GLY GA 99 35.43 -60.10 -84.73
N HIS GA 100 35.06 -59.00 -84.10
CA HIS GA 100 34.52 -57.87 -84.85
C HIS GA 100 35.53 -57.40 -85.90
N ILE GA 101 36.80 -57.29 -85.53
CA ILE GA 101 37.79 -56.86 -86.51
C ILE GA 101 38.02 -57.93 -87.56
N ALA GA 102 37.94 -59.21 -87.19
CA ALA GA 102 38.12 -60.28 -88.15
C ALA GA 102 37.03 -60.27 -89.21
N SER GA 103 35.86 -59.75 -88.87
CA SER GA 103 34.81 -59.64 -89.86
C SER GA 103 35.15 -58.67 -91.00
N LEU GA 104 36.21 -57.86 -90.85
CA LEU GA 104 36.62 -56.93 -91.89
C LEU GA 104 37.61 -57.51 -92.89
N VAL GA 105 38.17 -58.69 -92.61
CA VAL GA 105 39.10 -59.30 -93.53
C VAL GA 105 38.43 -59.66 -94.84
N ALA GA 106 37.11 -59.87 -94.81
CA ALA GA 106 36.38 -60.12 -96.05
C ALA GA 106 36.29 -58.86 -96.89
N GLU GA 107 36.12 -57.71 -96.25
CA GLU GA 107 36.06 -56.45 -96.97
C GLU GA 107 37.44 -56.06 -97.50
N TYR GA 108 38.49 -56.45 -96.79
CA TYR GA 108 39.83 -56.11 -97.22
C TYR GA 108 40.11 -56.67 -98.62
N ASP GA 109 40.54 -55.79 -99.51
CA ASP GA 109 40.90 -56.15 -100.88
C ASP GA 109 42.34 -55.74 -101.11
N PRO GA 110 43.30 -56.67 -101.18
CA PRO GA 110 44.70 -56.28 -101.37
C PRO GA 110 45.04 -55.85 -102.78
N VAL GA 111 44.12 -56.00 -103.73
CA VAL GA 111 44.40 -55.56 -105.09
C VAL GA 111 44.27 -54.06 -105.20
N ALA GA 112 43.43 -53.44 -104.37
CA ALA GA 112 43.28 -52.00 -104.38
C ALA GA 112 44.55 -51.27 -103.97
N THR GA 113 45.43 -51.94 -103.23
CA THR GA 113 46.73 -51.36 -102.92
C THR GA 113 47.61 -51.26 -104.16
N ARG GA 114 47.29 -52.00 -105.20
CA ARG GA 114 48.08 -51.96 -106.43
C ARG GA 114 48.01 -50.58 -107.06
N LEU GA 115 49.09 -50.14 -107.54
CA LEU GA 115 49.20 -48.90 -108.29
C LEU GA 115 48.94 -49.19 -109.77
N PRO GA 116 48.35 -48.28 -110.53
CA PRO GA 116 48.05 -48.58 -111.92
C PRO GA 116 49.30 -48.87 -112.73
N PHE GA 117 49.22 -49.94 -113.53
CA PHE GA 117 50.31 -50.36 -114.39
C PHE GA 117 51.56 -50.71 -113.58
N GLN GA 118 51.34 -51.44 -112.49
CA GLN GA 118 52.39 -51.94 -111.63
C GLN GA 118 51.99 -53.32 -111.13
N PRO GA 119 52.94 -54.13 -110.69
CA PRO GA 119 52.60 -55.44 -110.17
C PRO GA 119 52.20 -55.40 -108.71
N MET GA 120 51.45 -56.42 -108.31
CA MET GA 120 50.97 -56.54 -106.95
C MET GA 120 52.07 -57.07 -106.04
N GLN GA 121 52.08 -56.58 -104.80
CA GLN GA 121 53.10 -56.94 -103.83
C GLN GA 121 52.60 -58.05 -102.91
N ASP GA 122 53.47 -59.04 -102.68
CA ASP GA 122 53.18 -60.10 -101.72
C ASP GA 122 53.17 -59.59 -100.29
N ARG GA 123 53.68 -58.38 -100.05
CA ARG GA 123 53.57 -57.77 -98.73
C ARG GA 123 52.14 -57.71 -98.26
N TYR GA 124 51.20 -57.42 -99.16
CA TYR GA 124 49.79 -57.37 -98.80
C TYR GA 124 49.11 -58.72 -99.04
N ARG GA 125 49.76 -59.78 -98.57
CA ARG GA 125 49.17 -61.10 -98.40
C ARG GA 125 48.35 -61.53 -99.63
N VAL GA 126 49.06 -61.75 -100.72
CA VAL GA 126 48.43 -62.30 -101.92
C VAL GA 126 47.75 -63.61 -101.57
N SER HA 14 -7.81 -57.25 -126.67
CA SER HA 14 -7.07 -57.99 -125.66
C SER HA 14 -6.86 -57.14 -124.41
N ILE HA 15 -7.67 -57.41 -123.39
CA ILE HA 15 -7.58 -56.66 -122.14
C ILE HA 15 -6.50 -57.26 -121.26
N LEU HA 16 -5.89 -56.41 -120.44
CA LEU HA 16 -4.80 -56.80 -119.56
C LEU HA 16 -5.32 -57.11 -118.17
N GLY HA 17 -4.98 -58.30 -117.68
CA GLY HA 17 -5.33 -58.69 -116.33
C GLY HA 17 -6.81 -58.85 -116.11
N ALA HA 18 -7.41 -59.83 -116.77
CA ALA HA 18 -8.85 -60.08 -116.59
C ALA HA 18 -9.10 -60.93 -115.35
N GLU HA 19 -8.42 -62.07 -115.24
CA GLU HA 19 -8.62 -63.01 -114.14
C GLU HA 19 -7.81 -62.66 -112.90
N ALA HA 20 -7.17 -61.49 -112.86
CA ALA HA 20 -6.17 -61.19 -111.85
C ALA HA 20 -6.65 -60.25 -110.77
N PHE HA 21 -7.90 -59.80 -110.80
CA PHE HA 21 -8.44 -58.87 -109.82
C PHE HA 21 -9.74 -59.39 -109.24
N PRO HA 22 -9.71 -60.58 -108.64
CA PRO HA 22 -10.90 -61.06 -107.94
C PRO HA 22 -11.26 -60.19 -106.76
N GLU HA 23 -10.27 -59.52 -106.17
CA GLU HA 23 -10.55 -58.53 -105.14
C GLU HA 23 -11.48 -57.45 -105.65
N LEU HA 24 -11.42 -57.15 -106.94
CA LEU HA 24 -12.30 -56.16 -107.54
C LEU HA 24 -13.62 -56.79 -107.98
N LEU HA 25 -13.57 -57.96 -108.61
CA LEU HA 25 -14.80 -58.58 -109.07
C LEU HA 25 -15.69 -58.92 -107.88
N SER HA 26 -15.24 -59.83 -107.02
CA SER HA 26 -15.84 -59.99 -105.70
C SER HA 26 -15.28 -58.90 -104.80
N LYS HA 27 -16.17 -58.17 -104.14
CA LYS HA 27 -15.75 -56.98 -103.41
C LYS HA 27 -15.00 -57.39 -102.15
N VAL HA 28 -13.79 -57.89 -102.31
CA VAL HA 28 -12.96 -58.39 -101.21
C VAL HA 28 -11.89 -57.34 -100.92
N PRO HA 29 -11.87 -56.75 -99.74
CA PRO HA 29 -10.77 -55.83 -99.41
C PRO HA 29 -9.57 -56.53 -98.83
N LEU HA 30 -8.37 -56.18 -99.30
CA LEU HA 30 -7.16 -56.74 -98.74
C LEU HA 30 -6.81 -56.14 -97.38
N ASN HA 31 -7.41 -55.00 -97.05
CA ASN HA 31 -7.14 -54.33 -95.79
C ASN HA 31 -8.23 -53.31 -95.54
N PRO HA 32 -8.38 -52.83 -94.31
CA PRO HA 32 -9.44 -51.85 -94.04
C PRO HA 32 -9.25 -50.55 -94.79
N GLN HA 33 -8.01 -50.19 -95.14
CA GLN HA 33 -7.82 -48.99 -95.94
C GLN HA 33 -8.41 -49.16 -97.33
N MET HA 34 -8.17 -50.30 -97.96
CA MET HA 34 -8.79 -50.59 -99.26
C MET HA 34 -10.30 -50.65 -99.12
N ASP HA 35 -10.79 -51.23 -98.03
CA ASP HA 35 -12.23 -51.30 -97.79
C ASP HA 35 -12.83 -49.90 -97.75
N GLU HA 36 -12.22 -49.00 -96.97
CA GLU HA 36 -12.71 -47.63 -96.86
C GLU HA 36 -12.62 -46.91 -98.20
N ASP HA 37 -11.51 -47.09 -98.91
CA ASP HA 37 -11.32 -46.38 -100.18
C ASP HA 37 -12.36 -46.80 -101.20
N LYS HA 38 -12.42 -48.10 -101.52
CA LYS HA 38 -13.30 -48.59 -102.56
C LYS HA 38 -14.73 -48.79 -102.08
N HIS HA 39 -15.03 -48.50 -100.82
CA HIS HA 39 -16.40 -48.48 -100.32
C HIS HA 39 -17.05 -49.85 -100.42
N PHE HA 40 -16.27 -50.91 -100.16
CA PHE HA 40 -16.84 -52.24 -100.10
C PHE HA 40 -17.64 -52.45 -98.82
N ASN HA 41 -17.16 -51.88 -97.71
CA ASN HA 41 -17.87 -51.90 -96.44
C ASN HA 41 -18.10 -53.34 -95.96
N LYS HA 42 -17.03 -54.14 -96.00
CA LYS HA 42 -17.05 -55.49 -95.46
C LYS HA 42 -16.29 -55.61 -94.16
N TYR HA 43 -15.79 -54.51 -93.61
CA TYR HA 43 -15.14 -54.49 -92.31
C TYR HA 43 -16.12 -53.87 -91.31
N LYS HA 44 -16.58 -54.69 -90.36
CA LYS HA 44 -17.59 -54.23 -89.42
C LYS HA 44 -17.08 -53.08 -88.56
N TRP HA 45 -15.82 -53.10 -88.19
CA TRP HA 45 -15.25 -52.11 -87.28
C TRP HA 45 -14.65 -50.91 -88.00
N GLY HA 46 -14.84 -50.82 -89.32
CA GLY HA 46 -14.39 -49.63 -90.01
C GLY HA 46 -12.88 -49.59 -90.17
N ASN HA 47 -12.35 -48.38 -90.14
CA ASN HA 47 -10.92 -48.17 -90.33
C ASN HA 47 -10.47 -46.89 -89.64
N GLU HA 48 -9.45 -47.01 -88.81
CA GLU HA 48 -8.74 -45.84 -88.30
C GLU HA 48 -7.48 -45.66 -89.13
N PRO HA 49 -7.38 -44.63 -89.96
CA PRO HA 49 -6.23 -44.53 -90.87
C PRO HA 49 -4.92 -44.35 -90.12
N ILE HA 50 -3.89 -45.06 -90.58
CA ILE HA 50 -2.53 -44.82 -90.13
C ILE HA 50 -2.10 -43.46 -90.70
N PRO HA 51 -1.84 -42.46 -89.87
CA PRO HA 51 -1.50 -41.14 -90.42
C PRO HA 51 -0.16 -41.17 -91.15
N VAL HA 52 0.09 -40.09 -91.88
CA VAL HA 52 1.26 -40.04 -92.74
C VAL HA 52 2.55 -40.00 -91.94
N ASN HA 53 2.55 -39.35 -90.77
CA ASN HA 53 3.73 -39.30 -89.94
C ASN HA 53 4.12 -40.66 -89.39
N ARG HA 54 3.19 -41.62 -89.41
CA ARG HA 54 3.50 -42.98 -89.05
C ARG HA 54 3.65 -43.90 -90.25
N ARG HA 55 3.15 -43.48 -91.42
CA ARG HA 55 3.36 -44.26 -92.63
C ARG HA 55 4.74 -44.04 -93.21
N THR HA 56 5.29 -42.85 -93.05
CA THR HA 56 6.63 -42.57 -93.52
C THR HA 56 7.25 -41.50 -92.63
N GLY HA 57 8.51 -41.23 -92.86
CA GLY HA 57 9.22 -40.22 -92.12
C GLY HA 57 10.70 -40.54 -92.09
N SER HA 58 11.41 -39.77 -91.28
CA SER HA 58 12.86 -39.85 -91.18
C SER HA 58 13.29 -40.26 -89.79
N ARG HA 59 14.51 -40.77 -89.70
CA ARG HA 59 15.12 -41.11 -88.43
C ARG HA 59 15.33 -39.86 -87.58
N MET HA 60 15.18 -40.02 -86.28
CA MET HA 60 15.27 -38.90 -85.34
C MET HA 60 16.14 -39.29 -84.16
N ASN HA 61 16.57 -38.27 -83.42
CA ASN HA 61 17.21 -38.48 -82.13
C ASN HA 61 16.15 -38.64 -81.04
N SER HA 62 16.47 -39.44 -80.03
CA SER HA 62 15.47 -39.88 -79.05
C SER HA 62 15.76 -39.43 -77.63
N SER HA 63 17.02 -39.42 -77.19
CA SER HA 63 17.31 -39.24 -75.78
C SER HA 63 17.05 -37.80 -75.34
N ILE HA 64 16.59 -37.65 -74.11
CA ILE HA 64 16.43 -36.33 -73.52
C ILE HA 64 17.77 -35.71 -73.15
N TYR HA 65 18.80 -36.54 -72.98
CA TYR HA 65 20.15 -36.07 -72.77
C TYR HA 65 20.88 -35.79 -74.07
N ASP HA 66 20.14 -35.59 -75.15
CA ASP HA 66 20.65 -35.05 -76.39
C ASP HA 66 20.05 -33.68 -76.63
N ASN HA 67 20.85 -32.76 -77.15
CA ASN HA 67 20.36 -31.42 -77.37
C ASN HA 67 19.44 -31.38 -78.59
N ARG HA 68 19.75 -32.16 -79.62
CA ARG HA 68 18.90 -32.25 -80.80
C ARG HA 68 17.91 -33.40 -80.68
N ASN HA 69 17.17 -33.44 -79.58
CA ASN HA 69 16.20 -34.49 -79.37
C ASN HA 69 14.93 -34.19 -80.14
N HIS HA 70 14.30 -35.25 -80.66
CA HIS HA 70 13.14 -35.14 -81.53
C HIS HA 70 13.44 -34.34 -82.79
N GLU HA 71 14.69 -34.37 -83.21
CA GLU HA 71 15.13 -33.73 -84.43
C GLU HA 71 15.69 -34.79 -85.37
N ALA HA 72 15.56 -34.55 -86.66
CA ALA HA 72 15.96 -35.52 -87.63
C ALA HA 72 17.48 -35.70 -87.64
N VAL HA 73 17.89 -36.92 -87.97
CA VAL HA 73 19.30 -37.24 -88.05
C VAL HA 73 19.91 -36.58 -89.29
N ARG HA 74 21.09 -36.01 -89.11
CA ARG HA 74 21.77 -35.30 -90.19
C ARG HA 74 22.68 -36.26 -90.94
N HIS HA 75 22.61 -36.20 -92.27
CA HIS HA 75 23.39 -37.06 -93.14
C HIS HA 75 24.23 -36.22 -94.08
N PRO HA 76 25.20 -36.80 -94.77
CA PRO HA 76 25.93 -36.04 -95.79
C PRO HA 76 25.06 -35.59 -96.93
N TRP HA 77 24.03 -36.35 -97.26
CA TRP HA 77 23.13 -36.04 -98.37
C TRP HA 77 21.93 -35.25 -97.88
N SER HA 78 21.26 -34.58 -98.81
CA SER HA 78 20.05 -33.85 -98.49
C SER HA 78 18.90 -34.81 -98.23
N THR HA 79 18.16 -34.59 -97.16
CA THR HA 79 17.11 -35.52 -96.78
C THR HA 79 15.98 -34.74 -96.13
N ASP HA 80 14.75 -35.16 -96.44
CA ASP HA 80 13.57 -34.59 -95.82
C ASP HA 80 13.64 -34.75 -94.31
N ALA HA 81 13.39 -33.66 -93.58
CA ALA HA 81 13.55 -33.61 -92.14
C ALA HA 81 12.24 -33.80 -91.40
N ARG HA 82 11.18 -34.20 -92.08
CA ARG HA 82 9.95 -34.53 -91.40
C ARG HA 82 10.05 -35.92 -90.82
N THR HA 83 9.80 -36.04 -89.52
CA THR HA 83 10.18 -37.22 -88.77
C THR HA 83 9.00 -38.18 -88.63
N PHE HA 84 9.35 -39.46 -88.47
CA PHE HA 84 8.38 -40.45 -88.05
C PHE HA 84 8.02 -40.20 -86.58
N HIS HA 85 6.73 -40.14 -86.31
CA HIS HA 85 6.23 -39.90 -84.96
C HIS HA 85 5.66 -41.18 -84.38
N PRO HA 86 6.25 -41.76 -83.34
CA PRO HA 86 5.66 -42.95 -82.74
C PRO HA 86 4.32 -42.66 -82.07
N ASN HA 87 3.52 -43.71 -81.94
CA ASN HA 87 2.22 -43.61 -81.30
C ASN HA 87 2.39 -43.49 -79.79
N ASP HA 88 2.22 -42.29 -79.27
CA ASP HA 88 2.41 -42.01 -77.86
C ASP HA 88 1.11 -42.05 -77.08
N ASN HA 89 -0.02 -41.80 -77.74
CA ASN HA 89 -1.34 -41.83 -77.14
C ASN HA 89 -2.23 -42.75 -77.97
N PRO HA 90 -2.02 -44.05 -77.88
CA PRO HA 90 -2.83 -45.00 -78.66
C PRO HA 90 -4.22 -45.20 -78.04
N GLU HA 91 -5.15 -45.59 -78.91
CA GLU HA 91 -6.49 -45.89 -78.46
C GLU HA 91 -6.50 -47.15 -77.60
N ALA HA 92 -7.56 -47.28 -76.80
CA ALA HA 92 -7.67 -48.39 -75.88
C ALA HA 92 -7.81 -49.71 -76.62
N ASP HA 93 -8.72 -49.76 -77.59
CA ASP HA 93 -8.98 -50.97 -78.37
C ASP HA 93 -8.14 -50.91 -79.64
N ARG HA 94 -7.25 -51.88 -79.79
CA ARG HA 94 -6.25 -51.95 -80.85
C ARG HA 94 -6.41 -53.29 -81.56
N ILE HA 95 -7.63 -53.48 -82.07
CA ILE HA 95 -8.24 -54.77 -82.35
C ILE HA 95 -7.23 -55.77 -82.88
N ASN HA 96 -6.38 -55.35 -83.79
CA ASN HA 96 -5.28 -56.17 -84.29
C ASN HA 96 -4.07 -55.95 -83.40
N THR HA 97 -3.77 -56.94 -82.56
CA THR HA 97 -2.57 -56.92 -81.72
C THR HA 97 -1.48 -57.81 -82.28
N GLN HA 98 -1.50 -58.07 -83.58
CA GLN HA 98 -0.41 -58.78 -84.22
C GLN HA 98 0.78 -57.86 -84.44
N TYR HA 99 1.92 -58.49 -84.72
CA TYR HA 99 3.15 -57.75 -84.99
C TYR HA 99 2.98 -56.80 -86.17
N SER HA 100 2.18 -57.18 -87.16
CA SER HA 100 1.95 -56.33 -88.32
C SER HA 100 1.44 -54.96 -87.91
N ASN HA 101 0.46 -54.93 -87.03
CA ASN HA 101 -0.12 -53.67 -86.57
C ASN HA 101 0.64 -53.04 -85.43
N MET HA 102 1.43 -53.81 -84.69
CA MET HA 102 2.21 -53.26 -83.59
C MET HA 102 3.45 -52.54 -84.07
N VAL HA 103 4.08 -53.05 -85.13
CA VAL HA 103 5.35 -52.48 -85.60
C VAL HA 103 5.16 -51.06 -86.12
N SER HA 104 3.97 -50.74 -86.59
CA SER HA 104 3.69 -49.41 -87.12
C SER HA 104 3.71 -48.33 -86.05
N ASP HA 105 3.66 -48.71 -84.77
CA ASP HA 105 3.71 -47.76 -83.68
C ASP HA 105 5.12 -47.28 -83.37
N SER HA 106 6.15 -47.95 -83.89
CA SER HA 106 7.52 -47.61 -83.59
C SER HA 106 8.40 -47.48 -84.82
N PHE HA 107 8.05 -48.11 -85.93
CA PHE HA 107 8.79 -47.98 -87.18
C PHE HA 107 7.80 -47.89 -88.32
N PRO HA 108 8.20 -47.31 -89.46
CA PRO HA 108 7.37 -47.42 -90.66
C PRO HA 108 7.70 -48.67 -91.44
N GLU HA 109 6.65 -49.36 -91.88
CA GLU HA 109 6.81 -50.65 -92.53
C GLU HA 109 7.60 -50.53 -93.82
N GLY HA 110 7.40 -49.45 -94.56
CA GLY HA 110 8.12 -49.21 -95.78
C GLY HA 110 9.51 -48.65 -95.60
N GLY HA 111 9.97 -48.54 -94.37
CA GLY HA 111 11.25 -47.94 -94.08
C GLY HA 111 11.18 -46.43 -94.03
N PHE HA 112 12.29 -45.84 -93.62
CA PHE HA 112 12.36 -44.40 -93.51
C PHE HA 112 12.57 -43.76 -94.87
N SER HA 113 12.29 -42.45 -94.94
CA SER HA 113 12.38 -41.69 -96.17
C SER HA 113 13.70 -40.94 -96.32
N ASP HA 114 14.76 -41.44 -95.70
CA ASP HA 114 16.03 -40.74 -95.63
C ASP HA 114 17.11 -41.37 -96.50
N ALA HA 115 16.72 -42.14 -97.49
CA ALA HA 115 17.68 -42.90 -98.27
C ALA HA 115 18.31 -42.02 -99.35
N PRO HA 116 19.55 -42.27 -99.70
CA PRO HA 116 20.19 -41.49 -100.77
C PRO HA 116 20.10 -42.13 -102.15
N ARG HA 117 20.24 -41.27 -103.15
CA ARG HA 117 20.52 -41.65 -104.53
C ARG HA 117 21.81 -40.92 -104.90
N PHE HA 118 22.91 -41.65 -104.90
CA PHE HA 118 24.24 -41.07 -105.07
C PHE HA 118 24.50 -40.76 -106.53
N SER HA 119 25.03 -39.56 -106.79
CA SER HA 119 25.39 -39.16 -108.13
C SER HA 119 26.64 -39.86 -108.64
N SER HA 120 27.37 -40.55 -107.78
CA SER HA 120 28.64 -41.15 -108.12
C SER HA 120 28.87 -42.33 -107.20
N ASN HA 121 29.84 -43.17 -107.59
CA ASN HA 121 30.19 -44.32 -106.76
C ASN HA 121 31.17 -43.95 -105.64
N TRP HA 122 31.98 -42.92 -105.85
CA TRP HA 122 32.97 -42.58 -104.84
C TRP HA 122 32.33 -41.89 -103.65
N GLU HA 123 31.20 -41.22 -103.85
CA GLU HA 123 30.45 -40.67 -102.72
C GLU HA 123 29.92 -41.79 -101.84
N ARG HA 124 29.36 -42.83 -102.47
CA ARG HA 124 28.92 -44.02 -101.76
C ARG HA 124 30.08 -44.62 -100.97
N LEU HA 125 31.22 -44.80 -101.64
CA LEU HA 125 32.40 -45.34 -100.99
C LEU HA 125 32.80 -44.51 -99.77
N LEU HA 126 32.85 -43.19 -99.92
CA LEU HA 126 33.32 -42.35 -98.84
C LEU HA 126 32.35 -42.37 -97.67
N ALA HA 127 31.04 -42.34 -97.95
CA ALA HA 127 30.06 -42.41 -96.88
C ALA HA 127 30.20 -43.72 -96.10
N TYR HA 128 30.32 -44.84 -96.81
CA TYR HA 128 30.53 -46.11 -96.14
C TYR HA 128 31.82 -46.10 -95.34
N HIS HA 129 32.89 -45.58 -95.93
CA HIS HA 129 34.19 -45.58 -95.27
C HIS HA 129 34.16 -44.77 -93.98
N HIS HA 130 33.36 -43.72 -93.92
CA HIS HA 130 33.26 -42.91 -92.72
C HIS HA 130 32.14 -43.34 -91.80
N GLY HA 131 31.34 -44.31 -92.19
CA GLY HA 131 30.34 -44.86 -91.30
C GLY HA 131 29.02 -44.14 -91.35
N LEU HA 132 28.62 -43.65 -92.51
CA LEU HA 132 27.41 -42.87 -92.65
C LEU HA 132 26.45 -43.47 -93.65
N TYR HA 133 26.70 -44.68 -94.12
CA TYR HA 133 25.83 -45.33 -95.09
C TYR HA 133 26.03 -46.84 -95.05
N SER HA 134 24.92 -47.57 -95.00
CA SER HA 134 24.91 -48.98 -95.25
C SER HA 134 23.60 -49.25 -95.96
N PRO HA 135 23.61 -49.94 -97.12
CA PRO HA 135 22.36 -50.21 -97.80
C PRO HA 135 21.43 -51.10 -97.00
N GLU HA 136 22.00 -52.03 -96.23
CA GLU HA 136 21.30 -52.81 -95.22
C GLU HA 136 20.38 -51.93 -94.39
N LYS HA 137 20.85 -50.73 -94.09
CA LYS HA 137 20.16 -49.80 -93.21
C LYS HA 137 19.24 -48.85 -93.96
N PHE HA 138 19.64 -48.40 -95.14
CA PHE HA 138 18.96 -47.28 -95.78
C PHE HA 138 18.02 -47.68 -96.91
N ASN HA 139 18.28 -48.77 -97.61
CA ASN HA 139 17.39 -49.24 -98.65
C ASN HA 139 16.86 -50.60 -98.20
N SER HA 140 15.76 -50.57 -97.47
CA SER HA 140 15.24 -51.74 -96.80
C SER HA 140 13.90 -51.39 -96.17
N THR HA 141 13.07 -52.41 -95.99
CA THR HA 141 11.82 -52.30 -95.26
C THR HA 141 11.98 -52.93 -93.89
N THR HA 142 10.91 -52.87 -93.11
CA THR HA 142 10.86 -53.67 -91.90
C THR HA 142 10.74 -55.14 -92.25
N LYS HA 143 11.15 -55.97 -91.31
CA LYS HA 143 11.02 -57.41 -91.43
C LYS HA 143 9.67 -57.86 -90.89
N THR HA 144 9.09 -58.82 -91.58
CA THR HA 144 7.84 -59.43 -91.17
C THR HA 144 8.09 -60.49 -90.10
N ALA HA 145 7.06 -60.75 -89.32
CA ALA HA 145 7.16 -61.73 -88.23
C ALA HA 145 7.65 -63.07 -88.74
N ASP HA 146 7.19 -63.50 -89.90
CA ASP HA 146 7.64 -64.77 -90.46
C ASP HA 146 9.14 -64.74 -90.71
N GLU HA 147 9.63 -63.66 -91.32
CA GLU HA 147 11.06 -63.53 -91.59
C GLU HA 147 11.86 -63.55 -90.28
N ILE HA 148 11.39 -62.81 -89.29
CA ILE HA 148 12.06 -62.78 -87.99
C ILE HA 148 12.15 -64.19 -87.41
N ARG HA 149 11.04 -64.93 -87.47
CA ARG HA 149 11.00 -66.25 -86.89
C ARG HA 149 11.92 -67.21 -87.63
N LEU HA 150 11.95 -67.12 -88.95
CA LEU HA 150 12.85 -67.95 -89.74
C LEU HA 150 14.30 -67.69 -89.37
N ALA HA 151 14.67 -66.41 -89.29
CA ALA HA 151 16.04 -66.06 -88.91
C ALA HA 151 16.37 -66.58 -87.53
N VAL HA 152 15.47 -66.39 -86.57
CA VAL HA 152 15.73 -66.80 -85.19
C VAL HA 152 15.89 -68.31 -85.12
N ASN HA 153 15.06 -69.06 -85.84
CA ASN HA 153 15.11 -70.51 -85.75
C ASN HA 153 16.37 -71.06 -86.42
N ASP HA 154 16.79 -70.46 -87.53
CA ASP HA 154 18.05 -70.86 -88.15
C ASP HA 154 19.22 -70.60 -87.21
N PHE HA 155 19.24 -69.41 -86.59
CA PHE HA 155 20.30 -69.08 -85.66
C PHE HA 155 20.32 -70.04 -84.47
N ALA HA 156 19.13 -70.38 -83.96
CA ALA HA 156 19.04 -71.31 -82.84
C ALA HA 156 19.56 -72.69 -83.23
N ALA HA 157 19.24 -73.16 -84.43
CA ALA HA 157 19.76 -74.43 -84.89
C ALA HA 157 21.29 -74.39 -84.96
N LYS HA 158 21.84 -73.32 -85.52
CA LYS HA 158 23.29 -73.21 -85.63
C LYS HA 158 23.95 -73.19 -84.25
N VAL HA 159 23.33 -72.52 -83.28
CA VAL HA 159 23.92 -72.44 -81.96
C VAL HA 159 23.86 -73.79 -81.25
N HIS HA 160 22.72 -74.48 -81.38
CA HIS HA 160 22.60 -75.81 -80.81
C HIS HA 160 23.61 -76.77 -81.41
N ALA HA 161 23.88 -76.64 -82.71
CA ALA HA 161 24.92 -77.45 -83.33
C ALA HA 161 26.30 -77.07 -82.82
N ASP HA 162 26.53 -75.77 -82.58
CA ASP HA 162 27.82 -75.34 -82.08
C ASP HA 162 28.12 -75.96 -80.73
N ASP HA 163 27.19 -75.85 -79.78
CA ASP HA 163 27.35 -76.62 -78.55
C ASP HA 163 26.01 -76.84 -77.85
N PRO HA 164 25.59 -78.09 -77.68
CA PRO HA 164 24.37 -78.33 -76.89
C PRO HA 164 24.59 -78.13 -75.40
N LYS HA 165 25.73 -78.54 -74.88
CA LYS HA 165 25.98 -78.50 -73.43
C LYS HA 165 26.53 -77.15 -73.01
N ASN HA 166 25.82 -76.09 -73.37
CA ASN HA 166 26.18 -74.73 -73.04
C ASN HA 166 25.01 -74.04 -72.38
N ALA HA 167 25.26 -73.37 -71.26
CA ALA HA 167 24.20 -72.76 -70.49
C ALA HA 167 23.78 -71.39 -71.01
N CYS HA 168 24.66 -70.70 -71.73
CA CYS HA 168 24.37 -69.37 -72.26
C CYS HA 168 23.66 -69.41 -73.61
N LYS HA 169 23.26 -70.61 -74.05
CA LYS HA 169 22.67 -70.84 -75.35
C LYS HA 169 21.42 -69.99 -75.57
N TYR HA 170 20.41 -70.21 -74.74
CA TYR HA 170 19.15 -69.52 -74.90
C TYR HA 170 19.28 -68.02 -74.66
N LEU HA 171 20.29 -67.60 -73.90
CA LEU HA 171 20.52 -66.17 -73.71
C LEU HA 171 21.04 -65.52 -74.99
N MET HA 172 21.98 -66.17 -75.66
CA MET HA 172 22.42 -65.70 -76.97
C MET HA 172 21.25 -65.66 -77.96
N ILE HA 173 20.43 -66.73 -77.95
CA ILE HA 173 19.26 -66.76 -78.83
C ILE HA 173 18.31 -65.62 -78.51
N GLU HA 174 18.18 -65.26 -77.24
CA GLU HA 174 17.24 -64.21 -76.86
C GLU HA 174 17.74 -62.83 -77.29
N GLU HA 175 19.05 -62.57 -77.19
CA GLU HA 175 19.53 -61.29 -77.67
C GLU HA 175 19.39 -61.19 -79.18
N PHE HA 176 19.62 -62.28 -79.89
CA PHE HA 176 19.37 -62.28 -81.33
C PHE HA 176 17.91 -61.98 -81.63
N LYS HA 177 17.01 -62.68 -80.93
CA LYS HA 177 15.58 -62.50 -81.12
C LYS HA 177 15.17 -61.06 -80.87
N CYS HA 178 15.68 -60.45 -79.79
CA CYS HA 178 15.27 -59.09 -79.47
C CYS HA 178 15.80 -58.11 -80.50
N LEU HA 179 17.02 -58.31 -80.99
CA LEU HA 179 17.53 -57.44 -82.05
C LEU HA 179 16.66 -57.53 -83.30
N GLN HA 180 16.33 -58.76 -83.71
CA GLN HA 180 15.48 -58.94 -84.89
C GLN HA 180 14.11 -58.28 -84.69
N SER HA 181 13.51 -58.48 -83.53
CA SER HA 181 12.19 -57.92 -83.28
C SER HA 181 12.23 -56.39 -83.24
N ALA HA 182 13.30 -55.82 -82.70
CA ALA HA 182 13.46 -54.38 -82.64
C ALA HA 182 14.04 -53.79 -83.93
N GLN HA 183 14.28 -54.60 -84.96
CA GLN HA 183 14.63 -54.09 -86.29
C GLN HA 183 15.98 -53.37 -86.24
N ALA HA 184 16.99 -54.10 -85.79
CA ALA HA 184 18.30 -53.49 -85.63
C ALA HA 184 18.98 -53.20 -86.96
N ARG HA 185 18.50 -53.78 -88.05
CA ARG HA 185 19.06 -53.46 -89.35
C ARG HA 185 18.86 -51.99 -89.68
N ILE HA 186 17.74 -51.43 -89.28
CA ILE HA 186 17.37 -50.06 -89.60
C ILE HA 186 17.49 -49.12 -88.40
N ASP HA 187 17.41 -49.64 -87.17
CA ASP HA 187 17.59 -48.85 -85.95
C ASP HA 187 18.51 -49.61 -85.01
N PRO HA 188 19.80 -49.69 -85.36
CA PRO HA 188 20.73 -50.49 -84.54
C PRO HA 188 20.95 -49.92 -83.15
N GLN HA 189 21.06 -48.60 -83.01
CA GLN HA 189 21.28 -48.02 -81.70
C GLN HA 189 20.07 -48.21 -80.79
N GLY HA 190 18.87 -48.04 -81.36
CA GLY HA 190 17.66 -48.28 -80.60
C GLY HA 190 17.52 -49.73 -80.22
N ALA HA 191 18.00 -50.65 -81.05
CA ALA HA 191 17.80 -52.06 -80.73
C ALA HA 191 18.84 -52.51 -79.72
N ALA HA 192 20.06 -52.01 -79.83
CA ALA HA 192 21.10 -52.37 -78.88
C ALA HA 192 20.70 -51.90 -77.50
N THR HA 193 20.02 -50.76 -77.43
CA THR HA 193 19.50 -50.27 -76.15
C THR HA 193 18.54 -51.27 -75.52
N LYS HA 194 17.84 -52.06 -76.33
CA LYS HA 194 16.94 -53.09 -75.82
C LYS HA 194 17.63 -54.41 -75.50
N CYS HA 195 18.70 -54.74 -76.22
CA CYS HA 195 19.27 -56.08 -76.20
C CYS HA 195 20.52 -56.19 -75.33
N VAL HA 196 21.07 -55.07 -74.86
CA VAL HA 196 22.31 -55.18 -74.11
C VAL HA 196 22.06 -55.87 -72.78
N LYS HA 197 20.81 -55.92 -72.30
CA LYS HA 197 20.54 -56.64 -71.06
C LYS HA 197 20.80 -58.13 -71.21
N TRP HA 198 20.38 -58.69 -72.34
CA TRP HA 198 20.61 -60.10 -72.61
C TRP HA 198 22.08 -60.35 -72.91
N PHE HA 199 22.75 -59.37 -73.51
CA PHE HA 199 24.19 -59.52 -73.65
C PHE HA 199 24.88 -59.58 -72.30
N ASN HA 200 24.45 -58.73 -71.36
CA ASN HA 200 25.01 -58.76 -70.02
C ASN HA 200 24.73 -60.08 -69.31
N GLU HA 201 23.54 -60.63 -69.48
CA GLU HA 201 23.22 -61.92 -68.86
C GLU HA 201 24.08 -63.04 -69.46
N TRP HA 202 24.32 -62.99 -70.77
CA TRP HA 202 25.21 -63.96 -71.40
C TRP HA 202 26.63 -63.81 -70.85
N ARG HA 203 27.08 -62.57 -70.68
CA ARG HA 203 28.40 -62.30 -70.11
C ARG HA 203 28.53 -62.90 -68.72
N GLN HA 204 27.46 -62.83 -67.93
CA GLN HA 204 27.48 -63.44 -66.59
C GLN HA 204 27.51 -64.96 -66.68
N CYS HA 205 26.65 -65.53 -67.52
CA CYS HA 205 26.59 -66.99 -67.67
C CYS HA 205 27.92 -67.56 -68.12
N ALA HA 206 28.67 -66.80 -68.92
CA ALA HA 206 29.98 -67.28 -69.37
C ALA HA 206 30.90 -67.53 -68.19
N TRP HA 207 31.00 -66.56 -67.29
CA TRP HA 207 31.83 -66.73 -66.11
C TRP HA 207 31.28 -67.81 -65.19
N ASP HA 208 29.96 -67.88 -65.02
CA ASP HA 208 29.40 -68.92 -64.17
C ASP HA 208 29.71 -70.32 -64.68
N GLN HA 209 29.81 -70.46 -66.01
CA GLN HA 209 30.17 -71.74 -66.58
C GLN HA 209 31.67 -71.98 -66.46
N GLU HA 210 32.49 -70.97 -66.69
CA GLU HA 210 33.92 -71.18 -66.56
C GLU HA 210 34.26 -71.57 -65.13
N LYS HA 211 33.63 -70.93 -64.15
CA LYS HA 211 33.94 -71.23 -62.76
C LYS HA 211 33.36 -72.57 -62.33
N MET HA 212 32.36 -73.09 -63.04
CA MET HA 212 31.90 -74.44 -62.72
C MET HA 212 32.79 -75.49 -63.37
N VAL HA 213 33.25 -75.21 -64.58
CA VAL HA 213 34.15 -76.13 -65.28
C VAL HA 213 35.49 -76.19 -64.56
N LYS HA 214 36.17 -75.05 -64.47
CA LYS HA 214 37.36 -74.91 -63.63
C LYS HA 214 36.89 -74.58 -62.22
N GLY HA 215 37.11 -75.50 -61.30
CA GLY HA 215 36.58 -75.31 -59.96
C GLY HA 215 37.18 -74.13 -59.25
N TYR HA 216 36.41 -73.05 -59.17
CA TYR HA 216 36.85 -71.83 -58.51
C TYR HA 216 35.87 -71.56 -57.37
N ASN HA 217 36.40 -71.43 -56.16
CA ASN HA 217 35.60 -71.15 -54.99
C ASN HA 217 36.43 -70.28 -54.06
N TYR HA 218 35.80 -69.88 -52.96
CA TYR HA 218 36.43 -68.98 -52.01
C TYR HA 218 36.08 -69.40 -50.61
N ILE HA 219 36.96 -69.04 -49.67
CA ILE HA 219 36.74 -69.34 -48.27
C ILE HA 219 35.63 -68.40 -47.77
N GLU HA 220 34.46 -68.95 -47.46
CA GLU HA 220 33.40 -68.17 -46.87
C GLU HA 220 33.66 -67.95 -45.40
N ASP HA 221 33.29 -66.78 -44.91
CA ASP HA 221 33.49 -66.45 -43.50
C ASP HA 221 32.42 -67.10 -42.65
N ARG HA 222 32.68 -67.16 -41.35
CA ARG HA 222 31.72 -67.69 -40.42
C ARG HA 222 30.44 -66.84 -40.45
N ARG HA 223 29.40 -67.41 -39.86
CA ARG HA 223 28.10 -66.77 -39.87
C ARG HA 223 28.11 -65.54 -38.98
N ALA HA 224 27.41 -64.50 -39.40
CA ALA HA 224 27.38 -63.27 -38.63
C ALA HA 224 26.51 -63.43 -37.40
N ARG HA 225 26.82 -62.62 -36.38
CA ARG HA 225 26.09 -62.71 -35.12
C ARG HA 225 24.62 -62.35 -35.29
N LYS HA 226 24.32 -61.41 -36.16
CA LYS HA 226 22.96 -60.99 -36.45
C LYS HA 226 22.55 -61.35 -37.87
N HIS HA 227 22.91 -62.56 -38.30
CA HIS HA 227 22.44 -63.06 -39.58
C HIS HA 227 20.92 -63.06 -39.62
N LYS HA 228 20.30 -63.51 -38.56
CA LYS HA 228 18.86 -63.39 -38.42
C LYS HA 228 18.55 -62.04 -37.79
N PRO HA 229 17.58 -61.28 -38.31
CA PRO HA 229 17.20 -60.04 -37.62
C PRO HA 229 16.45 -60.29 -36.34
N TYR HA 230 15.68 -61.37 -36.27
CA TYR HA 230 14.87 -61.70 -35.13
C TYR HA 230 14.99 -63.20 -34.87
N ILE HA 231 14.98 -63.57 -33.59
CA ILE HA 231 15.23 -64.96 -33.22
C ILE HA 231 14.13 -65.87 -33.77
N GLY HA 232 12.89 -65.40 -33.73
CA GLY HA 232 11.79 -66.17 -34.26
C GLY HA 232 11.67 -66.19 -35.75
N ALA HA 233 12.56 -65.51 -36.43
CA ALA HA 233 12.55 -65.51 -37.88
C ALA HA 233 13.24 -66.76 -38.41
N PRO HA 234 12.81 -67.29 -39.54
CA PRO HA 234 13.50 -68.42 -40.14
C PRO HA 234 14.70 -67.97 -40.96
N ASP HA 235 15.79 -68.71 -40.84
CA ASP HA 235 17.00 -68.47 -41.61
C ASP HA 235 17.00 -69.45 -42.78
N LEU HA 236 16.37 -69.03 -43.86
CA LEU HA 236 16.28 -69.86 -45.05
C LEU HA 236 17.66 -70.09 -45.64
N GLN HA 237 18.01 -71.36 -45.80
CA GLN HA 237 19.35 -71.73 -46.22
C GLN HA 237 19.50 -71.56 -47.72
N TYR HA 238 20.59 -70.92 -48.13
CA TYR HA 238 20.91 -70.68 -49.52
C TYR HA 238 22.25 -71.32 -49.85
N SER HA 239 22.32 -71.91 -51.03
CA SER HA 239 23.49 -72.64 -51.47
C SER HA 239 24.75 -71.77 -51.46
N SER IA 164 30.13 -22.01 -72.23
CA SER IA 164 29.19 -21.33 -71.36
C SER IA 164 28.66 -22.28 -70.28
N MET IA 165 29.55 -23.09 -69.73
CA MET IA 165 29.17 -24.09 -68.74
C MET IA 165 29.77 -23.85 -67.36
N ASP IA 166 30.96 -23.30 -67.28
CA ASP IA 166 31.60 -23.10 -65.99
C ASP IA 166 31.05 -21.86 -65.29
N HIS IA 167 31.17 -21.86 -63.97
CA HIS IA 167 30.78 -20.73 -63.13
C HIS IA 167 29.32 -20.37 -63.36
N GLY IA 168 28.45 -21.33 -63.13
CA GLY IA 168 27.04 -21.15 -63.36
C GLY IA 168 26.34 -20.57 -62.16
N MET IA 169 25.15 -20.07 -62.42
CA MET IA 169 24.33 -19.45 -61.37
C MET IA 169 23.47 -20.49 -60.68
N GLN IA 170 22.99 -20.12 -59.51
CA GLN IA 170 22.10 -20.98 -58.76
C GLN IA 170 20.77 -21.04 -59.49
N TYR IA 171 20.42 -22.23 -59.95
CA TYR IA 171 19.27 -22.47 -60.81
C TYR IA 171 18.06 -22.96 -60.05
N SER IA 172 18.28 -23.73 -58.99
CA SER IA 172 17.24 -24.24 -58.14
C SER IA 172 17.46 -23.70 -56.72
N SER IA 173 16.39 -23.69 -55.94
CA SER IA 173 16.45 -23.17 -54.60
C SER IA 173 16.97 -24.23 -53.63
N ILE IA 174 17.54 -23.75 -52.52
CA ILE IA 174 18.04 -24.59 -51.45
C ILE IA 174 17.19 -24.31 -50.22
N TYR IA 175 16.75 -25.37 -49.56
CA TYR IA 175 15.84 -25.22 -48.44
C TYR IA 175 15.87 -26.46 -47.57
N TRP IA 176 15.31 -26.30 -46.38
CA TRP IA 176 15.15 -27.39 -45.42
C TRP IA 176 13.69 -27.43 -45.01
N GLU IA 177 13.06 -28.57 -45.22
CA GLU IA 177 11.66 -28.72 -44.86
C GLU IA 177 11.50 -28.75 -43.35
N THR IA 178 10.31 -28.36 -42.91
CA THR IA 178 10.05 -28.18 -41.50
C THR IA 178 10.19 -29.53 -40.78
N SER IA 179 10.98 -29.51 -39.70
CA SER IA 179 11.12 -30.63 -38.78
C SER IA 179 11.82 -31.84 -39.39
N HIS IA 180 12.50 -31.67 -40.51
CA HIS IA 180 13.37 -32.74 -41.00
C HIS IA 180 14.63 -32.80 -40.16
N ARG IA 181 15.07 -34.02 -39.86
CA ARG IA 181 16.15 -34.18 -38.92
C ARG IA 181 17.51 -34.02 -39.60
N THR IA 182 18.51 -33.80 -38.76
CA THR IA 182 19.86 -33.46 -39.19
C THR IA 182 20.89 -34.48 -38.75
N TYR IA 183 20.68 -35.15 -37.61
CA TYR IA 183 21.49 -36.26 -37.15
C TYR IA 183 22.92 -35.84 -36.81
N LEU IA 184 23.14 -34.56 -36.55
CA LEU IA 184 24.45 -34.05 -36.21
C LEU IA 184 24.42 -33.35 -34.86
N PRO IA 185 25.28 -33.72 -33.92
CA PRO IA 185 25.33 -32.99 -32.66
C PRO IA 185 26.18 -31.72 -32.74
N PHE IA 186 26.38 -31.05 -31.60
CA PHE IA 186 27.13 -29.81 -31.58
C PHE IA 186 28.64 -29.98 -31.58
N TRP IA 187 29.15 -31.18 -31.30
CA TRP IA 187 30.58 -31.47 -31.37
C TRP IA 187 30.96 -32.18 -32.67
N ALA IA 188 30.08 -32.17 -33.67
CA ALA IA 188 30.33 -32.91 -34.90
C ALA IA 188 31.50 -32.32 -35.68
N SER IA 189 31.72 -31.01 -35.59
CA SER IA 189 32.83 -30.40 -36.30
C SER IA 189 34.17 -30.84 -35.71
N LEU IA 190 34.19 -31.17 -34.42
CA LEU IA 190 35.40 -31.67 -33.79
C LEU IA 190 35.55 -33.18 -33.96
N THR IA 191 34.46 -33.90 -34.17
CA THR IA 191 34.56 -35.28 -34.58
C THR IA 191 35.41 -35.41 -35.84
N GLN IA 192 36.10 -36.55 -35.97
CA GLN IA 192 36.81 -36.87 -37.19
C GLN IA 192 36.86 -38.38 -37.37
N LYS IA 193 37.09 -38.79 -38.62
CA LYS IA 193 37.04 -40.19 -39.01
C LYS IA 193 38.32 -40.91 -38.60
N PHE IA 194 38.33 -42.22 -38.83
CA PHE IA 194 39.50 -43.04 -38.54
C PHE IA 194 39.31 -44.40 -39.18
N SER IA 195 40.39 -44.96 -39.71
CA SER IA 195 40.41 -46.32 -40.19
C SER IA 195 41.54 -47.09 -39.51
N TRP IA 196 41.26 -48.34 -39.18
CA TRP IA 196 42.24 -49.21 -38.56
C TRP IA 196 43.21 -49.83 -39.56
N LYS IA 197 43.12 -49.46 -40.83
CA LYS IA 197 43.85 -50.18 -41.86
C LYS IA 197 45.35 -49.91 -41.78
N ILE IA 198 45.73 -48.66 -41.48
CA ILE IA 198 47.15 -48.34 -41.41
C ILE IA 198 47.81 -49.06 -40.23
N MET IA 199 47.16 -49.00 -39.07
CA MET IA 199 47.63 -49.72 -37.89
C MET IA 199 47.70 -51.22 -38.15
N ASP IA 200 46.68 -51.77 -38.80
CA ASP IA 200 46.68 -53.19 -39.10
C ASP IA 200 47.84 -53.56 -40.01
N ASP IA 201 48.14 -52.70 -40.99
CA ASP IA 201 49.25 -52.97 -41.89
C ASP IA 201 50.57 -52.95 -41.13
N GLN IA 202 50.76 -51.95 -40.28
CA GLN IA 202 51.98 -51.90 -39.48
C GLN IA 202 52.12 -53.14 -38.61
N ILE IA 203 51.04 -53.56 -37.97
CA ILE IA 203 51.10 -54.70 -37.08
C ILE IA 203 51.40 -55.98 -37.86
N ARG IA 204 50.75 -56.15 -39.02
CA ARG IA 204 51.02 -57.31 -39.84
C ARG IA 204 52.48 -57.36 -40.28
N SER IA 205 53.02 -56.21 -40.69
CA SER IA 205 54.41 -56.17 -41.11
C SER IA 205 55.36 -56.49 -39.97
N PHE IA 206 55.02 -56.03 -38.75
CA PHE IA 206 55.92 -56.23 -37.62
C PHE IA 206 55.83 -57.66 -37.09
N LEU IA 207 54.66 -58.27 -37.11
CA LEU IA 207 54.48 -59.61 -36.60
C LEU IA 207 54.63 -60.69 -37.67
N ARG IA 208 54.89 -60.32 -38.92
CA ARG IA 208 55.14 -61.28 -39.98
C ARG IA 208 53.92 -62.18 -40.18
N LEU IA 209 52.76 -61.54 -40.29
CA LEU IA 209 51.51 -62.25 -40.52
C LEU IA 209 51.32 -62.51 -42.01
N PRO IA 210 50.34 -63.34 -42.37
CA PRO IA 210 50.15 -63.67 -43.78
C PRO IA 210 49.89 -62.45 -44.64
N LYS IA 211 50.68 -62.30 -45.67
CA LYS IA 211 50.57 -61.22 -46.63
C LYS IA 211 49.58 -61.60 -47.72
N PRO IA 212 48.95 -60.62 -48.36
CA PRO IA 212 48.18 -60.91 -49.57
C PRO IA 212 49.10 -61.12 -50.77
N VAL IA 213 48.53 -61.75 -51.79
CA VAL IA 213 49.28 -62.04 -53.00
C VAL IA 213 49.48 -60.81 -53.87
N THR IA 214 48.82 -59.70 -53.55
CA THR IA 214 49.03 -58.47 -54.27
C THR IA 214 50.43 -57.89 -54.05
N THR IA 215 51.16 -58.39 -53.06
CA THR IA 215 52.56 -58.00 -52.90
C THR IA 215 53.45 -58.62 -53.97
N GLU IA 216 52.97 -59.66 -54.64
CA GLU IA 216 53.73 -60.32 -55.68
C GLU IA 216 53.30 -59.78 -57.02
N PRO IA 217 54.20 -59.23 -57.85
CA PRO IA 217 53.76 -58.65 -59.11
C PRO IA 217 53.25 -59.65 -60.12
N PHE IA 218 53.79 -60.87 -60.12
CA PHE IA 218 53.29 -61.88 -61.03
C PHE IA 218 51.89 -62.31 -60.61
N VAL IA 219 51.10 -62.71 -61.59
CA VAL IA 219 49.68 -63.02 -61.41
C VAL IA 219 49.44 -64.44 -61.90
N PHE IA 220 49.07 -65.32 -60.98
CA PHE IA 220 48.76 -66.70 -61.28
C PHE IA 220 47.29 -66.95 -61.53
N SER IA 221 46.46 -65.91 -61.49
CA SER IA 221 45.02 -66.06 -61.59
C SER IA 221 44.53 -66.20 -63.01
N SER IA 222 45.43 -66.34 -63.99
CA SER IA 222 45.04 -66.67 -65.34
C SER IA 222 46.16 -67.43 -66.02
N GLY IA 223 45.86 -67.94 -67.21
CA GLY IA 223 46.85 -68.70 -67.95
C GLY IA 223 47.81 -67.82 -68.71
N SER IA 224 47.35 -66.68 -69.19
CA SER IA 224 48.19 -65.76 -69.91
C SER IA 224 48.95 -64.86 -68.93
N PRO IA 225 50.14 -64.40 -69.31
CA PRO IA 225 50.99 -63.67 -68.35
C PRO IA 225 50.45 -62.28 -68.05
N TYR IA 226 50.29 -61.99 -66.76
CA TYR IA 226 49.92 -60.68 -66.27
C TYR IA 226 50.94 -60.22 -65.24
N ILE IA 227 51.20 -58.91 -65.22
CA ILE IA 227 52.11 -58.29 -64.27
C ILE IA 227 51.40 -57.13 -63.62
N ARG IA 228 51.56 -56.98 -62.31
CA ARG IA 228 50.90 -55.89 -61.60
C ARG IA 228 51.65 -54.58 -61.77
N ARG IA 229 50.90 -53.52 -62.01
CA ARG IA 229 51.40 -52.16 -62.01
C ARG IA 229 50.88 -51.48 -60.77
N TYR IA 230 51.79 -50.96 -59.96
CA TYR IA 230 51.46 -50.39 -58.66
C TYR IA 230 51.45 -48.87 -58.75
N PHE IA 231 50.46 -48.26 -58.09
CA PHE IA 231 50.37 -46.81 -58.01
C PHE IA 231 50.83 -46.35 -56.62
N GLY IA 232 52.14 -46.35 -56.44
CA GLY IA 232 52.75 -45.83 -55.24
C GLY IA 232 52.54 -46.64 -53.99
N ASP IA 233 51.89 -47.79 -54.08
CA ASP IA 233 51.57 -48.58 -52.90
C ASP IA 233 51.13 -49.95 -53.35
N ALA IA 234 51.41 -50.95 -52.51
CA ALA IA 234 51.03 -52.32 -52.81
C ALA IA 234 49.53 -52.53 -52.73
N ASP IA 235 48.81 -51.64 -52.05
CA ASP IA 235 47.36 -51.75 -51.97
C ASP IA 235 46.66 -51.32 -53.25
N ILE IA 236 47.33 -50.55 -54.11
CA ILE IA 236 46.72 -49.99 -55.31
C ILE IA 236 47.49 -50.53 -56.49
N SER IA 237 46.89 -51.50 -57.20
CA SER IA 237 47.54 -52.15 -58.33
C SER IA 237 46.50 -52.48 -59.38
N VAL IA 238 46.98 -52.69 -60.60
CA VAL IA 238 46.16 -53.22 -61.69
C VAL IA 238 46.99 -54.26 -62.44
N PRO IA 239 46.43 -55.41 -62.79
CA PRO IA 239 47.17 -56.33 -63.67
C PRO IA 239 47.12 -55.91 -65.12
N VAL IA 240 48.26 -56.08 -65.79
CA VAL IA 240 48.47 -55.69 -67.18
C VAL IA 240 48.97 -56.92 -67.92
N PRO IA 241 48.37 -57.29 -69.05
CA PRO IA 241 48.84 -58.46 -69.78
C PRO IA 241 50.11 -58.16 -70.56
N LEU IA 242 50.96 -59.18 -70.66
CA LEU IA 242 52.25 -59.04 -71.32
C LEU IA 242 52.23 -59.50 -72.77
N HIS IA 243 51.42 -60.49 -73.09
CA HIS IA 243 51.42 -61.02 -74.45
C HIS IA 243 50.99 -59.97 -75.46
N ALA IA 244 51.58 -60.03 -76.63
CA ALA IA 244 51.07 -59.36 -77.81
C ALA IA 244 50.23 -60.38 -78.55
N PRO IA 245 48.93 -60.44 -78.29
CA PRO IA 245 48.15 -61.60 -78.74
C PRO IA 245 48.03 -61.64 -80.25
N ALA IA 246 48.24 -62.83 -80.80
CA ALA IA 246 48.01 -63.05 -82.22
C ALA IA 246 46.54 -63.37 -82.44
N HIS IA 247 45.95 -62.74 -83.45
CA HIS IA 247 44.58 -62.96 -83.80
C HIS IA 247 44.50 -63.62 -85.17
N PHE IA 248 43.38 -64.27 -85.43
CA PHE IA 248 43.22 -65.13 -86.59
C PHE IA 248 41.84 -64.95 -87.18
N ALA IA 249 41.77 -65.10 -88.50
CA ALA IA 249 40.53 -64.91 -89.25
C ALA IA 249 40.42 -66.01 -90.29
N PHE IA 250 39.41 -66.86 -90.15
CA PHE IA 250 39.15 -67.92 -91.11
C PHE IA 250 38.24 -67.40 -92.23
N VAL IA 251 38.72 -66.35 -92.86
CA VAL IA 251 37.92 -65.55 -93.78
C VAL IA 251 38.72 -65.34 -95.07
N PRO IA 252 38.08 -65.38 -96.24
CA PRO IA 252 38.76 -64.97 -97.46
C PRO IA 252 38.62 -63.48 -97.75
N THR IA 253 39.66 -62.93 -98.35
CA THR IA 253 39.73 -61.51 -98.65
C THR IA 253 39.10 -61.20 -100.00
N GLY IA 254 38.50 -60.02 -100.08
CA GLY IA 254 37.98 -59.52 -101.33
C GLY IA 254 36.70 -60.15 -101.80
N THR IA 255 35.96 -60.78 -100.90
CA THR IA 255 34.74 -61.49 -101.25
C THR IA 255 33.50 -60.68 -100.94
N VAL IA 256 33.66 -59.44 -100.51
CA VAL IA 256 32.55 -58.65 -99.99
C VAL IA 256 32.79 -57.19 -100.35
N SER IA 257 31.74 -56.52 -100.82
CA SER IA 257 31.75 -55.09 -101.12
C SER IA 257 30.48 -54.50 -100.50
N PRO IA 258 30.50 -54.16 -99.22
CA PRO IA 258 29.26 -53.79 -98.55
C PRO IA 258 28.66 -52.48 -99.04
N TRP IA 259 29.49 -51.54 -99.51
CA TRP IA 259 28.95 -50.29 -100.00
C TRP IA 259 28.05 -50.50 -101.21
N GLU IA 260 28.36 -51.49 -102.04
CA GLU IA 260 27.55 -51.77 -103.21
C GLU IA 260 26.23 -52.41 -102.81
N GLU IA 261 25.14 -51.89 -103.36
CA GLU IA 261 23.86 -52.56 -103.26
C GLU IA 261 23.86 -53.78 -104.19
N THR IA 262 23.61 -54.96 -103.62
CA THR IA 262 23.72 -56.20 -104.36
C THR IA 262 22.39 -56.77 -104.81
N GLY IA 263 21.28 -56.30 -104.24
CA GLY IA 263 19.97 -56.71 -104.71
C GLY IA 263 19.64 -56.26 -106.11
N MET IA 264 20.37 -55.27 -106.64
CA MET IA 264 20.07 -54.73 -107.96
C MET IA 264 20.88 -55.39 -109.06
N GLU IA 265 22.07 -55.89 -108.74
CA GLU IA 265 22.90 -56.52 -109.75
C GLU IA 265 22.38 -57.93 -110.05
N THR IA 266 22.52 -58.33 -111.31
CA THR IA 266 22.04 -59.62 -111.76
C THR IA 266 23.17 -60.65 -111.59
N GLY IA 267 22.87 -61.72 -110.87
CA GLY IA 267 23.85 -62.76 -110.64
C GLY IA 267 23.57 -63.56 -109.39
N PRO IA 268 24.41 -64.57 -109.15
CA PRO IA 268 24.24 -65.37 -107.93
C PRO IA 268 24.42 -64.57 -106.65
N GLN IA 269 25.45 -63.72 -106.62
CA GLN IA 269 25.67 -62.86 -105.46
C GLN IA 269 24.46 -61.97 -105.23
N GLY IA 270 23.84 -61.50 -106.31
CA GLY IA 270 22.69 -60.63 -106.16
C GLY IA 270 21.47 -61.36 -105.65
N ALA IA 271 21.22 -62.56 -106.18
CA ALA IA 271 20.08 -63.34 -105.70
C ALA IA 271 20.24 -63.74 -104.25
N ALA IA 272 21.48 -64.03 -103.85
CA ALA IA 272 21.78 -64.42 -102.47
C ALA IA 272 21.84 -63.25 -101.51
N ALA IA 273 22.10 -62.03 -101.99
CA ALA IA 273 21.89 -60.85 -101.17
C ALA IA 273 20.42 -60.52 -101.07
N ARG IA 274 19.67 -60.89 -102.11
CA ARG IA 274 18.26 -61.16 -102.00
C ARG IA 274 18.17 -62.56 -101.41
N GLY IA 275 17.02 -63.22 -101.55
CA GLY IA 275 16.73 -64.42 -100.83
C GLY IA 275 16.39 -65.59 -101.75
N ALA IA 276 16.35 -66.77 -101.15
CA ALA IA 276 15.82 -67.93 -101.83
C ALA IA 276 14.31 -67.83 -102.04
N ALA IA 277 13.63 -67.06 -101.20
CA ALA IA 277 12.18 -66.88 -101.35
C ALA IA 277 11.88 -66.06 -102.60
N ALA IA 278 12.58 -64.94 -102.78
CA ALA IA 278 12.40 -64.13 -103.97
C ALA IA 278 12.80 -64.90 -105.22
N THR IA 279 13.88 -65.67 -105.15
CA THR IA 279 14.32 -66.44 -106.30
C THR IA 279 13.28 -67.52 -106.65
N ALA IA 280 12.70 -68.15 -105.64
CA ALA IA 280 11.67 -69.14 -105.88
C ALA IA 280 10.43 -68.50 -106.50
N PHE IA 281 10.03 -67.33 -105.98
CA PHE IA 281 8.91 -66.62 -106.56
C PHE IA 281 9.17 -66.28 -108.02
N ARG IA 282 10.38 -65.82 -108.32
CA ARG IA 282 10.76 -65.52 -109.69
C ARG IA 282 10.68 -66.74 -110.58
N ALA IA 283 11.12 -67.89 -110.05
CA ALA IA 283 11.05 -69.14 -110.81
C ALA IA 283 9.60 -69.54 -111.07
N VAL IA 284 8.72 -69.33 -110.09
CA VAL IA 284 7.32 -69.68 -110.27
C VAL IA 284 6.68 -68.81 -111.34
N LEU IA 285 6.94 -67.51 -111.27
CA LEU IA 285 6.46 -66.62 -112.32
C LEU IA 285 6.99 -67.04 -113.68
N GLU IA 286 8.26 -67.44 -113.72
CA GLU IA 286 8.88 -67.93 -114.94
C GLU IA 286 8.12 -69.12 -115.51
N SER IA 287 7.78 -70.07 -114.65
CA SER IA 287 7.08 -71.27 -115.09
C SER IA 287 5.69 -70.94 -115.62
N ALA IA 288 4.96 -70.10 -114.91
CA ALA IA 288 3.61 -69.73 -115.35
C ALA IA 288 3.67 -68.99 -116.69
N TRP IA 289 4.60 -68.05 -116.83
CA TRP IA 289 4.79 -67.35 -118.09
C TRP IA 289 5.12 -68.33 -119.21
N LYS IA 290 5.94 -69.33 -118.93
CA LYS IA 290 6.30 -70.30 -119.94
C LYS IA 290 5.07 -71.11 -120.37
N CYS IA 291 4.21 -71.46 -119.42
CA CYS IA 291 2.97 -72.14 -119.78
C CYS IA 291 2.13 -71.29 -120.72
N ASP IA 292 1.93 -70.02 -120.38
CA ASP IA 292 1.12 -69.14 -121.22
C ASP IA 292 1.73 -69.00 -122.62
N ILE IA 293 3.05 -68.80 -122.69
CA ILE IA 293 3.68 -68.60 -123.99
C ILE IA 293 3.69 -69.89 -124.80
N ASP IA 294 3.73 -71.04 -124.15
CA ASP IA 294 3.60 -72.30 -124.87
C ASP IA 294 2.22 -72.43 -125.50
N GLU IA 295 1.18 -72.05 -124.75
CA GLU IA 295 -0.16 -72.04 -125.32
C GLU IA 295 -0.24 -71.11 -126.54
N GLN IA 296 0.32 -69.91 -126.41
CA GLN IA 296 0.27 -68.97 -127.53
C GLN IA 296 1.02 -69.51 -128.73
N ILE IA 297 2.19 -70.12 -128.52
CA ILE IA 297 2.94 -70.72 -129.62
C ILE IA 297 2.10 -71.81 -130.28
N LYS IA 298 1.44 -72.64 -129.49
CA LYS IA 298 0.65 -73.73 -130.04
C LYS IA 298 -0.45 -73.19 -130.94
N GLU IA 299 -1.22 -72.21 -130.44
CA GLU IA 299 -2.32 -71.69 -131.25
C GLU IA 299 -1.81 -70.92 -132.46
N LYS IA 300 -0.64 -70.28 -132.35
CA LYS IA 300 -0.11 -69.57 -133.51
C LYS IA 300 0.33 -70.53 -134.59
N LEU IA 301 0.97 -71.63 -134.23
CA LEU IA 301 1.55 -72.54 -135.20
C LEU IA 301 0.58 -73.59 -135.71
N HIS IA 302 -0.54 -73.82 -135.01
CA HIS IA 302 -1.59 -74.65 -135.58
C HIS IA 302 -2.26 -73.96 -136.76
N SER IA 303 -2.40 -72.64 -136.71
CA SER IA 303 -2.91 -71.89 -137.85
C SER IA 303 -1.98 -72.01 -139.04
N SER JA 2 -3.73 -60.33 -16.40
CA SER JA 2 -3.72 -61.52 -17.23
C SER JA 2 -3.41 -61.17 -18.67
N THR JA 3 -4.43 -60.74 -19.41
CA THR JA 3 -4.31 -60.43 -20.82
C THR JA 3 -5.21 -59.24 -21.15
N SER JA 4 -5.20 -58.86 -22.42
CA SER JA 4 -6.01 -57.76 -22.92
C SER JA 4 -5.90 -57.68 -24.42
N PRO JA 5 -6.77 -56.91 -25.08
CA PRO JA 5 -6.64 -56.76 -26.54
C PRO JA 5 -5.36 -56.08 -26.96
N GLY JA 6 -4.85 -55.16 -26.14
CA GLY JA 6 -3.61 -54.48 -26.47
C GLY JA 6 -2.39 -55.36 -26.45
N LEU JA 7 -2.49 -56.54 -25.84
CA LEU JA 7 -1.38 -57.48 -25.77
C LEU JA 7 -1.48 -58.57 -26.83
N ALA JA 8 -2.27 -58.36 -27.88
CA ALA JA 8 -2.40 -59.38 -28.90
C ALA JA 8 -1.08 -59.61 -29.63
N PHE JA 9 -0.33 -58.54 -29.87
CA PHE JA 9 0.98 -58.67 -30.50
C PHE JA 9 1.87 -59.63 -29.70
N ALA JA 10 2.03 -59.33 -28.40
CA ALA JA 10 2.91 -60.13 -27.57
C ALA JA 10 2.39 -61.56 -27.41
N ASN JA 11 1.07 -61.71 -27.27
CA ASN JA 11 0.50 -63.05 -27.14
C ASN JA 11 0.78 -63.89 -28.37
N LEU JA 12 0.52 -63.35 -29.55
CA LEU JA 12 0.78 -64.08 -30.79
C LEU JA 12 2.26 -64.41 -30.91
N THR JA 13 3.12 -63.42 -30.67
CA THR JA 13 4.55 -63.63 -30.81
C THR JA 13 5.03 -64.74 -29.88
N LEU JA 14 4.61 -64.69 -28.62
CA LEU JA 14 5.00 -65.71 -27.66
C LEU JA 14 4.50 -67.08 -28.09
N LEU JA 15 3.19 -67.20 -28.33
CA LEU JA 15 2.61 -68.49 -28.68
C LEU JA 15 3.30 -69.11 -29.89
N LEU JA 16 3.71 -68.29 -30.84
CA LEU JA 16 4.30 -68.81 -32.07
C LEU JA 16 5.82 -69.00 -31.99
N ASP JA 17 6.49 -68.33 -31.06
CA ASP JA 17 7.95 -68.33 -31.02
C ASP JA 17 8.55 -69.13 -29.88
N VAL JA 18 7.96 -69.16 -28.69
CA VAL JA 18 8.57 -69.92 -27.59
C VAL JA 18 8.54 -71.41 -27.85
N PRO JA 19 7.59 -71.96 -28.63
CA PRO JA 19 7.72 -73.37 -29.02
C PRO JA 19 8.86 -73.63 -29.98
N GLN JA 20 9.33 -72.62 -30.71
CA GLN JA 20 10.39 -72.77 -31.67
C GLN JA 20 11.78 -72.78 -31.04
N LEU JA 21 11.89 -72.39 -29.78
CA LEU JA 21 13.18 -72.26 -29.13
C LEU JA 21 13.88 -73.61 -28.97
N PRO JA 22 13.15 -74.67 -28.61
CA PRO JA 22 13.75 -76.00 -28.67
C PRO JA 22 14.34 -76.34 -30.03
N ALA JA 23 13.61 -76.05 -31.11
CA ALA JA 23 14.10 -76.33 -32.44
C ALA JA 23 15.33 -75.48 -32.77
N ILE JA 24 15.33 -74.24 -32.30
CA ILE JA 24 16.48 -73.36 -32.54
C ILE JA 24 17.72 -73.91 -31.84
N TRP JA 25 17.57 -74.32 -30.59
CA TRP JA 25 18.70 -74.89 -29.85
C TRP JA 25 19.17 -76.18 -30.50
N ALA JA 26 18.23 -76.99 -30.99
CA ALA JA 26 18.60 -78.22 -31.68
C ALA JA 26 19.39 -77.93 -32.94
N VAL JA 27 18.97 -76.92 -33.69
CA VAL JA 27 19.69 -76.52 -34.89
C VAL JA 27 21.11 -76.08 -34.55
N ASN JA 28 21.25 -75.29 -33.49
CA ASN JA 28 22.56 -74.85 -33.06
C ASN JA 28 23.46 -76.03 -32.69
N ALA JA 29 22.90 -76.99 -31.95
CA ALA JA 29 23.67 -78.16 -31.57
C ALA JA 29 24.09 -78.99 -32.78
N TRP JA 30 23.17 -79.17 -33.73
CA TRP JA 30 23.49 -79.89 -34.95
C TRP JA 30 24.62 -79.21 -35.71
N ARG JA 31 24.58 -77.87 -35.75
CA ARG JA 31 25.63 -77.13 -36.42
C ARG JA 31 26.98 -77.34 -35.75
N GLU JA 32 27.01 -77.29 -34.41
CA GLU JA 32 28.28 -77.53 -33.73
C GLU JA 32 28.80 -78.93 -34.00
N LEU JA 33 27.90 -79.92 -34.03
CA LEU JA 33 28.36 -81.29 -34.27
C LEU JA 33 28.90 -81.46 -35.68
N ASN JA 34 28.24 -80.83 -36.66
CA ASN JA 34 28.74 -80.87 -38.02
C ASN JA 34 30.10 -80.20 -38.13
N GLY JA 35 30.28 -79.08 -37.44
CA GLY JA 35 31.59 -78.44 -37.43
C GLY JA 35 32.66 -79.31 -36.77
N LEU JA 36 32.30 -79.98 -35.69
CA LEU JA 36 33.23 -80.88 -35.02
C LEU JA 36 33.66 -82.01 -35.95
N PHE JA 37 32.69 -82.63 -36.62
CA PHE JA 37 33.01 -83.73 -37.53
C PHE JA 37 33.86 -83.25 -38.69
N THR JA 38 33.55 -82.07 -39.23
CA THR JA 38 34.34 -81.52 -40.31
C THR JA 38 35.79 -81.28 -39.87
N GLU JA 39 35.97 -80.75 -38.66
CA GLU JA 39 37.33 -80.48 -38.20
C GLU JA 39 38.08 -81.77 -37.90
N MET JA 40 37.38 -82.78 -37.40
CA MET JA 40 38.04 -84.07 -37.17
C MET JA 40 38.46 -84.69 -38.50
N LYS JA 41 37.62 -84.59 -39.53
CA LYS JA 41 38.00 -85.06 -40.85
C LYS JA 41 39.21 -84.32 -41.37
N THR JA 42 39.23 -83.00 -41.22
CA THR JA 42 40.36 -82.21 -41.67
C THR JA 42 41.64 -82.60 -40.94
N LEU JA 43 41.55 -82.83 -39.64
CA LEU JA 43 42.72 -83.27 -38.89
C LEU JA 43 43.20 -84.64 -39.37
N ALA JA 44 42.26 -85.55 -39.64
CA ALA JA 44 42.63 -86.86 -40.15
C ALA JA 44 43.39 -86.72 -41.46
N GLY JA 45 42.89 -85.88 -42.36
CA GLY JA 45 43.58 -85.60 -43.62
C GLY JA 45 42.65 -85.75 -44.80
N THR JA 46 42.92 -84.95 -45.83
CA THR JA 46 42.12 -84.93 -47.04
C THR JA 46 43.04 -84.78 -48.25
N SER JA 47 42.60 -85.32 -49.38
CA SER JA 47 43.32 -85.12 -50.63
C SER JA 47 43.27 -83.65 -51.04
N ASP JA 48 42.07 -83.14 -51.26
CA ASP JA 48 41.85 -81.71 -51.44
C ASP JA 48 41.27 -81.11 -50.17
N LEU JA 49 41.43 -79.80 -50.04
CA LEU JA 49 41.05 -79.11 -48.82
C LEU JA 49 39.53 -79.14 -48.64
N LEU JA 50 39.11 -78.75 -47.44
CA LEU JA 50 37.71 -78.54 -47.11
C LEU JA 50 37.52 -77.11 -46.64
N TYR JA 51 36.52 -76.44 -47.20
CA TYR JA 51 36.12 -75.14 -46.72
C TYR JA 51 35.22 -75.32 -45.50
N PRO JA 52 35.59 -74.84 -44.31
CA PRO JA 52 34.82 -75.17 -43.11
C PRO JA 52 33.44 -74.56 -43.08
N SER JA 53 33.35 -73.26 -43.32
CA SER JA 53 32.11 -72.52 -43.18
C SER JA 53 31.29 -72.53 -44.45
N ASN JA 54 31.52 -73.50 -45.34
CA ASN JA 54 30.76 -73.63 -46.57
C ASN JA 54 29.72 -74.73 -46.43
N ARG JA 55 28.66 -74.61 -47.23
CA ARG JA 55 27.53 -75.51 -47.13
C ARG JA 55 27.91 -76.94 -47.49
N TYR JA 56 28.56 -77.12 -48.63
CA TYR JA 56 28.81 -78.44 -49.19
C TYR JA 56 30.20 -78.46 -49.81
N ASN JA 57 30.91 -79.57 -49.60
CA ASN JA 57 32.27 -79.75 -50.08
C ASN JA 57 32.35 -81.04 -50.88
N PRO JA 58 32.06 -81.01 -52.17
CA PRO JA 58 32.09 -82.23 -52.98
C PRO JA 58 33.45 -82.62 -53.54
N GLN JA 59 34.49 -81.85 -53.30
CA GLN JA 59 35.75 -82.07 -53.98
C GLN JA 59 36.42 -83.37 -53.53
N ASN JA 60 36.94 -84.11 -54.50
CA ASN JA 60 37.70 -85.32 -54.24
C ASN JA 60 38.70 -85.47 -55.37
N GLU JA 61 39.25 -86.67 -55.52
CA GLU JA 61 40.25 -86.90 -56.55
C GLU JA 61 39.68 -86.76 -57.96
N LYS JA 62 38.38 -87.05 -58.13
CA LYS JA 62 37.74 -87.06 -59.43
C LYS JA 62 36.70 -85.96 -59.58
N THR JA 63 36.63 -85.01 -58.65
CA THR JA 63 35.55 -84.04 -58.62
C THR JA 63 36.08 -82.67 -58.22
N ASN JA 64 35.62 -81.64 -58.93
CA ASN JA 64 35.99 -80.27 -58.65
C ASN JA 64 35.37 -79.79 -57.34
N ARG JA 65 35.75 -78.58 -56.94
CA ARG JA 65 35.12 -77.89 -55.83
C ARG JA 65 33.78 -77.29 -56.17
N MET JA 66 33.23 -77.59 -57.35
CA MET JA 66 31.88 -77.18 -57.69
C MET JA 66 31.05 -78.36 -58.21
N GLY JA 67 31.51 -79.58 -57.98
CA GLY JA 67 30.76 -80.77 -58.30
C GLY JA 67 30.96 -81.31 -59.69
N ARG JA 68 31.80 -80.69 -60.49
CA ARG JA 68 32.05 -81.17 -61.83
C ARG JA 68 33.28 -82.07 -61.84
N PRO JA 69 33.47 -82.86 -62.89
CA PRO JA 69 34.70 -83.65 -62.99
C PRO JA 69 35.92 -82.77 -63.21
N ARG JA 70 37.05 -83.23 -62.67
CA ARG JA 70 38.29 -82.49 -62.81
C ARG JA 70 38.83 -82.60 -64.23
N LYS JA 71 39.25 -81.47 -64.77
CA LYS JA 71 39.89 -81.45 -66.08
C LYS JA 71 41.35 -81.88 -65.98
N TYR JA 72 41.80 -82.63 -66.97
CA TYR JA 72 43.21 -83.04 -67.06
C TYR JA 72 43.60 -83.91 -65.87
N ASN JA 73 42.73 -84.85 -65.50
CA ASN JA 73 42.92 -85.70 -64.34
C ASN JA 73 43.05 -87.17 -64.71
N HIS JA 74 43.24 -87.49 -65.99
CA HIS JA 74 43.30 -88.88 -66.42
C HIS JA 74 44.67 -89.49 -66.16
N GLY JA 75 45.74 -88.70 -66.33
CA GLY JA 75 47.08 -89.17 -66.13
C GLY JA 75 47.62 -88.84 -64.75
N GLU JA 76 48.90 -89.13 -64.56
CA GLU JA 76 49.59 -88.84 -63.31
C GLU JA 76 50.67 -87.78 -63.54
N TRP JA 77 50.98 -87.05 -62.47
CA TRP JA 77 51.83 -85.88 -62.55
C TRP JA 77 52.98 -85.99 -61.58
N MET JA 78 54.14 -85.49 -62.00
CA MET JA 78 55.36 -85.66 -61.22
C MET JA 78 55.27 -84.96 -59.86
N PHE JA 79 54.64 -83.79 -59.82
CA PHE JA 79 54.48 -83.06 -58.57
C PHE JA 79 53.30 -83.54 -57.76
N GLY JA 80 52.66 -84.63 -58.16
CA GLY JA 80 51.64 -85.26 -57.35
C GLY JA 80 50.24 -84.82 -57.76
N ASN JA 81 49.41 -84.47 -56.77
CA ASN JA 81 48.08 -83.98 -57.06
C ASN JA 81 48.15 -82.69 -57.84
N SER JA 82 47.14 -82.47 -58.68
CA SER JA 82 47.05 -81.29 -59.50
C SER JA 82 46.44 -80.11 -58.76
N TYR JA 83 46.46 -80.14 -57.44
CA TYR JA 83 45.76 -79.15 -56.63
C TYR JA 83 46.36 -79.07 -55.22
N TYR KA 83 13.26 -21.00 -1.79
CA TYR KA 83 13.35 -20.41 -0.46
C TYR KA 83 12.14 -20.78 0.37
N ALA KA 84 12.32 -20.82 1.69
CA ALA KA 84 11.25 -21.22 2.58
C ALA KA 84 10.18 -20.12 2.68
N THR KA 85 8.96 -20.56 2.91
CA THR KA 85 7.82 -19.66 3.12
C THR KA 85 7.73 -19.33 4.60
N LEU KA 86 8.26 -18.18 4.99
CA LEU KA 86 8.20 -17.75 6.37
C LEU KA 86 6.88 -17.02 6.64
N GLY KA 87 6.52 -16.98 7.91
CA GLY KA 87 5.29 -16.35 8.35
C GLY KA 87 4.56 -17.23 9.35
N SER KA 88 3.90 -16.58 10.30
CA SER KA 88 3.10 -17.25 11.33
C SER KA 88 1.63 -17.34 10.97
N GLY KA 89 1.26 -17.03 9.74
CA GLY KA 89 -0.14 -16.88 9.35
C GLY KA 89 -0.71 -18.13 8.72
N TRP KA 90 -1.94 -18.44 9.09
CA TRP KA 90 -2.68 -19.57 8.56
C TRP KA 90 -3.60 -19.19 7.42
N SER KA 91 -3.53 -17.96 6.95
CA SER KA 91 -4.43 -17.46 5.92
C SER KA 91 -3.95 -17.94 4.57
N PHE KA 92 -4.74 -18.78 3.92
CA PHE KA 92 -4.47 -19.21 2.55
C PHE KA 92 -4.72 -18.03 1.62
N SER KA 93 -3.63 -17.41 1.14
CA SER KA 93 -3.71 -16.18 0.38
C SER KA 93 -3.15 -16.38 -1.01
N LYS KA 94 -3.94 -16.03 -2.01
CA LYS KA 94 -3.52 -16.00 -3.40
C LYS KA 94 -3.76 -14.59 -3.93
N VAL KA 95 -3.16 -14.29 -5.06
CA VAL KA 95 -3.19 -12.94 -5.62
C VAL KA 95 -3.67 -12.99 -7.05
N GLN KA 96 -4.31 -11.90 -7.46
CA GLN KA 96 -4.63 -11.65 -8.86
C GLN KA 96 -3.83 -10.44 -9.32
N TYR KA 97 -3.41 -10.47 -10.57
CA TYR KA 97 -2.56 -9.43 -11.13
C TYR KA 97 -3.39 -8.45 -11.97
N THR KA 98 -2.85 -7.26 -12.11
CA THR KA 98 -3.39 -6.21 -12.96
C THR KA 98 -2.52 -6.06 -14.19
N LYS KA 99 -2.83 -5.05 -15.01
CA LYS KA 99 -2.00 -4.71 -16.16
C LYS KA 99 -1.15 -3.46 -15.90
N TYR KA 100 -0.93 -3.13 -14.63
CA TYR KA 100 -0.18 -1.96 -14.24
C TYR KA 100 0.98 -2.39 -13.36
N ARG KA 101 2.06 -1.63 -13.44
CA ARG KA 101 3.28 -1.92 -12.71
C ARG KA 101 3.32 -1.11 -11.42
N ILE KA 102 4.10 -1.63 -10.47
CA ILE KA 102 4.26 -0.95 -9.19
C ILE KA 102 5.09 0.30 -9.39
N THR KA 103 4.64 1.40 -8.79
CA THR KA 103 5.27 2.70 -8.94
C THR KA 103 5.59 3.26 -7.57
N LYS KA 104 6.83 3.67 -7.40
CA LYS KA 104 7.33 4.27 -6.18
C LYS KA 104 7.79 5.69 -6.47
N PRO KA 105 7.97 6.52 -5.45
CA PRO KA 105 8.36 7.90 -5.69
C PRO KA 105 9.73 7.99 -6.32
N TRP KA 106 9.92 9.03 -7.12
CA TRP KA 106 11.17 9.22 -7.84
C TRP KA 106 12.33 9.45 -6.89
N THR KA 107 13.44 8.76 -7.15
CA THR KA 107 14.69 9.00 -6.48
C THR KA 107 15.82 8.83 -7.48
N THR KA 108 16.84 9.66 -7.35
CA THR KA 108 17.97 9.66 -8.27
C THR KA 108 19.06 8.68 -7.86
N ASP KA 109 18.95 8.10 -6.66
CA ASP KA 109 19.99 7.24 -6.11
C ASP KA 109 19.49 5.86 -5.69
N THR KA 110 18.19 5.67 -5.52
CA THR KA 110 17.66 4.42 -5.00
C THR KA 110 16.76 3.75 -6.03
N THR KA 111 16.56 2.46 -5.83
CA THR KA 111 15.68 1.65 -6.65
C THR KA 111 15.04 0.59 -5.79
N PHE KA 112 13.78 0.28 -6.06
CA PHE KA 112 13.02 -0.68 -5.27
C PHE KA 112 13.03 -2.05 -5.92
N ASP KA 113 13.17 -3.09 -5.11
CA ASP KA 113 13.25 -4.44 -5.63
C ASP KA 113 12.79 -5.43 -4.58
N ASP KA 114 12.61 -6.68 -5.02
CA ASP KA 114 12.21 -7.75 -4.12
C ASP KA 114 13.43 -8.31 -3.42
N ILE KA 115 13.28 -8.56 -2.11
CA ILE KA 115 14.44 -8.93 -1.31
C ILE KA 115 14.94 -10.32 -1.72
N ILE KA 116 14.03 -11.24 -2.01
CA ILE KA 116 14.44 -12.60 -2.32
C ILE KA 116 15.05 -12.68 -3.72
N LEU KA 117 14.58 -11.83 -4.64
CA LEU KA 117 15.11 -11.86 -5.99
C LEU KA 117 16.43 -11.11 -6.09
N SER KA 118 16.58 -10.03 -5.32
CA SER KA 118 17.81 -9.26 -5.31
C SER KA 118 18.92 -9.97 -4.54
N GLN KA 119 18.57 -10.63 -3.44
CA GLN KA 119 19.55 -11.15 -2.50
C GLN KA 119 20.52 -10.04 -2.05
N PRO KA 120 20.00 -8.94 -1.51
CA PRO KA 120 20.85 -7.78 -1.26
C PRO KA 120 21.77 -7.97 -0.08
N SER KA 121 22.89 -7.26 -0.11
CA SER KA 121 23.81 -7.18 1.00
C SER KA 121 23.65 -5.85 1.74
N LYS KA 122 24.39 -5.74 2.84
CA LYS KA 122 24.22 -4.62 3.74
C LYS KA 122 24.58 -3.30 3.07
N GLU KA 123 25.61 -3.32 2.21
CA GLU KA 123 26.00 -2.12 1.50
C GLU KA 123 25.12 -1.87 0.28
N ASP KA 124 24.47 -2.91 -0.23
CA ASP KA 124 23.49 -2.72 -1.30
C ASP KA 124 22.24 -2.05 -0.76
N PHE KA 125 21.92 -2.27 0.50
CA PHE KA 125 20.82 -1.56 1.13
C PHE KA 125 21.10 -0.06 1.19
N ALA KA 126 20.02 0.72 1.06
CA ALA KA 126 20.12 2.17 1.08
C ALA KA 126 19.99 2.70 2.50
N LYS KA 127 20.63 3.85 2.74
CA LYS KA 127 20.77 4.42 4.07
C LYS KA 127 20.01 5.74 4.14
N PHE KA 128 19.44 6.02 5.32
CA PHE KA 128 18.84 7.31 5.59
C PHE KA 128 19.09 7.68 7.04
N THR KA 129 18.77 8.93 7.37
CA THR KA 129 18.91 9.46 8.73
C THR KA 129 17.57 9.48 9.43
N LYS KA 130 17.53 8.91 10.62
CA LYS KA 130 16.33 8.78 11.43
C LYS KA 130 16.44 9.66 12.67
N GLU KA 131 15.32 10.25 13.07
CA GLU KA 131 15.28 11.12 14.23
C GLU KA 131 15.28 10.30 15.53
N ALA KA 132 16.22 10.61 16.40
CA ALA KA 132 16.51 9.91 17.65
C ALA KA 132 15.62 10.21 18.85
N PRO KA 133 15.26 11.48 19.10
CA PRO KA 133 14.84 11.86 20.48
C PRO KA 133 13.72 11.01 21.07
N LEU KA 134 12.73 10.66 20.26
CA LEU KA 134 11.62 9.85 20.77
C LEU KA 134 12.13 8.50 21.27
N PHE KA 135 13.07 7.91 20.55
CA PHE KA 135 13.66 6.67 21.01
C PHE KA 135 14.65 6.88 22.15
N LEU KA 136 15.37 7.99 22.14
CA LEU KA 136 16.41 8.22 23.13
C LEU KA 136 15.83 8.45 24.51
N ARG KA 137 14.65 9.06 24.59
CA ARG KA 137 13.99 9.20 25.89
C ARG KA 137 13.70 7.83 26.51
N PHE KA 138 13.01 6.98 25.76
CA PHE KA 138 12.72 5.63 26.21
C PHE KA 138 14.00 4.86 26.54
N LEU KA 139 15.04 5.08 25.75
CA LEU KA 139 16.30 4.38 25.99
C LEU KA 139 16.93 4.84 27.30
N LYS KA 140 16.89 6.14 27.58
CA LYS KA 140 17.40 6.65 28.84
C LYS KA 140 16.66 6.03 30.00
N LEU KA 141 15.34 5.98 29.91
CA LEU KA 141 14.55 5.32 30.95
C LEU KA 141 14.97 3.87 31.14
N VAL KA 142 15.03 3.11 30.05
CA VAL KA 142 15.35 1.68 30.14
C VAL KA 142 16.74 1.48 30.72
N THR KA 143 17.70 2.31 30.33
CA THR KA 143 19.06 2.16 30.83
C THR KA 143 19.17 2.58 32.29
N ASP KA 144 18.39 3.58 32.70
CA ASP KA 144 18.39 3.96 34.10
C ASP KA 144 17.82 2.84 34.97
N VAL KA 145 16.88 2.07 34.43
CA VAL KA 145 16.39 0.91 35.15
C VAL KA 145 17.43 -0.20 35.16
N GLU KA 146 17.93 -0.58 33.98
CA GLU KA 146 18.80 -1.74 33.85
C GLU KA 146 20.18 -1.52 34.48
N GLY KA 147 20.59 -0.28 34.68
CA GLY KA 147 21.89 -0.01 35.25
C GLY KA 147 23.04 -0.08 34.28
N ARG KA 148 22.86 0.45 33.06
CA ARG KA 148 23.94 0.54 32.08
C ARG KA 148 23.77 1.85 31.32
N GLN KA 149 24.40 2.91 31.83
CA GLN KA 149 24.32 4.24 31.22
C GLN KA 149 25.42 4.50 30.22
N GLU KA 150 26.57 3.85 30.38
CA GLU KA 150 27.63 3.94 29.36
C GLU KA 150 27.08 3.68 27.97
N ALA KA 151 26.19 2.69 27.84
CA ALA KA 151 25.64 2.35 26.54
C ALA KA 151 24.77 3.47 26.00
N PHE KA 152 23.96 4.07 26.87
CA PHE KA 152 23.12 5.19 26.44
C PHE KA 152 23.97 6.34 25.97
N ILE KA 153 25.03 6.66 26.72
CA ILE KA 153 25.88 7.79 26.37
C ILE KA 153 26.58 7.53 25.05
N GLN KA 154 27.15 6.34 24.89
CA GLN KA 154 27.83 6.00 23.65
C GLN KA 154 26.87 6.09 22.47
N PHE KA 155 25.67 5.51 22.62
CA PHE KA 155 24.72 5.50 21.52
C PHE KA 155 24.23 6.90 21.19
N ALA KA 156 24.06 7.75 22.21
CA ALA KA 156 23.59 9.11 21.95
C ALA KA 156 24.67 9.95 21.27
N LYS KA 157 25.93 9.76 21.66
CA LYS KA 157 27.01 10.46 20.97
C LYS KA 157 27.17 9.95 19.54
N ARG KA 158 26.87 8.68 19.31
CA ARG KA 158 26.85 8.15 17.95
C ARG KA 158 25.70 8.75 17.15
N CYS KA 159 24.56 8.94 17.82
CA CYS KA 159 23.29 9.12 17.14
C CYS KA 159 22.87 10.58 17.02
N GLU KA 160 23.59 11.49 17.67
CA GLU KA 160 23.39 12.91 17.39
C GLU KA 160 23.56 13.19 15.91
N ASN KA 161 22.91 14.26 15.44
CA ASN KA 161 22.70 14.50 14.02
C ASN KA 161 21.96 13.35 13.36
N GLY KA 162 21.12 12.66 14.10
CA GLY KA 162 20.32 11.58 13.55
C GLY KA 162 21.11 10.29 13.43
N LEU KA 163 20.37 9.20 13.36
CA LEU KA 163 20.94 7.86 13.19
C LEU KA 163 20.97 7.53 11.70
N THR KA 164 22.17 7.39 11.15
CA THR KA 164 22.32 6.91 9.77
C THR KA 164 22.23 5.38 9.79
N VAL KA 165 21.30 4.84 9.01
CA VAL KA 165 20.97 3.42 9.13
C VAL KA 165 20.38 2.95 7.81
N GLU KA 166 20.56 1.66 7.54
CA GLU KA 166 19.94 1.04 6.38
C GLU KA 166 18.43 1.16 6.47
N LYS KA 167 17.79 1.44 5.33
CA LYS KA 167 16.45 2.01 5.34
C LYS KA 167 15.41 0.95 5.66
N ASP KA 168 15.41 -0.16 4.91
CA ASP KA 168 14.36 -1.17 4.98
C ASP KA 168 14.79 -2.38 5.79
N VAL KA 169 15.56 -2.17 6.86
CA VAL KA 169 15.89 -3.22 7.81
C VAL KA 169 15.31 -2.78 9.14
N TYR KA 170 14.09 -3.22 9.42
CA TYR KA 170 13.37 -2.78 10.61
C TYR KA 170 12.46 -3.89 11.09
N VAL KA 171 11.91 -3.67 12.28
CA VAL KA 171 10.87 -4.51 12.86
C VAL KA 171 9.75 -3.59 13.32
N THR KA 172 8.51 -3.99 13.07
CA THR KA 172 7.37 -3.17 13.44
C THR KA 172 7.06 -3.28 14.92
N LYS KA 173 6.34 -2.27 15.40
CA LYS KA 173 5.95 -2.22 16.81
C LYS KA 173 5.09 -3.41 17.19
N LYS KA 174 4.20 -3.82 16.28
CA LYS KA 174 3.32 -4.95 16.57
C LYS KA 174 4.12 -6.24 16.72
N GLU KA 175 5.04 -6.48 15.79
CA GLU KA 175 5.90 -7.65 15.88
C GLU KA 175 6.72 -7.64 17.16
N LEU KA 176 7.30 -6.49 17.50
CA LEU KA 176 8.11 -6.41 18.70
C LEU KA 176 7.28 -6.67 19.96
N VAL KA 177 6.06 -6.15 19.99
CA VAL KA 177 5.20 -6.35 21.16
C VAL KA 177 4.80 -7.81 21.26
N ASP KA 178 4.49 -8.45 20.14
CA ASP KA 178 4.22 -9.89 20.17
C ASP KA 178 5.40 -10.66 20.73
N CYS KA 179 6.61 -10.31 20.29
CA CYS KA 179 7.80 -10.99 20.79
C CYS KA 179 7.96 -10.80 22.29
N LEU KA 180 7.84 -9.56 22.75
CA LEU KA 180 7.97 -9.28 24.18
C LEU KA 180 6.95 -10.07 24.98
N TRP KA 181 5.70 -10.08 24.52
CA TRP KA 181 4.65 -10.76 25.25
C TRP KA 181 4.92 -12.26 25.32
N LYS KA 182 5.25 -12.88 24.19
CA LYS KA 182 5.47 -14.31 24.19
C LYS KA 182 6.74 -14.69 24.92
N ASN KA 183 7.69 -13.78 25.07
CA ASN KA 183 8.94 -14.07 25.75
C ASN KA 183 8.94 -13.64 27.21
N GLY KA 184 7.88 -13.01 27.68
CA GLY KA 184 7.63 -12.86 29.09
C GLY KA 184 7.94 -11.51 29.69
N TYR KA 185 7.94 -10.45 28.89
CA TYR KA 185 8.07 -9.11 29.44
C TYR KA 185 6.75 -8.67 30.05
N THR KA 186 6.86 -7.90 31.13
CA THR KA 186 5.68 -7.60 31.94
C THR KA 186 4.76 -6.60 31.25
N ASP KA 187 3.52 -6.57 31.74
CA ASP KA 187 2.51 -5.71 31.17
C ASP KA 187 2.85 -4.23 31.35
N THR KA 188 3.55 -3.89 32.43
CA THR KA 188 3.99 -2.52 32.62
C THR KA 188 4.96 -2.10 31.53
N GLU KA 189 5.93 -2.96 31.23
CA GLU KA 189 6.89 -2.68 30.17
C GLU KA 189 6.20 -2.58 28.82
N ILE KA 190 5.29 -3.50 28.53
CA ILE KA 190 4.60 -3.48 27.25
C ILE KA 190 3.76 -2.22 27.12
N ASN KA 191 3.10 -1.81 28.20
CA ASN KA 191 2.31 -0.58 28.18
C ASN KA 191 3.21 0.63 28.00
N ALA KA 192 4.40 0.61 28.59
CA ALA KA 192 5.36 1.68 28.37
C ALA KA 192 5.71 1.80 26.89
N PHE KA 193 6.01 0.67 26.25
CA PHE KA 193 6.25 0.69 24.81
C PHE KA 193 5.06 1.28 24.07
N GLU KA 194 3.86 0.83 24.42
CA GLU KA 194 2.67 1.23 23.69
C GLU KA 194 2.42 2.73 23.79
N ILE KA 195 2.54 3.29 24.99
CA ILE KA 195 2.29 4.72 25.16
C ILE KA 195 3.43 5.54 24.59
N ALA KA 196 4.66 5.01 24.63
CA ALA KA 196 5.80 5.79 24.16
C ALA KA 196 5.76 5.94 22.65
N PHE KA 197 5.65 4.81 21.93
CA PHE KA 197 5.88 4.92 20.50
C PHE KA 197 4.55 4.91 19.74
N PRO KA 198 4.48 5.56 18.59
CA PRO KA 198 3.28 5.45 17.75
C PRO KA 198 3.12 4.05 17.18
N ALA KA 199 1.94 3.82 16.62
CA ALA KA 199 1.62 2.51 16.07
C ALA KA 199 2.47 2.19 14.85
N ASP KA 200 2.77 3.20 14.03
CA ASP KA 200 3.51 3.03 12.80
C ASP KA 200 5.00 3.25 12.96
N TYR KA 201 5.52 3.16 14.19
CA TYR KA 201 6.95 3.29 14.39
C TYR KA 201 7.68 2.07 13.84
N LYS KA 202 8.95 2.27 13.49
CA LYS KA 202 9.78 1.22 12.91
C LYS KA 202 11.11 1.18 13.64
N PHE KA 203 11.35 0.07 14.35
CA PHE KA 203 12.56 -0.11 15.13
C PHE KA 203 13.64 -0.75 14.27
N HIS KA 204 14.79 -0.12 14.20
CA HIS KA 204 15.92 -0.64 13.44
C HIS KA 204 16.87 -1.43 14.33
N TYR KA 205 17.75 -2.18 13.67
CA TYR KA 205 18.61 -3.10 14.40
C TYR KA 205 19.54 -2.44 15.41
N PRO KA 206 20.08 -1.23 15.19
CA PRO KA 206 20.89 -0.64 16.26
C PRO KA 206 20.08 -0.26 17.47
N GLU KA 207 18.85 0.23 17.25
CA GLU KA 207 17.95 0.52 18.34
C GLU KA 207 17.65 -0.73 19.14
N LEU KA 208 17.32 -1.83 18.45
CA LEU KA 208 17.06 -3.08 19.14
C LEU KA 208 18.27 -3.54 19.94
N ALA KA 209 19.46 -3.45 19.33
CA ALA KA 209 20.65 -3.95 19.98
C ALA KA 209 20.97 -3.15 21.23
N VAL KA 210 20.84 -1.83 21.18
CA VAL KA 210 21.15 -1.04 22.37
C VAL KA 210 20.04 -1.16 23.40
N LEU KA 211 18.81 -1.44 22.98
CA LEU KA 211 17.71 -1.53 23.92
C LEU KA 211 17.65 -2.85 24.64
N PHE KA 212 18.18 -3.92 24.04
CA PHE KA 212 18.14 -5.24 24.63
C PHE KA 212 19.52 -5.82 24.93
N ASP KA 213 20.60 -5.08 24.71
CA ASP KA 213 21.94 -5.57 24.98
C ASP KA 213 22.21 -6.83 24.16
N LEU KA 214 21.94 -6.73 22.87
CA LEU KA 214 22.24 -7.78 21.90
C LEU KA 214 23.24 -7.26 20.88
N THR KA 215 23.62 -8.13 19.96
CA THR KA 215 24.55 -7.78 18.90
C THR KA 215 23.82 -7.23 17.68
N GLU KA 216 24.41 -6.20 17.08
CA GLU KA 216 23.80 -5.60 15.90
C GLU KA 216 23.69 -6.61 14.77
N GLU KA 217 24.64 -7.55 14.69
CA GLU KA 217 24.54 -8.61 13.70
C GLU KA 217 23.28 -9.43 13.89
N ASP KA 218 23.05 -9.90 15.11
CA ASP KA 218 21.86 -10.70 15.39
C ASP KA 218 20.58 -9.90 15.14
N CYS KA 219 20.57 -8.63 15.53
CA CYS KA 219 19.37 -7.82 15.29
C CYS KA 219 19.13 -7.60 13.80
N TYR KA 220 20.22 -7.42 13.04
CA TYR KA 220 20.10 -7.30 11.59
C TYR KA 220 19.50 -8.55 10.98
N LYS KA 221 19.99 -9.71 11.40
CA LYS KA 221 19.47 -10.97 10.87
C LYS KA 221 18.00 -11.15 11.24
N TYR KA 222 17.63 -10.81 12.47
CA TYR KA 222 16.23 -10.91 12.87
C TYR KA 222 15.35 -10.00 12.03
N CYS KA 223 15.78 -8.75 11.84
CA CYS KA 223 15.02 -7.82 11.02
C CYS KA 223 14.87 -8.33 9.60
N ILE KA 224 15.92 -8.93 9.04
CA ILE KA 224 15.86 -9.42 7.68
C ILE KA 224 14.88 -10.58 7.56
N ARG KA 225 14.92 -11.49 8.54
CA ARG KA 225 13.96 -12.59 8.53
C ARG KA 225 12.53 -12.08 8.62
N GLN KA 226 12.30 -11.06 9.46
CA GLN KA 226 10.95 -10.55 9.63
C GLN KA 226 10.49 -9.75 8.42
N ARG KA 227 11.41 -9.17 7.66
CA ARG KA 227 11.03 -8.52 6.42
C ARG KA 227 10.77 -9.53 5.30
N ALA KA 228 11.54 -10.61 5.27
CA ALA KA 228 11.30 -11.68 4.31
C ALA KA 228 9.99 -12.39 4.58
N ALA KA 229 9.53 -12.40 5.84
CA ALA KA 229 8.21 -12.94 6.14
C ALA KA 229 7.12 -12.19 5.39
N THR KA 230 7.32 -10.89 5.13
CA THR KA 230 6.41 -10.07 4.34
C THR KA 230 7.15 -9.53 3.13
N PRO KA 231 7.41 -10.38 2.13
CA PRO KA 231 8.20 -9.95 0.98
C PRO KA 231 7.40 -9.27 -0.12
N GLU KA 232 6.09 -9.13 0.04
CA GLU KA 232 5.31 -8.35 -0.90
C GLU KA 232 5.75 -6.89 -0.90
N GLU KA 233 6.22 -6.40 0.24
CA GLU KA 233 6.76 -5.06 0.35
C GLU KA 233 8.15 -5.02 -0.28
N LEU KA 234 8.33 -4.15 -1.26
CA LEU KA 234 9.62 -3.97 -1.88
C LEU KA 234 10.57 -3.24 -0.93
N VAL KA 235 11.86 -3.47 -1.13
CA VAL KA 235 12.90 -2.86 -0.32
C VAL KA 235 13.74 -1.96 -1.20
N GLU KA 236 14.33 -0.95 -0.56
CA GLU KA 236 15.02 0.12 -1.25
C GLU KA 236 16.52 -0.15 -1.24
N LEU KA 237 17.11 -0.17 -2.43
CA LEU KA 237 18.50 -0.50 -2.67
C LEU KA 237 19.19 0.69 -3.33
N LYS KA 238 20.51 0.68 -3.29
CA LYS KA 238 21.28 1.67 -4.01
C LYS KA 238 21.15 1.45 -5.50
N TYR KA 239 20.90 2.54 -6.23
CA TYR KA 239 20.79 2.45 -7.68
C TYR KA 239 22.14 2.17 -8.29
N THR KA 240 22.18 1.22 -9.22
CA THR KA 240 23.38 0.91 -9.97
C THR KA 240 23.05 0.91 -11.46
N LYS KA 241 23.95 1.47 -12.25
CA LYS KA 241 23.75 1.51 -13.67
C LYS KA 241 23.71 0.10 -14.24
N PRO KA 242 23.13 -0.08 -15.43
CA PRO KA 242 23.19 -1.39 -16.07
C PRO KA 242 24.62 -1.76 -16.42
N LYS KA 243 24.81 -3.05 -16.68
CA LYS KA 243 26.13 -3.63 -16.86
C LYS KA 243 26.18 -4.48 -18.12
N ASN KA 244 27.32 -4.41 -18.81
CA ASN KA 244 27.60 -5.30 -19.93
C ASN KA 244 26.67 -5.02 -21.11
N LEU KA 245 26.35 -3.74 -21.31
CA LEU KA 245 25.39 -3.37 -22.35
C LEU KA 245 25.98 -3.61 -23.74
N VAL KA 246 27.28 -3.35 -23.91
CA VAL KA 246 27.88 -3.50 -25.23
C VAL KA 246 27.91 -4.98 -25.63
N SER KA 247 28.39 -5.83 -24.73
CA SER KA 247 28.39 -7.26 -24.98
C SER KA 247 26.98 -7.79 -25.21
N SER KA 248 26.02 -7.29 -24.42
CA SER KA 248 24.63 -7.72 -24.59
C SER KA 248 24.09 -7.29 -25.94
N TYR KA 249 24.45 -6.09 -26.39
CA TYR KA 249 24.06 -5.64 -27.72
C TYR KA 249 24.62 -6.56 -28.79
N GLY KA 250 25.89 -6.92 -28.66
CA GLY KA 250 26.49 -7.81 -29.64
C GLY KA 250 25.77 -9.15 -29.68
N LEU KA 251 25.53 -9.72 -28.50
CA LEU KA 251 24.86 -11.02 -28.45
C LEU KA 251 23.44 -10.95 -28.96
N CYS KA 252 22.73 -9.84 -28.73
CA CYS KA 252 21.36 -9.73 -29.22
C CYS KA 252 21.34 -9.53 -30.72
N PHE KA 253 22.31 -8.81 -31.28
CA PHE KA 253 22.44 -8.75 -32.72
C PHE KA 253 22.67 -10.13 -33.29
N LEU KA 254 23.61 -10.87 -32.70
CA LEU KA 254 23.87 -12.24 -33.17
C LEU KA 254 22.60 -13.07 -33.11
N GLY KA 255 21.85 -12.95 -32.02
CA GLY KA 255 20.59 -13.60 -31.86
C GLY KA 255 19.63 -13.31 -32.99
N VAL KA 256 19.30 -12.05 -33.23
CA VAL KA 256 18.35 -11.73 -34.30
C VAL KA 256 18.90 -12.16 -35.65
N TRP KA 257 20.21 -11.99 -35.85
CA TRP KA 257 20.82 -12.30 -37.14
C TRP KA 257 20.68 -13.78 -37.47
N PHE KA 258 20.79 -14.66 -36.47
CA PHE KA 258 20.59 -16.08 -36.69
C PHE KA 258 19.15 -16.54 -36.54
N GLY KA 259 18.33 -15.82 -35.78
CA GLY KA 259 17.01 -16.29 -35.44
C GLY KA 259 15.90 -15.83 -36.34
N LEU KA 260 16.06 -14.67 -36.96
CA LEU KA 260 15.05 -14.15 -37.86
C LEU KA 260 15.41 -14.35 -39.31
N SER KA 261 16.62 -14.82 -39.60
CA SER KA 261 17.02 -15.18 -40.97
C SER KA 261 16.48 -16.57 -41.33
N ASN KA 262 15.16 -16.65 -41.39
CA ASN KA 262 14.50 -17.93 -41.63
C ASN KA 262 13.05 -17.65 -42.00
N THR KA 263 12.33 -18.72 -42.33
CA THR KA 263 10.93 -18.67 -42.72
C THR KA 263 10.03 -19.22 -41.64
N VAL KA 264 10.48 -19.18 -40.38
CA VAL KA 264 9.76 -19.84 -39.31
C VAL KA 264 8.43 -19.14 -39.03
N LEU KA 265 8.44 -17.81 -38.99
CA LEU KA 265 7.22 -17.07 -38.69
C LEU KA 265 6.32 -16.88 -39.90
N SER KA 266 6.64 -17.51 -41.03
CA SER KA 266 5.84 -17.41 -42.25
C SER KA 266 5.47 -18.80 -42.74
N ASN KA 267 5.41 -19.76 -41.83
CA ASN KA 267 5.33 -21.17 -42.13
C ASN KA 267 3.90 -21.68 -42.09
N ALA KA 268 3.65 -22.71 -42.89
CA ALA KA 268 2.40 -23.43 -42.79
C ALA KA 268 2.26 -24.10 -41.45
N TRP KA 269 3.37 -24.61 -40.90
CA TRP KA 269 3.34 -25.15 -39.55
C TRP KA 269 2.92 -24.06 -38.56
N PHE KA 270 3.54 -22.89 -38.66
CA PHE KA 270 3.17 -21.78 -37.80
C PHE KA 270 1.67 -21.53 -37.88
N TYR KA 271 1.17 -21.19 -39.07
CA TYR KA 271 -0.21 -20.78 -39.23
C TYR KA 271 -1.20 -21.90 -38.95
N SER KA 272 -0.80 -23.17 -39.04
CA SER KA 272 -1.72 -24.28 -38.84
C SER KA 272 -1.73 -24.81 -37.41
N LYS KA 273 -0.59 -24.76 -36.73
CA LYS KA 273 -0.46 -25.36 -35.41
C LYS KA 273 -0.07 -24.36 -34.34
N THR KA 274 0.95 -23.53 -34.59
CA THR KA 274 1.50 -22.71 -33.54
C THR KA 274 0.52 -21.61 -33.16
N PHE KA 275 0.02 -20.88 -34.13
CA PHE KA 275 -0.88 -19.78 -33.83
C PHE KA 275 -2.24 -20.29 -33.39
N PRO KA 276 -2.83 -21.30 -34.04
CA PRO KA 276 -4.13 -21.78 -33.56
C PRO KA 276 -4.08 -22.39 -32.17
N PHE KA 277 -3.16 -23.32 -31.93
CA PHE KA 277 -3.07 -23.94 -30.61
C PHE KA 277 -2.78 -22.91 -29.53
N GLY KA 278 -1.79 -22.05 -29.78
CA GLY KA 278 -1.45 -21.05 -28.79
C GLY KA 278 -2.57 -20.06 -28.54
N ALA KA 279 -3.21 -19.59 -29.60
CA ALA KA 279 -4.31 -18.64 -29.45
C ALA KA 279 -5.49 -19.28 -28.74
N VAL KA 280 -5.74 -20.57 -28.99
CA VAL KA 280 -6.86 -21.24 -28.33
C VAL KA 280 -6.55 -21.42 -26.85
N PHE KA 281 -5.33 -21.85 -26.52
CA PHE KA 281 -4.95 -21.93 -25.12
C PHE KA 281 -5.05 -20.59 -24.44
N TYR KA 282 -4.62 -19.52 -25.10
CA TYR KA 282 -4.69 -18.19 -24.51
C TYR KA 282 -6.12 -17.76 -24.27
N MET KA 283 -6.99 -17.97 -25.27
CA MET KA 283 -8.38 -17.56 -25.14
C MET KA 283 -9.07 -18.35 -24.05
N LEU KA 284 -8.84 -19.65 -24.00
CA LEU KA 284 -9.47 -20.47 -22.96
C LEU KA 284 -8.96 -20.08 -21.58
N GLY KA 285 -7.65 -19.84 -21.44
CA GLY KA 285 -7.13 -19.40 -20.17
C GLY KA 285 -7.68 -18.07 -19.75
N SER KA 286 -7.83 -17.14 -20.69
CA SER KA 286 -8.38 -15.84 -20.36
C SER KA 286 -9.84 -15.94 -19.94
N TYR KA 287 -10.59 -16.83 -20.59
CA TYR KA 287 -12.03 -16.92 -20.31
C TYR KA 287 -12.32 -17.72 -19.04
N PHE KA 288 -11.53 -18.76 -18.78
CA PHE KA 288 -11.70 -19.60 -17.61
C PHE KA 288 -10.52 -19.46 -16.66
N TYR KA 289 -9.98 -18.25 -16.54
CA TYR KA 289 -8.83 -18.02 -15.67
C TYR KA 289 -9.15 -18.38 -14.23
N ARG KA 290 -10.32 -17.96 -13.75
CA ARG KA 290 -10.66 -18.10 -12.35
C ARG KA 290 -11.30 -19.45 -12.05
N ASP KA 291 -12.11 -19.98 -12.97
CA ASP KA 291 -12.69 -21.30 -12.79
C ASP KA 291 -11.60 -22.34 -12.56
N ILE KA 292 -10.56 -22.30 -13.39
CA ILE KA 292 -9.47 -23.27 -13.29
C ILE KA 292 -8.78 -23.15 -11.94
N ARG KA 293 -8.41 -21.93 -11.56
CA ARG KA 293 -7.69 -21.74 -10.31
C ARG KA 293 -8.52 -22.22 -9.13
N GLU KA 294 -9.82 -21.93 -9.14
CA GLU KA 294 -10.68 -22.36 -8.04
C GLU KA 294 -10.78 -23.88 -7.98
N LYS KA 295 -10.99 -24.51 -9.13
CA LYS KA 295 -11.09 -25.96 -9.17
C LYS KA 295 -9.81 -26.63 -8.69
N LEU KA 296 -8.66 -26.00 -8.94
CA LEU KA 296 -7.40 -26.55 -8.47
C LEU KA 296 -7.24 -26.34 -6.97
N TRP KA 297 -7.53 -25.14 -6.48
CA TRP KA 297 -7.26 -24.77 -5.09
C TRP KA 297 -8.30 -25.27 -4.10
N LYS KA 298 -9.39 -25.85 -4.58
CA LYS KA 298 -10.42 -26.39 -3.69
C LYS KA 298 -9.82 -27.36 -2.66
N GLU KA 299 -9.04 -28.33 -3.13
CA GLU KA 299 -8.49 -29.35 -2.24
C GLU KA 299 -7.55 -28.75 -1.21
N GLU KA 300 -6.66 -27.87 -1.65
CA GLU KA 300 -5.71 -27.25 -0.73
C GLU KA 300 -6.44 -26.44 0.34
N LYS KA 301 -7.47 -25.69 -0.07
CA LYS KA 301 -8.24 -24.92 0.89
C LYS KA 301 -8.90 -25.83 1.91
N SER KA 302 -9.51 -26.92 1.46
CA SER KA 302 -10.16 -27.84 2.37
C SER KA 302 -9.16 -28.46 3.34
N LEU KA 303 -7.98 -28.83 2.84
CA LEU KA 303 -6.97 -29.44 3.70
C LEU KA 303 -6.50 -28.45 4.77
N ILE KA 304 -6.26 -27.20 4.37
CA ILE KA 304 -5.80 -26.20 5.33
C ILE KA 304 -6.86 -25.96 6.40
N HIS KA 305 -8.13 -25.90 5.99
CA HIS KA 305 -9.22 -25.75 6.93
C HIS KA 305 -9.24 -26.91 7.93
N THR KA 306 -9.16 -28.14 7.42
CA THR KA 306 -9.18 -29.31 8.29
C THR KA 306 -8.02 -29.28 9.29
N ALA KA 307 -6.83 -28.93 8.82
CA ALA KA 307 -5.67 -28.90 9.69
C ALA KA 307 -5.84 -27.88 10.80
N GLN KA 308 -6.29 -26.68 10.44
CA GLN KA 308 -6.48 -25.64 11.45
C GLN KA 308 -7.52 -26.06 12.48
N GLU KA 309 -8.61 -26.67 12.04
CA GLU KA 309 -9.65 -27.08 12.98
C GLU KA 309 -9.13 -28.16 13.93
N ASN KA 310 -8.40 -29.14 13.40
CA ASN KA 310 -7.84 -30.18 14.24
C ASN KA 310 -6.92 -29.59 15.29
N LYS KA 311 -6.02 -28.70 14.87
CA LYS KA 311 -5.12 -28.02 15.78
C LYS KA 311 -5.88 -27.31 16.88
N ASN KA 312 -6.90 -26.53 16.50
CA ASN KA 312 -7.64 -25.75 17.50
C ASN KA 312 -8.31 -26.65 18.51
N MET KA 313 -9.02 -27.68 18.05
CA MET KA 313 -9.77 -28.51 18.99
C MET KA 313 -8.85 -29.29 19.91
N GLY KA 314 -7.74 -29.80 19.37
CA GLY KA 314 -6.80 -30.51 20.22
C GLY KA 314 -6.19 -29.61 21.27
N GLU KA 315 -5.76 -28.42 20.87
CA GLU KA 315 -5.18 -27.48 21.83
C GLU KA 315 -6.18 -27.14 22.93
N GLU KA 316 -7.43 -26.86 22.56
CA GLU KA 316 -8.43 -26.51 23.56
C GLU KA 316 -8.68 -27.65 24.53
N SER KA 317 -8.78 -28.88 24.01
CA SER KA 317 -9.04 -30.02 24.88
C SER KA 317 -7.90 -30.23 25.88
N VAL KA 318 -6.66 -30.17 25.39
CA VAL KA 318 -5.51 -30.35 26.28
C VAL KA 318 -5.47 -29.25 27.33
N TYR KA 319 -5.75 -28.02 26.90
CA TYR KA 319 -5.74 -26.88 27.81
C TYR KA 319 -6.75 -27.06 28.94
N LYS KA 320 -7.99 -27.39 28.59
CA LYS KA 320 -9.02 -27.52 29.61
C LYS KA 320 -8.76 -28.70 30.54
N GLN KA 321 -8.22 -29.80 30.01
CA GLN KA 321 -7.93 -30.94 30.88
C GLN KA 321 -6.77 -30.63 31.83
N MET KA 322 -5.81 -29.82 31.39
CA MET KA 322 -4.76 -29.41 32.31
C MET KA 322 -5.29 -28.43 33.33
N LYS KA 323 -6.23 -27.57 32.95
CA LYS KA 323 -6.88 -26.73 33.94
C LYS KA 323 -7.60 -27.58 34.97
N LYS KA 324 -8.22 -28.68 34.52
CA LYS KA 324 -8.92 -29.57 35.43
C LYS KA 324 -7.96 -30.16 36.47
N TYR KA 325 -6.73 -30.47 36.06
CA TYR KA 325 -5.80 -31.13 36.97
C TYR KA 325 -4.77 -30.20 37.58
N ALA KA 326 -4.84 -28.90 37.30
CA ALA KA 326 -3.93 -27.93 37.93
C ALA KA 326 -3.97 -28.00 39.45
N THR KA 327 -5.09 -28.43 40.04
CA THR KA 327 -5.25 -28.41 41.49
C THR KA 327 -4.54 -29.55 42.21
N ASP KA 328 -3.84 -30.43 41.50
CA ASP KA 328 -3.40 -31.68 42.08
C ASP KA 328 -2.11 -31.56 42.88
N THR KA 329 -1.54 -30.36 42.98
CA THR KA 329 -0.33 -30.15 43.77
C THR KA 329 -0.62 -29.79 45.22
N LYS KA 330 -1.81 -29.26 45.50
CA LYS KA 330 -2.18 -28.86 46.86
C LYS KA 330 -2.39 -30.04 47.78
N CYS KA 331 -2.43 -31.26 47.27
CA CYS KA 331 -2.50 -32.43 48.15
C CYS KA 331 -1.31 -32.48 49.10
N LEU KA 332 -0.10 -32.22 48.59
CA LEU KA 332 1.10 -32.35 49.41
C LEU KA 332 1.18 -31.32 50.52
N ASP KA 333 0.86 -30.05 50.25
CA ASP KA 333 1.01 -29.04 51.31
C ASP KA 333 0.03 -29.33 52.45
N TYR KA 334 -1.17 -29.79 52.12
CA TYR KA 334 -2.15 -30.10 53.15
C TYR KA 334 -1.64 -31.21 54.07
N LEU KA 335 -1.01 -32.23 53.49
CA LEU KA 335 -0.54 -33.37 54.28
C LEU KA 335 0.50 -32.95 55.30
N SER KA 336 1.35 -31.99 54.94
CA SER KA 336 2.42 -31.58 55.85
C SER KA 336 1.85 -31.03 57.16
N THR KA 337 0.75 -30.28 57.08
CA THR KA 337 0.19 -29.66 58.28
C THR KA 337 -0.24 -30.70 59.29
N PHE KA 338 -0.66 -31.88 58.81
CA PHE KA 338 -1.24 -32.91 59.68
C PHE KA 338 -0.40 -33.13 60.93
N ARG KA 339 0.89 -33.36 60.78
CA ARG KA 339 1.75 -33.60 61.94
C ARG KA 339 1.83 -32.37 62.83
N THR KA 340 1.80 -31.18 62.26
CA THR KA 340 1.89 -29.96 63.05
C THR KA 340 0.62 -29.71 63.86
N GLU KA 341 -0.54 -30.06 63.29
CA GLU KA 341 -1.81 -29.74 63.94
C GLU KA 341 -2.14 -30.73 65.06
N VAL KA 342 -2.11 -32.02 64.76
CA VAL KA 342 -2.62 -33.02 65.71
C VAL KA 342 -1.81 -33.02 66.99
N GLU KA 343 -0.54 -32.61 66.92
CA GLU KA 343 0.32 -32.47 68.08
C GLU KA 343 0.06 -31.19 68.86
N ASP KA 344 -1.03 -30.52 68.56
CA ASP KA 344 -1.55 -29.37 69.28
C ASP KA 344 -3.01 -29.60 69.64
N GLN KA 345 -3.79 -30.15 68.72
CA GLN KA 345 -5.15 -30.59 69.02
C GLN KA 345 -5.20 -31.67 70.11
N ILE KA 346 -4.09 -32.39 70.34
CA ILE KA 346 -4.12 -33.34 71.44
C ILE KA 346 -3.83 -32.64 72.77
N ALA KA 347 -2.88 -31.71 72.77
CA ALA KA 347 -2.65 -30.94 73.98
C ALA KA 347 -3.84 -30.06 74.33
N ASN KA 348 -4.61 -29.63 73.33
CA ASN KA 348 -5.90 -28.98 73.56
C ASN KA 348 -7.08 -29.94 73.49
N TYR KA 349 -6.84 -31.21 73.74
CA TYR KA 349 -7.87 -32.22 73.95
C TYR KA 349 -7.81 -32.78 75.36
N LYS KA 350 -6.59 -33.03 75.86
CA LYS KA 350 -6.45 -33.51 77.24
C LYS KA 350 -7.04 -32.51 78.22
N VAL KA 351 -6.81 -31.21 77.99
CA VAL KA 351 -7.39 -30.17 78.82
C VAL KA 351 -8.90 -30.30 78.87
N ALA KA 352 -9.54 -30.39 77.70
CA ALA KA 352 -10.99 -30.49 77.67
C ALA KA 352 -11.48 -31.76 78.34
N LEU KA 353 -10.68 -32.83 78.29
CA LEU KA 353 -11.11 -34.06 78.94
C LEU KA 353 -11.06 -33.91 80.47
N VAL KA 354 -9.98 -33.32 80.97
CA VAL KA 354 -9.89 -32.96 82.38
C VAL KA 354 -11.12 -32.16 82.80
N SER KA 355 -11.42 -31.09 82.08
CA SER KA 355 -12.56 -30.26 82.46
C SER KA 355 -13.88 -31.01 82.34
N GLN KA 356 -13.98 -31.95 81.40
CA GLN KA 356 -15.17 -32.79 81.32
C GLN KA 356 -15.34 -33.58 82.61
N MET KA 357 -14.26 -34.18 83.09
CA MET KA 357 -14.31 -34.97 84.32
C MET KA 357 -14.71 -34.09 85.49
N ARG KA 358 -14.12 -32.89 85.58
CA ARG KA 358 -14.49 -31.95 86.64
C ARG KA 358 -15.98 -31.63 86.60
N ARG KA 359 -16.49 -31.31 85.41
CA ARG KA 359 -17.90 -30.96 85.28
C ARG KA 359 -18.80 -32.11 85.70
N GLN KA 360 -18.46 -33.33 85.28
CA GLN KA 360 -19.30 -34.47 85.62
C GLN KA 360 -19.31 -34.70 87.12
N LEU KA 361 -18.15 -34.58 87.76
CA LEU KA 361 -18.08 -34.72 89.21
C LEU KA 361 -18.98 -33.69 89.89
N THR KA 362 -18.81 -32.42 89.52
CA THR KA 362 -19.62 -31.36 90.11
C THR KA 362 -21.11 -31.60 89.93
N GLU KA 363 -21.53 -31.96 88.71
CA GLU KA 363 -22.95 -32.20 88.46
C GLU KA 363 -23.47 -33.36 89.29
N ARG KA 364 -22.69 -34.43 89.41
CA ARG KA 364 -23.10 -35.55 90.24
C ARG KA 364 -23.33 -35.11 91.68
N LEU KA 365 -22.35 -34.40 92.25
CA LEU KA 365 -22.50 -33.94 93.63
C LEU KA 365 -23.72 -33.03 93.77
N VAL KA 366 -23.94 -32.15 92.79
CA VAL KA 366 -25.07 -31.23 92.87
C VAL KA 366 -26.38 -32.00 92.91
N GLU KA 367 -26.51 -33.01 92.03
CA GLU KA 367 -27.74 -33.81 92.04
C GLU KA 367 -27.89 -34.55 93.35
N LYS KA 368 -26.78 -35.01 93.92
CA LYS KA 368 -26.83 -35.65 95.24
C LYS KA 368 -27.38 -34.70 96.29
N LEU KA 369 -26.92 -33.45 96.28
CA LEU KA 369 -27.35 -32.50 97.30
C LEU KA 369 -28.80 -32.10 97.09
N ASN KA 370 -29.24 -31.99 95.84
CA ASN KA 370 -30.65 -31.75 95.59
C ASN KA 370 -31.50 -32.89 96.14
N GLY KA 371 -31.06 -34.13 95.92
CA GLY KA 371 -31.83 -35.27 96.42
C GLY KA 371 -31.89 -35.30 97.93
N ILE KA 372 -30.77 -35.02 98.59
CA ILE KA 372 -30.76 -35.09 100.05
C ILE KA 372 -31.58 -33.96 100.64
N GLN KA 373 -31.54 -32.78 100.01
CA GLN KA 373 -32.38 -31.68 100.48
C GLN KA 373 -33.85 -32.03 100.36
N GLN KA 374 -34.25 -32.60 99.22
CA GLN KA 374 -35.64 -32.97 99.05
C GLN KA 374 -36.06 -34.04 100.06
N ALA KA 375 -35.17 -34.98 100.35
CA ALA KA 375 -35.47 -36.03 101.33
C ALA KA 375 -35.67 -35.42 102.71
N GLU KA 376 -34.76 -34.53 103.12
CA GLU KA 376 -34.92 -33.85 104.40
C GLU KA 376 -36.25 -33.09 104.46
N LYS KA 377 -36.60 -32.40 103.38
CA LYS KA 377 -37.84 -31.63 103.37
C LYS KA 377 -39.05 -32.56 103.57
N LEU KA 378 -39.10 -33.65 102.80
CA LEU KA 378 -40.24 -34.55 102.92
C LEU KA 378 -40.26 -35.23 104.29
N ILE KA 379 -39.09 -35.47 104.87
CA ILE KA 379 -39.01 -36.00 106.22
C ILE KA 379 -39.71 -35.06 107.20
N GLN KA 380 -39.33 -33.78 107.18
CA GLN KA 380 -39.88 -32.85 108.15
C GLN KA 380 -41.38 -32.61 107.89
N GLY KA 381 -41.78 -32.61 106.63
CA GLY KA 381 -43.19 -32.54 106.28
C GLY KA 381 -44.00 -33.66 106.89
N SER KA 382 -43.61 -34.90 106.60
CA SER KA 382 -44.32 -36.04 107.18
C SER KA 382 -44.27 -36.01 108.70
N LEU KA 383 -43.16 -35.52 109.27
CA LEU KA 383 -43.03 -35.48 110.72
C LEU KA 383 -44.10 -34.56 111.32
N GLN KA 384 -44.17 -33.32 110.85
CA GLN KA 384 -45.17 -32.40 111.40
C GLN KA 384 -46.59 -32.88 111.09
N ASP KA 385 -46.79 -33.47 109.92
CA ASP KA 385 -48.08 -34.07 109.59
C ASP KA 385 -48.54 -35.05 110.66
N VAL KA 386 -47.69 -36.03 110.97
CA VAL KA 386 -48.09 -37.02 111.96
C VAL KA 386 -48.17 -36.41 113.35
N MET KA 387 -47.31 -35.43 113.65
CA MET KA 387 -47.36 -34.80 114.96
C MET KA 387 -48.70 -34.12 115.19
N ILE KA 388 -49.27 -33.57 114.12
CA ILE KA 388 -50.59 -32.94 114.24
C ILE KA 388 -51.67 -34.00 114.29
N ARG KA 389 -51.59 -35.00 113.42
CA ARG KA 389 -52.62 -36.03 113.41
C ARG KA 389 -52.74 -36.65 114.80
N GLU KA 390 -51.59 -36.95 115.41
CA GLU KA 390 -51.59 -37.67 116.67
C GLU KA 390 -52.01 -36.76 117.82
N ILE KA 391 -51.56 -35.51 117.83
CA ILE KA 391 -52.05 -34.59 118.86
C ILE KA 391 -53.57 -34.48 118.79
N VAL KA 392 -54.11 -34.41 117.56
CA VAL KA 392 -55.55 -34.26 117.38
C VAL KA 392 -56.27 -35.51 117.90
N SER KA 393 -55.77 -36.70 117.54
CA SER KA 393 -56.39 -37.93 118.03
C SER KA 393 -56.33 -38.01 119.54
N SER KA 394 -55.19 -37.63 120.12
CA SER KA 394 -55.05 -37.64 121.58
C SER KA 394 -56.08 -36.74 122.23
N PHE KA 395 -56.30 -35.55 121.66
CA PHE KA 395 -57.30 -34.66 122.24
C PHE KA 395 -58.71 -35.21 122.06
N LYS KA 396 -58.99 -35.79 120.89
CA LYS KA 396 -60.31 -36.36 120.67
C LYS KA 396 -60.59 -37.51 121.63
N ASP KA 397 -59.55 -38.21 122.08
CA ASP KA 397 -59.74 -39.21 123.12
C ASP KA 397 -59.92 -38.57 124.50
N LEU KA 398 -59.02 -37.66 124.87
CA LEU KA 398 -59.03 -37.11 126.22
C LEU KA 398 -60.31 -36.33 126.50
N TYR KA 399 -60.81 -35.60 125.50
CA TYR KA 399 -62.05 -34.85 125.69
C TYR KA 399 -63.19 -35.79 126.02
N LYS KA 400 -63.44 -36.77 125.15
CA LYS KA 400 -64.53 -37.71 125.39
C LYS KA 400 -64.32 -38.52 126.66
N SER KA 401 -63.09 -38.67 127.13
CA SER KA 401 -62.85 -39.43 128.36
C SER KA 401 -63.16 -38.58 129.59
N ARG KA 402 -62.63 -37.37 129.66
CA ARG KA 402 -62.63 -36.63 130.92
C ARG KA 402 -63.91 -35.82 131.06
N PRO KA 403 -64.52 -35.76 132.25
CA PRO KA 403 -65.69 -34.89 132.42
C PRO KA 403 -65.33 -33.42 132.51
N GLU KA 404 -64.13 -33.12 133.01
CA GLU KA 404 -63.81 -31.74 133.39
C GLU KA 404 -63.70 -30.84 132.16
N LEU KA 405 -63.17 -31.39 131.06
CA LEU KA 405 -62.94 -30.57 129.88
C LEU KA 405 -64.22 -29.97 129.34
N HIS KA 406 -65.36 -30.63 129.59
CA HIS KA 406 -66.63 -30.13 129.06
C HIS KA 406 -66.98 -28.79 129.70
N ASP KA 407 -67.02 -28.77 131.04
CA ASP KA 407 -67.33 -27.53 131.74
C ASP KA 407 -66.21 -26.52 131.58
N ALA KA 408 -64.96 -26.98 131.44
CA ALA KA 408 -63.88 -26.05 131.14
C ALA KA 408 -64.11 -25.33 129.81
N ALA KA 409 -64.55 -26.07 128.79
CA ALA KA 409 -64.84 -25.44 127.50
C ALA KA 409 -66.05 -24.53 127.60
N MET KA 410 -67.05 -24.93 128.38
CA MET KA 410 -68.20 -24.06 128.64
C MET KA 410 -67.74 -22.72 129.21
N GLN KA 411 -66.98 -22.77 130.31
CA GLN KA 411 -66.44 -21.55 130.91
C GLN KA 411 -65.59 -20.77 129.91
N SER KA 412 -64.85 -21.48 129.07
CA SER KA 412 -63.98 -20.79 128.11
C SER KA 412 -64.82 -19.99 127.13
N ALA KA 413 -65.86 -20.60 126.58
CA ALA KA 413 -66.75 -19.87 125.67
C ALA KA 413 -67.40 -18.70 126.39
N ILE KA 414 -67.86 -18.92 127.62
CA ILE KA 414 -68.54 -17.87 128.37
C ILE KA 414 -67.62 -16.66 128.51
N GLN KA 415 -66.41 -16.89 129.03
CA GLN KA 415 -65.45 -15.79 129.15
C GLN KA 415 -65.00 -15.25 127.80
N GLY KA 416 -65.10 -16.03 126.73
CA GLY KA 416 -64.78 -15.53 125.41
C GLY KA 416 -65.84 -14.65 124.80
N LEU KA 417 -67.06 -14.71 125.35
CA LEU KA 417 -68.13 -13.85 124.85
C LEU KA 417 -67.95 -12.39 125.26
N SER KA 418 -66.85 -12.04 125.91
CA SER KA 418 -66.62 -10.66 126.35
C SER KA 418 -65.27 -10.16 125.87
N MET KA 424 -57.19 -19.83 128.87
CA MET KA 424 -57.35 -20.28 127.50
C MET KA 424 -58.17 -21.56 127.43
N ASP KA 425 -58.77 -21.80 126.27
CA ASP KA 425 -59.60 -22.99 126.08
C ASP KA 425 -58.75 -24.24 126.28
N PRO KA 426 -59.39 -25.38 126.59
CA PRO KA 426 -58.60 -26.60 126.81
C PRO KA 426 -58.03 -27.16 125.52
N VAL KA 427 -58.55 -26.76 124.36
CA VAL KA 427 -58.02 -27.28 123.11
C VAL KA 427 -56.63 -26.70 122.85
N GLY KA 428 -56.56 -25.36 122.82
CA GLY KA 428 -55.27 -24.70 122.72
C GLY KA 428 -54.36 -25.07 123.87
N ALA KA 429 -54.93 -25.23 125.06
CA ALA KA 429 -54.10 -25.59 126.21
C ALA KA 429 -53.41 -26.93 126.01
N HIS KA 430 -54.19 -27.95 125.60
CA HIS KA 430 -53.62 -29.28 125.43
C HIS KA 430 -52.65 -29.30 124.25
N PHE KA 431 -53.00 -28.61 123.16
CA PHE KA 431 -52.09 -28.51 122.03
C PHE KA 431 -50.74 -27.93 122.47
N LYS KA 432 -50.75 -26.74 123.08
CA LYS KA 432 -49.51 -26.14 123.53
C LYS KA 432 -48.76 -27.04 124.50
N ALA KA 433 -49.49 -27.75 125.37
CA ALA KA 433 -48.84 -28.63 126.33
C ALA KA 433 -48.11 -29.77 125.63
N SER KA 434 -48.78 -30.41 124.67
CA SER KA 434 -48.17 -31.52 123.94
C SER KA 434 -46.98 -31.04 123.12
N LEU KA 435 -47.10 -29.86 122.52
CA LEU KA 435 -45.97 -29.32 121.75
C LEU KA 435 -44.77 -29.06 122.65
N GLN KA 436 -45.01 -28.43 123.81
CA GLN KA 436 -43.92 -28.17 124.73
C GLN KA 436 -43.28 -29.46 125.24
N GLU KA 437 -44.11 -30.47 125.53
CA GLU KA 437 -43.58 -31.76 125.96
C GLU KA 437 -42.85 -32.50 124.84
N LEU KA 438 -43.14 -32.18 123.59
CA LEU KA 438 -42.47 -32.82 122.47
C LEU KA 438 -41.16 -32.13 122.12
N ALA KA 439 -41.08 -30.81 122.31
CA ALA KA 439 -39.96 -30.04 121.81
C ALA KA 439 -38.63 -30.45 122.43
N LYS KA 440 -38.66 -31.16 123.56
CA LYS KA 440 -37.47 -31.51 124.33
C LYS KA 440 -37.47 -33.01 124.63
N VAL KA 441 -37.66 -33.81 123.58
CA VAL KA 441 -37.80 -35.24 123.71
C VAL KA 441 -36.55 -36.01 123.26
N ASN KA 442 -35.84 -35.53 122.24
CA ASN KA 442 -34.74 -36.27 121.64
C ASN KA 442 -35.24 -37.61 121.10
N LEU KA 443 -36.06 -37.46 120.04
CA LEU KA 443 -36.87 -38.56 119.51
C LEU KA 443 -36.07 -39.82 119.23
N SER KA 444 -34.74 -39.72 119.07
CA SER KA 444 -33.93 -40.93 118.92
C SER KA 444 -34.15 -41.89 120.08
N THR KA 445 -34.33 -41.38 121.29
CA THR KA 445 -34.60 -42.20 122.47
C THR KA 445 -36.11 -42.32 122.64
N ALA KA 446 -36.69 -43.43 122.17
CA ALA KA 446 -38.14 -43.61 122.15
C ALA KA 446 -38.42 -45.07 121.86
N THR KA 447 -39.69 -45.38 121.61
CA THR KA 447 -40.20 -46.75 121.61
C THR KA 447 -41.09 -46.95 120.39
N ALA KA 448 -41.83 -48.05 120.38
CA ALA KA 448 -42.45 -48.56 119.17
C ALA KA 448 -43.65 -47.68 118.79
N ASP KA 449 -44.36 -48.10 117.73
CA ASP KA 449 -45.27 -47.24 116.99
C ASP KA 449 -46.52 -46.90 117.80
N PRO KA 450 -47.41 -47.87 118.11
CA PRO KA 450 -48.65 -47.54 118.84
C PRO KA 450 -48.46 -47.53 120.36
N MET KA 451 -47.40 -46.86 120.81
CA MET KA 451 -46.99 -46.88 122.21
C MET KA 451 -47.68 -45.81 123.04
N GLY KA 452 -48.82 -45.30 122.60
CA GLY KA 452 -49.59 -44.39 123.44
C GLY KA 452 -49.16 -42.95 123.32
N THR KA 453 -48.26 -42.54 124.21
CA THR KA 453 -47.83 -41.14 124.29
C THR KA 453 -47.33 -40.63 122.95
N VAL KA 454 -47.84 -39.46 122.56
CA VAL KA 454 -47.60 -38.91 121.22
C VAL KA 454 -46.12 -38.93 120.87
N VAL KA 455 -45.25 -38.72 121.86
CA VAL KA 455 -43.81 -38.80 121.60
C VAL KA 455 -43.42 -40.21 121.16
N GLN KA 456 -43.99 -41.23 121.82
CA GLN KA 456 -43.74 -42.61 121.41
C GLN KA 456 -44.44 -42.96 120.11
N ARG KA 457 -45.47 -42.20 119.74
CA ARG KA 457 -46.16 -42.43 118.47
C ARG KA 457 -45.41 -41.80 117.31
N VAL KA 458 -44.67 -40.73 117.57
CA VAL KA 458 -44.08 -39.91 116.51
C VAL KA 458 -42.62 -40.29 116.31
N ALA KA 459 -41.93 -40.67 117.40
CA ALA KA 459 -40.52 -41.01 117.26
C ALA KA 459 -40.32 -42.29 116.48
N ALA KA 460 -41.30 -43.21 116.50
CA ALA KA 460 -41.22 -44.38 115.64
C ALA KA 460 -41.14 -43.97 114.18
N VAL KA 461 -42.06 -43.10 113.75
CA VAL KA 461 -42.05 -42.60 112.37
C VAL KA 461 -40.74 -41.89 112.09
N PHE KA 462 -40.31 -41.02 113.01
CA PHE KA 462 -39.06 -40.29 112.86
C PHE KA 462 -37.91 -41.24 112.56
N GLN KA 463 -37.68 -42.19 113.46
CA GLN KA 463 -36.54 -43.09 113.34
C GLN KA 463 -36.65 -43.96 112.08
N LYS KA 464 -37.85 -44.47 111.80
CA LYS KA 464 -38.00 -45.33 110.63
C LYS KA 464 -37.72 -44.56 109.34
N ARG KA 465 -38.25 -43.34 109.23
CA ARG KA 465 -37.98 -42.52 108.04
C ARG KA 465 -36.50 -42.18 107.95
N GLU KA 466 -35.86 -41.89 109.07
CA GLU KA 466 -34.44 -41.58 109.03
C GLU KA 466 -33.62 -42.79 108.60
N LYS KA 467 -34.04 -43.99 108.99
CA LYS KA 467 -33.35 -45.20 108.55
C LYS KA 467 -33.55 -45.43 107.06
N GLU KA 468 -34.79 -45.27 106.58
CA GLU KA 468 -35.05 -45.40 105.15
C GLU KA 468 -34.37 -44.29 104.35
N PHE KA 469 -33.96 -43.22 105.02
CA PHE KA 469 -33.19 -42.16 104.38
C PHE KA 469 -31.72 -42.56 104.29
N LEU KA 470 -31.13 -42.92 105.43
CA LEU KA 470 -29.70 -43.20 105.46
C LEU KA 470 -29.38 -44.46 104.66
N ASP KA 471 -30.34 -45.38 104.54
CA ASP KA 471 -30.10 -46.58 103.74
C ASP KA 471 -30.08 -46.27 102.24
N THR KA 472 -30.53 -45.08 101.85
CA THR KA 472 -30.64 -44.70 100.46
C THR KA 472 -29.62 -43.64 100.07
N PHE KA 473 -29.12 -42.87 101.03
CA PHE KA 473 -28.01 -41.94 100.79
C PHE KA 473 -26.79 -42.27 101.66
N THR KA 474 -26.63 -43.54 102.00
CA THR KA 474 -25.39 -44.00 102.63
C THR KA 474 -25.27 -45.50 102.40
N VAL KA 475 -24.06 -46.01 102.60
CA VAL KA 475 -23.82 -47.45 102.50
C VAL KA 475 -24.17 -48.10 103.82
N LYS KA 476 -24.51 -49.39 103.77
CA LYS KA 476 -24.90 -50.12 104.97
C LYS KA 476 -23.71 -50.86 105.57
N ALA KA 477 -23.70 -50.93 106.90
CA ALA KA 477 -22.57 -51.54 107.60
C ALA KA 477 -22.48 -53.02 107.31
N THR KA 478 -23.60 -53.68 106.98
CA THR KA 478 -23.52 -55.08 106.58
C THR KA 478 -22.80 -55.23 105.25
N GLU KA 479 -23.13 -54.37 104.27
CA GLU KA 479 -22.42 -54.38 103.00
C GLU KA 479 -20.94 -54.13 103.21
N ALA KA 480 -20.60 -53.17 104.08
CA ALA KA 480 -19.20 -52.94 104.41
C ALA KA 480 -18.56 -54.20 104.98
N GLN KA 481 -19.07 -54.65 106.12
CA GLN KA 481 -18.51 -55.78 106.84
C GLN KA 481 -18.29 -56.98 105.93
N GLU KA 482 -19.27 -57.30 105.08
CA GLU KA 482 -19.15 -58.45 104.20
C GLU KA 482 -17.80 -58.44 103.49
N ILE KA 483 -17.52 -57.39 102.72
CA ILE KA 483 -16.30 -57.40 101.92
C ILE KA 483 -15.08 -57.14 102.80
N LYS KA 484 -15.21 -56.24 103.77
CA LYS KA 484 -14.07 -55.92 104.63
C LYS KA 484 -13.51 -57.17 105.31
N THR KA 485 -14.39 -58.10 105.70
CA THR KA 485 -13.98 -59.28 106.46
C THR KA 485 -13.86 -60.54 105.61
N ILE KA 486 -14.45 -60.57 104.43
CA ILE KA 486 -14.49 -61.78 103.62
C ILE KA 486 -13.72 -61.66 102.32
N VAL KA 487 -13.53 -60.46 101.79
CA VAL KA 487 -13.09 -60.26 100.41
C VAL KA 487 -11.74 -59.57 100.43
N ASP KA 488 -11.69 -58.37 101.04
CA ASP KA 488 -10.54 -57.49 100.83
C ASP KA 488 -9.31 -58.00 101.57
N LYS KA 489 -9.38 -58.09 102.90
CA LYS KA 489 -8.20 -58.41 103.68
C LYS KA 489 -7.75 -59.86 103.49
N CYS KA 490 -8.61 -60.72 102.96
CA CYS KA 490 -8.19 -62.08 102.64
C CYS KA 490 -7.18 -62.12 101.50
N HIS KA 491 -7.16 -61.11 100.65
CA HIS KA 491 -6.15 -61.00 99.60
C HIS KA 491 -4.75 -60.91 100.19
N LYS KA 492 -4.47 -59.81 100.90
CA LYS KA 492 -3.11 -59.52 101.34
C LYS KA 492 -3.19 -58.44 102.41
N GLY KA 493 -2.08 -58.26 103.12
CA GLY KA 493 -2.04 -57.41 104.29
C GLY KA 493 -1.43 -56.05 104.02
N ASN KA 494 -0.13 -55.95 104.30
CA ASN KA 494 0.55 -54.67 104.53
C ASN KA 494 0.16 -53.59 103.53
N THR KA 495 -0.14 -53.97 102.29
CA THR KA 495 -0.58 -52.99 101.29
C THR KA 495 -1.84 -53.39 100.51
N PHE KA 496 -2.31 -54.63 100.62
CA PHE KA 496 -3.39 -55.11 99.76
C PHE KA 496 -3.03 -54.95 98.28
N ASP KA 497 -2.03 -55.74 97.87
CA ASP KA 497 -1.29 -55.47 96.65
C ASP KA 497 -2.16 -55.65 95.40
N PHE KA 498 -2.58 -56.87 95.09
CA PHE KA 498 -3.21 -57.15 93.81
C PHE KA 498 -4.40 -58.07 94.03
N HIS KA 499 -5.00 -58.55 92.93
CA HIS KA 499 -6.34 -59.12 92.96
C HIS KA 499 -6.51 -60.40 92.17
N ALA KA 500 -5.52 -60.85 91.39
CA ALA KA 500 -5.62 -62.16 90.77
C ALA KA 500 -5.81 -63.26 91.79
N LEU KA 501 -5.27 -63.10 93.00
CA LEU KA 501 -5.51 -64.03 94.10
C LEU KA 501 -6.92 -63.81 94.64
N SER KA 502 -7.91 -64.34 93.92
CA SER KA 502 -9.29 -64.19 94.36
C SER KA 502 -10.19 -65.06 93.48
N ASP KA 503 -11.43 -65.21 93.92
CA ASP KA 503 -12.46 -65.92 93.19
C ASP KA 503 -13.12 -65.01 92.16
N GLU KA 504 -14.12 -65.56 91.48
CA GLU KA 504 -14.93 -64.80 90.53
C GLU KA 504 -15.70 -63.66 91.21
N GLU KA 505 -15.97 -63.77 92.51
CA GLU KA 505 -16.74 -62.75 93.22
C GLU KA 505 -16.06 -61.39 93.24
N LEU KA 506 -14.81 -61.28 92.78
CA LEU KA 506 -14.27 -59.96 92.49
C LEU KA 506 -15.22 -59.17 91.60
N ARG KA 507 -15.86 -59.84 90.64
CA ARG KA 507 -16.85 -59.16 89.81
C ARG KA 507 -17.98 -58.61 90.65
N ARG KA 508 -18.43 -59.36 91.65
CA ARG KA 508 -19.45 -58.88 92.57
C ARG KA 508 -18.96 -57.68 93.36
N LEU KA 509 -17.71 -57.73 93.83
CA LEU KA 509 -17.12 -56.56 94.47
C LEU KA 509 -17.16 -55.34 93.55
N GLU KA 510 -16.87 -55.52 92.27
CA GLU KA 510 -16.98 -54.43 91.31
C GLU KA 510 -18.40 -53.90 91.24
N GLN KA 511 -19.37 -54.81 91.17
CA GLN KA 511 -20.77 -54.39 91.22
C GLN KA 511 -21.05 -53.59 92.47
N LEU KA 512 -20.50 -54.02 93.61
CA LEU KA 512 -20.68 -53.29 94.86
C LEU KA 512 -20.12 -51.87 94.73
N TYR KA 513 -18.95 -51.76 94.10
CA TYR KA 513 -18.39 -50.45 93.78
C TYR KA 513 -19.41 -49.59 93.03
N SER KA 514 -19.98 -50.14 91.96
CA SER KA 514 -20.90 -49.40 91.12
C SER KA 514 -22.24 -49.11 91.82
N THR KA 515 -22.53 -49.81 92.91
CA THR KA 515 -23.64 -49.40 93.76
C THR KA 515 -23.22 -48.25 94.67
N VAL KA 516 -22.10 -48.46 95.37
CA VAL KA 516 -21.73 -47.59 96.48
C VAL KA 516 -21.47 -46.17 95.96
N ASN KA 517 -20.52 -46.05 95.03
CA ASN KA 517 -20.23 -44.73 94.48
C ASN KA 517 -21.41 -44.10 93.75
N ASN KA 518 -22.38 -44.89 93.29
CA ASN KA 518 -23.54 -44.37 92.57
C ASN KA 518 -24.73 -44.15 93.48
N ARG KA 519 -24.59 -44.42 94.76
CA ARG KA 519 -25.52 -43.94 95.79
C ARG KA 519 -24.94 -42.79 96.59
N VAL KA 520 -23.66 -42.88 96.96
CA VAL KA 520 -22.99 -41.77 97.63
C VAL KA 520 -22.89 -40.57 96.70
N GLY KA 521 -22.60 -40.79 95.43
CA GLY KA 521 -22.51 -39.73 94.46
C GLY KA 521 -21.09 -39.34 94.08
N PHE KA 522 -20.12 -40.21 94.29
CA PHE KA 522 -18.77 -39.97 93.82
C PHE KA 522 -18.70 -40.20 92.32
N GLU KA 523 -17.76 -39.53 91.67
CA GLU KA 523 -17.56 -39.66 90.23
C GLU KA 523 -16.15 -40.19 90.01
N THR KA 524 -16.04 -41.47 89.70
CA THR KA 524 -14.79 -42.10 89.31
C THR KA 524 -14.81 -42.43 87.83
N ILE KA 525 -13.66 -42.27 87.18
CA ILE KA 525 -13.53 -42.61 85.77
C ILE KA 525 -13.75 -44.11 85.58
N HIS KA 526 -14.59 -44.46 84.63
CA HIS KA 526 -14.75 -45.85 84.20
C HIS KA 526 -13.70 -46.14 83.12
N GLU KA 527 -12.67 -46.89 83.50
CA GLU KA 527 -11.54 -47.13 82.60
C GLU KA 527 -12.00 -47.76 81.29
N ASN KA 528 -13.01 -48.62 81.35
CA ASN KA 528 -13.41 -49.34 80.15
C ASN KA 528 -14.06 -48.43 79.13
N SER KA 529 -14.31 -47.16 79.48
CA SER KA 529 -14.79 -46.22 78.47
C SER KA 529 -13.70 -45.92 77.44
N ILE KA 530 -12.44 -46.06 77.83
CA ILE KA 530 -11.36 -46.08 76.84
C ILE KA 530 -11.59 -47.24 75.89
N LYS KA 531 -11.25 -47.05 74.62
CA LYS KA 531 -11.36 -48.09 73.61
C LYS KA 531 -10.03 -48.25 72.89
N PRO KA 532 -9.62 -49.49 72.61
CA PRO KA 532 -8.33 -49.69 71.94
C PRO KA 532 -8.43 -49.38 70.44
N VAL KA 533 -7.37 -49.62 69.71
CA VAL KA 533 -7.32 -49.28 68.29
C VAL KA 533 -7.85 -50.43 67.46
N ALA KA 534 -8.44 -50.09 66.33
CA ALA KA 534 -8.85 -51.08 65.33
C ALA KA 534 -7.81 -51.11 64.22
N PRO KA 535 -7.13 -52.23 63.99
CA PRO KA 535 -6.19 -52.27 62.87
C PRO KA 535 -6.88 -52.10 61.54
N LEU KA 536 -6.19 -51.45 60.60
CA LEU KA 536 -6.67 -51.25 59.25
C LEU KA 536 -5.79 -51.98 58.23
N SER KA 537 -4.49 -51.71 58.23
CA SER KA 537 -3.55 -52.31 57.30
C SER KA 537 -2.38 -52.89 58.07
N GLU KA 538 -1.64 -53.79 57.40
CA GLU KA 538 -0.58 -54.52 58.08
C GLU KA 538 0.53 -53.59 58.55
N ASN KA 539 0.85 -52.56 57.76
CA ASN KA 539 1.95 -51.67 58.07
C ASN KA 539 1.79 -50.99 59.42
N SER KA 540 0.56 -50.86 59.92
CA SER KA 540 0.30 -50.21 61.20
C SER KA 540 0.44 -51.15 62.40
N LYS KA 541 0.56 -52.46 62.17
CA LYS KA 541 0.52 -53.41 63.27
C LYS KA 541 1.61 -53.16 64.29
N GLY KA 542 2.78 -52.67 63.85
CA GLY KA 542 3.88 -52.47 64.77
C GLY KA 542 3.68 -51.30 65.71
N PHE KA 543 2.69 -50.47 65.42
CA PHE KA 543 2.28 -49.35 66.26
C PHE KA 543 1.08 -49.77 67.08
N VAL KA 544 0.07 -50.31 66.41
CA VAL KA 544 -1.18 -50.70 67.06
C VAL KA 544 -0.90 -51.65 68.22
N GLU KA 545 -0.06 -52.66 68.00
CA GLU KA 545 0.22 -53.63 69.05
C GLU KA 545 0.87 -52.97 70.26
N PHE KA 546 1.87 -52.11 70.03
CA PHE KA 546 2.52 -51.42 71.15
C PHE KA 546 1.52 -50.56 71.89
N VAL KA 547 0.58 -49.96 71.15
CA VAL KA 547 -0.49 -49.21 71.78
C VAL KA 547 -1.28 -50.12 72.70
N ASN KA 548 -1.86 -51.18 72.14
CA ASN KA 548 -2.85 -51.96 72.89
C ASN KA 548 -2.20 -52.61 74.10
N THR KA 549 -1.01 -53.19 73.91
CA THR KA 549 -0.22 -53.69 75.04
C THR KA 549 -0.09 -52.63 76.14
N GLN KA 550 0.45 -51.46 75.80
CA GLN KA 550 0.59 -50.42 76.83
C GLN KA 550 -0.76 -50.07 77.44
N LEU KA 551 -1.82 -50.12 76.64
CA LEU KA 551 -3.16 -49.81 77.14
C LEU KA 551 -3.56 -50.79 78.23
N GLU KA 552 -3.35 -52.08 78.00
CA GLU KA 552 -3.62 -53.07 79.05
C GLU KA 552 -2.74 -52.83 80.27
N ILE KA 553 -1.45 -52.53 80.03
CA ILE KA 553 -0.51 -52.28 81.11
C ILE KA 553 -0.90 -51.04 81.92
N THR KA 554 -1.72 -50.18 81.36
CA THR KA 554 -2.27 -49.04 82.11
C THR KA 554 -3.63 -49.35 82.71
N LYS KA 555 -4.42 -50.20 82.05
CA LYS KA 555 -5.77 -50.46 82.51
C LYS KA 555 -5.73 -51.29 83.79
N ALA KA 556 -4.89 -52.31 83.82
CA ALA KA 556 -4.82 -53.14 85.02
C ALA KA 556 -4.19 -52.37 86.17
N LYS KA 557 -3.10 -51.66 85.89
CA LYS KA 557 -2.47 -50.81 86.90
C LYS KA 557 -3.47 -49.85 87.53
N LEU KA 558 -4.13 -49.04 86.69
CA LEU KA 558 -5.19 -48.15 87.16
C LEU KA 558 -6.25 -48.88 87.98
N ARG KA 559 -6.71 -50.04 87.49
CA ARG KA 559 -7.64 -50.86 88.26
C ARG KA 559 -7.13 -51.09 89.68
N ASN KA 560 -5.89 -51.56 89.80
CA ASN KA 560 -5.29 -51.76 91.11
C ASN KA 560 -5.30 -50.48 91.94
N ALA KA 561 -4.82 -49.38 91.36
CA ALA KA 561 -4.76 -48.13 92.11
C ALA KA 561 -6.14 -47.61 92.49
N ARG KA 562 -7.18 -48.12 91.83
CA ARG KA 562 -8.56 -47.89 92.25
C ARG KA 562 -8.88 -48.76 93.46
N LEU KA 563 -8.78 -50.08 93.30
CA LEU KA 563 -9.37 -50.98 94.29
C LEU KA 563 -8.59 -50.95 95.59
N THR KA 564 -7.28 -50.69 95.52
CA THR KA 564 -6.50 -50.50 96.75
C THR KA 564 -7.07 -49.36 97.59
N ALA KA 565 -7.37 -48.23 96.94
CA ALA KA 565 -8.05 -47.13 97.62
C ALA KA 565 -9.40 -47.57 98.19
N PHE KA 566 -10.21 -48.22 97.35
CA PHE KA 566 -11.51 -48.71 97.82
C PHE KA 566 -11.38 -49.62 99.03
N ALA KA 567 -10.28 -50.37 99.14
CA ALA KA 567 -10.07 -51.23 100.31
C ALA KA 567 -9.56 -50.43 101.50
N HIS KA 568 -8.64 -49.50 101.27
CA HIS KA 568 -7.99 -48.77 102.35
C HIS KA 568 -8.85 -47.62 102.86
N ALA KA 569 -10.01 -47.40 102.26
CA ALA KA 569 -11.07 -46.66 102.93
C ALA KA 569 -11.81 -47.51 103.95
N PHE KA 570 -11.88 -48.83 103.74
CA PHE KA 570 -12.64 -49.72 104.60
C PHE KA 570 -11.77 -50.49 105.58
N VAL KA 571 -10.45 -50.39 105.46
CA VAL KA 571 -9.51 -51.19 106.25
C VAL KA 571 -10.03 -52.61 106.42
N MET LA 1 0.97 -31.77 16.69
CA MET LA 1 2.14 -30.85 16.63
C MET LA 1 3.30 -31.41 15.82
N LEU LA 2 4.19 -30.53 15.40
CA LEU LA 2 5.36 -30.89 14.61
C LEU LA 2 6.61 -30.94 15.47
N ASN LA 3 7.61 -31.65 14.97
CA ASN LA 3 8.93 -31.72 15.60
C ASN LA 3 9.84 -30.62 15.06
N PHE LA 4 9.43 -29.38 15.31
CA PHE LA 4 10.15 -28.19 14.87
C PHE LA 4 10.32 -27.27 16.08
N ILE LA 5 11.48 -27.33 16.71
CA ILE LA 5 11.78 -26.54 17.90
C ILE LA 5 12.57 -25.31 17.46
N PRO LA 6 12.10 -24.09 17.74
CA PRO LA 6 12.84 -22.92 17.28
C PRO LA 6 14.19 -22.80 17.97
N LYS LA 7 15.20 -22.42 17.19
CA LYS LA 7 16.50 -22.12 17.77
C LYS LA 7 16.36 -20.95 18.73
N ARG LA 8 16.98 -21.08 19.89
CA ARG LA 8 16.91 -20.06 20.92
C ARG LA 8 18.00 -18.99 20.76
N CYS LA 9 18.73 -19.02 19.65
CA CYS LA 9 19.67 -17.96 19.35
C CYS LA 9 18.91 -16.66 19.08
N PRO LA 10 19.49 -15.51 19.42
CA PRO LA 10 18.76 -14.24 19.23
C PRO LA 10 18.57 -13.86 17.77
N SER LA 11 19.39 -14.38 16.86
CA SER LA 11 19.18 -14.12 15.45
C SER LA 11 17.87 -14.73 14.95
N VAL LA 12 17.34 -15.72 15.65
CA VAL LA 12 16.09 -16.38 15.29
C VAL LA 12 14.97 -16.00 16.24
N SER LA 13 15.13 -16.32 17.53
CA SER LA 13 14.15 -16.01 18.56
C SER LA 13 14.77 -14.93 19.43
N LEU LA 14 14.52 -13.68 19.06
CA LEU LA 14 14.95 -12.57 19.89
C LEU LA 14 14.31 -12.65 21.26
N LEU LA 15 15.14 -12.50 22.30
CA LEU LA 15 14.68 -12.33 23.66
C LEU LA 15 14.10 -13.61 24.25
N PHE LA 16 14.76 -14.75 24.01
CA PHE LA 16 14.21 -16.00 24.51
C PHE LA 16 14.23 -16.06 26.03
N GLY LA 17 15.43 -16.03 26.60
CA GLY LA 17 15.58 -16.23 28.03
C GLY LA 17 15.87 -14.95 28.80
N LYS LA 18 15.48 -13.81 28.24
CA LYS LA 18 15.70 -12.54 28.92
C LYS LA 18 14.84 -12.43 30.15
N ARG LA 19 13.67 -13.06 30.14
CA ARG LA 19 12.76 -13.14 31.27
C ARG LA 19 12.49 -14.60 31.59
N PRO LA 20 12.01 -14.88 32.80
CA PRO LA 20 11.87 -16.28 33.25
C PRO LA 20 10.57 -16.96 32.84
N VAL LA 21 9.81 -16.39 31.91
CA VAL LA 21 8.49 -16.90 31.57
C VAL LA 21 8.29 -16.85 30.06
N GLN LA 22 7.50 -17.79 29.56
CA GLN LA 22 6.99 -17.76 28.21
C GLN LA 22 5.46 -17.72 28.23
N ARG LA 23 4.89 -17.19 27.15
CA ARG LA 23 3.45 -17.07 27.01
C ARG LA 23 3.04 -17.57 25.63
N ILE LA 24 1.80 -18.05 25.54
CA ILE LA 24 1.28 -18.56 24.29
C ILE LA 24 -0.23 -18.31 24.26
N GLU LA 25 -0.76 -18.20 23.05
CA GLU LA 25 -2.19 -18.16 22.80
C GLU LA 25 -2.65 -19.52 22.30
N VAL LA 26 -3.79 -19.98 22.80
CA VAL LA 26 -4.23 -21.35 22.63
C VAL LA 26 -5.63 -21.35 22.05
N GLY LA 27 -5.81 -22.09 20.96
CA GLY LA 27 -7.13 -22.35 20.43
C GLY LA 27 -7.66 -21.21 19.60
N GLN LA 28 -8.94 -21.36 19.24
CA GLN LA 28 -9.62 -20.32 18.46
C GLN LA 28 -9.94 -19.13 19.34
N ALA LA 29 -10.26 -19.37 20.61
CA ALA LA 29 -10.47 -18.29 21.57
C ALA LA 29 -9.17 -17.65 22.01
N ARG LA 30 -8.04 -18.29 21.76
CA ARG LA 30 -6.72 -17.73 22.07
C ARG LA 30 -6.58 -17.47 23.57
N HIS LA 31 -6.84 -18.50 24.36
CA HIS LA 31 -6.60 -18.43 25.80
C HIS LA 31 -5.12 -18.27 26.10
N GLN LA 32 -4.82 -17.49 27.13
CA GLN LA 32 -3.44 -17.25 27.52
C GLN LA 32 -2.96 -18.36 28.44
N LEU LA 33 -1.68 -18.70 28.31
CA LEU LA 33 -1.04 -19.65 29.20
C LEU LA 33 0.41 -19.25 29.39
N GLU LA 34 0.86 -19.20 30.63
CA GLU LA 34 2.24 -18.88 30.97
C GLU LA 34 2.99 -20.13 31.40
N ILE LA 35 4.21 -20.27 30.92
CA ILE LA 35 5.00 -21.48 31.12
C ILE LA 35 6.39 -21.09 31.62
N PRO LA 36 6.95 -21.78 32.61
CA PRO LA 36 8.32 -21.46 33.02
C PRO LA 36 9.35 -21.80 31.96
N VAL LA 37 10.34 -20.91 31.85
CA VAL LA 37 11.39 -21.06 30.86
C VAL LA 37 12.25 -22.29 31.15
N GLU LA 38 12.24 -22.79 32.39
CA GLU LA 38 12.97 -24.01 32.70
C GLU LA 38 12.23 -25.24 32.18
N THR LA 39 10.92 -25.27 32.37
CA THR LA 39 10.08 -26.28 31.74
C THR LA 39 10.31 -26.29 30.24
N ILE LA 40 10.47 -25.12 29.63
CA ILE LA 40 10.73 -25.08 28.20
C ILE LA 40 12.15 -25.55 27.88
N GLU LA 41 13.13 -25.13 28.68
CA GLU LA 41 14.52 -25.48 28.44
C GLU LA 41 14.77 -26.97 28.56
N LYS LA 42 13.89 -27.69 29.25
CA LYS LA 42 14.01 -29.14 29.29
C LYS LA 42 13.99 -29.75 27.89
N ILE LA 43 13.33 -29.09 26.93
CA ILE LA 43 13.23 -29.62 25.57
C ILE LA 43 14.59 -29.58 24.86
N TYR LA 44 15.37 -28.54 25.11
CA TYR LA 44 16.62 -28.35 24.39
C TYR LA 44 17.71 -29.30 24.86
N GLU LA 45 17.42 -30.16 25.83
CA GLU LA 45 18.29 -31.29 26.12
C GLU LA 45 18.02 -32.46 25.18
N GLY LA 46 16.80 -32.58 24.68
CA GLY LA 46 16.44 -33.61 23.73
C GLY LA 46 16.62 -33.15 22.30
N VAL LA 47 16.70 -31.83 22.10
CA VAL LA 47 16.92 -31.31 20.76
C VAL LA 47 18.19 -31.86 20.15
N ASP LA 48 18.13 -32.18 18.85
CA ASP LA 48 19.26 -32.65 18.07
C ASP LA 48 19.67 -31.57 17.08
N SER LA 49 20.96 -31.20 17.12
CA SER LA 49 21.43 -30.05 16.36
C SER LA 49 21.94 -30.40 14.97
N ARG LA 50 22.13 -31.70 14.66
CA ARG LA 50 22.44 -32.07 13.29
C ARG LA 50 21.32 -31.68 12.34
N LEU LA 51 20.08 -31.75 12.81
CA LEU LA 51 18.91 -31.55 11.97
C LEU LA 51 18.43 -30.11 12.13
N GLU LA 52 18.28 -29.41 11.00
CA GLU LA 52 17.84 -28.03 10.99
C GLU LA 52 16.98 -27.80 9.76
N TYR LA 53 15.80 -27.24 9.97
CA TYR LA 53 14.80 -27.12 8.94
C TYR LA 53 14.23 -25.70 8.93
N HIS LA 54 13.50 -25.40 7.86
CA HIS LA 54 12.73 -24.17 7.73
C HIS LA 54 13.63 -22.93 7.85
N ASN LA 55 14.52 -22.81 6.86
CA ASN LA 55 15.53 -21.76 6.81
C ASN LA 55 16.61 -21.92 7.87
N LYS LA 56 16.78 -23.14 8.38
CA LYS LA 56 17.73 -23.41 9.45
C LYS LA 56 17.45 -22.55 10.67
N ASP LA 57 16.17 -22.45 11.00
CA ASP LA 57 15.70 -21.75 12.18
C ASP LA 57 15.05 -22.68 13.19
N TYR LA 58 14.81 -23.94 12.82
CA TYR LA 58 14.18 -24.92 13.68
C TYR LA 58 15.00 -26.19 13.68
N ASN LA 59 15.28 -26.70 14.88
CA ASN LA 59 15.91 -27.99 15.05
C ASN LA 59 14.82 -29.03 15.28
N ALA LA 60 15.25 -30.29 15.41
CA ALA LA 60 14.36 -31.39 15.66
C ALA LA 60 14.72 -32.06 16.98
N MET LA 61 13.71 -32.54 17.68
CA MET LA 61 13.93 -33.35 18.87
C MET LA 61 14.26 -34.78 18.46
N LYS LA 62 14.73 -35.55 19.43
CA LYS LA 62 14.83 -36.98 19.25
C LYS LA 62 13.45 -37.62 19.35
N TRP LA 63 13.25 -38.67 18.56
CA TRP LA 63 11.92 -39.24 18.40
C TRP LA 63 11.37 -39.79 19.70
N LYS LA 64 12.24 -40.34 20.55
CA LYS LA 64 11.80 -40.85 21.85
C LYS LA 64 11.10 -39.75 22.65
N ASP LA 65 11.78 -38.63 22.84
CA ASP LA 65 11.22 -37.54 23.63
C ASP LA 65 9.99 -36.94 22.94
N PHE LA 66 10.07 -36.73 21.63
CA PHE LA 66 8.94 -36.16 20.91
C PHE LA 66 7.70 -37.02 21.04
N MET LA 67 7.85 -38.33 20.97
CA MET LA 67 6.70 -39.22 21.04
C MET LA 67 6.20 -39.36 22.46
N LYS LA 68 7.07 -39.29 23.46
CA LYS LA 68 6.59 -39.20 24.84
C LYS LA 68 5.69 -37.99 25.01
N LEU LA 69 6.15 -36.84 24.52
CA LEU LA 69 5.36 -35.61 24.55
C LEU LA 69 4.02 -35.79 23.85
N LYS LA 70 4.04 -36.35 22.64
CA LYS LA 70 2.81 -36.60 21.90
C LYS LA 70 1.87 -37.51 22.69
N LEU LA 71 2.41 -38.54 23.33
CA LEU LA 71 1.56 -39.47 24.08
C LEU LA 71 0.92 -38.79 25.27
N ASP LA 72 1.66 -37.91 25.95
CA ASP LA 72 1.05 -37.16 27.05
C ASP LA 72 -0.10 -36.30 26.54
N ALA LA 73 0.11 -35.62 25.42
CA ALA LA 73 -0.97 -34.84 24.81
C ALA LA 73 -2.17 -35.72 24.48
N TYR LA 74 -1.92 -36.86 23.84
CA TYR LA 74 -3.00 -37.74 23.42
C TYR LA 74 -3.77 -38.28 24.62
N HIS LA 75 -3.05 -38.63 25.69
CA HIS LA 75 -3.71 -39.12 26.89
C HIS LA 75 -4.62 -38.05 27.49
N LEU LA 76 -4.11 -36.83 27.61
CA LEU LA 76 -4.95 -35.75 28.12
C LEU LA 76 -6.17 -35.55 27.24
N LEU LA 77 -5.99 -35.62 25.92
CA LEU LA 77 -7.11 -35.39 25.02
C LEU LA 77 -8.17 -36.47 25.16
N GLU LA 78 -7.77 -37.73 25.17
CA GLU LA 78 -8.76 -38.80 25.27
C GLU LA 78 -9.40 -38.82 26.65
N ALA LA 79 -8.68 -38.41 27.69
CA ALA LA 79 -9.31 -38.23 29.00
C ALA LA 79 -10.36 -37.14 28.95
N SER LA 80 -10.07 -36.04 28.25
CA SER LA 80 -11.07 -34.99 28.08
C SER LA 80 -12.29 -35.50 27.34
N GLN LA 81 -12.08 -36.37 26.35
CA GLN LA 81 -13.21 -36.87 25.57
C GLN LA 81 -14.01 -37.91 26.31
N SER LA 82 -13.40 -38.63 27.24
CA SER LA 82 -14.07 -39.69 27.98
C SER LA 82 -14.76 -39.13 29.21
N GLU LA 83 -15.72 -39.89 29.73
CA GLU LA 83 -16.50 -39.51 30.90
C GLU LA 83 -16.01 -40.16 32.18
N THR LA 84 -15.47 -41.38 32.11
CA THR LA 84 -14.94 -42.08 33.26
C THR LA 84 -13.51 -41.70 33.57
N ALA LA 85 -13.05 -40.56 33.06
CA ALA LA 85 -11.68 -40.13 33.31
C ALA LA 85 -11.46 -39.85 34.80
N ALA LA 86 -10.25 -40.13 35.25
CA ALA LA 86 -9.89 -39.86 36.63
C ALA LA 86 -9.99 -38.38 36.93
N LYS LA 87 -10.48 -38.05 38.12
CA LYS LA 87 -10.56 -36.66 38.56
C LYS LA 87 -9.20 -36.08 38.92
N SER LA 88 -8.15 -36.90 38.93
CA SER LA 88 -6.82 -36.43 39.25
C SER LA 88 -5.79 -37.29 38.50
N ALA LA 89 -4.60 -36.73 38.34
CA ALA LA 89 -3.49 -37.43 37.70
C ALA LA 89 -2.61 -38.15 38.70
N LEU LA 90 -3.11 -38.36 39.90
CA LEU LA 90 -2.38 -39.06 40.95
C LEU LA 90 -2.64 -40.56 40.85
N SER LA 91 -1.69 -41.34 41.35
CA SER LA 91 -1.80 -42.79 41.31
C SER LA 91 -2.60 -43.27 42.52
N ASP LA 92 -2.69 -44.59 42.69
CA ASP LA 92 -3.39 -45.16 43.82
C ASP LA 92 -2.83 -44.64 45.13
N LEU LA 93 -3.63 -43.85 45.85
CA LEU LA 93 -3.26 -43.40 47.17
C LEU LA 93 -3.64 -44.47 48.19
N ASN LA 94 -2.71 -44.79 49.09
CA ASN LA 94 -2.91 -45.87 50.02
C ASN LA 94 -2.43 -45.52 51.44
N TRP LA 95 -2.31 -44.23 51.76
CA TRP LA 95 -1.79 -43.82 53.06
C TRP LA 95 -2.83 -43.05 53.87
N PHE LA 96 -4.12 -43.35 53.67
CA PHE LA 96 -5.16 -42.82 54.53
C PHE LA 96 -5.43 -43.74 55.71
N SER LA 97 -5.13 -45.03 55.54
CA SER LA 97 -5.30 -45.98 56.63
C SER LA 97 -4.29 -45.70 57.73
N ASP LA 98 -3.02 -45.48 57.35
CA ASP LA 98 -2.01 -45.24 58.36
C ASP LA 98 -2.31 -43.95 59.12
N LEU LA 99 -2.82 -42.94 58.42
CA LEU LA 99 -3.19 -41.69 59.08
C LEU LA 99 -4.31 -41.92 60.08
N ALA LA 100 -5.34 -42.68 59.68
CA ALA LA 100 -6.42 -42.98 60.60
C ALA LA 100 -5.91 -43.74 61.82
N ASP LA 101 -5.02 -44.72 61.59
CA ASP LA 101 -4.50 -45.54 62.67
C ASP LA 101 -3.68 -44.69 63.65
N ILE LA 102 -2.84 -43.79 63.15
CA ILE LA 102 -2.03 -42.99 64.05
C ILE LA 102 -2.90 -41.96 64.76
N TYR LA 103 -3.97 -41.49 64.11
CA TYR LA 103 -4.87 -40.57 64.79
C TYR LA 103 -5.55 -41.25 65.97
N SER LA 104 -6.14 -42.43 65.73
CA SER LA 104 -6.75 -43.19 66.81
C SER LA 104 -5.72 -43.52 67.89
N GLY LA 105 -4.49 -43.80 67.49
CA GLY LA 105 -3.46 -44.14 68.46
C GLY LA 105 -3.11 -42.96 69.35
N GLN LA 106 -2.94 -41.78 68.75
CA GLN LA 106 -2.64 -40.59 69.55
C GLN LA 106 -3.81 -40.23 70.46
N GLN LA 107 -5.03 -40.36 69.94
CA GLN LA 107 -6.22 -40.11 70.76
C GLN LA 107 -6.24 -41.01 71.99
N THR LA 108 -6.06 -42.32 71.78
CA THR LA 108 -6.08 -43.26 72.89
C THR LA 108 -4.91 -43.02 73.84
N MET LA 109 -3.73 -42.73 73.30
CA MET LA 109 -2.56 -42.50 74.14
C MET LA 109 -2.74 -41.28 75.01
N ALA LA 110 -3.43 -40.25 74.50
CA ALA LA 110 -3.75 -39.11 75.35
C ALA LA 110 -4.80 -39.49 76.40
N GLU LA 111 -5.85 -40.19 75.97
CA GLU LA 111 -6.91 -40.56 76.89
C GLU LA 111 -6.38 -41.38 78.06
N MET LA 112 -5.34 -42.18 77.84
CA MET LA 112 -4.78 -43.04 78.87
C MET LA 112 -3.42 -42.57 79.38
N ASP LA 113 -2.95 -41.41 78.93
CA ASP LA 113 -1.96 -40.64 79.69
C ASP LA 113 -2.61 -39.57 80.56
N VAL LA 114 -3.92 -39.38 80.43
CA VAL LA 114 -4.65 -38.54 81.36
C VAL LA 114 -4.86 -39.27 82.68
N ALA LA 115 -5.55 -40.41 82.62
CA ALA LA 115 -5.99 -41.08 83.84
C ALA LA 115 -4.84 -41.69 84.63
N LEU LA 116 -3.59 -41.59 84.19
CA LEU LA 116 -2.47 -41.85 85.09
C LEU LA 116 -2.30 -40.71 86.08
N LYS LA 117 -2.65 -39.49 85.67
CA LYS LA 117 -2.48 -38.32 86.52
C LYS LA 117 -3.74 -38.03 87.30
N ALA LA 118 -4.89 -38.22 86.65
CA ALA LA 118 -6.18 -37.90 87.26
C ALA LA 118 -6.73 -39.02 88.16
N GLN LA 119 -5.92 -40.03 88.50
CA GLN LA 119 -6.34 -41.05 89.45
C GLN LA 119 -5.18 -41.40 90.40
N GLY LA 120 -4.58 -40.37 90.98
CA GLY LA 120 -3.68 -40.61 92.11
C GLY LA 120 -4.35 -41.35 93.24
N GLU LA 121 -5.51 -40.86 93.68
CA GLU LA 121 -6.36 -41.56 94.63
C GLU LA 121 -5.58 -41.90 95.90
N GLN LA 122 -5.22 -40.84 96.64
CA GLN LA 122 -4.54 -40.99 97.90
C GLN LA 122 -5.36 -41.84 98.86
N LYS LA 123 -6.51 -41.33 99.30
CA LYS LA 123 -7.44 -42.09 100.13
C LYS LA 123 -8.83 -41.51 99.95
N LEU LA 124 -9.82 -42.24 100.44
CA LEU LA 124 -11.21 -41.82 100.38
C LEU LA 124 -11.82 -41.82 101.77
N SER LA 125 -13.00 -41.21 101.87
CA SER LA 125 -13.74 -41.06 103.12
C SER LA 125 -15.16 -41.51 102.84
N TYR LA 126 -15.44 -42.78 103.10
CA TYR LA 126 -16.78 -43.31 102.87
C TYR LA 126 -17.61 -43.20 104.15
N PRO LA 127 -18.78 -42.57 104.12
CA PRO LA 127 -19.67 -42.61 105.29
C PRO LA 127 -20.35 -43.96 105.41
N ILE LA 128 -20.23 -44.58 106.59
CA ILE LA 128 -20.73 -45.92 106.83
C ILE LA 128 -21.66 -45.87 108.02
N GLN LA 129 -22.80 -46.55 107.91
CA GLN LA 129 -23.78 -46.52 108.99
C GLN LA 129 -23.20 -47.12 110.26
N GLY LA 130 -23.50 -46.50 111.39
CA GLY LA 130 -23.07 -46.98 112.69
C GLY LA 130 -21.73 -46.43 113.14
N LYS LA 131 -20.83 -46.10 112.21
CA LYS LA 131 -19.49 -45.65 112.55
C LYS LA 131 -19.27 -44.19 112.18
N ASN LA 132 -19.40 -43.85 110.90
CA ASN LA 132 -19.12 -42.49 110.46
C ASN LA 132 -20.26 -41.52 110.75
N ILE LA 133 -21.46 -42.03 110.98
CA ILE LA 133 -22.62 -41.18 111.23
C ILE LA 133 -22.80 -40.98 112.73
N SER MA 15 -5.70 -64.42 -121.47
CA SER MA 15 -4.51 -64.63 -122.30
C SER MA 15 -3.29 -64.93 -121.42
N SER MA 16 -3.43 -64.69 -120.12
CA SER MA 16 -2.40 -65.05 -119.14
C SER MA 16 -3.09 -65.64 -117.90
N PRO MA 17 -3.80 -66.76 -118.08
CA PRO MA 17 -4.64 -67.25 -116.98
C PRO MA 17 -3.84 -67.78 -115.81
N HIS MA 18 -2.74 -68.47 -116.07
CA HIS MA 18 -1.96 -69.04 -114.97
C HIS MA 18 -1.39 -67.93 -114.08
N MET MA 19 -0.74 -66.95 -114.70
CA MET MA 19 -0.22 -65.80 -113.97
C MET MA 19 -1.32 -65.08 -113.21
N ASP MA 20 -2.42 -64.78 -113.90
CA ASP MA 20 -3.51 -64.02 -113.28
C ASP MA 20 -4.05 -64.75 -112.06
N ARG MA 21 -4.33 -66.04 -112.20
CA ARG MA 21 -4.90 -66.80 -111.09
C ARG MA 21 -3.90 -66.96 -109.95
N LEU MA 22 -2.62 -67.10 -110.26
CA LEU MA 22 -1.60 -67.14 -109.21
C LEU MA 22 -1.62 -65.86 -108.38
N LEU MA 23 -1.52 -64.71 -109.05
CA LEU MA 23 -1.50 -63.45 -108.32
C LEU MA 23 -2.79 -63.24 -107.54
N GLY MA 24 -3.93 -63.62 -108.12
CA GLY MA 24 -5.18 -63.51 -107.39
C GLY MA 24 -5.22 -64.36 -106.14
N ASP MA 25 -4.75 -65.61 -106.25
CA ASP MA 25 -4.69 -66.48 -105.08
C ASP MA 25 -3.83 -65.87 -104.00
N LEU MA 26 -2.67 -65.32 -104.36
CA LEU MA 26 -1.80 -64.71 -103.35
C LEU MA 26 -2.48 -63.52 -102.68
N LYS MA 27 -3.14 -62.67 -103.47
CA LYS MA 27 -3.86 -61.54 -102.89
C LYS MA 27 -4.94 -62.02 -101.93
N LEU MA 28 -5.64 -63.09 -102.29
CA LEU MA 28 -6.73 -63.56 -101.44
C LEU MA 28 -6.21 -64.19 -100.15
N LEU MA 29 -5.05 -64.86 -100.22
CA LEU MA 29 -4.43 -65.35 -99.00
C LEU MA 29 -4.04 -64.21 -98.07
N ALA MA 30 -3.42 -63.17 -98.63
CA ALA MA 30 -3.09 -62.00 -97.83
C ALA MA 30 -4.34 -61.38 -97.21
N ALA MA 31 -5.42 -61.31 -97.97
CA ALA MA 31 -6.66 -60.74 -97.46
C ALA MA 31 -7.23 -61.58 -96.33
N TYR MA 32 -7.18 -62.90 -96.47
CA TYR MA 32 -7.65 -63.79 -95.41
C TYR MA 32 -6.87 -63.54 -94.13
N ASP MA 33 -5.53 -63.45 -94.23
CA ASP MA 33 -4.72 -63.21 -93.05
C ASP MA 33 -5.04 -61.87 -92.41
N SER MA 34 -5.19 -60.81 -93.22
CA SER MA 34 -5.49 -59.50 -92.67
C SER MA 34 -6.85 -59.50 -91.98
N ALA MA 35 -7.86 -60.10 -92.60
CA ALA MA 35 -9.18 -60.15 -92.01
C ALA MA 35 -9.20 -60.98 -90.73
N ALA MA 36 -8.37 -62.02 -90.67
CA ALA MA 36 -8.26 -62.77 -89.43
C ALA MA 36 -7.66 -61.91 -88.33
N GLY MA 37 -6.60 -61.16 -88.64
CA GLY MA 37 -6.02 -60.28 -87.66
C GLY MA 37 -6.99 -59.22 -87.18
N TRP MA 38 -7.82 -58.71 -88.08
CA TRP MA 38 -8.78 -57.66 -87.76
C TRP MA 38 -10.15 -58.19 -87.34
N GLN MA 39 -10.31 -59.51 -87.22
CA GLN MA 39 -11.54 -60.11 -86.72
C GLN MA 39 -12.73 -59.83 -87.64
N GLU MA 40 -12.64 -60.31 -88.89
CA GLU MA 40 -13.64 -60.02 -89.91
C GLU MA 40 -14.08 -61.30 -90.63
N PRO MA 41 -15.07 -62.00 -90.06
CA PRO MA 41 -15.53 -63.25 -90.69
C PRO MA 41 -16.14 -63.04 -92.07
N LYS MA 42 -16.87 -61.95 -92.28
CA LYS MA 42 -17.48 -61.71 -93.57
C LYS MA 42 -16.42 -61.57 -94.66
N ALA MA 43 -15.41 -60.73 -94.39
CA ALA MA 43 -14.35 -60.52 -95.36
C ALA MA 43 -13.56 -61.80 -95.62
N MET MA 44 -13.25 -62.55 -94.56
CA MET MA 44 -12.42 -63.73 -94.78
C MET MA 44 -13.20 -64.85 -95.44
N GLU MA 45 -14.51 -64.93 -95.23
CA GLU MA 45 -15.30 -65.92 -95.97
C GLU MA 45 -15.45 -65.52 -97.43
N SER MA 46 -15.58 -64.22 -97.70
CA SER MA 46 -15.56 -63.76 -99.08
C SER MA 46 -14.25 -64.16 -99.76
N ALA MA 47 -13.13 -63.97 -99.06
CA ALA MA 47 -11.84 -64.34 -99.60
C ALA MA 47 -11.78 -65.83 -99.88
N PHE MA 48 -12.27 -66.65 -98.95
CA PHE MA 48 -12.26 -68.09 -99.16
C PHE MA 48 -13.12 -68.48 -100.36
N GLN MA 49 -14.27 -67.83 -100.52
CA GLN MA 49 -15.18 -68.17 -101.61
C GLN MA 49 -14.62 -67.76 -102.96
N SER MA 50 -13.87 -66.67 -103.02
CA SER MA 50 -13.35 -66.16 -104.28
C SER MA 50 -12.07 -66.84 -104.75
N LEU MA 51 -11.70 -67.98 -104.17
CA LEU MA 51 -10.38 -68.56 -104.41
C LEU MA 51 -10.42 -69.65 -105.46
N SER MA 52 -10.80 -69.26 -106.67
CA SER MA 52 -10.52 -70.01 -107.88
C SER MA 52 -10.69 -71.52 -107.76
N TRP MA 53 -11.76 -71.96 -107.10
CA TRP MA 53 -11.97 -73.39 -106.92
C TRP MA 53 -12.41 -74.10 -108.20
N ASP MA 54 -12.70 -73.36 -109.26
CA ASP MA 54 -13.24 -73.92 -110.50
C ASP MA 54 -12.17 -74.11 -111.57
N ASP MA 55 -10.96 -74.46 -111.19
CA ASP MA 55 -9.86 -74.66 -112.13
C ASP MA 55 -9.65 -76.15 -112.34
N ALA MA 56 -9.96 -76.62 -113.55
CA ALA MA 56 -9.91 -78.04 -113.85
C ALA MA 56 -8.49 -78.58 -113.77
N ASP MA 57 -7.51 -77.78 -114.19
CA ASP MA 57 -6.11 -78.22 -114.15
C ASP MA 57 -5.67 -78.49 -112.72
N VAL MA 58 -5.94 -77.54 -111.82
CA VAL MA 58 -5.53 -77.69 -110.44
C VAL MA 58 -6.32 -78.82 -109.78
N LEU MA 59 -7.59 -78.96 -110.13
CA LEU MA 59 -8.39 -80.04 -109.59
C LEU MA 59 -7.82 -81.40 -110.01
N LYS MA 60 -7.41 -81.51 -111.27
CA LYS MA 60 -6.80 -82.76 -111.74
C LYS MA 60 -5.45 -83.02 -111.09
N ALA MA 61 -4.69 -81.96 -110.81
CA ALA MA 61 -3.37 -82.13 -110.23
C ALA MA 61 -3.41 -82.35 -108.73
N LEU MA 62 -4.53 -82.07 -108.07
CA LEU MA 62 -4.61 -82.27 -106.63
C LEU MA 62 -4.31 -83.71 -106.22
N PRO MA 63 -5.04 -84.72 -106.73
CA PRO MA 63 -4.73 -86.09 -106.33
C PRO MA 63 -3.35 -86.56 -106.79
N GLN MA 64 -2.79 -85.94 -107.82
CA GLN MA 64 -1.42 -86.25 -108.21
C GLN MA 64 -0.43 -85.73 -107.18
N TYR MA 65 -0.66 -84.50 -106.68
CA TYR MA 65 0.20 -83.97 -105.63
C TYR MA 65 0.08 -84.80 -104.36
N LEU MA 66 -1.13 -85.26 -104.04
CA LEU MA 66 -1.34 -85.99 -102.81
C LEU MA 66 -0.60 -87.32 -102.80
N ASN MA 67 -0.16 -87.81 -103.96
CA ASN MA 67 0.56 -89.07 -104.06
C ASN MA 67 1.97 -88.93 -104.62
N CYS MA 68 2.41 -87.73 -104.97
CA CYS MA 68 3.77 -87.56 -105.46
C CYS MA 68 4.77 -87.78 -104.32
N ARG MA 69 6.03 -87.90 -104.69
CA ARG MA 69 7.07 -88.26 -103.74
C ARG MA 69 8.45 -87.94 -104.33
N GLY MA 70 9.32 -87.41 -103.50
CA GLY MA 70 10.72 -87.25 -103.86
C GLY MA 70 11.04 -85.84 -104.35
N GLU MA 71 11.69 -85.77 -105.51
CA GLU MA 71 12.25 -84.50 -105.97
C GLU MA 71 11.16 -83.50 -106.30
N GLN MA 72 10.12 -83.93 -107.01
CA GLN MA 72 9.02 -83.04 -107.34
C GLN MA 72 8.34 -82.51 -106.08
N LYS MA 73 8.09 -83.38 -105.11
CA LYS MA 73 7.47 -82.96 -103.87
C LYS MA 73 8.35 -81.98 -103.12
N ARG MA 74 9.67 -82.20 -103.15
CA ARG MA 74 10.57 -81.30 -102.43
C ARG MA 74 10.62 -79.93 -103.11
N ARG MA 75 10.62 -79.90 -104.44
CA ARG MA 75 10.55 -78.64 -105.16
C ARG MA 75 9.28 -77.87 -104.79
N VAL MA 76 8.14 -78.55 -104.82
CA VAL MA 76 6.88 -77.87 -104.56
C VAL MA 76 6.81 -77.41 -103.10
N ASP MA 77 7.34 -78.21 -102.19
CA ASP MA 77 7.38 -77.82 -100.78
C ASP MA 77 8.27 -76.60 -100.59
N PHE MA 78 9.41 -76.55 -101.26
CA PHE MA 78 10.30 -75.40 -101.18
C PHE MA 78 9.59 -74.15 -101.67
N ALA MA 79 8.90 -74.25 -102.80
CA ALA MA 79 8.21 -73.08 -103.34
C ALA MA 79 7.06 -72.64 -102.43
N TYR MA 80 6.34 -73.60 -101.86
CA TYR MA 80 5.25 -73.25 -100.96
C TYR MA 80 5.76 -72.64 -99.68
N ALA MA 81 6.90 -73.10 -99.18
CA ALA MA 81 7.46 -72.50 -97.97
C ALA MA 81 8.02 -71.12 -98.25
N ALA MA 82 8.47 -70.88 -99.49
CA ALA MA 82 8.80 -69.52 -99.89
C ALA MA 82 7.57 -68.63 -99.82
N LEU MA 83 6.49 -69.03 -100.49
CA LEU MA 83 5.34 -68.14 -100.57
C LEU MA 83 4.60 -68.02 -99.24
N CYS MA 84 4.59 -69.09 -98.45
CA CYS MA 84 3.75 -69.17 -97.25
C CYS MA 84 4.45 -70.05 -96.22
N PRO MA 85 5.44 -69.50 -95.52
CA PRO MA 85 6.21 -70.33 -94.58
C PRO MA 85 5.53 -70.57 -93.25
N ARG MA 86 4.49 -69.83 -92.92
CA ARG MA 86 3.84 -69.99 -91.64
C ARG MA 86 3.12 -71.34 -91.59
N PRO MA 87 3.25 -72.09 -90.49
CA PRO MA 87 2.52 -73.37 -90.42
C PRO MA 87 1.09 -73.14 -90.00
N VAL MA 88 0.15 -73.54 -90.85
CA VAL MA 88 -1.26 -73.38 -90.54
C VAL MA 88 -1.65 -74.33 -89.41
N ASP MA 89 -2.72 -73.96 -88.73
CA ASP MA 89 -3.24 -74.81 -87.66
C ASP MA 89 -3.77 -76.10 -88.25
N GLU MA 90 -3.33 -77.23 -87.69
CA GLU MA 90 -3.74 -78.54 -88.19
C GLU MA 90 -5.24 -78.75 -88.06
N LYS MA 91 -5.91 -77.93 -87.26
CA LYS MA 91 -7.33 -78.10 -86.95
C LYS MA 91 -8.24 -77.27 -87.85
N ASP MA 92 -7.70 -76.30 -88.58
CA ASP MA 92 -8.53 -75.36 -89.33
C ASP MA 92 -8.66 -75.82 -90.77
N PRO MA 93 -9.82 -76.39 -91.17
CA PRO MA 93 -9.89 -77.01 -92.48
C PRO MA 93 -9.84 -76.01 -93.62
N LYS MA 94 -10.32 -74.78 -93.40
CA LYS MA 94 -10.27 -73.78 -94.46
C LYS MA 94 -8.82 -73.46 -94.82
N GLN MA 95 -7.99 -73.22 -93.81
CA GLN MA 95 -6.57 -73.00 -94.01
C GLN MA 95 -5.94 -74.21 -94.69
N THR MA 96 -6.25 -75.41 -94.19
CA THR MA 96 -5.70 -76.62 -94.78
C THR MA 96 -6.05 -76.71 -96.27
N LEU MA 97 -7.29 -76.37 -96.62
CA LEU MA 97 -7.75 -76.52 -97.99
C LEU MA 97 -7.10 -75.50 -98.90
N MET MA 98 -6.97 -74.26 -98.44
CA MET MA 98 -6.31 -73.25 -99.25
C MET MA 98 -4.85 -73.61 -99.47
N SER MA 99 -4.19 -74.16 -98.44
CA SER MA 99 -2.83 -74.65 -98.61
C SER MA 99 -2.77 -75.74 -99.67
N LEU MA 100 -3.69 -76.71 -99.59
CA LEU MA 100 -3.73 -77.78 -100.57
C LEU MA 100 -3.93 -77.24 -101.97
N TRP MA 101 -4.81 -76.24 -102.12
CA TRP MA 101 -5.10 -75.68 -103.43
C TRP MA 101 -3.88 -75.00 -104.01
N MET MA 102 -3.19 -74.19 -103.19
CA MET MA 102 -1.99 -73.52 -103.68
C MET MA 102 -0.91 -74.53 -104.06
N LYS MA 103 -0.75 -75.58 -103.24
CA LYS MA 103 0.23 -76.60 -103.56
C LYS MA 103 -0.11 -77.33 -104.84
N ALA MA 104 -1.39 -77.61 -105.07
CA ALA MA 104 -1.80 -78.27 -106.31
C ALA MA 104 -1.53 -77.38 -107.51
N ARG MA 105 -1.78 -76.09 -107.38
CA ARG MA 105 -1.48 -75.15 -108.46
C ARG MA 105 0.00 -75.18 -108.79
N LEU MA 106 0.85 -75.09 -107.76
CA LEU MA 106 2.29 -75.13 -107.99
C LEU MA 106 2.72 -76.47 -108.59
N PHE MA 107 2.08 -77.56 -108.17
CA PHE MA 107 2.40 -78.87 -108.73
C PHE MA 107 2.08 -78.92 -110.21
N SER MA 108 0.93 -78.36 -110.59
CA SER MA 108 0.58 -78.33 -112.01
C SER MA 108 1.60 -77.53 -112.81
N TYR MA 109 1.95 -76.35 -112.32
CA TYR MA 109 2.95 -75.54 -113.01
C TYR MA 109 4.28 -76.27 -113.11
N ASP MA 110 4.66 -77.00 -112.06
CA ASP MA 110 5.95 -77.67 -112.06
C ASP MA 110 5.96 -78.85 -113.02
N GLN MA 111 4.87 -79.63 -113.06
CA GLN MA 111 4.87 -80.78 -113.95
C GLN MA 111 4.69 -80.36 -115.40
N LYS MA 112 4.17 -79.17 -115.66
CA LYS MA 112 4.21 -78.64 -117.03
C LYS MA 112 5.60 -78.13 -117.37
N HIS MA 113 6.11 -77.20 -116.57
CA HIS MA 113 7.44 -76.64 -116.74
C HIS MA 113 8.13 -76.65 -115.38
N PRO MA 114 9.13 -77.50 -115.16
CA PRO MA 114 9.70 -77.63 -113.82
C PRO MA 114 10.35 -76.34 -113.34
N PHE MA 115 10.47 -76.23 -112.03
CA PHE MA 115 11.07 -75.06 -111.41
C PHE MA 115 12.59 -75.17 -111.39
N VAL MA 116 13.23 -74.01 -111.47
CA VAL MA 116 14.67 -73.89 -111.39
C VAL MA 116 14.94 -72.90 -110.27
N LEU MA 117 15.20 -73.41 -109.07
CA LEU MA 117 15.21 -72.59 -107.87
C LEU MA 117 16.59 -72.07 -107.51
N SER MA 118 17.63 -72.63 -108.09
CA SER MA 118 18.98 -72.22 -107.74
C SER MA 118 19.32 -70.89 -108.41
N PRO MA 119 20.06 -70.02 -107.74
CA PRO MA 119 20.60 -68.85 -108.44
C PRO MA 119 21.64 -69.22 -109.48
N PHE MA 120 22.38 -70.30 -109.26
CA PHE MA 120 23.36 -70.77 -110.22
C PHE MA 120 22.63 -71.58 -111.30
N ALA MA 121 22.77 -71.18 -112.55
CA ALA MA 121 22.00 -71.80 -113.62
C ALA MA 121 22.50 -71.30 -114.96
N ALA MA 122 22.34 -72.13 -115.98
CA ALA MA 122 22.70 -71.75 -117.34
C ALA MA 122 22.13 -72.74 -118.35
N GLY NA 2 10.44 -17.98 -14.86
CA GLY NA 2 11.60 -17.38 -15.49
C GLY NA 2 11.87 -15.97 -14.98
N PHE NA 3 13.14 -15.57 -14.96
CA PHE NA 3 13.50 -14.24 -14.52
C PHE NA 3 14.98 -14.01 -14.78
N HIS NA 4 15.35 -12.73 -14.84
CA HIS NA 4 16.75 -12.29 -14.94
C HIS NA 4 17.39 -12.67 -16.28
N PHE NA 5 16.61 -12.57 -17.35
CA PHE NA 5 17.13 -12.83 -18.69
C PHE NA 5 18.22 -11.84 -19.05
N GLN NA 6 18.04 -10.57 -18.69
CA GLN NA 6 19.05 -9.56 -18.93
C GLN NA 6 20.36 -9.91 -18.23
N GLN NA 7 20.27 -10.36 -16.98
CA GLN NA 7 21.46 -10.79 -16.27
C GLN NA 7 22.11 -11.99 -16.94
N TYR NA 8 21.30 -12.87 -17.54
CA TYR NA 8 21.89 -14.02 -18.21
C TYR NA 8 22.63 -13.61 -19.48
N ILE NA 9 22.07 -12.67 -20.24
CA ILE NA 9 22.78 -12.11 -21.39
C ILE NA 9 24.08 -11.47 -20.95
N ALA NA 10 24.05 -10.73 -19.84
CA ALA NA 10 25.26 -10.07 -19.35
C ALA NA 10 26.30 -11.10 -18.93
N MET NA 11 25.85 -12.22 -18.34
CA MET NA 11 26.76 -13.28 -17.96
C MET NA 11 27.44 -13.88 -19.17
N ALA NA 12 26.68 -14.14 -20.22
CA ALA NA 12 27.27 -14.65 -21.46
C ALA NA 12 28.29 -13.66 -22.03
N GLY NA 13 27.98 -12.36 -22.00
CA GLY NA 13 28.94 -11.38 -22.49
C GLY NA 13 30.24 -11.38 -21.71
N ARG NA 14 30.13 -11.48 -20.39
CA ARG NA 14 31.33 -11.55 -19.57
C ARG NA 14 32.08 -12.83 -19.87
N ALA NA 15 31.38 -13.94 -20.08
CA ALA NA 15 32.07 -15.19 -20.33
C ALA NA 15 32.84 -15.11 -21.64
N ILE NA 16 32.26 -14.47 -22.66
CA ILE NA 16 32.94 -14.37 -23.94
C ILE NA 16 34.04 -13.31 -23.93
N ASN NA 17 34.20 -12.58 -22.84
CA ASN NA 17 35.24 -11.55 -22.84
C ASN NA 17 36.58 -12.19 -22.46
N PRO NA 18 37.64 -11.98 -23.24
CA PRO NA 18 38.93 -12.61 -22.91
C PRO NA 18 39.57 -12.12 -21.61
N VAL NA 19 39.28 -10.90 -21.17
CA VAL NA 19 39.81 -10.43 -19.90
C VAL NA 19 39.30 -11.28 -18.77
N GLN NA 20 38.01 -11.63 -18.83
CA GLN NA 20 37.41 -12.50 -17.84
C GLN NA 20 38.01 -13.89 -17.88
N TRP NA 21 38.59 -14.30 -19.00
CA TRP NA 21 39.27 -15.59 -19.02
C TRP NA 21 40.51 -15.57 -18.14
N THR NA 22 41.28 -14.48 -18.20
CA THR NA 22 42.41 -14.34 -17.30
C THR NA 22 41.96 -14.22 -15.85
N ARG NA 23 40.86 -13.50 -15.62
CA ARG NA 23 40.33 -13.39 -14.27
C ARG NA 23 39.93 -14.76 -13.72
N ALA NA 24 39.31 -15.59 -14.55
CA ALA NA 24 38.93 -16.94 -14.13
C ALA NA 24 40.14 -17.82 -13.93
N TRP NA 25 41.15 -17.66 -14.79
CA TRP NA 25 42.41 -18.38 -14.59
C TRP NA 25 43.01 -18.07 -13.22
N ARG NA 26 43.00 -16.81 -12.82
CA ARG NA 26 43.52 -16.46 -11.50
C ARG NA 26 42.61 -16.97 -10.39
N ARG NA 27 41.29 -16.90 -10.58
CA ARG NA 27 40.37 -17.41 -9.56
C ARG NA 27 40.43 -18.92 -9.40
N MET NA 28 40.87 -19.64 -10.41
CA MET NA 28 40.94 -21.10 -10.33
C MET NA 28 42.12 -21.60 -9.50
N GLU NA 29 42.94 -20.71 -8.96
CA GLU NA 29 44.07 -21.14 -8.15
C GLU NA 29 43.57 -21.68 -6.83
N GLY NA 30 43.98 -22.90 -6.48
CA GLY NA 30 43.52 -23.53 -5.26
C GLY NA 30 42.03 -23.75 -5.28
N LYS NA 31 41.59 -24.62 -6.20
CA LYS NA 31 40.16 -24.82 -6.45
C LYS NA 31 39.98 -26.21 -7.03
N SER NA 32 38.82 -26.79 -6.78
CA SER NA 32 38.55 -28.17 -7.17
C SER NA 32 37.34 -28.27 -8.09
N ALA NA 33 37.34 -29.31 -8.91
CA ALA NA 33 36.23 -29.54 -9.82
C ALA NA 33 34.94 -29.79 -9.06
N THR NA 34 35.02 -30.48 -7.93
CA THR NA 34 33.84 -30.69 -7.09
C THR NA 34 33.29 -29.36 -6.61
N GLU NA 35 34.17 -28.46 -6.19
CA GLU NA 35 33.73 -27.14 -5.73
C GLU NA 35 33.07 -26.37 -6.85
N VAL NA 36 33.65 -26.39 -8.05
CA VAL NA 36 33.08 -25.66 -9.17
C VAL NA 36 31.70 -26.21 -9.52
N TYR NA 37 31.59 -27.54 -9.58
CA TYR NA 37 30.32 -28.16 -9.93
C TYR NA 37 29.26 -27.87 -8.88
N ARG NA 38 29.63 -27.94 -7.60
CA ARG NA 38 28.69 -27.64 -6.53
C ARG NA 38 28.26 -26.18 -6.58
N ASP NA 39 29.18 -25.28 -6.94
CA ASP NA 39 28.82 -23.87 -7.03
C ASP NA 39 27.81 -23.64 -8.14
N ALA NA 40 28.05 -24.25 -9.31
CA ALA NA 40 27.12 -24.07 -10.42
C ALA NA 40 25.76 -24.67 -10.10
N LEU NA 41 25.74 -25.86 -9.50
CA LEU NA 41 24.49 -26.49 -9.12
C LEU NA 41 23.74 -25.63 -8.10
N ALA NA 42 24.46 -25.05 -7.16
CA ALA NA 42 23.84 -24.18 -6.17
C ALA NA 42 23.25 -22.94 -6.82
N TRP NA 43 23.95 -22.37 -7.80
CA TRP NA 43 23.42 -21.21 -8.50
C TRP NA 43 22.11 -21.55 -9.21
N THR NA 44 22.09 -22.67 -9.93
CA THR NA 44 20.89 -23.07 -10.63
C THR NA 44 19.74 -23.33 -9.65
N ASN NA 45 20.03 -24.00 -8.54
CA ASN NA 45 19.02 -24.22 -7.52
C ASN NA 45 18.50 -22.91 -6.96
N ASN NA 46 19.39 -21.93 -6.75
CA ASN NA 46 18.95 -20.64 -6.23
C ASN NA 46 17.99 -19.96 -7.19
N GLN NA 47 18.27 -20.06 -8.49
CA GLN NA 47 17.36 -19.48 -9.47
C GLN NA 47 16.00 -20.14 -9.40
N PHE NA 48 15.97 -21.48 -9.48
CA PHE NA 48 14.67 -22.16 -9.49
C PHE NA 48 13.93 -21.99 -8.17
N ALA NA 49 14.66 -21.87 -7.06
CA ALA NA 49 14.02 -21.65 -5.77
C ALA NA 49 13.46 -20.24 -5.67
N GLN NA 50 14.16 -19.25 -6.22
CA GLN NA 50 13.59 -17.91 -6.31
C GLN NA 50 12.27 -17.95 -7.06
N ILE NA 51 12.22 -18.68 -8.16
CA ILE NA 51 10.97 -18.82 -8.90
C ILE NA 51 9.90 -19.43 -8.02
N SER NA 52 10.18 -20.60 -7.45
CA SER NA 52 9.18 -21.33 -6.70
C SER NA 52 8.64 -20.52 -5.53
N ARG NA 53 9.48 -19.70 -4.91
CA ARG NA 53 9.01 -18.88 -3.79
C ARG NA 53 8.26 -17.64 -4.27
N ALA NA 54 8.83 -16.88 -5.20
CA ALA NA 54 8.28 -15.58 -5.54
C ALA NA 54 7.05 -15.67 -6.43
N SER NA 55 6.83 -16.80 -7.10
CA SER NA 55 5.61 -16.94 -7.89
C SER NA 55 4.37 -16.98 -7.03
N GLN NA 56 4.51 -17.29 -5.74
CA GLN NA 56 3.37 -17.40 -4.85
C GLN NA 56 2.70 -16.05 -4.60
N TYR NA 57 3.48 -14.97 -4.59
CA TYR NA 57 2.97 -13.67 -4.20
C TYR NA 57 3.26 -12.55 -5.20
N ARG NA 58 4.14 -12.77 -6.16
CA ARG NA 58 4.62 -11.72 -7.05
C ARG NA 58 4.32 -12.04 -8.50
N ALA NA 59 4.15 -10.99 -9.30
CA ALA NA 59 3.85 -11.11 -10.72
C ALA NA 59 4.79 -10.21 -11.52
N TRP NA 60 5.41 -10.78 -12.54
CA TRP NA 60 6.31 -10.03 -13.38
C TRP NA 60 5.55 -9.25 -14.44
N TRP NA 61 6.28 -8.38 -15.14
CA TRP NA 61 5.68 -7.60 -16.22
C TRP NA 61 5.12 -8.48 -17.33
N TRP NA 62 5.61 -9.71 -17.46
CA TRP NA 62 5.18 -10.61 -18.52
C TRP NA 62 4.05 -11.53 -18.09
N GLN NA 63 3.47 -11.32 -16.92
CA GLN NA 63 2.44 -12.21 -16.43
C GLN NA 63 1.25 -12.23 -17.37
N ASN NA 64 0.69 -13.41 -17.55
CA ASN NA 64 -0.32 -13.65 -18.55
C ASN NA 64 -1.15 -14.84 -18.09
N PRO NA 65 -2.30 -15.08 -18.72
CA PRO NA 65 -3.17 -16.18 -18.26
C PRO NA 65 -2.55 -17.56 -18.40
N LEU NA 66 -1.43 -17.69 -19.10
CA LEU NA 66 -0.69 -18.95 -19.14
C LEU NA 66 0.54 -18.93 -18.25
N GLY NA 67 0.81 -17.83 -17.56
CA GLY NA 67 1.90 -17.80 -16.60
C GLY NA 67 3.26 -17.95 -17.24
N MET NA 68 4.13 -18.68 -16.55
CA MET NA 68 5.50 -18.89 -17.00
C MET NA 68 5.56 -19.88 -18.15
N GLY NA 69 4.46 -20.55 -18.48
CA GLY NA 69 4.47 -21.45 -19.61
C GLY NA 69 4.81 -20.73 -20.90
N LEU NA 70 4.30 -19.51 -21.06
CA LEU NA 70 4.59 -18.74 -22.26
C LEU NA 70 6.05 -18.31 -22.29
N VAL NA 71 6.61 -17.97 -21.14
CA VAL NA 71 8.01 -17.56 -21.11
C VAL NA 71 8.90 -18.75 -21.43
N LEU NA 72 8.58 -19.93 -20.91
CA LEU NA 72 9.39 -21.10 -21.22
C LEU NA 72 9.24 -21.52 -22.67
N TYR NA 73 8.02 -21.43 -23.21
CA TYR NA 73 7.84 -21.68 -24.64
C TYR NA 73 8.65 -20.71 -25.47
N GLY NA 74 8.69 -19.43 -25.08
CA GLY NA 74 9.45 -18.46 -25.82
C GLY NA 74 10.94 -18.72 -25.73
N THR NA 75 11.42 -19.14 -24.58
CA THR NA 75 12.80 -19.56 -24.46
C THR NA 75 13.10 -20.71 -25.41
N TYR NA 76 12.22 -21.72 -25.44
CA TYR NA 76 12.43 -22.85 -26.34
C TYR NA 76 12.44 -22.40 -27.80
N LYS NA 77 11.47 -21.57 -28.19
CA LYS NA 77 11.38 -21.12 -29.57
C LYS NA 77 12.60 -20.29 -29.96
N ALA NA 78 13.07 -19.44 -29.06
CA ALA NA 78 14.28 -18.68 -29.32
C ALA NA 78 15.47 -19.61 -29.55
N TRP NA 79 15.63 -20.60 -28.66
CA TRP NA 79 16.71 -21.56 -28.83
C TRP NA 79 16.59 -22.28 -30.16
N HIS NA 80 15.39 -22.73 -30.49
CA HIS NA 80 15.17 -23.44 -31.74
C HIS NA 80 15.60 -22.58 -32.92
N MET NA 81 15.04 -21.38 -33.03
CA MET NA 81 15.31 -20.55 -34.20
C MET NA 81 16.76 -20.10 -34.26
N ILE NA 82 17.42 -19.91 -33.12
CA ILE NA 82 18.79 -19.44 -33.12
C ILE NA 82 19.77 -20.56 -33.47
N TYR NA 83 19.61 -21.73 -32.86
CA TYR NA 83 20.57 -22.82 -32.98
C TYR NA 83 20.15 -23.84 -34.03
N MET NA 84 18.95 -24.42 -33.89
CA MET NA 84 18.60 -25.59 -34.65
C MET NA 84 18.32 -25.24 -36.11
N VAL NA 85 17.65 -24.11 -36.35
CA VAL NA 85 17.37 -23.70 -37.73
C VAL NA 85 18.64 -23.27 -38.42
N ARG NA 86 19.59 -22.68 -37.69
CA ARG NA 86 20.90 -22.37 -38.24
C ARG NA 86 21.63 -23.64 -38.67
N LYS NA 87 21.62 -24.66 -37.80
CA LYS NA 87 22.20 -25.95 -38.15
C LYS NA 87 21.50 -26.56 -39.35
N GLN NA 88 20.18 -26.40 -39.43
CA GLN NA 88 19.42 -26.89 -40.57
C GLN NA 88 19.82 -26.20 -41.86
N LYS NA 89 20.05 -24.89 -41.80
CA LYS NA 89 20.53 -24.15 -42.96
C LYS NA 89 21.86 -24.70 -43.45
N LYS NA 90 22.79 -24.89 -42.52
CA LYS NA 90 24.09 -25.44 -42.88
C LYS NA 90 23.96 -26.84 -43.47
N THR NA 91 23.13 -27.68 -42.86
CA THR NA 91 22.93 -29.03 -43.38
C THR NA 91 22.29 -29.01 -44.75
N ALA NA 92 21.39 -28.06 -44.99
CA ALA NA 92 20.76 -27.93 -46.29
C ALA NA 92 21.78 -27.61 -47.36
N GLN NA 93 22.64 -26.63 -47.08
CA GLN NA 93 23.68 -26.27 -48.05
C GLN NA 93 24.64 -27.42 -48.27
N LEU NA 94 24.97 -28.14 -47.21
CA LEU NA 94 25.85 -29.31 -47.32
C LEU NA 94 25.25 -30.36 -48.24
N VAL NA 95 23.99 -30.73 -48.00
CA VAL NA 95 23.35 -31.76 -48.80
C VAL NA 95 23.20 -31.29 -50.24
N ALA NA 96 22.91 -30.00 -50.44
CA ALA NA 96 22.73 -29.51 -51.80
C ALA NA 96 24.04 -29.49 -52.56
N ALA NA 97 25.17 -29.27 -51.88
CA ALA NA 97 26.46 -29.34 -52.54
C ALA NA 97 26.93 -30.77 -52.77
N ALA NA 98 26.54 -31.71 -51.92
CA ALA NA 98 27.02 -33.09 -52.01
C ALA NA 98 26.17 -33.98 -52.90
N TYR NA 99 24.86 -33.81 -52.89
CA TYR NA 99 23.94 -34.66 -53.63
C TYR NA 99 22.93 -33.89 -54.46
N GLY NA 100 22.66 -32.64 -54.13
CA GLY NA 100 21.52 -31.93 -54.65
C GLY NA 100 20.43 -31.79 -53.62
N GLN NA 101 19.55 -30.82 -53.86
CA GLN NA 101 18.48 -30.54 -52.93
C GLN NA 101 17.55 -31.73 -52.82
N GLY NA 102 17.36 -32.23 -51.61
CA GLY NA 102 16.59 -33.43 -51.39
C GLY NA 102 17.37 -34.71 -51.53
N GLY NA 103 18.70 -34.64 -51.59
CA GLY NA 103 19.51 -35.81 -51.83
C GLY NA 103 19.45 -36.85 -50.73
N GLN NA 104 19.11 -36.46 -49.51
CA GLN NA 104 19.08 -37.41 -48.42
C GLN NA 104 17.79 -38.22 -48.41
N TRP NA 105 16.77 -37.77 -49.13
CA TRP NA 105 15.51 -38.48 -49.22
C TRP NA 105 15.33 -39.21 -50.54
N LEU NA 106 16.39 -39.37 -51.31
CA LEU NA 106 16.28 -40.05 -52.59
C LEU NA 106 16.00 -41.53 -52.37
N ASN NA 107 15.32 -42.13 -53.34
CA ASN NA 107 15.01 -43.53 -53.27
C ASN NA 107 16.26 -44.35 -53.61
N PRO NA 108 16.33 -45.59 -53.17
CA PRO NA 108 17.46 -46.44 -53.53
C PRO NA 108 17.52 -46.70 -55.03
N VAL NA 109 18.71 -47.02 -55.49
CA VAL NA 109 18.90 -47.25 -56.93
C VAL NA 109 18.09 -48.46 -57.35
N PRO NA 110 17.30 -48.38 -58.42
CA PRO NA 110 16.48 -49.52 -58.79
C PRO NA 110 17.33 -50.68 -59.28
N ARG NA 111 16.95 -51.88 -58.85
CA ARG NA 111 17.68 -53.07 -59.25
C ARG NA 111 16.97 -53.72 -60.44
N THR OA 2 47.44 -28.59 -103.45
CA THR OA 2 46.94 -27.34 -102.90
C THR OA 2 46.01 -26.64 -103.89
N ALA OA 3 45.15 -25.78 -103.36
CA ALA OA 3 44.13 -25.12 -104.17
C ALA OA 3 44.64 -23.79 -104.71
N LEU OA 4 43.92 -23.29 -105.69
CA LEU OA 4 44.13 -21.95 -106.19
C LEU OA 4 43.22 -20.97 -105.47
N PRO OA 5 43.52 -19.68 -105.51
CA PRO OA 5 42.60 -18.70 -104.98
C PRO OA 5 41.37 -18.58 -105.85
N PRO OA 6 40.27 -18.06 -105.33
CA PRO OA 6 39.10 -17.84 -106.17
C PRO OA 6 39.40 -16.83 -107.27
N PRO OA 7 38.66 -16.88 -108.37
CA PRO OA 7 38.94 -16.00 -109.48
C PRO OA 7 38.46 -14.59 -109.21
N PRO OA 8 38.94 -13.62 -109.94
CA PRO OA 8 38.52 -12.24 -109.71
C PRO OA 8 37.11 -11.98 -110.24
N SER OA 9 36.46 -11.00 -109.65
CA SER OA 9 35.12 -10.61 -110.03
C SER OA 9 35.09 -9.12 -110.28
N ALA OA 10 34.15 -8.69 -111.11
CA ALA OA 10 34.01 -7.28 -111.41
C ALA OA 10 33.57 -6.50 -110.19
N ASN OA 11 34.09 -5.28 -110.06
CA ASN OA 11 33.68 -4.43 -108.95
C ASN OA 11 32.40 -3.67 -109.28
N VAL OA 12 32.32 -3.16 -110.49
CA VAL OA 12 31.08 -2.59 -111.00
C VAL OA 12 30.20 -3.72 -111.50
N ALA OA 13 28.90 -3.57 -111.31
CA ALA OA 13 27.96 -4.64 -111.63
C ALA OA 13 27.69 -4.66 -113.13
N VAL OA 14 28.00 -5.78 -113.77
CA VAL OA 14 27.56 -6.05 -115.14
C VAL OA 14 26.30 -6.88 -115.03
N SER OA 15 25.19 -6.37 -115.57
CA SER OA 15 23.91 -7.07 -115.52
C SER OA 15 23.67 -7.89 -116.80
N PHE OA 16 23.53 -7.21 -117.93
CA PHE OA 16 23.36 -7.87 -119.21
C PHE OA 16 24.10 -7.13 -120.31
N THR OA 17 24.89 -6.13 -119.96
CA THR OA 17 25.51 -5.27 -120.96
C THR OA 17 26.47 -6.05 -121.86
N ALA OA 18 27.07 -7.10 -121.34
CA ALA OA 18 28.03 -7.90 -122.09
C ALA OA 18 27.37 -9.02 -122.89
N ALA OA 19 26.05 -9.12 -122.88
CA ALA OA 19 25.39 -10.19 -123.59
C ALA OA 19 25.57 -10.01 -125.10
N PRO OA 20 25.57 -11.11 -125.85
CA PRO OA 20 25.75 -11.01 -127.30
C PRO OA 20 24.56 -10.36 -127.98
N ALA OA 21 24.85 -9.52 -128.97
CA ALA OA 21 23.84 -8.88 -129.78
C ALA OA 21 23.68 -9.54 -131.13
N GLU OA 22 24.27 -10.73 -131.32
CA GLU OA 22 24.25 -11.43 -132.57
C GLU OA 22 24.21 -12.93 -132.25
N PRO OA 23 23.47 -13.72 -133.01
CA PRO OA 23 23.43 -15.15 -132.75
C PRO OA 23 24.77 -15.81 -133.06
N LEU OA 24 24.98 -16.95 -132.42
CA LEU OA 24 26.24 -17.67 -132.54
C LEU OA 24 26.46 -18.16 -133.97
N SER OA 25 27.71 -18.51 -134.26
CA SER OA 25 28.12 -19.03 -135.55
C SER OA 25 28.44 -20.52 -135.43
N ARG OA 26 28.75 -21.11 -136.59
CA ARG OA 26 28.92 -22.56 -136.67
C ARG OA 26 30.12 -23.02 -135.85
N GLY OA 27 31.25 -22.33 -136.00
CA GLY OA 27 32.44 -22.70 -135.24
C GLY OA 27 32.23 -22.56 -133.75
N GLU OA 28 31.51 -21.51 -133.34
CA GLU OA 28 31.21 -21.32 -131.92
C GLU OA 28 30.36 -22.46 -131.39
N VAL OA 29 29.36 -22.88 -132.17
CA VAL OA 29 28.52 -24.00 -131.77
C VAL OA 29 29.34 -25.28 -131.63
N LYS OA 30 30.20 -25.54 -132.60
CA LYS OA 30 31.07 -26.70 -132.54
C LYS OA 30 31.95 -26.66 -131.31
N ALA OA 31 32.56 -25.51 -131.02
CA ALA OA 31 33.40 -25.36 -129.84
C ALA OA 31 32.61 -25.63 -128.57
N ALA OA 32 31.36 -25.19 -128.52
CA ALA OA 32 30.51 -25.49 -127.37
C ALA OA 32 30.31 -26.99 -127.20
N SER OA 33 30.05 -27.68 -128.32
CA SER OA 33 29.90 -29.14 -128.25
C SER OA 33 31.17 -29.80 -127.73
N LEU OA 34 32.33 -29.34 -128.22
CA LEU OA 34 33.60 -29.86 -127.73
C LEU OA 34 33.76 -29.62 -126.23
N LYS OA 35 33.36 -28.44 -125.76
CA LYS OA 35 33.45 -28.16 -124.32
C LYS OA 35 32.59 -29.12 -123.52
N LEU OA 36 31.40 -29.42 -124.00
CA LEU OA 36 30.54 -30.36 -123.29
C LEU OA 36 31.15 -31.75 -123.26
N GLU OA 37 31.70 -32.19 -124.39
CA GLU OA 37 32.42 -33.46 -124.42
C GLU OA 37 33.54 -33.48 -123.41
N LEU OA 38 34.31 -32.39 -123.35
CA LEU OA 38 35.44 -32.32 -122.44
C LEU OA 38 34.98 -32.43 -120.99
N GLN OA 39 33.92 -31.74 -120.63
CA GLN OA 39 33.48 -31.78 -119.24
C GLN OA 39 32.95 -33.16 -118.87
N ASN OA 40 32.28 -33.84 -119.81
CA ASN OA 40 31.87 -35.22 -119.55
C ASN OA 40 33.07 -36.13 -119.32
N ILE OA 41 34.10 -35.96 -120.17
CA ILE OA 41 35.31 -36.76 -120.02
C ILE OA 41 35.96 -36.52 -118.66
N GLU OA 42 36.03 -35.25 -118.24
CA GLU OA 42 36.64 -34.93 -116.97
C GLU OA 42 35.84 -35.52 -115.82
N ARG OA 43 34.51 -35.53 -115.94
CA ARG OA 43 33.68 -36.17 -114.93
C ARG OA 43 34.00 -37.64 -114.78
N GLU OA 44 34.11 -38.34 -115.92
CA GLU OA 44 34.45 -39.76 -115.87
C GLU OA 44 35.82 -39.98 -115.23
N LEU OA 45 36.81 -39.20 -115.66
CA LEU OA 45 38.14 -39.34 -115.09
C LEU OA 45 38.14 -39.09 -113.59
N LYS OA 46 37.38 -38.08 -113.14
CA LYS OA 46 37.30 -37.80 -111.72
C LYS OA 46 36.70 -38.96 -110.96
N ASP OA 47 35.65 -39.57 -111.50
CA ASP OA 47 35.04 -40.71 -110.81
C ASP OA 47 36.06 -41.83 -110.65
N TRP OA 48 36.75 -42.17 -111.74
CA TRP OA 48 37.77 -43.21 -111.66
C TRP OA 48 38.82 -42.87 -110.63
N TRP OA 49 39.39 -41.68 -110.71
CA TRP OA 49 40.51 -41.32 -109.85
C TRP OA 49 40.09 -41.32 -108.39
N MET OA 50 38.92 -40.78 -108.09
CA MET OA 50 38.51 -40.67 -106.70
C MET OA 50 38.17 -42.03 -106.11
N SER OA 51 37.52 -42.90 -106.89
CA SER OA 51 37.26 -44.24 -106.41
C SER OA 51 38.56 -44.97 -106.13
N ARG OA 52 39.52 -44.87 -107.07
CA ARG OA 52 40.79 -45.54 -106.91
C ARG OA 52 41.52 -45.04 -105.66
N LYS OA 53 41.56 -43.72 -105.48
CA LYS OA 53 42.25 -43.13 -104.34
C LYS OA 53 41.61 -43.57 -103.03
N ILE OA 54 40.29 -43.49 -102.94
CA ILE OA 54 39.62 -43.84 -101.69
C ILE OA 54 39.85 -45.30 -101.35
N LEU OA 55 39.72 -46.18 -102.34
CA LEU OA 55 39.90 -47.61 -102.08
C LEU OA 55 41.33 -47.92 -101.66
N ARG OA 56 42.32 -47.31 -102.34
CA ARG OA 56 43.71 -47.52 -101.96
C ARG OA 56 43.94 -47.11 -100.51
N ASP OA 57 43.46 -45.91 -100.14
CA ASP OA 57 43.68 -45.43 -98.79
C ASP OA 57 43.00 -46.33 -97.76
N ARG OA 58 41.74 -46.70 -98.03
CA ARG OA 58 41.01 -47.55 -97.09
C ARG OA 58 41.72 -48.88 -96.89
N ASN OA 59 42.15 -49.51 -97.99
CA ASN OA 59 42.70 -50.85 -97.88
C ASN OA 59 44.09 -50.82 -97.27
N ILE OA 60 44.87 -49.77 -97.51
CA ILE OA 60 46.15 -49.64 -96.82
C ILE OA 60 45.92 -49.43 -95.33
N GLY OA 61 44.89 -48.65 -94.97
CA GLY OA 61 44.58 -48.49 -93.56
C GLY OA 61 44.17 -49.79 -92.90
N LEU OA 62 43.36 -50.59 -93.58
CA LEU OA 62 43.01 -51.90 -93.06
C LEU OA 62 44.23 -52.78 -92.88
N PHE OA 63 45.12 -52.80 -93.88
CA PHE OA 63 46.32 -53.60 -93.76
C PHE OA 63 47.14 -53.17 -92.56
N ASN OA 64 47.32 -51.87 -92.37
CA ASN OA 64 48.11 -51.39 -91.25
C ASN OA 64 47.44 -51.71 -89.93
N LEU OA 65 46.12 -51.65 -89.88
CA LEU OA 65 45.39 -52.01 -88.66
C LEU OA 65 45.56 -53.48 -88.33
N LEU OA 66 45.44 -54.35 -89.33
CA LEU OA 66 45.58 -55.78 -89.11
C LEU OA 66 47.00 -56.14 -88.72
N GLN OA 67 47.99 -55.48 -89.33
CA GLN OA 67 49.38 -55.68 -88.94
C GLN OA 67 49.62 -55.19 -87.51
N HIS OA 68 48.92 -54.12 -87.12
CA HIS OA 68 49.06 -53.56 -85.78
C HIS OA 68 48.50 -54.52 -84.74
N HIS OA 69 47.33 -55.09 -85.00
CA HIS OA 69 46.72 -56.04 -84.10
C HIS OA 69 47.17 -57.48 -84.33
N ASN OA 70 48.14 -57.70 -85.21
CA ASN OA 70 48.79 -58.99 -85.38
C ASN OA 70 47.80 -60.08 -85.79
N PHE OA 71 47.20 -59.89 -86.95
CA PHE OA 71 46.25 -60.84 -87.52
C PHE OA 71 46.94 -61.75 -88.53
N ALA OA 72 46.35 -62.93 -88.70
CA ALA OA 72 46.80 -63.91 -89.67
C ALA OA 72 45.58 -64.53 -90.34
N GLY OA 73 45.63 -64.64 -91.66
CA GLY OA 73 44.52 -65.16 -92.43
C GLY OA 73 44.84 -66.46 -93.13
N LEU OA 74 44.02 -66.79 -94.13
CA LEU OA 74 44.24 -68.02 -94.88
C LEU OA 74 45.57 -68.00 -95.61
N SER OA 75 45.98 -66.83 -96.09
CA SER OA 75 47.33 -66.60 -96.58
C SER OA 75 48.17 -66.23 -95.37
N VAL OA 76 48.97 -67.17 -94.90
CA VAL OA 76 49.75 -66.98 -93.69
C VAL OA 76 50.93 -66.07 -94.05
N ASN OA 77 50.76 -64.77 -93.84
CA ASN OA 77 51.73 -63.75 -94.24
C ASN OA 77 52.05 -62.87 -93.05
N ASN OA 78 52.37 -63.50 -91.93
CA ASN OA 78 52.71 -62.81 -90.69
C ASN OA 78 54.01 -63.38 -90.14
N ALA OA 79 54.97 -62.49 -89.90
CA ALA OA 79 56.28 -62.89 -89.42
C ALA OA 79 56.39 -62.89 -87.91
N LYS OA 80 55.53 -62.14 -87.22
CA LYS OA 80 55.59 -62.06 -85.77
C LYS OA 80 54.93 -63.24 -85.06
N LEU OA 81 54.48 -64.24 -85.80
CA LEU OA 81 53.83 -65.38 -85.18
C LEU OA 81 54.83 -66.25 -84.45
N SER OA 82 54.35 -66.91 -83.39
CA SER OA 82 55.07 -68.03 -82.81
C SER OA 82 55.05 -69.21 -83.76
N ASP OA 83 56.11 -70.01 -83.71
CA ASP OA 83 56.17 -71.19 -84.56
C ASP OA 83 55.07 -72.19 -84.22
N SER OA 84 54.73 -72.30 -82.94
CA SER OA 84 53.66 -73.21 -82.54
C SER OA 84 52.30 -72.72 -83.05
N GLN OA 85 52.02 -71.44 -82.87
CA GLN OA 85 50.78 -70.87 -83.40
C GLN OA 85 50.71 -71.04 -84.91
N ARG OA 86 51.84 -70.85 -85.59
CA ARG OA 86 51.88 -70.98 -87.03
C ARG OA 86 51.60 -72.42 -87.46
N VAL OA 87 52.18 -73.39 -86.76
CA VAL OA 87 51.90 -74.79 -87.06
C VAL OA 87 50.43 -75.09 -86.86
N MET OA 88 49.85 -74.61 -85.77
CA MET OA 88 48.45 -74.88 -85.48
C MET OA 88 47.54 -74.28 -86.56
N TRP OA 89 47.80 -73.03 -86.93
CA TRP OA 89 47.00 -72.35 -87.94
C TRP OA 89 47.16 -73.01 -89.31
N THR OA 90 48.38 -73.41 -89.66
CA THR OA 90 48.59 -74.07 -90.94
C THR OA 90 47.96 -75.46 -90.96
N ASP OA 91 47.85 -76.11 -89.80
CA ASP OA 91 47.09 -77.34 -89.73
C ASP OA 91 45.61 -77.08 -89.97
N LEU OA 92 45.08 -76.03 -89.36
CA LEU OA 92 43.65 -75.74 -89.53
C LEU OA 92 43.32 -75.29 -90.94
N VAL OA 93 44.28 -74.69 -91.65
CA VAL OA 93 44.01 -74.13 -92.97
C VAL OA 93 44.37 -75.10 -94.08
N GLN OA 94 45.47 -75.81 -93.96
CA GLN OA 94 46.06 -76.57 -95.05
C GLN OA 94 46.15 -78.06 -94.76
N GLY OA 95 46.44 -78.44 -93.52
CA GLY OA 95 46.66 -79.81 -93.16
C GLY OA 95 45.52 -80.40 -92.35
N LYS OA 96 45.85 -81.45 -91.59
CA LYS OA 96 44.88 -82.20 -90.80
C LYS OA 96 45.16 -82.01 -89.32
N PRO OA 97 44.26 -81.42 -88.54
CA PRO OA 97 44.46 -81.39 -87.09
C PRO OA 97 44.27 -82.76 -86.48
N ASP OA 98 45.27 -83.22 -85.73
CA ASP OA 98 45.22 -84.53 -85.12
C ASP OA 98 46.15 -84.56 -83.93
N VAL OA 99 45.76 -85.33 -82.92
CA VAL OA 99 46.55 -85.47 -81.71
C VAL OA 99 47.49 -86.65 -81.87
N GLU OA 100 48.71 -86.50 -81.38
CA GLU OA 100 49.74 -87.51 -81.54
C GLU OA 100 49.67 -88.54 -80.42
N ASP OA 101 50.07 -89.77 -80.74
CA ASP OA 101 50.08 -90.82 -79.73
C ASP OA 101 51.20 -90.64 -78.71
N LYS OA 102 52.22 -89.85 -79.05
CA LYS OA 102 53.28 -89.54 -78.09
C LYS OA 102 52.70 -88.86 -76.85
N LEU OA 103 51.70 -88.02 -77.03
CA LEU OA 103 51.20 -87.20 -75.93
C LEU OA 103 50.41 -88.04 -74.93
N SER OA 104 50.40 -87.57 -73.69
CA SER OA 104 49.49 -88.08 -72.67
C SER OA 104 48.09 -87.53 -72.90
N VAL OA 105 47.10 -88.25 -72.35
CA VAL OA 105 45.71 -87.93 -72.62
C VAL OA 105 45.38 -86.51 -72.16
N ASP OA 106 45.99 -86.07 -71.06
CA ASP OA 106 45.76 -84.71 -70.60
C ASP OA 106 46.27 -83.69 -71.61
N ALA OA 107 47.45 -83.94 -72.18
CA ALA OA 107 48.00 -83.03 -73.17
C ALA OA 107 47.21 -83.08 -74.47
N ARG OA 108 46.66 -84.24 -74.80
CA ARG OA 108 45.77 -84.32 -75.97
C ARG OA 108 44.53 -83.48 -75.76
N GLU OA 109 43.92 -83.58 -74.57
CA GLU OA 109 42.79 -82.73 -74.23
C GLU OA 109 43.17 -81.26 -74.35
N MET OA 110 44.36 -80.90 -73.87
CA MET OA 110 44.80 -79.51 -73.94
C MET OA 110 44.96 -79.06 -75.39
N LYS OA 111 45.55 -79.91 -76.23
CA LYS OA 111 45.73 -79.58 -77.64
C LYS OA 111 44.39 -79.37 -78.33
N VAL OA 112 43.43 -80.25 -78.05
CA VAL OA 112 42.12 -80.11 -78.67
C VAL OA 112 41.42 -78.85 -78.18
N ASP OA 113 41.60 -78.51 -76.90
CA ASP OA 113 41.01 -77.28 -76.39
C ASP OA 113 41.63 -76.06 -77.05
N MET OA 114 42.94 -76.10 -77.29
CA MET OA 114 43.60 -75.01 -77.99
C MET OA 114 43.07 -74.86 -79.41
N TYR OA 115 42.95 -75.98 -80.11
CA TYR OA 115 42.37 -75.96 -81.45
C TYR OA 115 40.98 -75.34 -81.44
N GLU OA 116 40.14 -75.76 -80.50
CA GLU OA 116 38.76 -75.28 -80.46
C GLU OA 116 38.72 -73.79 -80.15
N LYS OA 117 39.52 -73.34 -79.19
CA LYS OA 117 39.54 -71.93 -78.84
C LYS OA 117 39.98 -71.09 -80.03
N LEU OA 118 41.09 -71.46 -80.65
CA LEU OA 118 41.60 -70.75 -81.81
C LEU OA 118 40.56 -70.70 -82.92
N PHE OA 119 39.97 -71.85 -83.26
CA PHE OA 119 39.06 -71.90 -84.39
C PHE OA 119 37.77 -71.15 -84.10
N LYS OA 120 37.30 -71.15 -82.86
CA LYS OA 120 36.07 -70.45 -82.54
C LYS OA 120 36.28 -68.94 -82.50
N GLN OA 121 37.47 -68.48 -82.08
CA GLN OA 121 37.78 -67.07 -82.22
C GLN OA 121 37.92 -66.68 -83.68
N ALA OA 122 38.44 -67.58 -84.52
CA ALA OA 122 38.67 -67.24 -85.91
C ALA OA 122 37.38 -67.23 -86.72
N ALA OA 123 36.55 -68.26 -86.58
CA ALA OA 123 35.35 -68.40 -87.37
C ALA OA 123 34.14 -68.08 -86.52
N ASP OA 124 33.30 -67.17 -87.01
CA ASP OA 124 32.07 -66.80 -86.33
C ASP OA 124 30.92 -67.67 -86.81
N LEU OA 125 29.77 -67.49 -86.20
CA LEU OA 125 28.62 -68.35 -86.46
C LEU OA 125 28.11 -68.18 -87.89
N GLU OA 126 28.35 -67.01 -88.51
CA GLU OA 126 28.00 -66.82 -89.90
C GLU OA 126 28.92 -67.59 -90.83
N ASN OA 127 30.10 -68.00 -90.35
CA ASN OA 127 31.05 -68.70 -91.20
C ASN OA 127 30.51 -70.09 -91.54
N PRO OA 128 30.66 -70.54 -92.80
CA PRO OA 128 30.16 -71.89 -93.12
C PRO OA 128 31.02 -73.02 -92.57
N CYS OA 129 32.33 -72.83 -92.44
CA CYS OA 129 33.20 -73.91 -92.01
C CYS OA 129 33.18 -74.14 -90.50
N ARG OA 130 32.47 -73.30 -89.76
CA ARG OA 130 32.46 -73.41 -88.30
C ARG OA 130 31.86 -74.72 -87.84
N MET OA 131 30.71 -75.08 -88.37
CA MET OA 131 30.06 -76.32 -87.94
C MET OA 131 30.88 -77.55 -88.26
N PRO OA 132 31.41 -77.72 -89.47
CA PRO OA 132 32.29 -78.85 -89.73
C PRO OA 132 33.53 -78.87 -88.85
N GLY OA 133 34.17 -77.73 -88.63
CA GLY OA 133 35.34 -77.71 -87.78
C GLY OA 133 35.03 -78.12 -86.36
N VAL OA 134 33.96 -77.57 -85.80
CA VAL OA 134 33.57 -77.90 -84.43
C VAL OA 134 33.20 -79.37 -84.34
N ALA OA 135 32.54 -79.91 -85.36
CA ALA OA 135 32.19 -81.31 -85.36
C ALA OA 135 33.42 -82.20 -85.37
N TYR OA 136 34.41 -81.85 -86.20
CA TYR OA 136 35.63 -82.65 -86.26
C TYR OA 136 36.38 -82.62 -84.93
N LEU OA 137 36.46 -81.44 -84.31
CA LEU OA 137 37.15 -81.35 -83.03
C LEU OA 137 36.37 -82.04 -81.92
N ARG OA 138 35.04 -82.05 -82.01
CA ARG OA 138 34.24 -82.81 -81.07
C ARG OA 138 34.48 -84.31 -81.23
N CYS OA 139 34.65 -84.76 -82.47
CA CYS OA 139 34.97 -86.16 -82.70
C CYS OA 139 36.34 -86.50 -82.14
N LEU OA 140 37.30 -85.58 -82.27
CA LEU OA 140 38.61 -85.80 -81.64
C LEU OA 140 38.47 -85.91 -80.13
N ARG OA 141 37.66 -85.05 -79.51
CA ARG OA 141 37.41 -85.17 -78.08
C ARG OA 141 36.80 -86.51 -77.73
N ASP OA 142 35.89 -86.99 -78.57
CA ASP OA 142 35.28 -88.29 -78.35
C ASP OA 142 36.33 -89.40 -78.45
N THR OA 143 37.35 -89.22 -79.29
CA THR OA 143 38.28 -90.29 -79.63
C THR OA 143 39.70 -89.97 -79.19
N LEU OA 144 39.83 -89.24 -78.08
CA LEU OA 144 41.15 -88.95 -77.54
C LEU OA 144 41.89 -90.22 -77.16
N THR OA 145 41.22 -91.12 -76.44
CA THR OA 145 41.86 -92.35 -75.94
C THR OA 145 41.89 -93.43 -77.02
N GLU OA 146 42.56 -93.08 -78.13
CA GLU OA 146 42.64 -93.96 -79.28
C GLU OA 146 43.89 -93.62 -80.07
N THR OA 147 44.19 -94.46 -81.05
CA THR OA 147 45.29 -94.21 -81.96
C THR OA 147 44.78 -93.50 -83.21
N GLN OA 148 45.70 -92.87 -83.93
CA GLN OA 148 45.32 -92.17 -85.15
C GLN OA 148 44.72 -93.12 -86.18
N SER OA 149 45.21 -94.34 -86.25
CA SER OA 149 44.70 -95.31 -87.22
C SER OA 149 43.23 -95.62 -86.94
N ALA OA 150 42.87 -95.79 -85.68
CA ALA OA 150 41.47 -96.05 -85.33
C ALA OA 150 40.62 -94.79 -85.40
N ARG OA 151 41.24 -93.62 -85.19
CA ARG OA 151 40.50 -92.37 -85.17
C ARG OA 151 40.13 -91.90 -86.57
N ARG OA 152 40.98 -92.23 -87.55
CA ARG OA 152 40.74 -91.80 -88.93
C ARG OA 152 39.39 -92.31 -89.43
N SER OA 153 39.13 -93.60 -89.23
CA SER OA 153 37.91 -94.21 -89.75
C SER OA 153 36.67 -93.47 -89.27
N SER OA 154 36.71 -92.97 -88.03
CA SER OA 154 35.53 -92.33 -87.44
C SER OA 154 35.45 -90.85 -87.77
N CYS OA 155 36.57 -90.15 -87.83
CA CYS OA 155 36.56 -88.71 -88.05
C CYS OA 155 36.68 -88.30 -89.51
N LEU OA 156 36.87 -89.27 -90.42
CA LEU OA 156 37.04 -88.92 -91.83
C LEU OA 156 35.78 -88.27 -92.40
N ASN OA 157 34.61 -88.72 -91.97
CA ASN OA 157 33.37 -88.23 -92.56
C ASN OA 157 33.16 -86.76 -92.26
N ALA OA 158 33.66 -86.28 -91.13
CA ALA OA 158 33.60 -84.86 -90.79
C ALA OA 158 34.77 -84.08 -91.36
N PHE OA 159 35.96 -84.68 -91.39
CA PHE OA 159 37.10 -84.00 -91.96
C PHE OA 159 36.90 -83.73 -93.44
N SER OA 160 36.14 -84.58 -94.13
CA SER OA 160 35.88 -84.35 -95.54
C SER OA 160 35.10 -83.06 -95.74
N SER OA 161 34.02 -82.87 -95.00
CA SER OA 161 33.24 -81.65 -95.11
C SER OA 161 34.06 -80.44 -94.71
N PHE OA 162 34.85 -80.57 -93.65
CA PHE OA 162 35.70 -79.46 -93.22
C PHE OA 162 36.67 -79.06 -94.32
N ASP OA 163 37.39 -80.04 -94.88
CA ASP OA 163 38.33 -79.77 -95.96
C ASP OA 163 37.62 -79.17 -97.17
N ALA OA 164 36.39 -79.60 -97.44
CA ALA OA 164 35.65 -79.06 -98.58
C ALA OA 164 35.37 -77.57 -98.39
N CYS OA 165 34.79 -77.22 -97.24
CA CYS OA 165 34.54 -75.80 -96.95
C CYS OA 165 35.83 -74.99 -97.00
N ARG OA 166 36.92 -75.57 -96.48
CA ARG OA 166 38.22 -74.93 -96.47
C ARG OA 166 38.69 -74.60 -97.90
N THR OA 167 38.74 -75.63 -98.75
CA THR OA 167 39.17 -75.42 -100.12
C THR OA 167 38.25 -74.47 -100.86
N GLY OA 168 36.97 -74.49 -100.53
CA GLY OA 168 36.05 -73.52 -101.11
C GLY OA 168 36.43 -72.10 -100.79
N LEU OA 169 36.77 -71.84 -99.52
CA LEU OA 169 37.21 -70.50 -99.14
C LEU OA 169 38.47 -70.11 -99.89
N LEU OA 170 39.42 -71.04 -100.00
CA LEU OA 170 40.66 -70.73 -100.73
C LEU OA 170 40.38 -70.38 -102.19
N LYS OA 171 39.51 -71.15 -102.83
CA LYS OA 171 39.14 -70.87 -104.21
C LYS OA 171 38.47 -69.51 -104.32
N GLN OA 172 37.62 -69.17 -103.36
CA GLN OA 172 36.97 -67.86 -103.35
C GLN OA 172 38.01 -66.75 -103.32
N GLN OA 173 39.00 -66.88 -102.45
CA GLN OA 173 40.04 -65.86 -102.34
C GLN OA 173 40.80 -65.69 -103.65
N SER OA 174 41.20 -66.81 -104.25
CA SER OA 174 41.92 -66.76 -105.52
C SER OA 174 41.10 -66.07 -106.60
N ALA OA 175 39.84 -66.49 -106.74
CA ALA OA 175 38.97 -65.92 -107.75
C ALA OA 175 38.76 -64.44 -107.52
N ALA OA 176 38.64 -64.02 -106.26
CA ALA OA 176 38.44 -62.62 -105.97
C ALA OA 176 39.63 -61.81 -106.41
N VAL OA 177 40.84 -62.29 -106.11
CA VAL OA 177 42.04 -61.56 -106.52
C VAL OA 177 42.08 -61.43 -108.04
N GLU OA 178 41.83 -62.53 -108.75
CA GLU OA 178 41.92 -62.50 -110.20
C GLU OA 178 40.90 -61.52 -110.79
N ASN OA 179 39.65 -61.62 -110.34
CA ASN OA 179 38.60 -60.77 -110.90
C ASN OA 179 38.86 -59.30 -110.59
N SER OA 180 39.30 -59.00 -109.38
CA SER OA 180 39.61 -57.61 -109.03
C SER OA 180 40.73 -57.07 -109.90
N LEU OA 181 41.76 -57.88 -110.15
CA LEU OA 181 42.84 -57.43 -111.02
C LEU OA 181 42.33 -57.10 -112.41
N VAL OA 182 41.51 -57.99 -112.96
CA VAL OA 182 41.01 -57.78 -114.31
C VAL OA 182 40.18 -56.51 -114.40
N ARG OA 183 39.26 -56.34 -113.44
CA ARG OA 183 38.41 -55.16 -113.43
C ARG OA 183 39.23 -53.88 -113.31
N GLN OA 184 40.20 -53.88 -112.39
CA GLN OA 184 41.07 -52.74 -112.19
C GLN OA 184 41.80 -52.37 -113.47
N ASN OA 185 42.38 -53.36 -114.15
CA ASN OA 185 43.14 -53.08 -115.36
C ASN OA 185 42.25 -52.52 -116.45
N MET OA 186 41.05 -53.08 -116.60
CA MET OA 186 40.12 -52.56 -117.59
C MET OA 186 39.80 -51.10 -117.32
N ALA OA 187 39.49 -50.78 -116.06
CA ALA OA 187 39.16 -49.41 -115.71
C ALA OA 187 40.32 -48.46 -115.98
N ASP OA 188 41.54 -48.87 -115.66
CA ASP OA 188 42.69 -47.99 -115.87
C ASP OA 188 42.94 -47.76 -117.36
N VAL OA 189 42.78 -48.81 -118.18
CA VAL OA 189 42.94 -48.65 -119.62
C VAL OA 189 41.90 -47.68 -120.16
N ARG OA 190 40.66 -47.80 -119.70
CA ARG OA 190 39.61 -46.88 -120.14
C ARG OA 190 39.96 -45.45 -119.76
N ALA OA 191 40.44 -45.24 -118.54
CA ALA OA 191 40.81 -43.90 -118.11
C ALA OA 191 41.93 -43.33 -118.96
N LYS OA 192 42.93 -44.14 -119.28
CA LYS OA 192 44.02 -43.66 -120.13
C LYS OA 192 43.49 -43.24 -121.50
N ALA OA 193 42.62 -44.05 -122.09
CA ALA OA 193 42.06 -43.70 -123.39
C ALA OA 193 41.28 -42.39 -123.31
N LEU OA 194 40.49 -42.22 -122.25
CA LEU OA 194 39.77 -40.96 -122.07
C LEU OA 194 40.74 -39.79 -121.96
N PHE OA 195 41.86 -39.99 -121.29
CA PHE OA 195 42.85 -38.92 -121.15
C PHE OA 195 43.40 -38.52 -122.52
N GLU OA 196 43.72 -39.50 -123.37
CA GLU OA 196 44.24 -39.16 -124.69
C GLU OA 196 43.18 -38.47 -125.55
N ARG OA 197 41.92 -38.91 -125.44
CA ARG OA 197 40.84 -38.23 -126.13
C ARG OA 197 40.72 -36.78 -125.69
N ARG OA 198 40.84 -36.53 -124.39
CA ARG OA 198 40.85 -35.17 -123.88
C ARG OA 198 42.02 -34.38 -124.44
N ALA OA 199 43.18 -35.03 -124.57
CA ALA OA 199 44.34 -34.32 -125.08
C ALA OA 199 44.12 -33.84 -126.51
N VAL OA 200 43.59 -34.72 -127.36
CA VAL OA 200 43.36 -34.31 -128.75
C VAL OA 200 42.27 -33.26 -128.82
N LEU OA 201 41.25 -33.36 -127.96
CA LEU OA 201 40.21 -32.35 -127.97
C LEU OA 201 40.70 -31.00 -127.46
N LEU OA 202 41.68 -31.01 -126.56
CA LEU OA 202 42.27 -29.76 -126.13
C LEU OA 202 43.21 -29.17 -127.17
N ASP OA 203 43.80 -30.02 -128.00
CA ASP OA 203 44.54 -29.50 -129.15
C ASP OA 203 43.60 -28.89 -130.19
N LEU OA 204 42.38 -29.42 -130.31
CA LEU OA 204 41.42 -28.90 -131.26
C LEU OA 204 40.58 -27.76 -130.72
N VAL OA 205 40.56 -27.56 -129.40
CA VAL OA 205 39.65 -26.57 -128.82
C VAL OA 205 40.05 -25.18 -129.25
N GLU OA 206 39.06 -24.27 -129.24
CA GLU OA 206 39.18 -23.00 -129.93
C GLU OA 206 38.45 -21.93 -129.12
N GLY OA 207 39.09 -20.78 -128.99
CA GLY OA 207 38.62 -19.69 -128.17
C GLY OA 207 39.74 -19.12 -127.34
N LYS OA 208 39.38 -18.13 -126.52
CA LYS OA 208 40.37 -17.46 -125.68
C LYS OA 208 39.70 -16.83 -124.46
N ILE PA 33 -44.25 -99.27 -31.59
CA ILE PA 33 -43.60 -98.11 -30.99
C ILE PA 33 -43.13 -98.45 -29.57
N GLN PA 34 -44.03 -99.00 -28.76
CA GLN PA 34 -43.63 -99.42 -27.41
C GLN PA 34 -42.50 -100.44 -27.47
N HIS PA 35 -42.73 -101.55 -28.19
CA HIS PA 35 -41.66 -102.49 -28.53
C HIS PA 35 -40.36 -101.79 -28.87
N TRP PA 36 -40.43 -100.85 -29.81
CA TRP PA 36 -39.21 -100.34 -30.44
C TRP PA 36 -38.44 -99.43 -29.49
N ASN PA 37 -39.13 -98.53 -28.80
CA ASN PA 37 -38.45 -97.66 -27.84
C ASN PA 37 -37.96 -98.45 -26.63
N LYS PA 38 -38.70 -99.48 -26.22
CA LYS PA 38 -38.23 -100.31 -25.11
C LYS PA 38 -36.95 -101.02 -25.48
N SER PA 39 -36.91 -101.65 -26.67
CA SER PA 39 -35.69 -102.33 -27.08
C SER PA 39 -34.55 -101.34 -27.34
N TYR PA 40 -34.89 -100.13 -27.78
CA TYR PA 40 -33.90 -99.07 -27.89
C TYR PA 40 -33.22 -98.83 -26.55
N GLU PA 41 -34.02 -98.60 -25.50
CA GLU PA 41 -33.45 -98.42 -24.17
C GLU PA 41 -32.65 -99.65 -23.74
N LYS PA 42 -33.16 -100.84 -24.05
CA LYS PA 42 -32.48 -102.08 -23.67
C LYS PA 42 -31.06 -102.12 -24.24
N GLN PA 43 -30.90 -101.92 -25.54
CA GLN PA 43 -29.55 -102.03 -26.09
C GLN PA 43 -28.75 -100.74 -25.96
N VAL PA 44 -29.39 -99.61 -25.66
CA VAL PA 44 -28.67 -98.47 -25.11
C VAL PA 44 -27.91 -98.88 -23.85
N TYR PA 45 -28.62 -99.47 -22.88
CA TYR PA 45 -27.91 -99.83 -21.67
C TYR PA 45 -27.02 -101.06 -21.85
N SER PA 46 -27.28 -101.90 -22.87
CA SER PA 46 -26.31 -102.92 -23.22
C SER PA 46 -24.96 -102.28 -23.57
N GLU PA 47 -25.00 -101.33 -24.52
CA GLU PA 47 -23.79 -100.57 -24.84
C GLU PA 47 -23.20 -99.91 -23.60
N SER PA 48 -24.06 -99.48 -22.67
CA SER PA 48 -23.56 -98.90 -21.43
C SER PA 48 -22.80 -99.93 -20.59
N VAL PA 49 -23.31 -101.16 -20.56
CA VAL PA 49 -22.60 -102.24 -19.84
C VAL PA 49 -21.23 -102.45 -20.47
N ALA PA 50 -21.19 -102.52 -21.80
CA ALA PA 50 -19.91 -102.68 -22.49
C ALA PA 50 -18.96 -101.55 -22.12
N LEU PA 51 -19.48 -100.32 -22.11
CA LEU PA 51 -18.66 -99.17 -21.77
C LEU PA 51 -18.13 -99.28 -20.35
N ASN PA 52 -18.98 -99.76 -19.43
CA ASN PA 52 -18.57 -99.87 -18.04
C ASN PA 52 -17.47 -100.93 -17.88
N ARG PA 53 -17.60 -102.04 -18.59
CA ARG PA 53 -16.59 -103.08 -18.51
C ARG PA 53 -15.25 -102.57 -19.03
N THR PA 54 -15.26 -101.91 -20.19
CA THR PA 54 -13.99 -101.38 -20.69
C THR PA 54 -13.46 -100.27 -19.80
N PHE PA 55 -14.35 -99.52 -19.15
CA PHE PA 55 -13.91 -98.49 -18.20
C PHE PA 55 -13.17 -99.11 -17.02
N GLN PA 56 -13.78 -100.13 -16.42
CA GLN PA 56 -13.11 -100.87 -15.34
C GLN PA 56 -11.76 -101.39 -15.79
N ALA PA 57 -11.71 -101.98 -16.99
CA ALA PA 57 -10.47 -102.58 -17.44
C ALA PA 57 -9.39 -101.52 -17.66
N ARG PA 58 -9.74 -100.44 -18.35
CA ARG PA 58 -8.83 -99.33 -18.52
C ARG PA 58 -8.27 -98.87 -17.19
N ASN PA 59 -9.15 -98.59 -16.23
CA ASN PA 59 -8.68 -98.12 -14.94
C ASN PA 59 -7.71 -99.11 -14.31
N GLN PA 60 -8.19 -100.31 -14.01
CA GLN PA 60 -7.40 -101.25 -13.21
C GLN PA 60 -6.15 -101.74 -13.94
N LEU PA 61 -6.10 -101.66 -15.27
CA LEU PA 61 -4.87 -101.98 -15.97
C LEU PA 61 -3.91 -100.81 -15.99
N VAL PA 62 -4.31 -99.70 -16.60
CA VAL PA 62 -3.39 -98.63 -16.92
C VAL PA 62 -3.27 -97.62 -15.79
N LEU PA 63 -4.41 -97.10 -15.30
CA LEU PA 63 -4.37 -95.88 -14.51
C LEU PA 63 -3.99 -96.16 -13.06
N ASP PA 64 -4.34 -97.33 -12.54
CA ASP PA 64 -3.90 -97.70 -11.21
C ASP PA 64 -2.41 -98.01 -11.17
N ARG PA 65 -1.83 -98.36 -12.31
CA ARG PA 65 -0.38 -98.54 -12.38
C ARG PA 65 0.34 -97.21 -12.60
N LEU PA 66 -0.27 -96.30 -13.34
CA LEU PA 66 0.35 -95.02 -13.66
C LEU PA 66 -0.05 -93.90 -12.71
N LYS PA 67 -0.82 -94.20 -11.67
CA LYS PA 67 -1.29 -93.15 -10.79
C LYS PA 67 -0.12 -92.51 -10.06
N PRO PA 68 -0.11 -91.19 -9.90
CA PRO PA 68 0.94 -90.56 -9.09
C PRO PA 68 0.82 -90.91 -7.62
N SER PA 69 1.95 -90.80 -6.93
CA SER PA 69 2.00 -91.10 -5.51
C SER PA 69 1.19 -90.10 -4.70
N GLY PA 70 1.40 -88.81 -4.96
CA GLY PA 70 0.91 -87.73 -4.11
C GLY PA 70 2.00 -86.92 -3.46
N ALA PA 71 3.26 -87.31 -3.59
CA ALA PA 71 4.36 -86.51 -3.07
C ALA PA 71 4.48 -85.19 -3.79
N TYR PA 72 4.35 -85.21 -5.12
CA TYR PA 72 4.51 -84.04 -5.96
C TYR PA 72 3.17 -83.41 -6.33
N ARG PA 73 2.19 -83.53 -5.44
CA ARG PA 73 0.88 -82.95 -5.67
C ARG PA 73 0.95 -81.43 -5.69
N LEU PA 74 -0.17 -80.83 -6.06
CA LEU PA 74 -0.27 -79.39 -6.11
C LEU PA 74 -0.22 -78.84 -4.69
N PRO PA 75 0.67 -77.90 -4.38
CA PRO PA 75 0.82 -77.40 -3.02
C PRO PA 75 -0.11 -76.25 -2.67
N ALA PA 76 -1.40 -76.46 -2.91
CA ALA PA 76 -2.39 -75.42 -2.66
C ALA PA 76 -3.77 -76.05 -2.70
N VAL PA 77 -4.75 -75.28 -2.24
CA VAL PA 77 -6.15 -75.69 -2.19
C VAL PA 77 -6.99 -74.60 -2.85
N ASP PA 78 -8.03 -75.02 -3.55
CA ASP PA 78 -8.81 -74.06 -4.33
C ASP PA 78 -9.50 -73.05 -3.43
N TYR PA 79 -9.72 -71.86 -4.00
CA TYR PA 79 -10.22 -70.74 -3.22
C TYR PA 79 -11.64 -70.98 -2.73
N LYS PA 80 -12.43 -71.75 -3.47
CA LYS PA 80 -13.78 -72.06 -3.02
C LYS PA 80 -13.75 -72.94 -1.77
N ARG PA 81 -12.89 -73.95 -1.78
CA ARG PA 81 -12.78 -74.82 -0.61
C ARG PA 81 -12.21 -74.07 0.58
N GLN PA 82 -11.24 -73.18 0.35
CA GLN PA 82 -10.75 -72.35 1.45
C GLN PA 82 -11.86 -71.45 2.00
N LEU PA 83 -12.67 -70.87 1.12
CA LEU PA 83 -13.75 -70.01 1.55
C LEU PA 83 -14.76 -70.78 2.38
N SER PA 84 -15.02 -72.03 2.02
CA SER PA 84 -15.92 -72.84 2.81
C SER PA 84 -15.29 -73.25 4.13
N ARG PA 85 -13.97 -73.45 4.15
CA ARG PA 85 -13.27 -73.75 5.39
C ARG PA 85 -13.14 -72.56 6.31
N GLY PA 86 -13.36 -71.35 5.80
CA GLY PA 86 -13.13 -70.16 6.58
C GLY PA 86 -11.67 -69.78 6.70
N THR PA 87 -10.89 -70.06 5.66
CA THR PA 87 -9.43 -69.98 5.70
C THR PA 87 -8.86 -68.91 4.78
N LEU PA 88 -9.63 -68.43 3.82
CA LEU PA 88 -9.10 -67.59 2.76
C LEU PA 88 -8.71 -66.22 3.28
N VAL PA 89 -7.54 -65.76 2.83
CA VAL PA 89 -7.09 -64.38 3.03
C VAL PA 89 -6.84 -63.78 1.65
N GLU PA 90 -7.24 -62.53 1.49
CA GLU PA 90 -7.24 -61.86 0.20
C GLU PA 90 -6.11 -60.85 0.02
N GLY PA 91 -5.49 -60.37 1.09
CA GLY PA 91 -4.80 -59.10 1.09
C GLY PA 91 -3.31 -59.20 0.83
N ALA PA 92 -2.67 -58.03 0.89
CA ALA PA 92 -1.22 -57.88 0.85
C ALA PA 92 -0.64 -58.41 -0.46
N ASP PA 93 -0.94 -57.67 -1.53
CA ASP PA 93 -0.19 -57.83 -2.78
C ASP PA 93 1.30 -57.71 -2.56
N PHE PA 94 1.72 -57.00 -1.52
CA PHE PA 94 3.11 -56.86 -1.14
C PHE PA 94 3.35 -57.62 0.17
N TYR PA 95 4.60 -57.61 0.65
CA TYR PA 95 4.91 -58.27 1.90
C TYR PA 95 6.05 -57.51 2.55
N LEU PA 96 6.36 -57.90 3.78
CA LEU PA 96 7.49 -57.33 4.53
C LEU PA 96 8.32 -58.50 5.02
N PRO PA 97 9.51 -58.70 4.46
CA PRO PA 97 10.24 -59.95 4.75
C PRO PA 97 10.70 -60.06 6.20
N THR PA 98 11.28 -58.99 6.72
CA THR PA 98 11.98 -59.03 8.00
C THR PA 98 11.10 -58.47 9.11
N ALA PA 99 11.25 -59.04 10.30
CA ALA PA 99 10.44 -58.61 11.45
C ALA PA 99 10.77 -57.17 11.84
N GLN PA 100 12.04 -56.78 11.71
CA GLN PA 100 12.43 -55.40 11.88
C GLN PA 100 11.57 -54.48 11.02
N GLU PA 101 11.24 -54.91 9.81
CA GLU PA 101 10.42 -54.14 8.90
C GLU PA 101 8.93 -54.32 9.17
N GLN PA 102 8.54 -55.44 9.77
CA GLN PA 102 7.13 -55.69 10.05
C GLN PA 102 6.64 -54.87 11.24
N GLN PA 103 7.45 -54.77 12.30
CA GLN PA 103 7.02 -54.19 13.56
C GLN PA 103 7.27 -52.68 13.67
N ARG PA 104 7.56 -52.03 12.53
CA ARG PA 104 7.89 -50.62 12.55
C ARG PA 104 6.73 -49.76 13.02
N LEU PA 105 5.54 -50.00 12.46
CA LEU PA 105 4.37 -49.20 12.79
C LEU PA 105 3.80 -49.52 14.15
N ALA PA 106 4.23 -50.60 14.78
CA ALA PA 106 3.78 -50.95 16.12
C ALA PA 106 4.75 -50.52 17.20
N ARG PA 107 6.03 -50.33 16.87
CA ARG PA 107 6.99 -49.95 17.89
C ARG PA 107 6.73 -48.54 18.43
N HIS PA 108 6.50 -47.59 17.53
CA HIS PA 108 6.10 -46.22 17.86
C HIS PA 108 7.21 -45.37 18.47
N PHE PA 109 8.35 -45.99 18.81
CA PHE PA 109 9.39 -45.25 19.51
C PHE PA 109 10.73 -45.38 18.82
N GLU PA 110 10.99 -46.54 18.23
CA GLU PA 110 12.10 -46.75 17.32
C GLU PA 110 11.61 -47.50 16.09
N PRO PA 111 10.88 -46.82 15.21
CA PRO PA 111 10.58 -47.42 13.91
C PRO PA 111 11.83 -47.73 13.11
N TYR PA 112 12.87 -46.93 13.28
CA TYR PA 112 14.17 -47.17 12.68
C TYR PA 112 15.24 -46.98 13.74
N SER PA 113 16.23 -47.87 13.74
CA SER PA 113 17.37 -47.69 14.62
C SER PA 113 18.13 -46.42 14.23
N GLU PA 114 19.08 -46.03 15.08
CA GLU PA 114 19.85 -44.83 14.82
C GLU PA 114 20.74 -44.99 13.59
N GLN PA 115 21.43 -46.12 13.49
CA GLN PA 115 22.24 -46.39 12.31
C GLN PA 115 21.40 -46.31 11.05
N GLU PA 116 20.22 -46.92 11.09
CA GLU PA 116 19.30 -46.88 9.96
C GLU PA 116 18.88 -45.45 9.66
N GLN PA 117 18.65 -44.65 10.70
CA GLN PA 117 18.25 -43.26 10.52
C GLN PA 117 19.31 -42.47 9.77
N GLU PA 118 20.57 -42.57 10.20
CA GLU PA 118 21.62 -41.85 9.50
C GLU PA 118 21.88 -42.39 8.11
N GLU PA 119 21.64 -43.68 7.89
CA GLU PA 119 21.75 -44.22 6.54
C GLU PA 119 20.64 -43.70 5.64
N ARG PA 120 19.44 -43.51 6.20
CA ARG PA 120 18.32 -42.98 5.43
C ARG PA 120 18.49 -41.51 5.13
N ARG PA 121 19.16 -40.77 6.02
CA ARG PA 121 19.36 -39.35 5.80
C ARG PA 121 20.20 -39.05 4.58
N LYS PA 122 20.90 -40.04 4.02
CA LYS PA 122 21.69 -39.83 2.82
C LYS PA 122 20.85 -39.83 1.55
N PHE PA 123 19.58 -40.22 1.63
CA PHE PA 123 18.72 -40.30 0.46
C PHE PA 123 17.49 -39.41 0.61
N ARG PA 124 17.70 -38.18 1.07
CA ARG PA 124 16.58 -37.23 1.14
C ARG PA 124 16.19 -36.74 -0.25
N PHE PA 125 17.14 -36.70 -1.16
CA PHE PA 125 16.89 -36.31 -2.54
C PHE PA 125 17.55 -37.32 -3.46
N GLN PA 126 17.04 -37.38 -4.69
CA GLN PA 126 17.70 -38.15 -5.72
C GLN PA 126 18.95 -37.43 -6.19
N SER PA 127 19.89 -38.20 -6.73
CA SER PA 127 21.21 -37.70 -7.09
C SER PA 127 21.21 -37.42 -8.58
N ILE PA 128 21.01 -36.16 -8.94
CA ILE PA 128 21.08 -35.79 -10.36
C ILE PA 128 22.51 -35.91 -10.85
N SER PA 129 23.49 -35.77 -9.95
CA SER PA 129 24.88 -35.96 -10.36
C SER PA 129 25.13 -37.40 -10.79
N VAL PA 130 24.63 -38.35 -10.00
CA VAL PA 130 24.81 -39.76 -10.33
C VAL PA 130 24.00 -40.12 -11.57
N TYR PA 131 22.79 -39.58 -11.67
CA TYR PA 131 21.99 -39.76 -12.88
C TYR PA 131 22.77 -39.29 -14.10
N LEU PA 132 23.33 -38.10 -14.03
CA LEU PA 132 24.09 -37.54 -15.15
C LEU PA 132 25.29 -38.42 -15.49
N ALA PA 133 26.05 -38.82 -14.47
CA ALA PA 133 27.25 -39.61 -14.72
C ALA PA 133 26.90 -40.94 -15.36
N VAL PA 134 25.93 -41.66 -14.80
CA VAL PA 134 25.57 -42.96 -15.33
C VAL PA 134 24.98 -42.83 -16.72
N ALA PA 135 24.19 -41.79 -16.96
CA ALA PA 135 23.58 -41.62 -18.27
C ALA PA 135 24.64 -41.29 -19.32
N LEU PA 136 25.60 -40.43 -18.98
CA LEU PA 136 26.68 -40.12 -19.91
C LEU PA 136 27.53 -41.34 -20.19
N GLY PA 137 27.85 -42.13 -19.17
CA GLY PA 137 28.63 -43.33 -19.39
C GLY PA 137 27.91 -44.33 -20.27
N ALA PA 138 26.63 -44.55 -19.99
CA ALA PA 138 25.85 -45.50 -20.78
C ALA PA 138 25.67 -45.00 -22.20
N SER PA 139 25.48 -43.70 -22.39
CA SER PA 139 25.35 -43.16 -23.74
C SER PA 139 26.66 -43.32 -24.50
N PHE PA 140 27.79 -43.02 -23.86
CA PHE PA 140 29.08 -43.18 -24.50
C PHE PA 140 29.29 -44.62 -24.94
N VAL PA 141 29.04 -45.57 -24.04
CA VAL PA 141 29.24 -46.97 -24.37
C VAL PA 141 28.30 -47.39 -25.48
N HIS PA 142 27.02 -47.08 -25.33
CA HIS PA 142 26.01 -47.49 -26.30
C HIS PA 142 26.26 -46.90 -27.67
N ASP PA 143 26.84 -45.71 -27.73
CA ASP PA 143 27.07 -45.03 -29.00
C ASP PA 143 28.37 -45.45 -29.67
N TYR PA 144 29.44 -45.62 -28.90
CA TYR PA 144 30.77 -45.83 -29.48
C TYR PA 144 31.26 -47.26 -29.32
N PHE PA 145 30.43 -48.17 -28.82
CA PHE PA 145 30.78 -49.58 -28.81
C PHE PA 145 29.68 -50.45 -29.39
N TYR PA 146 28.43 -50.05 -29.21
CA TYR PA 146 27.29 -50.87 -29.59
C TYR PA 146 26.52 -50.36 -30.80
N GLN PA 147 26.66 -49.09 -31.17
CA GLN PA 147 25.88 -48.49 -32.25
C GLN PA 147 26.78 -47.84 -33.28
N ARG PA 148 27.91 -48.48 -33.59
CA ARG PA 148 28.76 -48.00 -34.66
C ARG PA 148 28.26 -48.47 -36.01
N ARG PA 149 28.32 -47.58 -37.00
CA ARG PA 149 27.86 -47.86 -38.34
C ARG PA 149 28.84 -47.27 -39.32
N PRO PA 150 28.93 -47.81 -40.54
CA PRO PA 150 29.93 -47.35 -41.48
C PRO PA 150 29.57 -46.03 -42.14
N VAL PA 151 30.61 -45.33 -42.59
CA VAL PA 151 30.49 -44.03 -43.21
C VAL PA 151 31.45 -43.99 -44.39
N ALA PA 152 31.06 -43.28 -45.44
CA ALA PA 152 31.86 -43.22 -46.64
C ALA PA 152 33.03 -42.26 -46.47
N TRP PA 153 34.05 -42.48 -47.29
CA TRP PA 153 35.28 -41.70 -47.31
C TRP PA 153 35.63 -41.34 -48.74
N CYS PA 154 35.85 -40.06 -48.98
CA CYS PA 154 36.32 -39.58 -50.27
C CYS PA 154 37.62 -38.80 -50.14
N ALA QA 41 -23.98 -75.71 -20.02
CA ALA QA 41 -24.03 -74.32 -19.59
C ALA QA 41 -25.11 -74.12 -18.54
N LYS QA 42 -26.19 -74.89 -18.66
CA LYS QA 42 -27.32 -74.83 -17.75
C LYS QA 42 -27.49 -76.17 -17.06
N PRO QA 43 -27.69 -76.20 -15.74
CA PRO QA 43 -27.83 -77.49 -15.06
C PRO QA 43 -29.09 -78.22 -15.49
N SER QA 44 -28.97 -79.53 -15.63
CA SER QA 44 -30.07 -80.39 -16.05
C SER QA 44 -30.06 -81.67 -15.20
N TRP QA 45 -31.23 -82.30 -15.12
CA TRP QA 45 -31.37 -83.53 -14.36
C TRP QA 45 -30.89 -84.73 -15.15
N HIS QA 46 -30.69 -84.59 -16.46
CA HIS QA 46 -30.24 -85.67 -17.31
C HIS QA 46 -28.73 -85.61 -17.47
N VAL QA 47 -28.10 -86.79 -17.53
CA VAL QA 47 -26.67 -86.92 -17.77
C VAL QA 47 -26.47 -87.61 -19.11
N ALA QA 48 -25.59 -87.05 -19.93
CA ALA QA 48 -25.34 -87.57 -21.27
C ALA QA 48 -24.50 -88.84 -21.16
N ARG QA 49 -24.08 -89.35 -22.32
CA ARG QA 49 -23.25 -90.55 -22.36
C ARG QA 49 -21.81 -90.24 -21.96
N GLU QA 50 -21.21 -89.24 -22.62
CA GLU QA 50 -19.81 -88.93 -22.35
C GLU QA 50 -19.57 -88.53 -20.90
N HIS QA 51 -20.57 -87.91 -20.26
CA HIS QA 51 -20.46 -87.50 -18.88
C HIS QA 51 -21.05 -88.52 -17.92
N ARG QA 52 -21.22 -89.76 -18.37
CA ARG QA 52 -21.86 -90.75 -17.53
C ARG QA 52 -20.97 -91.14 -16.36
N PHE QA 53 -19.68 -91.29 -16.59
CA PHE QA 53 -18.77 -91.86 -15.60
C PHE QA 53 -18.07 -90.76 -14.81
N GLY QA 54 -18.90 -89.93 -14.19
CA GLY QA 54 -18.49 -89.11 -13.07
C GLY QA 54 -17.36 -88.15 -13.37
N PRO QA 55 -16.91 -87.45 -12.34
CA PRO QA 55 -15.70 -86.62 -12.46
C PRO QA 55 -14.44 -87.47 -12.41
N THR QA 56 -13.58 -87.28 -13.40
CA THR QA 56 -12.24 -87.85 -13.37
C THR QA 56 -11.19 -86.85 -12.92
N LEU QA 57 -11.55 -85.57 -12.84
CA LEU QA 57 -10.60 -84.51 -12.57
C LEU QA 57 -10.94 -83.79 -11.27
N PRO QA 58 -9.95 -83.33 -10.53
CA PRO QA 58 -10.22 -82.51 -9.34
C PRO QA 58 -10.48 -81.06 -9.73
N ASP QA 59 -10.68 -80.23 -8.71
CA ASP QA 59 -11.00 -78.82 -8.94
C ASP QA 59 -9.76 -78.00 -9.30
N HIS QA 60 -8.65 -78.24 -8.62
CA HIS QA 60 -7.43 -77.49 -8.89
C HIS QA 60 -6.91 -77.75 -10.29
N ALA QA 61 -7.33 -78.84 -10.93
CA ALA QA 61 -6.98 -79.05 -12.32
C ALA QA 61 -7.56 -77.98 -13.22
N TYR QA 62 -8.65 -77.33 -12.81
CA TYR QA 62 -9.30 -76.30 -13.61
C TYR QA 62 -9.11 -74.91 -13.04
N TYR QA 63 -9.32 -74.73 -11.75
CA TYR QA 63 -9.44 -73.39 -11.19
C TYR QA 63 -8.09 -72.71 -11.10
N GLY QA 64 -8.09 -71.40 -11.33
CA GLY QA 64 -6.87 -70.64 -11.24
C GLY QA 64 -6.42 -70.46 -9.80
N GLU QA 65 -5.11 -70.32 -9.64
CA GLU QA 65 -4.54 -70.19 -8.32
C GLU QA 65 -4.96 -68.87 -7.67
N HIS QA 66 -4.56 -68.73 -6.41
CA HIS QA 66 -4.76 -67.48 -5.68
C HIS QA 66 -4.18 -66.30 -6.45
N ALA QA 67 -4.87 -65.16 -6.38
CA ALA QA 67 -4.46 -64.01 -7.15
C ALA QA 67 -3.25 -63.33 -6.54
N THR QA 68 -3.16 -63.30 -5.21
CA THR QA 68 -2.12 -62.54 -4.53
C THR QA 68 -1.07 -63.41 -3.86
N TYR QA 69 -1.41 -64.63 -3.46
CA TYR QA 69 -0.45 -65.59 -2.91
C TYR QA 69 -0.38 -66.75 -3.89
N ASN QA 70 0.41 -66.57 -4.93
CA ASN QA 70 0.51 -67.55 -6.00
C ASN QA 70 1.86 -68.23 -5.98
N TYR QA 71 1.98 -69.22 -6.88
CA TYR QA 71 3.12 -70.13 -6.84
C TYR QA 71 4.42 -69.37 -7.10
N PHE QA 72 4.43 -68.55 -8.14
CA PHE QA 72 5.66 -67.87 -8.52
C PHE QA 72 6.09 -66.87 -7.45
N VAL QA 73 5.15 -66.12 -6.90
CA VAL QA 73 5.54 -65.09 -5.96
C VAL QA 73 6.05 -65.72 -4.67
N LEU QA 74 5.42 -66.82 -4.24
CA LEU QA 74 5.96 -67.53 -3.08
C LEU QA 74 7.35 -68.10 -3.39
N PHE QA 75 7.53 -68.64 -4.60
CA PHE QA 75 8.82 -69.20 -4.99
C PHE QA 75 9.92 -68.15 -4.97
N ILE QA 76 9.68 -67.01 -5.62
CA ILE QA 76 10.70 -65.98 -5.71
C ILE QA 76 10.96 -65.36 -4.34
N ARG QA 77 9.93 -65.26 -3.50
CA ARG QA 77 10.15 -64.80 -2.14
C ARG QA 77 11.02 -65.78 -1.35
N GLY QA 78 10.91 -67.08 -1.66
CA GLY QA 78 11.79 -68.04 -1.02
C GLY QA 78 13.21 -67.98 -1.55
N MET QA 79 13.37 -67.68 -2.83
CA MET QA 79 14.70 -67.60 -3.44
C MET QA 79 15.38 -66.25 -3.25
N ARG QA 80 14.68 -65.28 -2.66
CA ARG QA 80 15.29 -63.97 -2.43
C ARG QA 80 16.64 -64.01 -1.73
N PRO QA 81 16.86 -64.80 -0.68
CA PRO QA 81 18.16 -64.74 -0.01
C PRO QA 81 19.32 -65.19 -0.88
N TYR QA 82 19.14 -66.28 -1.62
CA TYR QA 82 20.21 -66.77 -2.48
C TYR QA 82 20.53 -65.79 -3.59
N LEU QA 83 19.49 -65.18 -4.17
CA LEU QA 83 19.71 -64.18 -5.20
C LEU QA 83 20.42 -62.96 -4.66
N GLU QA 84 20.06 -62.55 -3.45
CA GLU QA 84 20.75 -61.43 -2.81
C GLU QA 84 22.22 -61.75 -2.64
N LYS QA 85 22.53 -62.92 -2.11
CA LYS QA 85 23.92 -63.35 -1.99
C LYS QA 85 24.64 -63.28 -3.33
N ILE QA 86 24.04 -63.88 -4.35
CA ILE QA 86 24.66 -63.95 -5.67
C ILE QA 86 24.98 -62.56 -6.20
N PHE QA 87 23.95 -61.73 -6.32
CA PHE QA 87 24.13 -60.43 -6.96
C PHE QA 87 24.96 -59.48 -6.12
N GLY QA 88 24.85 -59.56 -4.78
CA GLY QA 88 25.73 -58.76 -3.94
C GLY QA 88 27.18 -59.13 -4.12
N ASP QA 89 27.47 -60.44 -4.21
CA ASP QA 89 28.84 -60.87 -4.43
C ASP QA 89 29.36 -60.40 -5.77
N CYS QA 90 28.55 -60.52 -6.82
CA CYS QA 90 28.99 -60.09 -8.14
C CYS QA 90 29.24 -58.59 -8.18
N ALA QA 91 28.31 -57.81 -7.62
CA ALA QA 91 28.47 -56.36 -7.60
C ALA QA 91 29.69 -55.96 -6.78
N SER QA 92 29.93 -56.62 -5.66
CA SER QA 92 31.10 -56.31 -4.84
C SER QA 92 32.38 -56.62 -5.59
N THR QA 93 32.41 -57.73 -6.32
CA THR QA 93 33.59 -58.07 -7.10
C THR QA 93 33.87 -57.00 -8.14
N ILE QA 94 32.84 -56.61 -8.89
CA ILE QA 94 33.02 -55.59 -9.93
C ILE QA 94 33.46 -54.28 -9.30
N LYS QA 95 32.84 -53.88 -8.19
CA LYS QA 95 33.18 -52.61 -7.56
C LYS QA 95 34.61 -52.62 -7.04
N ASN QA 96 35.04 -53.73 -6.44
CA ASN QA 96 36.40 -53.80 -5.93
C ASN QA 96 37.41 -53.73 -7.06
N ALA QA 97 37.11 -54.39 -8.19
CA ALA QA 97 38.01 -54.31 -9.34
C ALA QA 97 38.10 -52.88 -9.86
N ALA QA 98 36.95 -52.22 -10.02
CA ALA QA 98 36.95 -50.86 -10.54
C ALA QA 98 37.66 -49.91 -9.58
N VAL QA 99 37.53 -50.13 -8.27
CA VAL QA 99 38.19 -49.26 -7.31
C VAL QA 99 39.69 -49.50 -7.32
N ALA QA 100 40.11 -50.76 -7.42
CA ALA QA 100 41.53 -51.05 -7.50
C ALA QA 100 42.15 -50.44 -8.76
N VAL QA 101 41.36 -50.31 -9.82
CA VAL QA 101 41.86 -49.64 -11.01
C VAL QA 101 41.87 -48.12 -10.85
N TYR QA 102 40.83 -47.57 -10.21
CA TYR QA 102 40.62 -46.13 -10.21
C TYR QA 102 41.47 -45.40 -9.17
N ARG QA 103 41.71 -46.03 -8.01
CA ARG QA 103 42.49 -45.35 -6.98
C ARG QA 103 43.89 -44.98 -7.42
N PRO QA 104 44.70 -45.91 -7.94
CA PRO QA 104 46.08 -45.54 -8.32
C PRO QA 104 46.11 -44.53 -9.45
N VAL QA 105 45.15 -44.56 -10.36
CA VAL QA 105 45.14 -43.62 -11.47
C VAL QA 105 44.85 -42.22 -10.95
N ASN QA 106 43.85 -42.09 -10.08
CA ASN QA 106 43.54 -40.79 -9.50
C ASN QA 106 44.71 -40.27 -8.66
N ALA QA 107 45.40 -41.18 -7.96
CA ALA QA 107 46.58 -40.77 -7.20
C ALA QA 107 47.67 -40.24 -8.14
N PHE QA 108 47.99 -41.01 -9.18
CA PHE QA 108 49.04 -40.61 -10.11
C PHE QA 108 48.69 -39.30 -10.81
N VAL QA 109 47.40 -39.04 -11.03
CA VAL QA 109 47.00 -37.81 -11.69
C VAL QA 109 47.08 -36.63 -10.74
N VAL QA 110 46.61 -36.81 -9.50
CA VAL QA 110 46.60 -35.69 -8.56
C VAL QA 110 48.01 -35.40 -8.06
N LYS QA 111 48.87 -36.41 -8.05
CA LYS QA 111 50.27 -36.19 -7.66
C LYS QA 111 50.95 -35.23 -8.62
N HIS QA 112 50.63 -35.32 -9.90
CA HIS QA 112 51.27 -34.52 -10.95
C HIS QA 112 50.42 -33.34 -11.38
N ASN QA 113 49.14 -33.30 -11.03
CA ASN QA 113 48.24 -32.22 -11.43
C ASN QA 113 47.27 -31.94 -10.30
N PRO QA 114 47.78 -31.44 -9.17
CA PRO QA 114 46.94 -31.32 -7.97
C PRO QA 114 45.81 -30.31 -8.07
N ASP QA 115 45.90 -29.34 -8.98
CA ASP QA 115 44.93 -28.25 -9.05
C ASP QA 115 44.04 -28.38 -10.27
N LEU QA 116 42.91 -27.68 -10.22
CA LEU QA 116 41.93 -27.77 -11.28
C LEU QA 116 42.47 -27.22 -12.59
N ARG QA 117 43.21 -26.11 -12.54
CA ARG QA 117 43.72 -25.53 -13.78
C ARG QA 117 44.71 -26.47 -14.44
N LEU QA 118 45.52 -27.16 -13.64
CA LEU QA 118 46.47 -28.11 -14.19
C LEU QA 118 45.76 -29.34 -14.74
N GLN QA 119 44.69 -29.77 -14.07
CA GLN QA 119 43.90 -30.88 -14.59
C GLN QA 119 43.29 -30.51 -15.93
N PHE QA 120 42.76 -29.30 -16.05
CA PHE QA 120 42.17 -28.87 -17.30
C PHE QA 120 43.23 -28.78 -18.40
N VAL QA 121 44.42 -28.28 -18.06
CA VAL QA 121 45.50 -28.21 -19.04
C VAL QA 121 45.88 -29.61 -19.52
N ALA QA 122 45.99 -30.55 -18.59
CA ALA QA 122 46.37 -31.91 -18.97
C ALA QA 122 45.29 -32.55 -19.84
N PHE QA 123 44.03 -32.33 -19.50
CA PHE QA 123 42.93 -32.87 -20.29
C PHE QA 123 42.97 -32.31 -21.70
N ALA QA 124 43.17 -30.99 -21.83
CA ALA QA 124 43.21 -30.38 -23.15
C ALA QA 124 44.39 -30.87 -23.96
N SER QA 125 45.55 -31.03 -23.32
CA SER QA 125 46.71 -31.55 -24.03
C SER QA 125 46.49 -32.98 -24.49
N PHE QA 126 45.85 -33.79 -23.65
CA PHE QA 126 45.50 -35.15 -24.04
C PHE QA 126 44.61 -35.14 -25.27
N ILE QA 127 43.59 -34.29 -25.26
CA ILE QA 127 42.68 -34.19 -26.39
C ILE QA 127 43.44 -33.80 -27.64
N ALA QA 128 44.32 -32.80 -27.53
CA ALA QA 128 45.05 -32.32 -28.70
C ALA QA 128 45.96 -33.40 -29.27
N THR QA 129 46.64 -34.15 -28.39
CA THR QA 129 47.53 -35.20 -28.86
C THR QA 129 46.75 -36.30 -29.56
N HIS QA 130 45.63 -36.72 -28.96
CA HIS QA 130 44.77 -37.71 -29.60
C HIS QA 130 44.34 -37.25 -30.99
N MET QA 131 43.88 -36.00 -31.08
CA MET QA 131 43.43 -35.47 -32.36
C MET QA 131 44.56 -35.41 -33.38
N ALA QA 132 45.77 -35.07 -32.93
CA ALA QA 132 46.89 -34.96 -33.85
C ALA QA 132 47.28 -36.32 -34.42
N ILE QA 133 47.33 -37.34 -33.57
CA ILE QA 133 47.69 -38.67 -34.06
C ILE QA 133 46.63 -39.20 -35.00
N THR QA 134 45.35 -39.00 -34.64
CA THR QA 134 44.27 -39.36 -35.53
C THR QA 134 44.40 -38.65 -36.87
N LYS QA 135 44.82 -37.38 -36.85
CA LYS QA 135 45.00 -36.63 -38.09
C LYS QA 135 46.12 -37.22 -38.93
N GLU QA 136 47.19 -37.68 -38.29
CA GLU QA 136 48.27 -38.32 -39.05
C GLU QA 136 47.77 -39.55 -39.79
N PHE QA 137 47.10 -40.46 -39.07
CA PHE QA 137 46.56 -41.66 -39.70
C PHE QA 137 45.56 -41.29 -40.80
N ASN QA 138 44.70 -40.32 -40.52
CA ASN QA 138 43.70 -39.90 -41.48
C ASN QA 138 44.34 -39.31 -42.73
N ASP QA 139 45.46 -38.60 -42.58
CA ASP QA 139 46.16 -38.05 -43.72
C ASP QA 139 46.67 -39.17 -44.61
N MET QA 140 47.22 -40.21 -44.01
CA MET QA 140 47.69 -41.35 -44.80
C MET QA 140 46.55 -41.99 -45.59
N TYR QA 141 45.45 -42.32 -44.90
CA TYR QA 141 44.32 -42.92 -45.58
C TYR QA 141 43.73 -41.99 -46.64
N GLN QA 142 43.76 -40.68 -46.37
CA GLN QA 142 43.27 -39.70 -47.33
C GLN QA 142 44.13 -39.69 -48.59
N ARG QA 143 45.44 -39.86 -48.44
CA ARG QA 143 46.29 -39.93 -49.62
C ARG QA 143 45.94 -41.14 -50.47
N LEU QA 144 45.72 -42.29 -49.83
CA LEU QA 144 45.29 -43.46 -50.59
C LEU QA 144 43.97 -43.19 -51.33
N VAL QA 145 43.00 -42.63 -50.62
CA VAL QA 145 41.69 -42.37 -51.23
C VAL QA 145 41.81 -41.35 -52.36
N ASP QA 146 42.68 -40.35 -52.20
CA ASP QA 146 42.91 -39.38 -53.25
C ASP QA 146 43.46 -40.06 -54.50
N ILE QA 147 44.37 -41.00 -54.33
CA ILE QA 147 44.90 -41.71 -55.47
C ILE QA 147 43.80 -42.48 -56.18
N THR QA 148 42.94 -43.16 -55.42
CA THR QA 148 41.87 -43.91 -56.05
C THR QA 148 40.92 -42.99 -56.80
N SER QA 149 40.62 -41.82 -56.23
CA SER QA 149 39.75 -40.86 -56.91
C SER QA 149 40.40 -40.35 -58.20
N LEU QA 150 41.71 -40.11 -58.17
CA LEU QA 150 42.40 -39.65 -59.35
C LEU QA 150 42.38 -40.71 -60.44
N LEU QA 151 42.47 -41.99 -60.06
CA LEU QA 151 42.40 -43.04 -61.06
C LEU QA 151 41.00 -43.18 -61.62
N GLU QA 152 39.97 -42.92 -60.80
CA GLU QA 152 38.61 -42.86 -61.33
C GLU QA 152 38.48 -41.73 -62.35
N LEU QA 153 39.03 -40.57 -62.04
CA LEU QA 153 39.01 -39.46 -62.99
C LEU QA 153 39.75 -39.82 -64.26
N GLN QA 154 40.86 -40.54 -64.15
CA GLN QA 154 41.60 -40.95 -65.33
C GLN QA 154 40.78 -41.90 -66.18
N ALA QA 155 40.03 -42.81 -65.53
CA ALA QA 155 39.13 -43.69 -66.25
C ALA QA 155 38.06 -42.90 -66.99
N ALA QA 156 37.47 -41.90 -66.31
CA ALA QA 156 36.45 -41.09 -66.94
C ALA QA 156 37.00 -40.27 -68.10
N GLN QA 157 38.27 -39.86 -68.00
CA GLN QA 157 38.92 -39.13 -69.08
C GLN QA 157 39.19 -40.03 -70.27
N LEU QA 158 39.52 -41.29 -70.01
CA LEU QA 158 39.67 -42.27 -71.09
C LEU QA 158 38.37 -42.44 -71.85
N HIS QA 159 37.25 -42.59 -71.14
CA HIS QA 159 35.95 -42.69 -71.78
C HIS QA 159 35.65 -41.48 -72.65
N ALA QA 160 36.09 -40.30 -72.22
CA ALA QA 160 35.81 -39.10 -73.00
C ALA QA 160 36.63 -39.04 -74.28
N SER QA 161 37.83 -39.61 -74.26
CA SER QA 161 38.63 -39.67 -75.48
C SER QA 161 37.94 -40.52 -76.53
N GLU QA 162 37.28 -41.60 -76.11
CA GLU QA 162 36.57 -42.50 -77.01
C GLU QA 162 35.19 -42.00 -77.38
N GLY QA 163 34.75 -40.87 -76.84
CA GLY QA 163 33.43 -40.35 -77.13
C GLY QA 163 32.30 -41.06 -76.45
N PHE QA 164 32.53 -41.55 -75.24
CA PHE QA 164 31.51 -42.30 -74.52
C PHE QA 164 30.49 -41.38 -73.86
N TRP QA 165 30.93 -40.24 -73.36
CA TRP QA 165 30.02 -39.27 -72.77
C TRP QA 165 29.30 -38.44 -73.83
N ASP QA 166 29.75 -38.47 -75.07
CA ASP QA 166 29.07 -37.76 -76.14
C ASP QA 166 27.67 -38.33 -76.36
N SER QA 167 26.85 -37.56 -77.04
CA SER QA 167 25.56 -37.99 -77.54
C SER QA 167 25.66 -38.42 -78.99
N GLU QA 168 24.60 -39.09 -79.46
CA GLU QA 168 24.62 -39.60 -80.83
C GLU QA 168 24.66 -38.47 -81.84
N SER QA 169 24.03 -37.34 -81.55
CA SER QA 169 24.15 -36.18 -82.41
C SER QA 169 25.60 -35.73 -82.53
N GLU QA 170 26.31 -35.67 -81.41
CA GLU QA 170 27.71 -35.24 -81.42
C GLU QA 170 28.59 -36.25 -82.17
N GLN QA 171 28.33 -37.54 -81.97
CA GLN QA 171 29.07 -38.56 -82.70
C GLN QA 171 28.85 -38.43 -84.20
N GLN QA 172 27.60 -38.26 -84.61
CA GLN QA 172 27.28 -38.09 -86.02
C GLN QA 172 27.93 -36.84 -86.58
N GLU QA 173 27.96 -35.76 -85.80
CA GLU QA 173 28.57 -34.53 -86.28
C GLU QA 173 30.07 -34.68 -86.47
N ALA QA 174 30.74 -35.36 -85.55
CA ALA QA 174 32.16 -35.64 -85.72
C ALA QA 174 32.42 -36.49 -86.97
N ARG QA 175 31.55 -37.47 -87.18
CA ARG QA 175 31.65 -38.33 -88.35
C ARG QA 175 31.53 -37.51 -89.63
N LEU QA 176 30.51 -36.64 -89.68
CA LEU QA 176 30.30 -35.77 -90.83
C LEU QA 176 31.47 -34.83 -91.05
N GLN QA 177 32.08 -34.35 -89.95
CA GLN QA 177 33.20 -33.44 -90.05
C GLN QA 177 34.39 -34.13 -90.72
N ARG QA 178 34.69 -35.36 -90.28
CA ARG QA 178 35.74 -36.14 -90.93
C ARG QA 178 35.45 -36.36 -92.40
N HIS QA 179 34.20 -36.74 -92.70
CA HIS QA 179 33.79 -36.95 -94.07
C HIS QA 179 34.04 -35.72 -94.94
N ALA QA 180 33.65 -34.55 -94.44
CA ALA QA 180 33.78 -33.33 -95.21
C ALA QA 180 35.23 -32.94 -95.42
N GLU QA 181 36.05 -33.03 -94.37
CA GLU QA 181 37.48 -32.75 -94.51
C GLU QA 181 38.11 -33.65 -95.55
N HIS QA 182 37.81 -34.95 -95.48
CA HIS QA 182 38.40 -35.91 -96.42
C HIS QA 182 37.95 -35.61 -97.85
N ARG QA 183 36.66 -35.35 -98.03
CA ARG QA 183 36.13 -35.00 -99.35
C ARG QA 183 36.82 -33.78 -99.93
N ASN QA 184 37.03 -32.75 -99.11
CA ASN QA 184 37.63 -31.52 -99.60
C ASN QA 184 39.09 -31.74 -99.97
N ASP QA 185 39.84 -32.44 -99.11
CA ASP QA 185 41.21 -32.84 -99.46
C ASP QA 185 41.23 -33.54 -100.81
N LEU QA 186 40.33 -34.50 -101.02
CA LEU QA 186 40.34 -35.29 -102.23
C LEU QA 186 40.07 -34.44 -103.46
N GLU QA 187 39.06 -33.58 -103.39
CA GLU QA 187 38.68 -32.79 -104.55
C GLU QA 187 39.75 -31.75 -104.89
N THR QA 188 40.37 -31.15 -103.86
CA THR QA 188 41.47 -30.23 -104.11
C THR QA 188 42.65 -30.95 -104.77
N THR QA 189 43.00 -32.14 -104.27
CA THR QA 189 44.07 -32.91 -104.87
C THR QA 189 43.74 -33.28 -106.31
N TRP QA 190 42.48 -33.55 -106.60
CA TRP QA 190 42.09 -33.89 -107.96
C TRP QA 190 42.25 -32.70 -108.88
N GLU QA 191 41.84 -31.52 -108.44
CA GLU QA 191 42.02 -30.32 -109.26
C GLU QA 191 43.49 -30.08 -109.56
N GLU QA 192 44.33 -30.16 -108.53
CA GLU QA 192 45.77 -29.98 -108.74
C GLU QA 192 46.33 -31.02 -109.71
N ALA QA 193 45.97 -32.29 -109.50
CA ALA QA 193 46.48 -33.36 -110.35
C ALA QA 193 46.06 -33.16 -111.80
N LEU QA 194 44.80 -32.81 -112.02
CA LEU QA 194 44.33 -32.62 -113.38
C LEU QA 194 45.02 -31.44 -114.04
N ARG QA 195 45.26 -30.36 -113.31
CA ARG QA 195 45.95 -29.22 -113.88
C ARG QA 195 47.37 -29.60 -114.30
N GLU QA 196 48.11 -30.26 -113.41
CA GLU QA 196 49.48 -30.63 -113.72
C GLU QA 196 49.55 -31.64 -114.86
N ALA QA 197 48.66 -32.63 -114.85
CA ALA QA 197 48.64 -33.61 -115.92
C ALA QA 197 48.17 -33.04 -117.23
N THR QA 198 47.39 -31.96 -117.21
CA THR QA 198 46.99 -31.31 -118.45
C THR QA 198 48.11 -30.48 -119.03
N LEU QA 199 48.86 -29.77 -118.20
CA LEU QA 199 49.97 -28.99 -118.75
C LEU QA 199 51.12 -29.89 -119.18
N ALA QA 200 51.30 -31.04 -118.52
CA ALA QA 200 52.33 -31.98 -118.92
C ALA QA 200 51.88 -32.93 -120.02
N ARG QA 201 50.58 -33.13 -120.18
CA ARG QA 201 50.02 -34.13 -121.09
C ARG QA 201 50.64 -35.49 -120.82
N ASN QA 202 50.37 -36.00 -119.63
CA ASN QA 202 50.89 -37.28 -119.19
C ASN QA 202 49.98 -37.86 -118.12
N PHE QA 203 49.62 -39.14 -118.29
CA PHE QA 203 48.74 -39.85 -117.36
C PHE QA 203 49.49 -40.34 -116.12
N ASP QA 204 50.80 -40.57 -116.26
CA ASP QA 204 51.58 -40.99 -115.11
C ASP QA 204 51.57 -39.95 -114.00
N VAL QA 205 51.37 -38.69 -114.35
CA VAL QA 205 51.29 -37.64 -113.34
C VAL QA 205 50.04 -37.80 -112.49
N LEU QA 206 48.88 -37.96 -113.15
CA LEU QA 206 47.66 -38.31 -112.43
C LEU QA 206 47.88 -39.52 -111.54
N VAL QA 207 48.54 -40.54 -112.07
CA VAL QA 207 48.81 -41.74 -111.28
C VAL QA 207 49.67 -41.41 -110.06
N SER QA 208 50.65 -40.54 -110.23
CA SER QA 208 51.54 -40.19 -109.13
C SER QA 208 50.86 -39.35 -108.06
N TYR QA 209 49.79 -38.65 -108.41
CA TYR QA 209 49.02 -37.94 -107.39
C TYR QA 209 48.14 -38.86 -106.55
N LEU QA 210 48.15 -40.17 -106.79
CA LEU QA 210 47.37 -41.09 -105.97
C LEU QA 210 47.99 -41.37 -104.62
N ASN QA 211 49.21 -40.90 -104.38
CA ASN QA 211 49.93 -41.17 -103.14
C ASN QA 211 50.63 -39.90 -102.66
N HIS QA 212 49.90 -38.79 -102.68
CA HIS QA 212 50.37 -37.54 -102.12
C HIS QA 212 49.83 -37.27 -100.72
N GLY QA 213 48.75 -37.92 -100.32
CA GLY QA 213 48.22 -37.77 -98.99
C GLY QA 213 48.97 -38.61 -97.96
N GLN QA 229 46.07 -42.64 -93.97
CA GLN QA 229 46.22 -44.07 -94.11
C GLN QA 229 46.65 -44.74 -92.81
N ASN QA 230 46.35 -44.09 -91.68
CA ASN QA 230 46.76 -44.65 -90.40
C ASN QA 230 46.00 -45.93 -90.12
N GLY QA 231 44.69 -45.83 -89.96
CA GLY QA 231 43.84 -47.00 -89.91
C GLY QA 231 42.59 -46.75 -90.73
N ILE QA 232 41.44 -46.97 -90.11
CA ILE QA 232 40.17 -46.60 -90.73
C ILE QA 232 39.33 -45.85 -89.70
N PRO QA 233 38.26 -45.19 -90.12
CA PRO QA 233 37.29 -44.70 -89.15
C PRO QA 233 36.52 -45.85 -88.54
N PRO QA 234 36.00 -45.68 -87.34
CA PRO QA 234 35.21 -46.75 -86.73
C PRO QA 234 33.93 -47.01 -87.49
N SER QA 235 33.52 -48.27 -87.48
CA SER QA 235 32.31 -48.68 -88.17
C SER QA 235 31.07 -48.39 -87.31
N VAL QA 236 31.18 -48.59 -86.01
CA VAL QA 236 30.08 -48.37 -85.09
C VAL QA 236 30.63 -47.70 -83.83
N THR QA 237 29.72 -47.09 -83.08
CA THR QA 237 30.09 -46.40 -81.85
C THR QA 237 29.04 -46.68 -80.80
N TRP QA 238 29.50 -46.66 -79.55
CA TRP QA 238 28.67 -46.89 -78.37
C TRP QA 238 28.85 -45.71 -77.43
N ASN QA 239 27.78 -45.33 -76.75
CA ASN QA 239 27.80 -44.18 -75.87
C ASN QA 239 27.07 -44.53 -74.58
N PHE QA 240 27.10 -43.57 -73.66
CA PHE QA 240 26.50 -43.76 -72.35
C PHE QA 240 24.99 -43.60 -72.39
N ASN QA 241 24.47 -42.77 -73.29
CA ASN QA 241 23.04 -42.53 -73.37
C ASN QA 241 22.29 -43.66 -74.04
N ALA QA 242 22.99 -44.64 -74.60
CA ALA QA 242 22.34 -45.81 -75.14
C ALA QA 242 22.09 -46.86 -74.07
N MET QA 243 22.75 -46.75 -72.93
CA MET QA 243 22.48 -47.66 -71.83
C MET QA 243 21.13 -47.28 -71.21
N PRO QA 244 20.24 -48.22 -70.99
CA PRO QA 244 18.92 -47.87 -70.47
C PRO QA 244 18.91 -47.63 -68.97
N TYR QA 245 17.92 -46.86 -68.54
CA TYR QA 245 17.71 -46.59 -67.14
C TYR QA 245 16.21 -46.49 -66.86
N GLY QA 246 15.80 -47.02 -65.72
CA GLY QA 246 14.43 -46.86 -65.28
C GLY QA 246 13.98 -47.90 -64.29
N LYS QA 247 13.25 -47.46 -63.27
CA LYS QA 247 12.64 -48.40 -62.35
C LYS QA 247 11.59 -49.25 -63.05
N GLU QA 248 10.77 -48.62 -63.89
CA GLU QA 248 9.71 -49.31 -64.62
C GLU QA 248 10.06 -49.60 -66.07
N ASN QA 249 11.22 -49.17 -66.54
CA ASN QA 249 11.60 -49.40 -67.93
C ASN QA 249 11.88 -50.87 -68.16
N PRO QA 250 11.17 -51.56 -69.06
CA PRO QA 250 11.43 -52.97 -69.30
C PRO QA 250 12.64 -53.25 -70.18
N ASP QA 251 13.37 -52.22 -70.61
CA ASP QA 251 14.64 -52.43 -71.28
C ASP QA 251 15.74 -52.84 -70.30
N THR QA 252 15.43 -52.85 -69.01
CA THR QA 252 16.36 -53.28 -67.97
C THR QA 252 15.95 -54.58 -67.29
N LYS QA 253 14.77 -55.11 -67.58
CA LYS QA 253 14.23 -56.25 -66.86
C LYS QA 253 14.42 -57.52 -67.67
N THR QA 254 15.25 -58.43 -67.17
CA THR QA 254 15.40 -59.76 -67.73
C THR QA 254 14.58 -60.79 -66.96
N PHE QA 255 14.87 -60.92 -65.68
CA PHE QA 255 14.18 -61.80 -64.75
C PHE QA 255 13.90 -61.03 -63.48
N PRO QA 256 12.80 -61.34 -62.80
CA PRO QA 256 12.48 -60.61 -61.58
C PRO QA 256 13.50 -60.86 -60.48
N ILE QA 257 13.84 -59.79 -59.77
CA ILE QA 257 14.78 -59.85 -58.66
C ILE QA 257 13.99 -60.18 -57.40
N PRO QA 258 14.43 -61.15 -56.59
CA PRO QA 258 13.64 -61.52 -55.42
C PRO QA 258 13.52 -60.42 -54.37
N ASP QA 259 12.44 -60.53 -53.61
CA ASP QA 259 12.08 -59.48 -52.67
C ASP QA 259 13.10 -59.39 -51.55
N HIS QA 260 13.67 -60.53 -51.16
CA HIS QA 260 14.65 -60.54 -50.09
C HIS QA 260 16.00 -60.02 -50.56
N GLU QA 261 16.10 -59.65 -51.82
CA GLU QA 261 17.30 -59.04 -52.37
C GLU QA 261 17.03 -57.63 -52.84
N GLN QA 262 15.78 -57.17 -52.76
CA GLN QA 262 15.53 -55.78 -53.14
C GLN QA 262 15.70 -54.85 -51.94
N PRO QA 263 16.20 -53.64 -52.12
CA PRO QA 263 16.45 -52.76 -50.99
C PRO QA 263 15.22 -51.95 -50.54
N TYR QA 264 15.28 -51.52 -49.29
CA TYR QA 264 14.17 -50.79 -48.69
C TYR QA 264 14.36 -49.29 -48.81
N ARG QA 265 13.23 -48.59 -48.96
CA ARG QA 265 13.21 -47.15 -48.90
C ARG QA 265 13.19 -46.67 -47.45
N ALA QA 266 13.79 -45.51 -47.22
CA ALA QA 266 13.89 -44.98 -45.86
C ALA QA 266 12.51 -44.63 -45.33
N PHE QA 267 12.36 -44.76 -44.01
CA PHE QA 267 11.10 -44.51 -43.33
C PHE QA 267 11.26 -43.36 -42.36
N SER QA 268 10.36 -42.40 -42.44
CA SER QA 268 10.27 -41.32 -41.47
C SER QA 268 8.80 -41.01 -41.24
N LEU QA 269 8.38 -41.09 -39.98
CA LEU QA 269 6.99 -40.81 -39.63
C LEU QA 269 6.95 -40.25 -38.21
N GLY QA 270 6.41 -39.05 -38.08
CA GLY QA 270 6.19 -38.45 -36.78
C GLY QA 270 5.04 -37.47 -36.89
N PHE QA 271 4.71 -36.87 -35.74
CA PHE QA 271 3.69 -35.84 -35.75
C PHE QA 271 4.14 -34.61 -36.53
N THR QA 272 5.44 -34.35 -36.54
CA THR QA 272 5.98 -33.14 -37.11
C THR QA 272 6.31 -33.28 -38.59
N ALA QA 273 6.85 -34.41 -39.01
CA ALA QA 273 7.32 -34.59 -40.38
C ALA QA 273 7.24 -36.06 -40.77
N ASN QA 274 7.25 -36.30 -42.07
CA ASN QA 274 7.27 -37.65 -42.60
C ASN QA 274 7.93 -37.61 -43.98
N ASN QA 275 8.07 -38.79 -44.58
CA ASN QA 275 8.65 -38.93 -45.92
C ASN QA 275 7.75 -39.77 -46.80
N LEU QA 276 6.45 -39.76 -46.52
CA LEU QA 276 5.48 -40.56 -47.25
C LEU QA 276 4.48 -39.72 -48.03
N SER QA 277 4.40 -38.43 -47.76
CA SER QA 277 3.56 -37.53 -48.53
C SER QA 277 4.16 -37.15 -49.87
N GLY QA 278 5.32 -37.69 -50.21
CA GLY QA 278 5.96 -37.32 -51.46
C GLY QA 278 6.99 -38.32 -51.88
N ASN QA 279 7.50 -38.09 -53.09
CA ASN QA 279 8.54 -38.93 -53.68
C ASN QA 279 9.57 -38.03 -54.35
N TRP QA 280 10.82 -38.17 -53.95
CA TRP QA 280 11.90 -37.37 -54.49
C TRP QA 280 12.53 -38.00 -55.72
N GLY QA 281 12.30 -39.27 -55.95
CA GLY QA 281 12.85 -39.98 -57.08
C GLY QA 281 14.21 -40.57 -56.78
N ASP QA 282 14.82 -41.07 -57.85
CA ASP QA 282 16.13 -41.69 -57.76
C ASP QA 282 17.22 -40.63 -57.90
N TYR QA 283 18.47 -41.05 -58.07
CA TYR QA 283 19.56 -40.10 -58.24
C TYR QA 283 19.53 -39.46 -59.61
N ILE QA 284 19.04 -40.18 -60.62
CA ILE QA 284 19.00 -39.71 -61.99
C ILE QA 284 17.61 -39.18 -62.28
N ASP QA 285 16.61 -40.03 -62.09
CA ASP QA 285 15.23 -39.70 -62.41
C ASP QA 285 14.58 -39.09 -61.17
N ARG QA 286 14.81 -37.80 -60.99
CA ARG QA 286 14.27 -37.07 -59.85
C ARG QA 286 12.89 -36.52 -60.17
N GLN QA 287 12.22 -36.05 -59.14
CA GLN QA 287 10.91 -35.46 -59.30
C GLN QA 287 10.57 -34.62 -58.07
N ASP QA 288 9.61 -33.73 -58.25
CA ASP QA 288 9.22 -32.82 -57.19
C ASP QA 288 8.41 -33.55 -56.13
N ASN QA 289 8.84 -33.44 -54.88
CA ASN QA 289 8.14 -34.07 -53.77
C ASN QA 289 6.76 -33.48 -53.57
N LYS QA 290 6.64 -32.16 -53.72
CA LYS QA 290 5.36 -31.49 -53.52
C LYS QA 290 4.51 -31.60 -54.78
N ASN QA 291 3.19 -31.52 -54.59
CA ASN QA 291 2.26 -31.64 -55.69
C ASN QA 291 1.95 -30.27 -56.29
N ALA QA 292 1.12 -30.28 -57.33
CA ALA QA 292 1.00 -29.11 -58.19
C ALA QA 292 0.40 -27.89 -57.48
N LEU QA 293 -0.53 -28.11 -56.55
CA LEU QA 293 -1.24 -27.00 -55.92
C LEU QA 293 -0.40 -26.23 -54.91
N MET QA 294 0.64 -26.86 -54.37
CA MET QA 294 1.48 -26.24 -53.34
C MET QA 294 2.90 -25.99 -53.81
N ARG QA 295 3.24 -26.42 -55.02
CA ARG QA 295 4.51 -26.00 -55.62
C ARG QA 295 4.69 -24.50 -55.70
N PRO QA 296 3.68 -23.69 -56.02
CA PRO QA 296 3.86 -22.24 -55.97
C PRO QA 296 4.15 -21.70 -54.57
N ALA QA 297 3.79 -22.43 -53.52
CA ALA QA 297 3.98 -22.01 -52.13
C ALA QA 297 4.98 -22.88 -51.39
N ARG QA 298 6.06 -23.28 -52.08
CA ARG QA 298 7.07 -24.13 -51.47
C ARG QA 298 7.77 -23.45 -50.30
N MET QA 299 7.89 -22.13 -50.36
CA MET QA 299 8.55 -21.37 -49.30
C MET QA 299 7.87 -21.57 -47.95
N MET QA 300 6.59 -21.90 -47.95
CA MET QA 300 5.83 -22.04 -46.72
C MET QA 300 6.04 -23.38 -46.04
N PHE QA 301 6.61 -24.35 -46.73
CA PHE QA 301 6.92 -25.66 -46.18
C PHE QA 301 8.39 -25.82 -45.85
N THR QA 302 9.04 -24.74 -45.41
CA THR QA 302 10.47 -24.74 -45.18
C THR QA 302 10.80 -23.94 -43.92
N ASP QA 303 11.78 -24.43 -43.16
CA ASP QA 303 12.31 -23.64 -42.05
C ASP QA 303 13.33 -22.62 -42.55
N VAL QA 304 14.03 -22.90 -43.64
CA VAL QA 304 14.98 -21.97 -44.25
C VAL QA 304 14.83 -22.08 -45.76
N PHE QA 305 15.14 -20.98 -46.45
CA PHE QA 305 14.98 -20.92 -47.89
C PHE QA 305 16.08 -20.03 -48.45
N ILE QA 306 16.85 -20.56 -49.38
CA ILE QA 306 17.93 -19.83 -50.04
C ILE QA 306 17.60 -19.73 -51.52
N PRO QA 307 17.09 -18.59 -51.97
CA PRO QA 307 16.56 -18.51 -53.33
C PRO QA 307 17.64 -18.53 -54.39
N THR QA 308 17.19 -18.59 -55.63
CA THR QA 308 18.06 -18.63 -56.79
C THR QA 308 18.80 -17.31 -56.98
N THR QA 309 19.79 -17.36 -57.85
CA THR QA 309 20.49 -16.18 -58.33
C THR QA 309 20.06 -15.90 -59.75
N LYS QA 310 19.61 -14.67 -60.01
CA LYS QA 310 19.13 -14.32 -61.35
C LYS QA 310 19.32 -12.84 -61.66
N ALA RA 96 9.62 -75.52 -76.07
CA ALA RA 96 9.59 -74.09 -75.82
C ALA RA 96 10.83 -73.66 -75.04
N SER RA 97 11.06 -72.36 -74.95
CA SER RA 97 12.25 -71.83 -74.30
C SER RA 97 11.90 -71.34 -72.92
N PRO RA 98 12.90 -71.22 -72.04
CA PRO RA 98 12.60 -70.84 -70.65
C PRO RA 98 12.22 -69.38 -70.48
N MET RA 99 12.50 -68.53 -71.47
CA MET RA 99 12.22 -67.10 -71.34
C MET RA 99 10.81 -66.71 -71.77
N LEU RA 100 10.08 -67.59 -72.45
CA LEU RA 100 8.66 -67.34 -72.67
C LEU RA 100 7.87 -67.44 -71.37
N PHE RA 101 8.44 -68.08 -70.36
CA PHE RA 101 7.83 -68.13 -69.04
C PHE RA 101 8.04 -66.80 -68.32
N THR RA 102 6.97 -66.29 -67.71
CA THR RA 102 7.03 -65.01 -67.01
C THR RA 102 6.49 -65.13 -65.59
N ASP RA 103 5.56 -66.05 -65.36
CA ASP RA 103 4.84 -66.12 -64.09
C ASP RA 103 5.73 -66.78 -63.03
N TYR RA 104 6.73 -66.03 -62.61
CA TYR RA 104 7.72 -66.51 -61.65
C TYR RA 104 7.38 -66.15 -60.21
N ASP RA 105 6.48 -65.20 -59.99
CA ASP RA 105 6.20 -64.66 -58.67
C ASP RA 105 5.04 -65.37 -57.98
N ASN RA 106 4.57 -66.48 -58.53
CA ASN RA 106 3.56 -67.31 -57.86
C ASN RA 106 4.24 -68.37 -57.02
N THR RA 107 5.06 -67.91 -56.09
CA THR RA 107 5.89 -68.78 -55.25
C THR RA 107 5.10 -69.17 -54.00
N ALA RA 108 4.32 -70.23 -54.13
CA ALA RA 108 3.67 -70.84 -52.98
C ALA RA 108 4.70 -71.40 -52.02
N SER RA 109 4.23 -71.72 -50.81
CA SER RA 109 5.06 -72.25 -49.75
C SER RA 109 4.17 -73.07 -48.83
N PRO RA 110 4.70 -74.07 -48.14
CA PRO RA 110 3.83 -75.00 -47.43
C PRO RA 110 3.02 -74.31 -46.35
N LYS RA 111 1.81 -74.83 -46.12
CA LYS RA 111 0.93 -74.24 -45.14
C LYS RA 111 1.43 -74.44 -43.71
N SER RA 112 2.36 -75.38 -43.50
CA SER RA 112 2.98 -75.52 -42.20
C SER RA 112 3.80 -74.30 -41.82
N GLU RA 113 4.29 -73.55 -42.79
CA GLU RA 113 5.15 -72.41 -42.54
C GLU RA 113 4.38 -71.15 -42.15
N LEU RA 114 3.07 -71.26 -41.92
CA LEU RA 114 2.32 -70.13 -41.39
C LEU RA 114 2.69 -69.81 -39.95
N ILE RA 115 3.35 -70.73 -39.25
CA ILE RA 115 3.79 -70.45 -37.90
C ILE RA 115 4.88 -69.39 -37.87
N PHE RA 116 5.55 -69.15 -39.00
CA PHE RA 116 6.54 -68.10 -39.11
C PHE RA 116 5.93 -66.74 -39.40
N MET RA 117 4.63 -66.58 -39.24
CA MET RA 117 4.00 -65.29 -39.53
C MET RA 117 4.58 -64.18 -38.66
N ALA RA 118 4.54 -64.37 -37.34
CA ALA RA 118 5.03 -63.33 -36.44
C ALA RA 118 6.54 -63.16 -36.58
N GLY RA 119 7.26 -64.24 -36.82
CA GLY RA 119 8.70 -64.14 -37.00
C GLY RA 119 9.05 -63.31 -38.22
N ASN RA 120 8.39 -63.57 -39.34
CA ASN RA 120 8.63 -62.80 -40.55
C ASN RA 120 8.23 -61.34 -40.34
N ALA RA 121 7.14 -61.10 -39.61
CA ALA RA 121 6.73 -59.72 -39.35
C ALA RA 121 7.78 -58.98 -38.53
N LEU RA 122 8.25 -59.60 -37.45
CA LEU RA 122 9.27 -58.96 -36.61
C LEU RA 122 10.58 -58.78 -37.38
N GLY RA 123 10.92 -59.73 -38.24
CA GLY RA 123 12.11 -59.58 -39.05
C GLY RA 123 12.00 -58.45 -40.05
N TYR RA 124 10.83 -58.30 -40.66
CA TYR RA 124 10.59 -57.18 -41.56
C TYR RA 124 10.71 -55.87 -40.82
N CYS RA 125 10.05 -55.75 -39.67
CA CYS RA 125 10.12 -54.50 -38.92
C CYS RA 125 11.52 -54.26 -38.36
N THR RA 126 12.30 -55.31 -38.14
CA THR RA 126 13.67 -55.11 -37.71
C THR RA 126 14.53 -54.57 -38.85
N GLU RA 127 14.46 -55.21 -40.01
CA GLU RA 127 15.26 -54.76 -41.14
C GLU RA 127 14.83 -53.38 -41.62
N ARG RA 128 13.57 -53.01 -41.41
CA ARG RA 128 13.06 -51.74 -41.92
C ARG RA 128 13.15 -50.60 -40.91
N PHE RA 129 12.88 -50.87 -39.63
CA PHE RA 129 12.74 -49.81 -38.64
C PHE RA 129 13.76 -49.90 -37.52
N PHE RA 130 13.88 -51.05 -36.86
CA PHE RA 130 14.51 -51.09 -35.54
C PHE RA 130 16.03 -50.96 -35.60
N GLU RA 131 16.68 -51.51 -36.62
CA GLU RA 131 18.13 -51.51 -36.68
C GLU RA 131 18.69 -50.27 -37.36
N ASN RA 132 17.95 -49.16 -37.33
CA ASN RA 132 18.37 -47.93 -37.95
C ASN RA 132 17.95 -46.75 -37.06
N GLU RA 133 18.01 -45.55 -37.63
CA GLU RA 133 17.78 -44.32 -36.86
C GLU RA 133 16.35 -44.26 -36.32
N TYR RA 134 15.37 -44.73 -37.09
CA TYR RA 134 14.01 -44.77 -36.58
C TYR RA 134 13.90 -45.72 -35.41
N GLY RA 135 14.71 -46.79 -35.40
CA GLY RA 135 14.77 -47.67 -34.26
C GLY RA 135 15.39 -47.02 -33.05
N GLN RA 136 16.38 -46.16 -33.26
CA GLN RA 136 16.92 -45.41 -32.13
C GLN RA 136 15.86 -44.47 -31.55
N SER RA 137 15.05 -43.86 -32.42
CA SER RA 137 13.94 -43.04 -31.94
C SER RA 137 12.94 -43.88 -31.15
N ILE RA 138 12.66 -45.10 -31.60
CA ILE RA 138 11.73 -45.97 -30.90
C ILE RA 138 12.29 -46.38 -29.54
N PHE RA 139 13.60 -46.63 -29.47
CA PHE RA 139 14.23 -46.94 -28.20
C PHE RA 139 14.13 -45.77 -27.23
N MET RA 140 14.37 -44.55 -27.72
CA MET RA 140 14.17 -43.38 -26.89
C MET RA 140 12.72 -43.25 -26.43
N PHE RA 141 11.77 -43.64 -27.28
CA PHE RA 141 10.37 -43.60 -26.90
C PHE RA 141 10.09 -44.57 -25.75
N ALA RA 142 10.67 -45.76 -25.82
CA ALA RA 142 10.51 -46.72 -24.72
C ALA RA 142 11.12 -46.18 -23.42
N LEU RA 143 12.32 -45.62 -23.51
CA LEU RA 143 12.93 -45.00 -22.33
C LEU RA 143 12.05 -43.88 -21.80
N GLY RA 144 11.39 -43.14 -22.67
CA GLY RA 144 10.50 -42.08 -22.24
C GLY RA 144 9.27 -42.62 -21.53
N LEU RA 145 8.77 -43.76 -21.97
CA LEU RA 145 7.68 -44.41 -21.26
C LEU RA 145 8.11 -44.76 -19.85
N ALA RA 146 9.30 -45.33 -19.71
CA ALA RA 146 9.82 -45.62 -18.37
C ALA RA 146 9.93 -44.35 -17.54
N TYR RA 147 10.46 -43.29 -18.14
CA TYR RA 147 10.59 -42.01 -17.45
C TYR RA 147 9.26 -41.49 -16.96
N LEU RA 148 8.23 -41.57 -17.80
CA LEU RA 148 6.91 -41.05 -17.42
C LEU RA 148 6.28 -41.90 -16.34
N ALA RA 149 6.46 -43.22 -16.39
CA ALA RA 149 5.93 -44.08 -15.35
C ALA RA 149 6.58 -43.75 -14.01
N MET RA 150 7.90 -43.59 -13.99
CA MET RA 150 8.61 -43.22 -12.77
C MET RA 150 8.13 -41.87 -12.25
N LEU RA 151 8.01 -40.89 -13.15
CA LEU RA 151 7.51 -39.57 -12.77
C LEU RA 151 6.13 -39.65 -12.14
N GLY RA 152 5.24 -40.45 -12.74
CA GLY RA 152 3.89 -40.57 -12.20
C GLY RA 152 3.87 -41.25 -10.84
N HIS RA 153 4.71 -42.26 -10.66
CA HIS RA 153 4.83 -42.91 -9.36
C HIS RA 153 5.26 -41.92 -8.29
N GLU RA 154 6.32 -41.16 -8.57
CA GLU RA 154 6.80 -40.19 -7.59
C GLU RA 154 5.79 -39.10 -7.36
N GLY RA 155 5.03 -38.71 -8.37
CA GLY RA 155 3.96 -37.74 -8.17
C GLY RA 155 2.85 -38.26 -7.27
N LYS RA 156 2.49 -39.53 -7.46
CA LYS RA 156 1.53 -40.17 -6.57
C LYS RA 156 2.01 -40.13 -5.12
N ILE RA 157 3.27 -40.48 -4.90
CA ILE RA 157 3.83 -40.48 -3.56
C ILE RA 157 3.82 -39.07 -2.99
N HIS RA 158 4.16 -38.08 -3.82
CA HIS RA 158 4.16 -36.69 -3.40
C HIS RA 158 2.79 -36.27 -2.93
N GLY RA 159 1.76 -36.57 -3.72
CA GLY RA 159 0.41 -36.23 -3.31
C GLY RA 159 -0.01 -36.93 -2.02
N ALA RA 160 0.35 -38.19 -1.89
CA ALA RA 160 0.00 -38.94 -0.68
C ALA RA 160 0.62 -38.28 0.55
N VAL RA 161 1.91 -37.95 0.48
CA VAL RA 161 2.56 -37.35 1.64
C VAL RA 161 2.04 -35.94 1.88
N TRP RA 162 1.71 -35.21 0.82
CA TRP RA 162 1.20 -33.86 0.95
C TRP RA 162 -0.15 -33.84 1.63
N ARG RA 163 -0.96 -34.90 1.44
CA ARG RA 163 -2.21 -35.01 2.16
C ARG RA 163 -2.00 -35.54 3.58
N MET RA 164 -1.09 -36.50 3.74
CA MET RA 164 -0.76 -37.01 5.07
C MET RA 164 -0.36 -35.88 5.99
N LYS RA 165 0.46 -34.96 5.49
CA LYS RA 165 0.88 -33.83 6.30
C LYS RA 165 -0.34 -33.11 6.88
N HIS RA 166 -1.20 -32.60 6.01
CA HIS RA 166 -2.32 -31.78 6.45
C HIS RA 166 -3.26 -32.57 7.35
N LEU RA 167 -3.45 -33.86 7.09
CA LEU RA 167 -4.48 -34.60 7.79
C LEU RA 167 -3.99 -35.36 9.02
N PHE RA 168 -2.68 -35.48 9.21
CA PHE RA 168 -2.14 -36.20 10.36
C PHE RA 168 -1.29 -35.35 11.28
N ALA RA 169 -0.66 -34.27 10.79
CA ALA RA 169 0.37 -33.62 11.57
C ALA RA 169 -0.17 -32.69 12.65
N THR RA 170 -1.49 -32.47 12.69
CA THR RA 170 -2.07 -31.50 13.62
C THR RA 170 -3.33 -32.04 14.28
N ASN RA 171 -3.40 -33.36 14.49
CA ASN RA 171 -4.59 -34.00 15.00
C ASN RA 171 -4.60 -34.10 16.53
N PHE RA 172 -3.47 -34.51 17.11
CA PHE RA 172 -3.33 -34.86 18.52
C PHE RA 172 -3.99 -36.20 18.83
N LYS RA 173 -4.71 -36.78 17.87
CA LYS RA 173 -5.33 -38.08 18.04
C LYS RA 173 -4.61 -39.18 17.28
N MET RA 174 -3.79 -38.83 16.31
CA MET RA 174 -3.04 -39.80 15.51
C MET RA 174 -1.58 -39.67 15.89
N VAL RA 175 -1.19 -40.33 16.98
CA VAL RA 175 0.23 -40.49 17.25
C VAL RA 175 0.81 -41.54 16.32
N GLY RA 176 0.00 -42.52 15.95
CA GLY RA 176 0.32 -43.43 14.87
C GLY RA 176 -0.94 -43.81 14.14
N HIS RA 177 -0.91 -44.95 13.55
CA HIS RA 177 -2.10 -45.42 12.85
C HIS RA 177 -3.00 -46.17 13.82
N PRO RA 178 -4.33 -46.08 13.69
CA PRO RA 178 -5.20 -46.71 14.68
C PRO RA 178 -5.13 -48.23 14.67
N ARG RA 179 -4.69 -48.84 13.57
CA ARG RA 179 -4.62 -50.30 13.52
C ARG RA 179 -3.54 -50.86 14.43
N TYR RA 180 -2.64 -50.02 14.93
CA TYR RA 180 -1.53 -50.45 15.77
C TYR RA 180 -1.61 -49.86 17.17
N ALA RA 181 -2.79 -49.39 17.59
CA ALA RA 181 -2.95 -48.78 18.89
C ALA RA 181 -2.87 -49.80 20.02
N TYR RA 182 -2.95 -51.09 19.72
CA TYR RA 182 -2.77 -52.11 20.74
C TYR RA 182 -1.39 -52.03 21.36
N ALA RA 183 -0.40 -51.61 20.59
CA ALA RA 183 0.98 -51.61 21.05
C ALA RA 183 1.32 -50.41 21.92
N LEU RA 184 0.45 -49.41 21.98
CA LEU RA 184 0.74 -48.23 22.78
C LEU RA 184 0.70 -48.57 24.27
N PRO RA 185 1.36 -47.77 25.09
CA PRO RA 185 1.14 -47.86 26.54
C PRO RA 185 -0.28 -47.43 26.89
N LYS RA 186 -0.64 -47.69 28.14
CA LYS RA 186 -2.00 -47.48 28.60
C LYS RA 186 -2.11 -46.17 29.36
N ASN RA 187 -3.28 -45.56 29.27
CA ASN RA 187 -3.49 -44.26 29.88
C ASN RA 187 -3.65 -44.41 31.38
N PRO RA 188 -2.86 -43.70 32.20
CA PRO RA 188 -3.08 -43.76 33.64
C PRO RA 188 -4.33 -43.04 34.10
N LEU RA 189 -4.92 -42.18 33.27
CA LEU RA 189 -6.06 -41.38 33.67
C LEU RA 189 -7.38 -42.09 33.49
N LEU RA 190 -7.42 -43.15 32.68
CA LEU RA 190 -8.63 -43.92 32.48
C LEU RA 190 -8.75 -45.03 33.51
N GLN RA 191 -9.97 -45.30 33.94
CA GLN RA 191 -10.23 -46.25 35.01
C GLN RA 191 -11.72 -46.55 35.11
N ALA SA 7 74.06 -88.77 -80.66
CA ALA SA 7 73.91 -90.19 -80.36
C ALA SA 7 72.44 -90.53 -80.09
N PRO SA 8 71.74 -91.10 -81.07
CA PRO SA 8 70.30 -91.32 -80.89
C PRO SA 8 70.00 -92.42 -79.88
N HIS SA 9 70.81 -93.47 -79.85
CA HIS SA 9 70.68 -94.49 -78.82
C HIS SA 9 70.70 -93.86 -77.43
N GLN SA 10 71.71 -93.03 -77.18
CA GLN SA 10 71.83 -92.39 -75.86
C GLN SA 10 70.68 -91.41 -75.62
N ARG SA 11 70.26 -90.69 -76.66
CA ARG SA 11 69.14 -89.76 -76.52
C ARG SA 11 67.88 -90.50 -76.06
N ALA SA 12 67.56 -91.61 -76.73
CA ALA SA 12 66.38 -92.38 -76.36
C ALA SA 12 66.52 -92.99 -74.98
N ALA SA 13 67.73 -93.48 -74.64
CA ALA SA 13 67.94 -94.02 -73.30
C ALA SA 13 67.70 -92.95 -72.24
N CYS SA 14 68.16 -91.72 -72.49
CA CYS SA 14 68.00 -90.66 -71.51
C CYS SA 14 66.54 -90.24 -71.41
N GLU SA 15 65.83 -90.18 -72.53
CA GLU SA 15 64.40 -89.90 -72.48
C GLU SA 15 63.67 -90.95 -71.65
N GLN SA 16 64.04 -92.22 -71.83
CA GLN SA 16 63.43 -93.29 -71.03
C GLN SA 16 63.75 -93.09 -69.56
N LEU SA 17 64.99 -92.72 -69.25
CA LEU SA 17 65.38 -92.48 -67.87
C LEU SA 17 64.58 -91.33 -67.26
N HIS SA 18 64.38 -90.27 -68.02
CA HIS SA 18 63.62 -89.12 -67.53
C HIS SA 18 62.16 -89.50 -67.28
N SER SA 19 61.56 -90.27 -68.19
CA SER SA 19 60.20 -90.74 -67.96
C SER SA 19 60.13 -91.63 -66.71
N GLU SA 20 61.14 -92.47 -66.51
CA GLU SA 20 61.17 -93.31 -65.32
C GLU SA 20 61.27 -92.45 -64.07
N TYR SA 21 62.08 -91.40 -64.11
CA TYR SA 21 62.21 -90.50 -62.97
C TYR SA 21 60.88 -89.82 -62.66
N LYS SA 22 60.20 -89.33 -63.69
CA LYS SA 22 58.89 -88.71 -63.48
C LYS SA 22 57.90 -89.70 -62.90
N GLN SA 23 57.91 -90.94 -63.39
CA GLN SA 23 56.99 -91.96 -62.86
C GLN SA 23 57.27 -92.24 -61.39
N CYS SA 24 58.53 -92.43 -61.04
CA CYS SA 24 58.88 -92.67 -59.64
C CYS SA 24 58.48 -91.49 -58.76
N LEU SA 25 58.75 -90.28 -59.22
CA LEU SA 25 58.41 -89.10 -58.44
C LEU SA 25 56.91 -88.98 -58.24
N ALA SA 26 56.13 -89.24 -59.28
CA ALA SA 26 54.68 -89.22 -59.14
C ALA SA 26 54.20 -90.29 -58.18
N LYS SA 27 54.79 -91.49 -58.26
CA LYS SA 27 54.39 -92.57 -57.37
C LYS SA 27 54.65 -92.21 -55.92
N ASN SA 28 55.80 -91.59 -55.63
CA ASN SA 28 56.14 -91.29 -54.25
C ASN SA 28 55.39 -90.06 -53.73
N GLY SA 29 55.20 -89.06 -54.57
CA GLY SA 29 54.54 -87.83 -54.19
C GLY SA 29 55.52 -86.73 -53.84
N ARG SA 30 54.98 -85.52 -53.71
CA ARG SA 30 55.81 -84.33 -53.49
C ARG SA 30 56.14 -84.12 -52.02
N THR SA 31 55.60 -84.94 -51.12
CA THR SA 31 56.07 -84.94 -49.73
C THR SA 31 57.34 -85.77 -49.61
N HIS SA 32 57.32 -87.00 -50.11
CA HIS SA 32 58.49 -87.88 -50.13
C HIS SA 32 59.13 -87.75 -51.51
N PHE SA 33 60.03 -86.77 -51.64
CA PHE SA 33 60.78 -86.55 -52.87
C PHE SA 33 62.27 -86.81 -52.73
N SER SA 34 62.77 -86.97 -51.50
CA SER SA 34 64.18 -87.27 -51.28
C SER SA 34 64.55 -88.70 -51.64
N ALA SA 35 63.58 -89.52 -52.03
CA ALA SA 35 63.88 -90.88 -52.43
C ALA SA 35 64.55 -90.93 -53.80
N CYS SA 36 64.16 -90.03 -54.70
CA CYS SA 36 64.61 -90.06 -56.09
C CYS SA 36 65.91 -89.30 -56.32
N THR SA 37 66.73 -89.12 -55.28
CA THR SA 37 68.06 -88.57 -55.48
C THR SA 37 68.99 -89.54 -56.21
N ASP SA 38 68.58 -90.79 -56.35
CA ASP SA 38 69.22 -91.72 -57.29
C ASP SA 38 69.55 -91.05 -58.62
N PHE SA 39 68.55 -90.44 -59.25
CA PHE SA 39 68.59 -90.20 -60.69
C PHE SA 39 69.40 -88.96 -61.06
N HIS SA 40 69.65 -88.04 -60.12
CA HIS SA 40 70.38 -86.83 -60.47
C HIS SA 40 71.77 -87.14 -60.99
N SER SA 41 72.43 -88.14 -60.40
CA SER SA 41 73.71 -88.65 -60.89
C SER SA 41 73.73 -88.76 -62.42
N LYS SA 42 72.72 -89.41 -62.98
CA LYS SA 42 72.68 -89.66 -64.41
C LYS SA 42 72.06 -88.53 -65.19
N LEU SA 43 71.10 -87.82 -64.60
CA LEU SA 43 70.40 -86.78 -65.34
C LEU SA 43 71.31 -85.58 -65.58
N ARG SA 44 72.16 -85.25 -64.61
CA ARG SA 44 73.09 -84.16 -64.82
C ARG SA 44 74.09 -84.49 -65.92
N ALA SA 45 74.49 -85.77 -66.01
CA ALA SA 45 75.36 -86.20 -67.09
C ALA SA 45 74.64 -86.10 -68.43
N CYS SA 46 73.38 -86.53 -68.48
CA CYS SA 46 72.55 -86.31 -69.67
C CYS SA 46 72.56 -84.85 -70.09
N GLU SA 47 72.34 -83.95 -69.12
CA GLU SA 47 72.31 -82.53 -69.43
C GLU SA 47 73.63 -82.06 -70.00
N ASN SA 48 74.73 -82.41 -69.34
CA ASN SA 48 76.04 -81.95 -69.80
C ASN SA 48 76.40 -82.54 -71.16
N MET SA 49 75.85 -83.72 -71.49
CA MET SA 49 76.19 -84.36 -72.75
C MET SA 49 75.36 -83.81 -73.91
N LEU SA 50 74.04 -83.76 -73.74
CA LEU SA 50 73.14 -83.38 -74.83
C LEU SA 50 72.81 -81.89 -74.84
N GLY SA 51 73.32 -81.09 -73.91
CA GLY SA 51 72.91 -79.71 -73.86
C GLY SA 51 71.50 -79.51 -73.38
N THR SA 52 70.93 -80.50 -72.71
CA THR SA 52 69.53 -80.49 -72.29
C THR SA 52 69.42 -80.01 -70.84
N SER SA 53 68.23 -79.53 -70.49
CA SER SA 53 67.88 -79.23 -69.11
C SER SA 53 66.62 -80.00 -68.71
N TYR SA 54 66.57 -80.38 -67.43
CA TYR SA 54 65.50 -81.22 -66.92
C TYR SA 54 64.85 -80.64 -65.65
N CYS SA 55 65.16 -79.40 -65.30
CA CYS SA 55 64.47 -78.66 -64.25
C CYS SA 55 64.56 -79.36 -62.89
N ILE SA 56 65.71 -80.01 -62.63
CA ILE SA 56 65.86 -80.82 -61.43
C ILE SA 56 65.92 -79.93 -60.20
N ASP SA 57 66.88 -79.00 -60.19
CA ASP SA 57 67.04 -78.10 -59.05
C ASP SA 57 65.76 -77.32 -58.80
N GLU SA 58 65.12 -76.84 -59.86
CA GLU SA 58 63.93 -76.03 -59.69
C GLU SA 58 62.79 -76.85 -59.09
N GLY SA 59 62.57 -78.07 -59.60
CA GLY SA 59 61.56 -78.92 -59.02
C GLY SA 59 61.82 -79.24 -57.56
N ILE SA 60 63.07 -79.57 -57.24
CA ILE SA 60 63.40 -79.91 -55.86
C ILE SA 60 63.21 -78.72 -54.94
N ASN SA 61 63.65 -77.54 -55.37
CA ASN SA 61 63.50 -76.35 -54.54
C ASN SA 61 62.03 -76.05 -54.32
N LEU SA 62 61.20 -76.18 -55.36
CA LEU SA 62 59.78 -75.95 -55.20
C LEU SA 62 59.15 -76.92 -54.22
N MET SA 63 59.48 -78.21 -54.36
CA MET SA 63 58.94 -79.20 -53.44
C MET SA 63 59.35 -78.92 -52.01
N LYS SA 64 60.61 -78.55 -51.80
CA LYS SA 64 61.07 -78.24 -50.44
C LYS SA 64 60.38 -77.01 -49.89
N CYS SA 65 60.20 -75.97 -50.73
CA CYS SA 65 59.62 -74.72 -50.23
C CYS SA 65 58.15 -74.88 -49.89
N THR SA 66 57.39 -75.60 -50.70
CA THR SA 66 55.94 -75.61 -50.52
C THR SA 66 55.52 -76.27 -49.22
N LYS SA 67 56.39 -77.05 -48.59
CA LYS SA 67 56.07 -77.66 -47.31
C LYS SA 67 56.49 -76.80 -46.12
N ASN SA 68 57.47 -75.92 -46.32
CA ASN SA 68 57.87 -74.92 -45.33
C ASN SA 68 57.86 -73.56 -46.02
N PRO SA 69 56.67 -73.04 -46.33
CA PRO SA 69 56.56 -71.95 -47.29
C PRO SA 69 57.04 -70.62 -46.75
N ASP SA 70 57.33 -69.73 -47.69
CA ASP SA 70 57.75 -68.35 -47.51
C ASP SA 70 56.53 -67.44 -47.46
N PRO SA 71 56.64 -66.24 -46.90
CA PRO SA 71 55.53 -65.28 -47.03
C PRO SA 71 55.21 -64.93 -48.47
N SER SA 72 56.15 -65.10 -49.39
CA SER SA 72 55.87 -64.98 -50.82
C SER SA 72 55.05 -66.15 -51.33
N PHE SA 73 54.88 -67.20 -50.54
CA PHE SA 73 54.20 -68.42 -50.97
C PHE SA 73 54.87 -69.02 -52.21
N CYS SA 74 56.20 -68.93 -52.28
CA CYS SA 74 57.01 -69.68 -53.23
C CYS SA 74 56.73 -69.27 -54.67
N ALA SA 75 56.36 -68.00 -54.85
CA ALA SA 75 55.98 -67.53 -56.19
C ALA SA 75 57.17 -67.55 -57.13
N LYS SA 76 58.34 -67.16 -56.65
CA LYS SA 76 59.53 -67.15 -57.48
C LYS SA 76 59.93 -68.56 -57.89
N GLU SA 77 59.76 -69.52 -56.98
CA GLU SA 77 60.00 -70.92 -57.31
C GLU SA 77 59.03 -71.40 -58.37
N PHE SA 78 57.76 -71.05 -58.23
CA PHE SA 78 56.76 -71.45 -59.21
C PHE SA 78 57.09 -70.92 -60.60
N VAL SA 79 57.36 -69.62 -60.69
CA VAL SA 79 57.65 -69.04 -62.00
C VAL SA 79 58.97 -69.56 -62.55
N ALA SA 80 59.95 -69.84 -61.68
CA ALA SA 80 61.20 -70.41 -62.15
C ALA SA 80 60.99 -71.77 -62.78
N MET SA 81 60.20 -72.62 -62.11
CA MET SA 81 59.91 -73.94 -62.68
C MET SA 81 59.15 -73.81 -63.99
N ARG SA 82 58.16 -72.93 -64.03
CA ARG SA 82 57.37 -72.74 -65.25
C ARG SA 82 58.26 -72.30 -66.41
N GLU SA 83 59.23 -71.44 -66.14
CA GLU SA 83 60.07 -70.94 -67.22
C GLU SA 83 61.19 -71.90 -67.58
N CYS SA 84 61.65 -72.73 -66.64
CA CYS SA 84 62.60 -73.77 -66.97
C CYS SA 84 61.97 -74.83 -67.86
N ASN SA 85 60.74 -75.24 -67.56
CA ASN SA 85 60.14 -76.35 -68.28
C ASN SA 85 59.79 -76.02 -69.72
N ARG SA 86 60.01 -74.78 -70.18
CA ARG SA 86 59.77 -74.46 -71.57
C ARG SA 86 60.81 -75.14 -72.46
N PRO SA 87 60.43 -75.51 -73.70
CA PRO SA 87 61.36 -76.25 -74.55
C PRO SA 87 62.56 -75.42 -75.00
N GLN SA 88 62.29 -74.25 -75.57
CA GLN SA 88 63.35 -73.41 -76.14
C GLN SA 88 64.07 -72.58 -75.09
N GLY SA 89 63.65 -72.64 -73.84
CA GLY SA 89 64.29 -71.91 -72.78
C GLY SA 89 63.38 -70.88 -72.15
N PRO SA 90 63.84 -70.27 -71.05
CA PRO SA 90 63.00 -69.32 -70.32
C PRO SA 90 62.85 -68.02 -71.08
N HIS SA 91 61.61 -67.53 -71.16
CA HIS SA 91 61.35 -66.21 -71.70
C HIS SA 91 61.56 -65.13 -70.65
N LEU SA 92 61.13 -65.41 -69.42
CA LEU SA 92 61.18 -64.46 -68.32
C LEU SA 92 62.13 -65.01 -67.26
N VAL SA 93 63.03 -64.16 -66.78
CA VAL SA 93 63.99 -64.54 -65.76
C VAL SA 93 64.05 -63.46 -64.69
N LEU SA 94 64.77 -63.76 -63.62
CA LEU SA 94 64.98 -62.84 -62.51
C LEU SA 94 66.42 -62.34 -62.59
N SER SA 95 66.58 -61.04 -62.76
CA SER SA 95 67.91 -60.48 -62.96
C SER SA 95 68.76 -60.63 -61.72
N SER SA 96 70.04 -60.93 -61.93
CA SER SA 96 71.01 -61.04 -60.85
C SER SA 96 71.77 -59.72 -60.74
N SER SA 97 71.92 -59.25 -59.51
CA SER SA 97 72.23 -57.86 -59.25
C SER SA 97 73.20 -57.75 -58.08
N PRO SA 98 74.00 -56.69 -58.04
CA PRO SA 98 74.49 -56.20 -56.74
C PRO SA 98 73.51 -55.23 -56.10
N SER SA 99 72.59 -54.68 -56.89
CA SER SA 99 71.60 -53.77 -56.33
C SER SA 99 70.70 -54.52 -55.37
N SER SA 100 70.16 -53.78 -54.39
CA SER SA 100 69.27 -54.40 -53.40
C SER SA 100 68.03 -55.03 -54.01
N PRO SA 101 67.23 -54.34 -54.81
CA PRO SA 101 65.99 -54.92 -55.29
C PRO SA 101 66.21 -55.68 -56.59
N PRO SA 102 65.75 -56.93 -56.67
CA PRO SA 102 65.82 -57.64 -57.95
C PRO SA 102 64.69 -57.25 -58.88
N HIS SA 103 64.92 -57.50 -60.16
CA HIS SA 103 64.01 -57.10 -61.22
C HIS SA 103 63.63 -58.30 -62.06
N TYR SA 104 62.45 -58.25 -62.66
CA TYR SA 104 62.06 -59.24 -63.65
C TYR SA 104 62.57 -58.76 -65.01
N GLU SA 105 63.16 -59.67 -65.77
CA GLU SA 105 63.76 -59.33 -67.05
C GLU SA 105 63.25 -60.28 -68.11
N LEU SA 106 63.18 -59.79 -69.33
CA LEU SA 106 62.70 -60.54 -70.47
C LEU SA 106 63.82 -60.70 -71.48
N ARG SA 107 63.96 -61.91 -72.01
CA ARG SA 107 65.02 -62.16 -72.98
C ARG SA 107 64.74 -61.35 -74.25
N PRO SA 108 65.78 -61.01 -75.01
CA PRO SA 108 65.58 -60.17 -76.19
C PRO SA 108 64.98 -60.93 -77.36
N GLU SA 109 65.34 -62.21 -77.52
CA GLU SA 109 64.91 -62.95 -78.70
C GLU SA 109 63.42 -63.29 -78.67
N VAL SA 110 62.75 -63.09 -77.55
CA VAL SA 110 61.31 -63.27 -77.45
C VAL SA 110 60.62 -61.93 -77.14
N LYS SA 111 61.30 -60.82 -77.37
CA LYS SA 111 60.71 -59.52 -77.08
C LYS SA 111 59.55 -59.20 -78.01
N HIS SA 112 59.57 -59.75 -79.23
CA HIS SA 112 58.52 -59.49 -80.20
C HIS SA 112 57.22 -60.19 -79.87
N LEU SA 113 57.23 -61.12 -78.92
CA LEU SA 113 56.01 -61.79 -78.49
C LEU SA 113 55.28 -61.02 -77.40
N TYR SA 114 55.95 -60.08 -76.75
CA TYR SA 114 55.39 -59.38 -75.60
C TYR SA 114 55.23 -57.90 -75.94
N ASN SA 115 54.23 -57.28 -75.31
CA ASN SA 115 53.91 -55.88 -75.55
C ASN SA 115 54.69 -55.04 -74.55
N VAL SA 116 55.96 -54.82 -74.88
CA VAL SA 116 56.88 -54.09 -74.02
C VAL SA 116 57.78 -53.20 -74.86
N ASP SA 117 58.18 -52.07 -74.26
CA ASP SA 117 59.15 -51.20 -74.90
C ASP SA 117 60.57 -51.68 -74.62
N SER SA 118 60.81 -52.19 -73.42
CA SER SA 118 62.12 -52.66 -72.98
C SER SA 118 61.97 -54.03 -72.35
N THR SA 119 63.10 -54.59 -71.91
CA THR SA 119 63.12 -55.89 -71.27
C THR SA 119 62.82 -55.84 -69.78
N ASP SA 120 62.95 -54.67 -69.14
CA ASP SA 120 62.73 -54.55 -67.71
C ASP SA 120 61.24 -54.43 -67.44
N LEU SA 121 60.67 -55.47 -66.83
CA LEU SA 121 59.26 -55.51 -66.47
C LEU SA 121 59.00 -55.03 -65.05
N GLY SA 122 59.96 -54.39 -64.42
CA GLY SA 122 59.80 -53.85 -63.08
C GLY SA 122 60.32 -54.78 -62.01
N SER SA 123 60.27 -54.26 -60.79
CA SER SA 123 60.79 -54.97 -59.64
C SER SA 123 59.98 -56.23 -59.34
N ALA SA 124 60.63 -57.19 -58.70
CA ALA SA 124 60.00 -58.44 -58.30
C ALA SA 124 59.40 -58.37 -56.90
N VAL SA 125 59.42 -57.21 -56.27
CA VAL SA 125 58.78 -56.99 -54.97
C VAL SA 125 57.99 -55.70 -55.03
N ALA SA 126 56.90 -55.66 -54.28
CA ALA SA 126 56.02 -54.51 -54.32
C ALA SA 126 56.69 -53.31 -53.65
N PRO SA 127 56.18 -52.10 -53.91
CA PRO SA 127 56.75 -50.92 -53.27
C PRO SA 127 56.50 -50.93 -51.77
N VAL SA 128 57.29 -50.13 -51.08
CA VAL SA 128 57.14 -49.90 -49.66
C VAL SA 128 56.31 -48.65 -49.43
N ARG SA 129 55.48 -48.68 -48.39
CA ARG SA 129 54.57 -47.58 -48.13
C ARG SA 129 55.35 -46.32 -47.80
N SER SA 130 55.05 -45.23 -48.50
CA SER SA 130 55.73 -43.98 -48.23
C SER SA 130 54.84 -42.81 -48.60
N LYS SA 131 54.66 -41.91 -47.63
CA LYS SA 131 53.99 -40.63 -47.85
C LYS SA 131 54.55 -39.92 -49.08
N GLU SA 132 55.87 -39.96 -49.25
CA GLU SA 132 56.50 -39.21 -50.34
C GLU SA 132 56.17 -39.82 -51.69
N GLN SA 133 56.21 -41.15 -51.79
CA GLN SA 133 55.84 -41.80 -53.04
C GLN SA 133 54.38 -41.56 -53.37
N LEU SA 134 53.50 -41.61 -52.37
CA LEU SA 134 52.09 -41.33 -52.62
C LEU SA 134 51.90 -39.90 -53.12
N ASP SA 135 52.56 -38.94 -52.48
CA ASP SA 135 52.50 -37.56 -52.93
C ASP SA 135 52.98 -37.43 -54.37
N ARG SA 136 54.09 -38.09 -54.69
CA ARG SA 136 54.65 -38.01 -56.04
C ARG SA 136 53.66 -38.53 -57.06
N VAL SA 137 53.08 -39.70 -56.79
CA VAL SA 137 52.16 -40.31 -57.73
C VAL SA 137 50.92 -39.43 -57.92
N ALA SA 138 50.41 -38.88 -56.82
CA ALA SA 138 49.23 -38.04 -56.91
C ALA SA 138 49.50 -36.77 -57.71
N ASP SA 139 50.67 -36.16 -57.48
CA ASP SA 139 51.03 -34.96 -58.24
C ASP SA 139 51.18 -35.28 -59.72
N SER SA 140 51.80 -36.41 -60.04
CA SER SA 140 51.95 -36.79 -61.44
C SER SA 140 50.58 -36.99 -62.10
N LEU SA 141 49.66 -37.67 -61.41
CA LEU SA 141 48.34 -37.88 -61.97
C LEU SA 141 47.60 -36.56 -62.16
N LYS SA 142 47.70 -35.65 -61.19
CA LYS SA 142 47.07 -34.35 -61.34
C LYS SA 142 47.63 -33.62 -62.56
N ALA SA 143 48.94 -33.64 -62.73
CA ALA SA 143 49.54 -32.96 -63.87
C ALA SA 143 49.07 -33.57 -65.18
N ASP SA 144 49.01 -34.91 -65.25
CA ASP SA 144 48.60 -35.56 -66.48
C ASP SA 144 47.12 -35.28 -66.79
N LEU SA 145 46.29 -35.22 -65.76
CA LEU SA 145 44.86 -34.96 -65.99
C LEU SA 145 44.62 -33.52 -66.40
N ASN SA 146 45.19 -32.56 -65.67
CA ASN SA 146 45.08 -31.14 -65.99
C ASN SA 146 43.61 -30.71 -65.95
N LEU SA 147 43.02 -30.84 -64.78
CA LEU SA 147 41.61 -30.56 -64.59
C LEU SA 147 41.44 -29.34 -63.71
N PRO SA 148 40.98 -28.21 -64.24
CA PRO SA 148 40.69 -27.05 -63.37
C PRO SA 148 39.35 -27.23 -62.67
N GLY SA 149 39.42 -27.42 -61.36
CA GLY SA 149 38.24 -27.80 -60.60
C GLY SA 149 38.57 -28.74 -59.47
N TYR SA 150 39.78 -29.29 -59.49
CA TYR SA 150 40.24 -30.14 -58.41
C TYR SA 150 40.57 -29.30 -57.19
N GLY SA 151 40.08 -29.74 -56.03
CA GLY SA 151 40.29 -29.03 -54.79
C GLY SA 151 39.37 -27.87 -54.56
N HIS SA 152 38.50 -27.55 -55.50
CA HIS SA 152 37.53 -26.48 -55.29
C HIS SA 152 36.44 -26.92 -54.34
N ILE SA 153 36.15 -26.09 -53.35
CA ILE SA 153 35.16 -26.38 -52.33
C ILE SA 153 34.09 -25.30 -52.40
N PRO SA 154 32.95 -25.58 -53.02
CA PRO SA 154 31.93 -24.54 -53.16
C PRO SA 154 31.23 -24.19 -51.86
N TYR SA 155 31.07 -25.14 -50.95
CA TYR SA 155 30.49 -24.84 -49.65
C TYR SA 155 31.24 -25.62 -48.58
N LYS SA 156 31.58 -24.94 -47.49
CA LYS SA 156 32.20 -25.55 -46.34
C LYS SA 156 31.39 -25.22 -45.10
N TRP SA 157 31.15 -26.22 -44.26
CA TRP SA 157 30.46 -26.03 -43.01
C TRP SA 157 31.18 -24.97 -42.18
N GLU SA 158 30.42 -23.98 -41.72
CA GLU SA 158 31.01 -22.83 -41.05
C GLU SA 158 31.45 -23.21 -39.64
N SER SA 159 32.74 -23.01 -39.37
CA SER SA 159 33.34 -23.49 -38.13
C SER SA 159 34.68 -22.83 -37.94
N LEU SA 160 35.10 -22.72 -36.69
CA LEU SA 160 36.46 -22.28 -36.41
C LEU SA 160 37.49 -23.28 -36.89
N ARG SA 161 37.13 -24.56 -36.88
CA ARG SA 161 38.05 -25.56 -37.39
C ARG SA 161 38.20 -25.40 -38.91
N PRO SA 162 39.40 -25.55 -39.45
CA PRO SA 162 39.56 -25.42 -40.90
C PRO SA 162 38.83 -26.49 -41.69
N ASN SA 163 38.98 -27.75 -41.27
CA ASN SA 163 38.34 -28.89 -41.92
C ASN SA 163 37.31 -29.50 -40.98
N PRO SA 164 36.05 -29.11 -41.07
CA PRO SA 164 35.04 -29.71 -40.18
C PRO SA 164 34.82 -31.17 -40.54
N GLY SA 165 34.69 -32.00 -39.52
CA GLY SA 165 34.68 -33.43 -39.73
C GLY SA 165 36.10 -33.92 -39.90
N ALA SA 166 36.49 -34.21 -41.14
CA ALA SA 166 37.85 -34.62 -41.43
C ALA SA 166 38.82 -33.47 -41.22
N SER TA 71 -20.13 -65.01 -10.29
CA SER TA 71 -20.39 -64.58 -8.92
C SER TA 71 -20.63 -65.78 -8.02
N PHE TA 72 -19.71 -65.99 -7.07
CA PHE TA 72 -19.78 -67.10 -6.14
C PHE TA 72 -19.56 -66.60 -4.72
N ALA TA 73 -20.40 -67.09 -3.81
CA ALA TA 73 -20.31 -66.68 -2.42
C ALA TA 73 -20.82 -67.81 -1.54
N ILE TA 74 -20.34 -67.82 -0.30
CA ILE TA 74 -20.84 -68.71 0.73
C ILE TA 74 -21.11 -67.83 1.95
N PRO TA 75 -22.23 -67.99 2.63
CA PRO TA 75 -22.46 -67.17 3.82
C PRO TA 75 -21.40 -67.44 4.87
N PRO TA 76 -21.13 -66.45 5.73
CA PRO TA 76 -19.90 -66.54 6.54
C PRO TA 76 -19.88 -67.71 7.51
N ALA TA 77 -20.91 -67.85 8.33
CA ALA TA 77 -21.01 -68.97 9.26
C ALA TA 77 -22.33 -68.92 10.01
N ASN TA 78 -22.56 -69.90 10.88
CA ASN TA 78 -23.75 -69.93 11.71
C ASN TA 78 -23.34 -70.30 13.13
N ALA TA 79 -24.24 -70.00 14.07
CA ALA TA 79 -24.02 -70.40 15.45
C ALA TA 79 -23.85 -71.91 15.56
N ALA TA 80 -24.58 -72.66 14.73
CA ALA TA 80 -24.44 -74.11 14.73
C ALA TA 80 -23.03 -74.52 14.29
N ALA TA 81 -22.55 -73.95 13.19
CA ALA TA 81 -21.23 -74.29 12.70
C ALA TA 81 -20.14 -73.91 13.71
N LEU TA 82 -20.29 -72.75 14.34
CA LEU TA 82 -19.30 -72.29 15.30
C LEU TA 82 -19.45 -72.92 16.68
N ALA TA 83 -20.52 -73.67 16.92
CA ALA TA 83 -20.73 -74.32 18.20
C ALA TA 83 -19.67 -75.40 18.42
N ASP TA 84 -19.69 -75.98 19.62
CA ASP TA 84 -18.75 -77.04 19.97
C ASP TA 84 -19.00 -78.26 19.08
N PRO TA 85 -18.04 -78.68 18.26
CA PRO TA 85 -18.27 -79.87 17.43
C PRO TA 85 -18.31 -81.16 18.21
N LEU TA 86 -17.74 -81.20 19.41
CA LEU TA 86 -17.57 -82.43 20.18
C LEU TA 86 -18.24 -82.27 21.54
N PRO TA 87 -19.56 -82.23 21.58
CA PRO TA 87 -20.27 -82.22 22.85
C PRO TA 87 -20.35 -83.61 23.46
N ALA TA 88 -20.69 -83.64 24.74
CA ALA TA 88 -20.88 -84.89 25.46
C ALA TA 88 -22.24 -85.48 25.18
N THR TA 89 -22.31 -86.81 25.22
CA THR TA 89 -23.54 -87.55 25.04
C THR TA 89 -23.75 -88.48 26.22
N PRO TA 90 -24.99 -88.91 26.46
CA PRO TA 90 -25.25 -89.78 27.60
C PRO TA 90 -24.50 -91.10 27.52
N THR TA 91 -24.16 -91.64 28.68
CA THR TA 91 -23.48 -92.91 28.79
C THR TA 91 -24.41 -93.97 29.36
N PRO TA 92 -24.35 -95.21 28.90
CA PRO TA 92 -25.33 -96.20 29.31
C PRO TA 92 -24.94 -96.86 30.61
N PRO TA 93 -25.85 -97.60 31.24
CA PRO TA 93 -25.48 -98.40 32.41
C PRO TA 93 -24.76 -99.67 32.00
N PRO TA 94 -24.26 -100.45 32.96
CA PRO TA 94 -23.44 -101.62 32.61
C PRO TA 94 -24.26 -102.85 32.24
N VAL TA 95 -25.32 -102.67 31.46
CA VAL TA 95 -26.05 -103.77 30.85
C VAL TA 95 -25.99 -103.69 29.33
N PHE TA 96 -26.08 -102.49 28.77
CA PHE TA 96 -25.93 -102.33 27.33
C PHE TA 96 -24.51 -102.69 26.89
N GLU TA 97 -23.53 -102.49 27.77
CA GLU TA 97 -22.16 -102.88 27.45
C GLU TA 97 -22.01 -104.39 27.34
N ALA TA 98 -22.84 -105.15 28.04
CA ALA TA 98 -22.77 -106.61 27.99
C ALA TA 98 -23.32 -107.10 26.66
N VAL TA 99 -22.42 -107.35 25.71
CA VAL TA 99 -22.78 -107.77 24.37
C VAL TA 99 -21.87 -108.93 23.96
N SER TA 100 -22.31 -109.67 22.96
CA SER TA 100 -21.56 -110.84 22.51
C SER TA 100 -20.12 -110.50 22.18
N SER TA 101 -19.90 -109.31 21.62
CA SER TA 101 -18.60 -108.95 21.06
C SER TA 101 -17.65 -108.35 22.09
N ALA TA 102 -18.06 -108.23 23.34
CA ALA TA 102 -17.20 -107.69 24.38
C ALA TA 102 -16.29 -108.77 24.94
N ALA TA 112 -4.15 -90.86 27.18
CA ALA TA 112 -2.70 -90.83 27.36
C ALA TA 112 -2.07 -92.09 26.77
N LEU TA 113 -2.35 -93.22 27.40
CA LEU TA 113 -1.92 -94.55 26.96
C LEU TA 113 -0.41 -94.73 26.99
N LYS TA 114 0.32 -93.77 27.56
CA LYS TA 114 1.73 -93.90 27.92
C LYS TA 114 2.64 -94.02 26.70
N ASN TA 115 2.10 -93.99 25.49
CA ASN TA 115 2.91 -94.13 24.29
C ASN TA 115 2.56 -93.16 23.18
N VAL TA 116 1.47 -92.40 23.30
CA VAL TA 116 1.05 -91.46 22.27
C VAL TA 116 0.83 -90.09 22.93
N GLU TA 117 0.38 -89.15 22.12
CA GLU TA 117 -0.01 -87.83 22.60
C GLU TA 117 -1.28 -87.40 21.88
N GLU TA 118 -2.35 -87.21 22.65
CA GLU TA 118 -3.56 -86.61 22.11
C GLU TA 118 -3.36 -85.12 21.92
N VAL TA 119 -3.61 -84.63 20.70
CA VAL TA 119 -3.37 -83.24 20.35
C VAL TA 119 -4.69 -82.48 20.39
N SER TA 120 -4.69 -81.35 21.08
CA SER TA 120 -5.87 -80.52 21.24
C SER TA 120 -5.71 -79.13 20.65
N THR TA 121 -4.53 -78.78 20.15
CA THR TA 121 -4.23 -77.39 19.86
C THR TA 121 -3.26 -77.31 18.68
N MET TA 122 -3.57 -76.40 17.75
CA MET TA 122 -2.71 -76.19 16.61
C MET TA 122 -1.34 -75.67 17.01
N GLU TA 123 -1.23 -75.01 18.16
CA GLU TA 123 0.08 -74.65 18.69
C GLU TA 123 0.92 -75.90 18.93
N ARG TA 124 0.35 -76.89 19.62
CA ARG TA 124 1.07 -78.14 19.87
C ARG TA 124 1.38 -78.84 18.56
N TYR TA 125 0.43 -78.87 17.62
CA TYR TA 125 0.66 -79.52 16.35
C TYR TA 125 1.82 -78.88 15.60
N GLU TA 126 1.86 -77.56 15.58
CA GLU TA 126 2.94 -76.84 14.89
C GLU TA 126 4.28 -77.08 15.57
N ALA TA 127 4.30 -77.03 16.91
CA ALA TA 127 5.53 -77.32 17.62
C ALA TA 127 6.06 -78.69 17.24
N ALA TA 128 5.19 -79.70 17.27
CA ALA TA 128 5.56 -81.04 16.82
C ALA TA 128 6.14 -81.00 15.41
N VAL TA 129 5.37 -80.50 14.45
CA VAL TA 129 5.73 -80.63 13.05
C VAL TA 129 7.04 -79.91 12.75
N TYR TA 130 7.28 -78.78 13.42
CA TYR TA 130 8.42 -77.94 13.08
C TYR TA 130 9.66 -78.19 13.93
N GLU TA 131 9.55 -78.93 15.04
CA GLU TA 131 10.72 -79.30 15.82
C GLU TA 131 10.89 -80.81 15.93
N GLU TA 132 9.88 -81.52 16.42
CA GLU TA 132 10.02 -82.94 16.66
C GLU TA 132 10.13 -83.70 15.35
N SER TA 133 9.37 -83.27 14.34
CA SER TA 133 9.44 -83.93 13.04
C SER TA 133 10.76 -83.68 12.33
N PHE TA 134 11.52 -82.68 12.77
CA PHE TA 134 12.89 -82.51 12.28
C PHE TA 134 13.89 -83.30 13.08
N LYS TA 135 13.62 -83.52 14.37
CA LYS TA 135 14.51 -84.36 15.17
C LYS TA 135 14.36 -85.83 14.82
N LYS TA 136 13.15 -86.37 14.97
CA LYS TA 136 12.85 -87.77 14.69
C LYS TA 136 11.42 -87.84 14.17
N PRO TA 137 11.09 -88.85 13.36
CA PRO TA 137 9.81 -88.83 12.64
C PRO TA 137 8.61 -88.93 13.56
N ILE TA 138 7.47 -88.52 13.02
CA ILE TA 138 6.20 -88.57 13.74
C ILE TA 138 5.20 -89.36 12.93
N VAL TA 139 4.24 -89.96 13.63
CA VAL TA 139 3.13 -90.68 13.04
C VAL TA 139 1.86 -90.15 13.66
N CYS TA 140 1.00 -89.57 12.84
CA CYS TA 140 -0.21 -88.90 13.30
C CYS TA 140 -1.43 -89.65 12.79
N LEU TA 141 -2.35 -89.98 13.69
CA LEU TA 141 -3.63 -90.56 13.30
C LEU TA 141 -4.70 -89.48 13.38
N PHE TA 142 -5.28 -89.15 12.23
CA PHE TA 142 -6.39 -88.23 12.15
C PHE TA 142 -7.68 -89.03 12.09
N PHE TA 143 -8.56 -88.80 13.06
CA PHE TA 143 -9.81 -89.54 13.17
C PHE TA 143 -10.97 -88.57 13.31
N ALA TA 144 -12.16 -89.13 13.41
CA ALA TA 144 -13.36 -88.39 13.77
C ALA TA 144 -14.32 -89.33 14.48
N ARG TA 145 -15.15 -88.77 15.34
CA ARG TA 145 -15.95 -89.59 16.24
C ARG TA 145 -16.99 -90.41 15.47
N PHE TA 146 -17.58 -89.83 14.41
CA PHE TA 146 -18.63 -90.54 13.69
C PHE TA 146 -18.12 -91.82 13.05
N SER TA 147 -16.84 -91.89 12.76
CA SER TA 147 -16.30 -93.00 11.99
C SER TA 147 -16.11 -94.23 12.87
N LEU TA 148 -16.55 -95.39 12.37
CA LEU TA 148 -16.35 -96.65 13.05
C LEU TA 148 -14.98 -97.25 12.73
N GLN TA 149 -14.44 -96.95 11.55
CA GLN TA 149 -13.13 -97.42 11.19
C GLN TA 149 -12.07 -96.85 12.11
N SER TA 150 -12.26 -95.62 12.58
CA SER TA 150 -11.35 -95.03 13.55
C SER TA 150 -11.38 -95.80 14.86
N LYS TA 151 -12.58 -96.13 15.33
CA LYS TA 151 -12.69 -96.90 16.57
C LYS TA 151 -12.04 -98.25 16.43
N VAL TA 152 -12.19 -98.88 15.27
CA VAL TA 152 -11.57 -100.18 15.04
C VAL TA 152 -10.05 -100.06 15.00
N LEU TA 153 -9.55 -98.97 14.40
CA LEU TA 153 -8.13 -98.80 14.17
C LEU TA 153 -7.38 -98.25 15.38
N LEU TA 154 -8.10 -97.75 16.38
CA LEU TA 154 -7.46 -97.09 17.51
C LEU TA 154 -6.53 -98.03 18.27
N GLN TA 155 -7.06 -99.17 18.72
CA GLN TA 155 -6.27 -100.08 19.55
C GLN TA 155 -5.03 -100.61 18.84
N PRO TA 156 -5.12 -101.15 17.62
CA PRO TA 156 -3.89 -101.58 16.94
C PRO TA 156 -2.92 -100.45 16.70
N PHE TA 157 -3.42 -99.22 16.51
CA PHE TA 157 -2.51 -98.07 16.44
C PHE TA 157 -1.78 -97.87 17.76
N LEU TA 158 -2.47 -98.08 18.88
CA LEU TA 158 -1.81 -97.97 20.18
C LEU TA 158 -0.78 -99.07 20.38
N ASP TA 159 -1.04 -100.27 19.86
CA ASP TA 159 -0.05 -101.34 19.94
C ASP TA 159 1.17 -101.03 19.09
N PHE TA 160 0.95 -100.52 17.88
CA PHE TA 160 2.05 -100.09 17.04
C PHE TA 160 2.87 -99.00 17.72
N ALA TA 161 2.19 -98.06 18.40
CA ALA TA 161 2.90 -97.03 19.12
C ALA TA 161 3.74 -97.61 20.25
N ALA TA 162 3.14 -98.51 21.04
CA ALA TA 162 3.91 -99.15 22.10
C ALA TA 162 5.11 -99.91 21.54
N SER TA 163 4.99 -100.44 20.33
CA SER TA 163 6.10 -101.16 19.72
C SER TA 163 7.22 -100.20 19.31
N ALA TA 164 6.87 -99.10 18.62
CA ALA TA 164 7.83 -98.32 17.87
C ALA TA 164 7.99 -96.89 18.39
N SER TA 165 7.62 -96.63 19.64
CA SER TA 165 7.80 -95.29 20.19
C SER TA 165 9.27 -94.93 20.37
N ASN TA 166 10.16 -95.92 20.40
CA ASN TA 166 11.59 -95.61 20.52
C ASN TA 166 12.11 -94.89 19.29
N ASN TA 167 11.59 -95.23 18.11
CA ASN TA 167 12.09 -94.67 16.85
C ASN TA 167 11.30 -93.47 16.37
N ALA TA 168 10.07 -93.28 16.84
CA ALA TA 168 9.23 -92.20 16.34
C ALA TA 168 8.31 -91.74 17.45
N THR TA 169 7.71 -90.57 17.22
CA THR TA 169 6.66 -90.03 18.08
C THR TA 169 5.30 -90.33 17.48
N PHE TA 170 4.28 -90.37 18.33
CA PHE TA 170 2.94 -90.79 17.93
C PHE TA 170 1.90 -89.81 18.45
N PHE TA 171 1.04 -89.35 17.56
CA PHE TA 171 0.06 -88.31 17.86
C PHE TA 171 -1.33 -88.75 17.42
N LEU TA 172 -2.33 -88.23 18.13
CA LEU TA 172 -3.72 -88.58 17.94
C LEU TA 172 -4.53 -87.30 17.79
N ILE TA 173 -5.08 -87.06 16.62
CA ILE TA 173 -5.70 -85.78 16.26
C ILE TA 173 -7.13 -86.04 15.84
N ASP TA 174 -8.04 -85.19 16.34
CA ASP TA 174 -9.42 -85.16 15.89
C ASP TA 174 -9.60 -84.01 14.91
N CYS TA 175 -10.21 -84.32 13.76
CA CYS TA 175 -10.29 -83.34 12.67
C CYS TA 175 -11.19 -82.17 13.04
N ASP TA 176 -12.28 -82.43 13.77
CA ASP TA 176 -13.20 -81.35 14.12
C ASP TA 176 -12.65 -80.49 15.25
N ARG TA 177 -11.79 -81.05 16.10
CA ARG TA 177 -11.20 -80.28 17.17
C ARG TA 177 -10.04 -79.43 16.66
N VAL TA 178 -9.21 -80.00 15.79
CA VAL TA 178 -8.07 -79.30 15.20
C VAL TA 178 -8.13 -79.43 13.69
N PRO TA 179 -8.96 -78.65 13.00
CA PRO TA 179 -9.04 -78.78 11.54
C PRO TA 179 -7.80 -78.28 10.83
N ARG TA 180 -7.15 -77.25 11.36
CA ARG TA 180 -5.97 -76.71 10.70
C ARG TA 180 -4.84 -77.73 10.62
N ALA TA 181 -4.82 -78.71 11.52
CA ALA TA 181 -3.87 -79.80 11.40
C ALA TA 181 -4.26 -80.76 10.29
N ALA TA 182 -5.56 -80.92 10.05
CA ALA TA 182 -6.03 -81.78 8.99
C ALA TA 182 -5.81 -81.14 7.63
N TYR TA 183 -6.03 -79.83 7.55
CA TYR TA 183 -5.74 -79.11 6.32
C TYR TA 183 -4.25 -79.13 6.01
N HIS TA 184 -3.43 -79.08 7.05
CA HIS TA 184 -1.98 -79.11 6.87
C HIS TA 184 -1.53 -80.43 6.26
N ALA TA 185 -1.99 -81.54 6.81
CA ALA TA 185 -1.59 -82.86 6.36
C ALA TA 185 -2.29 -83.29 5.07
N ARG TA 186 -3.23 -82.50 4.57
CA ARG TA 186 -3.89 -82.80 3.29
C ARG TA 186 -4.67 -84.10 3.38
N VAL TA 187 -5.37 -84.29 4.49
CA VAL TA 187 -6.23 -85.45 4.68
C VAL TA 187 -7.61 -85.11 4.12
N GLU TA 188 -8.15 -86.03 3.31
CA GLU TA 188 -9.47 -85.87 2.74
C GLU TA 188 -10.48 -86.88 3.25
N ASN TA 189 -10.02 -87.99 3.81
CA ASN TA 189 -10.88 -89.00 4.40
C ASN TA 189 -10.33 -89.42 5.76
N VAL TA 190 -11.21 -89.97 6.57
CA VAL TA 190 -10.85 -90.45 7.90
C VAL TA 190 -11.21 -91.93 7.99
N PRO TA 191 -10.43 -92.74 8.73
CA PRO TA 191 -9.20 -92.41 9.43
C PRO TA 191 -8.01 -92.28 8.50
N SER TA 192 -6.98 -91.56 8.93
CA SER TA 192 -5.80 -91.37 8.10
C SER TA 192 -4.54 -91.43 8.95
N LEU TA 193 -3.58 -92.27 8.54
CA LEU TA 193 -2.24 -92.25 9.10
C LEU TA 193 -1.39 -91.30 8.27
N VAL TA 194 -0.52 -90.56 8.95
CA VAL TA 194 0.39 -89.64 8.27
C VAL TA 194 1.76 -89.78 8.91
N VAL TA 195 2.72 -90.26 8.14
CA VAL TA 195 4.12 -90.32 8.57
C VAL TA 195 4.83 -89.08 8.06
N MET TA 196 5.48 -88.36 8.96
CA MET TA 196 6.08 -87.06 8.66
C MET TA 196 7.50 -86.98 9.19
N LYS TA 197 8.35 -86.35 8.39
CA LYS TA 197 9.75 -86.11 8.75
C LYS TA 197 10.20 -84.88 7.99
N GLY TA 198 10.65 -83.85 8.72
CA GLY TA 198 11.07 -82.61 8.11
C GLY TA 198 9.93 -81.78 7.56
N ASP TA 199 8.68 -82.20 7.81
CA ASP TA 199 7.47 -81.48 7.44
C ASP TA 199 7.16 -81.52 5.96
N ASP TA 200 8.16 -81.77 5.12
CA ASP TA 200 7.88 -82.26 3.77
C ASP TA 200 8.97 -83.18 3.22
N ALA TA 201 10.05 -83.46 3.97
CA ALA TA 201 11.09 -84.31 3.43
C ALA TA 201 10.57 -85.72 3.20
N PHE TA 202 9.74 -86.21 4.11
CA PHE TA 202 9.00 -87.44 3.93
C PHE TA 202 7.61 -87.21 4.52
N ARG TA 203 6.60 -87.19 3.65
CA ARG TA 203 5.21 -87.20 4.08
C ARG TA 203 4.51 -88.32 3.32
N GLN TA 204 4.07 -89.34 4.04
CA GLN TA 204 3.33 -90.44 3.45
C GLN TA 204 2.00 -90.57 4.15
N THR TA 205 0.92 -90.48 3.38
CA THR TA 205 -0.44 -90.60 3.88
C THR TA 205 -0.99 -91.98 3.54
N ILE TA 206 -1.52 -92.66 4.54
CA ILE TA 206 -2.09 -93.98 4.40
C ILE TA 206 -3.57 -93.90 4.78
N THR TA 207 -4.43 -94.37 3.89
CA THR TA 207 -5.86 -94.33 4.11
C THR TA 207 -6.51 -95.33 3.17
N ASP TA 208 -7.83 -95.46 3.28
CA ASP TA 208 -8.63 -96.35 2.45
C ASP TA 208 -9.77 -95.52 1.87
N SER TA 209 -9.52 -94.86 0.75
CA SER TA 209 -10.56 -94.06 0.12
C SER TA 209 -11.66 -94.93 -0.49
N VAL TA 210 -11.34 -96.18 -0.81
CA VAL TA 210 -12.29 -97.06 -1.47
C VAL TA 210 -13.16 -97.79 -0.45
N GLY TA 211 -12.53 -98.40 0.55
CA GLY TA 211 -13.24 -99.23 1.51
C GLY TA 211 -12.96 -100.71 1.30
N VAL TA 212 -11.70 -101.03 1.01
CA VAL TA 212 -11.28 -102.41 0.77
C VAL TA 212 -10.28 -102.87 1.83
N LYS TA 213 -9.42 -101.99 2.29
CA LYS TA 213 -8.38 -102.36 3.25
C LYS TA 213 -8.99 -102.56 4.64
N THR TA 214 -8.16 -103.00 5.56
CA THR TA 214 -8.53 -103.14 6.96
C THR TA 214 -7.47 -102.50 7.84
N ALA TA 215 -7.71 -102.55 9.15
CA ALA TA 215 -6.81 -101.93 10.11
C ALA TA 215 -5.43 -102.56 10.05
N GLY TA 216 -5.36 -103.90 9.97
CA GLY TA 216 -4.07 -104.54 9.87
C GLY TA 216 -3.31 -104.14 8.62
N ASP TA 217 -4.03 -104.00 7.50
CA ASP TA 217 -3.39 -103.53 6.27
C ASP TA 217 -2.83 -102.13 6.45
N LEU TA 218 -3.62 -101.24 7.05
CA LEU TA 218 -3.14 -99.88 7.28
C LEU TA 218 -1.91 -99.87 8.18
N ILE TA 219 -1.91 -100.68 9.22
CA ILE TA 219 -0.77 -100.70 10.15
C ILE TA 219 0.45 -101.29 9.48
N GLN TA 220 0.27 -102.29 8.61
CA GLN TA 220 1.39 -102.83 7.85
C GLN TA 220 2.00 -101.77 6.95
N GLU TA 221 1.15 -101.03 6.24
CA GLU TA 221 1.63 -99.95 5.39
C GLU TA 221 2.37 -98.90 6.22
N ALA TA 222 1.87 -98.59 7.41
CA ALA TA 222 2.52 -97.61 8.26
C ALA TA 222 3.88 -98.10 8.74
N ARG TA 223 3.98 -99.37 9.10
CA ARG TA 223 5.27 -99.93 9.49
C ARG TA 223 6.26 -99.87 8.34
N SER TA 224 5.81 -100.23 7.14
CA SER TA 224 6.69 -100.15 5.97
C SER TA 224 7.16 -98.72 5.73
N ALA TA 225 6.25 -97.75 5.81
CA ALA TA 225 6.63 -96.36 5.58
C ALA TA 225 7.60 -95.86 6.64
N LEU TA 226 7.37 -96.24 7.89
CA LEU TA 226 8.27 -95.82 8.97
C LEU TA 226 9.66 -96.42 8.78
N ASP TA 227 9.73 -97.70 8.42
CA ASP TA 227 11.01 -98.31 8.11
C ASP TA 227 11.70 -97.58 6.96
N GLN TA 228 10.94 -97.25 5.92
CA GLN TA 228 11.51 -96.58 4.76
C GLN TA 228 12.10 -95.23 5.16
N VAL TA 229 11.35 -94.44 5.92
CA VAL TA 229 11.83 -93.10 6.25
C VAL TA 229 13.02 -93.18 7.19
N LEU TA 230 13.03 -94.14 8.12
CA LEU TA 230 14.19 -94.31 8.99
C LEU TA 230 15.42 -94.68 8.17
N ARG TA 231 15.29 -95.64 7.27
CA ARG TA 231 16.39 -96.01 6.40
C ARG TA 231 16.90 -94.82 5.61
N LEU TA 232 15.99 -94.00 5.09
CA LEU TA 232 16.40 -92.88 4.26
C LEU TA 232 17.06 -91.78 5.08
N ASP TA 233 16.64 -91.62 6.34
CA ASP TA 233 17.32 -90.66 7.20
C ASP TA 233 18.73 -91.13 7.53
N GLN TA 234 18.90 -92.43 7.79
CA GLN TA 234 20.26 -92.94 8.01
C GLN TA 234 21.09 -92.82 6.75
N GLN TA 235 20.45 -92.90 5.58
CA GLN TA 235 21.16 -92.86 4.32
C GLN TA 235 21.87 -91.52 4.11
N GLU TA 236 23.12 -91.59 3.68
CA GLU TA 236 23.92 -90.42 3.32
C GLU TA 236 24.03 -89.44 4.49
N GLY TA 237 24.69 -89.91 5.55
CA GLY TA 237 25.16 -89.05 6.61
C GLY TA 237 24.11 -88.16 7.23
N GLY TA 238 22.87 -88.62 7.29
CA GLY TA 238 21.78 -87.86 7.87
C GLY TA 238 21.05 -86.98 6.89
N THR TA 239 21.69 -86.62 5.78
CA THR TA 239 21.06 -85.80 4.75
C THR TA 239 20.20 -86.66 3.83
N LYS TA 240 19.84 -86.11 2.67
CA LYS TA 240 18.95 -86.70 1.69
C LYS TA 240 17.49 -86.51 2.07
N LEU TA 241 17.20 -86.04 3.28
CA LEU TA 241 15.84 -85.70 3.69
C LEU TA 241 15.82 -84.22 4.07
N GLN TA 242 15.64 -83.38 3.07
CA GLN TA 242 15.50 -81.96 3.23
C GLN TA 242 14.09 -81.52 2.86
N PRO TA 243 13.58 -80.47 3.48
CA PRO TA 243 12.22 -80.02 3.15
C PRO TA 243 12.14 -79.50 1.73
N GLY TA 244 10.94 -79.61 1.15
CA GLY TA 244 10.74 -79.26 -0.24
C GLY TA 244 10.04 -77.93 -0.44
N VAL TA 245 8.77 -78.01 -0.84
CA VAL TA 245 8.06 -76.80 -1.22
C VAL TA 245 7.71 -75.96 0.00
N SER TA 246 7.58 -76.59 1.17
CA SER TA 246 7.34 -75.82 2.39
C SER TA 246 8.52 -74.93 2.76
N SER TA 247 9.68 -75.13 2.13
CA SER TA 247 10.80 -74.22 2.31
C SER TA 247 10.43 -72.79 1.95
N TYR TA 248 9.54 -72.61 0.96
CA TYR TA 248 9.17 -71.30 0.47
C TYR TA 248 7.68 -71.03 0.44
N THR TA 249 6.84 -72.05 0.55
CA THR TA 249 5.39 -71.88 0.52
C THR TA 249 4.83 -71.60 1.90
N HIS TA 250 5.37 -72.24 2.93
CA HIS TA 250 4.88 -72.09 4.30
C HIS TA 250 3.43 -72.52 4.41
N HIS TA 251 2.99 -73.39 3.51
CA HIS TA 251 1.63 -73.90 3.52
C HIS TA 251 0.61 -72.78 3.43
N ILE TA 252 0.91 -71.77 2.63
CA ILE TA 252 0.03 -70.62 2.49
C ILE TA 252 -1.05 -70.87 1.44
N GLY TA 253 -0.73 -71.62 0.38
CA GLY TA 253 -1.75 -71.99 -0.58
C GLY TA 253 -2.69 -73.02 -0.01
N VAL TA 254 -2.22 -73.82 0.94
CA VAL TA 254 -3.05 -74.82 1.59
C VAL TA 254 -3.94 -74.16 2.64
N ASP TA 255 -3.35 -73.29 3.46
CA ASP TA 255 -4.06 -72.58 4.51
C ASP TA 255 -3.51 -71.16 4.56
N ASN TA 256 -4.29 -70.21 4.05
CA ASN TA 256 -3.81 -68.84 3.93
C ASN TA 256 -3.53 -68.19 5.27
N LEU TA 257 -3.97 -68.79 6.38
CA LEU TA 257 -3.76 -68.17 7.68
C LEU TA 257 -2.32 -68.22 8.16
N ASN TA 258 -1.43 -68.88 7.42
CA ASN TA 258 -0.02 -68.89 7.77
C ASN TA 258 0.67 -67.56 7.46
N VAL TA 259 0.02 -66.66 6.73
CA VAL TA 259 0.58 -65.33 6.51
C VAL TA 259 0.71 -64.61 7.84
N TYR TA 260 -0.23 -64.82 8.76
CA TYR TA 260 -0.12 -64.21 10.08
C TYR TA 260 1.08 -64.75 10.82
N ARG TA 261 1.29 -66.07 10.78
CA ARG TA 261 2.46 -66.67 11.39
C ARG TA 261 3.74 -66.07 10.83
N LYS TA 262 3.80 -65.92 9.51
CA LYS TA 262 4.96 -65.33 8.87
C LYS TA 262 5.06 -63.82 9.08
N GLY TA 263 4.01 -63.20 9.61
CA GLY TA 263 4.04 -61.79 9.88
C GLY TA 263 3.80 -60.90 8.69
N TRP TA 264 3.33 -61.45 7.57
CA TRP TA 264 3.08 -60.64 6.42
C TRP TA 264 1.83 -59.80 6.64
N PRO TA 265 1.73 -58.64 5.99
CA PRO TA 265 0.51 -57.84 6.12
C PRO TA 265 -0.69 -58.52 5.49
N VAL TA 266 -1.86 -58.01 5.81
CA VAL TA 266 -3.09 -58.48 5.20
C VAL TA 266 -3.94 -57.28 4.77
N ALA TA 267 -3.38 -56.09 4.89
CA ALA TA 267 -4.09 -54.87 4.54
C ALA TA 267 -4.34 -54.81 3.04
N PRO UA 2 28.40 -63.04 -81.39
CA PRO UA 2 29.33 -63.04 -82.52
C PRO UA 2 28.66 -63.18 -83.87
N PHE UA 3 27.55 -62.48 -84.07
CA PHE UA 3 26.68 -62.77 -85.19
C PHE UA 3 26.23 -61.52 -85.94
N MET UA 4 26.11 -60.40 -85.23
CA MET UA 4 25.59 -59.16 -85.83
C MET UA 4 26.53 -58.04 -85.35
N TRP UA 5 27.61 -57.87 -86.09
CA TRP UA 5 28.70 -57.04 -85.62
C TRP UA 5 28.39 -55.55 -85.79
N ARG UA 6 27.84 -55.17 -86.94
CA ARG UA 6 27.50 -53.78 -87.19
C ARG UA 6 26.26 -53.34 -86.44
N GLN UA 7 25.49 -54.28 -85.91
CA GLN UA 7 24.31 -53.96 -85.11
C GLN UA 7 24.55 -54.05 -83.62
N ARG UA 8 25.61 -54.73 -83.19
CA ARG UA 8 25.96 -54.84 -81.79
C ARG UA 8 27.20 -54.00 -81.56
N ALA UA 9 27.00 -52.73 -81.20
CA ALA UA 9 28.10 -51.83 -80.96
C ALA UA 9 28.69 -51.97 -79.57
N TYR UA 10 27.90 -52.46 -78.61
CA TYR UA 10 28.40 -52.64 -77.26
C TYR UA 10 29.53 -53.67 -77.21
N CYS UA 11 29.53 -54.65 -78.12
CA CYS UA 11 30.54 -55.69 -78.12
C CYS UA 11 31.67 -55.39 -79.12
N ALA UA 12 31.84 -54.14 -79.48
CA ALA UA 12 32.76 -53.72 -80.52
C ALA UA 12 33.98 -53.05 -79.92
N PRO UA 13 35.07 -52.96 -80.67
CA PRO UA 13 36.26 -52.29 -80.14
C PRO UA 13 36.06 -50.79 -80.07
N VAL UA 14 36.88 -50.17 -79.22
CA VAL UA 14 36.83 -48.74 -79.01
C VAL UA 14 37.44 -48.04 -80.22
N PRO UA 15 37.11 -46.77 -80.47
CA PRO UA 15 37.66 -46.09 -81.63
C PRO UA 15 39.16 -45.90 -81.59
N SER UA 16 39.78 -46.00 -80.42
CA SER UA 16 41.24 -45.95 -80.35
C SER UA 16 41.88 -47.20 -80.96
N ALA UA 17 41.10 -48.25 -81.17
CA ALA UA 17 41.64 -49.48 -81.73
C ALA UA 17 41.76 -49.45 -83.24
N PHE UA 18 40.89 -48.70 -83.92
CA PHE UA 18 40.95 -48.56 -85.36
C PHE UA 18 42.06 -47.65 -85.83
N ALA UA 19 42.82 -47.03 -84.92
CA ALA UA 19 43.72 -45.95 -85.28
C ALA UA 19 45.11 -46.40 -85.73
N SER UA 20 45.49 -47.64 -85.46
CA SER UA 20 46.75 -48.20 -85.94
C SER UA 20 47.96 -47.47 -85.35
N GLN UA 21 47.77 -46.72 -84.28
CA GLN UA 21 48.87 -46.05 -83.60
C GLN UA 21 48.56 -45.95 -82.12
N GLN UA 22 49.59 -46.11 -81.30
CA GLN UA 22 49.42 -46.09 -79.85
C GLN UA 22 49.37 -44.66 -79.33
N GLY UA 31 58.13 -49.69 -69.04
CA GLY UA 31 58.31 -51.13 -69.18
C GLY UA 31 57.25 -51.78 -70.04
N VAL UA 32 56.13 -52.11 -69.41
CA VAL UA 32 55.01 -52.75 -70.09
C VAL UA 32 54.09 -51.69 -70.68
N ARG UA 33 53.60 -51.95 -71.87
CA ARG UA 33 52.69 -51.02 -72.55
C ARG UA 33 51.24 -51.38 -72.27
N LYS UA 34 50.36 -50.42 -72.52
CA LYS UA 34 48.94 -50.66 -72.41
C LYS UA 34 48.44 -51.49 -73.59
N PRO UA 35 47.36 -52.24 -73.40
CA PRO UA 35 46.86 -53.09 -74.49
C PRO UA 35 46.34 -52.25 -75.65
N LEU UA 36 46.45 -52.82 -76.85
CA LEU UA 36 46.04 -52.14 -78.07
C LEU UA 36 44.57 -52.32 -78.35
N LEU UA 37 44.01 -53.48 -78.03
CA LEU UA 37 42.62 -53.81 -78.30
C LEU UA 37 41.81 -53.78 -77.02
N ARG UA 38 40.72 -53.02 -77.04
CA ARG UA 38 39.78 -52.99 -75.92
C ARG UA 38 38.38 -52.90 -76.49
N SER UA 39 37.43 -53.49 -75.75
CA SER UA 39 36.04 -53.53 -76.16
C SER UA 39 35.24 -52.46 -75.43
N ASN UA 40 34.06 -52.16 -75.97
CA ASN UA 40 33.09 -51.33 -75.28
C ASN UA 40 32.31 -52.10 -74.23
N SER UA 41 32.35 -53.44 -74.28
CA SER UA 41 31.69 -54.27 -73.29
C SER UA 41 32.35 -54.19 -71.93
N GLU UA 42 33.55 -53.62 -71.85
CA GLU UA 42 34.20 -53.39 -70.58
C GLU UA 42 33.50 -52.30 -69.78
N SER UA 43 32.66 -51.49 -70.43
CA SER UA 43 31.86 -50.50 -69.72
C SER UA 43 30.87 -51.15 -68.77
N LEU UA 44 30.55 -52.41 -68.98
CA LEU UA 44 29.61 -53.13 -68.12
C LEU UA 44 30.27 -53.70 -66.87
N SER UA 45 31.56 -53.46 -66.67
CA SER UA 45 32.24 -53.88 -65.46
C SER UA 45 32.72 -52.65 -64.70
N VAL UA 46 32.69 -52.75 -63.39
CA VAL UA 46 33.09 -51.63 -62.55
C VAL UA 46 34.61 -51.53 -62.47
N PHE UA 47 35.26 -52.61 -62.03
CA PHE UA 47 36.69 -52.60 -61.78
C PHE UA 47 37.50 -53.05 -62.97
N SER UA 48 36.99 -52.83 -64.19
CA SER UA 48 37.77 -53.11 -65.39
C SER UA 48 39.02 -52.24 -65.45
N GLN UA 49 38.83 -50.93 -65.53
CA GLN UA 49 39.95 -50.01 -65.66
C GLN UA 49 40.41 -49.47 -64.32
N ILE UA 50 39.47 -49.09 -63.45
CA ILE UA 50 39.83 -48.59 -62.12
C ILE UA 50 40.36 -49.74 -61.30
N PRO UA 51 41.18 -49.51 -60.29
CA PRO UA 51 41.69 -50.61 -59.47
C PRO UA 51 40.71 -51.01 -58.39
N ASP UA 52 40.95 -52.20 -57.84
CA ASP UA 52 40.18 -52.77 -56.75
C ASP UA 52 40.77 -52.41 -55.39
N GLY UA 53 41.49 -51.31 -55.29
CA GLY UA 53 42.11 -50.94 -54.03
C GLY UA 53 41.08 -50.47 -53.02
N LEU UA 54 41.28 -50.89 -51.77
CA LEU UA 54 40.35 -50.58 -50.70
C LEU UA 54 38.94 -51.05 -51.03
N LEU UA 55 38.84 -52.24 -51.63
CA LEU UA 55 37.55 -52.76 -52.02
C LEU UA 55 36.77 -53.25 -50.81
N GLY UA 56 37.38 -54.10 -50.00
CA GLY UA 56 36.72 -54.67 -48.85
C GLY UA 56 36.94 -53.96 -47.54
N HIS UA 57 37.51 -52.76 -47.56
CA HIS UA 57 37.86 -52.03 -46.34
C HIS UA 57 37.08 -50.73 -46.19
N THR UA 58 36.09 -50.50 -47.04
CA THR UA 58 35.34 -49.25 -47.01
C THR UA 58 34.11 -49.33 -46.11
N THR UA 59 33.58 -50.53 -45.91
CA THR UA 59 32.51 -50.76 -44.96
C THR UA 59 33.01 -50.93 -43.53
N SER UA 60 34.32 -50.81 -43.31
CA SER UA 60 34.93 -50.93 -42.01
C SER UA 60 35.25 -49.59 -41.34
N VAL UA 61 35.11 -48.48 -42.05
CA VAL UA 61 35.27 -47.15 -41.47
C VAL UA 61 34.00 -46.79 -40.73
N THR UA 62 34.03 -46.93 -39.42
CA THR UA 62 32.84 -46.79 -38.58
C THR UA 62 32.90 -45.49 -37.80
N MET UA 63 31.71 -44.98 -37.49
CA MET UA 63 31.53 -43.80 -36.68
C MET UA 63 30.41 -44.08 -35.68
N GLY UA 64 30.64 -43.67 -34.45
CA GLY UA 64 29.67 -43.94 -33.42
C GLY UA 64 28.46 -43.02 -33.48
N ASN UA 65 27.40 -43.44 -32.81
CA ASN UA 65 26.21 -42.62 -32.70
C ASN UA 65 26.50 -41.41 -31.81
N SER UA 66 25.47 -40.59 -31.61
CA SER UA 66 25.64 -39.30 -30.95
C SER UA 66 24.52 -38.96 -29.98
N ASP UA 67 23.62 -39.90 -29.70
CA ASP UA 67 22.47 -39.61 -28.85
C ASP UA 67 22.82 -39.71 -27.38
N ILE UA 68 22.34 -38.75 -26.61
CA ILE UA 68 22.53 -38.71 -25.16
C ILE UA 68 21.20 -38.98 -24.50
N PHE UA 69 21.17 -39.98 -23.63
CA PHE UA 69 19.94 -40.40 -22.95
C PHE UA 69 19.92 -39.79 -21.56
N PHE UA 70 19.65 -38.49 -21.53
CA PHE UA 70 19.55 -37.75 -20.28
C PHE UA 70 18.38 -36.78 -20.35
N LEU UA 71 17.59 -36.75 -19.30
CA LEU UA 71 16.47 -35.85 -19.16
C LEU UA 71 16.17 -35.66 -17.69
N PRO UA 72 16.23 -34.44 -17.17
CA PRO UA 72 15.91 -34.24 -15.75
C PRO UA 72 14.48 -34.60 -15.45
N LYS UA 73 14.27 -35.14 -14.25
CA LYS UA 73 13.00 -35.74 -13.83
C LYS UA 73 12.44 -34.99 -12.61
N PRO UA 74 11.90 -33.81 -12.80
CA PRO UA 74 11.30 -33.10 -11.67
C PRO UA 74 9.93 -33.66 -11.31
N SER UA 75 9.87 -34.41 -10.23
CA SER UA 75 8.61 -34.93 -9.71
C SER UA 75 7.96 -34.00 -8.69
N ASN UA 76 8.73 -33.07 -8.13
CA ASN UA 76 8.16 -32.10 -7.21
C ASN UA 76 7.09 -31.26 -7.88
N LEU UA 77 7.14 -31.12 -9.20
CA LEU UA 77 6.12 -30.39 -9.92
C LEU UA 77 4.80 -31.14 -9.96
N LEU UA 78 4.85 -32.47 -9.88
CA LEU UA 78 3.68 -33.31 -10.07
C LEU UA 78 3.19 -33.86 -8.75
N LYS UA 79 1.86 -34.04 -8.66
CA LYS UA 79 1.23 -34.62 -7.49
C LYS UA 79 0.21 -35.69 -7.84
N ILE UA 80 -0.01 -35.97 -9.12
CA ILE UA 80 -0.93 -37.00 -9.56
C ILE UA 80 -0.15 -38.12 -10.22
N ALA UA 81 -0.71 -39.31 -10.15
CA ALA UA 81 -0.18 -40.44 -10.90
C ALA UA 81 -0.45 -40.26 -12.39
N LEU UA 82 0.20 -41.08 -13.19
CA LEU UA 82 0.04 -41.07 -14.63
C LEU UA 82 -0.18 -42.50 -15.11
N PRO UA 83 -0.90 -42.68 -16.22
CA PRO UA 83 -1.12 -44.03 -16.72
C PRO UA 83 0.17 -44.65 -17.24
N ALA UA 84 0.13 -45.98 -17.37
CA ALA UA 84 1.29 -46.72 -17.82
C ALA UA 84 0.85 -47.93 -18.64
N PHE UA 85 1.61 -48.26 -19.66
CA PHE UA 85 1.29 -49.37 -20.53
C PHE UA 85 1.68 -50.70 -19.90
N VAL UA 86 0.91 -51.73 -20.24
CA VAL UA 86 1.34 -53.11 -20.05
C VAL UA 86 1.99 -53.58 -21.34
N PHE UA 87 3.22 -54.09 -21.22
CA PHE UA 87 4.02 -54.44 -22.38
C PHE UA 87 3.92 -55.91 -22.75
N MET UA 88 3.76 -56.79 -21.77
CA MET UA 88 3.70 -58.21 -22.01
C MET UA 88 2.67 -58.82 -21.06
N PRO UA 89 2.15 -60.00 -21.39
CA PRO UA 89 1.21 -60.66 -20.50
C PRO UA 89 1.92 -61.33 -19.34
N ASN UA 90 1.24 -61.36 -18.20
CA ASN UA 90 1.80 -62.00 -17.02
C ASN UA 90 1.71 -63.51 -17.16
N LEU UA 91 2.86 -64.15 -17.32
CA LEU UA 91 2.95 -65.59 -17.41
C LEU UA 91 3.26 -66.24 -16.07
N THR UA 92 3.55 -65.44 -15.05
CA THR UA 92 3.80 -65.98 -13.72
C THR UA 92 2.53 -66.42 -13.02
N ILE UA 93 1.37 -66.12 -13.58
CA ILE UA 93 0.08 -66.47 -12.99
C ILE UA 93 -0.79 -67.07 -14.08
N PHE UA 94 -1.43 -68.20 -13.77
CA PHE UA 94 -2.26 -68.90 -14.74
C PHE UA 94 -1.45 -69.33 -15.96
N THR UA 95 -0.23 -69.81 -15.71
CA THR UA 95 0.65 -70.17 -16.80
C THR UA 95 0.08 -71.31 -17.63
N ARG UA 96 -0.49 -72.31 -16.96
CA ARG UA 96 -0.99 -73.49 -17.66
C ARG UA 96 -2.16 -73.16 -18.58
N ALA UA 97 -2.96 -72.15 -18.24
CA ALA UA 97 -4.16 -71.80 -18.97
C ALA UA 97 -3.96 -70.71 -20.01
N PHE UA 98 -2.75 -70.18 -20.13
CA PHE UA 98 -2.53 -69.00 -20.96
C PHE UA 98 -2.91 -69.21 -22.41
N PRO UA 99 -2.54 -70.31 -23.07
CA PRO UA 99 -3.01 -70.54 -24.44
C PRO UA 99 -4.51 -70.65 -24.55
N PHE UA 100 -5.20 -70.97 -23.45
CA PHE UA 100 -6.63 -71.21 -23.49
C PHE UA 100 -7.46 -69.97 -23.17
N TYR UA 101 -6.88 -68.99 -22.46
CA TYR UA 101 -7.61 -67.75 -22.16
C TYR UA 101 -7.02 -66.53 -22.83
N ALA UA 102 -5.92 -66.66 -23.57
CA ALA UA 102 -5.26 -65.49 -24.14
C ALA UA 102 -6.14 -64.79 -25.18
N HIS UA 103 -7.03 -65.52 -25.83
CA HIS UA 103 -7.86 -64.97 -26.90
C HIS UA 103 -9.07 -64.20 -26.40
N THR UA 104 -9.35 -64.23 -25.10
CA THR UA 104 -10.48 -63.54 -24.54
C THR UA 104 -10.10 -62.12 -24.13
N SER UA 105 -11.12 -61.31 -23.87
CA SER UA 105 -10.95 -59.91 -23.48
C SER UA 105 -11.53 -59.68 -22.09
N ALA UA 106 -10.75 -59.02 -21.24
CA ALA UA 106 -11.15 -58.72 -19.89
C ALA UA 106 -11.78 -57.33 -19.82
N SER VA 20 -5.09 -27.18 57.87
CA SER VA 20 -5.34 -27.12 56.43
C SER VA 20 -5.66 -28.51 55.88
N TRP VA 21 -5.22 -29.54 56.60
CA TRP VA 21 -5.35 -30.92 56.12
C TRP VA 21 -6.79 -31.38 56.03
N MET VA 22 -7.75 -30.56 56.45
CA MET VA 22 -9.15 -30.93 56.38
C MET VA 22 -9.73 -30.74 54.98
N SER VA 23 -9.06 -29.98 54.12
CA SER VA 23 -9.49 -29.81 52.74
C SER VA 23 -8.88 -30.86 51.82
N LEU VA 24 -8.51 -32.02 52.37
CA LEU VA 24 -7.91 -33.10 51.60
C LEU VA 24 -8.94 -34.11 51.12
N ALA VA 25 -10.22 -33.72 51.08
CA ALA VA 25 -11.27 -34.68 50.75
C ALA VA 25 -11.21 -35.13 49.29
N PRO VA 26 -11.29 -34.25 48.29
CA PRO VA 26 -11.51 -34.72 46.92
C PRO VA 26 -10.42 -35.62 46.39
N PHE VA 27 -9.24 -35.62 47.00
CA PHE VA 27 -8.19 -36.56 46.65
C PHE VA 27 -8.42 -37.94 47.24
N VAL VA 28 -9.57 -38.18 47.86
CA VAL VA 28 -9.90 -39.50 48.37
C VAL VA 28 -10.52 -40.33 47.25
N ALA VA 29 -10.36 -41.65 47.36
CA ALA VA 29 -10.98 -42.62 46.48
C ALA VA 29 -11.91 -43.54 47.26
N PRO VA 30 -12.86 -44.19 46.60
CA PRO VA 30 -13.81 -45.05 47.32
C PRO VA 30 -13.16 -46.23 48.01
N ASN VA 31 -11.97 -46.66 47.55
CA ASN VA 31 -11.22 -47.68 48.27
C ASN VA 31 -10.61 -47.14 49.55
N ASN VA 32 -10.46 -45.83 49.67
CA ASN VA 32 -9.87 -45.18 50.83
C ASN VA 32 -10.84 -44.20 51.46
N ALA VA 33 -12.12 -44.55 51.43
CA ALA VA 33 -13.20 -43.68 51.84
C ALA VA 33 -13.50 -43.86 53.33
N ALA VA 34 -13.82 -45.10 53.72
CA ALA VA 34 -14.24 -45.36 55.10
C ALA VA 34 -13.17 -44.94 56.10
N ALA VA 35 -11.92 -45.32 55.85
CA ALA VA 35 -10.79 -44.82 56.64
C ALA VA 35 -10.83 -43.31 56.82
N TRP VA 36 -10.87 -42.58 55.70
CA TRP VA 36 -10.96 -41.13 55.75
C TRP VA 36 -12.11 -40.66 56.63
N ARG VA 37 -13.30 -41.24 56.42
CA ARG VA 37 -14.47 -40.86 57.19
C ARG VA 37 -14.25 -41.11 58.68
N LYS VA 38 -13.65 -42.25 59.02
CA LYS VA 38 -13.29 -42.54 60.41
C LYS VA 38 -12.44 -41.44 61.00
N LEU VA 39 -11.32 -41.13 60.33
CA LEU VA 39 -10.45 -40.04 60.76
C LEU VA 39 -11.25 -38.76 60.96
N ARG VA 40 -12.07 -38.41 59.98
CA ARG VA 40 -12.85 -37.18 60.02
C ARG VA 40 -13.74 -37.16 61.26
N ASP VA 41 -14.50 -38.23 61.47
CA ASP VA 41 -15.40 -38.28 62.62
C ASP VA 41 -14.63 -38.23 63.93
N GLY VA 42 -13.46 -38.87 63.98
CA GLY VA 42 -12.61 -38.74 65.15
C GLY VA 42 -12.29 -37.29 65.48
N ALA VA 43 -11.79 -36.56 64.48
CA ALA VA 43 -11.45 -35.16 64.70
C ALA VA 43 -12.69 -34.35 65.08
N GLN VA 44 -13.82 -34.66 64.44
CA GLN VA 44 -15.06 -33.96 64.75
C GLN VA 44 -15.45 -34.18 66.20
N GLU VA 45 -15.38 -35.43 66.65
CA GLU VA 45 -15.62 -35.76 68.05
C GLU VA 45 -14.73 -34.92 68.95
N VAL VA 46 -13.43 -34.90 68.65
CA VAL VA 46 -12.48 -34.14 69.46
C VAL VA 46 -12.91 -32.68 69.55
N GLN VA 47 -13.22 -32.06 68.41
CA GLN VA 47 -13.55 -30.64 68.43
C GLN VA 47 -14.87 -30.39 69.15
N THR VA 48 -15.83 -31.31 68.99
CA THR VA 48 -17.12 -31.18 69.68
C THR VA 48 -16.93 -31.30 71.18
N VAL VA 49 -15.93 -32.07 71.61
CA VAL VA 49 -15.53 -32.05 73.02
C VAL VA 49 -15.03 -30.67 73.36
N ILE VA 50 -14.01 -30.22 72.64
CA ILE VA 50 -13.14 -29.15 73.12
C ILE VA 50 -13.93 -27.84 73.19
N GLU VA 51 -14.56 -27.47 72.07
CA GLU VA 51 -15.36 -26.25 72.06
C GLU VA 51 -16.39 -26.25 73.17
N ARG VA 52 -17.10 -27.38 73.35
CA ARG VA 52 -18.08 -27.47 74.41
C ARG VA 52 -17.44 -27.19 75.78
N GLN VA 53 -16.38 -27.92 76.10
CA GLN VA 53 -15.72 -27.79 77.40
C GLN VA 53 -14.73 -26.64 77.45
N SER VA 54 -14.82 -25.67 76.54
CA SER VA 54 -14.14 -24.40 76.76
C SER VA 54 -15.00 -23.19 76.42
N THR VA 55 -16.27 -23.36 76.08
CA THR VA 55 -17.11 -22.20 75.80
C THR VA 55 -17.62 -21.53 77.06
N PRO VA 56 -18.29 -22.23 77.97
CA PRO VA 56 -18.74 -21.56 79.20
C PRO VA 56 -17.62 -21.27 80.18
N GLY VA 57 -16.55 -22.06 80.15
CA GLY VA 57 -15.42 -21.85 81.04
C GLY VA 57 -15.55 -22.51 82.40
N LYS VA 58 -16.30 -21.87 83.32
CA LYS VA 58 -16.46 -22.40 84.66
C LYS VA 58 -17.69 -21.81 85.36
N PRO VA 59 -18.90 -22.14 84.92
CA PRO VA 59 -20.11 -21.61 85.57
C PRO VA 59 -20.64 -22.43 86.73
N GLN VA 60 -20.00 -23.53 87.09
CA GLN VA 60 -20.54 -24.47 88.07
C GLN VA 60 -20.14 -24.08 89.49
N GLN VA 61 -18.82 -24.12 89.77
CA GLN VA 61 -18.21 -23.47 90.93
C GLN VA 61 -19.10 -23.46 92.17
N ILE VA 62 -19.45 -24.66 92.65
CA ILE VA 62 -20.50 -24.77 93.68
C ILE VA 62 -20.01 -24.13 94.97
N ASP VA 63 -20.96 -23.58 95.73
CA ASP VA 63 -20.67 -22.81 96.94
C ASP VA 63 -21.29 -23.53 98.13
N TRP VA 64 -20.44 -24.07 99.02
CA TRP VA 64 -20.92 -24.86 100.13
C TRP VA 64 -21.57 -24.02 101.23
N ALA VA 65 -21.40 -22.69 101.20
CA ALA VA 65 -22.04 -21.83 102.18
C ALA VA 65 -23.56 -21.99 102.13
N LYS VA 66 -24.10 -22.18 100.93
CA LYS VA 66 -25.54 -22.38 100.79
C LYS VA 66 -25.97 -23.71 101.41
N TRP VA 67 -25.27 -24.79 101.07
CA TRP VA 67 -25.77 -26.12 101.42
C TRP VA 67 -25.50 -26.46 102.88
N GLU VA 68 -24.40 -25.96 103.45
CA GLU VA 68 -24.18 -26.15 104.88
C GLU VA 68 -25.32 -25.58 105.70
N SER VA 69 -25.91 -24.48 105.23
CA SER VA 69 -27.04 -23.88 105.92
C SER VA 69 -28.33 -24.61 105.59
N GLN VA 70 -28.57 -24.88 104.31
CA GLN VA 70 -29.84 -25.48 103.88
C GLN VA 70 -29.98 -26.94 104.30
N ILE VA 71 -28.92 -27.58 104.79
CA ILE VA 71 -28.98 -28.98 105.19
C ILE VA 71 -28.74 -29.07 106.69
N ALA VA 72 -29.41 -30.03 107.32
CA ALA VA 72 -29.38 -30.17 108.77
C ALA VA 72 -28.45 -31.27 109.26
N HIS VA 73 -28.09 -32.22 108.40
CA HIS VA 73 -27.24 -33.33 108.84
C HIS VA 73 -25.82 -32.84 109.09
N LYS VA 74 -25.16 -32.36 108.04
CA LYS VA 74 -23.82 -31.76 108.16
C LYS VA 74 -22.82 -32.75 108.75
N ASP VA 75 -22.98 -34.03 108.44
CA ASP VA 75 -22.06 -35.08 108.87
C ASP VA 75 -21.48 -35.85 107.69
N ILE VA 76 -22.29 -36.10 106.66
CA ILE VA 76 -21.79 -36.69 105.44
C ILE VA 76 -21.46 -35.61 104.42
N LEU VA 77 -22.17 -34.48 104.46
CA LEU VA 77 -21.84 -33.34 103.62
C LEU VA 77 -20.38 -32.95 103.77
N ASN VA 78 -19.85 -33.01 104.99
CA ASN VA 78 -18.46 -32.60 105.22
C ASN VA 78 -17.49 -33.54 104.52
N CYS VA 79 -17.70 -34.85 104.66
CA CYS VA 79 -16.80 -35.80 104.00
C CYS VA 79 -16.93 -35.71 102.50
N LEU VA 80 -18.16 -35.52 102.00
CA LEU VA 80 -18.37 -35.35 100.57
C LEU VA 80 -17.60 -34.14 100.05
N LYS VA 81 -17.72 -33.00 100.74
CA LYS VA 81 -16.95 -31.81 100.34
C LYS VA 81 -15.45 -32.08 100.40
N THR VA 82 -15.00 -32.86 101.38
CA THR VA 82 -13.58 -33.18 101.47
C THR VA 82 -13.14 -33.98 100.24
N PHE VA 83 -13.94 -34.98 99.87
CA PHE VA 83 -13.70 -35.74 98.65
C PHE VA 83 -13.63 -34.81 97.44
N TYR VA 84 -14.59 -33.89 97.34
CA TYR VA 84 -14.61 -32.94 96.22
C TYR VA 84 -13.31 -32.15 96.13
N THR VA 85 -12.93 -31.49 97.23
CA THR VA 85 -11.71 -30.68 97.20
C THR VA 85 -10.45 -31.53 97.07
N ASN VA 86 -10.52 -32.82 97.39
CA ASN VA 86 -9.37 -33.70 97.25
C ASN VA 86 -9.23 -34.18 95.82
N GLN VA 87 -10.35 -34.27 95.10
CA GLN VA 87 -10.26 -34.68 93.71
C GLN VA 87 -9.93 -33.47 92.86
N VAL VA 88 -10.48 -32.30 93.22
CA VAL VA 88 -10.22 -31.10 92.45
C VAL VA 88 -8.76 -30.68 92.58
N GLN VA 89 -8.14 -30.94 93.74
CA GLN VA 89 -6.72 -30.63 93.88
C GLN VA 89 -5.90 -31.45 92.89
N ILE VA 90 -6.16 -32.75 92.80
CA ILE VA 90 -5.36 -33.59 91.91
C ILE VA 90 -5.70 -33.31 90.45
N LEU VA 91 -6.95 -32.92 90.16
CA LEU VA 91 -7.30 -32.52 88.81
C LEU VA 91 -6.49 -31.31 88.37
N ASP VA 92 -6.54 -30.23 89.16
CA ASP VA 92 -5.75 -29.05 88.79
C ASP VA 92 -4.26 -29.36 88.79
N ARG VA 93 -3.82 -30.29 89.64
CA ARG VA 93 -2.43 -30.71 89.63
C ARG VA 93 -2.05 -31.32 88.29
N ALA VA 94 -2.80 -32.33 87.84
CA ALA VA 94 -2.53 -32.95 86.56
C ALA VA 94 -2.62 -31.93 85.43
N LEU VA 95 -3.58 -31.02 85.51
CA LEU VA 95 -3.73 -29.98 84.49
C LEU VA 95 -2.45 -29.15 84.39
N GLY VA 96 -2.02 -28.54 85.49
CA GLY VA 96 -0.80 -27.77 85.47
C GLY VA 96 0.44 -28.59 85.19
N ALA VA 97 0.38 -29.91 85.37
CA ALA VA 97 1.53 -30.75 85.08
C ALA VA 97 1.64 -31.01 83.59
N LEU VA 98 0.51 -31.31 82.93
CA LEU VA 98 0.50 -31.47 81.49
C LEU VA 98 0.60 -30.13 80.76
N GLU VA 99 0.45 -29.02 81.46
CA GLU VA 99 0.50 -27.70 80.83
C GLU VA 99 1.92 -27.18 80.65
N THR VA 100 2.93 -28.06 80.68
CA THR VA 100 4.29 -27.67 80.36
C THR VA 100 4.38 -27.03 78.99
N CYS VA 107 10.09 -38.23 73.25
CA CYS VA 107 9.44 -39.51 73.48
C CYS VA 107 9.74 -40.49 72.36
N GLU VA 108 9.18 -41.70 72.46
CA GLU VA 108 9.36 -42.72 71.44
C GLU VA 108 8.07 -43.40 71.02
N GLY VA 109 7.02 -43.38 71.85
CA GLY VA 109 5.83 -44.15 71.58
C GLY VA 109 5.11 -43.76 70.31
N ALA VA 110 5.36 -42.55 69.80
CA ALA VA 110 4.66 -42.03 68.63
C ALA VA 110 5.50 -42.02 67.36
N GLU VA 111 6.83 -42.03 67.48
CA GLU VA 111 7.67 -41.98 66.30
C GLU VA 111 7.45 -43.20 65.41
N LYS VA 112 7.04 -44.33 65.99
CA LYS VA 112 6.79 -45.55 65.24
C LYS VA 112 5.63 -45.40 64.26
N GLY VA 113 4.84 -44.34 64.38
CA GLY VA 113 3.77 -44.05 63.44
C GLY VA 113 4.11 -42.84 62.61
N TRP VA 114 4.86 -41.91 63.20
CA TRP VA 114 5.34 -40.77 62.43
C TRP VA 114 6.26 -41.22 61.30
N ALA VA 115 6.91 -42.38 61.45
CA ALA VA 115 7.65 -42.94 60.33
C ALA VA 115 6.72 -43.34 59.19
N LEU VA 116 5.58 -43.95 59.52
CA LEU VA 116 4.58 -44.24 58.51
C LEU VA 116 4.10 -42.95 57.85
N PHE VA 117 3.90 -41.91 58.65
CA PHE VA 117 3.45 -40.63 58.12
C PHE VA 117 4.48 -40.07 57.14
N ASP VA 118 5.76 -40.13 57.49
CA ASP VA 118 6.80 -39.62 56.60
C ASP VA 118 6.88 -40.44 55.33
N ALA VA 119 6.72 -41.76 55.42
CA ALA VA 119 6.66 -42.58 54.22
C ALA VA 119 5.49 -42.15 53.33
N ALA VA 120 4.35 -41.88 53.94
CA ALA VA 120 3.19 -41.43 53.17
C ALA VA 120 3.50 -40.10 52.50
N LEU VA 121 4.20 -39.21 53.21
CA LEU VA 121 4.56 -37.93 52.62
C LEU VA 121 5.48 -38.13 51.42
N SER VA 122 6.41 -39.08 51.53
CA SER VA 122 7.32 -39.34 50.42
C SER VA 122 6.56 -39.87 49.22
N ALA VA 123 5.60 -40.78 49.46
CA ALA VA 123 4.82 -41.32 48.35
C ALA VA 123 3.97 -40.24 47.70
N CYS VA 124 3.39 -39.35 48.52
CA CYS VA 124 2.58 -38.28 47.98
C CYS VA 124 3.42 -37.33 47.15
N ALA VA 125 4.63 -37.01 47.62
CA ALA VA 125 5.52 -36.14 46.87
C ALA VA 125 5.91 -36.79 45.54
N LYS VA 126 6.12 -38.11 45.54
CA LYS VA 126 6.46 -38.79 44.29
C LYS VA 126 5.30 -38.76 43.30
N SER VA 127 4.08 -38.99 43.80
CA SER VA 127 2.90 -38.90 42.94
C SER VA 127 2.72 -37.51 42.37
N VAL VA 128 2.85 -36.50 43.23
CA VAL VA 128 2.76 -35.12 42.76
C VAL VA 128 3.85 -34.83 41.74
N GLU VA 129 5.02 -35.43 41.93
CA GLU VA 129 6.13 -35.20 41.02
C GLU VA 129 5.81 -35.73 39.64
N LYS VA 130 5.33 -36.98 39.56
CA LYS VA 130 5.06 -37.54 38.24
C LYS VA 130 3.84 -36.87 37.60
N SER VA 131 2.86 -36.45 38.39
CA SER VA 131 1.73 -35.72 37.81
C SER VA 131 2.17 -34.36 37.28
N GLU VA 132 3.09 -33.70 38.00
CA GLU VA 132 3.66 -32.46 37.49
C GLU VA 132 4.45 -32.70 36.23
N GLU VA 133 5.12 -33.85 36.14
CA GLU VA 133 5.82 -34.20 34.91
C GLU VA 133 4.82 -34.33 33.76
N LEU VA 134 3.69 -34.98 34.00
CA LEU VA 134 2.67 -35.10 32.97
C LEU VA 134 2.18 -33.73 32.53
N LEU VA 135 1.82 -32.86 33.48
CA LEU VA 135 1.29 -31.55 33.10
C LEU VA 135 2.35 -30.68 32.46
N SER VA 136 3.61 -30.85 32.86
CA SER VA 136 4.70 -30.14 32.22
C SER VA 136 4.87 -30.59 30.77
N ASN VA 137 4.73 -31.89 30.53
CA ASN VA 137 4.80 -32.38 29.16
C ASN VA 137 3.63 -31.85 28.34
N GLY VA 138 2.46 -31.74 28.94
CA GLY VA 138 1.34 -31.14 28.23
C GLY VA 138 1.59 -29.69 27.88
N ALA VA 139 2.13 -28.93 28.83
CA ALA VA 139 2.46 -27.53 28.56
C ALA VA 139 3.53 -27.42 27.50
N ARG VA 140 4.51 -28.31 27.52
CA ARG VA 140 5.53 -28.34 26.48
C ARG VA 140 4.92 -28.62 25.12
N ALA VA 141 3.96 -29.54 25.07
CA ALA VA 141 3.29 -29.84 23.82
C ALA VA 141 2.54 -28.63 23.30
N LEU VA 142 1.86 -27.91 24.19
CA LEU VA 142 1.16 -26.71 23.77
C LEU VA 142 2.12 -25.64 23.28
N TRP VA 143 3.24 -25.48 23.97
CA TRP VA 143 4.24 -24.50 23.54
C TRP VA 143 4.79 -24.86 22.17
N VAL VA 144 5.11 -26.13 21.96
CA VAL VA 144 5.62 -26.58 20.67
C VAL VA 144 4.60 -26.34 19.58
N SER VA 145 3.33 -26.67 19.85
CA SER VA 145 2.31 -26.51 18.84
C SER VA 145 2.10 -25.05 18.49
N CYS VA 146 2.07 -24.17 19.49
CA CYS VA 146 1.84 -22.76 19.23
C CYS VA 146 3.06 -22.10 18.59
N SER VA 147 4.26 -22.64 18.81
CA SER VA 147 5.46 -22.12 18.20
C SER VA 147 5.79 -22.77 16.86
N ASN VA 148 5.07 -23.81 16.47
CA ASN VA 148 5.34 -24.42 15.18
C ASN VA 148 4.97 -23.44 14.07
N PRO VA 149 5.50 -23.66 12.87
CA PRO VA 149 5.02 -22.90 11.72
C PRO VA 149 3.73 -23.50 11.19
N PRO VA 150 3.05 -22.80 10.29
CA PRO VA 150 1.92 -23.42 9.60
C PRO VA 150 2.36 -24.58 8.73
N VAL VA 151 1.63 -25.70 8.85
CA VAL VA 151 2.06 -26.94 8.25
C VAL VA 151 1.95 -26.89 6.74
N TRP VA 152 1.08 -26.04 6.20
CA TRP VA 152 1.00 -25.84 4.76
C TRP VA 152 2.10 -24.93 4.24
N LYS VA 153 2.71 -24.13 5.11
CA LYS VA 153 3.92 -23.40 4.76
C LYS VA 153 5.14 -24.29 4.83
N VAL VA 154 5.12 -25.29 5.70
CA VAL VA 154 6.28 -26.14 5.89
C VAL VA 154 6.52 -26.99 4.64
N ASN VA 155 7.80 -27.20 4.33
CA ASN VA 155 8.17 -28.07 3.21
C ASN VA 155 7.84 -29.52 3.54
N THR VA 156 7.37 -30.24 2.54
CA THR VA 156 6.88 -31.60 2.76
C THR VA 156 8.00 -32.56 3.14
N ASN VA 157 9.11 -32.51 2.40
CA ASN VA 157 10.21 -33.41 2.69
C ASN VA 157 10.84 -33.09 4.04
N GLU VA 158 10.84 -31.83 4.45
CA GLU VA 158 11.34 -31.49 5.77
C GLU VA 158 10.45 -32.07 6.86
N TRP VA 159 9.13 -31.97 6.69
CA TRP VA 159 8.22 -32.60 7.64
C TRP VA 159 8.46 -34.09 7.73
N LEU VA 160 8.63 -34.75 6.59
CA LEU VA 160 8.84 -36.20 6.61
C LEU VA 160 10.19 -36.58 7.18
N ASP VA 161 11.19 -35.71 7.05
CA ASP VA 161 12.48 -35.96 7.69
C ASP VA 161 12.35 -35.81 9.19
N SER VA 162 11.57 -34.85 9.65
CA SER VA 162 11.32 -34.72 11.09
C SER VA 162 10.60 -35.95 11.62
N ASP VA 163 9.57 -36.41 10.90
CA ASP VA 163 8.72 -37.49 11.38
C ASP VA 163 9.31 -38.83 10.96
N GLN VA 164 9.54 -39.71 11.92
CA GLN VA 164 10.08 -41.03 11.66
C GLN VA 164 9.02 -42.10 11.58
N TYR VA 165 7.82 -41.84 12.07
CA TYR VA 165 6.76 -42.84 12.04
C TYR VA 165 6.09 -42.90 10.69
N TRP VA 166 5.65 -41.75 10.17
CA TRP VA 166 4.94 -41.76 8.89
C TRP VA 166 5.89 -42.02 7.74
N GLN VA 167 7.20 -41.89 7.97
CA GLN VA 167 8.18 -42.45 7.04
C GLN VA 167 7.94 -43.93 6.81
N ALA VA 168 7.80 -44.68 7.90
CA ALA VA 168 7.57 -46.12 7.79
C ALA VA 168 6.23 -46.42 7.14
N PHE VA 169 5.25 -45.53 7.33
CA PHE VA 169 3.95 -45.73 6.71
C PHE VA 169 4.04 -45.59 5.19
N VAL VA 170 4.89 -44.68 4.71
CA VAL VA 170 5.05 -44.46 3.29
C VAL VA 170 5.86 -45.58 2.65
N GLU VA 171 6.93 -46.01 3.31
CA GLU VA 171 7.74 -47.12 2.82
C GLU VA 171 6.92 -48.39 2.65
N LYS VA 172 6.01 -48.63 3.60
CA LYS VA 172 5.22 -49.85 3.61
C LYS VA 172 4.34 -49.97 2.36
N HIS VA 173 3.78 -48.86 1.90
CA HIS VA 173 2.78 -48.88 0.85
C HIS VA 173 3.30 -48.44 -0.50
N HIS VA 174 4.42 -47.73 -0.54
CA HIS VA 174 4.90 -47.13 -1.77
C HIS VA 174 6.32 -47.52 -2.12
N PHE VA 175 7.06 -48.14 -1.20
CA PHE VA 175 8.33 -48.76 -1.50
C PHE VA 175 8.23 -50.27 -1.58
N TYR VA 176 7.46 -50.88 -0.70
CA TYR VA 176 7.28 -52.33 -0.76
C TYR VA 176 6.22 -52.74 -1.77
N SER VA 177 5.42 -51.80 -2.25
CA SER VA 177 4.48 -52.03 -3.33
C SER VA 177 4.61 -50.92 -4.37
N GLN VA 178 4.07 -51.19 -5.56
CA GLN VA 178 4.07 -50.24 -6.65
C GLN VA 178 2.67 -49.92 -7.15
N TYR VA 179 1.64 -50.59 -6.62
CA TYR VA 179 0.29 -50.47 -7.13
C TYR VA 179 -0.70 -49.97 -6.09
N GLN VA 180 -0.23 -49.52 -4.95
CA GLN VA 180 -1.13 -49.02 -3.93
C GLN VA 180 -1.62 -47.63 -4.30
N PRO VA 181 -2.87 -47.29 -3.95
CA PRO VA 181 -3.39 -45.99 -4.36
C PRO VA 181 -2.74 -44.86 -3.60
N GLY VA 182 -2.73 -43.69 -4.25
CA GLY VA 182 -2.14 -42.52 -3.64
C GLY VA 182 -3.11 -41.78 -2.75
N VAL VA 183 -3.64 -42.48 -1.75
CA VAL VA 183 -4.58 -41.89 -0.80
C VAL VA 183 -3.89 -41.77 0.54
N VAL VA 184 -4.46 -40.92 1.39
CA VAL VA 184 -3.82 -40.63 2.67
C VAL VA 184 -3.78 -41.86 3.56
N ASP VA 185 -4.80 -42.73 3.49
CA ASP VA 185 -4.92 -43.89 4.34
C ASP VA 185 -5.29 -45.10 3.51
N PRO VA 186 -4.28 -45.84 3.02
CA PRO VA 186 -4.58 -47.07 2.27
C PRO VA 186 -4.96 -48.25 3.13
N GLU VA 187 -4.75 -48.19 4.44
CA GLU VA 187 -5.09 -49.28 5.34
C GLU VA 187 -6.50 -49.19 5.89
N ALA VA 188 -7.27 -48.21 5.44
CA ALA VA 188 -8.56 -47.94 6.05
C ALA VA 188 -9.60 -48.96 5.60
N PRO VA 189 -10.71 -49.07 6.34
CA PRO VA 189 -11.69 -50.12 6.04
C PRO VA 189 -12.31 -50.01 4.67
N GLN VA 190 -12.54 -48.80 4.17
CA GLN VA 190 -13.10 -48.64 2.83
C GLN VA 190 -12.17 -49.26 1.80
N GLU VA 191 -10.87 -48.98 1.90
CA GLU VA 191 -9.90 -49.53 0.98
C GLU VA 191 -9.80 -51.05 1.12
N VAL VA 192 -9.77 -51.54 2.36
CA VAL VA 192 -9.66 -52.98 2.57
C VAL VA 192 -10.84 -53.70 1.93
N GLU VA 193 -12.05 -53.22 2.20
CA GLU VA 193 -13.24 -53.89 1.68
C GLU VA 193 -13.32 -53.75 0.16
N ALA VA 194 -12.91 -52.60 -0.38
CA ALA VA 194 -12.87 -52.46 -1.82
C ALA VA 194 -11.92 -53.46 -2.44
N PHE VA 195 -10.74 -53.65 -1.83
CA PHE VA 195 -9.79 -54.64 -2.32
C PHE VA 195 -10.38 -56.03 -2.29
N LYS VA 196 -11.07 -56.37 -1.19
CA LYS VA 196 -11.66 -57.70 -1.08
C LYS VA 196 -12.72 -57.93 -2.16
N GLN VA 197 -13.60 -56.94 -2.37
CA GLN VA 197 -14.64 -57.08 -3.37
C GLN VA 197 -14.05 -57.17 -4.76
N ALA VA 198 -13.03 -56.38 -5.05
CA ALA VA 198 -12.34 -56.47 -6.33
C ALA VA 198 -11.72 -57.84 -6.52
N TRP VA 199 -11.09 -58.37 -5.47
CA TRP VA 199 -10.52 -59.71 -5.52
C TRP VA 199 -11.59 -60.73 -5.92
N HIS VA 200 -12.71 -60.72 -5.22
CA HIS VA 200 -13.75 -61.70 -5.48
C HIS VA 200 -14.34 -61.53 -6.87
N SER VA 201 -14.56 -60.29 -7.31
CA SER VA 201 -15.12 -60.07 -8.63
C SER VA 201 -14.16 -60.52 -9.73
N ARG VA 202 -12.87 -60.23 -9.56
CA ARG VA 202 -11.87 -60.66 -10.53
C ARG VA 202 -11.84 -62.18 -10.63
N MET VA 203 -11.76 -62.86 -9.49
CA MET VA 203 -11.68 -64.31 -9.51
C MET VA 203 -12.95 -64.91 -10.10
N GLY VA 204 -14.11 -64.34 -9.78
CA GLY VA 204 -15.34 -64.82 -10.36
C GLY VA 204 -15.39 -64.65 -11.85
N LYS VA 205 -15.04 -63.45 -12.33
CA LYS VA 205 -15.05 -63.22 -13.78
C LYS VA 205 -14.08 -64.15 -14.48
N PHE VA 206 -12.97 -64.49 -13.86
CA PHE VA 206 -12.00 -65.36 -14.50
C PHE VA 206 -12.47 -66.81 -14.52
N ASN VA 207 -12.94 -67.32 -13.39
CA ASN VA 207 -13.16 -68.74 -13.22
C ASN VA 207 -14.59 -69.21 -13.50
N ASP VA 208 -15.57 -68.33 -13.35
CA ASP VA 208 -16.96 -68.77 -13.38
C ASP VA 208 -17.40 -69.17 -14.78
N ARG VA 209 -18.38 -70.05 -14.83
CA ARG VA 209 -19.06 -70.41 -16.06
C ARG VA 209 -20.13 -69.37 -16.37
N SER VA 210 -19.99 -68.68 -17.50
CA SER VA 210 -20.79 -67.50 -17.77
C SER VA 210 -21.06 -67.41 -19.27
N ASP VA 211 -21.73 -66.33 -19.67
CA ASP VA 211 -21.89 -66.01 -21.08
C ASP VA 211 -20.67 -65.33 -21.67
N THR VA 212 -19.82 -64.75 -20.83
CA THR VA 212 -18.53 -64.19 -21.23
C THR VA 212 -17.45 -64.96 -20.47
N PRO VA 213 -17.14 -66.17 -20.92
CA PRO VA 213 -16.18 -67.00 -20.20
C PRO VA 213 -14.75 -66.73 -20.59
N MET VA 214 -13.88 -66.53 -19.58
CA MET VA 214 -12.46 -66.41 -19.81
C MET VA 214 -11.77 -67.77 -19.82
N LEU VA 215 -11.90 -68.52 -18.73
CA LEU VA 215 -11.20 -69.78 -18.55
C LEU VA 215 -12.05 -70.98 -18.91
N TYR VA 216 -13.37 -70.87 -18.79
CA TYR VA 216 -14.26 -71.95 -19.20
C TYR VA 216 -14.23 -72.06 -20.71
N ALA VA 217 -13.45 -72.99 -21.22
CA ALA VA 217 -13.24 -73.13 -22.65
C ALA VA 217 -12.54 -74.45 -22.91
N TYR VA 218 -12.91 -75.11 -24.01
CA TYR VA 218 -12.35 -76.40 -24.36
C TYR VA 218 -12.64 -77.42 -23.27
N MET VA 219 -13.91 -77.48 -22.87
CA MET VA 219 -14.36 -78.33 -21.77
C MET VA 219 -14.98 -79.60 -22.33
N ASN VA 220 -14.36 -80.72 -22.06
CA ASN VA 220 -14.87 -82.04 -22.40
C ASN VA 220 -14.90 -82.96 -21.19
N GLU VA 221 -13.91 -82.86 -20.31
CA GLU VA 221 -13.88 -83.56 -19.04
C GLU VA 221 -13.95 -82.51 -17.95
N LEU VA 222 -15.06 -82.46 -17.23
CA LEU VA 222 -15.28 -81.39 -16.28
C LEU VA 222 -14.68 -81.75 -14.93
N PRO VA 223 -14.38 -80.75 -14.10
CA PRO VA 223 -13.95 -81.02 -12.73
C PRO VA 223 -15.15 -81.32 -11.83
N SER VA 224 -14.83 -81.61 -10.57
CA SER VA 224 -15.84 -82.06 -9.63
C SER VA 224 -16.94 -81.03 -9.42
N TRP VA 225 -16.56 -79.79 -9.14
CA TRP VA 225 -17.52 -78.76 -8.79
C TRP VA 225 -18.47 -78.48 -9.95
N GLU VA 226 -17.91 -78.23 -11.13
CA GLU VA 226 -18.75 -77.92 -12.29
C GLU VA 226 -19.58 -79.13 -12.70
N TYR VA 227 -19.01 -80.33 -12.61
CA TYR VA 227 -19.76 -81.53 -12.93
C TYR VA 227 -20.99 -81.64 -12.05
N TYR VA 228 -20.82 -81.53 -10.74
CA TYR VA 228 -21.95 -81.67 -9.85
C TYR VA 228 -22.90 -80.47 -9.91
N ASP VA 229 -22.41 -79.31 -10.33
CA ASP VA 229 -23.29 -78.16 -10.48
C ASP VA 229 -24.16 -78.29 -11.72
N LEU VA 230 -23.66 -78.91 -12.77
CA LEU VA 230 -24.44 -79.09 -13.99
C LEU VA 230 -25.32 -80.34 -13.92
N HIS VA 231 -24.85 -81.40 -13.29
CA HIS VA 231 -25.55 -82.67 -13.22
C HIS VA 231 -25.95 -82.91 -11.77
N ARG VA 232 -27.14 -82.42 -11.41
CA ARG VA 232 -27.62 -82.58 -10.05
C ARG VA 232 -28.09 -84.00 -9.78
N SER VA 233 -28.44 -84.76 -10.81
CA SER VA 233 -28.82 -86.15 -10.62
C SER VA 233 -27.64 -86.96 -10.10
N ALA VA 234 -26.43 -86.67 -10.60
CA ALA VA 234 -25.26 -87.45 -10.23
C ALA VA 234 -24.72 -87.06 -8.87
N PHE VA 235 -24.86 -85.79 -8.48
CA PHE VA 235 -24.47 -85.38 -7.15
C PHE VA 235 -25.24 -86.14 -6.09
N LEU VA 236 -26.54 -86.32 -6.31
CA LEU VA 236 -27.36 -87.06 -5.35
C LEU VA 236 -26.93 -88.52 -5.28
N GLU VA 237 -26.82 -89.17 -6.44
CA GLU VA 237 -26.45 -90.58 -6.46
C GLU VA 237 -25.05 -90.80 -5.87
N HIS VA 238 -24.09 -89.97 -6.29
CA HIS VA 238 -22.74 -90.09 -5.76
C HIS VA 238 -22.67 -89.80 -4.28
N MET VA 239 -23.63 -89.06 -3.74
CA MET VA 239 -23.61 -88.68 -2.33
C MET VA 239 -24.29 -89.71 -1.44
N THR VA 240 -25.44 -90.25 -1.87
CA THR VA 240 -26.07 -91.32 -1.10
C THR VA 240 -25.17 -92.54 -1.01
N TYR VA 241 -24.45 -92.84 -2.09
CA TYR VA 241 -23.54 -93.98 -2.07
C TYR VA 241 -22.42 -93.75 -1.08
N PHE VA 242 -21.92 -92.51 -1.00
CA PHE VA 242 -20.82 -92.21 -0.10
C PHE VA 242 -21.24 -92.35 1.36
N LEU VA 243 -22.43 -91.86 1.69
CA LEU VA 243 -22.88 -91.93 3.07
C LEU VA 243 -23.17 -93.36 3.49
N VAL VA 244 -23.57 -94.21 2.55
CA VAL VA 244 -23.94 -95.58 2.86
C VAL VA 244 -22.74 -96.52 2.79
N ARG VA 245 -21.94 -96.38 1.73
CA ARG VA 245 -20.74 -97.20 1.61
C ARG VA 245 -19.74 -96.89 2.73
N THR VA 246 -19.70 -95.64 3.15
CA THR VA 246 -18.89 -95.21 4.29
C THR VA 246 -19.80 -94.38 5.19
N GLY VA 247 -20.12 -94.90 6.36
CA GLY VA 247 -20.90 -94.13 7.30
C GLY VA 247 -20.13 -92.87 7.65
N GLY VA 248 -20.56 -91.75 7.09
CA GLY VA 248 -19.73 -90.55 7.12
C GLY VA 248 -20.57 -89.31 6.97
N ASP VA 249 -19.89 -88.18 7.12
CA ASP VA 249 -20.51 -86.87 7.02
C ASP VA 249 -20.30 -86.30 5.62
N PHE VA 250 -21.24 -85.47 5.20
CA PHE VA 250 -21.11 -84.78 3.92
C PHE VA 250 -19.85 -83.93 3.87
N ARG VA 251 -19.33 -83.51 5.01
CA ARG VA 251 -18.16 -82.65 5.04
C ARG VA 251 -16.91 -83.37 4.53
N PHE VA 252 -16.92 -84.69 4.50
CA PHE VA 252 -15.81 -85.47 3.99
C PHE VA 252 -16.07 -86.01 2.59
N PHE VA 253 -17.01 -85.40 1.87
CA PHE VA 253 -17.35 -85.85 0.53
C PHE VA 253 -16.14 -85.73 -0.39
N PRO VA 254 -15.72 -86.81 -1.04
CA PRO VA 254 -14.49 -86.75 -1.84
C PRO VA 254 -14.64 -85.86 -3.07
N GLU VA 255 -13.50 -85.30 -3.49
CA GLU VA 255 -13.48 -84.45 -4.68
C GLU VA 255 -13.91 -85.24 -5.91
N MET VA 256 -13.25 -86.37 -6.17
CA MET VA 256 -13.58 -87.24 -7.28
C MET VA 256 -13.79 -88.65 -6.73
N PRO VA 257 -14.86 -89.33 -7.13
CA PRO VA 257 -15.13 -90.65 -6.56
C PRO VA 257 -14.24 -91.71 -7.19
N PRO VA 258 -14.14 -92.88 -6.57
CA PRO VA 258 -13.44 -94.00 -7.22
C PRO VA 258 -14.25 -94.69 -8.31
N TRP VA 259 -13.49 -95.24 -9.26
CA TRP VA 259 -14.09 -95.97 -10.37
C TRP VA 259 -14.82 -97.21 -9.88
N GLN VA 260 -14.37 -97.78 -8.76
CA GLN VA 260 -15.09 -98.90 -8.17
C GLN VA 260 -16.50 -98.48 -7.77
N TRP VA 261 -16.61 -97.35 -7.10
CA TRP VA 261 -17.90 -96.84 -6.70
C TRP VA 261 -18.77 -96.55 -7.92
N LEU VA 262 -18.18 -95.94 -8.95
CA LEU VA 262 -18.94 -95.63 -10.15
C LEU VA 262 -19.47 -96.90 -10.82
N ALA VA 263 -18.62 -97.91 -10.94
CA ALA VA 263 -19.04 -99.16 -11.57
C ALA VA 263 -20.14 -99.83 -10.76
N HIS VA 264 -20.01 -99.85 -9.43
CA HIS VA 264 -21.07 -100.39 -8.60
C HIS VA 264 -22.38 -99.65 -8.81
N MET VA 265 -22.30 -98.32 -8.92
CA MET VA 265 -23.50 -97.53 -9.18
C MET VA 265 -24.14 -97.93 -10.49
N GLU VA 266 -23.34 -98.13 -11.53
CA GLU VA 266 -23.89 -98.52 -12.82
C GLU VA 266 -24.53 -99.90 -12.76
N ASN VA 267 -23.94 -100.83 -12.01
CA ASN VA 267 -24.55 -102.15 -11.87
C ASN VA 267 -25.90 -102.06 -11.15
N LEU VA 268 -25.97 -101.27 -10.08
CA LEU VA 268 -27.23 -101.11 -9.38
C LEU VA 268 -28.26 -100.42 -10.27
N ARG VA 269 -27.82 -99.48 -11.10
CA ARG VA 269 -28.71 -98.86 -12.06
C ARG VA 269 -29.23 -99.89 -13.05
N PHE VA 270 -28.37 -100.81 -13.48
CA PHE VA 270 -28.83 -101.91 -14.32
C PHE VA 270 -29.96 -102.66 -13.65
N LYS VA 271 -29.74 -103.06 -12.40
CA LYS VA 271 -30.74 -103.84 -11.68
C LYS VA 271 -32.07 -103.10 -11.62
N LEU VA 272 -32.03 -101.85 -11.18
CA LEU VA 272 -33.26 -101.09 -10.99
C LEU VA 272 -33.97 -100.82 -12.31
N LEU VA 273 -33.24 -100.41 -13.34
CA LEU VA 273 -33.88 -100.12 -14.61
C LEU VA 273 -34.45 -101.38 -15.23
N SER VA 274 -33.75 -102.51 -15.10
CA SER VA 274 -34.31 -103.77 -15.56
C SER VA 274 -35.66 -104.04 -14.91
N VAL VA 275 -35.69 -104.02 -13.58
CA VAL VA 275 -36.92 -104.36 -12.87
C VAL VA 275 -38.04 -103.39 -13.25
N ALA VA 276 -37.74 -102.09 -13.24
CA ALA VA 276 -38.76 -101.09 -13.51
C ALA VA 276 -39.27 -101.20 -14.93
N GLN VA 277 -38.37 -101.40 -15.89
CA GLN VA 277 -38.77 -101.50 -17.29
C GLN VA 277 -39.65 -102.73 -17.50
N SER VA 278 -39.29 -103.86 -16.90
CA SER VA 278 -40.09 -105.05 -17.11
C SER VA 278 -41.47 -104.92 -16.46
N ARG VA 279 -41.51 -104.28 -15.29
CA ARG VA 279 -42.81 -104.00 -14.66
C ARG VA 279 -43.66 -103.10 -15.55
N ARG VA 280 -43.06 -102.03 -16.09
CA ARG VA 280 -43.81 -101.12 -16.92
C ARG VA 280 -44.32 -101.84 -18.16
N SER VA 281 -43.44 -102.63 -18.80
CA SER VA 281 -43.81 -103.39 -19.99
C SER VA 281 -45.00 -104.27 -19.71
N GLN VA 282 -45.01 -104.93 -18.55
CA GLN VA 282 -46.11 -105.83 -18.21
C GLN VA 282 -47.40 -105.04 -17.97
N LEU VA 283 -47.40 -104.13 -17.00
CA LEU VA 283 -48.67 -103.60 -16.51
C LEU VA 283 -49.08 -102.28 -17.14
N GLN VA 284 -48.14 -101.37 -17.45
CA GLN VA 284 -48.51 -100.01 -17.82
C GLN VA 284 -49.14 -99.92 -19.20
N LEU VA 285 -48.92 -100.92 -20.07
CA LEU VA 285 -49.39 -100.85 -21.44
C LEU VA 285 -50.61 -101.72 -21.70
N ALA VA 286 -50.84 -102.76 -20.91
CA ALA VA 286 -52.11 -103.48 -20.98
C ALA VA 286 -53.29 -102.58 -20.64
N ASN VA 287 -53.05 -101.47 -19.94
CA ASN VA 287 -54.08 -100.44 -19.82
C ASN VA 287 -54.65 -100.06 -21.17
N LEU VA 288 -53.79 -99.94 -22.18
CA LEU VA 288 -54.17 -99.41 -23.49
C LEU VA 288 -53.32 -100.06 -24.58
N HIS VA 304 -40.21 -84.26 -15.24
CA HIS VA 304 -39.45 -83.64 -14.16
C HIS VA 304 -39.17 -84.65 -13.05
N GLY VA 305 -37.96 -85.19 -13.04
CA GLY VA 305 -37.57 -86.13 -12.00
C GLY VA 305 -37.08 -85.49 -10.73
N GLU VA 306 -36.58 -84.25 -10.79
CA GLU VA 306 -36.06 -83.60 -9.60
C GLU VA 306 -37.15 -83.38 -8.57
N GLU VA 307 -38.30 -82.86 -8.99
CA GLU VA 307 -39.40 -82.62 -8.07
C GLU VA 307 -39.91 -83.93 -7.48
N TYR VA 308 -40.01 -84.96 -8.30
CA TYR VA 308 -40.50 -86.25 -7.81
C TYR VA 308 -39.55 -86.84 -6.78
N THR VA 309 -38.24 -86.78 -7.06
CA THR VA 309 -37.26 -87.28 -6.10
C THR VA 309 -37.31 -86.49 -4.80
N GLN VA 310 -37.43 -85.17 -4.91
CA GLN VA 310 -37.51 -84.33 -3.71
C GLN VA 310 -38.72 -84.70 -2.87
N LYS VA 311 -39.88 -84.85 -3.52
CA LYS VA 311 -41.10 -85.23 -2.81
C LYS VA 311 -40.94 -86.59 -2.14
N PHE VA 312 -40.40 -87.55 -2.88
CA PHE VA 312 -40.22 -88.89 -2.35
C PHE VA 312 -39.34 -88.87 -1.11
N LEU VA 313 -38.20 -88.19 -1.19
CA LEU VA 313 -37.28 -88.19 -0.05
C LEU VA 313 -37.85 -87.45 1.14
N GLN VA 314 -38.53 -86.32 0.89
CA GLN VA 314 -39.16 -85.59 1.98
C GLN VA 314 -40.21 -86.45 2.69
N TYR VA 315 -41.09 -87.07 1.91
CA TYR VA 315 -42.11 -87.93 2.50
C TYR VA 315 -41.48 -89.08 3.27
N GLU VA 316 -40.40 -89.65 2.75
CA GLU VA 316 -39.80 -90.80 3.40
C GLU VA 316 -39.15 -90.41 4.73
N THR VA 317 -38.42 -89.29 4.75
CA THR VA 317 -37.81 -88.88 6.00
C THR VA 317 -38.87 -88.47 7.02
N GLU VA 318 -39.95 -87.84 6.56
CA GLU VA 318 -41.05 -87.54 7.47
C GLU VA 318 -41.64 -88.81 8.05
N LEU VA 319 -41.83 -89.84 7.22
CA LEU VA 319 -42.38 -91.10 7.68
C LEU VA 319 -41.48 -91.73 8.74
N PHE VA 320 -40.19 -91.81 8.46
CA PHE VA 320 -39.28 -92.46 9.40
C PHE VA 320 -39.17 -91.65 10.70
N GLN VA 321 -39.20 -90.32 10.60
CA GLN VA 321 -39.23 -89.50 11.79
C GLN VA 321 -40.47 -89.78 12.63
N ALA VA 322 -41.62 -89.90 11.97
CA ALA VA 322 -42.85 -90.18 12.70
C ALA VA 322 -42.80 -91.55 13.38
N CYS VA 323 -42.28 -92.56 12.68
CA CYS VA 323 -42.13 -93.87 13.29
C CYS VA 323 -41.20 -93.82 14.49
N ALA VA 324 -40.08 -93.09 14.36
CA ALA VA 324 -39.14 -93.00 15.49
C ALA VA 324 -39.79 -92.30 16.67
N ALA VA 325 -40.59 -91.26 16.42
CA ALA VA 325 -41.28 -90.59 17.52
C ALA VA 325 -42.29 -91.52 18.16
N ARG VA 326 -43.05 -92.25 17.35
CA ARG VA 326 -44.02 -93.20 17.88
C ARG VA 326 -43.35 -94.23 18.78
N LEU VA 327 -42.18 -94.73 18.37
CA LEU VA 327 -41.50 -95.74 19.18
C LEU VA 327 -40.87 -95.12 20.42
N MET VA 328 -40.34 -93.91 20.30
CA MET VA 328 -39.77 -93.25 21.47
C MET VA 328 -40.84 -92.93 22.49
N GLY VA 329 -42.09 -92.77 22.05
CA GLY VA 329 -43.19 -92.61 22.98
C GLY VA 329 -43.26 -93.72 24.01
N HIS VA 330 -42.90 -94.94 23.62
CA HIS VA 330 -42.95 -96.09 24.51
C HIS VA 330 -41.58 -96.73 24.71
N PHE VA 331 -40.51 -96.01 24.37
CA PHE VA 331 -39.15 -96.46 24.65
C PHE VA 331 -38.83 -97.74 23.88
N MET VA 332 -39.29 -97.80 22.64
CA MET VA 332 -39.04 -98.93 21.76
C MET VA 332 -38.23 -98.55 20.54
N PHE VA 333 -37.65 -97.34 20.53
CA PHE VA 333 -37.05 -96.82 19.31
C PHE VA 333 -35.73 -97.53 19.01
N LEU VA 334 -34.74 -97.35 19.89
CA LEU VA 334 -33.45 -98.02 19.77
C LEU VA 334 -33.12 -98.63 21.12
N CYS VA 335 -33.65 -99.83 21.34
CA CYS VA 335 -33.42 -100.60 22.57
C CYS VA 335 -32.76 -101.91 22.15
N ASP VA 336 -31.46 -102.00 22.36
CA ASP VA 336 -30.69 -103.22 22.18
C ASP VA 336 -29.67 -103.31 23.31
N PRO VA 337 -29.33 -104.51 23.76
CA PRO VA 337 -29.74 -105.86 23.30
C PRO VA 337 -31.18 -106.23 23.62
N PHE VA 338 -31.92 -105.34 24.27
CA PHE VA 338 -33.34 -105.58 24.47
C PHE VA 338 -34.08 -105.71 23.15
N ILE VA 339 -35.24 -106.35 23.21
CA ILE VA 339 -36.12 -106.47 22.05
C ILE VA 339 -37.55 -106.20 22.52
N PRO VA 340 -38.26 -105.22 21.95
CA PRO VA 340 -39.60 -104.92 22.45
C PRO VA 340 -40.63 -105.87 21.88
N VAL VA 341 -41.70 -106.07 22.65
CA VAL VA 341 -42.76 -107.01 22.31
C VAL VA 341 -44.09 -106.41 22.71
N GLN VA 342 -45.07 -106.49 21.81
CA GLN VA 342 -46.42 -106.00 22.05
C GLN VA 342 -47.47 -107.09 21.84
N SER VA 343 -47.06 -108.35 21.80
CA SER VA 343 -47.98 -109.44 21.51
C SER VA 343 -47.30 -110.77 21.80
N ALA VA 344 -48.12 -111.76 22.17
CA ALA VA 344 -47.59 -113.08 22.48
C ALA VA 344 -46.98 -113.75 21.25
N GLU VA 345 -47.54 -113.48 20.06
CA GLU VA 345 -46.95 -113.99 18.83
C GLU VA 345 -45.52 -113.50 18.66
N ALA VA 346 -45.31 -112.19 18.79
CA ALA VA 346 -43.97 -111.64 18.72
C ALA VA 346 -43.10 -112.15 19.85
N LEU VA 347 -43.69 -112.38 21.03
CA LEU VA 347 -42.92 -112.94 22.14
C LEU VA 347 -42.35 -114.30 21.76
N SER VA 348 -43.20 -115.18 21.25
CA SER VA 348 -42.73 -116.50 20.81
C SER VA 348 -41.70 -116.37 19.70
N ALA VA 349 -41.95 -115.46 18.75
CA ALA VA 349 -41.06 -115.32 17.61
C ALA VA 349 -39.66 -114.90 18.04
N VAL VA 350 -39.57 -113.94 18.96
CA VAL VA 350 -38.26 -113.46 19.39
C VAL VA 350 -37.66 -114.33 20.48
N THR VA 351 -38.47 -115.17 21.13
CA THR VA 351 -37.92 -116.18 22.03
C THR VA 351 -37.32 -117.33 21.25
N ARG VA 352 -37.84 -117.60 20.06
CA ARG VA 352 -37.24 -118.61 19.19
C ARG VA 352 -35.81 -118.25 18.80
N VAL VA 353 -35.46 -116.97 18.88
CA VAL VA 353 -34.07 -116.55 18.62
C VAL VA 353 -33.13 -117.25 19.59
N ASP VA 354 -33.33 -117.05 20.88
CA ASP VA 354 -32.49 -117.63 21.91
C ASP VA 354 -32.95 -119.02 22.33
N ASN VA 355 -33.96 -119.57 21.67
CA ASN VA 355 -34.45 -120.92 21.95
C ASN VA 355 -35.00 -121.01 23.37
N GLY VA 356 -35.74 -119.98 23.78
CA GLY VA 356 -36.39 -119.95 25.07
C GLY VA 356 -35.53 -119.43 26.20
N LYS VA 357 -34.23 -119.32 26.01
CA LYS VA 357 -33.35 -118.78 27.04
C LYS VA 357 -33.60 -117.29 27.21
N GLY VA 358 -32.85 -116.68 28.13
CA GLY VA 358 -32.95 -115.25 28.35
C GLY VA 358 -34.06 -114.87 29.31
N LYS VA 359 -34.24 -113.56 29.45
CA LYS VA 359 -35.15 -112.99 30.43
C LYS VA 359 -36.13 -112.05 29.75
N LEU VA 360 -37.09 -111.57 30.55
CA LEU VA 360 -38.07 -110.59 30.09
C LEU VA 360 -38.28 -109.55 31.17
N PHE VA 361 -38.36 -108.29 30.74
CA PHE VA 361 -38.40 -107.14 31.63
C PHE VA 361 -39.62 -106.29 31.30
N SER VA 362 -40.05 -105.52 32.29
CA SER VA 362 -41.30 -104.77 32.22
C SER VA 362 -41.11 -103.40 32.84
N LEU VA 363 -41.94 -102.45 32.41
CA LEU VA 363 -42.07 -101.15 33.04
C LEU VA 363 -43.55 -100.83 33.17
N GLY VA 364 -43.92 -100.16 34.26
CA GLY VA 364 -45.28 -100.23 34.75
C GLY VA 364 -46.28 -99.26 34.15
N ASP VA 365 -47.02 -99.75 33.15
CA ASP VA 365 -48.28 -99.18 32.70
C ASP VA 365 -48.15 -97.81 32.03
N ASP VA 366 -46.96 -97.22 32.04
CA ASP VA 366 -46.66 -96.14 31.12
C ASP VA 366 -45.96 -96.65 29.87
N VAL VA 367 -45.11 -97.66 30.04
CA VAL VA 367 -44.54 -98.39 28.92
C VAL VA 367 -45.53 -99.46 28.47
N ASN VA 368 -46.00 -99.35 27.22
CA ASN VA 368 -47.04 -100.21 26.69
C ASN VA 368 -46.45 -101.36 25.89
N ALA VA 369 -45.33 -101.91 26.36
CA ALA VA 369 -44.68 -103.05 25.74
C ALA VA 369 -43.73 -103.67 26.75
N LEU VA 370 -43.30 -104.90 26.46
CA LEU VA 370 -42.42 -105.64 27.35
C LEU VA 370 -41.18 -106.07 26.59
N PHE VA 371 -40.03 -105.96 27.24
CA PHE VA 371 -38.75 -106.14 26.57
C PHE VA 371 -38.19 -107.53 26.89
N TYR VA 372 -37.39 -108.04 25.97
CA TYR VA 372 -36.81 -109.37 26.09
C TYR VA 372 -35.31 -109.28 25.93
N LEU VA 373 -34.58 -109.88 26.86
CA LEU VA 373 -33.12 -109.95 26.80
C LEU VA 373 -32.70 -111.36 26.40
N PRO VA 374 -32.10 -111.55 25.24
CA PRO VA 374 -31.47 -112.84 24.94
C PRO VA 374 -30.19 -113.06 25.74
N GLU VA 375 -29.50 -114.16 25.46
CA GLU VA 375 -28.26 -114.47 26.15
C GLU VA 375 -27.09 -113.74 25.50
N GLN VA 376 -26.07 -113.46 26.31
CA GLN VA 376 -25.01 -112.56 25.88
C GLN VA 376 -24.33 -113.05 24.61
N GLN VA 377 -24.23 -114.36 24.43
CA GLN VA 377 -23.67 -114.89 23.18
C GLN VA 377 -24.55 -114.62 21.97
N ARG VA 378 -25.85 -114.39 22.18
CA ARG VA 378 -26.80 -114.16 21.10
C ARG VA 378 -27.37 -112.75 21.15
N ARG VA 379 -26.64 -111.80 21.73
CA ARG VA 379 -27.01 -110.40 21.70
C ARG VA 379 -26.43 -109.66 20.49
N ASP VA 380 -26.13 -110.38 19.42
CA ASP VA 380 -25.49 -109.80 18.25
C ASP VA 380 -26.51 -109.10 17.36
N VAL VA 381 -26.01 -108.22 16.50
CA VAL VA 381 -26.80 -107.63 15.43
C VAL VA 381 -26.67 -108.50 14.19
N GLU VA 382 -27.69 -108.47 13.35
CA GLU VA 382 -27.76 -109.29 12.16
C GLU VA 382 -27.40 -108.48 10.93
N ARG VA 383 -27.02 -109.18 9.87
CA ARG VA 383 -26.65 -108.54 8.63
C ARG VA 383 -27.88 -107.90 7.98
N PRO VA 384 -27.69 -106.83 7.21
CA PRO VA 384 -28.84 -106.12 6.67
C PRO VA 384 -29.60 -106.91 5.62
N THR VA 385 -28.91 -107.77 4.85
CA THR VA 385 -29.62 -108.61 3.91
C THR VA 385 -30.54 -109.58 4.64
N GLN VA 386 -30.05 -110.19 5.72
CA GLN VA 386 -30.90 -111.03 6.54
C GLN VA 386 -32.06 -110.24 7.12
N ALA VA 387 -31.81 -109.00 7.54
CA ALA VA 387 -32.87 -108.16 8.08
C ALA VA 387 -33.97 -107.94 7.04
N VAL VA 388 -33.57 -107.58 5.83
CA VAL VA 388 -34.53 -107.33 4.76
C VAL VA 388 -35.30 -108.60 4.42
N GLN VA 389 -34.60 -109.74 4.36
CA GLN VA 389 -35.28 -110.99 4.07
C GLN VA 389 -36.30 -111.32 5.14
N THR VA 390 -35.94 -111.14 6.42
CA THR VA 390 -36.87 -111.38 7.51
C THR VA 390 -38.09 -110.47 7.39
N LEU VA 391 -37.86 -109.17 7.18
CA LEU VA 391 -38.97 -108.23 7.04
C LEU VA 391 -39.90 -108.64 5.92
N LEU VA 392 -39.34 -108.89 4.73
CA LEU VA 392 -40.18 -109.21 3.58
C LEU VA 392 -40.93 -110.51 3.79
N GLY VA 393 -40.25 -111.53 4.34
CA GLY VA 393 -40.92 -112.79 4.60
C GLY VA 393 -42.10 -112.63 5.56
N HIS VA 394 -41.90 -111.85 6.63
CA HIS VA 394 -43.00 -111.56 7.54
C HIS VA 394 -44.13 -110.84 6.81
N LEU VA 395 -43.79 -109.90 5.93
CA LEU VA 395 -44.83 -109.12 5.26
C LEU VA 395 -45.63 -110.00 4.30
N GLU VA 396 -44.97 -110.91 3.58
CA GLU VA 396 -45.71 -111.78 2.69
C GLU VA 396 -46.48 -112.86 3.46
N ALA VA 397 -45.96 -113.27 4.62
CA ALA VA 397 -46.72 -114.20 5.45
C ALA VA 397 -48.00 -113.55 5.96
N THR VA 398 -47.93 -112.26 6.30
CA THR VA 398 -49.13 -111.53 6.69
C THR VA 398 -50.00 -111.14 5.51
N GLY VA 399 -49.43 -111.10 4.30
CA GLY VA 399 -50.18 -110.77 3.11
C GLY VA 399 -50.20 -109.28 2.82
N ARG VA 400 -49.04 -108.63 2.94
CA ARG VA 400 -48.91 -107.20 2.68
C ARG VA 400 -47.55 -106.93 2.05
N PRO VA 401 -47.34 -107.40 0.83
CA PRO VA 401 -46.03 -107.24 0.20
C PRO VA 401 -45.80 -105.81 -0.28
N PHE VA 402 -44.56 -105.35 -0.15
CA PHE VA 402 -44.15 -104.09 -0.74
C PHE VA 402 -44.18 -104.18 -2.27
N ASN VA 403 -44.06 -103.02 -2.90
CA ASN VA 403 -43.94 -102.97 -4.33
C ASN VA 403 -42.53 -103.42 -4.74
N PRO VA 404 -42.38 -103.93 -5.98
CA PRO VA 404 -41.08 -104.49 -6.36
C PRO VA 404 -39.99 -103.44 -6.44
N CYS VA 405 -40.32 -102.23 -6.89
CA CYS VA 405 -39.34 -101.15 -6.94
C CYS VA 405 -38.81 -100.85 -5.54
N TYR VA 406 -39.71 -100.74 -4.56
CA TYR VA 406 -39.29 -100.47 -3.20
C TYR VA 406 -38.47 -101.63 -2.64
N SER VA 407 -38.86 -102.86 -2.96
CA SER VA 407 -38.10 -104.01 -2.48
C SER VA 407 -36.69 -103.99 -3.05
N GLU VA 408 -36.55 -103.66 -4.34
CA GLU VA 408 -35.22 -103.55 -4.93
C GLU VA 408 -34.42 -102.43 -4.28
N LEU VA 409 -35.09 -101.31 -3.96
CA LEU VA 409 -34.41 -100.23 -3.25
C LEU VA 409 -33.86 -100.71 -1.92
N LEU VA 410 -34.68 -101.45 -1.15
CA LEU VA 410 -34.21 -102.01 0.11
C LEU VA 410 -33.03 -102.95 -0.12
N HIS VA 411 -33.10 -103.77 -1.16
CA HIS VA 411 -32.04 -104.74 -1.40
C HIS VA 411 -30.73 -104.06 -1.75
N VAL VA 412 -30.78 -103.00 -2.56
CA VAL VA 412 -29.56 -102.28 -2.90
C VAL VA 412 -29.00 -101.56 -1.69
N HIS VA 413 -29.87 -100.99 -0.86
CA HIS VA 413 -29.41 -100.37 0.38
C HIS VA 413 -28.68 -101.38 1.25
N ALA VA 414 -29.26 -102.58 1.38
CA ALA VA 414 -28.62 -103.64 2.15
C ALA VA 414 -27.29 -104.05 1.53
N GLU VA 415 -27.20 -104.04 0.21
CA GLU VA 415 -25.97 -104.42 -0.46
C GLU VA 415 -24.86 -103.41 -0.17
N VAL VA 416 -25.15 -102.13 -0.35
CA VAL VA 416 -24.13 -101.13 -0.09
C VAL VA 416 -23.78 -101.07 1.38
N LEU VA 417 -24.71 -101.48 2.26
CA LEU VA 417 -24.35 -101.59 3.67
C LEU VA 417 -23.45 -102.80 3.93
N GLU VA 418 -23.69 -103.89 3.20
CA GLU VA 418 -22.81 -105.05 3.30
C GLU VA 418 -21.40 -104.72 2.83
N GLU VA 419 -21.29 -103.78 1.91
CA GLU VA 419 -19.96 -103.36 1.44
C GLU VA 419 -19.11 -102.79 2.56
N ARG VA 420 -19.71 -102.39 3.69
CA ARG VA 420 -18.92 -101.86 4.79
C ARG VA 420 -18.06 -102.94 5.43
N GLY VA 421 -18.57 -104.17 5.49
CA GLY VA 421 -17.78 -105.30 5.94
C GLY VA 421 -18.26 -105.90 7.25
N GLU VA 422 -17.33 -106.40 8.05
CA GLU VA 422 -17.68 -107.06 9.30
C GLU VA 422 -18.43 -106.12 10.23
N HIS VA 423 -17.78 -105.03 10.63
CA HIS VA 423 -18.39 -104.04 11.52
C HIS VA 423 -19.07 -102.99 10.66
N TRP VA 424 -20.35 -103.23 10.37
CA TRP VA 424 -21.12 -102.36 9.48
C TRP VA 424 -21.92 -101.30 10.23
N LEU VA 425 -22.24 -101.54 11.48
CA LEU VA 425 -22.99 -100.56 12.27
C LEU VA 425 -22.35 -100.28 13.61
N THR VA 426 -21.77 -101.28 14.27
CA THR VA 426 -21.34 -101.15 15.64
C THR VA 426 -19.93 -101.70 15.81
N ALA VA 427 -19.24 -101.16 16.79
CA ALA VA 427 -17.96 -101.69 17.22
C ALA VA 427 -18.19 -102.90 18.11
N PRO VA 428 -17.14 -103.58 18.53
CA PRO VA 428 -17.32 -104.77 19.37
C PRO VA 428 -18.05 -104.48 20.66
N GLY VA 429 -17.54 -103.57 21.48
CA GLY VA 429 -18.13 -103.33 22.78
C GLY VA 429 -19.18 -102.23 22.77
N GLU VA 430 -19.82 -102.02 21.62
CA GLU VA 430 -20.71 -100.90 21.41
C GLU VA 430 -22.16 -101.38 21.28
N CYS VA 431 -23.08 -100.51 21.64
CA CYS VA 431 -24.51 -100.74 21.49
C CYS VA 431 -25.07 -99.84 20.40
N VAL VA 432 -26.28 -100.17 19.95
CA VAL VA 432 -26.86 -99.48 18.81
C VAL VA 432 -27.19 -98.03 19.15
N SER VA 433 -27.61 -97.78 20.38
CA SER VA 433 -27.87 -96.40 20.79
C SER VA 433 -26.60 -95.57 20.78
N GLN VA 434 -25.50 -96.16 21.27
CA GLN VA 434 -24.22 -95.45 21.24
C GLN VA 434 -23.76 -95.21 19.81
N ALA VA 435 -24.00 -96.18 18.93
CA ALA VA 435 -23.64 -95.99 17.52
C ALA VA 435 -24.47 -94.88 16.89
N PHE VA 436 -25.75 -94.82 17.22
CA PHE VA 436 -26.62 -93.77 16.68
C PHE VA 436 -26.14 -92.40 17.16
N LEU VA 437 -25.86 -92.27 18.45
CA LEU VA 437 -25.40 -91.00 18.98
C LEU VA 437 -24.03 -90.63 18.43
N ARG VA 438 -23.21 -91.63 18.12
CA ARG VA 438 -21.91 -91.38 17.52
C ARG VA 438 -22.07 -90.83 16.11
N ARG VA 439 -22.81 -91.53 15.27
CA ARG VA 439 -22.97 -91.14 13.88
C ARG VA 439 -23.92 -89.96 13.70
N LEU VA 440 -24.59 -89.53 14.76
CA LEU VA 440 -25.57 -88.46 14.64
C LEU VA 440 -24.88 -87.13 14.38
N ARG VA 441 -25.38 -86.40 13.39
CA ARG VA 441 -24.87 -85.07 13.10
C ARG VA 441 -25.09 -84.14 14.28
N THR VA 442 -24.02 -83.44 14.68
CA THR VA 442 -24.11 -82.57 15.84
C THR VA 442 -24.83 -81.27 15.52
N ASP VA 443 -24.79 -80.84 14.27
CA ASP VA 443 -25.57 -79.69 13.81
C ASP VA 443 -27.05 -80.01 13.67
N ASP VA 444 -27.44 -81.25 13.92
CA ASP VA 444 -28.83 -81.63 13.71
C ASP VA 444 -29.72 -80.91 14.72
N PRO VA 445 -30.88 -80.42 14.31
CA PRO VA 445 -31.80 -79.82 15.30
C PRO VA 445 -32.27 -80.80 16.36
N ALA VA 446 -32.45 -82.07 16.00
CA ALA VA 446 -32.99 -83.07 16.92
C ALA VA 446 -31.94 -83.67 17.82
N TYR VA 447 -30.73 -83.10 17.86
CA TYR VA 447 -29.66 -83.67 18.67
C TYR VA 447 -30.06 -83.70 20.14
N GLU VA 448 -30.54 -82.58 20.66
CA GLU VA 448 -30.96 -82.53 22.06
C GLU VA 448 -32.18 -83.40 22.32
N VAL VA 449 -33.06 -83.55 21.33
CA VAL VA 449 -34.22 -84.39 21.51
C VAL VA 449 -33.81 -85.84 21.68
N TYR VA 450 -32.92 -86.31 20.80
CA TYR VA 450 -32.44 -87.68 20.90
C TYR VA 450 -31.65 -87.89 22.19
N CYS VA 451 -30.85 -86.90 22.59
CA CYS VA 451 -30.09 -87.04 23.83
C CYS VA 451 -31.03 -87.14 25.03
N SER VA 452 -32.06 -86.30 25.07
CA SER VA 452 -33.10 -86.41 26.09
C SER VA 452 -33.69 -87.80 26.13
N TYR VA 453 -34.12 -88.30 24.96
CA TYR VA 453 -34.76 -89.61 24.92
C TYR VA 453 -33.82 -90.69 25.46
N PHE VA 454 -32.57 -90.67 25.01
CA PHE VA 454 -31.66 -91.75 25.40
C PHE VA 454 -31.29 -91.65 26.87
N LYS VA 455 -31.20 -90.43 27.41
CA LYS VA 455 -31.00 -90.26 28.84
C LYS VA 455 -32.14 -90.90 29.62
N GLU VA 456 -33.38 -90.55 29.25
CA GLU VA 456 -34.54 -91.11 29.94
C GLU VA 456 -34.58 -92.62 29.80
N MET VA 457 -34.27 -93.13 28.62
CA MET VA 457 -34.32 -94.56 28.39
C MET VA 457 -33.28 -95.28 29.22
N TYR VA 458 -32.08 -94.72 29.32
CA TYR VA 458 -31.04 -95.33 30.14
C TYR VA 458 -31.45 -95.35 31.59
N GLU VA 459 -31.92 -94.22 32.11
CA GLU VA 459 -32.26 -94.16 33.53
C GLU VA 459 -33.50 -94.98 33.86
N ARG VA 460 -34.33 -95.30 32.87
CA ARG VA 460 -35.46 -96.20 33.12
C ARG VA 460 -35.02 -97.67 33.05
N PHE VA 461 -34.27 -98.04 32.01
CA PHE VA 461 -33.82 -99.41 31.86
C PHE VA 461 -32.85 -99.81 32.97
N ALA VA 462 -32.18 -98.85 33.61
CA ALA VA 462 -31.34 -99.19 34.75
C ALA VA 462 -32.18 -99.80 35.87
N GLY VA 463 -33.37 -99.26 36.11
CA GLY VA 463 -34.24 -99.70 37.17
C GLY VA 463 -35.42 -100.53 36.74
N ALA VA 464 -35.48 -100.94 35.48
CA ALA VA 464 -36.57 -101.81 35.03
C ALA VA 464 -36.58 -103.10 35.82
N LYS VA 465 -37.78 -103.59 36.09
CA LYS VA 465 -37.99 -104.82 36.85
C LYS VA 465 -38.06 -106.03 35.94
N GLU VA 466 -37.67 -107.18 36.48
CA GLU VA 466 -37.75 -108.44 35.77
C GLU VA 466 -39.13 -109.06 35.93
N VAL VA 467 -39.62 -109.68 34.87
CA VAL VA 467 -40.94 -110.31 34.85
C VAL VA 467 -40.87 -111.57 34.02
N SER VA 468 -41.32 -112.69 34.59
CA SER VA 468 -41.19 -113.98 33.95
C SER VA 468 -42.19 -114.11 32.81
N MET VA 469 -42.30 -115.30 32.24
CA MET VA 469 -42.95 -115.46 30.94
C MET VA 469 -44.45 -115.29 31.04
N GLU VA 470 -45.11 -116.14 31.84
CA GLU VA 470 -46.57 -116.18 31.85
C GLU VA 470 -47.19 -114.93 32.46
N ASP VA 471 -46.44 -114.20 33.28
CA ASP VA 471 -46.92 -112.93 33.79
C ASP VA 471 -47.15 -111.91 32.69
N GLY VA 472 -46.51 -112.09 31.53
CA GLY VA 472 -46.57 -111.11 30.46
C GLY VA 472 -47.71 -111.33 29.48
N ARG VA 473 -47.98 -112.60 29.15
CA ARG VA 473 -48.96 -112.90 28.11
C ARG VA 473 -50.32 -112.30 28.44
N LYS VA 474 -50.81 -112.56 29.66
CA LYS VA 474 -52.03 -111.90 30.11
C LYS VA 474 -51.89 -110.39 30.05
N ARG VA 475 -50.70 -109.87 30.33
CA ARG VA 475 -50.44 -108.45 30.15
C ARG VA 475 -50.34 -108.09 28.68
N LEU VA 476 -49.77 -108.99 27.87
CA LEU VA 476 -49.60 -108.70 26.45
C LEU VA 476 -50.94 -108.59 25.73
N ALA VA 477 -51.98 -109.24 26.25
CA ALA VA 477 -53.30 -109.10 25.65
C ALA VA 477 -53.80 -107.66 25.75
N THR VA 478 -53.82 -107.11 26.96
CA THR VA 478 -54.26 -105.73 27.12
C THR VA 478 -53.29 -104.76 26.44
N ILE VA 479 -52.01 -105.09 26.40
CA ILE VA 479 -51.07 -104.27 25.65
C ILE VA 479 -51.45 -104.25 24.18
N GLU VA 480 -51.80 -105.40 23.62
CA GLU VA 480 -52.25 -105.45 22.23
C GLU VA 480 -53.50 -104.59 22.04
N LYS VA 481 -54.44 -104.67 22.98
CA LYS VA 481 -55.67 -103.90 22.88
C LYS VA 481 -55.39 -102.41 22.83
N ASN VA 482 -54.75 -101.88 23.87
CA ASN VA 482 -54.48 -100.45 23.90
C ASN VA 482 -53.50 -100.03 22.83
N ALA VA 483 -52.68 -100.95 22.31
CA ALA VA 483 -51.76 -100.61 21.24
C ALA VA 483 -52.48 -100.45 19.92
N GLN VA 484 -53.45 -101.33 19.63
CA GLN VA 484 -54.26 -101.13 18.43
C GLN VA 484 -55.12 -99.88 18.56
N GLU VA 485 -55.58 -99.57 19.77
CA GLU VA 485 -56.31 -98.32 19.97
C GLU VA 485 -55.43 -97.11 19.68
N GLU VA 486 -54.18 -97.14 20.16
CA GLU VA 486 -53.25 -96.05 19.89
C GLU VA 486 -52.92 -95.97 18.41
N ALA VA 487 -52.79 -97.12 17.74
CA ALA VA 487 -52.52 -97.11 16.31
C ALA VA 487 -53.68 -96.55 15.52
N ALA VA 488 -54.92 -96.79 15.97
CA ALA VA 488 -56.06 -96.13 15.35
C ALA VA 488 -56.01 -94.63 15.59
N ALA VA 489 -55.66 -94.21 16.80
CA ALA VA 489 -55.55 -92.78 17.09
C ALA VA 489 -54.44 -92.12 16.27
N TYR VA 490 -53.42 -92.90 15.89
CA TYR VA 490 -52.26 -92.37 15.19
C TYR VA 490 -52.66 -91.70 13.88
N GLY VA 491 -53.62 -92.28 13.16
CA GLY VA 491 -54.03 -91.70 11.89
C GLY VA 491 -54.58 -90.29 12.05
N LEU VA 492 -55.38 -90.07 13.09
CA LEU VA 492 -55.87 -88.73 13.38
C LEU VA 492 -54.75 -87.85 13.90
N ALA VA 493 -53.83 -88.43 14.68
CA ALA VA 493 -52.74 -87.66 15.25
C ALA VA 493 -51.80 -87.12 14.17
N LEU VA 494 -51.74 -87.80 13.02
CA LEU VA 494 -50.93 -87.29 11.92
C LEU VA 494 -51.53 -86.03 11.32
N LYS VA 495 -52.86 -85.92 11.31
CA LYS VA 495 -53.49 -84.67 10.89
C LYS VA 495 -53.18 -83.52 11.84
N THR VA 496 -52.82 -83.83 13.09
CA THR VA 496 -52.56 -82.78 14.07
C THR VA 496 -51.34 -81.97 13.67
N MET VA 497 -50.21 -82.64 13.45
CA MET VA 497 -48.93 -81.97 13.20
C MET VA 497 -48.19 -82.51 11.99
N GLY VA 498 -48.52 -83.70 11.50
CA GLY VA 498 -47.89 -84.20 10.30
C GLY VA 498 -48.19 -83.33 9.09
N SER VA 499 -47.36 -83.49 8.07
CA SER VA 499 -47.47 -82.66 6.88
C SER VA 499 -48.68 -83.05 6.05
N ALA VA 500 -49.00 -82.20 5.06
CA ALA VA 500 -50.14 -82.48 4.19
C ALA VA 500 -49.95 -83.76 3.41
N GLU VA 501 -48.70 -84.10 3.09
CA GLU VA 501 -48.43 -85.36 2.39
C GLU VA 501 -48.84 -86.55 3.27
N LEU VA 502 -48.35 -86.57 4.51
CA LEU VA 502 -48.73 -87.65 5.43
C LEU VA 502 -50.24 -87.68 5.63
N ALA VA 503 -50.87 -86.53 5.73
CA ALA VA 503 -52.31 -86.49 5.96
C ALA VA 503 -53.07 -87.09 4.78
N HIS VA 504 -52.76 -86.61 3.57
CA HIS VA 504 -53.45 -87.10 2.38
C HIS VA 504 -53.16 -88.58 2.14
N LYS VA 505 -51.98 -89.06 2.53
CA LYS VA 505 -51.68 -90.47 2.35
C LYS VA 505 -52.33 -91.34 3.42
N ALA VA 506 -52.61 -90.77 4.59
CA ALA VA 506 -53.42 -91.46 5.57
C ALA VA 506 -54.88 -91.51 5.15
N ARG VA 507 -55.37 -90.46 4.49
CA ARG VA 507 -56.71 -90.47 3.94
C ARG VA 507 -56.75 -91.24 2.62
N SER WA 57 -66.45 -25.97 40.33
CA SER WA 57 -66.83 -25.39 39.06
C SER WA 57 -66.36 -23.93 38.99
N VAL WA 58 -66.41 -23.24 40.12
CA VAL WA 58 -66.04 -21.83 40.16
C VAL WA 58 -64.52 -21.67 40.17
N LYS WA 59 -63.86 -22.24 41.17
CA LYS WA 59 -62.41 -22.22 41.18
C LYS WA 59 -61.86 -22.95 39.97
N PHE WA 60 -62.55 -24.01 39.55
CA PHE WA 60 -62.18 -24.75 38.35
C PHE WA 60 -62.11 -23.81 37.14
N MET WA 61 -63.22 -23.15 36.84
CA MET WA 61 -63.25 -22.26 35.69
C MET WA 61 -62.24 -21.12 35.84
N ASP WA 62 -62.16 -20.54 37.03
CA ASP WA 62 -61.29 -19.39 37.23
C ASP WA 62 -59.82 -19.77 37.00
N GLN WA 63 -59.37 -20.88 37.59
CA GLN WA 63 -57.98 -21.26 37.47
C GLN WA 63 -57.65 -21.72 36.05
N LYS WA 64 -58.58 -22.43 35.40
CA LYS WA 64 -58.35 -22.81 34.01
C LYS WA 64 -58.20 -21.58 33.13
N ARG WA 65 -59.11 -20.61 33.29
CA ARG WA 65 -59.03 -19.37 32.54
C ARG WA 65 -57.71 -18.65 32.79
N SER WA 66 -57.33 -18.52 34.05
CA SER WA 66 -56.10 -17.82 34.39
C SER WA 66 -54.88 -18.49 33.76
N GLY WA 67 -54.83 -19.82 33.83
CA GLY WA 67 -53.69 -20.52 33.25
C GLY WA 67 -53.63 -20.38 31.75
N GLU WA 68 -54.78 -20.50 31.08
CA GLU WA 68 -54.81 -20.37 29.63
C GLU WA 68 -54.37 -18.98 29.20
N GLU WA 69 -54.95 -17.95 29.82
CA GLU WA 69 -54.55 -16.58 29.50
C GLU WA 69 -53.07 -16.36 29.77
N THR WA 70 -52.58 -16.85 30.90
CA THR WA 70 -51.16 -16.68 31.23
C THR WA 70 -50.28 -17.28 30.15
N VAL WA 71 -50.59 -18.50 29.72
CA VAL WA 71 -49.76 -19.16 28.72
C VAL WA 71 -49.82 -18.41 27.40
N TYR WA 72 -51.04 -18.12 26.91
CA TYR WA 72 -51.21 -17.40 25.66
C TYR WA 72 -50.42 -16.10 25.65
N PHE WA 73 -50.61 -15.26 26.67
CA PHE WA 73 -49.96 -13.97 26.65
C PHE WA 73 -48.49 -14.05 27.03
N LYS WA 74 -48.04 -15.12 27.68
CA LYS WA 74 -46.62 -15.36 27.81
C LYS WA 74 -45.98 -15.56 26.44
N LYS WA 75 -46.61 -16.41 25.62
CA LYS WA 75 -46.12 -16.60 24.25
C LYS WA 75 -46.10 -15.28 23.49
N GLU WA 76 -47.21 -14.53 23.57
CA GLU WA 76 -47.28 -13.27 22.83
C GLU WA 76 -46.23 -12.27 23.31
N ASP WA 77 -45.99 -12.21 24.62
CA ASP WA 77 -44.97 -11.32 25.14
C ASP WA 77 -43.58 -11.74 24.71
N GLU WA 78 -43.34 -13.06 24.64
CA GLU WA 78 -42.07 -13.54 24.10
C GLU WA 78 -41.87 -13.07 22.67
N ALA WA 79 -42.91 -13.21 21.85
CA ALA WA 79 -42.81 -12.78 20.46
C ALA WA 79 -42.55 -11.28 20.36
N LEU WA 80 -43.30 -10.49 21.13
CA LEU WA 80 -43.11 -9.04 21.10
C LEU WA 80 -41.72 -8.65 21.59
N LEU WA 81 -41.19 -9.36 22.59
CA LEU WA 81 -39.85 -9.06 23.04
C LEU WA 81 -38.82 -9.41 21.97
N ARG WA 82 -39.09 -10.45 21.19
CA ARG WA 82 -38.25 -10.73 20.03
C ARG WA 82 -38.27 -9.57 19.05
N ASN WA 83 -39.45 -9.11 18.68
CA ASN WA 83 -39.61 -8.19 17.55
C ASN WA 83 -39.68 -6.72 17.96
N LEU WA 84 -39.35 -6.39 19.21
CA LEU WA 84 -39.44 -5.00 19.66
C LEU WA 84 -38.29 -4.17 19.09
N LEU WA 85 -37.05 -4.54 19.42
CA LEU WA 85 -35.92 -3.63 19.24
C LEU WA 85 -35.69 -3.32 17.77
N ALA WA 86 -36.08 -4.22 16.87
CA ALA WA 86 -35.97 -3.94 15.45
C ALA WA 86 -36.87 -2.76 15.07
N ASN WA 87 -38.17 -2.89 15.33
CA ASN WA 87 -39.12 -1.88 14.89
C ASN WA 87 -39.08 -0.62 15.75
N HIS WA 88 -38.36 -0.64 16.87
CA HIS WA 88 -38.23 0.53 17.74
C HIS WA 88 -36.79 0.65 18.24
N PRO WA 89 -35.86 0.98 17.34
CA PRO WA 89 -34.45 1.03 17.74
C PRO WA 89 -34.11 2.24 18.61
N GLU WA 90 -34.97 3.26 18.65
CA GLU WA 90 -34.71 4.42 19.49
C GLU WA 90 -34.62 4.05 20.96
N TYR WA 91 -35.21 2.92 21.36
CA TYR WA 91 -35.04 2.39 22.70
C TYR WA 91 -33.81 1.50 22.83
N ASP WA 92 -33.38 0.88 21.75
CA ASP WA 92 -32.27 -0.05 21.78
C ASP WA 92 -31.02 0.63 22.31
N PRO WA 93 -30.48 0.23 23.47
CA PRO WA 93 -29.25 0.86 23.97
C PRO WA 93 -28.01 0.51 23.17
N LYS WA 94 -28.13 -0.38 22.18
CA LYS WA 94 -27.01 -0.65 21.29
C LYS WA 94 -26.59 0.62 20.56
N TYR WA 95 -27.53 1.50 20.27
CA TYR WA 95 -27.26 2.77 19.60
C TYR WA 95 -27.19 3.95 20.58
N SER WA 96 -26.71 3.71 21.79
CA SER WA 96 -26.60 4.77 22.79
C SER WA 96 -25.41 4.54 23.70
N LYS XA 53 -91.32 -6.57 89.23
CA LYS XA 53 -92.38 -6.18 88.31
C LYS XA 53 -93.38 -5.26 89.02
N ILE XA 54 -93.29 -3.97 88.76
CA ILE XA 54 -94.09 -2.97 89.47
C ILE XA 54 -94.66 -1.99 88.45
N SER XA 55 -95.83 -1.46 88.76
CA SER XA 55 -96.50 -0.48 87.91
C SER XA 55 -96.20 0.93 88.39
N PRO XA 56 -96.30 1.92 87.51
CA PRO XA 56 -96.03 3.30 87.95
C PRO XA 56 -96.94 3.77 89.07
N SER XA 57 -98.17 3.26 89.14
CA SER XA 57 -99.08 3.60 90.23
C SER XA 57 -98.67 2.99 91.57
N GLU XA 58 -97.77 2.01 91.57
CA GLU XA 58 -97.41 1.29 92.78
C GLU XA 58 -96.10 1.76 93.40
N MET XA 59 -95.48 2.80 92.85
CA MET XA 59 -94.26 3.32 93.44
C MET XA 59 -94.51 3.96 94.81
N SER XA 60 -93.42 4.01 95.59
CA SER XA 60 -93.49 4.42 96.99
C SER XA 60 -93.33 5.93 97.12
N ARG XA 61 -94.09 6.66 96.32
CA ARG XA 61 -94.36 8.07 96.55
C ARG XA 61 -95.86 8.25 96.37
N LEU XA 62 -96.45 7.41 95.52
CA LEU XA 62 -97.89 7.43 95.32
C LEU XA 62 -98.57 6.60 96.41
N LEU XA 63 -97.99 5.45 96.76
CA LEU XA 63 -98.60 4.66 97.82
C LEU XA 63 -98.54 5.36 99.18
N GLU XA 64 -97.62 6.30 99.39
CA GLU XA 64 -97.65 7.12 100.59
C GLU XA 64 -98.84 8.07 100.62
N GLU XA 65 -99.47 8.32 99.48
CA GLU XA 65 -100.69 9.12 99.40
C GLU XA 65 -101.91 8.24 99.52
N ARG XA 66 -101.91 7.13 98.76
CA ARG XA 66 -103.06 6.23 98.79
C ARG XA 66 -103.26 5.66 100.19
N ILE XA 67 -102.19 5.23 100.83
CA ILE XA 67 -102.30 4.74 102.21
C ILE XA 67 -102.77 5.87 103.12
N ALA XA 68 -102.32 7.10 102.84
CA ALA XA 68 -102.68 8.23 103.68
C ALA XA 68 -104.03 8.83 103.33
N GLY XA 69 -104.82 8.14 102.51
CA GLY XA 69 -106.13 8.65 102.15
C GLY XA 69 -106.15 9.86 101.25
N TRP XA 70 -105.00 10.28 100.72
CA TRP XA 70 -104.97 11.44 99.85
C TRP XA 70 -105.72 11.13 98.56
N LYS XA 71 -106.67 12.01 98.21
CA LYS XA 71 -107.45 11.84 96.99
C LYS XA 71 -107.22 13.01 96.05
N THR XA 72 -105.96 13.37 95.84
CA THR XA 72 -105.58 14.42 94.91
C THR XA 72 -105.41 13.88 93.50
N GLN XA 73 -106.40 13.15 93.02
CA GLN XA 73 -106.48 12.75 91.62
C GLN XA 73 -107.06 13.85 90.72
N THR XA 74 -107.23 15.06 91.25
CA THR XA 74 -107.71 16.18 90.43
C THR XA 74 -106.73 16.57 89.33
N SER XA 75 -105.50 16.05 89.36
CA SER XA 75 -104.61 16.14 88.21
C SER XA 75 -105.32 15.69 86.94
N THR XA 76 -105.46 16.62 85.99
CA THR XA 76 -106.40 16.45 84.90
C THR XA 76 -105.94 15.32 83.96
N GLU XA 77 -106.75 15.09 82.93
CA GLU XA 77 -106.38 14.22 81.81
C GLU XA 77 -105.36 14.87 80.88
N GLU XA 78 -104.96 16.10 81.11
CA GLU XA 78 -104.04 16.80 80.23
C GLU XA 78 -102.58 16.60 80.61
N VAL XA 79 -102.29 16.34 81.88
CA VAL XA 79 -100.93 16.40 82.41
C VAL XA 79 -100.53 15.01 82.88
N GLY XA 80 -99.26 14.66 82.63
CA GLY XA 80 -98.70 13.42 83.12
C GLY XA 80 -97.25 13.59 83.51
N ARG XA 81 -96.73 12.58 84.19
CA ARG XA 81 -95.35 12.58 84.68
C ARG XA 81 -94.54 11.51 83.96
N VAL XA 82 -93.36 11.90 83.48
CA VAL XA 82 -92.45 10.93 82.87
C VAL XA 82 -92.04 9.89 83.90
N VAL XA 83 -91.98 8.64 83.45
CA VAL XA 83 -91.65 7.50 84.30
C VAL XA 83 -90.35 6.85 83.88
N SER XA 84 -90.10 6.75 82.58
CA SER XA 84 -88.88 6.13 82.06
C SER XA 84 -88.51 6.80 80.74
N VAL XA 85 -87.23 6.71 80.40
CA VAL XA 85 -86.69 7.32 79.19
C VAL XA 85 -85.62 6.39 78.60
N GLY XA 86 -85.55 6.37 77.27
CA GLY XA 86 -84.45 5.71 76.60
C GLY XA 86 -84.58 5.59 75.09
N ASP XA 87 -83.49 5.89 74.39
CA ASP XA 87 -83.35 5.59 72.96
C ASP XA 87 -84.40 6.29 72.11
N GLY XA 88 -84.90 7.42 72.58
CA GLY XA 88 -85.93 8.16 71.87
C GLY XA 88 -87.34 7.82 72.30
N ILE XA 89 -87.50 7.09 73.40
CA ILE XA 89 -88.80 6.71 73.92
C ILE XA 89 -88.95 7.27 75.32
N ALA XA 90 -90.19 7.60 75.67
CA ALA XA 90 -90.57 8.03 77.00
C ALA XA 90 -91.82 7.27 77.42
N ARG XA 91 -92.00 7.13 78.73
CA ARG XA 91 -93.12 6.39 79.28
C ARG XA 91 -93.70 7.19 80.42
N LEU XA 92 -94.98 7.50 80.34
CA LEU XA 92 -95.65 8.42 81.24
C LEU XA 92 -96.71 7.68 82.03
N PHE XA 93 -97.10 8.25 83.17
CA PHE XA 93 -98.25 7.79 83.92
C PHE XA 93 -99.28 8.92 83.95
N GLY XA 94 -100.45 8.65 83.37
CA GLY XA 94 -101.53 9.61 83.35
C GLY XA 94 -102.00 9.83 81.92
N LEU XA 95 -102.56 11.01 81.65
CA LEU XA 95 -103.05 11.35 80.32
C LEU XA 95 -104.11 10.37 79.84
N GLU XA 96 -104.95 9.92 80.76
CA GLU XA 96 -106.08 9.06 80.41
C GLU XA 96 -107.11 9.90 79.67
N GLY XA 97 -107.08 9.84 78.34
CA GLY XA 97 -107.82 10.77 77.52
C GLY XA 97 -107.06 11.20 76.28
N VAL XA 98 -105.76 10.90 76.26
CA VAL XA 98 -104.93 11.24 75.10
C VAL XA 98 -105.24 10.28 73.96
N GLN XA 99 -105.26 10.81 72.75
CA GLN XA 99 -105.53 10.03 71.56
C GLN XA 99 -104.24 9.41 71.02
N ALA XA 100 -104.40 8.31 70.30
CA ALA XA 100 -103.27 7.68 69.62
C ALA XA 100 -102.90 8.49 68.39
N GLY XA 101 -101.60 8.74 68.21
CA GLY XA 101 -101.16 9.65 67.19
C GLY XA 101 -101.17 11.11 67.59
N GLU XA 102 -101.41 11.40 68.87
CA GLU XA 102 -101.54 12.77 69.33
C GLU XA 102 -100.18 13.34 69.72
N LEU XA 103 -100.07 14.66 69.62
CA LEU XA 103 -98.86 15.37 70.03
C LEU XA 103 -98.92 15.74 71.50
N VAL XA 104 -97.79 15.58 72.17
CA VAL XA 104 -97.61 16.00 73.56
C VAL XA 104 -96.36 16.86 73.64
N GLU XA 105 -96.25 17.61 74.72
CA GLU XA 105 -95.22 18.62 74.87
C GLU XA 105 -94.62 18.53 76.26
N PHE XA 106 -93.29 18.59 76.33
CA PHE XA 106 -92.57 18.41 77.58
C PHE XA 106 -92.29 19.76 78.23
N GLN XA 107 -91.68 19.71 79.42
CA GLN XA 107 -91.32 20.93 80.13
C GLN XA 107 -90.37 21.78 79.30
N ASN XA 108 -89.35 21.18 78.68
CA ASN XA 108 -88.24 21.90 78.07
C ASN XA 108 -88.49 22.22 76.61
N GLY XA 109 -89.74 22.39 76.19
CA GLY XA 109 -90.06 22.90 74.88
C GLY XA 109 -90.21 21.85 73.80
N MET XA 110 -89.68 20.65 74.02
CA MET XA 110 -89.72 19.61 73.00
C MET XA 110 -91.12 19.00 72.90
N THR XA 111 -91.32 18.17 71.89
CA THR XA 111 -92.61 17.58 71.61
C THR XA 111 -92.41 16.14 71.16
N GLY XA 112 -93.49 15.36 71.24
CA GLY XA 112 -93.45 13.95 70.90
C GLY XA 112 -94.81 13.45 70.51
N MET XA 113 -94.83 12.22 69.99
CA MET XA 113 -96.06 11.57 69.57
C MET XA 113 -96.37 10.41 70.51
N ALA XA 114 -97.62 10.35 70.98
CA ALA XA 114 -98.07 9.26 71.82
C ALA XA 114 -98.58 8.13 70.91
N LEU XA 115 -97.95 6.96 71.02
CA LEU XA 115 -98.27 5.83 70.16
C LEU XA 115 -98.84 4.65 70.90
N ASN XA 116 -98.16 4.18 71.95
CA ASN XA 116 -98.55 2.96 72.66
C ASN XA 116 -99.26 3.34 73.95
N LEU XA 117 -100.56 3.58 73.82
CA LEU XA 117 -101.43 3.69 74.99
C LEU XA 117 -101.54 2.34 75.67
N GLU XA 118 -101.48 2.35 77.00
CA GLU XA 118 -101.54 1.12 77.79
C GLU XA 118 -102.41 1.35 79.01
N THR XA 119 -102.69 0.26 79.72
CA THR XA 119 -103.62 0.33 80.85
C THR XA 119 -103.00 1.09 82.02
N ASP XA 120 -101.66 1.05 82.16
CA ASP XA 120 -100.99 1.65 83.30
C ASP XA 120 -100.08 2.80 82.93
N ASN XA 121 -99.69 2.94 81.66
CA ASN XA 121 -98.77 4.00 81.24
C ASN XA 121 -99.14 4.43 79.83
N VAL XA 122 -98.35 5.35 79.29
CA VAL XA 122 -98.48 5.80 77.91
C VAL XA 122 -97.08 5.84 77.29
N GLY XA 123 -96.96 5.29 76.09
CA GLY XA 123 -95.71 5.26 75.37
C GLY XA 123 -95.60 6.39 74.36
N VAL XA 124 -94.49 7.12 74.42
CA VAL XA 124 -94.28 8.32 73.63
C VAL XA 124 -92.96 8.17 72.89
N VAL XA 125 -92.93 8.64 71.65
CA VAL XA 125 -91.70 8.71 70.86
C VAL XA 125 -91.34 10.17 70.67
N ILE XA 126 -90.04 10.47 70.81
CA ILE XA 126 -89.58 11.85 70.97
C ILE XA 126 -89.03 12.35 69.65
N PHE XA 127 -89.29 13.63 69.35
CA PHE XA 127 -88.73 14.29 68.17
C PHE XA 127 -87.43 15.02 68.54
N GLY XA 128 -86.48 14.26 69.07
CA GLY XA 128 -85.23 14.86 69.51
C GLY XA 128 -84.40 13.88 70.31
N ASP XA 129 -83.62 14.42 71.24
CA ASP XA 129 -82.69 13.65 72.05
C ASP XA 129 -83.21 13.55 73.47
N ASP XA 130 -82.84 12.47 74.15
CA ASP XA 130 -83.36 12.14 75.47
C ASP XA 130 -82.65 12.85 76.61
N ARG XA 131 -81.68 13.71 76.31
CA ARG XA 131 -80.99 14.43 77.38
C ARG XA 131 -81.88 15.46 78.07
N SER XA 132 -83.00 15.84 77.47
CA SER XA 132 -83.86 16.86 78.07
C SER XA 132 -84.88 16.28 79.04
N VAL XA 133 -85.16 14.98 78.96
CA VAL XA 133 -86.30 14.37 79.64
C VAL XA 133 -85.79 13.50 80.78
N LEU XA 134 -86.44 13.59 81.93
CA LEU XA 134 -85.98 12.85 83.09
C LEU XA 134 -87.00 12.96 84.22
N GLU XA 135 -87.06 11.90 85.03
CA GLU XA 135 -87.46 11.95 86.43
C GLU XA 135 -88.76 12.73 86.63
N GLY XA 136 -89.83 12.16 86.08
CA GLY XA 136 -91.14 12.73 86.34
C GLY XA 136 -91.36 14.08 85.71
N ASP XA 137 -90.64 14.42 84.66
CA ASP XA 137 -90.91 15.66 83.93
C ASP XA 137 -92.37 15.69 83.50
N SER XA 138 -92.99 16.85 83.68
CA SER XA 138 -94.39 17.00 83.30
C SER XA 138 -94.54 16.95 81.79
N VAL XA 139 -95.56 16.25 81.33
CA VAL XA 139 -95.93 16.20 79.92
C VAL XA 139 -97.38 16.65 79.80
N LYS XA 140 -97.63 17.58 78.89
CA LYS XA 140 -98.97 18.10 78.66
C LYS XA 140 -99.37 17.91 77.20
N ARG XA 141 -100.65 17.63 76.98
CA ARG XA 141 -101.16 17.44 75.64
C ARG XA 141 -101.11 18.75 74.85
N THR XA 142 -101.40 18.64 73.56
CA THR XA 142 -101.71 19.78 72.71
C THR XA 142 -103.11 19.74 72.14
N GLY XA 143 -103.73 18.56 72.04
CA GLY XA 143 -105.08 18.42 71.55
C GLY XA 143 -105.19 18.20 70.06
N ARG XA 144 -104.16 18.56 69.29
CA ARG XA 144 -104.18 18.47 67.84
C ARG XA 144 -103.39 17.25 67.40
N ILE XA 145 -103.97 16.45 66.50
CA ILE XA 145 -103.20 15.40 65.86
C ILE XA 145 -102.11 16.02 65.01
N VAL XA 146 -101.05 15.24 64.77
CA VAL XA 146 -99.92 15.74 64.00
C VAL XA 146 -100.40 16.15 62.61
N ASP XA 147 -100.02 17.36 62.20
CA ASP XA 147 -100.47 17.95 60.96
C ASP XA 147 -99.33 18.74 60.33
N VAL XA 148 -99.56 19.20 59.11
CA VAL XA 148 -98.54 19.95 58.37
C VAL XA 148 -99.24 20.97 57.48
N PRO XA 149 -98.60 22.09 57.16
CA PRO XA 149 -99.23 23.07 56.27
C PRO XA 149 -99.30 22.56 54.84
N ILE XA 150 -100.19 23.17 54.06
CA ILE XA 150 -100.33 22.90 52.64
C ILE XA 150 -100.65 24.21 51.92
N GLY XA 151 -100.10 24.36 50.72
CA GLY XA 151 -100.39 25.51 49.90
C GLY XA 151 -99.27 25.82 48.92
N PRO XA 152 -99.43 26.89 48.16
CA PRO XA 152 -98.31 27.34 47.30
C PRO XA 152 -97.17 27.98 48.06
N GLY XA 153 -97.32 28.20 49.37
CA GLY XA 153 -96.22 28.71 50.16
C GLY XA 153 -95.07 27.74 50.37
N LEU XA 154 -95.28 26.47 50.02
CA LEU XA 154 -94.23 25.47 50.12
C LEU XA 154 -93.41 25.33 48.84
N LEU XA 155 -93.90 25.86 47.72
CA LEU XA 155 -93.18 25.73 46.46
C LEU XA 155 -91.86 26.48 46.53
N GLY XA 156 -90.77 25.79 46.23
CA GLY XA 156 -89.44 26.38 46.33
C GLY XA 156 -88.84 26.36 47.71
N ARG XA 157 -89.41 25.58 48.63
CA ARG XA 157 -88.97 25.56 50.01
C ARG XA 157 -88.58 24.14 50.44
N VAL XA 158 -87.62 24.08 51.35
CA VAL XA 158 -87.22 22.84 52.01
C VAL XA 158 -87.76 22.87 53.43
N VAL XA 159 -88.31 21.74 53.87
CA VAL XA 159 -88.98 21.65 55.17
C VAL XA 159 -88.69 20.28 55.76
N ASP XA 160 -88.83 20.19 57.08
CA ASP XA 160 -88.70 18.91 57.77
C ASP XA 160 -90.02 18.15 57.69
N ALA XA 161 -90.14 17.09 58.48
CA ALA XA 161 -91.33 16.24 58.46
C ALA XA 161 -92.51 16.86 59.21
N LEU XA 162 -92.40 18.11 59.64
CA LEU XA 162 -93.48 18.79 60.36
C LEU XA 162 -93.72 20.20 59.83
N GLY XA 163 -93.21 20.51 58.63
CA GLY XA 163 -93.38 21.83 58.05
C GLY XA 163 -92.38 22.86 58.52
N ASN XA 164 -91.62 22.61 59.57
CA ASN XA 164 -90.66 23.56 60.08
C ASN XA 164 -89.54 23.76 59.06
N PRO XA 165 -89.41 24.93 58.43
CA PRO XA 165 -88.43 25.07 57.35
C PRO XA 165 -87.00 25.01 57.88
N ILE XA 166 -86.10 24.62 56.97
CA ILE XA 166 -84.68 24.53 57.30
C ILE XA 166 -83.85 25.22 56.23
N ASP XA 167 -84.49 26.01 55.37
CA ASP XA 167 -83.75 26.79 54.39
C ASP XA 167 -83.03 27.98 55.01
N GLY XA 168 -83.57 28.53 56.10
CA GLY XA 168 -83.08 29.81 56.58
C GLY XA 168 -83.54 30.99 55.77
N LYS XA 169 -84.72 30.91 55.16
CA LYS XA 169 -85.25 31.98 54.32
C LYS XA 169 -86.45 32.68 54.93
N GLY XA 170 -87.11 32.08 55.92
CA GLY XA 170 -88.23 32.69 56.58
C GLY XA 170 -89.30 31.65 56.89
N PRO XA 171 -90.38 32.07 57.53
CA PRO XA 171 -91.47 31.13 57.82
C PRO XA 171 -92.28 30.78 56.58
N ILE XA 172 -93.34 29.99 56.76
CA ILE XA 172 -94.13 29.45 55.67
C ILE XA 172 -95.56 29.93 55.85
N PRO XA 173 -96.14 30.69 54.91
CA PRO XA 173 -97.57 30.98 55.00
C PRO XA 173 -98.37 29.70 54.77
N ALA XA 174 -99.46 29.56 55.54
CA ALA XA 174 -100.27 28.36 55.47
C ALA XA 174 -101.68 28.72 55.93
N LYS XA 175 -102.60 28.86 54.96
CA LYS XA 175 -104.00 29.01 55.28
C LYS XA 175 -104.67 27.67 55.59
N GLU XA 176 -104.03 26.56 55.21
CA GLU XA 176 -104.60 25.22 55.38
C GLU XA 176 -103.56 24.32 56.03
N ARG XA 177 -103.98 23.60 57.07
CA ARG XA 177 -103.14 22.61 57.75
C ARG XA 177 -103.87 21.27 57.72
N ARG XA 178 -103.22 20.27 57.13
CA ARG XA 178 -103.81 18.97 56.86
C ARG XA 178 -103.17 17.91 57.74
N ARG XA 179 -103.96 16.90 58.09
CA ARG XA 179 -103.45 15.78 58.88
C ARG XA 179 -102.46 14.96 58.06
N VAL XA 180 -101.71 14.12 58.76
CA VAL XA 180 -100.58 13.41 58.18
C VAL XA 180 -100.98 11.97 57.87
N GLU XA 181 -101.84 11.40 58.70
CA GLU XA 181 -102.37 10.05 58.49
C GLU XA 181 -103.86 10.19 58.22
N LEU XA 182 -104.24 10.03 56.96
CA LEU XA 182 -105.62 10.20 56.52
C LEU XA 182 -106.08 8.94 55.79
N LYS XA 183 -107.38 8.85 55.59
CA LYS XA 183 -107.93 7.82 54.71
C LYS XA 183 -107.57 8.13 53.27
N ALA XA 184 -107.29 7.08 52.51
CA ALA XA 184 -106.98 7.24 51.09
C ALA XA 184 -108.28 7.36 50.31
N PRO XA 185 -108.20 7.80 49.05
CA PRO XA 185 -109.41 7.86 48.24
C PRO XA 185 -109.97 6.48 47.95
N GLY XA 186 -111.25 6.45 47.62
CA GLY XA 186 -111.95 5.22 47.33
C GLY XA 186 -111.80 4.80 45.89
N ILE XA 187 -112.77 4.02 45.42
CA ILE XA 187 -112.76 3.54 44.04
C ILE XA 187 -113.48 4.52 43.12
N ILE XA 188 -114.66 4.96 43.53
CA ILE XA 188 -115.48 5.81 42.66
C ILE XA 188 -114.80 7.15 42.39
N PRO XA 189 -114.22 7.83 43.38
CA PRO XA 189 -113.59 9.13 43.08
C PRO XA 189 -112.41 9.04 42.12
N ARG XA 190 -111.83 7.86 41.95
CA ARG XA 190 -110.62 7.74 41.13
C ARG XA 190 -111.01 7.75 39.65
N LYS XA 191 -109.98 7.74 38.80
CA LYS XA 191 -110.17 7.76 37.36
C LYS XA 191 -109.12 6.85 36.73
N SER XA 192 -109.37 6.45 35.49
CA SER XA 192 -108.43 5.61 34.76
C SER XA 192 -107.32 6.45 34.16
N VAL XA 193 -106.11 5.92 34.17
CA VAL XA 193 -104.97 6.66 33.65
C VAL XA 193 -105.10 6.80 32.14
N HIS XA 194 -105.11 8.04 31.67
CA HIS XA 194 -105.29 8.32 30.25
C HIS XA 194 -104.38 9.46 29.78
N GLU XA 195 -103.35 9.79 30.56
CA GLU XA 195 -102.54 10.97 30.34
C GLU XA 195 -101.13 10.61 30.77
N PRO XA 196 -100.10 11.05 30.06
CA PRO XA 196 -98.73 10.72 30.45
C PRO XA 196 -98.16 11.75 31.43
N MET XA 197 -97.01 11.40 31.98
CA MET XA 197 -96.35 12.24 32.98
C MET XA 197 -95.05 12.85 32.48
N MET XA 198 -94.12 12.03 32.00
CA MET XA 198 -92.72 12.40 31.89
C MET XA 198 -92.32 12.58 30.43
N THR XA 199 -91.39 13.50 30.21
CA THR XA 199 -90.43 13.43 29.12
C THR XA 199 -89.03 13.61 29.70
N GLY XA 200 -88.03 13.07 29.00
CA GLY XA 200 -86.65 13.23 29.44
C GLY XA 200 -85.80 11.99 29.29
N LEU XA 201 -86.41 10.81 29.38
CA LEU XA 201 -85.70 9.54 29.20
C LEU XA 201 -86.41 8.73 28.13
N LYS XA 202 -85.71 8.49 27.01
CA LYS XA 202 -86.29 7.74 25.91
C LYS XA 202 -86.73 6.35 26.35
N CYS XA 203 -85.89 5.67 27.14
CA CYS XA 203 -86.19 4.31 27.55
C CYS XA 203 -87.47 4.23 28.35
N VAL XA 204 -87.66 5.17 29.28
CA VAL XA 204 -88.86 5.19 30.10
C VAL XA 204 -90.06 5.59 29.24
N ASP XA 205 -89.98 6.75 28.60
CA ASP XA 205 -91.12 7.27 27.85
C ASP XA 205 -91.54 6.36 26.70
N ALA XA 206 -90.67 5.46 26.26
CA ALA XA 206 -91.00 4.53 25.18
C ALA XA 206 -91.43 3.16 25.68
N LEU XA 207 -90.69 2.59 26.64
CA LEU XA 207 -90.85 1.19 26.99
C LEU XA 207 -91.38 0.97 28.41
N VAL XA 208 -91.30 1.97 29.27
CA VAL XA 208 -91.82 1.86 30.63
C VAL XA 208 -92.55 3.15 30.97
N PRO XA 209 -93.61 3.49 30.25
CA PRO XA 209 -94.20 4.83 30.39
C PRO XA 209 -94.82 5.03 31.76
N VAL XA 210 -94.84 6.28 32.21
CA VAL XA 210 -95.37 6.67 33.51
C VAL XA 210 -96.52 7.64 33.28
N GLY XA 211 -97.68 7.32 33.87
CA GLY XA 211 -98.86 8.13 33.72
C GLY XA 211 -99.16 8.94 34.98
N ARG XA 212 -100.14 9.82 34.85
CA ARG XA 212 -100.56 10.67 35.97
C ARG XA 212 -101.56 9.89 36.82
N GLY XA 213 -101.17 9.57 38.04
CA GLY XA 213 -101.92 8.67 38.89
C GLY XA 213 -101.31 7.29 39.05
N GLN XA 214 -100.11 7.07 38.54
CA GLN XA 214 -99.44 5.79 38.54
C GLN XA 214 -98.41 5.74 39.67
N ARG XA 215 -97.92 4.52 39.94
CA ARG XA 215 -96.94 4.26 40.99
C ARG XA 215 -95.84 3.38 40.38
N GLU XA 216 -94.81 4.06 39.88
CA GLU XA 216 -93.71 3.41 39.18
C GLU XA 216 -92.49 3.37 40.10
N LEU XA 217 -92.22 2.20 40.65
CA LEU XA 217 -91.08 2.03 41.54
C LEU XA 217 -89.79 2.17 40.73
N ILE XA 218 -88.84 2.92 41.26
CA ILE XA 218 -87.48 2.98 40.72
C ILE XA 218 -86.60 2.15 41.65
N ILE XA 219 -86.33 0.91 41.27
CA ILE XA 219 -85.56 -0.03 42.08
C ILE XA 219 -84.22 -0.25 41.41
N GLY XA 220 -83.17 -0.28 42.21
CA GLY XA 220 -81.85 -0.51 41.67
C GLY XA 220 -80.82 -0.62 42.77
N ASP XA 221 -79.56 -0.74 42.37
CA ASP XA 221 -78.47 -0.83 43.31
C ASP XA 221 -77.83 0.54 43.55
N ARG XA 222 -77.00 0.61 44.58
CA ARG XA 222 -76.39 1.86 44.96
C ARG XA 222 -75.52 2.39 43.83
N GLN XA 223 -75.59 3.71 43.62
CA GLN XA 223 -74.79 4.39 42.61
C GLN XA 223 -75.08 3.82 41.22
N THR XA 224 -76.33 4.02 40.79
CA THR XA 224 -76.79 3.61 39.47
C THR XA 224 -77.35 4.77 38.65
N GLY XA 225 -77.83 5.82 39.31
CA GLY XA 225 -78.40 6.97 38.63
C GLY XA 225 -79.86 7.15 38.98
N LYS XA 226 -80.23 6.79 40.20
CA LYS XA 226 -81.62 6.90 40.64
C LYS XA 226 -81.96 8.35 40.97
N THR XA 227 -81.16 8.96 41.84
CA THR XA 227 -81.31 10.39 42.09
C THR XA 227 -81.20 11.18 40.80
N ALA XA 228 -80.39 10.72 39.85
CA ALA XA 228 -80.27 11.42 38.57
C ALA XA 228 -81.55 11.31 37.76
N VAL XA 229 -82.16 10.12 37.73
CA VAL XA 229 -83.46 9.95 37.07
C VAL XA 229 -84.49 10.88 37.70
N ALA XA 230 -84.56 10.90 39.03
CA ALA XA 230 -85.51 11.76 39.73
C ALA XA 230 -85.28 13.23 39.38
N VAL XA 231 -84.02 13.67 39.40
CA VAL XA 231 -83.74 15.08 39.18
C VAL XA 231 -83.97 15.46 37.73
N ASP XA 232 -83.78 14.53 36.79
CA ASP XA 232 -84.14 14.81 35.41
C ASP XA 232 -85.65 14.91 35.24
N ALA XA 233 -86.40 14.01 35.89
CA ALA XA 233 -87.86 14.10 35.88
C ALA XA 233 -88.31 15.44 36.44
N ILE XA 234 -87.60 15.97 37.43
CA ILE XA 234 -87.95 17.27 37.98
C ILE XA 234 -87.59 18.37 37.00
N ILE XA 235 -86.39 18.29 36.41
CA ILE XA 235 -85.88 19.39 35.60
C ILE XA 235 -86.67 19.54 34.32
N ASN XA 236 -87.18 18.43 33.76
CA ASN XA 236 -87.84 18.52 32.47
C ASN XA 236 -89.10 19.37 32.52
N GLN XA 237 -89.76 19.44 33.68
CA GLN XA 237 -91.04 20.14 33.79
C GLN XA 237 -90.91 21.65 33.69
N LYS XA 238 -89.67 22.17 33.61
CA LYS XA 238 -89.49 23.60 33.51
C LYS XA 238 -90.12 24.15 32.24
N GLU XA 239 -89.83 23.52 31.09
CA GLU XA 239 -90.35 24.02 29.82
C GLU XA 239 -91.88 23.97 29.78
N ILE XA 240 -92.46 23.01 30.48
CA ILE XA 240 -93.91 22.81 30.43
C ILE XA 240 -94.61 23.71 31.43
N ASN XA 241 -93.95 24.09 32.51
CA ASN XA 241 -94.58 25.00 33.46
C ASN XA 241 -94.38 26.43 33.02
N ASP XA 242 -93.23 26.74 32.39
CA ASP XA 242 -92.99 28.07 31.86
C ASP XA 242 -93.75 28.34 30.58
N SER XA 243 -94.19 27.31 29.85
CA SER XA 243 -94.92 27.51 28.60
C SER XA 243 -96.43 27.48 28.80
N THR XA 244 -96.91 27.88 29.98
CA THR XA 244 -98.32 27.77 30.30
C THR XA 244 -98.65 28.71 31.45
N ASP XA 245 -99.84 29.31 31.38
CA ASP XA 245 -100.34 30.15 32.47
C ASP XA 245 -101.33 29.43 33.37
N ASP XA 246 -101.96 28.36 32.89
CA ASP XA 246 -102.93 27.62 33.68
C ASP XA 246 -102.22 26.64 34.61
N GLU XA 247 -102.76 26.50 35.83
CA GLU XA 247 -102.22 25.58 36.81
C GLU XA 247 -102.93 24.22 36.78
N SER XA 248 -103.43 23.80 35.62
CA SER XA 248 -103.99 22.48 35.45
C SER XA 248 -103.25 21.64 34.42
N LYS XA 249 -102.47 22.26 33.53
CA LYS XA 249 -101.58 21.55 32.63
C LYS XA 249 -100.17 21.43 33.17
N LYS XA 250 -99.84 22.16 34.23
CA LYS XA 250 -98.53 22.06 34.85
C LYS XA 250 -98.42 20.77 35.66
N LEU XA 251 -97.21 20.51 36.14
CA LEU XA 251 -96.97 19.40 37.07
C LEU XA 251 -96.01 19.88 38.14
N TYR XA 252 -96.49 19.96 39.38
CA TYR XA 252 -95.64 20.30 40.51
C TYR XA 252 -94.94 19.04 41.02
N CYS XA 253 -93.94 19.24 41.88
CA CYS XA 253 -93.13 18.13 42.33
C CYS XA 253 -92.82 18.24 43.82
N ILE XA 254 -92.76 17.09 44.46
CA ILE XA 254 -92.42 16.98 45.87
C ILE XA 254 -91.36 15.91 46.01
N TYR XA 255 -90.27 16.23 46.71
CA TYR XA 255 -89.14 15.32 46.86
C TYR XA 255 -88.94 15.05 48.35
N VAL XA 256 -89.37 13.88 48.81
CA VAL XA 256 -89.15 13.47 50.18
C VAL XA 256 -87.84 12.70 50.21
N ALA XA 257 -86.94 13.09 51.10
CA ALA XA 257 -85.68 12.40 51.35
C ALA XA 257 -85.74 11.74 52.72
N VAL XA 258 -85.37 10.47 52.77
CA VAL XA 258 -85.25 9.75 54.04
C VAL XA 258 -83.86 9.13 54.09
N GLY XA 259 -83.20 9.27 55.24
CA GLY XA 259 -81.90 8.67 55.43
C GLY XA 259 -80.78 9.34 54.64
N GLN XA 260 -81.05 10.44 53.95
CA GLN XA 260 -80.00 11.10 53.19
C GLN XA 260 -79.23 12.06 54.11
N LYS XA 261 -78.01 12.38 53.71
CA LYS XA 261 -77.23 13.39 54.39
C LYS XA 261 -77.38 14.78 53.78
N ARG XA 262 -77.14 15.78 54.61
CA ARG XA 262 -77.38 17.16 54.20
C ARG XA 262 -76.42 17.57 53.10
N SER XA 263 -75.24 16.96 53.05
CA SER XA 263 -74.23 17.35 52.07
C SER XA 263 -74.53 16.81 50.68
N THR XA 264 -75.66 16.12 50.50
CA THR XA 264 -76.18 15.80 49.18
C THR XA 264 -77.57 16.35 48.98
N VAL XA 265 -78.38 16.47 50.04
CA VAL XA 265 -79.61 17.24 49.92
C VAL XA 265 -79.30 18.65 49.44
N ALA XA 266 -78.24 19.24 49.97
CA ALA XA 266 -77.84 20.58 49.55
C ALA XA 266 -77.37 20.60 48.11
N GLN XA 267 -76.69 19.54 47.66
CA GLN XA 267 -76.28 19.49 46.26
C GLN XA 267 -77.49 19.41 45.34
N ILE XA 268 -78.50 18.64 45.74
CA ILE XA 268 -79.73 18.57 44.95
C ILE XA 268 -80.37 19.96 44.86
N VAL XA 269 -80.50 20.63 46.02
CA VAL XA 269 -81.10 21.96 46.04
C VAL XA 269 -80.27 22.93 45.20
N LYS XA 270 -78.95 22.80 45.23
CA LYS XA 270 -78.08 23.64 44.42
C LYS XA 270 -78.34 23.42 42.93
N ALA XA 271 -78.40 22.16 42.52
CA ALA XA 271 -78.63 21.86 41.10
C ALA XA 271 -79.97 22.39 40.63
N LEU XA 272 -80.97 22.35 41.51
CA LEU XA 272 -82.27 22.87 41.10
C LEU XA 272 -82.30 24.39 41.14
N GLU XA 273 -81.48 25.01 41.98
CA GLU XA 273 -81.48 26.47 41.96
C GLU XA 273 -80.67 26.96 40.77
N GLN XA 274 -79.67 26.18 40.35
CA GLN XA 274 -78.96 26.46 39.10
C GLN XA 274 -79.93 26.45 37.94
N ARG XA 275 -80.82 25.46 37.89
CA ARG XA 275 -81.69 25.30 36.73
C ARG XA 275 -83.09 25.88 36.94
N ASP XA 276 -83.29 26.64 38.02
CA ASP XA 276 -84.55 27.33 38.26
C ASP XA 276 -85.72 26.35 38.35
N ALA XA 277 -85.47 25.20 38.96
CA ALA XA 277 -86.48 24.15 39.07
C ALA XA 277 -87.30 24.24 40.34
N MET XA 278 -86.80 24.94 41.37
CA MET XA 278 -87.48 24.96 42.65
C MET XA 278 -88.81 25.72 42.61
N LYS XA 279 -89.03 26.55 41.59
CA LYS XA 279 -90.27 27.31 41.51
C LYS XA 279 -91.51 26.42 41.38
N TYR XA 280 -91.33 25.16 40.97
CA TYR XA 280 -92.46 24.24 40.81
C TYR XA 280 -92.23 22.94 41.59
N THR XA 281 -91.43 23.00 42.66
CA THR XA 281 -91.26 21.82 43.49
C THR XA 281 -90.94 22.25 44.93
N THR XA 282 -90.91 21.25 45.80
CA THR XA 282 -90.65 21.46 47.22
C THR XA 282 -89.99 20.21 47.78
N VAL XA 283 -89.16 20.41 48.81
CA VAL XA 283 -88.39 19.31 49.38
C VAL XA 283 -88.79 19.09 50.84
N VAL XA 284 -88.87 17.81 51.22
CA VAL XA 284 -89.14 17.40 52.59
C VAL XA 284 -87.99 16.49 53.01
N ALA XA 285 -87.24 16.91 54.02
CA ALA XA 285 -85.96 16.30 54.37
C ALA XA 285 -86.03 15.70 55.76
N ALA XA 286 -85.87 14.38 55.87
CA ALA XA 286 -85.77 13.70 57.16
C ALA XA 286 -84.47 12.90 57.12
N THR XA 287 -83.39 13.56 57.53
CA THR XA 287 -82.04 13.06 57.35
C THR XA 287 -81.69 12.13 58.52
N ALA XA 288 -80.41 11.74 58.61
CA ALA XA 288 -80.03 10.72 59.58
C ALA XA 288 -79.91 11.30 60.97
N SER XA 289 -79.55 12.58 61.08
CA SER XA 289 -79.58 13.25 62.37
C SER XA 289 -81.01 13.41 62.88
N GLU XA 290 -81.95 13.67 61.97
CA GLU XA 290 -83.35 13.73 62.36
C GLU XA 290 -83.82 12.36 62.84
N ALA XA 291 -84.62 12.37 63.90
CA ALA XA 291 -84.94 11.15 64.61
C ALA XA 291 -85.80 10.20 63.77
N ALA XA 292 -85.90 8.98 64.28
CA ALA XA 292 -86.67 7.94 63.59
C ALA XA 292 -88.11 8.36 63.35
N PRO XA 293 -88.80 9.03 64.26
CA PRO XA 293 -90.18 9.44 63.96
C PRO XA 293 -90.25 10.41 62.79
N LEU XA 294 -89.24 11.25 62.61
CA LEU XA 294 -89.27 12.21 61.51
C LEU XA 294 -88.98 11.52 60.19
N GLN XA 295 -88.02 10.59 60.19
CA GLN XA 295 -87.83 9.74 59.01
C GLN XA 295 -89.08 8.93 58.70
N PHE XA 296 -89.83 8.54 59.73
CA PHE XA 296 -91.06 7.76 59.57
C PHE XA 296 -92.21 8.61 59.05
N LEU XA 297 -92.22 9.91 59.36
CA LEU XA 297 -93.34 10.77 59.02
C LEU XA 297 -93.15 11.55 57.73
N ALA XA 298 -91.91 11.74 57.28
CA ALA XA 298 -91.70 12.60 56.11
C ALA XA 298 -92.48 12.17 54.88
N PRO XA 299 -92.57 10.88 54.53
CA PRO XA 299 -93.38 10.51 53.36
C PRO XA 299 -94.85 10.87 53.52
N TYR XA 300 -95.41 10.71 54.72
CA TYR XA 300 -96.80 11.09 54.92
C TYR XA 300 -96.98 12.60 54.84
N SER XA 301 -95.99 13.36 55.32
CA SER XA 301 -96.04 14.81 55.15
C SER XA 301 -96.03 15.18 53.67
N GLY XA 302 -95.22 14.49 52.88
CA GLY XA 302 -95.22 14.74 51.45
C GLY XA 302 -96.55 14.41 50.79
N CYS XA 303 -97.15 13.27 51.17
CA CYS XA 303 -98.46 12.93 50.64
C CYS XA 303 -99.51 13.96 51.04
N ALA XA 304 -99.41 14.48 52.26
CA ALA XA 304 -100.33 15.54 52.68
C ALA XA 304 -100.13 16.81 51.85
N MET XA 305 -98.87 17.15 51.56
CA MET XA 305 -98.59 18.32 50.74
C MET XA 305 -99.06 18.13 49.31
N GLY XA 306 -99.11 16.88 48.84
CA GLY XA 306 -99.55 16.60 47.48
C GLY XA 306 -101.05 16.47 47.35
N GLU XA 307 -101.73 16.14 48.44
CA GLU XA 307 -103.19 16.06 48.40
C GLU XA 307 -103.81 17.41 48.09
N TRP XA 308 -103.14 18.51 48.45
CA TRP XA 308 -103.64 19.82 48.07
C TRP XA 308 -103.69 19.98 46.55
N PHE XA 309 -102.64 19.52 45.86
CA PHE XA 309 -102.64 19.58 44.40
C PHE XA 309 -103.63 18.58 43.81
N ARG XA 310 -103.75 17.41 44.43
CA ARG XA 310 -104.65 16.39 43.91
C ARG XA 310 -106.11 16.84 43.97
N ASP XA 311 -106.55 17.29 45.15
CA ASP XA 311 -107.95 17.62 45.35
C ASP XA 311 -108.37 18.89 44.63
N SER XA 312 -107.43 19.77 44.30
CA SER XA 312 -107.74 21.10 43.79
C SER XA 312 -107.69 21.18 42.27
N GLY XA 313 -107.62 20.04 41.58
CA GLY XA 313 -107.64 20.03 40.13
C GLY XA 313 -106.28 20.18 39.48
N ARG XA 314 -105.20 20.03 40.24
CA ARG XA 314 -103.83 20.15 39.74
C ARG XA 314 -103.20 18.77 39.69
N HIS XA 315 -101.93 18.74 39.31
CA HIS XA 315 -101.17 17.50 39.17
C HIS XA 315 -99.85 17.68 39.88
N CYS XA 316 -99.49 16.69 40.70
CA CYS XA 316 -98.20 16.65 41.36
C CYS XA 316 -97.56 15.27 41.18
N VAL XA 317 -96.24 15.25 41.31
CA VAL XA 317 -95.48 14.00 41.33
C VAL XA 317 -94.61 14.00 42.58
N ILE XA 318 -94.77 12.97 43.40
CA ILE XA 318 -94.06 12.83 44.67
C ILE XA 318 -93.02 11.74 44.55
N ILE XA 319 -91.87 11.95 45.18
CA ILE XA 319 -90.69 11.12 44.99
C ILE XA 319 -90.16 10.78 46.38
N TYR XA 320 -90.45 9.57 46.85
CA TYR XA 320 -89.95 9.07 48.13
C TYR XA 320 -88.57 8.46 47.93
N ASP XA 321 -87.54 9.13 48.43
CA ASP XA 321 -86.16 8.68 48.31
C ASP XA 321 -85.80 7.88 49.56
N ASP XA 322 -85.43 6.62 49.34
CA ASP XA 322 -85.09 5.68 50.40
C ASP XA 322 -86.27 5.42 51.35
N LEU XA 323 -87.32 4.81 50.79
CA LEU XA 323 -88.40 4.30 51.61
C LEU XA 323 -87.89 3.24 52.58
N SER XA 324 -86.83 2.54 52.20
CA SER XA 324 -86.29 1.52 53.10
C SER XA 324 -85.77 2.14 54.38
N LYS XA 325 -85.48 3.45 54.40
CA LYS XA 325 -85.11 4.05 55.67
C LYS XA 325 -86.35 4.43 56.46
N GLN XA 326 -87.50 4.48 55.79
CA GLN XA 326 -88.75 4.68 56.49
C GLN XA 326 -89.09 3.42 57.25
N ALA XA 327 -89.11 2.31 56.51
CA ALA XA 327 -89.37 1.01 57.13
C ALA XA 327 -88.36 0.75 58.25
N THR XA 328 -87.07 1.00 57.97
CA THR XA 328 -86.03 0.94 59.00
C THR XA 328 -86.43 1.71 60.26
N ALA XA 329 -86.80 2.98 60.10
CA ALA XA 329 -87.22 3.78 61.24
C ALA XA 329 -88.39 3.17 61.99
N TYR XA 330 -89.41 2.70 61.27
CA TYR XA 330 -90.54 2.05 61.92
C TYR XA 330 -90.11 0.84 62.74
N ARG XA 331 -89.22 0.02 62.17
CA ARG XA 331 -88.66 -1.10 62.92
C ARG XA 331 -87.93 -0.63 64.17
N GLN XA 332 -87.07 0.39 64.01
CA GLN XA 332 -86.33 0.95 65.13
C GLN XA 332 -87.24 1.50 66.20
N MET XA 333 -88.45 1.91 65.83
CA MET XA 333 -89.40 2.43 66.81
C MET XA 333 -90.25 1.34 67.43
N SER XA 334 -90.42 0.23 66.73
CA SER XA 334 -91.24 -0.85 67.27
C SER XA 334 -90.42 -1.72 68.20
N LEU XA 335 -89.14 -1.87 67.93
CA LEU XA 335 -88.29 -2.68 68.80
C LEU XA 335 -87.93 -1.92 70.06
N LEU XA 336 -88.14 -0.61 70.07
CA LEU XA 336 -87.93 0.22 71.25
C LEU XA 336 -89.22 0.47 72.02
N LEU XA 337 -90.37 0.46 71.33
CA LEU XA 337 -91.65 0.37 72.02
C LEU XA 337 -92.01 -1.07 72.40
N ARG XA 338 -91.08 -2.01 72.18
CA ARG XA 338 -91.27 -3.40 72.60
C ARG XA 338 -92.48 -4.02 71.92
N ARG XA 339 -92.74 -3.63 70.69
CA ARG XA 339 -93.78 -4.25 69.89
C ARG XA 339 -93.31 -5.60 69.36
N PRO XA 340 -94.23 -6.48 68.99
CA PRO XA 340 -93.84 -7.83 68.60
C PRO XA 340 -93.33 -7.83 67.17
N PRO XA 341 -92.17 -8.45 66.90
CA PRO XA 341 -91.60 -8.35 65.55
C PRO XA 341 -92.06 -9.45 64.61
N GLY XA 342 -91.58 -9.40 63.38
CA GLY XA 342 -91.79 -10.42 62.38
C GLY XA 342 -90.45 -10.88 61.84
N ARG XA 343 -90.41 -11.07 60.53
CA ARG XA 343 -89.20 -11.56 59.86
C ARG XA 343 -88.34 -10.37 59.45
N GLU XA 344 -87.03 -10.53 59.58
CA GLU XA 344 -86.09 -9.41 59.56
C GLU XA 344 -86.40 -8.38 60.64
N ALA XA 345 -87.11 -8.78 61.70
CA ALA XA 345 -87.49 -7.94 62.81
C ALA XA 345 -88.46 -6.82 62.44
N TYR XA 346 -88.93 -6.78 61.19
CA TYR XA 346 -89.93 -5.80 60.82
C TYR XA 346 -91.28 -6.18 61.41
N PRO XA 347 -92.06 -5.20 61.91
CA PRO XA 347 -93.40 -5.54 62.42
C PRO XA 347 -94.35 -5.93 61.31
N GLY XA 348 -95.58 -6.31 61.67
CA GLY XA 348 -96.57 -6.65 60.67
C GLY XA 348 -97.23 -5.48 59.99
N ASP XA 349 -97.05 -4.25 60.48
CA ASP XA 349 -97.69 -3.08 59.90
C ASP XA 349 -96.83 -2.38 58.86
N VAL XA 350 -95.94 -3.09 58.21
CA VAL XA 350 -95.10 -2.48 57.18
C VAL XA 350 -95.85 -2.43 55.85
N PHE XA 351 -96.45 -3.56 55.48
CA PHE XA 351 -97.30 -3.56 54.29
C PHE XA 351 -98.42 -2.55 54.43
N TYR XA 352 -99.08 -2.53 55.61
CA TYR XA 352 -100.11 -1.54 55.86
C TYR XA 352 -99.55 -0.12 55.80
N LEU XA 353 -98.31 0.06 56.25
CA LEU XA 353 -97.71 1.40 56.21
C LEU XA 353 -97.52 1.87 54.78
N HIS XA 354 -96.76 1.10 53.99
CA HIS XA 354 -96.52 1.48 52.61
C HIS XA 354 -97.82 1.57 51.83
N SER XA 355 -98.83 0.78 52.20
CA SER XA 355 -100.11 0.83 51.51
C SER XA 355 -100.85 2.13 51.80
N ARG XA 356 -100.96 2.49 53.08
CA ARG XA 356 -101.48 3.80 53.45
C ARG XA 356 -100.75 4.90 52.70
N LEU XA 357 -99.42 4.78 52.58
CA LEU XA 357 -98.64 5.83 51.93
C LEU XA 357 -98.96 5.91 50.44
N LEU XA 358 -98.97 4.77 49.74
CA LEU XA 358 -99.02 4.75 48.29
C LEU XA 358 -100.43 4.79 47.71
N GLU XA 359 -101.44 4.36 48.46
CA GLU XA 359 -102.79 4.35 47.92
C GLU XA 359 -103.39 5.76 47.81
N ARG XA 360 -102.65 6.80 48.21
CA ARG XA 360 -103.10 8.15 47.95
C ARG XA 360 -102.75 8.59 46.53
N ALA XA 361 -101.71 8.00 45.94
CA ALA XA 361 -101.39 8.26 44.54
C ALA XA 361 -102.56 7.83 43.66
N ALA XA 362 -103.11 8.78 42.90
CA ALA XA 362 -104.41 8.56 42.30
C ALA XA 362 -104.61 9.48 41.11
N LYS XA 363 -105.70 9.24 40.38
CA LYS XA 363 -106.18 10.11 39.31
C LYS XA 363 -107.67 10.33 39.55
N MET XA 364 -108.05 11.52 40.04
CA MET XA 364 -109.44 11.76 40.38
C MET XA 364 -110.26 12.07 39.13
N GLY XA 365 -111.57 11.82 39.25
CA GLY XA 365 -112.47 12.03 38.14
C GLY XA 365 -112.86 13.49 37.97
N ASP XA 366 -113.59 13.75 36.89
CA ASP XA 366 -113.94 15.12 36.53
C ASP XA 366 -114.96 15.73 37.47
N LYS XA 367 -115.54 14.96 38.38
CA LYS XA 367 -116.43 15.51 39.40
C LYS XA 367 -115.69 15.94 40.65
N SER XA 368 -114.49 15.41 40.89
CA SER XA 368 -113.65 15.86 41.98
C SER XA 368 -112.73 17.00 41.58
N GLY XA 369 -112.43 17.13 40.29
CA GLY XA 369 -111.63 18.23 39.79
C GLY XA 369 -110.70 17.81 38.68
N GLY XA 370 -110.43 16.52 38.58
CA GLY XA 370 -109.56 16.00 37.56
C GLY XA 370 -108.09 15.97 37.91
N GLY XA 371 -107.74 16.21 39.17
CA GLY XA 371 -106.35 16.24 39.57
C GLY XA 371 -105.75 14.86 39.64
N SER XA 372 -104.48 14.83 40.05
CA SER XA 372 -103.73 13.58 40.08
C SER XA 372 -102.59 13.70 41.07
N LEU XA 373 -102.03 12.54 41.43
CA LEU XA 373 -100.86 12.45 42.29
C LEU XA 373 -100.12 11.18 41.87
N THR XA 374 -99.10 11.36 41.03
CA THR XA 374 -98.21 10.28 40.60
C THR XA 374 -97.19 9.99 41.70
N ALA XA 375 -96.61 8.80 41.65
CA ALA XA 375 -95.64 8.38 42.66
C ALA XA 375 -94.49 7.63 42.03
N LEU XA 376 -93.27 7.99 42.46
CA LEU XA 376 -92.04 7.36 42.01
C LEU XA 376 -91.19 7.00 43.22
N PRO XA 377 -91.62 6.01 44.00
CA PRO XA 377 -90.82 5.57 45.14
C PRO XA 377 -89.49 5.00 44.64
N VAL XA 378 -88.46 5.11 45.46
CA VAL XA 378 -87.12 4.66 45.11
C VAL XA 378 -86.68 3.61 46.12
N ILE XA 379 -86.03 2.55 45.64
CA ILE XA 379 -85.57 1.48 46.52
C ILE XA 379 -84.18 1.00 46.10
N GLU XA 380 -83.31 0.87 47.10
CA GLU XA 380 -81.98 0.27 46.94
C GLU XA 380 -82.07 -1.20 47.28
N THR XA 381 -81.71 -2.06 46.32
CA THR XA 381 -81.57 -3.49 46.55
C THR XA 381 -80.09 -3.80 46.75
N GLN XA 382 -79.78 -4.54 47.82
CA GLN XA 382 -78.40 -4.69 48.27
C GLN XA 382 -77.68 -5.84 47.57
N ALA XA 383 -78.39 -6.69 46.85
CA ALA XA 383 -77.76 -7.73 46.05
C ALA XA 383 -78.43 -7.93 44.69
N GLY XA 384 -79.46 -7.15 44.36
CA GLY XA 384 -80.36 -7.50 43.27
C GLY XA 384 -81.48 -8.43 43.64
N ASP XA 385 -81.48 -9.00 44.84
CA ASP XA 385 -82.58 -9.85 45.29
C ASP XA 385 -83.81 -8.99 45.58
N VAL XA 386 -84.79 -9.06 44.69
CA VAL XA 386 -86.08 -8.37 44.88
C VAL XA 386 -87.08 -9.33 45.52
N SER XA 387 -86.59 -10.39 46.14
CA SER XA 387 -87.44 -11.32 46.86
C SER XA 387 -87.50 -11.03 48.36
N ALA XA 388 -86.81 -10.00 48.83
CA ALA XA 388 -86.84 -9.67 50.24
C ALA XA 388 -88.21 -9.12 50.63
N TYR XA 389 -88.36 -8.78 51.91
CA TYR XA 389 -89.68 -8.46 52.44
C TYR XA 389 -90.16 -7.12 51.90
N ILE XA 390 -89.29 -6.12 51.92
CA ILE XA 390 -89.68 -4.76 51.60
C ILE XA 390 -89.81 -4.65 50.09
N PRO XA 391 -88.85 -5.16 49.32
CA PRO XA 391 -89.06 -5.21 47.86
C PRO XA 391 -90.34 -5.94 47.44
N THR XA 392 -90.62 -7.12 48.01
CA THR XA 392 -91.83 -7.82 47.61
C THR XA 392 -93.08 -7.06 48.03
N ASN XA 393 -93.04 -6.39 49.19
CA ASN XA 393 -94.19 -5.59 49.62
C ASN XA 393 -94.40 -4.39 48.71
N VAL XA 394 -93.33 -3.84 48.17
CA VAL XA 394 -93.50 -2.60 47.43
C VAL XA 394 -93.85 -2.91 45.98
N ILE XA 395 -93.30 -3.99 45.42
CA ILE XA 395 -93.71 -4.33 44.07
C ILE XA 395 -95.16 -4.79 44.11
N SER XA 396 -95.59 -5.43 45.21
CA SER XA 396 -97.00 -5.78 45.35
C SER XA 396 -97.88 -4.55 45.52
N ILE XA 397 -97.34 -3.46 46.05
CA ILE XA 397 -98.16 -2.26 46.25
C ILE XA 397 -98.16 -1.32 45.04
N THR XA 398 -97.12 -1.36 44.22
CA THR XA 398 -96.87 -0.31 43.23
C THR XA 398 -97.47 -0.68 41.88
N ASP XA 399 -97.53 0.30 40.97
CA ASP XA 399 -98.15 0.11 39.68
C ASP XA 399 -97.15 -0.16 38.57
N GLY XA 400 -95.93 -0.58 38.91
CA GLY XA 400 -94.93 -0.79 37.90
C GLY XA 400 -93.54 -0.98 38.49
N GLN XA 401 -92.55 -0.89 37.60
CA GLN XA 401 -91.15 -1.13 38.01
C GLN XA 401 -90.13 -0.68 36.96
N ILE XA 402 -89.13 0.06 37.41
CA ILE XA 402 -87.98 0.48 36.63
C ILE XA 402 -86.75 -0.12 37.32
N PHE XA 403 -86.15 -1.14 36.70
CA PHE XA 403 -85.08 -1.90 37.32
C PHE XA 403 -83.75 -1.45 36.72
N LEU XA 404 -82.94 -0.78 37.53
CA LEU XA 404 -81.58 -0.40 37.14
C LEU XA 404 -80.58 -1.47 37.57
N GLU XA 405 -79.50 -1.57 36.80
CA GLU XA 405 -78.46 -2.57 37.03
C GLU XA 405 -77.09 -1.91 37.05
N THR XA 406 -76.13 -2.62 37.62
CA THR XA 406 -74.76 -2.14 37.76
C THR XA 406 -73.83 -2.63 36.66
N GLU XA 407 -74.12 -3.80 36.08
CA GLU XA 407 -73.33 -4.29 34.96
C GLU XA 407 -73.44 -3.40 33.74
N LEU XA 408 -74.56 -2.68 33.60
CA LEU XA 408 -74.79 -1.82 32.46
C LEU XA 408 -74.32 -0.39 32.70
N PHE XA 409 -74.20 0.02 33.96
CA PHE XA 409 -73.69 1.36 34.27
C PHE XA 409 -72.24 1.54 33.86
N TYR XA 410 -71.48 0.46 33.73
CA TYR XA 410 -70.07 0.53 33.35
C TYR XA 410 -69.83 0.18 31.89
N LYS XA 411 -70.80 -0.43 31.22
CA LYS XA 411 -70.74 -0.67 29.78
C LYS XA 411 -71.11 0.58 28.97
N GLY XA 412 -71.23 1.74 29.60
CA GLY XA 412 -71.68 2.93 28.94
C GLY XA 412 -73.18 3.08 28.83
N ILE XA 413 -73.94 2.06 29.21
CA ILE XA 413 -75.40 2.12 29.14
C ILE XA 413 -75.92 2.89 30.34
N ARG XA 414 -76.08 4.21 30.17
CA ARG XA 414 -76.51 5.08 31.26
C ARG XA 414 -77.60 5.99 30.72
N PRO XA 415 -78.82 5.97 31.27
CA PRO XA 415 -79.36 5.19 32.39
C PRO XA 415 -79.33 3.67 32.21
N ALA XA 416 -78.93 2.97 33.28
CA ALA XA 416 -78.67 1.54 33.24
C ALA XA 416 -79.95 0.74 33.40
N ILE XA 417 -80.95 1.03 32.58
CA ILE XA 417 -82.27 0.41 32.70
C ILE XA 417 -82.25 -0.96 32.05
N ASN XA 418 -82.58 -1.99 32.83
CA ASN XA 418 -82.79 -3.33 32.29
C ASN XA 418 -84.26 -3.47 31.91
N VAL XA 419 -84.53 -3.40 30.59
CA VAL XA 419 -85.90 -3.38 30.10
C VAL XA 419 -86.55 -4.75 30.10
N GLY XA 420 -85.84 -5.79 30.53
CA GLY XA 420 -86.42 -7.11 30.63
C GLY XA 420 -87.23 -7.22 31.90
N LEU XA 421 -86.65 -6.73 33.00
CA LEU XA 421 -87.33 -6.71 34.29
C LEU XA 421 -88.13 -5.44 34.52
N SER XA 422 -87.79 -4.33 33.84
CA SER XA 422 -88.61 -3.14 33.97
C SER XA 422 -89.92 -3.32 33.23
N VAL XA 423 -91.03 -3.01 33.90
CA VAL XA 423 -92.36 -3.17 33.35
C VAL XA 423 -93.19 -1.93 33.71
N SER XA 424 -94.39 -1.87 33.14
CA SER XA 424 -95.34 -0.80 33.46
C SER XA 424 -96.74 -1.35 33.28
N ARG XA 425 -97.45 -1.57 34.39
CA ARG XA 425 -98.78 -2.15 34.33
C ARG XA 425 -99.80 -1.24 33.68
N VAL XA 426 -99.48 0.04 33.49
CA VAL XA 426 -100.36 0.92 32.73
C VAL XA 426 -100.16 0.72 31.23
N GLY XA 427 -98.95 0.96 30.76
CA GLY XA 427 -98.58 0.63 29.39
C GLY XA 427 -98.80 1.76 28.40
N SER XA 428 -99.18 1.41 27.17
CA SER XA 428 -99.33 2.39 26.11
C SER XA 428 -100.46 3.37 26.38
N ALA XA 429 -101.35 3.06 27.33
CA ALA XA 429 -102.38 4.01 27.72
C ALA XA 429 -101.78 5.31 28.27
N ALA XA 430 -100.55 5.27 28.76
CA ALA XA 430 -99.84 6.46 29.21
C ALA XA 430 -98.86 6.96 28.15
N GLN XA 431 -99.22 6.85 26.88
CA GLN XA 431 -98.33 7.21 25.79
C GLN XA 431 -99.12 7.89 24.68
N VAL XA 432 -98.55 8.98 24.14
CA VAL XA 432 -99.08 9.55 22.91
C VAL XA 432 -98.85 8.59 21.75
N LYS XA 433 -99.70 8.74 20.72
CA LYS XA 433 -99.59 7.86 19.56
C LYS XA 433 -98.27 8.05 18.84
N ALA XA 434 -97.76 9.28 18.82
CA ALA XA 434 -96.47 9.55 18.19
C ALA XA 434 -95.37 8.70 18.80
N MET XA 435 -95.50 8.34 20.07
CA MET XA 435 -94.56 7.45 20.74
C MET XA 435 -94.94 5.99 20.59
N LYS XA 436 -96.23 5.69 20.54
CA LYS XA 436 -96.68 4.31 20.29
C LYS XA 436 -96.09 3.80 18.98
N GLN XA 437 -96.18 4.63 17.92
CA GLN XA 437 -95.82 4.18 16.58
C GLN XA 437 -94.39 3.68 16.51
N VAL XA 438 -93.53 4.14 17.40
CA VAL XA 438 -92.12 3.75 17.40
C VAL XA 438 -91.82 2.77 18.52
N ALA XA 439 -92.50 2.87 19.66
CA ALA XA 439 -92.18 2.02 20.80
C ALA XA 439 -92.70 0.61 20.56
N GLY XA 440 -93.88 0.47 19.93
CA GLY XA 440 -94.35 -0.86 19.59
C GLY XA 440 -93.39 -1.63 18.71
N THR XA 441 -92.63 -0.92 17.88
CA THR XA 441 -91.59 -1.55 17.06
C THR XA 441 -90.34 -1.82 17.88
N MET XA 442 -89.87 -0.79 18.60
CA MET XA 442 -88.60 -0.91 19.32
C MET XA 442 -88.67 -2.00 20.39
N LYS XA 443 -89.82 -2.20 21.01
CA LYS XA 443 -89.95 -3.25 22.02
C LYS XA 443 -89.69 -4.62 21.40
N LEU XA 444 -90.30 -4.89 20.25
CA LEU XA 444 -90.06 -6.16 19.57
C LEU XA 444 -88.61 -6.29 19.12
N GLU XA 445 -88.04 -5.21 18.59
CA GLU XA 445 -86.66 -5.28 18.12
C GLU XA 445 -85.70 -5.56 19.26
N LEU XA 446 -85.90 -4.90 20.40
CA LEU XA 446 -85.02 -5.12 21.54
C LEU XA 446 -85.27 -6.48 22.18
N ALA XA 447 -86.51 -6.99 22.12
CA ALA XA 447 -86.75 -8.35 22.57
C ALA XA 447 -85.98 -9.35 21.71
N GLN XA 448 -86.00 -9.17 20.39
CA GLN XA 448 -85.23 -10.05 19.53
C GLN XA 448 -83.73 -9.94 19.82
N TYR XA 449 -83.25 -8.71 20.06
CA TYR XA 449 -81.86 -8.54 20.45
C TYR XA 449 -81.55 -9.28 21.74
N ARG XA 450 -82.46 -9.22 22.72
CA ARG XA 450 -82.26 -9.95 23.97
C ARG XA 450 -82.34 -11.46 23.75
N GLU XA 451 -83.05 -11.89 22.71
CA GLU XA 451 -83.13 -13.29 22.36
C GLU XA 451 -81.87 -13.79 21.65
N VAL XA 452 -81.08 -12.88 21.08
CA VAL XA 452 -79.94 -13.30 20.27
C VAL XA 452 -78.70 -12.55 20.74
N ALA XA 453 -78.70 -12.13 21.99
CA ALA XA 453 -77.61 -11.30 22.52
C ALA XA 453 -76.30 -12.08 22.60
N ALA XA 454 -76.36 -13.29 23.18
CA ALA XA 454 -75.15 -14.08 23.38
C ALA XA 454 -74.42 -14.38 22.08
N PHE XA 455 -75.11 -14.31 20.95
CA PHE XA 455 -74.50 -14.60 19.66
C PHE XA 455 -73.63 -13.45 19.15
N ALA XA 456 -73.58 -12.33 19.87
CA ALA XA 456 -72.73 -11.22 19.45
C ALA XA 456 -71.25 -11.60 19.46
N GLN XA 457 -70.84 -12.46 20.38
CA GLN XA 457 -69.47 -12.95 20.42
C GLN XA 457 -69.22 -14.08 19.44
N PHE XA 458 -70.20 -14.44 18.61
CA PHE XA 458 -70.02 -15.47 17.59
C PHE XA 458 -70.65 -15.05 16.27
N GLY XA 459 -70.92 -13.75 16.09
CA GLY XA 459 -71.61 -13.26 14.91
C GLY XA 459 -70.81 -13.40 13.63
N SER XA 460 -69.50 -13.58 13.73
CA SER XA 460 -68.67 -13.70 12.53
C SER XA 460 -69.09 -14.90 11.69
N ASP XA 461 -69.63 -15.94 12.31
CA ASP XA 461 -69.94 -17.17 11.61
C ASP XA 461 -71.42 -17.30 11.27
N LEU XA 462 -72.27 -16.45 11.85
CA LEU XA 462 -73.72 -16.61 11.71
C LEU XA 462 -74.14 -16.03 10.36
N ASP XA 463 -75.44 -15.88 10.14
CA ASP XA 463 -75.98 -15.38 8.87
C ASP XA 463 -76.84 -14.14 9.08
N ALA XA 464 -77.16 -13.50 7.96
CA ALA XA 464 -78.11 -12.42 8.01
C ALA XA 464 -79.46 -12.96 8.47
N SER XA 465 -80.33 -12.04 8.86
CA SER XA 465 -81.57 -12.27 9.59
C SER XA 465 -81.25 -12.60 11.03
N THR XA 466 -79.96 -12.73 11.37
CA THR XA 466 -79.51 -12.81 12.75
C THR XA 466 -78.39 -11.85 13.05
N ARG XA 467 -77.70 -11.33 12.03
CA ARG XA 467 -76.77 -10.22 12.26
C ARG XA 467 -77.47 -8.88 12.19
N GLN XA 468 -78.56 -8.80 11.41
CA GLN XA 468 -79.35 -7.57 11.36
C GLN XA 468 -79.98 -7.26 12.70
N LEU XA 469 -80.46 -8.29 13.40
CA LEU XA 469 -81.03 -8.09 14.72
C LEU XA 469 -79.99 -7.55 15.69
N LEU XA 470 -78.78 -8.12 15.67
CA LEU XA 470 -77.72 -7.62 16.53
C LEU XA 470 -77.38 -6.18 16.19
N THR XA 471 -77.30 -5.85 14.90
CA THR XA 471 -76.94 -4.49 14.51
C THR XA 471 -78.00 -3.49 14.97
N ARG XA 472 -79.28 -3.80 14.73
CA ARG XA 472 -80.33 -2.89 15.13
C ARG XA 472 -80.42 -2.77 16.65
N GLY XA 473 -80.24 -3.88 17.36
CA GLY XA 473 -80.24 -3.83 18.81
C GLY XA 473 -79.12 -2.97 19.35
N THR XA 474 -77.92 -3.12 18.79
CA THR XA 474 -76.79 -2.31 19.23
C THR XA 474 -77.04 -0.83 18.94
N ALA XA 475 -77.59 -0.53 17.76
CA ALA XA 475 -77.87 0.85 17.40
C ALA XA 475 -78.88 1.46 18.35
N LEU XA 476 -79.95 0.74 18.65
CA LEU XA 476 -80.95 1.25 19.58
C LEU XA 476 -80.39 1.40 20.99
N THR XA 477 -79.62 0.42 21.46
CA THR XA 477 -79.00 0.52 22.78
C THR XA 477 -78.11 1.74 22.88
N GLU XA 478 -77.36 2.05 21.82
CA GLU XA 478 -76.52 3.24 21.81
C GLU XA 478 -77.32 4.52 21.59
N LEU XA 479 -78.53 4.41 21.06
CA LEU XA 479 -79.38 5.58 20.88
C LEU XA 479 -80.09 5.96 22.17
N LEU XA 480 -80.54 4.98 22.95
CA LEU XA 480 -81.23 5.25 24.19
C LEU XA 480 -80.31 5.82 25.27
N LYS XA 481 -79.00 5.72 25.10
CA LYS XA 481 -78.09 6.37 26.03
C LYS XA 481 -78.36 7.87 26.10
N GLN XA 482 -78.06 8.45 27.26
CA GLN XA 482 -78.42 9.83 27.53
C GLN XA 482 -77.48 10.39 28.57
N ARG XA 483 -77.46 11.71 28.66
CA ARG XA 483 -76.51 12.44 29.50
C ARG XA 483 -77.19 12.94 30.77
N GLN XA 484 -76.42 13.03 31.84
CA GLN XA 484 -76.96 13.45 33.13
C GLN XA 484 -77.44 14.89 33.07
N TYR XA 485 -78.65 15.13 33.57
CA TYR XA 485 -79.23 16.46 33.63
C TYR XA 485 -79.40 17.07 32.25
N SER XA 486 -79.71 16.24 31.25
CA SER XA 486 -79.98 16.70 29.89
C SER XA 486 -81.18 15.94 29.33
N PRO XA 487 -82.39 16.29 29.77
CA PRO XA 487 -83.58 15.64 29.22
C PRO XA 487 -84.13 16.33 27.99
N MET XA 488 -84.76 15.53 27.14
CA MET XA 488 -85.33 15.96 25.87
C MET XA 488 -86.85 15.99 25.95
N LYS XA 489 -87.47 16.48 24.88
CA LYS XA 489 -88.92 16.53 24.76
C LYS XA 489 -89.44 15.32 24.00
N ASN XA 490 -90.77 15.15 24.03
CA ASN XA 490 -91.37 13.98 23.42
C ASN XA 490 -91.33 14.06 21.89
N SER XA 491 -91.46 15.25 21.32
CA SER XA 491 -91.34 15.39 19.88
C SER XA 491 -89.95 14.97 19.41
N VAL XA 492 -88.92 15.49 20.06
CA VAL XA 492 -87.55 15.12 19.73
C VAL XA 492 -87.35 13.62 19.92
N GLN XA 493 -87.90 13.06 21.00
CA GLN XA 493 -87.80 11.62 21.22
C GLN XA 493 -88.41 10.84 20.06
N VAL XA 494 -89.59 11.26 19.61
CA VAL XA 494 -90.26 10.55 18.53
C VAL XA 494 -89.44 10.65 17.26
N CYS XA 495 -88.92 11.83 16.95
CA CYS XA 495 -88.08 12.00 15.76
C CYS XA 495 -86.87 11.08 15.82
N VAL XA 496 -86.17 11.06 16.95
CA VAL XA 496 -84.95 10.29 17.06
C VAL XA 496 -85.25 8.80 16.98
N LEU XA 497 -86.32 8.35 17.65
CA LEU XA 497 -86.64 6.93 17.59
C LEU XA 497 -87.15 6.53 16.22
N TYR XA 498 -87.73 7.46 15.45
CA TYR XA 498 -88.04 7.16 14.06
C TYR XA 498 -86.76 6.99 13.24
N CYS XA 499 -85.79 7.87 13.44
CA CYS XA 499 -84.49 7.70 12.80
C CYS XA 499 -83.84 6.38 13.19
N GLY XA 500 -84.11 5.90 14.39
CA GLY XA 500 -83.47 4.69 14.86
C GLY XA 500 -84.15 3.44 14.32
N VAL XA 501 -85.47 3.36 14.49
CA VAL XA 501 -86.19 2.16 14.11
C VAL XA 501 -86.27 2.01 12.59
N LYS XA 502 -86.22 3.12 11.84
CA LYS XA 502 -86.36 3.05 10.40
C LYS XA 502 -85.05 2.80 9.68
N GLY XA 503 -84.04 2.29 10.38
CA GLY XA 503 -82.85 1.77 9.73
C GLY XA 503 -81.84 2.80 9.30
N TYR XA 504 -81.94 4.04 9.76
CA TYR XA 504 -80.98 5.08 9.41
C TYR XA 504 -79.74 5.06 10.28
N LEU XA 505 -79.54 4.00 11.07
CA LEU XA 505 -78.38 3.88 11.93
C LEU XA 505 -77.70 2.52 11.86
N ASP XA 506 -78.31 1.53 11.20
CA ASP XA 506 -77.63 0.26 10.96
C ASP XA 506 -76.27 0.40 10.30
N PRO XA 507 -76.11 1.16 9.21
CA PRO XA 507 -74.81 1.21 8.53
C PRO XA 507 -73.77 2.08 9.21
N LEU XA 508 -74.06 2.61 10.39
CA LEU XA 508 -73.16 3.53 11.07
C LEU XA 508 -72.26 2.78 12.06
N ASP XA 509 -71.13 3.39 12.38
CA ASP XA 509 -70.38 2.96 13.55
C ASP XA 509 -71.15 3.33 14.81
N PRO XA 510 -71.33 2.41 15.76
CA PRO XA 510 -72.15 2.74 16.94
C PRO XA 510 -71.60 3.90 17.74
N LYS XA 511 -70.27 4.04 17.82
CA LYS XA 511 -69.68 5.11 18.62
C LYS XA 511 -70.07 6.50 18.14
N GLU XA 512 -70.56 6.60 16.91
CA GLU XA 512 -70.95 7.86 16.30
C GLU XA 512 -72.41 8.23 16.53
N ILE XA 513 -73.22 7.30 17.06
CA ILE XA 513 -74.65 7.57 17.23
C ILE XA 513 -74.89 8.77 18.14
N SER XA 514 -74.12 8.90 19.22
CA SER XA 514 -74.29 10.07 20.09
C SER XA 514 -74.07 11.38 19.33
N ARG XA 515 -73.17 11.38 18.35
CA ARG XA 515 -73.03 12.54 17.47
C ARG XA 515 -74.24 12.65 16.57
N PHE XA 516 -74.60 11.57 15.89
CA PHE XA 516 -75.72 11.59 14.98
C PHE XA 516 -76.89 12.29 15.68
N GLU XA 517 -77.36 11.66 16.76
CA GLU XA 517 -78.43 12.20 17.60
C GLU XA 517 -78.24 13.68 17.91
N SER XA 518 -77.07 14.06 18.46
CA SER XA 518 -76.85 15.45 18.84
C SER XA 518 -77.05 16.40 17.66
N LEU XA 519 -76.33 16.16 16.57
CA LEU XA 519 -76.44 17.01 15.39
C LEU XA 519 -77.87 17.05 14.88
N PHE XA 520 -78.54 15.90 14.80
CA PHE XA 520 -79.91 15.87 14.31
C PHE XA 520 -80.81 16.74 15.18
N ILE XA 521 -80.64 16.65 16.49
CA ILE XA 521 -81.43 17.47 17.41
C ILE XA 521 -81.22 18.94 17.11
N ASP XA 522 -79.95 19.38 17.09
CA ASP XA 522 -79.66 20.77 16.77
C ASP XA 522 -80.28 21.18 15.44
N TYR XA 523 -80.10 20.35 14.42
CA TYR XA 523 -80.66 20.59 13.09
C TYR XA 523 -82.16 20.85 13.15
N ILE XA 524 -82.90 19.92 13.77
CA ILE XA 524 -84.37 20.02 13.75
C ILE XA 524 -84.82 21.19 14.61
N ASN XA 525 -84.15 21.44 15.73
CA ASN XA 525 -84.52 22.57 16.57
C ASN XA 525 -84.18 23.90 15.91
N ALA XA 526 -83.28 23.88 14.93
CA ALA XA 526 -82.95 25.05 14.13
C ALA XA 526 -83.87 25.22 12.93
N ASN XA 527 -84.43 24.15 12.41
CA ASN XA 527 -85.01 24.11 11.07
C ASN XA 527 -86.49 23.75 11.05
N HIS XA 528 -86.93 22.77 11.86
CA HIS XA 528 -88.28 22.23 11.68
C HIS XA 528 -89.07 22.33 12.98
N GLN XA 529 -89.04 23.52 13.57
CA GLN XA 529 -89.89 23.75 14.73
C GLN XA 529 -91.35 23.57 14.36
N ASP XA 530 -91.71 23.74 13.08
CA ASP XA 530 -93.10 23.50 12.71
C ASP XA 530 -93.44 22.04 12.91
N ILE XA 531 -92.52 21.14 12.56
CA ILE XA 531 -92.73 19.71 12.77
C ILE XA 531 -92.87 19.42 14.25
N LEU XA 532 -91.98 20.01 15.05
CA LEU XA 532 -92.05 19.76 16.49
C LEU XA 532 -93.34 20.28 17.09
N LYS XA 533 -93.78 21.47 16.67
CA LYS XA 533 -95.02 22.05 17.18
C LYS XA 533 -96.22 21.22 16.75
N THR XA 534 -96.20 20.70 15.52
CA THR XA 534 -97.30 19.85 15.06
C THR XA 534 -97.37 18.57 15.87
N ILE XA 535 -96.22 17.96 16.15
CA ILE XA 535 -96.23 16.72 16.93
C ILE XA 535 -96.67 17.01 18.36
N GLU XA 536 -96.29 18.16 18.90
CA GLU XA 536 -96.64 18.51 20.27
C GLU XA 536 -98.10 18.89 20.40
N THR XA 537 -98.70 19.41 19.33
CA THR XA 537 -100.09 19.85 19.37
C THR XA 537 -101.05 18.70 19.07
N GLU XA 538 -100.80 17.94 18.00
CA GLU XA 538 -101.70 16.86 17.63
C GLU XA 538 -101.43 15.56 18.38
N LYS XA 539 -100.22 15.37 18.93
CA LYS XA 539 -99.91 14.16 19.68
C LYS XA 539 -100.03 12.93 18.77
N GLU XA 540 -99.63 13.10 17.51
CA GLU XA 540 -99.73 12.04 16.52
C GLU XA 540 -98.64 12.24 15.49
N LEU XA 541 -98.23 11.15 14.85
CA LEU XA 541 -97.22 11.16 13.80
C LEU XA 541 -97.92 10.73 12.51
N SER XA 542 -98.53 11.70 11.83
CA SER XA 542 -99.28 11.45 10.61
C SER XA 542 -98.34 11.22 9.44
N GLU XA 543 -98.90 10.75 8.33
CA GLU XA 543 -98.08 10.43 7.17
C GLU XA 543 -97.39 11.66 6.60
N LYS XA 544 -98.01 12.84 6.72
CA LYS XA 544 -97.37 14.06 6.24
C LYS XA 544 -96.17 14.42 7.11
N THR XA 545 -96.34 14.36 8.43
CA THR XA 545 -95.21 14.58 9.33
C THR XA 545 -94.13 13.53 9.13
N GLU XA 546 -94.51 12.29 8.81
CA GLU XA 546 -93.53 11.25 8.53
C GLU XA 546 -92.74 11.53 7.27
N ALA XA 547 -93.41 12.04 6.23
CA ALA XA 547 -92.70 12.41 5.01
C ALA XA 547 -91.76 13.59 5.25
N LYS XA 548 -92.25 14.61 5.96
CA LYS XA 548 -91.38 15.71 6.38
C LYS XA 548 -90.18 15.20 7.16
N LEU XA 549 -90.39 14.22 8.03
CA LEU XA 549 -89.31 13.69 8.85
C LEU XA 549 -88.28 12.95 8.01
N ARG XA 550 -88.75 12.08 7.10
CA ARG XA 550 -87.81 11.39 6.22
C ARG XA 550 -87.04 12.39 5.35
N ALA XA 551 -87.72 13.44 4.90
CA ALA XA 551 -87.04 14.48 4.14
C ALA XA 551 -85.93 15.13 4.96
N ALA XA 552 -86.25 15.54 6.19
CA ALA XA 552 -85.26 16.18 7.05
C ALA XA 552 -84.11 15.23 7.35
N VAL XA 553 -84.41 13.95 7.57
CA VAL XA 553 -83.36 12.97 7.86
C VAL XA 553 -82.43 12.83 6.66
N ASP XA 554 -83.00 12.73 5.46
CA ASP XA 554 -82.18 12.59 4.27
C ASP XA 554 -81.31 13.83 4.06
N GLU XA 555 -81.90 15.01 4.28
CA GLU XA 555 -81.13 16.25 4.18
C GLU XA 555 -79.98 16.26 5.18
N PHE XA 556 -80.24 15.86 6.42
CA PHE XA 556 -79.20 15.83 7.44
C PHE XA 556 -78.08 14.87 7.05
N VAL XA 557 -78.44 13.66 6.65
CA VAL XA 557 -77.44 12.67 6.26
C VAL XA 557 -76.62 13.18 5.07
N ALA XA 558 -77.27 13.87 4.14
CA ALA XA 558 -76.53 14.41 3.00
C ALA XA 558 -75.58 15.52 3.44
N MET XA 559 -76.03 16.39 4.34
CA MET XA 559 -75.21 17.49 4.80
C MET XA 559 -74.04 17.02 5.66
N ASN XA 560 -74.16 15.85 6.28
CA ASN XA 560 -73.18 15.39 7.26
C ASN XA 560 -72.52 14.11 6.77
N GLU XA 561 -71.43 13.74 7.44
CA GLU XA 561 -70.66 12.56 7.08
C GLU XA 561 -70.33 11.78 8.34
N PHE XA 562 -70.58 10.47 8.31
CA PHE XA 562 -70.33 9.59 9.43
C PHE XA 562 -69.36 8.49 9.00
N LYS XA 563 -68.88 7.73 10.00
CA LYS XA 563 -67.72 6.87 9.80
C LYS XA 563 -68.06 5.71 8.87
N LYS XA 564 -68.97 4.84 9.28
CA LYS XA 564 -69.27 3.63 8.53
C LYS XA 564 -70.46 3.85 7.59
N GLU YA 58 -116.23 -18.75 111.41
CA GLU YA 58 -115.67 -17.60 112.13
C GLU YA 58 -116.20 -16.29 111.56
N MET YA 59 -116.20 -16.19 110.23
CA MET YA 59 -116.73 -15.00 109.55
C MET YA 59 -117.50 -15.36 108.29
N SER YA 60 -117.76 -16.64 108.03
CA SER YA 60 -118.35 -17.04 106.75
C SER YA 60 -119.74 -16.46 106.56
N ARG YA 61 -120.43 -16.10 107.65
CA ARG YA 61 -121.73 -15.48 107.53
C ARG YA 61 -121.65 -14.18 106.74
N LEU YA 62 -120.56 -13.44 106.88
CA LEU YA 62 -120.41 -12.17 106.17
C LEU YA 62 -120.35 -12.41 104.67
N LEU YA 63 -119.53 -13.38 104.25
CA LEU YA 63 -119.40 -13.66 102.82
C LEU YA 63 -120.70 -14.25 102.26
N GLU YA 64 -121.34 -15.14 103.02
CA GLU YA 64 -122.62 -15.68 102.57
C GLU YA 64 -123.65 -14.57 102.42
N GLU YA 65 -123.61 -13.57 103.30
CA GLU YA 65 -124.59 -12.50 103.25
C GLU YA 65 -124.34 -11.57 102.07
N ARG YA 66 -123.08 -11.18 101.85
CA ARG YA 66 -122.79 -10.15 100.85
C ARG YA 66 -122.71 -10.72 99.44
N ILE YA 67 -122.01 -11.85 99.27
CA ILE YA 67 -121.74 -12.33 97.92
C ILE YA 67 -122.97 -13.01 97.32
N ALA YA 68 -123.83 -13.59 98.15
CA ALA YA 68 -125.09 -14.19 97.70
C ALA YA 68 -124.81 -15.32 96.69
N GLY YA 69 -124.24 -16.39 97.22
CA GLY YA 69 -123.78 -17.50 96.39
C GLY YA 69 -122.36 -17.92 96.70
N TRP YA 70 -121.90 -17.60 97.91
CA TRP YA 70 -120.51 -17.87 98.28
C TRP YA 70 -120.29 -19.33 98.61
N LYS YA 71 -121.24 -19.95 99.31
CA LYS YA 71 -121.04 -21.30 99.84
C LYS YA 71 -120.86 -22.34 98.73
N THR YA 72 -121.25 -22.01 97.50
CA THR YA 72 -121.21 -22.99 96.42
C THR YA 72 -119.87 -23.00 95.69
N GLN YA 73 -119.13 -21.89 95.69
CA GLN YA 73 -117.86 -21.79 94.99
C GLN YA 73 -116.69 -22.34 95.80
N THR YA 74 -116.95 -23.04 96.90
CA THR YA 74 -115.88 -23.56 97.74
C THR YA 74 -115.29 -24.85 97.15
N SER YA 75 -116.13 -25.75 96.66
CA SER YA 75 -115.68 -27.06 96.17
C SER YA 75 -115.02 -26.87 94.80
N THR YA 76 -113.79 -26.38 94.83
CA THR YA 76 -112.97 -26.22 93.64
C THR YA 76 -112.21 -27.49 93.26
N GLU YA 77 -112.56 -28.64 93.83
CA GLU YA 77 -111.85 -29.88 93.54
C GLU YA 77 -112.40 -30.59 92.32
N GLU YA 78 -113.68 -30.40 92.01
CA GLU YA 78 -114.33 -31.04 90.87
C GLU YA 78 -114.97 -30.04 89.91
N VAL YA 79 -115.05 -28.77 90.30
CA VAL YA 79 -115.61 -27.72 89.48
C VAL YA 79 -114.65 -26.53 89.48
N GLY YA 80 -114.53 -25.88 88.32
CA GLY YA 80 -113.62 -24.79 88.12
C GLY YA 80 -114.27 -23.68 87.31
N ARG YA 81 -113.52 -22.61 87.10
CA ARG YA 81 -114.02 -21.40 86.46
C ARG YA 81 -113.00 -20.94 85.43
N VAL YA 82 -113.48 -20.66 84.22
CA VAL YA 82 -112.58 -20.19 83.17
C VAL YA 82 -112.07 -18.79 83.52
N VAL YA 83 -110.84 -18.50 83.10
CA VAL YA 83 -110.18 -17.24 83.39
C VAL YA 83 -109.73 -16.54 82.11
N SER YA 84 -109.11 -17.28 81.20
CA SER YA 84 -108.67 -16.74 79.93
C SER YA 84 -108.92 -17.77 78.84
N VAL YA 85 -109.01 -17.28 77.60
CA VAL YA 85 -109.24 -18.12 76.44
C VAL YA 85 -108.45 -17.55 75.27
N GLY YA 86 -107.93 -18.43 74.42
CA GLY YA 86 -107.25 -18.00 73.22
C GLY YA 86 -106.33 -19.05 72.64
N ASP YA 87 -106.34 -19.18 71.30
CA ASP YA 87 -105.38 -20.02 70.60
C ASP YA 87 -105.59 -21.50 70.94
N GLY YA 88 -106.84 -21.89 71.13
CA GLY YA 88 -107.16 -23.25 71.53
C GLY YA 88 -106.76 -23.62 72.93
N ILE YA 89 -106.23 -22.68 73.72
CA ILE YA 89 -105.83 -22.93 75.09
C ILE YA 89 -106.79 -22.19 76.01
N ALA YA 90 -106.93 -22.71 77.22
CA ALA YA 90 -107.76 -22.07 78.23
C ALA YA 90 -107.08 -22.18 79.59
N ARG YA 91 -107.35 -21.20 80.45
CA ARG YA 91 -106.89 -21.20 81.83
C ARG YA 91 -108.10 -21.26 82.75
N LEU YA 92 -108.06 -22.17 83.71
CA LEU YA 92 -109.10 -22.34 84.70
C LEU YA 92 -108.54 -22.08 86.08
N PHE YA 93 -109.39 -21.58 86.98
CA PHE YA 93 -109.06 -21.49 88.40
C PHE YA 93 -109.93 -22.49 89.15
N GLY YA 94 -109.28 -23.43 89.84
CA GLY YA 94 -109.98 -24.48 90.55
C GLY YA 94 -109.56 -25.85 90.07
N LEU YA 95 -110.36 -26.87 90.36
CA LEU YA 95 -110.10 -28.23 89.90
C LEU YA 95 -108.74 -28.73 90.41
N GLU YA 96 -108.63 -28.76 91.74
CA GLU YA 96 -107.39 -29.18 92.37
C GLU YA 96 -107.19 -30.69 92.34
N GLY YA 97 -108.27 -31.45 92.24
CA GLY YA 97 -108.17 -32.91 92.20
C GLY YA 97 -108.22 -33.46 90.79
N VAL YA 98 -107.89 -32.64 89.81
CA VAL YA 98 -107.95 -33.05 88.42
C VAL YA 98 -106.69 -33.82 88.05
N GLN YA 99 -106.85 -34.93 87.33
CA GLN YA 99 -105.71 -35.69 86.84
C GLN YA 99 -105.17 -35.06 85.56
N ALA YA 100 -103.88 -35.30 85.31
CA ALA YA 100 -103.28 -34.88 84.05
C ALA YA 100 -103.77 -35.78 82.92
N GLY YA 101 -104.01 -35.18 81.76
CA GLY YA 101 -104.62 -35.89 80.67
C GLY YA 101 -106.10 -36.16 80.85
N GLU YA 102 -106.72 -35.61 81.89
CA GLU YA 102 -108.11 -35.91 82.18
C GLU YA 102 -109.03 -35.20 81.19
N LEU YA 103 -110.16 -35.82 80.91
CA LEU YA 103 -111.17 -35.20 80.07
C LEU YA 103 -112.00 -34.23 80.89
N VAL YA 104 -112.27 -33.07 80.31
CA VAL YA 104 -112.94 -31.96 80.98
C VAL YA 104 -114.12 -31.52 80.12
N GLU YA 105 -115.21 -31.14 80.79
CA GLU YA 105 -116.46 -30.81 80.13
C GLU YA 105 -116.81 -29.36 80.47
N PHE YA 106 -116.89 -28.52 79.44
CA PHE YA 106 -117.17 -27.10 79.62
C PHE YA 106 -118.67 -26.90 79.79
N GLN YA 107 -119.10 -25.63 79.76
CA GLN YA 107 -120.50 -25.32 80.04
C GLN YA 107 -121.41 -25.68 78.88
N ASN YA 108 -120.97 -25.42 77.64
CA ASN YA 108 -121.80 -25.56 76.45
C ASN YA 108 -121.56 -26.87 75.70
N GLY YA 109 -121.26 -27.94 76.43
CA GLY YA 109 -121.05 -29.24 75.81
C GLY YA 109 -119.68 -29.47 75.21
N MET YA 110 -118.88 -28.42 75.05
CA MET YA 110 -117.53 -28.58 74.52
C MET YA 110 -116.67 -29.36 75.52
N THR YA 111 -115.59 -29.92 75.02
CA THR YA 111 -114.73 -30.80 75.81
C THR YA 111 -113.29 -30.38 75.67
N GLY YA 112 -112.45 -30.94 76.53
CA GLY YA 112 -111.04 -30.61 76.49
C GLY YA 112 -110.22 -31.59 77.31
N MET YA 113 -108.92 -31.36 77.29
CA MET YA 113 -107.94 -32.18 77.99
C MET YA 113 -107.18 -31.30 78.96
N ALA YA 114 -107.17 -31.71 80.24
CA ALA YA 114 -106.39 -31.03 81.26
C ALA YA 114 -104.91 -31.31 81.02
N LEU YA 115 -104.25 -30.42 80.29
CA LEU YA 115 -102.89 -30.68 79.86
C LEU YA 115 -101.88 -30.31 80.95
N ASN YA 116 -101.93 -29.07 81.42
CA ASN YA 116 -100.96 -28.56 82.38
C ASN YA 116 -101.67 -28.25 83.70
N LEU YA 117 -101.07 -28.68 84.80
CA LEU YA 117 -101.55 -28.40 86.15
C LEU YA 117 -100.51 -27.50 86.81
N GLU YA 118 -100.74 -26.19 86.74
CA GLU YA 118 -99.87 -25.23 87.39
C GLU YA 118 -100.18 -25.21 88.89
N THR YA 119 -99.55 -24.26 89.61
CA THR YA 119 -99.70 -24.24 91.06
C THR YA 119 -101.08 -23.75 91.45
N ASP YA 120 -101.61 -22.76 90.72
CA ASP YA 120 -102.94 -22.23 90.95
C ASP YA 120 -103.86 -22.45 89.76
N ASN YA 121 -103.41 -22.11 88.56
CA ASN YA 121 -104.24 -22.24 87.37
C ASN YA 121 -104.11 -23.64 86.77
N VAL YA 122 -104.98 -23.92 85.80
CA VAL YA 122 -105.00 -25.18 85.08
C VAL YA 122 -105.09 -24.88 83.59
N GLY YA 123 -104.17 -25.44 82.82
CA GLY YA 123 -104.10 -25.20 81.39
C GLY YA 123 -104.75 -26.33 80.61
N VAL YA 124 -105.75 -25.97 79.81
CA VAL YA 124 -106.66 -26.93 79.18
C VAL YA 124 -106.60 -26.73 77.68
N VAL YA 125 -106.70 -27.83 76.93
CA VAL YA 125 -106.74 -27.81 75.47
C VAL YA 125 -108.14 -28.18 75.03
N ILE YA 126 -108.74 -27.34 74.19
CA ILE YA 126 -110.14 -27.45 73.83
C ILE YA 126 -110.28 -28.24 72.54
N PHE YA 127 -111.03 -29.34 72.59
CA PHE YA 127 -111.31 -30.14 71.39
C PHE YA 127 -112.43 -29.47 70.60
N GLY YA 128 -112.11 -28.30 70.06
CA GLY YA 128 -113.07 -27.56 69.27
C GLY YA 128 -112.55 -26.17 68.98
N ASP YA 129 -113.48 -25.29 68.62
CA ASP YA 129 -113.17 -23.89 68.37
C ASP YA 129 -113.40 -23.07 69.63
N ASP YA 130 -112.62 -22.00 69.78
CA ASP YA 130 -112.74 -21.10 70.92
C ASP YA 130 -113.86 -20.08 70.66
N ARG YA 131 -115.07 -20.61 70.56
CA ARG YA 131 -116.27 -19.79 70.60
C ARG YA 131 -117.38 -20.36 71.49
N SER YA 132 -117.31 -21.64 71.86
CA SER YA 132 -118.23 -22.23 72.82
C SER YA 132 -117.71 -22.15 74.25
N VAL YA 133 -116.67 -21.36 74.49
CA VAL YA 133 -116.04 -21.24 75.80
C VAL YA 133 -115.82 -19.77 76.08
N LEU YA 134 -116.28 -19.31 77.25
CA LEU YA 134 -116.15 -17.93 77.67
C LEU YA 134 -115.46 -17.86 79.02
N GLU YA 135 -114.72 -16.77 79.24
CA GLU YA 135 -114.29 -16.44 80.59
C GLU YA 135 -115.51 -16.26 81.50
N GLY YA 136 -115.47 -16.92 82.65
CA GLY YA 136 -116.59 -16.96 83.57
C GLY YA 136 -117.35 -18.26 83.53
N ASP YA 137 -117.29 -18.98 82.41
CA ASP YA 137 -117.96 -20.26 82.29
C ASP YA 137 -117.48 -21.23 83.36
N SER YA 138 -118.40 -22.10 83.80
CA SER YA 138 -118.07 -23.14 84.76
C SER YA 138 -117.61 -24.40 84.04
N VAL YA 139 -116.79 -25.18 84.73
CA VAL YA 139 -116.12 -26.34 84.15
C VAL YA 139 -116.24 -27.47 85.17
N LYS YA 140 -116.49 -28.68 84.67
CA LYS YA 140 -116.67 -29.84 85.54
C LYS YA 140 -115.58 -30.86 85.26
N ARG YA 141 -115.43 -31.80 86.20
CA ARG YA 141 -114.63 -32.99 85.94
C ARG YA 141 -115.53 -34.12 85.46
N THR YA 142 -115.06 -34.83 84.43
CA THR YA 142 -115.67 -36.11 84.07
C THR YA 142 -115.15 -37.26 84.90
N GLY YA 143 -113.96 -37.13 85.49
CA GLY YA 143 -113.43 -38.14 86.38
C GLY YA 143 -112.67 -39.25 85.69
N ARG YA 144 -112.37 -39.13 84.40
CA ARG YA 144 -111.72 -40.18 83.65
C ARG YA 144 -110.77 -39.57 82.63
N ILE YA 145 -109.72 -40.33 82.30
CA ILE YA 145 -108.78 -39.87 81.28
C ILE YA 145 -109.47 -39.83 79.93
N VAL YA 146 -108.87 -39.10 78.99
CA VAL YA 146 -109.42 -39.01 77.64
C VAL YA 146 -109.52 -40.42 77.07
N ASP YA 147 -110.73 -40.79 76.66
CA ASP YA 147 -111.02 -42.16 76.24
C ASP YA 147 -111.95 -42.15 75.04
N VAL YA 148 -111.94 -43.26 74.31
CA VAL YA 148 -112.79 -43.42 73.13
C VAL YA 148 -113.37 -44.82 73.12
N PRO YA 149 -114.55 -44.98 72.53
CA PRO YA 149 -115.15 -46.31 72.45
C PRO YA 149 -114.42 -47.20 71.46
N ILE YA 150 -114.60 -48.50 71.63
CA ILE YA 150 -113.94 -49.51 70.82
C ILE YA 150 -114.86 -50.72 70.68
N GLY YA 151 -114.46 -51.66 69.84
CA GLY YA 151 -115.15 -52.92 69.71
C GLY YA 151 -115.89 -53.03 68.39
N PRO YA 152 -116.78 -54.01 68.28
CA PRO YA 152 -117.67 -54.07 67.11
C PRO YA 152 -118.86 -53.15 67.27
N GLY YA 153 -119.08 -52.30 66.28
CA GLY YA 153 -120.02 -51.21 66.41
C GLY YA 153 -119.49 -49.95 65.76
N LEU YA 154 -118.16 -49.81 65.76
CA LEU YA 154 -117.50 -48.80 64.95
C LEU YA 154 -117.29 -49.25 63.51
N LEU YA 155 -117.41 -50.55 63.22
CA LEU YA 155 -117.17 -51.03 61.87
C LEU YA 155 -118.25 -50.50 60.95
N GLY YA 156 -117.83 -49.88 59.84
CA GLY YA 156 -118.77 -49.27 58.93
C GLY YA 156 -119.21 -47.89 59.35
N ARG YA 157 -118.45 -47.25 60.24
CA ARG YA 157 -118.85 -45.99 60.87
C ARG YA 157 -117.75 -44.95 60.75
N VAL YA 158 -118.11 -43.78 60.24
CA VAL YA 158 -117.24 -42.62 60.31
C VAL YA 158 -117.46 -41.95 61.66
N VAL YA 159 -116.37 -41.52 62.30
CA VAL YA 159 -116.44 -40.95 63.64
C VAL YA 159 -115.41 -39.84 63.76
N ASP YA 160 -115.64 -38.96 64.73
CA ASP YA 160 -114.67 -37.92 65.04
C ASP YA 160 -113.56 -38.51 65.91
N ALA YA 161 -112.72 -37.66 66.48
CA ALA YA 161 -111.61 -38.14 67.29
C ALA YA 161 -112.09 -38.87 68.54
N LEU YA 162 -113.29 -38.53 69.02
CA LEU YA 162 -113.77 -38.99 70.32
C LEU YA 162 -114.94 -39.97 70.18
N GLY YA 163 -115.04 -40.67 69.05
CA GLY YA 163 -116.10 -41.64 68.88
C GLY YA 163 -117.47 -41.05 68.65
N ASN YA 164 -117.56 -39.76 68.34
CA ASN YA 164 -118.85 -39.13 68.04
C ASN YA 164 -119.15 -39.25 66.56
N PRO YA 165 -120.27 -39.84 66.16
CA PRO YA 165 -120.53 -40.07 64.74
C PRO YA 165 -120.93 -38.80 64.00
N ILE YA 166 -120.69 -38.82 62.69
CA ILE YA 166 -121.00 -37.67 61.84
C ILE YA 166 -121.80 -38.04 60.61
N ASP YA 167 -121.89 -39.31 60.23
CA ASP YA 167 -122.63 -39.71 59.03
C ASP YA 167 -124.13 -39.58 59.19
N GLY YA 168 -124.62 -39.27 60.39
CA GLY YA 168 -126.05 -39.10 60.59
C GLY YA 168 -126.84 -40.38 60.47
N LYS YA 169 -126.51 -41.37 61.30
CA LYS YA 169 -127.23 -42.64 61.30
C LYS YA 169 -127.53 -43.16 62.70
N GLY YA 170 -127.12 -42.45 63.75
CA GLY YA 170 -127.41 -42.84 65.11
C GLY YA 170 -126.16 -42.84 65.98
N PRO YA 171 -126.33 -43.19 67.24
CA PRO YA 171 -125.18 -43.29 68.16
C PRO YA 171 -124.43 -44.60 67.98
N ILE YA 172 -123.34 -44.72 68.74
CA ILE YA 172 -122.39 -45.82 68.61
C ILE YA 172 -122.36 -46.55 69.95
N PRO YA 173 -122.48 -47.88 69.98
CA PRO YA 173 -122.36 -48.58 71.26
C PRO YA 173 -120.98 -48.38 71.88
N ALA YA 174 -120.84 -48.85 73.12
CA ALA YA 174 -119.69 -48.49 73.94
C ALA YA 174 -119.17 -49.72 74.67
N LYS YA 175 -117.88 -49.99 74.51
CA LYS YA 175 -117.14 -50.86 75.42
C LYS YA 175 -116.72 -50.04 76.63
N GLU YA 176 -115.75 -50.53 77.40
CA GLU YA 176 -115.28 -49.83 78.59
C GLU YA 176 -114.36 -48.66 78.26
N ARG YA 177 -114.35 -48.21 77.00
CA ARG YA 177 -113.74 -46.94 76.60
C ARG YA 177 -112.25 -46.93 76.94
N ARG YA 178 -111.52 -47.76 76.18
CA ARG YA 178 -110.07 -47.78 76.27
C ARG YA 178 -109.52 -46.36 76.18
N ARG YA 179 -108.39 -46.15 76.85
CA ARG YA 179 -107.75 -44.85 76.86
C ARG YA 179 -107.05 -44.59 75.51
N VAL YA 180 -106.44 -43.42 75.39
CA VAL YA 180 -105.91 -42.92 74.12
C VAL YA 180 -104.39 -42.92 74.12
N GLU YA 181 -103.77 -42.21 75.06
CA GLU YA 181 -102.31 -42.17 75.15
C GLU YA 181 -101.84 -43.26 76.11
N LEU YA 182 -102.05 -44.50 75.68
CA LEU YA 182 -101.53 -45.66 76.38
C LEU YA 182 -100.09 -45.95 75.97
N LYS YA 183 -99.45 -46.82 76.75
CA LYS YA 183 -98.09 -47.27 76.45
C LYS YA 183 -98.11 -48.52 75.58
N ALA YA 184 -97.13 -48.62 74.70
CA ALA YA 184 -97.05 -49.73 73.77
C ALA YA 184 -96.65 -50.99 74.53
N PRO YA 185 -96.65 -52.15 73.85
CA PRO YA 185 -96.13 -53.36 74.50
C PRO YA 185 -94.62 -53.38 74.58
N GLY YA 186 -94.06 -54.50 75.04
CA GLY YA 186 -92.63 -54.62 75.25
C GLY YA 186 -91.96 -55.59 74.30
N ILE YA 187 -91.19 -56.53 74.85
CA ILE YA 187 -90.31 -57.39 74.07
C ILE YA 187 -90.73 -58.85 74.15
N ILE YA 188 -91.24 -59.28 75.29
CA ILE YA 188 -91.62 -60.68 75.48
C ILE YA 188 -92.95 -60.95 74.79
N PRO YA 189 -94.02 -60.21 75.08
CA PRO YA 189 -95.31 -60.53 74.43
C PRO YA 189 -95.30 -60.26 72.94
N ARG YA 190 -94.42 -59.40 72.45
CA ARG YA 190 -94.30 -59.16 71.03
C ARG YA 190 -93.80 -60.42 70.33
N LYS YA 191 -93.92 -60.42 69.00
CA LYS YA 191 -93.52 -61.57 68.20
C LYS YA 191 -93.08 -61.06 66.83
N SER YA 192 -92.18 -61.82 66.20
CA SER YA 192 -91.74 -61.48 64.86
C SER YA 192 -92.87 -61.75 63.85
N VAL YA 193 -92.75 -61.10 62.70
CA VAL YA 193 -93.77 -61.16 61.67
C VAL YA 193 -93.50 -62.36 60.78
N HIS YA 194 -94.53 -63.21 60.61
CA HIS YA 194 -94.35 -64.45 59.88
C HIS YA 194 -95.53 -64.79 58.97
N GLU YA 195 -96.32 -63.80 58.57
CA GLU YA 195 -97.43 -64.02 57.66
C GLU YA 195 -97.75 -62.71 56.97
N PRO YA 196 -98.38 -62.77 55.79
CA PRO YA 196 -98.53 -61.59 54.94
C PRO YA 196 -99.81 -60.81 55.23
N MET YA 197 -99.91 -59.66 54.56
CA MET YA 197 -101.14 -58.86 54.53
C MET YA 197 -101.45 -58.61 53.06
N MET YA 198 -102.43 -59.34 52.53
CA MET YA 198 -102.72 -59.29 51.10
C MET YA 198 -103.23 -57.90 50.73
N THR YA 199 -102.39 -57.13 50.04
CA THR YA 199 -102.73 -55.79 49.59
C THR YA 199 -103.45 -55.78 48.26
N GLY YA 200 -103.17 -56.74 47.38
CA GLY YA 200 -103.79 -56.81 46.08
C GLY YA 200 -103.04 -56.12 44.98
N LEU YA 201 -101.89 -55.52 45.27
CA LEU YA 201 -101.05 -54.90 44.25
C LEU YA 201 -99.89 -55.84 43.93
N LYS YA 202 -99.63 -56.02 42.64
CA LYS YA 202 -98.63 -57.00 42.20
C LYS YA 202 -97.25 -56.62 42.69
N CYS YA 203 -96.84 -55.38 42.44
CA CYS YA 203 -95.49 -54.94 42.80
C CYS YA 203 -95.29 -54.99 44.31
N VAL YA 204 -96.32 -54.64 45.07
CA VAL YA 204 -96.21 -54.66 46.53
C VAL YA 204 -96.11 -56.09 47.02
N ASP YA 205 -97.11 -56.92 46.70
CA ASP YA 205 -97.11 -58.29 47.19
C ASP YA 205 -95.91 -59.08 46.71
N ALA YA 206 -95.25 -58.66 45.64
CA ALA YA 206 -94.10 -59.39 45.13
C ALA YA 206 -92.78 -58.87 45.69
N LEU YA 207 -92.49 -57.58 45.47
CA LEU YA 207 -91.19 -57.02 45.76
C LEU YA 207 -91.11 -56.31 47.10
N VAL YA 208 -92.23 -55.77 47.58
CA VAL YA 208 -92.24 -55.01 48.82
C VAL YA 208 -93.33 -55.59 49.73
N PRO YA 209 -93.19 -56.85 50.14
CA PRO YA 209 -94.30 -57.52 50.83
C PRO YA 209 -94.59 -56.88 52.18
N VAL YA 210 -95.87 -56.76 52.49
CA VAL YA 210 -96.33 -56.19 53.76
C VAL YA 210 -96.73 -57.34 54.67
N GLY YA 211 -96.21 -57.33 55.89
CA GLY YA 211 -96.47 -58.39 56.85
C GLY YA 211 -97.70 -58.10 57.71
N ARG YA 212 -97.84 -58.91 58.75
CA ARG YA 212 -98.94 -58.83 59.70
C ARG YA 212 -98.33 -58.56 61.08
N GLY YA 213 -98.18 -57.29 61.41
CA GLY YA 213 -97.40 -56.87 62.57
C GLY YA 213 -96.33 -55.85 62.20
N GLN YA 214 -96.45 -55.27 61.01
CA GLN YA 214 -95.44 -54.40 60.46
C GLN YA 214 -95.86 -52.94 60.54
N ARG YA 215 -94.90 -52.05 60.27
CA ARG YA 215 -95.11 -50.60 60.24
C ARG YA 215 -94.38 -50.09 58.99
N GLU YA 216 -95.10 -50.00 57.88
CA GLU YA 216 -94.52 -49.60 56.62
C GLU YA 216 -95.12 -48.29 56.13
N LEU YA 217 -94.27 -47.46 55.54
CA LEU YA 217 -94.59 -46.06 55.26
C LEU YA 217 -94.86 -45.91 53.77
N ILE YA 218 -95.93 -45.19 53.44
CA ILE YA 218 -96.26 -44.82 52.06
C ILE YA 218 -95.87 -43.36 51.90
N ILE YA 219 -94.73 -43.11 51.24
CA ILE YA 219 -94.16 -41.77 51.15
C ILE YA 219 -94.14 -41.33 49.70
N GLY YA 220 -94.62 -40.13 49.45
CA GLY YA 220 -94.58 -39.58 48.11
C GLY YA 220 -95.32 -38.27 47.96
N ASP YA 221 -95.00 -37.52 46.91
CA ASP YA 221 -95.59 -36.22 46.70
C ASP YA 221 -97.09 -36.35 46.41
N ARG YA 222 -97.75 -35.20 46.35
CA ARG YA 222 -99.19 -35.17 46.19
C ARG YA 222 -99.58 -35.65 44.79
N GLN YA 223 -100.78 -36.23 44.70
CA GLN YA 223 -101.27 -36.80 43.44
C GLN YA 223 -100.31 -37.85 42.90
N THR YA 224 -100.14 -38.91 43.69
CA THR YA 224 -99.27 -40.02 43.34
C THR YA 224 -99.92 -41.39 43.56
N GLY YA 225 -101.04 -41.46 44.26
CA GLY YA 225 -101.78 -42.70 44.45
C GLY YA 225 -101.56 -43.31 45.81
N LYS YA 226 -101.55 -42.45 46.84
CA LYS YA 226 -101.44 -42.94 48.21
C LYS YA 226 -102.81 -43.41 48.69
N THR YA 227 -103.81 -42.54 48.60
CA THR YA 227 -105.15 -42.96 48.96
C THR YA 227 -105.59 -44.13 48.11
N ALA YA 228 -105.10 -44.20 46.87
CA ALA YA 228 -105.44 -45.31 45.99
C ALA YA 228 -104.82 -46.62 46.47
N VAL YA 229 -103.54 -46.59 46.86
CA VAL YA 229 -102.94 -47.78 47.48
C VAL YA 229 -103.71 -48.18 48.72
N ALA YA 230 -103.99 -47.21 49.59
CA ALA YA 230 -104.74 -47.48 50.82
C ALA YA 230 -106.08 -48.16 50.53
N VAL YA 231 -106.81 -47.65 49.54
CA VAL YA 231 -108.15 -48.16 49.31
C VAL YA 231 -108.12 -49.50 48.60
N ASP YA 232 -107.12 -49.75 47.75
CA ASP YA 232 -106.98 -51.10 47.21
C ASP YA 232 -106.62 -52.09 48.31
N ALA YA 233 -105.76 -51.67 49.25
CA ALA YA 233 -105.43 -52.50 50.40
C ALA YA 233 -106.66 -52.78 51.26
N ILE YA 234 -107.62 -51.86 51.26
CA ILE YA 234 -108.85 -52.09 52.00
C ILE YA 234 -109.77 -53.02 51.22
N ILE YA 235 -109.91 -52.79 49.92
CA ILE YA 235 -110.88 -53.53 49.12
C ILE YA 235 -110.46 -54.98 48.95
N ASN YA 236 -109.15 -55.26 48.98
CA ASN YA 236 -108.72 -56.63 48.75
C ASN YA 236 -109.10 -57.57 49.88
N GLN YA 237 -109.42 -57.05 51.06
CA GLN YA 237 -109.70 -57.89 52.21
C GLN YA 237 -111.13 -58.44 52.21
N LYS YA 238 -111.96 -58.02 51.26
CA LYS YA 238 -113.37 -58.40 51.27
C LYS YA 238 -113.52 -59.90 51.10
N GLU YA 239 -112.89 -60.46 50.06
CA GLU YA 239 -113.04 -61.89 49.80
C GLU YA 239 -112.43 -62.71 50.93
N ILE YA 240 -111.30 -62.26 51.47
CA ILE YA 240 -110.65 -62.99 52.55
C ILE YA 240 -111.53 -63.00 53.79
N ASN YA 241 -112.25 -61.91 54.05
CA ASN YA 241 -113.08 -61.85 55.24
C ASN YA 241 -114.37 -62.63 55.03
N ASP YA 242 -115.02 -62.46 53.88
CA ASP YA 242 -116.27 -63.16 53.62
C ASP YA 242 -116.07 -64.66 53.51
N SER YA 243 -114.90 -65.12 53.06
CA SER YA 243 -114.70 -66.54 52.81
C SER YA 243 -114.34 -67.32 54.06
N THR YA 244 -114.11 -66.64 55.18
CA THR YA 244 -113.49 -67.25 56.35
C THR YA 244 -114.47 -67.42 57.49
N ASP YA 245 -115.10 -66.33 57.94
CA ASP YA 245 -116.00 -66.36 59.10
C ASP YA 245 -115.25 -66.71 60.39
N ASP YA 246 -113.93 -66.49 60.41
CA ASP YA 246 -113.15 -66.74 61.62
C ASP YA 246 -112.23 -65.55 61.88
N GLU YA 247 -112.44 -64.90 63.04
CA GLU YA 247 -111.77 -63.63 63.29
C GLU YA 247 -110.29 -63.80 63.54
N SER YA 248 -109.80 -65.04 63.69
CA SER YA 248 -108.37 -65.22 63.86
C SER YA 248 -107.65 -65.00 62.55
N LYS YA 249 -108.35 -65.23 61.43
CA LYS YA 249 -107.78 -65.04 60.10
C LYS YA 249 -108.25 -63.75 59.47
N LYS YA 250 -109.44 -63.26 59.83
CA LYS YA 250 -109.92 -62.00 59.29
C LYS YA 250 -109.00 -60.84 59.71
N LEU YA 251 -108.91 -59.85 58.84
CA LEU YA 251 -108.16 -58.62 59.08
C LEU YA 251 -109.11 -57.45 58.99
N TYR YA 252 -109.32 -56.74 60.09
CA TYR YA 252 -110.13 -55.53 60.04
C TYR YA 252 -109.28 -54.33 59.57
N CYS YA 253 -109.86 -53.14 59.70
CA CYS YA 253 -109.08 -51.97 59.32
C CYS YA 253 -109.68 -50.69 59.90
N ILE YA 254 -108.82 -49.67 59.93
CA ILE YA 254 -109.16 -48.33 60.37
C ILE YA 254 -108.50 -47.36 59.41
N TYR YA 255 -109.24 -46.33 59.02
CA TYR YA 255 -108.74 -45.31 58.10
C TYR YA 255 -108.85 -43.96 58.79
N VAL YA 256 -107.70 -43.32 59.01
CA VAL YA 256 -107.64 -42.06 59.75
C VAL YA 256 -107.32 -40.96 58.74
N ALA YA 257 -108.24 -40.00 58.62
CA ALA YA 257 -108.07 -38.84 57.75
C ALA YA 257 -107.72 -37.64 58.60
N VAL YA 258 -106.62 -36.97 58.24
CA VAL YA 258 -106.09 -35.84 58.99
C VAL YA 258 -105.85 -34.71 58.00
N GLY YA 259 -106.56 -33.61 58.18
CA GLY YA 259 -106.40 -32.48 57.28
C GLY YA 259 -106.91 -32.74 55.89
N GLN YA 260 -107.75 -33.76 55.71
CA GLN YA 260 -108.19 -34.19 54.40
C GLN YA 260 -109.50 -33.48 54.04
N LYS YA 261 -109.71 -33.27 52.74
CA LYS YA 261 -110.94 -32.67 52.25
C LYS YA 261 -112.16 -33.57 52.49
N ARG YA 262 -113.21 -32.97 53.07
CA ARG YA 262 -114.36 -33.74 53.50
C ARG YA 262 -115.03 -34.41 52.30
N SER YA 263 -115.05 -33.72 51.15
CA SER YA 263 -115.64 -34.32 49.96
C SER YA 263 -114.86 -35.56 49.55
N THR YA 264 -113.52 -35.52 49.69
CA THR YA 264 -112.71 -36.69 49.38
C THR YA 264 -113.04 -37.83 50.34
N VAL YA 265 -113.21 -37.51 51.63
CA VAL YA 265 -113.55 -38.56 52.59
C VAL YA 265 -114.91 -39.17 52.25
N ALA YA 266 -115.87 -38.32 51.88
CA ALA YA 266 -117.19 -38.80 51.51
C ALA YA 266 -117.12 -39.70 50.29
N GLN YA 267 -116.34 -39.31 49.29
CA GLN YA 267 -116.17 -40.14 48.10
C GLN YA 267 -115.55 -41.48 48.45
N ILE YA 268 -114.55 -41.48 49.33
CA ILE YA 268 -113.93 -42.73 49.77
C ILE YA 268 -114.97 -43.62 50.42
N VAL YA 269 -115.74 -43.07 51.36
CA VAL YA 269 -116.75 -43.85 52.06
C VAL YA 269 -117.78 -44.38 51.08
N LYS YA 270 -118.13 -43.58 50.07
CA LYS YA 270 -119.10 -44.03 49.07
C LYS YA 270 -118.54 -45.17 48.24
N ALA YA 271 -117.25 -45.09 47.87
CA ALA YA 271 -116.65 -46.17 47.08
C ALA YA 271 -116.53 -47.45 47.90
N LEU YA 272 -116.36 -47.32 49.22
CA LEU YA 272 -116.28 -48.51 50.06
C LEU YA 272 -117.65 -49.12 50.28
N GLU YA 273 -118.67 -48.29 50.53
CA GLU YA 273 -120.02 -48.83 50.61
C GLU YA 273 -120.46 -49.44 49.28
N GLN YA 274 -120.01 -48.85 48.16
CA GLN YA 274 -120.21 -49.44 46.85
C GLN YA 274 -119.64 -50.85 46.78
N ARG YA 275 -118.38 -51.02 47.16
CA ARG YA 275 -117.71 -52.30 47.03
C ARG YA 275 -117.78 -53.15 48.30
N ASP YA 276 -118.73 -52.83 49.18
CA ASP YA 276 -119.04 -53.69 50.34
C ASP YA 276 -117.85 -53.81 51.28
N ALA YA 277 -116.99 -52.79 51.31
CA ALA YA 277 -115.75 -52.81 52.09
C ALA YA 277 -115.87 -51.97 53.35
N MET YA 278 -117.06 -51.96 53.98
CA MET YA 278 -117.26 -51.32 55.26
C MET YA 278 -117.80 -52.27 56.33
N LYS YA 279 -118.01 -53.54 56.01
CA LYS YA 279 -118.30 -54.54 57.04
C LYS YA 279 -117.15 -54.71 58.03
N TYR YA 280 -115.91 -54.39 57.62
CA TYR YA 280 -114.72 -54.70 58.40
C TYR YA 280 -113.77 -53.51 58.49
N THR YA 281 -114.27 -52.31 58.21
CA THR YA 281 -113.48 -51.09 58.32
C THR YA 281 -114.23 -50.08 59.17
N THR YA 282 -113.47 -49.21 59.82
CA THR YA 282 -114.03 -48.01 60.44
C THR YA 282 -113.20 -46.79 60.06
N VAL YA 283 -113.82 -45.62 60.07
CA VAL YA 283 -113.17 -44.41 59.58
C VAL YA 283 -113.20 -43.35 60.67
N VAL YA 284 -112.10 -42.61 60.77
CA VAL YA 284 -111.90 -41.60 61.81
C VAL YA 284 -111.50 -40.32 61.07
N ALA YA 285 -112.38 -39.33 61.06
CA ALA YA 285 -112.21 -38.14 60.25
C ALA YA 285 -111.84 -36.96 61.13
N ALA YA 286 -110.74 -36.29 60.76
CA ALA YA 286 -110.32 -35.03 61.38
C ALA YA 286 -109.81 -34.16 60.23
N THR YA 287 -110.71 -33.36 59.67
CA THR YA 287 -110.50 -32.71 58.39
C THR YA 287 -109.88 -31.34 58.61
N ALA YA 288 -109.72 -30.57 57.53
CA ALA YA 288 -108.97 -29.33 57.63
C ALA YA 288 -109.73 -28.30 58.45
N SER YA 289 -111.07 -28.34 58.39
CA SER YA 289 -111.87 -27.43 59.19
C SER YA 289 -111.84 -27.83 60.66
N GLU YA 290 -111.64 -29.10 60.96
CA GLU YA 290 -111.62 -29.55 62.35
C GLU YA 290 -110.42 -28.92 63.07
N ALA YA 291 -110.52 -28.83 64.40
CA ALA YA 291 -109.46 -28.20 65.17
C ALA YA 291 -108.16 -29.02 65.13
N ALA YA 292 -107.11 -28.37 65.63
CA ALA YA 292 -105.77 -28.95 65.64
C ALA YA 292 -105.66 -30.02 66.70
N PRO YA 293 -106.24 -29.81 67.90
CA PRO YA 293 -106.22 -30.91 68.87
C PRO YA 293 -106.88 -32.16 68.32
N LEU YA 294 -107.94 -32.00 67.52
CA LEU YA 294 -108.63 -33.16 66.97
C LEU YA 294 -107.78 -33.85 65.92
N GLN YA 295 -107.03 -33.07 65.13
CA GLN YA 295 -106.09 -33.70 64.20
C GLN YA 295 -104.98 -34.41 64.94
N PHE YA 296 -104.47 -33.80 66.02
CA PHE YA 296 -103.47 -34.44 66.86
C PHE YA 296 -103.99 -35.73 67.50
N LEU YA 297 -105.30 -35.79 67.77
CA LEU YA 297 -105.88 -36.94 68.46
C LEU YA 297 -106.12 -38.09 67.48
N ALA YA 298 -106.88 -37.85 66.42
CA ALA YA 298 -107.49 -38.88 65.59
C ALA YA 298 -106.60 -40.10 65.35
N PRO YA 299 -105.31 -39.93 65.05
CA PRO YA 299 -104.43 -41.11 64.98
C PRO YA 299 -104.42 -41.95 66.25
N TYR YA 300 -104.33 -41.32 67.42
CA TYR YA 300 -104.33 -42.07 68.66
C TYR YA 300 -105.68 -42.77 68.89
N SER YA 301 -106.77 -42.14 68.48
CA SER YA 301 -108.08 -42.78 68.61
C SER YA 301 -108.17 -44.01 67.72
N GLY YA 302 -107.66 -43.92 66.49
CA GLY YA 302 -107.65 -45.08 65.62
C GLY YA 302 -106.78 -46.21 66.18
N CYS YA 303 -105.61 -45.85 66.73
CA CYS YA 303 -104.76 -46.88 67.29
C CYS YA 303 -105.39 -47.51 68.52
N ALA YA 304 -106.16 -46.75 69.30
CA ALA YA 304 -106.89 -47.32 70.42
C ALA YA 304 -108.02 -48.22 69.95
N MET YA 305 -108.63 -47.89 68.80
CA MET YA 305 -109.65 -48.77 68.24
C MET YA 305 -109.04 -50.07 67.73
N GLY YA 306 -107.79 -50.03 67.26
CA GLY YA 306 -107.14 -51.24 66.79
C GLY YA 306 -106.53 -52.08 67.90
N GLU YA 307 -106.23 -51.45 69.03
CA GLU YA 307 -105.71 -52.19 70.17
C GLU YA 307 -106.70 -53.23 70.67
N TRP YA 308 -108.00 -52.99 70.46
CA TRP YA 308 -108.98 -54.01 70.81
C TRP YA 308 -108.74 -55.30 70.03
N PHE YA 309 -108.53 -55.21 68.71
CA PHE YA 309 -108.25 -56.41 67.94
C PHE YA 309 -106.90 -57.02 68.33
N ARG YA 310 -105.92 -56.16 68.58
CA ARG YA 310 -104.59 -56.65 68.91
C ARG YA 310 -104.63 -57.43 70.22
N ASP YA 311 -105.44 -56.99 71.17
CA ASP YA 311 -105.46 -57.64 72.47
C ASP YA 311 -106.49 -58.75 72.49
N SER YA 312 -107.46 -58.73 71.57
CA SER YA 312 -108.50 -59.74 71.51
C SER YA 312 -108.16 -60.85 70.54
N GLY YA 313 -106.91 -60.95 70.09
CA GLY YA 313 -106.55 -61.97 69.14
C GLY YA 313 -106.94 -61.73 67.70
N ARG YA 314 -107.62 -60.63 67.41
CA ARG YA 314 -107.96 -60.34 66.02
C ARG YA 314 -106.73 -59.76 65.32
N HIS YA 315 -106.88 -59.49 64.03
CA HIS YA 315 -105.83 -58.86 63.26
C HIS YA 315 -106.42 -57.63 62.60
N CYS YA 316 -105.60 -56.60 62.43
CA CYS YA 316 -106.13 -55.36 61.90
C CYS YA 316 -105.04 -54.57 61.19
N VAL YA 317 -105.47 -53.47 60.56
CA VAL YA 317 -104.52 -52.56 59.92
C VAL YA 317 -105.09 -51.15 59.94
N ILE YA 318 -104.28 -50.20 60.39
CA ILE YA 318 -104.64 -48.79 60.41
C ILE YA 318 -103.86 -48.07 59.33
N ILE YA 319 -104.52 -47.10 58.69
CA ILE YA 319 -103.93 -46.31 57.61
C ILE YA 319 -104.11 -44.84 58.01
N TYR YA 320 -103.05 -44.23 58.54
CA TYR YA 320 -103.02 -42.80 58.81
C TYR YA 320 -102.68 -42.08 57.51
N ASP YA 321 -103.68 -41.49 56.85
CA ASP YA 321 -103.51 -40.94 55.52
C ASP YA 321 -102.76 -39.61 55.52
N ASP YA 322 -102.50 -39.02 56.69
CA ASP YA 322 -101.63 -37.84 56.76
C ASP YA 322 -101.05 -37.73 58.17
N LEU YA 323 -99.74 -37.89 58.27
CA LEU YA 323 -99.02 -37.63 59.52
C LEU YA 323 -98.32 -36.29 59.53
N SER YA 324 -98.01 -35.73 58.36
CA SER YA 324 -97.44 -34.40 58.31
C SER YA 324 -98.43 -33.36 58.84
N LYS YA 325 -99.73 -33.63 58.70
CA LYS YA 325 -100.71 -32.69 59.23
C LYS YA 325 -100.81 -32.81 60.75
N GLN YA 326 -100.70 -34.03 61.28
CA GLN YA 326 -100.59 -34.19 62.73
C GLN YA 326 -99.38 -33.43 63.26
N ALA YA 327 -98.25 -33.53 62.57
CA ALA YA 327 -97.06 -32.82 63.04
C ALA YA 327 -97.20 -31.31 62.91
N THR YA 328 -97.87 -30.86 61.85
CA THR YA 328 -98.16 -29.43 61.72
C THR YA 328 -99.04 -28.94 62.84
N ALA YA 329 -100.04 -29.74 63.23
CA ALA YA 329 -100.93 -29.34 64.30
C ALA YA 329 -100.22 -29.34 65.65
N TYR YA 330 -99.31 -30.29 65.87
CA TYR YA 330 -98.52 -30.27 67.10
C TYR YA 330 -97.62 -29.05 67.14
N ARG YA 331 -96.99 -28.71 66.01
CA ARG YA 331 -96.19 -27.48 65.94
C ARG YA 331 -97.05 -26.26 66.24
N GLN YA 332 -98.25 -26.21 65.66
CA GLN YA 332 -99.20 -25.14 65.95
C GLN YA 332 -99.46 -25.03 67.45
N MET YA 333 -99.88 -26.13 68.07
CA MET YA 333 -100.20 -26.10 69.50
C MET YA 333 -99.00 -25.67 70.32
N SER YA 334 -97.80 -26.10 69.94
CA SER YA 334 -96.62 -25.73 70.71
C SER YA 334 -96.31 -24.24 70.58
N LEU YA 335 -96.36 -23.72 69.35
CA LEU YA 335 -96.07 -22.31 69.14
C LEU YA 335 -97.14 -21.43 69.79
N LEU YA 336 -98.37 -21.92 69.87
CA LEU YA 336 -99.42 -21.19 70.56
C LEU YA 336 -99.33 -21.37 72.07
N LEU YA 337 -98.63 -22.41 72.53
CA LEU YA 337 -98.29 -22.56 73.93
C LEU YA 337 -96.94 -21.94 74.26
N ARG YA 338 -96.38 -21.16 73.34
CA ARG YA 338 -95.16 -20.39 73.54
C ARG YA 338 -93.91 -21.25 73.68
N ARG YA 339 -93.98 -22.53 73.32
CA ARG YA 339 -92.83 -23.39 73.45
C ARG YA 339 -91.75 -22.98 72.44
N PRO YA 340 -90.50 -23.35 72.69
CA PRO YA 340 -89.41 -22.87 71.85
C PRO YA 340 -89.29 -23.74 70.60
N PRO YA 341 -89.32 -23.13 69.40
CA PRO YA 341 -89.23 -23.94 68.19
C PRO YA 341 -87.84 -24.51 67.97
N GLY YA 342 -87.69 -25.34 66.94
CA GLY YA 342 -86.43 -25.95 66.59
C GLY YA 342 -86.20 -25.99 65.10
N ARG YA 343 -85.93 -27.18 64.58
CA ARG YA 343 -85.63 -27.36 63.17
C ARG YA 343 -86.94 -27.30 62.39
N GLU YA 344 -87.00 -26.39 61.42
CA GLU YA 344 -88.23 -26.14 60.65
C GLU YA 344 -89.39 -25.74 61.56
N ALA YA 345 -89.07 -25.15 62.71
CA ALA YA 345 -90.01 -24.73 63.75
C ALA YA 345 -90.67 -25.89 64.48
N TYR YA 346 -90.39 -27.13 64.11
CA TYR YA 346 -90.96 -28.26 64.82
C TYR YA 346 -90.28 -28.42 66.18
N PRO YA 347 -91.03 -28.71 67.25
CA PRO YA 347 -90.39 -28.93 68.55
C PRO YA 347 -89.63 -30.25 68.60
N GLY YA 348 -89.01 -30.55 69.74
CA GLY YA 348 -88.31 -31.81 69.89
C GLY YA 348 -89.17 -33.01 70.25
N ASP YA 349 -90.41 -32.79 70.66
CA ASP YA 349 -91.30 -33.87 71.03
C ASP YA 349 -92.08 -34.44 69.85
N VAL YA 350 -91.62 -34.19 68.63
CA VAL YA 350 -92.31 -34.74 67.47
C VAL YA 350 -91.93 -36.20 67.26
N PHE YA 351 -90.65 -36.54 67.45
CA PHE YA 351 -90.26 -37.94 67.38
C PHE YA 351 -91.02 -38.77 68.40
N TYR YA 352 -91.09 -38.28 69.65
CA TYR YA 352 -91.88 -38.96 70.66
C TYR YA 352 -93.36 -39.02 70.28
N LEU YA 353 -93.87 -37.93 69.72
CA LEU YA 353 -95.28 -37.88 69.32
C LEU YA 353 -95.59 -38.98 68.32
N HIS YA 354 -94.74 -39.15 67.31
CA HIS YA 354 -94.99 -40.16 66.29
C HIS YA 354 -94.71 -41.57 66.81
N SER YA 355 -93.73 -41.72 67.71
CA SER YA 355 -93.31 -43.05 68.11
C SER YA 355 -94.23 -43.65 69.15
N ARG YA 356 -94.75 -42.83 70.07
CA ARG YA 356 -95.88 -43.23 70.90
C ARG YA 356 -96.94 -43.95 70.06
N LEU YA 357 -97.26 -43.39 68.90
CA LEU YA 357 -98.35 -43.90 68.08
C LEU YA 357 -97.93 -45.13 67.29
N LEU YA 358 -96.76 -45.08 66.65
CA LEU YA 358 -96.37 -46.15 65.74
C LEU YA 358 -95.79 -47.38 66.44
N GLU YA 359 -95.29 -47.24 67.67
CA GLU YA 359 -94.76 -48.40 68.37
C GLU YA 359 -95.83 -49.34 68.90
N ARG YA 360 -97.11 -48.97 68.79
CA ARG YA 360 -98.19 -49.85 69.22
C ARG YA 360 -98.52 -50.92 68.19
N ALA YA 361 -98.31 -50.63 66.91
CA ALA YA 361 -98.47 -51.63 65.86
C ALA YA 361 -97.56 -52.82 66.11
N ALA YA 362 -98.15 -53.99 66.35
CA ALA YA 362 -97.38 -55.11 66.85
C ALA YA 362 -98.07 -56.42 66.51
N LYS YA 363 -97.28 -57.50 66.53
CA LYS YA 363 -97.78 -58.88 66.46
C LYS YA 363 -97.69 -59.46 67.87
N MET YA 364 -98.83 -59.56 68.55
CA MET YA 364 -98.84 -60.22 69.85
C MET YA 364 -98.44 -61.68 69.72
N GLY YA 365 -97.98 -62.25 70.82
CA GLY YA 365 -97.39 -63.56 70.84
C GLY YA 365 -98.41 -64.65 71.10
N ASP YA 366 -97.91 -65.82 71.52
CA ASP YA 366 -98.77 -66.97 71.72
C ASP YA 366 -99.58 -66.85 73.00
N LYS YA 367 -99.03 -66.24 74.03
CA LYS YA 367 -99.70 -66.12 75.32
C LYS YA 367 -100.52 -64.85 75.46
N SER YA 368 -100.33 -63.88 74.57
CA SER YA 368 -101.16 -62.67 74.54
C SER YA 368 -102.27 -62.76 73.51
N GLY YA 369 -102.64 -63.97 73.09
CA GLY YA 369 -103.76 -64.17 72.20
C GLY YA 369 -103.33 -64.52 70.79
N GLY YA 370 -102.30 -63.82 70.30
CA GLY YA 370 -101.81 -64.00 68.96
C GLY YA 370 -102.30 -62.99 67.93
N GLY YA 371 -102.98 -61.94 68.37
CA GLY YA 371 -103.49 -60.95 67.45
C GLY YA 371 -102.39 -60.14 66.80
N SER YA 372 -102.81 -59.18 65.98
CA SER YA 372 -101.85 -58.34 65.29
C SER YA 372 -102.49 -57.01 64.91
N LEU YA 373 -101.61 -56.05 64.61
CA LEU YA 373 -102.00 -54.71 64.20
C LEU YA 373 -100.86 -54.16 63.35
N THR YA 374 -101.06 -54.14 62.04
CA THR YA 374 -100.11 -53.50 61.14
C THR YA 374 -100.27 -51.99 61.22
N ALA YA 375 -99.55 -51.27 60.37
CA ALA YA 375 -99.70 -49.81 60.30
C ALA YA 375 -99.10 -49.31 59.00
N LEU YA 376 -99.90 -48.56 58.25
CA LEU YA 376 -99.51 -47.99 56.96
C LEU YA 376 -99.58 -46.47 57.01
N PRO YA 377 -98.67 -45.83 57.75
CA PRO YA 377 -98.68 -44.36 57.79
C PRO YA 377 -98.29 -43.78 56.43
N VAL YA 378 -98.84 -42.61 56.13
CA VAL YA 378 -98.69 -41.96 54.83
C VAL YA 378 -98.04 -40.61 55.03
N ILE YA 379 -97.14 -40.25 54.12
CA ILE YA 379 -96.41 -38.99 54.21
C ILE YA 379 -96.32 -38.35 52.83
N GLU YA 380 -96.61 -37.05 52.79
CA GLU YA 380 -96.41 -36.20 51.62
C GLU YA 380 -95.08 -35.47 51.76
N THR YA 381 -94.29 -35.46 50.70
CA THR YA 381 -93.03 -34.73 50.66
C THR YA 381 -93.20 -33.46 49.83
N GLN YA 382 -92.09 -32.75 49.65
CA GLN YA 382 -92.06 -31.50 48.89
C GLN YA 382 -90.87 -31.58 47.93
N ALA YA 383 -91.18 -31.88 46.66
CA ALA YA 383 -90.16 -32.03 45.62
C ALA YA 383 -89.29 -33.27 45.86
N GLY YA 384 -89.91 -34.32 46.38
CA GLY YA 384 -89.20 -35.58 46.57
C GLY YA 384 -88.12 -35.55 47.63
N ASP YA 385 -88.02 -34.47 48.41
CA ASP YA 385 -87.00 -34.38 49.45
C ASP YA 385 -87.32 -35.37 50.57
N VAL YA 386 -86.44 -36.37 50.74
CA VAL YA 386 -86.51 -37.29 51.86
C VAL YA 386 -85.38 -37.05 52.86
N SER YA 387 -84.50 -36.08 52.61
CA SER YA 387 -83.52 -35.63 53.57
C SER YA 387 -84.06 -34.58 54.52
N ALA YA 388 -85.38 -34.41 54.58
CA ALA YA 388 -85.98 -33.46 55.50
C ALA YA 388 -86.00 -34.06 56.91
N TYR YA 389 -86.72 -33.40 57.82
CA TYR YA 389 -86.70 -33.80 59.23
C TYR YA 389 -87.75 -34.85 59.56
N ILE YA 390 -88.97 -34.68 59.05
CA ILE YA 390 -90.10 -35.54 59.40
C ILE YA 390 -90.01 -36.86 58.65
N PRO YA 391 -89.74 -36.86 57.34
CA PRO YA 391 -89.50 -38.13 56.66
C PRO YA 391 -88.41 -38.96 57.32
N THR YA 392 -87.30 -38.35 57.72
CA THR YA 392 -86.25 -39.12 58.38
C THR YA 392 -86.65 -39.56 59.78
N ASN YA 393 -87.42 -38.73 60.48
CA ASN YA 393 -87.92 -39.12 61.80
C ASN YA 393 -88.80 -40.36 61.70
N VAL YA 394 -89.57 -40.49 60.62
CA VAL YA 394 -90.48 -41.62 60.50
C VAL YA 394 -89.76 -42.81 59.87
N ILE YA 395 -88.75 -42.57 59.03
CA ILE YA 395 -87.98 -43.67 58.47
C ILE YA 395 -87.16 -44.32 59.57
N SER YA 396 -86.79 -43.56 60.60
CA SER YA 396 -86.08 -44.13 61.73
C SER YA 396 -87.02 -44.84 62.70
N ILE YA 397 -88.30 -44.93 62.37
CA ILE YA 397 -89.29 -45.59 63.23
C ILE YA 397 -89.88 -46.77 62.50
N THR YA 398 -89.88 -46.72 61.17
CA THR YA 398 -90.62 -47.71 60.40
C THR YA 398 -89.71 -48.86 60.01
N ASP YA 399 -90.32 -49.94 59.50
CA ASP YA 399 -89.60 -51.13 59.08
C ASP YA 399 -89.62 -51.33 57.57
N GLY YA 400 -89.72 -50.25 56.81
CA GLY YA 400 -89.84 -50.37 55.37
C GLY YA 400 -90.18 -49.03 54.75
N GLN YA 401 -90.43 -49.08 53.44
CA GLN YA 401 -90.69 -47.86 52.67
C GLN YA 401 -91.29 -48.18 51.31
N ILE YA 402 -92.38 -47.50 50.96
CA ILE YA 402 -92.99 -47.56 49.65
C ILE YA 402 -92.98 -46.14 49.11
N PHE YA 403 -92.21 -45.92 48.05
CA PHE YA 403 -92.01 -44.59 47.51
C PHE YA 403 -92.85 -44.39 46.26
N LEU YA 404 -93.28 -43.14 46.05
CA LEU YA 404 -94.16 -42.82 44.93
C LEU YA 404 -93.66 -41.55 44.26
N GLU YA 405 -93.72 -41.53 42.92
CA GLU YA 405 -93.11 -40.47 42.14
C GLU YA 405 -94.12 -39.74 41.24
N THR YA 406 -93.82 -38.46 41.03
CA THR YA 406 -94.63 -37.67 40.11
C THR YA 406 -94.16 -37.87 38.69
N GLU YA 407 -92.89 -38.24 38.50
CA GLU YA 407 -92.41 -38.53 37.16
C GLU YA 407 -93.19 -39.72 36.63
N LEU YA 408 -93.14 -40.85 37.36
CA LEU YA 408 -93.86 -42.04 36.95
C LEU YA 408 -95.36 -41.80 36.91
N PHE YA 409 -95.87 -40.88 37.74
CA PHE YA 409 -97.32 -40.65 37.75
C PHE YA 409 -97.78 -39.76 36.61
N TYR YA 410 -96.90 -38.91 36.08
CA TYR YA 410 -97.24 -38.11 34.92
C TYR YA 410 -96.97 -38.87 33.64
N LYS YA 411 -95.94 -39.74 33.63
CA LYS YA 411 -95.73 -40.61 32.49
C LYS YA 411 -96.93 -41.54 32.30
N GLY YA 412 -97.41 -42.15 33.38
CA GLY YA 412 -98.53 -43.06 33.23
C GLY YA 412 -98.43 -44.33 34.04
N ILE YA 413 -97.25 -44.63 34.55
CA ILE YA 413 -97.07 -45.83 35.38
C ILE YA 413 -97.85 -45.64 36.67
N ARG YA 414 -98.91 -46.42 36.83
CA ARG YA 414 -99.79 -46.34 37.98
C ARG YA 414 -100.21 -47.75 38.38
N PRO YA 415 -99.96 -48.17 39.64
CA PRO YA 415 -99.38 -47.44 40.76
C PRO YA 415 -97.92 -47.05 40.54
N ALA YA 416 -97.58 -45.81 40.87
CA ALA YA 416 -96.25 -45.27 40.58
C ALA YA 416 -95.25 -45.66 41.66
N ILE YA 417 -95.16 -46.96 41.94
CA ILE YA 417 -94.33 -47.46 43.03
C ILE YA 417 -92.94 -47.71 42.46
N ASN YA 418 -92.01 -46.81 42.77
CA ASN YA 418 -90.60 -47.09 42.56
C ASN YA 418 -90.17 -48.33 43.33
N VAL YA 419 -89.07 -48.92 42.89
CA VAL YA 419 -88.61 -50.20 43.43
C VAL YA 419 -87.16 -50.18 43.88
N GLY YA 420 -86.36 -49.19 43.48
CA GLY YA 420 -85.02 -49.04 44.03
C GLY YA 420 -85.02 -48.34 45.37
N LEU YA 421 -85.98 -47.44 45.59
CA LEU YA 421 -86.10 -46.72 46.85
C LEU YA 421 -87.03 -47.43 47.82
N SER YA 422 -88.06 -48.11 47.32
CA SER YA 422 -88.92 -48.91 48.18
C SER YA 422 -88.18 -50.14 48.69
N VAL YA 423 -88.34 -50.41 49.98
CA VAL YA 423 -87.66 -51.50 50.67
C VAL YA 423 -88.63 -52.13 51.66
N SER YA 424 -88.17 -53.19 52.32
CA SER YA 424 -88.94 -53.84 53.37
C SER YA 424 -88.00 -54.69 54.21
N ARG YA 425 -87.94 -54.41 55.50
CA ARG YA 425 -87.03 -55.15 56.38
C ARG YA 425 -87.48 -56.60 56.53
N VAL YA 426 -88.80 -56.83 56.59
CA VAL YA 426 -89.31 -58.18 56.76
C VAL YA 426 -88.98 -59.02 55.53
N GLY YA 427 -89.50 -58.63 54.38
CA GLY YA 427 -89.08 -59.24 53.13
C GLY YA 427 -89.76 -60.56 52.90
N SER YA 428 -88.96 -61.59 52.60
CA SER YA 428 -89.52 -62.87 52.17
C SER YA 428 -90.40 -63.50 53.23
N ALA YA 429 -90.13 -63.22 54.51
CA ALA YA 429 -90.94 -63.80 55.57
C ALA YA 429 -92.37 -63.30 55.56
N ALA YA 430 -92.67 -62.22 54.82
CA ALA YA 430 -94.04 -61.77 54.62
C ALA YA 430 -94.60 -62.19 53.27
N GLN YA 431 -94.13 -63.33 52.74
CA GLN YA 431 -94.61 -63.86 51.48
C GLN YA 431 -94.97 -65.33 51.65
N VAL YA 432 -95.71 -65.85 50.68
CA VAL YA 432 -95.94 -67.29 50.58
C VAL YA 432 -94.87 -67.88 49.67
N LYS YA 433 -94.66 -69.19 49.79
CA LYS YA 433 -93.61 -69.84 49.01
C LYS YA 433 -93.87 -69.70 47.52
N ALA YA 434 -95.14 -69.85 47.11
CA ALA YA 434 -95.48 -69.72 45.70
C ALA YA 434 -95.09 -68.34 45.18
N MET YA 435 -95.32 -67.30 45.98
CA MET YA 435 -94.99 -65.95 45.56
C MET YA 435 -93.51 -65.63 45.79
N LYS YA 436 -92.88 -66.27 46.77
CA LYS YA 436 -91.43 -66.18 46.89
C LYS YA 436 -90.75 -66.64 45.61
N GLN YA 437 -91.10 -67.84 45.14
CA GLN YA 437 -90.41 -68.45 44.01
C GLN YA 437 -90.44 -67.59 42.76
N VAL YA 438 -91.41 -66.71 42.65
CA VAL YA 438 -91.58 -65.86 41.47
C VAL YA 438 -91.04 -64.46 41.72
N ALA YA 439 -91.41 -63.85 42.85
CA ALA YA 439 -90.99 -62.49 43.13
C ALA YA 439 -89.48 -62.39 43.33
N GLY YA 440 -88.82 -63.47 43.75
CA GLY YA 440 -87.36 -63.45 43.78
C GLY YA 440 -86.77 -63.19 42.41
N THR YA 441 -87.18 -64.00 41.43
CA THR YA 441 -86.71 -63.82 40.06
C THR YA 441 -87.12 -62.47 39.51
N MET YA 442 -88.33 -62.02 39.85
CA MET YA 442 -88.79 -60.72 39.36
C MET YA 442 -87.91 -59.59 39.90
N LYS YA 443 -87.63 -59.62 41.21
CA LYS YA 443 -86.77 -58.61 41.82
C LYS YA 443 -85.39 -58.63 41.19
N LEU YA 444 -84.83 -59.83 40.97
CA LEU YA 444 -83.50 -59.91 40.37
C LEU YA 444 -83.49 -59.32 38.97
N GLU YA 445 -84.47 -59.71 38.14
CA GLU YA 445 -84.52 -59.22 36.77
C GLU YA 445 -84.77 -57.71 36.73
N LEU YA 446 -85.60 -57.20 37.64
CA LEU YA 446 -85.84 -55.76 37.68
C LEU YA 446 -84.61 -55.00 38.14
N ALA YA 447 -83.83 -55.58 39.06
CA ALA YA 447 -82.57 -54.97 39.44
C ALA YA 447 -81.61 -54.90 38.26
N GLN YA 448 -81.52 -56.00 37.50
CA GLN YA 448 -80.69 -56.02 36.31
C GLN YA 448 -81.14 -54.96 35.30
N TYR YA 449 -82.45 -54.88 35.06
CA TYR YA 449 -82.97 -53.90 34.11
C TYR YA 449 -82.70 -52.47 34.58
N ARG YA 450 -82.89 -52.20 35.87
CA ARG YA 450 -82.59 -50.88 36.39
C ARG YA 450 -81.12 -50.55 36.22
N GLU YA 451 -80.25 -51.55 36.40
CA GLU YA 451 -78.82 -51.32 36.23
C GLU YA 451 -78.50 -50.97 34.78
N VAL YA 452 -79.00 -51.77 33.83
CA VAL YA 452 -78.57 -51.67 32.44
C VAL YA 452 -79.52 -50.83 31.59
N ALA YA 453 -80.44 -50.10 32.22
CA ALA YA 453 -81.31 -49.20 31.47
C ALA YA 453 -80.64 -47.90 31.09
N ALA YA 454 -79.44 -47.61 31.61
CA ALA YA 454 -78.76 -46.37 31.26
C ALA YA 454 -78.34 -46.36 29.80
N PHE YA 455 -78.08 -47.52 29.22
CA PHE YA 455 -77.60 -47.66 27.85
C PHE YA 455 -78.63 -48.37 26.98
N ALA YA 456 -79.91 -48.05 27.16
CA ALA YA 456 -80.96 -48.72 26.41
C ALA YA 456 -81.07 -48.20 24.98
N GLN YA 457 -80.74 -46.93 24.76
CA GLN YA 457 -80.79 -46.39 23.41
C GLN YA 457 -79.81 -47.09 22.46
N PHE YA 458 -78.76 -47.71 23.00
CA PHE YA 458 -77.81 -48.48 22.20
C PHE YA 458 -78.15 -49.97 22.15
N GLY YA 459 -79.44 -50.32 22.26
CA GLY YA 459 -79.81 -51.72 22.30
C GLY YA 459 -79.40 -52.47 21.05
N SER YA 460 -79.41 -51.79 19.90
CA SER YA 460 -78.94 -52.42 18.67
C SER YA 460 -77.43 -52.66 18.73
N ASP YA 461 -76.68 -51.71 19.29
CA ASP YA 461 -75.24 -51.89 19.44
C ASP YA 461 -74.89 -52.94 20.48
N LEU YA 462 -75.82 -53.26 21.37
CA LEU YA 462 -75.53 -54.13 22.50
C LEU YA 462 -75.83 -55.59 22.15
N ASP YA 463 -75.36 -56.49 23.01
CA ASP YA 463 -75.51 -57.92 22.77
C ASP YA 463 -76.97 -58.34 22.87
N ALA YA 464 -77.23 -59.59 22.50
CA ALA YA 464 -78.56 -60.15 22.65
C ALA YA 464 -78.94 -60.33 24.11
N SER YA 465 -77.96 -60.58 24.99
CA SER YA 465 -78.25 -60.73 26.41
C SER YA 465 -78.84 -59.44 26.98
N THR YA 466 -78.19 -58.30 26.69
CA THR YA 466 -78.67 -57.03 27.20
C THR YA 466 -80.06 -56.70 26.64
N ARG YA 467 -80.27 -56.97 25.35
CA ARG YA 467 -81.58 -56.69 24.77
C ARG YA 467 -82.66 -57.57 25.36
N GLN YA 468 -82.32 -58.82 25.67
CA GLN YA 468 -83.28 -59.71 26.33
C GLN YA 468 -83.59 -59.21 27.73
N LEU YA 469 -82.58 -58.71 28.44
CA LEU YA 469 -82.81 -58.14 29.76
C LEU YA 469 -83.72 -56.93 29.68
N LEU YA 470 -83.47 -56.04 28.71
CA LEU YA 470 -84.33 -54.87 28.55
C LEU YA 470 -85.75 -55.26 28.21
N THR YA 471 -85.92 -56.28 27.35
CA THR YA 471 -87.25 -56.71 26.97
C THR YA 471 -88.00 -57.28 28.16
N ARG YA 472 -87.34 -58.16 28.91
CA ARG YA 472 -87.97 -58.74 30.09
C ARG YA 472 -88.32 -57.68 31.12
N GLY YA 473 -87.41 -56.72 31.34
CA GLY YA 473 -87.67 -55.67 32.30
C GLY YA 473 -88.82 -54.78 31.89
N THR YA 474 -88.89 -54.43 30.60
CA THR YA 474 -90.00 -53.60 30.12
C THR YA 474 -91.31 -54.37 30.24
N ALA YA 475 -91.29 -55.67 29.95
CA ALA YA 475 -92.51 -56.48 30.08
C ALA YA 475 -92.97 -56.50 31.53
N LEU YA 476 -92.05 -56.73 32.47
CA LEU YA 476 -92.41 -56.71 33.88
C LEU YA 476 -92.95 -55.34 34.30
N THR YA 477 -92.27 -54.27 33.88
CA THR YA 477 -92.74 -52.93 34.22
C THR YA 477 -94.15 -52.67 33.70
N GLU YA 478 -94.46 -53.14 32.49
CA GLU YA 478 -95.82 -53.02 31.97
C GLU YA 478 -96.78 -54.03 32.57
N LEU YA 479 -96.28 -55.04 33.27
CA LEU YA 479 -97.14 -56.00 33.95
C LEU YA 479 -97.47 -55.58 35.38
N LEU YA 480 -96.63 -54.77 36.00
CA LEU YA 480 -96.91 -54.27 37.33
C LEU YA 480 -97.96 -53.18 37.36
N LYS YA 481 -98.44 -52.74 36.20
CA LYS YA 481 -99.44 -51.68 36.15
C LYS YA 481 -100.81 -52.24 36.51
N GLN YA 482 -101.66 -51.37 37.06
CA GLN YA 482 -102.99 -51.80 37.48
C GLN YA 482 -103.93 -50.60 37.38
N ARG YA 483 -105.23 -50.91 37.38
CA ARG YA 483 -106.26 -49.89 37.33
C ARG YA 483 -106.63 -49.44 38.73
N GLN YA 484 -107.40 -48.36 38.81
CA GLN YA 484 -107.87 -47.86 40.09
C GLN YA 484 -109.07 -48.66 40.55
N TYR YA 485 -109.06 -49.04 41.83
CA TYR YA 485 -110.15 -49.82 42.43
C TYR YA 485 -110.26 -51.18 41.75
N SER YA 486 -109.13 -51.78 41.42
CA SER YA 486 -109.08 -53.10 40.79
C SER YA 486 -107.91 -53.90 41.35
N PRO YA 487 -108.06 -54.49 42.54
CA PRO YA 487 -107.02 -55.34 43.09
C PRO YA 487 -107.01 -56.71 42.41
N MET YA 488 -106.13 -57.58 42.90
CA MET YA 488 -105.97 -58.93 42.36
C MET YA 488 -105.73 -59.90 43.52
N LYS YA 489 -106.30 -61.10 43.41
CA LYS YA 489 -106.02 -62.15 44.37
C LYS YA 489 -104.56 -62.58 44.27
N ASN YA 490 -104.14 -63.37 45.26
CA ASN YA 490 -102.74 -63.78 45.34
C ASN YA 490 -102.45 -64.88 44.33
N SER YA 491 -103.37 -65.83 44.16
CA SER YA 491 -103.17 -66.87 43.15
C SER YA 491 -103.10 -66.25 41.76
N VAL YA 492 -103.99 -65.30 41.46
CA VAL YA 492 -103.96 -64.60 40.19
C VAL YA 492 -102.64 -63.84 40.01
N GLN YA 493 -102.18 -63.19 41.08
CA GLN YA 493 -100.88 -62.51 41.00
C GLN YA 493 -99.77 -63.49 40.68
N VAL YA 494 -99.78 -64.66 41.34
CA VAL YA 494 -98.74 -65.66 41.12
C VAL YA 494 -98.77 -66.13 39.67
N CYS YA 495 -99.97 -66.40 39.15
CA CYS YA 495 -100.09 -66.84 37.76
C CYS YA 495 -99.55 -65.78 36.80
N VAL YA 496 -99.95 -64.52 37.02
CA VAL YA 496 -99.53 -63.45 36.11
C VAL YA 496 -98.02 -63.28 36.15
N LEU YA 497 -97.43 -63.30 37.35
CA LEU YA 497 -95.99 -63.11 37.43
C LEU YA 497 -95.23 -64.33 36.91
N TYR YA 498 -95.82 -65.52 37.02
CA TYR YA 498 -95.25 -66.70 36.36
C TYR YA 498 -95.20 -66.49 34.86
N CYS YA 499 -96.33 -66.10 34.26
CA CYS YA 499 -96.35 -65.78 32.84
C CYS YA 499 -95.28 -64.75 32.50
N GLY YA 500 -95.11 -63.74 33.35
CA GLY YA 500 -94.15 -62.69 33.05
C GLY YA 500 -92.71 -63.16 33.13
N VAL YA 501 -92.38 -63.96 34.13
CA VAL YA 501 -90.99 -64.38 34.35
C VAL YA 501 -90.63 -65.63 33.57
N LYS YA 502 -91.59 -66.26 32.88
CA LYS YA 502 -91.28 -67.35 31.96
C LYS YA 502 -91.26 -66.89 30.51
N GLY YA 503 -90.89 -65.64 30.26
CA GLY YA 503 -90.65 -65.17 28.90
C GLY YA 503 -91.86 -65.13 28.00
N TYR YA 504 -93.05 -65.40 28.52
CA TYR YA 504 -94.25 -65.39 27.69
C TYR YA 504 -94.67 -63.99 27.28
N LEU YA 505 -94.06 -62.95 27.85
CA LEU YA 505 -94.38 -61.57 27.51
C LEU YA 505 -93.26 -60.85 26.77
N ASP YA 506 -92.05 -61.41 26.74
CA ASP YA 506 -90.95 -60.76 26.03
C ASP YA 506 -91.27 -60.52 24.56
N PRO YA 507 -91.63 -61.52 23.77
CA PRO YA 507 -91.97 -61.24 22.36
C PRO YA 507 -93.26 -60.44 22.22
N LEU YA 508 -94.20 -60.61 23.14
CA LEU YA 508 -95.47 -59.90 23.06
C LEU YA 508 -95.25 -58.39 23.14
N ASP YA 509 -96.05 -57.64 22.40
CA ASP YA 509 -95.92 -56.20 22.41
C ASP YA 509 -96.23 -55.65 23.79
N PRO YA 510 -95.66 -54.49 24.16
CA PRO YA 510 -95.98 -53.93 25.49
C PRO YA 510 -97.45 -53.60 25.66
N LYS YA 511 -98.04 -52.88 24.71
CA LYS YA 511 -99.39 -52.36 24.91
C LYS YA 511 -100.42 -53.48 25.02
N GLU YA 512 -100.13 -54.63 24.42
CA GLU YA 512 -101.07 -55.75 24.46
C GLU YA 512 -101.16 -56.38 25.85
N ILE YA 513 -100.14 -56.20 26.68
CA ILE YA 513 -100.05 -56.92 27.94
C ILE YA 513 -101.26 -56.66 28.83
N SER YA 514 -101.91 -55.50 28.67
CA SER YA 514 -103.15 -55.25 29.39
C SER YA 514 -104.18 -56.31 29.03
N ARG YA 515 -104.62 -56.34 27.77
CA ARG YA 515 -105.71 -57.23 27.40
C ARG YA 515 -105.28 -58.68 27.55
N PHE YA 516 -104.02 -58.99 27.19
CA PHE YA 516 -103.44 -60.29 27.51
C PHE YA 516 -103.76 -60.69 28.95
N GLU YA 517 -103.29 -59.90 29.91
CA GLU YA 517 -103.51 -60.17 31.32
C GLU YA 517 -104.98 -60.39 31.64
N SER YA 518 -105.83 -59.46 31.21
CA SER YA 518 -107.26 -59.55 31.51
C SER YA 518 -107.85 -60.86 30.99
N LEU YA 519 -107.62 -61.17 29.71
CA LEU YA 519 -108.12 -62.41 29.14
C LEU YA 519 -107.61 -63.61 29.92
N PHE YA 520 -106.31 -63.64 30.21
CA PHE YA 520 -105.75 -64.77 30.95
C PHE YA 520 -106.45 -64.92 32.29
N ILE YA 521 -106.69 -63.80 32.98
CA ILE YA 521 -107.34 -63.84 34.29
C ILE YA 521 -108.71 -64.49 34.14
N ASP YA 522 -109.50 -64.02 33.18
CA ASP YA 522 -110.83 -64.58 32.98
C ASP YA 522 -110.74 -66.06 32.66
N TYR YA 523 -109.73 -66.45 31.87
CA TYR YA 523 -109.52 -67.84 31.52
C TYR YA 523 -109.31 -68.70 32.77
N ILE YA 524 -108.37 -68.31 33.63
CA ILE YA 524 -108.10 -69.08 34.82
C ILE YA 524 -109.16 -68.93 35.89
N ASN YA 525 -110.05 -67.93 35.76
CA ASN YA 525 -111.21 -67.81 36.64
C ASN YA 525 -112.42 -68.55 36.11
N ALA YA 526 -112.35 -69.09 34.89
CA ALA YA 526 -113.42 -69.83 34.26
C ALA YA 526 -113.13 -71.33 34.22
N ASN YA 527 -111.93 -71.71 33.80
CA ASN YA 527 -111.55 -73.10 33.63
C ASN YA 527 -110.72 -73.63 34.80
N HIS YA 528 -109.67 -72.89 35.19
CA HIS YA 528 -108.64 -73.43 36.08
C HIS YA 528 -108.86 -72.98 37.52
N GLN YA 529 -110.13 -72.92 37.93
CA GLN YA 529 -110.43 -72.65 39.33
C GLN YA 529 -109.79 -73.69 40.24
N ASP YA 530 -109.64 -74.93 39.75
CA ASP YA 530 -108.99 -75.95 40.56
C ASP YA 530 -107.54 -75.56 40.82
N ILE YA 531 -106.87 -75.02 39.81
CA ILE YA 531 -105.51 -74.51 39.99
C ILE YA 531 -105.51 -73.38 41.01
N LEU YA 532 -106.46 -72.46 40.90
CA LEU YA 532 -106.48 -71.32 41.80
C LEU YA 532 -106.68 -71.76 43.25
N LYS YA 533 -107.62 -72.67 43.49
CA LYS YA 533 -107.85 -73.16 44.84
C LYS YA 533 -106.68 -74.00 45.35
N THR YA 534 -106.03 -74.77 44.47
CA THR YA 534 -104.88 -75.54 44.91
C THR YA 534 -103.73 -74.63 45.32
N ILE YA 535 -103.57 -73.51 44.61
CA ILE YA 535 -102.52 -72.56 44.96
C ILE YA 535 -102.88 -71.85 46.27
N GLU YA 536 -104.14 -71.42 46.40
CA GLU YA 536 -104.56 -70.72 47.61
C GLU YA 536 -104.49 -71.64 48.83
N THR YA 537 -104.59 -72.95 48.63
CA THR YA 537 -104.52 -73.90 49.74
C THR YA 537 -103.08 -74.29 50.08
N GLU YA 538 -102.33 -74.81 49.11
CA GLU YA 538 -100.97 -75.26 49.40
C GLU YA 538 -100.04 -74.09 49.69
N LYS YA 539 -100.34 -72.89 49.17
CA LYS YA 539 -99.44 -71.75 49.29
C LYS YA 539 -98.08 -72.07 48.70
N GLU YA 540 -98.07 -72.86 47.62
CA GLU YA 540 -96.85 -73.39 47.05
C GLU YA 540 -97.11 -73.77 45.60
N LEU YA 541 -96.09 -73.60 44.76
CA LEU YA 541 -96.14 -74.01 43.36
C LEU YA 541 -95.34 -75.30 43.22
N SER YA 542 -96.00 -76.43 43.42
CA SER YA 542 -95.36 -77.72 43.19
C SER YA 542 -95.20 -77.96 41.68
N GLU YA 543 -94.50 -79.03 41.34
CA GLU YA 543 -94.24 -79.30 39.94
C GLU YA 543 -95.53 -79.64 39.19
N LYS YA 544 -96.50 -80.22 39.88
CA LYS YA 544 -97.75 -80.59 39.21
C LYS YA 544 -98.56 -79.35 38.84
N THR YA 545 -98.79 -78.47 39.81
CA THR YA 545 -99.47 -77.22 39.52
C THR YA 545 -98.68 -76.37 38.54
N GLU YA 546 -97.33 -76.41 38.60
CA GLU YA 546 -96.53 -75.66 37.65
C GLU YA 546 -96.74 -76.17 36.23
N ALA YA 547 -96.78 -77.49 36.06
CA ALA YA 547 -97.00 -78.04 34.72
C ALA YA 547 -98.42 -77.75 34.23
N LYS YA 548 -99.41 -77.88 35.11
CA LYS YA 548 -100.77 -77.47 34.77
C LYS YA 548 -100.81 -76.02 34.32
N LEU YA 549 -100.12 -75.14 35.02
CA LEU YA 549 -100.14 -73.72 34.69
C LEU YA 549 -99.45 -73.46 33.36
N ARG YA 550 -98.33 -74.13 33.11
CA ARG YA 550 -97.65 -73.99 31.82
C ARG YA 550 -98.55 -74.47 30.68
N ALA YA 551 -99.27 -75.58 30.92
CA ALA YA 551 -100.21 -76.07 29.92
C ALA YA 551 -101.32 -75.05 29.66
N ALA YA 552 -101.84 -74.43 30.72
CA ALA YA 552 -102.89 -73.43 30.55
C ALA YA 552 -102.37 -72.22 29.80
N VAL YA 553 -101.14 -71.81 30.08
CA VAL YA 553 -100.56 -70.66 29.39
C VAL YA 553 -100.36 -70.99 27.91
N ASP YA 554 -99.89 -72.19 27.61
CA ASP YA 554 -99.74 -72.58 26.22
C ASP YA 554 -101.07 -72.62 25.49
N GLU YA 555 -102.10 -73.19 26.15
CA GLU YA 555 -103.43 -73.19 25.56
C GLU YA 555 -103.95 -71.78 25.35
N PHE YA 556 -103.59 -70.84 26.22
CA PHE YA 556 -104.07 -69.48 26.07
C PHE YA 556 -103.38 -68.77 24.92
N VAL YA 557 -102.06 -68.96 24.79
CA VAL YA 557 -101.35 -68.30 23.70
C VAL YA 557 -101.76 -68.92 22.38
N ALA YA 558 -102.14 -70.20 22.40
CA ALA YA 558 -102.69 -70.82 21.19
C ALA YA 558 -104.03 -70.20 20.84
N MET YA 559 -104.98 -70.23 21.79
CA MET YA 559 -106.35 -69.83 21.52
C MET YA 559 -106.51 -68.32 21.38
N ASN YA 560 -105.46 -67.52 21.59
CA ASN YA 560 -105.59 -66.08 21.57
C ASN YA 560 -104.55 -65.47 20.64
N GLU YA 561 -104.93 -64.40 19.96
CA GLU YA 561 -104.08 -63.69 19.01
C GLU YA 561 -103.63 -62.37 19.62
N PHE YA 562 -102.37 -62.01 19.40
CA PHE YA 562 -101.82 -60.76 19.90
C PHE YA 562 -100.96 -60.12 18.83
N LYS YA 563 -100.45 -58.92 19.14
CA LYS YA 563 -99.66 -58.17 18.17
C LYS YA 563 -98.34 -58.87 17.87
N LYS YA 564 -97.81 -59.63 18.82
CA LYS YA 564 -96.60 -60.40 18.60
C LYS YA 564 -96.66 -61.73 19.34
N ALA ZA 52 -33.09 -23.39 106.22
CA ALA ZA 52 -33.89 -24.46 106.83
C ALA ZA 52 -33.82 -24.37 108.35
N LYS ZA 53 -34.34 -25.40 109.02
CA LYS ZA 53 -34.46 -25.38 110.47
C LYS ZA 53 -34.76 -26.80 110.94
N ILE ZA 54 -34.69 -27.00 112.25
CA ILE ZA 54 -34.86 -28.30 112.87
C ILE ZA 54 -36.25 -28.32 113.53
N SER ZA 55 -36.84 -29.51 113.59
CA SER ZA 55 -38.20 -29.64 114.08
C SER ZA 55 -38.36 -29.27 115.55
N PRO ZA 56 -37.76 -30.02 116.48
CA PRO ZA 56 -38.26 -29.98 117.86
C PRO ZA 56 -38.06 -28.63 118.54
N SER ZA 57 -36.83 -28.12 118.52
CA SER ZA 57 -36.52 -26.92 119.30
C SER ZA 57 -37.04 -25.65 118.64
N GLU ZA 58 -37.19 -25.65 117.32
CA GLU ZA 58 -37.52 -24.44 116.57
C GLU ZA 58 -38.96 -24.44 116.08
N MET ZA 59 -39.37 -25.48 115.34
CA MET ZA 59 -40.70 -25.47 114.74
C MET ZA 59 -41.79 -25.51 115.79
N SER ZA 60 -41.61 -26.33 116.83
CA SER ZA 60 -42.64 -26.41 117.88
C SER ZA 60 -42.78 -25.09 118.61
N ARG ZA 61 -41.65 -24.45 118.95
CA ARG ZA 61 -41.69 -23.12 119.53
C ARG ZA 61 -42.42 -22.15 118.62
N LEU ZA 62 -42.15 -22.22 117.32
CA LEU ZA 62 -42.79 -21.31 116.37
C LEU ZA 62 -44.30 -21.52 116.37
N LEU ZA 63 -44.74 -22.77 116.25
CA LEU ZA 63 -46.18 -23.04 116.23
C LEU ZA 63 -46.85 -22.62 117.52
N GLU ZA 64 -46.18 -22.87 118.66
CA GLU ZA 64 -46.70 -22.36 119.94
C GLU ZA 64 -46.87 -20.85 119.92
N GLU ZA 65 -45.87 -20.12 119.38
CA GLU ZA 65 -46.02 -18.69 119.25
C GLU ZA 65 -47.07 -18.32 118.21
N ARG ZA 66 -47.43 -19.25 117.34
CA ARG ZA 66 -48.34 -18.97 116.24
C ARG ZA 66 -49.79 -19.16 116.62
N ILE ZA 67 -50.08 -20.00 117.62
CA ILE ZA 67 -51.47 -20.43 117.78
C ILE ZA 67 -52.33 -19.36 118.43
N ALA ZA 68 -51.72 -18.40 119.13
CA ALA ZA 68 -52.48 -17.46 119.95
C ALA ZA 68 -53.35 -16.59 119.05
N GLY ZA 69 -54.66 -16.59 119.30
CA GLY ZA 69 -55.58 -15.78 118.52
C GLY ZA 69 -57.04 -15.97 118.88
N TRP ZA 70 -57.80 -14.88 118.83
CA TRP ZA 70 -59.20 -14.87 119.24
C TRP ZA 70 -59.86 -13.62 118.67
N LYS ZA 71 -61.17 -13.68 118.52
CA LYS ZA 71 -61.97 -12.50 118.20
C LYS ZA 71 -61.53 -11.90 116.87
N GLU ZA 78 -68.08 -11.78 104.91
CA GLU ZA 78 -69.47 -11.94 105.34
C GLU ZA 78 -70.01 -13.28 104.88
N VAL ZA 79 -71.28 -13.57 105.20
CA VAL ZA 79 -71.89 -14.82 104.81
C VAL ZA 79 -73.25 -14.56 104.17
N GLY ZA 80 -73.69 -15.55 103.39
CA GLY ZA 80 -74.99 -15.56 102.75
C GLY ZA 80 -75.55 -16.96 102.75
N ARG ZA 81 -76.71 -17.11 102.10
CA ARG ZA 81 -77.41 -18.39 102.08
C ARG ZA 81 -77.90 -18.65 100.66
N VAL ZA 82 -77.79 -19.91 100.23
CA VAL ZA 82 -78.24 -20.26 98.88
C VAL ZA 82 -79.76 -20.21 98.82
N VAL ZA 83 -80.29 -19.71 97.72
CA VAL ZA 83 -81.72 -19.54 97.53
C VAL ZA 83 -82.25 -20.42 96.40
N SER ZA 84 -81.50 -20.54 95.32
CA SER ZA 84 -81.87 -21.39 94.20
C SER ZA 84 -80.63 -22.08 93.64
N VAL ZA 85 -80.82 -23.30 93.14
CA VAL ZA 85 -79.73 -24.13 92.64
C VAL ZA 85 -80.20 -24.84 91.39
N GLY ZA 86 -79.35 -24.88 90.37
CA GLY ZA 86 -79.61 -25.69 89.20
C GLY ZA 86 -78.57 -25.58 88.12
N ASP ZA 87 -78.15 -26.72 87.58
CA ASP ZA 87 -77.24 -26.80 86.44
C ASP ZA 87 -75.93 -26.05 86.72
N GLY ZA 88 -75.25 -26.47 87.79
CA GLY ZA 88 -73.94 -25.93 88.08
C GLY ZA 88 -73.91 -24.46 88.39
N ILE ZA 89 -75.04 -23.88 88.78
CA ILE ZA 89 -75.14 -22.45 89.07
C ILE ZA 89 -75.95 -22.28 90.34
N ALA ZA 90 -75.57 -21.28 91.15
CA ALA ZA 90 -76.26 -20.99 92.39
C ALA ZA 90 -76.70 -19.53 92.40
N ARG ZA 91 -77.80 -19.27 93.10
CA ARG ZA 91 -78.33 -17.92 93.30
C ARG ZA 91 -78.46 -17.70 94.79
N LEU ZA 92 -77.63 -16.82 95.34
CA LEU ZA 92 -77.57 -16.59 96.78
C LEU ZA 92 -78.35 -15.33 97.14
N PHE ZA 93 -78.75 -15.26 98.41
CA PHE ZA 93 -79.29 -14.03 99.00
C PHE ZA 93 -78.35 -13.62 100.13
N GLY ZA 94 -77.69 -12.48 99.96
CA GLY ZA 94 -76.79 -11.93 100.95
C GLY ZA 94 -75.49 -11.53 100.28
N LEU ZA 95 -74.47 -11.31 101.10
CA LEU ZA 95 -73.14 -10.95 100.61
C LEU ZA 95 -73.19 -9.66 99.81
N GLU ZA 96 -73.60 -8.59 100.49
CA GLU ZA 96 -73.72 -7.27 99.87
C GLU ZA 96 -72.38 -6.61 99.60
N GLY ZA 97 -71.28 -7.17 100.09
CA GLY ZA 97 -69.97 -6.59 99.91
C GLY ZA 97 -69.07 -7.42 99.02
N VAL ZA 98 -69.64 -7.96 97.94
CA VAL ZA 98 -68.93 -8.84 97.02
C VAL ZA 98 -68.39 -8.02 95.85
N GLN ZA 99 -67.15 -8.29 95.48
CA GLN ZA 99 -66.59 -7.79 94.24
C GLN ZA 99 -67.07 -8.66 93.08
N ALA ZA 100 -67.58 -8.02 92.03
CA ALA ZA 100 -67.98 -8.77 90.85
C ALA ZA 100 -66.79 -9.48 90.25
N GLY ZA 101 -66.83 -10.81 90.26
CA GLY ZA 101 -65.77 -11.64 89.73
C GLY ZA 101 -64.93 -12.34 90.77
N GLU ZA 102 -65.31 -12.27 92.04
CA GLU ZA 102 -64.49 -12.80 93.12
C GLU ZA 102 -64.85 -14.25 93.45
N LEU ZA 103 -63.94 -14.89 94.18
CA LEU ZA 103 -64.10 -16.27 94.60
C LEU ZA 103 -65.01 -16.37 95.82
N VAL ZA 104 -65.77 -17.47 95.86
CA VAL ZA 104 -66.77 -17.71 96.89
C VAL ZA 104 -66.62 -19.16 97.34
N GLU ZA 105 -66.88 -19.40 98.62
CA GLU ZA 105 -66.68 -20.71 99.23
C GLU ZA 105 -67.97 -21.16 99.88
N PHE ZA 106 -68.38 -22.39 99.59
CA PHE ZA 106 -69.54 -23.01 100.20
C PHE ZA 106 -69.14 -23.80 101.44
N GLN ZA 107 -70.14 -24.39 102.10
CA GLN ZA 107 -69.94 -25.11 103.35
C GLN ZA 107 -69.66 -26.60 103.11
N ASN ZA 108 -69.12 -26.94 101.94
CA ASN ZA 108 -68.76 -28.33 101.64
C ASN ZA 108 -67.44 -28.46 100.90
N GLY ZA 109 -66.65 -27.38 100.81
CA GLY ZA 109 -65.37 -27.42 100.14
C GLY ZA 109 -65.41 -26.96 98.69
N MET ZA 110 -66.59 -26.98 98.07
CA MET ZA 110 -66.70 -26.53 96.70
C MET ZA 110 -66.46 -25.03 96.60
N THR ZA 111 -65.98 -24.60 95.44
CA THR ZA 111 -65.69 -23.19 95.20
C THR ZA 111 -66.57 -22.66 94.06
N GLY ZA 112 -66.63 -21.33 93.98
CA GLY ZA 112 -67.44 -20.68 92.97
C GLY ZA 112 -66.92 -19.29 92.68
N MET ZA 113 -67.54 -18.67 91.68
CA MET ZA 113 -67.14 -17.36 91.19
C MET ZA 113 -68.39 -16.53 90.99
N ALA ZA 114 -68.43 -15.35 91.62
CA ALA ZA 114 -69.60 -14.48 91.56
C ALA ZA 114 -69.50 -13.60 90.32
N LEU ZA 115 -70.52 -13.65 89.48
CA LEU ZA 115 -70.54 -12.89 88.22
C LEU ZA 115 -71.70 -11.90 88.15
N ASN ZA 116 -72.91 -12.32 88.48
CA ASN ZA 116 -74.10 -11.49 88.38
C ASN ZA 116 -74.43 -10.96 89.77
N LEU ZA 117 -74.10 -9.68 90.00
CA LEU ZA 117 -74.45 -9.00 91.25
C LEU ZA 117 -75.77 -8.24 91.05
N GLU ZA 118 -76.85 -9.01 90.97
CA GLU ZA 118 -78.18 -8.44 90.87
C GLU ZA 118 -78.54 -7.73 92.18
N THR ZA 119 -79.72 -7.12 92.19
CA THR ZA 119 -80.15 -6.35 93.36
C THR ZA 119 -80.58 -7.28 94.50
N ASP ZA 120 -81.52 -8.18 94.22
CA ASP ZA 120 -82.00 -9.09 95.25
C ASP ZA 120 -80.98 -10.18 95.54
N ASN ZA 121 -80.57 -10.91 94.51
CA ASN ZA 121 -79.75 -12.10 94.66
C ASN ZA 121 -78.38 -11.87 94.02
N VAL ZA 122 -77.54 -12.90 94.11
CA VAL ZA 122 -76.20 -12.91 93.54
C VAL ZA 122 -76.01 -14.20 92.75
N GLY ZA 123 -75.48 -14.07 91.53
CA GLY ZA 123 -75.29 -15.22 90.67
C GLY ZA 123 -73.89 -15.78 90.67
N VAL ZA 124 -73.74 -16.99 91.20
CA VAL ZA 124 -72.44 -17.65 91.35
C VAL ZA 124 -72.41 -18.85 90.42
N VAL ZA 125 -71.24 -19.09 89.82
CA VAL ZA 125 -71.01 -20.28 89.02
C VAL ZA 125 -70.06 -21.19 89.79
N ILE ZA 126 -70.34 -22.49 89.75
CA ILE ZA 126 -69.73 -23.46 90.65
C ILE ZA 126 -68.64 -24.21 89.92
N PHE ZA 127 -67.54 -24.50 90.61
CA PHE ZA 127 -66.45 -25.29 90.05
C PHE ZA 127 -66.60 -26.76 90.44
N GLY ZA 128 -67.68 -27.36 89.94
CA GLY ZA 128 -67.92 -28.77 90.19
C GLY ZA 128 -69.41 -29.08 90.08
N ASP ZA 129 -69.79 -30.19 90.70
CA ASP ZA 129 -71.17 -30.66 90.66
C ASP ZA 129 -72.02 -29.95 91.70
N ASP ZA 130 -73.32 -29.87 91.42
CA ASP ZA 130 -74.27 -29.16 92.26
C ASP ZA 130 -75.03 -30.08 93.21
N ARG ZA 131 -74.66 -31.36 93.29
CA ARG ZA 131 -75.27 -32.25 94.27
C ARG ZA 131 -74.96 -31.83 95.70
N SER ZA 132 -73.89 -31.07 95.91
CA SER ZA 132 -73.51 -30.67 97.26
C SER ZA 132 -74.34 -29.51 97.79
N VAL ZA 133 -74.92 -28.70 96.92
CA VAL ZA 133 -75.66 -27.51 97.32
C VAL ZA 133 -77.14 -27.85 97.43
N LEU ZA 134 -77.78 -27.30 98.47
CA LEU ZA 134 -79.02 -27.87 98.99
C LEU ZA 134 -80.05 -26.78 99.28
N GLU ZA 135 -79.93 -25.61 98.66
CA GLU ZA 135 -80.93 -24.54 98.74
C GLU ZA 135 -81.16 -24.13 100.20
N GLY ZA 136 -80.13 -23.51 100.76
CA GLY ZA 136 -80.15 -23.11 102.14
C GLY ZA 136 -78.77 -23.19 102.78
N ASP ZA 137 -77.84 -23.87 102.11
CA ASP ZA 137 -76.46 -23.93 102.59
C ASP ZA 137 -75.90 -22.53 102.78
N SER ZA 138 -75.09 -22.38 103.84
CA SER ZA 138 -74.35 -21.15 104.05
C SER ZA 138 -73.22 -21.02 103.04
N VAL ZA 139 -72.85 -19.77 102.76
CA VAL ZA 139 -71.85 -19.45 101.74
C VAL ZA 139 -71.02 -18.28 102.26
N LYS ZA 140 -69.72 -18.31 101.97
CA LYS ZA 140 -68.81 -17.28 102.48
C LYS ZA 140 -67.89 -16.81 101.37
N ARG ZA 141 -67.62 -15.50 101.37
CA ARG ZA 141 -66.73 -14.88 100.40
C ARG ZA 141 -65.33 -14.75 100.99
N THR ZA 142 -64.32 -15.02 100.18
CA THR ZA 142 -62.94 -14.95 100.62
C THR ZA 142 -62.32 -13.58 100.36
N GLY ZA 143 -62.89 -12.79 99.46
CA GLY ZA 143 -62.36 -11.49 99.10
C GLY ZA 143 -61.32 -11.50 98.00
N ARG ZA 144 -60.79 -12.66 97.65
CA ARG ZA 144 -59.80 -12.76 96.59
C ARG ZA 144 -60.49 -12.76 95.23
N ILE ZA 145 -60.00 -11.94 94.31
CA ILE ZA 145 -60.33 -12.13 92.91
C ILE ZA 145 -59.63 -13.38 92.39
N VAL ZA 146 -60.27 -14.05 91.44
CA VAL ZA 146 -59.78 -15.35 91.00
C VAL ZA 146 -58.38 -15.21 90.41
N ASP ZA 147 -57.45 -15.99 90.95
CA ASP ZA 147 -56.04 -15.86 90.63
C ASP ZA 147 -55.41 -17.24 90.64
N VAL ZA 148 -54.21 -17.32 90.06
CA VAL ZA 148 -53.52 -18.60 89.90
C VAL ZA 148 -52.04 -18.42 90.20
N PRO ZA 149 -51.37 -19.48 90.62
CA PRO ZA 149 -49.93 -19.40 90.84
C PRO ZA 149 -49.17 -19.29 89.53
N ILE ZA 150 -47.96 -18.72 89.63
CA ILE ZA 150 -47.06 -18.60 88.50
C ILE ZA 150 -45.66 -18.99 88.95
N GLY ZA 151 -44.85 -19.47 88.00
CA GLY ZA 151 -43.47 -19.74 88.25
C GLY ZA 151 -42.94 -20.89 87.41
N PRO ZA 152 -41.70 -21.30 87.68
CA PRO ZA 152 -41.18 -22.52 87.05
C PRO ZA 152 -41.61 -23.82 87.73
N GLY ZA 153 -42.37 -23.73 88.83
CA GLY ZA 153 -42.96 -24.92 89.42
C GLY ZA 153 -44.03 -25.56 88.55
N LEU ZA 154 -44.55 -24.84 87.56
CA LEU ZA 154 -45.52 -25.40 86.64
C LEU ZA 154 -44.87 -26.21 85.54
N LEU ZA 155 -43.57 -26.04 85.30
CA LEU ZA 155 -42.91 -26.71 84.20
C LEU ZA 155 -42.75 -28.19 84.52
N GLY ZA 156 -43.24 -29.03 83.60
CA GLY ZA 156 -43.27 -30.46 83.82
C GLY ZA 156 -44.53 -30.99 84.47
N ARG ZA 157 -45.48 -30.12 84.78
CA ARG ZA 157 -46.67 -30.47 85.53
C ARG ZA 157 -47.91 -30.30 84.68
N VAL ZA 158 -48.98 -30.97 85.09
CA VAL ZA 158 -50.29 -30.86 84.47
C VAL ZA 158 -51.28 -30.36 85.51
N VAL ZA 159 -52.03 -29.32 85.18
CA VAL ZA 159 -52.90 -28.63 86.14
C VAL ZA 159 -54.23 -28.35 85.48
N ASP ZA 160 -55.24 -28.14 86.32
CA ASP ZA 160 -56.57 -27.75 85.86
C ASP ZA 160 -56.61 -26.25 85.62
N ALA ZA 161 -57.82 -25.72 85.43
CA ALA ZA 161 -57.98 -24.30 85.13
C ALA ZA 161 -57.53 -23.40 86.27
N LEU ZA 162 -57.46 -23.92 87.49
CA LEU ZA 162 -57.21 -23.11 88.68
C LEU ZA 162 -55.86 -23.41 89.31
N GLY ZA 163 -54.97 -24.11 88.61
CA GLY ZA 163 -53.66 -24.42 89.13
C GLY ZA 163 -53.58 -25.64 90.02
N ASN ZA 164 -54.70 -26.32 90.27
CA ASN ZA 164 -54.67 -27.55 91.04
C ASN ZA 164 -54.13 -28.69 90.19
N PRO ZA 165 -53.07 -29.37 90.61
CA PRO ZA 165 -52.47 -30.39 89.74
C PRO ZA 165 -53.30 -31.66 89.68
N ILE ZA 166 -53.19 -32.34 88.54
CA ILE ZA 166 -53.85 -33.62 88.32
C ILE ZA 166 -52.90 -34.70 87.84
N ASP ZA 167 -51.60 -34.40 87.73
CA ASP ZA 167 -50.64 -35.45 87.42
C ASP ZA 167 -50.66 -36.56 88.46
N GLY ZA 168 -50.97 -36.23 89.71
CA GLY ZA 168 -50.90 -37.19 90.78
C GLY ZA 168 -49.56 -37.30 91.47
N LYS ZA 169 -48.62 -36.40 91.17
CA LYS ZA 169 -47.28 -36.43 91.76
C LYS ZA 169 -46.95 -35.04 92.31
N GLY ZA 170 -47.36 -34.82 93.56
CA GLY ZA 170 -46.87 -33.69 94.33
C GLY ZA 170 -47.74 -32.46 94.20
N PRO ZA 171 -47.57 -31.49 95.10
CA PRO ZA 171 -48.25 -30.21 94.95
C PRO ZA 171 -47.51 -29.25 94.03
N ILE ZA 172 -48.00 -28.02 93.95
CA ILE ZA 172 -47.45 -27.02 93.04
C ILE ZA 172 -46.51 -26.12 93.85
N PRO ZA 173 -45.19 -26.24 93.69
CA PRO ZA 173 -44.27 -25.33 94.41
C PRO ZA 173 -44.13 -23.95 93.75
N ALA ZA 174 -45.06 -23.06 94.08
CA ALA ZA 174 -45.04 -21.70 93.57
C ALA ZA 174 -45.56 -20.76 94.62
N LYS ZA 175 -44.84 -19.66 94.86
CA LYS ZA 175 -45.17 -18.74 95.94
C LYS ZA 175 -45.86 -17.48 95.47
N GLU ZA 176 -45.69 -17.10 94.20
CA GLU ZA 176 -46.25 -15.87 93.64
C GLU ZA 176 -47.49 -16.21 92.83
N ARG ZA 177 -48.56 -15.45 93.05
CA ARG ZA 177 -49.80 -15.61 92.32
C ARG ZA 177 -50.02 -14.41 91.41
N ARG ZA 178 -51.03 -14.54 90.55
CA ARG ZA 178 -51.33 -13.53 89.54
C ARG ZA 178 -52.81 -13.59 89.23
N ARG ZA 179 -53.40 -12.42 88.99
CA ARG ZA 179 -54.83 -12.36 88.69
C ARG ZA 179 -55.11 -12.90 87.30
N VAL ZA 180 -56.26 -13.56 87.16
CA VAL ZA 180 -56.57 -14.25 85.90
C VAL ZA 180 -56.92 -13.23 84.82
N GLU ZA 181 -57.94 -12.40 85.08
CA GLU ZA 181 -58.35 -11.37 84.13
C GLU ZA 181 -57.58 -10.10 84.46
N LEU ZA 182 -56.79 -9.61 83.50
CA LEU ZA 182 -55.89 -8.50 83.73
C LEU ZA 182 -55.93 -7.56 82.54
N LYS ZA 183 -55.39 -6.36 82.74
CA LYS ZA 183 -55.27 -5.39 81.67
C LYS ZA 183 -54.04 -5.67 80.82
N ALA ZA 184 -54.23 -5.76 79.51
CA ALA ZA 184 -53.13 -5.99 78.60
C ALA ZA 184 -52.16 -4.80 78.64
N PRO ZA 185 -50.94 -5.00 78.15
CA PRO ZA 185 -49.98 -3.89 78.11
C PRO ZA 185 -50.23 -2.95 76.94
N GLY ZA 186 -49.95 -1.68 77.18
CA GLY ZA 186 -50.34 -0.63 76.26
C GLY ZA 186 -49.37 -0.44 75.12
N ILE ZA 187 -49.48 0.72 74.47
CA ILE ZA 187 -48.79 0.97 73.21
C ILE ZA 187 -47.31 1.21 73.43
N ILE ZA 188 -46.97 1.87 74.53
CA ILE ZA 188 -45.60 2.34 74.76
C ILE ZA 188 -44.69 1.18 75.19
N PRO ZA 189 -45.10 0.34 76.14
CA PRO ZA 189 -44.22 -0.78 76.53
C PRO ZA 189 -44.29 -1.96 75.56
N ARG ZA 190 -43.97 -1.69 74.30
CA ARG ZA 190 -43.95 -2.71 73.27
C ARG ZA 190 -42.88 -2.35 72.25
N LYS ZA 191 -42.62 -3.27 71.34
CA LYS ZA 191 -41.69 -3.02 70.25
C LYS ZA 191 -42.07 -3.91 69.06
N SER ZA 192 -41.38 -3.70 67.95
CA SER ZA 192 -41.66 -4.47 66.74
C SER ZA 192 -41.14 -5.90 66.87
N VAL ZA 193 -41.67 -6.77 66.02
CA VAL ZA 193 -41.31 -8.18 66.00
C VAL ZA 193 -40.11 -8.35 65.08
N HIS ZA 194 -39.01 -8.86 65.63
CA HIS ZA 194 -37.76 -9.01 64.88
C HIS ZA 194 -37.13 -10.38 65.05
N GLU ZA 195 -37.56 -11.18 66.02
CA GLU ZA 195 -37.00 -12.50 66.25
C GLU ZA 195 -37.92 -13.57 65.68
N PRO ZA 196 -37.39 -14.66 65.11
CA PRO ZA 196 -38.25 -15.72 64.62
C PRO ZA 196 -38.56 -16.77 65.67
N MET ZA 197 -39.67 -17.47 65.43
CA MET ZA 197 -40.12 -18.59 66.25
C MET ZA 197 -40.04 -19.86 65.39
N MET ZA 198 -38.99 -20.65 65.60
CA MET ZA 198 -38.73 -21.80 64.74
C MET ZA 198 -39.80 -22.86 64.98
N THR ZA 199 -40.64 -23.09 63.98
CA THR ZA 199 -41.76 -24.03 64.11
C THR ZA 199 -41.37 -25.47 63.83
N GLY ZA 200 -40.23 -25.71 63.16
CA GLY ZA 200 -39.81 -27.05 62.82
C GLY ZA 200 -40.29 -27.52 61.47
N LEU ZA 201 -41.43 -27.00 61.00
CA LEU ZA 201 -41.93 -27.33 59.68
C LEU ZA 201 -41.21 -26.51 58.62
N LYS ZA 202 -41.49 -26.85 57.36
CA LYS ZA 202 -40.83 -26.23 56.22
C LYS ZA 202 -41.70 -25.15 55.57
N CYS ZA 203 -42.95 -25.48 55.23
CA CYS ZA 203 -43.82 -24.51 54.60
C CYS ZA 203 -44.12 -23.35 55.54
N VAL ZA 204 -44.24 -23.63 56.84
CA VAL ZA 204 -44.43 -22.56 57.82
C VAL ZA 204 -43.17 -21.69 57.88
N ASP ZA 205 -42.03 -22.29 58.21
CA ASP ZA 205 -40.81 -21.53 58.41
C ASP ZA 205 -40.36 -20.79 57.16
N ALA ZA 206 -40.85 -21.19 55.98
CA ALA ZA 206 -40.46 -20.54 54.73
C ALA ZA 206 -41.48 -19.52 54.23
N LEU ZA 207 -42.77 -19.86 54.26
CA LEU ZA 207 -43.79 -19.09 53.57
C LEU ZA 207 -44.78 -18.41 54.51
N VAL ZA 208 -44.90 -18.90 55.73
CA VAL ZA 208 -45.77 -18.29 56.73
C VAL ZA 208 -44.99 -18.16 58.03
N PRO ZA 209 -43.94 -17.34 58.05
CA PRO ZA 209 -43.05 -17.30 59.22
C PRO ZA 209 -43.78 -16.76 60.44
N VAL ZA 210 -43.23 -17.11 61.60
CA VAL ZA 210 -43.81 -16.73 62.89
C VAL ZA 210 -42.72 -16.12 63.74
N GLY ZA 211 -43.02 -14.97 64.35
CA GLY ZA 211 -42.07 -14.27 65.20
C GLY ZA 211 -42.40 -14.45 66.68
N ARG ZA 212 -41.61 -13.75 67.50
CA ARG ZA 212 -41.76 -13.79 68.95
C ARG ZA 212 -42.48 -12.52 69.37
N GLY ZA 213 -43.76 -12.66 69.70
CA GLY ZA 213 -44.67 -11.55 69.87
C GLY ZA 213 -45.84 -11.54 68.92
N GLN ZA 214 -45.98 -12.57 68.08
CA GLN ZA 214 -47.03 -12.63 67.08
C GLN ZA 214 -48.26 -13.36 67.63
N ARG ZA 215 -49.34 -13.30 66.85
CA ARG ZA 215 -50.59 -14.02 67.17
C ARG ZA 215 -51.08 -14.60 65.85
N GLU ZA 216 -50.70 -15.85 65.58
CA GLU ZA 216 -51.02 -16.50 64.32
C GLU ZA 216 -52.05 -17.60 64.52
N LEU ZA 217 -53.11 -17.58 63.71
CA LEU ZA 217 -54.20 -18.53 63.83
C LEU ZA 217 -53.93 -19.78 63.02
N ILE ZA 218 -54.33 -20.93 63.55
CA ILE ZA 218 -54.26 -22.22 62.87
C ILE ZA 218 -55.71 -22.69 62.69
N ILE ZA 219 -56.26 -22.52 61.49
CA ILE ZA 219 -57.67 -22.74 61.25
C ILE ZA 219 -57.80 -23.87 60.24
N GLY ZA 220 -58.70 -24.80 60.51
CA GLY ZA 220 -58.96 -25.86 59.55
C GLY ZA 220 -60.15 -26.67 59.95
N ASP ZA 221 -60.29 -27.83 59.31
CA ASP ZA 221 -61.35 -28.75 59.64
C ASP ZA 221 -60.88 -29.75 60.71
N ARG ZA 222 -61.74 -30.70 61.03
CA ARG ZA 222 -61.41 -31.71 62.03
C ARG ZA 222 -60.48 -32.77 61.45
N GLN ZA 223 -59.50 -33.18 62.25
CA GLN ZA 223 -58.54 -34.21 61.85
C GLN ZA 223 -57.79 -33.77 60.58
N THR ZA 224 -57.02 -32.69 60.72
CA THR ZA 224 -56.24 -32.14 59.64
C THR ZA 224 -54.78 -31.92 59.99
N GLY ZA 225 -54.41 -32.02 61.26
CA GLY ZA 225 -53.05 -31.83 61.72
C GLY ZA 225 -52.83 -30.53 62.47
N LYS ZA 226 -53.81 -30.15 63.28
CA LYS ZA 226 -53.70 -28.92 64.05
C LYS ZA 226 -52.88 -29.20 65.30
N THR ZA 227 -53.30 -30.22 66.06
CA THR ZA 227 -52.54 -30.56 67.24
C THR ZA 227 -51.15 -31.01 66.82
N ALA ZA 228 -51.04 -31.67 65.65
CA ALA ZA 228 -49.73 -32.16 65.25
C ALA ZA 228 -48.82 -30.99 64.90
N VAL ZA 229 -49.37 -29.95 64.27
CA VAL ZA 229 -48.60 -28.74 64.00
C VAL ZA 229 -48.06 -28.15 65.30
N ALA ZA 230 -48.94 -28.04 66.29
CA ALA ZA 230 -48.52 -27.45 67.56
C ALA ZA 230 -47.52 -28.33 68.28
N VAL ZA 231 -47.70 -29.65 68.23
CA VAL ZA 231 -46.77 -30.56 68.90
C VAL ZA 231 -45.40 -30.53 68.22
N ASP ZA 232 -45.36 -30.37 66.91
CA ASP ZA 232 -44.05 -30.23 66.25
C ASP ZA 232 -43.41 -28.89 66.60
N ALA ZA 233 -44.21 -27.83 66.68
CA ALA ZA 233 -43.68 -26.56 67.16
C ALA ZA 233 -43.07 -26.70 68.55
N ILE ZA 234 -43.70 -27.51 69.40
CA ILE ZA 234 -43.18 -27.73 70.75
C ILE ZA 234 -41.92 -28.59 70.70
N ILE ZA 235 -41.90 -29.59 69.84
CA ILE ZA 235 -40.80 -30.56 69.84
C ILE ZA 235 -39.54 -29.93 69.25
N ASN ZA 236 -39.69 -28.96 68.34
CA ASN ZA 236 -38.50 -28.38 67.72
C ASN ZA 236 -37.66 -27.57 68.69
N GLN ZA 237 -38.17 -27.27 69.89
CA GLN ZA 237 -37.52 -26.34 70.80
C GLN ZA 237 -36.57 -27.02 71.77
N LYS ZA 238 -36.59 -28.36 71.87
CA LYS ZA 238 -35.77 -29.01 72.87
C LYS ZA 238 -34.29 -28.90 72.54
N GLU ZA 239 -33.92 -28.91 71.26
CA GLU ZA 239 -32.53 -28.68 70.89
C GLU ZA 239 -32.12 -27.26 71.22
N ILE ZA 240 -32.96 -26.29 70.85
CA ILE ZA 240 -32.67 -24.88 71.08
C ILE ZA 240 -32.49 -24.62 72.56
N ASN ZA 241 -33.19 -25.37 73.41
CA ASN ZA 241 -33.13 -25.12 74.85
C ASN ZA 241 -32.01 -25.91 75.50
N ASP ZA 242 -31.76 -27.14 75.04
CA ASP ZA 242 -30.65 -27.93 75.58
C ASP ZA 242 -29.31 -27.28 75.25
N SER ZA 243 -29.19 -26.68 74.07
CA SER ZA 243 -27.93 -26.08 73.64
C SER ZA 243 -27.82 -24.62 74.09
N THR ZA 244 -28.10 -24.38 75.37
CA THR ZA 244 -27.93 -23.07 75.98
C THR ZA 244 -28.32 -23.18 77.45
N ASP ZA 245 -27.90 -22.19 78.23
CA ASP ZA 245 -28.48 -21.93 79.55
C ASP ZA 245 -28.93 -20.48 79.69
N ASP ZA 246 -29.17 -19.81 78.57
CA ASP ZA 246 -29.64 -18.42 78.57
C ASP ZA 246 -31.16 -18.39 78.56
N GLU ZA 247 -31.76 -17.99 79.68
CA GLU ZA 247 -33.21 -18.00 79.78
C GLU ZA 247 -33.82 -16.97 78.84
N SER ZA 248 -33.05 -15.97 78.41
CA SER ZA 248 -33.54 -14.99 77.45
C SER ZA 248 -33.70 -15.63 76.07
N LYS ZA 249 -33.09 -16.79 75.86
CA LYS ZA 249 -33.11 -17.47 74.58
C LYS ZA 249 -33.92 -18.76 74.60
N LYS ZA 250 -34.02 -19.42 75.76
CA LYS ZA 250 -34.93 -20.56 75.87
C LYS ZA 250 -36.36 -20.12 75.61
N LEU ZA 251 -37.15 -21.02 75.03
CA LEU ZA 251 -38.57 -20.82 74.81
C LEU ZA 251 -39.36 -21.84 75.62
N TYR ZA 252 -40.12 -21.36 76.60
CA TYR ZA 252 -41.04 -22.19 77.34
C TYR ZA 252 -42.40 -22.23 76.65
N CYS ZA 253 -43.20 -23.22 77.03
CA CYS ZA 253 -44.41 -23.52 76.29
C CYS ZA 253 -45.57 -23.80 77.24
N ILE ZA 254 -46.77 -23.46 76.78
CA ILE ZA 254 -48.00 -23.69 77.50
C ILE ZA 254 -49.02 -24.24 76.52
N TYR ZA 255 -49.67 -25.33 76.88
CA TYR ZA 255 -50.68 -25.96 76.04
C TYR ZA 255 -51.99 -25.97 76.80
N VAL ZA 256 -52.91 -25.09 76.42
CA VAL ZA 256 -54.25 -25.07 77.00
C VAL ZA 256 -55.14 -25.94 76.12
N ALA ZA 257 -55.80 -26.91 76.74
CA ALA ZA 257 -56.68 -27.84 76.03
C ALA ZA 257 -58.09 -27.65 76.56
N VAL ZA 258 -58.98 -27.09 75.74
CA VAL ZA 258 -60.35 -26.83 76.12
C VAL ZA 258 -61.24 -27.82 75.39
N GLY ZA 259 -62.07 -28.54 76.13
CA GLY ZA 259 -62.99 -29.48 75.53
C GLY ZA 259 -62.40 -30.83 75.19
N GLN ZA 260 -61.08 -30.97 75.23
CA GLN ZA 260 -60.46 -32.25 74.88
C GLN ZA 260 -60.83 -33.32 75.90
N LYS ZA 261 -60.61 -34.57 75.52
CA LYS ZA 261 -60.77 -35.70 76.41
C LYS ZA 261 -59.45 -36.13 77.04
N ARG ZA 262 -59.56 -36.68 78.26
CA ARG ZA 262 -58.38 -36.96 79.05
C ARG ZA 262 -57.50 -38.00 78.36
N SER ZA 263 -58.11 -38.88 77.56
CA SER ZA 263 -57.32 -39.84 76.79
C SER ZA 263 -56.41 -39.10 75.81
N THR ZA 264 -56.95 -38.10 75.13
CA THR ZA 264 -56.14 -37.33 74.18
C THR ZA 264 -55.06 -36.55 74.91
N VAL ZA 265 -55.40 -35.93 76.04
CA VAL ZA 265 -54.39 -35.17 76.78
C VAL ZA 265 -53.29 -36.10 77.29
N ALA ZA 266 -53.66 -37.30 77.72
CA ALA ZA 266 -52.68 -38.28 78.17
C ALA ZA 266 -51.80 -38.74 77.02
N GLN ZA 267 -52.39 -38.91 75.84
CA GLN ZA 267 -51.59 -39.27 74.67
C GLN ZA 267 -50.59 -38.18 74.35
N ILE ZA 268 -51.00 -36.92 74.47
CA ILE ZA 268 -50.08 -35.81 74.19
C ILE ZA 268 -48.96 -35.78 75.21
N VAL ZA 269 -49.30 -35.93 76.49
CA VAL ZA 269 -48.28 -35.96 77.54
C VAL ZA 269 -47.31 -37.12 77.32
N LYS ZA 270 -47.83 -38.26 76.87
CA LYS ZA 270 -46.98 -39.40 76.58
C LYS ZA 270 -46.04 -39.12 75.41
N ALA ZA 271 -46.57 -38.53 74.34
CA ALA ZA 271 -45.75 -38.18 73.19
C ALA ZA 271 -44.67 -37.18 73.58
N LEU ZA 272 -44.93 -36.32 74.55
CA LEU ZA 272 -43.92 -35.35 74.96
C LEU ZA 272 -42.89 -35.97 75.90
N GLU ZA 273 -43.33 -36.82 76.83
CA GLU ZA 273 -42.39 -37.50 77.71
C GLU ZA 273 -41.49 -38.44 76.93
N GLN ZA 274 -42.03 -39.07 75.88
CA GLN ZA 274 -41.21 -39.96 75.05
C GLN ZA 274 -40.09 -39.21 74.35
N ARG ZA 275 -40.20 -37.88 74.25
CA ARG ZA 275 -39.17 -37.07 73.59
C ARG ZA 275 -38.56 -36.05 74.54
N ASP ZA 276 -38.80 -36.17 75.84
CA ASP ZA 276 -38.21 -35.27 76.83
C ASP ZA 276 -38.65 -33.83 76.63
N ALA ZA 277 -39.87 -33.65 76.11
CA ALA ZA 277 -40.41 -32.34 75.77
C ALA ZA 277 -41.43 -31.88 76.81
N MET ZA 278 -41.17 -32.16 78.08
CA MET ZA 278 -41.99 -31.69 79.18
C MET ZA 278 -41.25 -30.81 80.18
N LYS ZA 279 -39.92 -30.85 80.19
CA LYS ZA 279 -39.15 -30.02 81.11
C LYS ZA 279 -39.19 -28.54 80.77
N TYR ZA 280 -39.79 -28.17 79.63
CA TYR ZA 280 -39.96 -26.76 79.27
C TYR ZA 280 -41.39 -26.43 78.87
N THR ZA 281 -42.34 -27.33 79.12
CA THR ZA 281 -43.74 -27.10 78.81
C THR ZA 281 -44.55 -27.20 80.09
N THR ZA 282 -45.76 -26.64 80.04
CA THR ZA 282 -46.82 -27.00 80.96
C THR ZA 282 -48.14 -27.14 80.20
N VAL ZA 283 -49.10 -27.80 80.85
CA VAL ZA 283 -50.37 -28.13 80.23
C VAL ZA 283 -51.50 -27.69 81.15
N VAL ZA 284 -52.60 -27.25 80.55
CA VAL ZA 284 -53.77 -26.75 81.27
C VAL ZA 284 -54.98 -27.44 80.65
N ALA ZA 285 -55.47 -28.48 81.32
CA ALA ZA 285 -56.50 -29.36 80.77
C ALA ZA 285 -57.85 -28.99 81.38
N ALA ZA 286 -58.72 -28.36 80.58
CA ALA ZA 286 -60.11 -28.12 80.97
C ALA ZA 286 -60.98 -28.94 80.03
N THR ZA 287 -61.20 -30.20 80.41
CA THR ZA 287 -61.82 -31.18 79.53
C THR ZA 287 -63.33 -31.03 79.57
N ALA ZA 288 -64.06 -31.99 79.01
CA ALA ZA 288 -65.49 -31.82 78.82
C ALA ZA 288 -66.24 -32.09 80.11
N SER ZA 289 -65.81 -33.10 80.88
CA SER ZA 289 -66.39 -33.33 82.19
C SER ZA 289 -66.14 -32.13 83.10
N GLU ZA 290 -64.99 -31.47 82.94
CA GLU ZA 290 -64.71 -30.27 83.71
C GLU ZA 290 -65.75 -29.20 83.39
N ALA ZA 291 -66.18 -28.49 84.43
CA ALA ZA 291 -67.31 -27.59 84.29
C ALA ZA 291 -67.05 -26.45 83.31
N ALA ZA 292 -68.16 -25.81 82.93
CA ALA ZA 292 -68.09 -24.68 82.01
C ALA ZA 292 -67.18 -23.57 82.52
N PRO ZA 293 -67.22 -23.18 83.79
CA PRO ZA 293 -66.34 -22.08 84.23
C PRO ZA 293 -64.88 -22.44 84.14
N LEU ZA 294 -64.52 -23.70 84.34
CA LEU ZA 294 -63.13 -24.10 84.19
C LEU ZA 294 -62.70 -24.06 82.74
N GLN ZA 295 -63.58 -24.51 81.84
CA GLN ZA 295 -63.29 -24.36 80.41
C GLN ZA 295 -63.19 -22.90 80.01
N PHE ZA 296 -63.99 -22.04 80.65
CA PHE ZA 296 -63.98 -20.62 80.37
C PHE ZA 296 -62.74 -19.92 80.91
N LEU ZA 297 -62.17 -20.45 81.99
CA LEU ZA 297 -61.04 -19.83 82.66
C LEU ZA 297 -59.69 -20.35 82.17
N ALA ZA 298 -59.64 -21.54 81.57
CA ALA ZA 298 -58.35 -22.16 81.27
C ALA ZA 298 -57.45 -21.30 80.41
N PRO ZA 299 -57.90 -20.71 79.30
CA PRO ZA 299 -56.98 -19.89 78.49
C PRO ZA 299 -56.50 -18.64 79.21
N TYR ZA 300 -57.33 -18.02 80.05
CA TYR ZA 300 -56.86 -16.89 80.84
C TYR ZA 300 -55.82 -17.34 81.86
N SER ZA 301 -56.01 -18.53 82.44
CA SER ZA 301 -54.99 -19.08 83.33
C SER ZA 301 -53.68 -19.30 82.59
N GLY ZA 302 -53.75 -19.79 81.36
CA GLY ZA 302 -52.54 -19.97 80.57
C GLY ZA 302 -51.84 -18.65 80.28
N CYS ZA 303 -52.62 -17.62 79.92
CA CYS ZA 303 -52.02 -16.31 79.72
C CYS ZA 303 -51.43 -15.75 81.00
N ALA ZA 304 -52.06 -16.03 82.15
CA ALA ZA 304 -51.48 -15.61 83.42
C ALA ZA 304 -50.16 -16.31 83.69
N MET ZA 305 -50.08 -17.61 83.39
CA MET ZA 305 -48.83 -18.33 83.57
C MET ZA 305 -47.77 -17.85 82.59
N GLY ZA 306 -48.18 -17.35 81.42
CA GLY ZA 306 -47.23 -16.88 80.43
C GLY ZA 306 -46.76 -15.45 80.65
N GLU ZA 307 -47.56 -14.64 81.33
CA GLU ZA 307 -47.15 -13.27 81.62
C GLU ZA 307 -45.96 -13.22 82.58
N TRP ZA 308 -45.76 -14.27 83.38
CA TRP ZA 308 -44.55 -14.35 84.19
C TRP ZA 308 -43.30 -14.37 83.31
N PHE ZA 309 -43.34 -15.17 82.25
CA PHE ZA 309 -42.23 -15.19 81.28
C PHE ZA 309 -42.16 -13.87 80.53
N ARG ZA 310 -43.31 -13.37 80.06
CA ARG ZA 310 -43.33 -12.14 79.26
C ARG ZA 310 -42.75 -10.97 80.04
N ASP ZA 311 -43.02 -10.91 81.34
CA ASP ZA 311 -42.58 -9.78 82.16
C ASP ZA 311 -41.18 -9.97 82.73
N SER ZA 312 -40.74 -11.21 82.91
CA SER ZA 312 -39.47 -11.50 83.56
C SER ZA 312 -38.31 -11.62 82.58
N GLY ZA 313 -38.42 -10.99 81.41
CA GLY ZA 313 -37.33 -11.01 80.45
C GLY ZA 313 -37.22 -12.27 79.63
N ARG ZA 314 -38.05 -13.29 79.92
CA ARG ZA 314 -37.99 -14.56 79.21
C ARG ZA 314 -38.99 -14.55 78.06
N HIS ZA 315 -39.04 -15.66 77.32
CA HIS ZA 315 -39.93 -15.83 76.19
C HIS ZA 315 -40.87 -16.99 76.46
N CYS ZA 316 -41.90 -17.10 75.63
CA CYS ZA 316 -42.94 -18.10 75.86
C CYS ZA 316 -43.77 -18.26 74.59
N VAL ZA 317 -44.44 -19.40 74.52
CA VAL ZA 317 -45.44 -19.66 73.49
C VAL ZA 317 -46.61 -20.36 74.14
N ILE ZA 318 -47.83 -20.03 73.70
CA ILE ZA 318 -49.05 -20.57 74.29
C ILE ZA 318 -49.97 -21.03 73.16
N ILE ZA 319 -50.47 -22.26 73.27
CA ILE ZA 319 -51.31 -22.89 72.26
C ILE ZA 319 -52.67 -23.14 72.88
N TYR ZA 320 -53.65 -22.34 72.50
CA TYR ZA 320 -55.04 -22.60 72.86
C TYR ZA 320 -55.66 -23.59 71.87
N ASP ZA 321 -56.03 -24.77 72.36
CA ASP ZA 321 -56.56 -25.84 71.54
C ASP ZA 321 -58.05 -25.97 71.81
N ASP ZA 322 -58.83 -25.95 70.72
CA ASP ZA 322 -60.29 -25.85 70.76
C ASP ZA 322 -60.72 -24.56 71.47
N LEU ZA 323 -60.37 -23.45 70.80
CA LEU ZA 323 -60.79 -22.13 71.25
C LEU ZA 323 -62.26 -21.85 71.00
N SER ZA 324 -62.97 -22.74 70.29
CA SER ZA 324 -64.41 -22.60 70.13
C SER ZA 324 -65.17 -23.16 71.33
N LYS ZA 325 -64.57 -24.10 72.06
CA LYS ZA 325 -65.21 -24.59 73.27
C LYS ZA 325 -65.28 -23.52 74.35
N GLN ZA 326 -64.33 -22.58 74.34
CA GLN ZA 326 -64.44 -21.42 75.23
C GLN ZA 326 -65.72 -20.64 74.94
N ALA ZA 327 -66.00 -20.38 73.66
CA ALA ZA 327 -67.20 -19.62 73.32
C ALA ZA 327 -68.46 -20.44 73.60
N THR ZA 328 -68.38 -21.75 73.39
CA THR ZA 328 -69.48 -22.63 73.78
C THR ZA 328 -69.77 -22.50 75.26
N ALA ZA 329 -68.72 -22.51 76.09
CA ALA ZA 329 -68.90 -22.41 77.53
C ALA ZA 329 -69.45 -21.05 77.93
N TYR ZA 330 -69.01 -19.98 77.26
CA TYR ZA 330 -69.54 -18.66 77.56
C TYR ZA 330 -71.03 -18.57 77.20
N ARG ZA 331 -71.40 -19.12 76.03
CA ARG ZA 331 -72.81 -19.22 75.67
C ARG ZA 331 -73.60 -19.97 76.74
N GLN ZA 332 -73.08 -21.11 77.18
CA GLN ZA 332 -73.74 -21.93 78.19
C GLN ZA 332 -73.94 -21.14 79.47
N MET ZA 333 -72.87 -20.50 79.96
CA MET ZA 333 -72.96 -19.72 81.19
C MET ZA 333 -74.00 -18.61 81.07
N SER ZA 334 -73.91 -17.80 80.02
CA SER ZA 334 -74.84 -16.67 79.88
C SER ZA 334 -76.29 -17.14 79.71
N LEU ZA 335 -76.49 -18.31 79.09
CA LEU ZA 335 -77.85 -18.80 78.90
C LEU ZA 335 -78.40 -19.44 80.16
N LEU ZA 336 -77.53 -19.97 81.03
CA LEU ZA 336 -78.03 -20.47 82.28
C LEU ZA 336 -78.09 -19.36 83.34
N LEU ZA 337 -77.38 -18.26 83.11
CA LEU ZA 337 -77.57 -17.05 83.90
C LEU ZA 337 -78.65 -16.14 83.31
N ARG ZA 338 -79.44 -16.64 82.37
CA ARG ZA 338 -80.57 -15.89 81.81
C ARG ZA 338 -80.17 -14.62 81.09
N ARG ZA 339 -78.89 -14.49 80.73
CA ARG ZA 339 -78.50 -13.36 79.89
C ARG ZA 339 -79.00 -13.60 78.47
N PRO ZA 340 -79.36 -12.53 77.75
CA PRO ZA 340 -79.98 -12.72 76.44
C PRO ZA 340 -78.93 -12.95 75.38
N PRO ZA 341 -79.25 -13.75 74.36
CA PRO ZA 341 -78.22 -14.12 73.38
C PRO ZA 341 -78.08 -13.10 72.26
N GLY ZA 342 -77.20 -13.41 71.31
CA GLY ZA 342 -77.05 -12.63 70.10
C GLY ZA 342 -77.35 -13.48 68.88
N ARG ZA 343 -76.37 -13.61 68.00
CA ARG ZA 343 -76.49 -14.43 66.80
C ARG ZA 343 -75.74 -15.73 67.00
N GLU ZA 344 -76.28 -16.81 66.44
CA GLU ZA 344 -75.84 -18.17 66.74
C GLU ZA 344 -75.93 -18.47 68.24
N ALA ZA 345 -76.86 -17.81 68.92
CA ALA ZA 345 -77.11 -17.96 70.35
C ALA ZA 345 -75.93 -17.52 71.21
N TYR ZA 346 -74.89 -16.93 70.62
CA TYR ZA 346 -73.80 -16.39 71.41
C TYR ZA 346 -74.18 -15.03 71.97
N PRO ZA 347 -73.51 -14.58 73.03
CA PRO ZA 347 -73.68 -13.18 73.45
C PRO ZA 347 -72.97 -12.21 72.52
N GLY ZA 348 -73.02 -10.92 72.85
CA GLY ZA 348 -72.25 -9.93 72.13
C GLY ZA 348 -70.85 -9.69 72.65
N ASP ZA 349 -70.54 -10.20 73.85
CA ASP ZA 349 -69.24 -9.99 74.46
C ASP ZA 349 -68.19 -11.01 74.01
N VAL ZA 350 -68.39 -11.68 72.87
CA VAL ZA 350 -67.40 -12.65 72.41
C VAL ZA 350 -66.16 -11.94 71.89
N PHE ZA 351 -66.36 -10.79 71.23
CA PHE ZA 351 -65.20 -10.00 70.82
C PHE ZA 351 -64.40 -9.54 72.02
N TYR ZA 352 -65.07 -9.10 73.08
CA TYR ZA 352 -64.37 -8.72 74.30
C TYR ZA 352 -63.97 -9.93 75.14
N LEU ZA 353 -64.32 -11.12 74.69
CA LEU ZA 353 -63.86 -12.37 75.28
C LEU ZA 353 -62.53 -12.79 74.68
N HIS ZA 354 -62.36 -12.55 73.38
CA HIS ZA 354 -61.14 -12.94 72.70
C HIS ZA 354 -60.11 -11.82 72.67
N SER ZA 355 -60.55 -10.56 72.71
CA SER ZA 355 -59.62 -9.44 72.65
C SER ZA 355 -58.79 -9.34 73.93
N ARG ZA 356 -59.45 -9.36 75.08
CA ARG ZA 356 -58.77 -9.49 76.36
C ARG ZA 356 -57.68 -10.55 76.30
N LEU ZA 357 -58.01 -11.72 75.73
CA LEU ZA 357 -57.12 -12.86 75.79
C LEU ZA 357 -55.93 -12.68 74.86
N LEU ZA 358 -56.19 -12.30 73.61
CA LEU ZA 358 -55.14 -12.24 72.60
C LEU ZA 358 -54.29 -10.98 72.69
N GLU ZA 359 -54.82 -9.90 73.27
CA GLU ZA 359 -54.01 -8.70 73.47
C GLU ZA 359 -52.99 -8.85 74.59
N ARG ZA 360 -52.98 -9.97 75.31
CA ARG ZA 360 -51.94 -10.21 76.29
C ARG ZA 360 -50.67 -10.75 75.65
N ALA ZA 361 -50.78 -11.38 74.47
CA ALA ZA 361 -49.61 -11.67 73.67
C ALA ZA 361 -48.96 -10.37 73.21
N ALA ZA 362 -47.65 -10.29 73.32
CA ALA ZA 362 -46.96 -9.02 73.08
C ALA ZA 362 -45.46 -9.27 73.06
N LYS ZA 363 -44.75 -8.31 72.48
CA LYS ZA 363 -43.30 -8.24 72.53
C LYS ZA 363 -42.93 -6.97 73.28
N MET ZA 364 -42.31 -7.12 74.44
CA MET ZA 364 -42.01 -5.97 75.30
C MET ZA 364 -40.67 -5.35 74.90
N GLY ZA 365 -40.45 -4.14 75.40
CA GLY ZA 365 -39.27 -3.38 75.06
C GLY ZA 365 -38.07 -3.77 75.91
N ASP ZA 366 -36.95 -3.09 75.65
CA ASP ZA 366 -35.72 -3.37 76.37
C ASP ZA 366 -35.74 -2.84 77.79
N LYS ZA 367 -36.70 -1.97 78.13
CA LYS ZA 367 -36.86 -1.49 79.49
C LYS ZA 367 -37.71 -2.42 80.35
N SER ZA 368 -38.67 -3.10 79.75
CA SER ZA 368 -39.51 -4.06 80.44
C SER ZA 368 -38.95 -5.48 80.37
N GLY ZA 369 -37.66 -5.62 80.08
CA GLY ZA 369 -37.02 -6.92 80.13
C GLY ZA 369 -36.63 -7.43 78.76
N GLY ZA 370 -37.50 -7.23 77.78
CA GLY ZA 370 -37.30 -7.79 76.45
C GLY ZA 370 -38.01 -9.09 76.19
N GLY ZA 371 -38.98 -9.46 77.02
CA GLY ZA 371 -39.64 -10.73 76.88
C GLY ZA 371 -40.54 -10.78 75.66
N SER ZA 372 -41.35 -11.84 75.61
CA SER ZA 372 -42.28 -12.03 74.51
C SER ZA 372 -43.31 -13.07 74.92
N LEU ZA 373 -44.50 -12.97 74.32
CA LEU ZA 373 -45.52 -13.99 74.44
C LEU ZA 373 -46.17 -14.19 73.07
N THR ZA 374 -45.81 -15.26 72.39
CA THR ZA 374 -46.41 -15.61 71.11
C THR ZA 374 -47.70 -16.38 71.34
N ALA ZA 375 -48.62 -16.27 70.38
CA ALA ZA 375 -49.91 -16.92 70.47
C ALA ZA 375 -50.18 -17.69 69.19
N LEU ZA 376 -50.76 -18.89 69.35
CA LEU ZA 376 -51.08 -19.76 68.22
C LEU ZA 376 -52.45 -20.38 68.47
N PRO ZA 377 -53.51 -19.57 68.38
CA PRO ZA 377 -54.85 -20.13 68.57
C PRO ZA 377 -55.19 -21.14 67.50
N VAL ZA 378 -56.18 -21.96 67.78
CA VAL ZA 378 -56.60 -23.06 66.91
C VAL ZA 378 -58.10 -23.01 66.75
N ILE ZA 379 -58.58 -23.22 65.53
CA ILE ZA 379 -60.01 -23.16 65.25
C ILE ZA 379 -60.43 -24.26 64.28
N GLU ZA 380 -61.54 -24.90 64.62
CA GLU ZA 380 -62.19 -25.92 63.79
C GLU ZA 380 -63.40 -25.29 63.13
N THR ZA 381 -63.38 -25.22 61.80
CA THR ZA 381 -64.51 -24.81 61.01
C THR ZA 381 -65.34 -26.03 60.57
N GLN ZA 382 -66.54 -25.74 60.08
CA GLN ZA 382 -67.48 -26.77 59.66
C GLN ZA 382 -67.81 -26.55 58.18
N ALA ZA 383 -67.48 -27.54 57.36
CA ALA ZA 383 -67.66 -27.45 55.91
C ALA ZA 383 -66.83 -26.31 55.32
N GLY ZA 384 -65.71 -26.00 55.95
CA GLY ZA 384 -64.86 -24.92 55.49
C GLY ZA 384 -65.49 -23.55 55.58
N ASP ZA 385 -66.56 -23.40 56.35
CA ASP ZA 385 -67.27 -22.12 56.43
C ASP ZA 385 -66.49 -21.20 57.36
N VAL ZA 386 -65.71 -20.30 56.76
CA VAL ZA 386 -65.04 -19.23 57.50
C VAL ZA 386 -65.80 -17.90 57.41
N SER ZA 387 -67.01 -17.92 56.83
CA SER ZA 387 -67.91 -16.78 56.90
C SER ZA 387 -68.69 -16.72 58.20
N ALA ZA 388 -68.38 -17.58 59.17
CA ALA ZA 388 -69.12 -17.64 60.42
C ALA ZA 388 -68.69 -16.50 61.32
N TYR ZA 389 -69.11 -16.54 62.59
CA TYR ZA 389 -68.91 -15.44 63.52
C TYR ZA 389 -67.56 -15.54 64.24
N ILE ZA 390 -67.28 -16.70 64.81
CA ILE ZA 390 -66.11 -16.90 65.66
C ILE ZA 390 -64.86 -16.94 64.78
N PRO ZA 391 -64.85 -17.73 63.71
CA PRO ZA 391 -63.72 -17.64 62.77
C PRO ZA 391 -63.49 -16.24 62.25
N THR ZA 392 -64.55 -15.50 61.92
CA THR ZA 392 -64.38 -14.15 61.40
C THR ZA 392 -63.74 -13.25 62.44
N ASN ZA 393 -64.25 -13.26 63.67
CA ASN ZA 393 -63.66 -12.47 64.75
C ASN ZA 393 -62.18 -12.79 64.93
N VAL ZA 394 -61.84 -14.09 64.96
CA VAL ZA 394 -60.47 -14.42 65.30
C VAL ZA 394 -59.55 -14.15 64.12
N ILE ZA 395 -60.06 -14.25 62.89
CA ILE ZA 395 -59.23 -13.88 61.77
C ILE ZA 395 -59.02 -12.37 61.77
N SER ZA 396 -60.06 -11.62 62.17
CA SER ZA 396 -59.99 -10.17 62.18
C SER ZA 396 -59.16 -9.63 63.33
N ILE ZA 397 -58.68 -10.49 64.22
CA ILE ZA 397 -57.94 -9.99 65.38
C ILE ZA 397 -56.62 -10.75 65.51
N THR ZA 398 -56.07 -11.20 64.39
CA THR ZA 398 -54.80 -11.93 64.38
C THR ZA 398 -53.90 -11.37 63.29
N ASP ZA 399 -52.60 -11.66 63.43
CA ASP ZA 399 -51.59 -11.14 62.52
C ASP ZA 399 -51.24 -12.15 61.41
N GLY ZA 400 -52.17 -12.99 61.04
CA GLY ZA 400 -51.91 -13.99 60.03
C GLY ZA 400 -52.93 -15.11 60.09
N GLN ZA 401 -52.71 -16.10 59.22
CA GLN ZA 401 -53.61 -17.23 59.09
C GLN ZA 401 -52.83 -18.42 58.54
N ILE ZA 402 -53.17 -19.60 59.03
CA ILE ZA 402 -52.67 -20.87 58.51
C ILE ZA 402 -53.87 -21.77 58.28
N PHE ZA 403 -54.38 -21.79 57.05
CA PHE ZA 403 -55.50 -22.63 56.68
C PHE ZA 403 -55.07 -24.07 56.45
N LEU ZA 404 -55.97 -24.99 56.77
CA LEU ZA 404 -55.72 -26.42 56.62
C LEU ZA 404 -56.94 -27.07 55.98
N GLU ZA 405 -56.72 -27.92 54.99
CA GLU ZA 405 -57.80 -28.46 54.17
C GLU ZA 405 -57.72 -29.98 54.11
N THR ZA 406 -58.90 -30.59 53.93
CA THR ZA 406 -58.99 -32.04 53.82
C THR ZA 406 -58.68 -32.49 52.40
N GLU ZA 407 -59.05 -31.70 51.41
CA GLU ZA 407 -58.68 -32.05 50.04
C GLU ZA 407 -57.17 -32.16 49.90
N LEU ZA 408 -56.43 -31.21 50.48
CA LEU ZA 408 -54.98 -31.30 50.48
C LEU ZA 408 -54.48 -32.35 51.46
N PHE ZA 409 -55.24 -32.65 52.51
CA PHE ZA 409 -54.79 -33.67 53.46
C PHE ZA 409 -54.86 -35.06 52.85
N TYR ZA 410 -55.84 -35.29 51.97
CA TYR ZA 410 -56.02 -36.59 51.33
C TYR ZA 410 -55.34 -36.70 49.97
N LYS ZA 411 -55.10 -35.58 49.28
CA LYS ZA 411 -54.35 -35.62 48.04
C LYS ZA 411 -52.91 -36.09 48.25
N GLY ZA 412 -52.40 -36.01 49.48
CA GLY ZA 412 -51.02 -36.37 49.78
C GLY ZA 412 -50.20 -35.26 50.40
N ILE ZA 413 -50.74 -34.05 50.55
CA ILE ZA 413 -49.99 -32.93 51.11
C ILE ZA 413 -50.22 -32.94 52.61
N ARG ZA 414 -49.18 -33.27 53.37
CA ARG ZA 414 -49.25 -33.35 54.82
C ARG ZA 414 -47.97 -32.80 55.42
N PRO ZA 415 -48.02 -31.65 56.13
CA PRO ZA 415 -49.18 -30.83 56.50
C PRO ZA 415 -49.92 -30.22 55.31
N ALA ZA 416 -51.24 -30.14 55.43
CA ALA ZA 416 -52.11 -29.74 54.32
C ALA ZA 416 -52.34 -28.23 54.33
N ILE ZA 417 -51.25 -27.47 54.36
CA ILE ZA 417 -51.32 -26.02 54.49
C ILE ZA 417 -51.54 -25.42 53.10
N ASN ZA 418 -52.62 -24.64 52.97
CA ASN ZA 418 -52.87 -23.87 51.76
C ASN ZA 418 -52.12 -22.54 51.85
N VAL ZA 419 -51.06 -22.40 51.05
CA VAL ZA 419 -50.17 -21.25 51.16
C VAL ZA 419 -50.69 -20.03 50.42
N GLY ZA 420 -51.85 -20.14 49.78
CA GLY ZA 420 -52.49 -18.99 49.17
C GLY ZA 420 -53.28 -18.19 50.19
N LEU ZA 421 -54.23 -18.87 50.83
CA LEU ZA 421 -55.03 -18.22 51.87
C LEU ZA 421 -54.19 -17.93 53.09
N SER ZA 422 -53.27 -18.83 53.43
CA SER ZA 422 -52.41 -18.63 54.59
C SER ZA 422 -51.49 -17.44 54.37
N VAL ZA 423 -51.40 -16.57 55.37
CA VAL ZA 423 -50.58 -15.36 55.30
C VAL ZA 423 -49.94 -15.12 56.66
N SER ZA 424 -49.07 -14.12 56.70
CA SER ZA 424 -48.44 -13.65 57.94
C SER ZA 424 -48.06 -12.20 57.74
N ARG ZA 425 -48.82 -11.29 58.36
CA ARG ZA 425 -48.60 -9.86 58.13
C ARG ZA 425 -47.18 -9.46 58.53
N VAL ZA 426 -46.64 -10.04 59.58
CA VAL ZA 426 -45.26 -9.78 59.96
C VAL ZA 426 -44.33 -10.17 58.81
N GLY ZA 427 -44.34 -11.43 58.43
CA GLY ZA 427 -43.69 -11.83 57.20
C GLY ZA 427 -42.19 -11.96 57.37
N SER ZA 428 -41.44 -11.37 56.43
CA SER ZA 428 -40.01 -11.60 56.35
C SER ZA 428 -39.27 -11.11 57.57
N ALA ZA 429 -39.82 -10.10 58.26
CA ALA ZA 429 -39.18 -9.60 59.47
C ALA ZA 429 -39.06 -10.69 60.52
N ALA ZA 430 -39.95 -11.68 60.49
CA ALA ZA 430 -39.85 -12.87 61.33
C ALA ZA 430 -39.16 -14.03 60.63
N GLN ZA 431 -38.22 -13.75 59.74
CA GLN ZA 431 -37.59 -14.76 58.90
C GLN ZA 431 -36.09 -14.50 58.82
N VAL ZA 432 -35.32 -15.59 58.80
CA VAL ZA 432 -33.88 -15.46 58.64
C VAL ZA 432 -33.55 -15.08 57.19
N LYS ZA 433 -32.46 -14.33 57.02
CA LYS ZA 433 -32.04 -13.92 55.68
C LYS ZA 433 -31.79 -15.12 54.78
N ALA ZA 434 -31.08 -16.12 55.32
CA ALA ZA 434 -30.84 -17.35 54.56
C ALA ZA 434 -32.15 -17.97 54.10
N MET ZA 435 -33.21 -17.83 54.91
CA MET ZA 435 -34.51 -18.36 54.52
C MET ZA 435 -35.27 -17.38 53.64
N LYS ZA 436 -35.05 -16.08 53.80
CA LYS ZA 436 -35.63 -15.10 52.88
C LYS ZA 436 -35.22 -15.39 51.44
N GLN ZA 437 -33.91 -15.57 51.24
CA GLN ZA 437 -33.35 -15.75 49.90
C GLN ZA 437 -34.04 -16.87 49.16
N VAL ZA 438 -34.31 -17.97 49.84
CA VAL ZA 438 -34.91 -19.13 49.18
C VAL ZA 438 -36.41 -18.98 49.11
N ALA ZA 439 -37.03 -18.47 50.18
CA ALA ZA 439 -38.48 -18.53 50.30
C ALA ZA 439 -39.17 -17.52 49.39
N GLY ZA 440 -38.52 -16.40 49.07
CA GLY ZA 440 -39.11 -15.51 48.08
C GLY ZA 440 -39.29 -16.19 46.74
N THR ZA 441 -38.21 -16.79 46.23
CA THR ZA 441 -38.28 -17.54 44.99
C THR ZA 441 -39.29 -18.69 45.11
N MET ZA 442 -39.31 -19.37 46.26
CA MET ZA 442 -40.23 -20.49 46.42
C MET ZA 442 -41.67 -20.03 46.32
N LYS ZA 443 -42.01 -18.93 47.00
CA LYS ZA 443 -43.36 -18.41 46.96
C LYS ZA 443 -43.75 -18.00 45.55
N LEU ZA 444 -42.82 -17.34 44.83
CA LEU ZA 444 -43.10 -16.96 43.45
C LEU ZA 444 -43.39 -18.18 42.59
N GLU ZA 445 -42.51 -19.18 42.65
CA GLU ZA 445 -42.68 -20.38 41.84
C GLU ZA 445 -43.97 -21.09 42.18
N LEU ZA 446 -44.31 -21.18 43.47
CA LEU ZA 446 -45.54 -21.86 43.85
C LEU ZA 446 -46.77 -21.08 43.41
N ALA ZA 447 -46.70 -19.75 43.42
CA ALA ZA 447 -47.80 -18.95 42.88
C ALA ZA 447 -48.01 -19.28 41.41
N GLN ZA 448 -46.93 -19.29 40.63
CA GLN ZA 448 -47.03 -19.60 39.21
C GLN ZA 448 -47.60 -21.00 38.99
N TYR ZA 449 -47.06 -21.99 39.71
CA TYR ZA 449 -47.54 -23.36 39.59
C TYR ZA 449 -49.02 -23.47 39.93
N ARG ZA 450 -49.45 -22.81 41.00
CA ARG ZA 450 -50.86 -22.84 41.37
C ARG ZA 450 -51.72 -22.19 40.30
N GLU ZA 451 -51.21 -21.15 39.66
CA GLU ZA 451 -51.95 -20.53 38.56
C GLU ZA 451 -52.11 -21.49 37.39
N VAL ZA 452 -51.05 -22.23 37.05
CA VAL ZA 452 -50.98 -22.86 35.74
C VAL ZA 452 -51.44 -24.32 35.78
N ALA ZA 453 -51.29 -24.98 36.92
CA ALA ZA 453 -51.47 -26.42 36.98
C ALA ZA 453 -52.90 -26.83 36.63
N ALA ZA 454 -53.88 -26.02 37.04
CA ALA ZA 454 -55.26 -26.36 36.76
C ALA ZA 454 -55.52 -26.47 35.26
N PHE ZA 455 -55.05 -25.48 34.49
CA PHE ZA 455 -55.15 -25.58 33.05
C PHE ZA 455 -54.27 -26.70 32.49
N ALA ZA 456 -53.12 -26.93 33.12
CA ALA ZA 456 -52.18 -27.93 32.60
C ALA ZA 456 -52.75 -29.33 32.69
N GLN ZA 457 -53.57 -29.61 33.70
CA GLN ZA 457 -54.02 -30.97 33.95
C GLN ZA 457 -54.99 -31.49 32.90
N PHE ZA 458 -55.40 -30.66 31.94
CA PHE ZA 458 -56.36 -31.08 30.93
C PHE ZA 458 -55.71 -31.77 29.73
N GLY ZA 459 -54.42 -32.07 29.80
CA GLY ZA 459 -53.76 -32.84 28.77
C GLY ZA 459 -53.26 -32.02 27.60
N SER ZA 460 -53.26 -30.70 27.70
CA SER ZA 460 -52.68 -29.85 26.68
C SER ZA 460 -51.16 -30.07 26.62
N ASP ZA 461 -50.55 -29.51 25.58
CA ASP ZA 461 -49.13 -29.65 25.33
C ASP ZA 461 -48.50 -28.26 25.40
N LEU ZA 462 -47.52 -28.10 26.28
CA LEU ZA 462 -47.01 -26.80 26.67
C LEU ZA 462 -45.52 -26.71 26.36
N ASP ZA 463 -45.02 -25.48 26.34
CA ASP ZA 463 -43.61 -25.23 26.06
C ASP ZA 463 -42.76 -25.68 27.26
N ALA ZA 464 -41.45 -25.48 27.11
CA ALA ZA 464 -40.51 -25.89 28.15
C ALA ZA 464 -40.45 -24.86 29.27
N SER ZA 465 -40.69 -23.59 28.97
CA SER ZA 465 -40.67 -22.58 30.02
C SER ZA 465 -41.80 -22.79 31.01
N THR ZA 466 -42.91 -23.38 30.56
CA THR ZA 466 -44.02 -23.73 31.43
C THR ZA 466 -43.89 -25.12 32.02
N ARG ZA 467 -43.35 -26.07 31.25
CA ARG ZA 467 -43.06 -27.39 31.82
C ARG ZA 467 -42.08 -27.27 32.98
N GLN ZA 468 -41.14 -26.32 32.91
CA GLN ZA 468 -40.22 -26.11 34.02
C GLN ZA 468 -40.96 -25.59 35.25
N LEU ZA 469 -41.94 -24.70 35.04
CA LEU ZA 469 -42.76 -24.22 36.15
C LEU ZA 469 -43.48 -25.39 36.82
N LEU ZA 470 -44.12 -26.24 36.00
CA LEU ZA 470 -44.84 -27.38 36.57
C LEU ZA 470 -43.90 -28.32 37.31
N THR ZA 471 -42.74 -28.60 36.72
CA THR ZA 471 -41.79 -29.51 37.35
C THR ZA 471 -41.31 -28.96 38.68
N ARG ZA 472 -40.92 -27.69 38.71
CA ARG ZA 472 -40.41 -27.11 39.95
C ARG ZA 472 -41.51 -27.01 41.00
N GLY ZA 473 -42.73 -26.71 40.59
CA GLY ZA 473 -43.82 -26.65 41.54
C GLY ZA 473 -44.13 -28.01 42.14
N THR ZA 474 -44.12 -29.05 41.30
CA THR ZA 474 -44.32 -30.41 41.81
C THR ZA 474 -43.20 -30.81 42.75
N ALA ZA 475 -41.96 -30.45 42.41
CA ALA ZA 475 -40.82 -30.76 43.27
C ALA ZA 475 -40.99 -30.10 44.63
N LEU ZA 476 -41.33 -28.82 44.65
CA LEU ZA 476 -41.49 -28.12 45.93
C LEU ZA 476 -42.66 -28.67 46.72
N THR ZA 477 -43.80 -28.94 46.05
CA THR ZA 477 -44.94 -29.53 46.74
C THR ZA 477 -44.59 -30.89 47.34
N GLU ZA 478 -43.73 -31.66 46.69
CA GLU ZA 478 -43.29 -32.93 47.25
C GLU ZA 478 -42.18 -32.75 48.28
N LEU ZA 479 -41.55 -31.57 48.33
CA LEU ZA 479 -40.54 -31.31 49.34
C LEU ZA 479 -41.19 -30.90 50.66
N LEU ZA 480 -42.25 -30.08 50.58
CA LEU ZA 480 -42.85 -29.53 51.78
C LEU ZA 480 -43.67 -30.53 52.57
N LYS ZA 481 -43.74 -31.78 52.13
CA LYS ZA 481 -44.43 -32.80 52.91
C LYS ZA 481 -43.53 -33.29 54.04
N GLN ZA 482 -44.16 -33.69 55.15
CA GLN ZA 482 -43.44 -34.07 56.34
C GLN ZA 482 -44.22 -35.13 57.10
N ARG ZA 483 -43.47 -35.97 57.80
CA ARG ZA 483 -44.06 -36.94 58.72
C ARG ZA 483 -44.43 -36.27 60.04
N GLN ZA 484 -45.29 -36.94 60.79
CA GLN ZA 484 -45.74 -36.41 62.08
C GLN ZA 484 -44.66 -36.64 63.14
N TYR ZA 485 -44.44 -35.62 63.97
CA TYR ZA 485 -43.42 -35.66 65.00
C TYR ZA 485 -42.03 -35.84 64.40
N SER ZA 486 -41.80 -35.29 63.21
CA SER ZA 486 -40.50 -35.31 62.55
C SER ZA 486 -40.12 -33.90 62.12
N PRO ZA 487 -39.89 -33.00 63.07
CA PRO ZA 487 -39.47 -31.65 62.72
C PRO ZA 487 -37.98 -31.59 62.38
N MET ZA 488 -37.58 -30.46 61.80
CA MET ZA 488 -36.24 -30.30 61.24
C MET ZA 488 -35.69 -28.95 61.66
N LYS ZA 489 -34.35 -28.87 61.72
CA LYS ZA 489 -33.70 -27.62 62.04
C LYS ZA 489 -33.83 -26.62 60.89
N ASN ZA 490 -33.50 -25.36 61.20
CA ASN ZA 490 -33.60 -24.31 60.20
C ASN ZA 490 -32.52 -24.45 59.14
N SER ZA 491 -31.29 -24.76 59.56
CA SER ZA 491 -30.21 -24.93 58.60
C SER ZA 491 -30.52 -26.07 57.63
N VAL ZA 492 -31.11 -27.15 58.16
CA VAL ZA 492 -31.43 -28.29 57.30
C VAL ZA 492 -32.58 -27.94 56.35
N GLN ZA 493 -33.57 -27.19 56.83
CA GLN ZA 493 -34.61 -26.69 55.93
C GLN ZA 493 -34.00 -25.84 54.83
N VAL ZA 494 -33.06 -24.96 55.19
CA VAL ZA 494 -32.41 -24.10 54.21
C VAL ZA 494 -31.70 -24.94 53.16
N CYS ZA 495 -30.94 -25.94 53.60
CA CYS ZA 495 -30.20 -26.78 52.65
C CYS ZA 495 -31.15 -27.52 51.72
N VAL ZA 496 -32.21 -28.10 52.28
CA VAL ZA 496 -33.13 -28.87 51.47
C VAL ZA 496 -33.82 -27.97 50.44
N LEU ZA 497 -34.29 -26.80 50.88
CA LEU ZA 497 -34.96 -25.91 49.95
C LEU ZA 497 -33.99 -25.31 48.95
N TYR ZA 498 -32.70 -25.21 49.29
CA TYR ZA 498 -31.69 -24.86 48.30
C TYR ZA 498 -31.61 -25.92 47.21
N CYS ZA 499 -31.50 -27.19 47.63
CA CYS ZA 499 -31.51 -28.28 46.66
C CYS ZA 499 -32.76 -28.24 45.79
N GLY ZA 500 -33.90 -27.86 46.38
CA GLY ZA 500 -35.14 -27.83 45.62
C GLY ZA 500 -35.28 -26.64 44.71
N VAL ZA 501 -34.65 -25.53 45.06
CA VAL ZA 501 -34.83 -24.29 44.31
C VAL ZA 501 -33.80 -24.11 43.21
N LYS ZA 502 -32.57 -24.61 43.41
CA LYS ZA 502 -31.54 -24.46 42.39
C LYS ZA 502 -31.62 -25.51 41.30
N GLY ZA 503 -32.59 -26.42 41.37
CA GLY ZA 503 -32.86 -27.34 40.29
C GLY ZA 503 -32.23 -28.71 40.40
N TYR ZA 504 -31.87 -29.15 41.61
CA TYR ZA 504 -31.35 -30.50 41.82
C TYR ZA 504 -32.47 -31.50 42.09
N LEU ZA 505 -33.72 -31.13 41.84
CA LEU ZA 505 -34.85 -32.04 41.96
C LEU ZA 505 -35.79 -32.01 40.77
N ASP ZA 506 -35.58 -31.11 39.80
CA ASP ZA 506 -36.48 -31.05 38.66
C ASP ZA 506 -36.49 -32.34 37.86
N PRO ZA 507 -35.36 -32.87 37.40
CA PRO ZA 507 -35.41 -34.12 36.63
C PRO ZA 507 -35.80 -35.32 37.48
N LEU ZA 508 -35.50 -35.27 38.78
CA LEU ZA 508 -35.81 -36.39 39.66
C LEU ZA 508 -37.31 -36.66 39.69
N ASP ZA 509 -37.67 -37.90 40.01
CA ASP ZA 509 -39.07 -38.28 40.04
C ASP ZA 509 -39.73 -37.70 41.28
N PRO ZA 510 -41.02 -37.33 41.20
CA PRO ZA 510 -41.70 -36.81 42.39
C PRO ZA 510 -41.74 -37.81 43.55
N LYS ZA 511 -41.97 -39.09 43.26
CA LYS ZA 511 -42.10 -40.08 44.33
C LYS ZA 511 -40.77 -40.37 45.03
N GLU ZA 512 -39.65 -39.98 44.43
CA GLU ZA 512 -38.34 -40.25 45.00
C GLU ZA 512 -37.86 -39.16 45.94
N ILE ZA 513 -38.55 -38.01 45.98
CA ILE ZA 513 -38.07 -36.91 46.79
C ILE ZA 513 -38.17 -37.25 48.27
N SER ZA 514 -39.11 -38.12 48.64
CA SER ZA 514 -39.31 -38.45 50.04
C SER ZA 514 -38.10 -39.18 50.63
N ARG ZA 515 -37.28 -39.80 49.79
CA ARG ZA 515 -36.06 -40.45 50.23
C ARG ZA 515 -34.81 -39.67 49.86
N PHE ZA 516 -34.83 -38.94 48.75
CA PHE ZA 516 -33.83 -37.90 48.51
C PHE ZA 516 -33.66 -37.03 49.75
N GLU ZA 517 -34.79 -36.56 50.31
CA GLU ZA 517 -34.74 -35.65 51.44
C GLU ZA 517 -34.02 -36.30 52.63
N SER ZA 518 -34.41 -37.52 52.97
CA SER ZA 518 -33.86 -38.17 54.15
C SER ZA 518 -32.39 -38.51 53.95
N LEU ZA 519 -32.03 -39.03 52.77
CA LEU ZA 519 -30.63 -39.34 52.52
C LEU ZA 519 -29.76 -38.10 52.54
N PHE ZA 520 -30.24 -36.99 51.95
CA PHE ZA 520 -29.48 -35.74 52.01
C PHE ZA 520 -29.35 -35.24 53.44
N ILE ZA 521 -30.43 -35.38 54.23
CA ILE ZA 521 -30.38 -34.96 55.63
C ILE ZA 521 -29.31 -35.73 56.37
N ASP ZA 522 -29.33 -37.06 56.23
CA ASP ZA 522 -28.33 -37.89 56.90
C ASP ZA 522 -26.92 -37.54 56.42
N TYR ZA 523 -26.77 -37.27 55.12
CA TYR ZA 523 -25.46 -36.95 54.57
C TYR ZA 523 -24.90 -35.68 55.17
N ILE ZA 524 -25.70 -34.62 55.19
CA ILE ZA 524 -25.20 -33.33 55.69
C ILE ZA 524 -25.09 -33.33 57.21
N ASN ZA 525 -25.92 -34.11 57.90
CA ASN ZA 525 -25.77 -34.23 59.36
C ASN ZA 525 -24.51 -35.02 59.72
N ALA ZA 526 -24.13 -36.00 58.90
CA ALA ZA 526 -22.94 -36.78 59.19
C ALA ZA 526 -21.67 -36.04 58.81
N ASN ZA 527 -21.53 -35.67 57.53
CA ASN ZA 527 -20.25 -35.23 57.00
C ASN ZA 527 -20.11 -33.72 56.87
N HIS ZA 528 -21.20 -32.96 57.04
CA HIS ZA 528 -21.15 -31.52 56.81
C HIS ZA 528 -21.89 -30.78 57.93
N GLN ZA 529 -21.62 -31.15 59.18
CA GLN ZA 529 -22.21 -30.41 60.28
C GLN ZA 529 -21.66 -28.99 60.35
N ASP ZA 530 -20.44 -28.76 59.85
CA ASP ZA 530 -19.82 -27.45 60.00
C ASP ZA 530 -20.59 -26.40 59.20
N ILE ZA 531 -21.08 -26.77 58.01
CA ILE ZA 531 -21.91 -25.87 57.23
C ILE ZA 531 -23.15 -25.50 58.03
N LEU ZA 532 -23.75 -26.48 58.69
CA LEU ZA 532 -24.96 -26.23 59.47
C LEU ZA 532 -24.67 -25.31 60.64
N LYS ZA 533 -23.55 -25.54 61.33
CA LYS ZA 533 -23.17 -24.66 62.43
C LYS ZA 533 -22.92 -23.24 61.93
N THR ZA 534 -22.32 -23.10 60.76
CA THR ZA 534 -22.05 -21.79 60.20
C THR ZA 534 -23.35 -21.08 59.87
N ILE ZA 535 -24.31 -21.79 59.29
CA ILE ZA 535 -25.60 -21.19 58.99
C ILE ZA 535 -26.33 -20.82 60.27
N GLU ZA 536 -26.23 -21.67 61.29
CA GLU ZA 536 -26.89 -21.41 62.56
C GLU ZA 536 -26.32 -20.17 63.23
N THR ZA 537 -25.02 -19.95 63.09
CA THR ZA 537 -24.37 -18.81 63.73
C THR ZA 537 -24.58 -17.53 62.91
N GLU ZA 538 -24.09 -17.51 61.67
CA GLU ZA 538 -24.15 -16.28 60.88
C GLU ZA 538 -25.57 -15.92 60.46
N LYS ZA 539 -26.45 -16.92 60.30
CA LYS ZA 539 -27.83 -16.68 59.92
C LYS ZA 539 -27.91 -16.01 58.55
N GLU ZA 540 -27.02 -16.42 57.66
CA GLU ZA 540 -27.03 -15.94 56.28
C GLU ZA 540 -26.27 -16.95 55.43
N LEU ZA 541 -26.28 -16.72 54.12
CA LEU ZA 541 -25.58 -17.57 53.16
C LEU ZA 541 -24.57 -16.71 52.40
N SER ZA 542 -23.35 -16.68 52.91
CA SER ZA 542 -22.25 -16.09 52.16
C SER ZA 542 -21.93 -16.94 50.92
N GLU ZA 543 -21.12 -16.37 50.03
CA GLU ZA 543 -20.74 -17.09 48.82
C GLU ZA 543 -19.95 -18.35 49.16
N LYS ZA 544 -19.18 -18.32 50.25
CA LYS ZA 544 -18.43 -19.49 50.66
C LYS ZA 544 -19.38 -20.64 51.01
N THR ZA 545 -20.38 -20.37 51.84
CA THR ZA 545 -21.33 -21.40 52.22
C THR ZA 545 -22.17 -21.83 51.02
N GLU ZA 546 -22.51 -20.89 50.14
CA GLU ZA 546 -23.19 -21.25 48.89
C GLU ZA 546 -22.39 -22.28 48.11
N ALA ZA 547 -21.11 -22.01 47.90
CA ALA ZA 547 -20.26 -22.91 47.12
C ALA ZA 547 -20.10 -24.26 47.83
N LYS ZA 548 -19.88 -24.23 49.15
CA LYS ZA 548 -19.72 -25.46 49.89
C LYS ZA 548 -20.98 -26.32 49.82
N LEU ZA 549 -22.15 -25.70 49.96
CA LEU ZA 549 -23.41 -26.44 49.86
C LEU ZA 549 -23.61 -27.02 48.47
N ARG ZA 550 -23.32 -26.24 47.43
CA ARG ZA 550 -23.43 -26.75 46.07
C ARG ZA 550 -22.51 -27.95 45.86
N ALA ZA 551 -21.27 -27.84 46.34
CA ALA ZA 551 -20.34 -28.95 46.21
C ALA ZA 551 -20.82 -30.18 46.95
N ALA ZA 552 -21.38 -29.99 48.16
CA ALA ZA 552 -21.90 -31.12 48.92
C ALA ZA 552 -23.06 -31.79 48.18
N VAL ZA 553 -23.96 -31.00 47.60
CA VAL ZA 553 -25.07 -31.57 46.85
C VAL ZA 553 -24.55 -32.34 45.63
N ASP ZA 554 -23.54 -31.80 44.97
CA ASP ZA 554 -22.97 -32.49 43.81
C ASP ZA 554 -22.35 -33.82 44.23
N GLU ZA 555 -21.59 -33.81 45.31
CA GLU ZA 555 -21.04 -35.05 45.86
C GLU ZA 555 -22.16 -36.04 46.19
N PHE ZA 556 -23.26 -35.55 46.75
CA PHE ZA 556 -24.36 -36.43 47.14
C PHE ZA 556 -25.00 -37.08 45.92
N VAL ZA 557 -25.27 -36.28 44.88
CA VAL ZA 557 -25.87 -36.84 43.68
C VAL ZA 557 -24.90 -37.79 42.99
N ALA ZA 558 -23.60 -37.53 43.09
CA ALA ZA 558 -22.62 -38.47 42.55
C ALA ZA 558 -22.70 -39.79 43.32
N MET ZA 559 -22.62 -39.72 44.65
CA MET ZA 559 -22.60 -40.91 45.50
C MET ZA 559 -23.89 -41.70 45.41
N ASN ZA 560 -25.00 -41.08 44.99
CA ASN ZA 560 -26.31 -41.71 45.05
C ASN ZA 560 -26.92 -41.77 43.65
N GLU ZA 561 -28.00 -42.53 43.55
CA GLU ZA 561 -28.68 -42.77 42.29
C GLU ZA 561 -30.18 -42.83 42.53
N PHE ZA 562 -30.95 -42.13 41.70
CA PHE ZA 562 -32.40 -42.10 41.78
C PHE ZA 562 -32.97 -42.39 40.39
N LYS ZA 563 -34.30 -42.47 40.33
CA LYS ZA 563 -34.96 -42.96 39.12
C LYS ZA 563 -34.82 -42.03 37.93
N LYS ZA 564 -34.30 -40.82 38.13
CA LYS ZA 564 -33.97 -39.94 37.01
C LYS ZA 564 -32.74 -39.09 37.33
N THR AB 79 -72.31 18.52 93.46
CA THR AB 79 -72.24 17.13 93.01
C THR AB 79 -73.32 16.29 93.67
N ASN AB 80 -74.04 15.51 92.88
CA ASN AB 80 -74.94 14.51 93.40
C ASN AB 80 -74.14 13.32 93.92
N HIS AB 81 -74.85 12.36 94.50
CA HIS AB 81 -74.24 11.13 95.00
C HIS AB 81 -75.20 9.97 94.80
N GLY AB 82 -74.68 8.86 94.27
CA GLY AB 82 -75.50 7.70 94.03
C GLY AB 82 -74.81 6.43 94.50
N ARG AB 83 -75.55 5.33 94.47
CA ARG AB 83 -75.11 4.05 95.00
C ARG AB 83 -75.37 2.97 93.96
N ILE AB 84 -74.33 2.25 93.57
CA ILE AB 84 -74.49 1.13 92.66
C ILE AB 84 -75.44 0.11 93.27
N THR AB 85 -76.36 -0.40 92.45
CA THR AB 85 -77.42 -1.29 92.88
C THR AB 85 -77.27 -2.70 92.32
N GLN AB 86 -76.80 -2.81 91.08
CA GLN AB 86 -76.41 -4.11 90.54
C GLN AB 86 -75.45 -3.89 89.38
N VAL AB 87 -74.77 -4.97 89.00
CA VAL AB 87 -73.67 -4.92 88.04
C VAL AB 87 -73.80 -6.12 87.10
N ILE AB 88 -73.86 -5.84 85.80
CA ILE AB 88 -73.93 -6.89 84.79
C ILE AB 88 -73.00 -6.55 83.63
N GLY AB 89 -71.83 -7.17 83.64
CA GLY AB 89 -70.85 -6.93 82.59
C GLY AB 89 -70.43 -5.48 82.52
N ALA AB 90 -70.68 -4.84 81.38
CA ALA AB 90 -70.37 -3.44 81.16
C ALA AB 90 -71.55 -2.52 81.46
N VAL AB 91 -72.55 -3.01 82.19
CA VAL AB 91 -73.75 -2.26 82.51
C VAL AB 91 -73.84 -2.12 84.02
N VAL AB 92 -74.20 -0.93 84.49
CA VAL AB 92 -74.23 -0.63 85.92
C VAL AB 92 -75.49 0.16 86.19
N ASP AB 93 -76.35 -0.38 87.05
CA ASP AB 93 -77.56 0.29 87.48
C ASP AB 93 -77.32 1.00 88.80
N VAL AB 94 -77.69 2.27 88.85
CA VAL AB 94 -77.31 3.16 89.95
C VAL AB 94 -78.58 3.80 90.51
N HIS AB 95 -78.56 4.07 91.81
CA HIS AB 95 -79.72 4.65 92.50
C HIS AB 95 -79.28 5.96 93.13
N PHE AB 96 -80.06 7.01 92.90
CA PHE AB 96 -79.85 8.30 93.55
C PHE AB 96 -81.01 8.61 94.48
N ASP AB 97 -80.70 9.34 95.56
CA ASP AB 97 -81.73 9.80 96.47
C ASP AB 97 -82.40 11.07 95.96
N GLU AB 98 -81.70 11.88 95.19
CA GLU AB 98 -82.26 13.11 94.65
C GLU AB 98 -81.40 13.62 93.51
N GLN AB 99 -82.03 14.42 92.65
CA GLN AB 99 -81.36 15.07 91.52
C GLN AB 99 -80.70 14.04 90.60
N LEU AB 100 -81.55 13.27 89.93
CA LEU AB 100 -81.08 12.37 88.90
C LEU AB 100 -80.31 13.17 87.85
N PRO AB 101 -79.29 12.59 87.23
CA PRO AB 101 -78.58 13.29 86.16
C PRO AB 101 -79.28 13.04 84.83
N PRO AB 102 -79.12 13.95 83.86
CA PRO AB 102 -79.68 13.68 82.54
C PRO AB 102 -78.97 12.50 81.88
N ILE AB 103 -79.50 12.10 80.73
CA ILE AB 103 -78.90 10.99 79.99
C ILE AB 103 -77.62 11.48 79.32
N LEU AB 104 -76.66 10.56 79.19
CA LEU AB 104 -75.35 10.77 78.60
C LEU AB 104 -74.40 11.48 79.57
N ASN AB 105 -74.86 11.87 80.75
CA ASN AB 105 -73.97 12.48 81.72
C ASN AB 105 -72.93 11.48 82.21
N SER AB 106 -71.86 12.01 82.80
CA SER AB 106 -70.73 11.20 83.26
C SER AB 106 -70.71 11.11 84.78
N LEU AB 107 -70.44 9.91 85.26
CA LEU AB 107 -70.36 9.58 86.68
C LEU AB 107 -69.01 8.94 86.96
N GLU AB 108 -68.44 9.25 88.12
CA GLU AB 108 -67.15 8.73 88.55
C GLU AB 108 -67.38 7.81 89.73
N VAL AB 109 -66.80 6.61 89.67
CA VAL AB 109 -66.95 5.68 90.78
C VAL AB 109 -65.91 6.00 91.85
N GLN AB 110 -66.33 6.00 93.11
CA GLN AB 110 -65.49 6.38 94.23
C GLN AB 110 -65.19 5.15 95.07
N GLY AB 111 -63.91 4.97 95.40
CA GLY AB 111 -63.47 3.82 96.15
C GLY AB 111 -62.91 2.69 95.32
N HIS AB 112 -62.50 2.95 94.09
CA HIS AB 112 -61.99 1.94 93.18
C HIS AB 112 -60.49 2.09 93.03
N THR AB 113 -59.86 1.05 92.49
CA THR AB 113 -58.40 1.08 92.32
C THR AB 113 -57.99 2.20 91.39
N ASN AB 114 -58.42 2.14 90.14
CA ASN AB 114 -58.15 3.15 89.13
C ASN AB 114 -59.39 4.00 88.90
N ARG AB 115 -59.27 4.99 88.03
CA ARG AB 115 -60.41 5.81 87.64
C ARG AB 115 -61.39 4.99 86.83
N LEU AB 116 -62.67 5.11 87.17
CA LEU AB 116 -63.74 4.37 86.49
C LEU AB 116 -64.88 5.33 86.21
N VAL AB 117 -65.22 5.47 84.93
CA VAL AB 117 -66.24 6.40 84.47
C VAL AB 117 -67.41 5.64 83.88
N LEU AB 118 -68.61 6.13 84.17
CA LEU AB 118 -69.87 5.58 83.68
C LEU AB 118 -70.60 6.66 82.90
N GLU AB 119 -71.26 6.27 81.82
CA GLU AB 119 -72.04 7.19 81.00
C GLU AB 119 -73.49 6.76 81.08
N VAL AB 120 -74.38 7.68 81.47
CA VAL AB 120 -75.80 7.35 81.57
C VAL AB 120 -76.34 7.06 80.18
N ALA AB 121 -77.25 6.09 80.08
CA ALA AB 121 -77.82 5.69 78.81
C ALA AB 121 -79.34 5.64 78.88
N GLN AB 122 -79.89 5.42 80.06
CA GLN AB 122 -81.33 5.25 80.21
C GLN AB 122 -81.76 5.75 81.58
N HIS AB 123 -83.06 6.05 81.70
CA HIS AB 123 -83.71 6.27 82.97
C HIS AB 123 -84.78 5.20 83.16
N LEU AB 124 -84.74 4.51 84.30
CA LEU AB 124 -85.65 3.39 84.55
C LEU AB 124 -86.78 3.73 85.50
N GLY AB 125 -86.69 4.83 86.23
CA GLY AB 125 -87.71 5.18 87.20
C GLY AB 125 -87.28 4.89 88.63
N GLU AB 126 -87.97 5.54 89.57
CA GLU AB 126 -87.67 5.40 90.99
C GLU AB 126 -86.27 5.92 91.30
N ASN AB 127 -85.90 7.01 90.63
CA ASN AB 127 -84.57 7.61 90.79
C ASN AB 127 -83.47 6.61 90.50
N THR AB 128 -83.70 5.73 89.53
CA THR AB 128 -82.71 4.75 89.09
C THR AB 128 -82.26 5.08 87.68
N VAL AB 129 -80.98 4.85 87.39
CA VAL AB 129 -80.42 5.03 86.06
C VAL AB 129 -79.62 3.80 85.68
N ARG AB 130 -79.30 3.71 84.39
CA ARG AB 130 -78.49 2.63 83.83
C ARG AB 130 -77.36 3.24 83.03
N THR AB 131 -76.15 2.74 83.24
CA THR AB 131 -74.95 3.38 82.70
C THR AB 131 -74.03 2.34 82.10
N ILE AB 132 -73.12 2.83 81.26
CA ILE AB 132 -72.16 2.02 80.53
C ILE AB 132 -70.77 2.42 81.00
N ALA AB 133 -69.94 1.44 81.33
CA ALA AB 133 -68.63 1.69 81.89
C ALA AB 133 -67.58 1.84 80.79
N MET AB 134 -66.64 2.75 81.02
CA MET AB 134 -65.54 2.95 80.08
C MET AB 134 -64.42 1.94 80.31
N ASP AB 135 -64.20 1.55 81.55
CA ASP AB 135 -63.20 0.57 81.94
C ASP AB 135 -63.90 -0.63 82.57
N ALA AB 136 -63.11 -1.65 82.89
CA ALA AB 136 -63.68 -2.92 83.34
C ALA AB 136 -64.36 -2.76 84.70
N THR AB 137 -65.44 -3.51 84.88
CA THR AB 137 -66.22 -3.53 86.11
C THR AB 137 -65.67 -4.50 87.14
N GLU AB 138 -64.60 -5.23 86.83
CA GLU AB 138 -64.01 -6.14 87.79
C GLU AB 138 -63.56 -5.40 89.05
N GLY AB 139 -64.03 -5.85 90.20
CA GLY AB 139 -63.74 -5.21 91.47
C GLY AB 139 -64.84 -4.31 91.99
N LEU AB 140 -65.97 -4.23 91.31
CA LEU AB 140 -67.06 -3.37 91.74
C LEU AB 140 -67.97 -4.08 92.73
N VAL AB 141 -68.59 -3.28 93.60
CA VAL AB 141 -69.39 -3.77 94.71
C VAL AB 141 -70.73 -3.04 94.68
N ARG AB 142 -71.78 -3.74 95.11
CA ARG AB 142 -73.07 -3.09 95.26
C ARG AB 142 -73.05 -2.15 96.46
N GLY AB 143 -73.73 -1.02 96.33
CA GLY AB 143 -73.66 0.03 97.32
C GLY AB 143 -72.44 0.92 97.22
N GLN AB 144 -71.49 0.60 96.35
CA GLN AB 144 -70.35 1.47 96.12
C GLN AB 144 -70.84 2.83 95.64
N LYS AB 145 -70.07 3.87 95.97
CA LYS AB 145 -70.53 5.24 95.78
C LYS AB 145 -70.12 5.79 94.43
N VAL AB 146 -70.92 6.73 93.94
CA VAL AB 146 -70.80 7.27 92.59
C VAL AB 146 -71.07 8.77 92.66
N VAL AB 147 -70.35 9.54 91.86
CA VAL AB 147 -70.41 10.99 91.89
C VAL AB 147 -70.72 11.47 90.48
N ASP AB 148 -71.80 12.25 90.33
CA ASP AB 148 -72.12 12.83 89.04
C ASP AB 148 -71.29 14.07 88.78
N THR AB 149 -70.87 14.24 87.52
CA THR AB 149 -70.00 15.35 87.16
C THR AB 149 -70.76 16.56 86.64
N GLY AB 150 -72.04 16.40 86.27
CA GLY AB 150 -72.82 17.50 85.76
C GLY AB 150 -72.63 17.76 84.27
N ALA AB 151 -71.98 16.86 83.56
CA ALA AB 151 -71.73 17.02 82.14
C ALA AB 151 -71.20 15.69 81.60
N PRO AB 152 -71.36 15.44 80.31
CA PRO AB 152 -70.86 14.18 79.74
C PRO AB 152 -69.35 14.13 79.73
N ILE AB 153 -68.77 13.09 79.14
CA ILE AB 153 -67.32 12.89 79.18
C ILE AB 153 -66.67 14.04 78.43
N GLN AB 154 -66.01 14.93 79.16
CA GLN AB 154 -65.37 16.11 78.59
C GLN AB 154 -63.91 15.80 78.30
N VAL AB 155 -63.53 15.93 77.03
CA VAL AB 155 -62.15 15.68 76.59
C VAL AB 155 -61.43 17.03 76.50
N PRO AB 156 -60.15 17.09 76.87
CA PRO AB 156 -59.41 18.34 76.67
C PRO AB 156 -59.11 18.60 75.20
N VAL AB 157 -58.93 19.88 74.87
CA VAL AB 157 -58.75 20.31 73.50
C VAL AB 157 -57.77 21.48 73.45
N GLY AB 158 -57.23 21.70 72.26
CA GLY AB 158 -56.29 22.76 72.00
C GLY AB 158 -55.15 22.26 71.15
N VAL AB 159 -54.08 23.07 71.07
CA VAL AB 159 -52.82 22.61 70.49
C VAL AB 159 -51.98 21.80 71.47
N GLU AB 160 -52.48 21.58 72.69
CA GLU AB 160 -51.75 20.79 73.68
C GLU AB 160 -51.99 19.30 73.53
N THR AB 161 -53.09 18.90 72.91
CA THR AB 161 -53.31 17.49 72.57
C THR AB 161 -52.45 17.04 71.40
N LEU AB 162 -51.79 17.96 70.70
CA LEU AB 162 -51.03 17.60 69.51
C LEU AB 162 -49.72 16.93 69.90
N GLY AB 163 -49.30 15.96 69.11
CA GLY AB 163 -48.15 15.15 69.44
C GLY AB 163 -48.38 14.12 70.51
N ARG AB 164 -49.57 14.09 71.12
CA ARG AB 164 -49.85 13.31 72.30
C ARG AB 164 -50.92 12.27 71.99
N ILE AB 165 -50.88 11.16 72.72
CA ILE AB 165 -51.89 10.11 72.63
C ILE AB 165 -52.87 10.29 73.78
N MET AB 166 -54.14 9.98 73.53
CA MET AB 166 -55.19 10.20 74.51
C MET AB 166 -56.16 9.02 74.48
N ASN AB 167 -56.84 8.81 75.61
CA ASN AB 167 -57.82 7.75 75.75
C ASN AB 167 -59.19 8.27 75.32
N VAL AB 168 -60.23 7.48 75.58
CA VAL AB 168 -61.59 7.93 75.30
C VAL AB 168 -62.01 9.02 76.28
N ILE AB 169 -61.50 8.97 77.51
CA ILE AB 169 -61.86 9.94 78.54
C ILE AB 169 -60.82 11.07 78.62
N GLY AB 170 -59.99 11.23 77.58
CA GLY AB 170 -59.01 12.28 77.55
C GLY AB 170 -57.72 11.99 78.27
N GLU AB 171 -57.68 10.95 79.09
CA GLU AB 171 -56.45 10.62 79.80
C GLU AB 171 -55.36 10.21 78.80
N PRO AB 172 -54.13 10.65 79.00
CA PRO AB 172 -53.05 10.22 78.10
C PRO AB 172 -52.50 8.86 78.49
N VAL AB 173 -52.09 8.10 77.47
CA VAL AB 173 -51.52 6.78 77.65
C VAL AB 173 -50.20 6.67 76.91
N ASP AB 174 -49.54 7.80 76.67
CA ASP AB 174 -48.22 7.82 76.06
C ASP AB 174 -47.09 7.84 77.07
N GLU AB 175 -47.39 8.00 78.36
CA GLU AB 175 -46.38 8.06 79.41
C GLU AB 175 -45.39 9.20 79.15
N CYS AB 176 -45.96 10.41 79.03
CA CYS AB 176 -45.16 11.60 78.82
C CYS AB 176 -45.64 12.79 79.65
N GLY AB 177 -46.66 12.63 80.47
CA GLY AB 177 -47.16 13.70 81.31
C GLY AB 177 -48.63 13.95 81.07
N PRO AB 178 -49.22 14.89 81.81
CA PRO AB 178 -50.62 15.23 81.63
C PRO AB 178 -50.83 16.32 80.60
N VAL AB 179 -52.08 16.39 80.12
CA VAL AB 179 -52.44 17.31 79.03
C VAL AB 179 -52.66 18.69 79.62
N PRO AB 180 -51.83 19.68 79.31
CA PRO AB 180 -52.04 21.03 79.87
C PRO AB 180 -52.98 21.88 79.01
N ALA AB 181 -54.17 21.34 78.76
CA ALA AB 181 -55.13 21.98 77.87
C ALA AB 181 -55.92 23.05 78.63
N LYS AB 182 -56.19 24.16 77.95
CA LYS AB 182 -56.93 25.27 78.55
C LYS AB 182 -58.43 25.18 78.27
N LYS AB 183 -58.91 24.06 77.75
CA LYS AB 183 -60.30 23.95 77.34
C LYS AB 183 -60.68 22.47 77.26
N THR AB 184 -61.99 22.22 77.33
CA THR AB 184 -62.53 20.88 77.13
C THR AB 184 -63.85 20.99 76.38
N TYR AB 185 -64.11 19.97 75.57
CA TYR AB 185 -65.39 19.83 74.88
C TYR AB 185 -66.07 18.53 75.26
N SER AB 186 -67.40 18.58 75.29
CA SER AB 186 -68.20 17.37 75.43
C SER AB 186 -68.20 16.59 74.13
N ILE AB 187 -67.99 15.28 74.22
CA ILE AB 187 -67.95 14.46 73.01
C ILE AB 187 -69.33 14.35 72.37
N HIS AB 188 -70.38 14.65 73.11
CA HIS AB 188 -71.75 14.59 72.59
C HIS AB 188 -72.17 16.01 72.20
N ARG AB 189 -72.32 16.24 70.90
CA ARG AB 189 -72.72 17.53 70.39
C ARG AB 189 -73.75 17.31 69.27
N ALA AB 190 -74.33 18.42 68.82
CA ALA AB 190 -75.32 18.40 67.75
C ALA AB 190 -74.67 18.80 66.44
N ALA AB 191 -75.09 18.14 65.36
CA ALA AB 191 -74.43 18.32 64.08
C ALA AB 191 -74.70 19.73 63.55
N PRO AB 192 -73.89 20.19 62.60
CA PRO AB 192 -74.22 21.46 61.93
C PRO AB 192 -75.45 21.32 61.06
N LEU AB 193 -76.30 22.35 61.09
CA LEU AB 193 -77.60 22.26 60.47
C LEU AB 193 -77.47 22.30 58.95
N PHE AB 194 -78.61 22.16 58.27
CA PHE AB 194 -78.62 22.22 56.82
C PHE AB 194 -78.19 23.59 56.31
N ALA AB 195 -78.52 24.65 57.05
CA ALA AB 195 -78.17 25.99 56.61
C ALA AB 195 -76.67 26.20 56.54
N ASP AB 196 -75.89 25.38 57.25
CA ASP AB 196 -74.43 25.43 57.20
C ASP AB 196 -73.98 24.51 56.07
N GLN AB 197 -73.76 25.09 54.89
CA GLN AB 197 -73.57 24.29 53.69
C GLN AB 197 -72.13 23.80 53.58
N SER AB 198 -71.90 22.94 52.61
CA SER AB 198 -70.57 22.43 52.31
C SER AB 198 -69.81 23.47 51.48
N THR AB 199 -68.69 23.06 50.89
CA THR AB 199 -67.90 23.92 50.03
C THR AB 199 -67.73 23.24 48.67
N GLU AB 200 -66.88 23.83 47.84
CA GLU AB 200 -66.62 23.27 46.52
C GLU AB 200 -65.97 21.89 46.64
N PRO AB 201 -66.23 20.99 45.68
CA PRO AB 201 -65.59 19.67 45.72
C PRO AB 201 -64.12 19.72 45.35
N GLY AB 202 -63.26 20.07 46.31
CA GLY AB 202 -61.84 20.18 46.03
C GLY AB 202 -61.23 18.82 45.72
N LEU AB 203 -60.32 18.81 44.74
CA LEU AB 203 -59.64 17.59 44.34
C LEU AB 203 -58.45 17.31 45.24
N LEU AB 204 -58.27 16.05 45.61
CA LEU AB 204 -57.19 15.62 46.49
C LEU AB 204 -56.25 14.70 45.73
N GLN AB 205 -54.96 15.03 45.72
CA GLN AB 205 -53.96 14.26 44.99
C GLN AB 205 -53.20 13.38 45.98
N THR AB 206 -53.34 12.07 45.81
CA THR AB 206 -52.70 11.10 46.71
C THR AB 206 -51.41 10.53 46.15
N GLY AB 207 -51.17 10.65 44.84
CA GLY AB 207 -50.06 9.94 44.22
C GLY AB 207 -50.36 8.51 43.84
N ILE AB 208 -51.59 8.05 44.02
CA ILE AB 208 -52.00 6.70 43.64
C ILE AB 208 -52.80 6.78 42.35
N LYS AB 209 -52.59 5.81 41.46
CA LYS AB 209 -53.06 5.94 40.09
C LYS AB 209 -54.54 5.62 39.99
N VAL AB 210 -54.94 4.43 40.41
CA VAL AB 210 -56.35 4.05 40.32
C VAL AB 210 -57.21 5.00 41.13
N VAL AB 211 -56.70 5.44 42.28
CA VAL AB 211 -57.45 6.40 43.11
C VAL AB 211 -57.58 7.74 42.39
N ASP AB 212 -56.45 8.34 42.00
CA ASP AB 212 -56.51 9.65 41.35
C ASP AB 212 -57.28 9.62 40.04
N LEU AB 213 -57.41 8.46 39.40
CA LEU AB 213 -58.06 8.37 38.10
C LEU AB 213 -59.55 8.08 38.23
N LEU AB 214 -59.89 6.96 38.87
CA LEU AB 214 -61.26 6.43 38.85
C LEU AB 214 -62.08 6.83 40.06
N ALA AB 215 -61.45 7.17 41.17
CA ALA AB 215 -62.16 7.51 42.41
C ALA AB 215 -61.45 8.68 43.07
N PRO AB 216 -61.55 9.87 42.48
CA PRO AB 216 -60.82 11.02 43.02
C PRO AB 216 -61.32 11.39 44.40
N TYR AB 217 -60.39 11.69 45.30
CA TYR AB 217 -60.71 11.94 46.69
C TYR AB 217 -60.97 13.42 46.91
N ALA AB 218 -61.97 13.72 47.73
CA ALA AB 218 -62.44 15.08 47.92
C ALA AB 218 -61.76 15.72 49.12
N LYS AB 219 -61.51 17.02 49.02
CA LYS AB 219 -60.89 17.80 50.09
C LYS AB 219 -61.99 18.48 50.90
N GLY AB 220 -62.57 17.72 51.82
CA GLY AB 220 -63.69 18.24 52.61
C GLY AB 220 -64.85 17.27 52.67
N GLY AB 221 -64.62 16.04 52.23
CA GLY AB 221 -65.67 15.05 52.17
C GLY AB 221 -65.20 13.70 52.67
N LYS AB 222 -66.19 12.83 52.86
CA LYS AB 222 -65.90 11.52 53.43
C LYS AB 222 -65.45 10.55 52.35
N ILE AB 223 -64.56 9.65 52.76
CA ILE AB 223 -63.94 8.66 51.88
C ILE AB 223 -64.07 7.32 52.56
N GLY AB 224 -64.29 6.27 51.80
CA GLY AB 224 -64.49 4.95 52.35
C GLY AB 224 -63.57 3.94 51.70
N LEU AB 225 -62.98 3.09 52.54
CA LEU AB 225 -62.09 2.01 52.12
C LEU AB 225 -62.74 0.73 52.64
N PHE AB 226 -63.55 0.11 51.80
CA PHE AB 226 -64.29 -1.09 52.18
C PHE AB 226 -63.46 -2.32 51.84
N GLY AB 227 -63.38 -3.26 52.77
CA GLY AB 227 -62.64 -4.47 52.52
C GLY AB 227 -62.65 -5.40 53.70
N GLY AB 228 -62.37 -6.67 53.42
CA GLY AB 228 -62.28 -7.69 54.43
C GLY AB 228 -60.98 -7.67 55.19
N ALA AB 229 -60.45 -8.86 55.47
CA ALA AB 229 -59.21 -9.03 56.22
C ALA AB 229 -58.11 -9.49 55.27
N GLY AB 230 -57.00 -8.77 55.27
CA GLY AB 230 -55.86 -9.15 54.46
C GLY AB 230 -55.89 -8.56 53.06
N VAL AB 231 -56.24 -7.28 52.97
CA VAL AB 231 -56.37 -6.61 51.67
C VAL AB 231 -55.59 -5.31 51.59
N GLY AB 232 -55.15 -4.73 52.71
CA GLY AB 232 -54.25 -3.60 52.69
C GLY AB 232 -54.92 -2.29 53.05
N LYS AB 233 -55.81 -2.33 54.05
CA LYS AB 233 -56.52 -1.11 54.44
C LYS AB 233 -55.59 -0.18 55.20
N THR AB 234 -55.05 -0.64 56.32
CA THR AB 234 -54.22 0.26 57.12
C THR AB 234 -52.94 0.61 56.38
N VAL AB 235 -52.47 -0.30 55.51
CA VAL AB 235 -51.33 0.03 54.64
C VAL AB 235 -51.68 1.16 53.69
N LEU AB 236 -52.88 1.11 53.09
CA LEU AB 236 -53.30 2.19 52.21
C LEU AB 236 -53.45 3.49 52.99
N ILE AB 237 -53.96 3.40 54.21
CA ILE AB 237 -54.09 4.60 55.04
C ILE AB 237 -52.72 5.17 55.37
N MET AB 238 -51.74 4.32 55.64
CA MET AB 238 -50.40 4.80 55.94
C MET AB 238 -49.77 5.48 54.73
N GLU AB 239 -49.99 4.91 53.54
CA GLU AB 239 -49.50 5.56 52.32
C GLU AB 239 -50.18 6.91 52.10
N LEU AB 240 -51.50 6.96 52.32
CA LEU AB 240 -52.21 8.23 52.18
C LEU AB 240 -51.71 9.25 53.19
N ILE AB 241 -51.42 8.81 54.41
CA ILE AB 241 -50.88 9.71 55.42
C ILE AB 241 -49.54 10.26 54.97
N ASN AB 242 -48.68 9.39 54.45
CA ASN AB 242 -47.36 9.85 53.99
C ASN AB 242 -47.49 10.85 52.85
N ASN AB 243 -48.46 10.64 51.96
CA ASN AB 243 -48.56 11.41 50.74
C ASN AB 243 -49.49 12.62 50.86
N VAL AB 244 -50.18 12.76 52.00
CA VAL AB 244 -51.12 13.87 52.18
C VAL AB 244 -50.81 14.66 53.45
N ALA AB 245 -50.72 13.98 54.60
CA ALA AB 245 -50.69 14.67 55.88
C ALA AB 245 -49.42 15.50 56.04
N ASN AB 246 -48.28 14.98 55.57
CA ASN AB 246 -47.03 15.72 55.69
C ASN AB 246 -47.08 17.01 54.88
N LYS AB 247 -47.63 16.96 53.67
CA LYS AB 247 -47.76 18.16 52.86
C LYS AB 247 -48.87 19.09 53.36
N HIS AB 248 -49.86 18.55 54.07
CA HIS AB 248 -50.98 19.34 54.54
C HIS AB 248 -50.52 20.42 55.52
N GLY AB 249 -51.05 21.61 55.35
CA GLY AB 249 -50.75 22.72 56.24
C GLY AB 249 -51.70 22.77 57.41
N GLY AB 250 -52.90 22.23 57.24
CA GLY AB 250 -53.81 22.08 58.34
C GLY AB 250 -53.39 20.95 59.27
N PHE AB 251 -54.31 20.60 60.17
CA PHE AB 251 -54.04 19.54 61.13
C PHE AB 251 -54.56 18.17 60.66
N SER AB 252 -54.46 17.19 61.55
CA SER AB 252 -54.84 15.82 61.23
C SER AB 252 -55.12 15.08 62.53
N VAL AB 253 -56.00 14.09 62.43
CA VAL AB 253 -56.44 13.27 63.55
C VAL AB 253 -56.47 11.82 63.09
N PHE AB 254 -56.06 10.92 63.97
CA PHE AB 254 -56.17 9.48 63.76
C PHE AB 254 -56.99 8.88 64.90
N ALA AB 255 -57.88 7.96 64.55
CA ALA AB 255 -58.72 7.29 65.52
C ALA AB 255 -58.66 5.79 65.27
N GLY AB 256 -58.14 5.05 66.24
CA GLY AB 256 -58.06 3.61 66.16
C GLY AB 256 -59.20 2.96 66.90
N VAL AB 257 -60.19 2.40 66.19
CA VAL AB 257 -61.39 1.87 66.82
C VAL AB 257 -61.34 0.36 66.70
N GLY AB 258 -60.84 -0.29 67.75
CA GLY AB 258 -60.77 -1.74 67.78
C GLY AB 258 -59.85 -2.33 66.74
N GLU AB 259 -58.67 -1.75 66.57
CA GLU AB 259 -57.62 -2.32 65.74
C GLU AB 259 -56.49 -2.83 66.62
N ARG AB 260 -55.42 -3.32 66.00
CA ARG AB 260 -54.33 -3.92 66.76
C ARG AB 260 -53.38 -2.90 67.38
N THR AB 261 -52.80 -3.30 68.50
CA THR AB 261 -51.95 -2.40 69.26
C THR AB 261 -50.57 -2.35 68.64
N ARG AB 262 -50.08 -3.48 68.15
CA ARG AB 262 -48.89 -3.46 67.31
C ARG AB 262 -49.02 -2.41 66.21
N GLU AB 263 -50.18 -2.36 65.56
CA GLU AB 263 -50.41 -1.35 64.53
C GLU AB 263 -50.38 0.05 65.09
N GLY AB 264 -50.93 0.25 66.30
CA GLY AB 264 -50.87 1.56 66.90
C GLY AB 264 -49.44 2.00 67.21
N ASN AB 265 -48.66 1.08 67.77
CA ASN AB 265 -47.25 1.33 68.05
C ASN AB 265 -46.49 1.66 66.77
N ASP AB 266 -46.73 0.90 65.71
CA ASP AB 266 -46.05 1.14 64.45
C ASP AB 266 -46.40 2.52 63.90
N LEU AB 267 -47.68 2.89 63.94
CA LEU AB 267 -48.06 4.20 63.44
C LEU AB 267 -47.40 5.31 64.27
N TYR AB 268 -47.37 5.14 65.59
CA TYR AB 268 -46.75 6.16 66.44
C TYR AB 268 -45.26 6.29 66.15
N HIS AB 269 -44.57 5.15 65.97
CA HIS AB 269 -43.15 5.19 65.68
C HIS AB 269 -42.88 5.81 64.32
N GLU AB 270 -43.67 5.46 63.31
CA GLU AB 270 -43.46 6.04 61.99
C GLU AB 270 -43.74 7.54 61.97
N MET AB 271 -44.70 8.01 62.77
CA MET AB 271 -44.98 9.43 62.77
C MET AB 271 -43.92 10.21 63.54
N MET AB 272 -43.38 9.61 64.62
CA MET AB 272 -42.25 10.19 65.30
C MET AB 272 -41.04 10.22 64.38
N THR AB 273 -40.92 9.22 63.50
CA THR AB 273 -39.79 9.19 62.59
C THR AB 273 -39.94 10.29 61.56
N THR AB 274 -41.10 10.33 60.90
CA THR AB 274 -41.32 11.18 59.74
C THR AB 274 -41.82 12.56 60.13
N GLY AB 275 -41.59 13.00 61.37
CA GLY AB 275 -41.90 14.37 61.71
C GLY AB 275 -43.36 14.72 61.89
N VAL AB 276 -44.28 13.79 61.66
CA VAL AB 276 -45.68 14.07 61.95
C VAL AB 276 -45.88 14.26 63.44
N ILE AB 277 -45.01 13.69 64.25
CA ILE AB 277 -44.95 13.93 65.68
C ILE AB 277 -43.53 14.34 66.02
N LYS AB 278 -43.38 15.31 66.91
CA LYS AB 278 -42.07 15.86 67.28
C LYS AB 278 -41.99 15.92 68.81
N ARG AB 279 -41.53 14.82 69.40
CA ARG AB 279 -41.36 14.72 70.84
C ARG AB 279 -39.93 15.10 71.22
N LYS AB 280 -39.79 16.00 72.17
CA LYS AB 280 -38.48 16.48 72.62
C LYS AB 280 -38.46 16.42 74.13
N LYS AB 281 -37.70 15.47 74.69
CA LYS AB 281 -37.59 15.34 76.13
C LYS AB 281 -36.68 16.43 76.68
N LEU AB 282 -36.93 16.81 77.94
CA LEU AB 282 -36.18 17.90 78.57
C LEU AB 282 -35.43 17.39 79.79
N GLU AB 283 -34.44 18.16 80.21
CA GLU AB 283 -33.60 17.78 81.33
C GLU AB 283 -34.39 17.67 82.62
N ASP AB 284 -35.47 18.44 82.75
CA ASP AB 284 -36.26 18.45 83.96
C ASP AB 284 -37.33 17.36 83.95
N GLY AB 285 -37.26 16.43 83.00
CA GLY AB 285 -38.19 15.32 82.93
C GLY AB 285 -39.44 15.59 82.14
N LYS AB 286 -39.67 16.83 81.70
CA LYS AB 286 -40.85 17.16 80.93
C LYS AB 286 -40.62 16.81 79.45
N PHE AB 287 -41.56 17.25 78.61
CA PHE AB 287 -41.49 17.02 77.18
C PHE AB 287 -41.94 18.28 76.45
N ASP AB 288 -41.73 18.27 75.14
CA ASP AB 288 -42.11 19.38 74.26
C ASP AB 288 -42.57 18.79 72.94
N PHE AB 289 -43.86 18.92 72.65
CA PHE AB 289 -44.47 18.41 71.42
C PHE AB 289 -44.67 19.52 70.38
N THR AB 290 -43.83 20.54 70.40
CA THR AB 290 -43.96 21.63 69.45
C THR AB 290 -43.78 21.14 68.03
N GLY AB 291 -44.53 21.75 67.11
CA GLY AB 291 -44.72 21.16 65.79
C GLY AB 291 -45.85 20.17 65.83
N SER AB 292 -45.59 18.97 65.34
CA SER AB 292 -46.41 17.79 65.61
C SER AB 292 -47.86 18.02 65.20
N LYS AB 293 -48.06 18.21 63.89
CA LYS AB 293 -49.38 18.53 63.36
C LYS AB 293 -50.15 17.23 63.16
N ALA AB 294 -50.46 16.60 64.29
CA ALA AB 294 -51.28 15.39 64.31
C ALA AB 294 -51.74 15.13 65.73
N ALA AB 295 -52.92 14.54 65.85
CA ALA AB 295 -53.47 14.09 67.13
C ALA AB 295 -53.93 12.65 66.97
N LEU AB 296 -53.78 11.87 68.04
CA LEU AB 296 -54.07 10.45 68.01
C LEU AB 296 -55.05 10.08 69.12
N VAL AB 297 -55.95 9.15 68.82
CA VAL AB 297 -56.94 8.66 69.76
C VAL AB 297 -57.08 7.15 69.55
N TYR AB 298 -57.28 6.43 70.64
CA TYR AB 298 -57.22 4.97 70.59
C TYR AB 298 -58.26 4.36 71.52
N GLY AB 299 -59.04 3.43 70.98
CA GLY AB 299 -60.08 2.73 71.70
C GLY AB 299 -59.94 1.25 71.43
N GLN AB 300 -58.69 0.78 71.47
CA GLN AB 300 -58.30 -0.46 70.81
C GLN AB 300 -58.99 -1.70 71.38
N MET AB 301 -58.65 -2.85 70.81
CA MET AB 301 -59.37 -4.10 71.10
C MET AB 301 -59.43 -4.35 72.60
N ASN AB 302 -58.31 -4.16 73.29
CA ASN AB 302 -58.28 -4.44 74.72
C ASN AB 302 -59.30 -3.61 75.48
N GLU AB 303 -59.67 -2.44 74.97
CA GLU AB 303 -60.65 -1.63 75.66
C GLU AB 303 -62.05 -2.23 75.51
N PRO AB 304 -62.94 -1.99 76.46
CA PRO AB 304 -64.28 -2.56 76.39
C PRO AB 304 -65.20 -1.75 75.49
N PRO AB 305 -66.42 -2.25 75.27
CA PRO AB 305 -67.43 -1.41 74.63
C PRO AB 305 -67.85 -0.29 75.54
N GLY AB 306 -68.23 0.82 74.93
CA GLY AB 306 -68.45 2.07 75.61
C GLY AB 306 -67.25 2.94 75.35
N ALA AB 307 -66.09 2.28 75.37
CA ALA AB 307 -64.84 2.94 75.01
C ALA AB 307 -64.65 2.83 73.51
N ARG AB 308 -64.84 1.62 72.98
CA ARG AB 308 -64.76 1.48 71.54
C ARG AB 308 -65.83 2.35 70.88
N ALA AB 309 -66.98 2.48 71.54
CA ALA AB 309 -68.07 3.28 70.99
C ALA AB 309 -67.76 4.78 71.05
N ARG AB 310 -67.28 5.28 72.20
CA ARG AB 310 -67.20 6.72 72.41
C ARG AB 310 -65.86 7.30 71.96
N VAL AB 311 -64.89 6.47 71.58
CA VAL AB 311 -63.60 7.02 71.18
C VAL AB 311 -63.73 7.76 69.85
N ALA AB 312 -64.64 7.31 68.99
CA ALA AB 312 -64.88 8.04 67.75
C ALA AB 312 -65.48 9.41 68.03
N LEU AB 313 -66.44 9.49 68.97
CA LEU AB 313 -66.98 10.79 69.38
C LEU AB 313 -65.88 11.66 69.97
N THR AB 314 -64.97 11.06 70.74
CA THR AB 314 -63.87 11.83 71.33
C THR AB 314 -63.01 12.45 70.25
N ALA AB 315 -62.52 11.64 69.31
CA ALA AB 315 -61.70 12.17 68.23
C ALA AB 315 -62.46 13.18 67.39
N LEU AB 316 -63.76 12.94 67.18
CA LEU AB 316 -64.55 13.86 66.37
C LEU AB 316 -64.74 15.21 67.06
N SER AB 317 -64.83 15.23 68.39
CA SER AB 317 -64.84 16.49 69.11
C SER AB 317 -63.49 17.17 69.03
N VAL AB 318 -62.41 16.40 69.16
CA VAL AB 318 -61.06 16.96 69.02
C VAL AB 318 -60.90 17.63 67.65
N ALA AB 319 -61.53 17.06 66.63
CA ALA AB 319 -61.45 17.65 65.29
C ALA AB 319 -62.43 18.83 65.13
N GLU AB 320 -63.61 18.73 65.73
CA GLU AB 320 -64.57 19.83 65.69
C GLU AB 320 -63.99 21.08 66.34
N TYR AB 321 -63.13 20.91 67.34
CA TYR AB 321 -62.44 22.06 67.92
C TYR AB 321 -61.64 22.80 66.87
N PHE AB 322 -60.78 22.08 66.15
CA PHE AB 322 -59.95 22.72 65.14
C PHE AB 322 -60.78 23.29 63.99
N ARG AB 323 -61.87 22.60 63.63
CA ARG AB 323 -62.74 23.11 62.57
C ARG AB 323 -63.41 24.41 62.97
N ASP AB 324 -64.16 24.39 64.08
CA ASP AB 324 -65.03 25.51 64.41
C ASP AB 324 -64.25 26.75 64.81
N GLU AB 325 -63.38 26.63 65.82
CA GLU AB 325 -62.72 27.79 66.37
C GLU AB 325 -61.53 28.24 65.53
N GLN AB 326 -60.53 27.37 65.36
CA GLN AB 326 -59.34 27.75 64.62
C GLN AB 326 -59.56 27.85 63.12
N GLY AB 327 -60.73 27.44 62.63
CA GLY AB 327 -60.99 27.59 61.21
C GLY AB 327 -60.05 26.80 60.32
N GLN AB 328 -59.33 25.84 60.88
CA GLN AB 328 -58.33 25.09 60.15
C GLN AB 328 -58.98 24.08 59.21
N ASP AB 329 -58.18 23.65 58.23
CA ASP AB 329 -58.48 22.43 57.48
C ASP AB 329 -57.88 21.23 58.17
N VAL AB 330 -58.66 20.16 58.25
CA VAL AB 330 -58.35 19.02 59.10
C VAL AB 330 -58.45 17.75 58.28
N LEU AB 331 -57.64 16.77 58.64
CA LEU AB 331 -57.71 15.43 58.10
C LEU AB 331 -58.16 14.49 59.21
N LEU AB 332 -58.91 13.45 58.87
CA LEU AB 332 -59.47 12.58 59.91
C LEU AB 332 -59.49 11.14 59.40
N PHE AB 333 -58.53 10.35 59.88
CA PHE AB 333 -58.42 8.94 59.55
C PHE AB 333 -59.04 8.11 60.66
N ILE AB 334 -59.83 7.11 60.28
CA ILE AB 334 -60.49 6.23 61.23
C ILE AB 334 -60.24 4.79 60.80
N ASP AB 335 -59.85 3.95 61.76
CA ASP AB 335 -59.54 2.55 61.49
C ASP AB 335 -60.60 1.67 62.15
N ASN AB 336 -61.24 0.83 61.34
CA ASN AB 336 -62.30 -0.09 61.74
C ASN AB 336 -63.43 0.61 62.51
N ILE AB 337 -64.12 1.51 61.78
CA ILE AB 337 -65.34 2.11 62.30
C ILE AB 337 -66.43 1.07 62.56
N TYR AB 338 -66.38 -0.08 61.88
CA TYR AB 338 -67.33 -1.16 62.12
C TYR AB 338 -67.38 -1.54 63.60
N ARG AB 339 -66.24 -1.42 64.29
CA ARG AB 339 -66.19 -1.76 65.71
C ARG AB 339 -67.16 -0.92 66.52
N PHE AB 340 -67.34 0.36 66.17
CA PHE AB 340 -68.41 1.17 66.76
C PHE AB 340 -69.74 0.41 66.80
N THR AB 341 -70.23 0.00 65.64
CA THR AB 341 -71.48 -0.76 65.57
C THR AB 341 -71.40 -2.04 66.39
N GLN AB 342 -70.28 -2.76 66.28
CA GLN AB 342 -70.12 -3.98 67.06
C GLN AB 342 -70.29 -3.69 68.55
N ALA AB 343 -69.67 -2.61 69.04
CA ALA AB 343 -69.69 -2.25 70.44
C ALA AB 343 -71.00 -1.62 70.85
N GLY AB 344 -71.89 -1.39 69.90
CA GLY AB 344 -73.26 -1.07 70.24
C GLY AB 344 -74.01 -2.36 70.47
N SER AB 345 -73.84 -3.28 69.50
CA SER AB 345 -74.56 -4.56 69.56
C SER AB 345 -74.14 -5.38 70.76
N GLU AB 346 -72.94 -5.14 71.30
CA GLU AB 346 -72.47 -5.86 72.47
C GLU AB 346 -73.18 -5.48 73.75
N VAL AB 347 -73.95 -4.37 73.75
CA VAL AB 347 -74.55 -3.88 74.98
C VAL AB 347 -76.04 -3.65 74.82
N SER AB 348 -76.55 -3.64 73.59
CA SER AB 348 -77.96 -3.32 73.39
C SER AB 348 -78.86 -4.29 74.15
N ALA AB 349 -78.62 -5.60 73.99
CA ALA AB 349 -79.43 -6.60 74.65
C ALA AB 349 -79.27 -6.57 76.17
N LEU AB 350 -78.17 -6.03 76.67
CA LEU AB 350 -78.04 -5.81 78.11
C LEU AB 350 -78.80 -4.57 78.53
N LEU AB 351 -78.92 -3.60 77.62
CA LEU AB 351 -79.72 -2.40 77.87
C LEU AB 351 -81.20 -2.63 77.61
N GLY AB 352 -81.59 -3.88 77.36
CA GLY AB 352 -83.00 -4.20 77.25
C GLY AB 352 -83.66 -3.94 75.92
N ARG AB 353 -82.90 -3.84 74.85
CA ARG AB 353 -83.46 -3.65 73.52
C ARG AB 353 -83.67 -5.01 72.87
N ILE AB 354 -84.68 -5.07 72.01
CA ILE AB 354 -84.94 -6.28 71.24
C ILE AB 354 -83.94 -6.27 70.09
N PRO AB 355 -83.37 -7.41 69.71
CA PRO AB 355 -82.48 -7.42 68.55
C PRO AB 355 -83.21 -7.20 67.24
N SER AB 356 -82.51 -6.53 66.34
CA SER AB 356 -82.90 -6.31 64.96
C SER AB 356 -82.49 -7.51 64.11
N ALA AB 357 -82.20 -7.27 62.84
CA ALA AB 357 -81.73 -8.31 61.94
C ALA AB 357 -80.38 -8.81 62.43
N VAL AB 358 -79.58 -9.41 61.54
CA VAL AB 358 -78.73 -10.57 61.82
C VAL AB 358 -78.08 -10.57 63.20
N GLY AB 359 -78.08 -9.44 63.91
CA GLY AB 359 -77.50 -9.41 65.24
C GLY AB 359 -76.98 -8.06 65.68
N TYR AB 360 -76.98 -7.10 64.77
CA TYR AB 360 -76.73 -5.72 65.15
C TYR AB 360 -77.93 -5.19 65.93
N GLN AB 361 -77.89 -3.91 66.29
CA GLN AB 361 -78.91 -3.32 67.13
C GLN AB 361 -79.93 -2.57 66.29
N PRO AB 362 -81.05 -2.17 66.89
CA PRO AB 362 -81.98 -1.29 66.18
C PRO AB 362 -81.40 0.09 65.92
N THR AB 363 -80.79 0.68 66.95
CA THR AB 363 -80.30 2.06 66.85
C THR AB 363 -78.93 2.08 66.16
N LEU AB 364 -78.90 1.59 64.94
CA LEU AB 364 -77.70 1.58 64.12
C LEU AB 364 -77.61 2.84 63.26
N ALA AB 365 -78.67 3.11 62.49
CA ALA AB 365 -78.62 4.20 61.53
C ALA AB 365 -78.60 5.56 62.22
N THR AB 366 -79.29 5.70 63.35
CA THR AB 366 -79.29 6.98 64.05
C THR AB 366 -77.98 7.19 64.79
N ASP AB 367 -77.49 6.15 65.46
CA ASP AB 367 -76.22 6.25 66.16
C ASP AB 367 -75.08 6.52 65.19
N LEU AB 368 -75.22 6.08 63.94
CA LEU AB 368 -74.19 6.36 62.93
C LEU AB 368 -74.39 7.73 62.29
N GLY AB 369 -75.64 8.15 62.11
CA GLY AB 369 -75.90 9.44 61.49
C GLY AB 369 -75.55 10.61 62.39
N GLN AB 370 -75.79 10.48 63.69
CA GLN AB 370 -75.38 11.55 64.60
C GLN AB 370 -73.89 11.80 64.53
N LEU AB 371 -73.09 10.75 64.31
CA LEU AB 371 -71.68 10.91 64.02
C LEU AB 371 -71.45 11.56 62.66
N GLN AB 372 -71.96 10.92 61.61
CA GLN AB 372 -71.56 11.32 60.27
C GLN AB 372 -71.99 12.76 60.00
N GLU AB 373 -73.14 13.18 60.52
CA GLU AB 373 -73.58 14.55 60.25
C GLU AB 373 -72.73 15.55 61.00
N ARG AB 374 -72.07 15.13 62.09
CA ARG AB 374 -71.09 15.99 62.72
C ARG AB 374 -69.82 16.02 61.90
N ILE AB 375 -69.62 14.99 61.07
CA ILE AB 375 -68.46 14.94 60.17
C ILE AB 375 -68.93 15.58 58.86
N THR AB 376 -68.67 16.87 58.72
CA THR AB 376 -69.02 17.55 57.49
C THR AB 376 -68.31 18.90 57.40
N THR AB 377 -68.08 19.33 56.17
CA THR AB 377 -67.54 20.66 55.92
C THR AB 377 -68.56 21.74 56.26
N THR AB 378 -68.08 22.86 56.77
CA THR AB 378 -68.94 24.02 57.02
C THR AB 378 -68.32 25.29 56.45
N LYS AB 379 -68.93 26.43 56.76
CA LYS AB 379 -68.45 27.74 56.33
C LYS AB 379 -67.42 28.32 57.30
N LYS AB 380 -66.93 27.53 58.23
CA LYS AB 380 -65.83 27.92 59.11
C LYS AB 380 -64.59 27.08 58.91
N GLY AB 381 -64.73 25.85 58.43
CA GLY AB 381 -63.59 24.99 58.21
C GLY AB 381 -63.98 23.83 57.34
N SER AB 382 -63.17 22.78 57.37
CA SER AB 382 -63.44 21.61 56.57
C SER AB 382 -62.76 20.40 57.19
N ILE AB 383 -63.43 19.26 57.12
CA ILE AB 383 -62.90 17.99 57.59
C ILE AB 383 -63.00 17.00 56.44
N THR AB 384 -61.85 16.64 55.86
CA THR AB 384 -61.77 15.54 54.92
C THR AB 384 -61.55 14.27 55.74
N SER AB 385 -62.48 13.32 55.62
CA SER AB 385 -62.43 12.12 56.44
C SER AB 385 -62.19 10.88 55.58
N VAL AB 386 -61.52 9.90 56.18
CA VAL AB 386 -61.17 8.65 55.50
C VAL AB 386 -61.43 7.50 56.47
N GLN AB 387 -62.44 6.69 56.19
CA GLN AB 387 -62.88 5.62 57.07
C GLN AB 387 -62.60 4.29 56.41
N ALA AB 388 -61.93 3.39 57.14
CA ALA AB 388 -61.78 2.00 56.73
C ALA AB 388 -62.93 1.18 57.29
N VAL AB 389 -63.58 0.40 56.43
CA VAL AB 389 -64.77 -0.34 56.78
C VAL AB 389 -64.49 -1.83 56.59
N TYR AB 390 -64.33 -2.53 57.70
CA TYR AB 390 -64.27 -3.98 57.68
C TYR AB 390 -65.56 -4.54 57.11
N VAL AB 391 -65.43 -5.54 56.25
CA VAL AB 391 -66.56 -6.16 55.58
C VAL AB 391 -66.50 -7.66 55.87
N PRO AB 392 -67.23 -8.14 56.88
CA PRO AB 392 -67.04 -9.53 57.32
C PRO AB 392 -67.49 -10.50 56.25
N ALA AB 393 -66.62 -11.47 55.95
CA ALA AB 393 -66.89 -12.50 54.95
C ALA AB 393 -67.09 -11.90 53.57
N ASP AB 394 -66.53 -10.72 53.33
CA ASP AB 394 -66.62 -10.05 52.03
C ASP AB 394 -68.07 -9.85 51.60
N ASP AB 395 -68.97 -9.68 52.56
CA ASP AB 395 -70.40 -9.51 52.30
C ASP AB 395 -70.74 -8.03 52.46
N LEU AB 396 -70.93 -7.34 51.34
CA LEU AB 396 -71.31 -5.94 51.33
C LEU AB 396 -72.79 -5.71 51.58
N THR AB 397 -73.58 -6.77 51.72
CA THR AB 397 -74.99 -6.65 52.06
C THR AB 397 -75.21 -6.55 53.56
N ASP AB 398 -74.16 -6.61 54.37
CA ASP AB 398 -74.29 -6.48 55.81
C ASP AB 398 -74.85 -5.10 56.15
N PRO AB 399 -75.66 -5.00 57.20
CA PRO AB 399 -76.31 -3.71 57.47
C PRO AB 399 -75.33 -2.58 57.72
N ALA AB 400 -74.18 -2.84 58.34
CA ALA AB 400 -73.27 -1.73 58.67
C ALA AB 400 -72.69 -1.11 57.41
N PRO AB 401 -72.09 -1.87 56.49
CA PRO AB 401 -71.69 -1.26 55.21
C PRO AB 401 -72.85 -0.73 54.40
N ALA AB 402 -73.98 -1.45 54.37
CA ALA AB 402 -75.12 -0.97 53.61
C ALA AB 402 -75.53 0.42 54.05
N THR AB 403 -75.64 0.63 55.37
CA THR AB 403 -75.96 1.94 55.91
C THR AB 403 -74.81 2.93 55.74
N THR AB 404 -73.58 2.46 55.59
CA THR AB 404 -72.45 3.38 55.52
C THR AB 404 -72.18 3.87 54.11
N PHE AB 405 -72.58 3.12 53.08
CA PHE AB 405 -72.35 3.57 51.71
C PHE AB 405 -73.07 4.89 51.44
N ALA AB 406 -74.26 5.07 52.00
CA ALA AB 406 -75.03 6.28 51.77
C ALA AB 406 -74.41 7.50 52.41
N HIS AB 407 -73.46 7.33 53.32
CA HIS AB 407 -72.91 8.43 54.11
C HIS AB 407 -71.58 8.95 53.56
N LEU AB 408 -71.16 8.49 52.38
CA LEU AB 408 -69.81 8.74 51.89
C LEU AB 408 -69.86 9.51 50.58
N ASP AB 409 -68.87 10.40 50.39
CA ASP AB 409 -68.68 11.07 49.11
C ASP AB 409 -67.88 10.22 48.13
N ALA AB 410 -66.83 9.56 48.61
CA ALA AB 410 -65.97 8.74 47.77
C ALA AB 410 -65.89 7.33 48.33
N THR AB 411 -65.81 6.34 47.43
CA THR AB 411 -65.87 4.93 47.80
C THR AB 411 -64.74 4.18 47.09
N THR AB 412 -64.17 3.20 47.78
CA THR AB 412 -63.07 2.42 47.24
C THR AB 412 -63.11 1.03 47.85
N VAL AB 413 -63.37 0.02 47.03
CA VAL AB 413 -63.65 -1.34 47.49
C VAL AB 413 -62.47 -2.21 47.09
N LEU AB 414 -61.86 -2.87 48.06
CA LEU AB 414 -60.72 -3.74 47.85
C LEU AB 414 -61.19 -5.19 47.76
N SER AB 415 -60.47 -5.99 46.96
CA SER AB 415 -60.93 -7.34 46.65
C SER AB 415 -59.81 -8.36 46.86
N ARG AB 416 -60.25 -9.57 47.20
CA ARG AB 416 -59.32 -10.68 47.37
C ARG AB 416 -59.02 -11.34 46.04
N GLN AB 417 -60.02 -11.43 45.15
CA GLN AB 417 -59.76 -12.04 43.86
C GLN AB 417 -58.69 -11.24 43.12
N ILE AB 418 -58.60 -9.94 43.40
CA ILE AB 418 -57.58 -9.10 42.80
C ILE AB 418 -56.27 -9.15 43.59
N ALA AB 419 -56.35 -9.12 44.92
CA ALA AB 419 -55.13 -9.18 45.71
C ALA AB 419 -54.39 -10.50 45.54
N GLU AB 420 -55.12 -11.56 45.21
CA GLU AB 420 -54.49 -12.85 44.91
C GLU AB 420 -53.61 -12.80 43.67
N LEU AB 421 -53.88 -11.89 42.74
CA LEU AB 421 -53.05 -11.73 41.56
C LEU AB 421 -51.82 -10.86 41.80
N GLY AB 422 -51.54 -10.47 43.04
CA GLY AB 422 -50.44 -9.58 43.29
C GLY AB 422 -50.61 -8.17 42.75
N ILE AB 423 -51.83 -7.80 42.36
CA ILE AB 423 -52.10 -6.46 41.86
C ILE AB 423 -52.41 -5.59 43.08
N TYR AB 424 -51.39 -4.88 43.56
CA TYR AB 424 -51.50 -4.01 44.72
C TYR AB 424 -51.27 -2.57 44.28
N PRO AB 425 -52.14 -1.61 44.64
CA PRO AB 425 -53.36 -1.72 45.44
C PRO AB 425 -54.47 -2.55 44.78
N ALA AB 426 -55.17 -3.34 45.59
CA ALA AB 426 -56.15 -4.30 45.07
C ALA AB 426 -57.52 -3.66 44.94
N VAL AB 427 -57.58 -2.53 44.25
CA VAL AB 427 -58.81 -1.76 44.12
C VAL AB 427 -59.66 -2.36 43.02
N ASP AB 428 -60.95 -2.56 43.31
CA ASP AB 428 -61.90 -2.95 42.28
C ASP AB 428 -62.47 -1.69 41.61
N PRO AB 429 -62.11 -1.40 40.37
CA PRO AB 429 -62.62 -0.17 39.72
C PRO AB 429 -64.06 -0.27 39.26
N LEU AB 430 -64.70 -1.43 39.44
CA LEU AB 430 -66.10 -1.59 39.12
C LEU AB 430 -66.99 -1.54 40.35
N ASP AB 431 -66.39 -1.49 41.54
CA ASP AB 431 -67.10 -1.20 42.78
C ASP AB 431 -66.73 0.15 43.37
N SER AB 432 -65.54 0.66 43.06
CA SER AB 432 -65.18 2.01 43.50
C SER AB 432 -66.01 3.04 42.76
N THR AB 433 -66.47 4.05 43.50
CA THR AB 433 -67.24 5.15 42.93
C THR AB 433 -66.75 6.45 43.53
N SER AB 434 -67.35 7.55 43.09
CA SER AB 434 -67.07 8.86 43.68
C SER AB 434 -68.13 9.84 43.20
N ARG AB 435 -68.59 10.69 44.13
CA ARG AB 435 -69.44 11.81 43.77
C ARG AB 435 -68.72 12.81 42.88
N MET AB 436 -67.38 12.78 42.88
CA MET AB 436 -66.60 13.80 42.17
C MET AB 436 -66.46 13.48 40.69
N LEU AB 437 -66.54 12.22 40.31
CA LEU AB 437 -66.26 11.80 38.93
C LEU AB 437 -67.42 12.24 38.05
N ALA AB 438 -67.38 13.50 37.63
CA ALA AB 438 -68.35 14.08 36.72
C ALA AB 438 -67.61 15.00 35.75
N PRO AB 439 -68.14 15.16 34.53
CA PRO AB 439 -67.40 15.95 33.53
C PRO AB 439 -67.25 17.41 33.90
N GLU AB 440 -68.12 17.95 34.76
CA GLU AB 440 -68.07 19.36 35.12
C GLU AB 440 -67.01 19.65 36.17
N ILE AB 441 -66.60 18.65 36.95
CA ILE AB 441 -65.64 18.83 38.02
C ILE AB 441 -64.27 18.45 37.49
N VAL AB 442 -64.12 17.20 37.09
CA VAL AB 442 -62.99 16.76 36.28
C VAL AB 442 -63.41 16.80 34.82
N GLY AB 443 -62.54 17.33 33.97
CA GLY AB 443 -62.89 17.57 32.59
C GLY AB 443 -63.26 16.32 31.83
N GLN AB 444 -63.67 16.47 30.58
CA GLN AB 444 -64.07 15.32 29.78
C GLN AB 444 -62.87 14.46 29.40
N GLU AB 445 -61.68 15.04 29.33
CA GLU AB 445 -60.48 14.24 29.11
C GLU AB 445 -60.31 13.20 30.21
N HIS AB 446 -60.71 13.54 31.44
CA HIS AB 446 -60.64 12.61 32.55
C HIS AB 446 -61.86 11.69 32.58
N TYR AB 447 -63.05 12.28 32.43
CA TYR AB 447 -64.29 11.50 32.54
C TYR AB 447 -64.37 10.41 31.47
N ASP AB 448 -64.15 10.79 30.20
CA ASP AB 448 -64.25 9.82 29.12
C ASP AB 448 -63.16 8.76 29.25
N THR AB 449 -61.97 9.15 29.70
CA THR AB 449 -60.90 8.18 29.91
C THR AB 449 -61.31 7.16 30.97
N ALA AB 450 -61.83 7.64 32.09
CA ALA AB 450 -62.26 6.74 33.17
C ALA AB 450 -63.36 5.81 32.68
N ARG AB 451 -64.37 6.35 31.99
CA ARG AB 451 -65.46 5.52 31.53
C ARG AB 451 -65.02 4.53 30.47
N ALA AB 452 -64.06 4.91 29.62
CA ALA AB 452 -63.53 3.97 28.63
C ALA AB 452 -62.76 2.84 29.32
N THR AB 453 -61.98 3.17 30.34
CA THR AB 453 -61.30 2.14 31.12
C THR AB 453 -62.30 1.18 31.74
N GLN AB 454 -63.36 1.73 32.35
CA GLN AB 454 -64.35 0.88 33.00
C GLN AB 454 -65.10 0.02 31.98
N LYS AB 455 -65.41 0.58 30.82
CA LYS AB 455 -66.04 -0.20 29.75
C LYS AB 455 -65.14 -1.33 29.30
N LEU AB 456 -63.85 -1.05 29.12
CA LEU AB 456 -62.90 -2.08 28.73
C LEU AB 456 -62.85 -3.19 29.77
N LEU AB 457 -62.81 -2.83 31.05
CA LEU AB 457 -62.70 -3.86 32.09
C LEU AB 457 -63.98 -4.66 32.21
N GLN AB 458 -65.14 -4.03 32.03
CA GLN AB 458 -66.39 -4.80 32.04
C GLN AB 458 -66.48 -5.72 30.83
N ASP AB 459 -66.00 -5.26 29.67
CA ASP AB 459 -65.96 -6.13 28.49
C ASP AB 459 -65.05 -7.33 28.74
N TYR AB 460 -63.92 -7.10 29.39
CA TYR AB 460 -63.02 -8.20 29.73
C TYR AB 460 -63.68 -9.15 30.73
N LYS AB 461 -64.47 -8.61 31.67
CA LYS AB 461 -65.16 -9.46 32.63
C LYS AB 461 -66.27 -10.26 31.98
N SER AB 462 -66.86 -9.74 30.90
CA SER AB 462 -67.93 -10.42 30.19
C SER AB 462 -67.42 -11.43 29.16
N LEU AB 463 -66.15 -11.84 29.28
CA LEU AB 463 -65.60 -12.91 28.46
C LEU AB 463 -64.94 -13.99 29.30
N GLN AB 464 -65.00 -13.88 30.63
CA GLN AB 464 -64.28 -14.81 31.48
C GLN AB 464 -64.81 -16.22 31.32
N ASP AB 465 -66.14 -16.36 31.24
CA ASP AB 465 -66.74 -17.69 31.12
C ASP AB 465 -66.49 -18.27 29.74
N ILE AB 466 -66.62 -17.45 28.70
CA ILE AB 466 -66.33 -17.91 27.34
C ILE AB 466 -64.89 -18.41 27.26
N ILE AB 467 -63.96 -17.71 27.92
CA ILE AB 467 -62.57 -18.13 27.90
C ILE AB 467 -62.38 -19.41 28.71
N ALA AB 468 -63.09 -19.53 29.83
CA ALA AB 468 -62.91 -20.67 30.70
C ALA AB 468 -63.49 -21.94 30.07
N ILE AB 469 -64.52 -21.79 29.25
CA ILE AB 469 -65.19 -22.94 28.63
C ILE AB 469 -64.51 -23.26 27.31
N LEU AB 470 -64.59 -22.35 26.34
CA LEU AB 470 -64.08 -22.64 25.01
C LEU AB 470 -62.57 -22.45 24.94
N GLY AB 471 -62.10 -21.23 25.19
CA GLY AB 471 -60.69 -20.90 25.10
C GLY AB 471 -60.45 -19.66 24.29
N MET AB 472 -59.19 -19.23 24.30
CA MET AB 472 -58.78 -18.07 23.51
C MET AB 472 -58.86 -18.34 22.01
N ASP AB 473 -58.88 -19.60 21.60
CA ASP AB 473 -58.93 -19.92 20.17
C ASP AB 473 -60.21 -19.38 19.53
N GLU AB 474 -61.31 -19.35 20.27
CA GLU AB 474 -62.59 -18.93 19.73
C GLU AB 474 -62.71 -17.42 19.58
N LEU AB 475 -61.94 -16.65 20.35
CA LEU AB 475 -62.11 -15.22 20.36
C LEU AB 475 -61.56 -14.58 19.09
N SER AB 476 -62.28 -13.59 18.58
CA SER AB 476 -61.82 -12.82 17.44
C SER AB 476 -60.60 -11.98 17.84
N GLU AB 477 -60.03 -11.27 16.86
CA GLU AB 477 -58.87 -10.44 17.16
C GLU AB 477 -59.27 -9.14 17.85
N GLU AB 478 -60.50 -8.67 17.62
CA GLU AB 478 -61.03 -7.57 18.43
C GLU AB 478 -61.09 -7.95 19.89
N ASP AB 479 -61.60 -9.14 20.19
CA ASP AB 479 -61.73 -9.57 21.58
C ASP AB 479 -60.36 -9.84 22.18
N LYS AB 480 -59.43 -10.38 21.39
CA LYS AB 480 -58.08 -10.60 21.88
C LYS AB 480 -57.38 -9.27 22.19
N LEU AB 481 -57.57 -8.27 21.32
CA LEU AB 481 -57.06 -6.93 21.61
C LEU AB 481 -57.67 -6.38 22.90
N VAL AB 482 -58.98 -6.56 23.07
CA VAL AB 482 -59.65 -6.10 24.28
C VAL AB 482 -59.03 -6.75 25.51
N VAL AB 483 -58.85 -8.07 25.46
CA VAL AB 483 -58.33 -8.80 26.60
C VAL AB 483 -56.90 -8.35 26.91
N SER AB 484 -56.08 -8.20 25.88
CA SER AB 484 -54.71 -7.74 26.08
C SER AB 484 -54.68 -6.37 26.75
N ARG AB 485 -55.46 -5.42 26.23
CA ARG AB 485 -55.46 -4.09 26.78
C ARG AB 485 -56.01 -4.08 28.21
N ALA AB 486 -57.04 -4.87 28.48
CA ALA AB 486 -57.61 -4.91 29.82
C ALA AB 486 -56.63 -5.51 30.82
N ARG AB 487 -55.95 -6.59 30.44
CA ARG AB 487 -54.93 -7.16 31.30
C ARG AB 487 -53.79 -6.16 31.56
N LYS AB 488 -53.38 -5.44 30.51
CA LYS AB 488 -52.32 -4.45 30.71
C LYS AB 488 -52.77 -3.34 31.66
N ILE AB 489 -54.01 -2.87 31.53
CA ILE AB 489 -54.52 -1.88 32.45
C ILE AB 489 -54.55 -2.42 33.87
N GLN AB 490 -55.07 -3.64 34.04
CA GLN AB 490 -55.08 -4.28 35.36
C GLN AB 490 -53.70 -4.29 35.99
N ARG AB 491 -52.71 -4.80 35.26
CA ARG AB 491 -51.35 -4.86 35.79
C ARG AB 491 -50.74 -3.47 35.97
N PHE AB 492 -51.19 -2.49 35.19
CA PHE AB 492 -50.60 -1.15 35.21
C PHE AB 492 -51.10 -0.31 36.37
N LEU AB 493 -52.36 -0.51 36.79
CA LEU AB 493 -52.88 0.22 37.93
C LEU AB 493 -52.15 -0.12 39.22
N SER AB 494 -51.54 -1.29 39.30
CA SER AB 494 -50.67 -1.58 40.43
C SER AB 494 -49.50 -0.61 40.49
N GLN AB 495 -49.02 -0.35 41.70
CA GLN AB 495 -47.81 0.43 41.91
C GLN AB 495 -47.29 0.13 43.31
N PRO AB 496 -45.99 0.30 43.56
CA PRO AB 496 -45.45 0.03 44.88
C PRO AB 496 -45.47 1.26 45.78
N PHE AB 497 -45.80 1.03 47.04
CA PHE AB 497 -45.86 2.08 48.04
C PHE AB 497 -44.55 2.14 48.83
N THR AB 498 -44.37 3.25 49.54
CA THR AB 498 -43.17 3.42 50.35
C THR AB 498 -43.24 2.59 51.63
N VAL AB 499 -44.45 2.36 52.15
CA VAL AB 499 -44.63 1.59 53.37
C VAL AB 499 -44.73 0.10 53.11
N ALA AB 500 -44.63 -0.34 51.87
CA ALA AB 500 -44.62 -1.76 51.52
C ALA AB 500 -43.23 -2.25 51.16
N GLU AB 501 -42.19 -1.47 51.48
CA GLU AB 501 -40.83 -1.94 51.31
C GLU AB 501 -40.54 -3.17 52.15
N VAL AB 502 -41.13 -3.26 53.35
CA VAL AB 502 -40.86 -4.37 54.24
C VAL AB 502 -41.65 -5.62 53.89
N PHE AB 503 -42.47 -5.57 52.84
CA PHE AB 503 -43.05 -6.77 52.24
C PHE AB 503 -42.48 -7.07 50.87
N THR AB 504 -42.29 -6.04 50.04
CA THR AB 504 -41.83 -6.21 48.66
C THR AB 504 -40.35 -5.92 48.49
N GLY AB 505 -39.79 -5.01 49.28
CA GLY AB 505 -38.43 -4.55 49.10
C GLY AB 505 -38.28 -3.45 48.07
N LYS AB 506 -39.27 -3.27 47.19
CA LYS AB 506 -39.17 -2.29 46.13
C LYS AB 506 -39.41 -0.89 46.66
N PRO AB 507 -38.85 0.13 46.02
CA PRO AB 507 -39.08 1.51 46.46
C PRO AB 507 -40.46 2.01 46.05
N GLY AB 508 -40.86 3.12 46.68
CA GLY AB 508 -42.18 3.66 46.47
C GLY AB 508 -42.20 4.74 45.39
N ARG AB 509 -43.40 5.00 44.90
CA ARG AB 509 -43.61 5.92 43.78
C ARG AB 509 -44.73 6.88 44.10
N PHE AB 510 -44.66 8.06 43.49
CA PHE AB 510 -45.74 9.05 43.56
C PHE AB 510 -46.09 9.43 42.12
N VAL AB 511 -47.27 9.03 41.68
CA VAL AB 511 -47.70 9.19 40.30
C VAL AB 511 -48.74 10.31 40.27
N GLU AB 512 -48.40 11.41 39.60
CA GLU AB 512 -49.36 12.47 39.39
C GLU AB 512 -50.46 12.09 38.41
N LEU AB 513 -51.53 12.88 38.44
CA LEU AB 513 -52.78 12.50 37.82
C LEU AB 513 -52.67 12.72 36.33
N PRO AB 514 -52.11 13.85 35.87
CA PRO AB 514 -51.93 13.99 34.42
C PRO AB 514 -51.05 12.89 33.83
N GLU AB 515 -50.04 12.45 34.57
CA GLU AB 515 -49.24 11.30 34.12
C GLU AB 515 -50.09 10.06 34.00
N THR AB 516 -50.97 9.82 34.98
CA THR AB 516 -51.83 8.65 34.93
C THR AB 516 -52.77 8.72 33.73
N ILE AB 517 -53.33 9.90 33.49
CA ILE AB 517 -54.29 10.06 32.39
C ILE AB 517 -53.59 9.91 31.05
N LYS AB 518 -52.40 10.50 30.90
CA LYS AB 518 -51.62 10.33 29.69
C LYS AB 518 -51.35 8.85 29.42
N SER AB 519 -50.88 8.12 30.43
CA SER AB 519 -50.54 6.72 30.21
C SER AB 519 -51.78 5.89 29.87
N ALA AB 520 -52.90 6.16 30.57
CA ALA AB 520 -54.12 5.41 30.30
C ALA AB 520 -54.67 5.71 28.91
N GLN AB 521 -54.70 7.00 28.54
CA GLN AB 521 -55.09 7.38 27.18
C GLN AB 521 -54.22 6.67 26.15
N THR AB 522 -52.91 6.63 26.37
CA THR AB 522 -52.02 5.95 25.43
C THR AB 522 -52.39 4.47 25.29
N ILE AB 523 -52.56 3.78 26.43
CA ILE AB 523 -52.81 2.35 26.41
C ILE AB 523 -54.16 2.07 25.75
N LEU AB 524 -55.15 2.94 25.98
CA LEU AB 524 -56.45 2.70 25.39
C LEU AB 524 -56.45 3.05 23.91
N ARG AB 525 -55.66 4.06 23.52
CA ARG AB 525 -55.57 4.44 22.12
C ARG AB 525 -54.89 3.35 21.32
N GLY AB 526 -54.03 2.55 21.95
CA GLY AB 526 -53.36 1.48 21.25
C GLY AB 526 -51.93 1.74 20.82
N GLU AB 527 -51.26 2.74 21.39
CA GLU AB 527 -49.88 3.03 21.03
C GLU AB 527 -48.89 2.26 21.89
N CYS AB 528 -49.33 1.19 22.55
CA CYS AB 528 -48.44 0.36 23.35
C CYS AB 528 -48.74 -1.13 23.21
N ASP AB 529 -49.55 -1.53 22.22
CA ASP AB 529 -49.86 -2.94 22.03
C ASP AB 529 -48.61 -3.75 21.69
N ASP AB 530 -47.60 -3.11 21.10
CA ASP AB 530 -46.37 -3.84 20.79
C ASP AB 530 -45.62 -4.27 22.04
N LEU AB 531 -45.88 -3.63 23.17
CA LEU AB 531 -45.16 -3.94 24.38
C LEU AB 531 -45.72 -5.20 25.01
N PRO AB 532 -44.96 -5.86 25.88
CA PRO AB 532 -45.46 -7.03 26.60
C PRO AB 532 -46.25 -6.61 27.82
N GLU AB 533 -46.69 -7.61 28.59
CA GLU AB 533 -47.56 -7.39 29.73
C GLU AB 533 -46.83 -7.33 31.05
N MET AB 534 -45.71 -8.04 31.20
CA MET AB 534 -45.01 -8.01 32.48
C MET AB 534 -44.25 -6.71 32.69
N ALA AB 535 -44.25 -5.83 31.68
CA ALA AB 535 -43.68 -4.50 31.84
C ALA AB 535 -44.57 -3.65 32.74
N PHE AB 536 -45.88 -3.76 32.56
CA PHE AB 536 -46.85 -2.95 33.29
C PHE AB 536 -47.14 -3.62 34.64
N TYR AB 537 -46.11 -3.66 35.48
CA TYR AB 537 -46.26 -4.20 36.83
C TYR AB 537 -45.40 -3.41 37.80
N MET AB 538 -46.01 -2.95 38.88
CA MET AB 538 -45.32 -2.16 39.90
C MET AB 538 -44.55 -1.01 39.27
N CYS AB 539 -45.24 -0.28 38.38
CA CYS AB 539 -44.65 0.84 37.66
C CYS AB 539 -45.54 2.07 37.84
N GLY AB 540 -44.91 3.23 37.80
CA GLY AB 540 -45.61 4.49 37.98
C GLY AB 540 -45.65 5.35 36.74
N GLY AB 541 -45.45 4.76 35.58
CA GLY AB 541 -45.41 5.52 34.35
C GLY AB 541 -44.99 4.67 33.18
N LEU AB 542 -44.95 5.31 32.02
CA LEU AB 542 -44.62 4.63 30.77
C LEU AB 542 -43.13 4.53 30.52
N GLU AB 543 -42.35 5.52 30.99
CA GLU AB 543 -40.91 5.45 30.85
C GLU AB 543 -40.37 4.18 31.49
N GLU AB 544 -40.82 3.88 32.71
CA GLU AB 544 -40.37 2.66 33.38
C GLU AB 544 -40.84 1.42 32.64
N VAL AB 545 -42.00 1.49 31.99
CA VAL AB 545 -42.50 0.37 31.23
C VAL AB 545 -41.57 0.09 30.04
N ARG AB 546 -41.22 1.14 29.31
CA ARG AB 546 -40.33 0.98 28.17
C ARG AB 546 -38.96 0.49 28.61
N SER AB 547 -38.49 0.98 29.75
CA SER AB 547 -37.21 0.52 30.28
C SER AB 547 -37.26 -0.96 30.62
N LYS AB 548 -38.33 -1.39 31.29
CA LYS AB 548 -38.46 -2.79 31.65
C LYS AB 548 -38.60 -3.68 30.43
N ALA AB 549 -39.28 -3.20 29.38
CA ALA AB 549 -39.39 -3.98 28.17
C ALA AB 549 -38.04 -4.11 27.47
N VAL AB 550 -37.28 -3.01 27.41
CA VAL AB 550 -35.92 -3.07 26.88
C VAL AB 550 -35.10 -4.09 27.66
N LYS AB 551 -35.18 -4.03 28.99
CA LYS AB 551 -34.41 -4.96 29.82
C LYS AB 551 -34.82 -6.40 29.56
N MET AB 552 -36.12 -6.67 29.49
CA MET AB 552 -36.58 -8.04 29.28
C MET AB 552 -36.17 -8.54 27.90
N ALA AB 553 -36.08 -7.65 26.92
CA ALA AB 553 -35.63 -8.07 25.59
C ALA AB 553 -34.14 -8.33 25.60
N GLN AB 554 -33.38 -7.55 26.37
CA GLN AB 554 -31.95 -7.82 26.48
C GLN AB 554 -31.72 -9.17 27.12
N GLU AB 555 -32.37 -9.45 28.25
CA GLU AB 555 -32.16 -10.78 28.83
C GLU AB 555 -32.78 -11.86 27.97
N ALA AB 556 -33.70 -11.49 27.06
CA ALA AB 556 -34.21 -12.45 26.09
C ALA AB 556 -33.19 -12.73 24.99
N ALA AB 557 -32.17 -11.87 24.88
CA ALA AB 557 -31.12 -12.08 23.90
C ALA AB 557 -29.88 -11.26 24.25
N ASN BB 80 -124.11 -5.84 75.17
CA ASN BB 80 -123.19 -5.43 76.22
C ASN BB 80 -122.60 -4.05 75.91
N HIS BB 81 -121.99 -3.45 76.94
CA HIS BB 81 -121.28 -2.18 76.80
C HIS BB 81 -119.98 -2.26 77.57
N GLY BB 82 -118.89 -1.89 76.90
CA GLY BB 82 -117.56 -1.92 77.48
C GLY BB 82 -116.80 -0.65 77.17
N ARG BB 83 -115.56 -0.61 77.64
CA ARG BB 83 -114.69 0.54 77.49
C ARG BB 83 -113.36 0.09 76.93
N ILE BB 84 -112.73 0.94 76.11
CA ILE BB 84 -111.37 0.67 75.69
C ILE BB 84 -110.42 0.89 76.87
N THR BB 85 -109.40 0.03 76.97
CA THR BB 85 -108.38 0.14 77.99
C THR BB 85 -106.98 0.40 77.46
N GLN BB 86 -106.66 -0.05 76.25
CA GLN BB 86 -105.43 0.33 75.60
C GLN BB 86 -105.56 0.11 74.10
N VAL BB 87 -104.67 0.77 73.35
CA VAL BB 87 -104.67 0.73 71.89
C VAL BB 87 -103.23 0.53 71.45
N ILE BB 88 -102.97 -0.58 70.75
CA ILE BB 88 -101.64 -0.90 70.22
C ILE BB 88 -101.83 -1.17 68.73
N GLY BB 89 -101.69 -0.13 67.91
CA GLY BB 89 -101.92 -0.25 66.48
C GLY BB 89 -103.32 -0.70 66.14
N ALA BB 90 -103.43 -1.89 65.55
CA ALA BB 90 -104.72 -2.48 65.17
C ALA BB 90 -105.21 -3.49 66.20
N VAL BB 91 -104.68 -3.43 67.42
CA VAL BB 91 -105.00 -4.39 68.48
C VAL BB 91 -105.60 -3.60 69.63
N VAL BB 92 -106.89 -3.80 69.89
CA VAL BB 92 -107.65 -2.99 70.84
C VAL BB 92 -108.09 -3.91 71.97
N ASP BB 93 -107.75 -3.55 73.20
CA ASP BB 93 -108.13 -4.31 74.38
C ASP BB 93 -109.26 -3.61 75.11
N VAL BB 94 -110.32 -4.37 75.39
CA VAL BB 94 -111.59 -3.82 75.84
C VAL BB 94 -111.97 -4.49 77.15
N HIS BB 95 -112.68 -3.76 77.99
CA HIS BB 95 -113.08 -4.22 79.32
C HIS BB 95 -114.60 -4.13 79.43
N PHE BB 96 -115.22 -5.21 79.90
CA PHE BB 96 -116.65 -5.24 80.19
C PHE BB 96 -116.86 -5.48 81.67
N ASP BB 97 -118.04 -5.09 82.15
CA ASP BB 97 -118.40 -5.27 83.55
C ASP BB 97 -119.11 -6.59 83.81
N GLU BB 98 -119.75 -7.18 82.80
CA GLU BB 98 -120.54 -8.39 83.00
C GLU BB 98 -120.91 -8.95 81.63
N GLN BB 99 -121.00 -10.27 81.56
CA GLN BB 99 -121.45 -10.99 80.36
C GLN BB 99 -120.56 -10.61 79.17
N LEU BB 100 -119.30 -11.04 79.27
CA LEU BB 100 -118.32 -10.85 78.22
C LEU BB 100 -118.85 -11.35 76.88
N PRO BB 101 -118.43 -10.76 75.77
CA PRO BB 101 -118.84 -11.28 74.47
C PRO BB 101 -117.99 -12.47 74.08
N PRO BB 102 -118.52 -13.41 73.30
CA PRO BB 102 -117.69 -14.51 72.81
C PRO BB 102 -116.65 -14.02 71.81
N ILE BB 103 -115.78 -14.94 71.41
CA ILE BB 103 -114.75 -14.63 70.44
C ILE BB 103 -115.37 -14.61 69.04
N LEU BB 104 -114.82 -13.79 68.17
CA LEU BB 104 -115.29 -13.52 66.81
C LEU BB 104 -116.52 -12.62 66.79
N ASN BB 105 -117.08 -12.26 67.94
CA ASN BB 105 -118.20 -11.33 67.95
C ASN BB 105 -117.72 -9.93 67.53
N SER BB 106 -118.69 -9.08 67.20
CA SER BB 106 -118.40 -7.74 66.74
C SER BB 106 -118.69 -6.71 67.82
N LEU BB 107 -117.90 -5.63 67.78
CA LEU BB 107 -118.03 -4.52 68.71
C LEU BB 107 -117.94 -3.22 67.93
N GLU BB 108 -118.82 -2.27 68.24
CA GLU BB 108 -118.90 -1.00 67.55
C GLU BB 108 -118.42 0.09 68.50
N VAL BB 109 -117.44 0.88 68.05
CA VAL BB 109 -116.94 1.98 68.88
C VAL BB 109 -117.87 3.17 68.76
N GLN BB 110 -118.03 3.90 69.86
CA GLN BB 110 -118.94 5.04 69.90
C GLN BB 110 -118.19 6.27 70.37
N GLY BB 111 -118.17 7.31 69.55
CA GLY BB 111 -117.55 8.57 69.93
C GLY BB 111 -116.57 9.12 68.92
N HIS BB 112 -116.64 8.62 67.68
CA HIS BB 112 -115.88 9.21 66.59
C HIS BB 112 -116.48 8.77 65.27
N THR BB 113 -116.17 9.53 64.22
CA THR BB 113 -116.70 9.25 62.89
C THR BB 113 -115.98 8.03 62.31
N ASN BB 114 -116.33 7.68 61.07
CA ASN BB 114 -115.72 6.55 60.39
C ASN BB 114 -115.90 5.27 61.21
N ARG BB 115 -117.16 4.84 61.25
CA ARG BB 115 -117.63 3.80 62.15
C ARG BB 115 -116.65 2.64 62.26
N LEU BB 116 -116.18 2.39 63.48
CA LEU BB 116 -115.11 1.45 63.73
C LEU BB 116 -115.69 0.18 64.35
N VAL BB 117 -115.28 -0.96 63.81
CA VAL BB 117 -115.78 -2.28 64.22
C VAL BB 117 -114.59 -3.15 64.58
N LEU BB 118 -114.71 -3.85 65.70
CA LEU BB 118 -113.63 -4.64 66.28
C LEU BB 118 -114.11 -6.07 66.44
N GLU BB 119 -113.35 -7.02 65.93
CA GLU BB 119 -113.69 -8.44 66.00
C GLU BB 119 -112.92 -9.06 67.15
N VAL BB 120 -113.64 -9.67 68.10
CA VAL BB 120 -112.97 -10.30 69.22
C VAL BB 120 -112.13 -11.47 68.74
N ALA BB 121 -110.99 -11.68 69.41
CA ALA BB 121 -110.08 -12.76 69.04
C ALA BB 121 -109.52 -13.52 70.24
N GLN BB 122 -109.61 -13.00 71.46
CA GLN BB 122 -108.88 -13.57 72.58
C GLN BB 122 -109.38 -12.98 73.88
N HIS BB 123 -109.56 -13.84 74.88
CA HIS BB 123 -109.84 -13.43 76.25
C HIS BB 123 -108.54 -13.45 77.05
N LEU BB 124 -108.46 -12.57 78.06
CA LEU BB 124 -107.22 -12.34 78.77
C LEU BB 124 -107.36 -12.37 80.30
N GLY BB 125 -108.58 -12.32 80.84
CA GLY BB 125 -108.77 -12.17 82.25
C GLY BB 125 -109.08 -10.73 82.65
N GLU BB 126 -109.52 -10.57 83.89
CA GLU BB 126 -109.94 -9.28 84.41
C GLU BB 126 -111.13 -8.73 83.62
N ASN BB 127 -111.95 -9.63 83.07
CA ASN BB 127 -113.05 -9.24 82.21
C ASN BB 127 -112.55 -8.41 81.02
N THR BB 128 -111.36 -8.74 80.54
CA THR BB 128 -110.76 -8.08 79.41
C THR BB 128 -110.72 -8.99 78.19
N VAL BB 129 -110.88 -8.41 77.01
CA VAL BB 129 -110.80 -9.12 75.75
C VAL BB 129 -109.89 -8.35 74.80
N ARG BB 130 -109.43 -9.04 73.76
CA ARG BB 130 -108.60 -8.46 72.72
C ARG BB 130 -109.31 -8.55 71.39
N THR BB 131 -109.16 -7.52 70.56
CA THR BB 131 -109.92 -7.38 69.34
C THR BB 131 -109.01 -6.84 68.23
N ILE BB 132 -109.34 -7.24 67.00
CA ILE BB 132 -108.67 -6.75 65.81
C ILE BB 132 -109.61 -5.78 65.11
N ALA BB 133 -109.08 -4.61 64.73
CA ALA BB 133 -109.87 -3.55 64.13
C ALA BB 133 -109.96 -3.74 62.62
N MET BB 134 -111.12 -3.41 62.07
CA MET BB 134 -111.35 -3.45 60.63
C MET BB 134 -110.93 -2.16 59.93
N ASP BB 135 -110.70 -1.08 60.67
CA ASP BB 135 -110.26 0.18 60.11
C ASP BB 135 -109.17 0.75 61.01
N ALA BB 136 -108.82 2.00 60.79
CA ALA BB 136 -107.69 2.61 61.48
C ALA BB 136 -108.07 3.00 62.90
N THR BB 137 -107.05 3.08 63.76
CA THR BB 137 -107.23 3.34 65.17
C THR BB 137 -106.81 4.74 65.59
N GLU BB 138 -106.39 5.59 64.65
CA GLU BB 138 -105.98 6.94 64.99
C GLU BB 138 -107.18 7.75 65.45
N GLY BB 139 -107.01 8.49 66.55
CA GLY BB 139 -108.10 9.23 67.14
C GLY BB 139 -108.90 8.48 68.18
N LEU BB 140 -108.41 7.33 68.65
CA LEU BB 140 -109.09 6.57 69.68
C LEU BB 140 -108.57 6.96 71.06
N VAL BB 141 -109.44 6.79 72.06
CA VAL BB 141 -109.19 7.26 73.41
C VAL BB 141 -109.47 6.11 74.37
N ARG BB 142 -108.69 6.06 75.46
CA ARG BB 142 -108.96 5.09 76.51
C ARG BB 142 -110.17 5.51 77.31
N GLY BB 143 -110.99 4.53 77.71
CA GLY BB 143 -112.28 4.80 78.29
C GLY BB 143 -113.38 5.05 77.28
N GLN BB 144 -113.05 5.14 75.99
CA GLN BB 144 -114.08 5.31 74.97
C GLN BB 144 -115.04 4.12 74.98
N LYS BB 145 -116.31 4.42 74.77
CA LYS BB 145 -117.35 3.42 74.93
C LYS BB 145 -117.50 2.55 73.69
N VAL BB 146 -117.88 1.31 73.92
CA VAL BB 146 -117.98 0.27 72.90
C VAL BB 146 -119.26 -0.52 73.17
N VAL BB 147 -119.94 -0.91 72.10
CA VAL BB 147 -121.16 -1.69 72.19
C VAL BB 147 -120.87 -3.05 71.58
N ASP BB 148 -121.53 -4.08 72.09
CA ASP BB 148 -121.39 -5.43 71.55
C ASP BB 148 -122.63 -5.77 70.74
N THR BB 149 -122.43 -6.07 69.45
CA THR BB 149 -123.59 -6.39 68.61
C THR BB 149 -124.22 -7.72 68.98
N GLY BB 150 -123.48 -8.61 69.64
CA GLY BB 150 -124.01 -9.90 70.02
C GLY BB 150 -123.84 -10.99 68.99
N ALA BB 151 -123.09 -10.73 67.92
CA ALA BB 151 -122.87 -11.72 66.88
C ALA BB 151 -121.72 -11.22 66.00
N PRO BB 152 -121.11 -12.10 65.20
CA PRO BB 152 -119.96 -11.68 64.39
C PRO BB 152 -120.37 -10.72 63.29
N ILE BB 153 -119.41 -10.35 62.43
CA ILE BB 153 -119.71 -9.45 61.32
C ILE BB 153 -120.76 -10.08 60.44
N GLN BB 154 -121.87 -9.38 60.24
CA GLN BB 154 -123.04 -9.91 59.53
C GLN BB 154 -123.20 -9.15 58.22
N VAL BB 155 -123.00 -9.86 57.11
CA VAL BB 155 -123.09 -9.28 55.78
C VAL BB 155 -124.52 -9.49 55.29
N PRO BB 156 -125.11 -8.54 54.56
CA PRO BB 156 -126.41 -8.79 53.96
C PRO BB 156 -126.31 -9.71 52.75
N VAL BB 157 -127.39 -10.43 52.49
CA VAL BB 157 -127.46 -11.42 51.42
C VAL BB 157 -128.81 -11.32 50.74
N GLY BB 158 -128.85 -11.75 49.49
CA GLY BB 158 -130.05 -11.67 48.69
C GLY BB 158 -129.69 -11.43 47.24
N VAL BB 159 -130.73 -11.34 46.41
CA VAL BB 159 -130.53 -10.91 45.03
C VAL BB 159 -130.33 -9.40 44.93
N GLU BB 160 -130.49 -8.67 46.03
CA GLU BB 160 -130.21 -7.25 46.04
C GLU BB 160 -128.71 -6.96 46.13
N THR BB 161 -127.93 -7.93 46.60
CA THR BB 161 -126.48 -7.82 46.63
C THR BB 161 -125.83 -8.09 45.28
N LEU BB 162 -126.62 -8.37 44.24
CA LEU BB 162 -126.07 -8.59 42.91
C LEU BB 162 -125.78 -7.26 42.24
N GLY BB 163 -124.61 -7.17 41.61
CA GLY BB 163 -124.18 -5.93 40.99
C GLY BB 163 -123.60 -4.91 41.94
N ARG BB 164 -123.67 -5.15 43.25
CA ARG BB 164 -123.17 -4.19 44.22
C ARG BB 164 -121.71 -4.46 44.56
N ILE BB 165 -121.14 -3.54 45.33
CA ILE BB 165 -119.85 -3.67 45.98
C ILE BB 165 -120.05 -3.57 47.47
N MET BB 166 -119.28 -4.35 48.24
CA MET BB 166 -119.41 -4.36 49.69
C MET BB 166 -118.04 -4.52 50.32
N ASN BB 167 -117.87 -3.92 51.50
CA ASN BB 167 -116.65 -4.06 52.27
C ASN BB 167 -116.82 -5.19 53.29
N VAL BB 168 -115.77 -5.42 54.08
CA VAL BB 168 -115.77 -6.56 55.00
C VAL BB 168 -116.93 -6.46 55.99
N ILE BB 169 -117.37 -5.25 56.33
CA ILE BB 169 -118.44 -5.06 57.30
C ILE BB 169 -119.80 -4.90 56.60
N GLY BB 170 -119.90 -5.30 55.34
CA GLY BB 170 -121.16 -5.30 54.63
C GLY BB 170 -121.57 -3.96 54.06
N GLU BB 171 -120.90 -2.89 54.43
CA GLU BB 171 -121.25 -1.56 53.93
C GLU BB 171 -120.88 -1.45 52.46
N PRO BB 172 -121.64 -0.69 51.68
CA PRO BB 172 -121.25 -0.46 50.29
C PRO BB 172 -120.29 0.70 50.13
N VAL BB 173 -119.40 0.56 49.14
CA VAL BB 173 -118.38 1.56 48.86
C VAL BB 173 -118.44 1.95 47.39
N ASP BB 174 -119.63 1.84 46.80
CA ASP BB 174 -119.84 2.19 45.40
C ASP BB 174 -120.59 3.50 45.22
N GLU BB 175 -120.99 4.14 46.31
CA GLU BB 175 -121.66 5.45 46.25
C GLU BB 175 -122.93 5.38 45.41
N CYS BB 176 -123.77 4.39 45.72
CA CYS BB 176 -125.02 4.19 44.98
C CYS BB 176 -126.19 3.87 45.90
N GLY BB 177 -126.00 3.95 47.22
CA GLY BB 177 -127.08 3.72 48.15
C GLY BB 177 -126.77 2.55 49.07
N PRO BB 178 -127.66 2.30 50.03
CA PRO BB 178 -127.49 1.14 50.91
C PRO BB 178 -128.10 -0.13 50.32
N VAL BB 179 -127.64 -1.26 50.85
CA VAL BB 179 -128.07 -2.57 50.37
C VAL BB 179 -129.40 -2.91 51.05
N PRO BB 180 -130.52 -2.88 50.33
CA PRO BB 180 -131.83 -3.10 50.99
C PRO BB 180 -132.22 -4.57 51.03
N ALA BB 181 -131.37 -5.38 51.66
CA ALA BB 181 -131.58 -6.82 51.69
C ALA BB 181 -132.45 -7.22 52.88
N LYS BB 182 -133.18 -8.32 52.72
CA LYS BB 182 -134.11 -8.80 53.73
C LYS BB 182 -133.47 -9.82 54.67
N LYS BB 183 -132.15 -9.92 54.68
CA LYS BB 183 -131.47 -11.01 55.36
C LYS BB 183 -130.04 -10.58 55.66
N THR BB 184 -129.39 -11.36 56.53
CA THR BB 184 -128.01 -11.13 56.91
C THR BB 184 -127.39 -12.45 57.35
N TYR BB 185 -126.15 -12.68 56.95
CA TYR BB 185 -125.41 -13.89 57.29
C TYR BB 185 -124.10 -13.52 57.95
N SER BB 186 -123.75 -14.26 58.99
CA SER BB 186 -122.42 -14.15 59.58
C SER BB 186 -121.36 -14.59 58.58
N ILE BB 187 -120.15 -14.04 58.73
CA ILE BB 187 -119.05 -14.44 57.88
C ILE BB 187 -118.30 -15.65 58.43
N HIS BB 188 -118.49 -15.99 59.70
CA HIS BB 188 -117.90 -17.19 60.30
C HIS BB 188 -119.01 -18.23 60.40
N ARG BB 189 -119.06 -19.16 59.45
CA ARG BB 189 -120.05 -20.21 59.42
C ARG BB 189 -119.36 -21.57 59.39
N ALA BB 190 -119.94 -22.55 60.08
CA ALA BB 190 -119.42 -23.90 60.04
C ALA BB 190 -119.54 -24.48 58.64
N ALA BB 191 -118.56 -25.30 58.28
CA ALA BB 191 -118.54 -25.92 56.97
C ALA BB 191 -119.67 -26.95 56.88
N PRO BB 192 -119.98 -27.43 55.68
CA PRO BB 192 -120.98 -28.51 55.56
C PRO BB 192 -120.50 -29.77 56.25
N LEU BB 193 -121.45 -30.49 56.84
CA LEU BB 193 -121.13 -31.69 57.61
C LEU BB 193 -120.79 -32.84 56.67
N PHE BB 194 -120.62 -34.03 57.23
CA PHE BB 194 -120.31 -35.20 56.41
C PHE BB 194 -121.56 -35.75 55.73
N ALA BB 195 -122.73 -35.56 56.34
CA ALA BB 195 -123.97 -36.07 55.75
C ALA BB 195 -124.44 -35.17 54.60
N ASP BB 196 -124.27 -33.86 54.73
CA ASP BB 196 -124.72 -32.92 53.70
C ASP BB 196 -123.57 -32.62 52.75
N GLN BB 197 -123.25 -33.63 51.94
CA GLN BB 197 -122.16 -33.51 50.98
C GLN BB 197 -122.39 -34.52 49.86
N SER BB 198 -122.18 -34.08 48.63
CA SER BB 198 -122.47 -34.90 47.46
C SER BB 198 -121.28 -35.80 47.15
N THR BB 199 -121.53 -37.10 47.06
CA THR BB 199 -120.46 -38.04 46.74
C THR BB 199 -120.25 -38.18 45.24
N GLU BB 200 -121.18 -37.72 44.42
CA GLU BB 200 -121.07 -37.78 42.97
C GLU BB 200 -120.36 -36.53 42.47
N PRO BB 201 -119.11 -36.60 42.02
CA PRO BB 201 -118.48 -35.45 41.38
C PRO BB 201 -118.98 -35.26 39.96
N GLY BB 202 -118.96 -34.01 39.51
CA GLY BB 202 -119.42 -33.67 38.19
C GLY BB 202 -118.70 -32.46 37.65
N LEU BB 203 -118.51 -32.45 36.33
CA LEU BB 203 -117.84 -31.33 35.69
C LEU BB 203 -118.68 -30.07 35.77
N LEU BB 204 -118.08 -28.97 35.35
CA LEU BB 204 -118.75 -27.67 35.23
C LEU BB 204 -118.65 -27.23 33.78
N GLN BB 205 -119.80 -27.15 33.10
CA GLN BB 205 -119.81 -26.79 31.69
C GLN BB 205 -119.59 -25.29 31.56
N THR BB 206 -118.35 -24.89 31.31
CA THR BB 206 -118.00 -23.49 31.18
C THR BB 206 -118.47 -22.92 29.85
N GLY BB 207 -118.09 -23.57 28.75
CA GLY BB 207 -118.21 -23.00 27.42
C GLY BB 207 -116.90 -22.66 26.75
N ILE BB 208 -115.76 -23.05 27.33
CA ILE BB 208 -114.45 -22.81 26.77
C ILE BB 208 -113.86 -24.15 26.34
N LYS BB 209 -113.14 -24.14 25.22
CA LYS BB 209 -112.75 -25.39 24.59
C LYS BB 209 -111.53 -25.99 25.26
N VAL BB 210 -110.46 -25.20 25.41
CA VAL BB 210 -109.25 -25.71 26.04
C VAL BB 210 -109.55 -26.11 27.47
N VAL BB 211 -110.38 -25.32 28.16
CA VAL BB 211 -110.75 -25.63 29.54
C VAL BB 211 -111.51 -26.96 29.59
N ASP BB 212 -112.62 -27.05 28.87
CA ASP BB 212 -113.43 -28.25 28.95
C ASP BB 212 -112.75 -29.48 28.35
N LEU BB 213 -111.66 -29.30 27.58
CA LEU BB 213 -110.96 -30.43 26.98
C LEU BB 213 -109.81 -30.92 27.87
N LEU BB 214 -108.87 -30.02 28.19
CA LEU BB 214 -107.60 -30.43 28.77
C LEU BB 214 -107.50 -30.14 30.27
N ALA BB 215 -108.36 -29.29 30.81
CA ALA BB 215 -108.38 -28.98 32.24
C ALA BB 215 -109.83 -28.85 32.68
N PRO BB 216 -110.59 -29.95 32.66
CA PRO BB 216 -112.01 -29.87 32.97
C PRO BB 216 -112.25 -29.40 34.40
N TYR BB 217 -113.12 -28.42 34.55
CA TYR BB 217 -113.49 -27.92 35.87
C TYR BB 217 -114.48 -28.87 36.54
N ALA BB 218 -114.72 -28.62 37.82
CA ALA BB 218 -115.62 -29.45 38.62
C ALA BB 218 -116.59 -28.56 39.38
N LYS BB 219 -117.72 -29.14 39.75
CA LYS BB 219 -118.65 -28.48 40.65
C LYS BB 219 -118.17 -28.61 42.10
N GLY BB 220 -118.35 -27.54 42.87
CA GLY BB 220 -117.79 -27.51 44.20
C GLY BB 220 -116.28 -27.54 44.23
N GLY BB 221 -115.63 -27.23 43.11
CA GLY BB 221 -114.19 -27.31 43.01
C GLY BB 221 -113.48 -25.98 43.24
N LYS BB 222 -112.15 -26.07 43.21
CA LYS BB 222 -111.29 -24.91 43.43
C LYS BB 222 -110.16 -24.95 42.41
N ILE BB 223 -110.09 -23.92 41.59
CA ILE BB 223 -109.25 -23.91 40.39
C ILE BB 223 -108.23 -22.80 40.56
N GLY BB 224 -106.94 -23.16 40.50
CA GLY BB 224 -105.91 -22.15 40.50
C GLY BB 224 -105.80 -21.45 39.16
N LEU BB 225 -105.40 -20.18 39.20
CA LEU BB 225 -105.29 -19.36 37.99
C LEU BB 225 -103.98 -18.57 38.08
N PHE BB 226 -102.93 -19.14 37.51
CA PHE BB 226 -101.59 -18.53 37.53
C PHE BB 226 -101.46 -17.61 36.33
N GLY BB 227 -101.64 -16.31 36.55
CA GLY BB 227 -101.45 -15.35 35.48
C GLY BB 227 -101.77 -13.92 35.86
N GLY BB 228 -100.91 -13.00 35.43
CA GLY BB 228 -101.10 -11.59 35.69
C GLY BB 228 -101.90 -10.88 34.61
N ALA BB 229 -101.37 -9.76 34.13
CA ALA BB 229 -102.01 -8.97 33.09
C ALA BB 229 -101.33 -9.20 31.75
N GLY BB 230 -101.96 -8.66 30.70
CA GLY BB 230 -101.49 -8.88 29.35
C GLY BB 230 -101.78 -10.26 28.81
N VAL BB 231 -102.73 -10.97 29.41
CA VAL BB 231 -103.03 -12.35 29.04
C VAL BB 231 -104.51 -12.58 28.75
N GLY BB 232 -105.40 -11.69 29.17
CA GLY BB 232 -106.83 -11.84 28.95
C GLY BB 232 -107.50 -12.53 30.12
N LYS BB 233 -107.11 -12.12 31.32
CA LYS BB 233 -107.63 -12.78 32.52
C LYS BB 233 -108.97 -12.16 32.90
N THR BB 234 -109.08 -10.83 32.82
CA THR BB 234 -110.34 -10.20 33.16
C THR BB 234 -111.42 -10.67 32.19
N VAL BB 235 -111.06 -10.82 30.93
CA VAL BB 235 -112.02 -11.26 29.93
C VAL BB 235 -112.37 -12.73 30.13
N LEU BB 236 -111.39 -13.55 30.51
CA LEU BB 236 -111.70 -14.92 30.89
C LEU BB 236 -112.69 -14.96 32.04
N ILE BB 237 -112.49 -14.11 33.04
CA ILE BB 237 -113.39 -14.04 34.19
C ILE BB 237 -114.80 -13.67 33.75
N MET BB 238 -114.93 -12.59 32.99
CA MET BB 238 -116.26 -12.15 32.56
C MET BB 238 -116.93 -13.21 31.69
N GLU BB 239 -116.16 -13.90 30.84
CA GLU BB 239 -116.78 -14.93 30.01
C GLU BB 239 -117.26 -16.10 30.84
N LEU BB 240 -116.45 -16.54 31.82
CA LEU BB 240 -116.91 -17.61 32.70
C LEU BB 240 -118.17 -17.19 33.44
N ILE BB 241 -118.22 -15.96 33.93
CA ILE BB 241 -119.39 -15.47 34.64
C ILE BB 241 -120.62 -15.52 33.74
N ASN BB 242 -120.50 -14.92 32.56
CA ASN BB 242 -121.64 -14.82 31.66
C ASN BB 242 -122.14 -16.19 31.25
N ASN BB 243 -121.22 -17.09 30.88
CA ASN BB 243 -121.64 -18.41 30.42
C ASN BB 243 -122.25 -19.24 31.56
N VAL BB 244 -121.68 -19.16 32.76
CA VAL BB 244 -122.26 -19.92 33.86
C VAL BB 244 -123.61 -19.35 34.28
N ALA BB 245 -123.82 -18.05 34.07
CA ALA BB 245 -125.11 -17.46 34.42
C ALA BB 245 -126.16 -17.82 33.37
N ASN BB 246 -125.76 -17.81 32.10
CA ASN BB 246 -126.69 -18.15 31.04
C ASN BB 246 -127.10 -19.61 31.14
N LYS BB 247 -126.11 -20.52 31.19
CA LYS BB 247 -126.41 -21.94 31.16
C LYS BB 247 -126.86 -22.46 32.52
N HIS BB 248 -125.98 -22.38 33.53
CA HIS BB 248 -126.31 -22.96 34.83
C HIS BB 248 -127.27 -22.11 35.65
N GLY BB 249 -127.61 -20.91 35.18
CA GLY BB 249 -128.51 -20.07 35.95
C GLY BB 249 -127.95 -19.57 37.26
N GLY BB 250 -126.66 -19.76 37.49
CA GLY BB 250 -126.06 -19.44 38.77
C GLY BB 250 -125.49 -18.04 38.82
N PHE BB 251 -125.42 -17.50 40.04
CA PHE BB 251 -124.80 -16.20 40.25
C PHE BB 251 -123.32 -16.38 40.57
N SER BB 252 -122.65 -15.28 40.89
CA SER BB 252 -121.21 -15.31 41.09
C SER BB 252 -120.82 -14.25 42.10
N VAL BB 253 -119.60 -14.36 42.59
CA VAL BB 253 -119.06 -13.43 43.57
C VAL BB 253 -117.60 -13.20 43.22
N PHE BB 254 -117.14 -11.96 43.37
CA PHE BB 254 -115.74 -11.61 43.17
C PHE BB 254 -115.22 -10.98 44.46
N ALA BB 255 -114.14 -11.55 44.99
CA ALA BB 255 -113.49 -11.05 46.18
C ALA BB 255 -112.13 -10.47 45.83
N GLY BB 256 -111.91 -9.22 46.23
CA GLY BB 256 -110.63 -8.56 46.05
C GLY BB 256 -109.91 -8.47 47.38
N VAL BB 257 -108.88 -9.29 47.55
CA VAL BB 257 -108.16 -9.41 48.82
C VAL BB 257 -106.91 -8.53 48.70
N GLY BB 258 -107.01 -7.30 49.18
CA GLY BB 258 -105.90 -6.38 49.12
C GLY BB 258 -105.50 -6.08 47.68
N GLU BB 259 -106.43 -5.52 46.92
CA GLU BB 259 -106.22 -5.22 45.52
C GLU BB 259 -105.94 -3.72 45.33
N ARG BB 260 -105.36 -3.39 44.20
CA ARG BB 260 -105.19 -1.99 43.84
C ARG BB 260 -106.52 -1.32 43.53
N THR BB 261 -106.63 -0.05 43.92
CA THR BB 261 -107.91 0.64 43.85
C THR BB 261 -108.25 0.97 42.42
N ARG BB 262 -107.26 1.42 41.64
CA ARG BB 262 -107.50 1.68 40.24
C ARG BB 262 -107.86 0.40 39.51
N GLU BB 263 -107.29 -0.74 39.92
CA GLU BB 263 -107.67 -2.02 39.34
C GLU BB 263 -109.12 -2.35 39.66
N GLY BB 264 -109.56 -2.04 40.88
CA GLY BB 264 -110.96 -2.24 41.21
C GLY BB 264 -111.88 -1.37 40.39
N ASN BB 265 -111.50 -0.11 40.21
CA ASN BB 265 -112.27 0.82 39.39
C ASN BB 265 -112.35 0.31 37.94
N ASP BB 266 -111.22 -0.12 37.39
CA ASP BB 266 -111.19 -0.68 36.05
C ASP BB 266 -112.10 -1.89 35.93
N LEU BB 267 -112.05 -2.81 36.90
CA LEU BB 267 -112.90 -3.98 36.83
C LEU BB 267 -114.38 -3.61 36.91
N TYR BB 268 -114.72 -2.65 37.77
CA TYR BB 268 -116.11 -2.23 37.88
C TYR BB 268 -116.61 -1.63 36.58
N HIS BB 269 -115.79 -0.78 35.96
CA HIS BB 269 -116.22 -0.15 34.71
C HIS BB 269 -116.24 -1.15 33.57
N GLU BB 270 -115.33 -2.11 33.55
CA GLU BB 270 -115.39 -3.16 32.55
C GLU BB 270 -116.63 -4.00 32.69
N MET BB 271 -117.06 -4.28 33.93
CA MET BB 271 -118.31 -5.01 34.12
C MET BB 271 -119.50 -4.20 33.65
N MET BB 272 -119.53 -2.90 33.99
CA MET BB 272 -120.63 -2.05 33.55
C MET BB 272 -120.65 -1.91 32.04
N THR BB 273 -119.50 -2.05 31.38
CA THR BB 273 -119.46 -2.00 29.92
C THR BB 273 -119.94 -3.32 29.34
N THR BB 274 -119.38 -4.44 29.80
CA THR BB 274 -119.68 -5.75 29.25
C THR BB 274 -121.06 -6.26 29.64
N GLY BB 275 -121.81 -5.53 30.47
CA GLY BB 275 -123.12 -6.00 30.85
C GLY BB 275 -123.17 -6.96 32.02
N VAL BB 276 -122.03 -7.29 32.62
CA VAL BB 276 -122.04 -8.12 33.81
C VAL BB 276 -122.80 -7.43 34.93
N ILE BB 277 -122.79 -6.10 34.94
CA ILE BB 277 -123.52 -5.30 35.91
C ILE BB 277 -124.48 -4.38 35.15
N LYS BB 278 -125.68 -4.19 35.70
CA LYS BB 278 -126.69 -3.34 35.09
C LYS BB 278 -127.10 -2.28 36.11
N ARG BB 279 -126.50 -1.10 35.98
CA ARG BB 279 -126.72 0.04 36.87
C ARG BB 279 -127.50 1.11 36.11
N LYS BB 280 -128.83 1.01 36.15
CA LYS BB 280 -129.68 1.96 35.43
C LYS BB 280 -130.17 3.05 36.37
N LYS BB 281 -129.93 4.30 36.00
CA LYS BB 281 -130.37 5.42 36.81
C LYS BB 281 -131.89 5.43 36.92
N LEU BB 282 -132.39 6.01 38.00
CA LEU BB 282 -133.82 6.25 38.19
C LEU BB 282 -134.10 7.75 38.24
N GLU BB 283 -135.39 8.08 38.19
CA GLU BB 283 -135.79 9.47 38.05
C GLU BB 283 -135.45 10.28 39.29
N ASP BB 284 -135.77 9.73 40.48
CA ASP BB 284 -135.50 10.45 41.71
C ASP BB 284 -134.02 10.71 41.94
N GLY BB 285 -133.14 9.97 41.26
CA GLY BB 285 -131.71 10.08 41.48
C GLY BB 285 -131.06 8.86 42.09
N LYS BB 286 -131.84 7.84 42.46
CA LYS BB 286 -131.29 6.57 42.91
C LYS BB 286 -130.85 5.74 41.71
N PHE BB 287 -130.29 4.57 42.01
CA PHE BB 287 -129.86 3.61 41.00
C PHE BB 287 -130.70 2.35 41.09
N ASP BB 288 -130.70 1.60 39.99
CA ASP BB 288 -131.46 0.36 39.84
C ASP BB 288 -130.49 -0.71 39.35
N PHE BB 289 -129.94 -1.48 40.28
CA PHE BB 289 -129.06 -2.60 39.95
C PHE BB 289 -129.97 -3.76 39.55
N THR BB 290 -130.39 -3.74 38.29
CA THR BB 290 -131.21 -4.80 37.72
C THR BB 290 -130.34 -6.02 37.40
N GLY BB 291 -130.87 -6.94 36.60
CA GLY BB 291 -130.35 -8.29 36.52
C GLY BB 291 -128.88 -8.35 36.16
N SER BB 292 -128.06 -8.66 37.16
CA SER BB 292 -126.62 -8.81 37.02
C SER BB 292 -126.24 -10.27 37.25
N LYS BB 293 -124.93 -10.54 37.28
CA LYS BB 293 -124.42 -11.90 37.34
C LYS BB 293 -123.28 -12.06 38.33
N ALA BB 294 -122.99 -11.03 39.13
CA ALA BB 294 -121.85 -11.08 40.04
C ALA BB 294 -121.99 -10.00 41.09
N ALA BB 295 -121.85 -10.39 42.35
CA ALA BB 295 -121.61 -9.46 43.45
C ALA BB 295 -120.11 -9.21 43.60
N LEU BB 296 -119.77 -8.10 44.27
CA LEU BB 296 -118.39 -7.74 44.51
C LEU BB 296 -118.17 -7.44 46.00
N VAL BB 297 -117.07 -7.97 46.53
CA VAL BB 297 -116.65 -7.70 47.90
C VAL BB 297 -115.18 -7.33 47.82
N TYR BB 298 -114.86 -6.12 48.29
CA TYR BB 298 -113.54 -5.53 48.13
C TYR BB 298 -112.97 -5.19 49.50
N GLY BB 299 -111.79 -5.74 49.80
CA GLY BB 299 -111.02 -5.28 50.93
C GLY BB 299 -109.82 -4.53 50.40
N GLN BB 300 -109.82 -3.21 50.54
CA GLN BB 300 -108.87 -2.39 49.84
C GLN BB 300 -107.50 -2.46 50.51
N MET BB 301 -106.47 -2.12 49.74
CA MET BB 301 -105.11 -2.13 50.27
C MET BB 301 -104.98 -1.17 51.45
N ASN BB 302 -105.68 -0.04 51.41
CA ASN BB 302 -105.61 0.91 52.51
C ASN BB 302 -106.30 0.39 53.78
N GLU BB 303 -106.97 -0.75 53.71
CA GLU BB 303 -107.62 -1.30 54.90
C GLU BB 303 -106.62 -2.10 55.73
N PRO BB 304 -106.82 -2.16 57.04
CA PRO BB 304 -105.84 -2.83 57.91
C PRO BB 304 -105.96 -4.34 57.81
N PRO BB 305 -104.98 -5.07 58.31
CA PRO BB 305 -105.12 -6.53 58.38
C PRO BB 305 -106.22 -6.95 59.35
N GLY BB 306 -107.03 -7.91 58.90
CA GLY BB 306 -108.28 -8.26 59.53
C GLY BB 306 -109.44 -8.11 58.56
N ALA BB 307 -109.35 -7.09 57.70
CA ALA BB 307 -110.29 -7.00 56.60
C ALA BB 307 -109.81 -7.86 55.46
N ARG BB 308 -108.54 -7.74 55.09
CA ARG BB 308 -108.02 -8.58 54.03
C ARG BB 308 -108.10 -10.03 54.44
N ALA BB 309 -108.23 -10.30 55.74
CA ALA BB 309 -108.37 -11.66 56.24
C ALA BB 309 -109.83 -12.11 56.34
N ARG BB 310 -110.79 -11.20 56.51
CA ARG BB 310 -112.18 -11.62 56.64
C ARG BB 310 -113.01 -11.24 55.42
N VAL BB 311 -112.34 -10.95 54.31
CA VAL BB 311 -113.06 -10.63 53.09
C VAL BB 311 -113.42 -11.90 52.35
N ALA BB 312 -112.49 -12.85 52.25
CA ALA BB 312 -112.84 -14.09 51.58
C ALA BB 312 -113.99 -14.74 52.32
N LEU BB 313 -114.03 -14.62 53.65
CA LEU BB 313 -115.12 -15.18 54.42
C LEU BB 313 -116.42 -14.42 54.18
N THR BB 314 -116.34 -13.10 53.95
CA THR BB 314 -117.54 -12.34 53.64
C THR BB 314 -118.14 -12.82 52.32
N ALA BB 315 -117.31 -12.84 51.27
CA ALA BB 315 -117.77 -13.33 49.98
C ALA BB 315 -118.23 -14.77 50.06
N LEU BB 316 -117.59 -15.59 50.90
CA LEU BB 316 -117.95 -16.99 51.01
C LEU BB 316 -119.32 -17.16 51.65
N SER BB 317 -119.65 -16.33 52.64
CA SER BB 317 -121.00 -16.35 53.18
C SER BB 317 -122.02 -15.85 52.15
N VAL BB 318 -121.64 -14.80 51.40
CA VAL BB 318 -122.54 -14.31 50.35
C VAL BB 318 -122.84 -15.40 49.33
N ALA BB 319 -121.86 -16.27 49.06
CA ALA BB 319 -122.08 -17.37 48.12
C ALA BB 319 -122.84 -18.52 48.77
N GLU BB 320 -122.58 -18.79 50.05
CA GLU BB 320 -123.30 -19.84 50.76
C GLU BB 320 -124.78 -19.51 50.86
N TYR BB 321 -125.14 -18.22 50.88
CA TYR BB 321 -126.55 -17.87 50.83
C TYR BB 321 -127.20 -18.44 49.57
N PHE BB 322 -126.59 -18.21 48.41
CA PHE BB 322 -127.14 -18.72 47.17
C PHE BB 322 -127.12 -20.24 47.13
N ARG BB 323 -126.03 -20.85 47.61
CA ARG BB 323 -125.93 -22.30 47.61
C ARG BB 323 -127.03 -22.93 48.46
N ASP BB 324 -127.15 -22.49 49.72
CA ASP BB 324 -128.03 -23.15 50.67
C ASP BB 324 -129.50 -22.89 50.33
N GLU BB 325 -129.91 -21.63 50.30
CA GLU BB 325 -131.32 -21.29 50.23
C GLU BB 325 -131.81 -21.32 48.78
N GLN BB 326 -131.20 -20.51 47.91
CA GLN BB 326 -131.67 -20.46 46.54
C GLN BB 326 -131.45 -21.78 45.81
N GLY BB 327 -130.46 -22.55 46.23
CA GLY BB 327 -130.24 -23.86 45.66
C GLY BB 327 -129.53 -23.83 44.32
N GLN BB 328 -128.52 -22.99 44.18
CA GLN BB 328 -127.89 -22.70 42.90
C GLN BB 328 -126.46 -23.20 42.88
N ASP BB 329 -125.89 -23.26 41.68
CA ASP BB 329 -124.49 -23.53 41.48
C ASP BB 329 -123.85 -22.19 41.13
N VAL BB 330 -123.06 -21.65 42.04
CA VAL BB 330 -122.57 -20.29 41.91
C VAL BB 330 -121.06 -20.33 41.73
N LEU BB 331 -120.49 -19.16 41.41
CA LEU BB 331 -119.04 -19.04 41.32
C LEU BB 331 -118.50 -18.11 42.39
N LEU BB 332 -117.17 -18.14 42.51
CA LEU BB 332 -116.47 -17.28 43.47
C LEU BB 332 -115.03 -17.11 43.00
N PHE BB 333 -114.70 -15.91 42.56
CA PHE BB 333 -113.37 -15.57 42.07
C PHE BB 333 -112.62 -14.86 43.18
N ILE BB 334 -111.34 -15.16 43.33
CA ILE BB 334 -110.51 -14.57 44.38
C ILE BB 334 -109.28 -13.97 43.74
N ASP BB 335 -109.12 -12.64 43.90
CA ASP BB 335 -108.08 -11.91 43.20
C ASP BB 335 -106.69 -12.36 43.60
N ASN BB 336 -106.50 -12.73 44.86
CA ASN BB 336 -105.26 -13.40 45.26
C ASN BB 336 -105.46 -14.08 46.60
N ILE BB 337 -104.97 -15.32 46.71
CA ILE BB 337 -105.04 -16.08 47.96
C ILE BB 337 -103.80 -15.94 48.80
N TYR BB 338 -102.75 -15.29 48.29
CA TYR BB 338 -101.53 -15.07 49.07
C TYR BB 338 -101.69 -13.92 50.04
N ARG BB 339 -102.57 -12.97 49.72
CA ARG BB 339 -102.76 -11.82 50.60
C ARG BB 339 -103.60 -12.17 51.82
N PHE BB 340 -104.53 -13.13 51.67
CA PHE BB 340 -105.13 -13.75 52.85
C PHE BB 340 -104.09 -14.24 53.83
N THR BB 341 -103.05 -14.93 53.32
CA THR BB 341 -102.00 -15.44 54.20
C THR BB 341 -101.14 -14.33 54.76
N GLN BB 342 -100.81 -13.33 53.94
CA GLN BB 342 -100.12 -12.15 54.45
C GLN BB 342 -100.87 -11.55 55.63
N ALA BB 343 -102.17 -11.34 55.47
CA ALA BB 343 -102.98 -10.73 56.53
C ALA BB 343 -103.04 -11.61 57.76
N GLY BB 344 -103.18 -12.92 57.58
CA GLY BB 344 -103.12 -13.82 58.73
C GLY BB 344 -101.82 -13.72 59.49
N SER BB 345 -100.70 -13.68 58.76
CA SER BB 345 -99.39 -13.58 59.41
C SER BB 345 -99.27 -12.26 60.16
N GLU BB 346 -99.69 -11.17 59.53
CA GLU BB 346 -99.69 -9.88 60.20
C GLU BB 346 -100.49 -9.93 61.49
N VAL BB 347 -101.76 -10.34 61.40
CA VAL BB 347 -102.63 -10.44 62.57
C VAL BB 347 -101.98 -11.28 63.66
N SER BB 348 -101.35 -12.40 63.30
CA SER BB 348 -100.69 -13.22 64.31
C SER BB 348 -99.51 -12.50 64.93
N ALA BB 349 -98.81 -11.66 64.16
CA ALA BB 349 -97.68 -10.94 64.72
C ALA BB 349 -98.18 -9.88 65.69
N LEU BB 350 -99.27 -9.21 65.33
CA LEU BB 350 -99.85 -8.20 66.22
C LEU BB 350 -100.31 -8.85 67.51
N LEU BB 351 -101.03 -9.97 67.40
CA LEU BB 351 -101.52 -10.65 68.59
C LEU BB 351 -100.42 -11.32 69.39
N GLY BB 352 -99.21 -11.40 68.83
CA GLY BB 352 -98.08 -11.91 69.59
C GLY BB 352 -97.80 -13.39 69.43
N ARG BB 353 -98.35 -14.04 68.41
CA ARG BB 353 -98.11 -15.45 68.22
C ARG BB 353 -96.75 -15.67 67.59
N ILE BB 354 -96.05 -16.71 68.03
CA ILE BB 354 -94.69 -16.95 67.58
C ILE BB 354 -94.78 -17.39 66.12
N PRO BB 355 -94.09 -16.73 65.19
CA PRO BB 355 -94.24 -17.10 63.78
C PRO BB 355 -93.62 -18.46 63.48
N SER BB 356 -94.11 -19.06 62.40
CA SER BB 356 -93.67 -20.38 61.98
C SER BB 356 -92.49 -20.25 61.01
N ALA BB 357 -92.22 -21.31 60.24
CA ALA BB 357 -90.97 -21.49 59.53
C ALA BB 357 -90.47 -20.22 58.85
N VAL BB 358 -91.28 -19.66 57.96
CA VAL BB 358 -90.84 -18.56 57.10
C VAL BB 358 -91.59 -17.28 57.46
N GLY BB 359 -91.91 -17.10 58.74
CA GLY BB 359 -92.67 -15.96 59.19
C GLY BB 359 -94.17 -16.13 59.18
N TYR BB 360 -94.68 -17.14 58.47
CA TYR BB 360 -96.12 -17.35 58.42
C TYR BB 360 -96.64 -17.73 59.80
N GLN BB 361 -97.95 -17.58 59.98
CA GLN BB 361 -98.55 -17.84 61.27
C GLN BB 361 -98.54 -19.34 61.56
N PRO BB 362 -98.76 -19.73 62.82
CA PRO BB 362 -98.93 -21.16 63.12
C PRO BB 362 -100.34 -21.68 62.89
N THR BB 363 -101.27 -20.83 62.50
CA THR BB 363 -102.66 -21.23 62.24
C THR BB 363 -102.96 -21.14 60.75
N LEU BB 364 -101.96 -21.50 59.94
CA LEU BB 364 -102.06 -21.28 58.50
C LEU BB 364 -102.96 -22.33 57.86
N ALA BB 365 -102.58 -23.60 57.97
CA ALA BB 365 -103.39 -24.66 57.38
C ALA BB 365 -104.77 -24.70 58.02
N THR BB 366 -104.85 -24.42 59.32
CA THR BB 366 -106.15 -24.42 60.00
C THR BB 366 -107.06 -23.33 59.43
N ASP BB 367 -106.52 -22.12 59.22
CA ASP BB 367 -107.36 -21.05 58.71
C ASP BB 367 -107.71 -21.27 57.24
N LEU BB 368 -106.73 -21.71 56.46
CA LEU BB 368 -107.02 -22.07 55.06
C LEU BB 368 -108.06 -23.17 54.96
N GLY BB 369 -108.10 -24.10 55.92
CA GLY BB 369 -109.12 -25.12 55.89
C GLY BB 369 -110.47 -24.61 56.32
N GLN BB 370 -110.48 -23.72 57.31
CA GLN BB 370 -111.73 -23.07 57.71
C GLN BB 370 -112.34 -22.33 56.52
N LEU BB 371 -111.49 -21.73 55.69
CA LEU BB 371 -111.97 -21.08 54.48
C LEU BB 371 -112.42 -22.11 53.44
N GLN BB 372 -111.51 -22.98 53.02
CA GLN BB 372 -111.67 -23.80 51.82
C GLN BB 372 -112.61 -25.00 52.00
N GLU BB 373 -112.96 -25.37 53.23
CA GLU BB 373 -113.89 -26.49 53.43
C GLU BB 373 -115.35 -26.07 53.28
N ARG BB 374 -115.63 -24.78 53.15
CA ARG BB 374 -116.96 -24.31 52.80
C ARG BB 374 -117.19 -24.26 51.29
N ILE BB 375 -116.12 -24.24 50.49
CA ILE BB 375 -116.23 -24.27 49.03
C ILE BB 375 -116.30 -25.72 48.61
N THR BB 376 -117.51 -26.25 48.53
CA THR BB 376 -117.71 -27.63 48.10
C THR BB 376 -119.18 -27.79 47.68
N THR BB 377 -119.49 -28.98 47.16
CA THR BB 377 -120.84 -29.30 46.74
C THR BB 377 -121.65 -29.81 47.93
N THR BB 378 -122.96 -29.58 47.86
CA THR BB 378 -123.90 -30.12 48.84
C THR BB 378 -125.09 -30.70 48.08
N LYS BB 379 -126.13 -31.06 48.84
CA LYS BB 379 -127.35 -31.60 48.24
C LYS BB 379 -128.25 -30.52 47.67
N LYS BB 380 -128.05 -29.26 48.05
CA LYS BB 380 -128.87 -28.18 47.55
C LYS BB 380 -128.29 -27.55 46.28
N GLY BB 381 -127.03 -27.13 46.34
CA GLY BB 381 -126.38 -26.49 45.20
C GLY BB 381 -124.90 -26.71 45.22
N SER BB 382 -124.13 -25.68 44.88
CA SER BB 382 -122.69 -25.81 44.81
C SER BB 382 -122.06 -24.42 44.72
N ILE BB 383 -120.77 -24.36 45.08
CA ILE BB 383 -119.95 -23.18 44.92
C ILE BB 383 -118.65 -23.62 44.26
N THR BB 384 -118.44 -23.22 43.01
CA THR BB 384 -117.13 -23.33 42.41
C THR BB 384 -116.31 -22.09 42.71
N SER BB 385 -114.99 -22.22 42.63
CA SER BB 385 -114.13 -21.09 42.96
C SER BB 385 -112.88 -21.08 42.10
N VAL BB 386 -112.47 -19.87 41.74
CA VAL BB 386 -111.32 -19.62 40.87
C VAL BB 386 -110.38 -18.70 41.65
N GLN BB 387 -109.36 -19.29 42.28
CA GLN BB 387 -108.42 -18.55 43.11
C GLN BB 387 -107.18 -18.21 42.29
N ALA BB 388 -106.76 -16.95 42.35
CA ALA BB 388 -105.49 -16.53 41.76
C ALA BB 388 -104.38 -16.69 42.78
N VAL BB 389 -103.27 -17.28 42.34
CA VAL BB 389 -102.18 -17.66 43.24
C VAL BB 389 -100.90 -16.96 42.80
N TYR BB 390 -100.10 -16.55 43.78
CA TYR BB 390 -98.81 -15.91 43.53
C TYR BB 390 -97.74 -16.71 44.29
N VAL BB 391 -96.83 -17.32 43.55
CA VAL BB 391 -95.78 -18.14 44.13
C VAL BB 391 -94.59 -17.21 44.45
N PRO BB 392 -94.33 -16.91 45.73
CA PRO BB 392 -93.23 -15.99 46.05
C PRO BB 392 -91.88 -16.60 45.71
N ALA BB 393 -91.12 -15.90 44.87
CA ALA BB 393 -89.76 -16.31 44.54
C ALA BB 393 -89.73 -17.66 43.81
N ASP BB 394 -90.79 -17.97 43.08
CA ASP BB 394 -90.88 -19.23 42.33
C ASP BB 394 -90.71 -20.44 43.24
N ASP BB 395 -91.06 -20.30 44.52
CA ASP BB 395 -90.93 -21.37 45.49
C ASP BB 395 -92.30 -22.02 45.70
N LEU BB 396 -92.53 -23.14 45.00
CA LEU BB 396 -93.74 -23.92 45.19
C LEU BB 396 -93.74 -24.71 46.49
N THR BB 397 -92.62 -24.72 47.21
CA THR BB 397 -92.54 -25.38 48.51
C THR BB 397 -92.85 -24.44 49.66
N ASP BB 398 -93.06 -23.16 49.39
CA ASP BB 398 -93.46 -22.23 50.44
C ASP BB 398 -94.78 -22.71 51.04
N PRO BB 399 -94.96 -22.60 52.36
CA PRO BB 399 -96.14 -23.25 52.97
C PRO BB 399 -97.47 -22.73 52.43
N ALA BB 400 -97.52 -21.49 51.93
CA ALA BB 400 -98.80 -20.98 51.42
C ALA BB 400 -99.24 -21.75 50.19
N PRO BB 401 -98.46 -21.80 49.10
CA PRO BB 401 -98.88 -22.60 47.95
C PRO BB 401 -98.85 -24.09 48.24
N ALA BB 402 -97.92 -24.58 49.08
CA ALA BB 402 -97.93 -25.99 49.43
C ALA BB 402 -99.23 -26.40 50.12
N THR BB 403 -99.83 -25.49 50.90
CA THR BB 403 -101.12 -25.75 51.52
C THR BB 403 -102.28 -25.51 50.56
N THR BB 404 -102.09 -24.65 49.56
CA THR BB 404 -103.19 -24.37 48.64
C THR BB 404 -103.33 -25.47 47.59
N PHE BB 405 -102.20 -25.98 47.09
CA PHE BB 405 -102.27 -27.00 46.05
C PHE BB 405 -102.95 -28.27 46.57
N ALA BB 406 -102.92 -28.50 47.87
CA ALA BB 406 -103.65 -29.63 48.43
C ALA BB 406 -105.15 -29.46 48.24
N HIS BB 407 -105.62 -28.21 48.23
CA HIS BB 407 -107.04 -27.93 48.08
C HIS BB 407 -107.44 -27.69 46.64
N LEU BB 408 -106.47 -27.44 45.75
CA LEU BB 408 -106.80 -27.12 44.37
C LEU BB 408 -107.09 -28.43 43.62
N ASP BB 409 -108.22 -28.46 42.92
CA ASP BB 409 -108.59 -29.58 42.07
C ASP BB 409 -108.26 -29.35 40.60
N ALA BB 410 -107.53 -28.29 40.28
CA ALA BB 410 -107.22 -27.98 38.89
C ALA BB 410 -106.12 -26.92 38.88
N THR BB 411 -105.82 -26.39 37.70
CA THR BB 411 -104.79 -25.39 37.51
C THR BB 411 -104.93 -24.81 36.11
N THR BB 412 -104.67 -23.50 36.00
CA THR BB 412 -104.91 -22.80 34.74
C THR BB 412 -103.84 -21.72 34.59
N VAL BB 413 -102.79 -22.04 33.85
CA VAL BB 413 -101.65 -21.15 33.68
C VAL BB 413 -101.90 -20.28 32.45
N LEU BB 414 -101.50 -19.02 32.53
CA LEU BB 414 -101.50 -18.11 31.41
C LEU BB 414 -100.07 -17.74 31.04
N SER BB 415 -99.91 -17.22 29.81
CA SER BB 415 -98.60 -16.87 29.30
C SER BB 415 -98.77 -15.77 28.27
N ARG BB 416 -97.85 -14.81 28.28
CA ARG BB 416 -97.81 -13.80 27.23
C ARG BB 416 -97.20 -14.33 25.94
N GLN BB 417 -96.58 -15.51 25.97
CA GLN BB 417 -95.96 -16.07 24.77
C GLN BB 417 -96.97 -16.76 23.88
N ILE BB 418 -98.25 -16.70 24.22
CA ILE BB 418 -99.32 -17.25 23.39
C ILE BB 418 -100.29 -16.11 23.09
N ALA BB 419 -100.32 -15.10 23.97
CA ALA BB 419 -101.05 -13.89 23.67
C ALA BB 419 -100.33 -13.05 22.61
N GLU BB 420 -99.00 -13.17 22.54
CA GLU BB 420 -98.27 -12.47 21.49
C GLU BB 420 -98.52 -13.06 20.12
N LEU BB 421 -98.95 -14.33 20.06
CA LEU BB 421 -99.42 -14.93 18.82
C LEU BB 421 -100.85 -14.52 18.47
N GLY BB 422 -101.48 -13.67 19.28
CA GLY BB 422 -102.86 -13.31 19.07
C GLY BB 422 -103.88 -14.32 19.57
N ILE BB 423 -103.44 -15.44 20.13
CA ILE BB 423 -104.38 -16.44 20.62
C ILE BB 423 -105.00 -15.95 21.92
N TYR BB 424 -106.33 -16.07 22.00
CA TYR BB 424 -107.08 -15.69 23.20
C TYR BB 424 -108.28 -16.63 23.35
N PRO BB 425 -108.44 -17.32 24.48
CA PRO BB 425 -107.70 -17.27 25.74
C PRO BB 425 -106.27 -17.84 25.65
N ALA BB 426 -105.34 -17.22 26.36
CA ALA BB 426 -103.93 -17.62 26.31
C ALA BB 426 -103.62 -18.70 27.34
N VAL BB 427 -104.41 -19.77 27.32
CA VAL BB 427 -104.23 -20.89 28.25
C VAL BB 427 -103.13 -21.79 27.73
N ASP BB 428 -102.15 -22.10 28.58
CA ASP BB 428 -101.08 -23.01 28.23
C ASP BB 428 -101.55 -24.45 28.41
N PRO BB 429 -101.85 -25.17 27.32
CA PRO BB 429 -102.50 -26.48 27.47
C PRO BB 429 -101.63 -27.52 28.13
N LEU BB 430 -100.31 -27.30 28.21
CA LEU BB 430 -99.39 -28.26 28.80
C LEU BB 430 -99.23 -28.02 30.30
N ASP BB 431 -98.95 -26.78 30.69
CA ASP BB 431 -98.78 -26.46 32.10
C ASP BB 431 -100.06 -26.69 32.90
N SER BB 432 -101.21 -26.59 32.25
CA SER BB 432 -102.47 -26.82 32.93
C SER BB 432 -102.63 -28.28 33.31
N THR BB 433 -103.36 -28.53 34.40
CA THR BB 433 -103.55 -29.87 34.94
C THR BB 433 -104.98 -29.98 35.47
N SER BB 434 -105.33 -31.16 35.93
CA SER BB 434 -106.61 -31.38 36.58
C SER BB 434 -106.64 -32.79 37.18
N ARG BB 435 -107.36 -32.94 38.28
CA ARG BB 435 -107.64 -34.25 38.86
C ARG BB 435 -108.83 -34.93 38.22
N MET BB 436 -109.60 -34.23 37.40
CA MET BB 436 -110.82 -34.77 36.78
C MET BB 436 -110.57 -35.32 35.39
N LEU BB 437 -109.36 -35.18 34.86
CA LEU BB 437 -109.06 -35.70 33.52
C LEU BB 437 -108.94 -37.21 33.48
N ALA BB 438 -108.99 -37.89 34.63
CA ALA BB 438 -108.82 -39.34 34.65
C ALA BB 438 -109.99 -40.01 33.94
N PRO BB 439 -109.77 -41.21 33.37
CA PRO BB 439 -110.80 -41.85 32.51
C PRO BB 439 -111.87 -42.59 33.31
N GLU BB 440 -112.41 -41.92 34.32
CA GLU BB 440 -113.57 -42.41 35.07
C GLU BB 440 -114.69 -41.39 35.10
N ILE BB 441 -114.37 -40.11 35.25
CA ILE BB 441 -115.39 -39.07 35.28
C ILE BB 441 -115.77 -38.65 33.87
N VAL BB 442 -114.82 -38.68 32.94
CA VAL BB 442 -114.99 -38.15 31.59
C VAL BB 442 -115.09 -39.25 30.55
N GLY BB 443 -115.12 -40.52 30.96
CA GLY BB 443 -115.03 -41.60 30.00
C GLY BB 443 -113.66 -41.71 29.36
N GLN BB 444 -113.35 -42.87 28.81
CA GLN BB 444 -112.03 -43.12 28.21
C GLN BB 444 -112.03 -42.82 26.73
N GLU BB 445 -112.54 -41.65 26.39
CA GLU BB 445 -112.32 -40.99 25.10
C GLU BB 445 -111.86 -39.56 25.29
N HIS BB 446 -112.43 -38.85 26.26
CA HIS BB 446 -111.90 -37.55 26.67
C HIS BB 446 -110.44 -37.67 27.07
N TYR BB 447 -110.13 -38.63 27.92
CA TYR BB 447 -108.75 -38.84 28.37
C TYR BB 447 -107.84 -39.11 27.19
N ASP BB 448 -108.26 -39.98 26.27
CA ASP BB 448 -107.43 -40.32 25.13
C ASP BB 448 -107.19 -39.10 24.24
N THR BB 449 -108.25 -38.34 23.96
CA THR BB 449 -108.09 -37.13 23.14
C THR BB 449 -107.14 -36.14 23.80
N ALA BB 450 -107.28 -35.96 25.11
CA ALA BB 450 -106.45 -34.99 25.82
C ALA BB 450 -104.98 -35.42 25.78
N ARG BB 451 -104.71 -36.69 26.09
CA ARG BB 451 -103.33 -37.17 26.05
C ARG BB 451 -102.77 -37.11 24.63
N ALA BB 452 -103.60 -37.38 23.63
CA ALA BB 452 -103.14 -37.28 22.25
C ALA BB 452 -102.75 -35.85 21.91
N THR BB 453 -103.56 -34.89 22.33
CA THR BB 453 -103.26 -33.48 22.04
C THR BB 453 -102.00 -33.05 22.78
N GLN BB 454 -101.82 -33.50 24.03
CA GLN BB 454 -100.61 -33.16 24.77
C GLN BB 454 -99.37 -33.76 24.10
N LYS BB 455 -99.45 -35.01 23.68
CA LYS BB 455 -98.37 -35.63 22.92
C LYS BB 455 -98.05 -34.82 21.68
N LEU BB 456 -99.09 -34.46 20.92
CA LEU BB 456 -98.89 -33.68 19.70
C LEU BB 456 -98.18 -32.36 20.00
N LEU BB 457 -98.60 -31.67 21.07
CA LEU BB 457 -98.02 -30.36 21.35
C LEU BB 457 -96.60 -30.46 21.89
N GLN BB 458 -96.30 -31.52 22.64
CA GLN BB 458 -94.91 -31.76 23.05
C GLN BB 458 -94.02 -32.04 21.83
N ASP BB 459 -94.52 -32.87 20.91
CA ASP BB 459 -93.77 -33.15 19.70
C ASP BB 459 -93.55 -31.89 18.88
N TYR BB 460 -94.59 -31.06 18.75
CA TYR BB 460 -94.43 -29.80 18.03
C TYR BB 460 -93.48 -28.85 18.73
N LYS BB 461 -93.45 -28.86 20.07
CA LYS BB 461 -92.48 -28.04 20.79
C LYS BB 461 -91.06 -28.48 20.47
N SER BB 462 -90.81 -29.79 20.54
CA SER BB 462 -89.48 -30.30 20.20
C SER BB 462 -89.11 -29.98 18.75
N LEU BB 463 -90.06 -30.16 17.83
CA LEU BB 463 -89.83 -29.82 16.43
C LEU BB 463 -89.54 -28.34 16.26
N GLN BB 464 -90.17 -27.48 17.07
CA GLN BB 464 -89.85 -26.05 17.02
C GLN BB 464 -88.44 -25.78 17.51
N ASP BB 465 -88.05 -26.43 18.60
CA ASP BB 465 -86.68 -26.26 19.11
C ASP BB 465 -85.66 -26.72 18.09
N ILE BB 466 -86.01 -27.72 17.27
CA ILE BB 466 -85.09 -28.19 16.23
C ILE BB 466 -85.09 -27.24 15.04
N ILE BB 467 -86.27 -26.87 14.56
CA ILE BB 467 -86.41 -25.97 13.41
C ILE BB 467 -85.76 -24.62 13.69
N ALA BB 468 -85.68 -24.23 14.95
CA ALA BB 468 -84.95 -23.01 15.30
C ALA BB 468 -83.49 -23.07 14.87
N ILE BB 469 -82.94 -24.26 14.65
CA ILE BB 469 -81.52 -24.45 14.43
C ILE BB 469 -81.30 -24.99 13.03
N LEU BB 470 -81.91 -26.13 12.73
CA LEU BB 470 -81.70 -26.83 11.47
C LEU BB 470 -82.58 -26.32 10.33
N GLY BB 471 -83.49 -25.38 10.61
CA GLY BB 471 -84.40 -24.92 9.58
C GLY BB 471 -85.50 -25.93 9.28
N MET BB 472 -86.61 -25.46 8.71
CA MET BB 472 -87.76 -26.32 8.44
C MET BB 472 -87.68 -26.99 7.08
N ASP BB 473 -86.48 -27.15 6.52
CA ASP BB 473 -86.28 -27.93 5.30
C ASP BB 473 -85.88 -29.36 5.57
N GLU BB 474 -85.33 -29.66 6.75
CA GLU BB 474 -84.81 -30.98 7.08
C GLU BB 474 -85.86 -31.88 7.73
N LEU BB 475 -87.15 -31.59 7.52
CA LEU BB 475 -88.22 -32.31 8.18
C LEU BB 475 -88.79 -33.37 7.25
N SER BB 476 -89.15 -34.51 7.81
CA SER BB 476 -89.87 -35.52 7.05
C SER BB 476 -91.32 -35.07 6.81
N GLU BB 477 -92.05 -35.88 6.05
CA GLU BB 477 -93.45 -35.57 5.79
C GLU BB 477 -94.28 -35.78 7.04
N GLU BB 478 -93.97 -36.82 7.82
CA GLU BB 478 -94.71 -37.03 9.07
C GLU BB 478 -94.42 -35.92 10.07
N ASP BB 479 -93.20 -35.38 10.07
CA ASP BB 479 -92.88 -34.27 10.95
C ASP BB 479 -93.62 -33.01 10.53
N LYS BB 480 -93.69 -32.74 9.22
CA LYS BB 480 -94.46 -31.58 8.78
C LYS BB 480 -95.95 -31.76 9.03
N LEU BB 481 -96.45 -32.99 8.94
CA LEU BB 481 -97.84 -33.26 9.31
C LEU BB 481 -98.07 -32.98 10.79
N VAL BB 482 -97.16 -33.44 11.65
CA VAL BB 482 -97.27 -33.15 13.08
C VAL BB 482 -97.26 -31.65 13.34
N VAL BB 483 -96.37 -30.92 12.68
CA VAL BB 483 -96.31 -29.47 12.86
C VAL BB 483 -97.61 -28.83 12.43
N SER BB 484 -98.15 -29.25 11.28
CA SER BB 484 -99.39 -28.69 10.77
C SER BB 484 -100.53 -28.94 11.74
N ARG BB 485 -100.71 -30.20 12.16
CA ARG BB 485 -101.78 -30.51 13.10
C ARG BB 485 -101.61 -29.75 14.42
N ALA BB 486 -100.37 -29.56 14.87
CA ALA BB 486 -100.15 -28.88 16.14
C ALA BB 486 -100.53 -27.41 16.04
N ARG BB 487 -100.11 -26.74 14.96
CA ARG BB 487 -100.50 -25.34 14.79
C ARG BB 487 -102.00 -25.21 14.59
N LYS BB 488 -102.59 -26.19 13.90
CA LYS BB 488 -104.02 -26.19 13.63
C LYS BB 488 -104.83 -26.33 14.91
N ILE BB 489 -104.40 -27.20 15.83
CA ILE BB 489 -105.16 -27.35 17.07
C ILE BB 489 -104.86 -26.19 18.02
N GLN BB 490 -103.63 -25.68 18.00
CA GLN BB 490 -103.28 -24.52 18.82
C GLN BB 490 -104.08 -23.30 18.41
N ARG BB 491 -104.49 -23.22 17.14
CA ARG BB 491 -105.32 -22.10 16.70
C ARG BB 491 -106.81 -22.43 16.73
N PHE BB 492 -107.16 -23.71 16.74
CA PHE BB 492 -108.56 -24.10 16.94
C PHE BB 492 -109.00 -23.78 18.36
N LEU BB 493 -108.12 -23.99 19.34
CA LEU BB 493 -108.52 -23.83 20.74
C LEU BB 493 -108.88 -22.38 21.05
N SER BB 494 -108.34 -21.42 20.31
CA SER BB 494 -108.76 -20.04 20.45
C SER BB 494 -110.22 -19.86 20.04
N GLN BB 495 -110.88 -18.90 20.66
CA GLN BB 495 -112.28 -18.60 20.38
C GLN BB 495 -112.57 -17.16 20.79
N PRO BB 496 -113.64 -16.57 20.29
CA PRO BB 496 -114.03 -15.22 20.70
C PRO BB 496 -114.78 -15.25 22.03
N PHE BB 497 -115.23 -14.07 22.48
CA PHE BB 497 -115.96 -13.98 23.73
C PHE BB 497 -117.19 -13.08 23.58
N THR BB 498 -118.27 -13.48 24.26
CA THR BB 498 -119.49 -12.69 24.22
C THR BB 498 -119.24 -11.30 24.79
N VAL BB 499 -118.31 -11.19 25.73
CA VAL BB 499 -118.09 -9.92 26.39
C VAL BB 499 -117.09 -9.10 25.58
N ALA BB 500 -116.15 -9.76 24.92
CA ALA BB 500 -115.23 -9.04 24.05
C ALA BB 500 -115.92 -8.58 22.77
N GLU BB 501 -117.16 -9.01 22.54
CA GLU BB 501 -117.92 -8.50 21.40
C GLU BB 501 -117.88 -6.97 21.35
N VAL BB 502 -118.17 -6.33 22.49
CA VAL BB 502 -118.26 -4.87 22.55
C VAL BB 502 -116.93 -4.20 22.29
N PHE BB 503 -115.81 -4.90 22.54
CA PHE BB 503 -114.49 -4.37 22.25
C PHE BB 503 -114.02 -4.66 20.83
N THR BB 504 -114.60 -5.67 20.17
CA THR BB 504 -114.03 -6.15 18.91
C THR BB 504 -115.11 -6.23 17.84
N GLY BB 505 -116.36 -6.40 18.25
CA GLY BB 505 -117.46 -6.58 17.33
C GLY BB 505 -117.75 -8.02 16.98
N LYS BB 506 -116.72 -8.85 16.92
CA LYS BB 506 -116.91 -10.26 16.65
C LYS BB 506 -117.73 -10.88 17.77
N PRO BB 507 -118.79 -11.63 17.46
CA PRO BB 507 -119.73 -12.07 18.49
C PRO BB 507 -119.15 -13.26 19.25
N GLY BB 508 -119.94 -13.77 20.19
CA GLY BB 508 -119.52 -14.86 21.05
C GLY BB 508 -120.00 -16.21 20.54
N ARG BB 509 -119.19 -17.22 20.81
CA ARG BB 509 -119.44 -18.57 20.33
C ARG BB 509 -119.31 -19.54 21.51
N PHE BB 510 -120.42 -20.21 21.83
CA PHE BB 510 -120.44 -21.27 22.82
C PHE BB 510 -120.13 -22.59 22.13
N VAL BB 511 -119.25 -23.38 22.73
CA VAL BB 511 -118.76 -24.64 22.16
C VAL BB 511 -118.88 -25.69 23.25
N GLU BB 512 -119.77 -26.65 23.03
CA GLU BB 512 -119.89 -27.82 23.88
C GLU BB 512 -118.69 -28.76 23.75
N LEU BB 513 -118.61 -29.66 24.74
CA LEU BB 513 -117.44 -30.51 24.93
C LEU BB 513 -117.50 -31.67 23.95
N PRO BB 514 -118.65 -32.30 23.70
CA PRO BB 514 -118.67 -33.33 22.65
C PRO BB 514 -118.21 -32.76 21.31
N GLU BB 515 -118.66 -31.55 20.99
CA GLU BB 515 -118.24 -30.89 19.75
C GLU BB 515 -116.73 -30.69 19.72
N THR BB 516 -116.16 -30.22 20.84
CA THR BB 516 -114.72 -30.03 20.90
C THR BB 516 -113.98 -31.37 20.75
N ILE BB 517 -114.52 -32.42 21.38
CA ILE BB 517 -113.88 -33.73 21.33
C ILE BB 517 -113.88 -34.26 19.90
N LYS BB 518 -115.01 -34.17 19.22
CA LYS BB 518 -115.08 -34.59 17.81
C LYS BB 518 -114.11 -33.79 16.95
N SER BB 519 -114.04 -32.47 17.15
CA SER BB 519 -113.16 -31.66 16.33
C SER BB 519 -111.70 -32.05 16.57
N ALA BB 520 -111.32 -32.29 17.82
CA ALA BB 520 -109.95 -32.69 18.12
C ALA BB 520 -109.65 -34.08 17.57
N GLN BB 521 -110.62 -34.99 17.66
CA GLN BB 521 -110.46 -36.30 17.04
C GLN BB 521 -110.15 -36.17 15.57
N THR BB 522 -110.97 -35.42 14.82
CA THR BB 522 -110.75 -35.28 13.39
C THR BB 522 -109.40 -34.63 13.09
N ILE BB 523 -109.06 -33.57 13.84
CA ILE BB 523 -107.80 -32.87 13.61
C ILE BB 523 -106.62 -33.77 13.89
N LEU BB 524 -106.76 -34.72 14.82
CA LEU BB 524 -105.64 -35.59 15.11
C LEU BB 524 -105.62 -36.78 14.17
N ARG BB 525 -106.80 -37.20 13.71
CA ARG BB 525 -106.89 -38.25 12.70
C ARG BB 525 -106.26 -37.81 11.40
N GLY BB 526 -106.12 -36.50 11.18
CA GLY BB 526 -105.63 -36.04 9.90
C GLY BB 526 -106.69 -35.76 8.85
N GLU BB 527 -107.98 -35.82 9.21
CA GLU BB 527 -109.02 -35.56 8.22
C GLU BB 527 -108.93 -34.12 7.70
N CYS BB 528 -108.84 -33.15 8.60
CA CYS BB 528 -108.92 -31.74 8.20
C CYS BB 528 -107.56 -31.13 7.90
N ASP BB 529 -106.59 -31.95 7.49
CA ASP BB 529 -105.30 -31.41 7.08
C ASP BB 529 -105.35 -30.69 5.73
N ASP BB 530 -106.43 -30.88 4.96
CA ASP BB 530 -106.61 -30.14 3.72
C ASP BB 530 -107.13 -28.72 3.94
N LEU BB 531 -107.53 -28.39 5.17
CA LEU BB 531 -107.93 -27.03 5.49
C LEU BB 531 -106.69 -26.13 5.56
N PRO BB 532 -106.89 -24.81 5.51
CA PRO BB 532 -105.75 -23.90 5.71
C PRO BB 532 -105.54 -23.56 7.17
N GLU BB 533 -104.51 -22.77 7.45
CA GLU BB 533 -104.16 -22.49 8.84
C GLU BB 533 -105.12 -21.49 9.47
N MET BB 534 -105.28 -20.32 8.86
CA MET BB 534 -106.04 -19.25 9.49
C MET BB 534 -107.55 -19.52 9.55
N ALA BB 535 -108.05 -20.62 8.99
CA ALA BB 535 -109.46 -20.91 9.18
C ALA BB 535 -109.73 -21.36 10.62
N PHE BB 536 -108.76 -22.04 11.21
CA PHE BB 536 -108.90 -22.50 12.60
C PHE BB 536 -108.89 -21.32 13.56
N TYR BB 537 -108.06 -20.33 13.30
CA TYR BB 537 -107.91 -19.20 14.20
C TYR BB 537 -109.23 -18.43 14.33
N MET BB 538 -109.55 -18.08 15.58
CA MET BB 538 -110.73 -17.27 15.88
C MET BB 538 -112.00 -17.91 15.30
N CYS BB 539 -112.08 -19.24 15.41
CA CYS BB 539 -113.23 -20.01 14.99
C CYS BB 539 -113.68 -20.88 16.15
N GLY BB 540 -114.97 -21.24 16.15
CA GLY BB 540 -115.52 -22.00 17.26
C GLY BB 540 -116.21 -23.31 16.90
N GLY BB 541 -115.69 -24.00 15.91
CA GLY BB 541 -116.29 -25.25 15.46
C GLY BB 541 -115.98 -25.53 14.01
N LEU BB 542 -116.07 -26.81 13.63
CA LEU BB 542 -115.66 -27.20 12.29
C LEU BB 542 -116.59 -26.61 11.24
N GLU BB 543 -117.87 -26.43 11.57
CA GLU BB 543 -118.79 -25.81 10.63
C GLU BB 543 -118.31 -24.43 10.23
N GLU BB 544 -118.04 -23.57 11.23
CA GLU BB 544 -117.56 -22.23 10.95
C GLU BB 544 -116.18 -22.25 10.31
N VAL BB 545 -115.34 -23.22 10.65
CA VAL BB 545 -114.02 -23.28 10.06
C VAL BB 545 -114.12 -23.58 8.56
N ARG BB 546 -114.90 -24.60 8.20
CA ARG BB 546 -115.07 -24.92 6.79
C ARG BB 546 -115.77 -23.80 6.04
N SER BB 547 -116.70 -23.10 6.69
CA SER BB 547 -117.33 -21.96 6.02
C SER BB 547 -116.32 -20.84 5.77
N LYS BB 548 -115.50 -20.53 6.78
CA LYS BB 548 -114.46 -19.52 6.61
C LYS BB 548 -113.48 -19.91 5.52
N ALA BB 549 -113.13 -21.20 5.43
CA ALA BB 549 -112.22 -21.64 4.38
C ALA BB 549 -112.86 -21.52 3.01
N VAL BB 550 -114.15 -21.89 2.91
CA VAL BB 550 -114.88 -21.70 1.66
C VAL BB 550 -114.87 -20.25 1.24
N LYS BB 551 -114.97 -19.33 2.20
CA LYS BB 551 -115.07 -17.92 1.85
C LYS BB 551 -113.71 -17.27 1.63
N MET BB 552 -112.66 -17.82 2.24
CA MET BB 552 -111.29 -17.33 2.03
C MET BB 552 -110.69 -17.89 0.76
N ALA BB 553 -111.24 -18.99 0.22
CA ALA BB 553 -110.81 -19.46 -1.09
C ALA BB 553 -111.08 -18.41 -2.16
N GLN BB 554 -112.06 -17.55 -1.96
CA GLN BB 554 -112.41 -16.53 -2.94
C GLN BB 554 -111.50 -15.32 -2.80
N ASN CB 80 -88.17 -38.88 103.45
CA ASN CB 80 -88.95 -37.67 103.67
C ASN CB 80 -90.18 -37.64 102.76
N HIS CB 81 -91.30 -37.18 103.31
CA HIS CB 81 -92.53 -37.08 102.54
C HIS CB 81 -92.65 -35.71 101.89
N GLY CB 82 -93.31 -35.68 100.74
CA GLY CB 82 -93.53 -34.46 100.00
C GLY CB 82 -94.85 -34.54 99.25
N ARG CB 83 -95.25 -33.40 98.70
CA ARG CB 83 -96.52 -33.26 98.00
C ARG CB 83 -96.27 -32.76 96.59
N ILE CB 84 -97.05 -33.25 95.64
CA ILE CB 84 -97.01 -32.70 94.29
C ILE CB 84 -97.80 -31.40 94.26
N THR CB 85 -97.23 -30.36 93.66
CA THR CB 85 -97.91 -29.08 93.49
C THR CB 85 -98.23 -28.75 92.04
N GLN CB 86 -97.42 -29.21 91.10
CA GLN CB 86 -97.59 -28.82 89.70
C GLN CB 86 -97.00 -29.90 88.80
N VAL CB 87 -97.63 -30.10 87.65
CA VAL CB 87 -97.23 -31.13 86.69
C VAL CB 87 -97.29 -30.53 85.29
N ILE CB 88 -96.18 -30.61 84.56
CA ILE CB 88 -96.09 -30.16 83.18
C ILE CB 88 -95.39 -31.25 82.38
N GLY CB 89 -96.17 -32.11 81.73
CA GLY CB 89 -95.62 -33.17 80.92
C GLY CB 89 -94.71 -34.13 81.65
N ALA CB 90 -93.41 -34.06 81.34
CA ALA CB 90 -92.40 -34.91 81.95
C ALA CB 90 -91.65 -34.20 83.08
N VAL CB 91 -92.27 -33.20 83.69
CA VAL CB 91 -91.66 -32.42 84.77
C VAL CB 91 -92.66 -32.33 85.91
N VAL CB 92 -92.15 -32.39 87.14
CA VAL CB 92 -92.98 -32.47 88.34
C VAL CB 92 -92.38 -31.57 89.40
N ASP CB 93 -93.19 -30.68 89.95
CA ASP CB 93 -92.77 -29.80 91.03
C ASP CB 93 -93.34 -30.28 92.36
N VAL CB 94 -92.45 -30.44 93.34
CA VAL CB 94 -92.75 -31.12 94.59
C VAL CB 94 -92.41 -30.16 95.72
N HIS CB 95 -93.10 -30.32 96.84
CA HIS CB 95 -92.94 -29.45 97.99
C HIS CB 95 -92.72 -30.33 99.22
N PHE CB 96 -91.56 -30.17 99.85
CA PHE CB 96 -91.24 -30.81 101.11
C PHE CB 96 -91.37 -29.80 102.25
N ASP CB 97 -91.71 -30.30 103.43
CA ASP CB 97 -91.93 -29.45 104.60
C ASP CB 97 -90.67 -29.31 105.45
N GLU CB 98 -90.15 -30.44 105.95
CA GLU CB 98 -89.07 -30.40 106.92
C GLU CB 98 -87.71 -30.21 106.24
N GLN CB 99 -87.33 -31.15 105.37
CA GLN CB 99 -85.96 -31.22 104.86
C GLN CB 99 -86.00 -31.61 103.39
N LEU CB 100 -85.16 -30.95 102.59
CA LEU CB 100 -85.14 -31.17 101.15
C LEU CB 100 -84.26 -32.36 100.81
N PRO CB 101 -84.44 -32.94 99.62
CA PRO CB 101 -83.47 -33.89 99.10
C PRO CB 101 -82.45 -33.19 98.23
N PRO CB 102 -81.21 -33.70 98.17
CA PRO CB 102 -80.24 -33.14 97.22
C PRO CB 102 -80.62 -33.41 95.78
N ILE CB 103 -79.78 -32.98 94.84
CA ILE CB 103 -80.06 -33.16 93.43
C ILE CB 103 -79.62 -34.56 93.00
N LEU CB 104 -80.28 -35.08 91.96
CA LEU CB 104 -80.09 -36.42 91.41
C LEU CB 104 -80.75 -37.50 92.28
N ASN CB 105 -81.33 -37.14 93.43
CA ASN CB 105 -81.95 -38.15 94.27
C ASN CB 105 -83.26 -38.65 93.67
N SER CB 106 -83.63 -39.86 94.07
CA SER CB 106 -84.83 -40.50 93.56
C SER CB 106 -86.00 -40.35 94.52
N LEU CB 107 -87.19 -40.21 93.95
CA LEU CB 107 -88.43 -40.07 94.68
C LEU CB 107 -89.47 -41.01 94.09
N GLU CB 108 -90.27 -41.62 94.95
CA GLU CB 108 -91.29 -42.57 94.55
C GLU CB 108 -92.65 -41.95 94.79
N VAL CB 109 -93.51 -41.98 93.77
CA VAL CB 109 -94.87 -41.47 93.92
C VAL CB 109 -95.76 -42.59 94.43
N GLN CB 110 -96.62 -42.26 95.40
CA GLN CB 110 -97.34 -43.28 96.17
C GLN CB 110 -98.77 -43.48 95.67
N GLY CB 111 -99.54 -42.41 95.53
CA GLY CB 111 -100.90 -42.54 95.05
C GLY CB 111 -100.98 -42.71 93.55
N HIS CB 112 -100.42 -43.82 93.05
CA HIS CB 112 -100.31 -44.04 91.62
C HIS CB 112 -100.35 -45.54 91.34
N THR CB 113 -100.81 -45.88 90.13
CA THR CB 113 -100.95 -47.28 89.76
C THR CB 113 -99.59 -47.97 89.74
N ASN CB 114 -98.70 -47.53 88.86
CA ASN CB 114 -97.41 -48.15 88.68
C ASN CB 114 -96.41 -47.56 89.68
N ARG CB 115 -95.13 -47.90 89.51
CA ARG CB 115 -94.06 -47.35 90.34
C ARG CB 115 -93.46 -46.17 89.58
N LEU CB 116 -94.05 -45.00 89.77
CA LEU CB 116 -93.52 -43.79 89.16
C LEU CB 116 -92.36 -43.26 89.99
N VAL CB 117 -91.23 -43.04 89.31
CA VAL CB 117 -90.00 -42.56 89.92
C VAL CB 117 -89.65 -41.20 89.32
N LEU CB 118 -89.22 -40.30 90.19
CA LEU CB 118 -88.82 -38.95 89.81
C LEU CB 118 -87.37 -38.73 90.22
N GLU CB 119 -86.61 -38.08 89.35
CA GLU CB 119 -85.21 -37.78 89.59
C GLU CB 119 -85.09 -36.28 89.76
N VAL CB 120 -84.56 -35.83 90.90
CA VAL CB 120 -84.45 -34.41 91.16
C VAL CB 120 -83.44 -33.78 90.21
N ALA CB 121 -83.72 -32.56 89.77
CA ALA CB 121 -82.89 -31.84 88.83
C ALA CB 121 -82.51 -30.44 89.31
N GLN CB 122 -83.41 -29.75 89.99
CA GLN CB 122 -83.21 -28.36 90.37
C GLN CB 122 -83.79 -28.10 91.75
N HIS CB 123 -83.38 -26.96 92.33
CA HIS CB 123 -84.04 -26.38 93.48
C HIS CB 123 -84.49 -24.97 93.13
N LEU CB 124 -85.62 -24.55 93.71
CA LEU CB 124 -86.30 -23.34 93.28
C LEU CB 124 -86.68 -22.40 94.42
N GLY CB 125 -86.52 -22.80 95.68
CA GLY CB 125 -86.97 -21.99 96.79
C GLY CB 125 -88.38 -22.35 97.25
N GLU CB 126 -88.74 -21.84 98.43
CA GLU CB 126 -89.98 -22.21 99.09
C GLU CB 126 -90.01 -23.70 99.41
N ASN CB 127 -88.85 -24.29 99.60
CA ASN CB 127 -88.72 -25.74 99.83
C ASN CB 127 -89.34 -26.50 98.66
N THR CB 128 -89.16 -25.99 97.45
CA THR CB 128 -89.70 -26.60 96.24
C THR CB 128 -88.58 -27.25 95.45
N VAL CB 129 -88.94 -28.31 94.72
CA VAL CB 129 -87.97 -29.15 94.03
C VAL CB 129 -88.56 -29.53 92.68
N ARG CB 130 -87.73 -29.52 91.64
CA ARG CB 130 -88.15 -29.89 90.31
C ARG CB 130 -87.55 -31.24 89.93
N THR CB 131 -88.34 -32.08 89.28
CA THR CB 131 -87.98 -33.47 89.05
C THR CB 131 -88.45 -33.89 87.67
N ILE CB 132 -87.80 -34.94 87.16
CA ILE CB 132 -88.12 -35.52 85.86
C ILE CB 132 -88.61 -36.94 86.08
N ALA CB 133 -89.70 -37.29 85.41
CA ALA CB 133 -90.40 -38.55 85.65
C ALA CB 133 -89.94 -39.62 84.68
N MET CB 134 -89.70 -40.82 85.22
CA MET CB 134 -89.29 -41.97 84.41
C MET CB 134 -90.47 -42.68 83.76
N ASP CB 135 -91.67 -42.12 83.85
CA ASP CB 135 -92.84 -42.69 83.20
C ASP CB 135 -93.87 -41.59 83.00
N ALA CB 136 -95.07 -41.97 82.59
CA ALA CB 136 -96.08 -41.01 82.17
C ALA CB 136 -96.80 -40.40 83.36
N THR CB 137 -97.17 -39.13 83.22
CA THR CB 137 -97.77 -38.36 84.30
C THR CB 137 -99.29 -38.36 84.24
N GLU CB 138 -99.90 -39.07 83.29
CA GLU CB 138 -101.35 -39.16 83.20
C GLU CB 138 -101.89 -39.89 84.43
N GLY CB 139 -102.65 -39.18 85.25
CA GLY CB 139 -103.19 -39.73 86.49
C GLY CB 139 -102.70 -39.04 87.74
N LEU CB 140 -101.69 -38.18 87.64
CA LEU CB 140 -101.17 -37.49 88.81
C LEU CB 140 -102.11 -36.37 89.23
N VAL CB 141 -102.01 -35.99 90.50
CA VAL CB 141 -102.92 -35.03 91.12
C VAL CB 141 -102.08 -34.05 91.94
N ARG CB 142 -102.51 -32.79 91.95
CA ARG CB 142 -101.85 -31.78 92.78
C ARG CB 142 -102.25 -32.03 94.23
N GLY CB 143 -101.39 -32.71 94.97
CA GLY CB 143 -101.69 -33.14 96.32
C GLY CB 143 -101.20 -34.54 96.59
N GLN CB 144 -100.88 -35.28 95.53
CA GLN CB 144 -100.38 -36.64 95.68
C GLN CB 144 -99.11 -36.63 96.53
N LYS CB 145 -98.78 -37.81 97.07
CA LYS CB 145 -97.68 -37.95 98.02
C LYS CB 145 -96.47 -38.63 97.39
N VAL CB 146 -95.29 -38.18 97.82
CA VAL CB 146 -94.01 -38.58 97.25
C VAL CB 146 -93.08 -38.90 98.40
N VAL CB 147 -92.23 -39.91 98.23
CA VAL CB 147 -91.31 -40.37 99.26
C VAL CB 147 -89.90 -40.28 98.70
N ASP CB 148 -88.99 -39.70 99.47
CA ASP CB 148 -87.60 -39.57 99.04
C ASP CB 148 -86.82 -40.81 99.48
N THR CB 149 -86.11 -41.43 98.52
CA THR CB 149 -85.34 -42.62 98.84
C THR CB 149 -84.01 -42.30 99.49
N GLY CB 150 -83.57 -41.05 99.47
CA GLY CB 150 -82.34 -40.65 100.11
C GLY CB 150 -81.09 -40.86 99.28
N ALA CB 151 -81.21 -41.51 98.13
CA ALA CB 151 -80.07 -41.77 97.26
C ALA CB 151 -80.57 -41.74 95.82
N PRO CB 152 -79.67 -41.62 94.84
CA PRO CB 152 -80.12 -41.65 93.45
C PRO CB 152 -80.65 -43.01 93.04
N ILE CB 153 -81.02 -43.16 91.77
CA ILE CB 153 -81.51 -44.44 91.29
C ILE CB 153 -80.40 -45.48 91.41
N GLN CB 154 -80.78 -46.70 91.80
CA GLN CB 154 -79.83 -47.76 92.08
C GLN CB 154 -80.16 -48.95 91.18
N VAL CB 155 -79.17 -49.38 90.40
CA VAL CB 155 -79.30 -50.51 89.49
C VAL CB 155 -78.47 -51.67 90.05
N PRO CB 156 -78.98 -52.89 90.05
CA PRO CB 156 -78.17 -54.01 90.54
C PRO CB 156 -77.00 -54.30 89.60
N VAL CB 157 -75.98 -54.92 90.17
CA VAL CB 157 -74.76 -55.27 89.44
C VAL CB 157 -74.26 -56.62 89.93
N GLY CB 158 -73.43 -57.25 89.11
CA GLY CB 158 -72.90 -58.55 89.39
C GLY CB 158 -72.87 -59.38 88.12
N VAL CB 159 -72.58 -60.67 88.28
CA VAL CB 159 -72.74 -61.61 87.18
C VAL CB 159 -74.18 -62.06 87.01
N GLU CB 160 -75.11 -61.53 87.80
CA GLU CB 160 -76.51 -61.88 87.68
C GLU CB 160 -77.26 -61.00 86.69
N THR CB 161 -76.72 -59.80 86.39
CA THR CB 161 -77.27 -58.99 85.32
C THR CB 161 -76.95 -59.54 83.94
N LEU CB 162 -75.97 -60.45 83.85
CA LEU CB 162 -75.61 -61.00 82.55
C LEU CB 162 -76.74 -61.85 81.99
N GLY CB 163 -76.89 -61.82 80.67
CA GLY CB 163 -77.95 -62.58 80.04
C GLY CB 163 -79.32 -62.09 80.41
N ARG CB 164 -79.49 -60.78 80.59
CA ARG CB 164 -80.74 -60.25 81.11
C ARG CB 164 -80.94 -58.81 80.63
N ILE CB 165 -82.22 -58.47 80.45
CA ILE CB 165 -82.65 -57.12 80.08
C ILE CB 165 -83.03 -56.38 81.35
N MET CB 166 -82.82 -55.07 81.35
CA MET CB 166 -83.09 -54.25 82.51
C MET CB 166 -83.40 -52.83 82.06
N ASN CB 167 -84.52 -52.29 82.51
CA ASN CB 167 -84.88 -50.92 82.17
C ASN CB 167 -84.04 -49.96 83.00
N VAL CB 168 -84.34 -48.67 82.91
CA VAL CB 168 -83.50 -47.65 83.54
C VAL CB 168 -83.50 -47.79 85.06
N ILE CB 169 -84.61 -48.24 85.65
CA ILE CB 169 -84.71 -48.32 87.09
C ILE CB 169 -84.30 -49.71 87.58
N GLY CB 170 -83.65 -50.49 86.71
CA GLY CB 170 -83.16 -51.80 87.09
C GLY CB 170 -84.18 -52.90 87.03
N GLU CB 171 -85.47 -52.57 86.97
CA GLU CB 171 -86.51 -53.58 86.92
C GLU CB 171 -86.36 -54.43 85.66
N PRO CB 172 -86.27 -55.76 85.77
CA PRO CB 172 -86.20 -56.58 84.56
C PRO CB 172 -87.55 -56.62 83.85
N VAL CB 173 -87.49 -56.62 82.53
CA VAL CB 173 -88.68 -56.73 81.69
C VAL CB 173 -88.54 -57.92 80.75
N ASP CB 174 -87.78 -58.93 81.19
CA ASP CB 174 -87.66 -60.18 80.45
C ASP CB 174 -88.73 -61.19 80.81
N GLU CB 175 -89.52 -60.94 81.86
CA GLU CB 175 -90.53 -61.87 82.35
C GLU CB 175 -89.91 -63.24 82.62
N CYS CB 176 -88.89 -63.22 83.48
CA CYS CB 176 -88.20 -64.44 83.87
C CYS CB 176 -87.88 -64.45 85.36
N GLY CB 177 -88.39 -63.48 86.13
CA GLY CB 177 -88.13 -63.39 87.55
C GLY CB 177 -87.40 -62.11 87.89
N PRO CB 178 -87.08 -61.93 89.17
CA PRO CB 178 -86.32 -60.75 89.58
C PRO CB 178 -84.82 -60.93 89.43
N VAL CB 179 -84.05 -59.87 89.68
CA VAL CB 179 -82.60 -59.89 89.55
C VAL CB 179 -82.02 -60.14 90.94
N PRO CB 180 -81.52 -61.35 91.24
CA PRO CB 180 -81.01 -61.62 92.60
C PRO CB 180 -79.55 -61.24 92.77
N ALA CB 181 -79.28 -59.94 92.64
CA ALA CB 181 -77.93 -59.41 92.75
C ALA CB 181 -77.71 -58.83 94.15
N LYS CB 182 -76.49 -59.01 94.67
CA LYS CB 182 -76.18 -58.55 96.02
C LYS CB 182 -76.10 -57.03 96.07
N LYS CB 183 -75.29 -56.44 95.19
CA LYS CB 183 -74.92 -55.04 95.27
C LYS CB 183 -75.63 -54.24 94.18
N THR CB 184 -75.92 -52.98 94.50
CA THR CB 184 -76.49 -52.03 93.55
C THR CB 184 -75.57 -50.83 93.40
N TYR CB 185 -75.47 -50.33 92.18
CA TYR CB 185 -74.66 -49.16 91.85
C TYR CB 185 -75.58 -47.99 91.50
N SER CB 186 -75.06 -46.78 91.73
CA SER CB 186 -75.79 -45.57 91.37
C SER CB 186 -75.70 -45.31 89.88
N ILE CB 187 -76.79 -44.77 89.32
CA ILE CB 187 -76.79 -44.39 87.91
C ILE CB 187 -75.78 -43.29 87.65
N HIS CB 188 -75.50 -42.46 88.65
CA HIS CB 188 -74.66 -41.28 88.49
C HIS CB 188 -73.36 -41.49 89.24
N ARG CB 189 -72.24 -41.47 88.52
CA ARG CB 189 -70.92 -41.63 89.10
C ARG CB 189 -69.98 -40.64 88.44
N ALA CB 190 -69.00 -40.17 89.21
CA ALA CB 190 -67.96 -39.31 88.66
C ALA CB 190 -66.98 -40.11 87.83
N ALA CB 191 -66.43 -39.46 86.81
CA ALA CB 191 -65.59 -40.16 85.84
C ALA CB 191 -64.24 -40.51 86.46
N PRO CB 192 -63.50 -41.44 85.85
CA PRO CB 192 -62.14 -41.71 86.33
C PRO CB 192 -61.22 -40.54 86.07
N LEU CB 193 -60.22 -40.41 86.94
CA LEU CB 193 -59.37 -39.24 86.95
C LEU CB 193 -58.38 -39.26 85.80
N PHE CB 194 -57.49 -38.27 85.76
CA PHE CB 194 -56.49 -38.18 84.70
C PHE CB 194 -55.44 -39.26 84.87
N ALA CB 195 -54.94 -39.45 86.10
CA ALA CB 195 -53.85 -40.40 86.31
C ALA CB 195 -54.29 -41.84 86.06
N ASP CB 196 -55.58 -42.14 86.28
CA ASP CB 196 -56.08 -43.50 86.09
C ASP CB 196 -56.65 -43.66 84.68
N GLN CB 197 -55.77 -43.43 83.70
CA GLN CB 197 -56.08 -43.65 82.30
C GLN CB 197 -54.91 -44.36 81.64
N SER CB 198 -55.22 -45.14 80.60
CA SER CB 198 -54.20 -45.94 79.91
C SER CB 198 -54.56 -45.98 78.43
N THR CB 199 -53.84 -45.20 77.62
CA THR CB 199 -54.07 -45.12 76.19
C THR CB 199 -53.03 -46.01 75.51
N GLU CB 200 -53.40 -47.28 75.32
CA GLU CB 200 -52.57 -48.25 74.62
C GLU CB 200 -53.16 -48.53 73.25
N PRO CB 201 -52.36 -48.49 72.18
CA PRO CB 201 -52.91 -48.66 70.82
C PRO CB 201 -53.08 -50.14 70.50
N GLY CB 202 -54.34 -50.55 70.33
CA GLY CB 202 -54.69 -51.87 69.84
C GLY CB 202 -55.60 -51.78 68.62
N LEU CB 203 -55.89 -52.94 68.05
CA LEU CB 203 -56.74 -53.03 66.88
C LEU CB 203 -57.82 -54.09 67.12
N LEU CB 204 -58.88 -53.98 66.32
CA LEU CB 204 -59.99 -54.91 66.35
C LEU CB 204 -60.08 -55.64 65.01
N GLN CB 205 -60.48 -56.91 65.05
CA GLN CB 205 -60.72 -57.69 63.85
C GLN CB 205 -62.22 -57.71 63.60
N THR CB 206 -62.68 -56.74 62.81
CA THR CB 206 -64.10 -56.62 62.51
C THR CB 206 -64.53 -57.53 61.38
N GLY CB 207 -63.62 -57.92 60.50
CA GLY CB 207 -63.96 -58.65 59.29
C GLY CB 207 -64.49 -57.80 58.16
N ILE CB 208 -64.57 -56.48 58.34
CA ILE CB 208 -65.05 -55.58 57.30
C ILE CB 208 -63.86 -54.88 56.66
N LYS CB 209 -63.91 -54.73 55.33
CA LYS CB 209 -62.75 -54.24 54.60
C LYS CB 209 -62.57 -52.74 54.84
N VAL CB 210 -63.65 -51.97 54.82
CA VAL CB 210 -63.51 -50.53 54.82
C VAL CB 210 -62.91 -50.08 56.14
N VAL CB 211 -63.37 -50.64 57.25
CA VAL CB 211 -62.87 -50.24 58.56
C VAL CB 211 -61.53 -50.91 58.85
N ASP CB 212 -61.33 -52.15 58.41
CA ASP CB 212 -60.03 -52.79 58.65
C ASP CB 212 -58.93 -52.10 57.86
N LEU CB 213 -59.25 -51.45 56.75
CA LEU CB 213 -58.25 -50.78 55.93
C LEU CB 213 -58.08 -49.31 56.30
N LEU CB 214 -59.17 -48.54 56.22
CA LEU CB 214 -59.08 -47.08 56.22
C LEU CB 214 -59.48 -46.44 57.54
N ALA CB 215 -60.14 -47.16 58.43
CA ALA CB 215 -60.56 -46.63 59.73
C ALA CB 215 -60.44 -47.72 60.78
N PRO CB 216 -59.22 -48.14 61.08
CA PRO CB 216 -59.04 -49.27 62.00
C PRO CB 216 -59.60 -48.96 63.38
N TYR CB 217 -60.31 -49.93 63.95
CA TYR CB 217 -60.99 -49.75 65.22
C TYR CB 217 -60.02 -50.05 66.36
N ALA CB 218 -60.16 -49.30 67.45
CA ALA CB 218 -59.19 -49.30 68.53
C ALA CB 218 -59.72 -50.16 69.67
N LYS CB 219 -58.99 -51.23 69.99
CA LYS CB 219 -59.32 -52.05 71.15
C LYS CB 219 -59.18 -51.24 72.42
N GLY CB 220 -60.28 -51.04 73.13
CA GLY CB 220 -60.27 -50.23 74.32
C GLY CB 220 -60.50 -48.76 74.07
N GLY CB 221 -61.14 -48.41 72.96
CA GLY CB 221 -61.42 -47.03 72.62
C GLY CB 221 -62.85 -46.87 72.12
N LYS CB 222 -63.20 -45.61 71.82
CA LYS CB 222 -64.52 -45.27 71.36
C LYS CB 222 -64.59 -45.28 69.83
N ILE CB 223 -65.72 -45.70 69.31
CA ILE CB 223 -65.96 -45.84 67.88
C ILE CB 223 -67.32 -45.23 67.61
N GLY CB 224 -67.44 -44.52 66.50
CA GLY CB 224 -68.68 -43.86 66.15
C GLY CB 224 -69.13 -44.24 64.76
N LEU CB 225 -70.45 -44.46 64.63
CA LEU CB 225 -71.10 -44.72 63.35
C LEU CB 225 -72.11 -43.60 63.16
N PHE CB 226 -71.75 -42.63 62.32
CA PHE CB 226 -72.60 -41.47 62.07
C PHE CB 226 -73.45 -41.73 60.84
N GLY CB 227 -74.74 -41.44 60.94
CA GLY CB 227 -75.59 -41.65 59.79
C GLY CB 227 -76.98 -41.10 59.98
N GLY CB 228 -77.68 -40.95 58.85
CA GLY CB 228 -79.06 -40.53 58.85
C GLY CB 228 -80.01 -41.67 59.15
N ALA CB 229 -81.08 -41.78 58.37
CA ALA CB 229 -82.09 -42.82 58.55
C ALA CB 229 -82.09 -43.71 57.32
N GLY CB 230 -81.84 -45.01 57.52
CA GLY CB 230 -81.88 -45.95 56.42
C GLY CB 230 -80.58 -46.06 55.66
N VAL CB 231 -79.46 -46.19 56.39
CA VAL CB 231 -78.14 -46.25 55.78
C VAL CB 231 -77.39 -47.48 56.28
N GLY CB 232 -77.88 -48.09 57.34
CA GLY CB 232 -77.39 -49.38 57.78
C GLY CB 232 -76.54 -49.32 59.04
N LYS CB 233 -76.97 -48.49 59.98
CA LYS CB 233 -76.28 -48.43 61.27
C LYS CB 233 -76.60 -49.67 62.08
N THR CB 234 -77.88 -50.01 62.20
CA THR CB 234 -78.25 -51.15 63.03
C THR CB 234 -77.69 -52.43 62.44
N VAL CB 235 -77.75 -52.56 61.11
CA VAL CB 235 -77.17 -53.72 60.45
C VAL CB 235 -75.67 -53.78 60.68
N LEU CB 236 -74.98 -52.63 60.63
CA LEU CB 236 -73.54 -52.64 60.86
C LEU CB 236 -73.23 -53.04 62.30
N ILE CB 237 -74.03 -52.56 63.25
CA ILE CB 237 -73.81 -52.93 64.65
C ILE CB 237 -74.07 -54.40 64.88
N MET CB 238 -75.11 -54.96 64.23
CA MET CB 238 -75.36 -56.39 64.37
C MET CB 238 -74.23 -57.21 63.78
N GLU CB 239 -73.66 -56.75 62.67
CA GLU CB 239 -72.51 -57.45 62.09
C GLU CB 239 -71.30 -57.37 63.00
N LEU CB 240 -71.04 -56.19 63.57
CA LEU CB 240 -69.91 -56.05 64.50
C LEU CB 240 -70.12 -56.91 65.73
N ILE CB 241 -71.36 -57.01 66.20
CA ILE CB 241 -71.66 -57.91 67.32
C ILE CB 241 -71.31 -59.35 66.93
N ASN CB 242 -71.80 -59.79 65.77
CA ASN CB 242 -71.55 -61.16 65.34
C ASN CB 242 -70.06 -61.45 65.18
N ASN CB 243 -69.28 -60.45 64.75
CA ASN CB 243 -67.89 -60.65 64.41
C ASN CB 243 -66.93 -60.33 65.54
N VAL CB 244 -67.42 -59.76 66.64
CA VAL CB 244 -66.57 -59.36 67.75
C VAL CB 244 -67.01 -60.06 69.04
N ALA CB 245 -68.26 -59.85 69.44
CA ALA CB 245 -68.69 -60.30 70.76
C ALA CB 245 -68.59 -61.80 70.89
N ASN CB 246 -69.02 -62.54 69.86
CA ASN CB 246 -68.87 -63.99 69.89
C ASN CB 246 -67.41 -64.41 69.98
N LYS CB 247 -66.51 -63.65 69.35
CA LYS CB 247 -65.08 -63.95 69.37
C LYS CB 247 -64.33 -63.08 70.38
N HIS CB 248 -64.99 -62.66 71.46
CA HIS CB 248 -64.41 -61.77 72.45
C HIS CB 248 -63.96 -62.50 73.71
N GLY CB 249 -64.85 -63.29 74.29
CA GLY CB 249 -64.56 -63.98 75.55
C GLY CB 249 -64.93 -63.19 76.79
N GLY CB 250 -64.58 -61.90 76.82
CA GLY CB 250 -64.95 -61.08 77.95
C GLY CB 250 -66.43 -60.77 77.97
N PHE CB 251 -66.83 -59.71 78.67
CA PHE CB 251 -68.24 -59.35 78.78
C PHE CB 251 -68.62 -58.29 77.74
N SER CB 252 -69.90 -57.91 77.78
CA SER CB 252 -70.42 -56.95 76.83
C SER CB 252 -71.77 -56.45 77.32
N VAL CB 253 -72.15 -55.29 76.79
CA VAL CB 253 -73.40 -54.62 77.13
C VAL CB 253 -73.97 -54.01 75.86
N PHE CB 254 -75.30 -53.99 75.78
CA PHE CB 254 -75.98 -53.32 74.69
C PHE CB 254 -77.05 -52.41 75.28
N ALA CB 255 -76.95 -51.12 74.95
CA ALA CB 255 -77.96 -50.14 75.31
C ALA CB 255 -78.72 -49.68 74.06
N GLY CB 256 -80.03 -49.58 74.21
CA GLY CB 256 -80.91 -49.07 73.18
C GLY CB 256 -81.62 -47.82 73.64
N VAL CB 257 -81.32 -46.67 73.04
CA VAL CB 257 -81.90 -45.40 73.43
C VAL CB 257 -82.72 -44.93 72.23
N GLY CB 258 -84.01 -45.21 72.27
CA GLY CB 258 -84.91 -44.92 71.17
C GLY CB 258 -84.55 -45.73 69.95
N GLU CB 259 -84.66 -47.05 70.07
CA GLU CB 259 -84.57 -47.98 68.95
C GLU CB 259 -85.84 -48.82 68.90
N ARG CB 260 -86.03 -49.50 67.78
CA ARG CB 260 -87.26 -50.26 67.60
C ARG CB 260 -87.31 -51.50 68.49
N THR CB 261 -88.45 -51.68 69.15
CA THR CB 261 -88.63 -52.84 70.01
C THR CB 261 -88.51 -54.13 69.20
N ARG CB 262 -88.93 -54.08 67.94
CA ARG CB 262 -88.76 -55.21 67.04
C ARG CB 262 -87.30 -55.67 67.01
N GLU CB 263 -86.38 -54.76 66.68
CA GLU CB 263 -84.98 -55.14 66.62
C GLU CB 263 -84.42 -55.48 68.00
N GLY CB 264 -85.01 -54.92 69.06
CA GLY CB 264 -84.60 -55.35 70.39
C GLY CB 264 -84.91 -56.81 70.65
N ASN CB 265 -86.15 -57.21 70.34
CA ASN CB 265 -86.53 -58.62 70.47
C ASN CB 265 -85.71 -59.50 69.53
N ASP CB 266 -85.41 -59.00 68.33
CA ASP CB 266 -84.59 -59.75 67.39
C ASP CB 266 -83.20 -59.99 67.95
N LEU CB 267 -82.60 -58.97 68.57
CA LEU CB 267 -81.29 -59.15 69.18
C LEU CB 267 -81.36 -60.14 70.34
N TYR CB 268 -82.41 -60.05 71.15
CA TYR CB 268 -82.56 -60.99 72.26
C TYR CB 268 -82.64 -62.42 71.75
N HIS CB 269 -83.39 -62.65 70.68
CA HIS CB 269 -83.55 -64.00 70.14
C HIS CB 269 -82.31 -64.47 69.40
N GLU CB 270 -81.61 -63.58 68.70
CA GLU CB 270 -80.36 -63.96 68.07
C GLU CB 270 -79.29 -64.29 69.09
N MET CB 271 -79.34 -63.66 70.26
CA MET CB 271 -78.37 -63.98 71.31
C MET CB 271 -78.72 -65.31 71.98
N MET CB 272 -80.00 -65.53 72.25
CA MET CB 272 -80.42 -66.83 72.77
C MET CB 272 -80.20 -67.95 71.76
N THR CB 273 -80.08 -67.59 70.46
CA THR CB 273 -79.75 -68.58 69.45
C THR CB 273 -78.26 -68.87 69.44
N THR CB 274 -77.45 -67.81 69.33
CA THR CB 274 -76.00 -67.95 69.17
C THR CB 274 -75.30 -68.29 70.46
N GLY CB 275 -76.02 -68.38 71.58
CA GLY CB 275 -75.40 -68.69 72.85
C GLY CB 275 -74.81 -67.53 73.60
N VAL CB 276 -74.91 -66.31 73.06
CA VAL CB 276 -74.48 -65.14 73.83
C VAL CB 276 -75.31 -65.02 75.08
N ILE CB 277 -76.58 -65.39 75.02
CA ILE CB 277 -77.45 -65.51 76.17
C ILE CB 277 -77.85 -66.97 76.30
N LYS CB 278 -77.67 -67.54 77.50
CA LYS CB 278 -77.89 -68.96 77.74
C LYS CB 278 -78.94 -69.08 78.84
N ARG CB 279 -80.20 -69.03 78.42
CA ARG CB 279 -81.34 -69.13 79.32
C ARG CB 279 -81.75 -70.58 79.47
N LYS CB 280 -81.97 -71.02 80.71
CA LYS CB 280 -82.40 -72.38 81.00
C LYS CB 280 -83.58 -72.31 81.95
N LYS CB 281 -84.67 -72.98 81.62
CA LYS CB 281 -85.90 -72.92 82.41
C LYS CB 281 -85.83 -74.02 83.45
N LEU CB 282 -85.38 -73.67 84.65
CA LEU CB 282 -85.50 -74.57 85.80
C LEU CB 282 -86.97 -74.90 86.05
N GLU CB 283 -87.18 -76.00 86.75
CA GLU CB 283 -88.52 -76.32 87.22
C GLU CB 283 -89.00 -75.24 88.19
N ASP CB 284 -90.31 -75.24 88.45
CA ASP CB 284 -90.94 -74.21 89.27
C ASP CB 284 -90.79 -72.84 88.64
N GLY CB 285 -90.70 -72.79 87.31
CA GLY CB 285 -90.67 -71.54 86.59
C GLY CB 285 -89.43 -70.69 86.78
N LYS CB 286 -88.43 -71.16 87.53
CA LYS CB 286 -87.22 -70.38 87.68
C LYS CB 286 -86.40 -70.39 86.40
N PHE CB 287 -85.33 -69.60 86.39
CA PHE CB 287 -84.47 -69.48 85.22
C PHE CB 287 -83.02 -69.42 85.64
N ASP CB 288 -82.15 -69.80 84.71
CA ASP CB 288 -80.71 -69.90 84.92
C ASP CB 288 -80.03 -69.34 83.68
N PHE CB 289 -79.61 -68.07 83.76
CA PHE CB 289 -78.90 -67.40 82.69
C PHE CB 289 -77.39 -67.60 82.79
N THR CB 290 -76.95 -68.59 83.55
CA THR CB 290 -75.52 -68.85 83.72
C THR CB 290 -74.89 -69.28 82.39
N GLY CB 291 -73.82 -68.59 82.02
CA GLY CB 291 -73.17 -68.79 80.74
C GLY CB 291 -73.31 -67.63 79.78
N SER CB 292 -74.10 -66.62 80.13
CA SER CB 292 -74.32 -65.48 79.25
C SER CB 292 -73.12 -64.54 79.27
N LYS CB 293 -72.97 -63.78 78.18
CA LYS CB 293 -71.83 -62.89 78.00
C LYS CB 293 -72.27 -61.53 77.46
N ALA CB 294 -73.49 -61.11 77.78
CA ALA CB 294 -74.01 -59.85 77.27
C ALA CB 294 -75.19 -59.40 78.13
N ALA CB 295 -75.12 -58.18 78.63
CA ALA CB 295 -76.25 -57.55 79.30
C ALA CB 295 -77.02 -56.68 78.33
N LEU CB 296 -78.24 -56.31 78.73
CA LEU CB 296 -79.12 -55.55 77.85
C LEU CB 296 -79.86 -54.49 78.65
N VAL CB 297 -79.85 -53.26 78.13
CA VAL CB 297 -80.58 -52.14 78.71
C VAL CB 297 -81.36 -51.48 77.59
N TYR CB 298 -82.66 -51.27 77.81
CA TYR CB 298 -83.55 -50.83 76.74
C TYR CB 298 -84.44 -49.73 77.28
N GLY CB 299 -84.23 -48.51 76.80
CA GLY CB 299 -85.21 -47.46 76.94
C GLY CB 299 -85.52 -46.98 75.54
N GLN CB 300 -86.73 -47.24 75.08
CA GLN CB 300 -87.02 -47.21 73.65
C GLN CB 300 -87.91 -46.01 73.32
N MET CB 301 -88.35 -45.97 72.06
CA MET CB 301 -89.11 -44.82 71.59
C MET CB 301 -90.41 -44.68 72.36
N ASN CB 302 -90.95 -45.79 72.88
CA ASN CB 302 -92.15 -45.76 73.69
C ASN CB 302 -91.82 -45.42 75.15
N GLU CB 303 -91.06 -44.34 75.36
CA GLU CB 303 -90.64 -43.96 76.70
C GLU CB 303 -90.52 -42.44 76.71
N PRO CB 304 -90.71 -41.80 77.86
CA PRO CB 304 -90.52 -40.35 77.93
C PRO CB 304 -89.06 -39.95 77.80
N PRO CB 305 -88.81 -38.64 77.72
CA PRO CB 305 -87.41 -38.19 77.66
C PRO CB 305 -86.65 -38.52 78.92
N GLY CB 306 -87.31 -38.44 80.08
CA GLY CB 306 -86.62 -38.75 81.32
C GLY CB 306 -86.21 -40.21 81.38
N ALA CB 307 -86.98 -41.08 80.75
CA ALA CB 307 -86.66 -42.50 80.66
C ALA CB 307 -85.81 -42.82 79.43
N ARG CB 308 -85.42 -41.83 78.65
CA ARG CB 308 -84.51 -42.02 77.54
C ARG CB 308 -83.15 -41.37 77.75
N ALA CB 309 -83.08 -40.32 78.56
CA ALA CB 309 -81.85 -39.61 78.88
C ALA CB 309 -81.13 -40.18 80.10
N ARG CB 310 -81.49 -41.38 80.56
CA ARG CB 310 -80.85 -41.96 81.74
C ARG CB 310 -80.55 -43.44 81.57
N VAL CB 311 -80.60 -43.95 80.34
CA VAL CB 311 -80.36 -45.37 80.08
C VAL CB 311 -78.89 -45.63 79.82
N ALA CB 312 -78.26 -44.76 79.04
CA ALA CB 312 -76.82 -44.89 78.81
C ALA CB 312 -76.05 -44.84 80.12
N LEU CB 313 -76.49 -44.01 81.08
CA LEU CB 313 -75.82 -43.97 82.37
C LEU CB 313 -75.96 -45.30 83.11
N THR CB 314 -77.12 -45.94 83.00
CA THR CB 314 -77.29 -47.27 83.59
C THR CB 314 -76.33 -48.27 82.97
N ALA CB 315 -76.29 -48.31 81.63
CA ALA CB 315 -75.38 -49.22 80.95
C ALA CB 315 -73.93 -48.93 81.33
N LEU CB 316 -73.58 -47.66 81.51
CA LEU CB 316 -72.22 -47.31 81.88
C LEU CB 316 -71.90 -47.74 83.30
N SER CB 317 -72.88 -47.67 84.20
CA SER CB 317 -72.68 -48.22 85.53
C SER CB 317 -72.45 -49.73 85.46
N VAL CB 318 -73.26 -50.42 84.66
CA VAL CB 318 -73.13 -51.87 84.53
C VAL CB 318 -71.77 -52.24 83.97
N ALA CB 319 -71.20 -51.41 83.09
CA ALA CB 319 -69.90 -51.72 82.54
C ALA CB 319 -68.77 -51.29 83.46
N GLU CB 320 -68.99 -50.23 84.25
CA GLU CB 320 -67.99 -49.78 85.20
C GLU CB 320 -67.82 -50.79 86.32
N TYR CB 321 -68.91 -51.47 86.70
CA TYR CB 321 -68.78 -52.56 87.66
C TYR CB 321 -67.82 -53.61 87.14
N PHE CB 322 -67.96 -54.00 85.88
CA PHE CB 322 -67.08 -55.02 85.30
C PHE CB 322 -65.65 -54.54 85.24
N ARG CB 323 -65.41 -53.38 84.62
CA ARG CB 323 -64.06 -52.92 84.37
C ARG CB 323 -63.42 -52.21 85.56
N ASP CB 324 -64.10 -52.15 86.71
CA ASP CB 324 -63.49 -51.67 87.95
C ASP CB 324 -63.26 -52.80 88.93
N GLU CB 325 -64.31 -53.55 89.28
CA GLU CB 325 -64.17 -54.63 90.25
C GLU CB 325 -63.66 -55.91 89.60
N GLN CB 326 -64.40 -56.42 88.62
CA GLN CB 326 -64.00 -57.66 87.96
C GLN CB 326 -62.71 -57.52 87.17
N GLY CB 327 -62.31 -56.29 86.83
CA GLY CB 327 -61.07 -56.09 86.10
C GLY CB 327 -61.11 -56.52 84.65
N GLN CB 328 -62.27 -56.95 84.16
CA GLN CB 328 -62.36 -57.51 82.81
C GLN CB 328 -62.43 -56.42 81.76
N ASP CB 329 -62.20 -56.82 80.51
CA ASP CB 329 -62.39 -55.96 79.35
C ASP CB 329 -63.79 -56.19 78.81
N VAL CB 330 -64.52 -55.09 78.59
CA VAL CB 330 -65.92 -55.16 78.21
C VAL CB 330 -66.11 -54.49 76.86
N LEU CB 331 -67.20 -54.89 76.19
CA LEU CB 331 -67.69 -54.17 75.02
C LEU CB 331 -68.96 -53.42 75.41
N LEU CB 332 -69.24 -52.33 74.69
CA LEU CB 332 -70.41 -51.51 74.99
C LEU CB 332 -70.97 -50.96 73.68
N PHE CB 333 -72.01 -51.60 73.17
CA PHE CB 333 -72.72 -51.13 71.99
C PHE CB 333 -73.88 -50.24 72.43
N ILE CB 334 -73.97 -49.05 71.84
CA ILE CB 334 -75.06 -48.11 72.14
C ILE CB 334 -75.74 -47.72 70.84
N ASP CB 335 -77.07 -47.72 70.87
CA ASP CB 335 -77.89 -47.43 69.69
C ASP CB 335 -78.65 -46.12 69.88
N ASN CB 336 -78.36 -45.16 69.01
CA ASN CB 336 -78.98 -43.83 68.96
C ASN CB 336 -78.75 -43.06 70.26
N ILE CB 337 -77.47 -42.76 70.51
CA ILE CB 337 -77.09 -41.81 71.54
C ILE CB 337 -77.68 -40.42 71.28
N TYR CB 338 -78.01 -40.10 70.03
CA TYR CB 338 -78.62 -38.81 69.72
C TYR CB 338 -79.84 -38.54 70.58
N ARG CB 339 -80.60 -39.58 70.93
CA ARG CB 339 -81.78 -39.38 71.75
C ARG CB 339 -81.41 -38.81 73.11
N PHE CB 340 -80.23 -39.16 73.63
CA PHE CB 340 -79.76 -38.57 74.88
C PHE CB 340 -79.77 -37.05 74.84
N THR CB 341 -79.55 -36.47 73.66
CA THR CB 341 -79.68 -35.03 73.46
C THR CB 341 -81.11 -34.61 73.14
N GLN CB 342 -81.78 -35.38 72.27
CA GLN CB 342 -83.15 -35.03 71.88
C GLN CB 342 -84.04 -34.90 73.10
N ALA CB 343 -83.96 -35.84 74.03
CA ALA CB 343 -84.70 -35.77 75.29
C ALA CB 343 -84.44 -34.45 76.00
N GLY CB 344 -83.17 -34.10 76.19
CA GLY CB 344 -82.85 -32.82 76.80
C GLY CB 344 -83.50 -31.67 76.05
N SER CB 345 -83.55 -31.77 74.72
CA SER CB 345 -84.11 -30.70 73.92
C SER CB 345 -85.63 -30.59 74.11
N GLU CB 346 -86.31 -31.71 74.36
CA GLU CB 346 -87.73 -31.70 74.67
C GLU CB 346 -88.00 -31.74 76.17
N VAL CB 347 -87.01 -31.40 76.99
CA VAL CB 347 -87.17 -31.27 78.42
C VAL CB 347 -86.81 -29.88 78.93
N SER CB 348 -85.73 -29.30 78.40
CA SER CB 348 -85.25 -28.03 78.93
C SER CB 348 -86.31 -26.95 78.81
N ALA CB 349 -87.06 -26.95 77.71
CA ALA CB 349 -88.15 -25.98 77.54
C ALA CB 349 -89.14 -26.07 78.69
N LEU CB 350 -89.38 -27.26 79.21
CA LEU CB 350 -90.28 -27.42 80.34
C LEU CB 350 -89.56 -27.14 81.66
N LEU CB 351 -88.25 -27.27 81.69
CA LEU CB 351 -87.47 -26.96 82.89
C LEU CB 351 -87.18 -25.47 83.01
N GLY CB 352 -87.55 -24.67 82.02
CA GLY CB 352 -87.40 -23.22 82.11
C GLY CB 352 -86.10 -22.67 81.59
N ARG CB 353 -85.42 -23.37 80.69
CA ARG CB 353 -84.12 -22.95 80.19
C ARG CB 353 -84.28 -22.30 78.81
N ILE CB 354 -83.38 -21.35 78.53
CA ILE CB 354 -83.40 -20.64 77.24
C ILE CB 354 -82.84 -21.58 76.19
N PRO CB 355 -83.43 -21.66 75.00
CA PRO CB 355 -82.92 -22.57 73.98
C PRO CB 355 -81.70 -22.01 73.26
N SER CB 356 -80.86 -22.93 72.79
CA SER CB 356 -79.68 -22.58 72.01
C SER CB 356 -80.04 -22.56 70.53
N ALA CB 357 -79.02 -22.62 69.66
CA ALA CB 357 -79.19 -22.29 68.25
C ALA CB 357 -80.42 -22.95 67.66
N VAL CB 358 -80.47 -24.28 67.72
CA VAL CB 358 -81.49 -25.06 67.01
C VAL CB 358 -82.45 -25.67 68.03
N GLY CB 359 -82.66 -24.98 69.14
CA GLY CB 359 -83.44 -25.52 70.23
C GLY CB 359 -82.68 -26.44 71.17
N TYR CB 360 -81.44 -26.77 70.87
CA TYR CB 360 -80.66 -27.61 71.76
C TYR CB 360 -80.38 -26.86 73.07
N GLN CB 361 -79.70 -27.54 73.98
CA GLN CB 361 -79.50 -27.00 75.31
C GLN CB 361 -78.28 -26.08 75.34
N PRO CB 362 -78.15 -25.27 76.39
CA PRO CB 362 -76.82 -24.72 76.70
C PRO CB 362 -75.87 -25.74 77.31
N THR CB 363 -76.39 -26.83 77.88
CA THR CB 363 -75.57 -27.87 78.48
C THR CB 363 -75.28 -29.02 77.52
N LEU CB 364 -75.32 -28.74 76.22
CA LEU CB 364 -75.21 -29.80 75.22
C LEU CB 364 -73.83 -30.43 75.22
N ALA CB 365 -72.81 -29.72 75.71
CA ALA CB 365 -71.45 -30.22 75.69
C ALA CB 365 -71.11 -30.92 77.00
N THR CB 366 -71.54 -30.33 78.13
CA THR CB 366 -71.21 -30.91 79.42
C THR CB 366 -72.04 -32.16 79.69
N ASP CB 367 -73.31 -32.16 79.30
CA ASP CB 367 -74.13 -33.36 79.49
C ASP CB 367 -73.63 -34.54 78.68
N LEU CB 368 -72.91 -34.27 77.59
CA LEU CB 368 -72.31 -35.33 76.79
C LEU CB 368 -70.93 -35.73 77.32
N GLY CB 369 -70.13 -34.76 77.74
CA GLY CB 369 -68.81 -35.08 78.26
C GLY CB 369 -68.86 -35.84 79.56
N GLN CB 370 -69.83 -35.52 80.43
CA GLN CB 370 -69.99 -36.26 81.67
C GLN CB 370 -70.42 -37.70 81.41
N LEU CB 371 -70.93 -38.00 80.23
CA LEU CB 371 -71.23 -39.37 79.82
C LEU CB 371 -70.02 -40.05 79.19
N GLN CB 372 -69.30 -39.32 78.33
CA GLN CB 372 -68.21 -39.90 77.56
C GLN CB 372 -66.96 -40.13 78.40
N GLU CB 373 -66.68 -39.25 79.37
CA GLU CB 373 -65.48 -39.41 80.19
C GLU CB 373 -65.55 -40.61 81.11
N ARG CB 374 -66.76 -41.16 81.34
CA ARG CB 374 -66.85 -42.43 82.05
C ARG CB 374 -66.42 -43.59 81.16
N ILE CB 375 -66.57 -43.45 79.85
CA ILE CB 375 -66.06 -44.41 78.88
C ILE CB 375 -64.57 -44.12 78.67
N THR CB 376 -63.71 -44.90 79.30
CA THR CB 376 -62.27 -44.79 79.04
C THR CB 376 -61.57 -46.03 79.57
N THR CB 377 -60.59 -46.50 78.80
CA THR CB 377 -59.67 -47.51 79.30
C THR CB 377 -58.92 -46.96 80.51
N THR CB 378 -58.74 -47.83 81.51
CA THR CB 378 -57.95 -47.47 82.69
C THR CB 378 -57.00 -48.59 83.07
N LYS CB 379 -56.33 -48.44 84.21
CA LYS CB 379 -55.40 -49.46 84.70
C LYS CB 379 -56.10 -50.68 85.29
N LYS CB 380 -57.40 -50.59 85.55
CA LYS CB 380 -58.16 -51.71 86.09
C LYS CB 380 -58.70 -52.60 84.98
N GLY CB 381 -59.32 -52.01 83.97
CA GLY CB 381 -59.93 -52.77 82.88
C GLY CB 381 -59.96 -51.92 81.63
N SER CB 382 -60.93 -52.22 80.76
CA SER CB 382 -61.05 -51.57 79.47
C SER CB 382 -62.50 -51.60 79.03
N ILE CB 383 -62.95 -50.50 78.42
CA ILE CB 383 -64.23 -50.44 77.72
C ILE CB 383 -63.94 -50.13 76.26
N THR CB 384 -64.23 -51.09 75.38
CA THR CB 384 -64.44 -50.75 73.98
C THR CB 384 -65.87 -50.26 73.81
N SER CB 385 -66.07 -49.25 72.97
CA SER CB 385 -67.38 -48.64 72.81
C SER CB 385 -67.70 -48.44 71.33
N VAL CB 386 -68.96 -48.70 70.98
CA VAL CB 386 -69.46 -48.56 69.61
C VAL CB 386 -70.78 -47.81 69.69
N GLN CB 387 -70.77 -46.53 69.35
CA GLN CB 387 -71.93 -45.65 69.47
C GLN CB 387 -72.49 -45.36 68.09
N ALA CB 388 -73.81 -45.47 67.94
CA ALA CB 388 -74.51 -45.04 66.74
C ALA CB 388 -75.04 -43.63 66.93
N VAL CB 389 -74.66 -42.72 66.03
CA VAL CB 389 -74.98 -41.30 66.14
C VAL CB 389 -75.88 -40.92 64.96
N TYR CB 390 -77.13 -40.58 65.29
CA TYR CB 390 -78.06 -40.04 64.30
C TYR CB 390 -77.56 -38.70 63.77
N VAL CB 391 -77.99 -38.38 62.55
CA VAL CB 391 -77.61 -37.14 61.89
C VAL CB 391 -78.88 -36.52 61.32
N PRO CB 392 -79.53 -35.59 62.01
CA PRO CB 392 -80.86 -35.15 61.57
C PRO CB 392 -80.79 -34.33 60.29
N ALA CB 393 -81.71 -34.64 59.37
CA ALA CB 393 -81.78 -33.98 58.07
C ALA CB 393 -80.47 -34.13 57.29
N ASP CB 394 -79.72 -35.20 57.57
CA ASP CB 394 -78.46 -35.47 56.90
C ASP CB 394 -77.50 -34.29 57.02
N ASP CB 395 -77.57 -33.56 58.14
CA ASP CB 395 -76.74 -32.39 58.39
C ASP CB 395 -75.69 -32.76 59.43
N LEU CB 396 -74.43 -32.87 58.99
CA LEU CB 396 -73.32 -33.19 59.88
C LEU CB 396 -72.77 -31.97 60.59
N THR CB 397 -73.27 -30.77 60.30
CA THR CB 397 -72.89 -29.56 60.99
C THR CB 397 -73.75 -29.26 62.21
N ASP CB 398 -74.72 -30.12 62.52
CA ASP CB 398 -75.51 -29.92 63.72
C ASP CB 398 -74.61 -29.89 64.96
N PRO CB 399 -74.98 -29.12 65.98
CA PRO CB 399 -74.12 -29.03 67.17
C PRO CB 399 -73.89 -30.35 67.86
N ALA CB 400 -74.88 -31.26 67.84
CA ALA CB 400 -74.73 -32.51 68.58
C ALA CB 400 -73.64 -33.36 67.95
N PRO CB 401 -73.73 -33.74 66.67
CA PRO CB 401 -72.61 -34.48 66.06
C PRO CB 401 -71.32 -33.69 66.02
N ALA CB 402 -71.40 -32.36 65.88
CA ALA CB 402 -70.18 -31.56 65.89
C ALA CB 402 -69.42 -31.73 67.19
N THR CB 403 -70.14 -31.66 68.32
CA THR CB 403 -69.52 -31.91 69.62
C THR CB 403 -69.05 -33.36 69.74
N THR CB 404 -69.87 -34.30 69.27
CA THR CB 404 -69.54 -35.72 69.44
C THR CB 404 -68.30 -36.10 68.68
N PHE CB 405 -67.99 -35.40 67.57
CA PHE CB 405 -66.81 -35.73 66.80
C PHE CB 405 -65.54 -35.61 67.61
N ALA CB 406 -65.52 -34.70 68.58
CA ALA CB 406 -64.30 -34.45 69.36
C ALA CB 406 -64.00 -35.54 70.38
N HIS CB 407 -64.96 -36.43 70.66
CA HIS CB 407 -64.83 -37.37 71.76
C HIS CB 407 -64.47 -38.79 71.30
N LEU CB 408 -64.22 -39.01 70.02
CA LEU CB 408 -64.14 -40.35 69.46
C LEU CB 408 -62.69 -40.69 69.10
N ASP CB 409 -62.36 -41.96 69.24
CA ASP CB 409 -61.08 -42.48 68.78
C ASP CB 409 -61.16 -43.08 67.38
N ALA CB 410 -62.34 -43.48 66.92
CA ALA CB 410 -62.51 -43.93 65.55
C ALA CB 410 -63.88 -43.54 65.05
N THR CB 411 -63.98 -43.38 63.72
CA THR CB 411 -65.14 -42.76 63.11
C THR CB 411 -65.51 -43.50 61.83
N THR CB 412 -66.80 -43.51 61.53
CA THR CB 412 -67.31 -44.13 60.30
C THR CB 412 -68.59 -43.43 59.91
N VAL CB 413 -68.52 -42.63 58.86
CA VAL CB 413 -69.63 -41.77 58.43
C VAL CB 413 -70.28 -42.43 57.22
N LEU CB 414 -71.53 -42.85 57.37
CA LEU CB 414 -72.28 -43.47 56.29
C LEU CB 414 -73.02 -42.39 55.51
N SER CB 415 -73.27 -42.65 54.23
CA SER CB 415 -73.83 -41.64 53.34
C SER CB 415 -75.00 -42.19 52.54
N ARG CB 416 -75.94 -41.30 52.24
CA ARG CB 416 -77.07 -41.69 51.42
C ARG CB 416 -76.72 -41.60 49.95
N GLN CB 417 -75.81 -40.69 49.57
CA GLN CB 417 -75.42 -40.64 48.16
C GLN CB 417 -74.76 -41.95 47.78
N ILE CB 418 -74.05 -42.57 48.72
CA ILE CB 418 -73.36 -43.83 48.47
C ILE CB 418 -74.29 -45.01 48.68
N ALA CB 419 -75.33 -44.86 49.52
CA ALA CB 419 -76.28 -45.94 49.68
C ALA CB 419 -77.22 -46.06 48.48
N GLU CB 420 -77.55 -44.93 47.86
CA GLU CB 420 -78.38 -44.94 46.65
C GLU CB 420 -77.72 -45.66 45.49
N LEU CB 421 -76.38 -45.77 45.49
CA LEU CB 421 -75.69 -46.60 44.50
C LEU CB 421 -75.75 -48.08 44.82
N GLY CB 422 -76.45 -48.49 45.88
CA GLY CB 422 -76.47 -49.89 46.24
C GLY CB 422 -75.22 -50.41 46.92
N ILE CB 423 -74.27 -49.53 47.25
CA ILE CB 423 -73.07 -49.96 47.93
C ILE CB 423 -73.36 -50.10 49.42
N TYR CB 424 -73.01 -51.24 49.99
CA TYR CB 424 -73.26 -51.52 51.39
C TYR CB 424 -72.11 -52.35 51.95
N PRO CB 425 -71.44 -51.91 53.04
CA PRO CB 425 -71.71 -50.72 53.85
C PRO CB 425 -71.43 -49.40 53.11
N ALA CB 426 -72.32 -48.43 53.29
CA ALA CB 426 -72.24 -47.17 52.56
C ALA CB 426 -71.29 -46.20 53.25
N VAL CB 427 -70.07 -46.64 53.53
CA VAL CB 427 -69.13 -45.83 54.30
C VAL CB 427 -68.45 -44.83 53.37
N ASP CB 428 -68.45 -43.56 53.77
CA ASP CB 428 -67.67 -42.54 53.09
C ASP CB 428 -66.24 -42.55 53.63
N PRO CB 429 -65.26 -43.07 52.88
CA PRO CB 429 -63.92 -43.25 53.43
C PRO CB 429 -63.14 -41.95 53.60
N LEU CB 430 -63.70 -40.82 53.18
CA LEU CB 430 -63.04 -39.53 53.35
C LEU CB 430 -63.52 -38.79 54.59
N ASP CB 431 -64.81 -38.88 54.89
CA ASP CB 431 -65.30 -38.37 56.16
C ASP CB 431 -64.98 -39.32 57.30
N SER CB 432 -64.85 -40.61 57.01
CA SER CB 432 -64.35 -41.56 57.99
C SER CB 432 -62.88 -41.31 58.27
N THR CB 433 -62.47 -41.59 59.50
CA THR CB 433 -61.09 -41.37 59.92
C THR CB 433 -60.82 -42.19 61.17
N SER CB 434 -59.62 -42.04 61.71
CA SER CB 434 -59.20 -42.77 62.89
C SER CB 434 -57.89 -42.20 63.38
N ARG CB 435 -57.51 -42.58 64.60
CA ARG CB 435 -56.21 -42.25 65.16
C ARG CB 435 -55.22 -43.41 65.10
N MET CB 436 -55.69 -44.61 64.77
CA MET CB 436 -54.85 -45.81 64.74
C MET CB 436 -54.41 -46.16 63.32
N LEU CB 437 -54.29 -45.16 62.45
CA LEU CB 437 -53.86 -45.38 61.07
C LEU CB 437 -52.41 -45.02 60.84
N ALA CB 438 -51.71 -44.49 61.85
CA ALA CB 438 -50.36 -44.01 61.65
C ALA CB 438 -49.41 -45.19 61.41
N PRO CB 439 -48.27 -44.94 60.76
CA PRO CB 439 -47.34 -46.05 60.48
C PRO CB 439 -46.74 -46.68 61.72
N GLU CB 440 -46.79 -46.01 62.87
CA GLU CB 440 -46.27 -46.57 64.11
C GLU CB 440 -47.25 -47.52 64.78
N ILE CB 441 -48.43 -47.73 64.19
CA ILE CB 441 -49.44 -48.62 64.77
C ILE CB 441 -49.75 -49.70 63.74
N VAL CB 442 -50.27 -49.31 62.59
CA VAL CB 442 -50.33 -50.19 61.45
C VAL CB 442 -49.06 -50.01 60.64
N GLY CB 443 -48.71 -51.02 59.84
CA GLY CB 443 -47.44 -50.98 59.15
C GLY CB 443 -47.36 -49.88 58.12
N GLN CB 444 -46.25 -49.88 57.40
CA GLN CB 444 -46.03 -48.86 56.39
C GLN CB 444 -46.72 -49.21 55.09
N GLU CB 445 -46.88 -50.50 54.79
CA GLU CB 445 -47.60 -50.87 53.59
C GLU CB 445 -49.08 -50.60 53.77
N HIS CB 446 -49.63 -50.90 54.96
CA HIS CB 446 -51.00 -50.54 55.27
C HIS CB 446 -51.19 -49.03 55.20
N TYR CB 447 -50.30 -48.27 55.84
CA TYR CB 447 -50.44 -46.81 55.82
C TYR CB 447 -50.41 -46.27 54.40
N ASP CB 448 -49.46 -46.72 53.59
CA ASP CB 448 -49.32 -46.19 52.24
C ASP CB 448 -50.49 -46.61 51.36
N THR CB 449 -50.98 -47.83 51.51
CA THR CB 449 -52.15 -48.26 50.76
C THR CB 449 -53.37 -47.40 51.10
N ALA CB 450 -53.59 -47.17 52.40
CA ALA CB 450 -54.73 -46.35 52.82
C ALA CB 450 -54.61 -44.93 52.26
N ARG CB 451 -53.41 -44.34 52.34
CA ARG CB 451 -53.25 -42.98 51.86
C ARG CB 451 -53.37 -42.90 50.34
N ALA CB 452 -52.89 -43.91 49.63
CA ALA CB 452 -53.05 -43.94 48.18
C ALA CB 452 -54.51 -44.08 47.80
N THR CB 453 -55.27 -44.92 48.51
CA THR CB 453 -56.69 -45.02 48.25
C THR CB 453 -57.40 -43.70 48.48
N GLN CB 454 -57.05 -43.01 49.58
CA GLN CB 454 -57.66 -41.71 49.84
C GLN CB 454 -57.32 -40.70 48.75
N LYS CB 455 -56.07 -40.68 48.32
CA LYS CB 455 -55.67 -39.81 47.21
C LYS CB 455 -56.46 -40.12 45.95
N LEU CB 456 -56.61 -41.41 45.63
CA LEU CB 456 -57.36 -41.79 44.43
C LEU CB 456 -58.81 -41.32 44.52
N LEU CB 457 -59.45 -41.56 45.67
CA LEU CB 457 -60.86 -41.19 45.80
C LEU CB 457 -61.04 -39.67 45.80
N GLN CB 458 -60.08 -38.92 46.34
CA GLN CB 458 -60.19 -37.47 46.27
C GLN CB 458 -59.99 -36.96 44.84
N ASP CB 459 -59.03 -37.55 44.12
CA ASP CB 459 -58.84 -37.18 42.72
C ASP CB 459 -60.07 -37.53 41.88
N TYR CB 460 -60.80 -38.57 42.26
CA TYR CB 460 -62.04 -38.89 41.56
C TYR CB 460 -63.17 -37.95 41.98
N LYS CB 461 -63.20 -37.54 43.24
CA LYS CB 461 -64.19 -36.57 43.69
C LYS CB 461 -64.00 -35.24 42.97
N SER CB 462 -62.76 -34.86 42.69
CA SER CB 462 -62.48 -33.56 42.10
C SER CB 462 -62.96 -33.46 40.66
N LEU CB 463 -63.31 -34.57 40.01
CA LEU CB 463 -63.76 -34.58 38.63
C LEU CB 463 -65.26 -34.73 38.49
N GLN CB 464 -66.00 -34.78 39.60
CA GLN CB 464 -67.43 -35.05 39.54
C GLN CB 464 -68.17 -33.99 38.76
N ASP CB 465 -67.82 -32.71 38.99
CA ASP CB 465 -68.51 -31.62 38.32
C ASP CB 465 -68.29 -31.69 36.80
N ILE CB 466 -67.05 -31.76 36.38
CA ILE CB 466 -66.75 -31.74 34.95
C ILE CB 466 -67.27 -33.00 34.28
N ILE CB 467 -67.38 -34.11 35.02
CA ILE CB 467 -67.97 -35.32 34.44
C ILE CB 467 -69.47 -35.14 34.29
N ALA CB 468 -70.12 -34.52 35.28
CA ALA CB 468 -71.56 -34.32 35.21
C ALA CB 468 -71.93 -33.40 34.06
N ILE CB 469 -71.17 -32.32 33.90
CA ILE CB 469 -71.47 -31.37 32.82
C ILE CB 469 -71.07 -31.95 31.47
N LEU CB 470 -69.78 -32.24 31.29
CA LEU CB 470 -69.27 -32.54 29.96
C LEU CB 470 -69.25 -34.04 29.66
N GLY CB 471 -68.65 -34.82 30.54
CA GLY CB 471 -68.56 -36.26 30.38
C GLY CB 471 -67.12 -36.75 30.45
N MET CB 472 -67.00 -38.07 30.51
CA MET CB 472 -65.68 -38.69 30.62
C MET CB 472 -64.83 -38.47 29.37
N ASP CB 473 -65.45 -38.18 28.22
CA ASP CB 473 -64.68 -38.06 27.00
C ASP CB 473 -63.74 -36.85 27.04
N GLU CB 474 -64.14 -35.79 27.75
CA GLU CB 474 -63.28 -34.62 27.87
C GLU CB 474 -61.99 -34.94 28.60
N LEU CB 475 -62.03 -35.91 29.51
CA LEU CB 475 -60.89 -36.18 30.38
C LEU CB 475 -59.70 -36.69 29.58
N SER CB 476 -58.52 -36.57 30.19
CA SER CB 476 -57.30 -37.17 29.65
C SER CB 476 -57.31 -38.66 29.97
N GLU CB 477 -56.19 -39.33 29.72
CA GLU CB 477 -56.10 -40.76 29.95
C GLU CB 477 -55.69 -41.10 31.38
N GLU CB 478 -54.84 -40.28 31.99
CA GLU CB 478 -54.56 -40.45 33.41
C GLU CB 478 -55.83 -40.29 34.24
N ASP CB 479 -56.64 -39.28 33.91
CA ASP CB 479 -57.88 -39.07 34.65
C ASP CB 479 -58.86 -40.20 34.42
N LYS CB 480 -58.89 -40.76 33.20
CA LYS CB 480 -59.79 -41.88 32.93
C LYS CB 480 -59.35 -43.12 33.70
N LEU CB 481 -58.03 -43.37 33.76
CA LEU CB 481 -57.53 -44.46 34.57
C LEU CB 481 -57.88 -44.26 36.04
N VAL CB 482 -57.75 -43.02 36.53
CA VAL CB 482 -58.11 -42.73 37.91
C VAL CB 482 -59.59 -43.02 38.15
N VAL CB 483 -60.45 -42.58 37.23
CA VAL CB 483 -61.88 -42.81 37.39
C VAL CB 483 -62.20 -44.29 37.40
N SER CB 484 -61.56 -45.05 36.50
CA SER CB 484 -61.77 -46.49 36.44
C SER CB 484 -61.37 -47.15 37.75
N ARG CB 485 -60.16 -46.88 38.23
CA ARG CB 485 -59.71 -47.51 39.47
C ARG CB 485 -60.54 -47.04 40.67
N ALA CB 486 -61.04 -45.80 40.64
CA ALA CB 486 -61.84 -45.31 41.76
C ALA CB 486 -63.19 -45.99 41.82
N ARG CB 487 -63.85 -46.15 40.67
CA ARG CB 487 -65.09 -46.91 40.63
C ARG CB 487 -64.85 -48.37 41.03
N LYS CB 488 -63.73 -48.94 40.59
CA LYS CB 488 -63.43 -50.33 40.91
C LYS CB 488 -63.22 -50.50 42.41
N ILE CB 489 -62.52 -49.57 43.05
CA ILE CB 489 -62.24 -49.73 44.47
C ILE CB 489 -63.46 -49.34 45.31
N GLN CB 490 -64.30 -48.44 44.80
CA GLN CB 490 -65.61 -48.24 45.41
C GLN CB 490 -66.40 -49.53 45.45
N ARG CB 491 -66.54 -50.20 44.30
CA ARG CB 491 -67.32 -51.43 44.27
C ARG CB 491 -66.64 -52.55 45.04
N PHE CB 492 -65.31 -52.50 45.17
CA PHE CB 492 -64.59 -53.50 45.94
C PHE CB 492 -64.70 -53.26 47.45
N LEU CB 493 -64.94 -52.02 47.85
CA LEU CB 493 -65.22 -51.71 49.26
C LEU CB 493 -66.69 -51.86 49.57
N SER CB 494 -67.24 -53.02 49.23
CA SER CB 494 -68.60 -53.39 49.56
C SER CB 494 -68.60 -54.86 49.96
N GLN CB 495 -69.44 -55.20 50.94
CA GLN CB 495 -69.36 -56.49 51.58
C GLN CB 495 -70.77 -56.97 51.92
N PRO CB 496 -71.12 -58.21 51.57
CA PRO CB 496 -72.40 -58.78 52.04
C PRO CB 496 -72.24 -59.34 53.44
N PHE CB 497 -73.04 -58.85 54.38
CA PHE CB 497 -72.98 -59.32 55.74
C PHE CB 497 -73.81 -60.59 55.91
N THR CB 498 -73.67 -61.22 57.08
CA THR CB 498 -74.43 -62.42 57.37
C THR CB 498 -75.86 -62.08 57.77
N VAL CB 499 -76.06 -60.98 58.50
CA VAL CB 499 -77.39 -60.60 58.94
C VAL CB 499 -78.24 -60.01 57.83
N ALA CB 500 -77.64 -59.73 56.67
CA ALA CB 500 -78.38 -59.22 55.52
C ALA CB 500 -78.93 -60.34 54.64
N GLU CB 501 -78.63 -61.61 54.97
CA GLU CB 501 -79.03 -62.71 54.11
C GLU CB 501 -80.55 -62.81 53.98
N VAL CB 502 -81.30 -62.25 54.92
CA VAL CB 502 -82.75 -62.42 54.91
C VAL CB 502 -83.40 -61.57 53.82
N PHE CB 503 -82.80 -60.41 53.50
CA PHE CB 503 -83.31 -59.54 52.45
C PHE CB 503 -82.28 -59.30 51.36
N THR CB 504 -81.20 -60.08 51.32
CA THR CB 504 -80.23 -60.01 50.22
C THR CB 504 -79.98 -61.39 49.64
N GLY CB 505 -80.13 -62.42 50.47
CA GLY CB 505 -80.01 -63.80 50.01
C GLY CB 505 -78.58 -64.31 49.96
N LYS CB 506 -77.64 -63.42 49.61
CA LYS CB 506 -76.27 -63.88 49.41
C LYS CB 506 -75.57 -64.08 50.75
N PRO CB 507 -74.73 -65.11 50.88
CA PRO CB 507 -74.12 -65.41 52.17
C PRO CB 507 -73.08 -64.36 52.53
N GLY CB 508 -72.69 -64.38 53.82
CA GLY CB 508 -71.79 -63.36 54.31
C GLY CB 508 -70.33 -63.69 54.03
N ARG CB 509 -69.51 -62.65 54.07
CA ARG CB 509 -68.10 -62.74 53.69
C ARG CB 509 -67.25 -62.02 54.73
N PHE CB 510 -66.66 -62.78 55.64
CA PHE CB 510 -65.58 -62.27 56.46
C PHE CB 510 -64.33 -62.10 55.62
N VAL CB 511 -63.60 -61.02 55.87
CA VAL CB 511 -62.45 -60.63 55.05
C VAL CB 511 -61.32 -60.25 55.99
N GLU CB 512 -60.19 -60.94 55.88
CA GLU CB 512 -59.00 -60.58 56.63
C GLU CB 512 -58.31 -59.34 56.06
N LEU CB 513 -57.36 -58.84 56.85
CA LEU CB 513 -56.70 -57.57 56.60
C LEU CB 513 -55.61 -57.77 55.55
N PRO CB 514 -54.77 -58.79 55.65
CA PRO CB 514 -53.72 -58.91 54.62
C PRO CB 514 -54.32 -59.17 53.26
N GLU CB 515 -55.45 -59.88 53.21
CA GLU CB 515 -56.16 -60.07 51.94
C GLU CB 515 -56.69 -58.76 51.41
N THR CB 516 -57.30 -57.95 52.28
CA THR CB 516 -57.76 -56.63 51.86
C THR CB 516 -56.60 -55.79 51.33
N ILE CB 517 -55.45 -55.86 52.00
CA ILE CB 517 -54.32 -55.02 51.64
C ILE CB 517 -53.72 -55.47 50.31
N LYS CB 518 -53.55 -56.77 50.12
CA LYS CB 518 -53.10 -57.27 48.83
C LYS CB 518 -54.04 -56.86 47.71
N SER CB 519 -55.35 -56.98 47.94
CA SER CB 519 -56.30 -56.62 46.90
C SER CB 519 -56.23 -55.14 46.56
N ALA CB 520 -56.15 -54.28 47.57
CA ALA CB 520 -56.03 -52.85 47.33
C ALA CB 520 -54.73 -52.52 46.61
N GLN CB 521 -53.62 -53.14 47.04
CA GLN CB 521 -52.35 -52.94 46.35
C GLN CB 521 -52.44 -53.29 44.89
N THR CB 522 -53.06 -54.43 44.57
CA THR CB 522 -53.15 -54.87 43.18
C THR CB 522 -54.05 -53.93 42.37
N ILE CB 523 -55.16 -53.49 42.97
CA ILE CB 523 -56.08 -52.60 42.27
C ILE CB 523 -55.42 -51.26 42.02
N LEU CB 524 -54.55 -50.81 42.92
CA LEU CB 524 -53.86 -49.54 42.70
C LEU CB 524 -52.76 -49.70 41.67
N ARG CB 525 -52.02 -50.80 41.73
CA ARG CB 525 -50.94 -51.01 40.78
C ARG CB 525 -51.48 -51.07 39.37
N GLY CB 526 -52.54 -51.85 39.16
CA GLY CB 526 -53.10 -52.01 37.83
C GLY CB 526 -53.18 -53.46 37.39
N GLU CB 527 -53.15 -54.38 38.35
CA GLU CB 527 -53.27 -55.81 38.06
C GLU CB 527 -54.72 -56.26 37.97
N CYS CB 528 -55.68 -55.33 38.00
CA CYS CB 528 -57.08 -55.70 37.85
C CYS CB 528 -57.84 -54.70 36.97
N ASP CB 529 -57.13 -53.96 36.11
CA ASP CB 529 -57.81 -53.05 35.19
C ASP CB 529 -58.50 -53.81 34.06
N ASP CB 530 -58.01 -55.01 33.74
CA ASP CB 530 -58.63 -55.82 32.69
C ASP CB 530 -60.02 -56.28 33.09
N LEU CB 531 -60.30 -56.40 34.38
CA LEU CB 531 -61.60 -56.90 34.82
C LEU CB 531 -62.67 -55.82 34.64
N PRO CB 532 -63.95 -56.22 34.64
CA PRO CB 532 -65.02 -55.22 34.57
C PRO CB 532 -65.22 -54.47 35.87
N GLU CB 533 -66.28 -53.65 35.92
CA GLU CB 533 -66.58 -52.86 37.11
C GLU CB 533 -67.57 -53.55 38.03
N MET CB 534 -68.54 -54.27 37.45
CA MET CB 534 -69.54 -54.99 38.23
C MET CB 534 -69.06 -56.35 38.72
N ALA CB 535 -67.77 -56.66 38.52
CA ALA CB 535 -67.19 -57.89 39.05
C ALA CB 535 -66.67 -57.72 40.47
N PHE CB 536 -66.56 -56.48 40.95
CA PHE CB 536 -66.12 -56.19 42.30
C PHE CB 536 -67.28 -56.08 43.29
N TYR CB 537 -68.51 -56.11 42.81
CA TYR CB 537 -69.69 -55.87 43.64
C TYR CB 537 -69.97 -57.08 44.52
N MET CB 538 -69.77 -56.93 45.83
CA MET CB 538 -70.15 -57.93 46.82
C MET CB 538 -69.42 -59.25 46.58
N CYS CB 539 -68.09 -59.21 46.70
CA CYS CB 539 -67.28 -60.38 46.43
C CYS CB 539 -66.22 -60.68 47.48
N GLY CB 540 -65.99 -59.80 48.44
CA GLY CB 540 -64.92 -60.04 49.40
C GLY CB 540 -63.54 -59.83 48.79
N GLY CB 541 -62.78 -60.91 48.67
CA GLY CB 541 -61.44 -60.84 48.12
C GLY CB 541 -61.46 -60.73 46.61
N LEU CB 542 -60.32 -61.06 46.00
CA LEU CB 542 -60.18 -61.00 44.55
C LEU CB 542 -60.43 -62.31 43.83
N GLU CB 543 -60.22 -63.45 44.50
CA GLU CB 543 -60.54 -64.72 43.84
C GLU CB 543 -62.02 -64.78 43.45
N GLU CB 544 -62.91 -64.29 44.32
CA GLU CB 544 -64.31 -64.20 43.98
C GLU CB 544 -64.56 -63.23 42.85
N VAL CB 545 -63.82 -62.12 42.82
CA VAL CB 545 -64.01 -61.14 41.75
C VAL CB 545 -63.61 -61.74 40.42
N ARG CB 546 -62.52 -62.50 40.40
CA ARG CB 546 -62.04 -63.09 39.14
C ARG CB 546 -62.97 -64.21 38.69
N SER CB 547 -63.48 -65.01 39.64
CA SER CB 547 -64.47 -66.02 39.28
C SER CB 547 -65.74 -65.39 38.73
N LYS CB 548 -66.16 -64.25 39.29
CA LYS CB 548 -67.35 -63.59 38.82
C LYS CB 548 -67.14 -62.97 37.45
N ALA CB 549 -65.94 -62.43 37.20
CA ALA CB 549 -65.64 -61.91 35.87
C ALA CB 549 -65.60 -63.03 34.84
N VAL CB 550 -65.06 -64.19 35.22
CA VAL CB 550 -65.09 -65.36 34.35
C VAL CB 550 -66.53 -65.72 34.00
N LYS CB 551 -67.38 -65.90 35.04
CA LYS CB 551 -68.75 -66.30 34.79
C LYS CB 551 -69.53 -65.23 34.03
N MET CB 552 -69.17 -63.96 34.18
CA MET CB 552 -69.83 -62.89 33.43
C MET CB 552 -69.33 -62.79 32.00
N ALA CB 553 -68.14 -63.31 31.72
CA ALA CB 553 -67.67 -63.34 30.34
C ALA CB 553 -68.60 -64.13 29.44
N GLN CB 554 -69.25 -65.16 29.98
CA GLN CB 554 -70.19 -65.96 29.21
C GLN CB 554 -71.44 -65.16 28.87
N ASP DB 42 -75.05 -23.59 52.22
CA ASP DB 42 -75.15 -22.14 52.30
C ASP DB 42 -75.90 -21.59 51.08
N LEU DB 43 -75.87 -20.27 50.93
CA LEU DB 43 -76.56 -19.59 49.84
C LEU DB 43 -75.61 -19.08 48.76
N LYS DB 44 -74.51 -18.43 49.18
CA LYS DB 44 -73.55 -17.91 48.21
C LYS DB 44 -73.04 -19.01 47.29
N ILE DB 45 -72.79 -20.20 47.82
CA ILE DB 45 -72.28 -21.30 47.02
C ILE DB 45 -73.28 -21.68 45.94
N VAL DB 46 -74.53 -21.89 46.34
CA VAL DB 46 -75.53 -22.35 45.39
C VAL DB 46 -75.81 -21.28 44.36
N ALA DB 47 -75.80 -20.01 44.77
CA ALA DB 47 -76.07 -18.93 43.83
C ALA DB 47 -74.95 -18.79 42.81
N ALA DB 48 -73.69 -18.85 43.26
CA ALA DB 48 -72.57 -18.81 42.32
C ALA DB 48 -72.61 -20.00 41.37
N ARG DB 49 -72.91 -21.19 41.89
CA ARG DB 49 -73.01 -22.36 41.03
C ARG DB 49 -74.10 -22.19 39.99
N MET DB 50 -75.28 -21.71 40.40
CA MET DB 50 -76.36 -21.49 39.44
C MET DB 50 -75.96 -20.47 38.38
N LYS DB 51 -75.29 -19.40 38.79
CA LYS DB 51 -74.85 -18.39 37.83
C LYS DB 51 -73.89 -19.00 36.80
N SER DB 52 -72.88 -19.72 37.29
CA SER DB 52 -71.89 -20.31 36.40
C SER DB 52 -72.54 -21.30 35.45
N VAL DB 53 -73.45 -22.15 35.96
CA VAL DB 53 -74.03 -23.18 35.11
C VAL DB 53 -74.99 -22.57 34.11
N LYS DB 54 -75.71 -21.51 34.48
CA LYS DB 54 -76.56 -20.82 33.52
C LYS DB 54 -75.74 -20.21 32.39
N SER DB 55 -74.62 -19.56 32.74
CA SER DB 55 -73.72 -19.06 31.71
C SER DB 55 -73.23 -20.18 30.82
N ILE DB 56 -72.87 -21.31 31.43
CA ILE DB 56 -72.39 -22.47 30.67
C ILE DB 56 -73.45 -22.91 29.66
N GLN DB 57 -74.69 -23.05 30.13
CA GLN DB 57 -75.78 -23.47 29.24
C GLN DB 57 -75.96 -22.49 28.08
N LYS DB 58 -75.94 -21.20 28.38
CA LYS DB 58 -76.13 -20.20 27.32
C LYS DB 58 -75.02 -20.30 26.28
N ILE DB 59 -73.77 -20.27 26.73
CA ILE DB 59 -72.64 -20.37 25.81
C ILE DB 59 -72.69 -21.69 25.04
N THR DB 60 -73.17 -22.75 25.69
CA THR DB 60 -73.26 -24.05 25.03
C THR DB 60 -74.25 -24.01 23.88
N LYS DB 61 -75.42 -23.41 24.11
CA LYS DB 61 -76.40 -23.27 23.03
C LYS DB 61 -75.85 -22.44 21.88
N ALA DB 62 -75.19 -21.33 22.20
CA ALA DB 62 -74.60 -20.50 21.16
C ALA DB 62 -73.57 -21.28 20.35
N MET DB 63 -72.70 -22.02 21.03
CA MET DB 63 -71.69 -22.79 20.32
C MET DB 63 -72.31 -23.96 19.56
N LYS DB 64 -73.46 -24.46 20.02
CA LYS DB 64 -74.19 -25.45 19.26
C LYS DB 64 -74.60 -24.89 17.91
N MET DB 65 -75.21 -23.70 17.91
CA MET DB 65 -75.62 -23.09 16.64
C MET DB 65 -74.40 -22.82 15.76
N VAL DB 66 -73.31 -22.33 16.37
CA VAL DB 66 -72.09 -22.05 15.62
C VAL DB 66 -71.55 -23.32 14.98
N ALA DB 67 -71.53 -24.42 15.73
CA ALA DB 67 -71.05 -25.68 15.20
C ALA DB 67 -71.95 -26.21 14.11
N ALA DB 68 -73.26 -25.95 14.20
CA ALA DB 68 -74.15 -26.33 13.11
C ALA DB 68 -73.79 -25.59 11.83
N SER DB 69 -73.53 -24.28 11.95
CA SER DB 69 -73.12 -23.51 10.77
C SER DB 69 -71.80 -24.04 10.20
N LYS DB 70 -70.82 -24.27 11.07
CA LYS DB 70 -69.55 -24.83 10.61
C LYS DB 70 -69.73 -26.19 9.96
N LEU DB 71 -70.66 -27.00 10.46
CA LEU DB 71 -70.91 -28.30 9.85
C LEU DB 71 -71.52 -28.14 8.47
N ARG DB 72 -72.40 -27.16 8.30
CA ARG DB 72 -72.92 -26.85 6.98
C ARG DB 72 -71.78 -26.55 6.01
N MET DB 73 -70.90 -25.62 6.41
CA MET DB 73 -69.82 -25.24 5.50
C MET DB 73 -68.84 -26.39 5.27
N ASP DB 74 -68.67 -27.27 6.25
CA ASP DB 74 -67.79 -28.41 6.08
C ASP DB 74 -68.39 -29.44 5.13
N GLN DB 75 -69.70 -29.69 5.26
CA GLN DB 75 -70.38 -30.52 4.28
C GLN DB 75 -70.22 -29.95 2.88
N ARG DB 76 -70.25 -28.62 2.76
CA ARG DB 76 -70.06 -28.00 1.45
C ARG DB 76 -68.66 -28.29 0.91
N ARG DB 77 -67.64 -28.12 1.76
CA ARG DB 77 -66.28 -28.42 1.33
C ARG DB 77 -66.13 -29.89 0.97
N LEU DB 78 -66.81 -30.78 1.69
CA LEU DB 78 -66.77 -32.20 1.38
C LEU DB 78 -67.35 -32.45 0.00
N GLU DB 79 -68.58 -32.01 -0.23
CA GLU DB 79 -69.24 -32.29 -1.50
C GLU DB 79 -68.47 -31.68 -2.66
N ASN DB 80 -67.74 -30.59 -2.42
CA ASN DB 80 -66.96 -30.01 -3.51
C ASN DB 80 -65.61 -30.71 -3.72
N GLY DB 81 -65.02 -31.24 -2.66
CA GLY DB 81 -63.64 -31.72 -2.72
C GLY DB 81 -63.47 -33.22 -2.75
N LEU DB 82 -64.57 -33.97 -2.64
CA LEU DB 82 -64.50 -35.43 -2.70
C LEU DB 82 -64.38 -35.94 -4.13
N PRO DB 83 -65.17 -35.43 -5.07
CA PRO DB 83 -64.99 -35.82 -6.48
C PRO DB 83 -63.56 -35.66 -6.99
N PHE DB 84 -62.80 -34.72 -6.46
CA PHE DB 84 -61.39 -34.58 -6.84
C PHE DB 84 -60.55 -35.78 -6.41
N ALA DB 85 -60.98 -36.56 -5.42
CA ALA DB 85 -60.16 -37.60 -4.81
C ALA DB 85 -60.62 -39.02 -5.12
N THR DB 86 -61.93 -39.23 -5.20
CA THR DB 86 -62.45 -40.58 -5.38
C THR DB 86 -61.91 -41.27 -6.62
N PRO DB 87 -61.83 -40.62 -7.79
CA PRO DB 87 -61.49 -41.41 -8.98
C PRO DB 87 -60.11 -42.00 -8.88
N VAL DB 88 -59.12 -41.19 -8.51
CA VAL DB 88 -57.75 -41.65 -8.41
C VAL DB 88 -57.61 -42.65 -7.27
N GLN DB 89 -58.36 -42.45 -6.18
CA GLN DB 89 -58.29 -43.43 -5.10
C GLN DB 89 -58.82 -44.80 -5.54
N LYS DB 90 -59.95 -44.82 -6.25
CA LYS DB 90 -60.48 -46.07 -6.76
C LYS DB 90 -59.55 -46.71 -7.79
N LEU DB 91 -58.86 -45.87 -8.57
CA LEU DB 91 -57.89 -46.39 -9.54
C LEU DB 91 -56.78 -47.12 -8.82
N VAL DB 92 -56.14 -46.47 -7.85
CA VAL DB 92 -55.00 -47.14 -7.25
C VAL DB 92 -55.48 -48.25 -6.33
N GLN DB 93 -56.71 -48.16 -5.81
CA GLN DB 93 -57.28 -49.22 -4.99
C GLN DB 93 -57.61 -50.45 -5.80
N ARG DB 94 -57.65 -50.35 -7.13
CA ARG DB 94 -57.77 -51.56 -7.94
C ARG DB 94 -56.63 -52.53 -7.65
N ILE DB 95 -55.46 -52.01 -7.30
CA ILE DB 95 -54.33 -52.81 -6.87
C ILE DB 95 -54.54 -53.22 -5.41
N PRO DB 96 -54.91 -54.47 -5.14
CA PRO DB 96 -55.30 -54.83 -3.76
C PRO DB 96 -54.09 -54.92 -2.86
N VAL DB 97 -54.22 -54.33 -1.68
CA VAL DB 97 -53.16 -54.33 -0.67
C VAL DB 97 -53.49 -55.36 0.41
N ASP DB 98 -52.54 -56.26 0.67
CA ASP DB 98 -52.66 -57.20 1.77
C ASP DB 98 -52.19 -56.54 3.06
N PRO DB 99 -53.00 -56.50 4.12
CA PRO DB 99 -52.56 -55.89 5.39
C PRO DB 99 -51.69 -56.80 6.24
N LYS DB 100 -51.28 -57.96 5.76
CA LYS DB 100 -50.41 -58.86 6.51
C LYS DB 100 -48.95 -58.75 6.11
N GLU DB 101 -48.63 -57.94 5.11
CA GLU DB 101 -47.25 -57.80 4.68
C GLU DB 101 -46.37 -57.35 5.84
N LYS DB 102 -45.13 -57.83 5.84
CA LYS DB 102 -44.15 -57.45 6.85
C LYS DB 102 -43.26 -56.32 6.33
N GLY DB 103 -42.93 -55.41 7.21
CA GLY DB 103 -42.17 -54.23 6.84
C GLY DB 103 -42.48 -53.08 7.78
N THR DB 104 -41.72 -52.00 7.60
CA THR DB 104 -41.83 -50.85 8.48
C THR DB 104 -43.20 -50.21 8.29
N LEU DB 105 -44.07 -50.41 9.27
CA LEU DB 105 -45.39 -49.80 9.23
C LEU DB 105 -45.33 -48.33 9.62
N ALA DB 106 -46.18 -47.54 8.98
CA ALA DB 106 -46.40 -46.14 9.37
C ALA DB 106 -47.90 -45.92 9.53
N VAL DB 107 -48.31 -45.47 10.71
CA VAL DB 107 -49.72 -45.29 11.04
C VAL DB 107 -49.97 -43.79 11.10
N LEU DB 108 -50.77 -43.29 10.17
CA LEU DB 108 -51.19 -41.89 10.13
C LEU DB 108 -52.55 -41.76 10.80
N ALA DB 109 -52.56 -41.16 11.99
CA ALA DB 109 -53.79 -40.98 12.76
C ALA DB 109 -54.25 -39.54 12.65
N LEU DB 110 -55.44 -39.34 12.09
CA LEU DB 110 -56.02 -38.02 11.94
C LEU DB 110 -56.90 -37.70 13.13
N SER DB 111 -56.77 -36.48 13.64
CA SER DB 111 -57.52 -36.05 14.82
C SER DB 111 -57.68 -34.55 14.77
N SER DB 112 -58.23 -33.98 15.84
CA SER DB 112 -58.53 -32.56 15.93
C SER DB 112 -57.56 -31.89 16.89
N ASP DB 113 -57.76 -30.58 17.07
CA ASP DB 113 -56.98 -29.79 18.01
C ASP DB 113 -57.80 -29.17 19.12
N LYS DB 114 -59.12 -29.05 18.95
CA LYS DB 114 -60.02 -28.57 19.98
C LYS DB 114 -60.67 -29.76 20.68
N GLY DB 115 -61.19 -29.50 21.89
CA GLY DB 115 -61.93 -30.48 22.64
C GLY DB 115 -63.42 -30.40 22.39
N LEU DB 116 -64.17 -31.09 23.26
CA LEU DB 116 -65.63 -31.14 23.17
C LEU DB 116 -66.09 -31.80 21.86
N CYS DB 117 -65.24 -32.65 21.30
CA CYS DB 117 -65.54 -33.32 20.04
C CYS DB 117 -66.18 -34.69 20.24
N GLY DB 118 -66.87 -34.91 21.37
CA GLY DB 118 -67.36 -36.24 21.66
C GLY DB 118 -66.23 -37.18 21.95
N GLY DB 119 -66.26 -38.36 21.34
CA GLY DB 119 -65.25 -39.37 21.56
C GLY DB 119 -64.68 -39.89 20.26
N VAL DB 120 -64.56 -38.99 19.29
CA VAL DB 120 -64.07 -39.40 17.97
C VAL DB 120 -62.57 -39.65 18.03
N ASN DB 121 -61.84 -38.75 18.69
CA ASN DB 121 -60.41 -38.98 18.86
C ASN DB 121 -60.15 -40.16 19.79
N SER DB 122 -61.07 -40.40 20.73
CA SER DB 122 -60.98 -41.60 21.56
C SER DB 122 -61.05 -42.85 20.70
N PHE DB 123 -62.03 -42.93 19.79
CA PHE DB 123 -62.15 -44.10 18.94
C PHE DB 123 -60.95 -44.22 17.99
N VAL DB 124 -60.47 -43.08 17.49
CA VAL DB 124 -59.30 -43.09 16.62
C VAL DB 124 -58.10 -43.69 17.36
N ALA DB 125 -57.81 -43.16 18.55
CA ALA DB 125 -56.67 -43.66 19.32
C ALA DB 125 -56.87 -45.11 19.73
N LYS DB 126 -58.12 -45.53 19.95
CA LYS DB 126 -58.39 -46.93 20.25
C LYS DB 126 -58.02 -47.83 19.08
N GLN DB 127 -58.50 -47.48 17.88
CA GLN DB 127 -58.14 -48.25 16.69
C GLN DB 127 -56.63 -48.23 16.46
N ALA DB 128 -55.98 -47.10 16.74
CA ALA DB 128 -54.53 -47.01 16.55
C ALA DB 128 -53.79 -47.90 17.53
N ARG DB 129 -54.22 -47.91 18.79
CA ARG DB 129 -53.63 -48.81 19.78
C ARG DB 129 -53.81 -50.26 19.35
N ILE DB 130 -55.00 -50.61 18.87
CA ILE DB 130 -55.26 -51.97 18.40
C ILE DB 130 -54.28 -52.32 17.29
N VAL DB 131 -54.15 -51.44 16.30
CA VAL DB 131 -53.28 -51.72 15.16
C VAL DB 131 -51.83 -51.87 15.61
N ILE DB 132 -51.38 -50.99 16.50
CA ILE DB 132 -49.99 -51.00 16.92
C ILE DB 132 -49.70 -52.29 17.70
N LYS DB 133 -50.59 -52.66 18.62
CA LYS DB 133 -50.38 -53.86 19.42
C LYS DB 133 -50.52 -55.12 18.59
N GLU DB 134 -51.26 -55.05 17.48
CA GLU DB 134 -51.36 -56.21 16.59
C GLU DB 134 -50.12 -56.35 15.72
N ASN DB 135 -49.58 -55.24 15.23
CA ASN DB 135 -48.48 -55.26 14.28
C ASN DB 135 -47.10 -55.29 14.95
N GLU DB 136 -47.02 -55.03 16.24
CA GLU DB 136 -45.75 -55.14 16.94
C GLU DB 136 -45.48 -56.53 17.49
N MET DB 137 -46.50 -57.40 17.50
CA MET DB 137 -46.28 -58.79 17.89
C MET DB 137 -45.49 -59.55 16.82
N ALA DB 138 -45.95 -59.47 15.57
CA ALA DB 138 -45.27 -60.16 14.48
C ALA DB 138 -43.85 -59.63 14.26
N GLY DB 139 -43.55 -58.43 14.76
CA GLY DB 139 -42.21 -57.88 14.66
C GLY DB 139 -42.07 -56.72 13.70
N ASN DB 140 -43.16 -56.23 13.14
CA ASN DB 140 -43.11 -55.08 12.24
C ASN DB 140 -42.83 -53.81 13.03
N ALA DB 141 -41.74 -53.13 12.68
CA ALA DB 141 -41.39 -51.90 13.36
C ALA DB 141 -42.34 -50.79 12.95
N VAL DB 142 -42.99 -50.19 13.94
CA VAL DB 142 -44.08 -49.25 13.72
C VAL DB 142 -43.59 -47.83 13.95
N GLN DB 143 -44.04 -46.92 13.09
CA GLN DB 143 -43.85 -45.49 13.26
C GLN DB 143 -45.22 -44.84 13.28
N VAL DB 144 -45.31 -43.68 13.93
CA VAL DB 144 -46.59 -43.04 14.19
C VAL DB 144 -46.51 -41.59 13.70
N TYR DB 145 -47.32 -41.27 12.71
CA TYR DB 145 -47.60 -39.89 12.33
C TYR DB 145 -49.00 -39.53 12.79
N GLY DB 146 -49.19 -38.26 13.13
CA GLY DB 146 -50.45 -37.82 13.69
C GLY DB 146 -50.80 -36.42 13.22
N VAL DB 147 -52.08 -36.09 13.39
CA VAL DB 147 -52.58 -34.76 13.08
C VAL DB 147 -53.47 -34.33 14.24
N GLY DB 148 -53.06 -33.29 14.94
CA GLY DB 148 -53.76 -32.77 16.09
C GLY DB 148 -53.04 -33.09 17.39
N ASP DB 149 -53.27 -32.25 18.39
CA ASP DB 149 -52.68 -32.46 19.71
C ASP DB 149 -53.39 -33.54 20.51
N LYS DB 150 -54.63 -33.87 20.15
CA LYS DB 150 -55.41 -34.81 20.95
C LYS DB 150 -54.82 -36.22 20.87
N ILE DB 151 -54.44 -36.66 19.67
CA ILE DB 151 -53.81 -37.97 19.53
C ILE DB 151 -52.46 -37.99 20.26
N ARG DB 152 -51.74 -36.88 20.23
CA ARG DB 152 -50.48 -36.79 20.95
C ARG DB 152 -50.69 -36.97 22.45
N SER DB 153 -51.65 -36.24 23.01
CA SER DB 153 -51.95 -36.36 24.43
C SER DB 153 -52.47 -37.74 24.77
N ALA DB 154 -53.15 -38.39 23.81
CA ALA DB 154 -53.72 -39.71 24.07
C ALA DB 154 -52.68 -40.82 24.06
N LEU DB 155 -51.64 -40.68 23.23
CA LEU DB 155 -50.69 -41.78 23.02
C LEU DB 155 -49.29 -41.46 23.51
N GLN DB 156 -49.05 -40.31 24.12
CA GLN DB 156 -47.73 -39.95 24.61
C GLN DB 156 -47.21 -41.00 25.59
N ARG DB 157 -47.87 -41.11 26.74
CA ARG DB 157 -47.34 -41.93 27.83
C ARG DB 157 -47.20 -43.38 27.42
N THR DB 158 -48.03 -43.85 26.49
CA THR DB 158 -48.09 -45.26 26.13
C THR DB 158 -47.29 -45.59 24.88
N PHE DB 159 -47.27 -44.69 23.89
CA PHE DB 159 -46.60 -44.94 22.62
C PHE DB 159 -45.85 -43.69 22.16
N GLY DB 160 -45.22 -42.99 23.13
CA GLY DB 160 -44.39 -41.86 22.80
C GLY DB 160 -42.97 -42.22 22.42
N ASP DB 161 -42.57 -43.47 22.64
CA ASP DB 161 -41.31 -44.01 22.15
C ASP DB 161 -41.40 -44.44 20.69
N ARG DB 162 -42.50 -44.14 20.00
CA ARG DB 162 -42.69 -44.52 18.61
C ARG DB 162 -43.04 -43.34 17.71
N PHE DB 163 -43.16 -42.13 18.26
CA PHE DB 163 -43.50 -40.99 17.43
C PHE DB 163 -42.38 -40.71 16.44
N LYS DB 164 -42.78 -40.25 15.25
CA LYS DB 164 -41.86 -39.84 14.19
C LYS DB 164 -42.03 -38.38 13.81
N ARG DB 165 -43.27 -37.93 13.61
CA ARG DB 165 -43.53 -36.57 13.18
C ARG DB 165 -45.01 -36.28 13.44
N ILE DB 166 -45.27 -35.08 13.95
CA ILE DB 166 -46.62 -34.65 14.32
C ILE DB 166 -46.86 -33.25 13.78
N MET DB 167 -48.09 -33.01 13.35
CA MET DB 167 -48.53 -31.71 12.85
C MET DB 167 -49.73 -31.25 13.68
N THR DB 168 -49.82 -29.95 13.88
CA THR DB 168 -50.89 -29.36 14.68
C THR DB 168 -51.04 -27.90 14.29
N GLU DB 169 -51.96 -27.22 14.97
CA GLU DB 169 -52.38 -25.87 14.59
C GLU DB 169 -52.83 -25.86 13.13
N VAL DB 170 -53.48 -26.96 12.73
CA VAL DB 170 -53.77 -27.18 11.33
C VAL DB 170 -55.06 -26.48 10.94
N THR DB 171 -56.17 -26.85 11.59
CA THR DB 171 -57.50 -26.39 11.21
C THR DB 171 -57.90 -25.11 11.91
N ARG DB 172 -56.92 -24.26 12.25
CA ARG DB 172 -57.24 -22.87 12.55
C ARG DB 172 -58.08 -22.26 11.44
N PHE DB 173 -57.66 -22.50 10.21
CA PHE DB 173 -58.40 -22.14 9.00
C PHE DB 173 -59.17 -23.35 8.47
N PRO DB 174 -59.85 -23.22 7.35
CA PRO DB 174 -60.33 -24.41 6.63
C PRO DB 174 -59.18 -25.33 6.22
N TRP DB 175 -59.53 -26.45 5.57
CA TRP DB 175 -58.64 -27.61 5.54
C TRP DB 175 -57.47 -27.41 4.58
N ASN DB 176 -57.73 -27.24 3.30
CA ASN DB 176 -56.62 -27.28 2.35
C ASN DB 176 -55.74 -26.06 2.44
N PHE DB 177 -56.00 -25.18 3.40
CA PHE DB 177 -54.97 -24.29 3.92
C PHE DB 177 -53.70 -25.08 4.20
N GLY DB 178 -53.77 -26.00 5.16
CA GLY DB 178 -52.67 -26.88 5.50
C GLY DB 178 -52.58 -28.05 4.55
N GLN DB 179 -52.08 -27.82 3.35
CA GLN DB 179 -52.27 -28.75 2.25
C GLN DB 179 -51.78 -30.15 2.61
N ALA DB 180 -52.57 -31.14 2.19
CA ALA DB 180 -52.19 -32.54 2.33
C ALA DB 180 -50.92 -32.87 1.56
N CYS DB 181 -50.60 -32.08 0.54
CA CYS DB 181 -49.40 -32.32 -0.25
C CYS DB 181 -48.15 -32.27 0.62
N ILE DB 182 -48.13 -31.38 1.62
CA ILE DB 182 -46.97 -31.28 2.50
C ILE DB 182 -46.79 -32.58 3.29
N ILE DB 183 -47.87 -33.07 3.89
CA ILE DB 183 -47.78 -34.29 4.68
C ILE DB 183 -47.42 -35.47 3.79
N ALA DB 184 -47.98 -35.52 2.59
CA ALA DB 184 -47.66 -36.60 1.66
C ALA DB 184 -46.18 -36.57 1.27
N ASP DB 185 -45.64 -35.37 1.04
CA ASP DB 185 -44.22 -35.25 0.74
C ASP DB 185 -43.38 -35.71 1.93
N ARG DB 186 -43.80 -35.37 3.14
CA ARG DB 186 -43.07 -35.84 4.32
C ARG DB 186 -43.10 -37.36 4.42
N LEU DB 187 -44.24 -37.97 4.06
CA LEU DB 187 -44.31 -39.43 4.08
C LEU DB 187 -43.39 -40.02 3.03
N MET DB 188 -43.35 -39.44 1.84
CA MET DB 188 -42.55 -40.04 0.79
C MET DB 188 -41.07 -39.86 1.13
N GLN DB 189 -40.72 -38.71 1.70
CA GLN DB 189 -39.34 -38.49 2.13
C GLN DB 189 -38.97 -39.50 3.19
N ASP DB 190 -39.94 -39.91 4.00
CA ASP DB 190 -39.73 -40.89 5.06
C ASP DB 190 -40.33 -42.24 4.66
N ASN DB 191 -40.17 -42.58 3.39
CA ASN DB 191 -40.87 -43.65 2.68
C ASN DB 191 -40.95 -44.93 3.50
N PRO DB 192 -42.12 -45.29 4.01
CA PRO DB 192 -42.26 -46.58 4.70
C PRO DB 192 -42.61 -47.70 3.73
N ALA DB 193 -42.62 -48.92 4.26
CA ALA DB 193 -42.93 -50.10 3.47
C ALA DB 193 -44.41 -50.43 3.42
N ARG DB 194 -45.19 -49.95 4.40
CA ARG DB 194 -46.63 -50.11 4.39
C ARG DB 194 -47.24 -48.99 5.23
N LEU DB 195 -48.35 -48.45 4.75
CA LEU DB 195 -48.97 -47.27 5.34
C LEU DB 195 -50.44 -47.54 5.65
N MET DB 196 -50.85 -47.12 6.84
CA MET DB 196 -52.24 -47.20 7.28
C MET DB 196 -52.72 -45.81 7.68
N VAL DB 197 -54.00 -45.55 7.45
CA VAL DB 197 -54.59 -44.24 7.71
C VAL DB 197 -55.88 -44.46 8.51
N ILE DB 198 -55.94 -43.86 9.70
CA ILE DB 198 -57.06 -44.03 10.60
C ILE DB 198 -57.78 -42.69 10.71
N TYR DB 199 -59.10 -42.72 10.53
CA TYR DB 199 -59.89 -41.49 10.46
C TYR DB 199 -61.34 -41.85 10.74
N ASN DB 200 -62.20 -40.83 10.69
CA ASN DB 200 -63.62 -40.98 10.97
C ASN DB 200 -64.40 -40.61 9.71
N HIS DB 201 -65.16 -41.58 9.19
CA HIS DB 201 -66.01 -41.33 8.04
C HIS DB 201 -67.31 -40.68 8.48
N PHE DB 202 -67.79 -39.73 7.68
CA PHE DB 202 -68.94 -38.91 8.02
C PHE DB 202 -70.14 -39.45 7.26
N LYS DB 203 -70.89 -40.35 7.92
CA LYS DB 203 -72.04 -40.96 7.28
C LYS DB 203 -73.19 -39.97 7.19
N SER DB 204 -73.61 -39.41 8.31
CA SER DB 204 -74.65 -38.41 8.35
C SER DB 204 -74.44 -37.51 9.55
N ALA DB 205 -75.30 -36.49 9.67
CA ALA DB 205 -75.11 -35.45 10.67
C ALA DB 205 -75.15 -35.98 12.10
N VAL DB 206 -75.59 -37.21 12.32
CA VAL DB 206 -75.67 -37.78 13.66
C VAL DB 206 -74.94 -39.11 13.73
N ALA DB 207 -74.21 -39.47 12.68
CA ALA DB 207 -73.58 -40.78 12.61
C ALA DB 207 -72.27 -40.69 11.86
N TYR DB 208 -71.22 -41.24 12.46
CA TYR DB 208 -69.92 -41.38 11.80
C TYR DB 208 -69.45 -42.82 11.88
N ASP DB 209 -68.21 -43.08 11.46
CA ASP DB 209 -67.69 -44.44 11.47
C ASP DB 209 -66.17 -44.39 11.34
N THR DB 210 -65.49 -45.15 12.18
CA THR DB 210 -64.03 -45.18 12.20
C THR DB 210 -63.52 -46.25 11.25
N LEU DB 211 -62.49 -45.92 10.49
CA LEU DB 211 -61.99 -46.78 9.42
C LEU DB 211 -60.47 -46.79 9.43
N THR DB 212 -59.92 -47.82 8.77
CA THR DB 212 -58.49 -47.92 8.53
C THR DB 212 -58.28 -48.25 7.07
N LEU DB 213 -57.47 -47.43 6.39
CA LEU DB 213 -57.18 -47.58 4.97
C LEU DB 213 -55.78 -48.14 4.79
N ASN DB 214 -55.69 -49.37 4.29
CA ASN DB 214 -54.42 -49.90 3.84
C ASN DB 214 -54.03 -49.25 2.52
N VAL DB 215 -52.92 -48.53 2.51
CA VAL DB 215 -52.54 -47.66 1.40
C VAL DB 215 -51.32 -48.24 0.72
N LEU DB 216 -51.30 -48.15 -0.61
CA LEU DB 216 -50.21 -48.70 -1.40
C LEU DB 216 -48.99 -47.78 -1.33
N THR DB 217 -47.81 -48.38 -1.33
CA THR DB 217 -46.54 -47.68 -1.20
C THR DB 217 -45.63 -48.07 -2.35
N PRO DB 218 -44.53 -47.35 -2.54
CA PRO DB 218 -43.63 -47.70 -3.65
C PRO DB 218 -43.10 -49.13 -3.59
N THR DB 219 -42.80 -49.62 -2.39
CA THR DB 219 -42.34 -51.01 -2.28
C THR DB 219 -43.41 -51.98 -2.77
N GLN DB 220 -44.67 -51.75 -2.38
CA GLN DB 220 -45.75 -52.63 -2.81
C GLN DB 220 -46.09 -52.44 -4.28
N ALA DB 221 -45.70 -51.32 -4.88
CA ALA DB 221 -45.94 -51.13 -6.30
C ALA DB 221 -44.85 -51.83 -7.10
N ALA DB 222 -43.60 -51.69 -6.67
CA ALA DB 222 -42.50 -52.37 -7.34
C ALA DB 222 -42.64 -53.88 -7.22
N GLN DB 223 -43.22 -54.37 -6.12
CA GLN DB 223 -43.42 -55.80 -5.96
C GLN DB 223 -44.61 -56.32 -6.77
N SER DB 224 -45.29 -55.47 -7.53
CA SER DB 224 -46.38 -55.88 -8.40
C SER DB 224 -46.11 -55.39 -9.82
N ALA DB 225 -46.48 -56.21 -10.81
CA ALA DB 225 -46.32 -55.83 -12.19
C ALA DB 225 -47.42 -54.90 -12.70
N LYS DB 226 -48.44 -54.63 -11.89
CA LYS DB 226 -49.50 -53.69 -12.26
C LYS DB 226 -50.22 -54.15 -13.52
N GLU DB 227 -50.42 -55.47 -13.62
CA GLU DB 227 -51.18 -56.02 -14.75
C GLU DB 227 -52.64 -55.56 -14.75
N GLN DB 228 -53.16 -55.14 -13.60
CA GLN DB 228 -54.56 -54.74 -13.51
C GLN DB 228 -54.84 -53.43 -14.24
N LEU DB 229 -53.81 -52.61 -14.47
CA LEU DB 229 -53.95 -51.34 -15.16
C LEU DB 229 -53.61 -51.44 -16.64
N ASN DB 230 -53.40 -52.65 -17.16
CA ASN DB 230 -53.10 -52.80 -18.57
C ASN DB 230 -54.28 -52.44 -19.46
N THR DB 231 -55.49 -52.39 -18.91
CA THR DB 231 -56.63 -51.91 -19.66
C THR DB 231 -56.55 -50.41 -19.93
N PHE DB 232 -55.71 -49.69 -19.20
CA PHE DB 232 -55.62 -48.24 -19.28
C PHE DB 232 -54.43 -47.83 -20.14
N GLU DB 233 -54.64 -46.80 -20.95
CA GLU DB 233 -53.57 -46.19 -21.73
C GLU DB 233 -52.98 -45.02 -20.94
N PHE DB 234 -51.68 -45.07 -20.67
CA PHE DB 234 -50.99 -44.01 -19.97
C PHE DB 234 -50.25 -43.16 -21.00
N GLU DB 235 -50.57 -41.85 -21.02
CA GLU DB 235 -50.09 -41.01 -22.12
C GLU DB 235 -48.58 -40.86 -22.09
N PRO DB 236 -47.96 -40.46 -20.98
CA PRO DB 236 -46.57 -40.88 -20.73
C PRO DB 236 -46.54 -42.34 -20.33
N GLU DB 237 -45.38 -42.96 -20.56
CA GLU DB 237 -45.27 -44.38 -20.29
C GLU DB 237 -45.48 -44.64 -18.80
N LYS DB 238 -45.90 -45.87 -18.49
CA LYS DB 238 -46.32 -46.20 -17.13
C LYS DB 238 -45.19 -45.97 -16.12
N THR DB 239 -43.97 -46.38 -16.46
CA THR DB 239 -42.86 -46.24 -15.51
C THR DB 239 -42.54 -44.79 -15.25
N ASP DB 240 -42.84 -43.91 -16.20
CA ASP DB 240 -42.51 -42.50 -16.06
C ASP DB 240 -43.61 -41.72 -15.37
N VAL DB 241 -44.86 -42.17 -15.49
CA VAL DB 241 -46.00 -41.48 -14.89
C VAL DB 241 -46.42 -42.08 -13.56
N TRP DB 242 -45.92 -43.27 -13.20
CA TRP DB 242 -46.34 -43.92 -11.97
C TRP DB 242 -45.97 -43.14 -10.72
N LYS DB 243 -44.74 -42.60 -10.65
CA LYS DB 243 -44.34 -41.90 -9.44
C LYS DB 243 -45.13 -40.62 -9.21
N ASP DB 244 -45.59 -39.98 -10.29
CA ASP DB 244 -46.38 -38.78 -10.12
C ASP DB 244 -47.82 -39.12 -9.86
N LEU DB 245 -48.27 -40.26 -10.36
CA LEU DB 245 -49.64 -40.65 -10.05
C LEU DB 245 -49.69 -41.09 -8.59
N GLN DB 246 -48.61 -41.72 -8.12
CA GLN DB 246 -48.62 -42.24 -6.76
C GLN DB 246 -48.58 -41.09 -5.77
N ASP DB 247 -47.84 -40.02 -6.11
CA ASP DB 247 -47.82 -38.85 -5.24
C ASP DB 247 -49.18 -38.17 -5.22
N PHE DB 248 -49.83 -38.06 -6.39
CA PHE DB 248 -51.19 -37.55 -6.43
C PHE DB 248 -52.12 -38.41 -5.58
N TYR DB 249 -51.96 -39.73 -5.63
CA TYR DB 249 -52.79 -40.63 -4.85
C TYR DB 249 -52.60 -40.39 -3.35
N TYR DB 250 -51.34 -40.29 -2.92
CA TYR DB 250 -51.07 -39.95 -1.53
C TYR DB 250 -51.80 -38.67 -1.13
N ALA DB 251 -51.62 -37.61 -1.91
CA ALA DB 251 -52.22 -36.32 -1.54
C ALA DB 251 -53.74 -36.41 -1.47
N CYS DB 252 -54.37 -36.99 -2.49
CA CYS DB 252 -55.83 -37.10 -2.51
C CYS DB 252 -56.36 -37.95 -1.36
N THR DB 253 -55.65 -39.03 -1.01
CA THR DB 253 -56.08 -39.88 0.10
C THR DB 253 -56.23 -39.08 1.40
N VAL DB 254 -55.16 -38.40 1.80
CA VAL DB 254 -55.19 -37.60 3.03
C VAL DB 254 -56.31 -36.56 2.98
N PHE DB 255 -56.53 -35.95 1.81
CA PHE DB 255 -57.48 -34.85 1.70
C PHE DB 255 -58.89 -35.29 2.09
N GLY DB 256 -59.42 -36.32 1.43
CA GLY DB 256 -60.77 -36.77 1.72
C GLY DB 256 -60.91 -37.30 3.13
N CYS DB 257 -59.90 -38.04 3.59
CA CYS DB 257 -59.95 -38.60 4.94
C CYS DB 257 -60.09 -37.48 5.97
N MET DB 258 -59.31 -36.41 5.83
CA MET DB 258 -59.36 -35.34 6.80
C MET DB 258 -60.66 -34.54 6.68
N LEU DB 259 -61.19 -34.38 5.46
CA LEU DB 259 -62.50 -33.74 5.35
C LEU DB 259 -63.55 -34.52 6.12
N ASP DB 260 -63.58 -35.84 5.92
CA ASP DB 260 -64.53 -36.69 6.63
C ASP DB 260 -64.34 -36.59 8.14
N ASN DB 261 -63.08 -36.58 8.59
CA ASN DB 261 -62.82 -36.48 10.02
C ASN DB 261 -63.33 -35.14 10.56
N ILE DB 262 -63.15 -34.06 9.80
CA ILE DB 262 -63.61 -32.75 10.24
C ILE DB 262 -65.12 -32.75 10.41
N ALA DB 263 -65.82 -33.30 9.41
CA ALA DB 263 -67.29 -33.33 9.49
C ALA DB 263 -67.75 -34.16 10.70
N SER DB 264 -67.12 -35.31 10.91
CA SER DB 264 -67.48 -36.14 12.06
C SER DB 264 -67.20 -35.39 13.36
N GLU DB 265 -66.07 -34.70 13.43
CA GLU DB 265 -65.74 -33.87 14.59
C GLU DB 265 -66.84 -32.87 14.87
N GLN DB 266 -67.32 -32.18 13.84
CA GLN DB 266 -68.32 -31.14 14.07
C GLN DB 266 -69.65 -31.75 14.51
N SER DB 267 -70.03 -32.89 13.93
CA SER DB 267 -71.24 -33.57 14.39
C SER DB 267 -71.14 -33.95 15.86
N ALA DB 268 -70.01 -34.56 16.25
CA ALA DB 268 -69.82 -34.92 17.65
C ALA DB 268 -69.81 -33.69 18.54
N ARG DB 269 -69.28 -32.57 18.05
CA ARG DB 269 -69.29 -31.34 18.83
C ARG DB 269 -70.71 -30.86 19.09
N MET DB 270 -71.56 -30.89 18.07
CA MET DB 270 -72.96 -30.51 18.27
C MET DB 270 -73.61 -31.42 19.29
N SER DB 271 -73.38 -32.75 19.17
CA SER DB 271 -73.98 -33.67 20.12
C SER DB 271 -73.50 -33.38 21.55
N ALA DB 272 -72.21 -33.07 21.70
CA ALA DB 272 -71.68 -32.77 23.02
C ALA DB 272 -72.29 -31.50 23.59
N MET DB 273 -72.48 -30.48 22.74
CA MET DB 273 -73.13 -29.26 23.20
C MET DB 273 -74.56 -29.54 23.68
N ASP DB 274 -75.28 -30.39 22.95
CA ASP DB 274 -76.61 -30.79 23.39
C ASP DB 274 -76.56 -31.43 24.78
N ASN DB 275 -75.69 -32.44 24.94
CA ASN DB 275 -75.63 -33.15 26.22
C ASN DB 275 -75.21 -32.22 27.35
N ALA DB 276 -74.30 -31.28 27.06
CA ALA DB 276 -73.85 -30.35 28.08
C ALA DB 276 -74.95 -29.40 28.50
N SER DB 277 -75.71 -28.88 27.55
CA SER DB 277 -76.83 -28.01 27.89
C SER DB 277 -77.87 -28.76 28.73
N THR DB 278 -78.14 -30.02 28.38
CA THR DB 278 -79.09 -30.80 29.15
C THR DB 278 -78.60 -30.99 30.59
N ASN DB 279 -77.34 -31.41 30.75
CA ASN DB 279 -76.79 -31.58 32.09
C ASN DB 279 -76.79 -30.27 32.87
N ALA DB 280 -76.56 -29.15 32.19
CA ALA DB 280 -76.60 -27.86 32.86
C ALA DB 280 -78.00 -27.53 33.33
N GLY DB 281 -79.02 -27.83 32.52
CA GLY DB 281 -80.39 -27.63 32.97
C GLY DB 281 -80.73 -28.46 34.19
N GLU DB 282 -80.32 -29.74 34.19
CA GLU DB 282 -80.55 -30.58 35.36
C GLU DB 282 -79.88 -30.01 36.60
N MET DB 283 -78.60 -29.63 36.47
CA MET DB 283 -77.88 -29.07 37.61
C MET DB 283 -78.54 -27.77 38.09
N ILE DB 284 -79.05 -26.96 37.16
CA ILE DB 284 -79.72 -25.73 37.54
C ILE DB 284 -80.98 -26.03 38.34
N SER DB 285 -81.73 -27.05 37.92
CA SER DB 285 -82.91 -27.45 38.68
C SER DB 285 -82.52 -27.85 40.11
N SER DB 286 -81.53 -28.73 40.22
CA SER DB 286 -81.11 -29.21 41.54
C SER DB 286 -80.64 -28.04 42.41
N LEU DB 287 -79.81 -27.16 41.86
CA LEU DB 287 -79.30 -26.04 42.63
C LEU DB 287 -80.39 -25.06 43.00
N THR DB 288 -81.43 -24.91 42.16
CA THR DB 288 -82.56 -24.07 42.53
C THR DB 288 -83.29 -24.65 43.73
N LEU DB 289 -83.54 -25.96 43.72
CA LEU DB 289 -84.15 -26.60 44.87
C LEU DB 289 -83.32 -26.35 46.13
N ARG DB 290 -82.01 -26.61 46.05
CA ARG DB 290 -81.16 -26.43 47.22
C ARG DB 290 -81.14 -24.97 47.67
N TYR DB 291 -81.15 -24.04 46.72
CA TYR DB 291 -81.14 -22.62 47.05
C TYR DB 291 -82.39 -22.24 47.83
N ASN DB 292 -83.55 -22.69 47.36
CA ASN DB 292 -84.78 -22.37 48.08
C ASN DB 292 -84.81 -23.01 49.46
N ARG DB 293 -84.31 -24.24 49.57
CA ARG DB 293 -84.21 -24.90 50.88
C ARG DB 293 -83.36 -24.07 51.83
N ALA DB 294 -82.15 -23.68 51.39
CA ALA DB 294 -81.27 -22.91 52.25
C ALA DB 294 -81.83 -21.54 52.56
N ARG DB 295 -82.57 -20.93 51.62
CA ARG DB 295 -83.23 -19.66 51.90
C ARG DB 295 -84.24 -19.81 53.04
N GLN DB 296 -85.12 -20.80 52.94
CA GLN DB 296 -86.07 -21.04 54.02
C GLN DB 296 -85.36 -21.33 55.33
N ALA DB 297 -84.27 -22.10 55.29
CA ALA DB 297 -83.54 -22.41 56.51
C ALA DB 297 -82.96 -21.14 57.14
N LYS DB 298 -82.36 -20.28 56.32
CA LYS DB 298 -81.82 -19.02 56.83
C LYS DB 298 -82.90 -18.18 57.47
N ILE DB 299 -84.04 -18.07 56.79
CA ILE DB 299 -85.14 -17.26 57.31
C ILE DB 299 -85.60 -17.80 58.66
N THR DB 300 -85.85 -19.11 58.73
CA THR DB 300 -86.30 -19.72 59.98
C THR DB 300 -85.28 -19.51 61.08
N THR DB 301 -83.98 -19.69 60.78
CA THR DB 301 -82.96 -19.56 61.80
C THR DB 301 -82.90 -18.13 62.33
N GLU DB 302 -82.87 -17.14 61.44
CA GLU DB 302 -82.82 -15.75 61.87
C GLU DB 302 -84.07 -15.39 62.68
N LEU DB 303 -85.23 -15.90 62.27
CA LEU DB 303 -86.46 -15.56 62.97
C LEU DB 303 -86.48 -16.18 64.35
N VAL DB 304 -85.99 -17.42 64.48
CA VAL DB 304 -85.95 -18.06 65.80
C VAL DB 304 -84.94 -17.33 66.70
N GLU DB 305 -83.83 -16.88 66.12
CA GLU DB 305 -82.88 -16.08 66.89
C GLU DB 305 -83.54 -14.81 67.41
N ILE DB 306 -84.25 -14.10 66.55
CA ILE DB 306 -84.91 -12.86 66.94
C ILE DB 306 -85.93 -13.14 68.04
N ILE DB 307 -86.73 -14.20 67.87
CA ILE DB 307 -87.77 -14.49 68.85
C ILE DB 307 -87.17 -14.85 70.19
N SER DB 308 -86.13 -15.69 70.21
CA SER DB 308 -85.51 -16.06 71.47
C SER DB 308 -84.81 -14.88 72.12
N GLY DB 309 -84.25 -13.96 71.33
CA GLY DB 309 -83.71 -12.76 71.92
C GLY DB 309 -84.75 -11.78 72.38
N ALA DB 310 -85.98 -11.89 71.89
CA ALA DB 310 -87.05 -11.02 72.34
C ALA DB 310 -87.73 -11.59 73.57
N ASN DB 311 -87.73 -12.91 73.70
CA ASN DB 311 -88.32 -13.60 74.85
C ASN DB 311 -87.31 -13.90 75.94
N ALA DB 312 -86.05 -13.51 75.77
CA ALA DB 312 -85.03 -13.72 76.79
C ALA DB 312 -84.75 -12.47 77.61
N LEU DB 313 -85.71 -11.57 77.69
CA LEU DB 313 -85.54 -10.33 78.45
C LEU DB 313 -86.09 -10.49 79.86
N PHE EB 41 -78.54 -44.68 -19.46
CA PHE EB 41 -78.97 -43.29 -19.57
C PHE EB 41 -78.97 -42.85 -21.03
N LYS EB 42 -77.83 -42.34 -21.49
CA LYS EB 42 -77.70 -41.89 -22.86
C LYS EB 42 -76.27 -42.18 -23.32
N ASN EB 43 -76.06 -42.12 -24.63
CA ASN EB 43 -74.73 -42.36 -25.21
C ASN EB 43 -73.98 -41.04 -25.33
N GLN EB 44 -73.85 -40.36 -24.20
CA GLN EB 44 -73.10 -39.12 -24.10
C GLN EB 44 -71.78 -39.31 -23.36
N LEU EB 45 -71.09 -38.18 -23.15
CA LEU EB 45 -69.84 -38.13 -22.40
C LEU EB 45 -70.10 -37.39 -21.10
N LEU EB 46 -69.97 -38.10 -19.99
CA LEU EB 46 -70.22 -37.59 -18.64
C LEU EB 46 -68.91 -36.97 -18.15
N LEU EB 47 -68.78 -35.66 -18.28
CA LEU EB 47 -67.60 -34.98 -17.79
C LEU EB 47 -67.78 -34.60 -16.32
N THR EB 48 -66.70 -34.75 -15.55
CA THR EB 48 -66.57 -34.07 -14.26
C THR EB 48 -65.23 -33.35 -14.23
N LEU EB 49 -65.28 -32.02 -14.19
CA LEU EB 49 -64.10 -31.17 -14.16
C LEU EB 49 -64.01 -30.56 -12.77
N SER EB 50 -62.96 -30.90 -12.03
CA SER EB 50 -62.95 -30.67 -10.60
C SER EB 50 -61.59 -30.18 -10.14
N SER EB 51 -61.62 -29.17 -9.28
CA SER EB 51 -60.51 -28.76 -8.44
C SER EB 51 -60.85 -29.05 -6.98
N PRO EB 52 -59.87 -28.91 -6.08
CA PRO EB 52 -60.18 -29.15 -4.67
C PRO EB 52 -61.17 -28.14 -4.10
N SER EB 53 -61.07 -26.88 -4.52
CA SER EB 53 -61.87 -25.82 -3.95
C SER EB 53 -63.25 -25.68 -4.61
N GLU EB 54 -63.44 -26.26 -5.79
CA GLU EB 54 -64.71 -26.09 -6.50
C GLU EB 54 -64.83 -27.19 -7.56
N ALA EB 55 -65.98 -27.85 -7.58
CA ALA EB 55 -66.33 -28.80 -8.63
C ALA EB 55 -67.19 -28.08 -9.66
N ILE EB 56 -66.62 -27.84 -10.85
CA ILE EB 56 -67.35 -27.09 -11.86
C ILE EB 56 -68.37 -27.96 -12.57
N TYR EB 57 -68.05 -29.25 -12.77
CA TYR EB 57 -68.98 -30.20 -13.35
C TYR EB 57 -68.91 -31.51 -12.58
N VAL EB 58 -70.03 -32.24 -12.58
CA VAL EB 58 -70.19 -33.45 -11.79
C VAL EB 58 -70.59 -34.64 -12.66
N ARG EB 59 -71.66 -34.48 -13.42
CA ARG EB 59 -72.07 -35.48 -14.41
C ARG EB 59 -72.54 -34.81 -15.68
N THR EB 60 -71.84 -33.77 -16.11
CA THR EB 60 -72.30 -32.97 -17.23
C THR EB 60 -72.20 -33.78 -18.52
N PRO EB 61 -73.29 -33.92 -19.28
CA PRO EB 61 -73.20 -34.61 -20.57
C PRO EB 61 -72.70 -33.67 -21.65
N VAL EB 62 -71.61 -34.05 -22.32
CA VAL EB 62 -70.98 -33.24 -23.34
C VAL EB 62 -70.71 -34.10 -24.57
N ARG EB 63 -70.22 -33.45 -25.63
CA ARG EB 63 -69.88 -34.10 -26.89
C ARG EB 63 -68.38 -34.32 -27.03
N SER EB 64 -67.58 -33.27 -26.81
CA SER EB 64 -66.14 -33.35 -26.98
C SER EB 64 -65.49 -32.42 -25.96
N VAL EB 65 -64.32 -32.83 -25.47
CA VAL EB 65 -63.59 -32.08 -24.45
C VAL EB 65 -62.11 -32.09 -24.82
N THR EB 66 -61.54 -30.92 -25.03
CA THR EB 66 -60.12 -30.78 -25.35
C THR EB 66 -59.34 -30.52 -24.08
N VAL EB 67 -58.16 -31.11 -23.98
CA VAL EB 67 -57.37 -31.04 -22.75
C VAL EB 67 -55.88 -30.97 -23.11
N PRO EB 68 -55.09 -30.16 -22.40
CA PRO EB 68 -53.67 -30.01 -22.75
C PRO EB 68 -52.75 -31.04 -22.07
N GLY EB 69 -52.69 -32.22 -22.66
CA GLY EB 69 -51.86 -33.28 -22.13
C GLY EB 69 -50.40 -32.88 -22.09
N SER EB 70 -49.61 -33.70 -21.38
CA SER EB 70 -48.20 -33.39 -21.20
C SER EB 70 -47.44 -33.51 -22.51
N GLU EB 71 -47.83 -34.47 -23.36
CA GLU EB 71 -47.23 -34.56 -24.69
C GLU EB 71 -47.77 -33.45 -25.58
N GLY EB 72 -49.09 -33.39 -25.75
CA GLY EB 72 -49.72 -32.33 -26.50
C GLY EB 72 -51.20 -32.32 -26.21
N ALA EB 73 -51.87 -31.29 -26.71
CA ALA EB 73 -53.31 -31.19 -26.54
C ALA EB 73 -54.00 -32.36 -27.24
N MET EB 74 -55.17 -32.72 -26.73
CA MET EB 74 -55.97 -33.78 -27.32
C MET EB 74 -57.40 -33.65 -26.84
N THR EB 75 -58.30 -34.28 -27.59
CA THR EB 75 -59.74 -34.11 -27.41
C THR EB 75 -60.37 -35.47 -27.17
N MET EB 76 -61.06 -35.62 -26.04
CA MET EB 76 -61.74 -36.84 -25.67
C MET EB 76 -63.21 -36.74 -26.05
N THR EB 77 -63.73 -37.83 -26.63
CA THR EB 77 -65.13 -37.94 -26.99
C THR EB 77 -65.64 -39.30 -26.55
N ASN EB 78 -66.94 -39.54 -26.74
CA ASN EB 78 -67.49 -40.86 -26.47
C ASN EB 78 -66.85 -41.88 -27.39
N GLY EB 79 -66.66 -43.09 -26.86
CA GLY EB 79 -65.99 -44.14 -27.59
C GLY EB 79 -64.49 -44.16 -27.43
N HIS EB 80 -63.90 -43.05 -26.97
CA HIS EB 80 -62.46 -43.01 -26.74
C HIS EB 80 -62.04 -44.10 -25.77
N SER EB 81 -60.80 -44.58 -25.94
CA SER EB 81 -60.30 -45.69 -25.16
C SER EB 81 -60.07 -45.28 -23.72
N GLN EB 82 -60.07 -46.27 -22.82
CA GLN EB 82 -59.63 -46.04 -21.46
C GLN EB 82 -58.20 -45.52 -21.47
N THR EB 83 -57.98 -44.36 -20.85
CA THR EB 83 -56.64 -43.78 -20.85
C THR EB 83 -56.46 -42.91 -19.63
N VAL EB 84 -55.19 -42.73 -19.27
CA VAL EB 84 -54.77 -41.79 -18.23
C VAL EB 84 -53.69 -40.91 -18.82
N ALA EB 85 -53.69 -39.64 -18.44
CA ALA EB 85 -52.71 -38.70 -18.98
C ALA EB 85 -52.42 -37.62 -17.95
N ARG EB 86 -51.20 -37.13 -17.99
CA ARG EB 86 -50.74 -36.04 -17.15
C ARG EB 86 -50.83 -34.74 -17.94
N LEU EB 87 -51.26 -33.67 -17.29
CA LEU EB 87 -51.39 -32.37 -17.93
C LEU EB 87 -50.32 -31.41 -17.43
N LYS EB 88 -50.01 -30.42 -18.26
CA LYS EB 88 -48.91 -29.50 -18.03
C LYS EB 88 -49.38 -28.08 -17.80
N ALA EB 89 -50.26 -27.57 -18.67
CA ALA EB 89 -50.87 -26.26 -18.53
C ALA EB 89 -51.77 -26.04 -19.74
N GLY EB 90 -52.69 -25.08 -19.60
CA GLY EB 90 -53.37 -24.51 -20.74
C GLY EB 90 -54.86 -24.55 -20.57
N GLU EB 91 -55.57 -24.39 -21.68
CA GLU EB 91 -56.99 -24.04 -21.71
C GLU EB 91 -57.79 -25.26 -22.10
N ILE EB 92 -58.36 -25.93 -21.11
CA ILE EB 92 -59.42 -26.91 -21.37
C ILE EB 92 -60.59 -26.21 -22.07
N ILE EB 93 -61.18 -26.91 -23.02
CA ILE EB 93 -62.27 -26.37 -23.85
C ILE EB 93 -63.37 -27.41 -23.91
N VAL EB 94 -64.49 -27.13 -23.23
CA VAL EB 94 -65.59 -28.06 -23.10
C VAL EB 94 -66.68 -27.68 -24.10
N ARG EB 95 -67.40 -28.67 -24.59
CA ARG EB 95 -68.42 -28.47 -25.63
C ARG EB 95 -69.59 -29.40 -25.33
N LYS EB 96 -70.68 -28.83 -24.84
CA LYS EB 96 -71.83 -29.63 -24.43
C LYS EB 96 -72.58 -30.16 -25.65
N GLY EB 97 -73.40 -31.17 -25.42
CA GLY EB 97 -74.29 -31.66 -26.46
C GLY EB 97 -75.37 -30.66 -26.81
N GLU EB 98 -75.89 -29.94 -25.80
CA GLU EB 98 -76.83 -28.87 -26.08
C GLU EB 98 -76.18 -27.72 -26.83
N THR EB 99 -74.90 -27.44 -26.56
CA THR EB 99 -74.21 -26.36 -27.24
C THR EB 99 -73.84 -26.76 -28.67
N GLY EB 100 -72.94 -27.74 -28.80
CA GLY EB 100 -72.42 -28.09 -30.10
C GLY EB 100 -71.37 -27.10 -30.59
N ASP EB 101 -71.81 -25.87 -30.86
CA ASP EB 101 -70.91 -24.81 -31.30
C ASP EB 101 -70.35 -24.00 -30.14
N GLU EB 102 -71.19 -23.66 -29.16
CA GLU EB 102 -70.72 -22.87 -28.03
C GLU EB 102 -69.80 -23.71 -27.14
N VAL EB 103 -68.92 -23.04 -26.42
CA VAL EB 103 -67.81 -23.67 -25.73
C VAL EB 103 -67.72 -23.12 -24.31
N GLU EB 104 -66.79 -23.67 -23.53
CA GLU EB 104 -66.45 -23.14 -22.23
C GLU EB 104 -64.95 -23.35 -22.01
N ARG EB 105 -64.24 -22.27 -21.71
CA ARG EB 105 -62.79 -22.30 -21.55
C ARG EB 105 -62.41 -22.27 -20.08
N PHE EB 106 -61.45 -23.11 -19.70
CA PHE EB 106 -60.96 -23.18 -18.33
C PHE EB 106 -59.46 -23.41 -18.39
N PHE EB 107 -58.70 -22.61 -17.64
CA PHE EB 107 -57.27 -22.79 -17.54
C PHE EB 107 -56.92 -23.72 -16.39
N LEU EB 108 -56.05 -24.68 -16.68
CA LEU EB 108 -55.60 -25.66 -15.70
C LEU EB 108 -54.10 -25.54 -15.51
N SER EB 109 -53.66 -25.62 -14.25
CA SER EB 109 -52.23 -25.58 -13.97
C SER EB 109 -51.60 -26.95 -14.14
N ASP EB 110 -52.03 -27.93 -13.34
CA ASP EB 110 -51.43 -29.25 -13.32
C ASP EB 110 -52.46 -30.24 -12.81
N GLY EB 111 -52.28 -31.48 -13.17
CA GLY EB 111 -53.17 -32.53 -12.68
C GLY EB 111 -53.21 -33.69 -13.66
N PHE EB 112 -54.34 -34.38 -13.65
CA PHE EB 112 -54.49 -35.67 -14.30
C PHE EB 112 -55.85 -35.73 -14.99
N VAL EB 113 -55.98 -36.68 -15.91
CA VAL EB 113 -57.25 -36.96 -16.57
C VAL EB 113 -57.46 -38.46 -16.60
N LEU EB 114 -58.70 -38.87 -16.39
CA LEU EB 114 -59.06 -40.29 -16.29
C LEU EB 114 -60.30 -40.53 -17.13
N PHE EB 115 -60.13 -41.23 -18.25
CA PHE EB 115 -61.23 -41.56 -19.15
C PHE EB 115 -61.56 -43.03 -18.95
N LYS EB 116 -62.80 -43.30 -18.55
CA LYS EB 116 -63.24 -44.65 -18.22
C LYS EB 116 -64.36 -45.07 -19.17
N SER EB 117 -64.25 -46.28 -19.70
CA SER EB 117 -65.19 -46.76 -20.69
C SER EB 117 -66.58 -46.83 -20.07
N PRO EB 118 -67.63 -46.91 -20.89
CA PRO EB 118 -68.99 -46.86 -20.37
C PRO EB 118 -69.42 -48.22 -19.86
N GLU EB 119 -70.00 -48.24 -18.66
CA GLU EB 119 -70.62 -49.45 -18.15
C GLU EB 119 -71.73 -49.91 -19.10
N ASP EB 120 -71.97 -51.23 -19.09
CA ASP EB 120 -72.89 -51.82 -20.05
C ASP EB 120 -74.31 -51.33 -19.82
N ASP EB 121 -74.68 -51.07 -18.56
CA ASP EB 121 -76.04 -50.65 -18.23
C ASP EB 121 -76.18 -49.13 -18.23
N SER EB 122 -75.09 -48.39 -17.99
CA SER EB 122 -75.17 -46.94 -17.99
C SER EB 122 -75.44 -46.40 -19.40
N GLY EB 123 -74.86 -47.03 -20.42
CA GLY EB 123 -74.98 -46.52 -21.77
C GLY EB 123 -74.23 -45.24 -22.04
N CYS EB 124 -73.44 -44.75 -21.08
CA CYS EB 124 -72.81 -43.43 -21.17
C CYS EB 124 -71.37 -43.55 -20.68
N CYS EB 125 -70.48 -42.75 -21.28
CA CYS EB 125 -69.05 -42.92 -21.07
C CYS EB 125 -68.51 -41.72 -20.33
N THR EB 126 -67.67 -41.96 -19.32
CA THR EB 126 -67.35 -40.95 -18.33
C THR EB 126 -65.90 -40.50 -18.41
N ALA EB 127 -65.64 -39.30 -17.89
CA ALA EB 127 -64.34 -38.66 -17.95
C ALA EB 127 -64.18 -37.75 -16.75
N GLU EB 128 -62.97 -37.72 -16.21
CA GLU EB 128 -62.66 -36.98 -14.98
C GLU EB 128 -61.40 -36.16 -15.18
N VAL EB 129 -61.54 -34.84 -15.11
CA VAL EB 129 -60.44 -33.91 -15.31
C VAL EB 129 -60.15 -33.24 -13.97
N LEU EB 130 -59.04 -33.64 -13.34
CA LEU EB 130 -58.66 -33.16 -12.02
C LEU EB 130 -57.55 -32.13 -12.14
N GLY EB 131 -57.77 -30.98 -11.54
CA GLY EB 131 -56.80 -29.90 -11.60
C GLY EB 131 -56.54 -29.31 -10.23
N VAL EB 132 -55.27 -29.05 -9.94
CA VAL EB 132 -54.90 -28.48 -8.66
C VAL EB 132 -55.38 -27.05 -8.53
N GLU EB 133 -55.57 -26.36 -9.65
CA GLU EB 133 -56.15 -25.01 -9.64
C GLU EB 133 -56.76 -24.78 -11.01
N VAL EB 134 -58.09 -24.79 -11.07
CA VAL EB 134 -58.83 -24.64 -12.32
C VAL EB 134 -59.59 -23.33 -12.28
N VAL EB 135 -59.13 -22.36 -13.07
CA VAL EB 135 -59.80 -21.07 -13.17
C VAL EB 135 -60.51 -21.02 -14.52
N PRO EB 136 -61.51 -20.18 -14.70
CA PRO EB 136 -61.92 -19.78 -16.05
C PRO EB 136 -60.95 -18.78 -16.64
N VAL EB 137 -61.13 -18.51 -17.94
CA VAL EB 137 -60.30 -17.52 -18.61
C VAL EB 137 -60.82 -16.11 -18.39
N SER EB 138 -62.10 -15.96 -18.06
CA SER EB 138 -62.66 -14.64 -17.76
C SER EB 138 -61.96 -14.02 -16.57
N MET EB 139 -61.48 -14.83 -15.63
CA MET EB 139 -60.93 -14.36 -14.37
C MET EB 139 -59.42 -14.19 -14.41
N LEU EB 140 -58.82 -14.18 -15.59
CA LEU EB 140 -57.38 -14.09 -15.72
C LEU EB 140 -56.97 -12.67 -16.11
N ASP EB 141 -55.69 -12.37 -15.87
CA ASP EB 141 -55.14 -11.04 -16.13
C ASP EB 141 -53.77 -11.19 -16.77
N LYS EB 142 -53.46 -10.30 -17.71
CA LYS EB 142 -52.18 -10.32 -18.40
C LYS EB 142 -51.15 -9.40 -17.76
N GLU EB 143 -51.59 -8.41 -16.99
CA GLU EB 143 -50.65 -7.46 -16.40
C GLU EB 143 -50.02 -8.03 -15.14
N SER EB 144 -50.84 -8.50 -14.20
CA SER EB 144 -50.28 -9.19 -13.04
C SER EB 144 -49.53 -10.45 -13.48
N ALA EB 145 -49.98 -11.08 -14.56
CA ALA EB 145 -49.25 -12.21 -15.14
C ALA EB 145 -47.84 -11.80 -15.54
N ALA EB 146 -47.72 -10.71 -16.31
CA ALA EB 146 -46.39 -10.30 -16.75
C ALA EB 146 -45.56 -9.77 -15.58
N THR EB 147 -46.20 -9.17 -14.58
CA THR EB 147 -45.47 -8.74 -13.39
C THR EB 147 -44.89 -9.94 -12.65
N ALA EB 148 -45.69 -11.00 -12.48
CA ALA EB 148 -45.19 -12.21 -11.83
C ALA EB 148 -44.10 -12.86 -12.66
N LEU EB 149 -44.23 -12.83 -13.99
CA LEU EB 149 -43.15 -13.32 -14.84
C LEU EB 149 -41.86 -12.54 -14.62
N GLN EB 150 -41.97 -11.22 -14.53
CA GLN EB 150 -40.79 -10.39 -14.31
C GLN EB 150 -40.15 -10.70 -12.96
N GLU EB 151 -40.97 -10.83 -11.92
CA GLU EB 151 -40.43 -11.11 -10.60
C GLU EB 151 -39.84 -12.52 -10.52
N LEU EB 152 -40.44 -13.48 -11.24
CA LEU EB 152 -39.88 -14.82 -11.31
C LEU EB 152 -38.50 -14.80 -11.98
N LEU EB 153 -38.39 -14.13 -13.12
CA LEU EB 153 -37.10 -14.02 -13.79
C LEU EB 153 -36.09 -13.31 -12.91
N GLN EB 154 -36.54 -12.31 -12.15
CA GLN EB 154 -35.65 -11.61 -11.23
C GLN EB 154 -35.14 -12.56 -10.16
N GLN EB 155 -36.02 -13.38 -9.60
CA GLN EB 155 -35.61 -14.30 -8.54
C GLN EB 155 -34.70 -15.39 -9.09
N GLY EB 156 -34.98 -15.87 -10.30
CA GLY EB 156 -34.22 -16.94 -10.90
C GLY EB 156 -32.97 -16.52 -11.62
N ALA EB 157 -32.72 -15.21 -11.73
CA ALA EB 157 -31.48 -14.76 -12.35
C ALA EB 157 -30.27 -15.24 -11.55
N GLY EB 158 -30.41 -15.34 -10.23
CA GLY EB 158 -29.38 -15.93 -9.41
C GLY EB 158 -29.48 -17.44 -9.44
N ALA EB 159 -29.23 -18.03 -10.61
CA ALA EB 159 -29.44 -19.46 -10.82
C ALA EB 159 -28.33 -20.23 -10.11
N THR EB 160 -28.67 -20.80 -8.96
CA THR EB 160 -27.77 -21.68 -8.22
C THR EB 160 -28.35 -23.07 -8.00
N ASP EB 161 -29.60 -23.17 -7.58
CA ASP EB 161 -30.20 -24.46 -7.26
C ASP EB 161 -30.95 -25.05 -8.45
N GLU EB 162 -30.93 -26.38 -8.53
CA GLU EB 162 -31.62 -27.08 -9.60
C GLU EB 162 -33.12 -26.81 -9.53
N TRP EB 163 -33.67 -26.83 -8.32
CA TRP EB 163 -35.11 -26.63 -8.19
C TRP EB 163 -35.48 -25.21 -8.54
N THR EB 164 -34.59 -24.25 -8.28
CA THR EB 164 -34.87 -22.86 -8.60
C THR EB 164 -34.86 -22.66 -10.11
N LYS EB 165 -33.84 -23.20 -10.79
CA LYS EB 165 -33.81 -23.14 -12.24
C LYS EB 165 -35.04 -23.80 -12.86
N ALA EB 166 -35.35 -25.02 -12.41
CA ALA EB 166 -36.51 -25.72 -12.94
C ALA EB 166 -37.80 -24.93 -12.71
N ARG EB 167 -37.96 -24.38 -11.51
CA ARG EB 167 -39.16 -23.61 -11.20
C ARG EB 167 -39.25 -22.36 -12.07
N THR EB 168 -38.11 -21.71 -12.32
CA THR EB 168 -38.10 -20.55 -13.20
C THR EB 168 -38.55 -20.95 -14.61
N LEU EB 169 -38.02 -22.05 -15.12
CA LEU EB 169 -38.38 -22.47 -16.47
C LEU EB 169 -39.85 -22.86 -16.56
N LEU EB 170 -40.35 -23.59 -15.57
CA LEU EB 170 -41.74 -24.02 -15.61
C LEU EB 170 -42.70 -22.84 -15.40
N GLY EB 171 -42.30 -21.88 -14.57
CA GLY EB 171 -43.08 -20.66 -14.45
C GLY EB 171 -43.13 -19.89 -15.76
N GLN EB 172 -41.99 -19.83 -16.46
CA GLN EB 172 -41.99 -19.23 -17.80
C GLN EB 172 -42.99 -19.94 -18.70
N GLU EB 173 -42.97 -21.26 -18.71
CA GLU EB 173 -43.91 -22.03 -19.51
C GLU EB 173 -45.35 -21.66 -19.18
N LEU EB 174 -45.71 -21.77 -17.91
CA LEU EB 174 -47.10 -21.58 -17.51
C LEU EB 174 -47.55 -20.15 -17.74
N LEU EB 175 -46.67 -19.18 -17.48
CA LEU EB 175 -47.06 -17.78 -17.65
C LEU EB 175 -47.19 -17.41 -19.11
N SER EB 176 -46.33 -17.96 -19.98
CA SER EB 176 -46.53 -17.80 -21.41
C SER EB 176 -47.85 -18.39 -21.85
N SER EB 177 -48.21 -19.55 -21.30
CA SER EB 177 -49.49 -20.16 -21.65
C SER EB 177 -50.66 -19.27 -21.18
N VAL EB 178 -50.55 -18.72 -19.97
CA VAL EB 178 -51.58 -17.82 -19.47
C VAL EB 178 -51.72 -16.60 -20.38
N ILE EB 179 -50.60 -16.02 -20.77
CA ILE EB 179 -50.64 -14.83 -21.63
C ILE EB 179 -51.30 -15.16 -22.96
N ARG EB 180 -50.88 -16.27 -23.58
CA ARG EB 180 -51.46 -16.69 -24.86
C ARG EB 180 -52.92 -17.08 -24.74
N ALA EB 181 -53.39 -17.46 -23.56
CA ALA EB 181 -54.77 -17.94 -23.40
C ALA EB 181 -55.73 -16.86 -22.94
N ALA EB 182 -55.26 -15.85 -22.22
CA ALA EB 182 -56.13 -14.80 -21.73
C ALA EB 182 -56.64 -13.94 -22.88
N PRO EB 183 -57.77 -13.26 -22.69
CA PRO EB 183 -58.41 -12.52 -23.78
C PRO EB 183 -57.92 -11.08 -23.90
N MET FB 1 -38.54 -33.50 -15.08
CA MET FB 1 -37.75 -32.33 -14.62
C MET FB 1 -37.65 -32.27 -13.10
N TRP FB 2 -38.37 -33.16 -12.41
CA TRP FB 2 -38.48 -33.09 -10.97
C TRP FB 2 -37.86 -34.29 -10.28
N ARG FB 3 -38.02 -35.48 -10.84
CA ARG FB 3 -37.31 -36.65 -10.33
C ARG FB 3 -35.81 -36.54 -10.56
N SER FB 4 -35.39 -35.71 -11.53
CA SER FB 4 -33.97 -35.41 -11.69
C SER FB 4 -33.50 -34.36 -10.69
N SER FB 5 -34.29 -33.31 -10.49
CA SER FB 5 -33.96 -32.26 -9.53
C SER FB 5 -34.21 -32.67 -8.08
N GLY FB 6 -34.71 -33.88 -7.85
CA GLY FB 6 -35.05 -34.30 -6.50
C GLY FB 6 -36.22 -33.53 -5.95
N VAL FB 7 -37.32 -33.52 -6.71
CA VAL FB 7 -38.52 -32.75 -6.39
C VAL FB 7 -39.73 -33.62 -6.68
N SER FB 8 -40.78 -33.43 -5.89
CA SER FB 8 -42.00 -34.20 -6.03
C SER FB 8 -43.02 -33.49 -6.92
N PHE FB 9 -43.89 -34.29 -7.52
CA PHE FB 9 -44.93 -33.74 -8.38
C PHE FB 9 -45.92 -32.91 -7.57
N THR FB 10 -46.15 -33.27 -6.30
CA THR FB 10 -47.06 -32.47 -5.48
C THR FB 10 -46.44 -31.11 -5.19
N ARG FB 11 -45.14 -31.09 -4.89
CA ARG FB 11 -44.44 -29.83 -4.68
C ARG FB 11 -44.50 -28.96 -5.93
N TYR FB 12 -44.21 -29.54 -7.09
CA TYR FB 12 -44.26 -28.79 -8.34
C TYR FB 12 -45.66 -28.25 -8.61
N ALA FB 13 -46.68 -29.09 -8.42
CA ALA FB 13 -48.05 -28.67 -8.70
C ALA FB 13 -48.47 -27.55 -7.77
N SER FB 14 -48.14 -27.65 -6.49
CA SER FB 14 -48.51 -26.60 -5.54
C SER FB 14 -47.78 -25.31 -5.87
N GLU FB 15 -46.47 -25.38 -6.09
CA GLU FB 15 -45.68 -24.18 -6.35
C GLU FB 15 -46.05 -23.53 -7.67
N MET FB 16 -46.65 -24.28 -8.60
CA MET FB 16 -47.12 -23.68 -9.85
C MET FB 16 -48.54 -23.13 -9.72
N ALA FB 17 -49.38 -23.81 -8.95
CA ALA FB 17 -50.71 -23.28 -8.65
C ALA FB 17 -50.61 -21.97 -7.88
N ALA FB 18 -49.57 -21.81 -7.07
CA ALA FB 18 -49.35 -20.54 -6.41
C ALA FB 18 -49.15 -19.41 -7.41
N LEU FB 19 -48.25 -19.61 -8.39
CA LEU FB 19 -48.04 -18.60 -9.43
C LEU FB 19 -49.32 -18.35 -10.21
N LEU FB 20 -50.06 -19.40 -10.54
CA LEU FB 20 -51.33 -19.19 -11.23
C LEU FB 20 -52.27 -18.34 -10.39
N ARG FB 21 -52.34 -18.60 -9.08
CA ARG FB 21 -53.19 -17.80 -8.21
C ARG FB 21 -52.69 -16.36 -8.14
N GLN FB 22 -51.38 -16.16 -8.29
CA GLN FB 22 -50.83 -14.82 -8.36
C GLN FB 22 -51.22 -14.11 -9.65
N CYS FB 23 -51.55 -14.88 -10.69
CA CYS FB 23 -51.97 -14.30 -11.97
C CYS FB 23 -53.49 -14.14 -12.06
N LEU FB 24 -54.16 -13.94 -10.95
CA LEU FB 24 -55.60 -13.81 -10.89
C LEU FB 24 -56.03 -12.34 -10.81
N LYS FB 25 -57.33 -12.12 -10.99
CA LYS FB 25 -57.93 -10.81 -10.82
C LYS FB 25 -58.29 -10.59 -9.35
N GLU FB 26 -58.16 -9.33 -8.92
CA GLU FB 26 -58.15 -9.04 -7.50
C GLU FB 26 -59.39 -9.53 -6.75
N PRO FB 27 -60.61 -9.40 -7.28
CA PRO FB 27 -61.77 -9.89 -6.50
C PRO FB 27 -61.74 -11.38 -6.26
N TYR FB 28 -61.39 -12.18 -7.27
CA TYR FB 28 -61.24 -13.62 -7.07
C TYR FB 28 -59.90 -13.97 -6.44
N ARG FB 29 -58.85 -13.21 -6.73
CA ARG FB 29 -57.55 -13.48 -6.14
C ARG FB 29 -57.56 -13.32 -4.63
N THR FB 30 -58.34 -12.37 -4.12
CA THR FB 30 -58.48 -12.22 -2.67
C THR FB 30 -59.05 -13.49 -2.05
N GLN FB 31 -60.13 -14.02 -2.63
CA GLN FB 31 -60.74 -15.22 -2.09
C GLN FB 31 -59.85 -16.43 -2.29
N ALA FB 32 -59.02 -16.43 -3.33
CA ALA FB 32 -58.16 -17.56 -3.60
C ALA FB 32 -57.03 -17.64 -2.58
N MET FB 33 -56.24 -16.57 -2.45
CA MET FB 33 -55.21 -16.60 -1.43
C MET FB 33 -55.79 -16.65 -0.02
N GLN FB 34 -57.04 -16.22 0.16
CA GLN FB 34 -57.72 -16.44 1.43
C GLN FB 34 -57.88 -17.93 1.67
N ARG FB 35 -58.59 -18.62 0.78
CA ARG FB 35 -58.87 -20.02 1.00
C ARG FB 35 -57.60 -20.87 0.90
N ASN FB 36 -56.47 -20.26 0.55
CA ASN FB 36 -55.22 -20.98 0.38
C ASN FB 36 -54.09 -20.29 1.12
N GLN FB 37 -54.38 -19.77 2.31
CA GLN FB 37 -53.32 -19.43 3.26
C GLN FB 37 -52.81 -20.71 3.90
N ILE FB 38 -51.76 -20.59 4.71
CA ILE FB 38 -51.13 -21.75 5.32
C ILE FB 38 -50.81 -21.44 6.78
N HIS FB 39 -51.01 -22.44 7.65
CA HIS FB 39 -50.58 -22.35 9.05
C HIS FB 39 -50.39 -23.75 9.60
N LEU FB 40 -49.14 -24.17 9.80
CA LEU FB 40 -48.84 -25.48 10.35
C LEU FB 40 -47.73 -25.34 11.38
N LYS FB 41 -47.59 -26.37 12.21
CA LYS FB 41 -46.57 -26.40 13.25
C LYS FB 41 -46.05 -27.83 13.34
N GLU FB 42 -44.94 -28.10 12.65
CA GLU FB 42 -44.34 -29.41 12.67
C GLU FB 42 -43.53 -29.62 13.95
N THR FB 43 -43.53 -30.86 14.43
CA THR FB 43 -42.94 -31.24 15.71
C THR FB 43 -42.29 -32.60 15.51
N VAL FB 44 -40.96 -32.64 15.51
CA VAL FB 44 -40.22 -33.82 15.10
C VAL FB 44 -39.77 -34.57 16.35
N TYR FB 45 -39.87 -35.89 16.30
CA TYR FB 45 -39.62 -36.74 17.45
C TYR FB 45 -38.59 -37.79 17.07
N GLN FB 46 -37.90 -38.31 18.08
CA GLN FB 46 -36.98 -39.44 17.88
C GLN FB 46 -36.95 -40.25 19.18
N GLN FB 47 -37.83 -41.24 19.26
CA GLN FB 47 -37.99 -42.02 20.49
C GLN FB 47 -38.20 -41.08 21.68
N GLY FB 48 -39.29 -40.32 21.60
CA GLY FB 48 -39.44 -39.17 22.45
C GLY FB 48 -38.39 -38.12 22.14
N GLN FB 49 -38.15 -37.25 23.11
CA GLN FB 49 -37.00 -36.33 23.06
C GLN FB 49 -37.05 -35.50 21.78
N VAL FB 50 -38.04 -34.60 21.75
CA VAL FB 50 -38.28 -33.74 20.59
C VAL FB 50 -36.96 -33.19 20.07
N LEU FB 51 -36.72 -33.36 18.77
CA LEU FB 51 -35.54 -32.77 18.15
C LEU FB 51 -35.76 -31.30 17.82
N THR FB 52 -36.95 -30.95 17.35
CA THR FB 52 -37.23 -29.57 16.99
C THR FB 52 -38.72 -29.38 16.79
N ARG FB 53 -39.13 -28.13 16.86
CA ARG FB 53 -40.48 -27.70 16.53
C ARG FB 53 -40.36 -26.44 15.69
N GLU FB 54 -41.18 -26.34 14.64
CA GLU FB 54 -41.08 -25.19 13.75
C GLU FB 54 -42.42 -24.93 13.08
N THR FB 55 -42.73 -23.65 12.90
CA THR FB 55 -43.97 -23.25 12.29
C THR FB 55 -43.75 -22.98 10.80
N PHE FB 56 -44.85 -23.05 10.04
CA PHE FB 56 -44.82 -22.82 8.61
C PHE FB 56 -46.06 -22.04 8.20
N ASN FB 57 -45.85 -20.95 7.48
CA ASN FB 57 -46.93 -20.19 6.88
C ASN FB 57 -46.76 -20.02 5.38
N ASP FB 58 -45.69 -20.52 4.80
CA ASP FB 58 -45.46 -20.43 3.36
C ASP FB 58 -45.23 -21.83 2.79
N ILE FB 59 -45.68 -22.00 1.55
CA ILE FB 59 -45.58 -23.30 0.89
C ILE FB 59 -44.12 -23.63 0.62
N LYS FB 60 -43.33 -22.64 0.18
CA LYS FB 60 -41.97 -22.92 -0.25
C LYS FB 60 -41.10 -23.26 0.95
N LYS FB 61 -41.26 -22.53 2.05
CA LYS FB 61 -40.48 -22.85 3.24
C LYS FB 61 -40.98 -24.12 3.92
N ALA FB 62 -42.26 -24.45 3.71
CA ALA FB 62 -42.79 -25.70 4.26
C ALA FB 62 -42.21 -26.89 3.52
N PHE FB 63 -42.07 -26.79 2.20
CA PHE FB 63 -41.49 -27.89 1.45
C PHE FB 63 -39.97 -27.92 1.61
N GLU FB 64 -39.34 -26.77 1.81
CA GLU FB 64 -37.90 -26.72 1.95
C GLU FB 64 -37.47 -27.30 3.28
N ALA FB 65 -37.95 -26.73 4.37
CA ALA FB 65 -37.60 -27.23 5.70
C ALA FB 65 -38.22 -28.59 5.94
N GLN GB 73 -88.13 -3.47 98.72
CA GLN GB 73 -87.69 -3.97 97.42
C GLN GB 73 -88.85 -4.58 96.66
N THR GB 74 -89.29 -5.75 97.10
CA THR GB 74 -90.39 -6.46 96.45
C THR GB 74 -91.68 -5.67 96.63
N LEU GB 75 -92.75 -6.18 96.04
CA LEU GB 75 -94.05 -5.53 96.13
C LEU GB 75 -94.54 -5.47 97.58
N GLU GB 76 -94.64 -6.64 98.22
CA GLU GB 76 -94.96 -6.68 99.63
C GLU GB 76 -93.99 -5.85 100.47
N GLY GB 77 -92.71 -5.82 100.10
CA GLY GB 77 -91.79 -4.93 100.79
C GLY GB 77 -92.17 -3.47 100.65
N ARG GB 78 -92.65 -3.09 99.46
CA ARG GB 78 -93.04 -1.71 99.21
C ARG GB 78 -94.23 -1.33 100.07
N TYR GB 79 -95.29 -2.14 100.01
CA TYR GB 79 -96.49 -1.86 100.80
C TYR GB 79 -96.19 -1.90 102.29
N ALA GB 80 -95.33 -2.82 102.73
CA ALA GB 80 -95.00 -2.90 104.14
C ALA GB 80 -94.21 -1.68 104.60
N SER GB 81 -93.27 -1.21 103.78
CA SER GB 81 -92.53 0.01 104.13
C SER GB 81 -93.46 1.21 104.19
N ALA GB 82 -94.36 1.33 103.20
CA ALA GB 82 -95.30 2.45 103.19
C ALA GB 82 -96.19 2.42 104.43
N LEU GB 83 -96.68 1.23 104.79
CA LEU GB 83 -97.58 1.11 105.94
C LEU GB 83 -96.84 1.39 107.25
N PHE GB 84 -95.68 0.75 107.44
CA PHE GB 84 -94.87 1.02 108.63
C PHE GB 84 -94.56 2.51 108.76
N ARG GB 85 -94.28 3.18 107.64
CA ARG GB 85 -94.00 4.61 107.65
C ARG GB 85 -95.22 5.41 108.09
N VAL GB 86 -96.35 5.22 107.40
CA VAL GB 86 -97.51 6.07 107.68
C VAL GB 86 -98.05 5.78 109.07
N ALA GB 87 -98.04 4.50 109.47
CA ALA GB 87 -98.57 4.16 110.79
C ALA GB 87 -97.64 4.64 111.90
N LYS GB 88 -96.35 4.80 111.60
CA LYS GB 88 -95.48 5.45 112.57
C LYS GB 88 -95.73 6.95 112.61
N LYS GB 89 -96.19 7.52 111.50
CA LYS GB 89 -96.33 8.98 111.46
C LYS GB 89 -97.64 9.41 112.12
N LYS GB 90 -98.78 8.94 111.60
CA LYS GB 90 -100.05 9.61 111.87
C LYS GB 90 -100.98 8.82 112.79
N ASN GB 91 -101.35 7.60 112.44
CA ASN GB 91 -102.47 6.96 113.13
C ASN GB 91 -102.05 6.32 114.45
N GLN GB 92 -101.26 5.25 114.38
CA GLN GB 92 -100.36 4.77 115.43
C GLN GB 92 -99.73 3.49 114.88
N LEU GB 93 -98.74 2.97 115.60
CA LEU GB 93 -98.14 1.72 115.21
C LEU GB 93 -98.99 0.55 115.67
N GLU GB 94 -99.35 0.54 116.96
CA GLU GB 94 -99.97 -0.63 117.57
C GLU GB 94 -101.30 -0.94 116.93
N LYS GB 95 -102.08 0.09 116.59
CA LYS GB 95 -103.37 -0.10 115.95
C LYS GB 95 -103.22 -0.91 114.67
N VAL GB 96 -102.42 -0.41 113.72
CA VAL GB 96 -102.27 -1.09 112.45
C VAL GB 96 -101.61 -2.45 112.63
N TYR GB 97 -100.72 -2.58 113.62
CA TYR GB 97 -100.11 -3.88 113.90
C TYR GB 97 -101.16 -4.89 114.30
N GLY GB 98 -101.99 -4.54 115.27
CA GLY GB 98 -103.07 -5.44 115.68
C GLY GB 98 -104.04 -5.72 114.55
N ASP GB 99 -104.32 -4.72 113.71
CA ASP GB 99 -105.22 -4.93 112.59
C ASP GB 99 -104.66 -5.96 111.61
N LEU GB 100 -103.39 -5.81 111.25
CA LEU GB 100 -102.76 -6.77 110.35
C LEU GB 100 -102.71 -8.16 110.99
N GLU GB 101 -102.42 -8.24 112.28
CA GLU GB 101 -102.40 -9.54 112.95
C GLU GB 101 -103.78 -10.18 112.93
N SER GB 102 -104.82 -9.41 113.22
CA SER GB 102 -106.18 -9.94 113.16
C SER GB 102 -106.53 -10.43 111.77
N VAL GB 103 -106.16 -9.66 110.73
CA VAL GB 103 -106.47 -10.06 109.37
C VAL GB 103 -105.74 -11.34 109.02
N ARG GB 104 -104.46 -11.44 109.38
CA ARG GB 104 -103.69 -12.64 109.10
C ARG GB 104 -104.28 -13.86 109.80
N ASN GB 105 -104.69 -13.69 111.05
CA ASN GB 105 -105.29 -14.80 111.78
C ASN GB 105 -106.62 -15.21 111.17
N ALA GB 106 -107.45 -14.24 110.77
CA ALA GB 106 -108.70 -14.59 110.10
C ALA GB 106 -108.44 -15.29 108.78
N LEU GB 107 -107.35 -14.93 108.10
CA LEU GB 107 -107.00 -15.57 106.84
C LEU GB 107 -106.57 -17.01 107.05
N LYS GB 108 -105.83 -17.28 108.12
CA LYS GB 108 -105.33 -18.62 108.39
C LYS GB 108 -106.27 -19.46 109.23
N ASP GB 109 -107.37 -18.91 109.72
CA ASP GB 109 -108.36 -19.64 110.50
C ASP GB 109 -109.67 -19.85 109.78
N SER GB 110 -110.14 -18.83 109.04
CA SER GB 110 -111.45 -18.93 108.38
C SER GB 110 -111.42 -19.97 107.27
N SER GB 111 -110.41 -19.90 106.40
CA SER GB 111 -110.19 -20.82 105.29
C SER GB 111 -111.16 -20.57 104.14
N GLU GB 112 -112.03 -19.55 104.25
CA GLU GB 112 -112.81 -19.07 103.14
C GLU GB 112 -112.51 -17.62 102.78
N PHE GB 113 -112.08 -16.80 103.75
CA PHE GB 113 -111.58 -15.47 103.42
C PHE GB 113 -110.43 -15.56 102.43
N ARG GB 114 -109.54 -16.54 102.60
CA ARG GB 114 -108.44 -16.74 101.66
C ARG GB 114 -108.96 -16.98 100.25
N LEU GB 115 -109.96 -17.85 100.11
CA LEU GB 115 -110.53 -18.10 98.79
C LEU GB 115 -111.23 -16.86 98.25
N PHE GB 116 -111.91 -16.12 99.11
CA PHE GB 116 -112.51 -14.85 98.70
C PHE GB 116 -111.46 -13.90 98.14
N VAL GB 117 -110.27 -13.91 98.74
CA VAL GB 117 -109.19 -13.05 98.27
C VAL GB 117 -108.63 -13.55 96.94
N ASP GB 118 -108.47 -14.86 96.80
CA ASP GB 118 -107.77 -15.39 95.62
C ASP GB 118 -108.69 -15.49 94.40
N SER GB 119 -109.97 -15.76 94.62
CA SER GB 119 -110.86 -16.08 93.51
C SER GB 119 -111.04 -14.86 92.60
N PRO GB 120 -111.12 -15.05 91.28
CA PRO GB 120 -111.44 -13.94 90.38
C PRO GB 120 -112.92 -13.79 90.08
N ALA GB 121 -113.76 -14.74 90.48
CA ALA GB 121 -115.20 -14.60 90.29
C ALA GB 121 -115.77 -13.43 91.09
N VAL GB 122 -115.10 -13.03 92.17
CA VAL GB 122 -115.58 -11.91 92.97
C VAL GB 122 -115.28 -10.61 92.23
N SER GB 123 -116.32 -9.80 92.04
CA SER GB 123 -116.14 -8.50 91.41
C SER GB 123 -115.44 -7.53 92.34
N VAL GB 124 -114.85 -6.48 91.74
CA VAL GB 124 -114.15 -5.48 92.54
C VAL GB 124 -115.10 -4.79 93.50
N GLN GB 125 -116.37 -4.61 93.10
CA GLN GB 125 -117.31 -3.92 93.97
C GLN GB 125 -117.71 -4.79 95.15
N GLN GB 126 -117.97 -6.08 94.91
CA GLN GB 126 -118.23 -7.00 96.02
C GLN GB 126 -117.02 -7.08 96.94
N LYS GB 127 -115.82 -7.12 96.38
CA LYS GB 127 -114.60 -7.11 97.19
C LYS GB 127 -114.57 -5.89 98.11
N LEU GB 128 -114.73 -4.70 97.54
CA LEU GB 128 -114.65 -3.48 98.34
C LEU GB 128 -115.78 -3.43 99.36
N ASP GB 129 -116.97 -3.92 99.01
CA ASP GB 129 -118.09 -3.91 99.93
C ASP GB 129 -117.83 -4.82 101.12
N VAL GB 130 -117.35 -6.04 100.87
CA VAL GB 130 -117.03 -6.95 101.97
C VAL GB 130 -115.88 -6.40 102.80
N LEU GB 131 -114.93 -5.71 102.17
CA LEU GB 131 -113.81 -5.18 102.92
C LEU GB 131 -114.26 -4.03 103.83
N ARG GB 132 -115.16 -3.19 103.35
CA ARG GB 132 -115.69 -2.13 104.18
C ARG GB 132 -116.59 -2.67 105.29
N GLN GB 133 -117.32 -3.75 105.01
CA GLN GB 133 -118.14 -4.34 106.07
C GLN GB 133 -117.26 -5.03 107.13
N LEU GB 134 -116.08 -5.52 106.73
CA LEU GB 134 -115.12 -6.00 107.72
C LEU GB 134 -114.53 -4.84 108.51
N VAL GB 135 -114.33 -3.70 107.83
CA VAL GB 135 -113.81 -2.53 108.50
C VAL GB 135 -114.77 -2.11 109.60
N ASN GB 136 -116.04 -1.96 109.25
CA ASN GB 136 -117.01 -1.47 110.23
C ASN GB 136 -117.25 -2.52 111.31
N ARG GB 137 -117.40 -3.79 110.93
CA ARG GB 137 -117.74 -4.84 111.88
C ARG GB 137 -116.57 -5.26 112.75
N TYR GB 138 -115.37 -4.74 112.51
CA TYR GB 138 -114.20 -5.10 113.33
C TYR GB 138 -113.40 -3.85 113.67
N LYS GB 139 -112.60 -3.98 114.72
CA LYS GB 139 -111.70 -2.91 115.14
C LYS GB 139 -110.67 -2.66 114.06
N PHE GB 140 -110.79 -1.52 113.36
CA PHE GB 140 -110.14 -1.35 112.07
C PHE GB 140 -109.80 0.11 111.86
N ASP GB 141 -108.59 0.36 111.36
CA ASP GB 141 -108.11 1.71 111.10
C ASP GB 141 -108.43 2.10 109.66
N PRO GB 142 -108.28 3.38 109.31
CA PRO GB 142 -108.48 3.79 107.92
C PRO GB 142 -107.29 3.49 107.04
N LEU GB 143 -106.09 3.45 107.65
CA LEU GB 143 -104.89 3.16 106.87
C LEU GB 143 -104.94 1.76 106.28
N THR GB 144 -105.38 0.78 107.08
CA THR GB 144 -105.47 -0.58 106.56
C THR GB 144 -106.55 -0.70 105.48
N GLY GB 145 -107.65 0.05 105.63
CA GLY GB 145 -108.65 0.06 104.59
C GLY GB 145 -108.13 0.65 103.30
N ASN GB 146 -107.32 1.71 103.39
CA ASN GB 146 -106.71 2.28 102.20
C ASN GB 146 -105.71 1.31 101.59
N LEU GB 147 -104.98 0.57 102.43
CA LEU GB 147 -104.09 -0.46 101.93
C LEU GB 147 -104.87 -1.50 101.13
N LEU GB 148 -106.01 -1.94 101.67
CA LEU GB 148 -106.79 -2.97 101.00
C LEU GB 148 -107.40 -2.44 99.70
N THR GB 149 -107.85 -1.18 99.70
CA THR GB 149 -108.37 -0.59 98.47
C THR GB 149 -107.28 -0.46 97.42
N THR GB 150 -106.06 -0.15 97.84
CA THR GB 150 -104.95 -0.07 96.91
C THR GB 150 -104.60 -1.44 96.34
N LEU GB 151 -104.51 -2.44 97.21
CA LEU GB 151 -104.20 -3.79 96.77
C LEU GB 151 -105.27 -4.32 95.83
N VAL GB 152 -106.53 -3.93 96.04
CA VAL GB 152 -107.59 -4.36 95.13
C VAL GB 152 -107.50 -3.61 93.82
N GLU GB 153 -107.18 -2.31 93.88
CA GLU GB 153 -107.08 -1.52 92.66
C GLU GB 153 -105.94 -2.01 91.79
N ASN GB 154 -104.89 -2.55 92.40
CA ASN GB 154 -103.70 -3.00 91.67
C ASN GB 154 -103.60 -4.51 91.59
N LYS GB 155 -104.62 -5.25 92.03
CA LYS GB 155 -104.64 -6.71 91.95
C LYS GB 155 -103.50 -7.32 92.77
N ARG GB 156 -103.41 -6.89 94.04
CA ARG GB 156 -102.35 -7.33 94.93
C ARG GB 156 -102.90 -7.84 96.26
N LEU GB 157 -104.18 -8.18 96.31
CA LEU GB 157 -104.78 -8.66 97.56
C LEU GB 157 -104.17 -9.96 98.06
N PRO GB 158 -103.82 -10.93 97.21
CA PRO GB 158 -103.14 -12.14 97.72
C PRO GB 158 -101.85 -11.85 98.49
N MET GB 159 -101.20 -10.71 98.26
CA MET GB 159 -100.01 -10.35 98.99
C MET GB 159 -100.30 -9.80 100.40
N LEU GB 160 -101.53 -9.93 100.88
CA LEU GB 160 -101.85 -9.47 102.23
C LEU GB 160 -101.02 -10.20 103.28
N ALA GB 161 -100.94 -11.53 103.16
CA ALA GB 161 -100.16 -12.32 104.12
C ALA GB 161 -98.71 -11.86 104.15
N ARG GB 162 -98.06 -11.86 102.99
CA ARG GB 162 -96.67 -11.41 102.90
C ARG GB 162 -96.48 -10.03 103.50
N VAL GB 163 -97.33 -9.07 103.10
CA VAL GB 163 -97.29 -7.73 103.67
C VAL GB 163 -97.34 -7.78 105.19
N ALA GB 164 -98.28 -8.56 105.72
CA ALA GB 164 -98.42 -8.67 107.18
C ALA GB 164 -97.14 -9.18 107.82
N ASP GB 165 -96.54 -10.22 107.24
CA ASP GB 165 -95.27 -10.74 107.75
C ASP GB 165 -94.19 -9.66 107.74
N ALA GB 166 -94.09 -8.91 106.64
CA ALA GB 166 -93.11 -7.84 106.55
C ALA GB 166 -93.35 -6.79 107.62
N PHE GB 167 -94.62 -6.47 107.89
CA PHE GB 167 -94.93 -5.52 108.95
C PHE GB 167 -94.55 -6.09 110.31
N ASP GB 168 -94.74 -7.40 110.48
CA ASP GB 168 -94.48 -8.02 111.77
C ASP GB 168 -93.00 -7.97 112.11
N ALA GB 169 -92.15 -8.26 111.12
CA ALA GB 169 -90.73 -8.44 111.41
C ALA GB 169 -90.10 -7.13 111.90
N MET GB 170 -90.46 -6.01 111.26
CA MET GB 170 -89.75 -4.76 111.52
C MET GB 170 -89.91 -4.33 112.97
N TYR GB 171 -91.11 -4.48 113.51
CA TYR GB 171 -91.40 -3.94 114.84
C TYR GB 171 -90.63 -4.70 115.90
N ARG GB 172 -90.66 -6.04 115.82
CA ARG GB 172 -89.93 -6.87 116.76
C ARG GB 172 -88.42 -6.73 116.58
N LYS GB 173 -87.96 -6.34 115.38
CA LYS GB 173 -86.53 -6.09 115.23
C LYS GB 173 -86.14 -4.75 115.84
N GLU GB 174 -87.00 -3.75 115.67
CA GLU GB 174 -86.82 -2.47 116.36
C GLU GB 174 -86.74 -2.64 117.87
N LYS GB 175 -87.57 -3.52 118.45
CA LYS GB 175 -87.59 -3.67 119.90
C LYS GB 175 -86.56 -4.67 120.45
N GLY GB 176 -86.60 -5.92 120.00
CA GLY GB 176 -85.68 -6.90 120.54
C GLY GB 176 -85.50 -8.14 119.70
N GLU GB 177 -84.25 -8.56 119.55
CA GLU GB 177 -83.91 -9.68 118.68
C GLU GB 177 -84.17 -11.03 119.32
N VAL GB 178 -84.42 -12.01 118.46
CA VAL GB 178 -84.46 -13.42 118.80
C VAL GB 178 -83.28 -14.12 118.15
N LYS GB 179 -82.58 -14.97 118.89
CA LYS GB 179 -81.31 -15.53 118.44
C LYS GB 179 -81.36 -17.04 118.57
N CYS GB 180 -80.70 -17.74 117.65
CA CYS GB 180 -80.55 -19.18 117.78
C CYS GB 180 -79.29 -19.55 118.56
N LEU GB 181 -79.26 -20.80 119.04
CA LEU GB 181 -78.19 -21.23 119.93
C LEU GB 181 -78.28 -22.73 120.12
N VAL GB 182 -77.11 -23.35 120.27
CA VAL GB 182 -76.93 -24.79 120.22
C VAL GB 182 -76.01 -25.22 121.36
N THR GB 183 -76.27 -26.42 121.84
CA THR GB 183 -75.47 -27.11 122.84
C THR GB 183 -75.36 -28.58 122.43
N SER GB 184 -74.90 -29.41 123.36
CA SER GB 184 -74.98 -30.86 123.18
C SER GB 184 -76.25 -31.44 123.79
N ALA GB 185 -76.42 -31.29 125.10
CA ALA GB 185 -77.62 -31.76 125.78
C ALA GB 185 -78.07 -30.67 126.75
N LYS GB 186 -78.97 -31.03 127.65
CA LYS GB 186 -79.55 -30.05 128.55
C LYS GB 186 -78.47 -29.42 129.42
N PRO GB 187 -78.22 -28.12 129.32
CA PRO GB 187 -77.37 -27.45 130.31
C PRO GB 187 -78.12 -27.16 131.60
N LEU GB 188 -77.48 -26.40 132.49
CA LEU GB 188 -77.98 -26.14 133.83
C LEU GB 188 -78.42 -24.70 133.92
N SER GB 189 -79.28 -24.40 134.91
CA SER GB 189 -79.69 -23.02 135.14
C SER GB 189 -78.50 -22.10 135.38
N ALA GB 190 -77.45 -22.60 136.03
CA ALA GB 190 -76.26 -21.77 136.29
C ALA GB 190 -75.59 -21.31 135.00
N GLN GB 191 -75.11 -22.24 134.19
CA GLN GB 191 -74.47 -21.83 132.95
C GLN GB 191 -75.45 -21.25 131.94
N GLN GB 192 -76.74 -21.54 132.05
CA GLN GB 192 -77.72 -20.81 131.24
C GLN GB 192 -77.73 -19.34 131.59
N GLN GB 193 -77.78 -19.02 132.89
CA GLN GB 193 -77.69 -17.64 133.35
C GLN GB 193 -76.40 -17.00 132.85
N LYS GB 194 -75.28 -17.71 133.00
CA LYS GB 194 -74.00 -17.19 132.54
C LYS GB 194 -74.02 -16.91 131.04
N GLU GB 195 -74.60 -17.83 130.25
CA GLU GB 195 -74.66 -17.64 128.81
C GLU GB 195 -75.48 -16.41 128.45
N ILE GB 196 -76.66 -16.27 129.08
CA ILE GB 196 -77.53 -15.17 128.71
C ILE GB 196 -76.92 -13.84 129.13
N VAL GB 197 -76.28 -13.78 130.30
CA VAL GB 197 -75.71 -12.52 130.75
C VAL GB 197 -74.48 -12.16 129.92
N ALA GB 198 -73.70 -13.17 129.52
CA ALA GB 198 -72.54 -12.90 128.68
C ALA GB 198 -72.97 -12.40 127.30
N ALA GB 199 -73.97 -13.06 126.71
CA ALA GB 199 -74.47 -12.60 125.42
C ALA GB 199 -75.16 -11.26 125.53
N LEU GB 200 -75.67 -10.91 126.71
CA LEU GB 200 -76.32 -9.63 126.87
C LEU GB 200 -75.28 -8.51 126.99
N GLN GB 201 -74.22 -8.73 127.75
CA GLN GB 201 -73.16 -7.73 127.80
C GLN GB 201 -72.43 -7.63 126.47
N ASN GB 202 -72.43 -8.71 125.68
CA ASN GB 202 -71.84 -8.65 124.34
C ASN GB 202 -72.71 -7.84 123.38
N ARG GB 203 -74.02 -8.09 123.40
CA ARG GB 203 -74.94 -7.37 122.53
C ARG GB 203 -75.03 -5.90 122.90
N ALA GB 204 -75.19 -5.61 124.19
CA ALA GB 204 -75.65 -4.31 124.67
C ALA GB 204 -77.01 -3.95 124.07
N GLY GB 205 -77.82 -4.97 123.80
CA GLY GB 205 -79.20 -4.80 123.40
C GLY GB 205 -80.12 -5.27 124.50
N THR GB 206 -80.92 -4.37 125.06
CA THR GB 206 -81.54 -4.65 126.35
C THR GB 206 -82.59 -5.76 126.28
N GLN GB 207 -83.07 -6.12 125.09
CA GLN GB 207 -84.07 -7.17 124.93
C GLN GB 207 -83.52 -8.29 124.07
N ALA GB 208 -83.57 -9.51 124.58
CA ALA GB 208 -83.06 -10.69 123.89
C ALA GB 208 -83.95 -11.86 124.24
N ARG GB 209 -84.63 -12.43 123.24
CA ARG GB 209 -85.44 -13.63 123.46
C ARG GB 209 -84.90 -14.76 122.59
N LEU GB 210 -84.32 -15.78 123.22
CA LEU GB 210 -83.41 -16.67 122.55
C LEU GB 210 -84.07 -18.01 122.21
N ILE GB 211 -83.25 -18.93 121.71
CA ILE GB 211 -83.66 -20.30 121.41
C ILE GB 211 -82.62 -21.23 122.01
N ILE GB 212 -83.04 -22.44 122.36
CA ILE GB 212 -82.12 -23.52 122.70
C ILE GB 212 -82.24 -24.63 121.66
N ASP GB 213 -81.12 -25.32 121.41
CA ASP GB 213 -81.06 -26.38 120.43
C ASP GB 213 -79.99 -27.37 120.84
N TYR GB 214 -79.98 -28.51 120.16
CA TYR GB 214 -79.05 -29.61 120.46
C TYR GB 214 -78.55 -30.22 119.15
N ALA GB 215 -77.31 -29.88 118.80
CA ALA GB 215 -76.57 -30.53 117.75
C ALA GB 215 -75.17 -30.82 118.28
N VAL GB 216 -74.73 -32.08 118.14
CA VAL GB 216 -73.62 -32.61 118.91
C VAL GB 216 -72.33 -32.64 118.12
N SER GB 217 -72.33 -32.15 116.88
CA SER GB 217 -71.07 -32.02 116.15
C SER GB 217 -70.14 -31.06 116.88
N PRO GB 218 -70.52 -29.79 117.09
CA PRO GB 218 -69.81 -29.00 118.09
C PRO GB 218 -70.00 -29.62 119.47
N GLN GB 219 -68.93 -30.18 120.03
CA GLN GB 219 -69.06 -31.28 120.97
C GLN GB 219 -69.97 -30.96 122.16
N ILE GB 220 -69.56 -29.99 122.99
CA ILE GB 220 -70.46 -29.48 124.03
C ILE GB 220 -70.40 -27.96 124.14
N MET GB 221 -69.38 -27.34 123.56
CA MET GB 221 -69.17 -25.92 123.76
C MET GB 221 -70.24 -25.11 123.03
N GLY GB 222 -70.77 -24.10 123.72
CA GLY GB 222 -72.00 -23.43 123.35
C GLY GB 222 -71.83 -22.59 122.10
N GLY GB 223 -72.37 -23.06 120.99
CA GLY GB 223 -72.37 -22.30 119.75
C GLY GB 223 -73.72 -21.66 119.49
N LEU GB 224 -73.72 -20.57 118.72
CA LEU GB 224 -74.97 -19.82 118.58
C LEU GB 224 -74.86 -18.88 117.39
N VAL GB 225 -76.00 -18.24 117.09
CA VAL GB 225 -76.05 -17.11 116.17
C VAL GB 225 -77.02 -16.07 116.72
N VAL GB 226 -76.46 -14.99 117.26
CA VAL GB 226 -77.25 -13.81 117.56
C VAL GB 226 -77.78 -13.24 116.25
N ARG GB 227 -79.10 -13.23 116.09
CA ARG GB 227 -79.70 -13.14 114.76
C ARG GB 227 -79.58 -11.73 114.19
N LEU GB 228 -78.45 -11.42 113.56
CA LEU GB 228 -78.40 -10.31 112.63
C LEU GB 228 -77.58 -10.65 111.38
N GLY GB 229 -77.20 -11.90 111.19
CA GLY GB 229 -76.61 -12.35 109.92
C GLY GB 229 -75.11 -12.20 109.83
N GLU GB 230 -74.60 -11.00 110.10
CA GLU GB 230 -73.18 -10.72 109.96
C GLU GB 230 -72.38 -11.02 111.22
N GLN GB 231 -73.00 -11.66 112.22
CA GLN GB 231 -72.31 -12.14 113.42
C GLN GB 231 -72.75 -13.58 113.71
N VAL GB 232 -71.99 -14.54 113.20
CA VAL GB 232 -72.12 -15.92 113.64
C VAL GB 232 -70.85 -16.34 114.38
N LEU GB 233 -70.83 -16.07 115.68
CA LEU GB 233 -69.66 -16.35 116.52
C LEU GB 233 -69.60 -17.83 116.83
N ASP GB 234 -68.59 -18.52 116.29
CA ASP GB 234 -68.54 -19.98 116.29
C ASP GB 234 -67.69 -20.48 117.45
N PHE GB 235 -68.15 -20.17 118.66
CA PHE GB 235 -67.56 -20.71 119.88
C PHE GB 235 -67.89 -22.19 120.01
N SER GB 236 -67.05 -23.05 119.43
CA SER GB 236 -67.26 -24.48 119.46
C SER GB 236 -65.94 -25.18 119.68
N VAL GB 237 -66.03 -26.49 119.95
CA VAL GB 237 -64.83 -27.31 120.15
C VAL GB 237 -64.28 -27.78 118.82
N ALA GB 238 -65.07 -28.56 118.08
CA ALA GB 238 -64.58 -29.20 116.86
C ALA GB 238 -64.17 -28.19 115.82
N THR GB 239 -64.84 -27.03 115.79
CA THR GB 239 -64.55 -26.04 114.75
C THR GB 239 -63.19 -25.39 115.01
N ARG GB 240 -62.97 -24.90 116.23
CA ARG GB 240 -61.66 -24.38 116.59
C ARG GB 240 -60.58 -25.44 116.41
N LEU GB 241 -60.87 -26.69 116.78
CA LEU GB 241 -59.90 -27.77 116.64
C LEU GB 241 -59.50 -27.95 115.19
N ASP GB 242 -60.47 -28.07 114.29
CA ASP GB 242 -60.17 -28.33 112.89
C ASP GB 242 -59.49 -27.12 112.26
N ARG GB 243 -59.94 -25.91 112.60
CA ARG GB 243 -59.27 -24.72 112.08
C ARG GB 243 -57.81 -24.69 112.52
N LEU GB 244 -57.55 -25.02 113.79
CA LEU GB 244 -56.18 -25.04 114.29
C LEU GB 244 -55.36 -26.07 113.54
N GLN GB 245 -55.91 -27.27 113.36
CA GLN GB 245 -55.20 -28.33 112.64
C GLN GB 245 -54.83 -27.87 111.23
N SER GB 246 -55.83 -27.38 110.48
CA SER GB 246 -55.58 -26.89 109.13
C SER GB 246 -54.63 -25.71 109.11
N GLN GB 247 -54.50 -24.98 110.22
CA GLN GB 247 -53.51 -23.91 110.29
C GLN GB 247 -52.12 -24.49 110.49
N LEU GB 248 -51.97 -25.46 111.40
CA LEU GB 248 -50.67 -25.98 111.78
C LEU GB 248 -50.21 -27.09 110.85
N LEU GB 249 -50.97 -27.41 109.81
CA LEU GB 249 -50.42 -28.19 108.70
C LEU GB 249 -49.69 -27.30 107.70
N ALA GB 250 -49.54 -26.00 108.00
CA ALA GB 250 -48.85 -25.10 107.11
C ALA GB 250 -47.40 -25.55 106.94
N PRO GB 251 -46.72 -25.09 105.88
CA PRO GB 251 -45.33 -25.49 105.67
C PRO GB 251 -44.39 -24.63 106.49
N LEU GB 252 -43.67 -25.26 107.41
CA LEU GB 252 -42.66 -24.57 108.22
C LEU GB 252 -43.28 -23.40 108.99
N ALA HB 96 -14.73 -65.01 -66.19
CA ALA HB 96 -15.23 -66.06 -65.30
C ALA HB 96 -15.64 -65.47 -63.95
N GLY HB 97 -15.41 -64.18 -63.76
CA GLY HB 97 -15.83 -63.51 -62.56
C GLY HB 97 -17.30 -63.19 -62.47
N VAL HB 98 -18.07 -63.49 -63.52
CA VAL HB 98 -19.50 -63.20 -63.48
C VAL HB 98 -20.20 -64.07 -62.43
N ALA HB 99 -19.71 -65.29 -62.22
CA ALA HB 99 -20.25 -66.13 -61.16
C ALA HB 99 -20.00 -65.53 -59.78
N SER HB 100 -18.78 -65.04 -59.55
CA SER HB 100 -18.48 -64.36 -58.29
C SER HB 100 -19.35 -63.12 -58.12
N LEU HB 101 -19.57 -62.38 -59.21
CA LEU HB 101 -20.42 -61.20 -59.15
C LEU HB 101 -21.85 -61.57 -58.77
N SER HB 102 -22.38 -62.63 -59.38
CA SER HB 102 -23.73 -63.06 -59.05
C SER HB 102 -23.83 -63.53 -57.61
N ALA HB 103 -22.83 -64.28 -57.14
CA ALA HB 103 -22.82 -64.71 -55.75
C ALA HB 103 -22.79 -63.53 -54.80
N ALA HB 104 -22.01 -62.51 -55.13
CA ALA HB 104 -21.97 -61.32 -54.28
C ALA HB 104 -23.31 -60.60 -54.28
N ILE HB 105 -23.94 -60.50 -55.44
CA ILE HB 105 -25.23 -59.81 -55.52
C ILE HB 105 -26.26 -60.55 -54.68
N ALA HB 106 -26.31 -61.88 -54.84
CA ALA HB 106 -27.24 -62.68 -54.04
C ALA HB 106 -26.91 -62.64 -52.55
N LEU HB 107 -25.64 -62.40 -52.20
CA LEU HB 107 -25.28 -62.23 -50.80
C LEU HB 107 -25.53 -60.82 -50.29
N MET HB 108 -25.85 -59.88 -51.17
CA MET HB 108 -26.12 -58.50 -50.76
C MET HB 108 -27.59 -58.31 -50.41
N SER HB 109 -28.10 -59.18 -49.54
CA SER HB 109 -29.40 -58.97 -48.93
C SER HB 109 -29.46 -59.40 -47.46
N VAL HB 110 -28.34 -59.85 -46.88
CA VAL HB 110 -28.32 -60.18 -45.47
C VAL HB 110 -28.47 -58.96 -44.58
N GLY HB 111 -28.20 -57.76 -45.12
CA GLY HB 111 -28.38 -56.57 -44.32
C GLY HB 111 -29.80 -56.38 -43.84
N GLY HB 112 -30.78 -56.74 -44.67
CA GLY HB 112 -32.16 -56.65 -44.26
C GLY HB 112 -32.51 -57.63 -43.16
N VAL HB 113 -32.03 -58.87 -43.30
CA VAL HB 113 -32.16 -59.85 -42.21
C VAL HB 113 -31.57 -59.31 -40.92
N ALA HB 114 -30.41 -58.65 -41.02
CA ALA HB 114 -29.74 -58.16 -39.81
C ALA HB 114 -30.53 -57.02 -39.19
N GLN HB 115 -31.07 -56.12 -40.02
CA GLN HB 115 -31.90 -55.04 -39.51
C GLN HB 115 -33.15 -55.60 -38.83
N GLY HB 116 -33.77 -56.61 -39.44
CA GLY HB 116 -34.93 -57.24 -38.82
C GLY HB 116 -34.61 -57.85 -37.47
N ILE HB 117 -33.47 -58.55 -37.39
CA ILE HB 117 -33.08 -59.18 -36.13
C ILE HB 117 -32.80 -58.12 -35.08
N GLY HB 118 -32.17 -57.03 -35.50
CA GLY HB 118 -31.90 -55.94 -34.57
C GLY HB 118 -33.19 -55.34 -34.03
N SER HB 119 -34.17 -55.13 -34.91
CA SER HB 119 -35.48 -54.64 -34.44
C SER HB 119 -36.13 -55.63 -33.48
N LEU HB 120 -36.05 -56.93 -33.79
CA LEU HB 120 -36.58 -57.93 -32.87
C LEU HB 120 -36.00 -57.77 -31.49
N PHE HB 121 -34.68 -57.80 -31.38
CA PHE HB 121 -34.06 -57.79 -30.06
C PHE HB 121 -34.19 -56.43 -29.39
N ALA HB 122 -34.28 -55.35 -30.17
CA ALA HB 122 -34.55 -54.04 -29.59
C ALA HB 122 -35.93 -54.03 -28.93
N ALA HB 123 -36.93 -54.58 -29.61
CA ALA HB 123 -38.27 -54.64 -29.03
C ALA HB 123 -38.29 -55.57 -27.83
N LEU HB 124 -37.57 -56.68 -27.89
CA LEU HB 124 -37.45 -57.56 -26.74
C LEU HB 124 -36.91 -56.82 -25.53
N VAL HB 125 -35.80 -56.10 -25.70
CA VAL HB 125 -35.19 -55.39 -24.59
C VAL HB 125 -36.12 -54.30 -24.07
N SER HB 126 -36.78 -53.58 -24.98
CA SER HB 126 -37.68 -52.51 -24.56
C SER HB 126 -38.85 -53.06 -23.75
N GLY HB 127 -39.58 -54.03 -24.31
CA GLY HB 127 -40.66 -54.64 -23.57
C GLY HB 127 -40.24 -55.36 -22.32
N THR HB 128 -38.97 -55.76 -22.23
CA THR HB 128 -38.49 -56.35 -20.98
C THR HB 128 -38.26 -55.28 -19.91
N ALA HB 129 -37.67 -54.15 -20.30
CA ALA HB 129 -37.52 -53.07 -19.34
C ALA HB 129 -38.87 -52.51 -18.94
N ARG HB 130 -39.86 -52.59 -19.82
CA ARG HB 130 -41.21 -52.17 -19.48
C ARG HB 130 -41.91 -53.18 -18.56
N ASN HB 131 -41.60 -54.47 -18.73
CA ASN HB 131 -42.26 -55.53 -17.95
C ASN HB 131 -41.29 -56.71 -17.88
N PRO HB 132 -40.51 -56.83 -16.81
CA PRO HB 132 -39.58 -57.97 -16.72
C PRO HB 132 -40.28 -59.31 -16.55
N SER HB 133 -41.38 -59.35 -15.80
CA SER HB 133 -42.01 -60.61 -15.41
C SER HB 133 -42.47 -61.44 -16.60
N ILE HB 134 -42.56 -60.86 -17.79
CA ILE HB 134 -43.07 -61.54 -18.98
C ILE HB 134 -41.95 -61.92 -19.94
N LYS HB 135 -40.70 -61.85 -19.49
CA LYS HB 135 -39.55 -62.16 -20.34
C LYS HB 135 -39.70 -63.49 -21.09
N GLU HB 136 -40.09 -64.54 -20.38
CA GLU HB 136 -40.15 -65.88 -20.99
C GLU HB 136 -41.01 -65.91 -22.26
N ASP HB 137 -42.04 -65.09 -22.34
CA ASP HB 137 -42.85 -65.06 -23.55
C ASP HB 137 -42.20 -64.17 -24.60
N LEU HB 138 -41.66 -63.04 -24.16
CA LEU HB 138 -41.02 -62.13 -25.11
C LEU HB 138 -39.86 -62.85 -25.77
N PHE HB 139 -39.08 -63.60 -24.98
CA PHE HB 139 -38.00 -64.42 -25.53
C PHE HB 139 -38.56 -65.52 -26.42
N THR HB 140 -39.66 -66.15 -25.99
CA THR HB 140 -40.17 -67.29 -26.76
C THR HB 140 -40.58 -66.85 -28.16
N TYR HB 141 -41.18 -65.67 -28.27
CA TYR HB 141 -41.54 -65.15 -29.58
C TYR HB 141 -40.32 -64.64 -30.31
N THR HB 142 -39.34 -64.09 -29.60
CA THR HB 142 -38.16 -63.61 -30.30
C THR HB 142 -37.51 -64.77 -31.02
N LEU HB 143 -37.26 -65.87 -30.28
CA LEU HB 143 -36.73 -67.09 -30.88
C LEU HB 143 -37.60 -67.57 -32.04
N ILE HB 144 -38.92 -67.50 -31.90
CA ILE HB 144 -39.77 -67.94 -33.00
C ILE HB 144 -39.50 -67.11 -34.26
N GLY HB 145 -39.38 -65.79 -34.09
CA GLY HB 145 -39.03 -64.94 -35.22
C GLY HB 145 -37.69 -65.31 -35.84
N MET HB 146 -36.70 -65.57 -34.98
CA MET HB 146 -35.39 -65.99 -35.48
C MET HB 146 -35.51 -67.27 -36.30
N GLY HB 147 -36.39 -68.18 -35.88
CA GLY HB 147 -36.61 -69.43 -36.60
C GLY HB 147 -36.98 -69.24 -38.05
N PHE HB 148 -37.47 -68.05 -38.43
CA PHE HB 148 -37.68 -67.70 -39.83
C PHE HB 148 -36.53 -66.86 -40.37
N LEU HB 149 -36.11 -65.83 -39.63
CA LEU HB 149 -35.14 -64.90 -40.18
C LEU HB 149 -33.81 -65.59 -40.48
N GLU HB 150 -33.28 -66.34 -39.50
CA GLU HB 150 -32.04 -67.08 -39.73
C GLU HB 150 -32.16 -68.00 -40.93
N PHE HB 151 -33.32 -68.64 -41.11
CA PHE HB 151 -33.56 -69.50 -42.26
C PHE HB 151 -33.45 -68.74 -43.57
N LEU HB 152 -34.10 -67.58 -43.65
CA LEU HB 152 -33.93 -66.69 -44.80
C LEU HB 152 -32.47 -66.36 -45.04
N GLY HB 153 -31.75 -65.96 -43.98
CA GLY HB 153 -30.33 -65.69 -44.14
C GLY HB 153 -29.56 -66.89 -44.65
N ILE HB 154 -29.95 -68.08 -44.19
CA ILE HB 154 -29.29 -69.30 -44.63
C ILE HB 154 -29.46 -69.46 -46.13
N ILE HB 155 -30.68 -69.25 -46.64
CA ILE HB 155 -30.88 -69.26 -48.09
C ILE HB 155 -30.01 -68.20 -48.76
N CYS HB 156 -30.01 -66.98 -48.20
CA CYS HB 156 -29.24 -65.86 -48.74
C CYS HB 156 -27.75 -66.17 -48.83
N VAL HB 157 -27.27 -67.12 -48.03
CA VAL HB 157 -25.90 -67.61 -48.16
C VAL HB 157 -25.81 -68.75 -49.15
N LEU HB 158 -26.70 -69.72 -48.99
CA LEU HB 158 -26.60 -70.99 -49.70
C LEU HB 158 -26.64 -70.75 -51.20
N MET HB 159 -27.69 -70.07 -51.67
CA MET HB 159 -27.81 -69.82 -53.10
C MET HB 159 -26.59 -69.10 -53.65
N SER HB 160 -26.04 -68.15 -52.87
CA SER HB 160 -24.82 -67.47 -53.29
C SER HB 160 -23.67 -68.45 -53.49
N ALA HB 161 -23.44 -69.31 -52.49
CA ALA HB 161 -22.43 -70.36 -52.64
C ALA HB 161 -22.66 -71.19 -53.89
N VAL HB 162 -23.90 -71.60 -54.11
CA VAL HB 162 -24.22 -72.38 -55.32
C VAL HB 162 -23.84 -71.61 -56.57
N LEU HB 163 -24.17 -70.31 -56.61
CA LEU HB 163 -23.91 -69.47 -57.76
C LEU HB 163 -22.43 -69.22 -57.96
N LEU HB 164 -21.62 -69.45 -56.91
CA LEU HB 164 -20.18 -69.28 -57.04
C LEU HB 164 -19.55 -70.37 -57.90
N TYR HB 165 -20.19 -71.53 -57.97
CA TYR HB 165 -19.64 -72.69 -58.67
C TYR HB 165 -20.46 -73.07 -59.90
N SER HB 166 -21.76 -73.27 -59.73
CA SER HB 166 -22.62 -73.64 -60.84
C SER HB 166 -22.88 -72.45 -61.75
N ALA IB 96 -22.74 -64.37 -70.36
CA ALA IB 96 -22.53 -65.78 -70.02
C ALA IB 96 -23.15 -66.10 -68.66
N GLY IB 97 -23.04 -65.15 -67.74
CA GLY IB 97 -23.62 -65.29 -66.41
C GLY IB 97 -25.00 -64.67 -66.31
N VAL IB 98 -25.78 -64.77 -67.38
CA VAL IB 98 -27.10 -64.15 -67.41
C VAL IB 98 -28.00 -64.75 -66.34
N ALA IB 99 -28.12 -66.07 -66.32
CA ALA IB 99 -29.08 -66.70 -65.41
C ALA IB 99 -28.69 -66.46 -63.96
N SER IB 100 -27.40 -66.61 -63.65
CA SER IB 100 -26.93 -66.37 -62.29
C SER IB 100 -27.17 -64.92 -61.87
N LEU IB 101 -26.84 -63.97 -62.75
CA LEU IB 101 -27.02 -62.56 -62.40
C LEU IB 101 -28.50 -62.25 -62.18
N SER IB 102 -29.37 -62.78 -63.03
CA SER IB 102 -30.80 -62.51 -62.86
C SER IB 102 -31.35 -63.13 -61.59
N ALA IB 103 -30.92 -64.36 -61.27
CA ALA IB 103 -31.33 -64.97 -60.01
C ALA IB 103 -30.89 -64.15 -58.82
N ALA IB 104 -29.64 -63.68 -58.84
CA ALA IB 104 -29.12 -62.90 -57.72
C ALA IB 104 -29.86 -61.57 -57.60
N ILE IB 105 -30.16 -60.93 -58.73
CA ILE IB 105 -30.90 -59.67 -58.69
C ILE IB 105 -32.31 -59.90 -58.16
N ALA IB 106 -32.89 -61.05 -58.50
CA ALA IB 106 -34.22 -61.39 -57.99
C ALA IB 106 -34.19 -61.59 -56.48
N LEU IB 107 -33.14 -62.21 -55.97
CA LEU IB 107 -33.02 -62.55 -54.55
C LEU IB 107 -32.93 -61.34 -53.62
N MET IB 108 -32.98 -60.10 -54.13
CA MET IB 108 -32.68 -58.94 -53.29
C MET IB 108 -33.83 -58.54 -52.37
N SER IB 109 -35.08 -58.89 -52.70
CA SER IB 109 -36.22 -58.44 -51.91
C SER IB 109 -36.32 -59.15 -50.56
N VAL IB 110 -35.50 -60.17 -50.32
CA VAL IB 110 -35.51 -60.84 -49.03
C VAL IB 110 -35.17 -59.87 -47.91
N GLY IB 111 -34.40 -58.83 -48.21
CA GLY IB 111 -34.14 -57.82 -47.20
C GLY IB 111 -35.40 -57.14 -46.70
N GLY IB 112 -36.20 -56.61 -47.62
CA GLY IB 112 -37.45 -56.00 -47.22
C GLY IB 112 -38.40 -56.99 -46.59
N VAL IB 113 -38.40 -58.24 -47.05
CA VAL IB 113 -39.23 -59.26 -46.42
C VAL IB 113 -38.85 -59.45 -44.96
N ALA IB 114 -37.55 -59.58 -44.70
CA ALA IB 114 -37.09 -59.76 -43.32
C ALA IB 114 -37.35 -58.53 -42.47
N GLN IB 115 -37.24 -57.33 -43.07
CA GLN IB 115 -37.58 -56.13 -42.32
C GLN IB 115 -39.05 -56.13 -41.91
N GLY IB 116 -39.93 -56.52 -42.83
CA GLY IB 116 -41.34 -56.62 -42.49
C GLY IB 116 -41.61 -57.63 -41.39
N ILE IB 117 -40.97 -58.80 -41.47
CA ILE IB 117 -41.14 -59.81 -40.43
C ILE IB 117 -40.65 -59.29 -39.10
N GLY IB 118 -39.53 -58.55 -39.10
CA GLY IB 118 -39.00 -58.02 -37.87
C GLY IB 118 -39.94 -57.00 -37.25
N SER IB 119 -40.52 -56.13 -38.08
CA SER IB 119 -41.50 -55.18 -37.57
C SER IB 119 -42.71 -55.91 -36.99
N LEU IB 120 -43.16 -56.96 -37.68
CA LEU IB 120 -44.27 -57.76 -37.19
C LEU IB 120 -43.99 -58.27 -35.78
N PHE IB 121 -42.89 -58.97 -35.61
CA PHE IB 121 -42.63 -59.62 -34.32
C PHE IB 121 -42.22 -58.63 -33.25
N ALA IB 122 -41.64 -57.48 -33.63
CA ALA IB 122 -41.44 -56.40 -32.67
C ALA IB 122 -42.77 -55.89 -32.12
N ALA IB 123 -43.72 -55.64 -33.01
CA ALA IB 123 -45.06 -55.24 -32.55
C ALA IB 123 -45.68 -56.32 -31.71
N LEU IB 124 -45.43 -57.59 -32.05
CA LEU IB 124 -46.00 -58.68 -31.28
C LEU IB 124 -45.47 -58.68 -29.85
N VAL IB 125 -44.14 -58.66 -29.69
CA VAL IB 125 -43.57 -58.67 -28.34
C VAL IB 125 -43.95 -57.41 -27.57
N SER IB 126 -44.05 -56.27 -28.24
CA SER IB 126 -44.44 -55.04 -27.55
C SER IB 126 -45.88 -55.11 -27.07
N GLY IB 127 -46.79 -55.59 -27.91
CA GLY IB 127 -48.17 -55.74 -27.50
C GLY IB 127 -48.34 -56.80 -26.43
N THR IB 128 -47.49 -57.82 -26.42
CA THR IB 128 -47.53 -58.79 -25.34
C THR IB 128 -47.05 -58.19 -24.03
N ALA IB 129 -45.99 -57.38 -24.08
CA ALA IB 129 -45.53 -56.69 -22.88
C ALA IB 129 -46.58 -55.72 -22.37
N ARG IB 130 -47.36 -55.11 -23.27
CA ARG IB 130 -48.32 -54.09 -22.88
C ARG IB 130 -49.70 -54.65 -22.53
N ASN IB 131 -50.02 -55.86 -22.96
CA ASN IB 131 -51.26 -56.54 -22.56
C ASN IB 131 -51.10 -58.03 -22.80
N PRO IB 132 -50.55 -58.78 -21.85
CA PRO IB 132 -50.40 -60.23 -22.05
C PRO IB 132 -51.72 -60.97 -22.18
N SER IB 133 -52.81 -60.45 -21.62
CA SER IB 133 -54.06 -61.19 -21.58
C SER IB 133 -54.64 -61.44 -22.96
N ILE IB 134 -54.23 -60.67 -23.97
CA ILE IB 134 -54.68 -60.83 -25.34
C ILE IB 134 -53.56 -61.32 -26.26
N LYS IB 135 -52.44 -61.76 -25.68
CA LYS IB 135 -51.33 -62.33 -26.44
C LYS IB 135 -51.76 -63.27 -27.56
N GLU IB 136 -52.57 -64.28 -27.24
CA GLU IB 136 -52.94 -65.28 -28.25
C GLU IB 136 -53.59 -64.65 -29.47
N ASP IB 137 -54.29 -63.53 -29.31
CA ASP IB 137 -54.88 -62.90 -30.49
C ASP IB 137 -53.79 -62.19 -31.26
N LEU IB 138 -52.89 -61.50 -30.56
CA LEU IB 138 -51.84 -60.78 -31.23
C LEU IB 138 -51.03 -61.76 -32.06
N PHE IB 139 -50.63 -62.87 -31.42
CA PHE IB 139 -49.89 -63.92 -32.13
C PHE IB 139 -50.66 -64.42 -33.34
N THR IB 140 -51.99 -64.55 -33.20
CA THR IB 140 -52.83 -64.94 -34.33
C THR IB 140 -52.60 -64.01 -35.52
N TYR IB 141 -52.82 -62.71 -35.29
CA TYR IB 141 -52.65 -61.73 -36.36
C TYR IB 141 -51.21 -61.75 -36.89
N THR IB 142 -50.24 -61.94 -36.01
CA THR IB 142 -48.85 -62.00 -36.45
C THR IB 142 -48.65 -63.16 -37.41
N LEU IB 143 -49.24 -64.32 -37.11
CA LEU IB 143 -49.10 -65.47 -37.99
C LEU IB 143 -49.78 -65.20 -39.32
N ILE IB 144 -50.92 -64.51 -39.31
CA ILE IB 144 -51.54 -64.12 -40.59
C ILE IB 144 -50.60 -63.22 -41.40
N GLY IB 145 -49.94 -62.31 -40.70
CA GLY IB 145 -48.95 -61.47 -41.37
C GLY IB 145 -47.85 -62.30 -42.01
N MET IB 146 -47.32 -63.26 -41.26
CA MET IB 146 -46.34 -64.17 -41.84
C MET IB 146 -46.92 -64.93 -43.03
N GLY IB 147 -48.18 -65.37 -42.91
CA GLY IB 147 -48.86 -66.06 -43.98
C GLY IB 147 -48.92 -65.26 -45.27
N PHE IB 148 -48.80 -63.94 -45.17
CA PHE IB 148 -48.66 -63.14 -46.38
C PHE IB 148 -47.19 -62.91 -46.74
N LEU IB 149 -46.38 -62.51 -45.77
CA LEU IB 149 -45.01 -62.11 -46.03
C LEU IB 149 -44.20 -63.28 -46.59
N GLU IB 150 -44.13 -64.37 -45.82
CA GLU IB 150 -43.47 -65.59 -46.29
C GLU IB 150 -43.98 -66.01 -47.66
N PHE IB 151 -45.28 -65.87 -47.90
CA PHE IB 151 -45.84 -66.23 -49.20
C PHE IB 151 -45.17 -65.43 -50.32
N LEU IB 152 -45.13 -64.10 -50.17
CA LEU IB 152 -44.48 -63.27 -51.16
C LEU IB 152 -43.00 -63.65 -51.32
N GLY IB 153 -42.31 -63.85 -50.20
CA GLY IB 153 -40.91 -64.28 -50.28
C GLY IB 153 -40.76 -65.56 -51.06
N ILE IB 154 -41.66 -66.51 -50.83
CA ILE IB 154 -41.60 -67.79 -51.54
C ILE IB 154 -41.76 -67.55 -53.03
N ILE IB 155 -42.70 -66.70 -53.41
CA ILE IB 155 -42.87 -66.36 -54.82
C ILE IB 155 -41.55 -65.84 -55.38
N CYS IB 156 -40.90 -64.93 -54.65
CA CYS IB 156 -39.62 -64.39 -55.07
C CYS IB 156 -38.62 -65.51 -55.34
N VAL IB 157 -38.46 -66.42 -54.37
CA VAL IB 157 -37.46 -67.48 -54.51
C VAL IB 157 -37.84 -68.41 -55.66
N LEU IB 158 -39.13 -68.66 -55.84
CA LEU IB 158 -39.58 -69.49 -56.94
C LEU IB 158 -39.16 -68.88 -58.27
N MET IB 159 -39.37 -67.57 -58.42
CA MET IB 159 -38.95 -66.91 -59.65
C MET IB 159 -37.44 -66.98 -59.83
N SER IB 160 -36.69 -66.86 -58.73
CA SER IB 160 -35.24 -67.04 -58.79
C SER IB 160 -34.88 -68.42 -59.34
N ALA IB 161 -35.49 -69.47 -58.78
CA ALA IB 161 -35.24 -70.82 -59.27
C ALA IB 161 -35.70 -70.99 -60.71
N VAL IB 162 -36.68 -70.21 -61.15
CA VAL IB 162 -37.13 -70.29 -62.54
C VAL IB 162 -36.12 -69.63 -63.46
N LEU IB 163 -35.43 -68.60 -62.98
CA LEU IB 163 -34.61 -67.77 -63.84
C LEU IB 163 -33.15 -68.17 -63.80
N LEU IB 164 -32.74 -68.97 -62.81
CA LEU IB 164 -31.42 -69.57 -62.84
C LEU IB 164 -31.34 -70.73 -63.82
N TYR IB 165 -32.47 -71.16 -64.38
CA TYR IB 165 -32.48 -72.19 -65.43
C TYR IB 165 -33.37 -71.83 -66.61
N SER IB 166 -33.94 -70.62 -66.65
CA SER IB 166 -34.70 -70.17 -67.80
C SER IB 166 -35.89 -71.09 -68.07
N ALA JB 96 -30.98 -64.93 -73.41
CA ALA JB 96 -32.03 -64.64 -72.43
C ALA JB 96 -31.66 -63.44 -71.57
N GLY JB 97 -30.73 -62.64 -72.08
CA GLY JB 97 -30.17 -61.56 -71.29
C GLY JB 97 -31.27 -60.61 -70.89
N VAL JB 98 -31.86 -59.90 -71.85
CA VAL JB 98 -32.72 -58.80 -71.48
C VAL JB 98 -33.96 -59.36 -70.81
N ALA JB 99 -34.40 -60.54 -71.24
CA ALA JB 99 -35.60 -61.16 -70.70
C ALA JB 99 -35.47 -61.40 -69.20
N SER JB 100 -34.51 -62.23 -68.81
CA SER JB 100 -34.34 -62.54 -67.38
C SER JB 100 -33.87 -61.32 -66.59
N LEU JB 101 -33.05 -60.45 -67.19
CA LEU JB 101 -32.66 -59.23 -66.50
C LEU JB 101 -33.87 -58.40 -66.13
N SER JB 102 -34.73 -58.12 -67.11
CA SER JB 102 -35.93 -57.32 -66.89
C SER JB 102 -36.86 -58.00 -65.91
N ALA JB 103 -36.97 -59.33 -65.98
CA ALA JB 103 -37.81 -60.06 -65.04
C ALA JB 103 -37.35 -59.83 -63.61
N ALA JB 104 -36.08 -60.12 -63.33
CA ALA JB 104 -35.59 -59.96 -61.96
C ALA JB 104 -35.66 -58.51 -61.51
N ILE JB 105 -35.36 -57.57 -62.41
CA ILE JB 105 -35.38 -56.17 -62.01
C ILE JB 105 -36.78 -55.76 -61.63
N ALA JB 106 -37.77 -56.08 -62.46
CA ALA JB 106 -39.12 -55.76 -62.07
C ALA JB 106 -39.54 -56.53 -60.82
N LEU JB 107 -38.91 -57.69 -60.56
CA LEU JB 107 -39.23 -58.44 -59.35
C LEU JB 107 -38.49 -57.91 -58.13
N MET JB 108 -37.81 -56.78 -58.27
CA MET JB 108 -37.04 -56.25 -57.15
C MET JB 108 -37.88 -55.41 -56.17
N SER JB 109 -39.04 -54.91 -56.62
CA SER JB 109 -39.85 -53.98 -55.85
C SER JB 109 -40.83 -54.65 -54.87
N VAL JB 110 -40.75 -55.96 -54.67
CA VAL JB 110 -41.63 -56.61 -53.71
C VAL JB 110 -41.14 -56.46 -52.27
N GLY JB 111 -39.86 -56.15 -52.06
CA GLY JB 111 -39.39 -55.88 -50.72
C GLY JB 111 -40.11 -54.72 -50.06
N GLY JB 112 -40.33 -53.62 -50.79
CA GLY JB 112 -41.08 -52.52 -50.23
C GLY JB 112 -42.52 -52.88 -49.91
N VAL JB 113 -43.12 -53.74 -50.73
CA VAL JB 113 -44.46 -54.23 -50.43
C VAL JB 113 -44.48 -54.99 -49.12
N ALA JB 114 -43.48 -55.86 -48.93
CA ALA JB 114 -43.38 -56.60 -47.67
C ALA JB 114 -43.17 -55.66 -46.49
N GLN JB 115 -42.36 -54.62 -46.67
CA GLN JB 115 -42.14 -53.65 -45.61
C GLN JB 115 -43.44 -52.95 -45.24
N GLY JB 116 -44.22 -52.53 -46.24
CA GLY JB 116 -45.49 -51.89 -45.95
C GLY JB 116 -46.46 -52.83 -45.24
N ILE JB 117 -46.51 -54.09 -45.68
CA ILE JB 117 -47.34 -55.07 -45.00
C ILE JB 117 -46.93 -55.20 -43.54
N GLY JB 118 -45.63 -55.26 -43.28
CA GLY JB 118 -45.15 -55.39 -41.92
C GLY JB 118 -45.54 -54.21 -41.07
N SER JB 119 -45.34 -52.99 -41.59
CA SER JB 119 -45.72 -51.80 -40.85
C SER JB 119 -47.22 -51.80 -40.54
N LEU JB 120 -48.04 -52.19 -41.53
CA LEU JB 120 -49.48 -52.16 -41.33
C LEU JB 120 -49.90 -53.16 -40.26
N PHE JB 121 -49.38 -54.38 -40.32
CA PHE JB 121 -49.76 -55.37 -39.32
C PHE JB 121 -49.19 -55.03 -37.95
N ALA JB 122 -48.06 -54.33 -37.89
CA ALA JB 122 -47.55 -53.85 -36.61
C ALA JB 122 -48.50 -52.82 -36.01
N ALA JB 123 -49.01 -51.92 -36.84
CA ALA JB 123 -50.01 -50.97 -36.36
C ALA JB 123 -51.27 -51.70 -35.91
N LEU JB 124 -51.66 -52.75 -36.63
CA LEU JB 124 -52.80 -53.56 -36.20
C LEU JB 124 -52.56 -54.13 -34.80
N VAL JB 125 -51.38 -54.70 -34.58
CA VAL JB 125 -51.08 -55.32 -33.30
C VAL JB 125 -51.10 -54.30 -32.19
N SER JB 126 -50.49 -53.13 -32.42
CA SER JB 126 -50.49 -52.09 -31.40
C SER JB 126 -51.91 -51.61 -31.09
N GLY JB 127 -52.70 -51.36 -32.14
CA GLY JB 127 -54.08 -50.94 -31.92
C GLY JB 127 -54.90 -51.96 -31.17
N THR JB 128 -54.69 -53.25 -31.48
CA THR JB 128 -55.39 -54.29 -30.74
C THR JB 128 -54.93 -54.34 -29.29
N ALA JB 129 -53.64 -54.10 -29.05
CA ALA JB 129 -53.14 -54.06 -27.68
C ALA JB 129 -53.78 -52.92 -26.90
N ARG JB 130 -54.02 -51.80 -27.55
CA ARG JB 130 -54.55 -50.63 -26.86
C ARG JB 130 -56.07 -50.61 -26.75
N ASN JB 131 -56.78 -51.22 -27.69
CA ASN JB 131 -58.24 -51.16 -27.74
C ASN JB 131 -58.78 -52.42 -28.39
N PRO JB 132 -58.90 -53.51 -27.64
CA PRO JB 132 -59.36 -54.77 -28.23
C PRO JB 132 -60.81 -54.74 -28.71
N SER JB 133 -61.65 -53.87 -28.14
CA SER JB 133 -63.08 -53.91 -28.41
C SER JB 133 -63.42 -53.68 -29.88
N ILE JB 134 -62.53 -53.04 -30.64
CA ILE JB 134 -62.78 -52.76 -32.06
C ILE JB 134 -61.79 -53.53 -32.92
N LYS JB 135 -61.37 -54.70 -32.41
CA LYS JB 135 -60.45 -55.55 -33.15
C LYS JB 135 -60.91 -55.83 -34.57
N GLU JB 136 -62.16 -56.30 -34.74
CA GLU JB 136 -62.67 -56.62 -36.07
C GLU JB 136 -62.72 -55.39 -36.98
N ASP JB 137 -62.88 -54.20 -36.41
CA ASP JB 137 -62.96 -53.01 -37.25
C ASP JB 137 -61.58 -52.57 -37.70
N LEU JB 138 -60.53 -53.06 -37.03
CA LEU JB 138 -59.19 -52.76 -37.49
C LEU JB 138 -58.86 -53.77 -38.59
N PHE JB 139 -59.13 -55.04 -38.31
CA PHE JB 139 -58.89 -56.13 -39.25
C PHE JB 139 -59.44 -55.78 -40.63
N THR JB 140 -60.71 -55.34 -40.67
CA THR JB 140 -61.30 -54.85 -41.92
C THR JB 140 -60.35 -53.90 -42.66
N TYR JB 141 -59.93 -52.83 -42.00
CA TYR JB 141 -59.12 -51.82 -42.65
C TYR JB 141 -57.81 -52.43 -43.13
N THR JB 142 -57.24 -53.34 -42.35
CA THR JB 142 -56.00 -53.99 -42.77
C THR JB 142 -56.22 -54.78 -44.05
N LEU JB 143 -57.37 -55.46 -44.15
CA LEU JB 143 -57.65 -56.18 -45.39
C LEU JB 143 -57.78 -55.22 -46.57
N ILE JB 144 -58.38 -54.05 -46.34
CA ILE JB 144 -58.44 -53.05 -47.41
C ILE JB 144 -57.03 -52.64 -47.82
N GLY JB 145 -56.15 -52.50 -46.85
CA GLY JB 145 -54.75 -52.20 -47.15
C GLY JB 145 -54.14 -53.28 -48.02
N MET JB 146 -54.38 -54.54 -47.69
CA MET JB 146 -53.94 -55.62 -48.56
C MET JB 146 -54.54 -55.49 -49.95
N GLY JB 147 -55.83 -55.14 -50.02
CA GLY JB 147 -56.53 -54.97 -51.28
C GLY JB 147 -55.92 -53.93 -52.19
N PHE JB 148 -55.09 -53.05 -51.63
CA PHE JB 148 -54.21 -52.23 -52.47
C PHE JB 148 -52.85 -52.89 -52.64
N LEU JB 149 -52.16 -53.17 -51.54
CA LEU JB 149 -50.76 -53.55 -51.55
C LEU JB 149 -50.54 -54.78 -52.42
N GLU JB 150 -51.16 -55.91 -52.03
CA GLU JB 150 -51.04 -57.13 -52.79
C GLU JB 150 -51.38 -56.91 -54.26
N PHE JB 151 -52.39 -56.10 -54.55
CA PHE JB 151 -52.75 -55.85 -55.95
C PHE JB 151 -51.58 -55.23 -56.70
N LEU JB 152 -50.96 -54.22 -56.13
CA LEU JB 152 -49.74 -53.65 -56.72
C LEU JB 152 -48.67 -54.72 -56.91
N GLY JB 153 -48.42 -55.52 -55.88
CA GLY JB 153 -47.46 -56.62 -56.02
C GLY JB 153 -47.78 -57.51 -57.20
N ILE JB 154 -49.06 -57.87 -57.34
CA ILE JB 154 -49.51 -58.67 -58.48
C ILE JB 154 -49.13 -57.99 -59.78
N ILE JB 155 -49.46 -56.70 -59.90
CA ILE JB 155 -49.08 -55.94 -61.09
C ILE JB 155 -47.61 -56.12 -61.38
N CYS JB 156 -46.78 -55.92 -60.35
CA CYS JB 156 -45.33 -56.09 -60.50
C CYS JB 156 -44.98 -57.45 -61.09
N VAL JB 157 -45.46 -58.52 -60.46
CA VAL JB 157 -45.11 -59.87 -60.90
C VAL JB 157 -45.60 -60.10 -62.32
N LEU JB 158 -46.79 -59.60 -62.64
CA LEU JB 158 -47.34 -59.76 -63.98
C LEU JB 158 -46.41 -59.11 -65.00
N MET JB 159 -45.98 -57.89 -64.72
CA MET JB 159 -45.09 -57.19 -65.64
C MET JB 159 -43.77 -57.93 -65.78
N SER JB 160 -43.30 -58.52 -64.68
CA SER JB 160 -42.09 -59.35 -64.72
C SER JB 160 -42.26 -60.49 -65.71
N ALA JB 161 -43.32 -61.27 -65.56
CA ALA JB 161 -43.57 -62.37 -66.50
C ALA JB 161 -43.71 -61.86 -67.94
N VAL JB 162 -44.37 -60.73 -68.11
CA VAL JB 162 -44.53 -60.18 -69.45
C VAL JB 162 -43.17 -59.86 -70.06
N LEU JB 163 -42.28 -59.24 -69.29
CA LEU JB 163 -40.96 -58.93 -69.82
C LEU JB 163 -40.03 -60.13 -69.81
N LEU JB 164 -40.46 -61.26 -69.23
CA LEU JB 164 -39.81 -62.54 -69.41
C LEU JB 164 -40.25 -63.27 -70.67
N TYR JB 165 -41.39 -62.90 -71.24
CA TYR JB 165 -41.84 -63.51 -72.49
C TYR JB 165 -42.36 -62.45 -73.46
N SER JB 166 -41.69 -61.31 -73.54
CA SER JB 166 -42.05 -60.27 -74.48
C SER JB 166 -41.13 -60.31 -75.70
N ALA KB 96 -36.49 -54.95 -78.93
CA ALA KB 96 -36.60 -53.82 -78.01
C ALA KB 96 -35.97 -54.17 -76.67
N GLY KB 97 -34.64 -54.27 -76.67
CA GLY KB 97 -33.91 -54.63 -75.47
C GLY KB 97 -33.79 -53.47 -74.50
N VAL KB 98 -33.18 -52.36 -74.93
CA VAL KB 98 -33.02 -51.23 -74.03
C VAL KB 98 -34.38 -50.71 -73.58
N ALA KB 99 -35.37 -50.78 -74.46
CA ALA KB 99 -36.74 -50.42 -74.09
C ALA KB 99 -37.31 -51.36 -73.04
N SER KB 100 -37.11 -52.67 -73.20
CA SER KB 100 -37.62 -53.61 -72.20
C SER KB 100 -36.94 -53.41 -70.86
N LEU KB 101 -35.62 -53.17 -70.88
CA LEU KB 101 -34.91 -52.90 -69.63
C LEU KB 101 -35.40 -51.62 -68.98
N SER KB 102 -35.67 -50.58 -69.77
CA SER KB 102 -36.23 -49.36 -69.22
C SER KB 102 -37.58 -49.60 -68.57
N ALA KB 103 -38.43 -50.39 -69.24
CA ALA KB 103 -39.74 -50.68 -68.68
C ALA KB 103 -39.64 -51.47 -67.40
N ALA KB 104 -38.70 -52.42 -67.33
CA ALA KB 104 -38.49 -53.17 -66.10
C ALA KB 104 -38.02 -52.25 -64.98
N ILE KB 105 -37.01 -51.43 -65.26
CA ILE KB 105 -36.45 -50.55 -64.26
C ILE KB 105 -37.46 -49.52 -63.79
N ALA KB 106 -38.46 -49.21 -64.62
CA ALA KB 106 -39.46 -48.23 -64.23
C ALA KB 106 -40.24 -48.64 -62.99
N LEU KB 107 -40.26 -49.92 -62.64
CA LEU KB 107 -41.14 -50.45 -61.60
C LEU KB 107 -40.43 -50.64 -60.26
N MET KB 108 -39.48 -49.76 -59.92
CA MET KB 108 -38.93 -49.75 -58.58
C MET KB 108 -39.68 -48.82 -57.63
N SER KB 109 -40.29 -47.75 -58.16
CA SER KB 109 -41.02 -46.82 -57.30
C SER KB 109 -42.25 -47.47 -56.67
N VAL KB 110 -42.70 -48.61 -57.19
CA VAL KB 110 -43.86 -49.27 -56.62
C VAL KB 110 -43.58 -49.68 -55.19
N GLY KB 111 -42.33 -49.98 -54.87
CA GLY KB 111 -42.00 -50.33 -53.50
C GLY KB 111 -42.21 -49.17 -52.55
N GLY KB 112 -41.79 -47.97 -52.97
CA GLY KB 112 -42.02 -46.80 -52.15
C GLY KB 112 -43.50 -46.46 -52.06
N VAL KB 113 -44.23 -46.67 -53.14
CA VAL KB 113 -45.68 -46.49 -53.11
C VAL KB 113 -46.30 -47.41 -52.05
N ALA KB 114 -45.89 -48.68 -52.07
CA ALA KB 114 -46.41 -49.63 -51.09
C ALA KB 114 -46.03 -49.24 -49.68
N GLN KB 115 -44.83 -48.68 -49.50
CA GLN KB 115 -44.42 -48.28 -48.16
C GLN KB 115 -45.25 -47.10 -47.66
N GLY KB 116 -45.53 -46.13 -48.55
CA GLY KB 116 -46.42 -45.05 -48.18
C GLY KB 116 -47.81 -45.54 -47.86
N ILE KB 117 -48.31 -46.51 -48.63
CA ILE KB 117 -49.62 -47.09 -48.35
C ILE KB 117 -49.64 -47.71 -46.95
N GLY KB 118 -48.60 -48.48 -46.62
CA GLY KB 118 -48.53 -49.09 -45.31
C GLY KB 118 -48.47 -48.06 -44.20
N SER KB 119 -47.72 -46.97 -44.42
CA SER KB 119 -47.67 -45.91 -43.42
C SER KB 119 -49.06 -45.30 -43.21
N LEU KB 120 -49.76 -45.00 -44.30
CA LEU KB 120 -51.09 -44.41 -44.21
C LEU KB 120 -52.02 -45.32 -43.43
N PHE KB 121 -52.05 -46.61 -43.77
CA PHE KB 121 -53.00 -47.49 -43.12
C PHE KB 121 -52.60 -47.77 -41.68
N ALA KB 122 -51.31 -47.72 -41.38
CA ALA KB 122 -50.87 -47.83 -39.98
C ALA KB 122 -51.37 -46.65 -39.17
N ALA KB 123 -51.23 -45.44 -39.71
CA ALA KB 123 -51.72 -44.26 -39.00
C ALA KB 123 -53.23 -44.31 -38.83
N LEU KB 124 -53.93 -44.79 -39.86
CA LEU KB 124 -55.38 -44.92 -39.76
C LEU KB 124 -55.76 -45.92 -38.67
N VAL KB 125 -55.06 -47.06 -38.61
CA VAL KB 125 -55.37 -48.07 -37.62
C VAL KB 125 -55.11 -47.55 -36.22
N SER KB 126 -54.02 -46.80 -36.04
CA SER KB 126 -53.72 -46.26 -34.71
C SER KB 126 -54.75 -45.22 -34.30
N GLY KB 127 -55.09 -44.30 -35.20
CA GLY KB 127 -56.11 -43.32 -34.90
C GLY KB 127 -57.46 -43.95 -34.59
N THR KB 128 -57.79 -45.05 -35.26
CA THR KB 128 -59.04 -45.75 -34.97
C THR KB 128 -58.98 -46.51 -33.66
N ALA KB 129 -57.82 -47.06 -33.31
CA ALA KB 129 -57.66 -47.65 -31.99
C ALA KB 129 -57.77 -46.61 -30.89
N ARG KB 130 -57.42 -45.36 -31.20
CA ARG KB 130 -57.50 -44.31 -30.20
C ARG KB 130 -58.92 -43.77 -30.06
N ASN KB 131 -59.47 -43.22 -31.14
CA ASN KB 131 -60.79 -42.60 -31.13
C ASN KB 131 -61.63 -43.16 -32.26
N PRO KB 132 -62.41 -44.21 -32.01
CA PRO KB 132 -63.29 -44.74 -33.06
C PRO KB 132 -64.34 -43.76 -33.54
N SER KB 133 -64.73 -42.79 -32.69
CA SER KB 133 -65.78 -41.85 -33.06
C SER KB 133 -65.37 -40.91 -34.20
N ILE KB 134 -64.11 -40.92 -34.62
CA ILE KB 134 -63.67 -40.11 -35.74
C ILE KB 134 -63.26 -41.06 -36.87
N LYS KB 135 -63.95 -42.18 -36.97
CA LYS KB 135 -63.72 -43.17 -38.01
C LYS KB 135 -63.86 -42.57 -39.40
N GLU KB 136 -65.09 -42.14 -39.75
CA GLU KB 136 -65.39 -41.79 -41.13
C GLU KB 136 -64.48 -40.70 -41.65
N ASP KB 137 -64.30 -39.62 -40.88
CA ASP KB 137 -63.38 -38.56 -41.28
C ASP KB 137 -62.00 -39.13 -41.63
N LEU KB 138 -61.45 -39.95 -40.73
CA LEU KB 138 -60.16 -40.57 -40.99
C LEU KB 138 -60.19 -41.38 -42.28
N PHE KB 139 -61.21 -42.22 -42.45
CA PHE KB 139 -61.34 -42.99 -43.69
C PHE KB 139 -61.31 -42.08 -44.91
N THR KB 140 -62.05 -40.97 -44.85
CA THR KB 140 -62.06 -40.01 -45.95
C THR KB 140 -60.65 -39.54 -46.29
N TYR KB 141 -59.96 -38.99 -45.29
CA TYR KB 141 -58.60 -38.52 -45.52
C TYR KB 141 -57.71 -39.63 -46.08
N THR KB 142 -57.87 -40.83 -45.54
CA THR KB 142 -57.08 -41.97 -46.00
C THR KB 142 -57.31 -42.21 -47.48
N LEU KB 143 -58.58 -42.29 -47.89
CA LEU KB 143 -58.89 -42.57 -49.28
C LEU KB 143 -58.37 -41.46 -50.17
N ILE KB 144 -58.41 -40.21 -49.69
CA ILE KB 144 -57.88 -39.09 -50.46
C ILE KB 144 -56.41 -39.31 -50.76
N GLY KB 145 -55.62 -39.54 -49.71
CA GLY KB 145 -54.21 -39.78 -49.92
C GLY KB 145 -53.97 -41.00 -50.78
N MET KB 146 -54.76 -42.05 -50.59
CA MET KB 146 -54.59 -43.26 -51.38
C MET KB 146 -54.85 -42.94 -52.85
N GLY KB 147 -55.84 -42.06 -53.10
CA GLY KB 147 -56.10 -41.61 -54.45
C GLY KB 147 -54.85 -41.00 -55.07
N PHE KB 148 -54.21 -40.11 -54.32
CA PHE KB 148 -52.96 -39.50 -54.82
C PHE KB 148 -51.90 -40.56 -55.13
N LEU KB 149 -51.64 -41.45 -54.17
CA LEU KB 149 -50.66 -42.50 -54.40
C LEU KB 149 -51.02 -43.35 -55.61
N GLU KB 150 -52.28 -43.77 -55.70
CA GLU KB 150 -52.75 -44.54 -56.84
C GLU KB 150 -52.48 -43.81 -58.14
N PHE KB 151 -52.82 -42.52 -58.19
CA PHE KB 151 -52.54 -41.72 -59.37
C PHE KB 151 -51.06 -41.83 -59.76
N LEU KB 152 -50.17 -41.56 -58.81
CA LEU KB 152 -48.74 -41.65 -59.08
C LEU KB 152 -48.37 -43.02 -59.63
N GLY KB 153 -48.84 -44.08 -58.97
CA GLY KB 153 -48.55 -45.43 -59.42
C GLY KB 153 -49.02 -45.64 -60.85
N ILE KB 154 -50.26 -45.28 -61.14
CA ILE KB 154 -50.81 -45.44 -62.48
C ILE KB 154 -49.93 -44.71 -63.48
N ILE KB 155 -49.48 -43.51 -63.12
CA ILE KB 155 -48.62 -42.73 -64.01
C ILE KB 155 -47.36 -43.50 -64.35
N CYS KB 156 -46.68 -44.03 -63.31
CA CYS KB 156 -45.43 -44.73 -63.58
C CYS KB 156 -45.68 -45.98 -64.41
N VAL KB 157 -46.78 -46.69 -64.14
CA VAL KB 157 -47.14 -47.86 -64.94
C VAL KB 157 -47.34 -47.46 -66.41
N LEU KB 158 -48.08 -46.38 -66.64
CA LEU KB 158 -48.26 -45.89 -68.00
C LEU KB 158 -46.91 -45.62 -68.66
N MET KB 159 -46.02 -44.93 -67.96
CA MET KB 159 -44.71 -44.65 -68.53
C MET KB 159 -43.96 -45.94 -68.83
N SER KB 160 -44.06 -46.94 -67.95
CA SER KB 160 -43.51 -48.26 -68.23
C SER KB 160 -44.00 -48.79 -69.57
N ALA KB 161 -45.32 -48.82 -69.75
CA ALA KB 161 -45.91 -49.25 -71.00
C ALA KB 161 -45.34 -48.47 -72.18
N VAL KB 162 -45.30 -47.15 -72.06
CA VAL KB 162 -44.72 -46.31 -73.11
C VAL KB 162 -43.31 -46.77 -73.44
N LEU KB 163 -42.46 -46.91 -72.43
CA LEU KB 163 -41.08 -47.28 -72.70
C LEU KB 163 -40.94 -48.75 -73.07
N LEU KB 164 -42.03 -49.52 -73.01
CA LEU KB 164 -42.06 -50.89 -73.50
C LEU KB 164 -42.56 -51.02 -74.93
N TYR KB 165 -43.29 -50.03 -75.44
CA TYR KB 165 -43.74 -50.08 -76.83
C TYR KB 165 -43.15 -48.99 -77.71
N SER KB 166 -43.26 -47.72 -77.31
CA SER KB 166 -42.68 -46.63 -78.07
C SER KB 166 -41.21 -46.45 -77.71
N ALA LB 96 -35.02 -43.48 -78.48
CA ALA LB 96 -33.67 -44.02 -78.42
C ALA LB 96 -33.45 -44.76 -77.11
N GLY LB 97 -32.49 -45.70 -77.11
CA GLY LB 97 -32.20 -46.45 -75.90
C GLY LB 97 -31.71 -45.54 -74.78
N VAL LB 98 -30.87 -44.57 -75.13
CA VAL LB 98 -30.38 -43.65 -74.10
C VAL LB 98 -31.55 -42.86 -73.53
N ALA LB 99 -32.49 -42.46 -74.40
CA ALA LB 99 -33.65 -41.69 -73.96
C ALA LB 99 -34.50 -42.50 -73.01
N SER LB 100 -34.73 -43.78 -73.33
CA SER LB 100 -35.52 -44.65 -72.48
C SER LB 100 -34.83 -44.89 -71.14
N LEU LB 101 -33.52 -45.12 -71.15
CA LEU LB 101 -32.82 -45.32 -69.88
C LEU LB 101 -32.86 -44.06 -69.04
N SER LB 102 -32.68 -42.90 -69.65
CA SER LB 102 -32.72 -41.64 -68.92
C SER LB 102 -34.11 -41.42 -68.31
N ALA LB 103 -35.16 -41.76 -69.07
CA ALA LB 103 -36.51 -41.62 -68.54
C ALA LB 103 -36.72 -42.55 -67.36
N ALA LB 104 -36.25 -43.79 -67.46
CA ALA LB 104 -36.45 -44.72 -66.35
C ALA LB 104 -35.68 -44.23 -65.12
N ILE LB 105 -34.47 -43.72 -65.33
CA ILE LB 105 -33.66 -43.23 -64.21
C ILE LB 105 -34.39 -42.09 -63.53
N ALA LB 106 -34.99 -41.20 -64.32
CA ALA LB 106 -35.76 -40.10 -63.74
C ALA LB 106 -36.96 -40.65 -62.99
N LEU LB 107 -37.56 -41.72 -63.51
CA LEU LB 107 -38.70 -42.33 -62.85
C LEU LB 107 -38.29 -42.84 -61.48
N MET LB 108 -37.03 -43.25 -61.33
CA MET LB 108 -36.56 -43.76 -60.05
C MET LB 108 -36.73 -42.70 -58.96
N SER LB 109 -36.58 -41.42 -59.31
CA SER LB 109 -36.74 -40.37 -58.31
C SER LB 109 -38.12 -40.48 -57.69
N VAL LB 110 -39.13 -40.79 -58.51
CA VAL LB 110 -40.49 -41.00 -58.00
C VAL LB 110 -40.44 -42.15 -57.02
N GLY LB 111 -41.13 -41.99 -55.89
CA GLY LB 111 -41.09 -42.90 -54.77
C GLY LB 111 -40.46 -42.26 -53.54
N GLY LB 112 -39.49 -41.37 -53.74
CA GLY LB 112 -39.07 -40.54 -52.63
C GLY LB 112 -40.19 -39.58 -52.32
N VAL LB 113 -40.82 -39.07 -53.38
CA VAL LB 113 -41.97 -38.20 -53.21
C VAL LB 113 -43.08 -38.99 -52.54
N ALA LB 114 -43.22 -40.27 -52.92
CA ALA LB 114 -44.25 -41.10 -52.31
C ALA LB 114 -44.02 -41.26 -50.82
N GLN LB 115 -42.76 -41.46 -50.39
CA GLN LB 115 -42.51 -41.56 -48.96
C GLN LB 115 -42.84 -40.25 -48.25
N GLY LB 116 -42.48 -39.13 -48.85
CA GLY LB 116 -42.81 -37.85 -48.22
C GLY LB 116 -44.31 -37.65 -48.13
N ILE LB 117 -45.03 -37.99 -49.20
CA ILE LB 117 -46.48 -37.84 -49.22
C ILE LB 117 -47.11 -38.73 -48.17
N GLY LB 118 -46.63 -39.97 -48.06
CA GLY LB 118 -47.17 -40.89 -47.09
C GLY LB 118 -46.93 -40.41 -45.67
N SER LB 119 -45.72 -39.92 -45.39
CA SER LB 119 -45.44 -39.45 -44.04
C SER LB 119 -46.33 -38.26 -43.71
N LEU LB 120 -46.50 -37.34 -44.66
CA LEU LB 120 -47.32 -36.16 -44.42
C LEU LB 120 -48.77 -36.55 -44.15
N PHE LB 121 -49.31 -37.46 -44.96
CA PHE LB 121 -50.70 -37.87 -44.78
C PHE LB 121 -50.87 -38.65 -43.48
N ALA LB 122 -49.91 -39.51 -43.15
CA ALA LB 122 -50.02 -40.26 -41.89
C ALA LB 122 -50.01 -39.29 -40.72
N ALA LB 123 -49.17 -38.25 -40.80
CA ALA LB 123 -49.14 -37.24 -39.75
C ALA LB 123 -50.49 -36.54 -39.67
N LEU LB 124 -51.10 -36.26 -40.83
CA LEU LB 124 -52.41 -35.61 -40.81
C LEU LB 124 -53.45 -36.51 -40.16
N VAL LB 125 -53.42 -37.79 -40.49
CA VAL LB 125 -54.41 -38.73 -39.94
C VAL LB 125 -54.26 -38.83 -38.43
N SER LB 126 -53.02 -38.95 -37.95
CA SER LB 126 -52.80 -39.03 -36.51
C SER LB 126 -53.16 -37.72 -35.82
N GLY LB 127 -52.79 -36.59 -36.41
CA GLY LB 127 -53.12 -35.32 -35.79
C GLY LB 127 -54.61 -35.11 -35.70
N THR LB 128 -55.34 -35.45 -36.76
CA THR LB 128 -56.79 -35.29 -36.74
C THR LB 128 -57.41 -36.20 -35.69
N ALA LB 129 -56.94 -37.44 -35.62
CA ALA LB 129 -57.50 -38.37 -34.63
C ALA LB 129 -57.23 -37.89 -33.21
N ARG LB 130 -56.01 -37.44 -32.95
CA ARG LB 130 -55.67 -36.95 -31.62
C ARG LB 130 -56.44 -35.68 -31.27
N ASN LB 131 -56.59 -34.76 -32.23
CA ASN LB 131 -57.25 -33.47 -32.00
C ASN LB 131 -58.20 -33.18 -33.15
N PRO LB 132 -59.39 -33.77 -33.16
CA PRO LB 132 -60.33 -33.46 -34.25
C PRO LB 132 -60.70 -31.98 -34.33
N SER LB 133 -60.56 -31.23 -33.24
CA SER LB 133 -60.95 -29.82 -33.21
C SER LB 133 -60.29 -29.01 -34.32
N ILE LB 134 -59.07 -29.38 -34.69
CA ILE LB 134 -58.24 -28.68 -35.67
C ILE LB 134 -58.22 -29.38 -37.03
N LYS LB 135 -59.30 -30.09 -37.36
CA LYS LB 135 -59.33 -30.86 -38.60
C LYS LB 135 -59.14 -29.97 -39.83
N GLU LB 136 -59.82 -28.83 -39.89
CA GLU LB 136 -59.70 -27.98 -41.08
C GLU LB 136 -58.29 -27.42 -41.21
N ASP LB 137 -57.70 -26.99 -40.09
CA ASP LB 137 -56.36 -26.40 -40.13
C ASP LB 137 -55.36 -27.42 -40.67
N LEU LB 138 -55.52 -28.67 -40.26
CA LEU LB 138 -54.64 -29.73 -40.73
C LEU LB 138 -54.77 -29.88 -42.22
N PHE LB 139 -56.00 -29.79 -42.74
CA PHE LB 139 -56.20 -29.91 -44.18
C PHE LB 139 -55.51 -28.78 -44.92
N THR LB 140 -55.62 -27.55 -44.42
CA THR LB 140 -54.96 -26.42 -45.08
C THR LB 140 -53.45 -26.61 -45.08
N TYR LB 141 -52.90 -27.07 -43.95
CA TYR LB 141 -51.46 -27.28 -43.84
C TYR LB 141 -51.03 -28.36 -44.83
N THR LB 142 -51.80 -29.44 -44.92
CA THR LB 142 -51.45 -30.53 -45.82
C THR LB 142 -51.53 -30.03 -47.26
N LEU LB 143 -52.51 -29.20 -47.58
CA LEU LB 143 -52.64 -28.67 -48.93
C LEU LB 143 -51.40 -27.86 -49.29
N ILE LB 144 -50.91 -27.07 -48.33
CA ILE LB 144 -49.69 -26.30 -48.58
C ILE LB 144 -48.53 -27.24 -48.84
N GLY LB 145 -48.42 -28.32 -48.06
CA GLY LB 145 -47.36 -29.29 -48.33
C GLY LB 145 -47.56 -29.96 -49.68
N MET LB 146 -48.83 -30.18 -50.04
CA MET LB 146 -49.17 -30.86 -51.29
C MET LB 146 -48.63 -30.06 -52.46
N GLY LB 147 -48.69 -28.74 -52.37
CA GLY LB 147 -48.19 -27.97 -53.50
C GLY LB 147 -46.71 -28.23 -53.73
N PHE LB 148 -45.93 -28.27 -52.65
CA PHE LB 148 -44.49 -28.53 -52.77
C PHE LB 148 -44.20 -29.91 -53.33
N LEU LB 149 -44.88 -30.93 -52.80
CA LEU LB 149 -44.64 -32.28 -53.30
C LEU LB 149 -45.14 -32.45 -54.72
N GLU LB 150 -46.31 -31.89 -55.04
CA GLU LB 150 -46.86 -32.05 -56.37
C GLU LB 150 -45.95 -31.37 -57.37
N PHE LB 151 -45.45 -30.18 -57.03
CA PHE LB 151 -44.59 -29.44 -57.94
C PHE LB 151 -43.32 -30.22 -58.22
N LEU LB 152 -42.70 -30.80 -57.18
CA LEU LB 152 -41.49 -31.58 -57.43
C LEU LB 152 -41.79 -32.83 -58.24
N GLY LB 153 -42.90 -33.52 -57.95
CA GLY LB 153 -43.20 -34.74 -58.68
C GLY LB 153 -43.48 -34.46 -60.14
N ILE LB 154 -44.28 -33.43 -60.42
CA ILE LB 154 -44.59 -33.13 -61.81
C ILE LB 154 -43.32 -32.69 -62.50
N ILE LB 155 -42.47 -31.92 -61.80
CA ILE LB 155 -41.26 -31.42 -62.44
C ILE LB 155 -40.40 -32.60 -62.87
N CYS LB 156 -40.31 -33.62 -62.01
CA CYS LB 156 -39.53 -34.82 -62.35
C CYS LB 156 -40.12 -35.53 -63.55
N VAL LB 157 -41.44 -35.68 -63.61
CA VAL LB 157 -42.04 -36.33 -64.77
C VAL LB 157 -41.82 -35.51 -66.03
N LEU LB 158 -41.91 -34.19 -65.90
CA LEU LB 158 -41.70 -33.30 -67.04
C LEU LB 158 -40.28 -33.45 -67.57
N MET LB 159 -39.31 -33.54 -66.67
CA MET LB 159 -37.93 -33.75 -67.08
C MET LB 159 -37.78 -35.11 -67.76
N SER LB 160 -38.46 -36.13 -67.23
CA SER LB 160 -38.36 -37.45 -67.85
C SER LB 160 -38.89 -37.41 -69.27
N ALA LB 161 -40.03 -36.75 -69.48
CA ALA LB 161 -40.60 -36.63 -70.82
C ALA LB 161 -39.68 -35.84 -71.74
N VAL LB 162 -39.12 -34.74 -71.23
CA VAL LB 162 -38.24 -33.92 -72.04
C VAL LB 162 -37.01 -34.72 -72.47
N LEU LB 163 -36.43 -35.47 -71.54
CA LEU LB 163 -35.27 -36.30 -71.89
C LEU LB 163 -35.67 -37.37 -72.88
N LEU LB 164 -36.88 -37.92 -72.74
CA LEU LB 164 -37.36 -38.95 -73.64
C LEU LB 164 -37.48 -38.45 -75.07
N TYR LB 165 -37.98 -37.23 -75.26
CA TYR LB 165 -38.20 -36.68 -76.59
C TYR LB 165 -37.12 -35.69 -77.01
N SER LB 166 -36.06 -35.53 -76.24
CA SER LB 166 -34.97 -34.62 -76.57
C SER LB 166 -35.49 -33.27 -77.06
N ALA MB 96 -25.85 -35.78 -78.82
CA ALA MB 96 -25.27 -36.60 -77.77
C ALA MB 96 -26.31 -36.93 -76.69
N GLY MB 97 -26.99 -38.06 -76.86
CA GLY MB 97 -27.98 -38.48 -75.88
C GLY MB 97 -27.37 -38.87 -74.54
N VAL MB 98 -26.07 -39.13 -74.50
CA VAL MB 98 -25.44 -39.59 -73.26
C VAL MB 98 -25.64 -38.57 -72.14
N ALA MB 99 -25.58 -37.28 -72.48
CA ALA MB 99 -25.72 -36.24 -71.48
C ALA MB 99 -27.10 -36.20 -70.84
N SER MB 100 -28.10 -36.87 -71.42
CA SER MB 100 -29.37 -37.06 -70.73
C SER MB 100 -29.18 -37.84 -69.44
N LEU MB 101 -28.43 -38.95 -69.52
CA LEU MB 101 -28.28 -39.86 -68.39
C LEU MB 101 -27.83 -39.12 -67.14
N SER MB 102 -26.74 -38.38 -67.23
CA SER MB 102 -26.23 -37.59 -66.11
C SER MB 102 -27.32 -36.73 -65.48
N ALA MB 103 -28.06 -35.99 -66.31
CA ALA MB 103 -29.14 -35.16 -65.78
C ALA MB 103 -30.16 -35.98 -65.02
N ALA MB 104 -30.63 -37.07 -65.61
CA ALA MB 104 -31.59 -37.93 -64.92
C ALA MB 104 -31.03 -38.42 -63.58
N ILE MB 105 -29.75 -38.78 -63.57
CA ILE MB 105 -29.17 -39.29 -62.34
C ILE MB 105 -29.18 -38.19 -61.29
N ALA MB 106 -28.87 -36.96 -61.71
CA ALA MB 106 -28.89 -35.89 -60.74
C ALA MB 106 -30.31 -35.71 -60.21
N LEU MB 107 -31.30 -35.91 -61.08
CA LEU MB 107 -32.69 -35.75 -60.67
C LEU MB 107 -33.10 -36.80 -59.65
N MET MB 108 -32.36 -37.91 -59.58
CA MET MB 108 -32.67 -38.93 -58.57
C MET MB 108 -32.65 -38.36 -57.15
N SER MB 109 -31.75 -37.41 -56.89
CA SER MB 109 -31.64 -36.79 -55.56
C SER MB 109 -32.95 -36.14 -55.13
N VAL MB 110 -33.75 -35.69 -56.10
CA VAL MB 110 -35.01 -35.02 -55.80
C VAL MB 110 -35.91 -35.92 -54.97
N GLY MB 111 -35.88 -37.23 -55.21
CA GLY MB 111 -36.64 -38.13 -54.35
C GLY MB 111 -36.30 -37.97 -52.87
N GLY MB 112 -35.01 -38.04 -52.54
CA GLY MB 112 -34.59 -37.78 -51.17
C GLY MB 112 -35.01 -36.42 -50.67
N VAL MB 113 -34.90 -35.40 -51.52
CA VAL MB 113 -35.32 -34.06 -51.13
C VAL MB 113 -36.79 -34.07 -50.75
N ALA MB 114 -37.62 -34.70 -51.58
CA ALA MB 114 -39.05 -34.79 -51.30
C ALA MB 114 -39.29 -35.51 -49.99
N GLN MB 115 -38.53 -36.57 -49.74
CA GLN MB 115 -38.66 -37.29 -48.47
C GLN MB 115 -38.43 -36.34 -47.30
N GLY MB 116 -37.34 -35.58 -47.33
CA GLY MB 116 -37.08 -34.62 -46.28
C GLY MB 116 -38.22 -33.64 -46.11
N ILE MB 117 -38.69 -33.08 -47.22
CA ILE MB 117 -39.81 -32.13 -47.17
C ILE MB 117 -40.99 -32.78 -46.47
N GLY MB 118 -41.33 -34.00 -46.89
CA GLY MB 118 -42.43 -34.73 -46.28
C GLY MB 118 -42.27 -34.85 -44.77
N SER MB 119 -41.11 -35.32 -44.33
CA SER MB 119 -40.87 -35.45 -42.89
C SER MB 119 -41.08 -34.12 -42.18
N LEU MB 120 -40.55 -33.04 -42.75
CA LEU MB 120 -40.68 -31.73 -42.12
C LEU MB 120 -42.14 -31.33 -42.00
N PHE MB 121 -42.91 -31.49 -43.08
CA PHE MB 121 -44.31 -31.08 -43.03
C PHE MB 121 -45.12 -31.98 -42.13
N ALA MB 122 -44.76 -33.26 -42.04
CA ALA MB 122 -45.40 -34.15 -41.08
C ALA MB 122 -45.17 -33.67 -39.66
N ALA MB 123 -43.93 -33.26 -39.36
CA ALA MB 123 -43.62 -32.73 -38.04
C ALA MB 123 -44.41 -31.47 -37.76
N LEU MB 124 -44.67 -30.67 -38.79
CA LEU MB 124 -45.52 -29.49 -38.63
C LEU MB 124 -46.96 -29.90 -38.33
N VAL MB 125 -47.50 -30.81 -39.12
CA VAL MB 125 -48.90 -31.18 -39.01
C VAL MB 125 -49.17 -31.87 -37.69
N SER MB 126 -48.15 -32.53 -37.13
CA SER MB 126 -48.24 -33.07 -35.78
C SER MB 126 -48.15 -31.96 -34.73
N GLY MB 127 -47.16 -31.08 -34.86
CA GLY MB 127 -46.97 -30.02 -33.87
C GLY MB 127 -48.19 -29.15 -33.72
N THR MB 128 -48.84 -28.80 -34.84
CA THR MB 128 -50.05 -27.99 -34.76
C THR MB 128 -51.15 -28.67 -33.95
N ALA MB 129 -51.22 -30.00 -34.00
CA ALA MB 129 -52.14 -30.75 -33.15
C ALA MB 129 -51.66 -30.82 -31.70
N ARG MB 130 -50.35 -30.89 -31.49
CA ARG MB 130 -49.82 -31.01 -30.14
C ARG MB 130 -49.92 -29.69 -29.38
N ASN MB 131 -49.94 -28.57 -30.10
CA ASN MB 131 -49.97 -27.25 -29.48
C ASN MB 131 -50.64 -26.29 -30.44
N PRO MB 132 -51.96 -26.41 -30.62
CA PRO MB 132 -52.68 -25.56 -31.58
C PRO MB 132 -52.77 -24.10 -31.18
N SER MB 133 -52.20 -23.69 -30.05
CA SER MB 133 -52.25 -22.29 -29.66
C SER MB 133 -51.36 -21.43 -30.57
N ILE MB 134 -50.21 -21.97 -30.97
CA ILE MB 134 -49.19 -21.16 -31.65
C ILE MB 134 -49.48 -21.13 -33.14
N LYS MB 135 -49.32 -22.27 -33.80
CA LYS MB 135 -49.59 -22.45 -35.22
C LYS MB 135 -48.83 -21.48 -36.13
N GLU MB 136 -47.92 -20.68 -35.59
CA GLU MB 136 -47.27 -19.64 -36.37
C GLU MB 136 -45.76 -19.76 -36.37
N ASP MB 137 -45.14 -19.93 -35.20
CA ASP MB 137 -43.69 -20.09 -35.17
C ASP MB 137 -43.27 -21.44 -35.73
N LEU MB 138 -44.23 -22.37 -35.85
CA LEU MB 138 -43.89 -23.64 -36.47
C LEU MB 138 -43.91 -23.49 -37.98
N PHE MB 139 -44.89 -22.77 -38.50
CA PHE MB 139 -44.87 -22.48 -39.94
C PHE MB 139 -43.63 -21.67 -40.28
N THR MB 140 -43.21 -20.80 -39.35
CA THR MB 140 -41.98 -20.04 -39.54
C THR MB 140 -40.78 -20.97 -39.71
N TYR MB 141 -40.58 -21.88 -38.76
CA TYR MB 141 -39.43 -22.79 -38.87
C TYR MB 141 -39.57 -23.71 -40.09
N THR MB 142 -40.81 -24.06 -40.45
CA THR MB 142 -41.04 -24.81 -41.68
C THR MB 142 -40.52 -24.06 -42.88
N LEU MB 143 -40.88 -22.78 -43.01
CA LEU MB 143 -40.40 -21.97 -44.12
C LEU MB 143 -38.89 -21.84 -44.08
N ILE MB 144 -38.32 -21.72 -42.89
CA ILE MB 144 -36.87 -21.62 -42.77
C ILE MB 144 -36.18 -22.85 -43.35
N GLY MB 145 -36.64 -24.04 -42.97
CA GLY MB 145 -36.06 -25.26 -43.50
C GLY MB 145 -36.35 -25.45 -44.99
N MET MB 146 -37.58 -25.14 -45.41
CA MET MB 146 -37.94 -25.28 -46.80
C MET MB 146 -37.15 -24.34 -47.68
N GLY MB 147 -36.67 -23.23 -47.13
CA GLY MB 147 -35.75 -22.39 -47.90
C GLY MB 147 -34.53 -23.16 -48.36
N PHE MB 148 -33.85 -23.81 -47.41
CA PHE MB 148 -32.65 -24.59 -47.75
C PHE MB 148 -32.99 -25.75 -48.66
N LEU MB 149 -34.10 -26.45 -48.39
CA LEU MB 149 -34.42 -27.62 -49.20
C LEU MB 149 -34.82 -27.21 -50.62
N GLU MB 150 -35.57 -26.12 -50.77
CA GLU MB 150 -35.89 -25.61 -52.09
C GLU MB 150 -34.64 -25.13 -52.81
N PHE MB 151 -33.70 -24.52 -52.08
CA PHE MB 151 -32.44 -24.15 -52.71
C PHE MB 151 -31.71 -25.37 -53.25
N LEU MB 152 -31.67 -26.46 -52.47
CA LEU MB 152 -31.00 -27.66 -52.93
C LEU MB 152 -31.70 -28.24 -54.17
N GLY MB 153 -33.03 -28.29 -54.13
CA GLY MB 153 -33.77 -28.75 -55.30
C GLY MB 153 -33.53 -27.89 -56.53
N ILE MB 154 -33.45 -26.57 -56.33
CA ILE MB 154 -33.24 -25.66 -57.45
C ILE MB 154 -31.87 -25.87 -58.06
N ILE MB 155 -30.83 -26.03 -57.22
CA ILE MB 155 -29.50 -26.22 -57.76
C ILE MB 155 -29.39 -27.60 -58.41
N CYS MB 156 -30.10 -28.59 -57.89
CA CYS MB 156 -30.12 -29.90 -58.55
C CYS MB 156 -30.75 -29.82 -59.94
N VAL MB 157 -31.88 -29.12 -60.04
CA VAL MB 157 -32.53 -28.94 -61.34
C VAL MB 157 -31.60 -28.20 -62.29
N LEU MB 158 -30.97 -27.13 -61.80
CA LEU MB 158 -30.09 -26.35 -62.66
C LEU MB 158 -28.91 -27.17 -63.14
N MET MB 159 -28.31 -27.97 -62.25
CA MET MB 159 -27.19 -28.81 -62.65
C MET MB 159 -27.64 -29.90 -63.62
N SER MB 160 -28.85 -30.44 -63.46
CA SER MB 160 -29.36 -31.41 -64.42
C SER MB 160 -29.47 -30.77 -65.81
N ALA MB 161 -30.10 -29.60 -65.88
CA ALA MB 161 -30.24 -28.92 -67.17
C ALA MB 161 -28.87 -28.56 -67.75
N VAL MB 162 -27.94 -28.16 -66.88
CA VAL MB 162 -26.60 -27.80 -67.33
C VAL MB 162 -25.92 -29.02 -67.97
N LEU MB 163 -25.88 -30.14 -67.26
CA LEU MB 163 -25.28 -31.32 -67.84
C LEU MB 163 -26.03 -31.83 -69.06
N LEU MB 164 -27.32 -31.52 -69.17
CA LEU MB 164 -28.07 -31.87 -70.36
C LEU MB 164 -27.61 -31.06 -71.57
N TYR MB 165 -27.79 -29.74 -71.50
CA TYR MB 165 -27.46 -28.88 -72.65
C TYR MB 165 -25.96 -28.65 -72.79
N SER MB 166 -25.34 -28.02 -71.79
CA SER MB 166 -23.92 -27.72 -71.82
C SER MB 166 -23.52 -27.00 -73.10
N ALA NB 96 -18.44 -40.99 -74.02
CA ALA NB 96 -17.59 -39.81 -74.13
C ALA NB 96 -17.88 -38.83 -72.99
N GLY NB 97 -19.15 -38.68 -72.64
CA GLY NB 97 -19.54 -37.81 -71.56
C GLY NB 97 -19.44 -38.46 -70.20
N VAL NB 98 -18.23 -38.79 -69.78
CA VAL NB 98 -18.05 -39.46 -68.49
C VAL NB 98 -17.95 -38.47 -67.34
N ALA NB 99 -17.49 -37.25 -67.61
CA ALA NB 99 -17.41 -36.24 -66.56
C ALA NB 99 -18.80 -35.90 -66.03
N SER NB 100 -19.78 -35.80 -66.93
CA SER NB 100 -21.16 -35.55 -66.52
C SER NB 100 -21.69 -36.70 -65.68
N LEU NB 101 -21.41 -37.94 -66.08
CA LEU NB 101 -21.80 -39.10 -65.28
C LEU NB 101 -21.22 -39.01 -63.88
N SER NB 102 -19.92 -38.71 -63.78
CA SER NB 102 -19.27 -38.65 -62.48
C SER NB 102 -19.87 -37.53 -61.62
N ALA NB 103 -20.15 -36.38 -62.24
CA ALA NB 103 -20.73 -35.27 -61.50
C ALA NB 103 -22.12 -35.64 -60.98
N ALA NB 104 -22.95 -36.21 -61.85
CA ALA NB 104 -24.30 -36.57 -61.43
C ALA NB 104 -24.31 -37.69 -60.40
N ILE NB 105 -23.31 -38.56 -60.42
CA ILE NB 105 -23.26 -39.61 -59.40
C ILE NB 105 -22.75 -39.06 -58.08
N ALA NB 106 -21.87 -38.06 -58.13
CA ALA NB 106 -21.38 -37.45 -56.90
C ALA NB 106 -22.46 -36.58 -56.27
N LEU NB 107 -23.35 -36.02 -57.09
CA LEU NB 107 -24.37 -35.13 -56.58
C LEU NB 107 -25.35 -35.85 -55.65
N MET NB 108 -25.50 -37.16 -55.80
CA MET NB 108 -26.64 -37.87 -55.23
C MET NB 108 -26.65 -37.92 -53.71
N SER NB 109 -25.65 -37.38 -53.02
CA SER NB 109 -25.70 -37.30 -51.57
C SER NB 109 -26.66 -36.23 -51.07
N VAL NB 110 -27.18 -35.39 -51.98
CA VAL NB 110 -28.16 -34.39 -51.58
C VAL NB 110 -29.40 -35.04 -51.00
N GLY NB 111 -29.71 -36.26 -51.42
CA GLY NB 111 -30.85 -36.97 -50.84
C GLY NB 111 -30.67 -37.22 -49.35
N GLY NB 112 -29.54 -37.80 -48.97
CA GLY NB 112 -29.27 -38.03 -47.56
C GLY NB 112 -29.13 -36.73 -46.79
N VAL NB 113 -28.52 -35.72 -47.41
CA VAL NB 113 -28.39 -34.42 -46.75
C VAL NB 113 -29.77 -33.86 -46.44
N ALA NB 114 -30.68 -33.93 -47.40
CA ALA NB 114 -32.02 -33.38 -47.20
C ALA NB 114 -32.81 -34.20 -46.20
N GLN NB 115 -32.65 -35.53 -46.21
CA GLN NB 115 -33.27 -36.35 -45.19
C GLN NB 115 -32.82 -35.93 -43.80
N GLY NB 116 -31.51 -35.73 -43.63
CA GLY NB 116 -31.00 -35.27 -42.35
C GLY NB 116 -31.56 -33.93 -41.95
N ILE NB 117 -31.62 -32.99 -42.90
CA ILE NB 117 -32.13 -31.66 -42.59
C ILE NB 117 -33.59 -31.75 -42.17
N GLY NB 118 -34.37 -32.58 -42.87
CA GLY NB 118 -35.77 -32.73 -42.53
C GLY NB 118 -35.97 -33.32 -41.15
N SER NB 119 -35.19 -34.36 -40.82
CA SER NB 119 -35.28 -34.93 -39.47
C SER NB 119 -34.90 -33.89 -38.41
N LEU NB 120 -33.85 -33.12 -38.67
CA LEU NB 120 -33.41 -32.10 -37.72
C LEU NB 120 -34.51 -31.06 -37.50
N PHE NB 121 -35.05 -30.50 -38.57
CA PHE NB 121 -36.06 -29.46 -38.40
C PHE NB 121 -37.37 -30.03 -37.88
N ALA NB 122 -37.64 -31.31 -38.13
CA ALA NB 122 -38.80 -31.94 -37.52
C ALA NB 122 -38.65 -32.03 -36.01
N ALA NB 123 -37.46 -32.42 -35.55
CA ALA NB 123 -37.17 -32.41 -34.12
C ALA NB 123 -37.32 -31.00 -33.56
N LEU NB 124 -36.83 -30.00 -34.29
CA LEU NB 124 -36.98 -28.61 -33.85
C LEU NB 124 -38.45 -28.25 -33.69
N VAL NB 125 -39.28 -28.55 -34.69
CA VAL NB 125 -40.68 -28.18 -34.65
C VAL NB 125 -41.39 -28.88 -33.51
N SER NB 126 -41.11 -30.17 -33.31
CA SER NB 126 -41.74 -30.91 -32.23
C SER NB 126 -41.33 -30.37 -30.87
N GLY NB 127 -40.02 -30.17 -30.66
CA GLY NB 127 -39.58 -29.62 -29.40
C GLY NB 127 -40.08 -28.22 -29.14
N THR NB 128 -40.39 -27.47 -30.19
CA THR NB 128 -40.97 -26.14 -29.99
C THR NB 128 -42.46 -26.23 -29.69
N ALA NB 129 -43.15 -27.18 -30.30
CA ALA NB 129 -44.55 -27.39 -29.96
C ALA NB 129 -44.71 -27.85 -28.52
N ARG NB 130 -43.74 -28.61 -28.02
CA ARG NB 130 -43.77 -29.04 -26.63
C ARG NB 130 -43.38 -27.90 -25.68
N ASN NB 131 -42.16 -27.40 -25.82
CA ASN NB 131 -41.61 -26.36 -24.95
C ASN NB 131 -41.46 -25.07 -25.74
N PRO NB 132 -42.53 -24.28 -25.88
CA PRO NB 132 -42.43 -23.04 -26.68
C PRO NB 132 -41.58 -21.97 -26.01
N SER NB 133 -41.33 -22.06 -24.72
CA SER NB 133 -40.50 -21.07 -24.04
C SER NB 133 -39.02 -21.29 -24.28
N ILE NB 134 -38.64 -22.38 -24.95
CA ILE NB 134 -37.25 -22.69 -25.25
C ILE NB 134 -37.17 -22.85 -26.77
N LYS NB 135 -36.78 -21.78 -27.45
CA LYS NB 135 -36.69 -21.79 -28.91
C LYS NB 135 -35.31 -21.34 -29.39
N GLU NB 136 -34.63 -20.51 -28.60
CA GLU NB 136 -33.34 -20.01 -29.03
C GLU NB 136 -32.26 -21.09 -28.96
N ASP NB 137 -32.29 -21.91 -27.91
CA ASP NB 137 -31.33 -23.00 -27.81
C ASP NB 137 -31.59 -24.05 -28.87
N LEU NB 138 -32.87 -24.39 -29.09
CA LEU NB 138 -33.22 -25.36 -30.12
C LEU NB 138 -32.83 -24.84 -31.50
N PHE NB 139 -33.12 -23.56 -31.75
CA PHE NB 139 -32.74 -22.97 -33.03
C PHE NB 139 -31.23 -22.96 -33.19
N THR NB 140 -30.50 -22.73 -32.10
CA THR NB 140 -29.04 -22.72 -32.16
C THR NB 140 -28.49 -24.09 -32.54
N TYR NB 141 -28.98 -25.14 -31.88
CA TYR NB 141 -28.52 -26.48 -32.22
C TYR NB 141 -28.96 -26.88 -33.63
N THR NB 142 -30.15 -26.47 -34.04
CA THR NB 142 -30.57 -26.71 -35.42
C THR NB 142 -29.66 -26.00 -36.41
N LEU NB 143 -29.22 -24.79 -36.07
CA LEU NB 143 -28.30 -24.07 -36.95
C LEU NB 143 -26.94 -24.78 -37.02
N ILE NB 144 -26.48 -25.31 -35.89
CA ILE NB 144 -25.24 -26.09 -35.90
C ILE NB 144 -25.36 -27.29 -36.84
N GLY NB 145 -26.41 -28.10 -36.66
CA GLY NB 145 -26.61 -29.25 -37.51
C GLY NB 145 -26.75 -28.86 -38.97
N MET NB 146 -27.47 -27.76 -39.24
CA MET NB 146 -27.65 -27.30 -40.61
C MET NB 146 -26.33 -26.84 -41.19
N GLY NB 147 -25.46 -26.25 -40.37
CA GLY NB 147 -24.14 -25.86 -40.85
C GLY NB 147 -23.33 -27.05 -41.27
N PHE NB 148 -23.32 -28.09 -40.43
CA PHE NB 148 -22.62 -29.33 -40.81
C PHE NB 148 -23.17 -29.89 -42.12
N LEU NB 149 -24.50 -29.98 -42.22
CA LEU NB 149 -25.11 -30.62 -43.38
C LEU NB 149 -24.91 -29.80 -44.64
N GLU NB 150 -25.04 -28.47 -44.55
CA GLU NB 150 -24.79 -27.62 -45.71
C GLU NB 150 -23.32 -27.60 -46.09
N PHE NB 151 -22.42 -27.76 -45.11
CA PHE NB 151 -21.01 -27.91 -45.45
C PHE NB 151 -20.78 -29.16 -46.29
N LEU NB 152 -21.37 -30.27 -45.87
CA LEU NB 152 -21.23 -31.51 -46.65
C LEU NB 152 -21.89 -31.37 -48.02
N GLY NB 153 -23.04 -30.71 -48.09
CA GLY NB 153 -23.71 -30.53 -49.37
C GLY NB 153 -22.91 -29.68 -50.34
N ILE NB 154 -22.35 -28.57 -49.84
CA ILE NB 154 -21.53 -27.73 -50.71
C ILE NB 154 -20.26 -28.47 -51.08
N ILE NB 155 -19.77 -29.36 -50.21
CA ILE NB 155 -18.64 -30.20 -50.56
C ILE NB 155 -18.97 -31.07 -51.75
N CYS NB 156 -20.12 -31.76 -51.69
CA CYS NB 156 -20.46 -32.68 -52.77
C CYS NB 156 -20.77 -31.93 -54.06
N VAL NB 157 -21.37 -30.75 -53.96
CA VAL NB 157 -21.63 -29.96 -55.16
C VAL NB 157 -20.31 -29.47 -55.77
N LEU NB 158 -19.39 -29.01 -54.93
CA LEU NB 158 -18.08 -28.59 -55.42
C LEU NB 158 -17.38 -29.75 -56.11
N MET NB 159 -17.44 -30.95 -55.52
CA MET NB 159 -16.79 -32.10 -56.16
C MET NB 159 -17.47 -32.48 -57.46
N SER NB 160 -18.78 -32.30 -57.57
CA SER NB 160 -19.46 -32.54 -58.84
C SER NB 160 -18.97 -31.55 -59.89
N ALA NB 161 -18.86 -30.28 -59.52
CA ALA NB 161 -18.34 -29.27 -60.44
C ALA NB 161 -16.91 -29.59 -60.84
N VAL NB 162 -16.10 -30.08 -59.89
CA VAL NB 162 -14.73 -30.44 -60.19
C VAL NB 162 -14.69 -31.56 -61.22
N LEU NB 163 -15.44 -32.64 -60.97
CA LEU NB 163 -15.43 -33.75 -61.90
C LEU NB 163 -15.99 -33.36 -63.26
N LEU NB 164 -16.85 -32.33 -63.29
CA LEU NB 164 -17.40 -31.87 -64.56
C LEU NB 164 -16.40 -31.01 -65.33
N TYR NB 165 -15.69 -30.12 -64.65
CA TYR NB 165 -14.81 -29.15 -65.30
C TYR NB 165 -13.37 -29.33 -64.81
N SER NB 166 -12.92 -30.58 -64.76
CA SER NB 166 -11.56 -30.88 -64.34
C SER NB 166 -10.55 -30.32 -65.34
N ALA OB 96 -10.55 -37.43 -66.82
CA ALA OB 96 -11.88 -37.58 -67.37
C ALA OB 96 -12.13 -39.02 -67.81
N GLY OB 97 -11.89 -39.96 -66.88
CA GLY OB 97 -12.07 -41.37 -67.17
C GLY OB 97 -12.72 -42.13 -66.03
N VAL OB 98 -12.10 -43.23 -65.62
CA VAL OB 98 -12.68 -44.09 -64.58
C VAL OB 98 -12.39 -43.51 -63.20
N ALA OB 99 -11.32 -42.73 -63.06
CA ALA OB 99 -10.97 -42.15 -61.78
C ALA OB 99 -12.10 -41.25 -61.28
N SER OB 100 -12.69 -40.46 -62.19
CA SER OB 100 -13.81 -39.61 -61.82
C SER OB 100 -15.00 -40.45 -61.37
N LEU OB 101 -15.29 -41.53 -62.07
CA LEU OB 101 -16.42 -42.38 -61.70
C LEU OB 101 -16.23 -42.95 -60.30
N SER OB 102 -15.02 -43.43 -60.01
CA SER OB 102 -14.76 -44.00 -58.69
C SER OB 102 -14.84 -42.93 -57.60
N ALA OB 103 -14.23 -41.76 -57.84
CA ALA OB 103 -14.29 -40.69 -56.86
C ALA OB 103 -15.70 -40.18 -56.66
N ALA OB 104 -16.60 -40.38 -57.64
CA ALA OB 104 -17.98 -40.00 -57.44
C ALA OB 104 -18.74 -41.07 -56.66
N ILE OB 105 -18.45 -42.35 -56.94
CA ILE OB 105 -19.14 -43.41 -56.22
C ILE OB 105 -18.71 -43.42 -54.76
N ALA OB 106 -17.51 -42.94 -54.46
CA ALA OB 106 -17.06 -42.87 -53.07
C ALA OB 106 -17.93 -41.94 -52.25
N LEU OB 107 -18.56 -40.95 -52.87
CA LEU OB 107 -19.33 -39.93 -52.17
C LEU OB 107 -20.71 -40.41 -51.73
N MET OB 108 -21.10 -41.65 -52.02
CA MET OB 108 -22.42 -42.15 -51.64
C MET OB 108 -22.59 -42.28 -50.14
N SER OB 109 -21.49 -42.33 -49.37
CA SER OB 109 -21.58 -42.49 -47.93
C SER OB 109 -21.97 -41.21 -47.22
N VAL OB 110 -21.80 -40.06 -47.87
CA VAL OB 110 -22.10 -38.79 -47.22
C VAL OB 110 -23.58 -38.71 -46.87
N GLY OB 111 -24.44 -39.38 -47.64
CA GLY OB 111 -25.84 -39.41 -47.30
C GLY OB 111 -26.10 -40.08 -45.97
N GLY OB 112 -25.51 -41.26 -45.77
CA GLY OB 112 -25.63 -41.94 -44.49
C GLY OB 112 -25.03 -41.14 -43.35
N VAL OB 113 -23.89 -40.51 -43.60
CA VAL OB 113 -23.28 -39.67 -42.57
C VAL OB 113 -24.21 -38.52 -42.20
N ALA OB 114 -24.86 -37.92 -43.19
CA ALA OB 114 -25.79 -36.83 -42.92
C ALA OB 114 -27.00 -37.32 -42.15
N GLN OB 115 -27.50 -38.50 -42.48
CA GLN OB 115 -28.62 -39.06 -41.71
C GLN OB 115 -28.22 -39.30 -40.27
N GLY OB 116 -27.00 -39.79 -40.04
CA GLY OB 116 -26.54 -39.99 -38.68
C GLY OB 116 -26.40 -38.68 -37.91
N ILE OB 117 -25.87 -37.65 -38.57
CA ILE OB 117 -25.75 -36.34 -37.94
C ILE OB 117 -27.14 -35.79 -37.60
N GLY OB 118 -28.09 -35.96 -38.52
CA GLY OB 118 -29.44 -35.52 -38.27
C GLY OB 118 -30.05 -36.23 -37.07
N SER OB 119 -29.85 -37.54 -36.97
CA SER OB 119 -30.35 -38.28 -35.81
C SER OB 119 -29.73 -37.76 -34.53
N LEU OB 120 -28.42 -37.56 -34.54
CA LEU OB 120 -27.71 -37.01 -33.39
C LEU OB 120 -28.35 -35.71 -32.92
N PHE OB 121 -28.41 -34.73 -33.82
CA PHE OB 121 -28.87 -33.42 -33.38
C PHE OB 121 -30.37 -33.37 -33.14
N ALA OB 122 -31.15 -34.25 -33.78
CA ALA OB 122 -32.56 -34.36 -33.42
C ALA OB 122 -32.73 -34.88 -32.01
N ALA OB 123 -31.90 -35.84 -31.61
CA ALA OB 123 -31.95 -36.34 -30.24
C ALA OB 123 -31.54 -35.24 -29.26
N LEU OB 124 -30.51 -34.47 -29.61
CA LEU OB 124 -30.13 -33.35 -28.77
C LEU OB 124 -31.27 -32.35 -28.63
N VAL OB 125 -31.95 -32.04 -29.73
CA VAL OB 125 -33.07 -31.12 -29.71
C VAL OB 125 -34.18 -31.63 -28.80
N SER OB 126 -34.55 -32.90 -28.95
CA SER OB 126 -35.61 -33.47 -28.14
C SER OB 126 -35.24 -33.49 -26.66
N GLY OB 127 -34.02 -33.91 -26.34
CA GLY OB 127 -33.59 -33.90 -24.96
C GLY OB 127 -33.56 -32.51 -24.35
N THR OB 128 -33.19 -31.51 -25.15
CA THR OB 128 -33.22 -30.13 -24.67
C THR OB 128 -34.64 -29.68 -24.41
N ALA OB 129 -35.55 -29.97 -25.33
CA ALA OB 129 -36.94 -29.56 -25.15
C ALA OB 129 -37.54 -30.25 -23.93
N ARG OB 130 -37.09 -31.46 -23.62
CA ARG OB 130 -37.62 -32.18 -22.47
C ARG OB 130 -37.04 -31.63 -21.16
N ASN OB 131 -35.72 -31.70 -21.01
CA ASN OB 131 -35.03 -31.25 -19.80
C ASN OB 131 -33.92 -30.29 -20.21
N PRO OB 132 -34.23 -29.00 -20.34
CA PRO OB 132 -33.19 -28.03 -20.71
C PRO OB 132 -32.00 -27.98 -19.77
N SER OB 133 -32.17 -28.34 -18.52
CA SER OB 133 -31.15 -28.09 -17.50
C SER OB 133 -29.94 -29.00 -17.62
N ILE OB 134 -29.81 -29.79 -18.68
CA ILE OB 134 -28.62 -30.59 -18.94
C ILE OB 134 -28.13 -30.35 -20.36
N LYS OB 135 -28.43 -29.17 -20.90
CA LYS OB 135 -28.01 -28.81 -22.25
C LYS OB 135 -26.52 -29.09 -22.51
N GLU OB 136 -25.65 -28.52 -21.67
CA GLU OB 136 -24.21 -28.68 -21.87
C GLU OB 136 -23.77 -30.14 -21.87
N ASP OB 137 -24.51 -31.02 -21.20
CA ASP OB 137 -24.18 -32.44 -21.25
C ASP OB 137 -24.58 -33.04 -22.59
N LEU OB 138 -25.84 -32.84 -22.99
CA LEU OB 138 -26.29 -33.44 -24.23
C LEU OB 138 -25.41 -32.97 -25.38
N PHE OB 139 -25.21 -31.64 -25.44
CA PHE OB 139 -24.31 -31.04 -26.43
C PHE OB 139 -22.94 -31.73 -26.40
N THR OB 140 -22.39 -31.94 -25.20
CA THR OB 140 -21.11 -32.63 -25.07
C THR OB 140 -21.13 -33.98 -25.77
N TYR OB 141 -22.08 -34.84 -25.38
CA TYR OB 141 -22.15 -36.16 -26.00
C TYR OB 141 -22.34 -36.05 -27.51
N THR OB 142 -23.14 -35.08 -27.95
CA THR OB 142 -23.33 -34.87 -29.39
C THR OB 142 -22.00 -34.62 -30.07
N LEU OB 143 -21.18 -33.76 -29.48
CA LEU OB 143 -19.87 -33.46 -30.06
C LEU OB 143 -19.01 -34.72 -30.11
N ILE OB 144 -19.09 -35.55 -29.06
CA ILE OB 144 -18.35 -36.81 -29.06
C ILE OB 144 -18.78 -37.67 -30.25
N GLY OB 145 -20.09 -37.76 -30.49
CA GLY OB 145 -20.58 -38.48 -31.65
C GLY OB 145 -20.05 -37.90 -32.96
N MET OB 146 -20.05 -36.58 -33.07
CA MET OB 146 -19.51 -35.96 -34.27
C MET OB 146 -18.05 -36.33 -34.45
N GLY OB 147 -17.33 -36.50 -33.34
CA GLY OB 147 -15.94 -36.91 -33.38
C GLY OB 147 -15.72 -38.21 -34.13
N PHE OB 148 -16.76 -39.03 -34.29
CA PHE OB 148 -16.71 -40.16 -35.19
C PHE OB 148 -17.27 -39.80 -36.55
N LEU OB 149 -18.49 -39.26 -36.58
CA LEU OB 149 -19.23 -39.16 -37.84
C LEU OB 149 -18.49 -38.25 -38.81
N GLU OB 150 -18.15 -37.03 -38.36
CA GLU OB 150 -17.34 -36.12 -39.15
C GLU OB 150 -16.08 -36.81 -39.67
N PHE OB 151 -15.35 -37.47 -38.78
CA PHE OB 151 -14.11 -38.13 -39.17
C PHE OB 151 -14.35 -39.09 -40.33
N LEU OB 152 -15.41 -39.90 -40.21
CA LEU OB 152 -15.71 -40.89 -41.25
C LEU OB 152 -16.01 -40.20 -42.57
N GLY OB 153 -16.87 -39.18 -42.54
CA GLY OB 153 -17.17 -38.46 -43.76
C GLY OB 153 -15.92 -37.89 -44.40
N ILE OB 154 -15.06 -37.29 -43.60
CA ILE OB 154 -13.84 -36.69 -44.15
C ILE OB 154 -12.99 -37.79 -44.80
N ILE OB 155 -12.90 -38.94 -44.14
CA ILE OB 155 -12.21 -40.09 -44.72
C ILE OB 155 -12.74 -40.36 -46.12
N CYS OB 156 -14.07 -40.50 -46.23
CA CYS OB 156 -14.68 -40.78 -47.53
C CYS OB 156 -14.29 -39.73 -48.56
N VAL OB 157 -14.32 -38.45 -48.18
CA VAL OB 157 -13.96 -37.37 -49.10
C VAL OB 157 -12.52 -37.51 -49.56
N LEU OB 158 -11.62 -37.73 -48.61
CA LEU OB 158 -10.21 -37.95 -48.94
C LEU OB 158 -10.06 -39.12 -49.89
N MET OB 159 -10.69 -40.26 -49.60
CA MET OB 159 -10.53 -41.41 -50.48
C MET OB 159 -11.10 -41.13 -51.86
N SER OB 160 -12.13 -40.29 -51.93
CA SER OB 160 -12.65 -39.86 -53.22
C SER OB 160 -11.59 -39.10 -54.01
N ALA OB 161 -10.95 -38.13 -53.37
CA ALA OB 161 -9.88 -37.40 -54.04
C ALA OB 161 -8.72 -38.32 -54.39
N VAL OB 162 -8.43 -39.31 -53.53
CA VAL OB 162 -7.36 -40.25 -53.81
C VAL OB 162 -7.67 -41.08 -55.04
N LEU OB 163 -8.95 -41.38 -55.28
CA LEU OB 163 -9.33 -42.11 -56.47
C LEU OB 163 -9.54 -41.20 -57.66
N LEU OB 164 -9.60 -39.89 -57.44
CA LEU OB 164 -9.66 -38.93 -58.52
C LEU OB 164 -8.27 -38.51 -59.00
N TYR OB 165 -7.24 -38.75 -58.19
CA TYR OB 165 -5.87 -38.44 -58.58
C TYR OB 165 -4.91 -39.58 -58.22
N SER OB 166 -5.38 -40.82 -58.27
CA SER OB 166 -4.52 -41.97 -57.99
C SER OB 166 -3.45 -42.11 -59.06
N ALA PB 96 -5.95 -49.59 -64.22
CA ALA PB 96 -6.01 -49.31 -62.79
C ALA PB 96 -7.35 -48.67 -62.44
N GLY PB 97 -8.40 -49.03 -63.17
CA GLY PB 97 -9.72 -48.45 -62.96
C GLY PB 97 -10.68 -49.36 -62.21
N VAL PB 98 -10.54 -50.68 -62.39
CA VAL PB 98 -11.47 -51.56 -61.71
C VAL PB 98 -11.15 -51.61 -60.23
N ALA PB 99 -9.89 -51.42 -59.86
CA ALA PB 99 -9.52 -51.47 -58.45
C ALA PB 99 -10.16 -50.29 -57.75
N SER PB 100 -10.04 -49.11 -58.38
CA SER PB 100 -10.60 -47.88 -57.84
C SER PB 100 -12.11 -47.98 -57.71
N LEU PB 101 -12.78 -48.50 -58.74
CA LEU PB 101 -14.22 -48.66 -58.65
C LEU PB 101 -14.62 -49.65 -57.56
N SER PB 102 -13.85 -50.73 -57.40
CA SER PB 102 -14.14 -51.70 -56.36
C SER PB 102 -14.01 -51.07 -54.98
N ALA PB 103 -12.97 -50.28 -54.77
CA ALA PB 103 -12.79 -49.62 -53.47
C ALA PB 103 -13.90 -48.60 -53.22
N ALA PB 104 -14.25 -47.83 -54.24
CA ALA PB 104 -15.33 -46.86 -54.08
C ALA PB 104 -16.64 -47.56 -53.74
N ILE PB 105 -16.87 -48.74 -54.32
CA ILE PB 105 -18.08 -49.49 -54.02
C ILE PB 105 -18.02 -50.07 -52.61
N ALA PB 106 -16.83 -50.46 -52.16
CA ALA PB 106 -16.67 -50.95 -50.79
C ALA PB 106 -16.81 -49.86 -49.75
N LEU PB 107 -16.65 -48.60 -50.14
CA LEU PB 107 -16.75 -47.49 -49.19
C LEU PB 107 -18.18 -47.20 -48.74
N MET PB 108 -19.17 -47.97 -49.19
CA MET PB 108 -20.56 -47.69 -48.84
C MET PB 108 -20.86 -48.01 -47.38
N SER PB 109 -20.16 -48.99 -46.81
CA SER PB 109 -20.40 -49.38 -45.43
C SER PB 109 -20.07 -48.26 -44.44
N VAL PB 110 -19.22 -47.30 -44.82
CA VAL PB 110 -18.97 -46.15 -43.96
C VAL PB 110 -20.28 -45.40 -43.73
N GLY PB 111 -20.98 -45.10 -44.82
CA GLY PB 111 -22.28 -44.44 -44.70
C GLY PB 111 -23.32 -45.32 -44.04
N GLY PB 112 -23.24 -46.63 -44.29
CA GLY PB 112 -24.14 -47.54 -43.62
C GLY PB 112 -23.88 -47.72 -42.14
N VAL PB 113 -22.72 -47.29 -41.66
CA VAL PB 113 -22.33 -47.50 -40.27
C VAL PB 113 -22.60 -46.19 -39.51
N ALA PB 114 -22.40 -45.07 -40.21
CA ALA PB 114 -22.71 -43.79 -39.60
C ALA PB 114 -24.15 -43.79 -39.12
N GLN PB 115 -25.06 -44.32 -39.94
CA GLN PB 115 -26.34 -44.74 -39.41
C GLN PB 115 -26.09 -45.95 -38.52
N GLY PB 116 -26.50 -45.85 -37.27
CA GLY PB 116 -26.20 -46.87 -36.29
C GLY PB 116 -25.34 -46.28 -35.21
N ILE PB 117 -24.28 -45.55 -35.61
CA ILE PB 117 -23.61 -44.69 -34.63
C ILE PB 117 -24.52 -43.53 -34.25
N GLY PB 118 -25.19 -42.94 -35.23
CA GLY PB 118 -26.15 -41.90 -34.94
C GLY PB 118 -27.24 -42.37 -34.00
N SER PB 119 -27.80 -43.56 -34.28
CA SER PB 119 -28.86 -44.09 -33.42
C SER PB 119 -28.35 -44.38 -32.01
N LEU PB 120 -27.15 -44.96 -31.90
CA LEU PB 120 -26.59 -45.24 -30.59
C LEU PB 120 -26.45 -43.96 -29.76
N PHE PB 121 -25.83 -42.94 -30.33
CA PHE PB 121 -25.62 -41.71 -29.55
C PHE PB 121 -26.92 -40.94 -29.34
N ALA PB 122 -27.88 -41.04 -30.26
CA ALA PB 122 -29.21 -40.50 -30.01
C ALA PB 122 -29.85 -41.17 -28.81
N ALA PB 123 -29.71 -42.50 -28.70
CA ALA PB 123 -30.25 -43.21 -27.56
C ALA PB 123 -29.57 -42.78 -26.27
N LEU PB 124 -28.25 -42.58 -26.34
CA LEU PB 124 -27.53 -42.06 -25.17
C LEU PB 124 -28.08 -40.71 -24.74
N VAL PB 125 -28.30 -39.81 -25.70
CA VAL PB 125 -28.83 -38.49 -25.39
C VAL PB 125 -30.21 -38.61 -24.73
N SER PB 126 -31.09 -39.41 -25.33
CA SER PB 126 -32.44 -39.53 -24.79
C SER PB 126 -32.43 -40.17 -23.40
N GLY PB 127 -31.56 -41.15 -23.19
CA GLY PB 127 -31.45 -41.73 -21.86
C GLY PB 127 -30.93 -40.76 -20.82
N THR PB 128 -29.99 -39.89 -21.20
CA THR PB 128 -29.53 -38.87 -20.28
C THR PB 128 -30.61 -37.81 -20.03
N ALA PB 129 -31.48 -37.59 -21.00
CA ALA PB 129 -32.58 -36.65 -20.79
C ALA PB 129 -33.67 -37.24 -19.91
N ARG PB 130 -33.86 -38.55 -19.97
CA ARG PB 130 -34.87 -39.22 -19.17
C ARG PB 130 -34.38 -39.58 -17.77
N ASN PB 131 -33.07 -39.72 -17.57
CA ASN PB 131 -32.51 -40.06 -16.27
C ASN PB 131 -31.12 -39.46 -16.16
N PRO PB 132 -31.04 -38.17 -15.82
CA PRO PB 132 -29.72 -37.54 -15.68
C PRO PB 132 -28.90 -38.08 -14.54
N SER PB 133 -29.53 -38.77 -13.59
CA SER PB 133 -28.81 -39.37 -12.47
C SER PB 133 -27.89 -40.49 -12.92
N ILE PB 134 -28.00 -40.95 -14.16
CA ILE PB 134 -27.18 -42.04 -14.69
C ILE PB 134 -26.55 -41.52 -15.97
N LYS PB 135 -25.35 -40.96 -15.85
CA LYS PB 135 -24.55 -40.57 -17.00
C LYS PB 135 -23.60 -41.70 -17.38
N GLU PB 136 -22.75 -42.10 -16.43
CA GLU PB 136 -22.06 -43.38 -16.49
C GLU PB 136 -23.07 -44.53 -16.39
N ASP PB 137 -22.64 -45.70 -16.86
CA ASP PB 137 -23.45 -46.89 -17.08
C ASP PB 137 -24.34 -46.78 -18.31
N LEU PB 138 -24.42 -45.61 -18.95
CA LEU PB 138 -24.92 -45.47 -20.30
C LEU PB 138 -23.82 -45.24 -21.32
N PHE PB 139 -22.78 -44.52 -20.92
CA PHE PB 139 -21.68 -44.24 -21.84
C PHE PB 139 -20.82 -45.47 -22.03
N THR PB 140 -20.80 -46.39 -21.06
CA THR PB 140 -20.03 -47.62 -21.24
C THR PB 140 -20.64 -48.48 -22.34
N TYR PB 141 -21.95 -48.72 -22.26
CA TYR PB 141 -22.63 -49.47 -23.32
C TYR PB 141 -22.54 -48.74 -24.65
N THR PB 142 -22.69 -47.41 -24.63
CA THR PB 142 -22.55 -46.64 -25.85
C THR PB 142 -21.17 -46.85 -26.47
N LEU PB 143 -20.13 -46.83 -25.66
CA LEU PB 143 -18.78 -47.00 -26.19
C LEU PB 143 -18.53 -48.41 -26.66
N ILE PB 144 -19.14 -49.41 -26.02
CA ILE PB 144 -18.98 -50.78 -26.49
C ILE PB 144 -19.62 -50.97 -27.87
N GLY PB 145 -20.89 -50.58 -28.02
CA GLY PB 145 -21.51 -50.66 -29.34
C GLY PB 145 -20.81 -49.81 -30.39
N MET PB 146 -20.38 -48.62 -30.00
CA MET PB 146 -19.61 -47.78 -30.92
C MET PB 146 -18.31 -48.46 -31.31
N GLY PB 147 -17.67 -49.15 -30.38
CA GLY PB 147 -16.47 -49.89 -30.71
C GLY PB 147 -16.74 -50.96 -31.75
N PHE PB 148 -17.84 -51.70 -31.58
CA PHE PB 148 -18.21 -52.67 -32.59
C PHE PB 148 -18.35 -52.02 -33.97
N LEU PB 149 -19.12 -50.93 -34.04
CA LEU PB 149 -19.38 -50.33 -35.36
C LEU PB 149 -18.11 -49.69 -35.92
N GLU PB 150 -17.25 -49.16 -35.05
CA GLU PB 150 -15.95 -48.68 -35.46
C GLU PB 150 -15.11 -49.79 -36.05
N PHE PB 151 -15.19 -50.99 -35.46
CA PHE PB 151 -14.46 -52.13 -36.01
C PHE PB 151 -14.97 -52.48 -37.40
N LEU PB 152 -16.28 -52.41 -37.61
CA LEU PB 152 -16.81 -52.65 -38.96
C LEU PB 152 -16.30 -51.58 -39.93
N GLY PB 153 -16.27 -50.33 -39.48
CA GLY PB 153 -15.69 -49.29 -40.31
C GLY PB 153 -14.25 -49.58 -40.66
N ILE PB 154 -13.48 -50.05 -39.69
CA ILE PB 154 -12.09 -50.42 -39.94
C ILE PB 154 -12.03 -51.51 -41.01
N ILE PB 155 -12.93 -52.48 -40.93
CA ILE PB 155 -12.96 -53.55 -41.91
C ILE PB 155 -13.14 -52.99 -43.31
N CYS PB 156 -14.17 -52.17 -43.49
CA CYS PB 156 -14.49 -51.72 -44.85
C CYS PB 156 -13.40 -50.79 -45.38
N VAL PB 157 -12.84 -49.93 -44.53
CA VAL PB 157 -11.79 -49.03 -45.01
C VAL PB 157 -10.53 -49.82 -45.33
N LEU PB 158 -10.20 -50.80 -44.51
CA LEU PB 158 -9.07 -51.66 -44.76
C LEU PB 158 -9.20 -52.36 -46.11
N MET PB 159 -10.39 -52.92 -46.38
CA MET PB 159 -10.59 -53.62 -47.64
C MET PB 159 -10.60 -52.67 -48.83
N SER PB 160 -11.07 -51.44 -48.66
CA SER PB 160 -10.93 -50.46 -49.72
C SER PB 160 -9.47 -50.22 -50.05
N ALA PB 161 -8.64 -49.96 -49.05
CA ALA PB 161 -7.22 -49.71 -49.30
C ALA PB 161 -6.54 -50.96 -49.86
N VAL PB 162 -6.97 -52.13 -49.41
CA VAL PB 162 -6.42 -53.38 -49.94
C VAL PB 162 -6.67 -53.45 -51.43
N LEU PB 163 -7.93 -53.42 -51.84
CA LEU PB 163 -8.18 -53.58 -53.27
C LEU PB 163 -7.60 -52.40 -54.05
N LEU PB 164 -7.44 -51.23 -53.40
CA LEU PB 164 -6.88 -50.07 -54.07
C LEU PB 164 -5.40 -50.20 -54.35
N TYR PB 165 -4.69 -51.07 -53.62
CA TYR PB 165 -3.26 -51.24 -53.84
C TYR PB 165 -2.86 -52.70 -54.03
N SER PB 166 -3.83 -53.57 -54.31
CA SER PB 166 -3.55 -54.99 -54.47
C SER PB 166 -4.69 -55.69 -55.19
N ALA QB 96 -8.11 -60.04 -62.61
CA ALA QB 96 -9.52 -60.35 -62.39
C ALA QB 96 -10.17 -59.28 -61.52
N GLY QB 97 -10.40 -58.11 -62.11
CA GLY QB 97 -11.00 -57.02 -61.36
C GLY QB 97 -12.40 -57.35 -60.87
N VAL QB 98 -13.13 -58.18 -61.61
CA VAL QB 98 -14.48 -58.49 -61.16
C VAL QB 98 -14.44 -59.19 -59.81
N ALA QB 99 -13.33 -59.89 -59.49
CA ALA QB 99 -13.16 -60.40 -58.14
C ALA QB 99 -13.28 -59.29 -57.10
N SER QB 100 -12.53 -58.20 -57.32
CA SER QB 100 -12.55 -57.03 -56.45
C SER QB 100 -13.93 -56.40 -56.37
N LEU QB 101 -14.67 -56.47 -57.47
CA LEU QB 101 -16.03 -55.95 -57.45
C LEU QB 101 -16.91 -56.86 -56.61
N SER QB 102 -16.78 -58.16 -56.80
CA SER QB 102 -17.65 -59.09 -56.11
C SER QB 102 -17.46 -58.91 -54.61
N ALA QB 103 -16.19 -58.86 -54.19
CA ALA QB 103 -15.85 -58.62 -52.79
C ALA QB 103 -16.50 -57.34 -52.26
N ALA QB 104 -16.37 -56.24 -52.99
CA ALA QB 104 -17.00 -54.99 -52.55
C ALA QB 104 -18.49 -55.18 -52.35
N ILE QB 105 -19.14 -55.82 -53.32
CA ILE QB 105 -20.59 -56.05 -53.23
C ILE QB 105 -20.92 -56.89 -52.00
N ALA QB 106 -20.12 -57.94 -51.76
CA ALA QB 106 -20.34 -58.80 -50.60
C ALA QB 106 -20.10 -58.08 -49.29
N LEU QB 107 -19.37 -56.96 -49.31
CA LEU QB 107 -19.13 -56.19 -48.09
C LEU QB 107 -20.15 -55.09 -47.88
N MET QB 108 -20.89 -54.71 -48.91
CA MET QB 108 -21.86 -53.63 -48.77
C MET QB 108 -22.93 -53.93 -47.71
N SER QB 109 -23.28 -55.20 -47.50
CA SER QB 109 -24.26 -55.59 -46.48
C SER QB 109 -23.89 -55.15 -45.07
N VAL QB 110 -22.61 -54.91 -44.79
CA VAL QB 110 -22.24 -54.43 -43.47
C VAL QB 110 -22.99 -53.15 -43.13
N GLY QB 111 -23.34 -52.36 -44.14
CA GLY QB 111 -24.11 -51.15 -43.90
C GLY QB 111 -25.46 -51.42 -43.25
N GLY QB 112 -26.10 -52.55 -43.58
CA GLY QB 112 -27.32 -52.91 -42.89
C GLY QB 112 -27.04 -53.59 -41.56
N VAL QB 113 -25.90 -54.28 -41.47
CA VAL QB 113 -25.58 -55.00 -40.25
C VAL QB 113 -25.37 -54.00 -39.12
N ALA QB 114 -24.45 -53.06 -39.33
CA ALA QB 114 -24.11 -52.10 -38.30
C ALA QB 114 -25.33 -51.32 -37.86
N GLN QB 115 -26.15 -50.87 -38.82
CA GLN QB 115 -27.45 -50.28 -38.49
C GLN QB 115 -28.22 -51.14 -37.50
N GLY QB 116 -28.42 -52.42 -37.82
CA GLY QB 116 -29.09 -53.31 -36.89
C GLY QB 116 -28.48 -53.29 -35.50
N ILE QB 117 -27.16 -53.48 -35.42
CA ILE QB 117 -26.46 -53.47 -34.14
C ILE QB 117 -26.75 -52.17 -33.38
N GLY QB 118 -26.64 -51.04 -34.09
CA GLY QB 118 -26.93 -49.76 -33.50
C GLY QB 118 -28.30 -49.72 -32.87
N SER QB 119 -29.33 -50.09 -33.64
CA SER QB 119 -30.69 -50.12 -33.11
C SER QB 119 -30.76 -50.95 -31.84
N LEU QB 120 -30.15 -52.14 -31.87
CA LEU QB 120 -30.15 -53.02 -30.71
C LEU QB 120 -29.60 -52.29 -29.48
N PHE QB 121 -28.37 -51.77 -29.60
CA PHE QB 121 -27.76 -51.13 -28.44
C PHE QB 121 -28.52 -49.88 -28.03
N ALA QB 122 -29.15 -49.20 -28.98
CA ALA QB 122 -29.98 -48.04 -28.65
C ALA QB 122 -31.09 -48.48 -27.69
N ALA QB 123 -31.77 -49.55 -28.05
CA ALA QB 123 -32.83 -50.06 -27.19
C ALA QB 123 -32.27 -50.46 -25.84
N LEU QB 124 -31.09 -51.08 -25.82
CA LEU QB 124 -30.45 -51.44 -24.57
C LEU QB 124 -30.26 -50.23 -23.67
N VAL QB 125 -29.70 -49.15 -24.23
CA VAL QB 125 -29.49 -47.92 -23.46
C VAL QB 125 -30.81 -47.37 -22.96
N SER QB 126 -31.85 -47.37 -23.81
CA SER QB 126 -33.16 -46.90 -23.36
C SER QB 126 -33.66 -47.73 -22.17
N GLY QB 127 -33.52 -49.05 -22.24
CA GLY QB 127 -33.90 -49.88 -21.13
C GLY QB 127 -33.10 -49.58 -19.87
N THR QB 128 -31.80 -49.37 -20.02
CA THR QB 128 -30.97 -49.02 -18.87
C THR QB 128 -31.27 -47.62 -18.35
N ALA QB 129 -31.95 -46.80 -19.13
CA ALA QB 129 -32.40 -45.49 -18.68
C ALA QB 129 -33.80 -45.52 -18.10
N ARG QB 130 -34.55 -46.60 -18.30
CA ARG QB 130 -35.91 -46.72 -17.80
C ARG QB 130 -35.97 -47.61 -16.56
N ASN QB 131 -35.46 -48.84 -16.66
CA ASN QB 131 -35.41 -49.81 -15.57
C ASN QB 131 -33.95 -50.20 -15.41
N PRO QB 132 -33.14 -49.35 -14.77
CA PRO QB 132 -31.70 -49.63 -14.70
C PRO QB 132 -31.36 -50.87 -13.88
N SER QB 133 -32.15 -51.21 -12.88
CA SER QB 133 -31.80 -52.28 -11.95
C SER QB 133 -31.80 -53.67 -12.58
N ILE QB 134 -32.06 -53.80 -13.88
CA ILE QB 134 -32.03 -55.09 -14.54
C ILE QB 134 -31.09 -55.09 -15.75
N LYS QB 135 -30.03 -54.28 -15.69
CA LYS QB 135 -28.98 -54.34 -16.69
C LYS QB 135 -28.52 -55.78 -16.95
N GLU QB 136 -28.35 -56.58 -15.91
CA GLU QB 136 -27.88 -57.95 -16.07
C GLU QB 136 -28.72 -58.75 -17.06
N ASP QB 137 -30.01 -58.44 -17.17
CA ASP QB 137 -30.84 -59.07 -18.18
C ASP QB 137 -30.56 -58.48 -19.56
N LEU QB 138 -30.67 -57.16 -19.66
CA LEU QB 138 -30.69 -56.50 -20.96
C LEU QB 138 -29.39 -56.76 -21.69
N PHE QB 139 -28.26 -56.54 -21.00
CA PHE QB 139 -26.95 -56.81 -21.57
C PHE QB 139 -26.85 -58.25 -22.06
N THR QB 140 -27.36 -59.20 -21.28
CA THR QB 140 -27.34 -60.61 -21.70
C THR QB 140 -28.05 -60.79 -23.03
N TYR QB 141 -29.28 -60.30 -23.14
CA TYR QB 141 -30.02 -60.41 -24.39
C TYR QB 141 -29.27 -59.73 -25.53
N THR QB 142 -28.69 -58.57 -25.26
CA THR QB 142 -27.92 -57.86 -26.27
C THR QB 142 -26.74 -58.72 -26.74
N LEU QB 143 -26.05 -59.35 -25.80
CA LEU QB 143 -24.94 -60.22 -26.17
C LEU QB 143 -25.41 -61.36 -27.05
N ILE QB 144 -26.57 -61.94 -26.76
CA ILE QB 144 -27.10 -63.00 -27.61
C ILE QB 144 -27.29 -62.48 -29.03
N GLY QB 145 -27.93 -61.31 -29.15
CA GLY QB 145 -28.14 -60.74 -30.46
C GLY QB 145 -26.83 -60.49 -31.18
N MET QB 146 -25.84 -59.99 -30.46
CA MET QB 146 -24.53 -59.76 -31.05
C MET QB 146 -23.89 -61.07 -31.46
N GLY QB 147 -24.08 -62.13 -30.67
CA GLY QB 147 -23.56 -63.43 -31.03
C GLY QB 147 -24.09 -63.89 -32.37
N PHE QB 148 -25.30 -63.47 -32.72
CA PHE QB 148 -25.76 -63.72 -34.08
C PHE QB 148 -25.16 -62.74 -35.09
N LEU QB 149 -25.30 -61.44 -34.82
CA LEU QB 149 -24.94 -60.42 -35.81
C LEU QB 149 -23.46 -60.48 -36.17
N GLU QB 150 -22.60 -60.56 -35.16
CA GLU QB 150 -21.17 -60.82 -35.32
C GLU QB 150 -20.92 -61.94 -36.34
N PHE QB 151 -21.52 -63.10 -36.09
CA PHE QB 151 -21.38 -64.25 -36.99
C PHE QB 151 -21.74 -63.87 -38.43
N LEU QB 152 -22.89 -63.22 -38.62
CA LEU QB 152 -23.27 -62.80 -39.96
C LEU QB 152 -22.19 -61.90 -40.58
N GLY QB 153 -21.70 -60.93 -39.81
CA GLY QB 153 -20.66 -60.06 -40.33
C GLY QB 153 -19.41 -60.82 -40.70
N ILE QB 154 -19.06 -61.82 -39.89
CA ILE QB 154 -17.88 -62.62 -40.18
C ILE QB 154 -18.06 -63.33 -41.52
N ILE QB 155 -19.28 -63.82 -41.77
CA ILE QB 155 -19.56 -64.42 -43.08
C ILE QB 155 -19.36 -63.40 -44.19
N CYS QB 156 -19.90 -62.20 -44.00
CA CYS QB 156 -19.77 -61.15 -45.00
C CYS QB 156 -18.32 -60.75 -45.26
N VAL QB 157 -17.44 -60.97 -44.28
CA VAL QB 157 -16.01 -60.80 -44.52
C VAL QB 157 -15.47 -62.00 -45.29
N LEU QB 158 -15.74 -63.19 -44.76
CA LEU QB 158 -15.09 -64.41 -45.24
C LEU QB 158 -15.38 -64.60 -46.72
N MET QB 159 -16.67 -64.66 -47.07
CA MET QB 159 -17.06 -64.82 -48.47
C MET QB 159 -16.42 -63.76 -49.36
N SER QB 160 -16.34 -62.53 -48.85
CA SER QB 160 -15.69 -61.46 -49.60
C SER QB 160 -14.26 -61.83 -49.97
N ALA QB 161 -13.46 -62.18 -48.96
CA ALA QB 161 -12.09 -62.60 -49.20
C ALA QB 161 -12.01 -63.80 -50.13
N VAL QB 162 -12.94 -64.75 -49.97
CA VAL QB 162 -12.97 -65.91 -50.86
C VAL QB 162 -13.16 -65.46 -52.30
N LEU QB 163 -14.10 -64.55 -52.55
CA LEU QB 163 -14.30 -64.06 -53.90
C LEU QB 163 -13.17 -63.16 -54.37
N LEU QB 164 -12.35 -62.65 -53.45
CA LEU QB 164 -11.16 -61.89 -53.82
C LEU QB 164 -9.97 -62.78 -54.18
N TYR QB 165 -9.94 -64.02 -53.70
CA TYR QB 165 -8.84 -64.93 -54.03
C TYR QB 165 -9.21 -65.99 -55.05
N SER QB 166 -10.27 -66.76 -54.81
CA SER QB 166 -10.67 -67.79 -55.76
C SER QB 166 -11.28 -67.18 -57.01
N SER RB 57 46.04 53.80 41.38
CA SER RB 57 46.85 52.64 41.00
C SER RB 57 46.25 51.37 41.55
N VAL RB 58 45.66 51.46 42.75
CA VAL RB 58 45.11 50.28 43.41
C VAL RB 58 43.75 49.94 42.81
N LYS RB 59 42.80 50.87 42.90
CA LYS RB 59 41.52 50.65 42.25
C LYS RB 59 41.70 50.48 40.75
N PHE RB 60 42.66 51.20 40.17
CA PHE RB 60 42.98 51.06 38.76
C PHE RB 60 43.31 49.61 38.42
N MET RB 61 44.32 49.04 39.09
CA MET RB 61 44.71 47.67 38.81
C MET RB 61 43.57 46.70 39.11
N ASP RB 62 42.88 46.90 40.22
CA ASP RB 62 41.84 45.96 40.63
C ASP RB 62 40.72 45.92 39.60
N GLN RB 63 40.24 47.09 39.17
CA GLN RB 63 39.13 47.14 38.23
C GLN RB 63 39.55 46.65 36.85
N LYS RB 64 40.78 46.96 36.43
CA LYS RB 64 41.26 46.44 35.16
C LYS RB 64 41.30 44.91 35.19
N ARG RB 65 41.85 44.34 36.25
CA ARG RB 65 41.90 42.89 36.41
C ARG RB 65 40.51 42.29 36.40
N SER RB 66 39.59 42.87 37.18
CA SER RB 66 38.24 42.33 37.26
C SER RB 66 37.55 42.36 35.91
N GLY RB 67 37.67 43.47 35.18
CA GLY RB 67 37.04 43.55 33.88
C GLY RB 67 37.62 42.56 32.88
N GLU RB 68 38.95 42.44 32.86
CA GLU RB 68 39.59 41.51 31.93
C GLU RB 68 39.17 40.08 32.23
N GLU RB 69 39.24 39.68 33.50
CA GLU RB 69 38.81 38.34 33.87
C GLU RB 69 37.35 38.10 33.53
N THR RB 70 36.49 39.07 33.84
CA THR RB 70 35.07 38.92 33.54
C THR RB 70 34.85 38.67 32.06
N VAL RB 71 35.50 39.46 31.21
CA VAL RB 71 35.31 39.32 29.77
C VAL RB 71 35.82 37.96 29.29
N TYR RB 72 37.07 37.64 29.67
CA TYR RB 72 37.67 36.37 29.28
C TYR RB 72 36.78 35.19 29.64
N PHE RB 73 36.36 35.12 30.91
CA PHE RB 73 35.60 33.96 31.34
C PHE RB 73 34.14 34.02 30.91
N LYS RB 74 33.62 35.20 30.57
CA LYS RB 74 32.34 35.26 29.89
C LYS RB 74 32.41 34.58 28.54
N LYS RB 75 33.43 34.90 27.75
CA LYS RB 75 33.64 34.22 26.48
C LYS RB 75 33.77 32.71 26.67
N GLU RB 76 34.61 32.29 27.63
CA GLU RB 76 34.83 30.87 27.83
C GLU RB 76 33.55 30.17 28.28
N ASP RB 77 32.76 30.81 29.15
CA ASP RB 77 31.51 30.23 29.60
C ASP RB 77 30.50 30.15 28.46
N GLU RB 78 30.49 31.14 27.58
CA GLU RB 78 29.62 31.06 26.40
C GLU RB 78 29.98 29.84 25.56
N ALA RB 79 31.28 29.65 25.33
CA ALA RB 79 31.72 28.50 24.53
C ALA RB 79 31.34 27.19 25.21
N LEU RB 80 31.58 27.09 26.51
CA LEU RB 80 31.24 25.87 27.25
C LEU RB 80 29.74 25.62 27.27
N LEU RB 81 28.93 26.68 27.34
CA LEU RB 81 27.49 26.51 27.28
C LEU RB 81 27.06 26.05 25.91
N ARG RB 82 27.76 26.48 24.86
CA ARG RB 82 27.51 25.94 23.53
C ARG RB 82 27.79 24.44 23.50
N ASN RB 83 28.96 24.02 23.98
CA ASN RB 83 29.43 22.66 23.77
C ASN RB 83 29.14 21.72 24.94
N LEU RB 84 28.28 22.13 25.89
CA LEU RB 84 28.00 21.26 27.04
C LEU RB 84 27.09 20.10 26.66
N LEU RB 85 25.89 20.39 26.17
CA LEU RB 85 24.83 19.39 26.12
C LEU RB 85 25.21 18.24 25.19
N ALA RB 86 26.06 18.49 24.20
CA ALA RB 86 26.54 17.42 23.34
C ALA RB 86 27.35 16.43 24.16
N ASN RB 87 28.41 16.89 24.81
CA ASN RB 87 29.32 16.02 25.52
C ASN RB 87 28.76 15.51 26.85
N HIS RB 88 27.62 16.04 27.29
CA HIS RB 88 26.99 15.61 28.54
C HIS RB 88 25.48 15.51 28.34
N PRO RB 89 25.03 14.54 27.54
CA PRO RB 89 23.59 14.44 27.24
C PRO RB 89 22.76 13.93 28.40
N GLU RB 90 23.37 13.29 29.40
CA GLU RB 90 22.62 12.79 30.54
C GLU RB 90 21.91 13.92 31.30
N TYR RB 91 22.39 15.15 31.17
CA TYR RB 91 21.70 16.30 31.73
C TYR RB 91 20.68 16.90 30.78
N ASP RB 92 20.87 16.73 29.47
CA ASP RB 92 19.99 17.34 28.50
C ASP RB 92 18.55 16.88 28.69
N PRO RB 93 17.62 17.76 29.04
CA PRO RB 93 16.22 17.34 29.20
C PRO RB 93 15.54 16.99 27.89
N LYS RB 94 16.20 17.20 26.76
CA LYS RB 94 15.65 16.75 25.48
C LYS RB 94 15.47 15.24 25.48
N TYR RB 95 16.35 14.52 26.18
CA TYR RB 95 16.28 13.08 26.30
C TYR RB 95 15.67 12.63 27.62
N SER RB 96 14.74 13.40 28.15
CA SER RB 96 14.10 13.06 29.42
C SER RB 96 12.66 13.55 29.45
N LYS SB 53 43.28 67.84 97.58
CA LYS SB 53 44.55 67.11 97.65
C LYS SB 53 44.96 66.88 99.10
N ILE SB 54 44.76 65.66 99.58
CA ILE SB 54 44.98 65.33 100.98
C ILE SB 54 45.75 64.02 101.05
N SER SB 55 46.56 63.87 102.09
CA SER SB 55 47.35 62.68 102.30
C SER SB 55 46.63 61.74 103.26
N PRO SB 56 46.94 60.44 103.22
CA PRO SB 56 46.27 59.51 104.15
C PRO SB 56 46.49 59.85 105.62
N SER SB 57 47.63 60.47 105.95
CA SER SB 57 47.89 60.90 107.31
C SER SB 57 47.03 62.09 107.74
N GLU SB 58 46.38 62.77 106.81
CA GLU SB 58 45.63 63.97 107.10
C GLU SB 58 44.13 63.74 107.23
N MET SB 59 43.67 62.50 107.14
CA MET SB 59 42.26 62.23 107.32
C MET SB 59 41.78 62.52 108.73
N SER SB 60 40.48 62.74 108.85
CA SER SB 60 39.86 63.21 110.09
C SER SB 60 39.45 62.03 110.95
N ARG SB 61 40.38 61.11 111.14
CA ARG SB 61 40.33 60.13 112.22
C ARG SB 61 41.71 60.10 112.83
N LEU SB 62 42.72 60.37 112.00
CA LEU SB 62 44.10 60.43 112.50
C LEU SB 62 44.38 61.81 113.09
N LEU SB 63 43.90 62.88 112.43
CA LEU SB 63 44.13 64.19 113.00
C LEU SB 63 43.38 64.42 114.31
N GLU SB 64 42.30 63.67 114.58
CA GLU SB 64 41.68 63.70 115.90
C GLU SB 64 42.55 63.09 116.98
N GLU SB 65 43.57 62.31 116.59
CA GLU SB 65 44.54 61.76 117.53
C GLU SB 65 45.73 62.69 117.65
N ARG SB 66 46.24 63.16 116.50
CA ARG SB 66 47.41 64.02 116.52
C ARG SB 66 47.11 65.32 117.25
N ILE SB 67 45.95 65.93 116.99
CA ILE SB 67 45.57 67.13 117.73
C ILE SB 67 45.36 66.79 119.20
N ALA SB 68 44.85 65.60 119.48
CA ALA SB 68 44.55 65.20 120.85
C ALA SB 68 45.77 64.66 121.58
N GLY SB 69 46.96 64.80 121.01
CA GLY SB 69 48.16 64.33 121.67
C GLY SB 69 48.32 62.82 121.76
N TRP SB 70 47.46 62.05 121.10
CA TRP SB 70 47.59 60.60 121.15
C TRP SB 70 48.86 60.17 120.45
N LYS SB 71 49.66 59.36 121.14
CA LYS SB 71 50.92 58.88 120.58
C LYS SB 71 50.91 57.36 120.46
N THR SB 72 49.82 56.82 119.91
CA THR SB 72 49.71 55.38 119.66
C THR SB 72 50.28 55.01 118.29
N GLN SB 73 51.51 55.46 118.03
CA GLN SB 73 52.26 55.00 116.86
C GLN SB 73 52.97 53.68 117.09
N THR SB 74 52.69 52.99 118.19
CA THR SB 74 53.26 51.68 118.44
C THR SB 74 52.80 50.63 117.43
N SER SB 75 51.79 50.93 116.61
CA SER SB 75 51.49 50.12 115.44
C SER SB 75 52.74 49.85 114.63
N THR SB 76 53.12 48.59 114.52
CA THR SB 76 54.45 48.21 114.08
C THR SB 76 54.65 48.57 112.61
N GLU SB 77 55.85 48.27 112.12
CA GLU SB 77 56.16 48.33 110.69
C GLU SB 77 55.55 47.17 109.91
N GLU SB 78 54.88 46.24 110.57
CA GLU SB 78 54.33 45.06 109.91
C GLU SB 78 52.91 45.27 109.39
N VAL SB 79 52.14 46.16 109.99
CA VAL SB 79 50.70 46.25 109.78
C VAL SB 79 50.37 47.60 109.16
N GLY SB 80 49.42 47.59 108.21
CA GLY SB 80 48.93 48.82 107.63
C GLY SB 80 47.45 48.69 107.31
N ARG SB 81 46.84 49.84 107.01
CA ARG SB 81 45.42 49.93 106.71
C ARG SB 81 45.21 50.31 105.25
N VAL SB 82 44.32 49.57 104.58
CA VAL SB 82 43.95 49.92 103.21
C VAL SB 82 43.30 51.29 103.19
N VAL SB 83 43.65 52.07 102.16
CA VAL SB 83 43.15 53.43 102.01
C VAL SB 83 42.31 53.59 100.75
N SER SB 84 42.69 52.92 99.66
CA SER SB 84 41.96 53.00 98.41
C SER SB 84 42.12 51.68 97.67
N VAL SB 85 41.17 51.42 96.77
CA VAL SB 85 41.14 50.19 96.00
C VAL SB 85 40.63 50.49 94.59
N GLY SB 86 41.17 49.77 93.61
CA GLY SB 86 40.61 49.81 92.28
C GLY SB 86 41.44 49.10 91.22
N ASP SB 87 40.76 48.32 90.38
CA ASP SB 87 41.33 47.76 89.16
C ASP SB 87 42.52 46.84 89.43
N GLY SB 88 42.53 46.22 90.62
CA GLY SB 88 43.63 45.35 91.01
C GLY SB 88 44.73 46.03 91.77
N ILE SB 89 44.51 47.27 92.21
CA ILE SB 89 45.49 48.03 92.97
C ILE SB 89 44.90 48.37 94.32
N ALA SB 90 45.76 48.44 95.32
CA ALA SB 90 45.43 48.90 96.66
C ALA SB 90 46.47 49.90 97.11
N ARG SB 91 46.07 50.76 98.04
CA ARG SB 91 46.96 51.80 98.56
C ARG SB 91 46.78 51.84 100.06
N LEU SB 92 47.89 51.67 100.78
CA LEU SB 92 47.91 51.50 102.22
C LEU SB 92 48.61 52.67 102.87
N PHE SB 93 48.34 52.88 104.15
CA PHE SB 93 49.08 53.81 104.98
C PHE SB 93 49.78 53.04 106.08
N GLY SB 94 51.10 53.07 106.08
CA GLY SB 94 51.90 52.40 107.08
C GLY SB 94 52.92 51.49 106.42
N LEU SB 95 53.33 50.44 107.12
CA LEU SB 95 54.30 49.48 106.59
C LEU SB 95 55.62 50.16 106.22
N GLU SB 96 56.02 51.15 107.02
CA GLU SB 96 57.30 51.80 106.83
C GLU SB 96 58.41 50.83 107.26
N GLY SB 97 59.00 50.15 106.28
CA GLY SB 97 59.86 49.02 106.57
C GLY SB 97 59.69 47.88 105.58
N VAL SB 98 58.63 47.94 104.79
CA VAL SB 98 58.36 46.92 103.79
C VAL SB 98 59.31 47.11 102.61
N GLN SB 99 59.78 46.00 102.06
CA GLN SB 99 60.70 46.02 100.92
C GLN SB 99 59.90 46.08 99.62
N ALA SB 100 60.55 46.60 98.59
CA ALA SB 100 59.99 46.61 97.24
C ALA SB 100 60.07 45.22 96.65
N GLY SB 101 58.97 44.76 96.04
CA GLY SB 101 58.88 43.39 95.61
C GLY SB 101 58.46 42.41 96.68
N GLU SB 102 58.04 42.90 97.84
CA GLU SB 102 57.71 42.04 98.97
C GLU SB 102 56.24 41.62 98.90
N LEU SB 103 55.97 40.46 99.49
CA LEU SB 103 54.60 39.96 99.61
C LEU SB 103 53.93 40.47 100.87
N VAL SB 104 52.66 40.83 100.74
CA VAL SB 104 51.81 41.23 101.85
C VAL SB 104 50.54 40.40 101.79
N GLU SB 105 49.84 40.35 102.91
CA GLU SB 105 48.69 39.46 103.08
C GLU SB 105 47.55 40.24 103.73
N PHE SB 106 46.34 40.06 103.19
CA PHE SB 106 45.17 40.81 103.64
C PHE SB 106 44.41 40.03 104.70
N GLN SB 107 43.36 40.66 105.23
CA GLN SB 107 42.52 39.99 106.22
C GLN SB 107 41.91 38.71 105.66
N ASN SB 108 41.39 38.76 104.43
CA ASN SB 108 40.56 37.70 103.88
C ASN SB 108 41.37 36.65 103.12
N GLY SB 109 42.62 36.43 103.50
CA GLY SB 109 43.40 35.32 103.00
C GLY SB 109 44.20 35.63 101.75
N MET SB 110 43.84 36.67 101.01
CA MET SB 110 44.51 36.96 99.75
C MET SB 110 45.87 37.59 100.01
N THR SB 111 46.64 37.73 98.93
CA THR SB 111 48.01 38.24 99.02
C THR SB 111 48.27 39.15 97.83
N GLY SB 112 49.32 39.96 97.97
CA GLY SB 112 49.66 40.94 96.95
C GLY SB 112 51.12 41.31 97.05
N MET SB 113 51.59 42.03 96.02
CA MET SB 113 52.96 42.49 95.96
C MET SB 113 53.02 44.00 96.15
N ALA SB 114 53.90 44.47 97.03
CA ALA SB 114 54.11 45.90 97.22
C ALA SB 114 55.16 46.38 96.22
N LEU SB 115 54.77 47.31 95.36
CA LEU SB 115 55.65 47.80 94.28
C LEU SB 115 56.01 49.26 94.43
N ASN SB 116 55.02 50.15 94.58
CA ASN SB 116 55.25 51.59 94.59
C ASN SB 116 55.22 52.10 96.02
N LEU SB 117 56.38 52.00 96.67
CA LEU SB 117 56.59 52.67 97.95
C LEU SB 117 56.61 54.18 97.73
N GLU SB 118 55.96 54.90 98.64
CA GLU SB 118 55.86 56.34 98.54
C GLU SB 118 56.04 56.95 99.93
N THR SB 119 56.14 58.28 99.97
CA THR SB 119 56.42 58.97 101.22
C THR SB 119 55.23 58.90 102.18
N ASP SB 120 54.01 58.83 101.64
CA ASP SB 120 52.80 58.88 102.45
C ASP SB 120 51.99 57.59 102.41
N ASN SB 121 52.20 56.73 101.41
CA ASN SB 121 51.41 55.52 101.26
C ASN SB 121 52.29 54.43 100.69
N VAL SB 122 51.68 53.27 100.44
CA VAL SB 122 52.33 52.14 99.78
C VAL SB 122 51.39 51.59 98.73
N GLY SB 123 51.90 51.36 97.53
CA GLY SB 123 51.12 50.83 96.43
C GLY SB 123 51.31 49.33 96.28
N VAL SB 124 50.18 48.62 96.20
CA VAL SB 124 50.14 47.17 96.20
C VAL SB 124 49.33 46.72 94.99
N VAL SB 125 49.78 45.64 94.35
CA VAL SB 125 49.05 45.00 93.27
C VAL SB 125 48.55 43.66 93.77
N ILE SB 126 47.31 43.32 93.42
CA ILE SB 126 46.59 42.23 94.08
C ILE SB 126 46.60 41.01 93.18
N PHE SB 127 46.74 39.82 93.79
CA PHE SB 127 46.67 38.56 93.07
C PHE SB 127 45.23 38.01 93.14
N GLY SB 128 44.29 38.81 92.64
CA GLY SB 128 42.90 38.40 92.70
C GLY SB 128 41.97 39.54 92.34
N ASP SB 129 40.77 39.51 92.92
CA ASP SB 129 39.73 40.47 92.64
C ASP SB 129 39.55 41.42 93.81
N ASP SB 130 39.11 42.64 93.51
CA ASP SB 130 39.04 43.72 94.49
C ASP SB 130 37.78 43.69 95.35
N ARG SB 131 36.90 42.69 95.16
CA ARG SB 131 35.70 42.62 95.99
C ARG SB 131 36.01 42.26 97.44
N SER SB 132 37.20 41.74 97.73
CA SER SB 132 37.53 41.33 99.08
C SER SB 132 38.09 42.47 99.93
N VAL SB 133 38.58 43.53 99.29
CA VAL SB 133 39.40 44.54 99.96
C VAL SB 133 38.58 45.82 100.06
N LEU SB 134 38.63 46.47 101.22
CA LEU SB 134 37.82 47.66 101.43
C LEU SB 134 38.20 48.33 102.74
N GLU SB 135 38.07 49.65 102.76
CA GLU SB 135 37.78 50.44 103.96
C GLU SB 135 38.72 50.07 105.12
N GLY SB 136 40.00 50.37 104.92
CA GLY SB 136 40.94 50.20 106.01
C GLY SB 136 41.19 48.76 106.41
N ASP SB 137 40.98 47.82 105.52
CA ASP SB 137 41.34 46.43 105.80
C ASP SB 137 42.80 46.35 106.20
N SER SB 138 43.07 45.57 107.25
CA SER SB 138 44.44 45.42 107.71
C SER SB 138 45.26 44.63 106.70
N VAL SB 139 46.49 45.08 106.47
CA VAL SB 139 47.46 44.39 105.64
C VAL SB 139 48.70 44.13 106.47
N LYS SB 140 49.18 42.89 106.46
CA LYS SB 140 50.36 42.51 107.21
C LYS SB 140 51.40 41.91 106.27
N ARG SB 141 52.67 42.17 106.56
CA ARG SB 141 53.76 41.66 105.76
C ARG SB 141 53.85 40.15 105.88
N THR SB 142 54.71 39.57 105.04
CA THR SB 142 55.17 38.19 105.20
C THR SB 142 56.66 38.08 105.45
N GLY SB 143 57.45 39.08 105.04
CA GLY SB 143 58.89 39.08 105.26
C GLY SB 143 59.70 38.47 104.14
N ARG SB 144 59.09 37.61 103.33
CA ARG SB 144 59.79 36.88 102.28
C ARG SB 144 59.51 37.53 100.94
N ILE SB 145 60.56 37.77 100.16
CA ILE SB 145 60.36 38.19 98.78
C ILE SB 145 59.69 37.06 98.00
N VAL SB 146 59.00 37.44 96.92
CA VAL SB 146 58.29 36.44 96.12
C VAL SB 146 59.27 35.39 95.62
N ASP SB 147 58.91 34.13 95.81
CA ASP SB 147 59.78 33.00 95.49
C ASP SB 147 58.92 31.86 94.96
N VAL SB 148 59.59 30.82 94.47
CA VAL SB 148 58.91 29.66 93.89
C VAL SB 148 59.74 28.42 94.18
N PRO SB 149 59.13 27.24 94.27
CA PRO SB 149 59.90 26.02 94.47
C PRO SB 149 60.69 25.64 93.23
N ILE SB 150 61.72 24.82 93.45
CA ILE SB 150 62.51 24.25 92.36
C ILE SB 150 62.89 22.82 92.72
N GLY SB 151 62.91 21.96 91.71
CA GLY SB 151 63.34 20.59 91.89
C GLY SB 151 62.73 19.67 90.85
N PRO SB 152 63.02 18.36 90.96
CA PRO SB 152 62.36 17.38 90.07
C PRO SB 152 60.90 17.14 90.41
N GLY SB 153 60.39 17.71 91.50
CA GLY SB 153 58.98 17.58 91.81
C GLY SB 153 58.06 18.34 90.88
N LEU SB 154 58.62 19.23 90.05
CA LEU SB 154 57.83 19.98 89.09
C LEU SB 154 57.72 19.28 87.73
N LEU SB 155 58.56 18.30 87.46
CA LEU SB 155 58.52 17.62 86.17
C LEU SB 155 57.21 16.87 86.01
N GLY SB 156 56.52 17.15 84.91
CA GLY SB 156 55.23 16.54 84.67
C GLY SB 156 54.07 17.25 85.35
N ARG SB 157 54.28 18.47 85.83
CA ARG SB 157 53.27 19.21 86.58
C ARG SB 157 52.98 20.55 85.92
N VAL SB 158 51.73 20.99 86.08
CA VAL SB 158 51.29 22.31 85.67
C VAL SB 158 51.11 23.14 86.93
N VAL SB 159 51.59 24.40 86.87
CA VAL SB 159 51.58 25.27 88.03
C VAL SB 159 51.28 26.69 87.58
N ASP SB 160 50.83 27.51 88.53
CA ASP SB 160 50.59 28.93 88.26
C ASP SB 160 51.90 29.69 88.41
N ALA SB 161 51.82 31.01 88.46
CA ALA SB 161 53.00 31.86 88.53
C ALA SB 161 53.62 31.92 89.93
N LEU SB 162 53.15 31.08 90.85
CA LEU SB 162 53.69 31.05 92.21
C LEU SB 162 53.93 29.63 92.69
N GLY SB 163 53.96 28.65 91.78
CA GLY SB 163 54.17 27.26 92.13
C GLY SB 163 52.94 26.52 92.59
N ASN SB 164 51.85 27.22 92.87
CA ASN SB 164 50.63 26.57 93.33
C ASN SB 164 50.04 25.72 92.21
N PRO SB 165 50.03 24.39 92.33
CA PRO SB 165 49.60 23.56 91.20
C PRO SB 165 48.12 23.72 90.91
N ILE SB 166 47.76 23.44 89.66
CA ILE SB 166 46.37 23.50 89.21
C ILE SB 166 46.00 22.23 88.46
N ASP SB 167 46.85 21.19 88.57
CA ASP SB 167 46.50 19.92 87.96
C ASP SB 167 45.42 19.19 88.72
N GLY SB 168 45.32 19.40 90.04
CA GLY SB 168 44.48 18.56 90.86
C GLY SB 168 45.06 17.20 91.14
N LYS SB 169 46.39 17.09 91.19
CA LYS SB 169 47.06 15.82 91.44
C LYS SB 169 47.73 15.74 92.80
N GLY SB 170 47.96 16.87 93.45
CA GLY SB 170 48.55 16.89 94.77
C GLY SB 170 49.51 18.06 94.91
N PRO SB 171 50.11 18.20 96.10
CA PRO SB 171 51.09 19.28 96.28
C PRO SB 171 52.41 18.99 95.60
N ILE SB 172 53.39 19.86 95.78
CA ILE SB 172 54.67 19.80 95.09
C ILE SB 172 55.76 19.69 96.13
N PRO SB 173 56.55 18.62 96.16
CA PRO SB 173 57.72 18.61 97.04
C PRO SB 173 58.76 19.62 96.58
N ALA SB 174 59.37 20.30 97.54
CA ALA SB 174 60.33 21.36 97.23
C ALA SB 174 61.29 21.47 98.42
N LYS SB 175 62.50 20.94 98.25
CA LYS SB 175 63.57 21.17 99.21
C LYS SB 175 64.23 22.53 99.01
N GLU SB 176 64.04 23.15 97.84
CA GLU SB 176 64.68 24.41 97.50
C GLU SB 176 63.64 25.39 96.99
N ARG SB 177 63.66 26.61 97.52
CA ARG SB 177 62.78 27.69 97.07
C ARG SB 177 63.66 28.86 96.66
N ARG SB 178 63.51 29.28 95.41
CA ARG SB 178 64.38 30.28 94.78
C ARG SB 178 63.59 31.54 94.52
N ARG SB 179 64.30 32.68 94.58
CA ARG SB 179 63.67 33.95 94.28
C ARG SB 179 63.32 34.04 92.80
N VAL SB 180 62.48 35.02 92.47
CA VAL SB 180 61.86 35.11 91.15
C VAL SB 180 62.59 36.16 90.31
N GLU SB 181 63.05 37.22 90.96
CA GLU SB 181 63.85 38.26 90.32
C GLU SB 181 65.25 38.21 90.92
N LEU SB 182 66.19 37.67 90.15
CA LEU SB 182 67.56 37.48 90.58
C LEU SB 182 68.51 38.15 89.60
N LYS SB 183 69.75 38.31 90.02
CA LYS SB 183 70.81 38.73 89.10
C LYS SB 183 71.11 37.62 88.10
N ALA SB 184 71.38 38.00 86.86
CA ALA SB 184 71.73 37.03 85.83
C ALA SB 184 73.22 36.69 85.92
N PRO SB 185 73.64 35.62 85.26
CA PRO SB 185 75.07 35.30 85.24
C PRO SB 185 75.88 36.35 84.51
N GLY SB 186 77.17 36.38 84.82
CA GLY SB 186 78.09 37.33 84.23
C GLY SB 186 78.63 36.85 82.90
N ILE SB 187 79.80 37.37 82.54
CA ILE SB 187 80.46 37.00 81.29
C ILE SB 187 81.35 35.79 81.47
N ILE SB 188 82.19 35.81 82.52
CA ILE SB 188 83.16 34.74 82.71
C ILE SB 188 82.50 33.40 82.96
N PRO SB 189 81.46 33.29 83.78
CA PRO SB 189 80.84 31.97 84.00
C PRO SB 189 80.25 31.36 82.75
N ARG SB 190 79.97 32.16 81.72
CA ARG SB 190 79.29 31.65 80.54
C ARG SB 190 80.28 30.88 79.66
N LYS SB 191 79.77 30.29 78.59
CA LYS SB 191 80.58 29.53 77.66
C LYS SB 191 80.08 29.79 76.24
N SER SB 192 80.92 29.48 75.27
CA SER SB 192 80.55 29.67 73.88
C SER SB 192 79.71 28.50 73.39
N VAL SB 193 78.72 28.80 72.54
CA VAL SB 193 77.82 27.77 72.06
C VAL SB 193 78.59 26.84 71.12
N HIS SB 194 78.61 25.55 71.45
CA HIS SB 194 79.35 24.57 70.66
C HIS SB 194 78.58 23.26 70.54
N GLU SB 195 77.27 23.28 70.79
CA GLU SB 195 76.45 22.09 70.90
C GLU SB 195 75.08 22.44 70.35
N PRO SB 196 74.43 21.55 69.63
CA PRO SB 196 73.09 21.85 69.10
C PRO SB 196 72.01 21.47 70.09
N MET SB 197 70.78 21.91 69.77
CA MET SB 197 69.62 21.69 70.63
C MET SB 197 68.61 20.74 70.01
N MET SB 198 68.14 21.02 68.80
CA MET SB 198 66.89 20.47 68.29
C MET SB 198 67.16 19.45 67.20
N THR SB 199 66.29 18.45 67.13
CA THR SB 199 65.93 17.79 65.89
C THR SB 199 64.41 17.78 65.76
N GLY SB 200 63.93 17.73 64.52
CA GLY SB 200 62.49 17.68 64.29
C GLY SB 200 62.03 18.52 63.12
N LEU SB 201 62.73 19.62 62.84
CA LEU SB 201 62.42 20.47 61.71
C LEU SB 201 63.66 20.63 60.85
N LYS SB 202 63.58 20.14 59.61
CA LYS SB 202 64.71 20.21 58.70
C LYS SB 202 65.14 21.64 58.45
N CYS SB 203 64.17 22.55 58.27
CA CYS SB 203 64.50 23.94 57.94
C CYS SB 203 65.29 24.58 59.07
N VAL SB 204 64.87 24.34 60.31
CA VAL SB 204 65.58 24.92 61.46
C VAL SB 204 66.94 24.25 61.61
N ASP SB 205 66.95 22.93 61.74
CA ASP SB 205 68.19 22.21 62.02
C ASP SB 205 69.23 22.39 60.92
N ALA SB 206 68.82 22.80 59.72
CA ALA SB 206 69.76 23.01 58.62
C ALA SB 206 70.15 24.48 58.44
N LEU SB 207 69.18 25.39 58.47
CA LEU SB 207 69.40 26.76 58.04
C LEU SB 207 69.27 27.78 59.17
N VAL SB 208 68.64 27.42 60.29
CA VAL SB 208 68.51 28.33 61.43
C VAL SB 208 68.77 27.53 62.70
N PRO SB 209 69.97 26.97 62.87
CA PRO SB 209 70.20 26.04 63.98
C PRO SB 209 70.10 26.73 65.33
N VAL SB 210 69.70 25.95 66.33
CA VAL SB 210 69.53 26.43 67.70
C VAL SB 210 70.48 25.64 68.60
N GLY SB 211 71.29 26.37 69.37
CA GLY SB 211 72.25 25.77 70.26
C GLY SB 211 71.82 25.85 71.72
N ARG SB 212 72.59 25.17 72.56
CA ARG SB 212 72.34 25.13 74.00
C ARG SB 212 72.96 26.36 74.65
N GLY SB 213 72.11 27.25 75.17
CA GLY SB 213 72.52 28.54 75.64
C GLY SB 213 72.13 29.70 74.76
N GLN SB 214 71.33 29.44 73.71
CA GLN SB 214 70.93 30.43 72.73
C GLN SB 214 69.53 30.93 73.05
N ARG SB 215 69.14 32.02 72.40
CA ARG SB 215 67.83 32.65 72.59
C ARG SB 215 67.29 32.90 71.18
N GLU SB 216 66.53 31.94 70.67
CA GLU SB 216 66.04 31.98 69.29
C GLU SB 216 64.56 32.37 69.28
N LEU SB 217 64.29 33.62 68.92
CA LEU SB 217 62.93 34.11 68.87
C LEU SB 217 62.16 33.43 67.74
N ILE SB 218 60.94 33.00 68.06
CA ILE SB 218 59.97 32.52 67.08
C ILE SB 218 58.95 33.64 66.89
N ILE SB 219 59.11 34.42 65.83
CA ILE SB 219 58.26 35.57 65.56
C ILE SB 219 57.39 35.24 64.35
N GLY SB 220 56.12 35.61 64.42
CA GLY SB 220 55.23 35.35 63.32
C GLY SB 220 53.88 35.95 63.57
N ASP SB 221 52.95 35.68 62.66
CA ASP SB 221 51.59 36.19 62.78
C ASP SB 221 50.69 35.15 63.44
N ARG SB 222 49.51 35.61 63.83
CA ARG SB 222 48.57 34.75 64.54
C ARG SB 222 48.19 33.55 63.69
N GLN SB 223 48.09 32.38 64.34
CA GLN SB 223 47.68 31.15 63.67
C GLN SB 223 48.64 30.81 62.53
N THR SB 224 49.89 30.53 62.90
CA THR SB 224 50.92 30.12 61.96
C THR SB 224 51.54 28.78 62.29
N GLY SB 225 51.55 28.38 63.56
CA GLY SB 225 52.15 27.12 63.97
C GLY SB 225 53.31 27.32 64.93
N LYS SB 226 53.22 28.37 65.75
CA LYS SB 226 54.30 28.67 66.68
C LYS SB 226 54.26 27.71 67.87
N THR SB 227 53.10 27.63 68.53
CA THR SB 227 52.92 26.62 69.57
C THR SB 227 53.19 25.22 69.03
N ALA SB 228 52.88 24.99 67.75
CA ALA SB 228 53.15 23.67 67.17
C ALA SB 228 54.65 23.42 67.04
N VAL SB 229 55.41 24.43 66.63
CA VAL SB 229 56.86 24.31 66.60
C VAL SB 229 57.39 24.01 67.99
N ALA SB 230 56.92 24.76 68.99
CA ALA SB 230 57.35 24.55 70.37
C ALA SB 230 57.05 23.13 70.83
N VAL SB 231 55.84 22.65 70.56
CA VAL SB 231 55.45 21.34 71.05
C VAL SB 231 56.18 20.23 70.31
N ASP SB 232 56.55 20.45 69.04
CA ASP SB 232 57.40 19.48 68.35
C ASP SB 232 58.80 19.46 68.94
N ALA SB 233 59.36 20.64 69.24
CA ALA SB 233 60.64 20.71 69.92
C ALA SB 233 60.59 19.98 71.25
N ILE SB 234 59.45 20.04 71.93
CA ILE SB 234 59.30 19.33 73.20
C ILE SB 234 59.23 17.83 72.95
N ILE SB 235 58.42 17.42 71.97
CA ILE SB 235 58.12 16.01 71.76
C ILE SB 235 59.36 15.26 71.29
N ASN SB 236 60.23 15.92 70.52
CA ASN SB 236 61.36 15.21 69.94
C ASN SB 236 62.31 14.70 71.01
N GLN SB 237 62.38 15.37 72.16
CA GLN SB 237 63.35 15.01 73.19
C GLN SB 237 63.02 13.70 73.90
N LYS SB 238 61.87 13.10 73.59
CA LYS SB 238 61.50 11.83 74.23
C LYS SB 238 62.51 10.74 73.90
N GLU SB 239 62.84 10.59 72.61
CA GLU SB 239 63.75 9.53 72.20
C GLU SB 239 65.14 9.73 72.82
N ILE SB 240 65.52 10.98 73.05
CA ILE SB 240 66.86 11.28 73.54
C ILE SB 240 66.92 11.16 75.05
N ASN SB 241 65.80 11.36 75.74
CA ASN SB 241 65.81 11.20 77.18
C ASN SB 241 65.59 9.74 77.55
N ASP SB 242 64.81 9.00 76.76
CA ASP SB 242 64.62 7.58 76.98
C ASP SB 242 65.81 6.74 76.54
N SER SB 243 66.66 7.25 75.64
CA SER SB 243 67.81 6.50 75.16
C SER SB 243 69.09 6.84 75.93
N THR SB 244 68.96 7.20 77.21
CA THR SB 244 70.10 7.66 77.98
C THR SB 244 69.77 7.54 79.46
N ASP SB 245 70.78 7.18 80.26
CA ASP SB 245 70.62 7.11 81.71
C ASP SB 245 71.20 8.32 82.44
N ASP SB 246 72.13 9.05 81.83
CA ASP SB 246 72.73 10.22 82.49
C ASP SB 246 71.84 11.44 82.32
N GLU SB 247 71.77 12.26 83.37
CA GLU SB 247 71.00 13.50 83.35
C GLU SB 247 71.83 14.70 82.95
N SER SB 248 72.85 14.50 82.10
CA SER SB 248 73.62 15.59 81.52
C SER SB 248 73.54 15.66 80.01
N LYS SB 249 73.15 14.57 79.35
CA LYS SB 249 72.87 14.57 77.92
C LYS SB 249 71.40 14.78 77.61
N LYS SB 250 70.52 14.69 78.60
CA LYS SB 250 69.10 14.93 78.39
C LYS SB 250 68.84 16.42 78.23
N LEU SB 251 67.60 16.75 77.87
CA LEU SB 251 67.14 18.14 77.83
C LEU SB 251 65.74 18.19 78.41
N TYR SB 252 65.58 18.86 79.54
CA TYR SB 252 64.27 19.08 80.13
C TYR SB 252 63.63 20.31 79.50
N CYS SB 253 62.33 20.48 79.75
CA CYS SB 253 61.60 21.55 79.09
C CYS SB 253 60.65 22.24 80.04
N ILE SB 254 60.49 23.55 79.83
CA ILE SB 254 59.56 24.36 80.61
C ILE SB 254 58.76 25.19 79.63
N TYR SB 255 57.44 25.17 79.78
CA TYR SB 255 56.54 25.86 78.86
C TYR SB 255 55.72 26.89 79.64
N VAL SB 256 56.10 28.16 79.53
CA VAL SB 256 55.35 29.23 80.16
C VAL SB 256 54.31 29.71 79.14
N ALA SB 257 53.06 29.76 79.56
CA ALA SB 257 51.96 30.30 78.78
C ALA SB 257 51.50 31.60 79.42
N VAL SB 258 51.33 32.64 78.59
CA VAL SB 258 50.78 33.91 79.04
C VAL SB 258 49.64 34.28 78.11
N GLY SB 259 48.54 34.72 78.71
CA GLY SB 259 47.39 35.15 77.93
C GLY SB 259 46.62 34.03 77.25
N GLN SB 260 46.98 32.77 77.48
CA GLN SB 260 46.27 31.68 76.86
C GLN SB 260 45.05 31.31 77.70
N LYS SB 261 44.08 30.66 77.05
CA LYS SB 261 42.92 30.12 77.75
C LYS SB 261 43.11 28.65 78.13
N ARG SB 262 42.37 28.25 79.16
CA ARG SB 262 42.55 26.92 79.73
C ARG SB 262 42.11 25.86 78.74
N SER SB 263 41.18 26.17 77.84
CA SER SB 263 40.65 25.19 76.91
C SER SB 263 41.61 24.90 75.76
N THR SB 264 42.80 25.51 75.77
CA THR SB 264 43.89 25.11 74.90
C THR SB 264 45.13 24.72 75.69
N VAL SB 265 45.35 25.31 76.86
CA VAL SB 265 46.37 24.79 77.77
C VAL SB 265 46.10 23.31 78.06
N ALA SB 266 44.82 22.97 78.28
CA ALA SB 266 44.46 21.58 78.53
C ALA SB 266 44.68 20.71 77.31
N GLN SB 267 44.44 21.25 76.12
CA GLN SB 267 44.72 20.47 74.91
C GLN SB 267 46.21 20.19 74.76
N ILE SB 268 47.04 21.17 75.08
CA ILE SB 268 48.49 20.96 75.06
C ILE SB 268 48.88 19.86 76.03
N VAL SB 269 48.38 19.96 77.26
CA VAL SB 269 48.68 18.94 78.28
C VAL SB 269 48.19 17.57 77.83
N LYS SB 270 47.03 17.53 77.18
CA LYS SB 270 46.50 16.27 76.67
C LYS SB 270 47.43 15.68 75.61
N ALA SB 271 47.88 16.50 74.66
CA ALA SB 271 48.75 16.01 73.60
C ALA SB 271 50.07 15.49 74.17
N LEU SB 272 50.56 16.14 75.24
CA LEU SB 272 51.80 15.66 75.82
C LEU SB 272 51.57 14.42 76.68
N GLU SB 273 50.37 14.24 77.22
CA GLU SB 273 50.13 13.03 77.98
C GLU SB 273 49.89 11.87 77.02
N GLN SB 274 49.33 12.17 75.84
CA GLN SB 274 49.25 11.18 74.77
C GLN SB 274 50.63 10.66 74.40
N ARG SB 275 51.59 11.58 74.24
CA ARG SB 275 52.90 11.18 73.75
C ARG SB 275 53.93 10.99 74.86
N ASP SB 276 53.49 10.98 76.12
CA ASP SB 276 54.38 10.68 77.25
C ASP SB 276 55.54 11.68 77.31
N ALA SB 277 55.25 12.94 77.01
CA ALA SB 277 56.27 13.98 77.01
C ALA SB 277 56.41 14.70 78.34
N MET SB 278 55.39 14.63 79.20
CA MET SB 278 55.39 15.39 80.44
C MET SB 278 56.45 14.91 81.44
N LYS SB 279 56.96 13.69 81.28
CA LYS SB 279 57.94 13.17 82.24
C LYS SB 279 59.23 13.99 82.25
N TYR SB 280 59.50 14.79 81.21
CA TYR SB 280 60.71 15.60 81.14
C TYR SB 280 60.39 17.07 80.87
N THR SB 281 59.19 17.51 81.25
CA THR SB 281 58.86 18.91 81.11
C THR SB 281 57.84 19.32 82.17
N THR SB 282 57.58 20.63 82.21
CA THR SB 282 56.66 21.21 83.18
C THR SB 282 56.04 22.46 82.57
N VAL SB 283 54.81 22.76 82.99
CA VAL SB 283 54.07 23.88 82.43
C VAL SB 283 53.79 24.92 83.50
N VAL SB 284 53.89 26.19 83.11
CA VAL SB 284 53.57 27.33 83.96
C VAL SB 284 52.52 28.15 83.23
N ALA SB 285 51.34 28.27 83.83
CA ALA SB 285 50.16 28.78 83.16
C ALA SB 285 49.69 30.06 83.84
N ALA SB 286 49.72 31.19 83.11
CA ALA SB 286 49.17 32.45 83.60
C ALA SB 286 48.16 32.93 82.57
N THR SB 287 46.91 32.49 82.74
CA THR SB 287 45.87 32.65 81.75
C THR SB 287 45.21 34.02 81.92
N ALA SB 288 44.11 34.25 81.20
CA ALA SB 288 43.51 35.58 81.18
C ALA SB 288 42.69 35.83 82.45
N SER SB 289 42.12 34.80 83.04
CA SER SB 289 41.47 34.95 84.33
C SER SB 289 42.50 35.28 85.41
N GLU SB 290 43.68 34.68 85.33
CA GLU SB 290 44.74 35.01 86.27
C GLU SB 290 45.16 36.46 86.09
N ALA SB 291 45.39 37.15 87.20
CA ALA SB 291 45.55 38.59 87.18
C ALA SB 291 46.82 39.02 86.44
N ALA SB 292 46.87 40.33 86.17
CA ALA SB 292 48.01 40.90 85.47
C ALA SB 292 49.32 40.64 86.18
N PRO SB 293 49.42 40.72 87.50
CA PRO SB 293 50.71 40.42 88.15
C PRO SB 293 51.15 38.98 87.92
N LEU SB 294 50.21 38.05 87.83
CA LEU SB 294 50.59 36.66 87.63
C LEU SB 294 51.04 36.42 86.19
N GLN SB 295 50.33 37.02 85.23
CA GLN SB 295 50.83 37.01 83.85
C GLN SB 295 52.20 37.68 83.75
N PHE SB 296 52.45 38.69 84.59
CA PHE SB 296 53.72 39.41 84.59
C PHE SB 296 54.84 38.60 85.24
N LEU SB 297 54.50 37.72 86.18
CA LEU SB 297 55.49 36.98 86.95
C LEU SB 297 55.79 35.60 86.40
N ALA SB 298 54.88 35.01 85.62
CA ALA SB 298 55.07 33.63 85.20
C ALA SB 298 56.39 33.39 84.46
N PRO SB 299 56.84 34.26 83.55
CA PRO SB 299 58.14 34.01 82.91
C PRO SB 299 59.30 33.99 83.89
N TYR SB 300 59.28 34.86 84.90
CA TYR SB 300 60.35 34.85 85.89
C TYR SB 300 60.29 33.60 86.75
N SER SB 301 59.09 33.11 87.05
CA SER SB 301 58.98 31.83 87.76
C SER SB 301 59.56 30.70 86.91
N GLY SB 302 59.31 30.73 85.61
CA GLY SB 302 59.89 29.71 84.74
C GLY SB 302 61.41 29.79 84.71
N CYS SB 303 61.96 31.00 84.61
CA CYS SB 303 63.42 31.15 84.65
C CYS SB 303 63.99 30.66 85.99
N ALA SB 304 63.27 30.90 87.09
CA ALA SB 304 63.72 30.40 88.37
C ALA SB 304 63.69 28.87 88.40
N MET SB 305 62.66 28.26 87.83
CA MET SB 305 62.58 26.81 87.77
C MET SB 305 63.66 26.22 86.86
N GLY SB 306 64.10 26.99 85.87
CA GLY SB 306 65.13 26.51 84.95
C GLY SB 306 66.54 26.73 85.46
N GLU SB 307 66.72 27.70 86.36
CA GLU SB 307 68.04 27.93 86.93
C GLU SB 307 68.51 26.72 87.74
N TRP SB 308 67.59 25.93 88.28
CA TRP SB 308 67.98 24.69 88.96
C TRP SB 308 68.67 23.75 87.99
N PHE SB 309 68.13 23.60 86.78
CA PHE SB 309 68.76 22.75 85.78
C PHE SB 309 70.05 23.37 85.26
N ARG SB 310 70.07 24.70 85.12
CA ARG SB 310 71.26 25.36 84.60
C ARG SB 310 72.44 25.21 85.54
N ASP SB 311 72.24 25.55 86.82
CA ASP SB 311 73.33 25.56 87.79
C ASP SB 311 73.81 24.17 88.16
N SER SB 312 72.99 23.14 87.96
CA SER SB 312 73.28 21.81 88.46
C SER SB 312 73.91 20.90 87.41
N GLY SB 313 74.35 21.45 86.29
CA GLY SB 313 75.02 20.66 85.27
C GLY SB 313 74.11 19.99 84.27
N ARG SB 314 72.84 20.38 84.24
CA ARG SB 314 71.86 19.82 83.31
C ARG SB 314 71.53 20.86 82.24
N HIS SB 315 70.60 20.50 81.37
CA HIS SB 315 70.19 21.35 80.25
C HIS SB 315 68.67 21.42 80.23
N CYS SB 316 68.15 22.64 80.13
CA CYS SB 316 66.72 22.87 79.98
C CYS SB 316 66.48 23.85 78.83
N VAL SB 317 65.27 23.77 78.28
CA VAL SB 317 64.81 24.73 77.27
C VAL SB 317 63.48 25.31 77.74
N ILE SB 318 63.42 26.63 77.85
CA ILE SB 318 62.25 27.35 78.34
C ILE SB 318 61.59 28.06 77.17
N ILE SB 319 60.25 28.10 77.18
CA ILE SB 319 59.46 28.53 76.04
C ILE SB 319 58.42 29.51 76.57
N TYR SB 320 58.66 30.81 76.38
CA TYR SB 320 57.72 31.86 76.77
C TYR SB 320 56.72 32.09 75.65
N ASP SB 321 55.47 31.70 75.88
CA ASP SB 321 54.40 31.84 74.91
C ASP SB 321 53.65 33.14 75.18
N ASP SB 322 53.65 34.03 74.19
CA ASP SB 322 53.01 35.35 74.27
C ASP SB 322 53.67 36.22 75.35
N LEU SB 323 54.94 36.54 75.13
CA LEU SB 323 55.59 37.56 75.95
C LEU SB 323 54.91 38.91 75.80
N SER SB 324 54.29 39.15 74.65
CA SER SB 324 53.60 40.42 74.46
C SER SB 324 52.43 40.58 75.43
N LYS SB 325 51.93 39.49 76.01
CA LYS SB 325 50.90 39.66 77.03
C LYS SB 325 51.53 39.93 78.37
N GLN SB 326 52.82 39.64 78.50
CA GLN SB 326 53.55 40.00 79.70
C GLN SB 326 53.75 41.50 79.69
N ALA SB 327 54.32 42.00 78.61
CA ALA SB 327 54.52 43.44 78.46
C ALA SB 327 53.18 44.18 78.60
N THR SB 328 52.14 43.69 77.92
CA THR SB 328 50.79 44.20 78.12
C THR SB 328 50.42 44.31 79.60
N ALA SB 329 50.57 43.22 80.36
CA ALA SB 329 50.27 43.24 81.78
C ALA SB 329 51.07 44.30 82.52
N TYR SB 330 52.37 44.38 82.24
CA TYR SB 330 53.20 45.40 82.89
C TYR SB 330 52.68 46.82 82.60
N ARG SB 331 52.30 47.07 81.35
CA ARG SB 331 51.68 48.36 81.00
C ARG SB 331 50.40 48.58 81.80
N GLN SB 332 49.54 47.57 81.84
CA GLN SB 332 48.27 47.67 82.58
C GLN SB 332 48.52 47.91 84.06
N MET SB 333 49.67 47.50 84.58
CA MET SB 333 49.97 47.71 85.98
C MET SB 333 50.65 49.05 86.22
N SER SB 334 51.31 49.60 85.21
CA SER SB 334 52.00 50.86 85.38
C SER SB 334 51.03 52.02 85.21
N LEU SB 335 50.04 51.85 84.33
CA LEU SB 335 49.06 52.91 84.12
C LEU SB 335 48.07 52.98 85.27
N LEU SB 336 48.01 51.93 86.09
CA LEU SB 336 47.19 51.90 87.28
C LEU SB 336 47.96 52.25 88.55
N LEU SB 337 49.26 52.00 88.58
CA LEU SB 337 50.13 52.58 89.59
C LEU SB 337 50.55 54.01 89.25
N ARG SB 338 50.01 54.57 88.17
CA ARG SB 338 50.26 55.97 87.81
C ARG SB 338 51.74 56.23 87.54
N ARG SB 339 52.42 55.24 86.97
CA ARG SB 339 53.80 55.43 86.55
C ARG SB 339 53.83 56.19 85.22
N PRO SB 340 54.95 56.81 84.90
CA PRO SB 340 55.00 57.65 83.70
C PRO SB 340 55.19 56.80 82.46
N PRO SB 341 54.40 57.02 81.41
CA PRO SB 341 54.46 56.13 80.25
C PRO SB 341 55.48 56.54 79.20
N GLY SB 342 55.58 55.74 78.15
CA GLY SB 342 56.39 56.03 76.98
C GLY SB 342 55.53 55.96 75.73
N ARG SB 343 56.09 55.35 74.70
CA ARG SB 343 55.42 55.25 73.40
C ARG SB 343 54.61 53.96 73.38
N GLU SB 344 53.43 54.01 72.77
CA GLU SB 344 52.40 52.99 72.94
C GLU SB 344 52.01 52.80 74.40
N ALA SB 345 52.25 53.81 75.23
CA ALA SB 345 51.95 53.81 76.66
C ALA SB 345 52.76 52.80 77.45
N TYR SB 346 53.73 52.13 76.82
CA TYR SB 346 54.60 51.24 77.57
C TYR SB 346 55.58 52.05 78.40
N PRO SB 347 55.87 51.64 79.64
CA PRO SB 347 56.87 52.36 80.44
C PRO SB 347 58.28 52.18 79.89
N GLY SB 348 59.25 52.83 80.50
CA GLY SB 348 60.64 52.67 80.08
C GLY SB 348 61.31 51.40 80.53
N ASP SB 349 60.70 50.65 81.46
CA ASP SB 349 61.31 49.44 82.00
C ASP SB 349 60.89 48.18 81.24
N VAL SB 350 60.53 48.30 79.97
CA VAL SB 350 60.15 47.12 79.19
C VAL SB 350 61.38 46.44 78.65
N PHE SB 351 62.30 47.22 78.06
CA PHE SB 351 63.56 46.65 77.63
C PHE SB 351 64.29 46.03 78.81
N TYR SB 352 64.35 46.74 79.94
CA TYR SB 352 64.95 46.19 81.15
C TYR SB 352 64.22 44.93 81.61
N LEU SB 353 62.91 44.88 81.45
CA LEU SB 353 62.16 43.69 81.87
C LEU SB 353 62.55 42.48 81.03
N HIS SB 354 62.37 42.59 79.71
CA HIS SB 354 62.71 41.48 78.84
C HIS SB 354 64.17 41.11 78.94
N SER SB 355 65.03 42.09 79.24
CA SER SB 355 66.46 41.82 79.38
C SER SB 355 66.75 41.01 80.62
N ARG SB 356 66.22 41.43 81.77
CA ARG SB 356 66.29 40.62 82.98
C ARG SB 356 65.79 39.21 82.72
N LEU SB 357 64.70 39.08 81.95
CA LEU SB 357 64.14 37.76 81.71
C LEU SB 357 65.06 36.90 80.85
N LEU SB 358 65.57 37.46 79.75
CA LEU SB 358 66.26 36.68 78.73
C LEU SB 358 67.75 36.50 78.99
N GLU SB 359 68.38 37.37 79.76
CA GLU SB 359 69.81 37.23 80.01
C GLU SB 359 70.15 36.08 80.95
N ARG SB 360 69.15 35.34 81.45
CA ARG SB 360 69.45 34.13 82.19
C ARG SB 360 69.72 32.94 81.27
N ALA SB 361 69.19 32.97 80.05
CA ALA SB 361 69.51 31.95 79.06
C ALA SB 361 71.00 31.96 78.77
N ALA SB 362 71.66 30.83 79.01
CA ALA SB 362 73.12 30.83 79.08
C ALA SB 362 73.66 29.43 78.83
N LYS SB 363 74.98 29.36 78.71
CA LYS SB 363 75.73 28.11 78.66
C LYS SB 363 76.89 28.24 79.65
N MET SB 364 76.80 27.56 80.79
CA MET SB 364 77.81 27.73 81.82
C MET SB 364 79.05 26.90 81.48
N GLY SB 365 80.18 27.32 82.05
CA GLY SB 365 81.44 26.65 81.80
C GLY SB 365 81.61 25.40 82.64
N ASP SB 366 82.69 24.68 82.36
CA ASP SB 366 82.94 23.40 83.00
C ASP SB 366 83.32 23.53 84.47
N LYS SB 367 83.54 24.75 84.96
CA LYS SB 367 83.78 24.98 86.37
C LYS SB 367 82.49 25.21 87.16
N SER SB 368 81.43 25.62 86.49
CA SER SB 368 80.12 25.75 87.11
C SER SB 368 79.30 24.47 87.02
N GLY SB 369 79.60 23.61 86.05
CA GLY SB 369 78.95 22.32 85.93
C GLY SB 369 78.70 21.93 84.48
N GLY SB 370 78.73 22.91 83.58
CA GLY SB 370 78.53 22.66 82.18
C GLY SB 370 77.09 22.70 81.73
N GLY SB 371 76.17 23.15 82.58
CA GLY SB 371 74.77 23.18 82.24
C GLY SB 371 74.44 24.29 81.27
N SER SB 372 73.15 24.39 80.95
CA SER SB 372 72.70 25.34 79.95
C SER SB 372 71.23 25.65 80.20
N LEU SB 373 70.77 26.73 79.57
CA LEU SB 373 69.38 27.14 79.61
C LEU SB 373 69.11 27.86 78.28
N THR SB 374 68.55 27.12 77.33
CA THR SB 374 68.14 27.68 76.06
C THR SB 374 66.79 28.41 76.21
N ALA SB 375 66.50 29.30 75.26
CA ALA SB 375 65.28 30.08 75.30
C ALA SB 375 64.68 30.20 73.91
N LEU SB 376 63.36 30.01 73.83
CA LEU SB 376 62.61 30.11 72.58
C LEU SB 376 61.40 31.01 72.82
N PRO SB 377 61.62 32.31 73.01
CA PRO SB 377 60.48 33.22 73.16
C PRO SB 377 59.65 33.27 71.88
N VAL SB 378 58.36 33.52 72.04
CA VAL SB 378 57.41 33.55 70.92
C VAL SB 378 56.78 34.93 70.86
N ILE SB 379 56.60 35.46 69.65
CA ILE SB 379 56.02 36.78 69.49
C ILE SB 379 55.05 36.81 68.32
N GLU SB 380 53.87 37.39 68.56
CA GLU SB 380 52.87 37.67 67.53
C GLU SB 380 53.07 39.08 67.00
N THR SB 381 53.27 39.20 65.70
CA THR SB 381 53.29 40.49 65.01
C THR SB 381 51.93 40.69 64.35
N GLN SB 382 51.34 41.86 64.57
CA GLN SB 382 49.95 42.10 64.21
C GLN SB 382 49.78 42.54 62.76
N ALA SB 383 50.86 42.90 62.08
CA ALA SB 383 50.79 43.22 60.66
C ALA SB 383 51.96 42.67 59.86
N GLY SB 384 52.90 41.96 60.49
CA GLY SB 384 54.20 41.72 59.92
C GLY SB 384 55.21 42.81 60.14
N ASP SB 385 54.80 43.96 60.68
CA ASP SB 385 55.72 45.04 61.01
C ASP SB 385 56.55 44.63 62.23
N VAL SB 386 57.81 44.30 62.00
CA VAL SB 386 58.75 44.00 63.09
C VAL SB 386 59.52 45.26 63.46
N SER SB 387 59.00 46.43 63.08
CA SER SB 387 59.59 47.70 63.46
C SER SB 387 58.93 48.31 64.68
N ALA SB 388 57.94 47.64 65.27
CA ALA SB 388 57.29 48.16 66.46
C ALA SB 388 58.24 48.10 67.65
N TYR SB 389 57.74 48.56 68.80
CA TYR SB 389 58.62 48.76 69.95
C TYR SB 389 59.08 47.43 70.52
N ILE SB 390 58.14 46.50 70.70
CA ILE SB 390 58.42 45.26 71.42
C ILE SB 390 59.18 44.34 70.46
N PRO SB 391 58.75 44.21 69.20
CA PRO SB 391 59.59 43.46 68.24
C PRO SB 391 61.00 44.00 68.12
N THR SB 392 61.19 45.33 67.98
CA THR SB 392 62.54 45.84 67.87
C THR SB 392 63.35 45.60 69.14
N ASN SB 393 62.71 45.70 70.31
CA ASN SB 393 63.41 45.43 71.56
C ASN SB 393 63.82 43.97 71.67
N VAL SB 394 63.01 43.07 71.12
CA VAL SB 394 63.29 41.67 71.33
C VAL SB 394 64.29 41.18 70.30
N ILE SB 395 64.22 41.69 69.07
CA ILE SB 395 65.25 41.30 68.12
C ILE SB 395 66.59 41.88 68.55
N SER SB 396 66.57 43.07 69.18
CA SER SB 396 67.80 43.62 69.73
C SER SB 396 68.32 42.80 70.91
N ILE SB 397 67.43 42.12 71.62
CA ILE SB 397 67.86 41.34 72.78
C ILE SB 397 68.25 39.90 72.43
N THR SB 398 67.71 39.35 71.33
CA THR SB 398 67.77 37.92 71.10
C THR SB 398 68.96 37.55 70.23
N ASP SB 399 69.22 36.24 70.17
CA ASP SB 399 70.38 35.69 69.48
C ASP SB 399 70.05 35.16 68.09
N GLY SB 400 68.93 35.58 67.51
CA GLY SB 400 68.52 35.04 66.23
C GLY SB 400 67.08 35.40 65.92
N GLN SB 401 66.53 34.71 64.93
CA GLN SB 401 65.17 34.99 64.48
C GLN SB 401 64.63 33.89 63.58
N ILE SB 402 63.43 33.42 63.89
CA ILE SB 402 62.67 32.48 63.05
C ILE SB 402 61.39 33.21 62.67
N PHE SB 403 61.29 33.60 61.40
CA PHE SB 403 60.19 34.42 60.92
C PHE SB 403 59.20 33.54 60.17
N LEU SB 404 58.03 33.35 60.77
CA LEU SB 404 56.94 32.63 60.12
C LEU SB 404 56.04 33.61 59.37
N GLU SB 405 55.43 33.12 58.29
CA GLU SB 405 54.58 33.93 57.43
C GLU SB 405 53.25 33.24 57.20
N THR SB 406 52.27 34.02 56.77
CA THR SB 406 50.92 33.53 56.53
C THR SB 406 50.68 33.18 55.07
N GLU SB 407 51.38 33.83 54.15
CA GLU SB 407 51.25 33.49 52.73
C GLU SB 407 51.77 32.09 52.44
N LEU SB 408 52.70 31.60 53.26
CA LEU SB 408 53.28 30.28 53.06
C LEU SB 408 52.54 29.19 53.82
N PHE SB 409 51.81 29.55 54.88
CA PHE SB 409 51.01 28.57 55.61
C PHE SB 409 49.88 28.00 54.78
N TYR SB 410 49.44 28.72 53.74
CA TYR SB 410 48.36 28.27 52.88
C TYR SB 410 48.84 27.71 51.55
N LYS SB 411 50.10 27.96 51.18
CA LYS SB 411 50.70 27.35 50.02
C LYS SB 411 51.19 25.93 50.29
N GLY SB 412 50.83 25.34 51.43
CA GLY SB 412 51.33 24.05 51.81
C GLY SB 412 52.68 24.06 52.50
N ILE SB 413 53.35 25.20 52.55
CA ILE SB 413 54.67 25.29 53.17
C ILE SB 413 54.47 25.40 54.68
N ARG SB 414 54.47 24.25 55.37
CA ARG SB 414 54.21 24.19 56.80
C ARG SB 414 55.27 23.28 57.41
N PRO SB 415 56.11 23.76 58.34
CA PRO SB 415 56.22 25.09 58.94
C PRO SB 415 56.52 26.23 57.97
N ALA SB 416 55.81 27.35 58.15
CA ALA SB 416 55.83 28.45 57.20
C ALA SB 416 57.02 29.37 57.45
N ILE SB 417 58.22 28.80 57.48
CA ILE SB 417 59.42 29.56 57.82
C ILE SB 417 59.92 30.30 56.59
N ASN SB 418 60.02 31.62 56.69
CA ASN SB 418 60.66 32.44 55.67
C ASN SB 418 62.15 32.53 55.98
N VAL SB 419 62.95 31.78 55.21
CA VAL SB 419 64.38 31.67 55.49
C VAL SB 419 65.16 32.88 55.01
N GLY SB 420 64.51 33.86 54.42
CA GLY SB 420 65.19 35.07 54.01
C GLY SB 420 65.37 35.99 55.22
N LEU SB 421 64.30 36.13 56.00
CA LEU SB 421 64.34 36.92 57.21
C LEU SB 421 64.74 36.12 58.44
N SER SB 422 64.55 34.81 58.42
CA SER SB 422 65.02 33.97 59.53
C SER SB 422 66.54 33.88 59.50
N VAL SB 423 67.16 34.14 60.65
CA VAL SB 423 68.62 34.13 60.79
C VAL SB 423 68.99 33.41 62.09
N SER SB 424 70.28 33.21 62.27
CA SER SB 424 70.80 32.61 63.50
C SER SB 424 72.21 33.16 63.72
N ARG SB 425 72.36 34.04 64.72
CA ARG SB 425 73.65 34.67 64.97
C ARG SB 425 74.71 33.69 65.46
N VAL SB 426 74.31 32.49 65.87
CA VAL SB 426 75.29 31.45 66.20
C VAL SB 426 75.79 30.77 64.93
N GLY SB 427 74.90 30.15 64.19
CA GLY SB 427 75.20 29.64 62.86
C GLY SB 427 75.66 28.19 62.87
N SER SB 428 76.57 27.86 61.96
CA SER SB 428 77.02 26.49 61.79
C SER SB 428 77.79 25.97 63.01
N ALA SB 429 78.23 26.87 63.89
CA ALA SB 429 78.84 26.43 65.14
C ALA SB 429 77.89 25.59 65.99
N ALA SB 430 76.58 25.72 65.79
CA ALA SB 430 75.59 24.89 66.48
C ALA SB 430 75.10 23.76 65.59
N GLN SB 431 75.98 23.18 64.77
CA GLN SB 431 75.60 22.16 63.82
C GLN SB 431 76.67 21.09 63.75
N VAL SB 432 76.24 19.83 63.73
CA VAL SB 432 77.14 18.73 63.42
C VAL SB 432 77.61 18.84 61.96
N LYS SB 433 78.78 18.25 61.69
CA LYS SB 433 79.33 18.30 60.34
C LYS SB 433 78.44 17.58 59.35
N ALA SB 434 77.79 16.49 59.78
CA ALA SB 434 76.88 15.76 58.90
C ALA SB 434 75.79 16.66 58.37
N MET SB 435 75.40 17.68 59.14
CA MET SB 435 74.41 18.65 58.69
C MET SB 435 75.06 19.82 57.96
N LYS SB 436 76.27 20.22 58.34
CA LYS SB 436 76.99 21.25 57.62
C LYS SB 436 77.14 20.87 56.15
N GLN SB 437 77.54 19.63 55.90
CA GLN SB 437 77.91 19.21 54.55
C GLN SB 437 76.76 19.39 53.57
N VAL SB 438 75.53 19.40 54.07
CA VAL SB 438 74.36 19.54 53.22
C VAL SB 438 73.74 20.93 53.33
N ALA SB 439 73.82 21.57 54.49
CA ALA SB 439 73.19 22.87 54.68
C ALA SB 439 73.98 23.96 53.99
N GLY SB 440 75.31 23.88 54.00
CA GLY SB 440 76.10 24.85 53.26
C GLY SB 440 75.75 24.87 51.78
N THR SB 441 75.35 23.73 51.23
CA THR SB 441 74.89 23.66 49.84
C THR SB 441 73.46 24.16 49.71
N MET SB 442 72.56 23.66 50.56
CA MET SB 442 71.15 23.98 50.44
C MET SB 442 70.89 25.47 50.63
N LYS SB 443 71.66 26.14 51.48
CA LYS SB 443 71.49 27.57 51.68
C LYS SB 443 71.75 28.34 50.39
N LEU SB 444 72.85 28.01 49.70
CA LEU SB 444 73.15 28.65 48.42
C LEU SB 444 72.09 28.32 47.38
N GLU SB 445 71.65 27.06 47.32
CA GLU SB 445 70.66 26.68 46.33
C GLU SB 445 69.35 27.43 46.56
N LEU SB 446 68.92 27.54 47.81
CA LEU SB 446 67.66 28.24 48.10
C LEU SB 446 67.82 29.75 47.91
N ALA SB 447 69.02 30.28 48.16
CA ALA SB 447 69.26 31.69 47.84
C ALA SB 447 69.10 31.94 46.35
N GLN SB 448 69.68 31.07 45.52
CA GLN SB 448 69.52 31.21 44.07
C GLN SB 448 68.05 31.08 43.66
N TYR SB 449 67.33 30.14 44.28
CA TYR SB 449 65.90 30.04 44.02
C TYR SB 449 65.18 31.32 44.39
N ARG SB 450 65.54 31.94 45.52
CA ARG SB 450 64.92 33.19 45.91
C ARG SB 450 65.32 34.33 44.97
N GLU SB 451 66.48 34.20 44.31
CA GLU SB 451 66.92 35.17 43.34
C GLU SB 451 66.21 35.02 42.00
N VAL SB 452 65.63 33.85 41.73
CA VAL SB 452 65.06 33.59 40.42
C VAL SB 452 63.65 33.07 40.57
N ALA SB 453 63.00 33.41 41.69
CA ALA SB 453 61.69 32.86 42.00
C ALA SB 453 60.62 33.36 41.04
N ALA SB 454 60.59 34.67 40.80
CA ALA SB 454 59.54 35.25 39.97
C ALA SB 454 59.53 34.68 38.55
N PHE SB 455 60.63 34.09 38.11
CA PHE SB 455 60.72 33.51 36.78
C PHE SB 455 60.01 32.17 36.67
N ALA SB 456 59.47 31.64 37.78
CA ALA SB 456 58.74 30.38 37.73
C ALA SB 456 57.50 30.48 36.86
N GLN SB 457 56.86 31.66 36.85
CA GLN SB 457 55.69 31.88 35.99
C GLN SB 457 56.06 32.22 34.56
N PHE SB 458 57.36 32.19 34.22
CA PHE SB 458 57.79 32.43 32.85
C PHE SB 458 58.87 31.43 32.42
N GLY SB 459 59.00 30.32 33.14
CA GLY SB 459 60.06 29.36 32.89
C GLY SB 459 59.94 28.64 31.56
N SER SB 460 58.76 28.67 30.95
CA SER SB 460 58.57 27.98 29.67
C SER SB 460 59.50 28.52 28.59
N ASP SB 461 59.86 29.81 28.69
CA ASP SB 461 60.66 30.45 27.65
C ASP SB 461 62.13 30.57 28.01
N LEU SB 462 62.50 30.31 29.27
CA LEU SB 462 63.85 30.54 29.73
C LEU SB 462 64.74 29.38 29.29
N ASP SB 463 65.96 29.32 29.82
CA ASP SB 463 66.92 28.29 29.46
C ASP SB 463 67.39 27.51 30.68
N ALA SB 464 68.08 26.40 30.40
CA ALA SB 464 68.73 25.68 31.47
C ALA SB 464 69.80 26.58 32.10
N SER SB 465 70.24 26.18 33.28
CA SER SB 465 71.05 26.96 34.21
C SER SB 465 70.18 28.00 34.89
N THR SB 466 68.91 28.13 34.48
CA THR SB 466 67.92 28.93 35.19
C THR SB 466 66.63 28.15 35.42
N ARG SB 467 66.38 27.07 34.70
CA ARG SB 467 65.29 26.17 35.05
C ARG SB 467 65.72 25.12 36.06
N GLN SB 468 67.01 24.76 36.06
CA GLN SB 468 67.53 23.83 37.04
C GLN SB 468 67.46 24.41 38.45
N LEU SB 469 67.74 25.71 38.59
CA LEU SB 469 67.65 26.35 39.88
C LEU SB 469 66.20 26.31 40.39
N LEU SB 470 65.24 26.63 39.53
CA LEU SB 470 63.85 26.57 39.93
C LEU SB 470 63.45 25.16 40.34
N THR SB 471 63.88 24.16 39.57
CA THR SB 471 63.51 22.78 39.87
C THR SB 471 64.09 22.36 41.23
N ARG SB 472 65.38 22.63 41.45
CA ARG SB 472 66.00 22.24 42.71
C ARG SB 472 65.40 23.00 43.89
N GLY SB 473 65.11 24.29 43.72
CA GLY SB 473 64.48 25.03 44.79
C GLY SB 473 63.11 24.50 45.14
N THR SB 474 62.30 24.17 44.13
CA THR SB 474 60.99 23.62 44.39
C THR SB 474 61.10 22.27 45.09
N ALA SB 475 62.04 21.44 44.63
CA ALA SB 475 62.24 20.13 45.23
C ALA SB 475 62.64 20.26 46.70
N LEU SB 476 63.58 21.16 46.99
CA LEU SB 476 64.00 21.36 48.37
C LEU SB 476 62.86 21.91 49.23
N THR SB 477 62.11 22.89 48.73
CA THR SB 477 60.98 23.42 49.51
C THR SB 477 59.97 22.32 49.83
N GLU SB 478 59.72 21.43 48.86
CA GLU SB 478 58.81 20.34 49.11
C GLU SB 478 59.43 19.26 49.97
N LEU SB 479 60.75 19.24 50.07
CA LEU SB 479 61.38 18.28 50.96
C LEU SB 479 61.33 18.79 52.39
N LEU SB 480 61.57 20.10 52.55
CA LEU SB 480 61.55 20.71 53.88
C LEU SB 480 60.14 20.79 54.43
N LYS SB 481 59.12 20.64 53.60
CA LYS SB 481 57.77 20.57 54.16
C LYS SB 481 57.70 19.42 55.17
N GLN SB 482 56.81 19.57 56.15
CA GLN SB 482 56.78 18.63 57.26
C GLN SB 482 55.39 18.61 57.88
N ARG SB 483 55.12 17.57 58.64
CA ARG SB 483 53.81 17.30 59.21
C ARG SB 483 53.76 17.65 60.68
N GLN SB 484 52.58 18.05 61.14
CA GLN SB 484 52.40 18.46 62.53
C GLN SB 484 52.60 17.29 63.47
N TYR SB 485 53.38 17.50 64.54
CA TYR SB 485 53.63 16.49 65.55
C TYR SB 485 54.30 15.24 64.97
N SER SB 486 55.16 15.42 63.96
CA SER SB 486 55.92 14.33 63.37
C SER SB 486 57.35 14.78 63.15
N PRO SB 487 58.15 14.87 64.21
CA PRO SB 487 59.56 15.25 64.05
C PRO SB 487 60.48 14.05 63.81
N MET SB 488 61.55 14.32 63.09
CA MET SB 488 62.54 13.31 62.70
C MET SB 488 63.82 13.50 63.49
N LYS SB 489 64.75 12.57 63.29
CA LYS SB 489 66.07 12.62 63.91
C LYS SB 489 67.08 13.24 62.96
N ASN SB 490 68.26 13.54 63.50
CA ASN SB 490 69.28 14.23 62.71
C ASN SB 490 69.90 13.30 61.66
N SER SB 491 70.04 12.02 61.97
CA SER SB 491 70.56 11.09 60.97
C SER SB 491 69.61 11.01 59.77
N VAL SB 492 68.32 10.83 60.03
CA VAL SB 492 67.32 10.80 58.97
C VAL SB 492 67.32 12.11 58.20
N GLN SB 493 67.44 13.23 58.91
CA GLN SB 493 67.50 14.53 58.25
C GLN SB 493 68.68 14.60 57.29
N VAL SB 494 69.85 14.14 57.75
CA VAL SB 494 71.04 14.19 56.91
C VAL SB 494 70.87 13.31 55.68
N CYS SB 495 70.34 12.10 55.87
CA CYS SB 495 70.11 11.20 54.74
C CYS SB 495 69.17 11.84 53.72
N VAL SB 496 68.06 12.41 54.20
CA VAL SB 496 67.07 12.96 53.29
C VAL SB 496 67.62 14.19 52.57
N LEU SB 497 68.34 15.04 53.28
CA LEU SB 497 68.89 16.22 52.62
C LEU SB 497 70.02 15.85 51.66
N TYR SB 498 70.71 14.73 51.90
CA TYR SB 498 71.65 14.25 50.89
C TYR SB 498 70.92 13.77 49.64
N CYS SB 499 69.83 13.03 49.82
CA CYS SB 499 69.00 12.64 48.68
C CYS SB 499 68.48 13.86 47.93
N GLY SB 500 68.25 14.96 48.63
CA GLY SB 500 67.67 16.13 48.01
C GLY SB 500 68.72 16.94 47.27
N VAL SB 501 69.82 17.28 47.94
CA VAL SB 501 70.82 18.14 47.34
C VAL SB 501 71.58 17.42 46.23
N LYS SB 502 71.70 16.09 46.28
CA LYS SB 502 72.47 15.36 45.29
C LYS SB 502 71.66 15.01 44.05
N GLY SB 503 70.54 15.70 43.81
CA GLY SB 503 69.86 15.62 42.53
C GLY SB 503 68.99 14.40 42.32
N TYR SB 504 68.70 13.64 43.37
CA TYR SB 504 67.84 12.46 43.25
C TYR SB 504 66.35 12.81 43.30
N LEU SB 505 66.00 14.09 43.21
CA LEU SB 505 64.61 14.52 43.22
C LEU SB 505 64.27 15.53 42.14
N ASP SB 506 65.25 16.06 41.42
CA ASP SB 506 64.97 16.92 40.26
C ASP SB 506 64.02 16.27 39.25
N PRO SB 507 64.23 15.03 38.81
CA PRO SB 507 63.37 14.46 37.77
C PRO SB 507 62.01 13.99 38.25
N LEU SB 508 61.67 14.23 39.51
CA LEU SB 508 60.43 13.74 40.09
C LEU SB 508 59.33 14.79 39.99
N ASP SB 509 58.09 14.33 40.04
CA ASP SB 509 56.98 15.24 40.31
C ASP SB 509 57.07 15.71 41.77
N PRO SB 510 56.98 17.01 42.03
CA PRO SB 510 57.12 17.47 43.42
C PRO SB 510 56.08 16.89 44.37
N LYS SB 511 54.85 16.68 43.89
CA LYS SB 511 53.78 16.18 44.76
C LYS SB 511 54.09 14.80 45.33
N GLU SB 512 55.05 14.09 44.74
CA GLU SB 512 55.44 12.76 45.17
C GLU SB 512 56.53 12.75 46.21
N ILE SB 513 57.16 13.89 46.49
CA ILE SB 513 58.29 13.92 47.43
C ILE SB 513 57.87 13.45 48.82
N SER SB 514 56.67 13.83 49.29
CA SER SB 514 56.23 13.34 50.58
C SER SB 514 56.19 11.81 50.64
N ARG SB 515 55.85 11.17 49.52
CA ARG SB 515 55.95 9.71 49.43
C ARG SB 515 57.41 9.30 49.43
N PHE SB 516 58.21 9.91 48.56
CA PHE SB 516 59.61 9.55 48.45
C PHE SB 516 60.20 9.49 49.87
N GLU SB 517 60.19 10.64 50.54
CA GLU SB 517 60.63 10.75 51.94
C GLU SB 517 60.09 9.63 52.82
N SER SB 518 58.76 9.45 52.85
CA SER SB 518 58.18 8.45 53.73
C SER SB 518 58.76 7.06 53.48
N LEU SB 519 58.68 6.60 52.22
CA LEU SB 519 59.19 5.29 51.87
C LEU SB 519 60.67 5.17 52.19
N PHE SB 520 61.47 6.17 51.83
CA PHE SB 520 62.90 6.13 52.11
C PHE SB 520 63.16 5.98 53.61
N ILE SB 521 62.42 6.73 54.42
CA ILE SB 521 62.58 6.64 55.87
C ILE SB 521 62.31 5.22 56.34
N ASP SB 522 61.15 4.68 55.96
CA ASP SB 522 60.82 3.30 56.35
C ASP SB 522 61.91 2.34 55.89
N TYR SB 523 62.35 2.48 54.64
CA TYR SB 523 63.42 1.65 54.09
C TYR SB 523 64.66 1.65 54.96
N ILE SB 524 65.17 2.86 55.26
CA ILE SB 524 66.43 2.96 55.98
C ILE SB 524 66.26 2.51 57.42
N ASN SB 525 65.13 2.79 58.04
CA ASN SB 525 64.90 2.34 59.40
C ASN SB 525 64.70 0.84 59.47
N ALA SB 526 64.37 0.21 58.34
CA ALA SB 526 64.27 -1.24 58.24
C ALA SB 526 65.61 -1.89 57.91
N ASN SB 527 66.49 -1.17 57.22
CA ASN SB 527 67.63 -1.78 56.52
C ASN SB 527 68.98 -1.28 56.99
N HIS SB 528 69.14 0.02 57.23
CA HIS SB 528 70.48 0.57 57.46
C HIS SB 528 70.57 1.30 58.79
N GLN SB 529 70.09 0.62 59.84
CA GLN SB 529 70.28 1.16 61.16
C GLN SB 529 71.75 1.32 61.47
N ASP SB 530 72.62 0.54 60.82
CA ASP SB 530 74.05 0.72 61.06
C ASP SB 530 74.49 2.09 60.56
N ILE SB 531 73.96 2.52 59.41
CA ILE SB 531 74.28 3.84 58.89
C ILE SB 531 73.77 4.91 59.86
N LEU SB 532 72.54 4.74 60.34
CA LEU SB 532 72.00 5.74 61.25
C LEU SB 532 72.80 5.80 62.55
N LYS SB 533 73.17 4.64 63.09
CA LYS SB 533 73.95 4.61 64.32
C LYS SB 533 75.33 5.21 64.12
N THR SB 534 75.95 4.98 62.96
CA THR SB 534 77.24 5.57 62.68
C THR SB 534 77.15 7.09 62.59
N ILE SB 535 76.10 7.60 61.94
CA ILE SB 535 75.96 9.04 61.83
C ILE SB 535 75.67 9.65 63.20
N GLU SB 536 74.91 8.94 64.03
CA GLU SB 536 74.55 9.45 65.34
C GLU SB 536 75.73 9.39 66.30
N THR SB 537 76.65 8.46 66.10
CA THR SB 537 77.79 8.30 67.00
C THR SB 537 78.95 9.22 66.60
N GLU SB 538 79.32 9.22 65.32
CA GLU SB 538 80.45 10.04 64.89
C GLU SB 538 80.08 11.48 64.59
N LYS SB 539 78.81 11.79 64.33
CA LYS SB 539 78.40 13.17 64.07
C LYS SB 539 79.10 13.70 62.83
N GLU SB 540 79.30 12.83 61.85
CA GLU SB 540 80.01 13.18 60.63
C GLU SB 540 79.48 12.30 59.49
N LEU SB 541 79.59 12.81 58.27
CA LEU SB 541 79.18 12.09 57.07
C LEU SB 541 80.43 11.83 56.25
N SER SB 542 81.12 10.72 56.58
CA SER SB 542 82.36 10.36 55.93
C SER SB 542 82.09 9.77 54.55
N GLU SB 543 83.15 9.62 53.76
CA GLU SB 543 83.00 9.12 52.39
C GLU SB 543 82.45 7.71 52.36
N LYS SB 544 82.77 6.89 53.36
CA LYS SB 544 82.23 5.53 53.40
C LYS SB 544 80.74 5.54 53.68
N THR SB 545 80.30 6.35 54.64
CA THR SB 545 78.86 6.51 54.87
C THR SB 545 78.17 7.12 53.65
N GLU SB 546 78.85 8.00 52.94
CA GLU SB 546 78.27 8.59 51.72
C GLU SB 546 78.10 7.56 50.63
N ALA SB 547 79.07 6.65 50.48
CA ALA SB 547 78.93 5.57 49.51
C ALA SB 547 77.81 4.61 49.90
N LYS SB 548 77.76 4.23 51.17
CA LYS SB 548 76.63 3.43 51.67
C LYS SB 548 75.31 4.13 51.40
N LEU SB 549 75.26 5.45 51.57
CA LEU SB 549 74.03 6.20 51.36
C LEU SB 549 73.62 6.20 49.90
N ARG SB 550 74.57 6.47 49.00
CA ARG SB 550 74.25 6.43 47.57
C ARG SB 550 73.80 5.04 47.16
N ALA SB 551 74.42 4.00 47.72
CA ALA SB 551 73.99 2.63 47.44
C ALA SB 551 72.54 2.42 47.87
N ALA SB 552 72.22 2.81 49.11
CA ALA SB 552 70.86 2.62 49.61
C ALA SB 552 69.86 3.43 48.78
N VAL SB 553 70.23 4.64 48.37
CA VAL SB 553 69.34 5.46 47.56
C VAL SB 553 69.09 4.79 46.22
N ASP SB 554 70.13 4.27 45.58
CA ASP SB 554 69.95 3.61 44.30
C ASP SB 554 69.09 2.37 44.44
N GLU SB 555 69.31 1.60 45.51
CA GLU SB 555 68.48 0.43 45.77
C GLU SB 555 67.01 0.82 45.95
N PHE SB 556 66.76 1.88 46.72
CA PHE SB 556 65.39 2.34 46.95
C PHE SB 556 64.73 2.77 45.63
N VAL SB 557 65.43 3.59 44.85
CA VAL SB 557 64.88 4.05 43.59
C VAL SB 557 64.61 2.87 42.66
N ALA SB 558 65.48 1.87 42.68
CA ALA SB 558 65.25 0.70 41.83
C ALA SB 558 64.04 -0.08 42.31
N MET SB 559 63.89 -0.24 43.63
CA MET SB 559 62.77 -0.99 44.18
C MET SB 559 61.44 -0.27 43.99
N ASN SB 560 61.47 1.05 43.85
CA ASN SB 560 60.24 1.85 43.84
C ASN SB 560 60.09 2.56 42.51
N GLU SB 561 58.89 3.09 42.28
CA GLU SB 561 58.55 3.77 41.04
C GLU SB 561 57.83 5.07 41.35
N PHE SB 562 58.28 6.16 40.72
CA PHE SB 562 57.70 7.48 40.92
C PHE SB 562 57.21 8.02 39.57
N LYS SB 563 56.47 9.13 39.65
CA LYS SB 563 55.69 9.57 38.51
C LYS SB 563 56.57 10.06 37.37
N LYS SB 564 57.33 11.12 37.61
CA LYS SB 564 58.13 11.75 36.56
C LYS SB 564 59.55 11.21 36.56
N GLU TB 58 58.25 93.72 118.07
CA GLU TB 58 57.29 93.14 118.99
C GLU TB 58 57.82 91.83 119.58
N MET TB 59 58.36 90.97 118.71
CA MET TB 59 58.95 89.72 119.14
C MET TB 59 60.24 89.39 118.39
N SER TB 60 60.76 90.31 117.57
CA SER TB 60 61.89 89.99 116.70
C SER TB 60 63.13 89.60 117.49
N ARG TB 61 63.22 90.02 118.75
CA ARG TB 61 64.35 89.64 119.59
C ARG TB 61 64.42 88.12 119.74
N LEU TB 62 63.28 87.45 119.79
CA LEU TB 62 63.26 86.00 119.95
C LEU TB 62 63.88 85.33 118.74
N LEU TB 63 63.48 85.75 117.54
CA LEU TB 63 64.03 85.16 116.33
C LEU TB 63 65.51 85.50 116.17
N GLU TB 64 65.88 86.74 116.47
CA GLU TB 64 67.30 87.11 116.41
C GLU TB 64 68.12 86.27 117.38
N GLU TB 65 67.55 85.93 118.53
CA GLU TB 65 68.28 85.17 119.53
C GLU TB 65 68.43 83.71 119.10
N ARG TB 66 67.35 83.10 118.61
CA ARG TB 66 67.38 81.66 118.36
C ARG TB 66 68.00 81.32 117.01
N ILE TB 67 67.63 82.04 115.95
CA ILE TB 67 68.05 81.62 114.62
C ILE TB 67 69.50 81.99 114.36
N ALA TB 68 70.02 83.05 114.98
CA ALA TB 68 71.42 83.43 114.88
C ALA TB 68 71.80 83.73 113.43
N GLY TB 69 71.24 84.84 112.94
CA GLY TB 69 71.36 85.19 111.54
C GLY TB 69 70.03 85.54 110.91
N TRP TB 70 69.06 85.92 111.74
CA TRP TB 70 67.71 86.17 111.26
C TRP TB 70 67.61 87.52 110.55
N LYS TB 71 68.26 88.55 111.11
CA LYS TB 71 68.07 89.91 110.64
C LYS TB 71 68.53 90.10 109.19
N THR TB 72 69.33 89.18 108.65
CA THR TB 72 69.88 89.36 107.31
C THR TB 72 68.98 88.82 106.22
N GLN TB 73 68.14 87.82 106.52
CA GLN TB 73 67.27 87.19 105.54
C GLN TB 73 65.97 87.97 105.31
N THR TB 74 65.88 89.20 105.81
CA THR TB 74 64.64 89.98 105.65
C THR TB 74 64.55 90.61 104.26
N SER TB 75 65.66 91.16 103.76
CA SER TB 75 65.66 91.88 102.49
C SER TB 75 65.60 90.87 101.34
N THR TB 76 64.40 90.34 101.12
CA THR TB 76 64.13 89.43 100.01
C THR TB 76 63.81 90.15 98.70
N GLU TB 77 64.06 91.45 98.62
CA GLU TB 77 63.75 92.20 97.40
C GLU TB 77 64.87 92.15 96.37
N GLU TB 78 66.11 91.97 96.82
CA GLU TB 78 67.27 91.93 95.94
C GLU TB 78 68.08 90.65 96.09
N VAL TB 79 67.79 89.84 97.10
CA VAL TB 79 68.47 88.59 97.35
C VAL TB 79 67.43 87.50 97.59
N GLY TB 80 67.71 86.31 97.06
CA GLY TB 80 66.80 85.19 97.14
C GLY TB 80 67.55 83.91 97.45
N ARG TB 81 66.79 82.83 97.57
CA ARG TB 81 67.32 81.53 97.99
C ARG TB 81 66.77 80.46 97.08
N VAL TB 82 67.65 79.60 96.58
CA VAL TB 82 67.20 78.52 95.69
C VAL TB 82 66.37 77.53 96.47
N VAL TB 83 65.40 76.93 95.78
CA VAL TB 83 64.45 75.99 96.38
C VAL TB 83 64.49 74.63 95.68
N SER TB 84 64.49 74.64 94.35
CA SER TB 84 64.55 73.43 93.56
C SER TB 84 65.45 73.66 92.35
N VAL TB 85 65.98 72.57 91.82
CA VAL TB 85 66.86 72.61 90.66
C VAL TB 85 66.57 71.39 89.79
N GLY TB 86 66.68 71.57 88.48
CA GLY TB 86 66.54 70.47 87.56
C GLY TB 86 66.22 70.91 86.14
N ASP TB 87 66.86 70.27 85.16
CA ASP TB 87 66.52 70.47 83.75
C ASP TB 87 66.85 71.89 83.30
N GLY TB 88 67.93 72.46 83.85
CA GLY TB 88 68.30 73.82 83.55
C GLY TB 88 67.38 74.89 84.10
N ILE TB 89 66.37 74.51 84.87
CA ILE TB 89 65.44 75.45 85.48
C ILE TB 89 65.69 75.46 86.98
N ALA TB 90 65.37 76.59 87.60
CA ALA TB 90 65.49 76.73 89.05
C ALA TB 90 64.31 77.51 89.60
N ARG TB 91 63.97 77.21 90.85
CA ARG TB 91 62.94 77.94 91.57
C ARG TB 91 63.59 78.64 92.76
N LEU TB 92 63.30 79.93 92.91
CA LEU TB 92 63.81 80.73 94.01
C LEU TB 92 62.65 81.24 94.85
N PHE TB 93 62.91 81.43 96.14
CA PHE TB 93 61.99 82.10 97.04
C PHE TB 93 62.60 83.44 97.43
N GLY TB 94 61.89 84.53 97.11
CA GLY TB 94 62.36 85.86 97.36
C GLY TB 94 62.43 86.66 96.08
N LEU TB 95 63.19 87.77 96.08
CA LEU TB 95 63.38 88.59 94.89
C LEU TB 95 62.05 89.11 94.35
N GLU TB 96 61.35 89.86 95.21
CA GLU TB 96 60.05 90.40 94.85
C GLU TB 96 60.14 91.60 93.90
N GLY TB 97 61.25 92.31 93.91
CA GLY TB 97 61.41 93.46 93.04
C GLY TB 97 62.17 93.16 91.77
N VAL TB 98 62.19 91.90 91.37
CA VAL TB 98 62.95 91.48 90.19
C VAL TB 98 62.10 91.74 88.94
N GLN TB 99 62.74 92.28 87.91
CA GLN TB 99 62.07 92.49 86.63
C GLN TB 99 62.07 91.20 85.82
N ALA TB 100 61.08 91.08 84.93
CA ALA TB 100 61.05 89.96 84.00
C ALA TB 100 62.13 90.13 82.94
N GLY TB 101 62.75 89.01 82.56
CA GLY TB 101 63.90 89.07 81.69
C GLY TB 101 65.17 89.56 82.35
N GLU TB 102 65.15 89.75 83.66
CA GLU TB 102 66.30 90.33 84.35
C GLU TB 102 67.43 89.30 84.46
N LEU TB 103 68.65 89.80 84.45
CA LEU TB 103 69.81 88.94 84.66
C LEU TB 103 70.01 88.68 86.15
N VAL TB 104 70.32 87.43 86.48
CA VAL TB 104 70.43 86.98 87.86
C VAL TB 104 71.78 86.29 88.04
N GLU TB 105 72.38 86.48 89.20
CA GLU TB 105 73.73 86.01 89.50
C GLU TB 105 73.65 85.05 90.67
N PHE TB 106 74.05 83.80 90.45
CA PHE TB 106 74.00 82.77 91.48
C PHE TB 106 75.21 82.89 92.39
N GLN TB 107 75.40 81.90 93.25
CA GLN TB 107 76.46 81.98 94.26
C GLN TB 107 77.84 81.76 93.64
N ASN TB 108 77.95 80.82 92.71
CA ASN TB 108 79.24 80.40 92.18
C ASN TB 108 79.57 81.03 90.84
N GLY TB 109 79.15 82.28 90.62
CA GLY TB 109 79.44 82.98 89.40
C GLY TB 109 78.55 82.65 88.22
N MET TB 110 77.75 81.59 88.31
CA MET TB 110 76.83 81.26 87.23
C MET TB 110 75.74 82.34 87.12
N THR TB 111 75.09 82.37 85.97
CA THR TB 111 74.14 83.42 85.66
C THR TB 111 72.85 82.81 85.12
N GLY TB 112 71.83 83.64 85.03
CA GLY TB 112 70.55 83.17 84.54
C GLY TB 112 69.62 84.31 84.21
N MET TB 113 68.45 83.95 83.70
CA MET TB 113 67.41 84.88 83.31
C MET TB 113 66.16 84.60 84.12
N ALA TB 114 65.64 85.65 84.78
CA ALA TB 114 64.38 85.55 85.50
C ALA TB 114 63.23 85.46 84.51
N LEU TB 115 62.83 84.23 84.18
CA LEU TB 115 61.86 84.02 83.11
C LEU TB 115 60.43 84.20 83.61
N ASN TB 116 60.05 83.45 84.64
CA ASN TB 116 58.69 83.44 85.15
C ASN TB 116 58.67 84.02 86.56
N LEU TB 117 57.70 84.89 86.81
CA LEU TB 117 57.47 85.51 88.12
C LEU TB 117 56.12 84.99 88.62
N GLU TB 118 56.16 83.93 89.42
CA GLU TB 118 54.94 83.39 90.02
C GLU TB 118 54.54 84.27 91.20
N THR TB 119 53.53 83.84 91.96
CA THR TB 119 53.01 84.67 93.04
C THR TB 119 53.98 84.72 94.20
N ASP TB 120 54.63 83.58 94.51
CA ASP TB 120 55.61 83.50 95.57
C ASP TB 120 56.99 83.13 95.05
N ASN TB 121 57.09 82.11 94.21
CA ASN TB 121 58.38 81.66 93.70
C ASN TB 121 58.76 82.43 92.44
N VAL TB 122 60.01 82.22 92.02
CA VAL TB 122 60.56 82.83 90.81
C VAL TB 122 61.23 81.75 89.99
N GLY TB 123 60.87 81.65 88.71
CA GLY TB 123 61.41 80.65 87.83
C GLY TB 123 62.51 81.20 86.97
N VAL TB 124 63.69 80.57 87.05
CA VAL TB 124 64.93 81.11 86.50
C VAL TB 124 65.50 80.08 85.54
N VAL TB 125 66.11 80.57 84.45
CA VAL TB 125 66.78 79.73 83.47
C VAL TB 125 68.28 79.97 83.59
N ILE TB 126 69.04 78.89 83.73
CA ILE TB 126 70.45 78.95 84.07
C ILE TB 126 71.26 78.87 82.79
N PHE TB 127 72.10 79.88 82.55
CA PHE TB 127 73.00 79.88 81.40
C PHE TB 127 74.22 79.03 81.72
N GLY TB 128 73.98 77.72 81.82
CA GLY TB 128 75.05 76.79 82.11
C GLY TB 128 74.50 75.42 82.41
N ASP TB 129 75.32 74.61 83.06
CA ASP TB 129 74.91 73.26 83.47
C ASP TB 129 74.38 73.28 84.89
N ASP TB 130 73.46 72.37 85.17
CA ASP TB 130 72.88 72.23 86.50
C ASP TB 130 73.79 71.38 87.39
N ARG TB 131 74.99 71.90 87.62
CA ARG TB 131 75.87 71.37 88.67
C ARG TB 131 76.53 72.45 89.50
N SER TB 132 76.57 73.70 89.06
CA SER TB 132 77.09 74.81 89.85
C SER TB 132 76.01 75.51 90.66
N VAL TB 133 74.83 74.91 90.77
CA VAL TB 133 73.69 75.50 91.47
C VAL TB 133 73.10 74.45 92.38
N LEU TB 134 72.92 74.81 93.66
CA LEU TB 134 72.36 73.91 94.66
C LEU TB 134 71.15 74.56 95.32
N GLU TB 135 70.21 73.72 95.75
CA GLU TB 135 69.19 74.18 96.69
C GLU TB 135 69.85 74.69 97.96
N GLY TB 136 69.44 75.88 98.38
CA GLY TB 136 70.05 76.55 99.50
C GLY TB 136 70.97 77.69 99.10
N ASP TB 137 71.51 77.64 97.87
CA ASP TB 137 72.38 78.68 97.38
C ASP TB 137 71.67 80.04 97.40
N SER TB 138 72.45 81.09 97.63
CA SER TB 138 71.94 82.45 97.60
C SER TB 138 72.03 83.01 96.19
N VAL TB 139 71.14 83.96 95.90
CA VAL TB 139 70.97 84.52 94.57
C VAL TB 139 70.83 86.02 94.72
N LYS TB 140 71.47 86.76 93.81
CA LYS TB 140 71.44 88.22 93.86
C LYS TB 140 70.75 88.77 92.63
N ARG TB 141 70.37 90.05 92.70
CA ARG TB 141 69.96 90.80 91.53
C ARG TB 141 71.15 91.57 90.98
N THR TB 142 71.31 91.54 89.65
CA THR TB 142 72.22 92.45 88.99
C THR TB 142 71.59 93.81 88.71
N GLY TB 143 70.26 93.88 88.65
CA GLY TB 143 69.58 95.15 88.48
C GLY TB 143 69.40 95.58 87.05
N ARG TB 144 69.69 94.72 86.08
CA ARG TB 144 69.64 95.07 84.67
C ARG TB 144 69.14 93.89 83.87
N ILE TB 145 68.50 94.19 82.73
CA ILE TB 145 68.04 93.13 81.84
C ILE TB 145 69.25 92.42 81.24
N VAL TB 146 68.99 91.21 80.71
CA VAL TB 146 70.05 90.45 80.07
C VAL TB 146 70.65 91.28 78.95
N ASP TB 147 71.96 91.48 79.01
CA ASP TB 147 72.64 92.41 78.10
C ASP TB 147 73.99 91.82 77.70
N VAL TB 148 74.50 92.32 76.58
CA VAL TB 148 75.79 91.88 76.05
C VAL TB 148 76.55 93.09 75.54
N PRO TB 149 77.88 93.04 75.57
CA PRO TB 149 78.67 94.16 75.05
C PRO TB 149 78.61 94.23 73.53
N ILE TB 150 78.91 95.41 73.02
CA ILE TB 150 78.85 95.70 71.59
C ILE TB 150 79.93 96.72 71.24
N GLY TB 151 80.10 96.96 69.94
CA GLY TB 151 80.97 98.00 69.46
C GLY TB 151 82.23 97.45 68.81
N PRO TB 152 83.22 98.31 68.59
CA PRO TB 152 84.53 97.83 68.13
C PRO TB 152 85.37 97.34 69.30
N GLY TB 153 85.88 96.13 69.19
CA GLY TB 153 86.48 95.43 70.31
C GLY TB 153 86.09 93.97 70.30
N LEU TB 154 84.90 93.70 69.76
CA LEU TB 154 84.49 92.35 69.42
C LEU TB 154 85.01 91.89 68.07
N LEU TB 155 85.47 92.82 67.22
CA LEU TB 155 85.93 92.43 65.90
C LEU TB 155 87.20 91.60 66.03
N GLY TB 156 87.20 90.43 65.37
CA GLY TB 156 88.32 89.53 65.50
C GLY TB 156 88.28 88.67 66.73
N ARG TB 157 87.12 88.54 67.37
CA ARG TB 157 86.99 87.89 68.66
C ARG TB 157 85.90 86.84 68.64
N VAL TB 158 86.25 85.64 69.09
CA VAL TB 158 85.28 84.60 69.37
C VAL TB 158 84.76 84.83 70.78
N VAL TB 159 83.44 84.69 70.97
CA VAL TB 159 82.81 84.98 72.25
C VAL TB 159 81.66 84.00 72.47
N ASP TB 160 81.28 83.85 73.74
CA ASP TB 160 80.11 83.05 74.08
C ASP TB 160 78.85 83.90 73.84
N ALA TB 161 77.70 83.41 74.33
CA ALA TB 161 76.45 84.13 74.11
C ALA TB 161 76.45 85.48 74.81
N LEU TB 162 77.24 85.64 75.87
CA LEU TB 162 77.17 86.80 76.75
C LEU TB 162 78.42 87.67 76.64
N GLY TB 163 79.12 87.61 75.52
CA GLY TB 163 80.30 88.44 75.34
C GLY TB 163 81.52 87.99 76.12
N ASN TB 164 81.52 86.78 76.66
CA ASN TB 164 82.67 86.26 77.39
C ASN TB 164 83.61 85.55 76.42
N PRO TB 165 84.88 85.96 76.33
CA PRO TB 165 85.76 85.38 75.31
C PRO TB 165 86.23 83.98 75.69
N ILE TB 166 86.60 83.22 74.66
CA ILE TB 166 87.06 81.85 74.83
C ILE TB 166 88.37 81.56 74.11
N ASP TB 167 88.82 82.40 73.19
CA ASP TB 167 90.05 82.12 72.45
C ASP TB 167 91.30 82.30 73.29
N GLY TB 168 91.17 82.79 74.53
CA GLY TB 168 92.33 82.94 75.39
C GLY TB 168 93.29 84.02 74.94
N LYS TB 169 92.80 85.26 74.84
CA LYS TB 169 93.64 86.38 74.46
C LYS TB 169 93.40 87.63 75.29
N GLY TB 170 92.48 87.59 76.26
CA GLY TB 170 92.22 88.71 77.12
C GLY TB 170 90.75 89.06 77.20
N PRO TB 171 90.42 90.09 77.98
CA PRO TB 171 89.03 90.54 78.08
C PRO TB 171 88.63 91.41 76.89
N ILE TB 172 87.36 91.81 76.90
CA ILE TB 172 86.72 92.51 75.80
C ILE TB 172 86.26 93.87 76.33
N PRO TB 173 86.55 94.97 75.65
CA PRO TB 173 86.02 96.26 76.12
C PRO TB 173 84.50 96.27 76.08
N ALA TB 174 83.92 97.33 76.65
CA ALA TB 174 82.50 97.35 76.93
C ALA TB 174 81.90 98.70 76.57
N LYS TB 175 80.86 98.67 75.74
CA LYS TB 175 79.93 99.79 75.61
C LYS TB 175 78.90 99.72 76.72
N GLU TB 176 77.79 100.43 76.57
CA GLU TB 176 76.73 100.45 77.58
C GLU TB 176 75.88 99.18 77.56
N ARG TB 177 76.34 98.13 76.89
CA ARG TB 177 75.76 96.79 77.01
C ARG TB 177 74.29 96.79 76.57
N ARG TB 178 74.13 96.97 75.26
CA ARG TB 178 72.82 96.89 74.64
C ARG TB 178 72.09 95.62 75.09
N ARG TB 179 70.77 95.70 75.15
CA ARG TB 179 69.96 94.56 75.57
C ARG TB 179 69.90 93.53 74.44
N VAL TB 180 69.19 92.44 74.71
CA VAL TB 180 69.20 91.25 73.85
C VAL TB 180 67.85 91.09 73.14
N GLU TB 181 66.76 90.97 73.90
CA GLU TB 181 65.44 90.83 73.31
C GLU TB 181 64.82 92.23 73.18
N LEU TB 182 65.41 93.01 72.28
CA LEU TB 182 64.88 94.31 71.90
C LEU TB 182 63.84 94.16 70.80
N LYS TB 183 63.10 95.24 70.57
CA LYS TB 183 62.10 95.30 69.52
C LYS TB 183 62.71 95.79 68.22
N ALA TB 184 62.21 95.26 67.11
CA ALA TB 184 62.71 95.59 65.80
C ALA TB 184 62.27 97.01 65.42
N PRO TB 185 62.76 97.53 64.30
CA PRO TB 185 62.26 98.83 63.81
C PRO TB 185 60.87 98.73 63.21
N GLY TB 186 60.39 99.84 62.64
CA GLY TB 186 59.04 99.89 62.10
C GLY TB 186 59.01 100.04 60.60
N ILE TB 187 58.25 101.03 60.12
CA ILE TB 187 57.94 101.18 58.70
C ILE TB 187 58.52 102.46 58.13
N ILE TB 188 58.55 103.53 58.91
CA ILE TB 188 59.02 104.82 58.43
C ILE TB 188 60.55 104.84 58.38
N PRO TB 189 61.25 104.54 59.48
CA PRO TB 189 62.72 104.60 59.42
C PRO TB 189 63.34 103.57 58.50
N ARG TB 190 62.64 102.46 58.23
CA ARG TB 190 63.15 101.47 57.30
C ARG TB 190 63.24 102.07 55.89
N LYS TB 191 63.95 101.36 55.02
CA LYS TB 191 64.16 101.82 53.65
C LYS TB 191 64.31 100.61 52.75
N SER TB 192 63.95 100.79 51.48
CA SER TB 192 64.12 99.73 50.51
C SER TB 192 65.59 99.51 50.19
N VAL TB 193 65.89 98.32 49.66
CA VAL TB 193 67.26 97.90 49.40
C VAL TB 193 67.65 98.40 48.00
N HIS TB 194 68.78 99.10 47.92
CA HIS TB 194 69.19 99.72 46.67
C HIS TB 194 70.69 99.60 46.42
N GLU TB 195 71.36 98.62 47.03
CA GLU TB 195 72.78 98.41 46.80
C GLU TB 195 73.11 96.97 47.13
N PRO TB 196 74.19 96.43 46.57
CA PRO TB 196 74.45 94.99 46.66
C PRO TB 196 75.30 94.63 47.87
N MET TB 197 75.47 93.32 48.07
CA MET TB 197 76.39 92.77 49.04
C MET TB 197 77.27 91.76 48.30
N MET TB 198 78.50 92.16 48.00
CA MET TB 198 79.39 91.35 47.18
C MET TB 198 79.72 90.05 47.90
N THR TB 199 79.15 88.95 47.43
CA THR TB 199 79.39 87.64 48.02
C THR TB 199 80.62 86.95 47.43
N GLY TB 200 80.94 87.20 46.17
CA GLY TB 200 82.08 86.60 45.53
C GLY TB 200 81.79 85.31 44.80
N LEU TB 201 80.54 84.86 44.79
CA LEU TB 201 80.14 83.68 44.04
C LEU TB 201 79.44 84.13 42.76
N LYS TB 202 79.81 83.50 41.64
CA LYS TB 202 79.30 83.94 40.35
C LYS TB 202 77.78 83.74 40.26
N CYS TB 203 77.31 82.53 40.58
CA CYS TB 203 75.89 82.24 40.44
C CYS TB 203 75.06 83.09 41.38
N VAL TB 204 75.57 83.36 42.58
CA VAL TB 204 74.83 84.18 43.54
C VAL TB 204 74.79 85.62 43.05
N ASP TB 205 75.95 86.23 42.85
CA ASP TB 205 75.99 87.63 42.44
C ASP TB 205 75.30 87.88 41.12
N ALA TB 206 75.11 86.84 40.29
CA ALA TB 206 74.44 87.02 39.00
C ALA TB 206 72.94 86.77 39.08
N LEU TB 207 72.54 85.56 39.50
CA LEU TB 207 71.15 85.12 39.41
C LEU TB 207 70.38 85.30 40.69
N VAL TB 208 71.05 85.24 41.84
CA VAL TB 208 70.37 85.32 43.13
C VAL TB 208 71.04 86.42 43.96
N PRO TB 209 70.98 87.67 43.50
CA PRO TB 209 71.78 88.72 44.14
C PRO TB 209 71.31 89.00 45.57
N VAL TB 210 72.28 89.21 46.45
CA VAL TB 210 72.02 89.51 47.85
C VAL TB 210 72.19 91.01 48.06
N GLY TB 211 71.19 91.64 48.67
CA GLY TB 211 71.20 93.07 48.89
C GLY TB 211 71.84 93.46 50.21
N ARG TB 212 71.65 94.72 50.56
CA ARG TB 212 72.19 95.32 51.79
C ARG TB 212 71.01 95.81 52.62
N GLY TB 213 70.50 94.94 53.48
CA GLY TB 213 69.24 95.17 54.16
C GLY TB 213 68.27 94.02 53.96
N GLN TB 214 68.79 92.87 53.51
CA GLN TB 214 67.99 91.73 53.11
C GLN TB 214 68.05 90.63 54.17
N ARG TB 215 67.17 89.65 54.02
CA ARG TB 215 67.10 88.47 54.88
C ARG TB 215 66.93 87.27 53.95
N GLU TB 216 68.04 86.66 53.57
CA GLU TB 216 68.02 85.57 52.61
C GLU TB 216 68.53 84.27 53.24
N LEU TB 217 67.89 83.17 52.87
CA LEU TB 217 68.03 81.89 53.55
C LEU TB 217 68.91 80.97 52.73
N ILE TB 218 69.84 80.30 53.39
CA ILE TB 218 70.67 79.25 52.80
C ILE TB 218 70.11 77.92 53.30
N ILE TB 219 69.36 77.23 52.44
CA ILE TB 219 68.62 76.03 52.83
C ILE TB 219 69.18 74.84 52.05
N GLY TB 220 69.46 73.75 52.76
CA GLY TB 220 69.92 72.56 52.08
C GLY TB 220 70.36 71.44 53.00
N ASP TB 221 70.44 70.22 52.46
CA ASP TB 221 70.80 69.09 53.29
C ASP TB 221 72.26 69.23 53.75
N ARG TB 222 72.66 68.32 54.64
CA ARG TB 222 73.99 68.41 55.23
C ARG TB 222 75.07 68.08 54.19
N GLN TB 223 76.26 68.65 54.39
CA GLN TB 223 77.37 68.49 53.47
C GLN TB 223 76.99 68.94 52.05
N THR TB 224 76.70 70.24 51.95
CA THR TB 224 76.33 70.86 50.67
C THR TB 224 77.06 72.16 50.41
N GLY TB 225 77.73 72.75 51.41
CA GLY TB 225 78.52 73.94 51.22
C GLY TB 225 77.84 75.20 51.71
N LYS TB 226 77.18 75.09 52.87
CA LYS TB 226 76.57 76.26 53.49
C LYS TB 226 77.63 77.07 54.22
N THR TB 227 78.37 76.42 55.12
CA THR TB 227 79.46 77.13 55.77
C THR TB 227 80.47 77.63 54.75
N ALA TB 228 80.61 76.91 53.63
CA ALA TB 228 81.52 77.34 52.57
C ALA TB 228 81.03 78.61 51.91
N VAL TB 229 79.74 78.68 51.56
CA VAL TB 229 79.17 79.92 51.04
C VAL TB 229 79.36 81.05 52.04
N ALA TB 230 79.03 80.79 53.32
CA ALA TB 230 79.19 81.81 54.36
C ALA TB 230 80.62 82.34 54.42
N VAL TB 231 81.60 81.44 54.35
CA VAL TB 231 82.98 81.88 54.56
C VAL TB 231 83.52 82.56 53.31
N ASP TB 232 83.07 82.15 52.11
CA ASP TB 232 83.44 82.92 50.92
C ASP TB 232 82.81 84.31 50.96
N ALA TB 233 81.56 84.41 51.43
CA ALA TB 233 80.92 85.71 51.61
C ALA TB 233 81.65 86.57 52.62
N ILE TB 234 82.32 85.95 53.59
CA ILE TB 234 83.11 86.71 54.55
C ILE TB 234 84.43 87.13 53.92
N ILE TB 235 85.10 86.21 53.23
CA ILE TB 235 86.44 86.47 52.73
C ILE TB 235 86.41 87.50 51.61
N ASN TB 236 85.31 87.58 50.87
CA ASN TB 236 85.28 88.50 49.74
C ASN TB 236 85.27 89.96 50.18
N GLN TB 237 84.94 90.24 51.45
CA GLN TB 237 84.82 91.62 51.90
C GLN TB 237 86.17 92.22 52.28
N LYS TB 238 87.25 91.43 52.24
CA LYS TB 238 88.54 91.92 52.70
C LYS TB 238 89.04 93.06 51.82
N GLU TB 239 89.06 92.84 50.50
CA GLU TB 239 89.56 93.87 49.60
C GLU TB 239 88.67 95.10 49.64
N ILE TB 240 87.36 94.91 49.72
CA ILE TB 240 86.43 96.04 49.75
C ILE TB 240 86.65 96.87 51.01
N ASN TB 241 86.96 96.21 52.13
CA ASN TB 241 87.14 96.94 53.37
C ASN TB 241 88.50 97.63 53.39
N ASP TB 242 89.56 96.92 52.99
CA ASP TB 242 90.89 97.50 53.01
C ASP TB 242 91.03 98.64 52.01
N SER TB 243 90.27 98.61 50.91
CA SER TB 243 90.46 99.59 49.86
C SER TB 243 89.71 100.89 50.12
N THR TB 244 88.90 100.95 51.17
CA THR TB 244 87.93 102.02 51.35
C THR TB 244 88.32 102.94 52.50
N ASP TB 245 88.49 102.41 53.70
CA ASP TB 245 88.77 103.21 54.89
C ASP TB 245 87.59 104.11 55.25
N ASP TB 246 86.38 103.78 54.80
CA ASP TB 246 85.19 104.55 55.16
C ASP TB 246 84.07 103.61 55.59
N GLU TB 247 83.64 103.77 56.84
CA GLU TB 247 82.73 102.79 57.43
C GLU TB 247 81.34 102.89 56.84
N SER TB 248 81.05 103.92 56.03
CA SER TB 248 79.75 103.99 55.40
C SER TB 248 79.65 102.96 54.28
N LYS TB 249 80.78 102.60 53.70
CA LYS TB 249 80.84 101.62 52.63
C LYS TB 249 81.31 100.26 53.12
N LYS TB 250 82.11 100.23 54.19
CA LYS TB 250 82.55 98.96 54.74
C LYS TB 250 81.37 98.15 55.26
N LEU TB 251 81.49 96.83 55.17
CA LEU TB 251 80.51 95.88 55.67
C LEU TB 251 81.19 94.98 56.69
N TYR TB 252 80.77 95.07 57.95
CA TYR TB 252 81.30 94.14 58.95
C TYR TB 252 80.55 92.80 58.88
N CYS TB 253 80.80 91.95 59.89
CA CYS TB 253 80.07 90.70 59.92
C CYS TB 253 80.13 90.04 61.29
N ILE TB 254 79.18 89.13 61.47
CA ILE TB 254 79.05 88.32 62.67
C ILE TB 254 78.71 86.91 62.21
N TYR TB 255 79.36 85.92 62.83
CA TYR TB 255 79.14 84.52 62.50
C TYR TB 255 78.70 83.80 63.76
N VAL TB 256 77.48 83.27 63.76
CA VAL TB 256 76.90 82.64 64.93
C VAL TB 256 76.86 81.14 64.67
N ALA TB 257 77.56 80.39 65.51
CA ALA TB 257 77.58 78.93 65.45
C ALA TB 257 76.68 78.36 66.55
N VAL TB 258 75.76 77.49 66.15
CA VAL TB 258 74.76 76.94 67.06
C VAL TB 258 74.77 75.43 66.86
N GLY TB 259 75.12 74.69 67.90
CA GLY TB 259 75.17 73.24 67.81
C GLY TB 259 76.27 72.73 66.91
N GLN TB 260 77.27 73.56 66.62
CA GLN TB 260 78.32 73.21 65.67
C GLN TB 260 79.48 72.55 66.40
N LYS TB 261 80.19 71.69 65.68
CA LYS TB 261 81.38 71.05 66.24
C LYS TB 261 82.50 72.03 66.50
N ARG TB 262 83.05 71.98 67.72
CA ARG TB 262 84.03 72.97 68.15
C ARG TB 262 85.27 72.92 67.26
N SER TB 263 85.67 71.71 66.84
CA SER TB 263 86.82 71.61 65.95
C SER TB 263 86.55 72.32 64.63
N THR TB 264 85.31 72.22 64.13
CA THR TB 264 84.96 72.93 62.91
C THR TB 264 85.02 74.44 63.12
N VAL TB 265 84.56 74.91 64.28
CA VAL TB 265 84.64 76.35 64.57
C VAL TB 265 86.09 76.80 64.64
N ALA TB 266 86.94 75.99 65.27
CA ALA TB 266 88.36 76.33 65.37
C ALA TB 266 89.00 76.37 63.98
N GLN TB 267 88.66 75.41 63.13
CA GLN TB 267 89.21 75.41 61.77
C GLN TB 267 88.75 76.65 61.00
N ILE TB 268 87.48 77.03 61.17
CA ILE TB 268 86.97 78.24 60.52
C ILE TB 268 87.77 79.45 60.97
N VAL TB 269 87.94 79.60 62.28
CA VAL TB 269 88.67 80.74 62.82
C VAL TB 269 90.10 80.73 62.31
N LYS TB 270 90.71 79.55 62.20
CA LYS TB 270 92.07 79.45 61.70
C LYS TB 270 92.15 79.87 60.24
N ALA TB 271 91.17 79.46 59.43
CA ALA TB 271 91.18 79.84 58.01
C ALA TB 271 90.95 81.33 57.83
N LEU TB 272 90.20 81.94 58.75
CA LEU TB 272 89.97 83.38 58.66
C LEU TB 272 91.20 84.15 59.11
N GLU TB 273 91.84 83.73 60.20
CA GLU TB 273 93.10 84.37 60.58
C GLU TB 273 94.16 84.17 59.50
N GLN TB 274 94.15 83.01 58.84
CA GLN TB 274 95.00 82.77 57.67
C GLN TB 274 94.78 83.83 56.60
N ARG TB 275 93.52 84.02 56.20
CA ARG TB 275 93.22 84.92 55.08
C ARG TB 275 92.89 86.34 55.55
N ASP TB 276 93.26 86.69 56.78
CA ASP TB 276 93.20 88.09 57.25
C ASP TB 276 91.76 88.60 57.27
N ALA TB 277 90.80 87.71 57.45
CA ALA TB 277 89.38 88.02 57.39
C ALA TB 277 88.76 88.10 58.79
N MET TB 278 89.50 88.59 59.77
CA MET TB 278 88.97 88.84 61.10
C MET TB 278 89.13 90.28 61.57
N LYS TB 279 89.67 91.17 60.75
CA LYS TB 279 89.65 92.59 61.08
C LYS TB 279 88.23 93.14 61.15
N TYR TB 280 87.27 92.50 60.47
CA TYR TB 280 85.93 93.05 60.32
C TYR TB 280 84.84 92.02 60.61
N THR TB 281 85.20 90.94 61.29
CA THR TB 281 84.24 89.90 61.67
C THR TB 281 84.36 89.64 63.16
N THR TB 282 83.26 89.20 63.76
CA THR TB 282 83.28 88.62 65.10
C THR TB 282 82.49 87.32 65.10
N VAL TB 283 82.83 86.42 66.02
CA VAL TB 283 82.26 85.08 66.05
C VAL TB 283 81.62 84.83 67.41
N VAL TB 284 80.47 84.16 67.39
CA VAL TB 284 79.67 83.88 68.57
C VAL TB 284 79.41 82.38 68.57
N ALA TB 285 80.02 81.67 69.51
CA ALA TB 285 80.02 80.22 69.50
C ALA TB 285 79.09 79.70 70.60
N ALA TB 286 78.16 78.83 70.21
CA ALA TB 286 77.30 78.10 71.14
C ALA TB 286 77.18 76.68 70.59
N THR TB 287 78.08 75.80 71.05
CA THR TB 287 78.31 74.52 70.40
C THR TB 287 77.42 73.46 71.04
N ALA TB 288 77.61 72.20 70.65
CA ALA TB 288 76.68 71.16 71.06
C ALA TB 288 76.82 70.88 72.55
N SER TB 289 78.03 71.00 73.08
CA SER TB 289 78.23 70.81 74.51
C SER TB 289 77.64 71.96 75.32
N GLU TB 290 77.57 73.16 74.74
CA GLU TB 290 77.03 74.29 75.47
C GLU TB 290 75.55 74.07 75.76
N ALA TB 291 75.06 74.74 76.79
CA ALA TB 291 73.66 74.56 77.19
C ALA TB 291 72.68 75.07 76.12
N ALA TB 292 71.42 74.70 76.35
CA ALA TB 292 70.34 75.03 75.44
C ALA TB 292 69.98 76.50 75.56
N PRO TB 293 69.94 77.08 76.77
CA PRO TB 293 69.72 78.52 76.83
C PRO TB 293 70.76 79.31 76.07
N LEU TB 294 72.01 78.82 76.06
CA LEU TB 294 73.06 79.54 75.36
C LEU TB 294 72.88 79.41 73.85
N GLN TB 295 72.43 78.24 73.38
CA GLN TB 295 72.10 78.13 71.97
C GLN TB 295 70.91 79.01 71.58
N PHE TB 296 69.90 79.07 72.45
CA PHE TB 296 68.75 79.95 72.24
C PHE TB 296 69.17 81.42 72.22
N LEU TB 297 70.22 81.76 72.96
CA LEU TB 297 70.65 83.15 73.07
C LEU TB 297 71.48 83.57 71.86
N ALA TB 298 72.57 82.84 71.60
CA ALA TB 298 73.65 83.28 70.71
C ALA TB 298 73.17 84.03 69.47
N PRO TB 299 72.11 83.57 68.78
CA PRO TB 299 71.58 84.39 67.68
C PRO TB 299 71.17 85.80 68.12
N TYR TB 300 70.48 85.92 69.25
CA TYR TB 300 70.08 87.24 69.73
C TYR TB 300 71.29 88.07 70.12
N SER TB 301 72.32 87.44 70.67
CA SER TB 301 73.54 88.18 71.01
C SER TB 301 74.21 88.70 69.75
N GLY TB 302 74.28 87.88 68.70
CA GLY TB 302 74.85 88.37 67.44
C GLY TB 302 74.04 89.50 66.84
N CYS TB 303 72.71 89.38 66.90
CA CYS TB 303 71.88 90.46 66.35
C CYS TB 303 72.03 91.74 67.18
N ALA TB 304 72.22 91.62 68.49
CA ALA TB 304 72.48 92.80 69.31
C ALA TB 304 73.84 93.40 69.00
N MET TB 305 74.83 92.56 68.68
CA MET TB 305 76.13 93.08 68.25
C MET TB 305 76.04 93.79 66.92
N GLY TB 306 75.14 93.33 66.04
CA GLY TB 306 74.99 93.97 64.74
C GLY TB 306 74.12 95.20 64.75
N GLU TB 307 73.23 95.32 65.75
CA GLU TB 307 72.41 96.52 65.83
C GLU TB 307 73.25 97.78 66.04
N TRP TB 308 74.43 97.65 66.65
CA TRP TB 308 75.32 98.79 66.75
C TRP TB 308 75.70 99.32 65.37
N PHE TB 309 76.07 98.41 64.46
CA PHE TB 309 76.40 98.82 63.11
C PHE TB 309 75.17 99.34 62.38
N ARG TB 310 74.03 98.71 62.60
CA ARG TB 310 72.81 99.13 61.93
C ARG TB 310 72.42 100.55 62.33
N ASP TB 311 72.62 100.90 63.61
CA ASP TB 311 72.20 102.19 64.14
C ASP TB 311 73.26 103.27 64.04
N SER TB 312 74.52 102.90 63.85
CA SER TB 312 75.62 103.86 63.78
C SER TB 312 75.96 104.26 62.35
N GLY TB 313 75.08 103.96 61.39
CA GLY TB 313 75.33 104.25 60.01
C GLY TB 313 76.26 103.28 59.31
N ARG TB 314 76.79 102.29 60.02
CA ARG TB 314 77.62 101.28 59.40
C ARG TB 314 76.74 100.26 58.68
N HIS TB 315 77.38 99.31 58.02
CA HIS TB 315 76.69 98.21 57.36
C HIS TB 315 77.28 96.91 57.86
N CYS TB 316 76.46 95.87 57.95
CA CYS TB 316 76.95 94.62 58.50
C CYS TB 316 76.15 93.44 57.95
N VAL TB 317 76.61 92.25 58.31
CA VAL TB 317 75.90 91.03 57.92
C VAL TB 317 76.15 89.94 58.97
N ILE TB 318 75.06 89.33 59.44
CA ILE TB 318 75.12 88.22 60.38
C ILE TB 318 74.77 86.93 59.65
N ILE TB 319 75.46 85.86 60.02
CA ILE TB 319 75.28 84.53 59.43
C ILE TB 319 75.00 83.58 60.59
N TYR TB 320 73.73 83.25 60.81
CA TYR TB 320 73.34 82.21 61.76
C TYR TB 320 73.49 80.87 61.07
N ASP TB 321 74.55 80.14 61.40
CA ASP TB 321 74.88 78.92 60.67
C ASP TB 321 73.98 77.74 61.05
N ASP TB 322 73.14 77.87 62.06
CA ASP TB 322 72.14 76.84 62.36
C ASP TB 322 71.00 77.48 63.14
N LEU TB 323 69.82 77.51 62.53
CA LEU TB 323 68.59 77.92 63.23
C LEU TB 323 67.74 76.73 63.65
N SER TB 324 67.89 75.58 62.99
CA SER TB 324 67.19 74.39 63.44
C SER TB 324 67.66 73.96 64.82
N LYS TB 325 68.91 74.26 65.16
CA LYS TB 325 69.40 73.91 66.49
C LYS TB 325 68.86 74.87 67.55
N GLN TB 326 68.73 76.16 67.20
CA GLN TB 326 68.03 77.09 68.08
C GLN TB 326 66.60 76.62 68.33
N ALA TB 327 65.92 76.15 67.28
CA ALA TB 327 64.54 75.70 67.46
C ALA TB 327 64.48 74.42 68.26
N THR TB 328 65.46 73.53 68.08
CA THR TB 328 65.53 72.32 68.89
C THR TB 328 65.75 72.66 70.36
N ALA TB 329 66.60 73.65 70.64
CA ALA TB 329 66.86 74.03 72.02
C ALA TB 329 65.64 74.69 72.64
N TYR TB 330 64.89 75.50 71.87
CA TYR TB 330 63.66 76.06 72.40
C TYR TB 330 62.63 74.97 72.68
N ARG TB 331 62.52 73.98 71.78
CA ARG TB 331 61.64 72.84 72.04
C ARG TB 331 62.05 72.10 73.31
N GLN TB 332 63.36 71.90 73.48
CA GLN TB 332 63.88 71.29 74.70
C GLN TB 332 63.43 72.06 75.93
N MET TB 333 63.73 73.36 75.96
CA MET TB 333 63.39 74.17 77.12
C MET TB 333 61.90 74.14 77.40
N SER TB 334 61.07 74.13 76.35
CA SER TB 334 59.63 74.11 76.56
C SER TB 334 59.17 72.78 77.15
N LEU TB 335 59.66 71.67 76.59
CA LEU TB 335 59.27 70.36 77.10
C LEU TB 335 59.79 70.13 78.51
N LEU TB 336 60.93 70.74 78.85
CA LEU TB 336 61.43 70.66 80.22
C LEU TB 336 60.71 71.63 81.14
N LEU TB 337 60.06 72.66 80.59
CA LEU TB 337 59.16 73.52 81.34
C LEU TB 337 57.72 73.03 81.28
N ARG TB 338 57.51 71.81 80.80
CA ARG TB 338 56.22 71.13 80.79
C ARG TB 338 55.20 71.76 79.85
N ARG TB 339 55.64 72.63 78.93
CA ARG TB 339 54.71 73.28 78.04
C ARG TB 339 54.13 72.25 77.06
N PRO TB 340 52.97 72.53 76.47
CA PRO TB 340 52.31 71.54 75.63
C PRO TB 340 52.89 71.55 74.24
N PRO TB 341 53.34 70.40 73.73
CA PRO TB 341 53.93 70.38 72.38
C PRO TB 341 52.89 70.56 71.29
N GLY TB 342 53.35 70.65 70.05
CA GLY TB 342 52.48 70.81 68.90
C GLY TB 342 52.94 69.99 67.72
N ARG TB 343 53.12 70.65 66.58
CA ARG TB 343 53.51 69.97 65.35
C ARG TB 343 55.01 69.65 65.42
N GLU TB 344 55.35 68.38 65.27
CA GLU TB 344 56.72 67.89 65.43
C GLU TB 344 57.27 68.21 66.81
N ALA TB 345 56.38 68.33 67.80
CA ALA TB 345 56.68 68.67 69.18
C ALA TB 345 57.13 70.11 69.37
N TYR TB 346 57.28 70.89 68.30
CA TYR TB 346 57.65 72.28 68.45
C TYR TB 346 56.46 73.08 68.99
N PRO TB 347 56.70 74.00 69.93
CA PRO TB 347 55.58 74.83 70.40
C PRO TB 347 55.13 75.85 69.37
N GLY TB 348 54.13 76.67 69.70
CA GLY TB 348 53.67 77.68 68.78
C GLY TB 348 54.47 78.97 68.78
N ASP TB 349 55.34 79.17 69.76
CA ASP TB 349 56.15 80.38 69.85
C ASP TB 349 57.46 80.26 69.08
N VAL TB 350 57.57 79.31 68.15
CA VAL TB 350 58.78 79.18 67.36
C VAL TB 350 58.79 80.21 66.24
N PHE TB 351 57.66 80.43 65.58
CA PHE TB 351 57.57 81.47 64.57
C PHE TB 351 57.92 82.83 65.16
N TYR TB 352 57.33 83.15 66.33
CA TYR TB 352 57.67 84.38 67.02
C TYR TB 352 59.14 84.41 67.43
N LEU TB 353 59.66 83.26 67.89
CA LEU TB 353 61.06 83.20 68.30
C LEU TB 353 61.98 83.56 67.15
N HIS TB 354 61.71 83.02 65.97
CA HIS TB 354 62.57 83.31 64.82
C HIS TB 354 62.33 84.71 64.28
N SER TB 355 61.11 85.22 64.38
CA SER TB 355 60.79 86.48 63.71
C SER TB 355 61.25 87.67 64.54
N ARG TB 356 61.15 87.58 65.87
CA ARG TB 356 61.85 88.51 66.75
C ARG TB 356 63.27 88.77 66.27
N LEU TB 357 63.97 87.69 65.90
CA LEU TB 357 65.38 87.79 65.56
C LEU TB 357 65.57 88.30 64.14
N LEU TB 358 64.81 87.76 63.18
CA LEU TB 358 65.05 88.07 61.78
C LEU TB 358 64.44 89.39 61.33
N GLU TB 359 63.45 89.93 62.05
CA GLU TB 359 62.86 91.20 61.66
C GLU TB 359 63.74 92.39 62.01
N ARG TB 360 64.85 92.18 62.71
CA ARG TB 360 65.77 93.26 63.02
C ARG TB 360 66.70 93.60 61.86
N ALA TB 361 67.01 92.61 61.03
CA ALA TB 361 67.78 92.86 59.81
C ALA TB 361 67.07 93.86 58.92
N ALA TB 362 67.69 95.02 58.72
CA ALA TB 362 67.00 96.14 58.11
C ALA TB 362 67.98 97.10 57.47
N LYS TB 363 67.47 97.89 56.54
CA LYS TB 363 68.18 99.04 55.97
C LYS TB 363 67.60 100.30 56.60
N MET TB 364 68.33 100.91 57.54
CA MET TB 364 67.89 102.17 58.09
C MET TB 364 67.86 103.25 56.99
N GLY TB 365 67.06 104.29 57.25
CA GLY TB 365 66.77 105.30 56.25
C GLY TB 365 67.76 106.44 56.28
N ASP TB 366 67.33 107.57 55.70
CA ASP TB 366 68.22 108.72 55.58
C ASP TB 366 68.37 109.46 56.90
N LYS TB 367 67.32 109.50 57.71
CA LYS TB 367 67.33 110.23 58.97
C LYS TB 367 67.77 109.38 60.15
N SER TB 368 67.81 108.05 59.99
CA SER TB 368 68.33 107.16 61.01
C SER TB 368 69.78 106.75 60.75
N GLY TB 369 70.51 107.54 59.96
CA GLY TB 369 71.92 107.33 59.75
C GLY TB 369 72.23 106.75 58.38
N GLY TB 370 71.40 105.80 57.94
CA GLY TB 370 71.60 105.13 56.67
C GLY TB 370 72.28 103.79 56.75
N GLY TB 371 72.49 103.25 57.95
CA GLY TB 371 73.16 101.98 58.10
C GLY TB 371 72.33 100.83 57.57
N SER TB 372 72.89 99.63 57.75
CA SER TB 372 72.20 98.43 57.28
C SER TB 372 72.69 97.22 58.05
N LEU TB 373 71.88 96.16 57.96
CA LEU TB 373 72.16 94.89 58.59
C LEU TB 373 71.44 93.83 57.77
N THR TB 374 72.20 93.08 56.97
CA THR TB 374 71.64 91.96 56.24
C THR TB 374 71.47 90.78 57.20
N ALA TB 375 71.09 89.62 56.66
CA ALA TB 375 70.98 88.42 57.47
C ALA TB 375 70.94 87.20 56.54
N LEU TB 376 71.85 86.26 56.80
CA LEU TB 376 71.98 85.03 56.02
C LEU TB 376 71.73 83.83 56.92
N PRO TB 377 70.49 83.60 57.34
CA PRO TB 377 70.20 82.43 58.16
C PRO TB 377 70.39 81.15 57.36
N VAL TB 378 70.81 80.10 58.05
CA VAL TB 378 71.17 78.82 57.44
C VAL TB 378 70.26 77.73 58.00
N ILE TB 379 69.87 76.80 57.15
CA ILE TB 379 68.96 75.73 57.53
C ILE TB 379 69.44 74.43 56.89
N GLU TB 380 69.50 73.38 57.70
CA GLU TB 380 69.76 72.03 57.25
C GLU TB 380 68.42 71.33 57.07
N THR TB 381 68.27 70.64 55.95
CA THR TB 381 67.07 69.87 55.72
C THR TB 381 67.34 68.37 55.91
N GLN TB 382 66.32 67.57 55.63
CA GLN TB 382 66.40 66.11 55.74
C GLN TB 382 65.80 65.53 54.47
N ALA TB 383 66.65 65.11 53.54
CA ALA TB 383 66.22 64.55 52.26
C ALA TB 383 65.54 65.61 51.39
N GLY TB 384 66.03 66.84 51.47
CA GLY TB 384 65.49 67.89 50.62
C GLY TB 384 64.06 68.31 50.89
N ASP TB 385 63.45 67.82 51.98
CA ASP TB 385 62.08 68.17 52.30
C ASP TB 385 62.00 69.63 52.72
N VAL TB 386 61.32 70.44 51.92
CA VAL TB 386 61.00 71.83 52.26
C VAL TB 386 59.54 72.04 52.58
N SER TB 387 58.72 70.98 52.53
CA SER TB 387 57.35 71.03 53.01
C SER TB 387 57.23 70.76 54.50
N ALA TB 388 58.33 70.83 55.24
CA ALA TB 388 58.29 70.64 56.68
C ALA TB 388 57.77 71.91 57.34
N TYR TB 389 57.88 71.99 58.67
CA TYR TB 389 57.30 73.10 59.42
C TYR TB 389 58.25 74.28 59.56
N ILE TB 390 59.52 74.02 59.88
CA ILE TB 390 60.49 75.06 60.18
C ILE TB 390 60.96 75.72 58.89
N PRO TB 391 61.32 74.94 57.86
CA PRO TB 391 61.63 75.58 56.57
C PRO TB 391 60.52 76.49 56.07
N THR TB 392 59.26 76.07 56.18
CA THR TB 392 58.17 76.95 55.73
C THR TB 392 57.97 78.13 56.66
N ASN TB 393 58.21 77.94 57.96
CA ASN TB 393 58.13 79.07 58.89
C ASN TB 393 59.15 80.13 58.54
N VAL TB 394 60.32 79.72 58.07
CA VAL TB 394 61.37 80.70 57.77
C VAL TB 394 61.22 81.23 56.35
N ILE TB 395 60.64 80.44 55.44
CA ILE TB 395 60.40 80.93 54.09
C ILE TB 395 59.30 81.99 54.12
N SER TB 396 58.39 81.89 55.09
CA SER TB 396 57.37 82.90 55.27
C SER TB 396 57.87 84.13 56.00
N ILE TB 397 59.18 84.18 56.30
CA ILE TB 397 59.78 85.31 57.01
C ILE TB 397 60.82 85.96 56.11
N THR TB 398 61.40 85.18 55.20
CA THR TB 398 62.56 85.65 54.45
C THR TB 398 62.11 86.30 53.14
N ASP TB 399 63.06 86.98 52.49
CA ASP TB 399 62.83 87.65 51.22
C ASP TB 399 63.55 86.98 50.05
N GLY TB 400 63.78 85.68 50.14
CA GLY TB 400 64.54 85.00 49.12
C GLY TB 400 64.87 83.59 49.54
N GLN TB 401 65.69 82.93 48.72
CA GLN TB 401 66.03 81.53 48.96
C GLN TB 401 67.21 81.09 48.11
N ILE TB 402 68.19 80.45 48.75
CA ILE TB 402 69.33 79.83 48.08
C ILE TB 402 69.29 78.36 48.48
N PHE TB 403 69.04 77.50 47.50
CA PHE TB 403 68.83 76.09 47.75
C PHE TB 403 70.09 75.30 47.39
N LEU TB 404 70.32 74.21 48.12
CA LEU TB 404 71.50 73.40 47.91
C LEU TB 404 71.12 71.93 47.92
N GLU TB 405 71.76 71.17 47.03
CA GLU TB 405 71.41 69.80 46.75
C GLU TB 405 72.59 68.88 47.00
N THR TB 406 72.30 67.63 47.37
CA THR TB 406 73.32 66.62 47.53
C THR TB 406 73.65 65.93 46.22
N GLU TB 407 72.70 65.90 45.28
CA GLU TB 407 72.96 65.33 43.96
C GLU TB 407 74.07 66.09 43.25
N LEU TB 408 73.91 67.40 43.10
CA LEU TB 408 74.93 68.20 42.42
C LEU TB 408 76.25 68.17 43.17
N PHE TB 409 76.22 67.98 44.49
CA PHE TB 409 77.43 67.97 45.29
C PHE TB 409 78.15 66.63 45.23
N TYR TB 410 77.43 65.56 44.94
CA TYR TB 410 78.06 64.27 44.75
C TYR TB 410 78.52 64.11 43.31
N LYS TB 411 77.78 64.69 42.36
CA LYS TB 411 78.24 64.72 40.98
C LYS TB 411 79.56 65.49 40.87
N GLY TB 412 79.64 66.66 41.52
CA GLY TB 412 80.85 67.45 41.44
C GLY TB 412 80.61 68.93 41.25
N ILE TB 413 79.39 69.31 40.91
CA ILE TB 413 79.05 70.73 40.75
C ILE TB 413 79.14 71.40 42.12
N ARG TB 414 80.11 72.28 42.29
CA ARG TB 414 80.36 72.95 43.55
C ARG TB 414 80.76 74.40 43.27
N PRO TB 415 80.06 75.41 43.82
CA PRO TB 415 78.92 75.35 44.73
C PRO TB 415 77.66 74.73 44.13
N ALA TB 416 77.00 73.86 44.89
CA ALA TB 416 75.87 73.10 44.38
C ALA TB 416 74.58 73.91 44.47
N ILE TB 417 74.59 75.13 43.93
CA ILE TB 417 73.48 76.05 44.06
C ILE TB 417 72.54 75.79 42.87
N ASN TB 418 71.43 75.12 43.15
CA ASN TB 418 70.33 75.09 42.20
C ASN TB 418 69.86 76.50 41.88
N VAL TB 419 69.18 76.63 40.74
CA VAL TB 419 68.77 77.94 40.23
C VAL TB 419 67.30 78.02 39.89
N GLY TB 420 66.59 76.89 39.76
CA GLY TB 420 65.15 76.95 39.59
C GLY TB 420 64.41 77.13 40.90
N LEU TB 421 64.97 76.62 42.00
CA LEU TB 421 64.37 76.76 43.31
C LEU TB 421 64.87 77.99 44.06
N SER TB 422 66.11 78.39 43.83
CA SER TB 422 66.63 79.62 44.43
C SER TB 422 65.98 80.83 43.77
N VAL TB 423 65.57 81.79 44.60
CA VAL TB 423 64.87 82.98 44.18
C VAL TB 423 65.37 84.17 44.99
N SER TB 424 64.87 85.35 44.66
CA SER TB 424 65.20 86.56 45.42
C SER TB 424 64.16 87.62 45.09
N ARG TB 425 63.46 88.11 46.12
CA ARG TB 425 62.43 89.10 45.89
C ARG TB 425 63.03 90.43 45.43
N VAL TB 426 64.20 90.79 45.97
CA VAL TB 426 64.83 92.05 45.58
C VAL TB 426 65.25 92.00 44.12
N GLY TB 427 66.14 91.08 43.79
CA GLY TB 427 66.44 90.81 42.39
C GLY TB 427 67.40 91.83 41.83
N SER TB 428 67.03 92.42 40.70
CA SER TB 428 67.97 93.27 39.96
C SER TB 428 68.40 94.48 40.78
N ALA TB 429 67.55 94.95 41.69
CA ALA TB 429 67.90 96.10 42.51
C ALA TB 429 69.09 95.86 43.43
N ALA TB 430 69.48 94.60 43.64
CA ALA TB 430 70.69 94.28 44.38
C ALA TB 430 71.85 93.94 43.47
N GLN TB 431 71.87 94.52 42.27
CA GLN TB 431 72.94 94.31 41.30
C GLN TB 431 73.44 95.66 40.79
N VAL TB 432 74.61 95.64 40.17
CA VAL TB 432 75.08 96.79 39.41
C VAL TB 432 74.64 96.64 37.97
N LYS TB 433 74.62 97.76 37.23
CA LYS TB 433 74.14 97.71 35.86
C LYS TB 433 75.02 96.81 35.00
N ALA TB 434 76.34 96.85 35.22
CA ALA TB 434 77.25 96.00 34.46
C ALA TB 434 76.90 94.54 34.65
N MET TB 435 76.56 94.15 35.88
CA MET TB 435 76.23 92.76 36.16
C MET TB 435 74.78 92.44 35.81
N LYS TB 436 73.90 93.45 35.86
CA LYS TB 436 72.54 93.28 35.34
C LYS TB 436 72.58 92.87 33.88
N GLN TB 437 73.31 93.63 33.05
CA GLN TB 437 73.30 93.44 31.61
C GLN TB 437 73.71 92.04 31.21
N VAL TB 438 74.47 91.35 32.05
CA VAL TB 438 74.97 90.01 31.74
C VAL TB 438 74.15 88.94 32.43
N ALA TB 439 73.87 89.12 33.73
CA ALA TB 439 73.15 88.10 34.47
C ALA TB 439 71.71 87.97 34.00
N GLY TB 440 71.13 89.02 33.41
CA GLY TB 440 69.82 88.84 32.78
C GLY TB 440 69.85 87.80 31.68
N THR TB 441 70.79 87.97 30.74
CA THR TB 441 70.92 87.00 29.65
C THR TB 441 71.28 85.62 30.19
N MET TB 442 72.13 85.57 31.22
CA MET TB 442 72.52 84.29 31.78
C MET TB 442 71.31 83.57 32.39
N LYS TB 443 70.51 84.30 33.16
CA LYS TB 443 69.31 83.72 33.75
C LYS TB 443 68.35 83.23 32.68
N LEU TB 444 68.16 84.03 31.62
CA LEU TB 444 67.26 83.62 30.55
C LEU TB 444 67.76 82.34 29.87
N GLU TB 445 69.05 82.31 29.52
CA GLU TB 445 69.60 81.13 28.84
C GLU TB 445 69.57 79.90 29.74
N LEU TB 446 69.82 80.08 31.03
CA LEU TB 446 69.76 78.95 31.96
C LEU TB 446 68.32 78.46 32.13
N ALA TB 447 67.35 79.37 32.11
CA ALA TB 447 65.96 78.94 32.14
C ALA TB 447 65.63 78.12 30.90
N GLN TB 448 66.07 78.58 29.73
CA GLN TB 448 65.84 77.83 28.49
C GLN TB 448 66.49 76.45 28.58
N TYR TB 449 67.73 76.38 29.05
CA TYR TB 449 68.43 75.10 29.15
C TYR TB 449 67.73 74.17 30.14
N ARG TB 450 67.29 74.69 31.28
CA ARG TB 450 66.55 73.87 32.23
C ARG TB 450 65.27 73.35 31.62
N GLU TB 451 64.60 74.17 30.81
CA GLU TB 451 63.38 73.73 30.14
C GLU TB 451 63.66 72.60 29.17
N VAL TB 452 64.66 72.78 28.30
CA VAL TB 452 64.86 71.87 27.18
C VAL TB 452 65.90 70.80 27.48
N ALA TB 453 66.31 70.65 28.74
CA ALA TB 453 67.23 69.57 29.11
C ALA TB 453 66.55 68.22 29.25
N ALA TB 454 65.22 68.17 29.21
CA ALA TB 454 64.54 66.89 29.33
C ALA TB 454 64.81 65.99 28.13
N PHE TB 455 65.05 66.58 26.96
CA PHE TB 455 65.27 65.85 25.72
C PHE TB 455 66.69 66.07 25.21
N ALA TB 456 67.66 66.06 26.11
CA ALA TB 456 69.05 66.32 25.72
C ALA TB 456 69.68 65.10 25.06
N GLN TB 457 69.27 63.89 25.45
CA GLN TB 457 69.83 62.69 24.85
C GLN TB 457 69.54 62.60 23.36
N PHE TB 458 68.49 63.26 22.88
CA PHE TB 458 68.18 63.31 21.45
C PHE TB 458 68.77 64.53 20.76
N GLY TB 459 69.91 65.04 21.25
CA GLY TB 459 70.47 66.25 20.67
C GLY TB 459 70.82 66.11 19.21
N SER TB 460 71.22 64.90 18.80
CA SER TB 460 71.47 64.65 17.38
C SER TB 460 70.18 64.71 16.57
N ASP TB 461 69.10 64.15 17.12
CA ASP TB 461 67.81 64.19 16.45
C ASP TB 461 67.22 65.59 16.42
N LEU TB 462 67.68 66.48 17.30
CA LEU TB 462 67.08 67.80 17.46
C LEU TB 462 67.77 68.82 16.56
N ASP TB 463 67.14 69.98 16.44
CA ASP TB 463 67.63 71.03 15.56
C ASP TB 463 68.95 71.60 16.09
N ALA TB 464 69.57 72.44 15.26
CA ALA TB 464 70.78 73.15 15.68
C ALA TB 464 70.49 74.15 16.79
N SER TB 465 69.29 74.74 16.80
CA SER TB 465 68.95 75.71 17.84
C SER TB 465 68.97 75.05 19.22
N THR TB 466 68.32 73.89 19.34
CA THR TB 466 68.28 73.20 20.62
C THR TB 466 69.68 72.77 21.05
N ARG TB 467 70.50 72.28 20.12
CA ARG TB 467 71.85 71.86 20.48
C ARG TB 467 72.69 73.05 20.90
N GLN TB 468 72.49 74.20 20.26
CA GLN TB 468 73.21 75.41 20.67
C GLN TB 468 72.78 75.83 22.07
N LEU TB 469 71.49 75.72 22.37
CA LEU TB 469 71.01 76.04 23.70
C LEU TB 469 71.62 75.11 24.74
N LEU TB 470 71.66 73.81 24.44
CA LEU TB 470 72.26 72.86 25.37
C LEU TB 470 73.74 73.15 25.58
N THR TB 471 74.45 73.49 24.50
CA THR TB 471 75.87 73.79 24.61
C THR TB 471 76.11 75.01 25.47
N ARG TB 472 75.35 76.09 25.21
CA ARG TB 472 75.50 77.31 25.99
C ARG TB 472 75.18 77.05 27.46
N GLY TB 473 74.11 76.27 27.72
CA GLY TB 473 73.74 75.99 29.10
C GLY TB 473 74.78 75.16 29.82
N THR TB 474 75.36 74.16 29.13
CA THR TB 474 76.41 73.37 29.75
C THR TB 474 77.64 74.21 30.01
N ALA TB 475 77.97 75.11 29.10
CA ALA TB 475 79.12 76.00 29.29
C ALA TB 475 78.90 76.88 30.51
N LEU TB 476 77.72 77.49 30.61
CA LEU TB 476 77.41 78.30 31.78
C LEU TB 476 77.47 77.48 33.06
N THR TB 477 76.88 76.29 33.06
CA THR TB 477 76.91 75.44 34.24
C THR TB 477 78.33 75.10 34.67
N GLU TB 478 79.22 74.85 33.70
CA GLU TB 478 80.62 74.62 34.01
C GLU TB 478 81.39 75.90 34.32
N LEU TB 479 80.82 77.06 34.03
CA LEU TB 479 81.45 78.34 34.36
C LEU TB 479 81.05 78.83 35.75
N LEU TB 480 79.89 78.42 36.24
CA LEU TB 480 79.47 78.81 37.58
C LEU TB 480 80.20 78.07 38.68
N LYS TB 481 81.05 77.10 38.34
CA LYS TB 481 81.76 76.33 39.35
C LYS TB 481 82.91 77.14 39.93
N GLN TB 482 83.24 76.84 41.18
CA GLN TB 482 84.31 77.56 41.86
C GLN TB 482 84.95 76.64 42.88
N ARG TB 483 86.15 77.02 43.32
CA ARG TB 483 86.88 76.26 44.32
C ARG TB 483 86.51 76.74 45.72
N GLN TB 484 86.94 75.98 46.72
CA GLN TB 484 86.70 76.35 48.10
C GLN TB 484 87.70 77.41 48.55
N TYR TB 485 87.20 78.44 49.23
CA TYR TB 485 88.03 79.54 49.72
C TYR TB 485 88.69 80.27 48.55
N SER TB 486 87.95 80.44 47.47
CA SER TB 486 88.42 81.16 46.27
C SER TB 486 87.30 81.98 45.69
N PRO TB 487 87.01 83.15 46.25
CA PRO TB 487 85.99 84.03 45.69
C PRO TB 487 86.53 84.77 44.47
N MET TB 488 85.69 85.65 43.93
CA MET TB 488 86.02 86.44 42.75
C MET TB 488 85.46 87.84 42.91
N LYS TB 489 86.21 88.83 42.45
CA LYS TB 489 85.71 90.20 42.43
C LYS TB 489 84.55 90.34 41.45
N ASN TB 490 83.88 91.49 41.52
CA ASN TB 490 82.70 91.70 40.70
C ASN TB 490 83.08 92.01 39.26
N SER TB 491 84.13 92.81 39.04
CA SER TB 491 84.58 93.07 37.68
C SER TB 491 85.01 91.77 37.00
N VAL TB 492 85.76 90.95 37.72
CA VAL TB 492 86.18 89.65 37.19
C VAL TB 492 84.97 88.79 36.87
N GLN TB 493 83.97 88.77 37.77
CA GLN TB 493 82.75 88.02 37.50
C GLN TB 493 82.06 88.52 36.23
N VAL TB 494 81.98 89.84 36.07
CA VAL TB 494 81.32 90.42 34.90
C VAL TB 494 82.07 90.01 33.63
N CYS TB 495 83.40 90.08 33.65
CA CYS TB 495 84.19 89.69 32.50
C CYS TB 495 83.95 88.22 32.15
N VAL TB 496 84.00 87.35 33.16
CA VAL TB 496 83.84 85.92 32.91
C VAL TB 496 82.47 85.62 32.35
N LEU TB 497 81.43 86.24 32.92
CA LEU TB 497 80.08 85.96 32.43
C LEU TB 497 79.85 86.57 31.06
N TYR TB 498 80.51 87.69 30.75
CA TYR TB 498 80.50 88.20 29.38
C TYR TB 498 81.08 87.19 28.42
N CYS TB 499 82.27 86.66 28.72
CA CYS TB 499 82.85 85.61 27.91
C CYS TB 499 81.89 84.44 27.75
N GLY TB 500 81.20 84.08 28.83
CA GLY TB 500 80.30 82.94 28.77
C GLY TB 500 79.08 83.18 27.90
N VAL TB 501 78.47 84.36 28.01
CA VAL TB 501 77.24 84.66 27.30
C VAL TB 501 77.48 85.19 25.90
N LYS TB 502 78.72 85.43 25.50
CA LYS TB 502 79.04 85.76 24.12
C LYS TB 502 79.58 84.56 23.34
N GLY TB 503 79.15 83.35 23.71
CA GLY TB 503 79.45 82.18 22.90
C GLY TB 503 80.91 81.79 22.85
N TYR TB 504 81.78 82.44 23.61
CA TYR TB 504 83.19 82.11 23.59
C TYR TB 504 83.50 80.78 24.26
N LEU TB 505 82.53 80.17 24.94
CA LEU TB 505 82.72 78.88 25.59
C LEU TB 505 81.93 77.75 24.95
N ASP TB 506 80.99 78.06 24.05
CA ASP TB 506 80.22 76.99 23.40
C ASP TB 506 81.10 76.01 22.66
N PRO TB 507 81.95 76.42 21.73
CA PRO TB 507 82.82 75.43 21.07
C PRO TB 507 83.87 74.85 21.99
N LEU TB 508 84.32 75.61 22.99
CA LEU TB 508 85.34 75.12 23.91
C LEU TB 508 84.83 73.91 24.68
N ASP TB 509 85.72 72.97 24.95
CA ASP TB 509 85.35 71.77 25.67
C ASP TB 509 84.91 72.14 27.10
N PRO TB 510 84.03 71.34 27.71
CA PRO TB 510 83.64 71.66 29.09
C PRO TB 510 84.79 71.66 30.08
N LYS TB 511 85.61 70.59 30.08
CA LYS TB 511 86.62 70.45 31.12
C LYS TB 511 87.67 71.54 31.06
N GLU TB 512 87.90 72.12 29.87
CA GLU TB 512 88.89 73.16 29.72
C GLU TB 512 88.48 74.47 30.38
N ILE TB 513 87.17 74.67 30.58
CA ILE TB 513 86.68 75.97 31.02
C ILE TB 513 87.30 76.41 32.34
N SER TB 514 87.73 75.46 33.17
CA SER TB 514 88.46 75.80 34.38
C SER TB 514 89.71 76.59 34.03
N ARG TB 515 90.65 75.95 33.34
CA ARG TB 515 91.93 76.58 33.09
C ARG TB 515 91.76 77.80 32.19
N PHE TB 516 90.87 77.70 31.20
CA PHE TB 516 90.44 78.88 30.45
C PHE TB 516 90.17 80.07 31.37
N GLU TB 517 89.19 79.90 32.27
CA GLU TB 517 88.80 80.95 33.20
C GLU TB 517 90.01 81.48 33.97
N SER TB 518 90.78 80.56 34.57
CA SER TB 518 91.93 80.97 35.37
C SER TB 518 92.90 81.84 34.57
N LEU TB 519 93.30 81.34 33.39
CA LEU TB 519 94.21 82.10 32.53
C LEU TB 519 93.62 83.47 32.21
N PHE TB 520 92.35 83.50 31.81
CA PHE TB 520 91.73 84.79 31.48
C PHE TB 520 91.79 85.74 32.66
N ILE TB 521 91.53 85.22 33.86
CA ILE TB 521 91.55 86.07 35.06
C ILE TB 521 92.94 86.66 35.22
N ASP TB 522 93.96 85.82 35.15
CA ASP TB 522 95.33 86.32 35.31
C ASP TB 522 95.65 87.35 34.24
N TYR TB 523 95.16 87.10 33.02
CA TYR TB 523 95.37 88.05 31.92
C TYR TB 523 94.80 89.43 32.25
N ILE TB 524 93.53 89.48 32.65
CA ILE TB 524 92.91 90.76 32.96
C ILE TB 524 93.37 91.34 34.29
N ASN TB 525 94.03 90.56 35.14
CA ASN TB 525 94.66 91.07 36.34
C ASN TB 525 96.10 91.50 36.11
N ALA TB 526 96.65 91.23 34.93
CA ALA TB 526 98.01 91.60 34.59
C ALA TB 526 98.05 92.77 33.62
N ASN TB 527 97.24 92.72 32.57
CA ASN TB 527 97.24 93.73 31.50
C ASN TB 527 96.11 94.73 31.65
N HIS TB 528 94.88 94.25 31.86
CA HIS TB 528 93.68 95.09 31.72
C HIS TB 528 93.18 95.57 33.08
N GLN TB 529 94.11 95.89 33.99
CA GLN TB 529 93.72 96.50 35.25
C GLN TB 529 92.95 97.79 35.01
N ASP TB 530 93.27 98.51 33.93
CA ASP TB 530 92.53 99.73 33.63
C ASP TB 530 91.08 99.41 33.35
N ILE TB 531 90.82 98.30 32.62
CA ILE TB 531 89.46 97.85 32.41
C ILE TB 531 88.79 97.52 33.73
N LEU TB 532 89.51 96.81 34.61
CA LEU TB 532 88.89 96.40 35.87
C LEU TB 532 88.51 97.61 36.72
N LYS TB 533 89.41 98.60 36.81
CA LYS TB 533 89.10 99.80 37.58
C LYS TB 533 88.02 100.63 36.92
N THR TB 534 87.98 100.66 35.58
CA THR TB 534 86.92 101.41 34.90
C THR TB 534 85.57 100.78 35.16
N ILE TB 535 85.53 99.44 35.24
CA ILE TB 535 84.28 98.75 35.53
C ILE TB 535 83.89 98.99 36.98
N GLU TB 536 84.85 98.89 37.89
CA GLU TB 536 84.58 99.09 39.31
C GLU TB 536 84.13 100.52 39.58
N THR TB 537 84.52 101.47 38.73
CA THR TB 537 84.13 102.86 38.94
C THR TB 537 82.76 103.18 38.33
N GLU TB 538 82.58 102.99 37.02
CA GLU TB 538 81.26 103.32 36.47
C GLU TB 538 80.17 102.37 36.92
N LYS TB 539 80.51 101.13 37.29
CA LYS TB 539 79.50 100.13 37.61
C LYS TB 539 78.59 99.88 36.41
N GLU TB 540 79.18 99.96 35.22
CA GLU TB 540 78.43 99.91 33.97
C GLU TB 540 79.37 99.45 32.87
N LEU TB 541 78.82 98.71 31.91
CA LEU TB 541 79.56 98.26 30.72
C LEU TB 541 79.12 99.12 29.54
N SER TB 542 79.80 100.26 29.36
CA SER TB 542 79.58 101.08 28.18
C SER TB 542 80.15 100.40 26.94
N GLU TB 543 79.87 100.99 25.78
CA GLU TB 543 80.32 100.39 24.53
C GLU TB 543 81.84 100.40 24.42
N LYS TB 544 82.50 101.38 25.02
CA LYS TB 544 83.95 101.47 24.92
C LYS TB 544 84.62 100.35 25.71
N THR TB 545 84.24 100.20 26.99
CA THR TB 545 84.75 99.09 27.78
C THR TB 545 84.34 97.75 27.19
N GLU TB 546 83.14 97.68 26.60
CA GLU TB 546 82.72 96.43 25.97
C GLU TB 546 83.61 96.07 24.79
N ALA TB 547 83.98 97.06 23.97
CA ALA TB 547 84.86 96.80 22.84
C ALA TB 547 86.26 96.44 23.31
N LYS TB 548 86.76 97.14 24.33
CA LYS TB 548 88.04 96.76 24.93
C LYS TB 548 88.01 95.31 25.41
N LEU TB 549 86.92 94.91 26.06
CA LEU TB 549 86.82 93.56 26.59
C LEU TB 549 86.76 92.53 25.48
N ARG TB 550 86.02 92.84 24.40
CA ARG TB 550 85.97 91.94 23.26
C ARG TB 550 87.35 91.79 22.62
N ALA TB 551 88.09 92.90 22.53
CA ALA TB 551 89.45 92.85 22.02
C ALA TB 551 90.34 91.98 22.90
N ALA TB 552 90.21 92.12 24.22
CA ALA TB 552 91.01 91.31 25.13
C ALA TB 552 90.66 89.84 25.01
N VAL TB 553 89.38 89.53 24.86
CA VAL TB 553 88.95 88.14 24.71
C VAL TB 553 89.50 87.55 23.42
N ASP TB 554 89.45 88.33 22.33
CA ASP TB 554 90.00 87.86 21.07
C ASP TB 554 91.50 87.62 21.18
N GLU TB 555 92.22 88.55 21.80
CA GLU TB 555 93.66 88.37 22.02
C GLU TB 555 93.93 87.15 22.87
N PHE TB 556 93.04 86.83 23.82
CA PHE TB 556 93.27 85.67 24.69
C PHE TB 556 93.04 84.37 23.93
N VAL TB 557 91.98 84.32 23.13
CA VAL TB 557 91.72 83.09 22.38
C VAL TB 557 92.79 82.91 21.31
N ALA TB 558 93.36 84.00 20.82
CA ALA TB 558 94.49 83.90 19.90
C ALA TB 558 95.71 83.34 20.62
N MET TB 559 96.13 84.00 21.70
CA MET TB 559 97.36 83.67 22.38
C MET TB 559 97.29 82.38 23.18
N ASN TB 560 96.13 81.73 23.27
CA ASN TB 560 96.00 80.54 24.11
C ASN TB 560 95.37 79.40 23.31
N GLU TB 561 95.82 78.19 23.60
CA GLU TB 561 95.37 76.98 22.93
C GLU TB 561 94.47 76.19 23.85
N PHE TB 562 93.39 75.63 23.30
CA PHE TB 562 92.45 74.82 24.06
C PHE TB 562 92.07 73.60 23.25
N LYS TB 563 91.26 72.73 23.86
CA LYS TB 563 90.86 71.49 23.20
C LYS TB 563 89.99 71.76 21.99
N LYS TB 564 89.23 72.85 21.99
CA LYS TB 564 88.42 73.24 20.84
C LYS TB 564 88.39 74.76 20.68
N ALA UB 52 -11.37 83.49 75.64
CA ALA UB 52 -10.87 84.83 75.91
C ALA UB 52 -11.64 85.46 77.05
N LYS UB 53 -11.44 86.76 77.27
CA LYS UB 53 -12.01 87.45 78.41
C LYS UB 53 -11.86 88.95 78.19
N ILE UB 54 -12.51 89.73 79.04
CA ILE UB 54 -12.55 91.19 78.91
C ILE UB 54 -11.60 91.77 79.96
N SER UB 55 -11.04 92.94 79.65
CA SER UB 55 -10.01 93.51 80.52
C SER UB 55 -10.55 93.89 81.89
N PRO UB 56 -11.47 94.85 82.03
CA PRO UB 56 -11.63 95.53 83.32
C PRO UB 56 -12.13 94.63 84.44
N SER UB 57 -13.25 93.94 84.21
CA SER UB 57 -13.88 93.20 85.30
C SER UB 57 -13.16 91.89 85.61
N GLU UB 58 -12.44 91.32 84.65
CA GLU UB 58 -11.85 89.99 84.79
C GLU UB 58 -10.34 90.06 84.97
N MET UB 59 -9.62 90.69 84.05
CA MET UB 59 -8.16 90.66 84.10
C MET UB 59 -7.63 91.39 85.33
N SER UB 60 -8.21 92.55 85.65
CA SER UB 60 -7.75 93.30 86.82
C SER UB 60 -8.01 92.53 88.10
N ARG UB 61 -9.19 91.94 88.22
CA ARG UB 61 -9.48 91.07 89.37
C ARG UB 61 -8.47 89.93 89.46
N LEU UB 62 -8.13 89.33 88.31
CA LEU UB 62 -7.18 88.22 88.31
C LEU UB 62 -5.82 88.67 88.80
N LEU UB 63 -5.31 89.78 88.26
CA LEU UB 63 -3.99 90.26 88.68
C LEU UB 63 -3.99 90.64 90.15
N GLU UB 64 -5.08 91.27 90.62
CA GLU UB 64 -5.22 91.54 92.05
C GLU UB 64 -5.14 90.26 92.88
N GLU UB 65 -5.81 89.19 92.43
CA GLU UB 65 -5.69 87.93 93.13
C GLU UB 65 -4.30 87.34 92.97
N ARG UB 66 -3.54 87.81 91.98
CA ARG UB 66 -2.24 87.23 91.67
C ARG UB 66 -1.12 87.86 92.49
N ILE UB 67 -1.30 89.10 92.95
CA ILE UB 67 -0.16 89.86 93.43
C ILE UB 67 0.28 89.40 94.82
N ALA UB 68 -0.61 88.76 95.58
CA ALA UB 68 -0.34 88.45 96.98
C ALA UB 68 0.82 87.48 97.10
N GLY UB 69 1.86 87.88 97.83
CA GLY UB 69 3.02 87.02 98.02
C GLY UB 69 4.15 87.66 98.80
N TRP UB 70 4.81 86.86 99.64
CA TRP UB 70 5.86 87.34 100.52
C TRP UB 70 6.66 86.14 101.02
N LYS UB 71 7.90 86.41 101.41
CA LYS UB 71 8.72 85.43 102.11
C LYS UB 71 8.92 84.17 101.26
N GLU UB 78 17.00 77.87 96.05
CA GLU UB 78 18.09 78.55 96.71
C GLU UB 78 18.86 79.42 95.71
N VAL UB 79 19.90 80.10 96.19
CA VAL UB 79 20.73 80.98 95.38
C VAL UB 79 22.19 80.64 95.60
N GLY UB 80 23.02 81.06 94.64
CA GLY UB 80 24.45 80.89 94.74
C GLY UB 80 25.17 82.11 94.18
N ARG UB 81 26.49 82.03 94.15
CA ARG UB 81 27.32 83.13 93.72
C ARG UB 81 28.41 82.61 92.80
N VAL UB 82 28.72 83.37 91.75
CA VAL UB 82 29.75 82.94 90.82
C VAL UB 82 31.12 83.06 91.48
N VAL UB 83 31.98 82.08 91.23
CA VAL UB 83 33.30 82.02 91.84
C VAL UB 83 34.40 82.17 90.81
N SER UB 84 34.24 81.54 89.63
CA SER UB 84 35.21 81.66 88.56
C SER UB 84 34.48 81.75 87.23
N VAL UB 85 35.08 82.49 86.30
CA VAL UB 85 34.48 82.76 84.99
C VAL UB 85 35.58 82.70 83.95
N GLY UB 86 35.29 82.06 82.81
CA GLY UB 86 36.19 82.10 81.68
C GLY UB 86 35.73 81.28 80.49
N ASP UB 87 35.80 81.87 79.31
CA ASP UB 87 35.51 81.17 78.05
C ASP UB 87 34.11 80.56 78.06
N GLY UB 88 33.12 81.42 78.27
CA GLY UB 88 31.74 80.99 78.18
C GLY UB 88 31.33 79.94 79.19
N ILE UB 89 32.05 79.83 80.30
CA ILE UB 89 31.78 78.83 81.33
C ILE UB 89 31.90 79.50 82.70
N ALA UB 90 31.04 79.10 83.62
CA ALA UB 90 31.04 79.62 84.98
C ALA UB 90 31.17 78.48 85.98
N ARG UB 91 31.79 78.79 87.12
CA ARG UB 91 31.93 77.86 88.22
C ARG UB 91 31.34 78.53 89.47
N LEU UB 92 30.22 78.00 89.95
CA LEU UB 92 29.50 78.60 91.06
C LEU UB 92 29.80 77.86 92.35
N PHE UB 93 29.58 78.56 93.46
CA PHE UB 93 29.58 77.96 94.80
C PHE UB 93 28.20 78.15 95.39
N GLY UB 94 27.49 77.03 95.60
CA GLY UB 94 26.18 77.02 96.20
C GLY UB 94 25.23 76.18 95.37
N LEU UB 95 23.93 76.35 95.63
CA LEU UB 95 22.89 75.65 94.89
C LEU UB 95 23.07 74.13 95.03
N GLU UB 96 22.97 73.67 96.28
CA GLU UB 96 23.12 72.25 96.58
C GLU UB 96 21.94 71.40 96.14
N GLY UB 97 20.85 72.02 95.68
CA GLY UB 97 19.68 71.28 95.26
C GLY UB 97 19.43 71.38 93.77
N VAL UB 98 20.50 71.27 93.00
CA VAL UB 98 20.44 71.40 91.55
C VAL UB 98 20.33 70.03 90.92
N GLN UB 99 19.45 69.91 89.93
CA GLN UB 99 19.41 68.73 89.06
C GLN UB 99 20.51 68.85 88.02
N ALA UB 100 21.31 67.79 87.87
CA ALA UB 100 22.32 67.79 86.82
C ALA UB 100 21.66 67.90 85.46
N GLY UB 101 21.93 69.00 84.76
CA GLY UB 101 21.37 69.26 83.45
C GLY UB 101 20.30 70.32 83.41
N GLU UB 102 20.07 71.03 84.52
CA GLU UB 102 18.96 71.96 84.61
C GLU UB 102 19.37 73.38 84.21
N LEU UB 103 18.36 74.19 83.95
CA LEU UB 103 18.54 75.58 83.56
C LEU UB 103 18.84 76.46 84.76
N VAL UB 104 19.67 77.47 84.54
CA VAL UB 104 20.15 78.37 85.58
C VAL UB 104 20.07 79.79 85.04
N GLU UB 105 19.77 80.74 85.92
CA GLU UB 105 19.55 82.12 85.55
C GLU UB 105 20.48 83.01 86.36
N PHE UB 106 21.17 83.91 85.65
CA PHE UB 106 22.04 84.90 86.29
C PHE UB 106 21.26 86.19 86.54
N GLN UB 107 21.94 87.17 87.15
CA GLN UB 107 21.34 88.44 87.52
C GLN UB 107 21.47 89.49 86.41
N ASN UB 108 21.58 89.05 85.15
CA ASN UB 108 21.66 89.98 84.04
C ASN UB 108 20.86 89.50 82.83
N GLY UB 109 20.01 88.49 82.98
CA GLY UB 109 19.20 87.98 81.90
C GLY UB 109 19.80 86.79 81.17
N MET UB 110 21.11 86.60 81.27
CA MET UB 110 21.74 85.47 80.61
C MET UB 110 21.29 84.15 81.25
N THR UB 111 21.32 83.09 80.45
CA THR UB 111 20.92 81.77 80.92
C THR UB 111 22.10 80.80 80.83
N GLY UB 112 21.95 79.68 81.51
CA GLY UB 112 23.00 78.67 81.55
C GLY UB 112 22.43 77.30 81.84
N MET UB 113 23.29 76.31 81.77
CA MET UB 113 22.94 74.91 81.95
C MET UB 113 23.97 74.27 82.84
N ALA UB 114 23.52 73.64 83.92
CA ALA UB 114 24.42 73.02 84.89
C ALA UB 114 24.75 71.61 84.44
N LEU UB 115 26.03 71.31 84.30
CA LEU UB 115 26.48 70.00 83.84
C LEU UB 115 27.36 69.27 84.85
N ASN UB 116 28.35 69.95 85.42
CA ASN UB 116 29.28 69.34 86.36
C ASN UB 116 28.86 69.70 87.78
N LEU UB 117 28.24 68.74 88.46
CA LEU UB 117 27.88 68.91 89.87
C LEU UB 117 28.99 68.32 90.74
N GLU UB 118 30.12 69.02 90.77
CA GLU UB 118 31.24 68.63 91.61
C GLU UB 118 30.86 68.81 93.08
N THR UB 119 31.80 68.45 93.96
CA THR UB 119 31.54 68.52 95.39
C THR UB 119 31.59 69.96 95.88
N ASP UB 120 32.69 70.66 95.62
CA ASP UB 120 32.84 72.03 96.09
C ASP UB 120 31.99 72.99 95.24
N ASN UB 121 32.20 72.98 93.93
CA ASN UB 121 31.60 73.95 93.03
C ASN UB 121 30.64 73.25 92.06
N VAL UB 122 30.05 74.06 91.19
CA VAL UB 122 29.12 73.58 90.17
C VAL UB 122 29.51 74.20 88.84
N GLY UB 123 29.56 73.37 87.80
CA GLY UB 123 29.98 73.82 86.48
C GLY UB 123 28.84 74.11 85.52
N VAL UB 124 28.67 75.38 85.17
CA VAL UB 124 27.58 75.84 84.32
C VAL UB 124 28.16 76.31 83.00
N VAL UB 125 27.46 76.03 81.91
CA VAL UB 125 27.80 76.53 80.58
C VAL UB 125 26.78 77.58 80.19
N ILE UB 126 27.27 78.67 79.60
CA ILE UB 126 26.50 79.89 79.42
C ILE UB 126 25.99 79.96 77.99
N PHE UB 127 24.77 80.47 77.83
CA PHE UB 127 24.18 80.67 76.50
C PHE UB 127 24.40 82.11 76.04
N GLY UB 128 25.67 82.44 75.85
CA GLY UB 128 26.03 83.76 75.36
C GLY UB 128 27.45 84.12 75.79
N ASP UB 129 27.70 85.43 75.79
CA ASP UB 129 29.02 85.94 76.14
C ASP UB 129 29.19 86.04 77.65
N ASP UB 130 30.45 85.97 78.09
CA ASP UB 130 30.79 85.97 79.51
C ASP UB 130 31.17 87.36 80.01
N ARG UB 131 31.01 88.40 79.20
CA ARG UB 131 31.24 89.76 79.65
C ARG UB 131 30.26 90.18 80.73
N SER UB 132 29.09 89.54 80.81
CA SER UB 132 28.08 89.91 81.79
C SER UB 132 28.39 89.37 83.18
N VAL UB 133 29.14 88.28 83.27
CA VAL UB 133 29.41 87.62 84.54
C VAL UB 133 30.71 88.15 85.12
N LEU UB 134 30.72 88.37 86.44
CA LEU UB 134 31.66 89.28 87.06
C LEU UB 134 32.25 88.70 88.35
N GLU UB 135 32.22 87.37 88.52
CA GLU UB 135 32.89 86.69 89.61
C GLU UB 135 32.38 87.21 90.97
N GLY UB 136 31.11 86.88 91.22
CA GLY UB 136 30.44 87.34 92.42
C GLY UB 136 28.97 87.58 92.21
N ASP UB 137 28.54 87.65 90.94
CA ASP UB 137 27.13 87.80 90.64
C ASP UB 137 26.31 86.68 91.29
N SER UB 138 25.12 87.05 91.75
CA SER UB 138 24.17 86.06 92.26
C SER UB 138 23.59 85.24 91.11
N VAL UB 139 23.19 84.02 91.44
CA VAL UB 139 22.70 83.05 90.46
C VAL UB 139 21.56 82.28 91.09
N LYS UB 140 20.53 81.97 90.29
CA LYS UB 140 19.34 81.30 90.78
C LYS UB 140 18.95 80.19 89.82
N ARG UB 141 18.48 79.07 90.38
CA ARG UB 141 18.02 77.93 89.59
C ARG UB 141 16.52 77.98 89.42
N THR UB 142 16.06 77.65 88.21
CA THR UB 142 14.64 77.67 87.90
C THR UB 142 13.97 76.32 88.14
N GLY UB 143 14.73 75.23 88.19
CA GLY UB 143 14.20 73.90 88.37
C GLY UB 143 13.78 73.19 87.11
N ARG UB 144 13.66 73.91 85.98
CA ARG UB 144 13.29 73.27 84.73
C ARG UB 144 14.50 72.62 84.10
N ILE UB 145 14.35 71.38 83.65
CA ILE UB 145 15.31 70.81 82.73
C ILE UB 145 15.15 71.48 81.38
N VAL UB 146 16.26 71.60 80.64
CA VAL UB 146 16.25 72.38 79.41
C VAL UB 146 15.27 71.76 78.43
N ASP UB 147 14.32 72.57 77.96
CA ASP UB 147 13.22 72.10 77.16
C ASP UB 147 12.86 73.15 76.13
N VAL UB 148 12.08 72.73 75.13
CA VAL UB 148 11.74 73.59 74.00
C VAL UB 148 10.28 73.42 73.64
N PRO UB 149 9.69 74.44 73.04
CA PRO UB 149 8.29 74.30 72.60
C PRO UB 149 8.16 73.38 71.41
N ILE UB 150 6.97 72.82 71.26
CA ILE UB 150 6.64 71.96 70.12
C ILE UB 150 5.26 72.36 69.59
N GLY UB 151 5.05 72.12 68.30
CA GLY UB 151 3.76 72.31 67.70
C GLY UB 151 3.87 72.70 66.24
N PRO UB 152 2.74 73.05 65.61
CA PRO UB 152 2.76 73.62 64.27
C PRO UB 152 3.09 75.10 64.22
N GLY UB 153 3.24 75.76 65.37
CA GLY UB 153 3.70 77.13 65.38
C GLY UB 153 5.14 77.31 64.93
N LEU UB 154 5.91 76.22 64.90
CA LEU UB 154 7.28 76.30 64.43
C LEU UB 154 7.38 76.25 62.91
N LEU UB 155 6.33 75.79 62.23
CA LEU UB 155 6.39 75.63 60.78
C LEU UB 155 6.38 76.98 60.10
N GLY UB 156 7.37 77.22 59.25
CA GLY UB 156 7.55 78.51 58.62
C GLY UB 156 8.45 79.47 59.36
N ARG UB 157 8.99 79.06 60.51
CA ARG UB 157 9.74 79.93 61.39
C ARG UB 157 11.20 79.50 61.48
N VAL UB 158 12.04 80.44 61.88
CA VAL UB 158 13.46 80.19 62.12
C VAL UB 158 13.75 80.52 63.58
N VAL UB 159 14.40 79.58 64.27
CA VAL UB 159 14.61 79.66 65.71
C VAL UB 159 16.05 79.26 66.03
N ASP UB 160 16.50 79.70 67.20
CA ASP UB 160 17.81 79.32 67.70
C ASP UB 160 17.72 77.95 68.38
N ALA UB 161 18.78 77.57 69.09
CA ALA UB 161 18.83 76.25 69.71
C ALA UB 161 17.77 76.06 70.79
N LEU UB 162 17.22 77.15 71.33
CA LEU UB 162 16.33 77.09 72.48
C LEU UB 162 14.91 77.50 72.13
N GLY UB 163 14.57 77.58 70.85
CA GLY UB 163 13.24 77.95 70.43
C GLY UB 163 12.96 79.43 70.37
N ASN UB 164 13.93 80.28 70.71
CA ASN UB 164 13.76 81.71 70.59
C ASN UB 164 13.87 82.12 69.13
N PRO UB 165 12.87 82.79 68.56
CA PRO UB 165 12.91 83.07 67.12
C PRO UB 165 13.88 84.18 66.78
N ILE UB 166 14.43 84.09 65.56
CA ILE UB 166 15.33 85.11 65.03
C ILE UB 166 14.90 85.61 63.67
N ASP UB 167 13.76 85.14 63.14
CA ASP UB 167 13.23 85.70 61.90
C ASP UB 167 12.97 87.20 62.04
N GLY UB 168 12.64 87.66 63.23
CA GLY UB 168 12.26 89.04 63.43
C GLY UB 168 10.79 89.34 63.23
N LYS UB 169 9.95 88.32 63.08
CA LYS UB 169 8.51 88.50 62.86
C LYS UB 169 7.75 87.63 63.85
N GLY UB 170 7.51 88.18 65.03
CA GLY UB 170 6.54 87.64 65.96
C GLY UB 170 7.15 86.65 66.94
N PRO UB 171 6.42 86.36 68.02
CA PRO UB 171 6.86 85.30 68.95
C PRO UB 171 6.45 83.91 68.49
N ILE UB 172 6.68 82.91 69.32
CA ILE UB 172 6.41 81.52 68.99
C ILE UB 172 5.08 81.14 69.64
N PRO UB 173 3.99 80.99 68.87
CA PRO UB 173 2.71 80.55 69.45
C PRO UB 173 2.64 79.04 69.67
N ALA UB 174 3.19 78.59 70.80
CA ALA UB 174 3.16 77.17 71.16
C ALA UB 174 3.03 77.04 72.67
N LYS UB 175 2.11 76.18 73.11
CA LYS UB 175 1.79 76.05 74.52
C LYS UB 175 2.40 74.81 75.16
N GLU UB 176 2.72 73.79 74.38
CA GLU UB 176 3.25 72.54 74.89
C GLU UB 176 4.77 72.51 74.69
N ARG UB 177 5.48 72.13 75.74
CA ARG UB 177 6.94 72.00 75.69
C ARG UB 177 7.33 70.53 75.80
N ARG UB 178 8.63 70.30 75.60
CA ARG UB 178 9.18 68.95 75.57
C ARG UB 178 10.63 69.02 76.00
N ARG UB 179 11.07 68.01 76.74
CA ARG UB 179 12.44 67.98 77.24
C ARG UB 179 13.41 67.69 76.11
N VAL UB 180 14.59 68.30 76.20
CA VAL UB 180 15.56 68.22 75.11
C VAL UB 180 16.17 66.83 75.05
N GLU UB 181 16.80 66.42 76.15
CA GLU UB 181 17.42 65.11 76.25
C GLU UB 181 16.38 64.14 76.82
N LEU UB 182 16.05 63.11 76.04
CA LEU UB 182 14.95 62.22 76.39
C LEU UB 182 15.37 60.77 76.12
N LYS UB 183 14.58 59.85 76.67
CA LYS UB 183 14.78 58.43 76.43
C LYS UB 183 14.11 58.03 75.11
N ALA UB 184 14.87 57.39 74.24
CA ALA UB 184 14.32 56.92 72.98
C ALA UB 184 13.24 55.88 73.25
N PRO UB 185 12.39 55.60 72.26
CA PRO UB 185 11.36 54.58 72.44
C PRO UB 185 11.91 53.17 72.27
N GLY UB 186 11.35 52.25 73.04
CA GLY UB 186 11.90 50.92 73.18
C GLY UB 186 11.51 49.98 72.06
N ILE UB 187 11.69 48.69 72.33
CA ILE UB 187 11.59 47.68 71.28
C ILE UB 187 10.15 47.43 70.89
N ILE UB 188 9.23 47.50 71.84
CA ILE UB 188 7.85 47.08 71.62
C ILE UB 188 7.07 48.15 70.85
N PRO UB 189 7.16 49.44 71.21
CA PRO UB 189 6.42 50.45 70.44
C PRO UB 189 7.14 50.86 69.16
N ARG UB 190 7.39 49.89 68.30
CA ARG UB 190 8.03 50.14 67.02
C ARG UB 190 7.51 49.12 66.01
N LYS UB 191 7.85 49.34 64.74
CA LYS UB 191 7.52 48.40 63.68
C LYS UB 191 8.56 48.56 62.58
N SER UB 192 8.45 47.69 61.56
CA SER UB 192 9.39 47.75 60.45
C SER UB 192 9.10 48.93 59.55
N VAL UB 193 10.09 49.29 58.75
CA VAL UB 193 9.99 50.41 57.82
C VAL UB 193 9.41 49.89 56.51
N HIS UB 194 8.27 50.44 56.10
CA HIS UB 194 7.57 49.98 54.91
C HIS UB 194 7.15 51.11 53.97
N GLU UB 195 7.19 52.36 54.41
CA GLU UB 195 6.80 53.48 53.57
C GLU UB 195 8.03 54.18 53.01
N PRO UB 196 7.98 54.66 51.77
CA PRO UB 196 9.13 55.39 51.23
C PRO UB 196 9.09 56.88 51.51
N MET UB 197 10.27 57.48 51.47
CA MET UB 197 10.47 58.92 51.61
C MET UB 197 10.98 59.45 50.27
N MET UB 198 10.10 60.07 49.50
CA MET UB 198 10.45 60.48 48.14
C MET UB 198 11.46 61.61 48.20
N THR UB 199 12.69 61.33 47.75
CA THR UB 199 13.77 62.31 47.84
C THR UB 199 13.80 63.27 46.67
N GLY UB 200 13.15 62.94 45.55
CA GLY UB 200 13.15 63.77 44.38
C GLY UB 200 14.27 63.44 43.40
N LEU UB 201 15.37 62.91 43.90
CA LEU UB 201 16.46 62.47 43.03
C LEU UB 201 16.15 61.11 42.43
N LYS UB 202 17.01 60.70 41.50
CA LYS UB 202 16.84 59.45 40.76
C LYS UB 202 17.71 58.33 41.32
N CYS UB 203 19.02 58.58 41.46
CA CYS UB 203 19.92 57.55 41.97
C CYS UB 203 19.57 57.17 43.40
N VAL UB 204 19.15 58.14 44.21
CA VAL UB 204 18.72 57.84 45.57
C VAL UB 204 17.46 56.99 45.54
N ASP UB 205 16.40 57.50 44.92
CA ASP UB 205 15.10 56.82 44.94
C ASP UB 205 15.15 55.46 44.26
N ALA UB 206 16.16 55.20 43.43
CA ALA UB 206 16.27 53.91 42.75
C ALA UB 206 17.23 52.94 43.43
N LEU UB 207 18.42 53.40 43.84
CA LEU UB 207 19.50 52.52 44.25
C LEU UB 207 19.84 52.62 45.72
N VAL UB 208 19.49 53.73 46.36
CA VAL UB 208 19.72 53.90 47.80
C VAL UB 208 18.43 54.42 48.41
N PRO UB 209 17.36 53.63 48.40
CA PRO UB 209 16.06 54.14 48.84
C PRO UB 209 16.07 54.48 50.32
N VAL UB 210 15.13 55.36 50.69
CA VAL UB 210 15.00 55.87 52.05
C VAL UB 210 13.55 55.70 52.49
N GLY UB 211 13.35 55.15 53.68
CA GLY UB 211 12.03 54.93 54.22
C GLY UB 211 11.66 55.95 55.29
N ARG UB 212 10.49 55.74 55.87
CA ARG UB 212 9.97 56.62 56.91
C ARG UB 212 10.19 55.93 58.26
N GLY UB 213 11.19 56.41 59.00
CA GLY UB 213 11.72 55.72 60.15
C GLY UB 213 13.19 55.35 60.04
N GLN UB 214 13.86 55.73 58.97
CA GLN UB 214 15.25 55.37 58.72
C GLN UB 214 16.19 56.44 59.26
N ARG UB 215 17.48 56.11 59.26
CA ARG UB 215 18.55 57.04 59.67
C ARG UB 215 19.67 56.85 58.66
N GLU UB 216 19.68 57.67 57.62
CA GLU UB 216 20.64 57.54 56.52
C GLU UB 216 21.63 58.69 56.55
N LEU UB 217 22.92 58.36 56.48
CA LEU UB 217 23.98 59.34 56.56
C LEU UB 217 24.31 59.88 55.17
N ILE UB 218 24.61 61.17 55.11
CA ILE UB 218 25.07 61.83 53.89
C ILE UB 218 26.50 62.28 54.16
N ILE UB 219 27.47 61.53 53.65
CA ILE UB 219 28.87 61.74 53.99
C ILE UB 219 29.62 62.10 52.73
N GLY UB 220 30.47 63.11 52.82
CA GLY UB 220 31.29 63.44 51.66
C GLY UB 220 32.33 64.47 52.02
N ASP UB 221 32.93 65.05 50.98
CA ASP UB 221 33.89 66.12 51.16
C ASP UB 221 33.18 67.45 51.12
N ARG UB 222 33.96 68.53 51.18
CA ARG UB 222 33.40 69.87 51.16
C ARG UB 222 33.00 70.25 49.73
N GLN UB 223 31.85 70.90 49.61
CA GLN UB 223 31.34 71.35 48.31
C GLN UB 223 31.14 70.15 47.37
N THR UB 224 30.23 69.26 47.76
CA THR UB 224 29.91 68.07 46.99
C THR UB 224 28.43 67.89 46.72
N GLY UB 225 27.55 68.64 47.38
CA GLY UB 225 26.12 68.55 47.20
C GLY UB 225 25.38 67.89 48.34
N LYS UB 226 25.80 68.18 49.56
CA LYS UB 226 25.15 67.63 50.74
C LYS UB 226 23.91 68.45 51.06
N THR UB 227 24.10 69.76 51.21
CA THR UB 227 22.95 70.59 51.49
C THR UB 227 22.01 70.53 50.30
N ALA UB 228 22.55 70.40 49.08
CA ALA UB 228 21.67 70.42 47.92
C ALA UB 228 20.83 69.14 47.90
N VAL UB 229 21.42 68.01 48.29
CA VAL UB 229 20.65 66.77 48.42
C VAL UB 229 19.51 66.96 49.39
N ALA UB 230 19.82 67.54 50.57
CA ALA UB 230 18.78 67.73 51.58
C ALA UB 230 17.71 68.72 51.11
N VAL UB 231 18.11 69.79 50.44
CA VAL UB 231 17.16 70.79 49.98
C VAL UB 231 16.27 70.22 48.89
N ASP UB 232 16.78 69.33 48.04
CA ASP UB 232 15.91 68.69 47.06
C ASP UB 232 14.96 67.71 47.73
N ALA UB 233 15.44 67.00 48.76
CA ALA UB 233 14.55 66.16 49.56
C ALA UB 233 13.42 66.98 50.15
N ILE UB 234 13.72 68.20 50.59
CA ILE UB 234 12.70 69.08 51.16
C ILE UB 234 11.76 69.58 50.07
N ILE UB 235 12.30 69.93 48.90
CA ILE UB 235 11.50 70.57 47.86
C ILE UB 235 10.57 69.57 47.21
N ASN UB 236 10.92 68.29 47.19
CA ASN UB 236 10.06 67.32 46.52
C ASN UB 236 8.74 67.10 47.25
N GLN UB 237 8.60 67.59 48.48
CA GLN UB 237 7.46 67.26 49.32
C GLN UB 237 6.30 68.25 49.18
N LYS UB 238 6.52 69.39 48.52
CA LYS UB 238 5.46 70.39 48.48
C LYS UB 238 4.29 69.93 47.62
N GLU UB 239 4.56 69.19 46.55
CA GLU UB 239 3.47 68.61 45.75
C GLU UB 239 2.72 67.58 46.57
N ILE UB 240 3.45 66.69 47.24
CA ILE UB 240 2.83 65.63 48.03
C ILE UB 240 1.95 66.22 49.11
N ASN UB 241 2.32 67.40 49.62
CA ASN UB 241 1.56 67.99 50.72
C ASN UB 241 0.41 68.86 50.20
N ASP UB 242 0.63 69.57 49.10
CA ASP UB 242 -0.45 70.37 48.52
C ASP UB 242 -1.58 69.48 48.00
N SER UB 243 -1.23 68.33 47.45
CA SER UB 243 -2.24 67.43 46.88
C SER UB 243 -2.78 66.46 47.92
N THR UB 244 -3.16 67.00 49.08
CA THR UB 244 -3.80 66.23 50.13
C THR UB 244 -4.11 67.18 51.28
N ASP UB 245 -5.00 66.73 52.18
CA ASP UB 245 -5.13 67.32 53.51
C ASP UB 245 -5.01 66.26 54.60
N ASP UB 246 -4.39 65.13 54.29
CA ASP UB 246 -4.19 64.05 55.26
C ASP UB 246 -2.85 64.23 55.95
N GLU UB 247 -2.89 64.62 57.23
CA GLU UB 247 -1.66 64.86 57.97
C GLU UB 247 -0.86 63.58 58.15
N SER UB 248 -1.50 62.42 58.04
CA SER UB 248 -0.79 61.15 58.12
C SER UB 248 0.06 60.92 56.88
N LYS UB 249 -0.19 61.69 55.82
CA LYS UB 249 0.52 61.56 54.55
C LYS UB 249 1.41 62.73 54.24
N LYS UB 250 1.09 63.92 54.75
CA LYS UB 250 2.02 65.04 54.63
C LYS UB 250 3.33 64.72 55.35
N LEU UB 251 4.42 65.24 54.82
CA LEU UB 251 5.75 65.13 55.44
C LEU UB 251 6.23 66.51 55.85
N TYR UB 252 6.38 66.71 57.16
CA TYR UB 252 6.99 67.92 57.68
C TYR UB 252 8.50 67.75 57.78
N CYS UB 253 9.19 68.89 57.89
CA CYS UB 253 10.64 68.89 57.77
C CYS UB 253 11.27 69.81 58.81
N ILE UB 254 12.47 69.43 59.24
CA ILE UB 254 13.25 70.20 60.18
C ILE UB 254 14.68 70.24 59.67
N TYR UB 255 15.26 71.43 59.62
CA TYR UB 255 16.63 71.61 59.15
C TYR UB 255 17.44 72.23 60.29
N VAL UB 256 18.27 71.42 60.94
CA VAL UB 256 19.17 71.91 61.97
C VAL UB 256 20.49 72.24 61.30
N ALA UB 257 20.97 73.46 61.48
CA ALA UB 257 22.22 73.93 60.90
C ALA UB 257 23.18 74.26 62.02
N VAL UB 258 24.23 73.45 62.19
CA VAL UB 258 25.22 73.64 63.24
C VAL UB 258 26.50 74.13 62.59
N GLY UB 259 27.02 75.26 63.08
CA GLY UB 259 28.26 75.78 62.57
C GLY UB 259 28.14 76.60 61.31
N GLN UB 260 26.99 76.57 60.63
CA GLN UB 260 26.84 77.32 59.40
C GLN UB 260 26.87 78.83 59.68
N LYS UB 261 27.08 79.60 58.62
CA LYS UB 261 27.02 81.05 58.70
C LYS UB 261 25.64 81.58 58.29
N ARG UB 262 25.29 82.72 58.89
CA ARG UB 262 23.93 83.23 58.73
C ARG UB 262 23.66 83.60 57.28
N SER UB 263 24.70 83.96 56.52
CA SER UB 263 24.50 84.21 55.09
C SER UB 263 24.02 82.95 54.39
N THR UB 264 24.63 81.80 54.71
CA THR UB 264 24.22 80.55 54.11
C THR UB 264 22.82 80.16 54.54
N VAL UB 265 22.51 80.34 55.83
CA VAL UB 265 21.17 79.98 56.30
C VAL UB 265 20.13 80.88 55.65
N ALA UB 266 20.45 82.16 55.46
CA ALA UB 266 19.52 83.07 54.80
C ALA UB 266 19.35 82.69 53.33
N GLN UB 267 20.43 82.27 52.68
CA GLN UB 267 20.31 81.80 51.30
C GLN UB 267 19.40 80.59 51.22
N ILE UB 268 19.50 79.68 52.20
CA ILE UB 268 18.65 78.50 52.20
C ILE UB 268 17.19 78.88 52.40
N VAL UB 269 16.93 79.79 53.36
CA VAL UB 269 15.57 80.26 53.59
C VAL UB 269 15.02 80.94 52.35
N LYS UB 270 15.87 81.69 51.63
CA LYS UB 270 15.44 82.33 50.40
C LYS UB 270 15.11 81.31 49.33
N ALA UB 271 15.95 80.29 49.17
CA ALA UB 271 15.69 79.24 48.19
C ALA UB 271 14.40 78.50 48.51
N LEU UB 272 14.04 78.39 49.79
CA LEU UB 272 12.81 77.69 50.15
C LEU UB 272 11.59 78.59 49.96
N GLU UB 273 11.70 79.86 50.33
CA GLU UB 273 10.58 80.78 50.12
C GLU UB 273 10.31 81.00 48.64
N GLN UB 274 11.36 80.99 47.81
CA GLN UB 274 11.18 81.14 46.37
C GLN UB 274 10.42 79.96 45.78
N ARG UB 275 10.34 78.84 46.49
CA ARG UB 275 9.64 77.65 46.00
C ARG UB 275 8.49 77.26 46.92
N ASP UB 276 8.09 78.11 47.86
CA ASP UB 276 6.97 77.83 48.75
C ASP UB 276 7.22 76.61 49.63
N ALA UB 277 8.48 76.37 49.96
CA ALA UB 277 8.91 75.20 50.74
C ALA UB 277 9.23 75.58 52.17
N MET UB 278 8.42 76.48 52.76
CA MET UB 278 8.55 76.84 54.16
C MET UB 278 7.30 76.59 54.99
N LYS UB 279 6.13 76.44 54.35
CA LYS UB 279 4.91 76.18 55.12
C LYS UB 279 4.87 74.78 55.72
N TYR UB 280 5.84 73.92 55.41
CA TYR UB 280 5.91 72.59 56.01
C TYR UB 280 7.29 72.30 56.57
N THR UB 281 8.16 73.29 56.68
CA THR UB 281 9.49 73.14 57.25
C THR UB 281 9.65 74.04 58.46
N THR UB 282 10.64 73.72 59.28
CA THR UB 282 11.19 74.67 60.22
C THR UB 282 12.71 74.55 60.22
N VAL UB 283 13.36 75.58 60.76
CA VAL UB 283 14.81 75.68 60.75
C VAL UB 283 15.32 76.00 62.15
N VAL UB 284 16.48 75.44 62.48
CA VAL UB 284 17.10 75.59 63.79
C VAL UB 284 18.54 75.96 63.54
N ALA UB 285 18.86 77.25 63.66
CA ALA UB 285 20.16 77.78 63.28
C ALA UB 285 21.02 78.00 64.52
N ALA UB 286 22.02 77.14 64.72
CA ALA UB 286 23.02 77.33 65.76
C ALA UB 286 24.35 77.57 65.05
N THR UB 287 24.60 78.84 64.72
CA THR UB 287 25.69 79.23 63.84
C THR UB 287 27.00 79.29 64.64
N ALA UB 288 28.04 79.87 64.04
CA ALA UB 288 29.37 79.79 64.62
C ALA UB 288 29.51 80.83 65.73
N SER UB 289 28.96 82.01 65.53
CA SER UB 289 28.94 83.01 66.60
C SER UB 289 28.14 82.50 67.80
N GLU UB 290 27.10 81.71 67.53
CA GLU UB 290 26.34 81.11 68.61
C GLU UB 290 27.24 80.20 69.43
N ALA UB 291 27.06 80.24 70.75
CA ALA UB 291 27.99 79.58 71.66
C ALA UB 291 28.01 78.06 71.47
N ALA UB 292 29.06 77.47 72.04
CA ALA UB 292 29.24 76.02 71.96
C ALA UB 292 28.06 75.26 72.52
N PRO UB 293 27.48 75.62 73.66
CA PRO UB 293 26.36 74.83 74.18
C PRO UB 293 25.14 74.88 73.28
N LEU UB 294 24.91 76.01 72.60
CA LEU UB 294 23.79 76.08 71.67
C LEU UB 294 24.05 75.22 70.44
N GLN UB 295 25.28 75.24 69.93
CA GLN UB 295 25.61 74.34 68.81
C GLN UB 295 25.49 72.88 69.23
N PHE UB 296 25.84 72.58 70.48
CA PHE UB 296 25.77 71.21 70.97
C PHE UB 296 24.33 70.77 71.24
N LEU UB 297 23.45 71.72 71.57
CA LEU UB 297 22.08 71.40 71.93
C LEU UB 297 21.11 71.42 70.76
N ALA UB 298 21.45 72.11 69.67
CA ALA UB 298 20.47 72.32 68.61
C ALA UB 298 19.89 71.03 68.04
N PRO UB 299 20.68 70.00 67.72
CA PRO UB 299 20.05 68.78 67.17
C PRO UB 299 19.14 68.06 68.14
N TYR UB 300 19.41 68.11 69.45
CA TYR UB 300 18.48 67.54 70.40
C TYR UB 300 17.17 68.32 70.42
N SER UB 301 17.26 69.65 70.26
CA SER UB 301 16.05 70.45 70.14
C SER UB 301 15.26 70.07 68.89
N GLY UB 302 15.97 69.80 67.79
CA GLY UB 302 15.28 69.36 66.59
C GLY UB 302 14.57 68.03 66.77
N CYS UB 303 15.25 67.08 67.43
CA CYS UB 303 14.59 65.80 67.71
C CYS UB 303 13.40 65.98 68.65
N ALA UB 304 13.48 66.92 69.59
CA ALA UB 304 12.34 67.20 70.45
C ALA UB 304 11.17 67.76 69.65
N MET UB 305 11.46 68.66 68.71
CA MET UB 305 10.40 69.20 67.86
C MET UB 305 9.83 68.13 66.93
N GLY UB 306 10.62 67.13 66.57
CA GLY UB 306 10.15 66.09 65.68
C GLY UB 306 9.41 64.97 66.37
N GLU UB 307 9.66 64.77 67.66
CA GLU UB 307 8.93 63.74 68.40
C GLU UB 307 7.45 64.08 68.55
N TRP UB 308 7.09 65.36 68.46
CA TRP UB 308 5.67 65.72 68.44
C TRP UB 308 4.99 65.11 67.21
N PHE UB 309 5.63 65.21 66.05
CA PHE UB 309 5.08 64.56 64.85
C PHE UB 309 5.12 63.05 64.98
N ARG UB 310 6.26 62.51 65.44
CA ARG UB 310 6.42 61.07 65.53
C ARG UB 310 5.35 60.45 66.43
N ASP UB 311 4.99 61.14 67.52
CA ASP UB 311 4.05 60.62 68.49
C ASP UB 311 2.60 60.92 68.15
N SER UB 312 2.34 61.99 67.41
CA SER UB 312 0.98 62.44 67.13
C SER UB 312 0.43 61.86 65.83
N GLY UB 313 0.95 60.70 65.39
CA GLY UB 313 0.44 60.05 64.20
C GLY UB 313 0.93 60.62 62.90
N ARG UB 314 1.68 61.72 62.92
CA ARG UB 314 2.18 62.35 61.72
C ARG UB 314 3.59 61.84 61.42
N HIS UB 315 4.15 62.34 60.32
CA HIS UB 315 5.48 61.97 59.86
C HIS UB 315 6.37 63.20 59.85
N CYS UB 316 7.67 62.96 59.71
CA CYS UB 316 8.64 64.05 59.81
C CYS UB 316 9.96 63.58 59.23
N VAL UB 317 10.79 64.55 58.85
CA VAL UB 317 12.17 64.31 58.46
C VAL UB 317 13.03 65.42 59.06
N ILE UB 318 14.23 65.07 59.51
CA ILE UB 318 15.13 66.00 60.18
C ILE UB 318 16.52 65.86 59.56
N ILE UB 319 17.11 67.00 59.20
CA ILE UB 319 18.41 67.06 58.53
C ILE UB 319 19.36 67.82 59.45
N TYR UB 320 20.28 67.09 60.09
CA TYR UB 320 21.37 67.70 60.83
C TYR UB 320 22.51 68.04 59.87
N ASP UB 321 22.81 69.33 59.72
CA ASP UB 321 23.82 69.80 58.80
C ASP UB 321 25.03 70.25 59.60
N ASP UB 322 26.21 69.72 59.22
CA ASP UB 322 27.45 69.87 59.98
C ASP UB 322 27.30 69.27 61.38
N LEU UB 323 27.09 67.95 61.39
CA LEU UB 323 27.04 67.19 62.62
C LEU UB 323 28.39 67.02 63.28
N SER UB 324 29.48 67.40 62.61
CA SER UB 324 30.79 67.37 63.21
C SER UB 324 31.05 68.61 64.06
N LYS UB 325 30.37 69.72 63.79
CA LYS UB 325 30.52 70.90 64.62
C LYS UB 325 29.93 70.66 66.00
N GLN UB 326 28.90 69.80 66.10
CA GLN UB 326 28.42 69.38 67.41
C GLN UB 326 29.52 68.72 68.23
N ALA UB 327 30.26 67.81 67.61
CA ALA UB 327 31.33 67.13 68.34
C ALA UB 327 32.47 68.08 68.66
N THR UB 328 32.76 69.01 67.73
CA THR UB 328 33.72 70.06 68.01
C THR UB 328 33.34 70.85 69.25
N ALA UB 329 32.06 71.24 69.34
CA ALA UB 329 31.59 72.02 70.48
C ALA UB 329 31.63 71.20 71.76
N TYR UB 330 31.30 69.92 71.68
CA TYR UB 330 31.38 69.07 72.87
C TYR UB 330 32.81 68.93 73.35
N ARG UB 331 33.75 68.74 72.43
CA ARG UB 331 35.16 68.75 72.77
C ARG UB 331 35.55 70.06 73.46
N GLN UB 332 35.12 71.17 72.88
CA GLN UB 332 35.43 72.49 73.45
C GLN UB 332 34.91 72.60 74.88
N MET UB 333 33.64 72.23 75.08
CA MET UB 333 33.04 72.31 76.40
C MET UB 333 33.78 71.44 77.40
N SER UB 334 34.01 70.16 77.07
CA SER UB 334 34.67 69.27 78.02
C SER UB 334 36.11 69.70 78.31
N LEU UB 335 36.78 70.31 77.33
CA LEU UB 335 38.16 70.72 77.56
C LEU UB 335 38.22 72.02 78.34
N LEU UB 336 37.19 72.85 78.26
CA LEU UB 336 37.17 74.04 79.09
C LEU UB 336 36.58 73.73 80.46
N LEU UB 337 35.85 72.61 80.58
CA LEU UB 337 35.44 72.06 81.86
C LEU UB 337 36.48 71.12 82.44
N ARG UB 338 37.70 71.11 81.88
CA ARG UB 338 38.80 70.32 82.41
C ARG UB 338 38.55 68.82 82.39
N ARG UB 339 37.58 68.35 81.62
CA ARG UB 339 37.44 66.92 81.43
C ARG UB 339 38.56 66.40 80.53
N PRO UB 340 39.03 65.18 80.76
CA PRO UB 340 40.19 64.68 80.04
C PRO UB 340 39.78 64.14 78.67
N PRO UB 341 40.64 64.28 77.66
CA PRO UB 341 40.22 63.90 76.30
C PRO UB 341 40.45 62.42 76.00
N GLY UB 342 40.13 62.03 74.78
CA GLY UB 342 40.43 60.71 74.28
C GLY UB 342 41.36 60.79 73.08
N ARG UB 343 40.89 60.28 71.95
CA ARG UB 343 41.66 60.31 70.71
C ARG UB 343 41.10 61.40 69.81
N GLU UB 344 41.99 62.06 69.06
CA GLU UB 344 41.66 63.30 68.36
C GLU UB 344 41.13 64.36 69.32
N ALA UB 345 41.56 64.31 70.57
CA ALA UB 345 41.17 65.23 71.64
C ALA UB 345 39.68 65.19 71.96
N TYR UB 346 38.93 64.26 71.39
CA TYR UB 346 37.53 64.11 71.77
C TYR UB 346 37.41 63.33 73.06
N PRO UB 347 36.28 63.46 73.77
CA PRO UB 347 36.03 62.55 74.90
C PRO UB 347 35.63 61.16 74.44
N GLY UB 348 35.33 60.29 75.40
CA GLY UB 348 34.79 58.97 75.08
C GLY UB 348 33.29 58.91 74.96
N ASP UB 349 32.57 59.94 75.40
CA ASP UB 349 31.12 59.95 75.37
C ASP UB 349 30.56 60.42 74.04
N VAL UB 350 31.34 60.39 72.95
CA VAL UB 350 30.82 60.82 71.66
C VAL UB 350 29.85 59.80 71.10
N PHE UB 351 30.14 58.51 71.32
CA PHE UB 351 29.19 57.48 70.92
C PHE UB 351 27.87 57.64 71.66
N TYR UB 352 27.91 57.92 72.96
CA TYR UB 352 26.70 58.16 73.73
C TYR UB 352 26.16 59.57 73.51
N LEU UB 353 26.87 60.38 72.73
CA LEU UB 353 26.39 61.70 72.31
C LEU UB 353 25.55 61.59 71.05
N HIS UB 354 25.94 60.69 70.15
CA HIS UB 354 25.24 60.52 68.89
C HIS UB 354 24.17 59.44 68.95
N SER UB 355 24.34 58.44 69.82
CA SER UB 355 23.37 57.36 69.90
C SER UB 355 22.05 57.84 70.48
N ARG UB 356 22.11 58.55 71.61
CA ARG UB 356 20.95 59.24 72.16
C ARG UB 356 20.19 59.99 71.07
N LEU UB 357 20.93 60.69 70.21
CA LEU UB 357 20.30 61.58 69.24
C LEU UB 357 19.64 60.79 68.12
N LEU UB 358 20.36 59.82 67.55
CA LEU UB 358 19.87 59.10 66.38
C LEU UB 358 18.87 58.01 66.73
N GLU UB 359 18.88 57.50 67.96
CA GLU UB 359 17.87 56.52 68.37
C GLU UB 359 16.49 57.13 68.60
N ARG UB 360 16.35 58.46 68.48
CA ARG UB 360 15.02 59.06 68.56
C ARG UB 360 14.27 58.97 67.24
N ALA UB 361 14.98 58.84 66.12
CA ALA UB 361 14.34 58.47 64.86
C ALA UB 361 13.79 57.06 64.97
N ALA UB 362 12.56 56.87 64.50
CA ALA UB 362 11.86 55.61 64.72
C ALA UB 362 10.59 55.59 63.89
N LYS UB 363 10.07 54.39 63.70
CA LYS UB 363 8.75 54.15 63.10
C LYS UB 363 7.90 53.49 64.16
N MET UB 364 6.86 54.19 64.61
CA MET UB 364 6.01 53.72 65.70
C MET UB 364 4.91 52.81 65.17
N GLY UB 365 4.28 52.10 66.09
CA GLY UB 365 3.26 51.14 65.75
C GLY UB 365 1.89 51.78 65.58
N ASP UB 366 0.91 50.94 65.29
CA ASP UB 366 -0.45 51.43 65.07
C ASP UB 366 -1.14 51.82 66.37
N LYS UB 367 -0.59 51.45 67.52
CA LYS UB 367 -1.14 51.86 68.81
C LYS UB 367 -0.62 53.22 69.25
N SER UB 368 0.61 53.57 68.89
CA SER UB 368 1.19 54.86 69.21
C SER UB 368 0.96 55.90 68.12
N GLY UB 369 -0.01 55.66 67.24
CA GLY UB 369 -0.40 56.65 66.25
C GLY UB 369 -0.03 56.21 64.85
N GLY UB 370 1.15 55.61 64.69
CA GLY UB 370 1.67 55.27 63.40
C GLY UB 370 2.62 56.27 62.79
N GLY UB 371 3.15 57.19 63.59
CA GLY UB 371 3.98 58.25 63.06
C GLY UB 371 5.35 57.73 62.64
N SER UB 372 6.24 58.68 62.37
CA SER UB 372 7.59 58.35 61.96
C SER UB 372 8.47 59.58 62.10
N LEU UB 373 9.75 59.36 62.32
CA LEU UB 373 10.75 60.42 62.28
C LEU UB 373 11.99 59.89 61.56
N THR UB 374 12.16 60.30 60.31
CA THR UB 374 13.36 59.93 59.55
C THR UB 374 14.49 60.91 59.86
N ALA UB 375 15.72 60.41 59.72
CA ALA UB 375 16.90 61.21 60.01
C ALA UB 375 17.88 61.14 58.85
N LEU UB 376 18.50 62.28 58.54
CA LEU UB 376 19.45 62.40 57.44
C LEU UB 376 20.63 63.25 57.89
N PRO UB 377 21.46 62.71 58.80
CA PRO UB 377 22.64 63.46 59.24
C PRO UB 377 23.60 63.70 58.10
N VAL UB 378 24.49 64.67 58.28
CA VAL UB 378 25.44 65.11 57.27
C VAL UB 378 26.83 65.16 57.89
N ILE UB 379 27.83 64.68 57.15
CA ILE UB 379 29.20 64.66 57.66
C ILE UB 379 30.18 65.01 56.55
N GLU UB 380 31.14 65.87 56.91
CA GLU UB 380 32.24 66.27 56.05
C GLU UB 380 33.50 65.54 56.50
N THR UB 381 34.04 64.71 55.61
CA THR UB 381 35.33 64.06 55.81
C THR UB 381 36.45 64.90 55.18
N GLN UB 382 37.67 64.53 55.53
CA GLN UB 382 38.87 65.24 55.10
C GLN UB 382 39.77 64.27 54.32
N ALA UB 383 40.00 64.58 53.05
CA ALA UB 383 40.77 63.71 52.16
C ALA UB 383 40.11 62.35 51.99
N GLY UB 384 38.78 62.30 52.10
CA GLY UB 384 38.07 61.06 51.98
C GLY UB 384 38.37 60.06 53.08
N ASP UB 385 38.96 60.50 54.19
CA ASP UB 385 39.37 59.58 55.26
C ASP UB 385 38.12 59.24 56.07
N VAL UB 386 37.55 58.07 55.80
CA VAL UB 386 36.48 57.51 56.61
C VAL UB 386 37.00 56.48 57.62
N SER UB 387 38.30 56.33 57.74
CA SER UB 387 38.90 55.56 58.82
C SER UB 387 38.99 56.34 60.12
N ALA UB 388 38.40 57.54 60.17
CA ALA UB 388 38.51 58.39 61.34
C ALA UB 388 37.53 57.91 62.41
N TYR UB 389 37.33 58.71 63.44
CA TYR UB 389 36.55 58.31 64.61
C TYR UB 389 35.06 58.60 64.42
N ILE UB 390 34.72 59.81 64.02
CA ILE UB 390 33.34 60.27 63.96
C ILE UB 390 32.63 59.61 62.78
N PRO UB 391 33.22 59.62 61.58
CA PRO UB 391 32.62 58.84 60.49
C PRO UB 391 32.42 57.38 60.84
N THR UB 392 33.39 56.76 61.51
CA THR UB 392 33.27 55.36 61.88
C THR UB 392 32.11 55.14 62.83
N ASN UB 393 32.03 55.97 63.88
CA ASN UB 393 30.91 55.87 64.82
C ASN UB 393 29.57 56.00 64.11
N VAL UB 394 29.43 56.99 63.23
CA VAL UB 394 28.10 57.22 62.67
C VAL UB 394 27.76 56.16 61.63
N ILE UB 395 28.78 55.62 60.96
CA ILE UB 395 28.48 54.53 60.05
C ILE UB 395 28.08 53.32 60.86
N SER UB 396 28.71 53.13 62.02
CA SER UB 396 28.36 51.96 62.82
C SER UB 396 27.03 52.15 63.52
N ILE UB 397 26.42 53.33 63.41
CA ILE UB 397 25.16 53.55 64.13
C ILE UB 397 24.14 54.16 63.18
N THR UB 398 24.23 53.85 61.89
CA THR UB 398 23.28 54.37 60.91
C THR UB 398 22.82 53.22 60.02
N ASP UB 399 21.67 53.41 59.37
CA ASP UB 399 21.06 52.38 58.54
C ASP UB 399 21.41 52.53 57.07
N GLY UB 400 22.56 53.12 56.76
CA GLY UB 400 22.93 53.31 55.38
C GLY UB 400 24.00 54.38 55.26
N GLN UB 401 24.35 54.66 54.02
CA GLN UB 401 25.40 55.62 53.70
C GLN UB 401 25.14 56.18 52.31
N ILE UB 402 25.43 57.46 52.12
CA ILE UB 402 25.40 58.11 50.83
C ILE UB 402 26.72 58.87 50.72
N PHE UB 403 27.71 58.24 50.08
CA PHE UB 403 29.02 58.83 49.88
C PHE UB 403 28.99 59.81 48.71
N LEU UB 404 29.81 60.86 48.82
CA LEU UB 404 29.90 61.88 47.79
C LEU UB 404 31.37 62.20 47.55
N GLU UB 405 31.75 62.27 46.26
CA GLU UB 405 33.14 62.39 45.88
C GLU UB 405 33.36 63.56 44.94
N THR UB 406 34.58 64.11 45.00
CA THR UB 406 34.94 65.22 44.13
C THR UB 406 35.34 64.73 42.76
N GLU UB 407 35.98 63.56 42.68
CA GLU UB 407 36.30 63.02 41.37
C GLU UB 407 35.04 62.83 40.53
N LEU UB 408 33.97 62.31 41.16
CA LEU UB 408 32.70 62.17 40.47
C LEU UB 408 32.00 63.51 40.31
N PHE UB 409 32.26 64.47 41.22
CA PHE UB 409 31.62 65.76 41.10
C PHE UB 409 32.17 66.56 39.92
N TYR UB 410 33.46 66.37 39.61
CA TYR UB 410 34.11 67.08 38.51
C TYR UB 410 34.13 66.29 37.21
N LYS UB 411 34.02 64.96 37.25
CA LYS UB 411 33.91 64.19 36.03
C LYS UB 411 32.63 64.49 35.26
N GLY UB 412 31.63 65.07 35.94
CA GLY UB 412 30.34 65.35 35.32
C GLY UB 412 29.17 64.72 36.02
N ILE UB 413 29.38 63.90 37.05
CA ILE UB 413 28.29 63.22 37.74
C ILE UB 413 27.85 64.12 38.89
N ARG UB 414 26.66 64.69 38.76
CA ARG UB 414 26.12 65.60 39.76
C ARG UB 414 24.62 65.33 39.93
N PRO UB 415 24.19 64.82 41.09
CA PRO UB 415 24.90 64.52 42.33
C PRO UB 415 25.97 63.43 42.19
N ALA UB 416 27.07 63.61 42.91
CA ALA UB 416 28.26 62.76 42.76
C ALA UB 416 28.20 61.56 43.72
N ILE UB 417 27.10 60.82 43.65
CA ILE UB 417 26.86 59.72 44.58
C ILE UB 417 27.57 58.47 44.07
N ASN UB 418 28.45 57.92 44.91
CA ASN UB 418 29.08 56.63 44.63
C ASN UB 418 28.16 55.51 45.08
N VAL UB 419 27.56 54.80 44.12
CA VAL UB 419 26.54 53.81 44.45
C VAL UB 419 27.12 52.47 44.86
N GLY UB 420 28.44 52.34 44.90
CA GLY UB 420 29.06 51.15 45.43
C GLY UB 420 29.18 51.20 46.93
N LEU UB 421 29.85 52.24 47.43
CA LEU UB 421 29.99 52.42 48.88
C LEU UB 421 28.65 52.79 49.50
N SER UB 422 27.85 53.59 48.80
CA SER UB 422 26.55 54.00 49.30
C SER UB 422 25.62 52.79 49.40
N VAL UB 423 24.94 52.67 50.54
CA VAL UB 423 24.03 51.56 50.79
C VAL UB 423 22.82 52.05 51.56
N SER UB 424 21.86 51.16 51.73
CA SER UB 424 20.67 51.42 52.55
C SER UB 424 20.16 50.08 53.05
N ARG UB 425 20.39 49.77 54.33
CA ARG UB 425 20.05 48.46 54.85
C ARG UB 425 18.57 48.14 54.68
N VAL UB 426 17.70 49.14 54.82
CA VAL UB 426 16.28 48.92 54.58
C VAL UB 426 16.06 48.45 53.14
N GLY UB 427 16.44 49.28 52.18
CA GLY UB 427 16.50 48.81 50.80
C GLY UB 427 15.12 48.80 50.16
N SER UB 428 14.81 47.68 49.49
CA SER UB 428 13.64 47.62 48.64
C SER UB 428 12.34 47.78 49.44
N ALA UB 429 12.36 47.41 50.72
CA ALA UB 429 11.18 47.57 51.55
C ALA UB 429 10.75 49.02 51.63
N ALA UB 430 11.70 49.96 51.49
CA ALA UB 430 11.40 51.38 51.38
C ALA UB 430 11.29 51.84 49.94
N GLN UB 431 10.83 50.96 49.04
CA GLN UB 431 10.82 51.24 47.61
C GLN UB 431 9.51 50.73 47.03
N VAL UB 432 8.97 51.48 46.07
CA VAL UB 432 7.76 51.05 45.37
C VAL UB 432 8.08 49.91 44.42
N LYS UB 433 7.10 49.02 44.23
CA LYS UB 433 7.29 47.88 43.34
C LYS UB 433 7.65 48.33 41.93
N ALA UB 434 6.93 49.34 41.43
CA ALA UB 434 7.24 49.88 40.11
C ALA UB 434 8.69 50.34 40.03
N MET UB 435 9.24 50.83 41.14
CA MET UB 435 10.64 51.24 41.15
C MET UB 435 11.58 50.06 41.41
N LYS UB 436 11.12 49.05 42.14
CA LYS UB 436 11.90 47.83 42.30
C LYS UB 436 12.20 47.20 40.95
N GLN UB 437 11.15 47.05 40.13
CA GLN UB 437 11.27 46.37 38.84
C GLN UB 437 12.39 46.96 38.01
N VAL UB 438 12.52 48.28 38.00
CA VAL UB 438 13.52 48.94 37.17
C VAL UB 438 14.86 48.97 37.89
N ALA UB 439 14.85 49.20 39.21
CA ALA UB 439 16.09 49.49 39.92
C ALA UB 439 16.92 48.24 40.13
N GLY UB 440 16.31 47.06 40.21
CA GLY UB 440 17.11 45.85 40.26
C GLY UB 440 17.98 45.69 39.02
N THR UB 441 17.34 45.78 37.84
CA THR UB 441 18.09 45.74 36.59
C THR UB 441 19.11 46.86 36.52
N MET UB 442 18.74 48.06 36.99
CA MET UB 442 19.67 49.19 36.92
C MET UB 442 20.91 48.91 37.77
N LYS UB 443 20.71 48.41 38.99
CA LYS UB 443 21.84 48.12 39.86
C LYS UB 443 22.73 47.04 39.26
N LEU UB 444 22.12 46.01 38.67
CA LEU UB 444 22.92 44.96 38.02
C LEU UB 444 23.76 45.54 36.88
N GLU UB 445 23.11 46.31 36.00
CA GLU UB 445 23.82 46.89 34.86
C GLU UB 445 24.94 47.82 35.33
N LEU UB 446 24.69 48.62 36.35
CA LEU UB 446 25.72 49.55 36.82
C LEU UB 446 26.87 48.81 37.49
N ALA UB 447 26.58 47.70 38.19
CA ALA UB 447 27.66 46.87 38.73
C ALA UB 447 28.54 46.34 37.60
N GLN UB 448 27.92 45.79 36.56
CA GLN UB 448 28.69 45.26 35.43
C GLN UB 448 29.51 46.36 34.77
N TYR UB 449 28.89 47.52 34.52
CA TYR UB 449 29.60 48.63 33.89
C TYR UB 449 30.78 49.07 34.73
N ARG UB 450 30.59 49.17 36.05
CA ARG UB 450 31.68 49.57 36.93
C ARG UB 450 32.81 48.54 36.91
N GLU UB 451 32.45 47.27 36.79
CA GLU UB 451 33.47 46.23 36.69
C GLU UB 451 34.27 46.38 35.41
N VAL UB 452 33.61 46.66 34.28
CA VAL UB 452 34.21 46.44 32.98
C VAL UB 452 34.85 47.71 32.41
N ALA UB 453 34.33 48.88 32.80
CA ALA UB 453 34.71 50.12 32.12
C ALA UB 453 36.19 50.42 32.28
N ALA UB 454 36.76 50.09 33.44
CA ALA UB 454 38.18 50.38 33.66
C ALA UB 454 39.04 49.65 32.63
N PHE UB 455 38.79 48.36 32.42
CA PHE UB 455 39.52 47.65 31.37
C PHE UB 455 39.14 48.16 30.00
N ALA UB 456 37.88 48.55 29.80
CA ALA UB 456 37.43 48.96 28.48
C ALA UB 456 38.12 50.24 28.02
N GLN UB 457 38.46 51.13 28.95
CA GLN UB 457 38.97 52.45 28.57
C GLN UB 457 40.36 52.41 27.94
N PHE UB 458 41.01 51.25 27.88
CA PHE UB 458 42.35 51.16 27.34
C PHE UB 458 42.38 50.99 25.82
N GLY UB 459 41.24 51.11 25.15
CA GLY UB 459 41.22 51.09 23.71
C GLY UB 459 41.13 49.71 23.10
N SER UB 460 40.91 48.68 23.91
CA SER UB 460 40.70 47.34 23.39
C SER UB 460 39.42 47.27 22.58
N ASP UB 461 39.24 46.16 21.87
CA ASP UB 461 38.10 45.93 21.00
C ASP UB 461 37.33 44.74 21.56
N LEU UB 462 36.05 44.94 21.85
CA LEU UB 462 35.27 44.01 22.64
C LEU UB 462 34.06 43.53 21.83
N ASP UB 463 33.47 42.44 22.30
CA ASP UB 463 32.30 41.88 21.65
C ASP UB 463 31.08 42.78 21.86
N ALA UB 464 29.96 42.34 21.30
CA ALA UB 464 28.74 43.13 21.40
C ALA UB 464 28.06 42.93 22.75
N SER UB 465 28.22 41.76 23.36
CA SER UB 465 27.61 41.53 24.66
C SER UB 465 28.22 42.44 25.72
N THR UB 466 29.48 42.83 25.55
CA THR UB 466 30.15 43.77 26.45
C THR UB 466 29.96 45.22 26.01
N ARG UB 467 29.97 45.46 24.69
CA ARG UB 467 29.66 46.80 24.21
C ARG UB 467 28.27 47.23 24.65
N GLN UB 468 27.32 46.30 24.73
CA GLN UB 468 25.99 46.63 25.23
C GLN UB 468 26.03 47.00 26.70
N LEU UB 469 26.84 46.30 27.49
CA LEU UB 469 27.01 46.66 28.90
C LEU UB 469 27.55 48.07 29.02
N LEU UB 470 28.60 48.40 28.27
CA LEU UB 470 29.17 49.73 28.34
C LEU UB 470 28.17 50.79 27.91
N THR UB 471 27.44 50.52 26.82
CA THR UB 471 26.47 51.49 26.32
C THR UB 471 25.38 51.74 27.36
N ARG UB 472 24.82 50.67 27.92
CA ARG UB 472 23.74 50.83 28.89
C ARG UB 472 24.23 51.50 30.16
N GLY UB 473 25.45 51.18 30.60
CA GLY UB 473 25.99 51.84 31.79
C GLY UB 473 26.23 53.31 31.57
N THR UB 474 26.75 53.68 30.39
CA THR UB 474 26.93 55.10 30.07
C THR UB 474 25.59 55.81 30.00
N ALA UB 475 24.58 55.16 29.41
CA ALA UB 475 23.26 55.74 29.33
C ALA UB 475 22.69 56.02 30.72
N LEU UB 476 22.78 55.03 31.61
CA LEU UB 476 22.25 55.22 32.96
C LEU UB 476 23.03 56.28 33.71
N THR UB 477 24.36 56.26 33.62
CA THR UB 477 25.17 57.28 34.27
C THR UB 477 24.84 58.68 33.77
N GLU UB 478 24.50 58.82 32.48
CA GLU UB 478 24.08 60.11 31.96
C GLU UB 478 22.62 60.42 32.27
N LEU UB 479 21.84 59.41 32.66
CA LEU UB 479 20.45 59.66 33.05
C LEU UB 479 20.38 60.15 34.49
N LEU UB 480 21.19 59.58 35.37
CA LEU UB 480 21.10 59.87 36.80
C LEU UB 480 21.66 61.24 37.17
N LYS UB 481 22.15 62.01 36.20
CA LYS UB 481 22.59 63.36 36.49
C LYS UB 481 21.39 64.30 36.60
N GLN UB 482 21.54 65.32 37.45
CA GLN UB 482 20.43 66.21 37.74
C GLN UB 482 20.96 67.60 38.05
N ARG UB 483 20.15 68.60 37.74
CA ARG UB 483 20.42 69.98 38.11
C ARG UB 483 20.06 70.20 39.58
N GLN UB 484 20.60 71.26 40.14
CA GLN UB 484 20.34 71.59 41.54
C GLN UB 484 18.96 72.23 41.68
N TYR UB 485 18.23 71.82 42.72
CA TYR UB 485 16.88 72.28 42.96
C TYR UB 485 15.93 71.92 41.82
N SER UB 486 16.17 70.78 41.18
CA SER UB 486 15.31 70.26 40.12
C SER UB 486 14.93 68.82 40.42
N PRO UB 487 14.15 68.60 41.47
CA PRO UB 487 13.69 67.23 41.78
C PRO UB 487 12.52 66.82 40.89
N MET UB 488 12.23 65.53 40.92
CA MET UB 488 11.26 64.93 40.01
C MET UB 488 10.35 64.00 40.79
N LYS UB 489 9.13 63.82 40.28
CA LYS UB 489 8.20 62.89 40.89
C LYS UB 489 8.63 61.44 40.68
N ASN UB 490 7.99 60.55 41.43
CA ASN UB 490 8.34 59.13 41.35
C ASN UB 490 7.88 58.55 40.02
N SER UB 491 6.67 58.90 39.58
CA SER UB 491 6.18 58.37 38.32
C SER UB 491 7.08 58.81 37.17
N VAL UB 492 7.57 60.05 37.21
CA VAL UB 492 8.44 60.54 36.16
C VAL UB 492 9.80 59.85 36.21
N GLN UB 493 10.32 59.62 37.42
CA GLN UB 493 11.53 58.82 37.53
C GLN UB 493 11.33 57.42 36.94
N VAL UB 494 10.18 56.81 37.24
CA VAL UB 494 9.87 55.48 36.71
C VAL UB 494 9.88 55.50 35.19
N CYS UB 495 9.20 56.48 34.60
CA CYS UB 495 9.12 56.56 33.14
C CYS UB 495 10.51 56.75 32.53
N VAL UB 496 11.30 57.65 33.11
CA VAL UB 496 12.62 57.94 32.55
C VAL UB 496 13.51 56.70 32.63
N LEU UB 497 13.50 56.03 33.79
CA LEU UB 497 14.33 54.84 33.92
C LEU UB 497 13.80 53.68 33.10
N TYR UB 498 12.51 53.65 32.80
CA TYR UB 498 11.99 52.69 31.82
C TYR UB 498 12.59 52.94 30.45
N CYS UB 499 12.53 54.19 29.99
CA CYS UB 499 13.16 54.54 28.72
C CYS UB 499 14.64 54.17 28.72
N GLY UB 500 15.31 54.33 29.86
CA GLY UB 500 16.74 54.04 29.92
C GLY UB 500 17.06 52.57 30.00
N VAL UB 501 16.14 51.77 30.56
CA VAL UB 501 16.42 50.37 30.80
C VAL UB 501 15.97 49.49 29.64
N LYS UB 502 14.90 49.85 28.95
CA LYS UB 502 14.42 49.05 27.83
C LYS UB 502 15.17 49.31 26.53
N GLY UB 503 16.14 50.21 26.54
CA GLY UB 503 17.02 50.39 25.41
C GLY UB 503 16.67 51.51 24.46
N TYR UB 504 15.90 52.51 24.90
CA TYR UB 504 15.60 53.67 24.07
C TYR UB 504 16.64 54.77 24.23
N LEU UB 505 17.80 54.47 24.82
CA LEU UB 505 18.90 55.41 24.92
C LEU UB 505 20.25 54.80 24.54
N ASP UB 506 20.32 53.50 24.28
CA ASP UB 506 21.60 52.91 23.91
C ASP UB 506 22.18 53.50 22.64
N PRO UB 507 21.48 53.53 21.51
CA PRO UB 507 22.08 54.11 20.30
C PRO UB 507 22.26 55.61 20.39
N LEU UB 508 21.40 56.28 21.17
CA LEU UB 508 21.47 57.73 21.28
C LEU UB 508 22.83 58.16 21.83
N ASP UB 509 23.21 59.39 21.52
CA ASP UB 509 24.49 59.91 21.96
C ASP UB 509 24.42 60.24 23.46
N PRO UB 510 25.53 60.06 24.20
CA PRO UB 510 25.50 60.42 25.62
C PRO UB 510 25.19 61.89 25.87
N LYS UB 511 25.73 62.79 25.06
CA LYS UB 511 25.54 64.23 25.31
C LYS UB 511 24.11 64.68 25.02
N GLU UB 512 23.32 63.86 24.32
CA GLU UB 512 21.96 64.25 23.96
C GLU UB 512 20.93 63.82 25.01
N ILE UB 513 21.33 63.00 25.98
CA ILE UB 513 20.36 62.48 26.94
C ILE UB 513 19.85 63.60 27.83
N SER UB 514 20.65 64.64 28.04
CA SER UB 514 20.25 65.72 28.94
C SER UB 514 19.05 66.49 28.40
N ARG UB 515 18.81 66.42 27.09
CA ARG UB 515 17.65 67.04 26.47
C ARG UB 515 16.59 66.03 26.07
N PHE UB 516 16.99 64.81 25.70
CA PHE UB 516 16.04 63.70 25.64
C PHE UB 516 15.19 63.65 26.90
N GLU UB 517 15.83 63.72 28.07
CA GLU UB 517 15.11 63.60 29.33
C GLU UB 517 14.05 64.68 29.46
N SER UB 518 14.44 65.94 29.22
CA SER UB 518 13.52 67.05 29.43
C SER UB 518 12.39 67.04 28.41
N LEU UB 519 12.72 66.76 27.14
CA LEU UB 519 11.67 66.70 26.12
C LEU UB 519 10.69 65.57 26.41
N PHE UB 520 11.18 64.40 26.82
CA PHE UB 520 10.28 63.30 27.17
C PHE UB 520 9.43 63.67 28.38
N ILE UB 521 10.02 64.36 29.37
CA ILE UB 521 9.25 64.77 30.53
C ILE UB 521 8.11 65.67 30.12
N ASP UB 522 8.41 66.69 29.31
CA ASP UB 522 7.36 67.60 28.85
C ASP UB 522 6.32 66.85 28.04
N TYR UB 523 6.75 65.88 27.22
CA TYR UB 523 5.83 65.12 26.38
C TYR UB 523 4.85 64.34 27.23
N ILE UB 524 5.35 63.60 28.22
CA ILE UB 524 4.47 62.77 29.03
C ILE UB 524 3.65 63.61 29.99
N ASN UB 525 4.16 64.76 30.41
CA ASN UB 525 3.35 65.65 31.25
C ASN UB 525 2.22 66.28 30.45
N ALA UB 526 2.43 66.54 29.16
CA ALA UB 526 1.39 67.13 28.33
C ALA UB 526 0.37 66.09 27.89
N ASN UB 527 0.82 65.07 27.16
CA ASN UB 527 -0.10 64.18 26.45
C ASN UB 527 -0.34 62.84 27.14
N HIS UB 528 0.44 62.50 28.16
CA HIS UB 528 0.31 61.18 28.79
C HIS UB 528 0.37 61.32 30.31
N GLN UB 529 -0.37 62.30 30.84
CA GLN UB 529 -0.45 62.46 32.28
C GLN UB 529 -1.18 61.29 32.92
N ASP UB 530 -2.07 60.63 32.18
CA ASP UB 530 -2.89 59.57 32.76
C ASP UB 530 -2.03 58.39 33.19
N ILE UB 531 -0.99 58.07 32.41
CA ILE UB 531 -0.05 57.02 32.80
C ILE UB 531 0.58 57.37 34.14
N LEU UB 532 0.96 58.64 34.31
CA LEU UB 532 1.61 59.07 35.54
C LEU UB 532 0.64 58.97 36.72
N LYS UB 533 -0.60 59.40 36.52
CA LYS UB 533 -1.60 59.29 37.58
C LYS UB 533 -1.85 57.84 37.95
N THR UB 534 -1.89 56.96 36.95
CA THR UB 534 -2.13 55.55 37.21
C THR UB 534 -0.97 54.95 38.00
N ILE UB 535 0.26 55.31 37.65
CA ILE UB 535 1.41 54.80 38.39
C ILE UB 535 1.41 55.36 39.81
N GLU UB 536 1.03 56.63 39.97
CA GLU UB 536 1.00 57.23 41.30
C GLU UB 536 -0.04 56.56 42.18
N THR UB 537 -1.16 56.14 41.59
CA THR UB 537 -2.22 55.52 42.39
C THR UB 537 -1.92 54.05 42.66
N GLU UB 538 -1.80 53.24 41.60
CA GLU UB 538 -1.64 51.81 41.78
C GLU UB 538 -0.28 51.44 42.36
N LYS UB 539 0.76 52.24 42.11
CA LYS UB 539 2.09 51.99 42.63
C LYS UB 539 2.64 50.67 42.10
N GLU UB 540 2.34 50.38 40.84
CA GLU UB 540 2.87 49.20 40.15
C GLU UB 540 2.77 49.46 38.66
N LEU UB 541 3.32 48.53 37.88
CA LEU UB 541 3.29 48.60 36.42
C LEU UB 541 2.58 47.36 35.91
N SER UB 542 1.26 47.48 35.72
CA SER UB 542 0.51 46.45 35.02
C SER UB 542 0.92 46.40 33.54
N GLU UB 543 0.49 45.34 32.86
CA GLU UB 543 0.83 45.20 31.45
C GLU UB 543 0.20 46.32 30.63
N LYS UB 544 -0.96 46.81 31.05
CA LYS UB 544 -1.60 47.92 30.36
C LYS UB 544 -0.72 49.16 30.41
N THR UB 545 -0.25 49.52 31.61
CA THR UB 545 0.60 50.70 31.75
C THR UB 545 1.93 50.50 31.06
N GLU UB 546 2.47 49.28 31.10
CA GLU UB 546 3.68 48.95 30.34
C GLU UB 546 3.48 49.28 28.86
N ALA UB 547 2.40 48.76 28.28
CA ALA UB 547 2.16 48.97 26.85
C ALA UB 547 1.91 50.44 26.54
N LYS UB 548 1.14 51.13 27.38
CA LYS UB 548 0.87 52.55 27.15
C LYS UB 548 2.15 53.36 27.20
N LEU UB 549 3.02 53.09 28.19
CA LEU UB 549 4.28 53.80 28.28
C LEU UB 549 5.17 53.53 27.08
N ARG UB 550 5.26 52.26 26.66
CA ARG UB 550 6.05 51.94 25.48
C ARG UB 550 5.52 52.66 24.25
N ALA UB 551 4.20 52.70 24.08
CA ALA UB 551 3.62 53.41 22.95
C ALA UB 551 3.94 54.90 23.02
N ALA UB 552 3.89 55.49 24.22
CA ALA UB 552 4.21 56.91 24.36
C ALA UB 552 5.66 57.16 23.98
N VAL UB 553 6.57 56.30 24.41
CA VAL UB 553 7.97 56.45 24.05
C VAL UB 553 8.17 56.32 22.55
N ASP UB 554 7.44 55.39 21.93
CA ASP UB 554 7.56 55.23 20.48
C ASP UB 554 7.07 56.47 19.75
N GLU UB 555 5.93 57.01 20.17
CA GLU UB 555 5.44 58.26 19.62
C GLU UB 555 6.47 59.38 19.80
N PHE UB 556 7.12 59.43 20.95
CA PHE UB 556 8.09 60.49 21.21
C PHE UB 556 9.30 60.37 20.29
N VAL UB 557 9.83 59.15 20.13
CA VAL UB 557 10.98 58.97 19.26
C VAL UB 557 10.60 59.22 17.81
N ALA UB 558 9.35 58.92 17.44
CA ALA UB 558 8.90 59.26 16.09
C ALA UB 558 8.86 60.78 15.91
N MET UB 559 8.22 61.49 16.85
CA MET UB 559 8.05 62.93 16.74
C MET UB 559 9.38 63.68 16.82
N ASN UB 560 10.42 63.06 17.39
CA ASN UB 560 11.66 63.78 17.65
C ASN UB 560 12.82 63.09 16.95
N GLU UB 561 13.96 63.79 16.92
CA GLU UB 561 15.14 63.33 16.22
C GLU UB 561 16.37 63.76 17.02
N PHE UB 562 17.30 62.82 17.21
CA PHE UB 562 18.54 63.07 17.93
C PHE UB 562 19.71 62.57 17.09
N LYS UB 563 20.92 62.81 17.61
CA LYS UB 563 22.13 62.62 16.81
C LYS UB 563 22.39 61.15 16.47
N LYS UB 564 21.65 60.22 17.07
CA LYS UB 564 21.73 58.82 16.68
C LYS UB 564 20.38 58.14 16.82
N THR VB 79 20.32 47.44 105.86
CA THR VB 79 20.67 48.31 104.74
C THR VB 79 21.46 49.52 105.22
N ASN VB 80 22.57 49.78 104.54
CA ASN VB 80 23.31 51.02 104.75
C ASN VB 80 22.56 52.19 104.10
N HIS VB 81 23.11 53.39 104.29
CA HIS VB 81 22.54 54.60 103.69
C HIS VB 81 23.67 55.54 103.32
N GLY VB 82 23.61 56.08 102.11
CA GLY VB 82 24.64 56.98 101.64
C GLY VB 82 24.03 58.20 100.95
N ARG VB 83 24.90 59.16 100.66
CA ARG VB 83 24.50 60.46 100.12
C ARG VB 83 25.37 60.79 98.92
N ILE VB 84 24.73 61.03 97.78
CA ILE VB 84 25.47 61.46 96.60
C ILE VB 84 26.23 62.74 96.90
N THR VB 85 27.48 62.79 96.45
CA THR VB 85 28.40 63.89 96.74
C THR VB 85 28.76 64.69 95.50
N GLN VB 86 28.90 64.04 94.35
CA GLN VB 86 29.03 64.75 93.08
C GLN VB 86 28.65 63.79 91.96
N VAL VB 87 28.40 64.38 90.78
CA VAL VB 87 27.84 63.67 89.64
C VAL VB 87 28.57 64.13 88.39
N ILE VB 88 29.16 63.19 87.65
CA ILE VB 88 29.84 63.50 86.40
C ILE VB 88 29.48 62.45 85.35
N GLY VB 89 28.55 62.81 84.47
CA GLY VB 89 28.14 61.89 83.42
C GLY VB 89 27.55 60.61 83.98
N ALA VB 90 28.19 59.48 83.66
CA ALA VB 90 27.78 58.18 84.14
C ALA VB 90 28.52 57.75 85.41
N VAL VB 91 29.14 58.70 86.10
CA VAL VB 91 29.92 58.43 87.30
C VAL VB 91 29.28 59.17 88.46
N VAL VB 92 29.18 58.48 89.61
CA VAL VB 92 28.52 59.04 90.78
C VAL VB 92 29.37 58.72 92.00
N ASP VB 93 29.83 59.74 92.70
CA ASP VB 93 30.59 59.58 93.92
C ASP VB 93 29.66 59.69 95.13
N VAL VB 94 29.75 58.72 96.04
CA VAL VB 94 28.78 58.56 97.11
C VAL VB 94 29.54 58.51 98.43
N HIS VB 95 28.91 59.02 99.48
CA HIS VB 95 29.52 59.05 100.81
C HIS VB 95 28.64 58.27 101.76
N PHE VB 96 29.25 57.37 102.54
CA PHE VB 96 28.55 56.65 103.59
C PHE VB 96 29.08 57.05 104.96
N ASP VB 97 28.18 57.01 105.95
CA ASP VB 97 28.59 57.28 107.32
C ASP VB 97 29.18 56.06 107.99
N GLU VB 98 28.79 54.85 107.56
CA GLU VB 98 29.33 53.63 108.13
C GLU VB 98 29.05 52.47 107.17
N GLN VB 99 29.86 51.42 107.29
CA GLN VB 99 29.68 50.17 106.55
C GLN VB 99 29.69 50.43 105.04
N LEU VB 100 30.87 50.81 104.55
CA LEU VB 100 31.05 50.91 103.11
C LEU VB 100 30.71 49.57 102.46
N PRO VB 101 30.18 49.59 101.24
CA PRO VB 101 29.89 48.34 100.54
C PRO VB 101 31.11 47.83 99.81
N PRO VB 102 31.22 46.53 99.56
CA PRO VB 102 32.32 46.03 98.74
C PRO VB 102 32.22 46.55 97.32
N ILE VB 103 33.25 46.27 96.53
CA ILE VB 103 33.26 46.67 95.13
C ILE VB 103 32.33 45.77 94.34
N LEU VB 104 31.73 46.32 93.29
CA LEU VB 104 30.78 45.67 92.40
C LEU VB 104 29.40 45.54 93.02
N ASN VB 105 29.21 45.93 94.27
CA ASN VB 105 27.89 45.87 94.87
C ASN VB 105 26.94 46.86 94.20
N SER VB 106 25.65 46.62 94.41
CA SER VB 106 24.58 47.41 93.79
C SER VB 106 23.92 48.33 94.80
N LEU VB 107 23.67 49.55 94.36
CA LEU VB 107 23.05 50.60 95.16
C LEU VB 107 21.83 51.12 94.41
N GLU VB 108 20.78 51.45 95.15
CA GLU VB 108 19.53 51.95 94.59
C GLU VB 108 19.37 53.40 95.03
N VAL VB 109 19.10 54.28 94.07
CA VAL VB 109 18.87 55.68 94.39
C VAL VB 109 17.44 55.88 94.84
N GLN VB 110 17.25 56.66 95.90
CA GLN VB 110 15.95 56.86 96.51
C GLN VB 110 15.50 58.30 96.29
N GLY VB 111 14.28 58.48 95.83
CA GLY VB 111 13.74 59.78 95.53
C GLY VB 111 13.81 60.18 94.07
N HIS VB 112 13.95 59.21 93.16
CA HIS VB 112 14.08 59.47 91.74
C HIS VB 112 12.79 59.06 91.03
N THR VB 113 12.64 59.53 89.79
CA THR VB 113 11.44 59.23 89.02
C THR VB 113 11.30 57.73 88.82
N ASN VB 114 12.25 57.14 88.10
CA ASN VB 114 12.27 55.71 87.85
C ASN VB 114 13.33 55.05 88.73
N ARG VB 115 13.43 53.73 88.63
CA ARG VB 115 14.47 53.00 89.33
C ARG VB 115 15.83 53.34 88.74
N LEU VB 116 16.80 53.60 89.63
CA LEU VB 116 18.15 53.97 89.23
C LEU VB 116 19.14 53.17 90.08
N VAL VB 117 19.97 52.39 89.40
CA VAL VB 117 20.92 51.48 90.03
C VAL VB 117 22.34 51.93 89.74
N LEU VB 118 23.20 51.81 90.75
CA LEU VB 118 24.60 52.16 90.67
C LEU VB 118 25.42 50.92 91.02
N GLU VB 119 26.54 50.74 90.34
CA GLU VB 119 27.46 49.62 90.61
C GLU VB 119 28.76 50.19 91.11
N VAL VB 120 29.19 49.75 92.28
CA VAL VB 120 30.46 50.23 92.85
C VAL VB 120 31.62 49.78 91.97
N ALA VB 121 32.62 50.65 91.82
CA ALA VB 121 33.78 50.35 91.00
C ALA VB 121 35.08 50.63 91.73
N GLN VB 122 35.07 51.56 92.68
CA GLN VB 122 36.29 51.97 93.35
C GLN VB 122 35.98 52.40 94.78
N HIS VB 123 37.03 52.40 95.61
CA HIS VB 123 37.01 53.02 96.93
C HIS VB 123 38.03 54.16 96.93
N LEU VB 124 37.58 55.35 97.32
CA LEU VB 124 38.42 56.53 97.27
C LEU VB 124 38.94 56.97 98.64
N GLY VB 125 38.36 56.48 99.72
CA GLY VB 125 38.77 56.88 101.06
C GLY VB 125 37.78 57.85 101.69
N GLU VB 126 37.86 57.95 103.02
CA GLU VB 126 36.95 58.81 103.79
C GLU VB 126 35.51 58.32 103.66
N ASN VB 127 35.35 57.00 103.62
CA ASN VB 127 34.03 56.37 103.46
C ASN VB 127 33.34 56.88 102.20
N THR VB 128 34.12 57.10 101.15
CA THR VB 128 33.61 57.51 99.86
C THR VB 128 33.83 56.40 98.85
N VAL VB 129 32.88 56.25 97.93
CA VAL VB 129 32.98 55.28 96.84
C VAL VB 129 32.63 55.97 95.53
N ARG VB 130 32.94 55.28 94.44
CA ARG VB 130 32.66 55.75 93.08
C ARG VB 130 31.92 54.65 92.35
N THR VB 131 30.84 55.02 91.67
CA THR VB 131 29.92 54.05 91.09
C THR VB 131 29.56 54.47 89.68
N ILE VB 132 29.05 53.49 88.93
CA ILE VB 132 28.65 53.64 87.53
C ILE VB 132 27.15 53.41 87.47
N ALA VB 133 26.45 54.30 86.79
CA ALA VB 133 24.99 54.26 86.73
C ALA VB 133 24.51 53.41 85.56
N MET VB 134 23.42 52.68 85.81
CA MET VB 134 22.82 51.86 84.76
C MET VB 134 21.89 52.69 83.88
N ASP VB 135 21.24 53.70 84.45
CA ASP VB 135 20.35 54.60 83.72
C ASP VB 135 20.92 56.01 83.78
N ALA VB 136 20.25 56.93 83.09
CA ALA VB 136 20.78 58.28 82.94
C ALA VB 136 20.77 59.02 84.28
N THR VB 137 21.78 59.87 84.46
CA THR VB 137 21.92 60.68 85.65
C THR VB 137 21.15 61.99 85.58
N GLU VB 138 20.47 62.25 84.47
CA GLU VB 138 19.68 63.47 84.34
C GLU VB 138 18.60 63.51 85.41
N GLY VB 139 18.58 64.60 86.18
CA GLY VB 139 17.63 64.74 87.27
C GLY VB 139 18.19 64.43 88.64
N LEU VB 140 19.48 64.10 88.75
CA LEU VB 140 20.08 63.75 90.02
C LEU VB 140 20.57 65.00 90.75
N VAL VB 141 20.57 64.90 92.08
CA VAL VB 141 20.88 66.01 92.97
C VAL VB 141 21.92 65.55 93.97
N ARG VB 142 22.78 66.48 94.39
CA ARG VB 142 23.72 66.18 95.45
C ARG VB 142 23.00 66.07 96.78
N GLY VB 143 23.48 65.15 97.62
CA GLY VB 143 22.80 64.81 98.86
C GLY VB 143 21.64 63.86 98.72
N GLN VB 144 21.23 63.51 97.50
CA GLN VB 144 20.20 62.49 97.33
C GLN VB 144 20.64 61.17 97.96
N LYS VB 145 19.66 60.42 98.44
CA LYS VB 145 19.95 59.25 99.26
C LYS VB 145 20.08 57.98 98.43
N VAL VB 146 20.86 57.04 98.95
CA VAL VB 146 21.25 55.83 98.24
C VAL VB 146 21.24 54.68 99.24
N VAL VB 147 20.81 53.51 98.79
CA VAL VB 147 20.65 52.35 99.65
C VAL VB 147 21.45 51.20 99.05
N ASP VB 148 22.34 50.63 99.85
CA ASP VB 148 23.11 49.47 99.40
C ASP VB 148 22.30 48.19 99.53
N THR VB 149 22.45 47.29 98.56
CA THR VB 149 21.67 46.06 98.53
C THR VB 149 22.41 44.88 99.16
N GLY VB 150 23.72 44.99 99.36
CA GLY VB 150 24.50 43.92 99.96
C GLY VB 150 24.93 42.85 99.00
N ALA VB 151 24.80 43.09 97.70
CA ALA VB 151 25.17 42.13 96.67
C ALA VB 151 25.13 42.83 95.32
N PRO VB 152 25.87 42.33 94.33
CA PRO VB 152 25.87 42.98 93.02
C PRO VB 152 24.52 42.82 92.33
N ILE VB 153 24.42 43.27 91.08
CA ILE VB 153 23.14 43.28 90.38
C ILE VB 153 22.71 41.84 90.19
N GLN VB 154 21.66 41.44 90.91
CA GLN VB 154 21.17 40.07 90.86
C GLN VB 154 20.04 39.97 89.83
N VAL VB 155 20.24 39.12 88.83
CA VAL VB 155 19.27 38.92 87.77
C VAL VB 155 18.44 37.68 88.12
N PRO VB 156 17.14 37.66 87.85
CA PRO VB 156 16.37 36.44 88.08
C PRO VB 156 16.70 35.36 87.07
N VAL VB 157 16.47 34.11 87.47
CA VAL VB 157 16.84 32.94 86.68
C VAL VB 157 15.79 31.85 86.84
N GLY VB 158 15.81 30.92 85.90
CA GLY VB 158 14.91 29.79 85.87
C GLY VB 158 14.39 29.58 84.46
N VAL VB 159 13.36 28.75 84.34
CA VAL VB 159 12.61 28.65 83.08
C VAL VB 159 11.60 29.76 82.90
N GLU VB 160 11.53 30.71 83.84
CA GLU VB 160 10.60 31.82 83.74
C GLU VB 160 11.16 32.98 82.93
N THR VB 161 12.49 33.09 82.83
CA THR VB 161 13.10 34.06 81.94
C THR VB 161 13.00 33.67 80.48
N LEU VB 162 12.60 32.44 80.17
CA LEU VB 162 12.58 31.97 78.80
C LEU VB 162 11.37 32.54 78.07
N GLY VB 163 11.55 32.86 76.79
CA GLY VB 163 10.53 33.53 76.02
C GLY VB 163 10.41 35.01 76.31
N ARG VB 164 11.15 35.53 77.28
CA ARG VB 164 10.96 36.87 77.81
C ARG VB 164 12.20 37.71 77.54
N ILE VB 165 11.99 39.02 77.43
CA ILE VB 165 13.07 39.98 77.28
C ILE VB 165 13.36 40.59 78.64
N MET VB 166 14.64 40.86 78.91
CA MET VB 166 15.05 41.37 80.21
C MET VB 166 16.12 42.44 80.02
N ASN VB 167 16.22 43.32 81.00
CA ASN VB 167 17.22 44.39 80.99
C ASN VB 167 18.50 43.89 81.64
N VAL VB 168 19.44 44.81 81.89
CA VAL VB 168 20.65 44.44 82.60
C VAL VB 168 20.35 44.15 84.07
N ILE VB 169 19.35 44.82 84.64
CA ILE VB 169 19.00 44.66 86.03
C ILE VB 169 17.85 43.66 86.21
N GLY VB 170 17.59 42.84 85.20
CA GLY VB 170 16.55 41.83 85.28
C GLY VB 170 15.15 42.34 85.00
N GLU VB 171 14.94 43.64 84.98
CA GLU VB 171 13.61 44.16 84.70
C GLU VB 171 13.20 43.81 83.27
N PRO VB 172 11.94 43.43 83.05
CA PRO VB 172 11.49 43.15 81.69
C PRO VB 172 11.10 44.42 80.95
N VAL VB 173 11.35 44.41 79.64
CA VAL VB 173 11.02 45.54 78.78
C VAL VB 173 10.23 45.05 77.57
N ASP VB 174 9.55 43.91 77.72
CA ASP VB 174 8.68 43.39 76.69
C ASP VB 174 7.22 43.81 76.88
N GLU VB 175 6.89 44.44 78.00
CA GLU VB 175 5.53 44.87 78.30
C GLU VB 175 4.56 43.67 78.30
N CYS VB 176 4.90 42.69 79.13
CA CYS VB 176 4.06 41.51 79.29
C CYS VB 176 3.90 41.08 80.74
N GLY VB 177 4.49 41.80 81.69
CA GLY VB 177 4.37 41.47 83.09
C GLY VB 177 5.74 41.29 83.73
N PRO VB 178 5.76 41.03 85.04
CA PRO VB 178 7.02 40.82 85.73
C PRO VB 178 7.47 39.37 85.71
N VAL VB 179 8.76 39.17 85.99
CA VAL VB 179 9.38 37.86 85.90
C VAL VB 179 9.07 37.09 87.18
N PRO VB 180 8.30 36.00 87.12
CA PRO VB 180 7.98 35.25 88.34
C PRO VB 180 9.04 34.19 88.66
N ALA VB 181 10.30 34.62 88.74
CA ALA VB 181 11.40 33.70 88.95
C ALA VB 181 11.56 33.37 90.42
N LYS VB 182 11.88 32.11 90.71
CA LYS VB 182 12.07 31.65 92.08
C LYS VB 182 13.52 31.74 92.54
N LYS VB 183 14.39 32.40 91.77
CA LYS VB 183 15.81 32.43 92.09
C LYS VB 183 16.45 33.60 91.38
N THR VB 184 17.61 34.01 91.88
CA THR VB 184 18.41 35.04 91.26
C THR VB 184 19.89 34.70 91.40
N TYR VB 185 20.67 35.10 90.39
CA TYR VB 185 22.12 34.96 90.42
C TYR VB 185 22.77 36.32 90.27
N SER VB 186 23.92 36.46 90.92
CA SER VB 186 24.78 37.62 90.72
C SER VB 186 25.50 37.52 89.39
N ILE VB 187 25.52 38.62 88.63
CA ILE VB 187 26.16 38.60 87.32
C ILE VB 187 27.67 38.50 87.46
N HIS VB 188 28.22 38.81 88.63
CA HIS VB 188 29.65 38.75 88.87
C HIS VB 188 29.96 37.43 89.58
N ARG VB 189 30.64 36.53 88.88
CA ARG VB 189 31.01 35.23 89.42
C ARG VB 189 32.43 34.92 88.99
N ALA VB 190 32.98 33.84 89.53
CA ALA VB 190 34.34 33.41 89.21
C ALA VB 190 34.29 32.28 88.20
N ALA VB 191 35.24 32.30 87.27
CA ALA VB 191 35.21 31.37 86.16
C ALA VB 191 35.45 29.95 86.65
N PRO VB 192 35.09 28.95 85.84
CA PRO VB 192 35.47 27.57 86.19
C PRO VB 192 36.97 27.38 86.08
N LEU VB 193 37.52 26.65 87.03
CA LEU VB 193 38.97 26.54 87.13
C LEU VB 193 39.52 25.65 86.03
N PHE VB 194 40.85 25.53 86.00
CA PHE VB 194 41.49 24.67 85.00
C PHE VB 194 41.09 23.22 85.20
N ALA VB 195 40.87 22.79 86.44
CA ALA VB 195 40.53 21.40 86.71
C ALA VB 195 39.20 20.99 86.08
N ASP VB 196 38.34 21.96 85.76
CA ASP VB 196 37.08 21.69 85.08
C ASP VB 196 37.35 21.74 83.58
N GLN VB 197 37.59 20.57 82.98
CA GLN VB 197 38.10 20.52 81.63
C GLN VB 197 36.97 20.66 80.61
N SER VB 198 37.37 20.77 79.35
CA SER VB 198 36.43 20.83 78.24
C SER VB 198 35.99 19.41 77.89
N THR VB 199 35.36 19.25 76.74
CA THR VB 199 34.92 17.96 76.23
C THR VB 199 35.54 17.73 74.86
N GLU VB 200 35.10 16.67 74.19
CA GLU VB 200 35.60 16.38 72.86
C GLU VB 200 35.22 17.51 71.89
N PRO VB 201 36.05 17.77 70.88
CA PRO VB 201 35.69 18.81 69.91
C PRO VB 201 34.56 18.37 68.99
N GLY VB 202 33.33 18.50 69.47
CA GLY VB 202 32.19 18.08 68.68
C GLY VB 202 32.01 18.97 67.46
N LEU VB 203 31.64 18.35 66.35
CA LEU VB 203 31.42 19.08 65.11
C LEU VB 203 30.00 19.64 65.08
N LEU VB 204 29.89 20.87 64.60
CA LEU VB 204 28.61 21.58 64.54
C LEU VB 204 28.27 21.84 63.08
N GLN VB 205 27.08 21.39 62.67
CA GLN VB 205 26.63 21.52 61.30
C GLN VB 205 25.67 22.71 61.19
N THR VB 206 26.08 23.73 60.45
CA THR VB 206 25.29 24.95 60.28
C THR VB 206 24.50 24.97 58.99
N GLY VB 207 24.85 24.14 58.01
CA GLY VB 207 24.30 24.24 56.69
C GLY VB 207 24.97 25.26 55.80
N ILE VB 208 26.06 25.87 56.26
CA ILE VB 208 26.83 26.82 55.47
C ILE VB 208 28.09 26.13 54.97
N LYS VB 209 28.47 26.42 53.72
CA LYS VB 209 29.47 25.62 53.03
C LYS VB 209 30.86 26.00 53.48
N VAL VB 210 31.23 27.27 53.32
CA VAL VB 210 32.57 27.71 53.69
C VAL VB 210 32.81 27.46 55.18
N VAL VB 211 31.78 27.65 55.99
CA VAL VB 211 31.91 27.39 57.42
C VAL VB 211 32.15 25.91 57.68
N ASP VB 212 31.25 25.05 57.21
CA ASP VB 212 31.38 23.62 57.46
C ASP VB 212 32.67 23.05 56.87
N LEU VB 213 33.24 23.69 55.86
CA LEU VB 213 34.43 23.15 55.20
C LEU VB 213 35.73 23.67 55.80
N LEU VB 214 35.92 24.99 55.82
CA LEU VB 214 37.21 25.58 56.13
C LEU VB 214 37.35 26.02 57.58
N ALA VB 215 36.24 26.28 58.27
CA ALA VB 215 36.26 26.76 59.65
C ALA VB 215 35.15 26.06 60.42
N PRO VB 216 35.30 24.76 60.68
CA PRO VB 216 34.23 24.02 61.34
C PRO VB 216 33.99 24.52 62.76
N TYR VB 217 32.72 24.66 63.11
CA TYR VB 217 32.34 25.25 64.39
C TYR VB 217 32.21 24.14 65.43
N ALA VB 218 32.69 24.43 66.63
CA ALA VB 218 32.78 23.43 67.68
C ALA VB 218 31.54 23.46 68.56
N LYS VB 219 31.15 22.28 69.04
CA LYS VB 219 29.99 22.15 69.92
C LYS VB 219 30.51 22.14 71.37
N GLY VB 220 30.76 23.34 71.88
CA GLY VB 220 31.32 23.49 73.21
C GLY VB 220 32.48 24.47 73.24
N GLY VB 221 32.66 25.22 72.15
CA GLY VB 221 33.78 26.14 72.04
C GLY VB 221 33.32 27.46 71.45
N LYS VB 222 34.20 28.45 71.57
CA LYS VB 222 33.86 29.81 71.16
C LYS VB 222 34.07 30.01 69.66
N ILE VB 223 33.23 30.88 69.08
CA ILE VB 223 33.24 31.16 67.66
C ILE VB 223 33.26 32.67 67.50
N GLY VB 224 33.98 33.16 66.51
CA GLY VB 224 34.13 34.58 66.30
C GLY VB 224 33.80 34.98 64.88
N LEU VB 225 33.06 36.08 64.76
CA LEU VB 225 32.66 36.66 63.49
C LEU VB 225 33.22 38.08 63.45
N PHE VB 226 34.41 38.23 62.89
CA PHE VB 226 35.11 39.51 62.84
C PHE VB 226 34.72 40.23 61.56
N GLY VB 227 34.41 41.52 61.68
CA GLY VB 227 34.08 42.28 60.49
C GLY VB 227 33.73 43.71 60.82
N GLY VB 228 33.82 44.55 59.79
CA GLY VB 228 33.49 45.95 59.91
C GLY VB 228 31.99 46.20 59.86
N ALA VB 229 31.60 47.26 59.17
CA ALA VB 229 30.20 47.67 59.03
C ALA VB 229 29.74 47.37 57.62
N GLY VB 230 28.63 46.64 57.50
CA GLY VB 230 28.06 46.35 56.20
C GLY VB 230 28.59 45.09 55.56
N VAL VB 231 28.73 44.03 56.35
CA VAL VB 231 29.31 42.78 55.85
C VAL VB 231 28.45 41.57 56.16
N GLY VB 232 27.47 41.66 57.06
CA GLY VB 232 26.49 40.61 57.24
C GLY VB 232 26.71 39.82 58.53
N LYS VB 233 27.04 40.53 59.61
CA LYS VB 233 27.31 39.85 60.88
C LYS VB 233 26.00 39.38 61.50
N THR VB 234 25.09 40.31 61.78
CA THR VB 234 23.86 39.91 62.44
C THR VB 234 23.00 39.06 61.51
N VAL VB 235 23.13 39.26 60.20
CA VAL VB 235 22.47 38.38 59.25
C VAL VB 235 23.01 36.96 59.35
N LEU VB 236 24.34 36.83 59.46
CA LEU VB 236 24.92 35.50 59.61
C LEU VB 236 24.48 34.87 60.93
N ILE VB 237 24.38 35.69 61.99
CA ILE VB 237 23.93 35.17 63.27
C ILE VB 237 22.48 34.71 63.16
N MET VB 238 21.64 35.45 62.44
CA MET VB 238 20.25 35.04 62.27
C MET VB 238 20.14 33.74 61.49
N GLU VB 239 20.97 33.58 60.46
CA GLU VB 239 20.98 32.32 59.72
C GLU VB 239 21.43 31.18 60.62
N LEU VB 240 22.47 31.41 61.43
CA LEU VB 240 22.92 30.38 62.36
C LEU VB 240 21.83 30.03 63.37
N ILE VB 241 21.08 31.03 63.82
CA ILE VB 241 19.99 30.78 64.75
C ILE VB 241 18.92 29.92 64.09
N ASN VB 242 18.57 30.25 62.84
CA ASN VB 242 17.57 29.47 62.14
C ASN VB 242 18.02 28.04 61.92
N ASN VB 243 19.30 27.84 61.66
CA ASN VB 243 19.82 26.53 61.24
C ASN VB 243 20.36 25.73 62.42
N VAL VB 244 20.39 26.29 63.62
CA VAL VB 244 20.94 25.59 64.78
C VAL VB 244 19.93 25.57 65.93
N ALA VB 245 19.45 26.76 66.34
CA ALA VB 245 18.71 26.86 67.60
C ALA VB 245 17.39 26.11 67.53
N ASN VB 246 16.69 26.15 66.39
CA ASN VB 246 15.42 25.45 66.28
C ASN VB 246 15.60 23.94 66.41
N LYS VB 247 16.65 23.39 65.78
CA LYS VB 247 16.93 21.97 65.90
C LYS VB 247 17.50 21.61 67.27
N HIS VB 248 18.13 22.57 67.94
CA HIS VB 248 18.76 22.32 69.22
C HIS VB 248 17.73 21.93 70.27
N GLY VB 249 18.06 20.91 71.05
CA GLY VB 249 17.21 20.46 72.13
C GLY VB 249 17.48 21.21 73.42
N GLY VB 250 18.71 21.71 73.58
CA GLY VB 250 19.03 22.57 74.69
C GLY VB 250 18.44 23.95 74.53
N PHE VB 251 18.91 24.86 75.39
CA PHE VB 251 18.42 26.23 75.36
C PHE VB 251 19.33 27.17 74.56
N SER VB 252 19.02 28.46 74.60
CA SER VB 252 19.76 29.45 73.85
C SER VB 252 19.54 30.82 74.47
N VAL VB 253 20.52 31.70 74.29
CA VAL VB 253 20.53 33.04 74.83
C VAL VB 253 21.06 33.98 73.76
N PHE VB 254 20.45 35.16 73.67
CA PHE VB 254 20.92 36.23 72.81
C PHE VB 254 21.20 37.46 73.66
N ALA VB 255 22.31 38.14 73.36
CA ALA VB 255 22.70 39.34 74.07
C ALA VB 255 23.04 40.42 73.05
N GLY VB 256 22.27 41.51 73.06
CA GLY VB 256 22.52 42.62 72.17
C GLY VB 256 23.27 43.73 72.88
N VAL VB 257 24.55 43.92 72.56
CA VAL VB 257 25.40 44.87 73.27
C VAL VB 257 25.66 46.02 72.30
N GLY VB 258 24.85 47.07 72.42
CA GLY VB 258 25.02 48.26 71.60
C GLY VB 258 24.76 48.04 70.12
N GLU VB 259 23.69 47.33 69.78
CA GLU VB 259 23.24 47.20 68.41
C GLU VB 259 21.95 48.00 68.24
N ARG VB 260 21.37 47.91 67.04
CA ARG VB 260 20.19 48.71 66.74
C ARG VB 260 18.90 48.11 67.29
N THR VB 261 17.95 49.01 67.57
CA THR VB 261 16.71 48.61 68.21
C THR VB 261 15.78 48.01 67.18
N ARG VB 262 15.78 48.57 65.96
CA ARG VB 262 15.11 47.91 64.85
C ARG VB 262 15.56 46.45 64.76
N GLU VB 263 16.87 46.20 64.88
CA GLU VB 263 17.36 44.83 64.85
C GLU VB 263 16.83 44.00 66.01
N GLY VB 264 16.73 44.60 67.20
CA GLY VB 264 16.17 43.86 68.32
C GLY VB 264 14.71 43.50 68.09
N ASN VB 265 13.93 44.46 67.61
CA ASN VB 265 12.53 44.21 67.28
C ASN VB 265 12.39 43.12 66.23
N ASP VB 266 13.24 43.18 65.19
CA ASP VB 266 13.17 42.17 64.14
C ASP VB 266 13.49 40.79 64.67
N LEU VB 267 14.53 40.68 65.51
CA LEU VB 267 14.87 39.37 66.08
C LEU VB 267 13.72 38.84 66.92
N TYR VB 268 13.11 39.71 67.74
CA TYR VB 268 12.00 39.25 68.58
C TYR VB 268 10.81 38.79 67.74
N HIS VB 269 10.50 39.56 66.69
CA HIS VB 269 9.38 39.19 65.82
C HIS VB 269 9.65 37.88 65.08
N GLU VB 270 10.87 37.72 64.55
CA GLU VB 270 11.20 36.49 63.83
C GLU VB 270 11.19 35.29 64.76
N MET VB 271 11.59 35.44 66.03
CA MET VB 271 11.57 34.30 66.92
C MET VB 271 10.16 33.95 67.37
N MET VB 272 9.31 34.97 67.56
CA MET VB 272 7.90 34.71 67.80
C MET VB 272 7.25 34.05 66.61
N THR VB 273 7.72 34.39 65.41
CA THR VB 273 7.15 33.78 64.21
C THR VB 273 7.57 32.32 64.14
N THR VB 274 8.87 32.06 64.25
CA THR VB 274 9.42 30.75 63.98
C THR VB 274 9.45 29.87 65.23
N GLY VB 275 8.60 30.15 66.22
CA GLY VB 275 8.48 29.23 67.33
C GLY VB 275 9.60 29.21 68.33
N VAL VB 276 10.67 29.97 68.11
CA VAL VB 276 11.71 30.07 69.12
C VAL VB 276 11.18 30.76 70.36
N ILE VB 277 10.13 31.56 70.21
CA ILE VB 277 9.40 32.13 71.33
C ILE VB 277 7.93 31.79 71.14
N LYS VB 278 7.25 31.46 72.24
CA LYS VB 278 5.85 31.03 72.22
C LYS VB 278 5.09 31.80 73.30
N ARG VB 279 4.60 32.98 72.93
CA ARG VB 279 3.83 33.82 73.83
C ARG VB 279 2.34 33.55 73.67
N LYS VB 280 1.66 33.32 74.79
CA LYS VB 280 0.23 33.01 74.79
C LYS VB 280 -0.43 33.90 75.82
N LYS VB 281 -1.20 34.88 75.36
CA LYS VB 281 -1.90 35.79 76.27
C LYS VB 281 -3.12 35.08 76.86
N LEU VB 282 -3.50 35.51 78.07
CA LEU VB 282 -4.58 34.86 78.80
C LEU VB 282 -5.72 35.86 79.05
N GLU VB 283 -6.89 35.30 79.35
CA GLU VB 283 -8.08 36.13 79.53
C GLU VB 283 -7.92 37.08 80.72
N ASP VB 284 -7.14 36.69 81.71
CA ASP VB 284 -6.96 37.49 82.91
C ASP VB 284 -5.86 38.53 82.74
N GLY VB 285 -5.37 38.73 81.52
CA GLY VB 285 -4.36 39.72 81.24
C GLY VB 285 -2.94 39.24 81.40
N LYS VB 286 -2.72 38.02 81.89
CA LYS VB 286 -1.38 37.49 82.06
C LYS VB 286 -0.88 36.91 80.73
N PHE VB 287 0.26 36.23 80.79
CA PHE VB 287 0.86 35.59 79.63
C PHE VB 287 1.40 34.23 80.02
N ASP VB 288 1.78 33.46 79.01
CA ASP VB 288 2.35 32.13 79.21
C ASP VB 288 3.40 31.91 78.12
N PHE VB 289 4.66 31.82 78.54
CA PHE VB 289 5.80 31.61 77.65
C PHE VB 289 6.25 30.15 77.65
N THR VB 290 5.34 29.21 77.90
CA THR VB 290 5.71 27.81 77.94
C THR VB 290 6.23 27.35 76.58
N GLY VB 291 7.20 26.44 76.63
CA GLY VB 291 8.02 26.19 75.45
C GLY VB 291 9.16 27.19 75.39
N SER VB 292 9.30 27.84 74.23
CA SER VB 292 10.07 29.08 74.13
C SER VB 292 11.51 28.87 74.62
N LYS VB 293 12.24 28.02 73.89
CA LYS VB 293 13.60 27.66 74.30
C LYS VB 293 14.56 28.74 73.78
N ALA VB 294 14.42 29.93 74.37
CA ALA VB 294 15.30 31.04 74.08
C ALA VB 294 15.10 32.12 75.12
N ALA VB 295 16.18 32.83 75.41
CA ALA VB 295 16.15 34.00 76.30
C ALA VB 295 16.87 35.15 75.60
N LEU VB 296 16.38 36.37 75.83
CA LEU VB 296 16.89 37.55 75.16
C LEU VB 296 17.28 38.60 76.19
N VAL VB 297 18.37 39.31 75.90
CA VAL VB 297 18.88 40.37 76.77
C VAL VB 297 19.36 41.51 75.87
N TYR VB 298 19.17 42.74 76.33
CA TYR VB 298 19.39 43.91 75.48
C TYR VB 298 19.98 45.05 76.29
N GLY VB 299 21.07 45.61 75.79
CA GLY VB 299 21.79 46.71 76.41
C GLY VB 299 22.04 47.77 75.36
N GLN VB 300 21.03 48.05 74.54
CA GLN VB 300 21.23 48.66 73.23
C GLN VB 300 21.81 50.07 73.31
N MET VB 301 22.00 50.67 72.14
CA MET VB 301 22.73 51.93 72.03
C MET VB 301 22.16 52.99 72.96
N ASN VB 302 20.83 53.10 72.99
CA ASN VB 302 20.20 54.12 73.81
C ASN VB 302 20.58 53.98 75.28
N GLU VB 303 20.93 52.78 75.71
CA GLU VB 303 21.32 52.60 77.10
C GLU VB 303 22.71 53.18 77.33
N PRO VB 304 23.02 53.61 78.55
CA PRO VB 304 24.33 54.20 78.83
C PRO VB 304 25.39 53.15 79.08
N PRO VB 305 26.65 53.59 79.23
CA PRO VB 305 27.68 52.68 79.70
C PRO VB 305 27.44 52.28 81.15
N GLY VB 306 27.88 51.07 81.46
CA GLY VB 306 27.58 50.40 82.71
C GLY VB 306 26.49 49.39 82.42
N ALA VB 307 25.56 49.81 81.57
CA ALA VB 307 24.52 48.91 81.09
C ALA VB 307 25.04 48.18 79.87
N ARG VB 308 25.63 48.93 78.92
CA ARG VB 308 26.20 48.25 77.78
C ARG VB 308 27.30 47.29 78.24
N ALA VB 309 28.01 47.66 79.31
CA ALA VB 309 29.09 46.82 79.83
C ALA VB 309 28.54 45.58 80.52
N ARG VB 310 27.54 45.73 81.39
CA ARG VB 310 27.13 44.64 82.27
C ARG VB 310 26.04 43.76 81.68
N VAL VB 311 25.48 44.12 80.52
CA VAL VB 311 24.41 43.29 79.97
C VAL VB 311 24.97 41.95 79.49
N ALA VB 312 26.22 41.94 79.04
CA ALA VB 312 26.86 40.68 78.67
C ALA VB 312 27.04 39.79 79.88
N LEU VB 313 27.48 40.36 81.02
CA LEU VB 313 27.57 39.58 82.25
C LEU VB 313 26.19 39.05 82.65
N THR VB 314 25.16 39.86 82.47
CA THR VB 314 23.80 39.43 82.81
C THR VB 314 23.42 38.20 82.01
N ALA VB 315 23.53 38.29 80.69
CA ALA VB 315 23.19 37.15 79.83
C ALA VB 315 24.07 35.95 80.14
N LEU VB 316 25.34 36.18 80.46
CA LEU VB 316 26.23 35.07 80.76
C LEU VB 316 25.86 34.37 82.06
N SER VB 317 25.36 35.13 83.04
CA SER VB 317 24.84 34.49 84.25
C SER VB 317 23.56 33.72 83.96
N VAL VB 318 22.68 34.29 83.12
CA VAL VB 318 21.47 33.58 82.73
C VAL VB 318 21.82 32.26 82.06
N ALA VB 319 22.92 32.21 81.31
CA ALA VB 319 23.34 30.96 80.67
C ALA VB 319 24.06 30.04 81.65
N GLU VB 320 24.85 30.60 82.57
CA GLU VB 320 25.52 29.80 83.59
C GLU VB 320 24.51 29.08 84.47
N TYR VB 321 23.33 29.67 84.67
CA TYR VB 321 22.27 28.97 85.39
C TYR VB 321 21.92 27.66 84.69
N PHE VB 322 21.61 27.74 83.39
CA PHE VB 322 21.22 26.54 82.66
C PHE VB 322 22.37 25.55 82.56
N ARG VB 323 23.61 26.03 82.46
CA ARG VB 323 24.76 25.14 82.40
C ARG VB 323 24.93 24.39 83.71
N ASP VB 324 25.09 25.11 84.82
CA ASP VB 324 25.50 24.49 86.08
C ASP VB 324 24.41 23.60 86.64
N GLU VB 325 23.22 24.15 86.87
CA GLU VB 325 22.18 23.42 87.58
C GLU VB 325 21.44 22.45 86.66
N GLN VB 326 20.80 22.96 85.61
CA GLN VB 326 20.01 22.11 84.74
C GLN VB 326 20.86 21.22 83.84
N GLY VB 327 22.17 21.40 83.81
CA GLY VB 327 23.01 20.52 83.03
C GLY VB 327 22.73 20.57 81.54
N GLN VB 328 22.02 21.60 81.09
CA GLN VB 328 21.61 21.68 79.70
C GLN VB 328 22.78 22.04 78.80
N ASP VB 329 22.60 21.77 77.51
CA ASP VB 329 23.43 22.36 76.47
C ASP VB 329 22.81 23.67 76.02
N VAL VB 330 23.66 24.67 75.87
CA VAL VB 330 23.20 26.05 75.70
C VAL VB 330 23.90 26.65 74.50
N LEU VB 331 23.20 27.56 73.84
CA LEU VB 331 23.75 28.38 72.77
C LEU VB 331 23.78 29.82 73.25
N LEU VB 332 24.78 30.59 72.82
CA LEU VB 332 24.95 31.96 73.32
C LEU VB 332 25.45 32.85 72.19
N PHE VB 333 24.54 33.65 71.65
CA PHE VB 333 24.84 34.61 70.60
C PHE VB 333 25.03 35.99 71.22
N ILE VB 334 26.06 36.71 70.79
CA ILE VB 334 26.36 38.05 71.29
C ILE VB 334 26.58 38.96 70.10
N ASP VB 335 25.95 40.14 70.13
CA ASP VB 335 26.03 41.09 69.04
C ASP VB 335 26.81 42.32 69.49
N ASN VB 336 27.88 42.64 68.75
CA ASN VB 336 28.77 43.76 69.01
C ASN VB 336 29.32 43.74 70.43
N ILE VB 337 30.10 42.70 70.72
CA ILE VB 337 30.87 42.63 71.96
C ILE VB 337 31.88 43.76 72.05
N TYR VB 338 32.32 44.31 70.92
CA TYR VB 338 33.22 45.46 70.90
C TYR VB 338 32.68 46.61 71.73
N ARG VB 339 31.35 46.77 71.75
CA ARG VB 339 30.74 47.84 72.53
C ARG VB 339 31.08 47.74 74.00
N PHE VB 340 31.18 46.53 74.55
CA PHE VB 340 31.71 46.37 75.91
C PHE VB 340 32.99 47.18 76.12
N THR VB 341 34.02 46.90 75.32
CA THR VB 341 35.27 47.65 75.42
C THR VB 341 35.06 49.14 75.20
N GLN VB 342 34.26 49.50 74.20
CA GLN VB 342 34.00 50.92 73.96
C GLN VB 342 33.41 51.58 75.21
N ALA VB 343 32.45 50.93 75.85
CA ALA VB 343 31.77 51.46 77.02
C ALA VB 343 32.61 51.35 78.27
N GLY VB 344 33.76 50.70 78.18
CA GLY VB 344 34.75 50.81 79.24
C GLY VB 344 35.55 52.07 79.00
N SER VB 345 36.02 52.24 77.76
CA SER VB 345 36.87 53.37 77.42
C SER VB 345 36.12 54.70 77.57
N GLU VB 346 34.79 54.66 77.51
CA GLU VB 346 33.99 55.88 77.68
C GLU VB 346 33.98 56.39 79.10
N VAL VB 347 34.42 55.59 80.07
CA VAL VB 347 34.31 55.96 81.47
C VAL VB 347 35.65 55.85 82.19
N SER VB 348 36.63 55.19 81.57
CA SER VB 348 37.90 54.95 82.26
C SER VB 348 38.55 56.27 82.68
N ALA VB 349 38.64 57.22 81.76
CA ALA VB 349 39.27 58.50 82.06
C ALA VB 349 38.48 59.30 83.08
N LEU VB 350 37.19 59.03 83.22
CA LEU VB 350 36.42 59.64 84.30
C LEU VB 350 36.66 58.93 85.61
N LEU VB 351 36.96 57.63 85.55
CA LEU VB 351 37.33 56.85 86.72
C LEU VB 351 38.78 57.01 87.10
N GLY VB 352 39.49 57.93 86.43
CA GLY VB 352 40.84 58.25 86.83
C GLY VB 352 41.94 57.36 86.32
N ARG VB 353 41.69 56.60 85.27
CA ARG VB 353 42.72 55.75 84.68
C ARG VB 353 43.44 56.51 83.58
N ILE VB 354 44.72 56.18 83.40
CA ILE VB 354 45.50 56.78 82.32
C ILE VB 354 45.13 56.02 81.05
N PRO VB 355 45.00 56.69 79.91
CA PRO VB 355 44.74 55.96 78.67
C PRO VB 355 45.93 55.14 78.21
N SER VB 356 45.60 54.00 77.61
CA SER VB 356 46.54 53.11 76.95
C SER VB 356 46.77 53.61 75.53
N ALA VB 357 47.05 52.68 74.61
CA ALA VB 357 47.22 53.01 73.21
C ALA VB 357 45.89 53.53 72.66
N VAL VB 358 45.69 53.45 71.35
CA VAL VB 358 45.02 54.47 70.55
C VAL VB 358 43.81 55.13 71.22
N GLY VB 359 43.32 54.57 72.32
CA GLY VB 359 42.21 55.20 73.02
C GLY VB 359 41.32 54.26 73.81
N TYR VB 360 41.56 52.96 73.68
CA TYR VB 360 40.93 52.01 74.58
C TYR VB 360 41.53 52.15 75.97
N GLN VB 361 41.09 51.29 76.90
CA GLN VB 361 41.50 51.39 78.29
C GLN VB 361 42.63 50.43 78.58
N PRO VB 362 43.28 50.55 79.74
CA PRO VB 362 44.24 49.52 80.16
C PRO VB 362 43.60 48.18 80.46
N THR VB 363 42.49 48.18 81.19
CA THR VB 363 41.85 46.95 81.63
C THR VB 363 40.97 46.38 80.52
N LEU VB 364 41.61 46.08 79.39
CA LEU VB 364 40.92 45.47 78.26
C LEU VB 364 41.03 43.95 78.31
N ALA VB 365 42.25 43.43 78.44
CA ALA VB 365 42.46 42.00 78.35
C ALA VB 365 41.89 41.28 79.56
N THR VB 366 41.95 41.90 80.74
CA THR VB 366 41.42 41.24 81.92
C THR VB 366 39.90 41.29 81.94
N ASP VB 367 39.33 42.45 81.59
CA ASP VB 367 37.87 42.55 81.52
C ASP VB 367 37.30 41.62 80.46
N LEU VB 368 38.08 41.31 79.42
CA LEU VB 368 37.61 40.37 78.40
C LEU VB 368 37.84 38.92 78.82
N GLY VB 369 38.95 38.64 79.52
CA GLY VB 369 39.24 37.28 79.92
C GLY VB 369 38.34 36.80 81.05
N GLN VB 370 38.00 37.67 81.99
CA GLN VB 370 37.07 37.27 83.03
C GLN VB 370 35.73 36.83 82.44
N LEU VB 371 35.29 37.46 81.36
CA LEU VB 371 34.13 36.99 80.61
C LEU VB 371 34.42 35.67 79.91
N GLN VB 372 35.44 35.64 79.06
CA GLN VB 372 35.61 34.51 78.17
C GLN VB 372 35.86 33.23 78.96
N GLU VB 373 36.58 33.32 80.08
CA GLU VB 373 36.84 32.12 80.85
C GLU VB 373 35.59 31.63 81.56
N ARG VB 374 34.62 32.52 81.81
CA ARG VB 374 33.33 32.06 82.29
C ARG VB 374 32.54 31.42 81.16
N ILE VB 375 32.89 31.74 79.92
CA ILE VB 375 32.26 31.14 78.75
C ILE VB 375 33.13 29.94 78.39
N THR VB 376 32.75 28.77 78.90
CA THR VB 376 33.48 27.55 78.56
C THR VB 376 32.66 26.33 78.92
N THR VB 377 32.91 25.24 78.20
CA THR VB 377 32.31 23.96 78.52
C THR VB 377 32.89 23.40 79.81
N THR VB 378 32.03 22.73 80.59
CA THR VB 378 32.49 22.04 81.79
C THR VB 378 31.97 20.61 81.84
N LYS VB 379 32.18 19.92 82.95
CA LYS VB 379 31.70 18.57 83.17
C LYS VB 379 30.29 18.53 83.71
N LYS VB 380 29.58 19.66 83.71
CA LYS VB 380 28.17 19.71 84.05
C LYS VB 380 27.29 20.13 82.89
N GLY VB 381 27.82 20.88 81.95
CA GLY VB 381 27.05 21.33 80.81
C GLY VB 381 27.97 21.86 79.75
N SER VB 382 27.41 22.65 78.83
CA SER VB 382 28.20 23.22 77.76
C SER VB 382 27.53 24.47 77.24
N ILE VB 383 28.34 25.46 76.89
CA ILE VB 383 27.88 26.71 76.30
C ILE VB 383 28.66 26.91 75.01
N THR VB 384 27.98 26.76 73.87
CA THR VB 384 28.54 27.15 72.59
C THR VB 384 28.24 28.63 72.37
N SER VB 385 29.28 29.42 72.22
CA SER VB 385 29.14 30.87 72.10
C SER VB 385 29.59 31.34 70.73
N VAL VB 386 28.95 32.41 70.26
CA VAL VB 386 29.22 33.00 68.95
C VAL VB 386 29.23 34.52 69.14
N GLN VB 387 30.39 35.14 68.98
CA GLN VB 387 30.57 36.55 69.26
C GLN VB 387 30.87 37.27 67.95
N ALA VB 388 30.11 38.33 67.68
CA ALA VB 388 30.42 39.23 66.58
C ALA VB 388 31.32 40.36 67.07
N VAL VB 389 32.40 40.60 66.33
CA VAL VB 389 33.44 41.55 66.71
C VAL VB 389 33.52 42.62 65.64
N TYR VB 390 33.03 43.81 65.96
CA TYR VB 390 33.22 44.97 65.11
C TYR VB 390 34.71 45.24 64.96
N VAL VB 391 35.11 45.55 63.74
CA VAL VB 391 36.50 45.82 63.40
C VAL VB 391 36.57 47.19 62.75
N PRO VB 392 36.89 48.25 63.52
CA PRO VB 392 36.75 49.60 63.00
C PRO VB 392 37.74 49.85 61.87
N ALA VB 393 37.23 50.39 60.76
CA ALA VB 393 38.03 50.71 59.59
C ALA VB 393 38.69 49.47 58.99
N ASP VB 394 38.12 48.29 59.24
CA ASP VB 394 38.64 47.04 58.69
C ASP VB 394 40.10 46.81 59.11
N ASP VB 395 40.46 47.32 60.28
CA ASP VB 395 41.83 47.20 60.80
C ASP VB 395 41.84 46.11 61.87
N LEU VB 396 42.38 44.94 61.51
CA LEU VB 396 42.51 43.83 62.44
C LEU VB 396 43.68 43.97 63.40
N THR VB 397 44.47 45.03 63.29
CA THR VB 397 45.55 45.30 64.24
C THR VB 397 45.07 46.04 65.47
N ASP VB 398 43.78 46.37 65.54
CA ASP VB 398 43.25 47.05 66.71
C ASP VB 398 43.39 46.16 67.94
N PRO VB 399 43.64 46.75 69.12
CA PRO VB 399 43.89 45.91 70.30
C PRO VB 399 42.74 45.00 70.66
N ALA VB 400 41.49 45.43 70.46
CA ALA VB 400 40.37 44.60 70.90
C ALA VB 400 40.29 43.32 70.08
N PRO VB 401 40.27 43.36 68.75
CA PRO VB 401 40.35 42.10 67.99
C PRO VB 401 41.66 41.36 68.22
N ALA VB 402 42.78 42.07 68.33
CA ALA VB 402 44.05 41.39 68.55
C ALA VB 402 43.98 40.52 69.80
N THR VB 403 43.48 41.09 70.90
CA THR VB 403 43.30 40.34 72.14
C THR VB 403 42.19 39.30 72.05
N THR VB 404 41.24 39.47 71.13
CA THR VB 404 40.12 38.54 71.06
C THR VB 404 40.41 37.32 70.20
N PHE VB 405 41.35 37.41 69.26
CA PHE VB 405 41.66 36.26 68.42
C PHE VB 405 42.18 35.10 69.26
N ALA VB 406 42.95 35.40 70.32
CA ALA VB 406 43.51 34.36 71.16
C ALA VB 406 42.46 33.63 71.99
N HIS VB 407 41.26 34.17 72.11
CA HIS VB 407 40.24 33.64 73.01
C HIS VB 407 39.22 32.74 72.31
N LEU VB 408 39.44 32.41 71.04
CA LEU VB 408 38.42 31.76 70.23
C LEU VB 408 38.88 30.40 69.73
N ASP VB 409 37.93 29.46 69.65
CA ASP VB 409 38.20 28.18 69.02
C ASP VB 409 38.06 28.26 67.51
N ALA VB 410 37.04 28.95 67.02
CA ALA VB 410 36.79 29.10 65.60
C ALA VB 410 36.71 30.58 65.24
N THR VB 411 37.20 30.91 64.05
CA THR VB 411 37.34 32.29 63.60
C THR VB 411 36.79 32.41 62.19
N THR VB 412 36.16 33.55 61.91
CA THR VB 412 35.55 33.78 60.59
C THR VB 412 35.58 35.28 60.33
N VAL VB 413 36.36 35.69 59.34
CA VAL VB 413 36.66 37.09 59.06
C VAL VB 413 35.96 37.48 57.77
N LEU VB 414 35.14 38.52 57.84
CA LEU VB 414 34.38 38.99 56.69
C LEU VB 414 35.09 40.18 56.05
N SER VB 415 34.96 40.30 54.73
CA SER VB 415 35.74 41.27 53.97
C SER VB 415 34.83 42.09 53.06
N ARG VB 416 35.29 43.32 52.81
CA ARG VB 416 34.59 44.20 51.89
C ARG VB 416 35.01 43.92 50.45
N GLN VB 417 36.28 43.62 50.24
CA GLN VB 417 36.72 43.32 48.88
C GLN VB 417 35.96 42.13 48.34
N ILE VB 418 35.54 41.23 49.23
CA ILE VB 418 34.75 40.07 48.84
C ILE VB 418 33.26 40.41 48.77
N ALA VB 419 32.75 41.17 49.74
CA ALA VB 419 31.32 41.50 49.70
C ALA VB 419 30.98 42.37 48.49
N GLU VB 420 31.96 43.14 47.98
CA GLU VB 420 31.75 43.92 46.76
C GLU VB 420 31.52 43.03 45.55
N LEU VB 421 32.02 41.80 45.58
CA LEU VB 421 31.81 40.86 44.48
C LEU VB 421 30.47 40.14 44.59
N GLY VB 422 29.61 40.51 45.53
CA GLY VB 422 28.38 39.77 45.72
C GLY VB 422 28.56 38.38 46.26
N ILE VB 423 29.74 38.04 46.77
CA ILE VB 423 30.00 36.73 47.33
C ILE VB 423 29.57 36.79 48.80
N TYR VB 424 28.35 36.33 49.06
CA TYR VB 424 27.77 36.30 50.39
C TYR VB 424 27.52 34.86 50.80
N PRO VB 425 27.96 34.43 52.00
CA PRO VB 425 28.69 35.15 53.04
C PRO VB 425 30.08 35.60 52.61
N ALA VB 426 30.48 36.80 53.00
CA ALA VB 426 31.72 37.38 52.50
C ALA VB 426 32.91 36.98 53.37
N VAL VB 427 33.05 35.68 53.56
CA VAL VB 427 34.08 35.13 54.44
C VAL VB 427 35.40 35.07 53.68
N ASP VB 428 36.47 35.54 54.32
CA ASP VB 428 37.81 35.37 53.77
C ASP VB 428 38.36 34.02 54.22
N PRO VB 429 38.50 33.03 53.35
CA PRO VB 429 39.00 31.73 53.78
C PRO VB 429 40.50 31.68 54.01
N LEU VB 430 41.21 32.79 53.79
CA LEU VB 430 42.63 32.87 54.08
C LEU VB 430 42.91 33.61 55.37
N ASP VB 431 41.88 34.18 56.00
CA ASP VB 431 41.96 34.70 57.35
C ASP VB 431 41.13 33.91 58.34
N SER VB 432 40.11 33.19 57.87
CA SER VB 432 39.35 32.31 58.74
C SER VB 432 40.21 31.12 59.13
N THR VB 433 40.13 30.72 60.40
CA THR VB 433 40.85 29.58 60.92
C THR VB 433 39.93 28.79 61.84
N SER VB 434 40.45 27.69 62.38
CA SER VB 434 39.72 26.92 63.36
C SER VB 434 40.68 25.93 64.02
N ARG VB 435 40.56 25.79 65.34
CA ARG VB 435 41.27 24.73 66.05
C ARG VB 435 40.83 23.35 65.63
N MET VB 436 39.65 23.22 65.02
CA MET VB 436 39.09 21.91 64.72
C MET VB 436 39.65 21.33 63.43
N LEU VB 437 40.11 22.17 62.50
CA LEU VB 437 40.53 21.70 61.18
C LEU VB 437 41.87 20.97 61.32
N ALA VB 438 41.77 19.71 61.69
CA ALA VB 438 42.92 18.82 61.81
C ALA VB 438 42.54 17.44 61.29
N PRO VB 439 43.50 16.68 60.76
CA PRO VB 439 43.16 15.39 60.14
C PRO VB 439 42.59 14.38 61.12
N GLU VB 440 42.89 14.51 62.42
CA GLU VB 440 42.44 13.54 63.40
C GLU VB 440 40.99 13.75 63.80
N ILE VB 441 40.46 14.96 63.64
CA ILE VB 441 39.10 15.29 64.06
C ILE VB 441 38.19 15.14 62.84
N VAL VB 442 38.45 15.95 61.82
CA VAL VB 442 37.88 15.74 60.49
C VAL VB 442 38.89 14.96 59.66
N GLY VB 443 38.40 13.95 58.95
CA GLY VB 443 39.28 13.04 58.25
C GLY VB 443 40.14 13.71 57.21
N GLN VB 444 41.02 12.92 56.56
CA GLN VB 444 41.91 13.50 55.57
C GLN VB 444 41.16 13.92 54.32
N GLU VB 445 40.02 13.29 54.03
CA GLU VB 445 39.19 13.75 52.93
C GLU VB 445 38.77 15.20 53.13
N HIS VB 446 38.58 15.61 54.37
CA HIS VB 446 38.22 16.99 54.69
C HIS VB 446 39.46 17.87 54.78
N TYR VB 447 40.49 17.40 55.49
CA TYR VB 447 41.67 18.23 55.72
C TYR VB 447 42.38 18.55 54.41
N ASP VB 448 42.67 17.52 53.60
CA ASP VB 448 43.37 17.75 52.34
C ASP VB 448 42.54 18.58 51.38
N THR VB 449 41.22 18.39 51.39
CA THR VB 449 40.36 19.21 50.56
C THR VB 449 40.45 20.68 50.95
N ALA VB 450 40.37 20.95 52.25
CA ALA VB 450 40.46 22.33 52.73
C ALA VB 450 41.80 22.95 52.37
N ARG VB 451 42.89 22.21 52.60
CA ARG VB 451 44.21 22.76 52.32
C ARG VB 451 44.44 22.94 50.82
N ALA VB 452 43.88 22.06 49.99
CA ALA VB 452 43.99 22.26 48.54
C ALA VB 452 43.21 23.48 48.09
N THR VB 453 42.03 23.68 48.66
CA THR VB 453 41.26 24.89 48.38
C THR VB 453 42.05 26.14 48.76
N GLN VB 454 42.66 26.13 49.94
CA GLN VB 454 43.42 27.30 50.37
C GLN VB 454 44.64 27.53 49.50
N LYS VB 455 45.33 26.46 49.09
CA LYS VB 455 46.46 26.61 48.17
C LYS VB 455 46.01 27.21 46.84
N LEU VB 456 44.89 26.72 46.31
CA LEU VB 456 44.36 27.27 45.06
C LEU VB 456 44.05 28.75 45.19
N LEU VB 457 43.41 29.13 46.29
CA LEU VB 457 43.03 30.53 46.47
C LEU VB 457 44.25 31.41 46.68
N GLN VB 458 45.27 30.92 47.37
CA GLN VB 458 46.48 31.70 47.51
C GLN VB 458 47.21 31.86 46.18
N ASP VB 459 47.22 30.81 45.35
CA ASP VB 459 47.80 30.94 44.01
C ASP VB 459 47.05 31.98 43.18
N TYR VB 460 45.73 31.97 43.27
CA TYR VB 460 44.96 32.96 42.53
C TYR VB 460 45.25 34.36 43.07
N LYS VB 461 45.46 34.48 44.38
CA LYS VB 461 45.80 35.80 44.90
C LYS VB 461 47.21 36.19 44.48
N SER VB 462 48.10 35.21 44.30
CA SER VB 462 49.47 35.48 43.87
C SER VB 462 49.59 35.57 42.37
N LEU VB 463 48.48 35.76 41.68
CA LEU VB 463 48.50 36.04 40.25
C LEU VB 463 47.71 37.30 39.90
N GLN VB 464 47.19 38.00 40.91
CA GLN VB 464 46.33 39.15 40.66
C GLN VB 464 47.10 40.27 39.96
N ASP VB 465 48.34 40.51 40.40
CA ASP VB 465 49.13 41.58 39.82
C ASP VB 465 49.58 41.24 38.41
N ILE VB 466 50.02 40.00 38.18
CA ILE VB 466 50.39 39.58 36.83
C ILE VB 466 49.21 39.76 35.89
N ILE VB 467 48.00 39.44 36.35
CA ILE VB 467 46.83 39.59 35.50
C ILE VB 467 46.50 41.07 35.30
N ALA VB 468 46.69 41.88 36.33
CA ALA VB 468 46.33 43.30 36.23
C ALA VB 468 47.30 44.05 35.33
N ILE VB 469 48.55 43.61 35.28
CA ILE VB 469 49.57 44.29 34.48
C ILE VB 469 49.59 43.73 33.07
N LEU VB 470 49.93 42.44 32.93
CA LEU VB 470 50.11 41.89 31.59
C LEU VB 470 48.76 41.50 30.98
N GLY VB 471 48.05 40.57 31.60
CA GLY VB 471 46.79 40.07 31.10
C GLY VB 471 46.74 38.57 31.09
N MET VB 472 45.55 38.06 30.76
CA MET VB 472 45.38 36.61 30.65
C MET VB 472 46.14 36.02 29.47
N ASP VB 473 46.53 36.85 28.49
CA ASP VB 473 47.26 36.33 27.33
C ASP VB 473 48.58 35.72 27.73
N GLU VB 474 49.24 36.27 28.76
CA GLU VB 474 50.55 35.80 29.17
C GLU VB 474 50.50 34.50 29.95
N LEU VB 475 49.37 34.19 30.59
CA LEU VB 475 49.31 33.04 31.48
C LEU VB 475 49.31 31.73 30.70
N SER VB 476 50.02 30.75 31.23
CA SER VB 476 50.02 29.41 30.67
C SER VB 476 48.65 28.77 30.89
N GLU VB 477 48.48 27.55 30.37
CA GLU VB 477 47.21 26.87 30.53
C GLU VB 477 47.08 26.28 31.93
N GLU VB 478 48.21 25.96 32.57
CA GLU VB 478 48.18 25.61 33.98
C GLU VB 478 47.64 26.77 34.82
N ASP VB 479 48.14 27.98 34.57
CA ASP VB 479 47.71 29.15 35.32
C ASP VB 479 46.27 29.51 35.00
N LYS VB 480 45.85 29.31 33.75
CA LYS VB 480 44.47 29.55 33.37
C LYS VB 480 43.55 28.57 34.08
N LEU VB 481 43.92 27.29 34.10
CA LEU VB 481 43.13 26.27 34.78
C LEU VB 481 43.05 26.54 36.28
N VAL VB 482 44.16 26.95 36.90
CA VAL VB 482 44.16 27.29 38.32
C VAL VB 482 43.29 28.50 38.60
N VAL VB 483 43.38 29.54 37.75
CA VAL VB 483 42.57 30.74 37.95
C VAL VB 483 41.09 30.40 37.80
N SER VB 484 40.75 29.60 36.79
CA SER VB 484 39.36 29.21 36.56
C SER VB 484 38.84 28.41 37.74
N ARG VB 485 39.64 27.47 38.25
CA ARG VB 485 39.21 26.67 39.39
C ARG VB 485 39.01 27.54 40.63
N ALA VB 486 39.92 28.49 40.88
CA ALA VB 486 39.81 29.37 42.04
C ALA VB 486 38.56 30.24 41.94
N ARG VB 487 38.30 30.79 40.74
CA ARG VB 487 37.12 31.61 40.53
C ARG VB 487 35.85 30.79 40.72
N LYS VB 488 35.84 29.58 40.19
CA LYS VB 488 34.68 28.71 40.32
C LYS VB 488 34.46 28.38 41.78
N ILE VB 489 35.53 28.12 42.52
CA ILE VB 489 35.41 27.77 43.93
C ILE VB 489 34.80 28.95 44.68
N GLN VB 490 35.26 30.17 44.36
CA GLN VB 490 34.74 31.34 45.04
C GLN VB 490 33.25 31.50 44.78
N ARG VB 491 32.83 31.29 43.53
CA ARG VB 491 31.41 31.40 43.20
C ARG VB 491 30.62 30.31 43.92
N PHE VB 492 31.17 29.11 43.97
CA PHE VB 492 30.51 27.97 44.61
C PHE VB 492 30.29 28.20 46.09
N LEU VB 493 31.27 28.83 46.75
CA LEU VB 493 31.16 29.05 48.20
C LEU VB 493 29.95 29.92 48.54
N SER VB 494 29.68 30.96 47.76
CA SER VB 494 28.55 31.81 48.05
C SER VB 494 27.25 31.03 47.87
N GLN VB 495 26.30 31.24 48.79
CA GLN VB 495 25.02 30.58 48.73
C GLN VB 495 23.94 31.47 49.31
N PRO VB 496 22.70 31.34 48.86
CA PRO VB 496 21.60 32.16 49.38
C PRO VB 496 21.16 31.75 50.78
N PHE VB 497 20.61 32.72 51.49
CA PHE VB 497 20.11 32.57 52.85
C PHE VB 497 18.65 32.98 52.95
N THR VB 498 17.91 32.27 53.80
CA THR VB 498 16.49 32.56 53.99
C THR VB 498 16.29 33.96 54.57
N VAL VB 499 17.17 34.35 55.50
CA VAL VB 499 17.09 35.66 56.14
C VAL VB 499 17.33 36.77 55.11
N ALA VB 500 18.08 36.48 54.06
CA ALA VB 500 18.43 37.43 53.02
C ALA VB 500 17.38 37.48 51.90
N GLU VB 501 16.32 36.68 52.02
CA GLU VB 501 15.27 36.65 51.01
C GLU VB 501 14.63 38.02 50.81
N VAL VB 502 14.45 38.78 51.88
CA VAL VB 502 13.95 40.15 51.78
C VAL VB 502 15.00 41.11 51.24
N PHE VB 503 16.20 40.60 50.94
CA PHE VB 503 17.18 41.36 50.15
C PHE VB 503 17.38 40.80 48.75
N THR VB 504 17.45 39.47 48.62
CA THR VB 504 17.74 38.83 47.34
C THR VB 504 16.50 38.28 46.65
N GLY VB 505 15.49 37.86 47.42
CA GLY VB 505 14.34 37.17 46.89
C GLY VB 505 14.54 35.69 46.68
N LYS VB 506 15.78 35.22 46.61
CA LYS VB 506 16.02 33.81 46.35
C LYS VB 506 15.76 33.00 47.62
N PRO VB 507 15.40 31.73 47.49
CA PRO VB 507 15.18 30.90 48.68
C PRO VB 507 16.49 30.45 49.31
N GLY VB 508 16.37 29.98 50.55
CA GLY VB 508 17.54 29.60 51.30
C GLY VB 508 17.86 28.13 51.19
N ARG VB 509 19.09 27.79 51.55
CA ARG VB 509 19.62 26.44 51.38
C ARG VB 509 20.30 25.99 52.65
N PHE VB 510 20.31 24.67 52.86
CA PHE VB 510 21.03 24.03 53.94
C PHE VB 510 21.90 22.95 53.31
N VAL VB 511 23.21 23.15 53.33
CA VAL VB 511 24.16 22.28 52.64
C VAL VB 511 24.86 21.45 53.71
N GLU VB 512 24.63 20.14 53.67
CA GLU VB 512 25.34 19.23 54.55
C GLU VB 512 26.80 19.06 54.15
N LEU VB 513 27.56 18.52 55.10
CA LEU VB 513 29.02 18.59 55.06
C LEU VB 513 29.54 17.55 54.07
N PRO VB 514 29.02 16.31 54.09
CA PRO VB 514 29.48 15.36 53.06
C PRO VB 514 29.20 15.85 51.65
N GLU VB 515 28.06 16.53 51.44
CA GLU VB 515 27.79 17.14 50.15
C GLU VB 515 28.83 18.20 49.80
N THR VB 516 29.19 19.02 50.78
CA THR VB 516 30.20 20.05 50.54
C THR VB 516 31.54 19.43 50.18
N ILE VB 517 31.91 18.37 50.90
CA ILE VB 517 33.21 17.74 50.67
C ILE VB 517 33.23 17.05 49.32
N LYS VB 518 32.15 16.37 48.95
CA LYS VB 518 32.05 15.78 47.62
C LYS VB 518 32.21 16.85 46.54
N SER VB 519 31.49 17.96 46.67
CA SER VB 519 31.55 18.98 45.64
C SER VB 519 32.93 19.61 45.55
N ALA VB 520 33.57 19.86 46.69
CA ALA VB 520 34.91 20.45 46.65
C ALA VB 520 35.94 19.48 46.06
N GLN VB 521 35.90 18.22 46.48
CA GLN VB 521 36.75 17.20 45.88
C GLN VB 521 36.54 17.14 44.37
N THR VB 522 35.29 17.18 43.93
CA THR VB 522 34.98 17.14 42.50
C THR VB 522 35.60 18.33 41.77
N ILE VB 523 35.41 19.53 42.32
CA ILE VB 523 35.88 20.74 41.66
C ILE VB 523 37.40 20.75 41.59
N LEU VB 524 38.06 20.22 42.63
CA LEU VB 524 39.51 20.21 42.64
C LEU VB 524 40.04 19.12 41.73
N ARG VB 525 39.32 18.00 41.64
CA ARG VB 525 39.73 16.91 40.76
C ARG VB 525 39.61 17.32 39.30
N GLY VB 526 38.73 18.26 39.00
CA GLY VB 526 38.54 18.71 37.63
C GLY VB 526 37.38 18.15 36.85
N GLU VB 527 36.44 17.50 37.51
CA GLU VB 527 35.28 16.95 36.80
C GLU VB 527 34.39 18.06 36.23
N CYS VB 528 34.24 19.16 36.96
CA CYS VB 528 33.37 20.27 36.57
C CYS VB 528 34.06 21.51 35.99
N ASP VB 529 35.33 21.43 35.59
CA ASP VB 529 35.96 22.63 35.04
C ASP VB 529 35.20 23.10 33.80
N ASP VB 530 34.73 22.16 33.00
CA ASP VB 530 34.00 22.49 31.77
C ASP VB 530 32.75 23.31 32.09
N LEU VB 531 32.07 23.00 33.19
CA LEU VB 531 30.85 23.72 33.51
C LEU VB 531 31.16 25.20 33.69
N PRO VB 532 30.27 26.11 33.28
CA PRO VB 532 30.56 27.54 33.41
C PRO VB 532 30.53 28.06 34.84
N GLU VB 533 31.31 29.12 35.05
CA GLU VB 533 31.44 29.74 36.37
C GLU VB 533 30.12 30.33 36.85
N MET VB 534 29.35 30.94 35.94
CA MET VB 534 28.10 31.57 36.36
C MET VB 534 27.18 30.53 36.97
N ALA VB 535 27.13 29.33 36.38
CA ALA VB 535 26.24 28.33 36.94
C ALA VB 535 26.68 28.03 38.35
N PHE VB 536 28.00 28.01 38.57
CA PHE VB 536 28.55 27.70 39.88
C PHE VB 536 28.09 28.71 40.90
N TYR VB 537 28.02 29.98 40.50
CA TYR VB 537 27.66 31.03 41.44
C TYR VB 537 26.25 30.86 41.99
N MET VB 538 26.11 31.20 43.27
CA MET VB 538 24.84 31.16 44.00
C MET VB 538 24.17 29.79 43.90
N CYS VB 539 24.96 28.72 44.04
CA CYS VB 539 24.41 27.37 44.01
C CYS VB 539 24.70 26.64 45.31
N GLY VB 540 23.63 26.14 45.94
CA GLY VB 540 23.81 25.41 47.19
C GLY VB 540 24.57 24.12 47.00
N GLY VB 541 24.29 23.40 45.91
CA GLY VB 541 24.92 22.14 45.64
C GLY VB 541 25.37 22.00 44.19
N LEU VB 542 26.26 21.04 43.98
CA LEU VB 542 26.78 20.80 42.64
C LEU VB 542 25.66 20.42 41.69
N GLU VB 543 24.69 19.64 42.16
CA GLU VB 543 23.60 19.27 41.28
C GLU VB 543 22.86 20.54 40.86
N GLU VB 544 22.69 21.47 41.79
CA GLU VB 544 22.02 22.72 41.43
C GLU VB 544 22.83 23.43 40.38
N VAL VB 545 24.17 23.35 40.50
CA VAL VB 545 25.02 24.02 39.52
C VAL VB 545 24.73 23.45 38.15
N ARG VB 546 24.58 22.12 38.09
CA ARG VB 546 24.28 21.45 36.83
C ARG VB 546 22.93 21.93 36.29
N SER VB 547 21.96 22.08 37.18
CA SER VB 547 20.62 22.53 36.80
C SER VB 547 20.65 23.92 36.19
N LYS VB 548 21.41 24.82 36.80
CA LYS VB 548 21.53 26.17 36.27
C LYS VB 548 22.34 26.21 34.98
N ALA VB 549 23.36 25.38 34.85
CA ALA VB 549 24.10 25.36 33.60
C ALA VB 549 23.23 24.83 32.47
N VAL VB 550 22.46 23.78 32.74
CA VAL VB 550 21.49 23.28 31.77
C VAL VB 550 20.53 24.39 31.35
N LYS VB 551 19.99 25.12 32.34
CA LYS VB 551 19.06 26.19 32.03
C LYS VB 551 19.70 27.27 31.19
N MET VB 552 20.92 27.68 31.55
CA MET VB 552 21.58 28.74 30.81
C MET VB 552 21.93 28.31 29.40
N ALA VB 553 22.19 27.01 29.19
CA ALA VB 553 22.45 26.52 27.84
C ALA VB 553 21.17 26.47 27.02
N GLN VB 554 20.06 26.12 27.68
CA GLN VB 554 18.78 26.13 26.98
C GLN VB 554 18.43 27.54 26.54
N GLU VB 555 18.50 28.50 27.45
CA GLU VB 555 18.20 29.86 27.00
C GLU VB 555 19.27 30.40 26.08
N ALA VB 556 20.47 29.78 26.07
CA ALA VB 556 21.48 30.13 25.08
C ALA VB 556 21.12 29.59 23.72
N ALA VB 557 20.20 28.63 23.65
CA ALA VB 557 19.77 28.09 22.37
C ALA VB 557 18.42 27.37 22.52
N ASN WB 80 78.13 63.37 103.35
CA ASN WB 80 76.78 63.51 103.88
C ASN WB 80 76.15 62.15 104.12
N HIS WB 81 75.05 62.15 104.89
CA HIS WB 81 74.26 60.95 105.14
C HIS WB 81 72.79 61.30 105.03
N GLY WB 82 72.06 60.50 104.25
CA GLY WB 82 70.65 60.70 104.03
C GLY WB 82 69.89 59.40 104.13
N ARG WB 83 68.59 59.49 103.90
CA ARG WB 83 67.70 58.33 104.01
C ARG WB 83 66.84 58.26 102.76
N ILE WB 84 66.51 57.02 102.35
CA ILE WB 84 65.54 56.84 101.28
C ILE WB 84 64.15 57.16 101.80
N THR WB 85 63.34 57.79 100.94
CA THR WB 85 61.95 58.12 101.27
C THR WB 85 60.94 57.43 100.38
N GLN WB 86 61.29 57.10 99.13
CA GLN WB 86 60.43 56.25 98.32
C GLN WB 86 61.27 55.63 97.21
N VAL WB 87 60.73 54.56 96.63
CA VAL WB 87 61.40 53.79 95.59
C VAL WB 87 60.37 53.51 94.50
N ILE WB 88 60.65 54.00 93.29
CA ILE WB 88 59.78 53.80 92.13
C ILE WB 88 60.65 53.22 91.02
N GLY WB 89 60.73 51.91 90.95
CA GLY WB 89 61.58 51.25 89.98
C GLY WB 89 63.04 51.62 90.16
N ALA WB 90 63.59 52.31 89.15
CA ALA WB 90 64.98 52.76 89.17
C ALA WB 90 65.10 54.23 89.58
N VAL WB 91 64.08 54.77 90.23
CA VAL WB 91 64.04 56.19 90.60
C VAL WB 91 63.91 56.24 92.12
N VAL WB 92 64.97 56.72 92.78
CA VAL WB 92 65.09 56.68 94.23
C VAL WB 92 65.12 58.11 94.73
N ASP WB 93 64.21 58.45 95.63
CA ASP WB 93 64.15 59.79 96.22
C ASP WB 93 64.72 59.77 97.63
N VAL WB 94 65.66 60.68 97.89
CA VAL WB 94 66.48 60.64 99.09
C VAL WB 94 66.38 61.97 99.81
N HIS WB 95 66.51 61.93 101.13
CA HIS WB 95 66.37 63.11 101.97
C HIS WB 95 67.64 63.27 102.79
N PHE WB 96 68.18 64.48 102.81
CA PHE WB 96 69.32 64.84 103.64
C PHE WB 96 68.92 65.91 104.63
N ASP WB 97 69.69 65.99 105.73
CA ASP WB 97 69.44 66.97 106.77
C ASP WB 97 70.20 68.28 106.55
N GLU WB 98 71.30 68.27 105.82
CA GLU WB 98 72.12 69.46 105.67
C GLU WB 98 73.15 69.22 104.58
N GLN WB 99 73.48 70.28 103.85
CA GLN WB 99 74.52 70.26 102.82
C GLN WB 99 74.21 69.19 101.77
N LEU WB 100 73.14 69.47 101.03
CA LEU WB 100 72.72 68.60 99.93
C LEU WB 100 73.88 68.35 98.98
N PRO WB 101 73.93 67.20 98.32
CA PRO WB 101 74.96 66.96 97.32
C PRO WB 101 74.59 67.62 96.01
N PRO WB 102 75.57 68.02 95.20
CA PRO WB 102 75.24 68.56 93.87
C PRO WB 102 74.67 67.48 92.98
N ILE WB 103 74.24 67.91 91.80
CA ILE WB 103 73.67 66.98 90.82
C ILE WB 103 74.82 66.22 90.14
N LEU WB 104 74.54 64.99 89.74
CA LEU WB 104 75.49 64.04 89.18
C LEU WB 104 76.40 63.43 90.22
N ASN WB 105 76.32 63.84 91.50
CA ASN WB 105 77.11 63.20 92.52
C ASN WB 105 76.62 61.77 92.77
N SER WB 106 77.46 61.00 93.47
CA SER WB 106 77.18 59.60 93.73
C SER WB 106 76.76 59.39 95.19
N LEU WB 107 75.89 58.40 95.38
CA LEU WB 107 75.39 58.01 96.68
C LEU WB 107 75.44 56.49 96.79
N GLU WB 108 75.90 56.00 97.94
CA GLU WB 108 76.05 54.57 98.18
C GLU WB 108 75.00 54.15 99.19
N VAL WB 109 74.21 53.13 98.85
CA VAL WB 109 73.20 52.63 99.77
C VAL WB 109 73.86 51.68 100.76
N GLN WB 110 73.38 51.70 102.01
CA GLN WB 110 73.96 50.88 103.07
C GLN WB 110 72.87 50.03 103.71
N GLY WB 111 73.02 48.72 103.67
CA GLY WB 111 72.09 47.81 104.33
C GLY WB 111 71.59 46.68 103.45
N HIS WB 112 72.28 46.41 102.35
CA HIS WB 112 72.00 45.22 101.56
C HIS WB 112 73.18 44.92 100.67
N THR WB 113 73.24 43.69 100.20
CA THR WB 113 74.35 43.24 99.37
C THR WB 113 74.21 43.84 97.97
N ASN WB 114 75.14 43.48 97.09
CA ASN WB 114 75.13 43.96 95.71
C ASN WB 114 75.16 45.49 95.68
N ARG WB 115 76.32 46.00 96.08
CA ARG WB 115 76.53 47.42 96.38
C ARG WB 115 75.80 48.32 95.39
N LEU WB 116 74.90 49.16 95.90
CA LEU WB 116 74.01 49.95 95.08
C LEU WB 116 74.47 51.40 95.09
N VAL WB 117 74.53 51.99 93.89
CA VAL WB 117 75.03 53.34 93.69
C VAL WB 117 73.98 54.14 92.94
N LEU WB 118 73.72 55.35 93.39
CA LEU WB 118 72.65 56.21 92.88
C LEU WB 118 73.26 57.53 92.44
N GLU WB 119 72.97 57.93 91.20
CA GLU WB 119 73.49 59.16 90.63
C GLU WB 119 72.40 60.22 90.74
N VAL WB 120 72.73 61.33 91.39
CA VAL WB 120 71.75 62.41 91.53
C VAL WB 120 71.44 62.99 90.16
N ALA WB 121 70.18 63.40 89.97
CA ALA WB 121 69.75 63.98 88.71
C ALA WB 121 68.85 65.21 88.85
N GLN WB 122 68.31 65.50 90.03
CA GLN WB 122 67.29 66.52 90.15
C GLN WB 122 67.06 66.84 91.62
N HIS WB 123 66.94 68.12 91.93
CA HIS WB 123 66.52 68.59 93.24
C HIS WB 123 65.03 68.94 93.21
N LEU WB 124 64.38 68.78 94.36
CA LEU WB 124 62.93 68.88 94.43
C LEU WB 124 62.42 69.77 95.55
N GLY WB 125 63.27 70.16 96.51
CA GLY WB 125 62.82 70.87 97.69
C GLY WB 125 62.66 69.94 98.89
N GLU WB 126 62.50 70.56 100.05
CA GLU WB 126 62.41 69.84 101.31
C GLU WB 126 63.68 69.05 101.60
N ASN WB 127 64.81 69.55 101.09
CA ASN WB 127 66.08 68.84 101.19
C ASN WB 127 65.99 67.44 100.60
N THR WB 128 65.20 67.31 99.54
CA THR WB 128 65.02 66.04 98.85
C THR WB 128 65.66 66.10 97.47
N VAL WB 129 66.21 64.96 97.04
CA VAL WB 129 66.81 64.81 95.73
C VAL WB 129 66.27 63.54 95.09
N ARG WB 130 66.44 63.46 93.77
CA ARG WB 130 66.05 62.29 92.98
C ARG WB 130 67.29 61.71 92.31
N THR WB 131 67.34 60.38 92.24
CA THR WB 131 68.53 59.66 91.81
C THR WB 131 68.14 58.50 90.92
N ILE WB 132 69.03 58.18 89.99
CA ILE WB 132 68.90 57.01 89.12
C ILE WB 132 69.88 55.94 89.60
N ALA WB 133 69.38 54.71 89.73
CA ALA WB 133 70.17 53.61 90.26
C ALA WB 133 70.94 52.91 89.14
N MET WB 134 72.16 52.48 89.46
CA MET WB 134 73.00 51.72 88.54
C MET WB 134 72.72 50.23 88.56
N ASP WB 135 72.01 49.74 89.58
CA ASP WB 135 71.65 48.33 89.67
C ASP WB 135 70.19 48.24 90.11
N ALA WB 136 69.76 47.04 90.48
CA ALA WB 136 68.36 46.81 90.76
C ALA WB 136 67.98 47.34 92.14
N THR WB 137 66.70 47.64 92.30
CA THR WB 137 66.17 48.25 93.51
C THR WB 137 65.34 47.29 94.35
N GLU WB 138 65.24 46.03 93.96
CA GLU WB 138 64.46 45.08 94.74
C GLU WB 138 65.13 44.81 96.08
N GLY WB 139 64.33 44.81 97.13
CA GLY WB 139 64.86 44.66 98.47
C GLY WB 139 65.21 45.96 99.17
N LEU WB 140 64.79 47.10 98.64
CA LEU WB 140 65.05 48.38 99.26
C LEU WB 140 63.90 48.78 100.17
N VAL WB 141 64.23 49.58 101.18
CA VAL WB 141 63.32 49.94 102.26
C VAL WB 141 63.36 51.45 102.44
N ARG WB 142 62.23 52.03 102.82
CA ARG WB 142 62.20 53.45 103.14
C ARG WB 142 62.86 53.67 104.50
N GLY WB 143 63.60 54.78 104.61
CA GLY WB 143 64.45 55.00 105.76
C GLY WB 143 65.80 54.34 105.68
N GLN WB 144 66.06 53.53 104.64
CA GLN WB 144 67.36 52.92 104.48
C GLN WB 144 68.43 54.00 104.31
N LYS WB 145 69.59 53.76 104.90
CA LYS WB 145 70.61 54.79 104.98
C LYS WB 145 71.45 54.87 103.71
N VAL WB 146 71.90 56.08 103.42
CA VAL WB 146 72.62 56.40 102.19
C VAL WB 146 73.77 57.32 102.56
N VAL WB 147 74.90 57.13 101.89
CA VAL WB 147 76.10 57.94 102.10
C VAL WB 147 76.34 58.71 100.81
N ASP WB 148 76.89 59.91 100.94
CA ASP WB 148 77.26 60.73 99.78
C ASP WB 148 78.77 60.67 99.59
N THR WB 149 79.21 60.20 98.41
CA THR WB 149 80.63 60.12 98.17
C THR WB 149 81.28 61.48 98.01
N GLY WB 150 80.50 62.51 97.67
CA GLY WB 150 81.04 63.84 97.50
C GLY WB 150 81.54 64.16 96.11
N ALA WB 151 81.29 63.29 95.13
CA ALA WB 151 81.73 63.51 93.76
C ALA WB 151 81.01 62.51 92.87
N PRO WB 152 80.99 62.74 91.56
CA PRO WB 152 80.25 61.84 90.67
C PRO WB 152 80.90 60.48 90.58
N ILE WB 153 80.35 59.60 89.74
CA ILE WB 153 80.93 58.26 89.56
C ILE WB 153 82.36 58.40 89.08
N GLN WB 154 83.29 57.82 89.85
CA GLN WB 154 84.72 57.99 89.62
C GLN WB 154 85.30 56.65 89.19
N VAL WB 155 85.75 56.59 87.93
CA VAL WB 155 86.32 55.37 87.36
C VAL WB 155 87.83 55.42 87.58
N PRO WB 156 88.48 54.29 87.87
CA PRO WB 156 89.95 54.31 87.93
C PRO WB 156 90.57 54.37 86.54
N VAL WB 157 91.77 54.95 86.48
CA VAL WB 157 92.48 55.15 85.24
C VAL WB 157 93.96 54.84 85.46
N GLY WB 158 94.63 54.50 84.38
CA GLY WB 158 96.02 54.11 84.43
C GLY WB 158 96.32 53.07 83.37
N VAL WB 159 97.58 52.64 83.33
CA VAL WB 159 97.96 51.50 82.52
C VAL WB 159 97.54 50.18 83.15
N GLU WB 160 97.04 50.21 84.38
CA GLU WB 160 96.51 48.99 85.01
C GLU WB 160 95.13 48.64 84.49
N THR WB 161 94.41 49.61 83.92
CA THR WB 161 93.12 49.35 83.29
C THR WB 161 93.25 48.75 81.90
N LEU WB 162 94.47 48.50 81.43
CA LEU WB 162 94.65 47.89 80.11
C LEU WB 162 94.47 46.39 80.22
N GLY WB 163 93.73 45.81 79.27
CA GLY WB 163 93.43 44.40 79.29
C GLY WB 163 92.32 44.01 80.23
N ARG WB 164 91.83 44.93 81.04
CA ARG WB 164 90.78 44.63 82.01
C ARG WB 164 89.40 44.89 81.42
N ILE WB 165 88.39 44.47 82.19
CA ILE WB 165 86.99 44.81 81.95
C ILE WB 165 86.47 45.58 83.16
N MET WB 166 85.60 46.55 82.91
CA MET WB 166 85.07 47.39 83.97
C MET WB 166 83.62 47.72 83.70
N ASN WB 167 82.84 47.86 84.78
CA ASN WB 167 81.46 48.28 84.66
C ASN WB 167 81.36 49.79 84.84
N VAL WB 168 80.13 50.31 84.77
CA VAL WB 168 79.91 51.75 84.80
C VAL WB 168 80.49 52.37 86.08
N ILE WB 169 80.50 51.62 87.17
CA ILE WB 169 80.98 52.14 88.45
C ILE WB 169 82.44 51.76 88.69
N GLY WB 170 83.17 51.40 87.63
CA GLY WB 170 84.59 51.14 87.73
C GLY WB 170 84.96 49.77 88.25
N GLU WB 171 84.00 49.01 88.79
CA GLU WB 171 84.31 47.70 89.33
C GLU WB 171 84.63 46.73 88.19
N PRO WB 172 85.51 45.76 88.42
CA PRO WB 172 85.77 44.75 87.39
C PRO WB 172 84.80 43.59 87.46
N VAL WB 173 84.50 43.05 86.28
CA VAL WB 173 83.56 41.93 86.15
C VAL WB 173 84.23 40.81 85.37
N ASP WB 174 85.55 40.73 85.45
CA ASP WB 174 86.32 39.70 84.77
C ASP WB 174 86.83 38.62 85.70
N GLU WB 175 86.55 38.72 87.00
CA GLU WB 175 86.94 37.69 87.96
C GLU WB 175 88.44 37.44 87.93
N CYS WB 176 89.21 38.53 88.03
CA CYS WB 176 90.67 38.44 87.99
C CYS WB 176 91.32 39.35 89.02
N GLY WB 177 90.56 39.98 89.90
CA GLY WB 177 91.10 40.80 90.94
C GLY WB 177 90.62 42.24 90.82
N PRO WB 178 91.01 43.09 91.76
CA PRO WB 178 90.66 44.50 91.68
C PRO WB 178 91.67 45.30 90.86
N VAL WB 179 91.23 46.47 90.41
CA VAL WB 179 92.05 47.32 89.56
C VAL WB 179 92.97 48.14 90.46
N PRO WB 180 94.27 47.86 90.49
CA PRO WB 180 95.17 48.56 91.42
C PRO WB 180 95.74 49.84 90.81
N ALA WB 181 94.85 50.75 90.43
CA ALA WB 181 95.26 51.98 89.75
C ALA WB 181 95.56 53.07 90.77
N LYS WB 182 96.46 53.97 90.40
CA LYS WB 182 96.91 55.04 91.27
C LYS WB 182 96.11 56.33 91.08
N LYS WB 183 94.96 56.26 90.43
CA LYS WB 183 94.24 57.46 90.02
C LYS WB 183 92.77 57.12 89.79
N THR WB 184 91.97 58.17 89.68
CA THR WB 184 90.54 58.04 89.43
C THR WB 184 90.04 59.30 88.75
N TYR WB 185 89.17 59.12 87.75
CA TYR WB 185 88.59 60.22 86.99
C TYR WB 185 87.08 60.13 87.04
N SER WB 186 86.45 61.29 87.20
CA SER WB 186 85.00 61.36 87.06
C SER WB 186 84.60 61.04 85.61
N ILE WB 187 83.37 60.53 85.47
CA ILE WB 187 82.85 60.24 84.14
C ILE WB 187 82.15 61.44 83.51
N HIS WB 188 81.81 62.46 84.30
CA HIS WB 188 81.24 63.70 83.79
C HIS WB 188 82.34 64.75 83.82
N ARG WB 189 82.98 64.98 82.67
CA ARG WB 189 84.05 65.95 82.53
C ARG WB 189 83.70 66.96 81.46
N ALA WB 190 84.08 68.22 81.69
CA ALA WB 190 83.88 69.26 80.68
C ALA WB 190 84.71 68.96 79.44
N ALA WB 191 84.16 69.32 78.28
CA ALA WB 191 84.83 69.08 77.02
C ALA WB 191 86.04 70.00 76.91
N PRO WB 192 86.93 69.75 75.94
CA PRO WB 192 88.05 70.67 75.73
C PRO WB 192 87.57 72.04 75.28
N LEU WB 193 88.28 73.06 75.73
CA LEU WB 193 87.90 74.45 75.47
C LEU WB 193 88.22 74.81 74.02
N PHE WB 194 88.04 76.08 73.67
CA PHE WB 194 88.35 76.53 72.32
C PHE WB 194 89.85 76.74 72.12
N ALA WB 195 90.58 77.07 73.19
CA ALA WB 195 92.02 77.28 73.07
C ALA WB 195 92.77 75.96 72.99
N ASP WB 196 92.33 74.94 73.73
CA ASP WB 196 93.01 73.65 73.75
C ASP WB 196 92.37 72.72 72.71
N GLN WB 197 92.63 73.05 71.46
CA GLN WB 197 92.08 72.30 70.33
C GLN WB 197 92.98 72.50 69.12
N SER WB 198 93.26 71.42 68.41
CA SER WB 198 94.18 71.46 67.29
C SER WB 198 93.44 71.90 66.03
N THR WB 199 93.95 72.95 65.38
CA THR WB 199 93.35 73.45 64.16
C THR WB 199 93.85 72.70 62.93
N GLU WB 200 94.96 71.96 63.04
CA GLU WB 200 95.50 71.20 61.92
C GLU WB 200 94.88 69.81 61.91
N PRO WB 201 93.99 69.50 60.97
CA PRO WB 201 93.52 68.11 60.84
C PRO WB 201 94.56 67.22 60.18
N GLY WB 202 94.52 65.95 60.52
CA GLY WB 202 95.47 64.99 60.00
C GLY WB 202 94.86 63.60 59.94
N LEU WB 203 95.27 62.84 58.93
CA LEU WB 203 94.77 61.49 58.77
C LEU WB 203 95.24 60.60 59.92
N LEU WB 204 94.70 59.39 59.94
CA LEU WB 204 95.10 58.35 60.89
C LEU WB 204 95.59 57.16 60.07
N GLN WB 205 96.87 56.85 60.17
CA GLN WB 205 97.46 55.76 59.39
C GLN WB 205 97.05 54.44 60.04
N THR WB 206 95.99 53.83 59.49
CA THR WB 206 95.50 52.56 60.02
C THR WB 206 96.41 51.41 59.60
N GLY WB 207 96.66 51.27 58.31
CA GLY WB 207 97.25 50.09 57.74
C GLY WB 207 96.33 49.28 56.85
N ILE WB 208 95.13 49.80 56.54
CA ILE WB 208 94.19 49.11 55.67
C ILE WB 208 94.06 49.92 54.39
N LYS WB 209 93.92 49.20 53.27
CA LYS WB 209 94.07 49.84 51.97
C LYS WB 209 92.79 50.56 51.56
N VAL WB 210 91.65 49.86 51.62
CA VAL WB 210 90.39 50.49 51.24
C VAL WB 210 90.10 51.67 52.16
N VAL WB 211 90.40 51.50 53.45
CA VAL WB 211 90.20 52.58 54.42
C VAL WB 211 91.07 53.78 54.08
N ASP WB 212 92.38 53.57 54.03
CA ASP WB 212 93.28 54.70 53.78
C ASP WB 212 93.15 55.28 52.39
N LEU WB 213 92.48 54.58 51.46
CA LEU WB 213 92.32 55.08 50.10
C LEU WB 213 91.00 55.85 49.93
N LEU WB 214 89.88 55.20 50.23
CA LEU WB 214 88.57 55.71 49.83
C LEU WB 214 87.79 56.32 50.98
N ALA WB 215 88.16 56.03 52.23
CA ALA WB 215 87.51 56.61 53.40
C ALA WB 215 88.57 56.91 54.44
N PRO WB 216 89.43 57.88 54.17
CA PRO WB 216 90.55 58.15 55.09
C PRO WB 216 90.04 58.60 56.45
N TYR WB 217 90.57 57.98 57.51
CA TYR WB 217 90.21 58.34 58.87
C TYR WB 217 90.95 59.61 59.28
N ALA WB 218 90.55 60.15 60.42
CA ALA WB 218 91.12 61.39 60.95
C ALA WB 218 91.47 61.19 62.42
N LYS WB 219 92.40 62.02 62.89
CA LYS WB 219 92.68 62.09 64.32
C LYS WB 219 91.64 62.95 65.02
N GLY WB 220 91.25 62.53 66.23
CA GLY WB 220 90.15 63.20 66.90
C GLY WB 220 88.83 63.04 66.19
N GLY WB 221 88.71 62.09 65.27
CA GLY WB 221 87.51 61.94 64.48
C GLY WB 221 86.55 60.88 65.04
N LYS WB 222 85.42 60.77 64.34
CA LYS WB 222 84.36 59.85 64.72
C LYS WB 222 83.84 59.17 63.47
N ILE WB 223 83.96 57.85 63.41
CA ILE WB 223 83.77 57.09 62.18
C ILE WB 223 82.60 56.14 62.42
N GLY WB 224 81.57 56.25 61.59
CA GLY WB 224 80.48 55.29 61.65
C GLY WB 224 80.89 53.97 61.03
N LEU WB 225 80.29 52.90 61.55
CA LEU WB 225 80.59 51.53 61.10
C LEU WB 225 79.28 50.77 60.98
N PHE WB 226 78.71 50.79 59.79
CA PHE WB 226 77.42 50.16 59.52
C PHE WB 226 77.67 48.71 59.11
N GLY WB 227 77.51 47.78 60.05
CA GLY WB 227 77.65 46.38 59.73
C GLY WB 227 77.51 45.45 60.92
N GLY WB 228 76.78 44.36 60.74
CA GLY WB 228 76.59 43.37 61.77
C GLY WB 228 77.63 42.27 61.74
N ALA WB 229 77.19 41.02 61.78
CA ALA WB 229 78.06 39.86 61.77
C ALA WB 229 78.10 39.22 60.39
N GLY WB 230 79.01 38.26 60.23
CA GLY WB 230 79.23 37.64 58.93
C GLY WB 230 79.97 38.52 57.94
N VAL WB 231 80.66 39.55 58.42
CA VAL WB 231 81.33 40.51 57.56
C VAL WB 231 82.80 40.72 57.91
N GLY WB 232 83.23 40.32 59.12
CA GLY WB 232 84.60 40.48 59.54
C GLY WB 232 84.81 41.78 60.31
N LYS WB 233 83.84 42.07 61.18
CA LYS WB 233 83.89 43.33 61.91
C LYS WB 233 84.77 43.19 63.14
N THR WB 234 84.66 42.07 63.85
CA THR WB 234 85.49 41.89 65.03
C THR WB 234 86.95 41.85 64.62
N VAL WB 235 87.24 41.22 63.48
CA VAL WB 235 88.61 41.13 63.00
C VAL WB 235 89.10 42.48 62.50
N LEU WB 236 88.21 43.25 61.86
CA LEU WB 236 88.58 44.62 61.51
C LEU WB 236 88.93 45.43 62.76
N ILE WB 237 88.14 45.26 63.83
CA ILE WB 237 88.40 45.96 65.08
C ILE WB 237 89.77 45.58 65.63
N MET WB 238 90.03 44.27 65.75
CA MET WB 238 91.31 43.84 66.31
C MET WB 238 92.48 44.30 65.45
N GLU WB 239 92.32 44.30 64.13
CA GLU WB 239 93.41 44.76 63.27
C GLU WB 239 93.67 46.25 63.46
N LEU WB 240 92.60 47.05 63.53
CA LEU WB 240 92.76 48.48 63.77
C LEU WB 240 93.48 48.71 65.10
N ILE WB 241 93.08 47.96 66.14
CA ILE WB 241 93.71 48.11 67.45
C ILE WB 241 95.19 47.78 67.36
N ASN WB 242 95.52 46.61 66.80
CA ASN WB 242 96.91 46.18 66.76
C ASN WB 242 97.77 47.14 65.96
N ASN WB 243 97.29 47.56 64.79
CA ASN WB 243 98.09 48.45 63.95
C ASN WB 243 98.26 49.82 64.57
N VAL WB 244 97.21 50.37 65.19
CA VAL WB 244 97.35 51.68 65.80
C VAL WB 244 98.25 51.60 67.03
N ALA WB 245 98.31 50.45 67.70
CA ALA WB 245 99.17 50.32 68.86
C ALA WB 245 100.61 50.15 68.43
N ASN WB 246 100.83 49.39 67.36
CA ASN WB 246 102.19 49.17 66.88
C ASN WB 246 102.76 50.47 66.33
N LYS WB 247 102.05 51.12 65.42
CA LYS WB 247 102.58 52.31 64.76
C LYS WB 247 102.45 53.55 65.65
N HIS WB 248 101.23 53.95 65.99
CA HIS WB 248 101.06 55.19 66.74
C HIS WB 248 101.37 55.06 68.21
N GLY WB 249 101.66 53.86 68.71
CA GLY WB 249 101.97 53.69 70.11
C GLY WB 249 100.79 53.95 71.03
N GLY WB 250 99.59 54.09 70.49
CA GLY WB 250 98.44 54.47 71.28
C GLY WB 250 97.66 53.27 71.80
N PHE WB 251 96.96 53.48 72.91
CA PHE WB 251 96.10 52.47 73.47
C PHE WB 251 94.68 52.61 72.90
N SER WB 252 93.76 51.81 73.40
CA SER WB 252 92.41 51.78 72.86
C SER WB 252 91.44 51.41 73.97
N VAL WB 253 90.15 51.63 73.68
CA VAL WB 253 89.09 51.35 74.62
C VAL WB 253 87.91 50.79 73.81
N PHE WB 254 87.23 49.80 74.37
CA PHE WB 254 86.03 49.24 73.78
C PHE WB 254 84.88 49.38 74.77
N ALA WB 255 83.80 50.01 74.33
CA ALA WB 255 82.62 50.19 75.15
C ALA WB 255 81.48 49.35 74.58
N GLY WB 256 80.88 48.53 75.45
CA GLY WB 256 79.73 47.73 75.10
C GLY WB 256 78.49 48.32 75.75
N VAL WB 257 77.64 48.95 74.95
CA VAL WB 257 76.47 49.66 75.44
C VAL WB 257 75.28 48.72 75.26
N GLY WB 258 74.94 48.01 76.33
CA GLY WB 258 73.84 47.07 76.29
C GLY WB 258 74.07 45.98 75.26
N GLU WB 259 75.14 45.21 75.46
CA GLU WB 259 75.52 44.15 74.54
C GLU WB 259 75.10 42.79 75.10
N ARG WB 260 75.05 41.80 74.20
CA ARG WB 260 74.82 40.43 74.63
C ARG WB 260 76.00 39.88 75.40
N THR WB 261 75.69 39.06 76.42
CA THR WB 261 76.73 38.62 77.33
C THR WB 261 77.62 37.58 76.67
N ARG WB 262 77.01 36.67 75.91
CA ARG WB 262 77.82 35.69 75.19
C ARG WB 262 78.69 36.38 74.15
N GLU WB 263 78.18 37.48 73.56
CA GLU WB 263 79.01 38.25 72.63
C GLU WB 263 80.19 38.88 73.34
N GLY WB 264 79.98 39.36 74.57
CA GLY WB 264 81.10 39.88 75.34
C GLY WB 264 82.13 38.81 75.66
N ASN WB 265 81.65 37.62 76.06
CA ASN WB 265 82.53 36.50 76.34
C ASN WB 265 83.33 36.11 75.09
N ASP WB 266 82.64 36.02 73.95
CA ASP WB 266 83.31 35.71 72.69
C ASP WB 266 84.37 36.75 72.36
N LEU WB 267 84.06 38.03 72.52
CA LEU WB 267 85.04 39.06 72.20
C LEU WB 267 86.24 38.99 73.14
N TYR WB 268 86.00 38.72 74.43
CA TYR WB 268 87.10 38.61 75.38
C TYR WB 268 88.01 37.44 75.02
N HIS WB 269 87.42 36.29 74.67
CA HIS WB 269 88.25 35.14 74.34
C HIS WB 269 88.94 35.31 73.00
N GLU WB 270 88.30 36.00 72.05
CA GLU WB 270 88.97 36.29 70.79
C GLU WB 270 90.16 37.23 71.01
N MET WB 271 90.03 38.19 71.92
CA MET WB 271 91.16 39.05 72.24
C MET WB 271 92.29 38.28 72.90
N MET WB 272 91.93 37.40 73.85
CA MET WB 272 92.94 36.60 74.52
C MET WB 272 93.62 35.64 73.56
N THR WB 273 92.92 35.25 72.49
CA THR WB 273 93.53 34.40 71.47
C THR WB 273 94.44 35.21 70.57
N THR WB 274 93.93 36.31 70.03
CA THR WB 274 94.67 37.12 69.07
C THR WB 274 95.80 37.91 69.70
N GLY WB 275 95.97 37.87 71.02
CA GLY WB 275 97.04 38.62 71.63
C GLY WB 275 96.75 40.07 71.94
N VAL WB 276 95.53 40.55 71.65
CA VAL WB 276 95.18 41.92 72.04
C VAL WB 276 95.22 42.07 73.55
N ILE WB 277 94.97 40.99 74.29
CA ILE WB 277 95.04 40.98 75.74
C ILE WB 277 96.04 39.91 76.15
N LYS WB 278 96.82 40.19 77.19
CA LYS WB 278 97.84 39.27 77.71
C LYS WB 278 97.54 39.02 79.18
N ARG WB 279 96.86 37.92 79.45
CA ARG WB 279 96.45 37.50 80.80
C ARG WB 279 97.30 36.29 81.20
N LYS WB 280 98.47 36.54 81.79
CA LYS WB 280 99.36 35.46 82.18
C LYS WB 280 99.19 35.14 83.66
N LYS WB 281 98.91 33.88 83.96
CA LYS WB 281 98.76 33.46 85.35
C LYS WB 281 100.06 33.70 86.12
N LEU WB 282 99.94 33.86 87.43
CA LEU WB 282 101.08 33.94 88.33
C LEU WB 282 101.05 32.79 89.30
N GLU WB 283 102.15 32.63 90.03
CA GLU WB 283 102.33 31.44 90.87
C GLU WB 283 101.35 31.45 92.04
N ASP WB 284 101.22 32.59 92.71
CA ASP WB 284 100.33 32.67 93.87
C ASP WB 284 98.87 32.41 93.50
N GLY WB 285 98.52 32.53 92.22
CA GLY WB 285 97.13 32.40 91.80
C GLY WB 285 96.52 33.67 91.27
N LYS WB 286 97.22 34.80 91.34
CA LYS WB 286 96.75 36.03 90.71
C LYS WB 286 97.00 35.99 89.21
N PHE WB 287 96.60 37.07 88.54
CA PHE WB 287 96.81 37.23 87.11
C PHE WB 287 97.74 38.41 86.87
N ASP WB 288 98.34 38.41 85.68
CA ASP WB 288 99.29 39.44 85.24
C ASP WB 288 98.85 39.92 83.88
N PHE WB 289 98.08 41.02 83.87
CA PHE WB 289 97.64 41.65 82.63
C PHE WB 289 98.83 42.49 82.13
N THR WB 290 99.75 41.81 81.45
CA THR WB 290 100.90 42.46 80.85
C THR WB 290 100.48 43.17 79.57
N GLY WB 291 101.47 43.55 78.75
CA GLY WB 291 101.27 44.54 77.72
C GLY WB 291 100.15 44.22 76.76
N SER WB 292 99.04 44.93 76.92
CA SER WB 292 97.85 44.79 76.08
C SER WB 292 97.66 46.07 75.26
N LYS WB 293 96.54 46.14 74.54
CA LYS WB 293 96.31 47.22 73.59
C LYS WB 293 94.88 47.78 73.68
N ALA WB 294 94.09 47.35 74.65
CA ALA WB 294 92.69 47.76 74.73
C ALA WB 294 92.17 47.50 76.13
N ALA WB 295 91.55 48.51 76.72
CA ALA WB 295 90.67 48.33 77.88
C ALA WB 295 89.25 48.03 77.42
N LEU WB 296 88.45 47.47 78.33
CA LEU WB 296 87.07 47.14 78.04
C LEU WB 296 86.17 47.71 79.13
N VAL WB 297 85.06 48.30 78.71
CA VAL WB 297 84.04 48.81 79.62
C VAL WB 297 82.71 48.29 79.11
N TYR WB 298 82.01 47.52 79.93
CA TYR WB 298 80.81 46.79 79.54
C TYR WB 298 79.65 47.22 80.43
N GLY WB 299 78.57 47.70 79.81
CA GLY WB 299 77.32 47.86 80.52
C GLY WB 299 76.37 46.81 80.01
N GLN WB 300 76.09 45.81 80.84
CA GLN WB 300 75.40 44.63 80.35
C GLN WB 300 73.91 44.89 80.19
N MET WB 301 73.28 44.05 79.37
CA MET WB 301 71.85 44.19 79.13
C MET WB 301 71.06 44.06 80.43
N ASN WB 302 71.52 43.20 81.34
CA ASN WB 302 70.82 43.04 82.61
C ASN WB 302 70.97 44.25 83.52
N GLU WB 303 71.78 45.23 83.14
CA GLU WB 303 71.93 46.42 83.95
C GLU WB 303 70.82 47.42 83.64
N PRO WB 304 70.42 48.25 84.60
CA PRO WB 304 69.30 49.15 84.39
C PRO WB 304 69.70 50.33 83.53
N PRO WB 305 68.74 51.09 83.02
CA PRO WB 305 69.08 52.33 82.31
C PRO WB 305 69.69 53.36 83.24
N GLY WB 306 70.76 53.99 82.77
CA GLY WB 306 71.65 54.78 83.59
C GLY WB 306 73.07 54.25 83.53
N ALA WB 307 73.21 52.93 83.48
CA ALA WB 307 74.51 52.35 83.19
C ALA WB 307 74.75 52.35 81.69
N ARG WB 308 73.78 51.87 80.93
CA ARG WB 308 73.95 51.88 79.49
C ARG WB 308 74.07 53.32 78.99
N ALA WB 309 73.64 54.29 79.82
CA ALA WB 309 73.76 55.69 79.46
C ALA WB 309 75.07 56.32 79.96
N ARG WB 310 75.70 55.78 81.02
CA ARG WB 310 76.93 56.38 81.51
C ARG WB 310 78.14 55.49 81.23
N VAL WB 311 77.99 54.55 80.31
CA VAL WB 311 79.11 53.69 79.95
C VAL WB 311 79.98 54.36 78.92
N ALA WB 312 79.37 54.97 77.90
CA ALA WB 312 80.19 55.66 76.92
C ALA WB 312 80.99 56.76 77.62
N LEU WB 313 80.40 57.39 78.63
CA LEU WB 313 81.12 58.41 79.38
C LEU WB 313 82.23 57.80 80.23
N THR WB 314 82.02 56.59 80.75
CA THR WB 314 83.08 55.94 81.51
C THR WB 314 84.28 55.66 80.61
N ALA WB 315 84.02 54.99 79.48
CA ALA WB 315 85.09 54.72 78.52
C ALA WB 315 85.72 56.00 78.00
N LEU WB 316 84.94 57.06 77.84
CA LEU WB 316 85.47 58.31 77.33
C LEU WB 316 86.41 58.96 78.33
N SER WB 317 86.09 58.88 79.62
CA SER WB 317 87.03 59.36 80.63
C SER WB 317 88.29 58.49 80.66
N VAL WB 318 88.12 57.18 80.52
CA VAL WB 318 89.27 56.28 80.48
C VAL WB 318 90.19 56.65 79.33
N ALA WB 319 89.63 57.09 78.19
CA ALA WB 319 90.44 57.50 77.06
C ALA WB 319 91.03 58.90 77.26
N GLU WB 320 90.26 59.80 77.87
CA GLU WB 320 90.76 61.14 78.15
C GLU WB 320 91.95 61.09 79.10
N TYR WB 321 92.02 60.09 79.96
CA TYR WB 321 93.21 59.92 80.79
C TYR WB 321 94.45 59.77 79.93
N PHE WB 322 94.39 58.87 78.93
CA PHE WB 322 95.55 58.66 78.06
C PHE WB 322 95.81 59.89 77.21
N ARG WB 323 94.76 60.52 76.69
CA ARG WB 323 94.94 61.71 75.86
C ARG WB 323 95.64 62.83 76.65
N ASP WB 324 95.09 63.18 77.81
CA ASP WB 324 95.56 64.36 78.53
C ASP WB 324 96.94 64.13 79.12
N GLU WB 325 97.08 63.12 79.98
CA GLU WB 325 98.30 62.96 80.76
C GLU WB 325 99.38 62.24 79.97
N GLN WB 326 99.10 61.02 79.50
CA GLN WB 326 100.12 60.27 78.78
C GLN WB 326 100.48 60.94 77.45
N GLY WB 327 99.55 61.68 76.86
CA GLY WB 327 99.83 62.43 75.66
C GLY WB 327 99.81 61.57 74.41
N GLN WB 328 98.83 60.68 74.29
CA GLN WB 328 98.80 59.66 73.26
C GLN WB 328 97.64 59.89 72.31
N ASP WB 329 97.70 59.19 71.18
CA ASP WB 329 96.59 59.14 70.23
C ASP WB 329 95.95 57.77 70.41
N VAL WB 330 94.75 57.74 70.99
CA VAL WB 330 94.13 56.49 71.39
C VAL WB 330 92.89 56.25 70.54
N LEU WB 331 92.32 55.05 70.67
CA LEU WB 331 91.07 54.74 70.00
C LEU WB 331 89.95 54.50 71.01
N LEU WB 332 88.74 54.43 70.46
CA LEU WB 332 87.56 54.17 71.27
C LEU WB 332 86.47 53.61 70.37
N PHE WB 333 86.16 52.34 70.54
CA PHE WB 333 85.16 51.63 69.76
C PHE WB 333 83.88 51.55 70.58
N ILE WB 334 82.74 51.74 69.92
CA ILE WB 334 81.45 51.73 70.59
C ILE WB 334 80.55 50.72 69.90
N ASP WB 335 80.11 49.71 70.65
CA ASP WB 335 79.38 48.59 70.06
C ASP WB 335 78.05 49.00 69.45
N ASN WB 336 77.39 50.00 70.04
CA ASN WB 336 76.24 50.62 69.38
C ASN WB 336 75.94 51.95 70.06
N ILE WB 337 75.69 52.97 69.23
CA ILE WB 337 75.34 54.30 69.73
C ILE WB 337 73.83 54.51 69.82
N TYR WB 338 73.03 53.57 69.31
CA TYR WB 338 71.58 53.70 69.42
C TYR WB 338 71.09 53.30 70.81
N ARG WB 339 71.84 52.43 71.50
CA ARG WB 339 71.42 52.00 72.83
C ARG WB 339 71.69 53.08 73.88
N PHE WB 340 72.74 53.89 73.68
CA PHE WB 340 72.88 55.13 74.43
C PHE WB 340 71.61 55.96 74.39
N THR WB 341 71.04 56.12 73.20
CA THR WB 341 69.83 56.92 73.05
C THR WB 341 68.62 56.23 73.67
N GLN WB 342 68.50 54.91 73.47
CA GLN WB 342 67.46 54.16 74.16
C GLN WB 342 67.51 54.41 75.66
N ALA WB 343 68.70 54.28 76.25
CA ALA WB 343 68.84 54.46 77.69
C ALA WB 343 68.51 55.88 78.12
N GLY WB 344 68.95 56.87 77.34
CA GLY WB 344 68.57 58.24 77.65
C GLY WB 344 67.07 58.45 77.64
N SER WB 345 66.40 57.89 76.63
CA SER WB 345 64.94 58.03 76.55
C SER WB 345 64.26 57.35 77.73
N GLU WB 346 64.71 56.15 78.07
CA GLU WB 346 64.19 55.45 79.24
C GLU WB 346 64.34 56.31 80.49
N VAL WB 347 65.58 56.74 80.79
CA VAL WB 347 65.84 57.57 81.96
C VAL WB 347 64.94 58.80 81.99
N SER WB 348 64.74 59.44 80.84
CA SER WB 348 63.86 60.60 80.79
C SER WB 348 62.41 60.22 81.08
N ALA WB 349 61.99 59.02 80.67
CA ALA WB 349 60.62 58.60 80.93
C ALA WB 349 60.45 58.32 82.41
N LEU WB 350 61.45 57.70 83.03
CA LEU WB 350 61.38 57.42 84.46
C LEU WB 350 61.31 58.73 85.23
N LEU WB 351 62.20 59.68 84.89
CA LEU WB 351 62.21 60.95 85.60
C LEU WB 351 61.00 61.81 85.27
N GLY WB 352 60.20 61.42 84.27
CA GLY WB 352 58.97 62.13 83.99
C GLY WB 352 59.06 63.22 82.96
N ARG WB 353 60.11 63.25 82.15
CA ARG WB 353 60.26 64.29 81.14
C ARG WB 353 59.39 63.97 79.94
N ILE WB 354 58.78 65.01 79.38
CA ILE WB 354 57.84 64.83 78.27
C ILE WB 354 58.64 64.40 77.06
N PRO WB 355 58.31 63.27 76.43
CA PRO WB 355 59.12 62.81 75.29
C PRO WB 355 58.95 63.70 74.07
N SER WB 356 59.96 63.66 73.21
CA SER WB 356 60.00 64.47 72.01
C SER WB 356 59.35 63.70 70.85
N ALA WB 357 59.64 64.13 69.62
CA ALA WB 357 58.88 63.76 68.43
C ALA WB 357 58.50 62.28 68.39
N VAL WB 358 59.49 61.40 68.44
CA VAL WB 358 59.29 59.98 68.20
C VAL WB 358 59.53 59.19 69.48
N GLY WB 359 59.22 59.79 70.63
CA GLY WB 359 59.46 59.18 71.91
C GLY WB 359 60.81 59.46 72.52
N TYR WB 360 61.75 59.96 71.73
CA TYR WB 360 63.08 60.26 72.25
C TYR WB 360 62.98 61.39 73.27
N GLN WB 361 64.03 61.51 74.10
CA GLN WB 361 64.01 62.51 75.14
C GLN WB 361 64.16 63.91 74.54
N PRO WB 362 63.86 64.96 75.31
CA PRO WB 362 64.14 66.32 74.82
C PRO WB 362 65.56 66.78 75.03
N THR WB 363 66.41 65.97 75.65
CA THR WB 363 67.82 66.32 75.88
C THR WB 363 68.73 65.44 75.04
N LEU WB 364 68.26 65.13 73.83
CA LEU WB 364 68.93 64.15 72.99
C LEU WB 364 70.19 64.75 72.36
N ALA WB 365 70.01 65.80 71.55
CA ALA WB 365 71.17 66.41 70.92
C ALA WB 365 72.10 67.01 71.96
N THR WB 366 71.55 67.53 73.06
CA THR WB 366 72.39 68.08 74.11
C THR WB 366 73.27 67.00 74.75
N ASP WB 367 72.69 65.84 75.02
CA ASP WB 367 73.48 64.78 75.66
C ASP WB 367 74.48 64.18 74.67
N LEU WB 368 74.04 63.96 73.43
CA LEU WB 368 74.95 63.49 72.39
C LEU WB 368 76.11 64.47 72.18
N GLY WB 369 75.88 65.77 72.36
CA GLY WB 369 76.96 66.72 72.22
C GLY WB 369 77.88 66.72 73.43
N GLN WB 370 77.29 66.55 74.62
CA GLN WB 370 78.11 66.39 75.81
C GLN WB 370 79.05 65.20 75.68
N LEU WB 371 78.56 64.14 75.03
CA LEU WB 371 79.41 62.99 74.76
C LEU WB 371 80.45 63.31 73.68
N GLN WB 372 79.99 63.70 72.49
CA GLN WB 372 80.80 63.71 71.29
C GLN WB 372 81.75 64.91 71.20
N GLU WB 373 81.58 65.94 72.02
CA GLU WB 373 82.51 67.06 71.99
C GLU WB 373 83.78 66.81 72.79
N ARG WB 374 83.84 65.70 73.54
CA ARG WB 374 85.08 65.27 74.17
C ARG WB 374 85.93 64.40 73.25
N ILE WB 375 85.34 63.83 72.20
CA ILE WB 375 86.09 63.02 71.23
C ILE WB 375 86.62 63.99 70.17
N THR WB 376 87.82 64.51 70.39
CA THR WB 376 88.44 65.41 69.43
C THR WB 376 89.94 65.47 69.73
N THR WB 377 90.67 66.17 68.87
CA THR WB 377 92.10 66.35 69.02
C THR WB 377 92.39 67.52 69.94
N THR WB 378 93.54 67.45 70.61
CA THR WB 378 94.02 68.55 71.43
C THR WB 378 95.51 68.74 71.14
N LYS WB 379 96.16 69.58 71.95
CA LYS WB 379 97.58 69.85 71.79
C LYS WB 379 98.44 68.75 72.41
N LYS WB 380 97.88 67.91 73.28
CA LYS WB 380 98.65 66.84 73.90
C LYS WB 380 98.57 65.55 73.09
N GLY WB 381 97.37 65.09 72.77
CA GLY WB 381 97.18 63.85 72.03
C GLY WB 381 95.89 63.88 71.26
N SER WB 382 95.18 62.75 71.23
CA SER WB 382 93.95 62.66 70.47
C SER WB 382 93.19 61.40 70.87
N ILE WB 383 91.90 61.41 70.55
CA ILE WB 383 91.02 60.25 70.71
C ILE WB 383 90.25 60.10 69.41
N THR WB 384 90.55 59.06 68.66
CA THR WB 384 89.68 58.66 67.55
C THR WB 384 88.60 57.71 68.07
N SER WB 385 87.50 57.62 67.32
CA SER WB 385 86.40 56.78 67.77
C SER WB 385 85.70 56.14 66.59
N VAL WB 386 85.28 54.89 66.80
CA VAL WB 386 84.62 54.07 65.80
C VAL WB 386 83.28 53.62 66.40
N GLN WB 387 82.22 54.34 66.04
CA GLN WB 387 80.88 54.08 66.58
C GLN WB 387 80.11 53.19 65.63
N ALA WB 388 79.49 52.14 66.16
CA ALA WB 388 78.59 51.30 65.38
C ALA WB 388 77.18 51.88 65.49
N VAL WB 389 76.50 51.97 64.35
CA VAL WB 389 75.21 52.66 64.25
C VAL WB 389 74.17 51.68 63.76
N TYR WB 390 72.95 51.80 64.28
CA TYR WB 390 71.81 51.00 63.89
C TYR WB 390 70.70 51.95 63.48
N VAL WB 391 70.33 51.92 62.20
CA VAL WB 391 69.30 52.80 61.66
C VAL WB 391 67.96 52.10 61.83
N PRO WB 392 67.10 52.55 62.75
CA PRO WB 392 65.82 51.86 62.96
C PRO WB 392 64.92 52.01 61.74
N ALA WB 393 64.48 50.88 61.19
CA ALA WB 393 63.53 50.86 60.09
C ALA WB 393 64.09 51.52 58.84
N ASP WB 394 65.42 51.49 58.67
CA ASP WB 394 66.08 52.08 57.51
C ASP WB 394 65.76 53.57 57.38
N ASP WB 395 65.46 54.23 58.51
CA ASP WB 395 65.12 55.64 58.51
C ASP WB 395 66.34 56.45 58.94
N LEU WB 396 67.07 56.99 57.97
CA LEU WB 396 68.19 57.88 58.25
C LEU WB 396 67.73 59.26 58.71
N THR WB 397 66.44 59.55 58.64
CA THR WB 397 65.87 60.81 59.11
C THR WB 397 65.41 60.72 60.55
N ASP WB 398 65.46 59.55 61.18
CA ASP WB 398 65.13 59.43 62.58
C ASP WB 398 66.08 60.31 63.39
N PRO WB 399 65.60 60.99 64.43
CA PRO WB 399 66.47 61.99 65.08
C PRO WB 399 67.76 61.43 65.63
N ALA WB 400 67.81 60.14 65.99
CA ALA WB 400 69.05 59.59 66.54
C ALA WB 400 70.14 59.59 65.47
N PRO WB 401 69.99 58.92 64.34
CA PRO WB 401 71.03 59.00 63.30
C PRO WB 401 71.15 60.38 62.69
N ALA WB 402 70.05 61.13 62.57
CA ALA WB 402 70.15 62.49 62.05
C ALA WB 402 71.03 63.37 62.94
N THR WB 403 71.03 63.12 64.24
CA THR WB 403 71.91 63.83 65.16
C THR WB 403 73.32 63.24 65.19
N THR WB 404 73.46 61.95 64.88
CA THR WB 404 74.79 61.35 64.91
C THR WB 404 75.59 61.69 63.66
N PHE WB 405 74.93 61.69 62.49
CA PHE WB 405 75.65 61.95 61.25
C PHE WB 405 76.23 63.36 61.24
N ALA WB 406 75.64 64.29 62.01
CA ALA WB 406 76.22 65.61 62.12
C ALA WB 406 77.58 65.56 62.79
N HIS WB 407 77.78 64.59 63.68
CA HIS WB 407 79.04 64.46 64.41
C HIS WB 407 80.00 63.50 63.71
N LEU WB 408 79.51 62.68 62.79
CA LEU WB 408 80.36 61.69 62.15
C LEU WB 408 81.18 62.38 61.05
N ASP WB 409 82.49 62.15 61.08
CA ASP WB 409 83.40 62.65 60.06
C ASP WB 409 83.72 61.61 58.99
N ALA WB 410 83.06 60.47 58.99
CA ALA WB 410 83.36 59.41 58.03
C ALA WB 410 82.21 58.40 58.08
N THR WB 411 82.40 57.28 57.38
CA THR WB 411 81.40 56.22 57.30
C THR WB 411 82.06 54.99 56.70
N THR WB 412 81.67 53.81 57.19
CA THR WB 412 82.32 52.56 56.80
C THR WB 412 81.27 51.46 56.77
N VAL WB 413 80.73 51.19 55.58
CA VAL WB 413 79.65 50.22 55.42
C VAL WB 413 80.28 48.85 55.16
N LEU WB 414 79.67 47.82 55.71
CA LEU WB 414 80.00 46.43 55.41
C LEU WB 414 78.85 45.76 54.70
N SER WB 415 79.14 44.64 54.05
CA SER WB 415 78.16 43.91 53.27
C SER WB 415 78.54 42.45 53.23
N ARG WB 416 77.54 41.57 53.34
CA ARG WB 416 77.76 40.15 53.14
C ARG WB 416 77.88 39.78 51.66
N GLN WB 417 77.55 40.70 50.75
CA GLN WB 417 77.63 40.43 49.33
C GLN WB 417 79.03 40.60 48.78
N ILE WB 418 80.01 40.87 49.66
CA ILE WB 418 81.41 40.97 49.28
C ILE WB 418 82.18 39.96 50.12
N ALA WB 419 81.63 39.64 51.30
CA ALA WB 419 82.17 38.52 52.08
C ALA WB 419 81.84 37.18 51.44
N GLU WB 420 80.73 37.10 50.70
CA GLU WB 420 80.41 35.87 49.98
C GLU WB 420 81.35 35.64 48.81
N LEU WB 421 81.99 36.69 48.30
CA LEU WB 421 83.06 36.56 47.32
C LEU WB 421 84.39 36.16 47.96
N GLY WB 422 84.43 35.96 49.27
CA GLY WB 422 85.68 35.69 49.95
C GLY WB 422 86.53 36.89 50.26
N ILE WB 423 86.11 38.09 49.84
CA ILE WB 423 86.89 39.29 50.10
C ILE WB 423 86.77 39.68 51.56
N TYR WB 424 87.90 39.96 52.19
CA TYR WB 424 87.95 40.40 53.58
C TYR WB 424 89.09 41.40 53.76
N PRO WB 425 88.84 42.61 54.26
CA PRO WB 425 87.59 43.18 54.80
C PRO WB 425 86.51 43.42 53.75
N ALA WB 426 85.26 43.20 54.13
CA ALA WB 426 84.13 43.32 53.20
C ALA WB 426 83.58 44.75 53.18
N VAL WB 427 84.48 45.71 52.96
CA VAL WB 427 84.08 47.12 52.93
C VAL WB 427 83.54 47.44 51.54
N ASP WB 428 82.35 48.05 51.51
CA ASP WB 428 81.74 48.46 50.26
C ASP WB 428 82.32 49.81 49.83
N PRO WB 429 83.21 49.84 48.83
CA PRO WB 429 83.94 51.08 48.54
C PRO WB 429 83.07 52.20 48.03
N LEU WB 430 81.85 51.91 47.58
CA LEU WB 430 80.96 52.93 47.05
C LEU WB 430 80.11 53.58 48.14
N ASP WB 431 79.46 52.75 48.97
CA ASP WB 431 78.63 53.28 50.04
C ASP WB 431 79.45 54.06 51.07
N SER WB 432 80.73 53.71 51.21
CA SER WB 432 81.59 54.42 52.15
C SER WB 432 81.85 55.85 51.67
N THR WB 433 82.04 56.75 52.64
CA THR WB 433 82.24 58.16 52.37
C THR WB 433 83.26 58.71 53.36
N SER WB 434 83.61 59.98 53.20
CA SER WB 434 84.47 60.67 54.15
C SER WB 434 84.48 62.16 53.81
N ARG WB 435 84.64 62.99 54.84
CA ARG WB 435 84.86 64.41 54.64
C ARG WB 435 86.32 64.76 54.38
N MET WB 436 87.24 63.81 54.57
CA MET WB 436 88.67 64.05 54.41
C MET WB 436 89.18 63.69 53.02
N LEU WB 437 88.34 63.12 52.17
CA LEU WB 437 88.78 62.77 50.82
C LEU WB 437 88.95 63.98 49.91
N ALA WB 438 88.58 65.17 50.36
CA ALA WB 438 88.68 66.34 49.50
C ALA WB 438 90.14 66.66 49.20
N PRO WB 439 90.41 67.30 48.03
CA PRO WB 439 91.80 67.48 47.57
C PRO WB 439 92.50 68.68 48.22
N GLU WB 440 92.41 68.76 49.53
CA GLU WB 440 93.16 69.73 50.33
C GLU WB 440 93.97 69.08 51.43
N ILE WB 441 93.41 68.07 52.09
CA ILE WB 441 94.12 67.38 53.15
C ILE WB 441 95.02 66.29 52.58
N VAL WB 442 94.61 65.67 51.47
CA VAL WB 442 95.27 64.50 50.91
C VAL WB 442 96.00 64.83 49.62
N GLY WB 443 96.06 66.09 49.22
CA GLY WB 443 96.60 66.44 47.93
C GLY WB 443 95.70 66.00 46.79
N GLN WB 444 95.87 66.62 45.62
CA GLN WB 444 95.03 66.32 44.46
C GLN WB 444 95.63 65.23 43.58
N GLU WB 445 96.03 64.15 44.22
CA GLU WB 445 96.28 62.86 43.57
C GLU WB 445 95.54 61.74 44.26
N HIS WB 446 95.47 61.76 45.60
CA HIS WB 446 94.60 60.86 46.33
C HIS WB 446 93.15 61.01 45.87
N TYR WB 447 92.69 62.26 45.79
CA TYR WB 447 91.32 62.54 45.35
C TYR WB 447 91.09 61.99 43.94
N ASP WB 448 92.04 62.23 43.04
CA ASP WB 448 91.87 61.79 41.66
C ASP WB 448 91.83 60.26 41.58
N THR WB 449 92.74 59.59 42.29
CA THR WB 449 92.74 58.14 42.30
C THR WB 449 91.43 57.60 42.86
N ALA WB 450 90.92 58.19 43.94
CA ALA WB 450 89.69 57.71 44.55
C ALA WB 450 88.51 57.87 43.61
N ARG WB 451 88.38 59.05 43.00
CA ARG WB 451 87.28 59.27 42.06
C ARG WB 451 87.41 58.36 40.84
N ALA WB 452 88.64 58.11 40.39
CA ALA WB 452 88.84 57.19 39.27
C ALA WB 452 88.38 55.79 39.64
N THR WB 453 88.72 55.32 40.83
CA THR WB 453 88.32 53.99 41.25
C THR WB 453 86.80 53.90 41.42
N GLN WB 454 86.19 54.94 41.95
CA GLN WB 454 84.73 54.95 42.09
C GLN WB 454 84.05 54.92 40.73
N LYS WB 455 84.54 55.73 39.79
CA LYS WB 455 84.04 55.68 38.41
C LYS WB 455 84.17 54.27 37.83
N LEU WB 456 85.36 53.67 37.99
CA LEU WB 456 85.58 52.32 37.48
C LEU WB 456 84.60 51.34 38.08
N LEU WB 457 84.35 51.41 39.39
CA LEU WB 457 83.48 50.44 40.04
C LEU WB 457 82.02 50.65 39.68
N GLN WB 458 81.60 51.91 39.48
CA GLN WB 458 80.25 52.17 38.99
C GLN WB 458 80.08 51.62 37.58
N ASP WB 459 81.08 51.82 36.72
CA ASP WB 459 81.00 51.28 35.36
C ASP WB 459 80.95 49.77 35.38
N TYR WB 460 81.76 49.14 36.24
CA TYR WB 460 81.73 47.68 36.34
C TYR WB 460 80.41 47.18 36.91
N LYS WB 461 79.79 47.94 37.82
CA LYS WB 461 78.47 47.57 38.33
C LYS WB 461 77.44 47.58 37.20
N SER WB 462 77.43 48.66 36.41
CA SER WB 462 76.49 48.73 35.29
C SER WB 462 76.75 47.61 34.29
N LEU WB 463 78.03 47.36 33.98
CA LEU WB 463 78.37 46.26 33.09
C LEU WB 463 77.93 44.91 33.65
N GLN WB 464 77.98 44.75 34.97
CA GLN WB 464 77.48 43.52 35.58
C GLN WB 464 75.97 43.40 35.42
N ASP WB 465 75.25 44.50 35.66
CA ASP WB 465 73.80 44.48 35.49
C ASP WB 465 73.42 44.15 34.05
N ILE WB 466 74.25 44.55 33.08
CA ILE WB 466 73.97 44.23 31.69
C ILE WB 466 74.33 42.78 31.38
N ILE WB 467 75.55 42.37 31.76
CA ILE WB 467 76.04 41.01 31.52
C ILE WB 467 75.14 39.98 32.17
N ALA WB 468 74.45 40.33 33.25
CA ALA WB 468 73.48 39.41 33.85
C ALA WB 468 72.39 39.02 32.87
N ILE WB 469 72.15 39.80 31.82
CA ILE WB 469 71.01 39.60 30.94
C ILE WB 469 71.51 39.26 29.55
N LEU WB 470 72.33 40.14 28.97
CA LEU WB 470 72.78 40.01 27.59
C LEU WB 470 73.98 39.09 27.42
N GLY WB 471 74.53 38.57 28.51
CA GLY WB 471 75.73 37.76 28.43
C GLY WB 471 76.98 38.56 28.15
N MET WB 472 78.15 38.01 28.49
CA MET WB 472 79.42 38.70 28.36
C MET WB 472 80.07 38.48 27.00
N ASP WB 473 79.29 38.16 25.97
CA ASP WB 473 79.81 38.09 24.61
C ASP WB 473 79.62 39.39 23.83
N GLU WB 474 78.66 40.23 24.23
CA GLU WB 474 78.34 41.44 23.50
C GLU WB 474 79.14 42.66 23.99
N LEU WB 475 80.29 42.44 24.62
CA LEU WB 475 81.05 43.51 25.23
C LEU WB 475 82.19 43.91 24.30
N SER WB 476 82.47 45.21 24.26
CA SER WB 476 83.66 45.69 23.55
C SER WB 476 84.93 45.34 24.32
N GLU WB 477 86.07 45.67 23.70
CA GLU WB 477 87.34 45.41 24.34
C GLU WB 477 87.56 46.38 25.49
N GLU WB 478 87.15 47.63 25.34
CA GLU WB 478 87.28 48.58 26.43
C GLU WB 478 86.39 48.19 27.60
N ASP WB 479 85.21 47.62 27.31
CA ASP WB 479 84.34 47.15 28.39
C ASP WB 479 84.95 45.96 29.12
N LYS WB 480 85.56 45.04 28.38
CA LYS WB 480 86.22 43.91 29.05
C LYS WB 480 87.45 44.38 29.84
N LEU WB 481 88.15 45.39 29.35
CA LEU WB 481 89.25 45.99 30.11
C LEU WB 481 88.74 46.61 31.40
N VAL WB 482 87.63 47.36 31.31
CA VAL WB 482 87.04 47.95 32.50
C VAL WB 482 86.66 46.87 33.51
N VAL WB 483 86.04 45.79 33.03
CA VAL WB 483 85.67 44.70 33.93
C VAL WB 483 86.90 44.09 34.58
N SER WB 484 87.95 43.87 33.80
CA SER WB 484 89.18 43.28 34.35
C SER WB 484 89.78 44.17 35.42
N ARG WB 485 89.97 45.47 35.10
CA ARG WB 485 90.54 46.38 36.09
C ARG WB 485 89.66 46.49 37.33
N ALA WB 486 88.34 46.43 37.15
CA ALA WB 486 87.44 46.57 38.30
C ALA WB 486 87.54 45.37 39.22
N ARG WB 487 87.55 44.16 38.65
CA ARG WB 487 87.71 42.97 39.49
C ARG WB 487 89.08 42.95 40.13
N LYS WB 488 90.11 43.42 39.41
CA LYS WB 488 91.46 43.42 39.95
C LYS WB 488 91.57 44.36 41.13
N ILE WB 489 90.97 45.55 41.06
CA ILE WB 489 91.09 46.46 42.20
C ILE WB 489 90.15 46.05 43.34
N GLN WB 490 88.99 45.49 43.01
CA GLN WB 490 88.09 44.99 44.05
C GLN WB 490 88.71 43.85 44.82
N ARG WB 491 89.62 43.10 44.19
CA ARG WB 491 90.32 42.02 44.89
C ARG WB 491 91.67 42.44 45.42
N PHE WB 492 92.24 43.53 44.89
CA PHE WB 492 93.46 44.10 45.46
C PHE WB 492 93.18 44.70 46.83
N LEU WB 493 92.01 45.34 46.98
CA LEU WB 493 91.74 46.05 48.24
C LEU WB 493 91.67 45.08 49.41
N SER WB 494 91.33 43.82 49.15
CA SER WB 494 91.37 42.79 50.18
C SER WB 494 92.81 42.56 50.63
N GLN WB 495 92.95 42.18 51.90
CA GLN WB 495 94.26 41.90 52.48
C GLN WB 495 94.08 40.97 53.68
N PRO WB 496 95.13 40.29 54.11
CA PRO WB 496 95.04 39.45 55.31
C PRO WB 496 95.17 40.30 56.57
N PHE WB 497 95.17 39.63 57.72
CA PHE WB 497 95.28 40.32 58.99
C PHE WB 497 96.25 39.63 59.93
N THR WB 498 97.00 40.45 60.69
CA THR WB 498 97.95 39.91 61.64
C THR WB 498 97.24 39.08 62.69
N VAL WB 499 95.99 39.43 62.99
CA VAL WB 499 95.28 38.73 64.05
C VAL WB 499 94.58 37.51 63.47
N ALA WB 500 94.16 37.58 62.20
CA ALA WB 500 93.58 36.41 61.56
C ALA WB 500 94.65 35.37 61.23
N GLU WB 501 95.93 35.72 61.42
CA GLU WB 501 97.00 34.75 61.23
C GLU WB 501 96.70 33.46 62.00
N VAL WB 502 96.33 33.59 63.28
CA VAL WB 502 96.11 32.44 64.14
C VAL WB 502 94.92 31.61 63.68
N PHE WB 503 93.97 32.21 62.96
CA PHE WB 503 92.84 31.48 62.43
C PHE WB 503 93.11 30.88 61.05
N THR WB 504 94.09 31.39 60.32
CA THR WB 504 94.24 31.04 58.92
C THR WB 504 95.68 30.62 58.62
N GLY WB 505 96.63 31.14 59.40
CA GLY WB 505 98.04 30.89 59.18
C GLY WB 505 98.72 31.91 58.28
N LYS WB 506 98.01 32.42 57.29
CA LYS WB 506 98.57 33.45 56.42
C LYS WB 506 98.89 34.68 57.25
N PRO WB 507 100.09 35.23 57.16
CA PRO WB 507 100.52 36.27 58.08
C PRO WB 507 99.92 37.62 57.70
N GLY WB 508 100.28 38.65 58.46
CA GLY WB 508 99.74 39.98 58.28
C GLY WB 508 100.62 40.86 57.42
N ARG WB 509 99.95 41.76 56.69
CA ARG WB 509 100.60 42.66 55.74
C ARG WB 509 100.12 44.08 56.03
N PHE WB 510 101.02 44.92 56.51
CA PHE WB 510 100.78 46.35 56.54
C PHE WB 510 101.07 46.95 55.17
N VAL WB 511 100.28 47.97 54.82
CA VAL WB 511 100.31 48.58 53.49
C VAL WB 511 100.21 50.09 53.70
N GLU WB 512 101.29 50.80 53.38
CA GLU WB 512 101.25 52.25 53.37
C GLU WB 512 100.39 52.81 52.22
N LEU WB 513 100.06 54.09 52.39
CA LEU WB 513 99.08 54.77 51.55
C LEU WB 513 99.74 55.16 50.23
N PRO WB 514 100.97 55.69 50.23
CA PRO WB 514 101.61 55.93 48.93
C PRO WB 514 101.70 54.67 48.09
N GLU WB 515 102.04 53.54 48.71
CA GLU WB 515 102.09 52.28 47.99
C GLU WB 515 100.73 51.92 47.41
N THR WB 516 99.67 52.08 48.20
CA THR WB 516 98.32 51.80 47.70
C THR WB 516 97.98 52.73 46.53
N ILE WB 517 98.34 54.01 46.65
CA ILE WB 517 98.05 54.98 45.61
C ILE WB 517 98.75 54.61 44.32
N LYS WB 518 100.03 54.28 44.40
CA LYS WB 518 100.78 53.86 43.22
C LYS WB 518 100.15 52.61 42.59
N SER WB 519 99.75 51.64 43.42
CA SER WB 519 99.18 50.42 42.88
C SER WB 519 97.87 50.72 42.15
N ALA WB 520 97.04 51.59 42.72
CA ALA WB 520 95.77 51.94 42.07
C ALA WB 520 96.02 52.73 40.79
N GLN WB 521 97.01 53.62 40.81
CA GLN WB 521 97.40 54.33 39.60
C GLN WB 521 97.75 53.35 38.49
N THR WB 522 98.64 52.40 38.78
CA THR WB 522 99.04 51.43 37.75
C THR WB 522 97.87 50.60 37.27
N ILE WB 523 97.01 50.15 38.19
CA ILE WB 523 95.87 49.33 37.83
C ILE WB 523 94.90 50.11 36.95
N LEU WB 524 94.84 51.42 37.12
CA LEU WB 524 93.92 52.20 36.30
C LEU WB 524 94.58 52.59 35.00
N ARG WB 525 95.91 52.76 35.02
CA ARG WB 525 96.70 53.00 33.83
C ARG WB 525 96.63 51.83 32.87
N GLY WB 526 96.28 50.63 33.36
CA GLY WB 526 96.34 49.47 32.50
C GLY WB 526 97.65 48.70 32.51
N GLU WB 527 98.58 49.06 33.38
CA GLU WB 527 99.85 48.34 33.44
C GLU WB 527 99.66 46.87 33.82
N CYS WB 528 98.89 46.62 34.87
CA CYS WB 528 98.71 45.28 35.43
C CYS WB 528 97.52 44.49 34.88
N ASP WB 529 96.88 44.92 33.79
CA ASP WB 529 95.75 44.14 33.28
C ASP WB 529 96.18 42.74 32.90
N ASP WB 530 97.36 42.59 32.31
CA ASP WB 530 97.83 41.26 31.91
C ASP WB 530 97.97 40.35 33.13
N LEU WB 531 98.42 40.89 34.27
CA LEU WB 531 98.63 40.06 35.44
C LEU WB 531 97.30 39.40 35.82
N PRO WB 532 97.31 38.14 36.26
CA PRO WB 532 96.04 37.49 36.58
C PRO WB 532 95.33 38.02 37.83
N GLU WB 533 94.00 37.98 37.75
CA GLU WB 533 93.17 38.46 38.85
C GLU WB 533 93.36 37.59 40.07
N MET WB 534 93.48 36.27 39.88
CA MET WB 534 93.60 35.41 41.05
C MET WB 534 94.85 35.79 41.81
N ALA WB 535 95.94 36.06 41.08
CA ALA WB 535 97.18 36.45 41.74
C ALA WB 535 96.95 37.76 42.48
N PHE WB 536 96.19 38.66 41.86
CA PHE WB 536 95.96 39.97 42.47
C PHE WB 536 95.23 39.82 43.80
N TYR WB 537 94.26 38.90 43.86
CA TYR WB 537 93.45 38.73 45.05
C TYR WB 537 94.28 38.27 46.25
N MET WB 538 93.93 38.78 47.43
CA MET WB 538 94.56 38.44 48.69
C MET WB 538 96.07 38.61 48.81
N CYS WB 539 96.58 39.71 48.27
CA CYS WB 539 97.99 40.06 48.31
C CYS WB 539 98.17 41.38 49.05
N GLY WB 540 99.08 41.38 50.03
CA GLY WB 540 99.32 42.60 50.78
C GLY WB 540 99.88 43.73 49.94
N GLY WB 541 100.79 43.42 49.02
CA GLY WB 541 101.43 44.43 48.20
C GLY WB 541 101.45 44.06 46.73
N LEU WB 542 101.60 45.10 45.90
CA LEU WB 542 101.65 44.89 44.46
C LEU WB 542 102.85 44.02 44.10
N GLU WB 543 103.98 44.23 44.77
CA GLU WB 543 105.14 43.42 44.48
C GLU WB 543 104.82 41.98 44.79
N GLU WB 544 104.09 41.75 45.89
CA GLU WB 544 103.72 40.39 46.24
C GLU WB 544 102.83 39.82 45.14
N VAL WB 545 101.96 40.65 44.57
CA VAL WB 545 101.06 40.15 43.53
C VAL WB 545 101.89 39.64 42.37
N ARG WB 546 102.93 40.42 42.03
CA ARG WB 546 103.81 40.03 40.92
C ARG WB 546 104.52 38.72 41.25
N SER WB 547 104.98 38.59 42.49
CA SER WB 547 105.68 37.37 42.90
C SER WB 547 104.73 36.17 42.81
N LYS WB 548 103.49 36.38 43.25
CA LYS WB 548 102.50 35.30 43.24
C LYS WB 548 102.24 34.83 41.81
N ALA WB 549 102.14 35.79 40.88
CA ALA WB 549 101.89 35.42 39.49
C ALA WB 549 103.11 34.74 38.88
N VAL WB 550 104.31 35.25 39.19
CA VAL WB 550 105.54 34.60 38.72
C VAL WB 550 105.62 33.17 39.21
N LYS WB 551 105.16 32.90 40.44
CA LYS WB 551 105.32 31.56 40.97
C LYS WB 551 104.18 30.64 40.56
N MET WB 552 103.01 31.21 40.25
CA MET WB 552 101.90 30.40 39.76
C MET WB 552 102.00 30.11 38.28
N ALA WB 553 102.84 30.87 37.56
CA ALA WB 553 103.14 30.51 36.17
C ALA WB 553 103.78 29.14 36.07
N GLN WB 554 104.46 28.70 37.12
CA GLN WB 554 105.13 27.40 37.12
C GLN WB 554 104.15 26.28 37.44
N ASN XB 80 39.58 102.06 88.33
CA ASN XB 80 39.97 101.30 89.51
C ASN XB 80 41.44 100.91 89.45
N HIS XB 81 42.12 100.98 90.59
CA HIS XB 81 43.52 100.60 90.68
C HIS XB 81 43.66 99.13 91.05
N GLY XB 82 44.75 98.52 90.55
CA GLY XB 82 45.06 97.13 90.83
C GLY XB 82 46.55 96.93 90.84
N ARG XB 83 46.96 95.74 91.27
CA ARG XB 83 48.36 95.41 91.43
C ARG XB 83 48.69 94.16 90.61
N ILE XB 84 49.88 94.14 90.02
CA ILE XB 84 50.38 92.94 89.37
C ILE XB 84 50.90 91.98 90.42
N THR XB 85 50.54 90.70 90.31
CA THR XB 85 51.06 89.69 91.23
C THR XB 85 52.01 88.69 90.59
N GLN XB 86 51.84 88.39 89.30
CA GLN XB 86 52.61 87.34 88.65
C GLN XB 86 52.62 87.63 87.16
N VAL XB 87 53.74 87.31 86.52
CA VAL XB 87 53.94 87.57 85.09
C VAL XB 87 54.56 86.35 84.45
N ILE XB 88 53.92 85.87 83.38
CA ILE XB 88 54.39 84.73 82.60
C ILE XB 88 54.28 85.13 81.13
N GLY XB 89 55.38 85.60 80.55
CA GLY XB 89 55.44 85.98 79.16
C GLY XB 89 54.45 87.05 78.73
N ALA XB 90 53.46 86.67 77.93
CA ALA XB 90 52.44 87.59 77.43
C ALA XB 90 51.15 87.54 78.23
N VAL XB 91 51.21 87.12 79.49
CA VAL XB 91 50.04 87.01 80.35
C VAL XB 91 50.34 87.68 81.68
N VAL XB 92 49.34 88.34 82.25
CA VAL XB 92 49.53 89.16 83.44
C VAL XB 92 48.34 88.94 84.37
N ASP XB 93 48.63 88.58 85.62
CA ASP XB 93 47.59 88.41 86.64
C ASP XB 93 47.57 89.59 87.60
N VAL XB 94 46.39 90.15 87.78
CA VAL XB 94 46.20 91.43 88.46
C VAL XB 94 45.21 91.19 89.60
N HIS XB 95 45.34 92.01 90.64
CA HIS XB 95 44.52 91.90 91.84
C HIS XB 95 43.92 93.26 92.14
N PHE XB 96 42.60 93.33 92.13
CA PHE XB 96 41.86 94.51 92.53
C PHE XB 96 41.27 94.28 93.93
N ASP XB 97 41.12 95.38 94.67
CA ASP XB 97 40.65 95.31 96.05
C ASP XB 97 39.13 95.50 96.13
N GLU XB 98 38.64 96.64 95.65
CA GLU XB 98 37.24 96.99 95.84
C GLU XB 98 36.34 96.31 94.82
N GLN XB 99 36.56 96.58 93.54
CA GLN XB 99 35.63 96.19 92.49
C GLN XB 99 36.40 95.73 91.26
N LEU XB 100 35.92 94.65 90.65
CA LEU XB 100 36.60 94.04 89.52
C LEU XB 100 36.18 94.71 88.22
N PRO XB 101 36.98 94.57 87.17
CA PRO XB 101 36.53 94.95 85.83
C PRO XB 101 35.89 93.77 85.13
N PRO XB 102 34.93 94.00 84.23
CA PRO XB 102 34.40 92.89 83.43
C PRO XB 102 35.43 92.35 82.45
N ILE XB 103 35.05 91.37 81.65
CA ILE XB 103 35.95 90.75 80.69
C ILE XB 103 36.01 91.61 79.43
N LEU XB 104 37.13 91.54 78.72
CA LEU XB 104 37.45 92.32 77.52
C LEU XB 104 37.83 93.75 77.85
N ASN XB 105 37.76 94.18 79.11
CA ASN XB 105 38.09 95.56 79.43
C ASN XB 105 39.59 95.80 79.34
N SER XB 106 39.94 97.06 79.13
CA SER XB 106 41.32 97.48 78.96
C SER XB 106 41.90 98.03 80.26
N LEU XB 107 43.18 97.75 80.49
CA LEU XB 107 43.92 98.20 81.65
C LEU XB 107 45.25 98.77 81.21
N GLU XB 108 45.68 99.85 81.85
CA GLU XB 108 46.91 100.55 81.52
C GLU XB 108 47.89 100.32 82.66
N VAL XB 109 49.10 99.89 82.34
CA VAL XB 109 50.14 99.72 83.36
C VAL XB 109 50.89 101.03 83.53
N GLN XB 110 51.14 101.40 84.79
CA GLN XB 110 51.60 102.74 85.11
C GLN XB 110 53.10 102.84 85.31
N GLY XB 111 53.67 101.97 86.15
CA GLY XB 111 55.10 102.00 86.39
C GLY XB 111 55.89 101.32 85.29
N HIS XB 112 55.84 101.87 84.08
CA HIS XB 112 56.46 101.25 82.93
C HIS XB 112 56.87 102.32 81.92
N THR XB 113 57.88 102.00 81.12
CA THR XB 113 58.40 102.95 80.15
C THR XB 113 57.34 103.33 79.13
N ASN XB 114 56.89 102.36 78.35
CA ASN XB 114 55.94 102.59 77.28
C ASN XB 114 54.51 102.54 77.82
N ARG XB 115 53.53 102.56 76.93
CA ARG XB 115 52.12 102.44 77.29
C ARG XB 115 51.73 100.99 77.12
N LEU XB 116 51.95 100.19 78.16
CA LEU XB 116 51.54 98.80 78.15
C LEU XB 116 50.05 98.68 78.46
N VAL XB 117 49.33 97.98 77.59
CA VAL XB 117 47.90 97.79 77.70
C VAL XB 117 47.62 96.30 77.86
N LEU XB 118 46.69 95.98 78.76
CA LEU XB 118 46.27 94.63 79.05
C LEU XB 118 44.79 94.48 78.76
N GLU XB 119 44.41 93.37 78.17
CA GLU XB 119 43.01 93.08 77.84
C GLU XB 119 42.58 91.92 78.72
N VAL XB 120 41.52 92.13 79.51
CA VAL XB 120 41.07 91.09 80.42
C VAL XB 120 40.50 89.92 79.63
N ALA XB 121 40.74 88.72 80.12
CA ALA XB 121 40.30 87.49 79.46
C ALA XB 121 39.51 86.57 80.39
N GLN XB 122 39.87 86.50 81.66
CA GLN XB 122 39.29 85.53 82.58
C GLN XB 122 39.14 86.15 83.96
N HIS XB 123 38.33 85.49 84.79
CA HIS XB 123 38.31 85.72 86.22
C HIS XB 123 38.63 84.41 86.94
N LEU XB 124 39.28 84.52 88.09
CA LEU XB 124 39.86 83.37 88.75
C LEU XB 124 39.53 83.26 90.23
N GLY XB 125 38.89 84.25 90.83
CA GLY XB 125 38.65 84.24 92.26
C GLY XB 125 39.73 84.96 93.04
N GLU XB 126 39.43 85.23 94.31
CA GLU XB 126 40.28 86.05 95.16
C GLU XB 126 40.43 87.47 94.59
N ASN XB 127 39.40 87.92 93.87
CA ASN XB 127 39.43 89.21 93.19
C ASN XB 127 40.62 89.30 92.25
N THR XB 128 40.94 88.19 91.58
CA THR XB 128 42.06 88.10 90.67
C THR XB 128 41.55 88.06 89.23
N VAL XB 129 42.37 88.58 88.32
CA VAL XB 129 41.97 88.78 86.93
C VAL XB 129 43.16 88.43 86.05
N ARG XB 130 42.91 87.74 84.94
CA ARG XB 130 43.94 87.37 84.00
C ARG XB 130 43.80 88.20 82.73
N THR XB 131 44.93 88.63 82.18
CA THR XB 131 44.94 89.60 81.10
C THR XB 131 46.05 89.23 80.12
N ILE XB 132 45.90 89.74 78.90
CA ILE XB 132 46.87 89.53 77.83
C ILE XB 132 47.45 90.87 77.44
N ALA XB 133 48.77 90.92 77.28
CA ALA XB 133 49.49 92.17 77.10
C ALA XB 133 49.70 92.46 75.62
N MET XB 134 49.46 93.71 75.23
CA MET XB 134 49.66 94.15 73.86
C MET XB 134 51.11 94.52 73.57
N ASP XB 135 52.03 94.27 74.50
CA ASP XB 135 53.45 94.53 74.27
C ASP XB 135 54.26 93.64 75.22
N ALA XB 136 55.56 93.89 75.29
CA ALA XB 136 56.48 93.00 75.97
C ALA XB 136 56.48 93.28 77.47
N THR XB 137 56.66 92.21 78.24
CA THR XB 137 56.60 92.27 79.70
C THR XB 137 57.97 92.41 80.35
N GLU XB 138 59.03 92.53 79.57
CA GLU XB 138 60.37 92.72 80.13
C GLU XB 138 60.43 94.08 80.83
N GLY XB 139 60.61 94.05 82.14
CA GLY XB 139 60.64 95.25 82.96
C GLY XB 139 59.53 95.32 83.98
N LEU XB 140 58.55 94.42 83.92
CA LEU XB 140 57.44 94.43 84.87
C LEU XB 140 57.89 93.88 86.21
N VAL XB 141 57.15 94.25 87.26
CA VAL XB 141 57.49 93.91 88.64
C VAL XB 141 56.22 93.44 89.33
N ARG XB 142 56.37 92.47 90.22
CA ARG XB 142 55.24 91.99 91.02
C ARG XB 142 54.95 93.04 92.09
N GLY XB 143 53.97 93.89 91.82
CA GLY XB 143 53.68 95.02 92.69
C GLY XB 143 53.35 96.26 91.90
N GLN XB 144 53.68 96.25 90.61
CA GLN XB 144 53.38 97.38 89.75
C GLN XB 144 51.89 97.68 89.75
N LYS XB 145 51.54 98.90 89.33
CA LYS XB 145 50.19 99.40 89.42
C LYS XB 145 49.51 99.46 88.05
N VAL XB 146 48.21 99.20 88.07
CA VAL XB 146 47.41 99.06 86.85
C VAL XB 146 46.13 99.84 87.05
N VAL XB 147 45.64 100.47 85.99
CA VAL XB 147 44.44 101.31 86.04
C VAL XB 147 43.45 100.75 85.03
N ASP XB 148 42.20 100.59 85.47
CA ASP XB 148 41.15 100.09 84.60
C ASP XB 148 40.49 101.24 83.87
N THR XB 149 40.41 101.16 82.54
CA THR XB 149 39.79 102.22 81.77
C THR XB 149 38.27 102.16 81.78
N GLY XB 150 37.69 101.06 82.24
CA GLY XB 150 36.25 100.92 82.33
C GLY XB 150 35.57 100.48 81.06
N ALA XB 151 36.30 100.38 79.95
CA ALA XB 151 35.75 99.96 78.68
C ALA XB 151 36.84 99.21 77.92
N PRO XB 152 36.48 98.45 76.89
CA PRO XB 152 37.51 97.76 76.12
C PRO XB 152 38.39 98.73 75.33
N ILE XB 153 39.31 98.20 74.54
CA ILE XB 153 40.16 99.07 73.72
C ILE XB 153 39.29 99.82 72.73
N GLN XB 154 39.64 101.08 72.50
CA GLN XB 154 38.85 101.98 71.66
C GLN XB 154 39.71 102.49 70.53
N VAL XB 155 39.27 102.26 69.30
CA VAL XB 155 39.98 102.70 68.10
C VAL XB 155 39.18 103.84 67.46
N PRO XB 156 39.83 104.92 67.03
CA PRO XB 156 39.08 105.99 66.36
C PRO XB 156 38.52 105.54 65.02
N VAL XB 157 37.46 106.24 64.60
CA VAL XB 157 36.78 105.96 63.34
C VAL XB 157 36.35 107.27 62.71
N GLY XB 158 36.10 107.23 61.42
CA GLY XB 158 35.74 108.39 60.64
C GLY XB 158 36.42 108.36 59.30
N VAL XB 159 36.31 109.47 58.57
CA VAL XB 159 37.10 109.66 57.36
C VAL XB 159 38.52 110.13 57.67
N GLU XB 160 38.89 110.25 58.94
CA GLU XB 160 40.23 110.65 59.31
C GLU XB 160 41.19 109.48 59.44
N THR XB 161 40.66 108.26 59.61
CA THR XB 161 41.50 107.07 59.57
C THR XB 161 41.93 106.72 58.16
N LEU XB 162 41.28 107.29 57.14
CA LEU XB 162 41.63 106.98 55.76
C LEU XB 162 43.02 107.52 55.44
N GLY XB 163 43.74 106.78 54.60
CA GLY XB 163 45.08 107.19 54.24
C GLY XB 163 46.05 107.16 55.41
N ARG XB 164 45.88 106.21 56.33
CA ARG XB 164 46.65 106.21 57.56
C ARG XB 164 46.82 104.80 58.09
N ILE XB 165 47.95 104.59 58.75
CA ILE XB 165 48.29 103.34 59.42
C ILE XB 165 47.92 103.48 60.89
N MET XB 166 47.54 102.36 61.50
CA MET XB 166 47.11 102.36 62.89
C MET XB 166 47.35 100.98 63.48
N ASN XB 167 48.05 100.93 64.61
CA ASN XB 167 48.30 99.67 65.28
C ASN XB 167 47.03 99.21 66.00
N VAL XB 168 47.12 98.12 66.76
CA VAL XB 168 45.94 97.52 67.35
C VAL XB 168 45.26 98.46 68.33
N ILE XB 169 46.02 99.30 69.02
CA ILE XB 169 45.45 100.19 70.03
C ILE XB 169 45.10 101.55 69.43
N GLY XB 170 45.07 101.62 68.10
CA GLY XB 170 44.69 102.83 67.40
C GLY XB 170 45.81 103.84 67.24
N GLU XB 171 46.90 103.70 67.99
CA GLU XB 171 47.99 104.65 67.89
C GLU XB 171 48.60 104.60 66.49
N PRO XB 172 48.69 105.73 65.79
CA PRO XB 172 49.33 105.72 64.48
C PRO XB 172 50.84 105.53 64.60
N VAL XB 173 51.39 104.77 63.65
CA VAL XB 173 52.84 104.55 63.57
C VAL XB 173 53.34 104.98 62.21
N ASP XB 174 52.65 105.95 61.58
CA ASP XB 174 53.09 106.53 60.33
C ASP XB 174 54.03 107.72 60.54
N GLU XB 175 54.17 108.20 61.77
CA GLU XB 175 54.99 109.38 62.06
C GLU XB 175 54.53 110.57 61.22
N CYS XB 176 53.24 110.88 61.34
CA CYS XB 176 52.66 112.01 60.63
C CYS XB 176 51.70 112.81 61.51
N GLY XB 177 51.63 112.49 62.80
CA GLY XB 177 50.75 113.18 63.72
C GLY XB 177 49.73 112.24 64.33
N PRO XB 178 48.84 112.78 65.17
CA PRO XB 178 47.79 111.94 65.76
C PRO XB 178 46.57 111.82 64.86
N VAL XB 179 45.60 110.99 65.27
CA VAL XB 179 44.39 110.76 64.50
C VAL XB 179 43.30 111.67 65.07
N PRO XB 180 42.92 112.76 64.39
CA PRO XB 180 41.93 113.68 64.95
C PRO XB 180 40.50 113.27 64.61
N ALA XB 181 40.09 112.10 65.11
CA ALA XB 181 38.77 111.57 64.86
C ALA XB 181 37.85 111.86 66.04
N LYS XB 182 36.58 112.13 65.75
CA LYS XB 182 35.62 112.46 66.79
C LYS XB 182 35.26 111.23 67.61
N LYS XB 183 34.86 110.15 66.95
CA LYS XB 183 34.25 108.99 67.57
C LYS XB 183 35.24 107.83 67.61
N THR XB 184 35.13 107.02 68.64
CA THR XB 184 35.89 105.77 68.78
C THR XB 184 34.93 104.60 68.90
N TYR XB 185 35.32 103.48 68.28
CA TYR XB 185 34.56 102.25 68.32
C TYR XB 185 35.30 101.20 69.15
N SER XB 186 34.54 100.28 69.72
CA SER XB 186 35.13 99.19 70.49
C SER XB 186 35.68 98.12 69.55
N ILE XB 187 36.79 97.51 69.97
CA ILE XB 187 37.37 96.41 69.21
C ILE XB 187 36.42 95.22 69.16
N HIS XB 188 35.58 95.07 70.18
CA HIS XB 188 34.73 93.90 70.33
C HIS XB 188 33.27 94.31 70.13
N ARG XB 189 32.63 93.72 69.13
CA ARG XB 189 31.23 93.98 68.83
C ARG XB 189 30.55 92.67 68.47
N ALA XB 190 29.26 92.58 68.83
CA ALA XB 190 28.47 91.43 68.44
C ALA XB 190 28.10 91.50 66.96
N ALA XB 191 27.98 90.34 66.33
CA ALA XB 191 27.79 90.28 64.90
C ALA XB 191 26.38 90.74 64.54
N PRO XB 192 26.15 91.09 63.27
CA PRO XB 192 24.79 91.40 62.83
C PRO XB 192 23.90 90.17 62.84
N LEU XB 193 22.61 90.41 63.07
CA LEU XB 193 21.66 89.33 63.31
C LEU XB 193 21.31 88.63 62.00
N PHE XB 194 20.38 87.68 62.09
CA PHE XB 194 19.94 86.95 60.90
C PHE XB 194 19.10 87.83 59.99
N ALA XB 195 18.15 88.58 60.55
CA ALA XB 195 17.24 89.36 59.74
C ALA XB 195 17.95 90.49 59.00
N ASP XB 196 19.02 91.05 59.57
CA ASP XB 196 19.74 92.15 58.94
C ASP XB 196 20.91 91.62 58.12
N GLN XB 197 20.57 90.77 57.16
CA GLN XB 197 21.53 90.23 56.20
C GLN XB 197 20.93 90.28 54.81
N SER XB 198 21.80 90.40 53.81
CA SER XB 198 21.35 90.53 52.42
C SER XB 198 22.37 89.81 51.54
N THR XB 199 22.01 88.62 51.07
CA THR XB 199 22.88 87.79 50.22
C THR XB 199 22.42 87.98 48.78
N GLU XB 200 23.02 88.97 48.11
CA GLU XB 200 22.76 89.24 46.71
C GLU XB 200 23.94 88.78 45.87
N PRO XB 201 23.72 88.04 44.78
CA PRO XB 201 24.83 87.51 43.99
C PRO XB 201 25.37 88.55 43.02
N GLY XB 202 26.63 88.95 43.24
CA GLY XB 202 27.35 89.79 42.31
C GLY XB 202 28.67 89.14 41.93
N LEU XB 203 29.37 89.81 41.01
CA LEU XB 203 30.67 89.35 40.53
C LEU XB 203 31.69 90.47 40.59
N LEU XB 204 32.96 90.07 40.58
CA LEU XB 204 34.09 90.97 40.57
C LEU XB 204 34.87 90.82 39.28
N GLN XB 205 35.42 91.93 38.80
CA GLN XB 205 36.29 91.91 37.62
C GLN XB 205 37.73 91.96 38.13
N THR XB 206 38.32 90.76 38.31
CA THR XB 206 39.69 90.68 38.82
C THR XB 206 40.72 90.86 37.71
N GLY XB 207 40.35 90.56 36.47
CA GLY XB 207 41.30 90.52 35.39
C GLY XB 207 42.13 89.26 35.30
N ILE XB 208 41.92 88.29 36.19
CA ILE XB 208 42.66 87.03 36.18
C ILE XB 208 41.79 85.95 35.58
N LYS XB 209 42.40 85.10 34.76
CA LYS XB 209 41.63 84.12 33.99
C LYS XB 209 41.12 83.01 34.90
N VAL XB 210 41.95 82.52 35.80
CA VAL XB 210 41.59 81.32 36.54
C VAL XB 210 40.38 81.60 37.43
N VAL XB 211 40.39 82.75 38.10
CA VAL XB 211 39.30 83.08 39.01
C VAL XB 211 38.11 83.62 38.22
N ASP XB 212 38.33 84.37 37.13
CA ASP XB 212 37.20 84.85 36.36
C ASP XB 212 36.45 83.71 35.67
N LEU XB 213 37.14 82.59 35.40
CA LEU XB 213 36.50 81.46 34.75
C LEU XB 213 35.95 80.43 35.75
N LEU XB 214 36.82 79.90 36.61
CA LEU XB 214 36.49 78.69 37.36
C LEU XB 214 36.14 78.96 38.82
N ALA XB 215 36.46 80.14 39.35
CA ALA XB 215 36.17 80.48 40.75
C ALA XB 215 35.78 81.95 40.82
N PRO XB 216 34.64 82.30 40.25
CA PRO XB 216 34.26 83.72 40.19
C PRO XB 216 34.09 84.31 41.57
N TYR XB 217 34.62 85.52 41.75
CA TYR XB 217 34.62 86.18 43.05
C TYR XB 217 33.32 86.93 43.24
N ALA XB 218 32.84 86.95 44.48
CA ALA XB 218 31.50 87.44 44.79
C ALA XB 218 31.60 88.85 45.35
N LYS XB 219 30.98 89.80 44.65
CA LYS XB 219 30.90 91.17 45.13
C LYS XB 219 30.07 91.21 46.41
N GLY XB 220 30.70 91.59 47.51
CA GLY XB 220 30.02 91.60 48.79
C GLY XB 220 30.10 90.30 49.54
N GLY XB 221 31.11 89.47 49.26
CA GLY XB 221 31.29 88.20 49.92
C GLY XB 221 32.74 87.98 50.32
N LYS XB 222 32.96 86.84 50.96
CA LYS XB 222 34.29 86.47 51.44
C LYS XB 222 35.02 85.63 50.40
N ILE XB 223 36.32 85.83 50.32
CA ILE XB 223 37.20 85.16 49.37
C ILE XB 223 38.41 84.69 50.14
N GLY XB 224 38.89 83.51 49.81
CA GLY XB 224 40.04 82.93 50.50
C GLY XB 224 41.11 82.52 49.53
N LEU XB 225 42.36 82.80 49.92
CA LEU XB 225 43.54 82.38 49.18
C LEU XB 225 44.33 81.48 50.11
N PHE XB 226 44.22 80.17 49.92
CA PHE XB 226 44.88 79.20 50.78
C PHE XB 226 46.22 78.81 50.15
N GLY XB 227 47.25 78.78 50.97
CA GLY XB 227 48.55 78.40 50.45
C GLY XB 227 49.60 78.24 51.52
N GLY XB 228 50.67 77.57 51.14
CA GLY XB 228 51.82 77.38 52.01
C GLY XB 228 52.71 78.61 52.04
N ALA XB 229 54.02 78.39 51.94
CA ALA XB 229 55.00 79.46 51.97
C ALA XB 229 55.70 79.51 50.62
N GLY XB 230 55.62 80.65 49.93
CA GLY XB 230 56.31 80.81 48.67
C GLY XB 230 55.51 80.34 47.47
N VAL XB 231 54.24 80.71 47.40
CA VAL XB 231 53.36 80.26 46.33
C VAL XB 231 52.68 81.45 45.66
N GLY XB 232 52.75 82.62 46.31
CA GLY XB 232 52.34 83.86 45.67
C GLY XB 232 51.02 84.40 46.19
N LYS XB 233 50.82 84.30 47.51
CA LYS XB 233 49.63 84.88 48.12
C LYS XB 233 49.74 86.39 48.14
N THR XB 234 50.86 86.91 48.62
CA THR XB 234 51.01 88.36 48.73
C THR XB 234 51.00 88.99 47.35
N VAL XB 235 51.65 88.36 46.38
CA VAL XB 235 51.63 88.86 45.00
C VAL XB 235 50.22 88.83 44.45
N LEU XB 236 49.45 87.78 44.75
CA LEU XB 236 48.08 87.72 44.25
C LEU XB 236 47.22 88.80 44.87
N ILE XB 237 47.44 89.07 46.16
CA ILE XB 237 46.68 90.12 46.83
C ILE XB 237 47.05 91.49 46.28
N MET XB 238 48.33 91.72 46.00
CA MET XB 238 48.73 92.99 45.43
C MET XB 238 48.12 93.18 44.03
N GLU XB 239 48.05 92.10 43.26
CA GLU XB 239 47.40 92.18 41.95
C GLU XB 239 45.92 92.47 42.07
N LEU XB 240 45.24 91.79 43.00
CA LEU XB 240 43.82 92.06 43.20
C LEU XB 240 43.59 93.48 43.68
N ILE XB 241 44.48 94.00 44.52
CA ILE XB 241 44.39 95.40 44.93
C ILE XB 241 44.49 96.30 43.71
N ASN XB 242 45.51 96.08 42.89
CA ASN XB 242 45.72 96.93 41.72
C ASN XB 242 44.53 96.87 40.77
N ASN XB 243 43.88 95.71 40.66
CA ASN XB 243 42.85 95.50 39.66
C ASN XB 243 41.43 95.75 40.20
N VAL XB 244 41.28 95.97 41.50
CA VAL XB 244 39.97 96.17 42.10
C VAL XB 244 39.90 97.50 42.82
N ALA XB 245 40.79 97.73 43.79
CA ALA XB 245 40.64 98.88 44.67
C ALA XB 245 40.75 100.19 43.88
N ASN XB 246 41.71 100.27 42.96
CA ASN XB 246 41.82 101.46 42.13
C ASN XB 246 40.55 101.66 41.29
N LYS XB 247 39.93 100.57 40.85
CA LYS XB 247 38.70 100.64 40.05
C LYS XB 247 37.46 100.39 40.89
N HIS XB 248 37.50 100.74 42.17
CA HIS XB 248 36.39 100.48 43.09
C HIS XB 248 35.56 101.73 43.37
N GLY XB 249 36.20 102.81 43.76
CA GLY XB 249 35.52 104.04 44.13
C GLY XB 249 35.18 104.15 45.60
N GLY XB 250 34.65 103.07 46.18
CA GLY XB 250 34.35 103.07 47.60
C GLY XB 250 35.60 103.03 48.45
N PHE XB 251 35.46 102.61 49.71
CA PHE XB 251 36.59 102.57 50.62
C PHE XB 251 37.23 101.17 50.66
N SER XB 252 38.26 101.05 51.48
CA SER XB 252 38.99 99.79 51.59
C SER XB 252 39.88 99.83 52.83
N VAL XB 253 40.25 98.64 53.26
CA VAL XB 253 41.10 98.45 54.44
C VAL XB 253 42.05 97.31 54.16
N PHE XB 254 43.25 97.42 54.72
CA PHE XB 254 44.24 96.34 54.64
C PHE XB 254 44.76 96.07 56.04
N ALA XB 255 44.61 94.82 56.48
CA ALA XB 255 45.17 94.34 57.73
C ALA XB 255 46.30 93.37 57.46
N GLY XB 256 47.38 93.54 58.22
CA GLY XB 256 48.51 92.64 58.19
C GLY XB 256 48.73 91.97 59.52
N VAL XB 257 48.52 90.66 59.61
CA VAL XB 257 48.65 89.92 60.85
C VAL XB 257 49.82 88.98 60.65
N GLY XB 258 50.99 89.40 61.13
CA GLY XB 258 52.21 88.64 60.94
C GLY XB 258 52.59 88.57 59.48
N GLU XB 259 52.86 89.72 58.88
CA GLU XB 259 53.43 89.84 57.56
C GLU XB 259 54.72 90.66 57.65
N ARG XB 260 55.51 90.61 56.58
CA ARG XB 260 56.81 91.28 56.60
C ARG XB 260 56.66 92.80 56.56
N THR XB 261 57.40 93.47 57.45
CA THR XB 261 57.37 94.93 57.48
C THR XB 261 57.85 95.50 56.15
N ARG XB 262 58.76 94.80 55.49
CA ARG XB 262 59.19 95.20 54.16
C ARG XB 262 58.00 95.37 53.22
N GLU XB 263 57.18 94.33 53.08
CA GLU XB 263 56.04 94.42 52.18
C GLU XB 263 54.99 95.39 52.71
N GLY XB 264 54.93 95.61 54.02
CA GLY XB 264 54.04 96.66 54.52
C GLY XB 264 54.44 98.03 54.03
N ASN XB 265 55.74 98.35 54.16
CA ASN XB 265 56.25 99.62 53.65
C ASN XB 265 56.10 99.70 52.14
N ASP XB 266 56.29 98.57 51.45
CA ASP XB 266 56.13 98.55 50.00
C ASP XB 266 54.70 98.88 49.61
N LEU XB 267 53.72 98.32 50.32
CA LEU XB 267 52.33 98.64 50.03
C LEU XB 267 52.04 100.11 50.32
N TYR XB 268 52.57 100.63 51.44
CA TYR XB 268 52.37 102.04 51.75
C TYR XB 268 52.91 102.94 50.64
N HIS XB 269 54.09 102.60 50.12
CA HIS XB 269 54.70 103.43 49.08
C HIS XB 269 54.03 103.24 47.73
N GLU XB 270 53.57 102.03 47.42
CA GLU XB 270 52.83 101.84 46.18
C GLU XB 270 51.48 102.53 46.22
N MET XB 271 50.90 102.68 47.41
CA MET XB 271 49.64 103.41 47.52
C MET XB 271 49.87 104.92 47.41
N MET XB 272 50.91 105.42 48.07
CA MET XB 272 51.27 106.83 47.90
C MET XB 272 51.71 107.13 46.47
N THR XB 273 52.13 106.11 45.73
CA THR XB 273 52.45 106.30 44.31
C THR XB 273 51.18 106.32 43.46
N THR XB 274 50.34 105.29 43.59
CA THR XB 274 49.17 105.14 42.75
C THR XB 274 48.02 106.07 43.14
N GLY XB 275 48.18 106.85 44.21
CA GLY XB 275 47.12 107.75 44.62
C GLY XB 275 46.07 107.14 45.51
N VAL XB 276 46.18 105.86 45.86
CA VAL XB 276 45.27 105.28 46.83
C VAL XB 276 45.41 105.99 48.16
N ILE XB 277 46.62 106.42 48.49
CA ILE XB 277 46.88 107.28 49.63
C ILE XB 277 47.44 108.59 49.11
N LYS XB 278 46.86 109.70 49.53
CA LYS XB 278 47.19 111.03 49.02
C LYS XB 278 47.64 111.87 50.20
N ARG XB 279 48.92 111.75 50.54
CA ARG XB 279 49.52 112.48 51.65
C ARG XB 279 50.09 113.81 51.15
N LYS XB 280 49.79 114.88 51.89
CA LYS XB 280 50.29 116.20 51.55
C LYS XB 280 50.89 116.81 52.81
N LYS XB 281 52.12 117.31 52.71
CA LYS XB 281 52.83 117.85 53.87
C LYS XB 281 52.49 119.33 53.98
N LEU XB 282 51.50 119.65 54.80
CA LEU XB 282 51.26 121.03 55.18
C LEU XB 282 52.48 121.62 55.86
N GLU XB 283 52.56 122.96 55.86
CA GLU XB 283 53.59 123.63 56.64
C GLU XB 283 53.39 123.32 58.12
N ASP XB 284 54.44 123.62 58.91
CA ASP XB 284 54.46 123.29 60.32
C ASP XB 284 54.37 121.79 60.55
N GLY XB 285 54.87 121.01 59.60
CA GLY XB 285 54.94 119.57 59.74
C GLY XB 285 53.61 118.84 59.77
N LYS XB 286 52.49 119.53 59.59
CA LYS XB 286 51.21 118.84 59.57
C LYS XB 286 51.06 118.05 58.27
N PHE XB 287 49.98 117.26 58.21
CA PHE XB 287 49.72 116.43 57.04
C PHE XB 287 48.23 116.44 56.69
N ASP XB 288 47.96 116.14 55.43
CA ASP XB 288 46.62 116.17 54.86
C ASP XB 288 46.48 114.93 53.98
N PHE XB 289 45.85 113.89 54.53
CA PHE XB 289 45.60 112.66 53.81
C PHE XB 289 44.27 112.69 53.05
N THR XB 290 43.71 113.88 52.82
CA THR XB 290 42.45 114.00 52.12
C THR XB 290 42.58 113.52 50.68
N GLY XB 291 41.69 112.62 50.29
CA GLY XB 291 41.73 111.97 48.99
C GLY XB 291 42.08 110.51 49.05
N SER XB 292 42.44 109.98 50.22
CA SER XB 292 42.82 108.59 50.34
C SER XB 292 41.60 107.68 50.32
N LYS XB 293 41.83 106.42 49.92
CA LYS XB 293 40.76 105.45 49.76
C LYS XB 293 41.15 104.09 50.35
N ALA XB 294 42.00 104.09 51.38
CA ALA XB 294 42.48 102.84 51.95
C ALA XB 294 43.03 103.13 53.34
N ALA XB 295 42.53 102.40 54.33
CA ALA XB 295 43.11 102.41 55.68
C ALA XB 295 44.08 101.25 55.83
N LEU XB 296 44.91 101.33 56.89
CA LEU XB 296 45.95 100.33 57.09
C LEU XB 296 46.07 100.00 58.57
N VAL XB 297 46.08 98.71 58.88
CA VAL XB 297 46.28 98.20 60.22
C VAL XB 297 47.35 97.13 60.16
N TYR XB 298 48.36 97.25 61.03
CA TYR XB 298 49.55 96.41 60.93
C TYR XB 298 49.91 95.91 62.32
N GLY XB 299 49.75 94.61 62.56
CA GLY XB 299 50.37 93.96 63.68
C GLY XB 299 51.21 92.84 63.11
N GLN XB 300 52.52 92.95 63.22
CA GLN XB 300 53.44 92.19 62.38
C GLN XB 300 54.16 91.14 63.22
N MET XB 301 55.13 90.48 62.59
CA MET XB 301 55.81 89.38 63.24
C MET XB 301 56.58 89.85 64.46
N ASN XB 302 56.98 91.13 64.47
CA ASN XB 302 57.65 91.71 65.63
C ASN XB 302 56.65 92.20 66.65
N GLU XB 303 55.69 91.35 67.04
CA GLU XB 303 54.65 91.72 67.98
C GLU XB 303 54.28 90.47 68.76
N PRO XB 304 53.81 90.61 70.00
CA PRO XB 304 53.36 89.45 70.76
C PRO XB 304 52.08 88.84 70.21
N PRO XB 305 51.68 87.70 70.75
CA PRO XB 305 50.41 87.10 70.31
C PRO XB 305 49.22 87.98 70.67
N GLY XB 306 49.27 88.65 71.82
CA GLY XB 306 48.15 89.49 72.20
C GLY XB 306 48.00 90.67 71.26
N ALA XB 307 49.11 91.14 70.69
CA ALA XB 307 49.09 92.22 69.70
C ALA XB 307 48.95 91.69 68.29
N ARG XB 308 48.81 90.38 68.10
CA ARG XB 308 48.55 89.80 66.79
C ARG XB 308 47.15 89.20 66.67
N ALA XB 309 46.56 88.78 67.78
CA ALA XB 309 45.21 88.21 67.83
C ALA XB 309 44.12 89.26 68.03
N ARG XB 310 44.44 90.55 67.86
CA ARG XB 310 43.43 91.59 68.08
C ARG XB 310 43.48 92.68 67.01
N VAL XB 311 44.15 92.42 65.89
CA VAL XB 311 44.29 93.40 64.82
C VAL XB 311 43.15 93.28 63.81
N ALA XB 312 42.79 92.04 63.47
CA ALA XB 312 41.66 91.82 62.58
C ALA XB 312 40.38 92.42 63.15
N LEU XB 313 40.20 92.33 64.48
CA LEU XB 313 39.02 92.93 65.10
C LEU XB 313 39.03 94.44 64.96
N THR XB 314 40.21 95.07 65.07
CA THR XB 314 40.32 96.50 64.84
C THR XB 314 39.93 96.86 63.41
N ALA XB 315 40.50 96.15 62.45
CA ALA XB 315 40.16 96.40 61.04
C ALA XB 315 38.68 96.19 60.79
N LEU XB 316 38.08 95.19 61.44
CA LEU XB 316 36.66 94.93 61.24
C LEU XB 316 35.80 96.02 61.86
N SER XB 317 36.23 96.59 62.98
CA SER XB 317 35.54 97.75 63.52
C SER XB 317 35.62 98.92 62.55
N VAL XB 318 36.82 99.16 62.00
CA VAL XB 318 37.00 100.26 61.06
C VAL XB 318 36.13 100.08 59.83
N ALA XB 319 35.91 98.83 59.40
CA ALA XB 319 35.08 98.61 58.23
C ALA XB 319 33.60 98.62 58.57
N GLU XB 320 33.24 98.20 59.78
CA GLU XB 320 31.85 98.23 60.21
C GLU XB 320 31.37 99.66 60.37
N TYR XB 321 32.26 100.56 60.79
CA TYR XB 321 31.90 101.98 60.81
C TYR XB 321 31.47 102.44 59.43
N PHE XB 322 32.24 102.08 58.40
CA PHE XB 322 31.93 102.50 57.05
C PHE XB 322 30.62 101.88 56.58
N ARG XB 323 30.50 100.56 56.65
CA ARG XB 323 29.35 99.87 56.07
C ARG XB 323 28.13 99.87 56.98
N ASP XB 324 28.18 100.54 58.14
CA ASP XB 324 27.00 100.76 58.96
C ASP XB 324 26.54 102.21 58.92
N GLU XB 325 27.42 103.16 59.25
CA GLU XB 325 27.04 104.56 59.27
C GLU XB 325 27.11 105.19 57.89
N GLN XB 326 28.28 105.15 57.26
CA GLN XB 326 28.44 105.74 55.94
C GLN XB 326 27.64 105.02 54.87
N GLY XB 327 27.24 103.77 55.11
CA GLY XB 327 26.44 103.04 54.15
C GLY XB 327 27.20 102.59 52.92
N GLN XB 328 28.51 102.81 52.87
CA GLN XB 328 29.30 102.54 51.68
C GLN XB 328 29.65 101.06 51.58
N ASP XB 329 30.08 100.67 50.38
CA ASP XB 329 30.63 99.35 50.13
C ASP XB 329 32.14 99.41 50.29
N VAL XB 330 32.69 98.48 51.07
CA VAL XB 330 34.09 98.51 51.43
C VAL XB 330 34.78 97.24 50.96
N LEU XB 331 36.09 97.34 50.77
CA LEU XB 331 36.94 96.17 50.59
C LEU XB 331 37.75 95.93 51.86
N LEU XB 332 38.13 94.67 52.08
CA LEU XB 332 38.88 94.32 53.29
C LEU XB 332 39.86 93.20 52.94
N PHE XB 333 41.12 93.58 52.71
CA PHE XB 333 42.19 92.62 52.49
C PHE XB 333 42.85 92.29 53.81
N ILE XB 334 43.01 91.00 54.10
CA ILE XB 334 43.65 90.53 55.32
C ILE XB 334 44.77 89.57 54.95
N ASP XB 335 45.93 89.74 55.58
CA ASP XB 335 47.12 88.95 55.29
C ASP XB 335 47.49 88.10 56.49
N ASN XB 336 47.48 86.77 56.29
CA ASN XB 336 47.82 85.75 57.29
C ASN XB 336 46.91 85.82 58.51
N ILE XB 337 45.62 85.53 58.26
CA ILE XB 337 44.68 85.28 59.33
C ILE XB 337 45.09 84.09 60.19
N TYR XB 338 45.90 83.18 59.64
CA TYR XB 338 46.37 82.03 60.40
C TYR XB 338 47.02 82.45 61.72
N ARG XB 339 47.69 83.60 61.74
CA ARG XB 339 48.31 84.06 62.97
C ARG XB 339 47.28 84.30 64.06
N PHE XB 340 46.07 84.73 63.68
CA PHE XB 340 44.99 84.87 64.66
C PHE XB 340 44.78 83.60 65.47
N THR XB 341 45.02 82.44 64.87
CA THR XB 341 44.97 81.16 65.57
C THR XB 341 46.31 80.82 66.24
N GLN XB 342 47.41 81.06 65.53
CA GLN XB 342 48.72 80.73 66.08
C GLN XB 342 48.95 81.42 67.42
N ALA XB 343 48.60 82.70 67.51
CA ALA XB 343 48.68 83.44 68.77
C ALA XB 343 47.90 82.73 69.88
N GLY XB 344 46.64 82.38 69.60
CA GLY XB 344 45.88 81.63 70.59
C GLY XB 344 46.58 80.36 70.99
N SER XB 345 47.24 79.70 70.03
CA SER XB 345 47.91 78.44 70.34
C SER XB 345 49.13 78.64 71.22
N GLU XB 346 49.82 79.78 71.08
CA GLU XB 346 50.93 80.12 71.96
C GLU XB 346 50.52 81.03 73.11
N VAL XB 347 49.22 81.10 73.40
CA VAL XB 347 48.72 81.82 74.56
C VAL XB 347 47.93 80.92 75.51
N SER XB 348 47.11 80.02 74.97
CA SER XB 348 46.23 79.22 75.81
C SER XB 348 47.04 78.39 76.81
N ALA XB 349 48.18 77.86 76.37
CA ALA XB 349 49.05 77.09 77.27
C ALA XB 349 49.43 77.92 78.48
N LEU XB 350 49.63 79.22 78.30
CA LEU XB 350 49.97 80.09 79.42
C LEU XB 350 48.72 80.53 80.18
N LEU XB 351 47.56 80.49 79.53
CA LEU XB 351 46.30 80.83 80.19
C LEU XB 351 45.74 79.65 80.97
N GLY XB 352 46.36 78.49 80.89
CA GLY XB 352 45.95 77.34 81.68
C GLY XB 352 44.94 76.44 81.03
N ARG XB 353 44.85 76.42 79.70
CA ARG XB 353 43.86 75.64 78.99
C ARG XB 353 44.48 74.36 78.46
N ILE XB 354 43.65 73.32 78.36
CA ILE XB 354 44.12 72.03 77.86
C ILE XB 354 44.23 72.12 76.35
N PRO XB 355 45.29 71.60 75.74
CA PRO XB 355 45.42 71.71 74.28
C PRO XB 355 44.58 70.67 73.54
N SER XB 356 44.19 71.04 72.33
CA SER XB 356 43.43 70.18 71.45
C SER XB 356 44.39 69.38 70.58
N ALA XB 357 43.87 68.79 69.50
CA ALA XB 357 44.57 67.76 68.75
C ALA XB 357 46.04 68.11 68.51
N VAL XB 358 46.28 69.24 67.84
CA VAL XB 358 47.62 69.59 67.37
C VAL XB 358 48.13 70.78 68.17
N GLY XB 359 47.73 70.87 69.44
CA GLY XB 359 48.04 72.01 70.26
C GLY XB 359 47.14 73.21 70.08
N TYR XB 360 46.22 73.17 69.12
CA TYR XB 360 45.28 74.27 68.94
C TYR XB 360 44.34 74.36 70.14
N GLN XB 361 43.45 75.34 70.11
CA GLN XB 361 42.61 75.65 71.25
C GLN XB 361 41.37 74.78 71.22
N PRO XB 362 40.64 74.70 72.33
CA PRO XB 362 39.24 74.27 72.25
C PRO XB 362 38.32 75.33 71.67
N THR XB 363 38.71 76.60 71.69
CA THR XB 363 37.90 77.68 71.15
C THR XB 363 38.27 78.04 69.72
N LEU XB 364 38.85 77.08 68.98
CA LEU XB 364 39.36 77.38 67.65
C LEU XB 364 38.25 77.72 66.67
N ALA XB 365 37.03 77.26 66.94
CA ALA XB 365 35.92 77.49 66.02
C ALA XB 365 35.15 78.73 66.40
N THR XB 366 34.92 78.95 67.70
CA THR XB 366 34.15 80.09 68.13
C THR XB 366 34.95 81.38 68.01
N ASP XB 367 36.25 81.33 68.32
CA ASP XB 367 37.07 82.53 68.18
C ASP XB 367 37.18 82.98 66.73
N LEU XB 368 37.00 82.06 65.78
CA LEU XB 368 37.00 82.40 64.37
C LEU XB 368 35.62 82.83 63.88
N GLY XB 369 34.56 82.15 64.34
CA GLY XB 369 33.22 82.52 63.91
C GLY XB 369 32.79 83.88 64.43
N GLN XB 370 33.20 84.22 65.66
CA GLN XB 370 32.89 85.54 66.19
C GLN XB 370 33.60 86.65 65.43
N LEU XB 371 34.65 86.31 64.68
CA LEU XB 371 35.33 87.25 63.80
C LEU XB 371 34.68 87.29 62.42
N GLN XB 372 34.33 86.13 61.89
CA GLN XB 372 33.82 86.03 60.52
C GLN XB 372 32.38 86.50 60.40
N GLU XB 373 31.55 86.29 61.42
CA GLU XB 373 30.15 86.70 61.33
C GLU XB 373 29.99 88.22 61.34
N ARG XB 374 31.03 88.95 61.74
CA ARG XB 374 31.00 90.40 61.58
C ARG XB 374 31.22 90.80 60.13
N ILE XB 375 31.93 89.97 59.36
CA ILE XB 375 32.08 90.15 57.91
C ILE XB 375 30.81 89.59 57.25
N THR XB 376 29.91 90.48 56.85
CA THR XB 376 28.76 90.04 56.07
C THR XB 376 28.11 91.26 55.43
N THR XB 377 27.67 91.08 54.18
CA THR XB 377 26.80 92.07 53.56
C THR XB 377 25.51 92.21 54.36
N THR XB 378 25.04 93.44 54.50
CA THR XB 378 23.78 93.71 55.17
C THR XB 378 22.94 94.71 54.38
N LYS XB 379 21.82 95.14 54.97
CA LYS XB 379 20.95 96.11 54.33
C LYS XB 379 21.52 97.53 54.38
N LYS XB 380 22.53 97.77 55.21
CA LYS XB 380 23.16 99.08 55.30
C LYS XB 380 24.29 99.26 54.29
N GLY XB 381 25.18 98.28 54.18
CA GLY XB 381 26.32 98.37 53.29
C GLY XB 381 26.78 96.99 52.88
N SER XB 382 28.06 96.88 52.56
CA SER XB 382 28.64 95.64 52.06
C SER XB 382 30.12 95.62 52.39
N ILE XB 383 30.61 94.44 52.76
CA ILE XB 383 32.03 94.16 52.90
C ILE XB 383 32.40 93.06 51.91
N THR XB 384 33.20 93.40 50.91
CA THR XB 384 33.96 92.37 50.22
C THR XB 384 35.21 92.07 51.03
N SER XB 385 35.60 90.79 51.08
CA SER XB 385 36.73 90.39 51.91
C SER XB 385 37.64 89.44 51.14
N VAL XB 386 38.94 89.61 51.35
CA VAL XB 386 39.97 88.79 50.69
C VAL XB 386 40.96 88.40 51.77
N GLN XB 387 40.90 87.16 52.24
CA GLN XB 387 41.72 86.66 53.33
C GLN XB 387 42.77 85.71 52.79
N ALA XB 388 44.02 85.89 53.23
CA ALA XB 388 45.10 84.95 52.94
C ALA XB 388 45.24 83.96 54.10
N VAL XB 389 45.16 82.67 53.79
CA VAL XB 389 45.16 81.62 54.79
C VAL XB 389 46.41 80.77 54.61
N TYR XB 390 47.30 80.82 55.59
CA TYR XB 390 48.47 79.96 55.63
C TYR XB 390 48.05 78.49 55.76
N VAL XB 391 48.91 77.61 55.29
CA VAL XB 391 48.66 76.17 55.34
C VAL XB 391 49.93 75.50 55.87
N PRO XB 392 50.02 75.21 57.16
CA PRO XB 392 51.31 74.77 57.71
C PRO XB 392 51.68 73.37 57.24
N ALA XB 393 52.94 73.22 56.85
CA ALA XB 393 53.46 71.94 56.34
C ALA XB 393 52.68 71.47 55.12
N ASP XB 394 52.09 72.41 54.38
CA ASP XB 394 51.32 72.09 53.18
C ASP XB 394 50.21 71.09 53.48
N ASP XB 395 49.65 71.14 54.70
CA ASP XB 395 48.60 70.23 55.13
C ASP XB 395 47.28 70.99 55.18
N LEU XB 396 46.39 70.69 54.24
CA LEU XB 396 45.08 71.33 54.18
C LEU XB 396 44.07 70.68 55.10
N THR XB 397 44.43 69.60 55.79
CA THR XB 397 43.57 68.95 56.77
C THR XB 397 43.76 69.50 58.17
N ASP XB 398 44.62 70.50 58.36
CA ASP XB 398 44.77 71.11 59.66
C ASP XB 398 43.42 71.68 60.13
N PRO XB 399 43.17 71.69 61.45
CA PRO XB 399 41.88 72.18 61.94
C PRO XB 399 41.61 73.63 61.58
N ALA XB 400 42.64 74.47 61.51
CA ALA XB 400 42.39 75.90 61.26
C ALA XB 400 41.85 76.11 59.86
N PRO XB 401 42.55 75.70 58.79
CA PRO XB 401 41.96 75.81 57.46
C PRO XB 401 40.71 74.98 57.28
N ALA XB 402 40.61 73.82 57.95
CA ALA XB 402 39.39 73.03 57.85
C ALA XB 402 38.18 73.82 58.34
N THR XB 403 38.31 74.49 59.48
CA THR XB 403 37.23 75.34 59.97
C THR XB 403 37.01 76.54 59.04
N THR XB 404 38.10 77.14 58.56
CA THR XB 404 37.97 78.34 57.75
C THR XB 404 37.26 78.07 56.43
N PHE XB 405 37.38 76.84 55.91
CA PHE XB 405 36.74 76.50 54.64
C PHE XB 405 35.23 76.69 54.71
N ALA XB 406 34.63 76.49 55.88
CA ALA XB 406 33.18 76.55 56.00
C ALA XB 406 32.63 77.98 55.96
N HIS XB 407 33.49 78.98 56.11
CA HIS XB 407 33.02 80.36 56.28
C HIS XB 407 33.15 81.20 55.01
N LEU XB 408 33.56 80.62 53.89
CA LEU XB 408 33.94 81.38 52.71
C LEU XB 408 32.91 81.24 51.61
N ASP XB 409 32.75 82.32 50.83
CA ASP XB 409 31.93 82.30 49.63
C ASP XB 409 32.72 81.99 48.37
N ALA XB 410 34.03 82.22 48.38
CA ALA XB 410 34.86 81.84 47.25
C ALA XB 410 36.24 81.42 47.74
N THR XB 411 36.89 80.56 46.95
CA THR XB 411 38.08 79.85 47.40
C THR XB 411 39.09 79.78 46.26
N THR XB 412 40.37 79.79 46.63
CA THR XB 412 41.45 79.68 45.66
C THR XB 412 42.64 79.05 46.36
N VAL XB 413 42.92 77.79 46.04
CA VAL XB 413 43.95 77.00 46.71
C VAL XB 413 45.16 76.93 45.80
N LEU XB 414 46.27 77.52 46.23
CA LEU XB 414 47.50 77.50 45.48
C LEU XB 414 48.32 76.27 45.86
N SER XB 415 49.14 75.79 44.92
CA SER XB 415 49.86 74.54 45.11
C SER XB 415 51.33 74.69 44.78
N ARG XB 416 52.13 73.89 45.48
CA ARG XB 416 53.57 73.88 45.20
C ARG XB 416 53.89 72.94 44.06
N GLN XB 417 53.10 71.88 43.88
CA GLN XB 417 53.35 70.99 42.74
C GLN XB 417 53.15 71.77 41.45
N ILE XB 418 52.22 72.72 41.46
CA ILE XB 418 51.93 73.52 40.28
C ILE XB 418 52.87 74.72 40.20
N ALA XB 419 53.38 75.20 41.33
CA ALA XB 419 54.34 76.30 41.29
C ALA XB 419 55.71 75.83 40.81
N GLU XB 420 56.10 74.60 41.14
CA GLU XB 420 57.36 74.04 40.67
C GLU XB 420 57.41 73.89 39.16
N LEU XB 421 56.25 73.81 38.49
CA LEU XB 421 56.23 73.84 37.03
C LEU XB 421 56.39 75.24 36.45
N GLY XB 422 56.60 76.26 37.29
CA GLY XB 422 56.71 77.61 36.78
C GLY XB 422 55.39 78.25 36.40
N ILE XB 423 54.27 77.61 36.68
CA ILE XB 423 52.97 78.19 36.37
C ILE XB 423 52.59 79.17 37.47
N TYR XB 424 52.22 80.38 37.07
CA TYR XB 424 51.87 81.44 38.00
C TYR XB 424 50.74 82.27 37.42
N PRO XB 425 49.61 82.44 38.13
CA PRO XB 425 49.27 81.96 39.48
C PRO XB 425 49.13 80.44 39.57
N ALA XB 426 49.67 79.86 40.63
CA ALA XB 426 49.70 78.40 40.78
C ALA XB 426 48.40 77.89 41.38
N VAL XB 427 47.28 78.25 40.77
CA VAL XB 427 45.97 77.91 41.33
C VAL XB 427 45.59 76.50 40.93
N ASP XB 428 45.21 75.69 41.92
CA ASP XB 428 44.64 74.37 41.65
C ASP XB 428 43.14 74.50 41.38
N PRO XB 429 42.71 74.39 40.11
CA PRO XB 429 41.30 74.68 39.80
C PRO XB 429 40.33 73.62 40.27
N LEU XB 430 40.80 72.53 40.86
CA LEU XB 430 39.93 71.49 41.38
C LEU XB 430 39.67 71.65 42.87
N ASP XB 431 40.69 72.06 43.63
CA ASP XB 431 40.48 72.42 45.02
C ASP XB 431 39.85 73.80 45.14
N SER XB 432 40.08 74.67 44.16
CA SER XB 432 39.37 75.93 44.09
C SER XB 432 37.91 75.69 43.76
N THR XB 433 37.05 76.57 44.27
CA THR XB 433 35.61 76.44 44.06
C THR XB 433 34.96 77.79 44.36
N SER XB 434 33.64 77.81 44.27
CA SER XB 434 32.87 79.03 44.50
C SER XB 434 31.40 78.67 44.56
N ARG XB 435 30.60 79.62 45.04
CA ARG XB 435 29.15 79.51 45.03
C ARG XB 435 28.49 80.29 43.89
N MET XB 436 29.25 81.15 43.20
CA MET XB 436 28.73 81.99 42.14
C MET XB 436 29.03 81.43 40.75
N LEU XB 437 29.13 80.10 40.64
CA LEU XB 437 29.40 79.45 39.37
C LEU XB 437 28.15 78.86 38.73
N ALA XB 438 27.00 78.94 39.39
CA ALA XB 438 25.80 78.30 38.88
C ALA XB 438 25.31 79.00 37.61
N PRO XB 439 24.54 78.30 36.78
CA PRO XB 439 24.09 78.90 35.52
C PRO XB 439 23.16 80.09 35.69
N GLU XB 440 22.53 80.25 36.86
CA GLU XB 440 21.68 81.40 37.10
C GLU XB 440 22.45 82.64 37.53
N ILE XB 441 23.77 82.55 37.62
CA ILE XB 441 24.59 83.69 38.04
C ILE XB 441 25.54 84.03 36.90
N VAL XB 442 26.40 83.07 36.55
CA VAL XB 442 27.14 83.13 35.30
C VAL XB 442 26.32 82.41 34.25
N GLY XB 443 26.55 82.75 32.99
CA GLY XB 443 25.70 82.22 31.93
C GLY XB 443 25.85 80.72 31.79
N GLN XB 444 25.16 80.19 30.78
CA GLN XB 444 25.21 78.76 30.55
C GLN XB 444 26.46 78.37 29.77
N GLU XB 445 26.96 79.25 28.92
CA GLU XB 445 28.20 78.95 28.21
C GLU XB 445 29.38 78.99 29.19
N HIS XB 446 29.38 79.98 30.08
CA HIS XB 446 30.38 80.02 31.13
C HIS XB 446 30.32 78.77 32.00
N TYR XB 447 29.11 78.42 32.46
CA TYR XB 447 28.96 77.25 33.33
C TYR XB 447 29.47 75.99 32.64
N ASP XB 448 29.07 75.79 31.37
CA ASP XB 448 29.44 74.57 30.67
C ASP XB 448 30.93 74.53 30.36
N THR XB 449 31.52 75.68 30.01
CA THR XB 449 32.96 75.73 29.79
C THR XB 449 33.72 75.38 31.07
N ALA XB 450 33.31 75.96 32.19
CA ALA XB 450 33.97 75.67 33.46
C ALA XB 450 33.87 74.17 33.79
N ARG XB 451 32.67 73.60 33.64
CA ARG XB 451 32.50 72.20 34.00
C ARG XB 451 33.26 71.28 33.04
N ALA XB 452 33.34 71.65 31.76
CA ALA XB 452 34.12 70.87 30.81
C ALA XB 452 35.60 70.93 31.14
N THR XB 453 36.09 72.12 31.52
CA THR XB 453 37.48 72.24 31.93
C THR XB 453 37.77 71.39 33.16
N GLN XB 454 36.87 71.40 34.13
CA GLN XB 454 37.07 70.58 35.32
C GLN XB 454 37.08 69.10 34.97
N LYS XB 455 36.16 68.67 34.11
CA LYS XB 455 36.15 67.29 33.65
C LYS XB 455 37.46 66.92 32.96
N LEU XB 456 37.95 67.80 32.08
CA LEU XB 456 39.20 67.55 31.39
C LEU XB 456 40.35 67.40 32.36
N LEU XB 457 40.45 68.32 33.32
CA LEU XB 457 41.57 68.29 34.25
C LEU XB 457 41.49 67.08 35.17
N GLN XB 458 40.29 66.64 35.54
CA GLN XB 458 40.16 65.43 36.34
C GLN XB 458 40.54 64.19 35.53
N ASP XB 459 40.12 64.13 34.26
CA ASP XB 459 40.51 63.03 33.41
C ASP XB 459 42.01 62.99 33.19
N TYR XB 460 42.67 64.15 33.20
CA TYR XB 460 44.12 64.18 33.09
C TYR XB 460 44.78 63.80 34.41
N LYS XB 461 44.18 64.18 35.53
CA LYS XB 461 44.70 63.76 36.83
C LYS XB 461 44.64 62.25 36.98
N SER XB 462 43.59 61.63 36.44
CA SER XB 462 43.40 60.20 36.61
C SER XB 462 44.42 59.36 35.87
N LEU XB 463 45.19 59.96 34.95
CA LEU XB 463 46.19 59.25 34.17
C LEU XB 463 47.61 59.48 34.66
N GLN XB 464 47.77 60.25 35.75
CA GLN XB 464 49.11 60.63 36.19
C GLN XB 464 49.93 59.40 36.57
N ASP XB 465 49.33 58.45 37.27
CA ASP XB 465 50.05 57.27 37.70
C ASP XB 465 50.54 56.45 36.50
N ILE XB 466 49.64 56.12 35.59
CA ILE XB 466 50.01 55.28 34.45
C ILE XB 466 50.97 56.01 33.54
N ILE XB 467 50.92 57.35 33.51
CA ILE XB 467 51.90 58.08 32.71
C ILE XB 467 53.26 58.05 33.38
N ALA XB 468 53.29 58.17 34.71
CA ALA XB 468 54.55 58.16 35.43
C ALA XB 468 55.23 56.79 35.30
N ILE XB 469 54.46 55.71 35.43
CA ILE XB 469 55.05 54.38 35.33
C ILE XB 469 55.38 54.05 33.88
N LEU XB 470 54.37 54.03 33.01
CA LEU XB 470 54.55 53.47 31.67
C LEU XB 470 54.91 54.53 30.64
N GLY XB 471 54.11 55.59 30.57
CA GLY XB 471 54.32 56.67 29.63
C GLY XB 471 53.10 56.92 28.77
N MET XB 472 53.16 58.03 28.03
CA MET XB 472 52.04 58.41 27.18
C MET XB 472 51.84 57.43 26.03
N ASP XB 473 52.87 56.66 25.67
CA ASP XB 473 52.74 55.77 24.53
C ASP XB 473 51.73 54.65 24.78
N GLU XB 474 51.60 54.22 26.04
CA GLU XB 474 50.62 53.20 26.36
C GLU XB 474 49.20 53.69 26.12
N LEU XB 475 48.96 54.99 26.26
CA LEU XB 475 47.61 55.52 26.20
C LEU XB 475 47.01 55.35 24.82
N SER XB 476 45.68 55.43 24.77
CA SER XB 476 44.96 55.45 23.50
C SER XB 476 45.05 56.85 22.91
N GLU XB 477 44.29 57.12 21.85
CA GLU XB 477 44.35 58.41 21.18
C GLU XB 477 43.41 59.43 21.81
N GLU XB 478 42.25 58.97 22.30
CA GLU XB 478 41.39 59.87 23.07
C GLU XB 478 42.11 60.37 24.31
N ASP XB 479 42.79 59.47 25.03
CA ASP XB 479 43.52 59.87 26.22
C ASP XB 479 44.68 60.79 25.89
N LYS XB 480 45.33 60.56 24.75
CA LYS XB 480 46.43 61.44 24.36
C LYS XB 480 45.92 62.84 24.00
N LEU XB 481 44.78 62.90 23.31
CA LEU XB 481 44.16 64.19 23.04
C LEU XB 481 43.77 64.89 24.33
N VAL XB 482 43.23 64.14 25.28
CA VAL XB 482 42.87 64.72 26.58
C VAL XB 482 44.10 65.29 27.26
N VAL XB 483 45.20 64.52 27.27
CA VAL XB 483 46.43 64.97 27.92
C VAL XB 483 46.96 66.24 27.25
N SER XB 484 46.92 66.25 25.91
CA SER XB 484 47.38 67.43 25.18
C SER XB 484 46.57 68.65 25.54
N ARG XB 485 45.23 68.55 25.48
CA ARG XB 485 44.40 69.70 25.80
C ARG XB 485 44.54 70.10 27.27
N ALA XB 486 44.78 69.14 28.16
CA ALA XB 486 44.92 69.47 29.57
C ALA XB 486 46.21 70.23 29.84
N ARG XB 487 47.31 69.79 29.25
CA ARG XB 487 48.56 70.55 29.37
C ARG XB 487 48.42 71.92 28.72
N LYS XB 488 47.71 72.00 27.59
CA LYS XB 488 47.54 73.29 26.92
C LYS XB 488 46.72 74.24 27.77
N ILE XB 489 45.68 73.76 28.43
CA ILE XB 489 44.83 74.66 29.21
C ILE XB 489 45.49 74.96 30.56
N GLN XB 490 46.31 74.05 31.08
CA GLN XB 490 47.16 74.39 32.22
C GLN XB 490 48.06 75.57 31.87
N ARG XB 491 48.80 75.48 30.76
CA ARG XB 491 49.72 76.56 30.41
C ARG XB 491 48.96 77.82 30.01
N PHE XB 492 47.73 77.69 29.52
CA PHE XB 492 46.93 78.85 29.18
C PHE XB 492 46.34 79.54 30.41
N LEU XB 493 46.15 78.79 31.50
CA LEU XB 493 45.72 79.36 32.78
C LEU XB 493 46.91 79.85 33.59
N SER XB 494 47.73 80.68 32.95
CA SER XB 494 48.85 81.33 33.61
C SER XB 494 48.92 82.76 33.08
N GLN XB 495 49.28 83.69 33.96
CA GLN XB 495 49.15 85.10 33.66
C GLN XB 495 50.31 85.86 34.30
N PRO XB 496 51.01 86.73 33.54
CA PRO XB 496 52.01 87.60 34.14
C PRO XB 496 51.33 88.84 34.72
N PHE XB 497 51.54 89.07 36.02
CA PHE XB 497 50.95 90.22 36.68
C PHE XB 497 51.83 91.45 36.49
N THR XB 498 51.29 92.60 36.89
CA THR XB 498 52.04 93.85 36.80
C THR XB 498 53.06 93.97 37.92
N VAL XB 499 52.70 93.51 39.12
CA VAL XB 499 53.59 93.62 40.27
C VAL XB 499 54.73 92.60 40.23
N ALA XB 500 54.68 91.65 39.30
CA ALA XB 500 55.75 90.67 39.12
C ALA XB 500 56.83 91.14 38.17
N GLU XB 501 56.67 92.33 37.57
CA GLU XB 501 57.61 92.80 36.58
C GLU XB 501 59.02 92.98 37.15
N VAL XB 502 59.15 93.13 38.46
CA VAL XB 502 60.45 93.43 39.04
C VAL XB 502 61.32 92.18 39.06
N PHE XB 503 60.72 90.99 39.19
CA PHE XB 503 61.47 89.74 39.18
C PHE XB 503 61.00 88.81 38.06
N THR XB 504 60.22 89.31 37.10
CA THR XB 504 59.86 88.53 35.92
C THR XB 504 60.15 89.32 34.66
N GLY XB 505 60.10 90.65 34.75
CA GLY XB 505 60.45 91.50 33.63
C GLY XB 505 59.31 91.74 32.65
N LYS XB 506 58.49 90.72 32.43
CA LYS XB 506 57.47 90.81 31.39
C LYS XB 506 56.29 91.63 31.89
N PRO XB 507 55.68 92.45 31.02
CA PRO XB 507 54.60 93.34 31.46
C PRO XB 507 53.34 92.56 31.79
N GLY XB 508 52.43 93.24 32.48
CA GLY XB 508 51.24 92.57 32.95
C GLY XB 508 50.15 92.49 31.90
N ARG XB 509 49.22 91.56 32.08
CA ARG XB 509 48.18 91.26 31.11
C ARG XB 509 46.84 91.14 31.83
N PHE XB 510 46.05 92.20 31.78
CA PHE XB 510 44.64 92.10 32.13
C PHE XB 510 43.88 91.33 31.06
N VAL XB 511 42.95 90.48 31.49
CA VAL XB 511 42.25 89.56 30.60
C VAL XB 511 40.76 89.62 30.97
N GLU XB 512 39.94 89.99 30.00
CA GLU XB 512 38.49 89.95 30.19
C GLU XB 512 37.92 88.53 30.15
N LEU XB 513 36.66 88.45 30.56
CA LEU XB 513 35.98 87.19 30.78
C LEU XB 513 35.51 86.61 29.45
N PRO XB 514 34.88 87.39 28.57
CA PRO XB 514 34.42 86.77 27.32
C PRO XB 514 35.60 86.29 26.49
N GLU XB 515 36.73 86.98 26.58
CA GLU XB 515 37.95 86.53 25.90
C GLU XB 515 38.44 85.22 26.50
N THR XB 516 38.46 85.14 27.84
CA THR XB 516 38.84 83.87 28.48
C THR XB 516 37.91 82.75 28.05
N ILE XB 517 36.61 83.03 27.96
CA ILE XB 517 35.63 81.99 27.66
C ILE XB 517 35.76 81.52 26.21
N LYS XB 518 35.90 82.47 25.28
CA LYS XB 518 36.15 82.09 23.89
C LYS XB 518 37.42 81.25 23.78
N SER XB 519 38.49 81.64 24.47
CA SER XB 519 39.73 80.88 24.37
C SER XB 519 39.56 79.46 24.91
N ALA XB 520 38.91 79.32 26.06
CA ALA XB 520 38.67 78.00 26.62
C ALA XB 520 37.78 77.15 25.71
N GLN XB 521 36.73 77.76 25.17
CA GLN XB 521 35.86 77.05 24.22
C GLN XB 521 36.66 76.53 23.04
N THR XB 522 37.53 77.38 22.47
CA THR XB 522 38.30 76.95 21.30
C THR XB 522 39.29 75.87 21.66
N ILE XB 523 39.93 75.98 22.83
CA ILE XB 523 40.90 74.97 23.24
C ILE XB 523 40.22 73.65 23.50
N LEU XB 524 38.97 73.67 23.97
CA LEU XB 524 38.24 72.43 24.19
C LEU XB 524 37.78 71.83 22.86
N ARG XB 525 37.28 72.68 21.97
CA ARG XB 525 36.80 72.19 20.68
C ARG XB 525 37.93 71.52 19.90
N GLY XB 526 39.08 72.18 19.83
CA GLY XB 526 40.19 71.65 19.06
C GLY XB 526 40.71 72.61 18.01
N GLU XB 527 40.41 73.89 18.17
CA GLU XB 527 40.87 74.92 17.23
C GLU XB 527 42.27 75.43 17.58
N CYS XB 528 42.95 74.79 18.54
CA CYS XB 528 44.32 75.17 18.87
C CYS XB 528 45.20 73.95 19.13
N ASP XB 529 44.82 72.77 18.61
CA ASP XB 529 45.66 71.60 18.74
C ASP XB 529 46.89 71.67 17.85
N ASP XB 530 46.81 72.43 16.75
CA ASP XB 530 47.97 72.58 15.88
C ASP XB 530 49.10 73.33 16.54
N LEU XB 531 48.80 74.18 17.52
CA LEU XB 531 49.83 74.98 18.14
C LEU XB 531 50.67 74.13 19.09
N PRO XB 532 51.86 74.62 19.47
CA PRO XB 532 52.66 73.89 20.46
C PRO XB 532 52.11 74.01 21.86
N GLU XB 533 52.86 73.50 22.84
CA GLU XB 533 52.44 73.53 24.24
C GLU XB 533 53.02 74.73 24.98
N MET XB 534 54.24 75.12 24.65
CA MET XB 534 54.89 76.26 25.30
C MET XB 534 54.50 77.60 24.69
N ALA XB 535 53.54 77.61 23.76
CA ALA XB 535 53.00 78.84 23.21
C ALA XB 535 51.88 79.43 24.04
N PHE XB 536 51.35 78.68 25.00
CA PHE XB 536 50.30 79.16 25.89
C PHE XB 536 50.85 79.75 27.18
N TYR XB 537 52.15 79.65 27.40
CA TYR XB 537 52.76 80.06 28.67
C TYR XB 537 52.84 81.57 28.74
N MET XB 538 52.06 82.17 29.65
CA MET XB 538 52.15 83.59 29.96
C MET XB 538 51.88 84.44 28.72
N CYS XB 539 50.66 84.32 28.19
CA CYS XB 539 50.30 85.01 26.96
C CYS XB 539 48.96 85.73 27.03
N GLY XB 540 48.17 85.56 28.08
CA GLY XB 540 46.86 86.17 28.14
C GLY XB 540 45.87 85.49 27.21
N GLY XB 541 45.44 86.22 26.16
CA GLY XB 541 44.49 85.70 25.21
C GLY XB 541 45.14 84.75 24.23
N LEU XB 542 44.45 84.55 23.10
CA LEU XB 542 44.94 83.65 22.07
C LEU XB 542 45.72 84.35 20.96
N GLU XB 543 45.45 85.63 20.69
CA GLU XB 543 46.25 86.34 19.70
C GLU XB 543 47.74 86.32 20.07
N GLU XB 544 48.04 86.51 21.35
CA GLU XB 544 49.43 86.41 21.80
C GLU XB 544 49.96 85.00 21.64
N VAL XB 545 49.13 84.00 21.89
CA VAL XB 545 49.58 82.61 21.76
C VAL XB 545 49.92 82.31 20.31
N ARG XB 546 49.09 82.81 19.38
CA ARG XB 546 49.33 82.55 17.97
C ARG XB 546 50.54 83.31 17.46
N SER XB 547 50.73 84.54 17.94
CA SER XB 547 51.95 85.27 17.59
C SER XB 547 53.19 84.57 18.12
N LYS XB 548 53.09 83.99 19.32
CA LYS XB 548 54.24 83.29 19.88
C LYS XB 548 54.51 81.98 19.14
N ALA XB 549 53.46 81.30 18.70
CA ALA XB 549 53.66 80.11 17.88
C ALA XB 549 54.28 80.46 16.54
N VAL XB 550 53.86 81.58 15.95
CA VAL XB 550 54.49 82.08 14.73
C VAL XB 550 55.98 82.30 14.95
N LYS XB 551 56.31 83.08 15.98
CA LYS XB 551 57.72 83.40 16.24
C LYS XB 551 58.53 82.15 16.59
N MET XB 552 57.89 81.15 17.20
CA MET XB 552 58.59 79.90 17.52
C MET XB 552 58.73 78.99 16.30
N ALA XB 553 57.90 79.18 15.29
CA ALA XB 553 58.06 78.41 14.05
C ALA XB 553 59.42 78.66 13.42
N GLN XB 554 59.94 79.88 13.57
CA GLN XB 554 61.25 80.21 13.02
C GLN XB 554 62.35 79.46 13.75
N ASP YB 42 48.30 59.37 54.91
CA ASP YB 42 48.08 58.23 55.81
C ASP YB 42 49.16 57.18 55.61
N LEU YB 43 48.97 56.01 56.20
CA LEU YB 43 49.92 54.91 56.13
C LEU YB 43 49.45 53.78 55.23
N LYS YB 44 48.19 53.37 55.35
CA LYS YB 44 47.66 52.29 54.53
C LYS YB 44 47.83 52.60 53.04
N ILE YB 45 47.59 53.85 52.66
CA ILE YB 45 47.69 54.24 51.26
C ILE YB 45 49.11 54.04 50.75
N VAL YB 46 50.08 54.58 51.50
CA VAL YB 46 51.47 54.53 51.04
C VAL YB 46 51.96 53.10 51.04
N ALA YB 47 51.53 52.30 52.01
CA ALA YB 47 51.99 50.91 52.07
C ALA YB 47 51.42 50.09 50.92
N ALA YB 48 50.14 50.25 50.63
CA ALA YB 48 49.55 49.57 49.48
C ALA YB 48 50.21 50.01 48.18
N ARG YB 49 50.46 51.31 48.04
CA ARG YB 49 51.13 51.80 46.84
C ARG YB 49 52.51 51.20 46.69
N MET YB 50 53.29 51.16 47.77
CA MET YB 50 54.62 50.58 47.71
C MET YB 50 54.56 49.10 47.35
N LYS YB 51 53.62 48.37 47.93
CA LYS YB 51 53.48 46.94 47.60
C LYS YB 51 53.17 46.76 46.12
N SER YB 52 52.17 47.49 45.61
CA SER YB 52 51.79 47.35 44.22
C SER YB 52 52.95 47.71 43.29
N VAL YB 53 53.66 48.80 43.59
CA VAL YB 53 54.71 49.24 42.69
C VAL YB 53 55.89 48.28 42.75
N LYS YB 54 56.19 47.72 43.91
CA LYS YB 54 57.25 46.72 44.00
C LYS YB 54 56.91 45.49 43.16
N SER YB 55 55.66 45.02 43.26
CA SER YB 55 55.22 43.92 42.40
C SER YB 55 55.36 44.30 40.93
N ILE YB 56 54.97 45.52 40.59
CA ILE YB 56 55.07 45.98 39.20
C ILE YB 56 56.51 45.91 38.72
N GLN YB 57 57.45 46.44 39.53
CA GLN YB 57 58.86 46.41 39.16
C GLN YB 57 59.35 44.98 38.96
N LYS YB 58 59.01 44.08 39.88
CA LYS YB 58 59.46 42.70 39.77
C LYS YB 58 58.95 42.06 38.48
N ILE YB 59 57.64 42.13 38.25
CA ILE YB 59 57.05 41.56 37.04
C ILE YB 59 57.66 42.22 35.82
N THR YB 60 57.98 43.51 35.90
CA THR YB 60 58.56 44.21 34.76
C THR YB 60 59.93 43.64 34.41
N LYS YB 61 60.76 43.42 35.43
CA LYS YB 61 62.07 42.81 35.18
C LYS YB 61 61.93 41.41 34.58
N ALA YB 62 61.01 40.62 35.12
CA ALA YB 62 60.79 39.28 34.58
C ALA YB 62 60.38 39.35 33.12
N MET YB 63 59.45 40.24 32.79
CA MET YB 63 59.00 40.37 31.41
C MET YB 63 60.08 40.95 30.52
N LYS YB 64 60.99 41.75 31.09
CA LYS YB 64 62.15 42.20 30.33
C LYS YB 64 62.99 41.02 29.88
N MET YB 65 63.33 40.12 30.81
CA MET YB 65 64.12 38.95 30.43
C MET YB 65 63.36 38.09 29.43
N VAL YB 66 62.06 37.90 29.64
CA VAL YB 66 61.25 37.09 28.73
C VAL YB 66 61.25 37.70 27.33
N ALA YB 67 61.10 39.03 27.25
CA ALA YB 67 61.09 39.70 25.95
C ALA YB 67 62.44 39.63 25.28
N ALA YB 68 63.53 39.62 26.07
CA ALA YB 68 64.85 39.43 25.49
C ALA YB 68 64.97 38.06 24.84
N SER YB 69 64.49 37.03 25.53
CA SER YB 69 64.49 35.68 24.96
C SER YB 69 63.65 35.61 23.68
N LYS YB 70 62.44 36.17 23.74
CA LYS YB 70 61.59 36.19 22.55
C LYS YB 70 62.23 36.96 21.41
N LEU YB 71 62.98 38.03 21.71
CA LEU YB 71 63.66 38.78 20.67
C LEU YB 71 64.78 37.95 20.05
N ARG YB 72 65.48 37.18 20.88
CA ARG YB 72 66.47 36.25 20.34
C ARG YB 72 65.83 35.30 19.34
N MET YB 73 64.74 34.64 19.75
CA MET YB 73 64.11 33.67 18.86
C MET YB 73 63.51 34.35 17.62
N ASP YB 74 63.06 35.60 17.75
CA ASP YB 74 62.52 36.30 16.60
C ASP YB 74 63.62 36.69 15.62
N GLN YB 75 64.77 37.13 16.13
CA GLN YB 75 65.92 37.35 15.27
C GLN YB 75 66.31 36.07 14.54
N ARG YB 76 66.18 34.93 15.21
CA ARG YB 76 66.48 33.66 14.55
C ARG YB 76 65.49 33.40 13.41
N ARG YB 77 64.21 33.60 13.66
CA ARG YB 77 63.21 33.41 12.61
C ARG YB 77 63.45 34.38 11.46
N LEU YB 78 63.87 35.60 11.76
CA LEU YB 78 64.21 36.57 10.72
C LEU YB 78 65.35 36.05 9.86
N GLU YB 79 66.47 35.71 10.51
CA GLU YB 79 67.64 35.28 9.76
C GLU YB 79 67.35 34.04 8.93
N ASN YB 80 66.38 33.21 9.37
CA ASN YB 80 66.06 32.03 8.58
C ASN YB 80 65.06 32.34 7.46
N GLY YB 81 64.18 33.32 7.64
CA GLY YB 81 63.06 33.51 6.74
C GLY YB 81 63.17 34.70 5.80
N LEU YB 82 64.22 35.50 5.95
CA LEU YB 82 64.42 36.65 5.06
C LEU YB 82 64.98 36.24 3.70
N PRO YB 83 66.01 35.37 3.67
CA PRO YB 83 66.48 34.86 2.38
C PRO YB 83 65.40 34.26 1.50
N PHE YB 84 64.34 33.71 2.09
CA PHE YB 84 63.21 33.21 1.31
C PHE YB 84 62.47 34.32 0.56
N ALA YB 85 62.57 35.56 0.99
CA ALA YB 85 61.75 36.66 0.47
C ALA YB 85 62.52 37.68 -0.34
N THR YB 86 63.76 37.97 0.08
CA THR YB 86 64.53 39.02 -0.57
C THR YB 86 64.72 38.77 -2.06
N PRO YB 87 65.04 37.57 -2.54
CA PRO YB 87 65.40 37.45 -3.95
C PRO YB 87 64.21 37.81 -4.85
N VAL YB 88 63.04 37.24 -4.56
CA VAL YB 88 61.88 37.50 -5.40
C VAL YB 88 61.44 38.95 -5.27
N GLN YB 89 61.58 39.54 -4.08
CA GLN YB 89 61.24 40.95 -3.94
C GLN YB 89 62.15 41.84 -4.77
N LYS YB 90 63.47 41.56 -4.74
CA LYS YB 90 64.40 42.31 -5.56
C LYS YB 90 64.15 42.09 -7.04
N LEU YB 91 63.71 40.89 -7.41
CA LEU YB 91 63.38 40.62 -8.81
C LEU YB 91 62.23 41.51 -9.26
N VAL YB 92 61.12 41.49 -8.51
CA VAL YB 92 59.95 42.22 -8.96
C VAL YB 92 60.11 43.72 -8.80
N GLN YB 93 60.97 44.16 -7.88
CA GLN YB 93 61.23 45.59 -7.70
C GLN YB 93 61.97 46.21 -8.88
N ARG YB 94 62.55 45.41 -9.77
CA ARG YB 94 63.11 45.97 -10.99
C ARG YB 94 62.06 46.72 -11.80
N ILE YB 95 60.80 46.31 -11.71
CA ILE YB 95 59.70 47.06 -12.32
C ILE YB 95 59.36 48.24 -11.41
N PRO YB 96 59.76 49.46 -11.76
CA PRO YB 96 59.60 50.56 -10.81
C PRO YB 96 58.15 50.99 -10.70
N VAL YB 97 57.71 51.20 -9.47
CA VAL YB 97 56.34 51.63 -9.17
C VAL YB 97 56.36 53.13 -8.85
N ASP YB 98 55.52 53.88 -9.55
CA ASP YB 98 55.36 55.29 -9.23
C ASP YB 98 54.31 55.43 -8.13
N PRO YB 99 54.61 56.07 -7.00
CA PRO YB 99 53.61 56.25 -5.96
C PRO YB 99 52.63 57.38 -6.20
N LYS YB 100 52.67 58.02 -7.38
CA LYS YB 100 51.74 59.09 -7.73
C LYS YB 100 50.59 58.60 -8.59
N GLU YB 101 50.58 57.32 -8.97
CA GLU YB 101 49.52 56.80 -9.81
C GLU YB 101 48.16 57.00 -9.13
N LYS YB 102 47.14 57.24 -9.96
CA LYS YB 102 45.78 57.41 -9.50
C LYS YB 102 45.02 56.09 -9.60
N GLY YB 103 44.18 55.82 -8.63
CA GLY YB 103 43.47 54.57 -8.56
C GLY YB 103 43.13 54.22 -7.13
N THR YB 104 42.35 53.15 -6.99
CA THR YB 104 41.85 52.73 -5.69
C THR YB 104 43.03 52.26 -4.84
N LEU YB 105 43.41 53.07 -3.86
CA LEU YB 105 44.48 52.69 -2.96
C LEU YB 105 44.00 51.70 -1.91
N ALA YB 106 44.88 50.78 -1.53
CA ALA YB 106 44.68 49.89 -0.40
C ALA YB 106 45.91 49.97 0.49
N VAL YB 107 45.70 50.32 1.76
CA VAL YB 107 46.78 50.53 2.70
C VAL YB 107 46.74 49.38 3.70
N LEU YB 108 47.77 48.53 3.67
CA LEU YB 108 47.92 47.43 4.61
C LEU YB 108 48.84 47.87 5.74
N ALA YB 109 48.26 48.06 6.92
CA ALA YB 109 49.01 48.51 8.09
C ALA YB 109 49.25 47.33 9.02
N LEU YB 110 50.52 47.01 9.26
CA LEU YB 110 50.89 45.93 10.14
C LEU YB 110 51.14 46.45 11.54
N SER YB 111 50.62 45.74 12.53
CA SER YB 111 50.73 46.16 13.92
C SER YB 111 50.64 44.92 14.80
N SER YB 112 50.59 45.12 16.11
CA SER YB 112 50.59 44.05 17.08
C SER YB 112 49.22 43.93 17.72
N ASP YB 113 49.11 43.00 18.67
CA ASP YB 113 47.89 42.79 19.43
C ASP YB 113 48.07 43.01 20.92
N LYS YB 114 49.29 42.97 21.43
CA LYS YB 114 49.59 43.29 22.82
C LYS YB 114 50.07 44.73 22.95
N GLY YB 115 49.98 45.25 24.17
CA GLY YB 115 50.48 46.57 24.49
C GLY YB 115 51.90 46.54 25.01
N LEU YB 116 52.32 47.67 25.58
CA LEU YB 116 53.67 47.83 26.11
C LEU YB 116 54.73 47.69 25.03
N CYS YB 117 54.35 47.98 23.78
CA CYS YB 117 55.27 47.87 22.65
C CYS YB 117 55.96 49.18 22.32
N GLY YB 118 56.14 50.06 23.30
CA GLY YB 118 56.67 51.38 23.00
C GLY YB 118 55.66 52.19 22.20
N GLY YB 119 56.13 52.81 21.13
CA GLY YB 119 55.28 53.63 20.29
C GLY YB 119 55.40 53.24 18.83
N VAL YB 120 55.57 51.95 18.59
CA VAL YB 120 55.76 51.48 17.22
C VAL YB 120 54.44 51.54 16.47
N ASN YB 121 53.36 51.09 17.11
CA ASN YB 121 52.05 51.18 16.47
C ASN YB 121 51.61 52.64 16.34
N SER YB 122 52.04 53.48 17.28
CA SER YB 122 51.80 54.91 17.14
C SER YB 122 52.44 55.45 15.86
N PHE YB 123 53.71 55.13 15.63
CA PHE YB 123 54.38 55.61 14.43
C PHE YB 123 53.76 55.01 13.17
N VAL YB 124 53.35 53.74 13.25
CA VAL YB 124 52.69 53.10 12.12
C VAL YB 124 51.41 53.84 11.76
N ALA YB 125 50.56 54.07 12.74
CA ALA YB 125 49.30 54.78 12.49
C ALA YB 125 49.55 56.21 12.05
N LYS YB 126 50.62 56.83 12.52
CA LYS YB 126 50.99 58.17 12.06
C LYS YB 126 51.30 58.16 10.56
N GLN YB 127 52.17 57.26 10.14
CA GLN YB 127 52.49 57.14 8.72
C GLN YB 127 51.25 56.80 7.91
N ALA YB 128 50.36 55.97 8.45
CA ALA YB 128 49.14 55.61 7.73
C ALA YB 128 48.22 56.80 7.58
N ARG YB 129 48.05 57.60 8.64
CA ARG YB 129 47.27 58.83 8.54
C ARG YB 129 47.87 59.77 7.51
N ILE YB 130 49.19 59.91 7.51
CA ILE YB 130 49.86 60.75 6.52
C ILE YB 130 49.52 60.28 5.11
N VAL YB 131 49.68 58.98 4.87
CA VAL YB 131 49.44 58.44 3.53
C VAL YB 131 47.99 58.65 3.13
N ILE YB 132 47.05 58.40 4.04
CA ILE YB 132 45.64 58.52 3.70
C ILE YB 132 45.29 59.96 3.37
N LYS YB 133 45.76 60.90 4.20
CA LYS YB 133 45.45 62.31 3.97
C LYS YB 133 46.17 62.86 2.74
N GLU YB 134 47.27 62.23 2.33
CA GLU YB 134 47.95 62.65 1.11
C GLU YB 134 47.24 62.12 -0.12
N ASN YB 135 46.76 60.88 -0.06
CA ASN YB 135 46.17 60.22 -1.22
C ASN YB 135 44.69 60.50 -1.39
N GLU YB 136 44.02 61.02 -0.36
CA GLU YB 136 42.61 61.39 -0.49
C GLU YB 136 42.43 62.81 -1.02
N MET YB 137 43.48 63.62 -1.04
CA MET YB 137 43.38 64.95 -1.65
C MET YB 137 43.25 64.85 -3.17
N ALA YB 138 44.16 64.11 -3.81
CA ALA YB 138 44.11 63.94 -5.25
C ALA YB 138 42.84 63.26 -5.72
N GLY YB 139 42.13 62.57 -4.83
CA GLY YB 139 40.87 61.94 -5.16
C GLY YB 139 40.92 60.43 -5.21
N ASN YB 140 42.04 59.81 -4.86
CA ASN YB 140 42.14 58.36 -4.86
C ASN YB 140 41.34 57.78 -3.70
N ALA YB 141 40.38 56.91 -4.02
CA ALA YB 141 39.56 56.28 -3.00
C ALA YB 141 40.38 55.24 -2.24
N VAL YB 142 40.44 55.41 -0.92
CA VAL YB 142 41.35 54.64 -0.07
C VAL YB 142 40.56 53.56 0.66
N GLN YB 143 41.15 52.37 0.76
CA GLN YB 143 40.66 51.30 1.60
C GLN YB 143 41.77 50.91 2.58
N VAL YB 144 41.37 50.35 3.72
CA VAL YB 144 42.29 50.11 4.82
C VAL YB 144 42.20 48.66 5.24
N TYR YB 145 43.29 47.93 5.08
CA TYR YB 145 43.48 46.63 5.69
C TYR YB 145 44.47 46.77 6.82
N GLY YB 146 44.31 45.94 7.86
CA GLY YB 146 45.12 46.06 9.05
C GLY YB 146 45.41 44.70 9.65
N VAL YB 147 46.43 44.69 10.50
CA VAL YB 147 46.81 43.50 11.26
C VAL YB 147 47.03 43.93 12.70
N GLY YB 148 46.21 43.44 13.59
CA GLY YB 148 46.27 43.76 15.00
C GLY YB 148 45.13 44.67 15.41
N ASP YB 149 44.77 44.62 16.69
CA ASP YB 149 43.72 45.46 17.22
C ASP YB 149 44.19 46.89 17.49
N LYS YB 150 45.51 47.10 17.59
CA LYS YB 150 46.01 48.41 17.96
C LYS YB 150 45.77 49.43 16.85
N ILE YB 151 46.02 49.04 15.60
CA ILE YB 151 45.75 49.94 14.47
C ILE YB 151 44.26 50.22 14.38
N ARG YB 152 43.43 49.21 14.65
CA ARG YB 152 41.99 49.41 14.63
C ARG YB 152 41.57 50.44 15.66
N SER YB 153 42.04 50.29 16.89
CA SER YB 153 41.71 51.25 17.94
C SER YB 153 42.28 52.63 17.63
N ALA YB 154 43.40 52.69 16.90
CA ALA YB 154 44.02 53.97 16.60
C ALA YB 154 43.29 54.72 15.48
N LEU YB 155 42.72 54.01 14.53
CA LEU YB 155 42.17 54.64 13.34
C LEU YB 155 40.65 54.50 13.22
N GLN YB 156 39.99 53.90 14.20
CA GLN YB 156 38.54 53.73 14.15
C GLN YB 156 37.84 55.08 14.00
N ARG YB 157 37.96 55.93 15.02
CA ARG YB 157 37.17 57.16 15.07
C ARG YB 157 37.45 58.06 13.88
N THR YB 158 38.65 58.00 13.32
CA THR YB 158 39.09 58.93 12.29
C THR YB 158 38.94 58.36 10.88
N PHE YB 159 39.19 57.05 10.70
CA PHE YB 159 39.16 56.43 9.39
C PHE YB 159 38.45 55.08 9.47
N GLY YB 160 37.39 55.01 10.26
CA GLY YB 160 36.57 53.81 10.33
C GLY YB 160 35.53 53.69 9.26
N ASP YB 161 35.28 54.77 8.52
CA ASP YB 161 34.44 54.72 7.32
C ASP YB 161 35.21 54.22 6.09
N ARG YB 162 36.43 53.74 6.28
CA ARG YB 162 37.26 53.26 5.18
C ARG YB 162 37.75 51.84 5.40
N PHE YB 163 37.42 51.21 6.53
CA PHE YB 163 37.88 49.85 6.77
C PHE YB 163 37.28 48.90 5.73
N LYS YB 164 38.06 47.89 5.36
CA LYS YB 164 37.62 46.85 4.45
C LYS YB 164 37.69 45.46 5.08
N ARG YB 165 38.80 45.14 5.75
CA ARG YB 165 38.98 43.82 6.34
C ARG YB 165 40.12 43.91 7.34
N ILE YB 166 39.94 43.26 8.50
CA ILE YB 166 40.90 43.31 9.59
C ILE YB 166 41.13 41.89 10.10
N MET YB 167 42.37 41.62 10.48
CA MET YB 167 42.79 40.35 11.06
C MET YB 167 43.41 40.60 12.42
N THR YB 168 43.21 39.65 13.32
CA THR YB 168 43.72 39.77 14.68
C THR YB 168 43.82 38.38 15.29
N GLU YB 169 44.25 38.33 16.56
CA GLU YB 169 44.59 37.09 17.22
C GLU YB 169 45.62 36.32 16.40
N VAL YB 170 46.54 37.07 15.78
CA VAL YB 170 47.44 36.49 14.79
C VAL YB 170 48.65 35.88 15.47
N THR YB 171 49.41 36.70 16.21
CA THR YB 171 50.69 36.29 16.77
C THR YB 171 50.55 35.69 18.16
N ARG YB 172 49.42 35.06 18.47
CA ARG YB 172 49.38 34.15 19.60
C ARG YB 172 50.53 33.15 19.52
N PHE YB 173 50.74 32.59 18.34
CA PHE YB 173 51.87 31.73 18.04
C PHE YB 173 52.96 32.53 17.33
N PRO YB 174 54.05 31.88 16.93
CA PRO YB 174 54.96 32.51 15.97
C PRO YB 174 54.28 32.88 14.66
N TRP YB 175 55.03 33.47 13.74
CA TRP YB 175 54.43 34.29 12.68
C TRP YB 175 53.76 33.42 11.62
N ASN YB 176 54.53 32.60 10.92
CA ASN YB 176 53.95 31.94 9.75
C ASN YB 176 52.96 30.88 10.11
N PHE YB 177 52.64 30.73 11.40
CA PHE YB 177 51.38 30.14 11.80
C PHE YB 177 50.23 30.76 11.01
N GLY YB 178 50.01 32.05 11.22
CA GLY YB 178 49.00 32.80 10.50
C GLY YB 178 49.50 33.24 9.14
N GLN YB 179 49.54 32.31 8.20
CA GLN YB 179 50.33 32.49 6.99
C GLN YB 179 49.95 33.77 6.26
N ALA YB 180 50.97 34.46 5.77
CA ALA YB 180 50.78 35.64 4.92
C ALA YB 180 50.05 35.29 3.63
N CYS YB 181 50.11 34.02 3.22
CA CYS YB 181 49.44 33.60 2.00
C CYS YB 181 47.95 33.88 2.05
N ILE YB 182 47.34 33.72 3.23
CA ILE YB 182 45.91 33.98 3.36
C ILE YB 182 45.60 35.44 3.08
N ILE YB 183 46.35 36.34 3.73
CA ILE YB 183 46.12 37.77 3.55
C ILE YB 183 46.40 38.17 2.11
N ALA YB 184 47.45 37.61 1.51
CA ALA YB 184 47.76 37.92 0.11
C ALA YB 184 46.64 37.48 -0.82
N ASP YB 185 46.08 36.28 -0.57
CA ASP YB 185 44.95 35.82 -1.35
C ASP YB 185 43.75 36.72 -1.17
N ARG YB 186 43.50 37.19 0.06
CA ARG YB 186 42.39 38.12 0.27
C ARG YB 186 42.61 39.42 -0.50
N LEU YB 187 43.86 39.90 -0.55
CA LEU YB 187 44.13 41.10 -1.32
C LEU YB 187 43.90 40.87 -2.81
N MET YB 188 44.33 39.72 -3.32
CA MET YB 188 44.21 39.51 -4.76
C MET YB 188 42.74 39.32 -5.11
N GLN YB 189 41.98 38.64 -4.24
CA GLN YB 189 40.56 38.50 -4.46
C GLN YB 189 39.89 39.88 -4.43
N ASP YB 190 40.43 40.80 -3.63
CA ASP YB 190 39.90 42.16 -3.52
C ASP YB 190 40.79 43.14 -4.27
N ASN YB 191 41.28 42.70 -5.43
CA ASN YB 191 42.36 43.31 -6.20
C ASN YB 191 42.23 44.82 -6.30
N PRO YB 192 43.09 45.59 -5.62
CA PRO YB 192 43.08 47.05 -5.78
C PRO YB 192 43.99 47.47 -6.92
N ALA YB 193 43.96 48.77 -7.21
CA ALA YB 193 44.77 49.33 -8.28
C ALA YB 193 46.15 49.76 -7.82
N ARG YB 194 46.34 50.01 -6.53
CA ARG YB 194 47.66 50.30 -5.98
C ARG YB 194 47.65 49.94 -4.51
N LEU YB 195 48.76 49.35 -4.04
CA LEU YB 195 48.85 48.80 -2.70
C LEU YB 195 50.07 49.37 -1.99
N MET YB 196 49.88 49.74 -0.73
CA MET YB 196 50.95 50.21 0.14
C MET YB 196 50.98 49.37 1.40
N VAL YB 197 52.18 49.17 1.94
CA VAL YB 197 52.39 48.33 3.11
C VAL YB 197 53.24 49.11 4.11
N ILE YB 198 52.70 49.30 5.31
CA ILE YB 198 53.35 50.09 6.35
C ILE YB 198 53.75 49.15 7.48
N TYR YB 199 55.01 49.25 7.90
CA TYR YB 199 55.57 48.33 8.88
C TYR YB 199 56.79 48.98 9.51
N ASN YB 200 57.43 48.23 10.40
CA ASN YB 200 58.60 48.70 11.14
C ASN YB 200 59.79 47.81 10.79
N HIS YB 201 60.83 48.41 10.22
CA HIS YB 201 62.04 47.67 9.91
C HIS YB 201 62.92 47.56 11.16
N PHE YB 202 63.54 46.39 11.32
CA PHE YB 202 64.29 46.07 12.52
C PHE YB 202 65.78 46.24 12.21
N LYS YB 203 66.29 47.43 12.50
CA LYS YB 203 67.69 47.73 12.21
C LYS YB 203 68.60 47.01 13.20
N SER YB 204 68.40 47.25 14.49
CA SER YB 204 69.17 46.57 15.52
C SER YB 204 68.33 46.50 16.79
N ALA YB 205 68.89 45.84 17.81
CA ALA YB 205 68.14 45.52 19.02
C ALA YB 205 67.64 46.76 19.76
N VAL YB 206 68.13 47.95 19.41
CA VAL YB 206 67.71 49.18 20.09
C VAL YB 206 67.23 50.22 19.08
N ALA YB 207 67.08 49.83 17.82
CA ALA YB 207 66.76 50.79 16.77
C ALA YB 207 65.91 50.12 15.70
N TYR YB 208 64.79 50.76 15.37
CA TYR YB 208 63.94 50.33 14.26
C TYR YB 208 63.71 51.50 13.30
N ASP YB 209 62.83 51.31 12.31
CA ASP YB 209 62.56 52.36 11.33
C ASP YB 209 61.26 52.03 10.61
N THR YB 210 60.39 53.03 10.48
CA THR YB 210 59.10 52.87 9.85
C THR YB 210 59.21 53.15 8.35
N LEU YB 211 58.56 52.30 7.55
CA LEU YB 211 58.71 52.33 6.11
C LEU YB 211 57.35 52.14 5.45
N THR YB 212 57.28 52.53 4.18
CA THR YB 212 56.11 52.29 3.33
C THR YB 212 56.60 51.70 2.02
N LEU YB 213 56.04 50.54 1.65
CA LEU YB 213 56.42 49.82 0.44
C LEU YB 213 55.33 50.00 -0.61
N ASN YB 214 55.67 50.70 -1.69
CA ASN YB 214 54.82 50.73 -2.87
C ASN YB 214 54.94 49.39 -3.60
N VAL YB 215 53.83 48.66 -3.71
CA VAL YB 215 53.84 47.28 -4.17
C VAL YB 215 53.14 47.21 -5.52
N LEU YB 216 53.68 46.38 -6.40
CA LEU YB 216 53.13 46.24 -7.74
C LEU YB 216 51.87 45.39 -7.71
N THR YB 217 50.93 45.73 -8.58
CA THR YB 217 49.62 45.10 -8.66
C THR YB 217 49.37 44.65 -10.09
N PRO YB 218 48.33 43.83 -10.29
CA PRO YB 218 48.06 43.35 -11.66
C PRO YB 218 47.80 44.47 -12.65
N THR YB 219 47.11 45.54 -12.24
CA THR YB 219 46.89 46.66 -13.14
C THR YB 219 48.22 47.29 -13.56
N GLN YB 220 49.13 47.46 -12.61
CA GLN YB 220 50.43 48.06 -12.91
C GLN YB 220 51.32 47.11 -13.69
N ALA YB 221 51.03 45.81 -13.65
CA ALA YB 221 51.80 44.87 -14.46
C ALA YB 221 51.27 44.85 -15.88
N ALA YB 222 49.95 44.82 -16.04
CA ALA YB 222 49.34 44.84 -17.36
C ALA YB 222 49.64 46.13 -18.10
N GLN YB 223 49.78 47.26 -17.38
CA GLN YB 223 50.10 48.50 -18.07
C GLN YB 223 51.57 48.61 -18.44
N SER YB 224 52.38 47.59 -18.16
CA SER YB 224 53.78 47.56 -18.55
C SER YB 224 54.06 46.28 -19.33
N ALA YB 225 54.93 46.39 -20.33
CA ALA YB 225 55.32 45.24 -21.13
C ALA YB 225 56.38 44.38 -20.45
N LYS YB 226 56.90 44.80 -19.30
CA LYS YB 226 57.86 44.00 -18.55
C LYS YB 226 59.12 43.75 -19.37
N GLU YB 227 59.54 44.77 -20.12
CA GLU YB 227 60.79 44.67 -20.87
C GLU YB 227 62.00 44.52 -19.97
N GLN YB 228 61.89 44.90 -18.70
CA GLN YB 228 63.04 44.84 -17.80
C GLN YB 228 63.40 43.41 -17.44
N LEU YB 229 62.47 42.47 -17.58
CA LEU YB 229 62.72 41.06 -17.29
C LEU YB 229 63.08 40.26 -18.53
N ASN YB 230 63.27 40.93 -19.66
CA ASN YB 230 63.66 40.22 -20.88
C ASN YB 230 65.06 39.65 -20.80
N THR YB 231 65.88 40.14 -19.87
CA THR YB 231 67.18 39.53 -19.64
C THR YB 231 67.06 38.16 -18.99
N PHE YB 232 65.90 37.84 -18.42
CA PHE YB 232 65.71 36.60 -17.68
C PHE YB 232 64.97 35.60 -18.56
N GLU YB 233 65.37 34.34 -18.46
CA GLU YB 233 64.68 33.24 -19.12
C GLU YB 233 63.65 32.65 -18.15
N PHE YB 234 62.38 32.68 -18.56
CA PHE YB 234 61.30 32.09 -17.77
C PHE YB 234 60.97 30.71 -18.35
N GLU YB 235 61.08 29.68 -17.51
CA GLU YB 235 61.01 28.31 -18.03
C GLU YB 235 59.61 27.99 -18.54
N PRO YB 236 58.55 28.17 -17.77
CA PRO YB 236 57.24 28.46 -18.37
C PRO YB 236 57.21 29.89 -18.89
N GLU YB 237 56.33 30.11 -19.87
CA GLU YB 237 56.26 31.42 -20.51
C GLU YB 237 55.85 32.49 -19.49
N LYS YB 238 56.23 33.73 -19.80
CA LYS YB 238 56.03 34.82 -18.87
C LYS YB 238 54.55 35.02 -18.58
N THR YB 239 53.71 34.94 -19.61
CA THR YB 239 52.29 35.21 -19.44
C THR YB 239 51.62 34.15 -18.56
N ASP YB 240 52.15 32.93 -18.57
CA ASP YB 240 51.54 31.86 -17.81
C ASP YB 240 52.09 31.78 -16.39
N VAL YB 241 53.34 32.22 -16.19
CA VAL YB 241 53.96 32.14 -14.87
C VAL YB 241 53.86 33.44 -14.09
N TRP YB 242 53.47 34.54 -14.72
CA TRP YB 242 53.41 35.82 -14.02
C TRP YB 242 52.36 35.80 -12.91
N LYS YB 243 51.18 35.23 -13.19
CA LYS YB 243 50.11 35.25 -12.19
C LYS YB 243 50.45 34.38 -10.98
N ASP YB 244 51.25 33.34 -11.18
CA ASP YB 244 51.66 32.50 -10.05
C ASP YB 244 52.86 33.10 -9.32
N LEU YB 245 53.68 33.86 -10.03
CA LEU YB 245 54.80 34.55 -9.40
C LEU YB 245 54.32 35.74 -8.57
N GLN YB 246 53.25 36.39 -9.00
CA GLN YB 246 52.80 37.61 -8.32
C GLN YB 246 52.22 37.29 -6.94
N ASP YB 247 51.53 36.16 -6.81
CA ASP YB 247 51.01 35.77 -5.51
C ASP YB 247 52.14 35.43 -4.55
N PHE YB 248 53.18 34.73 -5.05
CA PHE YB 248 54.36 34.49 -4.25
C PHE YB 248 55.01 35.81 -3.82
N TYR YB 249 55.05 36.78 -4.72
CA TYR YB 249 55.63 38.08 -4.38
C TYR YB 249 54.84 38.76 -3.26
N TYR YB 250 53.51 38.77 -3.40
CA TYR YB 250 52.65 39.29 -2.35
C TYR YB 250 52.94 38.61 -1.01
N ALA YB 251 52.95 37.28 -1.00
CA ALA YB 251 53.14 36.54 0.25
C ALA YB 251 54.50 36.85 0.87
N CYS YB 252 55.56 36.78 0.08
CA CYS YB 252 56.90 37.04 0.61
C CYS YB 252 57.03 38.47 1.12
N THR YB 253 56.41 39.44 0.44
CA THR YB 253 56.47 40.81 0.90
C THR YB 253 55.91 40.94 2.33
N VAL YB 254 54.68 40.49 2.53
CA VAL YB 254 54.06 40.53 3.85
C VAL YB 254 54.91 39.79 4.88
N PHE YB 255 55.49 38.65 4.49
CA PHE YB 255 56.21 37.81 5.43
C PHE YB 255 57.37 38.56 6.09
N GLY YB 256 58.30 39.07 5.27
CA GLY YB 256 59.46 39.75 5.83
C GLY YB 256 59.07 41.01 6.57
N CYS YB 257 58.11 41.76 6.03
CA CYS YB 257 57.67 42.98 6.68
C CYS YB 257 57.18 42.69 8.09
N MET YB 258 56.34 41.66 8.24
CA MET YB 258 55.79 41.35 9.55
C MET YB 258 56.85 40.78 10.49
N LEU YB 259 57.81 40.01 9.97
CA LEU YB 259 58.91 39.58 10.82
C LEU YB 259 59.67 40.78 11.38
N ASP YB 260 60.00 41.74 10.52
CA ASP YB 260 60.70 42.93 10.97
C ASP YB 260 59.86 43.70 11.99
N ASN YB 261 58.55 43.81 11.75
CA ASN YB 261 57.69 44.51 12.69
C ASN YB 261 57.67 43.81 14.03
N ILE YB 262 57.66 42.48 14.04
CA ILE YB 262 57.66 41.73 15.29
C ILE YB 262 58.94 42.00 16.07
N ALA YB 263 60.08 41.96 15.38
CA ALA YB 263 61.35 42.21 16.06
C ALA YB 263 61.39 43.62 16.64
N SER YB 264 60.93 44.61 15.86
CA SER YB 264 60.88 45.97 16.37
C SER YB 264 59.97 46.08 17.58
N GLU YB 265 58.82 45.41 17.52
CA GLU YB 265 57.90 45.36 18.65
C GLU YB 265 58.60 44.84 19.90
N GLN YB 266 59.36 43.75 19.77
CA GLN YB 266 59.99 43.17 20.94
C GLN YB 266 61.07 44.07 21.50
N SER YB 267 61.83 44.73 20.62
CA SER YB 267 62.82 45.69 21.09
C SER YB 267 62.16 46.82 21.87
N ALA YB 268 61.08 47.37 21.32
CA ALA YB 268 60.36 48.44 22.02
C ALA YB 268 59.77 47.93 23.33
N ARG YB 269 59.36 46.67 23.39
CA ARG YB 269 58.85 46.10 24.63
C ARG YB 269 59.94 46.07 25.69
N MET YB 270 61.13 45.62 25.32
CA MET YB 270 62.24 45.63 26.28
C MET YB 270 62.52 47.05 26.77
N SER YB 271 62.53 48.02 25.86
CA SER YB 271 62.78 49.40 26.28
C SER YB 271 61.70 49.88 27.24
N ALA YB 272 60.43 49.53 26.96
CA ALA YB 272 59.34 49.94 27.82
C ALA YB 272 59.46 49.31 29.20
N MET YB 273 59.85 48.03 29.26
CA MET YB 273 60.05 47.38 30.54
C MET YB 273 61.16 48.07 31.33
N ASP YB 274 62.23 48.48 30.65
CA ASP YB 274 63.30 49.23 31.31
C ASP YB 274 62.74 50.52 31.93
N ASN YB 275 62.04 51.31 31.12
CA ASN YB 275 61.54 52.60 31.60
C ASN YB 275 60.54 52.40 32.74
N ALA YB 276 59.73 51.35 32.67
CA ALA YB 276 58.73 51.10 33.70
C ALA YB 276 59.41 50.69 35.00
N SER YB 277 60.41 49.83 34.95
CA SER YB 277 61.12 49.45 36.16
C SER YB 277 61.81 50.66 36.79
N THR YB 278 62.40 51.52 35.97
CA THR YB 278 63.05 52.71 36.51
C THR YB 278 62.04 53.63 37.21
N ASN YB 279 60.92 53.91 36.54
CA ASN YB 279 59.90 54.76 37.14
C ASN YB 279 59.33 54.13 38.41
N ALA YB 280 59.21 52.80 38.43
CA ALA YB 280 58.74 52.13 39.63
C ALA YB 280 59.72 52.28 40.78
N GLY YB 281 61.02 52.19 40.49
CA GLY YB 281 62.00 52.44 41.54
C GLY YB 281 61.93 53.84 42.10
N GLU YB 282 61.78 54.83 41.21
CA GLU YB 282 61.62 56.21 41.67
C GLU YB 282 60.39 56.37 42.56
N MET YB 283 59.25 55.83 42.10
CA MET YB 283 58.03 55.94 42.89
C MET YB 283 58.18 55.22 44.22
N ILE YB 284 58.89 54.10 44.26
CA ILE YB 284 59.10 53.40 45.51
C ILE YB 284 59.92 54.23 46.47
N SER YB 285 60.95 54.92 45.95
CA SER YB 285 61.72 55.82 46.81
C SER YB 285 60.83 56.91 47.40
N SER YB 286 60.05 57.57 46.55
CA SER YB 286 59.18 58.65 47.02
C SER YB 286 58.19 58.13 48.06
N LEU YB 287 57.56 56.99 47.79
CA LEU YB 287 56.58 56.45 48.72
C LEU YB 287 57.23 56.00 50.01
N THR YB 288 58.48 55.55 49.97
CA THR YB 288 59.19 55.22 51.20
C THR YB 288 59.39 56.46 52.06
N LEU YB 289 59.82 57.56 51.43
CA LEU YB 289 59.95 58.82 52.15
C LEU YB 289 58.62 59.21 52.80
N ARG YB 290 57.54 59.19 52.02
CA ARG YB 290 56.23 59.58 52.55
C ARG YB 290 55.80 58.64 53.67
N TYR YB 291 56.09 57.35 53.54
CA TYR YB 291 55.71 56.37 54.55
C TYR YB 291 56.42 56.68 55.87
N ASN YB 292 57.71 56.96 55.80
CA ASN YB 292 58.44 57.26 57.04
C ASN YB 292 57.93 58.56 57.66
N ARG YB 293 57.64 59.56 56.83
CA ARG YB 293 57.06 60.81 57.34
C ARG YB 293 55.76 60.53 58.08
N ALA YB 294 54.84 59.79 57.46
CA ALA YB 294 53.56 59.51 58.09
C ALA YB 294 53.72 58.64 59.33
N ARG YB 295 54.71 57.74 59.33
CA ARG YB 295 54.98 56.94 60.52
C ARG YB 295 55.37 57.84 61.70
N GLN YB 296 56.33 58.73 61.47
CA GLN YB 296 56.72 59.66 62.52
C GLN YB 296 55.55 60.52 62.96
N ALA YB 297 54.72 60.97 62.01
CA ALA YB 297 53.56 61.78 62.39
C ALA YB 297 52.59 61.01 63.26
N LYS YB 298 52.30 59.75 62.90
CA LYS YB 298 51.43 58.92 63.71
C LYS YB 298 51.98 58.74 65.11
N ILE YB 299 53.28 58.45 65.21
CA ILE YB 299 53.91 58.24 66.51
C ILE YB 299 53.77 59.49 67.36
N THR YB 300 54.14 60.65 66.80
CA THR YB 300 54.05 61.90 67.55
C THR YB 300 52.61 62.19 67.99
N THR YB 301 51.65 61.96 67.09
CA THR YB 301 50.26 62.26 67.42
C THR YB 301 49.76 61.38 68.57
N GLU YB 302 49.99 60.06 68.46
CA GLU YB 302 49.56 59.16 69.52
C GLU YB 302 50.25 59.49 70.83
N LEU YB 303 51.54 59.85 70.78
CA LEU YB 303 52.26 60.14 72.00
C LEU YB 303 51.74 61.42 72.65
N VAL YB 304 51.41 62.43 71.84
CA VAL YB 304 50.87 63.67 72.40
C VAL YB 304 49.49 63.40 72.99
N GLU YB 305 48.70 62.55 72.34
CA GLU YB 305 47.41 62.16 72.91
C GLU YB 305 47.59 61.52 74.28
N ILE YB 306 48.53 60.58 74.38
CA ILE YB 306 48.77 59.89 75.64
C ILE YB 306 49.21 60.89 76.71
N ILE YB 307 50.12 61.80 76.33
CA ILE YB 307 50.65 62.75 77.32
C ILE YB 307 49.55 63.69 77.80
N SER YB 308 48.73 64.21 76.88
CA SER YB 308 47.65 65.09 77.30
C SER YB 308 46.59 64.37 78.12
N GLY YB 309 46.35 63.09 77.83
CA GLY YB 309 45.45 62.33 78.68
C GLY YB 309 46.05 61.96 80.02
N ALA YB 310 47.37 62.00 80.14
CA ALA YB 310 48.00 61.71 81.42
C ALA YB 310 48.12 62.97 82.25
N ASN YB 311 48.23 64.13 81.60
CA ASN YB 311 48.32 65.41 82.27
C ASN YB 311 46.96 66.09 82.45
N ALA YB 312 45.88 65.46 81.99
CA ALA YB 312 44.54 66.02 82.14
C ALA YB 312 43.78 65.41 83.30
N LEU YB 313 44.49 64.88 84.30
CA LEU YB 313 43.85 64.26 85.45
C LEU YB 313 43.72 65.26 86.60
N PHE ZB 41 86.47 36.45 -5.36
CA PHE ZB 41 86.65 35.29 -4.50
C PHE ZB 41 87.19 34.12 -5.30
N LYS ZB 42 86.28 33.33 -5.87
CA LYS ZB 42 86.66 32.17 -6.68
C LYS ZB 42 85.64 32.01 -7.79
N ASN ZB 43 85.99 31.19 -8.78
CA ASN ZB 43 85.10 30.93 -9.91
C ASN ZB 43 84.24 29.69 -9.62
N GLN ZB 44 83.53 29.76 -8.50
CA GLN ZB 44 82.62 28.71 -8.08
C GLN ZB 44 81.16 29.14 -8.25
N LEU ZB 45 80.26 28.28 -7.79
CA LEU ZB 45 78.82 28.52 -7.78
C LEU ZB 45 78.36 28.69 -6.34
N LEU ZB 46 77.90 29.89 -6.02
CA LEU ZB 46 77.44 30.28 -4.69
C LEU ZB 46 75.97 29.92 -4.59
N LEU ZB 47 75.67 28.76 -4.02
CA LEU ZB 47 74.29 28.34 -3.83
C LEU ZB 47 73.75 28.90 -2.53
N THR ZB 48 72.48 29.31 -2.55
CA THR ZB 48 71.68 29.47 -1.34
C THR ZB 48 70.36 28.72 -1.53
N LEU ZB 49 70.17 27.67 -0.75
CA LEU ZB 49 68.97 26.84 -0.79
C LEU ZB 49 68.20 27.10 0.49
N SER ZB 50 66.99 27.65 0.35
CA SER ZB 50 66.32 28.24 1.50
C SER ZB 50 64.83 27.92 1.48
N SER ZB 51 64.32 27.55 2.64
CA SER ZB 51 62.91 27.51 2.97
C SER ZB 51 62.61 28.58 4.01
N PRO ZB 52 61.33 28.82 4.29
CA PRO ZB 52 61.01 29.82 5.33
C PRO ZB 52 61.50 29.43 6.71
N SER ZB 53 61.43 28.15 7.04
CA SER ZB 53 61.74 27.69 8.39
C SER ZB 53 63.23 27.42 8.60
N GLU ZB 54 64.00 27.28 7.54
CA GLU ZB 54 65.42 26.93 7.67
C GLU ZB 54 66.15 27.27 6.38
N ALA ZB 55 67.27 27.97 6.51
CA ALA ZB 55 68.19 28.23 5.41
C ALA ZB 55 69.29 27.18 5.45
N ILE ZB 56 69.27 26.26 4.49
CA ILE ZB 56 70.24 25.17 4.48
C ILE ZB 56 71.60 25.64 3.96
N TYR ZB 57 71.60 26.53 2.97
CA TYR ZB 57 72.83 27.12 2.46
C TYR ZB 57 72.63 28.61 2.26
N VAL ZB 58 73.73 29.36 2.35
CA VAL ZB 58 73.71 30.82 2.32
C VAL ZB 58 74.64 31.34 1.23
N ARG ZB 59 75.91 30.93 1.26
CA ARG ZB 59 76.86 31.25 0.21
C ARG ZB 59 77.74 30.03 -0.08
N THR ZB 60 77.13 28.86 -0.12
CA THR ZB 60 77.91 27.64 -0.24
C THR ZB 60 78.53 27.56 -1.63
N PRO ZB 61 79.85 27.39 -1.74
CA PRO ZB 61 80.46 27.21 -3.07
C PRO ZB 61 80.34 25.76 -3.51
N VAL ZB 62 79.73 25.55 -4.69
CA VAL ZB 62 79.50 24.22 -5.23
C VAL ZB 62 79.95 24.19 -6.69
N ARG ZB 63 79.88 23.01 -7.28
CA ARG ZB 63 80.23 22.79 -8.68
C ARG ZB 63 79.01 22.67 -9.58
N SER ZB 64 78.04 21.83 -9.20
CA SER ZB 64 76.85 21.61 -10.01
C SER ZB 64 75.68 21.33 -9.09
N VAL ZB 65 74.49 21.78 -9.48
CA VAL ZB 65 73.29 21.63 -8.69
C VAL ZB 65 72.12 21.27 -9.60
N THR ZB 66 71.51 20.10 -9.35
CA THR ZB 66 70.38 19.64 -10.13
C THR ZB 66 69.08 20.03 -9.42
N VAL ZB 67 68.08 20.42 -10.21
CA VAL ZB 67 66.84 20.95 -9.66
C VAL ZB 67 65.66 20.50 -10.50
N PRO ZB 68 64.52 20.13 -9.90
CA PRO ZB 68 63.36 19.62 -10.64
C PRO ZB 68 62.37 20.69 -11.13
N GLY ZB 69 62.70 21.30 -12.25
CA GLY ZB 69 61.84 22.31 -12.83
C GLY ZB 69 60.46 21.78 -13.14
N SER ZB 70 59.54 22.70 -13.43
CA SER ZB 70 58.15 22.32 -13.67
C SER ZB 70 58.02 21.53 -14.96
N GLU ZB 71 58.81 21.87 -15.98
CA GLU ZB 71 58.84 21.06 -17.19
C GLU ZB 71 59.59 19.76 -16.94
N GLY ZB 72 60.85 19.87 -16.51
CA GLY ZB 72 61.64 18.70 -16.17
C GLY ZB 72 62.86 19.11 -15.37
N ALA ZB 73 63.56 18.11 -14.85
CA ALA ZB 73 64.78 18.35 -14.11
C ALA ZB 73 65.84 18.98 -15.01
N MET ZB 74 66.74 19.72 -14.38
CA MET ZB 74 67.85 20.36 -15.08
C MET ZB 74 68.92 20.71 -14.04
N THR ZB 75 70.14 20.91 -14.54
CA THR ZB 75 71.31 21.05 -13.67
C THR ZB 75 71.99 22.38 -13.95
N MET ZB 76 72.13 23.19 -12.91
CA MET ZB 76 72.77 24.49 -12.98
C MET ZB 76 74.22 24.39 -12.52
N THR ZB 77 75.11 25.03 -13.26
CA THR ZB 77 76.53 25.10 -12.94
C THR ZB 77 76.99 26.55 -13.12
N ASN ZB 78 78.24 26.81 -12.80
CA ASN ZB 78 78.80 28.12 -13.08
C ASN ZB 78 78.81 28.36 -14.59
N GLY ZB 79 78.57 29.61 -14.98
CA GLY ZB 79 78.46 29.97 -16.37
C GLY ZB 79 77.05 29.84 -16.93
N HIS ZB 80 76.17 29.13 -16.24
CA HIS ZB 80 74.78 29.01 -16.68
C HIS ZB 80 74.14 30.38 -16.83
N SER ZB 81 73.19 30.46 -17.78
CA SER ZB 81 72.58 31.73 -18.12
C SER ZB 81 71.65 32.20 -17.00
N GLN ZB 82 71.43 33.50 -16.96
CA GLN ZB 82 70.39 34.07 -16.10
C GLN ZB 82 69.04 33.46 -16.49
N THR ZB 83 68.37 32.84 -15.52
CA THR ZB 83 67.10 32.20 -15.82
C THR ZB 83 66.22 32.16 -14.58
N VAL ZB 84 64.92 32.03 -14.82
CA VAL ZB 84 63.92 31.80 -13.77
C VAL ZB 84 63.11 30.57 -14.16
N ALA ZB 85 62.76 29.76 -13.17
CA ALA ZB 85 62.00 28.55 -13.42
C ALA ZB 85 61.15 28.22 -12.20
N ARG ZB 86 59.99 27.61 -12.46
CA ARG ZB 86 59.10 27.14 -11.42
C ARG ZB 86 59.34 25.65 -11.20
N LEU ZB 87 59.30 25.22 -9.95
CA LEU ZB 87 59.54 23.83 -9.60
C LEU ZB 87 58.25 23.14 -9.17
N LYS ZB 88 58.25 21.82 -9.33
CA LYS ZB 88 57.05 20.99 -9.14
C LYS ZB 88 57.19 20.03 -7.98
N ALA ZB 89 58.28 19.29 -7.91
CA ALA ZB 89 58.59 18.39 -6.80
C ALA ZB 89 59.90 17.69 -7.11
N GLY ZB 90 60.54 17.13 -6.08
CA GLY ZB 90 61.56 16.13 -6.26
C GLY ZB 90 62.83 16.49 -5.51
N GLU ZB 91 63.93 15.85 -5.91
CA GLU ZB 91 65.15 15.76 -5.11
C GLU ZB 91 66.22 16.65 -5.73
N ILE ZB 92 66.38 17.84 -5.16
CA ILE ZB 92 67.58 18.63 -5.43
C ILE ZB 92 68.81 17.84 -5.03
N ILE ZB 93 69.87 17.97 -5.83
CA ILE ZB 93 71.11 17.21 -5.65
C ILE ZB 93 72.27 18.19 -5.76
N VAL ZB 94 72.92 18.48 -4.64
CA VAL ZB 94 74.00 19.46 -4.56
C VAL ZB 94 75.33 18.73 -4.57
N ARG ZB 95 76.35 19.37 -5.14
CA ARG ZB 95 77.67 18.77 -5.32
C ARG ZB 95 78.72 19.84 -5.09
N LYS ZB 96 79.39 19.78 -3.94
CA LYS ZB 96 80.35 20.81 -3.59
C LYS ZB 96 81.64 20.67 -4.39
N GLY ZB 97 82.42 21.76 -4.42
CA GLY ZB 97 83.74 21.69 -5.01
C GLY ZB 97 84.70 20.85 -4.21
N GLU ZB 98 84.61 20.91 -2.88
CA GLU ZB 98 85.42 20.04 -2.04
C GLU ZB 98 85.01 18.58 -2.20
N THR ZB 99 83.72 18.32 -2.44
CA THR ZB 99 83.25 16.96 -2.61
C THR ZB 99 83.60 16.43 -4.00
N GLY ZB 100 83.03 17.03 -5.04
CA GLY ZB 100 83.20 16.52 -6.38
C GLY ZB 100 82.35 15.30 -6.64
N ASP ZB 101 82.66 14.20 -5.96
CA ASP ZB 101 81.89 12.96 -6.08
C ASP ZB 101 80.77 12.87 -5.06
N GLU ZB 102 81.04 13.25 -3.81
CA GLU ZB 102 80.01 13.17 -2.78
C GLU ZB 102 78.95 14.24 -3.01
N VAL ZB 103 77.74 13.98 -2.52
CA VAL ZB 103 76.56 14.75 -2.88
C VAL ZB 103 75.77 15.07 -1.61
N GLU ZB 104 74.70 15.83 -1.78
CA GLU ZB 104 73.73 16.08 -0.72
C GLU ZB 104 72.35 16.18 -1.36
N ARG ZB 105 71.43 15.35 -0.89
CA ARG ZB 105 70.08 15.28 -1.45
C ARG ZB 105 69.08 15.98 -0.55
N PHE ZB 106 68.18 16.75 -1.17
CA PHE ZB 106 67.14 17.48 -0.47
C PHE ZB 106 65.87 17.43 -1.30
N PHE ZB 107 64.76 17.09 -0.66
CA PHE ZB 107 63.46 17.08 -1.32
C PHE ZB 107 62.76 18.43 -1.18
N LEU ZB 108 62.26 18.93 -2.32
CA LEU ZB 108 61.56 20.20 -2.40
C LEU ZB 108 60.14 19.96 -2.89
N SER ZB 109 59.18 20.65 -2.27
CA SER ZB 109 57.79 20.55 -2.71
C SER ZB 109 57.53 21.48 -3.90
N ASP ZB 110 57.67 22.79 -3.67
CA ASP ZB 110 57.34 23.78 -4.69
C ASP ZB 110 58.15 25.04 -4.42
N GLY ZB 111 58.31 25.83 -5.46
CA GLY ZB 111 59.00 27.11 -5.33
C GLY ZB 111 59.61 27.50 -6.67
N PHE ZB 112 60.70 28.27 -6.57
CA PHE ZB 112 61.28 28.96 -7.71
C PHE ZB 112 62.79 28.86 -7.62
N VAL ZB 113 63.45 29.14 -8.74
CA VAL ZB 113 64.90 29.18 -8.82
C VAL ZB 113 65.32 30.42 -9.59
N LEU ZB 114 66.38 31.07 -9.12
CA LEU ZB 114 66.88 32.33 -9.68
C LEU ZB 114 68.39 32.23 -9.82
N PHE ZB 115 68.87 32.14 -11.05
CA PHE ZB 115 70.30 32.05 -11.33
C PHE ZB 115 70.78 33.40 -11.84
N LYS ZB 116 71.73 34.01 -11.13
CA LYS ZB 116 72.22 35.34 -11.45
C LYS ZB 116 73.69 35.29 -11.84
N SER ZB 117 74.03 35.97 -12.93
CA SER ZB 117 75.39 35.94 -13.45
C SER ZB 117 76.36 36.50 -12.43
N PRO ZB 118 77.66 36.23 -12.60
CA PRO ZB 118 78.64 36.66 -11.59
C PRO ZB 118 79.04 38.11 -11.78
N GLU ZB 119 79.06 38.86 -10.68
CA GLU ZB 119 79.62 40.21 -10.70
C GLU ZB 119 81.09 40.17 -11.12
N ASP ZB 120 81.52 41.27 -11.74
CA ASP ZB 120 82.87 41.32 -12.32
C ASP ZB 120 83.94 41.21 -11.23
N ASP ZB 121 83.69 41.76 -10.05
CA ASP ZB 121 84.68 41.75 -8.98
C ASP ZB 121 84.55 40.53 -8.08
N SER ZB 122 83.36 39.95 -8.00
CA SER ZB 122 83.18 38.77 -7.16
C SER ZB 122 83.93 37.57 -7.73
N GLY ZB 123 83.97 37.45 -9.06
CA GLY ZB 123 84.57 36.27 -9.68
C GLY ZB 123 83.78 34.99 -9.50
N CYS ZB 124 82.59 35.04 -8.91
CA CYS ZB 124 81.84 33.85 -8.53
C CYS ZB 124 80.38 34.06 -8.90
N CYS ZB 125 79.71 32.97 -9.28
CA CYS ZB 125 78.38 33.07 -9.87
C CYS ZB 125 77.37 32.45 -8.93
N THR ZB 126 76.23 33.12 -8.74
CA THR ZB 126 75.33 32.85 -7.62
C THR ZB 126 74.01 32.26 -8.10
N ALA ZB 127 73.35 31.56 -7.19
CA ALA ZB 127 72.10 30.85 -7.47
C ALA ZB 127 71.28 30.76 -6.20
N GLU ZB 128 69.96 30.90 -6.34
CA GLU ZB 128 69.04 30.95 -5.21
C GLU ZB 128 67.87 30.01 -5.47
N VAL ZB 129 67.74 29.00 -4.62
CA VAL ZB 129 66.69 27.99 -4.75
C VAL ZB 129 65.74 28.15 -3.58
N LEU ZB 130 64.55 28.69 -3.85
CA LEU ZB 130 63.57 28.99 -2.81
C LEU ZB 130 62.47 27.93 -2.85
N GLY ZB 131 62.20 27.34 -1.70
CA GLY ZB 131 61.20 26.29 -1.60
C GLY ZB 131 60.26 26.52 -0.43
N VAL ZB 132 58.97 26.28 -0.69
CA VAL ZB 132 57.96 26.48 0.35
C VAL ZB 132 58.08 25.44 1.44
N GLU ZB 133 58.65 24.27 1.13
CA GLU ZB 133 58.91 23.25 2.15
C GLU ZB 133 60.05 22.39 1.63
N VAL ZB 134 61.23 22.54 2.23
CA VAL ZB 134 62.42 21.82 1.81
C VAL ZB 134 62.83 20.87 2.93
N VAL ZB 135 62.65 19.57 2.70
CA VAL ZB 135 63.07 18.55 3.65
C VAL ZB 135 64.29 17.87 3.08
N PRO ZB 136 65.13 17.23 3.89
CA PRO ZB 136 66.06 16.23 3.36
C PRO ZB 136 65.34 14.93 3.04
N VAL ZB 137 66.08 14.03 2.37
CA VAL ZB 137 65.52 12.73 2.05
C VAL ZB 137 65.65 11.77 3.22
N SER ZB 138 66.61 12.00 4.10
CA SER ZB 138 66.76 11.16 5.30
C SER ZB 138 65.52 11.23 6.18
N MET ZB 139 64.79 12.35 6.14
CA MET ZB 139 63.68 12.59 7.04
C MET ZB 139 62.34 12.22 6.42
N LEU ZB 140 62.35 11.46 5.34
CA LEU ZB 140 61.13 11.11 4.62
C LEU ZB 140 60.71 9.69 4.97
N ASP ZB 141 59.44 9.40 4.72
CA ASP ZB 141 58.86 8.11 5.03
C ASP ZB 141 57.95 7.67 3.89
N LYS ZB 142 57.95 6.37 3.59
CA LYS ZB 142 57.14 5.83 2.52
C LYS ZB 142 55.80 5.30 3.01
N GLU ZB 143 55.69 4.99 4.30
CA GLU ZB 143 54.46 4.42 4.84
C GLU ZB 143 53.44 5.51 5.11
N SER ZB 144 53.82 6.55 5.85
CA SER ZB 144 52.91 7.68 6.02
C SER ZB 144 52.63 8.35 4.67
N ALA ZB 145 53.60 8.31 3.77
CA ALA ZB 145 53.39 8.79 2.41
C ALA ZB 145 52.25 8.03 1.73
N ALA ZB 146 52.32 6.69 1.75
CA ALA ZB 146 51.26 5.91 1.10
C ALA ZB 146 49.94 6.02 1.83
N THR ZB 147 49.97 6.18 3.14
CA THR ZB 147 48.73 6.40 3.89
C THR ZB 147 48.07 7.71 3.50
N ALA ZB 148 48.86 8.78 3.38
CA ALA ZB 148 48.31 10.06 2.94
C ALA ZB 148 47.82 9.99 1.51
N LEU ZB 149 48.52 9.25 0.65
CA LEU ZB 149 48.03 9.03 -0.72
C LEU ZB 149 46.68 8.33 -0.70
N GLN ZB 150 46.54 7.30 0.13
CA GLN ZB 150 45.28 6.58 0.23
C GLN ZB 150 44.17 7.49 0.72
N GLU ZB 151 44.44 8.29 1.74
CA GLU ZB 151 43.42 9.18 2.27
C GLU ZB 151 43.07 10.29 1.29
N LEU ZB 152 44.04 10.76 0.52
CA LEU ZB 152 43.76 11.74 -0.53
C LEU ZB 152 42.85 11.15 -1.59
N LEU ZB 153 43.17 9.94 -2.07
CA LEU ZB 153 42.31 9.29 -3.05
C LEU ZB 153 40.92 9.04 -2.47
N GLN ZB 154 40.84 8.72 -1.18
CA GLN ZB 154 39.55 8.52 -0.55
C GLN ZB 154 38.74 9.81 -0.55
N GLN ZB 155 39.39 10.93 -0.22
CA GLN ZB 155 38.68 12.20 -0.18
C GLN ZB 155 38.26 12.64 -1.58
N GLY ZB 156 39.13 12.41 -2.57
CA GLY ZB 156 38.85 12.84 -3.92
C GLY ZB 156 37.99 11.91 -4.74
N ALA ZB 157 37.66 10.73 -4.19
CA ALA ZB 157 36.76 9.82 -4.90
C ALA ZB 157 35.41 10.47 -5.13
N GLY ZB 158 34.96 11.30 -4.18
CA GLY ZB 158 33.76 12.07 -4.37
C GLY ZB 158 34.06 13.32 -5.19
N ALA ZB 159 34.44 13.12 -6.45
CA ALA ZB 159 34.92 14.22 -7.29
C ALA ZB 159 33.73 15.08 -7.70
N THR ZB 160 33.58 16.22 -7.05
CA THR ZB 160 32.59 17.21 -7.41
C THR ZB 160 33.20 18.57 -7.74
N ASP ZB 161 34.12 19.06 -6.94
CA ASP ZB 161 34.68 20.38 -7.14
C ASP ZB 161 35.98 20.32 -7.94
N GLU ZB 162 36.19 21.37 -8.74
CA GLU ZB 162 37.39 21.45 -9.55
C GLU ZB 162 38.63 21.51 -8.67
N TRP ZB 163 38.57 22.29 -7.58
CA TRP ZB 163 39.74 22.42 -6.73
C TRP ZB 163 40.01 21.10 -6.00
N THR ZB 164 38.97 20.34 -5.68
CA THR ZB 164 39.16 19.07 -5.00
C THR ZB 164 39.81 18.06 -5.95
N LYS ZB 165 39.31 17.97 -7.18
CA LYS ZB 165 39.94 17.09 -8.17
C LYS ZB 165 41.39 17.50 -8.41
N ALA ZB 166 41.64 18.80 -8.62
CA ALA ZB 166 42.99 19.26 -8.86
C ALA ZB 166 43.91 18.94 -7.68
N ARG ZB 167 43.42 19.16 -6.46
CA ARG ZB 167 44.23 18.88 -5.29
C ARG ZB 167 44.54 17.39 -5.18
N THR ZB 168 43.57 16.55 -5.51
CA THR ZB 168 43.80 15.10 -5.51
C THR ZB 168 44.88 14.73 -6.51
N LEU ZB 169 44.80 15.29 -7.71
CA LEU ZB 169 45.79 14.96 -8.75
C LEU ZB 169 47.18 15.45 -8.35
N LEU ZB 170 47.27 16.67 -7.82
CA LEU ZB 170 48.57 17.22 -7.47
C LEU ZB 170 49.16 16.51 -6.26
N GLY ZB 171 48.32 16.11 -5.31
CA GLY ZB 171 48.79 15.29 -4.21
C GLY ZB 171 49.29 13.94 -4.69
N GLN ZB 172 48.60 13.34 -5.67
CA GLN ZB 172 49.10 12.11 -6.27
C GLN ZB 172 50.49 12.32 -6.85
N GLU ZB 173 50.66 13.40 -7.61
CA GLU ZB 173 51.97 13.72 -8.18
C GLU ZB 173 53.04 13.81 -7.09
N LEU ZB 174 52.81 14.66 -6.09
CA LEU ZB 174 53.84 14.93 -5.10
C LEU ZB 174 54.13 13.68 -4.27
N LEU ZB 175 53.10 12.90 -3.95
CA LEU ZB 175 53.30 11.72 -3.12
C LEU ZB 175 54.01 10.62 -3.89
N SER ZB 176 53.70 10.48 -5.19
CA SER ZB 176 54.48 9.56 -6.02
C SER ZB 176 55.95 9.99 -6.07
N SER ZB 177 56.20 11.29 -6.16
CA SER ZB 177 57.58 11.77 -6.16
C SER ZB 177 58.27 11.46 -4.84
N VAL ZB 178 57.55 11.65 -3.73
CA VAL ZB 178 58.10 11.33 -2.41
C VAL ZB 178 58.44 9.85 -2.32
N ILE ZB 179 57.53 8.99 -2.77
CA ILE ZB 179 57.75 7.55 -2.71
C ILE ZB 179 58.97 7.16 -3.54
N ARG ZB 180 59.03 7.67 -4.78
CA ARG ZB 180 60.18 7.38 -5.64
C ARG ZB 180 61.49 7.96 -5.12
N ALA ZB 181 61.44 8.99 -4.29
CA ALA ZB 181 62.67 9.64 -3.82
C ALA ZB 181 63.15 9.14 -2.48
N ALA ZB 182 62.26 8.63 -1.62
CA ALA ZB 182 62.66 8.17 -0.32
C ALA ZB 182 63.48 6.89 -0.44
N PRO ZB 183 64.32 6.58 0.57
CA PRO ZB 183 65.24 5.45 0.48
C PRO ZB 183 64.64 4.14 0.97
N MET AC 1 46.54 24.73 -13.88
CA MET AC 1 45.49 23.91 -13.21
C MET AC 1 44.76 24.69 -12.13
N TRP AC 2 45.23 25.91 -11.85
CA TRP AC 2 44.71 26.68 -10.73
C TRP AC 2 44.01 27.95 -11.16
N ARG AC 3 44.52 28.63 -12.18
CA ARG AC 3 43.78 29.75 -12.76
C ARG AC 3 42.51 29.30 -13.46
N SER AC 4 42.44 28.03 -13.85
CA SER AC 4 41.19 27.46 -14.36
C SER AC 4 40.25 27.08 -13.22
N SER AC 5 40.77 26.47 -12.17
CA SER AC 5 39.98 26.07 -11.01
C SER AC 5 39.63 27.23 -10.10
N GLY AC 6 40.10 28.45 -10.40
CA GLY AC 6 39.87 29.59 -9.54
C GLY AC 6 40.57 29.45 -8.22
N VAL AC 7 41.87 29.20 -8.29
CA VAL AC 7 42.70 28.93 -7.11
C VAL AC 7 44.03 29.65 -7.30
N SER AC 8 44.60 30.11 -6.19
CA SER AC 8 45.86 30.82 -6.20
C SER AC 8 47.04 29.89 -6.00
N PHE AC 9 48.20 30.32 -6.51
CA PHE AC 9 49.41 29.54 -6.35
C PHE AC 9 49.82 29.44 -4.89
N THR AC 10 49.53 30.48 -4.11
CA THR AC 10 49.86 30.43 -2.69
C THR AC 10 48.99 29.41 -1.98
N ARG AC 11 47.70 29.38 -2.31
CA ARG AC 11 46.79 28.39 -1.75
C ARG AC 11 47.26 26.98 -2.10
N TYR AC 12 47.56 26.75 -3.38
CA TYR AC 12 48.02 25.43 -3.80
C TYR AC 12 49.31 25.04 -3.10
N ALA AC 13 50.26 25.97 -3.00
CA ALA AC 13 51.54 25.66 -2.38
C ALA AC 13 51.35 25.32 -0.90
N SER AC 14 50.50 26.07 -0.20
CA SER AC 14 50.25 25.79 1.21
C SER AC 14 49.58 24.44 1.37
N GLU AC 15 48.53 24.18 0.60
CA GLU AC 15 47.78 22.94 0.72
C GLU AC 15 48.62 21.72 0.32
N MET AC 16 49.68 21.92 -0.47
CA MET AC 16 50.58 20.81 -0.80
C MET AC 16 51.69 20.66 0.23
N ALA AC 17 52.17 21.78 0.79
CA ALA AC 17 53.13 21.69 1.88
C ALA AC 17 52.51 21.02 3.09
N ALA AC 18 51.19 21.18 3.27
CA ALA AC 18 50.50 20.46 4.34
C ALA AC 18 50.62 18.95 4.16
N LEU AC 19 50.32 18.45 2.96
CA LEU AC 19 50.45 17.03 2.70
C LEU AC 19 51.89 16.56 2.87
N LEU AC 20 52.86 17.35 2.39
CA LEU AC 20 54.24 16.97 2.60
C LEU AC 20 54.56 16.88 4.09
N ARG AC 21 54.08 17.84 4.88
CA ARG AC 21 54.30 17.80 6.31
C ARG AC 21 53.64 16.59 6.94
N GLN AC 22 52.51 16.14 6.38
CA GLN AC 22 51.88 14.92 6.84
C GLN AC 22 52.69 13.69 6.48
N CYS AC 23 53.55 13.79 5.46
CA CYS AC 23 54.40 12.67 5.05
C CYS AC 23 55.77 12.71 5.73
N LEU AC 24 55.86 13.26 6.93
CA LEU AC 24 57.13 13.41 7.64
C LEU AC 24 57.28 12.30 8.68
N LYS AC 25 58.49 12.22 9.24
CA LYS AC 25 58.76 11.32 10.35
C LYS AC 25 58.37 11.98 11.67
N GLU AC 26 57.89 11.14 12.59
CA GLU AC 26 57.16 11.65 13.75
C GLU AC 26 57.93 12.68 14.58
N PRO AC 27 59.21 12.49 14.86
CA PRO AC 27 59.92 13.50 15.68
C PRO AC 27 60.00 14.86 15.00
N TYR AC 28 60.30 14.90 13.71
CA TYR AC 28 60.30 16.16 12.98
C TYR AC 28 58.89 16.60 12.60
N ARG AC 29 57.99 15.65 12.35
CA ARG AC 29 56.62 15.99 12.01
C ARG AC 29 55.91 16.71 13.15
N THR AC 30 56.22 16.33 14.40
CA THR AC 30 55.66 17.02 15.55
C THR AC 30 56.06 18.49 15.55
N GLN AC 31 57.35 18.76 15.35
CA GLN AC 31 57.83 20.13 15.34
C GLN AC 31 57.32 20.89 14.13
N ALA AC 32 57.07 20.19 13.03
CA ALA AC 32 56.60 20.85 11.82
C ALA AC 32 55.16 21.32 11.98
N MET AC 33 54.25 20.39 12.30
CA MET AC 33 52.88 20.83 12.53
C MET AC 33 52.75 21.74 13.75
N GLN AC 34 53.71 21.67 14.68
CA GLN AC 34 53.76 22.66 15.76
C GLN AC 34 54.02 24.03 15.17
N ARG AC 35 55.15 24.20 14.50
CA ARG AC 35 55.52 25.51 13.99
C ARG AC 35 54.58 25.96 12.89
N ASN AC 36 53.65 25.10 12.47
CA ASN AC 36 52.74 25.42 11.38
C ASN AC 36 51.29 25.13 11.77
N GLN AC 37 50.92 25.41 13.02
CA GLN AC 37 49.52 25.51 13.37
C GLN AC 37 48.98 26.85 12.85
N ILE AC 38 47.68 27.08 13.01
CA ILE AC 38 47.03 28.28 12.49
C ILE AC 38 46.04 28.81 13.53
N HIS AC 39 45.98 30.13 13.65
CA HIS AC 39 44.96 30.78 14.47
C HIS AC 39 44.77 32.21 13.99
N LEU AC 40 43.64 32.48 13.34
CA LEU AC 40 43.32 33.81 12.85
C LEU AC 40 41.85 34.13 13.15
N LYS AC 41 41.52 35.42 13.07
CA LYS AC 41 40.16 35.89 13.34
C LYS AC 41 39.85 37.03 12.37
N GLU AC 42 39.21 36.70 11.26
CA GLU AC 42 38.83 37.69 10.27
C GLU AC 42 37.60 38.47 10.71
N THR AC 43 37.58 39.75 10.34
CA THR AC 43 36.56 40.70 10.77
C THR AC 43 36.25 41.62 9.60
N VAL AC 44 35.07 41.47 9.00
CA VAL AC 44 34.76 42.14 7.73
C VAL AC 44 33.92 43.38 8.00
N TYR AC 45 34.24 44.46 7.29
CA TYR AC 45 33.65 45.76 7.52
C TYR AC 45 33.07 46.29 6.22
N GLN AC 46 32.11 47.20 6.34
CA GLN AC 46 31.55 47.90 5.18
C GLN AC 46 31.10 49.28 5.67
N GLN AC 47 31.99 50.26 5.56
CA GLN AC 47 31.76 51.58 6.12
C GLN AC 47 31.36 51.46 7.60
N GLY AC 48 32.28 50.92 8.39
CA GLY AC 48 31.87 50.48 9.69
C GLY AC 48 30.89 49.33 9.53
N GLN AC 49 30.08 49.12 10.57
CA GLN AC 49 28.94 48.22 10.49
C GLN AC 49 29.39 46.81 10.08
N VAL AC 50 30.08 46.18 11.01
CA VAL AC 50 30.66 44.85 10.81
C VAL AC 50 29.66 43.94 10.13
N LEU AC 51 30.07 43.31 9.03
CA LEU AC 51 29.22 42.33 8.37
C LEU AC 51 29.33 40.97 9.04
N THR AC 52 30.53 40.58 9.46
CA THR AC 52 30.70 39.28 10.08
C THR AC 52 32.08 39.21 10.73
N ARG AC 53 32.21 38.28 11.66
CA ARG AC 53 33.48 37.92 12.28
C ARG AC 53 33.56 36.41 12.34
N GLU AC 54 34.73 35.86 12.05
CA GLU AC 54 34.87 34.41 12.00
C GLU AC 54 36.31 34.01 12.31
N THR AC 55 36.44 32.91 13.02
CA THR AC 55 37.75 32.39 13.40
C THR AC 55 38.18 31.31 12.42
N PHE AC 56 39.49 31.09 12.36
CA PHE AC 56 40.08 30.10 11.49
C PHE AC 56 41.21 29.40 12.21
N ASN AC 57 41.18 28.06 12.19
CA ASN AC 57 42.27 27.25 12.71
C ASN AC 57 42.79 26.25 11.69
N ASP AC 58 42.20 26.19 10.49
CA ASP AC 58 42.64 25.29 9.44
C ASP AC 58 42.95 26.07 8.18
N ILE AC 59 43.95 25.59 7.44
CA ILE AC 59 44.39 26.28 6.23
C ILE AC 59 43.29 26.23 5.17
N LYS AC 60 42.65 25.07 5.01
CA LYS AC 60 41.69 24.92 3.92
C LYS AC 60 40.44 25.75 4.17
N LYS AC 61 39.94 25.76 5.41
CA LYS AC 61 38.77 26.57 5.70
C LYS AC 61 39.12 28.05 5.74
N ALA AC 62 40.37 28.38 6.05
CA ALA AC 62 40.81 29.77 6.01
C ALA AC 62 40.84 30.29 4.58
N PHE AC 63 41.32 29.47 3.65
CA PHE AC 63 41.37 29.89 2.27
C PHE AC 63 40.00 29.83 1.62
N GLU AC 64 39.14 28.90 2.08
CA GLU AC 64 37.81 28.77 1.50
C GLU AC 64 36.93 29.94 1.91
N ALA AC 65 36.74 30.12 3.21
CA ALA AC 65 35.90 31.22 3.69
C ALA AC 65 36.58 32.57 3.43
N GLN BC 73 36.71 71.02 105.10
CA GLN BC 73 36.93 70.66 103.71
C GLN BC 73 38.40 70.81 103.34
N THR BC 74 38.85 72.05 103.22
CA THR BC 74 40.23 72.32 102.86
C THR BC 74 41.16 71.88 103.99
N LEU BC 75 42.47 72.03 103.76
CA LEU BC 75 43.45 71.62 104.76
C LEU BC 75 43.30 72.43 106.04
N GLU BC 76 43.37 73.76 105.93
CA GLU BC 76 43.10 74.62 107.08
C GLU BC 76 41.73 74.35 107.69
N GLY BC 77 40.73 74.04 106.86
CA GLY BC 77 39.45 73.64 107.41
C GLY BC 77 39.54 72.38 108.26
N ARG BC 78 40.34 71.43 107.81
CA ARG BC 78 40.51 70.18 108.53
C ARG BC 78 41.15 70.42 109.89
N TYR BC 79 42.30 71.11 109.89
CA TYR BC 79 42.98 71.37 111.14
C TYR BC 79 42.14 72.24 112.07
N ALA BC 80 41.39 73.21 111.51
CA ALA BC 80 40.55 74.05 112.35
C ALA BC 80 39.42 73.25 112.98
N SER BC 81 38.80 72.34 112.22
CA SER BC 81 37.75 71.51 112.78
C SER BC 81 38.30 70.59 113.86
N ALA BC 82 39.46 69.98 113.61
CA ALA BC 82 40.07 69.11 114.62
C ALA BC 82 40.38 69.88 115.89
N LEU BC 83 40.93 71.09 115.76
CA LEU BC 83 41.29 71.87 116.93
C LEU BC 83 40.05 72.33 117.69
N PHE BC 84 39.07 72.88 116.97
CA PHE BC 84 37.81 73.27 117.59
C PHE BC 84 37.16 72.10 118.33
N ARG BC 85 37.24 70.90 117.75
CA ARG BC 85 36.67 69.72 118.39
C ARG BC 85 37.42 69.39 119.69
N VAL BC 86 38.74 69.22 119.60
CA VAL BC 86 39.46 68.76 120.78
C VAL BC 86 39.43 69.82 121.87
N ALA BC 87 39.52 71.10 121.49
CA ALA BC 87 39.52 72.15 122.49
C ALA BC 87 38.14 72.31 123.11
N LYS BC 88 37.07 71.94 122.40
CA LYS BC 88 35.77 71.89 123.03
C LYS BC 88 35.66 70.68 123.95
N LYS BC 89 36.40 69.61 123.67
CA LYS BC 89 36.25 68.40 124.47
C LYS BC 89 37.03 68.49 125.77
N LYS BC 90 38.34 68.67 125.69
CA LYS BC 90 39.22 68.34 126.81
C LYS BC 90 39.80 69.55 127.52
N ASN BC 91 40.54 70.41 126.81
CA ASN BC 91 41.38 71.39 127.53
C ASN BC 91 40.58 72.61 127.97
N GLN BC 92 40.14 73.42 127.02
CA GLN BC 92 39.01 74.34 127.11
C GLN BC 92 38.94 75.06 125.77
N LEU BC 93 37.85 75.82 125.57
CA LEU BC 93 37.72 76.61 124.35
C LEU BC 93 38.50 77.91 124.47
N GLU BC 94 38.29 78.65 125.57
CA GLU BC 94 38.79 80.02 125.66
C GLU BC 94 40.30 80.07 125.61
N LYS BC 95 40.96 79.10 126.24
CA LYS BC 95 42.42 79.06 126.22
C LYS BC 95 42.95 79.02 124.79
N VAL BC 96 42.54 78.01 124.03
CA VAL BC 96 43.04 77.87 122.66
C VAL BC 96 42.58 79.03 121.80
N TYR BC 97 41.39 79.58 122.06
CA TYR BC 97 40.93 80.75 121.32
C TYR BC 97 41.86 81.94 121.53
N GLY BC 98 42.15 82.25 122.78
CA GLY BC 98 43.07 83.34 123.07
C GLY BC 98 44.47 83.08 122.52
N ASP BC 99 44.91 81.82 122.55
CA ASP BC 99 46.23 81.50 122.01
C ASP BC 99 46.28 81.75 120.52
N LEU BC 100 45.27 81.29 119.77
CA LEU BC 100 45.22 81.54 118.35
C LEU BC 100 45.12 83.02 118.04
N GLU BC 101 44.33 83.76 118.82
CA GLU BC 101 44.22 85.20 118.59
C GLU BC 101 45.56 85.90 118.82
N SER BC 102 46.26 85.53 119.90
CA SER BC 102 47.57 86.12 120.17
C SER BC 102 48.54 85.81 119.04
N VAL BC 103 48.53 84.56 118.56
CA VAL BC 103 49.45 84.18 117.48
C VAL BC 103 49.13 84.96 116.22
N ARG BC 104 47.85 85.07 115.87
CA ARG BC 104 47.45 85.81 114.68
C ARG BC 104 47.84 87.27 114.78
N ASN BC 105 47.64 87.88 115.96
CA ASN BC 105 48.02 89.27 116.13
C ASN BC 105 49.52 89.45 116.04
N ALA BC 106 50.30 88.54 116.62
CA ALA BC 106 51.75 88.64 116.48
C ALA BC 106 52.17 88.46 115.03
N LEU BC 107 51.41 87.64 114.27
CA LEU BC 107 51.72 87.44 112.87
C LEU BC 107 51.46 88.69 112.05
N LYS BC 108 50.38 89.40 112.37
CA LYS BC 108 50.00 90.59 111.62
C LYS BC 108 50.61 91.88 112.16
N ASP BC 109 51.33 91.81 113.28
CA ASP BC 109 52.00 92.97 113.85
C ASP BC 109 53.51 92.90 113.76
N SER BC 110 54.09 91.73 113.98
CA SER BC 110 55.55 91.59 113.99
C SER BC 110 56.13 91.81 112.60
N SER BC 111 55.56 91.13 111.60
CA SER BC 111 55.95 91.22 110.20
C SER BC 111 57.25 90.47 109.92
N GLU BC 112 57.84 89.83 110.92
CA GLU BC 112 58.95 88.90 110.72
C GLU BC 112 58.62 87.47 111.15
N PHE BC 113 57.71 87.29 112.11
CA PHE BC 113 57.21 85.94 112.39
C PHE BC 113 56.62 85.32 111.14
N ARG BC 114 55.90 86.12 110.35
CA ARG BC 114 55.35 85.63 109.09
C ARG BC 114 56.45 85.10 108.17
N LEU BC 115 57.54 85.86 108.04
CA LEU BC 115 58.64 85.41 107.20
C LEU BC 115 59.31 84.17 107.78
N PHE BC 116 59.43 84.11 109.11
CA PHE BC 116 59.95 82.90 109.75
C PHE BC 116 59.11 81.69 109.42
N VAL BC 117 57.79 81.88 109.32
CA VAL BC 117 56.89 80.78 108.99
C VAL BC 117 57.03 80.39 107.52
N ASP BC 118 57.15 81.39 106.63
CA ASP BC 118 57.12 81.09 105.21
C ASP BC 118 58.46 80.61 104.67
N SER BC 119 59.56 81.09 105.25
CA SER BC 119 60.88 80.86 104.68
C SER BC 119 61.24 79.37 104.76
N PRO BC 120 61.90 78.82 103.74
CA PRO BC 120 62.39 77.44 103.82
C PRO BC 120 63.82 77.32 104.32
N ALA BC 121 64.54 78.43 104.47
CA ALA BC 121 65.89 78.38 105.04
C ALA BC 121 65.88 77.91 106.48
N VAL BC 122 64.77 78.09 107.20
CA VAL BC 122 64.69 77.64 108.58
C VAL BC 122 64.55 76.12 108.62
N SER BC 123 65.43 75.48 109.36
CA SER BC 123 65.37 74.03 109.52
C SER BC 123 64.18 73.64 110.39
N VAL BC 124 63.76 72.38 110.27
CA VAL BC 124 62.65 71.88 111.07
C VAL BC 124 62.98 71.94 112.55
N GLN BC 125 64.24 71.74 112.91
CA GLN BC 125 64.62 71.74 114.32
C GLN BC 125 64.62 73.16 114.89
N GLN BC 126 65.13 74.13 114.13
CA GLN BC 126 65.03 75.52 114.55
C GLN BC 126 63.56 75.96 114.65
N LYS BC 127 62.74 75.53 113.71
CA LYS BC 127 61.31 75.81 113.77
C LYS BC 127 60.71 75.30 115.08
N LEU BC 128 60.92 74.01 115.38
CA LEU BC 128 60.34 73.43 116.57
C LEU BC 128 60.90 74.08 117.84
N ASP BC 129 62.18 74.45 117.82
CA ASP BC 129 62.78 75.09 118.98
C ASP BC 129 62.16 76.46 119.24
N VAL BC 130 62.01 77.27 118.18
CA VAL BC 130 61.38 78.58 118.35
C VAL BC 130 59.92 78.42 118.75
N LEU BC 131 59.25 77.38 118.26
CA LEU BC 131 57.85 77.19 118.63
C LEU BC 131 57.72 76.80 120.09
N ARG BC 132 58.62 75.95 120.59
CA ARG BC 132 58.59 75.58 122.00
C ARG BC 132 59.00 76.75 122.89
N GLN BC 133 59.91 77.60 122.42
CA GLN BC 133 60.25 78.78 123.21
C GLN BC 133 59.13 79.80 123.22
N LEU BC 134 58.30 79.84 122.17
CA LEU BC 134 57.09 80.65 122.24
C LEU BC 134 56.08 80.03 123.18
N VAL BC 135 56.03 78.69 123.21
CA VAL BC 135 55.13 77.99 124.12
C VAL BC 135 55.47 78.38 125.55
N ASN BC 136 56.75 78.25 125.91
CA ASN BC 136 57.13 78.50 127.29
C ASN BC 136 57.01 79.99 127.63
N ARG BC 137 57.47 80.86 126.72
CA ARG BC 137 57.51 82.29 127.00
C ARG BC 137 56.13 82.95 126.89
N TYR BC 138 55.09 82.23 126.49
CA TYR BC 138 53.76 82.81 126.39
C TYR BC 138 52.73 81.84 126.95
N LYS BC 139 51.58 82.39 127.33
CA LYS BC 139 50.46 81.59 127.79
C LYS BC 139 49.98 80.68 126.67
N PHE BC 140 50.22 79.38 126.80
CA PHE BC 140 50.18 78.48 125.66
C PHE BC 140 49.76 77.10 126.11
N ASP BC 141 48.87 76.48 125.36
CA ASP BC 141 48.35 75.15 125.67
C ASP BC 141 49.18 74.10 124.96
N PRO BC 142 49.00 72.82 125.32
CA PRO BC 142 49.70 71.75 124.61
C PRO BC 142 49.03 71.40 123.29
N LEU BC 143 47.72 71.62 123.19
CA LEU BC 143 47.01 71.33 121.96
C LEU BC 143 47.53 72.19 120.81
N THR BC 144 47.74 73.48 121.07
CA THR BC 144 48.25 74.35 120.02
C THR BC 144 49.68 73.98 119.64
N GLY BC 145 50.48 73.54 120.61
CA GLY BC 145 51.81 73.07 120.29
C GLY BC 145 51.79 71.82 119.43
N ASN BC 146 50.86 70.92 119.70
CA ASN BC 146 50.71 69.73 118.87
C ASN BC 146 50.23 70.10 117.48
N LEU BC 147 49.34 71.10 117.39
CA LEU BC 147 48.91 71.61 116.09
C LEU BC 147 50.10 72.12 115.30
N LEU BC 148 50.97 72.91 115.95
CA LEU BC 148 52.12 73.47 115.26
C LEU BC 148 53.11 72.39 114.86
N THR BC 149 53.31 71.40 115.72
CA THR BC 149 54.19 70.28 115.36
C THR BC 149 53.62 69.50 114.18
N THR BC 150 52.30 69.35 114.11
CA THR BC 150 51.69 68.67 112.99
C THR BC 150 51.85 69.48 111.71
N LEU BC 151 51.57 70.78 111.78
CA LEU BC 151 51.72 71.63 110.60
C LEU BC 151 53.16 71.66 110.10
N VAL BC 152 54.12 71.55 111.01
CA VAL BC 152 55.52 71.50 110.60
C VAL BC 152 55.85 70.14 110.00
N GLU BC 153 55.32 69.07 110.59
CA GLU BC 153 55.59 67.73 110.08
C GLU BC 153 55.00 67.56 108.68
N ASN BC 154 53.91 68.25 108.38
CA ASN BC 154 53.22 68.12 107.11
C ASN BC 154 53.43 69.32 106.20
N LYS BC 155 54.31 70.24 106.57
CA LYS BC 155 54.62 71.40 105.74
C LYS BC 155 53.38 72.26 105.50
N ARG BC 156 52.71 72.61 106.60
CA ARG BC 156 51.47 73.39 106.55
C ARG BC 156 51.52 74.59 107.48
N LEU BC 157 52.72 75.01 107.90
CA LEU BC 157 52.84 76.14 108.80
C LEU BC 157 52.33 77.45 108.21
N PRO BC 158 52.53 77.75 106.92
CA PRO BC 158 51.92 78.96 106.35
C PRO BC 158 50.42 79.04 106.50
N MET BC 159 49.73 77.91 106.64
CA MET BC 159 48.28 77.89 106.86
C MET BC 159 47.88 78.21 108.30
N LEU BC 160 48.81 78.68 109.13
CA LEU BC 160 48.46 79.06 110.50
C LEU BC 160 47.44 80.19 110.51
N ALA BC 161 47.67 81.22 109.70
CA ALA BC 161 46.75 82.34 109.62
C ALA BC 161 45.35 81.87 109.23
N ARG BC 162 45.26 81.18 108.10
CA ARG BC 162 43.98 80.64 107.62
C ARG BC 162 43.28 79.80 108.69
N VAL BC 163 44.01 78.86 109.31
CA VAL BC 163 43.44 78.06 110.39
C VAL BC 163 42.85 78.96 111.48
N ALA BC 164 43.62 79.96 111.91
CA ALA BC 164 43.15 80.86 112.96
C ALA BC 164 41.87 81.57 112.53
N ASP BC 165 41.83 82.05 111.29
CA ASP BC 165 40.62 82.68 110.77
C ASP BC 165 39.44 81.73 110.82
N ALA BC 166 39.65 80.48 110.42
CA ALA BC 166 38.57 79.49 110.47
C ALA BC 166 38.08 79.29 111.90
N PHE BC 167 39.02 79.19 112.85
CA PHE BC 167 38.64 78.99 114.25
C PHE BC 167 37.82 80.17 114.77
N ASP BC 168 38.26 81.39 114.45
CA ASP BC 168 37.54 82.58 114.91
C ASP BC 168 36.17 82.66 114.28
N ALA BC 169 36.07 82.38 112.98
CA ALA BC 169 34.79 82.45 112.30
C ALA BC 169 33.82 81.42 112.86
N MET BC 170 34.30 80.20 113.12
CA MET BC 170 33.43 79.18 113.68
C MET BC 170 32.96 79.56 115.08
N TYR BC 171 33.86 80.12 115.89
CA TYR BC 171 33.48 80.51 117.24
C TYR BC 171 32.43 81.62 117.20
N ARG BC 172 32.63 82.60 116.33
CA ARG BC 172 31.70 83.72 116.26
C ARG BC 172 30.40 83.33 115.59
N LYS BC 173 30.41 82.27 114.79
CA LYS BC 173 29.16 81.76 114.22
C LYS BC 173 28.37 81.00 115.28
N GLU BC 174 29.08 80.22 116.11
CA GLU BC 174 28.44 79.61 117.28
C GLU BC 174 27.77 80.65 118.17
N LYS BC 175 28.42 81.79 118.40
CA LYS BC 175 27.87 82.77 119.34
C LYS BC 175 26.89 83.74 118.70
N GLY BC 176 27.32 84.48 117.68
CA GLY BC 176 26.45 85.46 117.06
C GLY BC 176 26.90 85.90 115.68
N GLU BC 177 25.96 85.96 114.76
CA GLU BC 177 26.25 86.27 113.37
C GLU BC 177 26.46 87.76 113.15
N VAL BC 178 27.23 88.07 112.10
CA VAL BC 178 27.38 89.42 111.58
C VAL BC 178 26.71 89.48 110.22
N LYS BC 179 25.92 90.53 109.98
CA LYS BC 179 25.06 90.60 108.81
C LYS BC 179 25.30 91.91 108.10
N CYS BC 180 25.19 91.89 106.78
CA CYS BC 180 25.23 93.14 106.02
C CYS BC 180 23.84 93.74 105.87
N LEU BC 181 23.80 95.03 105.55
CA LEU BC 181 22.52 95.72 105.53
C LEU BC 181 22.69 97.11 104.92
N VAL BC 182 21.64 97.54 104.22
CA VAL BC 182 21.67 98.70 103.35
C VAL BC 182 20.42 99.54 103.61
N THR BC 183 20.59 100.85 103.44
CA THR BC 183 19.52 101.84 103.50
C THR BC 183 19.77 102.84 102.39
N SER BC 184 19.07 103.98 102.46
CA SER BC 184 19.38 105.11 101.60
C SER BC 184 20.35 106.08 102.29
N ALA BC 185 19.94 106.66 103.41
CA ALA BC 185 20.80 107.55 104.17
C ALA BC 185 20.67 107.18 105.65
N LYS BC 186 21.16 108.06 106.51
CA LYS BC 186 21.20 107.78 107.94
C LYS BC 186 19.77 107.58 108.47
N PRO BC 187 19.42 106.39 108.98
CA PRO BC 187 18.16 106.27 109.71
C PRO BC 187 18.26 106.80 111.13
N LEU BC 188 17.23 106.55 111.93
CA LEU BC 188 17.10 107.11 113.27
C LEU BC 188 17.28 106.00 114.28
N SER BC 189 17.63 106.38 115.52
CA SER BC 189 17.74 105.40 116.59
C SER BC 189 16.45 104.61 116.77
N ALA BC 190 15.30 105.23 116.56
CA ALA BC 190 14.03 104.53 116.72
C ALA BC 190 13.88 103.37 115.73
N GLN BC 191 13.90 103.67 114.43
CA GLN BC 191 13.77 102.58 113.46
C GLN BC 191 15.00 101.68 113.43
N GLN BC 192 16.16 102.15 113.88
CA GLN BC 192 17.29 101.24 114.07
C GLN BC 192 16.98 100.19 115.12
N GLN BC 193 16.47 100.62 116.27
CA GLN BC 193 16.02 99.69 117.30
C GLN BC 193 14.97 98.72 116.75
N LYS BC 194 13.99 99.26 116.02
CA LYS BC 194 12.96 98.41 115.44
C LYS BC 194 13.56 97.38 114.49
N GLU BC 195 14.51 97.81 113.64
CA GLU BC 195 15.14 96.90 112.70
C GLU BC 195 15.88 95.78 113.43
N ILE BC 196 16.67 96.15 114.45
CA ILE BC 196 17.47 95.14 115.12
C ILE BC 196 16.58 94.17 115.89
N VAL BC 197 15.53 94.67 116.52
CA VAL BC 197 14.68 93.77 117.31
C VAL BC 197 13.86 92.87 116.38
N ALA BC 198 13.42 93.40 115.22
CA ALA BC 198 12.69 92.57 114.28
C ALA BC 198 13.59 91.49 113.69
N ALA BC 199 14.81 91.85 113.31
CA ALA BC 199 15.74 90.86 112.79
C ALA BC 199 16.15 89.87 113.87
N LEU BC 200 16.08 90.29 115.14
CA LEU BC 200 16.43 89.38 116.23
C LEU BC 200 15.32 88.37 116.48
N GLN BC 201 14.06 88.82 116.49
CA GLN BC 201 12.97 87.87 116.64
C GLN BC 201 12.83 86.98 115.39
N ASN BC 202 13.28 87.46 114.23
CA ASN BC 202 13.30 86.62 113.03
C ASN BC 202 14.39 85.56 113.11
N ARG BC 203 15.59 85.98 113.52
CA ARG BC 203 16.73 85.07 113.64
C ARG BC 203 16.51 84.03 114.74
N ALA BC 204 16.06 84.48 115.91
CA ALA BC 204 16.14 83.71 117.15
C ALA BC 204 17.58 83.33 117.47
N GLY BC 205 18.52 84.19 117.07
CA GLY BC 205 19.91 84.06 117.46
C GLY BC 205 20.27 85.19 118.41
N THR BC 206 20.64 84.87 119.64
CA THR BC 206 20.62 85.88 120.69
C THR BC 206 21.70 86.94 120.50
N GLN BC 207 22.69 86.68 119.66
CA GLN BC 207 23.78 87.62 119.42
C GLN BC 207 23.82 87.99 117.94
N ALA BC 208 23.79 89.30 117.67
CA ALA BC 208 23.78 89.81 116.31
C ALA BC 208 24.59 91.09 116.26
N ARG BC 209 25.69 91.10 115.50
CA ARG BC 209 26.50 92.30 115.33
C ARG BC 209 26.51 92.66 113.85
N LEU BC 210 25.87 93.77 113.52
CA LEU BC 210 25.42 94.02 112.15
C LEU BC 210 26.35 95.02 111.44
N ILE BC 211 25.94 95.43 110.24
CA ILE BC 211 26.63 96.44 109.45
C ILE BC 211 25.56 97.41 108.97
N ILE BC 212 25.97 98.67 108.75
CA ILE BC 212 25.14 99.63 108.04
C ILE BC 212 25.82 100.03 106.73
N ASP BC 213 24.99 100.32 105.73
CA ASP BC 213 25.47 100.69 104.41
C ASP BC 213 24.45 101.62 103.75
N TYR BC 214 24.86 102.22 102.63
CA TYR BC 214 24.04 103.18 101.91
C TYR BC 214 24.21 102.95 100.41
N ALA BC 215 23.18 102.34 99.81
CA ALA BC 215 23.02 102.24 98.37
C ALA BC 215 21.59 102.60 98.06
N VAL BC 216 21.39 103.52 97.11
CA VAL BC 216 20.13 104.23 96.96
C VAL BC 216 19.28 103.68 95.83
N SER BC 217 19.72 102.61 95.17
CA SER BC 217 18.87 101.95 94.18
C SER BC 217 17.62 101.42 94.87
N PRO BC 218 17.72 100.52 95.86
CA PRO BC 218 16.57 100.29 96.73
C PRO BC 218 16.25 101.55 97.50
N GLN BC 219 15.09 102.15 97.19
CA GLN BC 219 14.94 103.60 97.35
C GLN BC 219 15.21 104.07 98.77
N ILE BC 220 14.40 103.63 99.74
CA ILE BC 220 14.71 103.87 101.15
C ILE BC 220 14.46 102.64 102.01
N MET BC 221 13.72 101.66 101.48
CA MET BC 221 13.29 100.53 102.30
C MET BC 221 14.48 99.62 102.60
N GLY BC 222 14.56 99.20 103.87
CA GLY BC 222 15.74 98.57 104.45
C GLY BC 222 15.99 97.19 103.90
N GLY BC 223 17.00 97.07 103.04
CA GLY BC 223 17.43 95.77 102.54
C GLY BC 223 18.67 95.26 103.25
N LEU BC 224 18.84 93.94 103.27
CA LEU BC 224 19.94 93.39 104.06
C LEU BC 224 20.21 91.95 103.64
N VAL BC 225 21.28 91.38 104.21
CA VAL BC 225 21.56 89.95 104.14
C VAL BC 225 22.08 89.49 105.50
N VAL BC 226 21.22 88.81 106.25
CA VAL BC 226 21.65 88.04 107.40
C VAL BC 226 22.57 86.93 106.94
N ARG BC 227 23.83 86.97 107.38
CA ARG BC 227 24.90 86.25 106.70
C ARG BC 227 24.83 84.75 106.95
N LEU BC 228 24.04 84.04 106.15
CA LEU BC 228 24.21 82.60 105.99
C LEU BC 228 24.03 82.15 104.54
N GLY BC 229 23.94 83.07 103.60
CA GLY BC 229 23.98 82.76 102.17
C GLY BC 229 22.67 82.46 101.50
N GLU BC 230 21.91 81.50 102.04
CA GLU BC 230 20.64 81.10 101.44
C GLU BC 230 19.46 81.90 101.96
N GLN BC 231 19.70 82.99 102.68
CA GLN BC 231 18.66 83.92 103.11
C GLN BC 231 19.16 85.34 102.82
N VAL BC 232 18.83 85.85 101.64
CA VAL BC 232 18.96 87.27 101.35
C VAL BC 232 17.57 87.84 101.15
N LEU BC 233 16.94 88.27 102.25
CA LEU BC 233 15.57 88.76 102.23
C LEU BC 233 15.57 90.18 101.67
N ASP BC 234 14.98 90.34 100.48
CA ASP BC 234 15.11 91.56 99.70
C ASP BC 234 13.92 92.47 99.93
N PHE BC 235 13.77 92.88 101.18
CA PHE BC 235 12.78 93.89 101.54
C PHE BC 235 13.20 95.25 101.01
N SER BC 236 12.81 95.55 99.77
CA SER BC 236 13.16 96.79 99.11
C SER BC 236 11.96 97.28 98.34
N VAL BC 237 12.05 98.52 97.86
CA VAL BC 237 10.99 99.13 97.07
C VAL BC 237 11.16 98.74 95.61
N ALA BC 238 12.29 99.15 95.02
CA ALA BC 238 12.49 98.96 93.59
C ALA BC 238 12.49 97.49 93.19
N THR BC 239 12.98 96.62 94.07
CA THR BC 239 13.09 95.20 93.73
C THR BC 239 11.71 94.56 93.68
N ARG BC 240 10.91 94.76 94.72
CA ARG BC 240 9.53 94.29 94.70
C ARG BC 240 8.76 94.90 93.54
N LEU BC 241 8.98 96.19 93.26
CA LEU BC 241 8.29 96.84 92.15
C LEU BC 241 8.61 96.16 90.83
N ASP BC 242 9.90 95.97 90.54
CA ASP BC 242 10.28 95.39 89.24
C ASP BC 242 9.84 93.93 89.16
N ARG BC 243 9.96 93.17 90.24
CA ARG BC 243 9.49 91.80 90.24
C ARG BC 243 7.99 91.74 89.96
N LEU BC 244 7.22 92.63 90.60
CA LEU BC 244 5.78 92.66 90.37
C LEU BC 244 5.47 93.00 88.93
N GLN BC 245 6.15 94.02 88.39
CA GLN BC 245 5.93 94.41 87.00
C GLN BC 245 6.19 93.24 86.05
N SER BC 246 7.37 92.63 86.17
CA SER BC 246 7.71 91.48 85.34
C SER BC 246 6.77 90.30 85.56
N GLN BC 247 6.12 90.22 86.72
CA GLN BC 247 5.13 89.17 86.94
C GLN BC 247 3.83 89.49 86.21
N LEU BC 248 3.36 90.72 86.33
CA LEU BC 248 2.06 91.13 85.80
C LEU BC 248 2.12 91.53 84.34
N LEU BC 249 3.29 91.44 83.71
CA LEU BC 249 3.33 91.44 82.25
C LEU BC 249 3.06 90.07 81.66
N ALA BC 250 2.76 89.07 82.49
CA ALA BC 250 2.47 87.74 81.99
C ALA BC 250 1.25 87.77 81.07
N PRO BC 251 1.07 86.76 80.23
CA PRO BC 251 -0.09 86.73 79.32
C PRO BC 251 -1.30 86.16 80.04
N LEU BC 252 -2.34 86.98 80.20
CA LEU BC 252 -3.59 86.53 80.79
C LEU BC 252 -3.37 85.95 82.18
N ALA CC 96 51.43 18.35 -77.24
CA ALA CC 96 51.73 19.75 -76.95
C ALA CC 96 51.55 20.06 -75.46
N GLY CC 97 51.07 19.06 -74.72
CA GLY CC 97 50.90 19.16 -73.28
C GLY CC 97 52.17 19.02 -72.46
N VAL CC 98 53.32 18.77 -73.09
CA VAL CC 98 54.53 18.64 -72.28
C VAL CC 98 54.86 19.98 -71.63
N ALA CC 99 54.56 21.09 -72.33
CA ALA CC 99 54.73 22.39 -71.70
C ALA CC 99 53.74 22.54 -70.56
N SER CC 100 52.55 21.97 -70.74
CA SER CC 100 51.52 22.10 -69.73
C SER CC 100 51.99 21.49 -68.42
N LEU CC 101 52.66 20.33 -68.48
CA LEU CC 101 53.03 19.72 -67.21
C LEU CC 101 53.96 20.68 -66.46
N SER CC 102 54.87 21.32 -67.19
CA SER CC 102 55.81 22.22 -66.57
C SER CC 102 55.06 23.35 -65.87
N ALA CC 103 54.01 23.85 -66.53
CA ALA CC 103 53.21 24.90 -65.91
C ALA CC 103 52.57 24.40 -64.61
N ALA CC 104 52.06 23.16 -64.64
CA ALA CC 104 51.43 22.60 -63.45
C ALA CC 104 52.43 22.52 -62.31
N ILE CC 105 53.65 22.09 -62.62
CA ILE CC 105 54.69 21.99 -61.59
C ILE CC 105 54.97 23.37 -61.01
N ALA CC 106 55.01 24.40 -61.86
CA ALA CC 106 55.25 25.74 -61.37
C ALA CC 106 54.14 26.13 -60.38
N LEU CC 107 52.90 25.77 -60.72
CA LEU CC 107 51.79 26.07 -59.82
C LEU CC 107 51.99 25.39 -58.47
N MET CC 108 52.46 24.15 -58.49
CA MET CC 108 52.72 23.44 -57.24
C MET CC 108 53.74 24.21 -56.41
N SER CC 109 54.77 24.73 -57.08
CA SER CC 109 55.80 25.50 -56.38
C SER CC 109 55.15 26.72 -55.73
N VAL CC 110 54.22 27.35 -56.45
CA VAL CC 110 53.53 28.51 -55.93
C VAL CC 110 52.78 28.13 -54.65
N GLY CC 111 52.18 26.94 -54.65
CA GLY CC 111 51.48 26.48 -53.46
C GLY CC 111 52.43 26.35 -52.28
N GLY CC 112 53.63 25.84 -52.54
CA GLY CC 112 54.61 25.74 -51.46
C GLY CC 112 54.92 27.11 -50.90
N VAL CC 113 55.04 28.09 -51.80
CA VAL CC 113 55.30 29.46 -51.36
C VAL CC 113 54.15 29.94 -50.48
N ALA CC 114 52.91 29.60 -50.87
CA ALA CC 114 51.75 29.99 -50.09
C ALA CC 114 51.81 29.40 -48.70
N GLN CC 115 52.24 28.14 -48.60
CA GLN CC 115 52.37 27.50 -47.29
C GLN CC 115 53.37 28.26 -46.44
N GLY CC 116 54.49 28.66 -47.04
CA GLY CC 116 55.47 29.43 -46.27
C GLY CC 116 54.87 30.74 -45.79
N ILE CC 117 54.08 31.39 -46.65
CA ILE CC 117 53.46 32.66 -46.26
C ILE CC 117 52.56 32.44 -45.06
N GLY CC 118 51.80 31.35 -45.09
CA GLY CC 118 50.90 31.07 -43.98
C GLY CC 118 51.68 30.87 -42.70
N SER CC 119 52.84 30.20 -42.81
CA SER CC 119 53.66 30.00 -41.62
C SER CC 119 54.11 31.34 -41.06
N LEU CC 120 54.46 32.27 -41.95
CA LEU CC 120 54.92 33.57 -41.46
C LEU CC 120 53.79 34.26 -40.71
N PHE CC 121 52.58 34.19 -41.27
CA PHE CC 121 51.44 34.86 -40.66
C PHE CC 121 51.18 34.27 -39.27
N ALA CC 122 51.27 32.95 -39.18
CA ALA CC 122 51.02 32.25 -37.92
C ALA CC 122 52.02 32.71 -36.87
N ALA CC 123 53.29 32.80 -37.27
CA ALA CC 123 54.31 33.25 -36.34
C ALA CC 123 54.02 34.68 -35.91
N LEU CC 124 53.62 35.53 -36.85
CA LEU CC 124 53.35 36.92 -36.48
C LEU CC 124 52.21 36.99 -35.47
N VAL CC 125 51.15 36.20 -35.68
CA VAL CC 125 50.03 36.25 -34.75
C VAL CC 125 50.48 35.82 -33.37
N SER CC 126 51.28 34.76 -33.30
CA SER CC 126 51.77 34.31 -32.00
C SER CC 126 52.61 35.39 -31.34
N GLY CC 127 53.48 36.03 -32.13
CA GLY CC 127 54.30 37.10 -31.60
C GLY CC 127 53.48 38.24 -31.06
N THR CC 128 52.43 38.62 -31.80
CA THR CC 128 51.56 39.69 -31.35
C THR CC 128 50.90 39.35 -30.04
N ALA CC 129 50.48 38.09 -29.90
CA ALA CC 129 49.85 37.64 -28.66
C ALA CC 129 50.83 37.73 -27.50
N ARG CC 130 52.07 37.28 -27.71
CA ARG CC 130 53.08 37.35 -26.66
C ARG CC 130 53.51 38.78 -26.33
N ASN CC 131 53.73 39.63 -27.34
CA ASN CC 131 54.19 41.00 -27.16
C ASN CC 131 53.35 41.95 -28.00
N PRO CC 132 52.18 42.36 -27.50
CA PRO CC 132 51.32 43.27 -28.28
C PRO CC 132 51.94 44.64 -28.56
N SER CC 133 52.63 45.25 -27.60
CA SER CC 133 53.13 46.61 -27.75
C SER CC 133 54.17 46.77 -28.86
N ILE CC 134 54.74 45.68 -29.37
CA ILE CC 134 55.78 45.72 -30.38
C ILE CC 134 55.26 45.33 -31.76
N LYS CC 135 53.93 45.27 -31.92
CA LYS CC 135 53.31 44.85 -33.18
C LYS CC 135 53.88 45.55 -34.41
N GLU CC 136 54.00 46.88 -34.37
CA GLU CC 136 54.43 47.61 -35.56
C GLU CC 136 55.77 47.11 -36.09
N ASP CC 137 56.75 46.87 -35.22
CA ASP CC 137 58.03 46.39 -35.72
C ASP CC 137 57.88 45.00 -36.32
N LEU CC 138 57.17 44.12 -35.59
CA LEU CC 138 56.97 42.76 -36.06
C LEU CC 138 56.20 42.77 -37.37
N PHE CC 139 55.18 43.62 -37.46
CA PHE CC 139 54.39 43.71 -38.68
C PHE CC 139 55.27 44.13 -39.85
N THR CC 140 56.15 45.11 -39.62
CA THR CC 140 57.03 45.57 -40.69
C THR CC 140 57.96 44.44 -41.16
N TYR CC 141 58.52 43.69 -40.20
CA TYR CC 141 59.40 42.59 -40.57
C TYR CC 141 58.63 41.56 -41.38
N THR CC 142 57.41 41.25 -40.95
CA THR CC 142 56.59 40.29 -41.67
C THR CC 142 56.31 40.81 -43.07
N LEU CC 143 56.05 42.11 -43.20
CA LEU CC 143 55.76 42.69 -44.51
C LEU CC 143 56.95 42.50 -45.44
N ILE CC 144 58.16 42.73 -44.93
CA ILE CC 144 59.33 42.54 -45.77
C ILE CC 144 59.44 41.08 -46.21
N GLY CC 145 59.21 40.15 -45.28
CA GLY CC 145 59.28 38.74 -45.65
C GLY CC 145 58.21 38.41 -46.68
N MET CC 146 57.01 38.95 -46.49
CA MET CC 146 55.89 38.71 -47.39
C MET CC 146 56.22 39.23 -48.77
N GLY CC 147 56.82 40.41 -48.85
CA GLY CC 147 57.18 40.97 -50.14
C GLY CC 147 58.18 40.09 -50.86
N PHE CC 148 59.19 39.60 -50.14
CA PHE CC 148 60.17 38.73 -50.80
C PHE CC 148 59.49 37.45 -51.30
N LEU CC 149 58.64 36.85 -50.45
CA LEU CC 149 57.96 35.62 -50.84
C LEU CC 149 57.05 35.87 -52.04
N GLU CC 150 56.36 37.02 -52.04
CA GLU CC 150 55.46 37.38 -53.13
C GLU CC 150 56.26 37.51 -54.41
N PHE CC 151 57.45 38.12 -54.33
CA PHE CC 151 58.28 38.28 -55.51
C PHE CC 151 58.65 36.92 -56.06
N LEU CC 152 59.03 35.98 -55.19
CA LEU CC 152 59.37 34.64 -55.67
C LEU CC 152 58.16 33.99 -56.34
N GLY CC 153 56.98 34.14 -55.73
CA GLY CC 153 55.78 33.55 -56.29
C GLY CC 153 55.47 34.14 -57.65
N ILE CC 154 55.61 35.45 -57.80
CA ILE CC 154 55.34 36.09 -59.09
C ILE CC 154 56.33 35.55 -60.10
N ILE CC 155 57.59 35.38 -59.70
CA ILE CC 155 58.62 34.90 -60.62
C ILE CC 155 58.22 33.52 -61.13
N CYS CC 156 57.73 32.67 -60.22
CA CYS CC 156 57.30 31.33 -60.61
C CYS CC 156 56.12 31.40 -61.56
N VAL CC 157 55.15 32.28 -61.28
CA VAL CC 157 53.97 32.34 -62.14
C VAL CC 157 54.40 32.81 -63.52
N LEU CC 158 55.32 33.77 -63.56
CA LEU CC 158 55.79 34.32 -64.83
C LEU CC 158 56.42 33.21 -65.64
N MET CC 159 57.39 32.51 -65.04
CA MET CC 159 58.06 31.43 -65.75
C MET CC 159 57.05 30.41 -66.24
N SER CC 160 56.01 30.15 -65.44
CA SER CC 160 54.95 29.23 -65.84
C SER CC 160 54.27 29.69 -67.13
N ALA CC 161 53.85 30.96 -67.16
CA ALA CC 161 53.29 31.54 -68.37
C ALA CC 161 54.23 31.39 -69.55
N VAL CC 162 55.51 31.72 -69.34
CA VAL CC 162 56.49 31.57 -70.43
C VAL CC 162 56.54 30.13 -70.92
N LEU CC 163 56.55 29.18 -69.99
CA LEU CC 163 56.66 27.77 -70.36
C LEU CC 163 55.39 27.27 -71.03
N LEU CC 164 54.28 27.99 -70.87
CA LEU CC 164 53.04 27.60 -71.55
C LEU CC 164 53.11 27.88 -73.05
N TYR CC 165 53.91 28.85 -73.47
CA TYR CC 165 53.95 29.28 -74.86
C TYR CC 165 55.27 28.96 -75.54
N SER CC 166 56.39 29.40 -74.97
CA SER CC 166 57.69 29.14 -75.56
C SER CC 166 58.10 27.70 -75.37
N ALA DC 96 60.67 16.32 -76.37
CA ALA DC 96 60.60 17.59 -77.07
C ALA DC 96 60.68 18.76 -76.09
N GLY DC 97 60.06 18.60 -74.93
CA GLY DC 97 59.97 19.65 -73.94
C GLY DC 97 60.64 19.26 -72.65
N VAL DC 98 61.64 18.38 -72.77
CA VAL DC 98 62.34 17.91 -71.57
C VAL DC 98 62.98 19.09 -70.85
N ALA DC 99 63.53 20.05 -71.61
CA ALA DC 99 64.12 21.22 -70.99
C ALA DC 99 63.08 21.99 -70.18
N SER DC 100 61.87 22.10 -70.71
CA SER DC 100 60.79 22.76 -69.98
C SER DC 100 60.50 22.02 -68.69
N LEU DC 101 60.47 20.69 -68.76
CA LEU DC 101 60.23 19.91 -67.55
C LEU DC 101 61.31 20.17 -66.51
N SER DC 102 62.57 20.25 -66.97
CA SER DC 102 63.68 20.55 -66.07
C SER DC 102 63.52 21.91 -65.42
N ALA DC 103 63.08 22.90 -66.21
CA ALA DC 103 62.87 24.23 -65.65
C ALA DC 103 61.79 24.20 -64.59
N ALA DC 104 60.72 23.46 -64.84
CA ALA DC 104 59.65 23.34 -63.86
C ALA DC 104 60.16 22.71 -62.57
N ILE DC 105 60.99 21.68 -62.69
CA ILE DC 105 61.55 21.04 -61.51
C ILE DC 105 62.38 22.04 -60.72
N ALA DC 106 63.15 22.87 -61.43
CA ALA DC 106 63.96 23.88 -60.76
C ALA DC 106 63.04 24.82 -60.00
N LEU DC 107 61.90 25.16 -60.61
CA LEU DC 107 60.93 26.04 -59.97
C LEU DC 107 60.45 25.40 -58.66
N MET DC 108 60.22 24.09 -58.67
CA MET DC 108 59.78 23.43 -57.44
C MET DC 108 60.85 23.61 -56.37
N SER DC 109 62.12 23.50 -56.77
CA SER DC 109 63.19 23.69 -55.81
C SER DC 109 63.12 25.10 -55.23
N VAL DC 110 62.82 26.08 -56.07
CA VAL DC 110 62.71 27.46 -55.62
C VAL DC 110 61.61 27.57 -54.58
N GLY DC 111 60.49 26.89 -54.82
CA GLY DC 111 59.39 26.90 -53.85
C GLY DC 111 59.86 26.35 -52.51
N GLY DC 112 60.66 25.28 -52.56
CA GLY DC 112 61.19 24.72 -51.33
C GLY DC 112 62.03 25.75 -50.59
N VAL DC 113 62.83 26.51 -51.34
CA VAL DC 113 63.68 27.52 -50.72
C VAL DC 113 62.81 28.56 -50.03
N ALA DC 114 61.69 28.94 -50.67
CA ALA DC 114 60.79 29.92 -50.05
C ALA DC 114 60.25 29.37 -48.73
N GLN DC 115 59.90 28.09 -48.73
CA GLN DC 115 59.40 27.48 -47.51
C GLN DC 115 60.46 27.55 -46.42
N GLY DC 116 61.72 27.34 -46.81
CA GLY DC 116 62.79 27.44 -45.83
C GLY DC 116 62.88 28.84 -45.26
N ILE DC 117 62.69 29.86 -46.11
CA ILE DC 117 62.80 31.26 -45.67
C ILE DC 117 61.77 31.54 -44.60
N GLY DC 118 60.59 30.94 -44.76
CA GLY DC 118 59.50 31.23 -43.84
C GLY DC 118 59.87 30.97 -42.39
N SER DC 119 60.58 29.87 -42.13
CA SER DC 119 61.06 29.57 -40.78
C SER DC 119 62.02 30.65 -40.27
N LEU DC 120 62.92 31.13 -41.13
CA LEU DC 120 63.80 32.22 -40.73
C LEU DC 120 63.00 33.38 -40.18
N PHE DC 121 62.06 33.88 -40.98
CA PHE DC 121 61.37 35.09 -40.56
C PHE DC 121 60.39 34.83 -39.42
N ALA DC 122 59.89 33.60 -39.28
CA ALA DC 122 59.13 33.25 -38.08
C ALA DC 122 60.00 33.36 -36.82
N ALA DC 123 61.20 32.79 -36.87
CA ALA DC 123 62.11 32.93 -35.74
C ALA DC 123 62.42 34.38 -35.49
N LEU DC 124 62.52 35.19 -36.54
CA LEU DC 124 62.81 36.60 -36.32
C LEU DC 124 61.66 37.27 -35.57
N VAL DC 125 60.43 37.12 -36.07
CA VAL DC 125 59.27 37.73 -35.45
C VAL DC 125 59.00 37.15 -34.06
N SER DC 126 59.74 36.12 -33.65
CA SER DC 126 59.53 35.53 -32.34
C SER DC 126 60.61 35.96 -31.37
N GLY DC 127 61.86 35.97 -31.82
CA GLY DC 127 62.93 36.45 -31.00
C GLY DC 127 62.83 37.94 -30.73
N THR DC 128 62.21 38.69 -31.66
CA THR DC 128 61.96 40.09 -31.39
C THR DC 128 60.89 40.26 -30.31
N ALA DC 129 59.84 39.44 -30.36
CA ALA DC 129 58.82 39.47 -29.33
C ALA DC 129 59.42 39.10 -27.96
N ARG DC 130 60.42 38.23 -27.95
CA ARG DC 130 61.00 37.75 -26.71
C ARG DC 130 62.14 38.61 -26.18
N ASN DC 131 62.77 39.43 -27.02
CA ASN DC 131 63.77 40.38 -26.55
C ASN DC 131 63.99 41.49 -27.57
N PRO DC 132 63.18 42.56 -27.52
CA PRO DC 132 63.37 43.66 -28.47
C PRO DC 132 64.68 44.40 -28.34
N SER DC 133 65.31 44.41 -27.16
CA SER DC 133 66.51 45.23 -26.99
C SER DC 133 67.67 44.74 -27.84
N ILE DC 134 67.66 43.48 -28.23
CA ILE DC 134 68.67 42.88 -29.09
C ILE DC 134 68.08 42.58 -30.48
N LYS DC 135 66.94 43.19 -30.76
CA LYS DC 135 66.25 42.93 -32.01
C LYS DC 135 67.12 43.31 -33.21
N GLU DC 136 67.86 44.42 -33.14
CA GLU DC 136 68.66 44.78 -34.30
C GLU DC 136 69.68 43.68 -34.61
N ASP DC 137 70.30 43.10 -33.58
CA ASP DC 137 71.25 42.01 -33.79
C ASP DC 137 70.54 40.81 -34.39
N LEU DC 138 69.35 40.51 -33.88
CA LEU DC 138 68.60 39.38 -34.40
C LEU DC 138 68.27 39.61 -35.86
N PHE DC 139 67.88 40.84 -36.19
CA PHE DC 139 67.54 41.20 -37.57
C PHE DC 139 68.75 41.01 -38.46
N THR DC 140 69.93 41.41 -37.99
CA THR DC 140 71.13 41.26 -38.79
C THR DC 140 71.40 39.79 -39.07
N TYR DC 141 71.26 38.94 -38.05
CA TYR DC 141 71.48 37.50 -38.26
C TYR DC 141 70.46 36.95 -39.26
N THR DC 142 69.20 37.37 -39.10
CA THR DC 142 68.14 36.89 -40.00
C THR DC 142 68.45 37.32 -41.42
N LEU DC 143 68.91 38.56 -41.59
CA LEU DC 143 69.24 39.07 -42.91
C LEU DC 143 70.37 38.25 -43.52
N ILE DC 144 71.38 37.92 -42.72
CA ILE DC 144 72.50 37.14 -43.23
C ILE DC 144 72.01 35.78 -43.72
N GLY DC 145 71.15 35.14 -42.92
CA GLY DC 145 70.61 33.84 -43.33
C GLY DC 145 69.77 33.98 -44.59
N MET DC 146 68.96 35.04 -44.63
CA MET DC 146 68.09 35.27 -45.78
C MET DC 146 68.94 35.48 -47.02
N GLY DC 147 70.04 36.21 -46.88
CA GLY DC 147 70.91 36.43 -48.02
C GLY DC 147 71.47 35.13 -48.52
N PHE DC 148 71.90 34.24 -47.61
CA PHE DC 148 72.42 32.95 -48.08
C PHE DC 148 71.35 32.18 -48.82
N LEU DC 149 70.12 32.16 -48.29
CA LEU DC 149 69.04 31.43 -48.93
C LEU DC 149 68.75 32.03 -50.30
N GLU DC 150 68.73 33.36 -50.39
CA GLU DC 150 68.47 34.03 -51.65
C GLU DC 150 69.57 33.68 -52.64
N PHE DC 151 70.82 33.66 -52.17
CA PHE DC 151 71.95 33.36 -53.04
C PHE DC 151 71.78 31.97 -53.63
N LEU DC 152 71.40 31.01 -52.78
CA LEU DC 152 71.19 29.65 -53.27
C LEU DC 152 70.05 29.62 -54.29
N GLY DC 153 68.99 30.39 -54.03
CA GLY DC 153 67.89 30.40 -54.98
C GLY DC 153 68.34 30.99 -56.30
N ILE DC 154 69.16 32.06 -56.25
CA ILE DC 154 69.59 32.69 -57.47
C ILE DC 154 70.41 31.69 -58.26
N ILE DC 155 71.23 30.92 -57.55
CA ILE DC 155 72.12 29.95 -58.20
C ILE DC 155 71.25 28.92 -58.91
N CYS DC 156 70.19 28.50 -58.23
CA CYS DC 156 69.27 27.51 -58.80
C CYS DC 156 68.62 28.08 -60.06
N VAL DC 157 68.22 29.35 -60.01
CA VAL DC 157 67.59 29.97 -61.18
C VAL DC 157 68.59 30.00 -62.33
N LEU DC 158 69.85 30.32 -62.04
CA LEU DC 158 70.84 30.37 -63.10
C LEU DC 158 70.98 28.99 -63.73
N MET DC 159 70.99 27.96 -62.89
CA MET DC 159 71.09 26.60 -63.38
C MET DC 159 69.89 26.28 -64.26
N SER DC 160 68.71 26.72 -63.85
CA SER DC 160 67.50 26.48 -64.63
C SER DC 160 67.61 27.13 -65.99
N ALA DC 161 68.10 28.37 -66.04
CA ALA DC 161 68.24 29.04 -67.33
C ALA DC 161 69.21 28.29 -68.22
N VAL DC 162 70.32 27.82 -67.65
CA VAL DC 162 71.30 27.08 -68.44
C VAL DC 162 70.65 25.81 -68.98
N LEU DC 163 69.87 25.14 -68.13
CA LEU DC 163 69.19 23.92 -68.55
C LEU DC 163 68.21 24.22 -69.68
N LEU DC 164 67.50 25.34 -69.57
CA LEU DC 164 66.54 25.74 -70.58
C LEU DC 164 67.24 25.92 -71.92
N TYR DC 165 68.43 26.50 -71.90
CA TYR DC 165 69.13 26.86 -73.13
C TYR DC 165 70.10 25.77 -73.56
N SER DC 166 70.18 24.66 -72.84
CA SER DC 166 71.07 23.56 -73.17
C SER DC 166 72.51 24.05 -73.39
N ALA EC 96 69.63 16.48 -75.26
CA ALA EC 96 70.14 16.80 -73.93
C ALA EC 96 69.09 16.52 -72.86
N GLY EC 97 68.12 15.67 -73.21
CA GLY EC 97 66.99 15.46 -72.32
C GLY EC 97 67.51 14.90 -71.01
N VAL EC 98 68.07 13.70 -71.04
CA VAL EC 98 68.33 12.99 -69.79
C VAL EC 98 69.19 13.88 -68.91
N ALA EC 99 70.20 14.50 -69.51
CA ALA EC 99 71.15 15.30 -68.75
C ALA EC 99 70.42 16.42 -68.04
N SER EC 100 69.53 17.10 -68.78
CA SER EC 100 68.79 18.22 -68.20
C SER EC 100 67.95 17.74 -67.03
N LEU EC 101 67.28 16.59 -67.21
CA LEU EC 101 66.44 16.08 -66.14
C LEU EC 101 67.27 15.78 -64.90
N SER EC 102 68.44 15.18 -65.10
CA SER EC 102 69.31 14.86 -63.97
C SER EC 102 69.70 16.14 -63.23
N ALA EC 103 70.05 17.18 -64.00
CA ALA EC 103 70.44 18.44 -63.39
C ALA EC 103 69.29 19.01 -62.59
N ALA EC 104 68.07 18.93 -63.13
CA ALA EC 104 66.92 19.48 -62.43
C ALA EC 104 66.71 18.74 -61.11
N ILE EC 105 66.87 17.42 -61.13
CA ILE EC 105 66.72 16.64 -59.91
C ILE EC 105 67.74 17.11 -58.88
N ALA EC 106 68.97 17.36 -59.33
CA ALA EC 106 69.99 17.84 -58.42
C ALA EC 106 69.54 19.17 -57.82
N LEU EC 107 68.92 20.01 -58.66
CA LEU EC 107 68.44 21.30 -58.20
C LEU EC 107 67.43 21.11 -57.09
N MET EC 108 66.59 20.08 -57.24
CA MET EC 108 65.59 19.79 -56.20
C MET EC 108 66.30 19.49 -54.90
N SER EC 109 67.38 18.73 -54.99
CA SER EC 109 68.16 18.40 -53.80
C SER EC 109 68.72 19.67 -53.17
N VAL EC 110 69.20 20.60 -53.99
CA VAL EC 110 69.74 21.86 -53.46
C VAL EC 110 68.64 22.61 -52.72
N GLY EC 111 67.43 22.62 -53.27
CA GLY EC 111 66.34 23.30 -52.59
C GLY EC 111 66.09 22.68 -51.23
N GLY EC 112 66.15 21.35 -51.16
CA GLY EC 112 65.98 20.69 -49.89
C GLY EC 112 67.06 21.12 -48.91
N VAL EC 113 68.30 21.26 -49.40
CA VAL EC 113 69.40 21.68 -48.54
C VAL EC 113 69.09 23.05 -47.97
N ALA EC 114 68.56 23.95 -48.80
CA ALA EC 114 68.22 25.29 -48.33
C ALA EC 114 67.17 25.20 -47.22
N GLN EC 115 66.19 24.32 -47.41
CA GLN EC 115 65.15 24.17 -46.40
C GLN EC 115 65.78 23.73 -45.08
N GLY EC 116 66.70 22.78 -45.14
CA GLY EC 116 67.36 22.34 -43.92
C GLY EC 116 68.15 23.46 -43.27
N ILE EC 117 68.79 24.30 -44.07
CA ILE EC 117 69.58 25.40 -43.52
C ILE EC 117 68.71 26.36 -42.74
N GLY EC 118 67.46 26.56 -43.21
CA GLY EC 118 66.60 27.53 -42.54
C GLY EC 118 66.39 27.21 -41.07
N SER EC 119 66.18 25.93 -40.76
CA SER EC 119 66.02 25.50 -39.37
C SER EC 119 67.20 25.92 -38.52
N LEU EC 120 68.40 25.74 -39.06
CA LEU EC 120 69.62 26.06 -38.32
C LEU EC 120 69.69 27.55 -38.01
N PHE EC 121 69.42 28.39 -39.01
CA PHE EC 121 69.50 29.82 -38.73
C PHE EC 121 68.36 30.29 -37.82
N ALA EC 122 67.22 29.61 -37.84
CA ALA EC 122 66.16 29.92 -36.89
C ALA EC 122 66.60 29.59 -35.47
N ALA EC 123 67.26 28.44 -35.30
CA ALA EC 123 67.81 28.10 -33.99
C ALA EC 123 68.86 29.11 -33.55
N LEU EC 124 69.68 29.58 -34.49
CA LEU EC 124 70.64 30.63 -34.17
C LEU EC 124 69.93 31.86 -33.63
N VAL EC 125 68.87 32.29 -34.30
CA VAL EC 125 68.16 33.50 -33.87
C VAL EC 125 67.58 33.32 -32.48
N SER EC 126 66.95 32.17 -32.22
CA SER EC 126 66.38 31.92 -30.89
C SER EC 126 67.46 31.90 -29.82
N GLY EC 127 68.56 31.18 -30.07
CA GLY EC 127 69.64 31.13 -29.10
C GLY EC 127 70.24 32.49 -28.82
N THR EC 128 70.38 33.32 -29.86
CA THR EC 128 70.87 34.68 -29.64
C THR EC 128 69.88 35.48 -28.83
N ALA EC 129 68.58 35.28 -29.06
CA ALA EC 129 67.57 35.98 -28.27
C ALA EC 129 67.67 35.61 -26.81
N ARG EC 130 67.97 34.35 -26.52
CA ARG EC 130 67.99 33.89 -25.12
C ARG EC 130 69.32 34.12 -24.41
N ASN EC 131 70.45 34.13 -25.12
CA ASN EC 131 71.76 34.21 -24.49
C ASN EC 131 72.74 34.91 -25.41
N PRO EC 132 72.73 36.25 -25.43
CA PRO EC 132 73.63 36.98 -26.34
C PRO EC 132 75.10 36.84 -26.00
N SER EC 133 75.45 36.54 -24.74
CA SER EC 133 76.84 36.57 -24.31
C SER EC 133 77.71 35.59 -25.07
N ILE EC 134 77.12 34.54 -25.64
CA ILE EC 134 77.88 33.53 -26.38
C ILE EC 134 77.46 33.58 -27.85
N LYS EC 135 77.06 34.77 -28.30
CA LYS EC 135 76.67 34.96 -29.70
C LYS EC 135 77.74 34.45 -30.67
N GLU EC 136 78.99 34.91 -30.50
CA GLU EC 136 80.05 34.46 -31.40
C GLU EC 136 80.29 32.97 -31.34
N ASP EC 137 80.01 32.34 -30.19
CA ASP EC 137 80.23 30.90 -30.09
C ASP EC 137 79.10 30.12 -30.75
N LEU EC 138 77.97 30.78 -30.98
CA LEU EC 138 76.90 30.14 -31.73
C LEU EC 138 77.21 30.30 -33.21
N PHE EC 139 77.54 31.53 -33.60
CA PHE EC 139 77.91 31.84 -34.98
C PHE EC 139 78.92 30.82 -35.49
N THR EC 140 79.97 30.58 -34.70
CA THR EC 140 80.95 29.54 -35.00
C THR EC 140 80.28 28.22 -35.40
N TYR EC 141 79.43 27.70 -34.53
CA TYR EC 141 78.81 26.40 -34.78
C TYR EC 141 77.97 26.45 -36.05
N THR EC 142 77.28 27.58 -36.28
CA THR EC 142 76.48 27.71 -37.49
C THR EC 142 77.38 27.66 -38.73
N LEU EC 143 78.55 28.28 -38.66
CA LEU EC 143 79.48 28.20 -39.79
C LEU EC 143 79.92 26.77 -40.01
N ILE EC 144 80.17 26.02 -38.94
CA ILE EC 144 80.51 24.61 -39.09
C ILE EC 144 79.37 23.85 -39.77
N GLY EC 145 78.13 24.20 -39.39
CA GLY EC 145 76.99 23.60 -40.04
C GLY EC 145 76.97 23.89 -41.53
N MET EC 146 77.26 25.14 -41.91
CA MET EC 146 77.41 25.46 -43.32
C MET EC 146 78.52 24.62 -43.94
N GLY EC 147 79.64 24.47 -43.24
CA GLY EC 147 80.78 23.71 -43.72
C GLY EC 147 80.45 22.27 -44.04
N PHE EC 148 79.35 21.77 -43.50
CA PHE EC 148 78.80 20.50 -44.01
C PHE EC 148 77.75 20.76 -45.10
N LEU EC 149 76.69 21.48 -44.74
CA LEU EC 149 75.50 21.59 -45.59
C LEU EC 149 75.87 22.13 -46.96
N GLU EC 150 76.39 23.36 -47.00
CA GLU EC 150 76.81 23.98 -48.25
C GLU EC 150 77.77 23.08 -49.01
N PHE EC 151 78.66 22.40 -48.30
CA PHE EC 151 79.61 21.50 -48.97
C PHE EC 151 78.86 20.41 -49.74
N LEU EC 152 77.89 19.77 -49.10
CA LEU EC 152 77.03 18.82 -49.78
C LEU EC 152 76.36 19.46 -51.00
N GLY EC 153 75.80 20.66 -50.82
CA GLY EC 153 75.22 21.37 -51.95
C GLY EC 153 76.20 21.54 -53.10
N ILE EC 154 77.43 21.93 -52.77
CA ILE EC 154 78.49 22.06 -53.77
C ILE EC 154 78.66 20.76 -54.52
N ILE EC 155 78.81 19.67 -53.78
CA ILE EC 155 78.92 18.34 -54.41
C ILE EC 155 77.78 18.13 -55.39
N CYS EC 156 76.55 18.41 -54.93
CA CYS EC 156 75.35 18.28 -55.76
C CYS EC 156 75.52 19.03 -57.07
N VAL EC 157 75.80 20.33 -56.99
CA VAL EC 157 75.90 21.15 -58.21
C VAL EC 157 77.03 20.65 -59.10
N LEU EC 158 78.16 20.23 -58.51
CA LEU EC 158 79.25 19.72 -59.32
C LEU EC 158 78.78 18.51 -60.11
N MET EC 159 78.08 17.60 -59.43
CA MET EC 159 77.58 16.40 -60.11
C MET EC 159 76.58 16.79 -61.18
N SER EC 160 75.81 17.85 -60.93
CA SER EC 160 74.88 18.38 -61.93
C SER EC 160 75.62 18.73 -63.21
N ALA EC 161 76.66 19.56 -63.08
CA ALA EC 161 77.46 19.93 -64.25
C ALA EC 161 78.08 18.70 -64.92
N VAL EC 162 78.55 17.75 -64.11
CA VAL EC 162 79.14 16.53 -64.68
C VAL EC 162 78.12 15.79 -65.52
N LEU EC 163 76.90 15.62 -64.99
CA LEU EC 163 75.87 14.92 -65.74
C LEU EC 163 75.21 15.79 -66.81
N LEU EC 164 75.53 17.09 -66.83
CA LEU EC 164 75.20 17.95 -67.96
C LEU EC 164 76.21 17.87 -69.09
N TYR EC 165 77.42 17.39 -68.80
CA TYR EC 165 78.43 17.22 -69.86
C TYR EC 165 79.13 15.88 -69.75
N SER EC 166 78.37 14.83 -69.43
CA SER EC 166 78.91 13.48 -69.38
C SER EC 166 78.57 12.71 -70.65
N ALA FC 96 74.32 6.56 -71.48
CA ALA FC 96 73.91 6.07 -70.18
C ALA FC 96 72.88 7.02 -69.57
N GLY FC 97 71.68 7.02 -70.14
CA GLY FC 97 70.66 7.90 -69.63
C GLY FC 97 70.06 7.35 -68.37
N VAL FC 98 69.83 6.03 -68.30
CA VAL FC 98 69.27 5.51 -67.08
C VAL FC 98 70.26 5.79 -65.96
N ALA FC 99 71.56 5.64 -66.27
CA ALA FC 99 72.58 5.82 -65.26
C ALA FC 99 72.53 7.25 -64.75
N SER FC 100 72.32 8.20 -65.67
CA SER FC 100 72.26 9.60 -65.30
C SER FC 100 71.10 9.85 -64.35
N LEU FC 101 69.94 9.26 -64.67
CA LEU FC 101 68.77 9.43 -63.81
C LEU FC 101 69.02 8.86 -62.43
N SER FC 102 69.62 7.67 -62.36
CA SER FC 102 69.89 7.08 -61.06
C SER FC 102 70.83 7.97 -60.26
N ALA FC 103 71.85 8.54 -60.91
CA ALA FC 103 72.77 9.42 -60.19
C ALA FC 103 72.03 10.64 -59.67
N ALA FC 104 71.13 11.20 -60.48
CA ALA FC 104 70.37 12.36 -60.04
C ALA FC 104 69.52 12.02 -58.81
N ILE FC 105 68.90 10.86 -58.82
CA ILE FC 105 68.10 10.45 -57.65
C ILE FC 105 69.02 10.34 -56.44
N ALA FC 106 70.23 9.82 -56.63
CA ALA FC 106 71.15 9.73 -55.51
C ALA FC 106 71.40 11.13 -54.96
N LEU FC 107 71.51 12.11 -55.86
CA LEU FC 107 71.70 13.48 -55.42
C LEU FC 107 70.51 13.90 -54.56
N MET FC 108 69.30 13.45 -54.96
CA MET FC 108 68.10 13.80 -54.19
C MET FC 108 68.26 13.28 -52.77
N SER FC 109 68.78 12.06 -52.65
CA SER FC 109 69.00 11.47 -51.34
C SER FC 109 69.96 12.33 -50.54
N VAL FC 110 71.01 12.83 -51.20
CA VAL FC 110 71.98 13.68 -50.51
C VAL FC 110 71.27 14.92 -49.97
N GLY FC 111 70.38 15.51 -50.77
CA GLY FC 111 69.65 16.68 -50.30
C GLY FC 111 68.81 16.36 -49.08
N GLY FC 112 68.15 15.21 -49.09
CA GLY FC 112 67.37 14.82 -47.92
C GLY FC 112 68.25 14.66 -46.70
N VAL FC 113 69.44 14.09 -46.89
CA VAL FC 113 70.37 13.90 -45.79
C VAL FC 113 70.75 15.25 -45.22
N ALA FC 114 71.00 16.24 -46.08
CA ALA FC 114 71.34 17.57 -45.61
C ALA FC 114 70.20 18.15 -44.78
N GLN FC 115 68.97 17.93 -45.24
CA GLN FC 115 67.84 18.43 -44.48
C GLN FC 115 67.87 17.84 -43.08
N GLY FC 116 68.13 16.54 -43.00
CA GLY FC 116 68.23 15.89 -41.71
C GLY FC 116 69.35 16.46 -40.87
N ILE FC 117 70.47 16.79 -41.51
CA ILE FC 117 71.63 17.34 -40.80
C ILE FC 117 71.30 18.66 -40.13
N GLY FC 118 70.41 19.45 -40.74
CA GLY FC 118 70.11 20.76 -40.14
C GLY FC 118 69.63 20.65 -38.71
N SER FC 119 68.82 19.62 -38.44
CA SER FC 119 68.27 19.37 -37.10
C SER FC 119 69.35 19.31 -36.04
N LEU FC 120 70.44 18.59 -36.31
CA LEU FC 120 71.51 18.46 -35.34
C LEU FC 120 72.08 19.81 -34.93
N PHE FC 121 72.41 20.65 -35.90
CA PHE FC 121 73.04 21.91 -35.54
C PHE FC 121 72.04 22.87 -34.90
N ALA FC 122 70.76 22.75 -35.26
CA ALA FC 122 69.75 23.56 -34.56
C ALA FC 122 69.66 23.18 -33.09
N ALA FC 123 69.60 21.87 -32.81
CA ALA FC 123 69.55 21.42 -31.43
C ALA FC 123 70.82 21.79 -30.67
N LEU FC 124 71.97 21.69 -31.34
CA LEU FC 124 73.23 22.07 -30.70
C LEU FC 124 73.23 23.55 -30.35
N VAL FC 125 72.76 24.40 -31.27
CA VAL FC 125 72.75 25.83 -31.01
C VAL FC 125 71.82 26.15 -29.86
N SER FC 126 70.67 25.51 -29.79
CA SER FC 126 69.73 25.79 -28.69
C SER FC 126 70.30 25.33 -27.36
N GLY FC 127 70.83 24.10 -27.31
CA GLY FC 127 71.45 23.64 -26.08
C GLY FC 127 72.63 24.47 -25.63
N THR FC 128 73.41 25.01 -26.58
CA THR FC 128 74.52 25.88 -26.20
C THR FC 128 74.04 27.25 -25.76
N ALA FC 129 72.95 27.74 -26.34
CA ALA FC 129 72.36 28.98 -25.84
C ALA FC 129 71.82 28.80 -24.43
N ARG FC 130 71.42 27.58 -24.08
CA ARG FC 130 70.91 27.34 -22.74
C ARG FC 130 72.03 27.16 -21.71
N ASN FC 131 72.88 26.15 -21.91
CA ASN FC 131 73.96 25.82 -20.98
C ASN FC 131 75.28 25.71 -21.73
N PRO FC 132 76.04 26.80 -21.83
CA PRO FC 132 77.36 26.72 -22.48
C PRO FC 132 78.33 25.79 -21.77
N SER FC 133 78.16 25.57 -20.46
CA SER FC 133 79.11 24.74 -19.73
C SER FC 133 79.11 23.28 -20.15
N ILE FC 134 78.18 22.87 -21.02
CA ILE FC 134 78.16 21.50 -21.53
C ILE FC 134 78.47 21.54 -23.01
N LYS FC 135 79.34 22.47 -23.41
CA LYS FC 135 79.77 22.63 -24.78
C LYS FC 135 80.41 21.36 -25.32
N GLU FC 136 81.56 20.97 -24.78
CA GLU FC 136 82.37 19.93 -25.40
C GLU FC 136 81.59 18.62 -25.52
N ASP FC 137 80.92 18.20 -24.45
CA ASP FC 137 80.08 17.01 -24.50
C ASP FC 137 79.09 17.08 -25.66
N LEU FC 138 78.35 18.19 -25.76
CA LEU FC 138 77.41 18.38 -26.86
C LEU FC 138 78.12 18.24 -28.20
N PHE FC 139 79.26 18.92 -28.35
CA PHE FC 139 80.04 18.81 -29.59
C PHE FC 139 80.34 17.36 -29.92
N THR FC 140 80.76 16.59 -28.90
CA THR FC 140 81.03 15.16 -29.09
C THR FC 140 79.82 14.44 -29.66
N TYR FC 141 78.69 14.53 -28.97
CA TYR FC 141 77.49 13.85 -29.44
C TYR FC 141 77.14 14.31 -30.86
N THR FC 142 77.29 15.61 -31.12
CA THR FC 142 76.99 16.16 -32.44
C THR FC 142 77.85 15.49 -33.48
N LEU FC 143 79.16 15.45 -33.25
CA LEU FC 143 80.06 14.87 -34.24
C LEU FC 143 79.75 13.40 -34.45
N ILE FC 144 79.36 12.70 -33.39
CA ILE FC 144 78.99 11.28 -33.53
C ILE FC 144 77.84 11.13 -34.51
N GLY FC 145 76.76 11.88 -34.27
CA GLY FC 145 75.64 11.80 -35.18
C GLY FC 145 76.02 12.25 -36.58
N MET FC 146 76.85 13.29 -36.67
CA MET FC 146 77.27 13.76 -37.98
C MET FC 146 78.04 12.67 -38.69
N GLY FC 147 78.84 11.92 -37.95
CA GLY FC 147 79.53 10.78 -38.51
C GLY FC 147 78.57 9.82 -39.17
N PHE FC 148 77.50 9.47 -38.47
CA PHE FC 148 76.49 8.59 -39.05
C PHE FC 148 75.88 9.19 -40.32
N LEU FC 149 75.42 10.44 -40.25
CA LEU FC 149 74.84 11.10 -41.42
C LEU FC 149 75.83 11.14 -42.58
N GLU FC 150 77.07 11.54 -42.31
CA GLU FC 150 78.12 11.56 -43.32
C GLU FC 150 78.28 10.19 -43.95
N PHE FC 151 78.34 9.14 -43.13
CA PHE FC 151 78.43 7.78 -43.65
C PHE FC 151 77.31 7.52 -44.65
N LEU FC 152 76.08 7.78 -44.24
CA LEU FC 152 74.94 7.57 -45.15
C LEU FC 152 75.13 8.34 -46.45
N GLY FC 153 75.49 9.61 -46.35
CA GLY FC 153 75.71 10.42 -47.54
C GLY FC 153 76.75 9.82 -48.45
N ILE FC 154 77.90 9.48 -47.89
CA ILE FC 154 78.98 8.88 -48.67
C ILE FC 154 78.49 7.62 -49.36
N ILE FC 155 77.72 6.80 -48.63
CA ILE FC 155 77.22 5.55 -49.19
C ILE FC 155 76.38 5.85 -50.42
N CYS FC 156 75.41 6.76 -50.29
CA CYS FC 156 74.53 7.04 -51.40
C CYS FC 156 75.29 7.67 -52.57
N VAL FC 157 76.26 8.54 -52.28
CA VAL FC 157 77.10 9.11 -53.34
C VAL FC 157 77.83 8.01 -54.08
N LEU FC 158 78.43 7.08 -53.33
CA LEU FC 158 79.11 5.94 -53.93
C LEU FC 158 78.17 5.18 -54.85
N MET FC 159 76.96 4.90 -54.36
CA MET FC 159 75.99 4.21 -55.19
C MET FC 159 75.69 5.00 -56.45
N SER FC 160 75.61 6.33 -56.32
CA SER FC 160 75.47 7.21 -57.49
C SER FC 160 76.56 6.93 -58.51
N ALA FC 161 77.81 6.99 -58.08
CA ALA FC 161 78.95 6.70 -58.95
C ALA FC 161 78.82 5.31 -59.61
N VAL FC 162 78.54 4.30 -58.79
CA VAL FC 162 78.35 2.96 -59.32
C VAL FC 162 77.28 2.94 -60.40
N LEU FC 163 76.10 3.47 -60.10
CA LEU FC 163 75.02 3.43 -61.07
C LEU FC 163 75.23 4.42 -62.21
N LEU FC 164 76.25 5.25 -62.14
CA LEU FC 164 76.65 6.13 -63.23
C LEU FC 164 77.72 5.54 -64.14
N TYR FC 165 78.48 4.55 -63.67
CA TYR FC 165 79.48 3.91 -64.53
C TYR FC 165 79.20 2.44 -64.80
N SER FC 166 79.00 1.63 -63.77
CA SER FC 166 78.67 0.22 -63.95
C SER FC 166 77.17 0.05 -64.17
N ALA GC 96 68.61 -5.43 -66.42
CA ALA GC 96 69.08 -4.38 -67.30
C ALA GC 96 69.35 -3.10 -66.52
N GLY GC 97 69.56 -2.00 -67.24
CA GLY GC 97 69.75 -0.71 -66.60
C GLY GC 97 68.56 -0.26 -65.77
N VAL GC 98 67.37 -0.79 -66.07
CA VAL GC 98 66.18 -0.41 -65.31
C VAL GC 98 66.37 -0.69 -63.82
N ALA GC 99 67.17 -1.71 -63.48
CA ALA GC 99 67.43 -2.01 -62.08
C ALA GC 99 67.99 -0.81 -61.33
N SER GC 100 68.77 0.02 -62.03
CA SER GC 100 69.32 1.20 -61.36
C SER GC 100 68.22 2.10 -60.82
N LEU GC 101 67.08 2.20 -61.54
CA LEU GC 101 65.99 2.98 -60.98
C LEU GC 101 65.48 2.37 -59.66
N SER GC 102 65.51 1.05 -59.54
CA SER GC 102 65.12 0.45 -58.26
C SER GC 102 66.09 0.91 -57.19
N ALA GC 103 67.38 0.94 -57.55
CA ALA GC 103 68.40 1.32 -56.58
C ALA GC 103 68.14 2.75 -56.13
N ALA GC 104 67.75 3.60 -57.07
CA ALA GC 104 67.47 5.01 -56.79
C ALA GC 104 66.31 5.16 -55.82
N ILE GC 105 65.25 4.38 -56.03
CA ILE GC 105 64.11 4.45 -55.11
C ILE GC 105 64.56 3.99 -53.72
N ALA GC 106 65.39 2.95 -53.67
CA ALA GC 106 65.90 2.50 -52.40
C ALA GC 106 66.65 3.65 -51.73
N LEU GC 107 67.39 4.41 -52.53
CA LEU GC 107 68.13 5.54 -51.98
C LEU GC 107 67.16 6.54 -51.36
N MET GC 108 66.00 6.73 -51.99
CA MET GC 108 65.01 7.63 -51.40
C MET GC 108 64.60 7.13 -50.03
N SER GC 109 64.45 5.82 -49.91
CA SER GC 109 64.11 5.25 -48.60
C SER GC 109 65.22 5.58 -47.59
N VAL GC 110 66.46 5.48 -48.05
CA VAL GC 110 67.61 5.80 -47.19
C VAL GC 110 67.54 7.25 -46.75
N GLY GC 111 67.17 8.15 -47.66
CA GLY GC 111 67.04 9.55 -47.29
C GLY GC 111 66.02 9.74 -46.19
N GLY GC 112 64.89 9.02 -46.30
CA GLY GC 112 63.88 9.11 -45.24
C GLY GC 112 64.41 8.66 -43.90
N VAL GC 113 65.13 7.53 -43.88
CA VAL GC 113 65.68 7.07 -42.60
C VAL GC 113 66.68 8.09 -42.07
N ALA GC 114 67.44 8.73 -42.97
CA ALA GC 114 68.40 9.74 -42.56
C ALA GC 114 67.68 10.89 -41.86
N GLN GC 115 66.53 11.30 -42.42
CA GLN GC 115 65.75 12.37 -41.81
C GLN GC 115 65.32 11.97 -40.41
N GLY GC 116 64.84 10.73 -40.26
CA GLY GC 116 64.43 10.26 -38.95
C GLY GC 116 65.58 10.23 -37.97
N ILE GC 117 66.75 9.78 -38.43
CA ILE GC 117 67.93 9.68 -37.57
C ILE GC 117 68.33 11.06 -37.06
N GLY GC 118 68.35 12.05 -37.94
CA GLY GC 118 68.69 13.40 -37.50
C GLY GC 118 67.70 13.94 -36.51
N SER GC 119 66.40 13.71 -36.76
CA SER GC 119 65.40 14.18 -35.83
C SER GC 119 65.62 13.55 -34.47
N LEU GC 120 65.88 12.24 -34.44
CA LEU GC 120 66.09 11.57 -33.17
C LEU GC 120 67.31 12.12 -32.44
N PHE GC 121 68.38 12.41 -33.17
CA PHE GC 121 69.58 12.95 -32.51
C PHE GC 121 69.30 14.30 -31.86
N ALA GC 122 68.45 15.12 -32.49
CA ALA GC 122 68.25 16.45 -31.93
C ALA GC 122 67.74 16.35 -30.49
N ALA GC 123 66.83 15.40 -30.24
CA ALA GC 123 66.26 15.25 -28.91
C ALA GC 123 67.34 14.89 -27.89
N LEU GC 124 68.28 14.04 -28.30
CA LEU GC 124 69.43 13.73 -27.45
C LEU GC 124 70.19 14.99 -27.10
N VAL GC 125 70.46 15.83 -28.09
CA VAL GC 125 71.23 17.04 -27.85
C VAL GC 125 70.51 17.93 -26.85
N SER GC 126 69.19 18.09 -27.03
CA SER GC 126 68.43 18.97 -26.15
C SER GC 126 68.32 18.41 -24.74
N GLY GC 127 68.04 17.11 -24.61
CA GLY GC 127 67.97 16.53 -23.28
C GLY GC 127 69.29 16.50 -22.54
N THR GC 128 70.40 16.44 -23.29
CA THR GC 128 71.70 16.51 -22.64
C THR GC 128 72.00 17.93 -22.19
N ALA GC 129 71.68 18.92 -23.02
CA ALA GC 129 71.91 20.29 -22.61
C ALA GC 129 71.03 20.66 -21.42
N ARG GC 130 69.82 20.11 -21.35
CA ARG GC 130 68.96 20.39 -20.19
C ARG GC 130 69.44 19.68 -18.92
N ASN GC 131 69.78 18.39 -19.02
CA ASN GC 131 70.11 17.58 -17.84
C ASN GC 131 71.34 16.71 -18.11
N PRO GC 132 72.52 17.30 -18.03
CA PRO GC 132 73.75 16.51 -18.25
C PRO GC 132 73.95 15.38 -17.25
N SER GC 133 73.36 15.46 -16.06
CA SER GC 133 73.67 14.48 -15.02
C SER GC 133 73.38 13.05 -15.47
N ILE GC 134 72.43 12.86 -16.37
CA ILE GC 134 72.00 11.55 -16.82
C ILE GC 134 72.50 11.25 -18.25
N LYS GC 135 73.58 11.93 -18.65
CA LYS GC 135 74.12 11.83 -20.00
C LYS GC 135 74.20 10.41 -20.56
N GLU GC 136 74.98 9.53 -19.94
CA GLU GC 136 75.22 8.22 -20.55
C GLU GC 136 73.98 7.33 -20.54
N ASP GC 137 72.90 7.72 -19.87
CA ASP GC 137 71.65 6.99 -20.03
C ASP GC 137 71.04 7.39 -21.36
N LEU GC 138 70.99 8.70 -21.61
CA LEU GC 138 70.38 9.16 -22.84
C LEU GC 138 71.16 8.55 -23.99
N PHE GC 139 72.49 8.45 -23.81
CA PHE GC 139 73.36 7.87 -24.82
C PHE GC 139 72.97 6.42 -25.08
N THR GC 140 72.74 5.63 -24.02
CA THR GC 140 72.38 4.23 -24.21
C THR GC 140 71.04 4.11 -24.96
N TYR GC 141 70.06 4.91 -24.56
CA TYR GC 141 68.75 4.85 -25.21
C TYR GC 141 68.90 5.21 -26.69
N THR GC 142 69.67 6.27 -26.95
CA THR GC 142 69.88 6.69 -28.32
C THR GC 142 70.61 5.60 -29.09
N LEU GC 143 71.55 4.92 -28.43
CA LEU GC 143 72.29 3.85 -29.09
C LEU GC 143 71.34 2.75 -29.56
N ILE GC 144 70.37 2.40 -28.70
CA ILE GC 144 69.40 1.37 -29.08
C ILE GC 144 68.57 1.82 -30.28
N GLY GC 145 68.10 3.07 -30.24
CA GLY GC 145 67.33 3.59 -31.36
C GLY GC 145 68.17 3.66 -32.62
N MET GC 146 69.43 4.09 -32.46
CA MET GC 146 70.35 4.24 -33.57
C MET GC 146 70.60 2.90 -34.22
N GLY GC 147 70.77 1.85 -33.40
CA GLY GC 147 70.98 0.53 -33.97
C GLY GC 147 69.78 0.07 -34.77
N PHE GC 148 68.57 0.30 -34.24
CA PHE GC 148 67.40 -0.12 -35.02
C PHE GC 148 67.35 0.62 -36.35
N LEU GC 149 67.57 1.94 -36.31
CA LEU GC 149 67.53 2.74 -37.53
C LEU GC 149 68.62 2.29 -38.48
N GLU GC 150 69.80 1.98 -37.93
CA GLU GC 150 70.92 1.55 -38.76
C GLU GC 150 70.56 0.26 -39.47
N PHE GC 151 69.92 -0.66 -38.75
CA PHE GC 151 69.53 -1.91 -39.40
C PHE GC 151 68.59 -1.62 -40.55
N LEU GC 152 67.64 -0.71 -40.33
CA LEU GC 152 66.70 -0.40 -41.41
C LEU GC 152 67.45 0.15 -42.62
N GLY GC 153 68.42 1.05 -42.38
CA GLY GC 153 69.19 1.61 -43.49
C GLY GC 153 69.99 0.53 -44.18
N ILE GC 154 70.57 -0.39 -43.41
CA ILE GC 154 71.38 -1.45 -43.97
C ILE GC 154 70.52 -2.30 -44.88
N ILE GC 155 69.31 -2.59 -44.43
CA ILE GC 155 68.38 -3.38 -45.24
C ILE GC 155 68.11 -2.64 -46.55
N CYS GC 156 67.88 -1.33 -46.46
CA CYS GC 156 67.59 -0.58 -47.67
C CYS GC 156 68.75 -0.67 -48.64
N VAL GC 157 69.98 -0.57 -48.13
CA VAL GC 157 71.16 -0.66 -48.98
C VAL GC 157 71.26 -2.05 -49.59
N LEU GC 158 70.93 -3.07 -48.80
CA LEU GC 158 71.02 -4.43 -49.29
C LEU GC 158 70.06 -4.62 -50.45
N MET GC 159 68.86 -4.05 -50.33
CA MET GC 159 67.89 -4.20 -51.41
C MET GC 159 68.32 -3.37 -52.62
N SER GC 160 68.96 -2.22 -52.38
CA SER GC 160 69.47 -1.42 -53.48
C SER GC 160 70.57 -2.13 -54.23
N ALA GC 161 71.26 -3.07 -53.57
CA ALA GC 161 72.21 -3.93 -54.27
C ALA GC 161 71.53 -5.11 -54.95
N VAL GC 162 70.49 -5.66 -54.30
CA VAL GC 162 69.90 -6.88 -54.81
C VAL GC 162 69.04 -6.57 -56.03
N LEU GC 163 68.39 -5.41 -56.06
CA LEU GC 163 67.68 -4.95 -57.23
C LEU GC 163 68.58 -4.14 -58.15
N LEU GC 164 69.89 -4.31 -58.02
CA LEU GC 164 70.89 -3.81 -58.94
C LEU GC 164 71.59 -4.91 -59.70
N TYR GC 165 72.04 -5.95 -58.98
CA TYR GC 165 72.65 -7.13 -59.59
C TYR GC 165 71.67 -8.29 -59.75
N SER GC 166 70.91 -8.62 -58.71
CA SER GC 166 69.90 -9.67 -58.83
C SER GC 166 70.52 -10.99 -59.21
N ALA HC 96 61.73 -10.83 -65.48
CA ALA HC 96 60.93 -9.61 -65.44
C ALA HC 96 61.55 -8.59 -64.49
N GLY HC 97 62.41 -7.71 -65.03
CA GLY HC 97 63.00 -6.66 -64.24
C GLY HC 97 62.02 -5.63 -63.74
N VAL HC 98 60.83 -5.56 -64.35
CA VAL HC 98 59.87 -4.53 -63.99
C VAL HC 98 59.50 -4.63 -62.51
N ALA HC 99 59.41 -5.86 -61.98
CA ALA HC 99 59.02 -6.02 -60.58
C ALA HC 99 60.07 -5.49 -59.62
N SER HC 100 61.29 -5.22 -60.09
CA SER HC 100 62.25 -4.52 -59.25
C SER HC 100 61.69 -3.15 -58.89
N LEU HC 101 61.18 -2.44 -59.89
CA LEU HC 101 60.70 -1.08 -59.66
C LEU HC 101 59.69 -1.09 -58.52
N SER HC 102 58.66 -1.92 -58.67
CA SER HC 102 57.63 -2.09 -57.65
C SER HC 102 58.21 -2.37 -56.27
N ALA HC 103 59.13 -3.34 -56.18
CA ALA HC 103 59.74 -3.64 -54.89
C ALA HC 103 60.42 -2.41 -54.28
N ALA HC 104 61.25 -1.75 -55.08
CA ALA HC 104 61.90 -0.54 -54.59
C ALA HC 104 60.87 0.48 -54.14
N ILE HC 105 59.78 0.61 -54.89
CA ILE HC 105 58.77 1.61 -54.53
C ILE HC 105 58.21 1.26 -53.16
N ALA HC 106 58.01 -0.03 -52.91
CA ALA HC 106 57.48 -0.47 -51.64
C ALA HC 106 58.44 -0.08 -50.51
N LEU HC 107 59.75 -0.06 -50.82
CA LEU HC 107 60.73 0.26 -49.78
C LEU HC 107 60.61 1.68 -49.22
N MET HC 108 59.94 2.61 -49.92
CA MET HC 108 59.76 3.96 -49.37
C MET HC 108 59.06 3.94 -48.01
N SER HC 109 58.14 3.01 -47.82
CA SER HC 109 57.46 2.97 -46.53
C SER HC 109 58.48 2.79 -45.42
N VAL HC 110 59.60 2.09 -45.70
CA VAL HC 110 60.61 1.90 -44.67
C VAL HC 110 61.14 3.26 -44.23
N GLY HC 111 61.26 4.20 -45.17
CA GLY HC 111 61.70 5.54 -44.85
C GLY HC 111 60.72 6.26 -43.96
N GLY HC 112 59.42 6.13 -44.28
CA GLY HC 112 58.42 6.77 -43.44
C GLY HC 112 58.39 6.16 -42.05
N VAL HC 113 58.50 4.84 -41.97
CA VAL HC 113 58.49 4.16 -40.69
C VAL HC 113 59.69 4.62 -39.87
N ALA HC 114 60.84 4.78 -40.53
CA ALA HC 114 62.03 5.23 -39.82
C ALA HC 114 61.81 6.61 -39.23
N GLN HC 115 61.16 7.49 -39.99
CA GLN HC 115 60.90 8.84 -39.47
C GLN HC 115 60.01 8.76 -38.23
N GLY HC 116 58.98 7.92 -38.29
CA GLY HC 116 58.09 7.77 -37.14
C GLY HC 116 58.82 7.20 -35.94
N ILE HC 117 59.67 6.19 -36.17
CA ILE HC 117 60.42 5.58 -35.08
C ILE HC 117 61.36 6.60 -34.47
N GLY HC 118 62.00 7.42 -35.30
CA GLY HC 118 62.90 8.42 -34.76
C GLY HC 118 62.16 9.41 -33.89
N SER HC 119 60.97 9.82 -34.32
CA SER HC 119 60.19 10.77 -33.53
C SER HC 119 59.82 10.17 -32.18
N LEU HC 120 59.37 8.91 -32.18
CA LEU HC 120 59.00 8.26 -30.92
C LEU HC 120 60.20 8.11 -29.99
N PHE HC 121 61.34 7.69 -30.52
CA PHE HC 121 62.52 7.54 -29.67
C PHE HC 121 62.95 8.90 -29.13
N ALA HC 122 62.85 9.94 -29.96
CA ALA HC 122 63.23 11.27 -29.52
C ALA HC 122 62.37 11.68 -28.35
N ALA HC 123 61.07 11.37 -28.44
CA ALA HC 123 60.15 11.67 -27.35
C ALA HC 123 60.56 10.94 -26.10
N LEU HC 124 60.97 9.68 -26.22
CA LEU HC 124 61.42 8.93 -25.05
C LEU HC 124 62.67 9.56 -24.45
N VAL HC 125 63.60 9.99 -25.30
CA VAL HC 125 64.85 10.57 -24.81
C VAL HC 125 64.56 11.86 -24.03
N SER HC 126 63.70 12.72 -24.58
CA SER HC 126 63.34 13.93 -23.87
C SER HC 126 62.57 13.61 -22.60
N GLY HC 127 61.67 12.62 -22.64
CA GLY HC 127 60.92 12.30 -21.44
C GLY HC 127 61.84 11.83 -20.34
N THR HC 128 62.83 11.00 -20.69
CA THR HC 128 63.78 10.51 -19.70
C THR HC 128 64.57 11.66 -19.10
N ALA HC 129 64.93 12.64 -19.94
CA ALA HC 129 65.65 13.81 -19.44
C ALA HC 129 64.78 14.61 -18.48
N ARG HC 130 63.51 14.80 -18.85
CA ARG HC 130 62.59 15.57 -18.01
C ARG HC 130 62.31 14.89 -16.68
N ASN HC 131 62.10 13.57 -16.68
CA ASN HC 131 61.79 12.80 -15.49
C ASN HC 131 62.67 11.56 -15.43
N PRO HC 132 63.96 11.75 -15.22
CA PRO HC 132 64.89 10.61 -15.14
C PRO HC 132 64.66 9.65 -13.98
N SER HC 133 63.63 9.88 -13.16
CA SER HC 133 63.37 8.96 -12.05
C SER HC 133 62.82 7.63 -12.55
N ILE HC 134 61.98 7.64 -13.58
CA ILE HC 134 61.26 6.43 -13.98
C ILE HC 134 62.12 5.63 -14.94
N LYS HC 135 62.31 6.16 -16.14
CA LYS HC 135 63.13 5.58 -17.20
C LYS HC 135 62.70 4.18 -17.62
N GLU HC 136 61.58 3.68 -17.11
CA GLU HC 136 61.17 2.30 -17.34
C GLU HC 136 59.78 2.23 -17.95
N ASP HC 137 58.81 2.96 -17.39
CA ASP HC 137 57.46 2.99 -17.93
C ASP HC 137 57.41 3.73 -19.26
N LEU HC 138 58.43 4.52 -19.57
CA LEU HC 138 58.49 5.16 -20.88
C LEU HC 138 59.08 4.20 -21.90
N PHE HC 139 60.13 3.46 -21.51
CA PHE HC 139 60.70 2.46 -22.39
C PHE HC 139 59.70 1.38 -22.72
N THR HC 140 58.81 1.06 -21.77
CA THR HC 140 57.77 0.07 -22.04
C THR HC 140 56.90 0.50 -23.23
N TYR HC 141 56.33 1.70 -23.16
CA TYR HC 141 55.49 2.16 -24.25
C TYR HC 141 56.30 2.36 -25.53
N THR HC 142 57.57 2.72 -25.38
CA THR HC 142 58.47 2.79 -26.53
C THR HC 142 58.54 1.45 -27.24
N LEU HC 143 58.78 0.38 -26.49
CA LEU HC 143 58.84 -0.95 -27.09
C LEU HC 143 57.50 -1.34 -27.70
N ILE HC 144 56.39 -0.97 -27.05
CA ILE HC 144 55.08 -1.28 -27.62
C ILE HC 144 54.92 -0.64 -29.00
N GLY HC 145 55.25 0.65 -29.09
CA GLY HC 145 55.14 1.32 -30.37
C GLY HC 145 56.12 0.76 -31.37
N MET HC 146 57.35 0.49 -30.95
CA MET HC 146 58.31 -0.08 -31.88
C MET HC 146 57.86 -1.45 -32.34
N GLY HC 147 57.09 -2.15 -31.50
CA GLY HC 147 56.46 -3.38 -31.93
C GLY HC 147 55.56 -3.17 -33.13
N PHE HC 148 54.65 -2.21 -33.02
CA PHE HC 148 53.74 -1.95 -34.14
C PHE HC 148 54.49 -1.46 -35.38
N LEU HC 149 55.46 -0.57 -35.19
CA LEU HC 149 56.18 0.00 -36.33
C LEU HC 149 57.08 -1.03 -37.00
N GLU HC 150 57.74 -1.89 -36.22
CA GLU HC 150 58.52 -2.97 -36.79
C GLU HC 150 57.62 -3.96 -37.51
N PHE HC 151 56.43 -4.24 -36.97
CA PHE HC 151 55.50 -5.10 -37.68
C PHE HC 151 55.16 -4.52 -39.05
N LEU HC 152 54.87 -3.22 -39.09
CA LEU HC 152 54.54 -2.59 -40.37
C LEU HC 152 55.72 -2.65 -41.34
N GLY HC 153 56.92 -2.33 -40.84
CA GLY HC 153 58.10 -2.44 -41.68
C GLY HC 153 58.32 -3.85 -42.21
N ILE HC 154 58.07 -4.85 -41.36
CA ILE HC 154 58.26 -6.24 -41.77
C ILE HC 154 57.27 -6.62 -42.86
N ILE HC 155 56.01 -6.20 -42.72
CA ILE HC 155 55.05 -6.57 -43.77
C ILE HC 155 55.34 -5.82 -45.05
N CYS HC 156 55.84 -4.58 -44.96
CA CYS HC 156 56.25 -3.88 -46.18
C CYS HC 156 57.40 -4.60 -46.87
N VAL HC 157 58.41 -5.01 -46.11
CA VAL HC 157 59.51 -5.77 -46.69
C VAL HC 157 59.01 -7.06 -47.32
N LEU HC 158 58.13 -7.77 -46.61
CA LEU HC 158 57.62 -9.03 -47.12
C LEU HC 158 56.86 -8.82 -48.41
N MET HC 159 56.02 -7.78 -48.48
CA MET HC 159 55.30 -7.49 -49.71
C MET HC 159 56.25 -7.08 -50.83
N SER HC 160 57.34 -6.39 -50.48
CA SER HC 160 58.35 -6.06 -51.48
C SER HC 160 58.94 -7.32 -52.09
N ALA HC 161 59.36 -8.27 -51.24
CA ALA HC 161 59.90 -9.52 -51.75
C ALA HC 161 58.86 -10.29 -52.55
N VAL HC 162 57.60 -10.23 -52.12
CA VAL HC 162 56.52 -10.92 -52.81
C VAL HC 162 56.38 -10.36 -54.22
N LEU HC 163 56.25 -9.04 -54.34
CA LEU HC 163 56.15 -8.43 -55.66
C LEU HC 163 57.42 -8.62 -56.48
N LEU HC 164 58.56 -8.83 -55.82
CA LEU HC 164 59.80 -9.14 -56.54
C LEU HC 164 59.73 -10.51 -57.19
N TYR HC 165 59.61 -11.56 -56.38
CA TYR HC 165 59.63 -12.92 -56.93
C TYR HC 165 58.31 -13.30 -57.57
N SER HC 166 57.23 -13.33 -56.79
CA SER HC 166 55.92 -13.71 -57.31
C SER HC 166 55.99 -15.04 -58.04
N ALA IC 96 53.81 -5.43 -68.51
CA ALA IC 96 52.89 -6.53 -68.26
C ALA IC 96 52.55 -6.63 -66.77
N GLY IC 97 53.57 -6.43 -65.93
CA GLY IC 97 53.39 -6.48 -64.50
C GLY IC 97 52.90 -5.16 -63.92
N VAL IC 98 51.69 -4.78 -64.29
CA VAL IC 98 51.13 -3.51 -63.83
C VAL IC 98 50.46 -3.65 -62.47
N ALA IC 99 49.97 -4.85 -62.13
CA ALA IC 99 49.34 -5.06 -60.83
C ALA IC 99 50.37 -4.87 -59.71
N SER IC 100 51.60 -5.32 -59.92
CA SER IC 100 52.64 -5.12 -58.92
C SER IC 100 52.93 -3.63 -58.74
N LEU IC 101 53.02 -2.88 -59.84
CA LEU IC 101 53.20 -1.44 -59.74
C LEU IC 101 52.07 -0.80 -58.94
N SER IC 102 50.82 -1.18 -59.24
CA SER IC 102 49.69 -0.59 -58.53
C SER IC 102 49.72 -0.95 -57.06
N ALA IC 103 50.08 -2.18 -56.73
CA ALA IC 103 50.17 -2.59 -55.33
C ALA IC 103 51.23 -1.80 -54.59
N ALA IC 104 52.42 -1.69 -55.18
CA ALA IC 104 53.50 -0.97 -54.53
C ALA IC 104 53.19 0.52 -54.41
N ILE IC 105 52.39 1.07 -55.33
CA ILE IC 105 52.03 2.47 -55.23
C ILE IC 105 50.95 2.68 -54.17
N ALA IC 106 50.07 1.69 -53.99
CA ALA IC 106 49.05 1.78 -52.97
C ALA IC 106 49.64 1.58 -51.57
N LEU IC 107 50.73 0.82 -51.48
CA LEU IC 107 51.32 0.52 -50.18
C LEU IC 107 51.84 1.77 -49.49
N MET IC 108 52.20 2.81 -50.25
CA MET IC 108 53.05 3.87 -49.74
C MET IC 108 52.40 4.74 -48.66
N SER IC 109 51.14 4.51 -48.29
CA SER IC 109 50.54 5.25 -47.18
C SER IC 109 51.03 4.77 -45.82
N VAL IC 110 51.79 3.68 -45.77
CA VAL IC 110 52.34 3.20 -44.51
C VAL IC 110 53.28 4.24 -43.91
N GLY IC 111 53.92 5.05 -44.76
CA GLY IC 111 54.77 6.12 -44.25
C GLY IC 111 54.01 7.12 -43.41
N GLY IC 112 52.91 7.65 -43.95
CA GLY IC 112 52.10 8.57 -43.20
C GLY IC 112 51.46 7.93 -41.98
N VAL IC 113 51.04 6.67 -42.12
CA VAL IC 113 50.45 5.97 -40.99
C VAL IC 113 51.46 5.86 -39.86
N ALA IC 114 52.70 5.51 -40.18
CA ALA IC 114 53.73 5.34 -39.17
C ALA IC 114 54.13 6.69 -38.57
N GLN IC 115 54.18 7.73 -39.39
CA GLN IC 115 54.42 9.07 -38.87
C GLN IC 115 53.36 9.44 -37.83
N GLY IC 116 52.10 9.19 -38.15
CA GLY IC 116 51.03 9.47 -37.21
C GLY IC 116 51.18 8.66 -35.93
N ILE IC 117 51.49 7.37 -36.06
CA ILE IC 117 51.64 6.53 -34.87
C ILE IC 117 52.79 7.02 -34.00
N GLY IC 118 53.90 7.40 -34.64
CA GLY IC 118 55.04 7.89 -33.90
C GLY IC 118 54.74 9.18 -33.17
N SER IC 119 54.04 10.10 -33.84
CA SER IC 119 53.65 11.35 -33.17
C SER IC 119 52.73 11.07 -31.99
N LEU IC 120 51.77 10.17 -32.17
CA LEU IC 120 50.85 9.83 -31.08
C LEU IC 120 51.58 9.25 -29.88
N PHE IC 121 52.42 8.23 -30.11
CA PHE IC 121 53.09 7.60 -28.98
C PHE IC 121 54.15 8.52 -28.38
N ALA IC 122 54.69 9.43 -29.18
CA ALA IC 122 55.59 10.45 -28.65
C ALA IC 122 54.86 11.39 -27.70
N ALA IC 123 53.67 11.83 -28.09
CA ALA IC 123 52.85 12.63 -27.19
C ALA IC 123 52.53 11.87 -25.92
N LEU IC 124 52.22 10.57 -26.05
CA LEU IC 124 51.98 9.77 -24.85
C LEU IC 124 53.19 9.75 -23.93
N VAL IC 125 54.36 9.47 -24.49
CA VAL IC 125 55.56 9.36 -23.67
C VAL IC 125 55.90 10.69 -23.01
N SER IC 126 55.77 11.79 -23.76
CA SER IC 126 56.05 13.11 -23.20
C SER IC 126 55.06 13.46 -22.09
N GLY IC 127 53.77 13.27 -22.34
CA GLY IC 127 52.78 13.55 -21.32
C GLY IC 127 52.93 12.68 -20.10
N THR IC 128 53.50 11.48 -20.25
CA THR IC 128 53.75 10.65 -19.08
C THR IC 128 55.00 11.10 -18.34
N ALA IC 129 56.02 11.57 -19.06
CA ALA IC 129 57.19 12.12 -18.40
C ALA IC 129 56.83 13.36 -17.62
N ARG IC 130 55.85 14.13 -18.10
CA ARG IC 130 55.38 15.29 -17.37
C ARG IC 130 54.52 14.89 -16.18
N ASN IC 131 53.41 14.18 -16.44
CA ASN IC 131 52.44 13.76 -15.45
C ASN IC 131 52.53 12.24 -15.32
N PRO IC 132 53.47 11.71 -14.54
CA PRO IC 132 53.60 10.25 -14.43
C PRO IC 132 52.46 9.60 -13.67
N SER IC 133 51.70 10.35 -12.89
CA SER IC 133 50.57 9.77 -12.17
C SER IC 133 49.35 9.54 -13.05
N ILE IC 134 49.39 9.97 -14.31
CA ILE IC 134 48.28 9.79 -15.25
C ILE IC 134 48.85 9.07 -16.46
N LYS IC 135 48.66 7.75 -16.50
CA LYS IC 135 49.19 6.94 -17.58
C LYS IC 135 48.13 6.08 -18.25
N GLU IC 136 47.09 5.71 -17.50
CA GLU IC 136 46.05 4.84 -18.05
C GLU IC 136 45.14 5.58 -19.03
N ASP IC 137 44.78 6.82 -18.72
CA ASP IC 137 43.96 7.59 -19.65
C ASP IC 137 44.74 7.94 -20.91
N LEU IC 138 46.00 8.33 -20.74
CA LEU IC 138 46.83 8.63 -21.90
C LEU IC 138 46.99 7.40 -22.76
N PHE IC 139 47.24 6.25 -22.13
CA PHE IC 139 47.36 4.99 -22.89
C PHE IC 139 46.05 4.65 -23.58
N THR IC 140 44.91 4.96 -22.95
CA THR IC 140 43.63 4.66 -23.57
C THR IC 140 43.44 5.47 -24.85
N TYR IC 141 43.71 6.78 -24.78
CA TYR IC 141 43.59 7.61 -25.97
C TYR IC 141 44.62 7.20 -27.03
N THR IC 142 45.82 6.82 -26.60
CA THR IC 142 46.81 6.31 -27.53
C THR IC 142 46.32 5.05 -28.22
N LEU IC 143 45.63 4.18 -27.48
CA LEU IC 143 45.10 2.96 -28.08
C LEU IC 143 44.02 3.29 -29.10
N ILE IC 144 43.17 4.27 -28.80
CA ILE IC 144 42.17 4.71 -29.77
C ILE IC 144 42.85 5.18 -31.06
N GLY IC 145 43.81 6.09 -30.93
CA GLY IC 145 44.51 6.59 -32.10
C GLY IC 145 45.21 5.49 -32.87
N MET IC 146 45.81 4.54 -32.15
CA MET IC 146 46.49 3.42 -32.79
C MET IC 146 45.49 2.53 -33.51
N GLY IC 147 44.28 2.40 -32.96
CA GLY IC 147 43.26 1.63 -33.65
C GLY IC 147 42.86 2.27 -34.96
N PHE IC 148 42.64 3.59 -34.95
CA PHE IC 148 42.33 4.30 -36.19
C PHE IC 148 43.46 4.13 -37.20
N LEU IC 149 44.70 4.35 -36.76
CA LEU IC 149 45.83 4.35 -37.68
C LEU IC 149 46.09 2.95 -38.23
N GLU IC 150 46.00 1.92 -37.39
CA GLU IC 150 46.17 0.56 -37.87
C GLU IC 150 45.02 0.14 -38.76
N PHE IC 151 43.81 0.68 -38.52
CA PHE IC 151 42.71 0.42 -39.44
C PHE IC 151 43.03 0.96 -40.83
N LEU IC 152 43.52 2.20 -40.90
CA LEU IC 152 43.89 2.75 -42.21
C LEU IC 152 45.04 1.97 -42.84
N GLY IC 153 46.02 1.56 -42.03
CA GLY IC 153 47.14 0.79 -42.57
C GLY IC 153 46.71 -0.56 -43.12
N ILE IC 154 45.88 -1.28 -42.37
CA ILE IC 154 45.41 -2.57 -42.85
C ILE IC 154 44.51 -2.38 -44.06
N ILE IC 155 43.80 -1.24 -44.14
CA ILE IC 155 43.02 -0.94 -45.33
C ILE IC 155 43.94 -0.84 -46.54
N CYS IC 156 45.02 -0.06 -46.43
CA CYS IC 156 45.88 0.13 -47.59
C CYS IC 156 46.59 -1.17 -47.98
N VAL IC 157 46.95 -1.99 -46.99
CA VAL IC 157 47.57 -3.27 -47.28
C VAL IC 157 46.58 -4.20 -47.96
N LEU IC 158 45.35 -4.25 -47.46
CA LEU IC 158 44.31 -5.07 -48.08
C LEU IC 158 44.07 -4.64 -49.53
N MET IC 159 44.02 -3.34 -49.77
CA MET IC 159 43.82 -2.88 -51.15
C MET IC 159 45.01 -3.19 -52.02
N SER IC 160 46.22 -3.18 -51.45
CA SER IC 160 47.40 -3.59 -52.21
C SER IC 160 47.30 -5.06 -52.61
N ALA IC 161 46.88 -5.91 -51.68
CA ALA IC 161 46.70 -7.32 -51.99
C ALA IC 161 45.61 -7.51 -53.05
N VAL IC 162 44.55 -6.71 -52.97
CA VAL IC 162 43.47 -6.79 -53.95
C VAL IC 162 44.00 -6.45 -55.33
N LEU IC 163 44.69 -5.31 -55.45
CA LEU IC 163 45.21 -4.89 -56.75
C LEU IC 163 46.26 -5.86 -57.26
N LEU IC 164 46.93 -6.60 -56.36
CA LEU IC 164 47.91 -7.56 -56.81
C LEU IC 164 47.26 -8.84 -57.33
N TYR IC 165 46.23 -9.32 -56.65
CA TYR IC 165 45.59 -10.60 -56.98
C TYR IC 165 44.13 -10.41 -57.34
N SER IC 166 43.84 -9.40 -58.15
CA SER IC 166 42.48 -9.13 -58.60
C SER IC 166 41.97 -10.29 -59.46
N ALA JC 96 43.44 -5.32 -64.67
CA ALA JC 96 44.89 -5.28 -64.62
C ALA JC 96 45.43 -4.28 -65.64
N GLY JC 97 44.93 -3.05 -65.58
CA GLY JC 97 45.37 -2.01 -66.49
C GLY JC 97 45.55 -0.67 -65.81
N VAL JC 98 44.95 0.38 -66.36
CA VAL JC 98 45.13 1.72 -65.83
C VAL JC 98 44.23 1.95 -64.62
N ALA JC 99 43.13 1.21 -64.54
CA ALA JC 99 42.21 1.38 -63.41
C ALA JC 99 42.89 1.07 -62.10
N SER JC 100 43.69 0.00 -62.06
CA SER JC 100 44.42 -0.33 -60.86
C SER JC 100 45.42 0.75 -60.50
N LEU JC 101 46.11 1.30 -61.50
CA LEU JC 101 47.10 2.34 -61.22
C LEU JC 101 46.43 3.56 -60.63
N SER JC 102 45.28 3.95 -61.18
CA SER JC 102 44.56 5.12 -60.67
C SER JC 102 44.03 4.86 -59.26
N ALA JC 103 43.43 3.70 -59.03
CA ALA JC 103 42.93 3.37 -57.70
C ALA JC 103 44.04 3.26 -56.69
N ALA JC 104 45.28 2.98 -57.12
CA ALA JC 104 46.39 2.97 -56.19
C ALA JC 104 46.91 4.38 -55.93
N ILE JC 105 46.96 5.21 -56.95
CA ILE JC 105 47.44 6.58 -56.76
C ILE JC 105 46.46 7.37 -55.91
N ALA JC 106 45.18 6.99 -55.93
CA ALA JC 106 44.20 7.66 -55.09
C ALA JC 106 44.50 7.46 -53.59
N LEU JC 107 45.18 6.39 -53.24
CA LEU JC 107 45.42 6.03 -51.84
C LEU JC 107 46.55 6.84 -51.19
N MET JC 108 47.21 7.74 -51.91
CA MET JC 108 48.30 8.51 -51.33
C MET JC 108 47.83 9.47 -50.24
N SER JC 109 46.55 9.80 -50.20
CA SER JC 109 46.03 10.75 -49.22
C SER JC 109 45.88 10.15 -47.83
N VAL JC 110 45.82 8.83 -47.73
CA VAL JC 110 45.61 8.19 -46.44
C VAL JC 110 46.76 8.50 -45.50
N GLY JC 111 47.96 8.71 -46.04
CA GLY JC 111 49.07 9.10 -45.19
C GLY JC 111 48.84 10.44 -44.52
N GLY JC 112 48.42 11.44 -45.30
CA GLY JC 112 48.10 12.73 -44.71
C GLY JC 112 46.96 12.65 -43.72
N VAL JC 113 45.94 11.86 -44.05
CA VAL JC 113 44.82 11.69 -43.12
C VAL JC 113 45.30 11.08 -41.80
N ALA JC 114 46.21 10.12 -41.88
CA ALA JC 114 46.74 9.49 -40.68
C ALA JC 114 47.58 10.47 -39.88
N GLN JC 115 48.37 11.30 -40.56
CA GLN JC 115 49.13 12.33 -39.85
C GLN JC 115 48.21 13.30 -39.13
N GLY JC 116 47.12 13.68 -39.78
CA GLY JC 116 46.17 14.58 -39.14
C GLY JC 116 45.51 13.95 -37.92
N ILE JC 117 45.13 12.68 -38.03
CA ILE JC 117 44.54 11.97 -36.89
C ILE JC 117 45.54 11.88 -35.76
N GLY JC 118 46.80 11.57 -36.09
CA GLY JC 118 47.83 11.50 -35.07
C GLY JC 118 48.02 12.83 -34.37
N SER JC 119 48.04 13.92 -35.12
CA SER JC 119 48.15 15.24 -34.50
C SER JC 119 46.96 15.50 -33.57
N LEU JC 120 45.76 15.19 -34.04
CA LEU JC 120 44.56 15.35 -33.22
C LEU JC 120 44.71 14.64 -31.88
N PHE JC 121 44.99 13.34 -31.92
CA PHE JC 121 44.99 12.58 -30.68
C PHE JC 121 46.22 12.86 -29.83
N ALA JC 122 47.33 13.30 -30.43
CA ALA JC 122 48.46 13.77 -29.64
C ALA JC 122 48.10 15.05 -28.89
N ALA JC 123 47.34 15.93 -29.53
CA ALA JC 123 46.89 17.13 -28.83
C ALA JC 123 45.95 16.77 -27.68
N LEU JC 124 45.07 15.81 -27.92
CA LEU JC 124 44.20 15.34 -26.83
C LEU JC 124 45.02 14.78 -25.68
N VAL JC 125 46.05 13.99 -25.98
CA VAL JC 125 46.92 13.42 -24.96
C VAL JC 125 47.60 14.53 -24.15
N SER JC 126 48.18 15.51 -24.85
CA SER JC 126 48.88 16.59 -24.17
C SER JC 126 47.93 17.42 -23.30
N GLY JC 127 46.77 17.77 -23.85
CA GLY JC 127 45.80 18.52 -23.06
C GLY JC 127 45.32 17.76 -21.84
N THR JC 128 45.18 16.44 -21.96
CA THR JC 128 44.80 15.64 -20.80
C THR JC 128 45.91 15.64 -19.76
N ALA JC 129 47.16 15.46 -20.20
CA ALA JC 129 48.27 15.45 -19.25
C ALA JC 129 48.41 16.80 -18.56
N ARG JC 130 48.04 17.89 -19.24
CA ARG JC 130 48.13 19.21 -18.64
C ARG JC 130 46.99 19.45 -17.66
N ASN JC 131 45.75 19.37 -18.13
CA ASN JC 131 44.56 19.61 -17.30
C ASN JC 131 43.62 18.42 -17.47
N PRO JC 132 43.79 17.37 -16.68
CA PRO JC 132 42.91 16.20 -16.79
C PRO JC 132 41.43 16.51 -16.58
N SER JC 133 41.10 17.55 -15.85
CA SER JC 133 39.72 17.77 -15.42
C SER JC 133 38.79 18.25 -16.54
N ILE JC 134 39.22 18.26 -17.80
CA ILE JC 134 38.35 18.57 -18.94
C ILE JC 134 38.45 17.49 -20.00
N LYS JC 135 38.79 16.26 -19.58
CA LYS JC 135 38.91 15.14 -20.50
C LYS JC 135 37.71 15.01 -21.44
N GLU JC 136 36.50 14.91 -20.88
CA GLU JC 136 35.31 14.71 -21.70
C GLU JC 136 35.11 15.80 -22.73
N ASP JC 137 35.62 17.00 -22.48
CA ASP JC 137 35.53 18.06 -23.49
C ASP JC 137 36.54 17.78 -24.60
N LEU JC 138 37.80 17.58 -24.25
CA LEU JC 138 38.81 17.42 -25.27
C LEU JC 138 38.42 16.25 -26.17
N PHE JC 139 38.10 15.12 -25.56
CA PHE JC 139 37.61 13.95 -26.28
C PHE JC 139 36.46 14.32 -27.21
N THR JC 140 35.48 15.09 -26.70
CA THR JC 140 34.36 15.52 -27.53
C THR JC 140 34.84 16.23 -28.80
N TYR JC 141 35.65 17.27 -28.61
CA TYR JC 141 36.16 18.03 -29.75
C TYR JC 141 36.94 17.12 -30.70
N THR JC 142 37.71 16.19 -30.14
CA THR JC 142 38.46 15.25 -30.96
C THR JC 142 37.50 14.47 -31.86
N LEU JC 143 36.41 13.97 -31.29
CA LEU JC 143 35.44 13.22 -32.09
C LEU JC 143 34.85 14.10 -33.18
N ILE JC 144 34.58 15.36 -32.86
CA ILE JC 144 34.08 16.30 -33.86
C ILE JC 144 35.07 16.40 -35.02
N GLY JC 145 36.36 16.53 -34.70
CA GLY JC 145 37.38 16.55 -35.74
C GLY JC 145 37.39 15.28 -36.58
N MET JC 146 37.27 14.12 -35.92
CA MET JC 146 37.23 12.87 -36.64
C MET JC 146 36.05 12.85 -37.60
N GLY JC 147 34.94 13.48 -37.21
CA GLY JC 147 33.78 13.57 -38.06
C GLY JC 147 34.06 14.20 -39.41
N PHE JC 148 35.16 14.95 -39.53
CA PHE JC 148 35.64 15.40 -40.82
C PHE JC 148 36.69 14.44 -41.36
N LEU JC 149 37.71 14.16 -40.56
CA LEU JC 149 38.91 13.50 -41.08
C LEU JC 149 38.57 12.10 -41.60
N GLU JC 150 37.93 11.29 -40.75
CA GLU JC 150 37.44 9.99 -41.16
C GLU JC 150 36.64 10.09 -42.45
N PHE JC 151 35.68 11.01 -42.49
CA PHE JC 151 34.83 11.15 -43.67
C PHE JC 151 35.68 11.33 -44.92
N LEU JC 152 36.67 12.22 -44.84
CA LEU JC 152 37.52 12.51 -46.00
C LEU JC 152 38.27 11.27 -46.44
N GLY JC 153 38.90 10.57 -45.49
CA GLY JC 153 39.59 9.34 -45.85
C GLY JC 153 38.67 8.32 -46.50
N ILE JC 154 37.48 8.16 -45.95
CA ILE JC 154 36.54 7.19 -46.48
C ILE JC 154 36.17 7.58 -47.91
N ILE JC 155 35.96 8.87 -48.14
CA ILE JC 155 35.72 9.37 -49.50
C ILE JC 155 36.83 8.90 -50.42
N CYS JC 156 38.08 9.16 -50.03
CA CYS JC 156 39.20 8.77 -50.87
C CYS JC 156 39.18 7.27 -51.19
N VAL JC 157 38.90 6.45 -50.18
CA VAL JC 157 38.85 5.00 -50.38
C VAL JC 157 37.77 4.62 -51.38
N LEU JC 158 36.57 5.18 -51.19
CA LEU JC 158 35.48 4.94 -52.11
C LEU JC 158 35.86 5.36 -53.53
N MET JC 159 36.43 6.55 -53.69
CA MET JC 159 36.79 7.00 -55.03
C MET JC 159 37.86 6.09 -55.63
N SER JC 160 38.71 5.52 -54.79
CA SER JC 160 39.68 4.53 -55.27
C SER JC 160 38.98 3.33 -55.87
N ALA JC 161 38.00 2.79 -55.13
CA ALA JC 161 37.22 1.68 -55.69
C ALA JC 161 36.44 2.08 -56.93
N VAL JC 162 35.97 3.34 -56.98
CA VAL JC 162 35.25 3.81 -58.16
C VAL JC 162 36.17 3.85 -59.37
N LEU JC 163 37.45 4.13 -59.15
CA LEU JC 163 38.42 4.13 -60.24
C LEU JC 163 38.98 2.74 -60.50
N LEU JC 164 38.74 1.80 -59.59
CA LEU JC 164 39.11 0.41 -59.83
C LEU JC 164 38.02 -0.36 -60.54
N TYR JC 165 36.78 0.15 -60.54
CA TYR JC 165 35.68 -0.48 -61.27
C TYR JC 165 34.86 0.53 -62.06
N SER JC 166 35.51 1.58 -62.56
CA SER JC 166 34.81 2.58 -63.36
C SER JC 166 34.33 1.99 -64.68
N ALA KC 96 40.18 6.16 -71.88
CA ALA KC 96 39.52 6.66 -70.67
C ALA KC 96 40.33 6.31 -69.43
N GLY KC 97 41.66 6.26 -69.60
CA GLY KC 97 42.57 5.91 -68.54
C GLY KC 97 43.26 7.13 -67.98
N VAL KC 98 43.46 8.12 -68.83
CA VAL KC 98 44.14 9.33 -68.39
C VAL KC 98 43.21 10.12 -67.50
N ALA KC 99 41.90 10.02 -67.71
CA ALA KC 99 40.97 10.77 -66.88
C ALA KC 99 41.04 10.24 -65.45
N SER KC 100 41.02 8.92 -65.32
CA SER KC 100 41.10 8.28 -64.02
C SER KC 100 42.41 8.62 -63.33
N LEU KC 101 43.53 8.56 -64.07
CA LEU KC 101 44.81 8.91 -63.47
C LEU KC 101 44.85 10.37 -63.04
N SER KC 102 44.25 11.26 -63.83
CA SER KC 102 44.19 12.67 -63.46
C SER KC 102 43.40 12.87 -62.17
N ALA KC 103 42.27 12.19 -62.05
CA ALA KC 103 41.46 12.33 -60.84
C ALA KC 103 42.20 11.78 -59.62
N ALA KC 104 42.85 10.63 -59.78
CA ALA KC 104 43.63 10.06 -58.68
C ALA KC 104 44.75 11.00 -58.27
N ILE KC 105 45.36 11.69 -59.23
CA ILE KC 105 46.42 12.63 -58.90
C ILE KC 105 45.84 13.87 -58.23
N ALA KC 106 44.63 14.28 -58.63
CA ALA KC 106 43.98 15.42 -57.99
C ALA KC 106 43.54 15.12 -56.56
N LEU KC 107 43.37 13.85 -56.21
CA LEU KC 107 42.93 13.50 -54.86
C LEU KC 107 43.99 13.71 -53.79
N MET KC 108 45.18 14.20 -54.13
CA MET KC 108 46.25 14.35 -53.13
C MET KC 108 45.96 15.47 -52.15
N SER KC 109 45.28 16.53 -52.61
CA SER KC 109 44.99 17.65 -51.72
C SER KC 109 44.05 17.27 -50.58
N VAL KC 110 43.28 16.20 -50.72
CA VAL KC 110 42.47 15.73 -49.59
C VAL KC 110 43.38 15.36 -48.43
N GLY KC 111 44.42 14.57 -48.71
CA GLY KC 111 45.37 14.22 -47.69
C GLY KC 111 46.16 15.43 -47.22
N GLY KC 112 46.45 16.35 -48.13
CA GLY KC 112 47.10 17.58 -47.73
C GLY KC 112 46.24 18.51 -46.90
N VAL KC 113 44.93 18.29 -46.86
CA VAL KC 113 44.01 19.19 -46.17
C VAL KC 113 43.71 18.58 -44.80
N ALA KC 114 43.67 17.25 -44.77
CA ALA KC 114 43.49 16.57 -43.48
C ALA KC 114 44.56 17.02 -42.52
N GLN KC 115 45.81 17.11 -42.99
CA GLN KC 115 46.79 17.92 -42.30
C GLN KC 115 46.37 19.37 -42.45
N GLY KC 116 46.20 20.05 -41.35
CA GLY KC 116 45.66 21.40 -41.36
C GLY KC 116 44.34 21.41 -40.63
N ILE KC 117 43.47 20.45 -40.96
CA ILE KC 117 42.32 20.21 -40.07
C ILE KC 117 42.81 19.61 -38.75
N GLY KC 118 43.74 18.67 -38.83
CA GLY KC 118 44.33 18.11 -37.62
C GLY KC 118 44.97 19.18 -36.77
N SER KC 119 45.77 20.06 -37.40
CA SER KC 119 46.43 21.12 -36.65
C SER KC 119 45.44 22.09 -36.05
N LEU KC 120 44.39 22.45 -36.80
CA LEU KC 120 43.38 23.35 -36.27
C LEU KC 120 42.73 22.78 -35.01
N PHE KC 121 42.28 21.52 -35.08
CA PHE KC 121 41.59 20.96 -33.92
C PHE KC 121 42.56 20.65 -32.78
N ALA KC 122 43.83 20.37 -33.10
CA ALA KC 122 44.85 20.28 -32.06
C ALA KC 122 44.99 21.61 -31.33
N ALA KC 123 44.99 22.71 -32.08
CA ALA KC 123 45.07 24.03 -31.46
C ALA KC 123 43.85 24.30 -30.60
N LEU KC 124 42.67 23.89 -31.07
CA LEU KC 124 41.47 24.04 -30.25
C LEU KC 124 41.61 23.28 -28.94
N VAL KC 125 42.10 22.05 -28.99
CA VAL KC 125 42.29 21.25 -27.79
C VAL KC 125 43.25 21.93 -26.84
N SER KC 126 44.39 22.39 -27.36
CA SER KC 126 45.39 23.01 -26.50
C SER KC 126 44.87 24.31 -25.90
N GLY KC 127 44.11 25.09 -26.67
CA GLY KC 127 43.53 26.29 -26.12
C GLY KC 127 42.50 26.01 -25.04
N THR KC 128 41.72 24.95 -25.20
CA THR KC 128 40.78 24.57 -24.13
C THR KC 128 41.51 24.04 -22.91
N ALA KC 129 42.68 23.45 -23.09
CA ALA KC 129 43.47 23.00 -21.96
C ALA KC 129 44.15 24.14 -21.23
N ARG KC 130 44.53 25.19 -21.96
CA ARG KC 130 45.19 26.34 -21.36
C ARG KC 130 44.22 27.37 -20.79
N ASN KC 131 42.99 27.43 -21.30
CA ASN KC 131 42.00 28.40 -20.82
C ASN KC 131 40.61 27.80 -20.99
N PRO KC 132 40.19 26.96 -20.04
CA PRO KC 132 38.83 26.37 -20.14
C PRO KC 132 37.72 27.38 -19.97
N SER KC 133 38.02 28.57 -19.44
CA SER KC 133 37.02 29.61 -19.29
C SER KC 133 36.54 30.14 -20.63
N ILE KC 134 37.21 29.81 -21.72
CA ILE KC 134 36.84 30.27 -23.06
C ILE KC 134 36.70 29.02 -23.93
N LYS KC 135 35.49 28.49 -23.99
CA LYS KC 135 35.18 27.38 -24.89
C LYS KC 135 34.63 27.91 -26.21
N GLU KC 136 33.54 28.67 -26.14
CA GLU KC 136 33.12 29.53 -27.23
C GLU KC 136 34.14 30.66 -27.42
N ASP KC 137 34.11 31.25 -28.62
CA ASP KC 137 35.08 32.20 -29.13
C ASP KC 137 36.40 31.53 -29.54
N LEU KC 138 36.58 30.25 -29.26
CA LEU KC 138 37.60 29.42 -29.90
C LEU KC 138 37.01 28.47 -30.93
N PHE KC 139 35.81 27.97 -30.66
CA PHE KC 139 35.18 27.05 -31.60
C PHE KC 139 34.65 27.79 -32.82
N THR KC 140 34.35 29.08 -32.68
CA THR KC 140 33.92 29.86 -33.83
C THR KC 140 35.05 30.01 -34.85
N TYR KC 141 36.23 30.43 -34.37
CA TYR KC 141 37.38 30.53 -35.26
C TYR KC 141 37.77 29.17 -35.81
N THR KC 142 37.69 28.12 -34.98
CA THR KC 142 37.96 26.78 -35.46
C THR KC 142 37.02 26.41 -36.61
N LEU KC 143 35.73 26.73 -36.47
CA LEU KC 143 34.78 26.38 -37.51
C LEU KC 143 34.98 27.23 -38.77
N ILE KC 144 35.43 28.47 -38.62
CA ILE KC 144 35.69 29.30 -39.79
C ILE KC 144 36.86 28.73 -40.60
N GLY KC 145 38.00 28.49 -39.94
CA GLY KC 145 39.12 27.89 -40.65
C GLY KC 145 38.82 26.51 -41.20
N MET KC 146 38.08 25.70 -40.45
CA MET KC 146 37.66 24.41 -40.95
C MET KC 146 36.76 24.57 -42.18
N GLY KC 147 35.90 25.58 -42.18
CA GLY KC 147 35.09 25.84 -43.36
C GLY KC 147 35.93 26.15 -44.57
N PHE KC 148 36.96 26.97 -44.39
CA PHE KC 148 37.90 27.24 -45.49
C PHE KC 148 38.49 25.94 -46.03
N LEU KC 149 39.01 25.09 -45.14
CA LEU KC 149 39.66 23.87 -45.63
C LEU KC 149 38.66 22.90 -46.23
N GLU KC 150 37.43 22.89 -45.72
CA GLU KC 150 36.36 22.12 -46.32
C GLU KC 150 36.07 22.61 -47.73
N PHE KC 151 36.11 23.93 -47.93
CA PHE KC 151 35.90 24.47 -49.27
C PHE KC 151 37.00 24.00 -50.22
N LEU KC 152 38.24 23.97 -49.74
CA LEU KC 152 39.33 23.45 -50.58
C LEU KC 152 39.11 21.98 -50.93
N GLY KC 153 38.68 21.20 -49.94
CA GLY KC 153 38.36 19.80 -50.22
C GLY KC 153 37.26 19.66 -51.27
N ILE KC 154 36.22 20.49 -51.15
CA ILE KC 154 35.15 20.47 -52.15
C ILE KC 154 35.72 20.80 -53.52
N ILE KC 155 36.63 21.77 -53.58
CA ILE KC 155 37.23 22.15 -54.85
C ILE KC 155 37.90 20.95 -55.49
N CYS KC 156 38.78 20.29 -54.74
CA CYS KC 156 39.57 19.22 -55.35
C CYS KC 156 38.70 18.04 -55.72
N VAL KC 157 37.70 17.71 -54.91
CA VAL KC 157 36.84 16.58 -55.25
C VAL KC 157 35.99 16.90 -56.48
N LEU KC 158 35.49 18.14 -56.56
CA LEU KC 158 34.73 18.58 -57.73
C LEU KC 158 35.58 18.46 -58.98
N MET KC 159 36.83 18.92 -58.93
CA MET KC 159 37.69 18.86 -60.10
C MET KC 159 38.07 17.41 -60.43
N SER KC 160 38.16 16.54 -59.42
CA SER KC 160 38.34 15.12 -59.70
C SER KC 160 37.19 14.58 -60.54
N ALA KC 161 35.95 14.85 -60.12
CA ALA KC 161 34.80 14.36 -60.88
C ALA KC 161 34.75 15.00 -62.27
N VAL KC 162 35.17 16.27 -62.36
CA VAL KC 162 35.21 16.95 -63.65
C VAL KC 162 36.16 16.20 -64.57
N LEU KC 163 37.42 16.06 -64.18
CA LEU KC 163 38.35 15.42 -65.09
C LEU KC 163 37.97 13.97 -65.33
N LEU KC 164 37.24 13.37 -64.39
CA LEU KC 164 36.81 11.98 -64.52
C LEU KC 164 35.74 11.81 -65.58
N TYR KC 165 35.02 12.88 -65.92
CA TYR KC 165 33.98 12.81 -66.94
C TYR KC 165 34.12 13.86 -68.02
N SER KC 166 35.27 14.51 -68.13
CA SER KC 166 35.47 15.56 -69.11
C SER KC 166 36.96 15.82 -69.31
N ALA LC 96 43.13 15.54 -75.56
CA ALA LC 96 44.33 16.01 -74.88
C ALA LC 96 44.33 15.59 -73.41
N GLY LC 97 44.56 14.29 -73.17
CA GLY LC 97 44.55 13.79 -71.81
C GLY LC 97 45.64 14.40 -70.96
N VAL LC 98 46.76 14.76 -71.57
CA VAL LC 98 47.83 15.35 -70.79
C VAL LC 98 47.37 16.67 -70.18
N ALA LC 99 46.42 17.34 -70.83
CA ALA LC 99 45.78 18.51 -70.21
C ALA LC 99 45.20 18.15 -68.84
N SER LC 100 44.40 17.08 -68.82
CA SER LC 100 43.78 16.60 -67.57
C SER LC 100 44.82 16.19 -66.55
N LEU LC 101 45.97 15.69 -67.01
CA LEU LC 101 47.02 15.34 -66.05
C LEU LC 101 47.61 16.62 -65.47
N SER LC 102 47.89 17.59 -66.33
CA SER LC 102 48.52 18.82 -65.88
C SER LC 102 47.63 19.47 -64.85
N ALA LC 103 46.33 19.56 -65.17
CA ALA LC 103 45.34 20.10 -64.24
C ALA LC 103 45.41 19.41 -62.89
N ALA LC 104 45.42 18.07 -62.88
CA ALA LC 104 45.52 17.35 -61.62
C ALA LC 104 46.75 17.79 -60.83
N ILE LC 105 47.89 17.88 -61.53
CA ILE LC 105 49.13 18.30 -60.87
C ILE LC 105 48.96 19.71 -60.32
N ALA LC 106 48.34 20.58 -61.09
CA ALA LC 106 48.09 21.97 -60.70
C ALA LC 106 47.15 22.07 -59.51
N LEU LC 107 46.36 21.03 -59.25
CA LEU LC 107 45.48 21.03 -58.10
C LEU LC 107 46.14 20.41 -56.88
N MET LC 108 47.22 19.67 -57.10
CA MET LC 108 47.91 19.04 -55.96
C MET LC 108 48.40 20.10 -54.97
N SER LC 109 48.68 21.31 -55.47
CA SER LC 109 49.14 22.44 -54.66
C SER LC 109 48.20 22.81 -53.51
N VAL LC 110 46.92 22.46 -53.62
CA VAL LC 110 45.99 22.72 -52.53
C VAL LC 110 46.48 22.06 -51.25
N GLY LC 111 47.21 20.95 -51.37
CA GLY LC 111 47.74 20.30 -50.18
C GLY LC 111 48.69 21.17 -49.38
N GLY LC 112 49.47 22.04 -50.04
CA GLY LC 112 50.29 22.97 -49.30
C GLY LC 112 49.51 24.19 -48.87
N VAL LC 113 48.49 24.56 -49.65
CA VAL LC 113 47.72 25.75 -49.34
C VAL LC 113 46.97 25.54 -48.02
N ALA LC 114 46.17 24.48 -47.98
CA ALA LC 114 45.35 24.20 -46.82
C ALA LC 114 46.21 24.04 -45.57
N GLN LC 115 47.32 23.30 -45.68
CA GLN LC 115 48.29 23.24 -44.60
C GLN LC 115 48.64 24.62 -44.06
N GLY LC 116 49.07 25.52 -44.94
CA GLY LC 116 49.35 26.88 -44.51
C GLY LC 116 48.19 27.52 -43.76
N ILE LC 117 47.01 27.49 -44.35
CA ILE LC 117 45.82 28.07 -43.72
C ILE LC 117 45.60 27.47 -42.32
N GLY LC 118 45.69 26.15 -42.23
CA GLY LC 118 45.55 25.47 -40.95
C GLY LC 118 46.52 26.00 -39.92
N SER LC 119 47.81 26.05 -40.26
CA SER LC 119 48.80 26.59 -39.33
C SER LC 119 48.42 27.98 -38.87
N LEU LC 120 48.02 28.83 -39.82
CA LEU LC 120 47.61 30.20 -39.49
C LEU LC 120 46.50 30.20 -38.43
N PHE LC 121 45.41 29.50 -38.72
CA PHE LC 121 44.28 29.53 -37.79
C PHE LC 121 44.62 28.86 -36.47
N ALA LC 122 45.50 27.86 -36.49
CA ALA LC 122 45.96 27.24 -35.25
C ALA LC 122 46.62 28.30 -34.37
N ALA LC 123 47.54 29.06 -34.97
CA ALA LC 123 48.21 30.12 -34.21
C ALA LC 123 47.19 31.13 -33.71
N LEU LC 124 46.19 31.46 -34.53
CA LEU LC 124 45.15 32.39 -34.12
C LEU LC 124 44.44 31.88 -32.86
N VAL LC 125 44.02 30.61 -32.87
CA VAL LC 125 43.36 30.03 -31.70
C VAL LC 125 44.27 30.06 -30.48
N SER LC 126 45.55 29.72 -30.66
CA SER LC 126 46.51 29.78 -29.56
C SER LC 126 46.59 31.19 -28.99
N GLY LC 127 46.67 32.19 -29.86
CA GLY LC 127 46.67 33.57 -29.41
C GLY LC 127 45.41 33.95 -28.66
N THR LC 128 44.25 33.54 -29.17
CA THR LC 128 43.00 33.84 -28.48
C THR LC 128 42.86 33.07 -27.18
N ALA LC 129 43.66 32.03 -26.98
CA ALA LC 129 43.70 31.30 -25.71
C ALA LC 129 44.78 31.82 -24.78
N ARG LC 130 45.70 32.62 -25.28
CA ARG LC 130 46.81 33.17 -24.50
C ARG LC 130 46.55 34.62 -24.08
N ASN LC 131 46.23 35.48 -25.04
CA ASN LC 131 45.93 36.89 -24.79
C ASN LC 131 44.61 37.18 -25.49
N PRO LC 132 43.47 36.78 -24.87
CA PRO LC 132 42.20 36.92 -25.58
C PRO LC 132 41.78 38.35 -25.83
N SER LC 133 42.15 39.29 -24.96
CA SER LC 133 41.63 40.65 -25.06
C SER LC 133 42.09 41.41 -26.29
N ILE LC 134 42.89 40.80 -27.18
CA ILE LC 134 43.32 41.47 -28.40
C ILE LC 134 42.98 40.66 -29.64
N LYS LC 135 41.88 39.90 -29.59
CA LYS LC 135 41.35 39.26 -30.79
C LYS LC 135 41.24 40.25 -31.95
N GLU LC 136 40.78 41.48 -31.69
CA GLU LC 136 40.61 42.46 -32.75
C GLU LC 136 41.89 42.64 -33.57
N ASP LC 137 43.05 42.46 -32.95
CA ASP LC 137 44.31 42.48 -33.68
C ASP LC 137 44.50 41.17 -34.43
N LEU LC 138 44.40 40.04 -33.71
CA LEU LC 138 44.82 38.77 -34.25
C LEU LC 138 43.97 38.40 -35.46
N PHE LC 139 42.66 38.50 -35.31
CA PHE LC 139 41.75 38.25 -36.41
C PHE LC 139 42.09 39.10 -37.63
N THR LC 140 42.36 40.39 -37.42
CA THR LC 140 42.74 41.26 -38.53
C THR LC 140 43.96 40.71 -39.26
N TYR LC 141 45.03 40.43 -38.52
CA TYR LC 141 46.23 39.88 -39.14
C TYR LC 141 45.93 38.58 -39.88
N THR LC 142 45.10 37.73 -39.28
CA THR LC 142 44.70 36.49 -39.91
C THR LC 142 43.99 36.75 -41.22
N LEU LC 143 43.08 37.73 -41.24
CA LEU LC 143 42.37 38.06 -42.46
C LEU LC 143 43.34 38.53 -43.53
N ILE LC 144 44.34 39.32 -43.16
CA ILE LC 144 45.36 39.74 -44.13
C ILE LC 144 46.04 38.51 -44.73
N GLY LC 145 46.45 37.58 -43.86
CA GLY LC 145 47.10 36.37 -44.35
C GLY LC 145 46.20 35.58 -45.27
N MET LC 146 44.92 35.48 -44.92
CA MET LC 146 43.97 34.78 -45.78
C MET LC 146 43.79 35.51 -47.10
N GLY LC 147 43.79 36.85 -47.07
CA GLY LC 147 43.68 37.60 -48.30
C GLY LC 147 44.83 37.31 -49.25
N PHE LC 148 45.99 36.95 -48.70
CA PHE LC 148 47.06 36.46 -49.59
C PHE LC 148 46.82 35.01 -50.00
N LEU LC 149 46.61 34.12 -49.03
CA LEU LC 149 46.58 32.68 -49.32
C LEU LC 149 45.45 32.33 -50.29
N GLU LC 150 44.25 32.85 -50.02
CA GLU LC 150 43.12 32.81 -50.93
C GLU LC 150 43.52 33.14 -52.36
N PHE LC 151 44.13 34.31 -52.55
CA PHE LC 151 44.57 34.77 -53.86
C PHE LC 151 45.48 33.74 -54.53
N LEU LC 152 46.49 33.27 -53.80
CA LEU LC 152 47.39 32.25 -54.36
C LEU LC 152 46.61 31.00 -54.78
N GLY LC 153 45.71 30.52 -53.91
CA GLY LC 153 44.91 29.35 -54.27
C GLY LC 153 44.07 29.59 -55.50
N ILE LC 154 43.51 30.80 -55.61
CA ILE LC 154 42.69 31.14 -56.77
C ILE LC 154 43.55 31.06 -58.03
N ILE LC 155 44.79 31.52 -57.95
CA ILE LC 155 45.69 31.40 -59.10
C ILE LC 155 45.89 29.93 -59.44
N CYS LC 156 46.15 29.11 -58.42
CA CYS LC 156 46.38 27.67 -58.63
C CYS LC 156 45.16 26.98 -59.23
N VAL LC 157 43.97 27.53 -59.03
CA VAL LC 157 42.79 27.05 -59.74
C VAL LC 157 42.79 27.57 -61.17
N LEU LC 158 42.96 28.89 -61.32
CA LEU LC 158 42.73 29.57 -62.58
C LEU LC 158 43.62 28.98 -63.65
N MET LC 159 44.93 29.04 -63.41
CA MET LC 159 45.89 28.47 -64.36
C MET LC 159 45.58 27.00 -64.64
N SER LC 160 45.17 26.25 -63.62
CA SER LC 160 44.80 24.86 -63.83
C SER LC 160 43.73 24.74 -64.91
N ALA LC 161 42.62 25.46 -64.73
CA ALA LC 161 41.54 25.46 -65.71
C ALA LC 161 42.03 25.91 -67.08
N VAL LC 162 42.93 26.89 -67.09
CA VAL LC 162 43.51 27.36 -68.35
C VAL LC 162 44.23 26.22 -69.06
N LEU LC 163 45.04 25.46 -68.32
CA LEU LC 163 45.72 24.33 -68.92
C LEU LC 163 44.77 23.19 -69.24
N LEU LC 164 43.58 23.19 -68.65
CA LEU LC 164 42.55 22.20 -69.00
C LEU LC 164 41.77 22.57 -70.25
N TYR LC 165 41.75 23.85 -70.63
CA TYR LC 165 41.05 24.25 -71.85
C TYR LC 165 41.99 24.55 -73.02
N SER LC 166 42.97 25.44 -72.82
CA SER LC 166 43.91 25.77 -73.88
C SER LC 166 44.87 24.61 -74.13
#